data_6J40
#
_entry.id   6J40
#
_cell.length_a   1
_cell.length_b   1
_cell.length_c   1
_cell.angle_alpha   90
_cell.angle_beta   90
_cell.angle_gamma   90
#
_symmetry.space_group_name_H-M   'P 1'
#
loop_
_entity.id
_entity.type
_entity.pdbx_description
1 polymer 'Photosystem II reaction center protein D1'
2 polymer 'Photosystem II chlorophyll protein CP47'
3 polymer 'Photosystem II chlorophyll protein CP43'
4 polymer 'Photosystem II reaction center protein D2'
5 polymer 'Cytochrome b559 subunit alpha'
6 polymer 'Cytochrome b559 subunit beta'
7 polymer 'Photosystem II reaction center protein H'
8 polymer 'Photosystem II reaction center protein I'
9 polymer 'Photosystem II reaction center protein J'
10 polymer 'Photosystem II reaction center protein K'
11 polymer 'Photosystem II reaction center protein L'
12 polymer 'Photosystem II reaction center protein M'
13 polymer 'Extrinsic protein in photosystem II'
14 polymer 'Photosystem II reaction center protein T'
15 polymer 'Extrinsic protein in photosystem II'
16 polymer 'Cytochrome c-550'
17 polymer 'Photosystem II reaction center protein Ycf12'
18 polymer 'Photosystem II reaction center X protein'
19 polymer 'Photosystem II reaction center protein Z'
20 polymer 'Extrinsic protein in photosystem II'
21 polymer 'Photosystem II reaction center protein W'
22 polymer 'Unknown protein 0'
23 polymer 'Unknown protein 1'
24 polymer 'Unknown protein 2'
25 polymer 'Fucoxanthin chlorophyll a/c-binding protein Lhcf1, FCP1'
26 polymer 'Fucoxanthin chlorophyll a/c-binding protein monomer 1'
27 polymer 'Fucoxanthin chlorophyll a/c-binding protein monomer 2'
28 polymer 'Fucoxanthin chlorophyll a/c-binding protein monomer 3'
29 non-polymer 'FE (II) ION'
30 non-polymer 'CHLOROPHYLL A'
31 non-polymer 'PHEOPHYTIN A'
32 non-polymer BETA-CAROTENE
33 non-polymer 1,2-DI-O-ACYL-3-O-[6-DEOXY-6-SULFO-ALPHA-D-GLUCOPYRANOSYL]-SN-GLYCEROL
34 non-polymer 'BICARBONATE ION'
35 non-polymer 1,2-DIPALMITOYL-PHOSPHATIDYL-GLYCEROLE
36 non-polymer 1,2-DISTEAROYL-MONOGALACTOSYL-DIGLYCERIDE
37 non-polymer 'CA-MN4-O5 CLUSTER'
38 non-polymer 'DIGALACTOSYL DIACYL GLYCEROL (DGDG)'
39 non-polymer 2,3-DIMETHYL-5-(3,7,11,15,19,23,27,31,35-NONAMETHYL-2,6,10,14,18,22,26,30,34-HEXATRIACONTANONAENYL-2,5-CYCLOHEXADIENE-1,4-DIONE-2,3-DIMETHYL-5-SOLANESYL-1,4-BENZOQUINONE
40 non-polymer 'PROTOPORPHYRIN IX CONTAINING FE'
41 non-polymer "(3S,3'S,5R,5'R,6S,6'R,8'R)-3,5'-dihydroxy-8-oxo-6',7'-didehydro-5,5',6,6',7,8-hexahydro-5,6-epoxy-beta,beta-caroten-3'- yl acetate"
42 non-polymer DODECYL-ALPHA-D-MALTOSIDE
#
loop_
_entity_poly.entity_id
_entity_poly.type
_entity_poly.pdbx_seq_one_letter_code
_entity_poly.pdbx_strand_id
1 'polypeptide(L)'
;MTATLERREGVSLWERFCAWITSTENRLYIGWFGCLMFPTLLTATSCFIIAFIAAPPVDIDGIREPVAGSLLYGNNIISG
AVVPSSNAIGMHFYPIWEAASIDEWLYNGGPYQLIVLHFLLGVSAYMGREWELSYRLGMRPWIFVAFSAPVAAASAVFLV
YPIGQGSFSDGMPLGISGTFNFMLVFQAEHNILMHPFHMAGVAGVFGGSLFSAMHGSLVTSSLIRETTENESTNYGYKFG
QEEETYNIVAAHGYFGRLIFQYASFNNSRALHFFLALWPVVGIWITSMGISTMAFNLNGFNFNQSVVDSQGRVINTWADI
LNRANLGIEVMHERNAHNFPLDLA
;
A,a
2 'polypeptide(L)'
;MALPWYRVHTVVLNDPGRLIAVHLMHTALVAGWAGSMALYELAVFDPSDPVLNPMWRQGMFVMPFMTRLGITDSWGGWSI
TGESVSNPGIWSFEGVALSHIILSGMCFLAAIWHWVYWDLELFRDPRTGEPALDLPKIFGIHLFLSGLLCFGFGAFHVTG
LFGPGIWVSDAYGITGKVQPVAPAWGADGFNPFNPGGIAAHHIAAGIFGIFAGIFHLTVRPPQRLYRALRMGNIETVLSS
SISAVFFAAFVTSGTMWYGAAATPIELFGPTRYQWDSGYFQQEIERQVETSVSEGLSESQAWSRIPDKLAFYDYIGNNPA
KGGLFRAGPMNKGDGIAEAWLGHPIFRDKEGRELTVRRMPAFFETFPVILVDKDGIIRADIPFRRAESKYSIEQVGVTVD
FYGGKLNGQTFKDAPTVKKFARKAQLGEVFEFDRTSLESDGVFRSSPRGWYTYGHANFALLFFFGHLWHGGRTIFRDVFT
GIGAEVTEQVEFGAFQKLGDKSTKKQGAV
;
B,b
3 'polypeptide(L)'
;MKTLYSLRRYYHVETPFNSSIAGRDIESTGFAWWSGNARLINVSGKLLGAHVAHAGLMVFWAGAMVLFEVSHFVPEKPTY
EQGFILIQHLATLGYGIGPGGEITSTVPYFAVGVIHLISSAILGFGGIYHSLLGPDTLEESFPFFGYDWRDKNKMTTILG
IHLCLLGLGSFLLVIKAMYLGGVYDTWAPGGGDVRYITTPTLNPIVIFGYVFRSPFGGDGWVVSVNNMEDVIGGHIWVGI
LCITGGIWHIFTKPFAWARRAFVWSGEAYLSYSLAAISLMGFTAALYSWYNNTAYPSELYGPTGPEASQAQAFTFLVRDQ
RLGANVSSAQGPTGLGKYLMRSPSGEIIFGGETMRFWDLRAPWVEPLRGPNGLDINKIKNDIQPWQERRAAEYMTHAPLG
SLNSVGGVATEINSVNYVSPRSWLCCSHFFLAFFFLVGHWWHSGRARAAAAGFEKGINRANEPVLSMRPID
;
C,c
4 'polypeptide(L)'
;MTIAIGQNQERGLFDLVDDWLKKDRFVFVGWSGLLLFPTAYLAAGGWMTGTTFVTSWYTHGLASSYLEGCNFLTAAVSTP
ANSVGHSLLLLWGPEAQGDFTRWCQIGGLWTFVALHGAFGLIGFCLRQFEIARLVGIRPYNAIAFSGPIAVFVSVFLLYP
LGQASWFFAPSFGVAAIFRFLLFLQGFHNWTLNPFHMMGVAGILGGALLCAIHGATVENTLFEDGDAANTFRAFTPTQSE
ETYSMVTANRFWSQIFGVAFSNKRWLHFFMLFVPVTGLWTSSIGIVGLALNLRAYDFVSQELRAAEDPEFETFYTKNHLL
DEGIRAWMAAQDQPHENFVFPEEVLPRGNAL
;
D,d
5 'polypeptide(L)'
;MSGGSTGERPFSDIITSVRYWIIHSITIPSLFVSGWLFISTGLAYDVFGTPRPNEYFTQDRQQVPLVNDRFSAKQELEDL
TKGL
;
E,e
6 'polypeptide(L)' MTNNINQPVAYPIFTFRWLAIHGLAIPTVFFLGGITAMQFIQR F,f
7 'polypeptide(L)' MALRTRLGEILRPLNAEYGKVAPGWGTTPIMGIVMLAFLIFLVIILQIYNSSLIIENVDVDWANGIV H,h
8 'polypeptide(L)' MLTLKILVYTTVIFFVSLFIFGFLSSDPSRNPNRKDLE I,i
9 'polypeptide(L)' MTNTGRIPLWLVGLVGGLAVITMLSLFFYGSYSGLGSSL J,j
10 'polypeptide(L)' MESLLLARLPEAYVVFSPIVDVLPIIPVFFLLLAFVWQAAIGFR K,k
11 'polypeptide(L)' MTGPNPNKQAVELNRTSLYWGLLLIFVLAVLFSSYFFN L,l
12 'polypeptide(L)'
;LHLTVVSEVGKVAVGSIPAAAIASPAFAMDSVVESLPTNMLAGEVQFGAYLAVLLGTFLPALFLVNLFIQTEARKAGKAG
GQDSDLDGYLCIRVWIAIEAGRLSSHLWCPLVLPHFWRNNRTVSHLYGRYQ
;
M,m
13 'polypeptide(L)'
;LTKSQINELSYLQVKGTGLANRCAEVVGEDSIKPKPGAKLVDMCIEPKAWAVEEEVGKAGKTEKKFVNSKVMTRQTYTLD
AIEGPITVDGGKITFNEKEGIDYAATTVQLPGGERVPFLFTVKDLVAKGNGDTFKPGFQMGGDFNTPSYRTGLFLDPKGR
GGTTGYDMAVALPALQLGEEGDAELFGENNKVFDITQGRIEMEVNKVNAEDSEIGGVFVATQLSDTDMGSKTPKKVLTKG
IFYAKVDQ
;
O,o
14 'polypeptide(L)' MEALVYTFLLIGTLMVIFFAVFFRETPRILR T,t
15 'polypeptide(L)'
;VIDYENIGYLGGSSIVDINNANVRAYLKMPGMYPTVAGKIVSHGPYSGVADLYKIPGLSSAEADVIKKYESRLTAKTPSP
DYVIDRINNGLYR
;
U,u
16 'polypeptide(L)'
;IDLDEATRTVVVDNAGNTTVLTPEQVKRGKRLFNATCGACHVGGITKTNPNVGLDPEALSLATPRRDNISALVDYIKNPT
TYDGLESIAEVHPSIKSADIYPRMRSLTDEDLYSIAGHIMLSPKIASEKWGGGKIYY
;
V,v
17 'polypeptide(L)' MINWQVIGQLMSTAVIMLAGPAVIVLLALKKGNL Y,y
18 'polypeptide(L)' MTASLSNFIASLIAGGVVVGVIAIALIVISKSDRILRS X,x
19 'polypeptide(L)' MITLLVALLVLISLGLVVTVPVALATPGEWEIAKGKFNRFFQIWVFLVIVIAAADGISSSI Z,z
20 'polypeptide(L)'
;AVGESPRFSVFGLVGDGTSYSEGAAYGTDQADKLYSPYSVYSPEGEKSLYKPDNAEYLARKKAVLAETKNRLQKIPAYVD
KKEWFNVKDELTRYMYETRGAVRSLSSSVTQKEKAEVFFRALEDTYGAATLKKGDAVKASNDKAIAALDAFTATL
;
Q,q
21 'polypeptide(L)' MAALAGFMPAILSSTAAVATEGTNEWFGVDDLRLLAVLFLGHWAILSLWLGSYGDSNEDEDFFGEIDYSARK W,w
22 'polypeptide(L)'
;(UNK)(UNK)(UNK)(UNK)(UNK)(UNK)(UNK)(UNK)(UNK)(UNK)(UNK)(UNK)(UNK)(UNK)(UNK)(UNK)
(UNK)(UNK)(UNK)(UNK)(UNK)(UNK)(UNK)(UNK)(UNK)(UNK)(UNK)(UNK)(UNK)(UNK)(UNK)
;
0,5
23 'polypeptide(L)'
;(UNK)(UNK)(UNK)(UNK)(UNK)(UNK)(UNK)(UNK)(UNK)(UNK)(UNK)(UNK)(UNK)(UNK)(UNK)(UNK)
(UNK)(UNK)(UNK)(UNK)(UNK)(UNK)(UNK)(UNK)(UNK)(UNK)(UNK)(UNK)(UNK)(UNK)
;
1,6
24 'polypeptide(L)' (UNK)(UNK)(UNK)(UNK)(UNK)(UNK)(UNK)(UNK)(UNK)(UNK) 2,7
25 'polypeptide(L)'
;MKLAVAALLVASAAAFAPAPASKASTSLKVSEIELGVTEPLGVYDPLGWLESEPEAFERRRAVERKHGRVAMAAVVGTIV
HNNHIVFDGYLSPSNNLKFSDIPTGVDGIRAIPTAGLAQILAFFALVELAWMPASKYDGDYGVGYFGTDIKDPEEKARKL
NVELNNGRAAMMGIMGNMVAEVLTGQTMYEQYASGHISPFGDGQGVF
;
11,12,13,14,15,16,17,18,31,32,33,34,35,36,37,38
26 'polypeptide(L)'
;(UNK)(UNK)(UNK)(UNK)(UNK)(UNK)(UNK)(UNK)(UNK)(UNK)(UNK)(UNK)(UNK)(UNK)(UNK)(UNK)
(UNK)(UNK)(UNK)(UNK)(UNK)(UNK)(UNK)(UNK)(UNK)(UNK)(UNK)(UNK)(UNK)(UNK)(UNK)(UNK)
(UNK)(UNK)(UNK)(UNK)(UNK)(UNK)(UNK)(UNK)(UNK)(UNK)(UNK)(UNK)(UNK)(UNK)(UNK)(UNK)
(UNK)(UNK)(UNK)(UNK)(UNK)(UNK)(UNK)(UNK)(UNK)(UNK)(UNK)(UNK)(UNK)(UNK)(UNK)(UNK)
(UNK)(UNK)(UNK)(UNK)(UNK)(UNK)(UNK)(UNK)(UNK)(UNK)(UNK)(UNK)(UNK)(UNK)(UNK)(UNK)
(UNK)(UNK)(UNK)(UNK)(UNK)(UNK)(UNK)(UNK)(UNK)(UNK)(UNK)(UNK)(UNK)(UNK)(UNK)(UNK)
(UNK)(UNK)(UNK)(UNK)(UNK)(UNK)(UNK)(UNK)(UNK)(UNK)(UNK)(UNK)(UNK)(UNK)(UNK)(UNK)
(UNK)(UNK)(UNK)(UNK)(UNK)(UNK)(UNK)(UNK)(UNK)(UNK)(UNK)(UNK)(UNK)(UNK)(UNK)(UNK)
(UNK)(UNK)(UNK)(UNK)(UNK)(UNK)(UNK)(UNK)(UNK)(UNK)(UNK)(UNK)(UNK)(UNK)(UNK)(UNK)
(UNK)(UNK)(UNK)(UNK)(UNK)(UNK)(UNK)(UNK)(UNK)(UNK)(UNK)(UNK)(UNK)(UNK)(UNK)(UNK)
(UNK)(UNK)(UNK)(UNK)(UNK)(UNK)(UNK)(UNK)(UNK)(UNK)(UNK)(UNK)(UNK)(UNK)(UNK)(UNK)
(UNK)(UNK)(UNK)(UNK)(UNK)(UNK)(UNK)(UNK)(UNK)(UNK)(UNK)(UNK)(UNK)(UNK)(UNK)(UNK)
(UNK)(UNK)(UNK)(UNK)(UNK)(UNK)(UNK)(UNK)(UNK)(UNK)(UNK)(UNK)(UNK)(UNK)(UNK)(UNK)
(UNK)(UNK)(UNK)(UNK)(UNK)(UNK)(UNK)
;
19,39
27 'polypeptide(L)'
;(UNK)(UNK)(UNK)(UNK)(UNK)(UNK)(UNK)(UNK)(UNK)(UNK)(UNK)(UNK)(UNK)(UNK)(UNK)(UNK)
(UNK)(UNK)(UNK)(UNK)(UNK)(UNK)(UNK)(UNK)(UNK)(UNK)(UNK)(UNK)(UNK)(UNK)(UNK)(UNK)
(UNK)(UNK)(UNK)(UNK)(UNK)(UNK)(UNK)(UNK)(UNK)(UNK)(UNK)(UNK)(UNK)(UNK)(UNK)(UNK)
(UNK)(UNK)(UNK)(UNK)(UNK)(UNK)(UNK)(UNK)(UNK)(UNK)(UNK)(UNK)(UNK)(UNK)(UNK)(UNK)
(UNK)(UNK)(UNK)(UNK)(UNK)(UNK)(UNK)(UNK)(UNK)(UNK)(UNK)(UNK)(UNK)(UNK)(UNK)(UNK)
(UNK)(UNK)(UNK)(UNK)(UNK)(UNK)(UNK)(UNK)(UNK)(UNK)(UNK)(UNK)(UNK)(UNK)(UNK)(UNK)
(UNK)(UNK)(UNK)(UNK)(UNK)(UNK)(UNK)(UNK)(UNK)(UNK)(UNK)(UNK)(UNK)(UNK)(UNK)(UNK)
(UNK)(UNK)(UNK)(UNK)(UNK)(UNK)(UNK)(UNK)(UNK)(UNK)(UNK)(UNK)(UNK)(UNK)(UNK)(UNK)
(UNK)(UNK)(UNK)(UNK)(UNK)(UNK)(UNK)(UNK)(UNK)(UNK)(UNK)(UNK)(UNK)(UNK)(UNK)
;
20,40
28 'polypeptide(L)'
;(UNK)(UNK)(UNK)(UNK)(UNK)(UNK)(UNK)(UNK)(UNK)(UNK)(UNK)(UNK)(UNK)(UNK)(UNK)(UNK)
(UNK)(UNK)(UNK)(UNK)(UNK)(UNK)(UNK)(UNK)(UNK)(UNK)(UNK)(UNK)(UNK)(UNK)(UNK)(UNK)
(UNK)(UNK)(UNK)(UNK)(UNK)(UNK)(UNK)(UNK)(UNK)(UNK)(UNK)(UNK)(UNK)(UNK)(UNK)(UNK)
(UNK)(UNK)(UNK)(UNK)(UNK)(UNK)(UNK)(UNK)(UNK)(UNK)(UNK)(UNK)(UNK)(UNK)(UNK)(UNK)
(UNK)(UNK)(UNK)(UNK)(UNK)(UNK)(UNK)(UNK)(UNK)(UNK)(UNK)(UNK)(UNK)(UNK)(UNK)(UNK)
(UNK)(UNK)(UNK)(UNK)(UNK)(UNK)(UNK)(UNK)(UNK)(UNK)(UNK)(UNK)(UNK)(UNK)(UNK)(UNK)
(UNK)(UNK)(UNK)(UNK)(UNK)(UNK)(UNK)(UNK)(UNK)(UNK)(UNK)(UNK)(UNK)(UNK)(UNK)(UNK)
(UNK)(UNK)(UNK)(UNK)(UNK)(UNK)(UNK)(UNK)(UNK)(UNK)(UNK)(UNK)(UNK)(UNK)(UNK)(UNK)
(UNK)(UNK)(UNK)(UNK)(UNK)(UNK)(UNK)(UNK)(UNK)(UNK)(UNK)(UNK)(UNK)(UNK)(UNK)(UNK)
(UNK)(UNK)(UNK)(UNK)(UNK)(UNK)(UNK)(UNK)(UNK)(UNK)(UNK)
;
21,41
#
loop_
_chem_comp.id
_chem_comp.type
_chem_comp.name
_chem_comp.formula
A86 non-polymer '(3S,3'S,5R,5'R,6S,6'R,8'R)-3,5'-dihydroxy-8-oxo-6',7'-didehydro-5,5',6,6',7,8-hexahydro-5,6-epoxy-beta,beta-caroten-3'- yl acetate' 'C42 H58 O6'
BCR non-polymer BETA-CAROTENE 'C40 H56'
BCT non-polymer 'BICARBONATE ION' 'C H O3 -1'
CLA non-polymer 'CHLOROPHYLL A' 'C55 H72 Mg N4 O5'
DGD saccharide 'DIGALACTOSYL DIACYL GLYCEROL (DGDG)' 'C51 H96 O15'
FE2 non-polymer 'FE (II) ION' 'Fe 2'
HEM non-polymer 'PROTOPORPHYRIN IX CONTAINING FE' 'C34 H32 Fe N4 O4'
LHG non-polymer 1,2-DIPALMITOYL-PHOSPHATIDYL-GLYCEROLE 'C38 H75 O10 P'
LMG non-polymer 1,2-DISTEAROYL-MONOGALACTOSYL-DIGLYCERIDE 'C45 H86 O10'
LMU D-saccharide DODECYL-ALPHA-D-MALTOSIDE 'C24 H46 O11'
OEX non-polymer 'CA-MN4-O5 CLUSTER' 'Ca Mn4 O5'
PHO non-polymer 'PHEOPHYTIN A' 'C55 H74 N4 O5'
PL9 non-polymer 2,3-DIMETHYL-5-(3,7,11,15,19,23,27,31,35-NONAMETHYL-2,6,10,14,18,22,26,30,34-HEXATRIACONTANONAENYL-2,5-CYCLOHEXADIENE-1,4-DIONE-2,3-DIMETHYL-5-SOLANESYL-1,4-BENZOQUINONE 'C53 H80 O2'
SQD non-polymer 1,2-DI-O-ACYL-3-O-[6-DEOXY-6-SULFO-ALPHA-D-GLUCOPYRANOSYL]-SN-GLYCEROL 'C41 H78 O12 S'
#
# COMPACT_ATOMS: atom_id res chain seq x y z
N VAL A 11 -30.14 -14.71 50.60
CA VAL A 11 -29.86 -16.10 50.93
C VAL A 11 -30.33 -16.98 49.78
N SER A 12 -31.50 -16.65 49.24
CA SER A 12 -32.08 -17.42 48.17
C SER A 12 -31.33 -17.18 46.86
N LEU A 13 -31.61 -18.04 45.88
CA LEU A 13 -30.92 -17.95 44.60
C LEU A 13 -31.43 -16.76 43.80
N TRP A 14 -32.69 -16.41 43.96
CA TRP A 14 -33.23 -15.27 43.23
C TRP A 14 -32.73 -13.97 43.82
N GLU A 15 -32.63 -13.89 45.14
CA GLU A 15 -32.15 -12.66 45.75
C GLU A 15 -30.68 -12.44 45.48
N ARG A 16 -29.91 -13.52 45.37
CA ARG A 16 -28.52 -13.37 44.96
C ARG A 16 -28.39 -13.12 43.47
N PHE A 17 -29.46 -13.27 42.71
CA PHE A 17 -29.41 -12.90 41.30
C PHE A 17 -29.94 -11.49 41.07
N CYS A 18 -30.95 -11.09 41.84
CA CYS A 18 -31.40 -9.71 41.77
C CYS A 18 -30.37 -8.75 42.32
N ALA A 19 -29.53 -9.22 43.24
CA ALA A 19 -28.51 -8.34 43.80
C ALA A 19 -27.40 -8.10 42.79
N TRP A 20 -27.17 -9.07 41.90
CA TRP A 20 -26.13 -8.89 40.89
C TRP A 20 -26.61 -8.12 39.69
N ILE A 21 -27.84 -8.37 39.26
CA ILE A 21 -28.34 -7.78 38.03
C ILE A 21 -28.71 -6.32 38.25
N THR A 22 -28.88 -5.87 39.49
CA THR A 22 -29.14 -4.48 39.79
C THR A 22 -27.98 -3.83 40.49
N SER A 23 -26.80 -4.45 40.42
CA SER A 23 -25.65 -3.90 41.08
C SER A 23 -25.05 -2.80 40.21
N THR A 24 -24.81 -1.65 40.81
CA THR A 24 -24.06 -0.60 40.16
C THR A 24 -22.57 -0.84 40.21
N GLU A 25 -22.13 -1.90 40.88
CA GLU A 25 -20.72 -2.21 40.98
C GLU A 25 -20.24 -3.04 39.81
N ASN A 26 -21.14 -3.36 38.88
CA ASN A 26 -20.70 -4.00 37.65
C ASN A 26 -19.97 -2.97 36.79
N ARG A 27 -19.25 -3.47 35.79
CA ARG A 27 -18.59 -2.57 34.84
C ARG A 27 -19.62 -1.80 34.04
N LEU A 28 -20.52 -2.50 33.37
CA LEU A 28 -21.68 -1.88 32.74
C LEU A 28 -22.91 -2.30 33.51
N TYR A 29 -23.75 -1.34 33.86
CA TYR A 29 -24.96 -1.66 34.58
C TYR A 29 -25.91 -2.41 33.65
N ILE A 30 -26.38 -3.56 34.10
CA ILE A 30 -27.25 -4.39 33.31
C ILE A 30 -28.70 -4.04 33.56
N GLY A 31 -29.15 -4.20 34.79
CA GLY A 31 -30.48 -3.76 35.13
C GLY A 31 -31.55 -4.69 34.64
N TRP A 32 -32.81 -4.35 34.90
CA TRP A 32 -33.85 -5.24 34.44
C TRP A 32 -34.23 -4.95 33.01
N PHE A 33 -33.94 -3.74 32.53
CA PHE A 33 -34.14 -3.49 31.12
C PHE A 33 -33.04 -4.11 30.27
N GLY A 34 -31.86 -4.32 30.83
CA GLY A 34 -30.81 -5.00 30.10
C GLY A 34 -31.10 -6.47 29.89
N CYS A 35 -32.05 -7.02 30.65
CA CYS A 35 -32.50 -8.38 30.39
C CYS A 35 -33.18 -8.49 29.03
N LEU A 36 -33.75 -7.40 28.54
CA LEU A 36 -34.22 -7.39 27.17
C LEU A 36 -33.66 -6.25 26.33
N MET A 37 -32.56 -5.64 26.78
CA MET A 37 -31.81 -4.75 25.89
C MET A 37 -30.70 -5.52 25.21
N PHE A 38 -29.83 -6.13 25.98
CA PHE A 38 -28.69 -6.90 25.49
C PHE A 38 -29.02 -8.10 24.61
N PRO A 39 -30.04 -8.93 24.85
CA PRO A 39 -30.31 -9.96 23.85
C PRO A 39 -30.91 -9.41 22.60
N THR A 40 -31.62 -8.30 22.68
CA THR A 40 -32.21 -7.72 21.48
C THR A 40 -31.17 -7.03 20.63
N LEU A 41 -30.32 -6.19 21.22
CA LEU A 41 -29.42 -5.40 20.41
C LEU A 41 -28.22 -6.20 19.93
N LEU A 42 -27.87 -7.29 20.60
CA LEU A 42 -26.80 -8.13 20.08
C LEU A 42 -27.30 -8.97 18.92
N THR A 43 -28.60 -9.24 18.85
CA THR A 43 -29.14 -9.95 17.70
C THR A 43 -29.41 -9.01 16.54
N ALA A 44 -29.73 -7.76 16.84
CA ALA A 44 -29.83 -6.78 15.78
C ALA A 44 -28.46 -6.45 15.22
N THR A 45 -27.42 -6.53 16.07
CA THR A 45 -26.07 -6.25 15.62
C THR A 45 -25.52 -7.39 14.79
N SER A 46 -25.53 -8.60 15.37
CA SER A 46 -24.91 -9.75 14.73
C SER A 46 -25.61 -10.17 13.45
N CYS A 47 -26.86 -9.79 13.27
CA CYS A 47 -27.49 -9.99 11.99
C CYS A 47 -27.19 -8.84 11.04
N PHE A 48 -26.94 -7.64 11.57
CA PHE A 48 -26.67 -6.51 10.68
C PHE A 48 -25.31 -6.63 10.02
N ILE A 49 -24.31 -7.07 10.78
CA ILE A 49 -22.96 -7.20 10.25
C ILE A 49 -22.91 -8.28 9.17
N ILE A 50 -23.68 -9.35 9.33
CA ILE A 50 -23.71 -10.37 8.31
C ILE A 50 -24.54 -9.92 7.11
N ALA A 51 -25.66 -9.25 7.34
CA ALA A 51 -26.50 -8.83 6.22
C ALA A 51 -25.90 -7.65 5.47
N PHE A 52 -25.02 -6.89 6.10
CA PHE A 52 -24.38 -5.80 5.39
C PHE A 52 -23.21 -6.29 4.56
N ILE A 53 -22.50 -7.31 5.04
CA ILE A 53 -21.32 -7.83 4.37
C ILE A 53 -21.71 -8.87 3.33
N ALA A 54 -22.44 -9.90 3.74
CA ALA A 54 -22.73 -11.05 2.89
C ALA A 54 -24.22 -11.30 2.89
N ALA A 55 -24.95 -10.75 1.92
CA ALA A 55 -26.36 -11.05 1.85
C ALA A 55 -26.77 -10.93 0.39
N PRO A 56 -27.53 -11.90 -0.12
CA PRO A 56 -27.88 -11.90 -1.53
C PRO A 56 -28.87 -10.80 -1.86
N PRO A 57 -29.08 -10.48 -3.14
CA PRO A 57 -30.01 -9.41 -3.48
C PRO A 57 -31.46 -9.72 -3.13
N VAL A 58 -32.24 -8.65 -2.99
CA VAL A 58 -33.55 -8.67 -2.38
C VAL A 58 -34.57 -8.05 -3.33
N ASP A 59 -35.66 -8.76 -3.58
CA ASP A 59 -36.79 -8.17 -4.28
C ASP A 59 -37.46 -7.16 -3.35
N ILE A 60 -37.25 -5.88 -3.64
CA ILE A 60 -37.88 -4.86 -2.81
C ILE A 60 -39.19 -4.39 -3.45
N ASP A 61 -39.24 -4.28 -4.78
CA ASP A 61 -40.41 -3.72 -5.41
C ASP A 61 -41.49 -4.79 -5.61
N GLY A 62 -41.18 -6.03 -5.25
CA GLY A 62 -42.11 -7.12 -5.46
C GLY A 62 -42.28 -7.52 -6.90
N ILE A 63 -41.39 -7.09 -7.79
CA ILE A 63 -41.55 -7.29 -9.22
C ILE A 63 -40.47 -8.24 -9.70
N ARG A 64 -39.81 -8.89 -8.74
CA ARG A 64 -38.79 -9.92 -8.96
C ARG A 64 -37.59 -9.32 -9.69
N GLU A 65 -37.24 -8.10 -9.29
CA GLU A 65 -36.03 -7.42 -9.74
C GLU A 65 -35.17 -7.20 -8.50
N PRO A 66 -34.24 -8.11 -8.22
CA PRO A 66 -33.56 -8.10 -6.93
C PRO A 66 -32.49 -7.01 -6.86
N VAL A 67 -32.54 -6.23 -5.79
CA VAL A 67 -31.68 -5.09 -5.59
C VAL A 67 -30.52 -5.51 -4.68
N ALA A 68 -29.31 -5.43 -5.19
CA ALA A 68 -28.15 -5.81 -4.41
C ALA A 68 -27.88 -4.80 -3.31
N GLY A 69 -27.46 -5.27 -2.16
CA GLY A 69 -27.23 -4.35 -1.07
C GLY A 69 -26.06 -4.65 -0.17
N SER A 70 -25.32 -5.70 -0.44
CA SER A 70 -24.25 -6.12 0.45
C SER A 70 -22.90 -5.96 -0.21
N LEU A 71 -21.85 -6.14 0.59
CA LEU A 71 -20.50 -5.85 0.11
C LEU A 71 -19.98 -6.91 -0.83
N LEU A 72 -20.33 -8.18 -0.61
CA LEU A 72 -19.79 -9.22 -1.47
C LEU A 72 -20.39 -9.20 -2.86
N TYR A 73 -21.51 -8.51 -3.05
CA TYR A 73 -22.14 -8.42 -4.36
C TYR A 73 -21.82 -7.09 -5.01
N GLY A 74 -20.60 -6.60 -4.80
CA GLY A 74 -20.11 -5.43 -5.50
C GLY A 74 -20.71 -4.14 -5.01
N ASN A 75 -20.44 -3.77 -3.77
CA ASN A 75 -20.85 -2.50 -3.23
C ASN A 75 -19.70 -1.90 -2.45
N ASN A 76 -20.01 -0.83 -1.72
CA ASN A 76 -19.05 -0.18 -0.86
C ASN A 76 -19.78 0.23 0.40
N ILE A 77 -19.15 1.10 1.19
CA ILE A 77 -19.80 1.59 2.40
C ILE A 77 -21.00 2.44 2.05
N ILE A 78 -20.91 3.18 0.95
CA ILE A 78 -21.95 4.15 0.64
C ILE A 78 -23.14 3.47 -0.03
N SER A 79 -22.90 2.66 -1.05
CA SER A 79 -24.02 2.06 -1.76
C SER A 79 -24.59 0.84 -1.05
N GLY A 80 -23.79 0.14 -0.24
CA GLY A 80 -24.27 -1.07 0.41
C GLY A 80 -25.26 -0.75 1.51
N ALA A 81 -26.26 -1.59 1.66
CA ALA A 81 -27.40 -1.31 2.55
C ALA A 81 -28.20 -2.58 2.77
N VAL A 82 -28.71 -2.75 3.99
CA VAL A 82 -29.69 -3.80 4.21
C VAL A 82 -31.02 -3.36 3.61
N VAL A 83 -31.45 -4.06 2.57
CA VAL A 83 -32.60 -3.67 1.76
C VAL A 83 -33.86 -3.94 2.56
N PRO A 84 -34.89 -3.08 2.50
CA PRO A 84 -36.16 -3.40 3.13
C PRO A 84 -36.84 -4.60 2.49
N SER A 85 -37.90 -5.07 3.16
CA SER A 85 -38.56 -6.27 2.70
C SER A 85 -39.40 -5.99 1.46
N SER A 86 -40.03 -7.05 0.97
CA SER A 86 -40.66 -6.97 -0.34
C SER A 86 -41.95 -6.17 -0.28
N ASN A 87 -42.38 -5.73 -1.46
CA ASN A 87 -43.73 -5.23 -1.63
C ASN A 87 -44.73 -6.38 -1.61
N ALA A 88 -44.28 -7.58 -1.96
CA ALA A 88 -45.16 -8.75 -1.94
C ALA A 88 -45.56 -9.11 -0.52
N ILE A 89 -44.62 -9.07 0.41
CA ILE A 89 -44.95 -9.24 1.82
C ILE A 89 -45.77 -8.07 2.30
N GLY A 90 -45.21 -6.87 2.22
CA GLY A 90 -45.89 -5.72 2.75
C GLY A 90 -45.82 -5.74 4.24
N MET A 91 -46.97 -5.61 4.88
CA MET A 91 -47.00 -5.40 6.32
C MET A 91 -46.99 -6.72 7.10
N HIS A 92 -47.02 -7.86 6.42
CA HIS A 92 -47.11 -9.15 7.09
C HIS A 92 -45.84 -9.46 7.86
N PHE A 93 -46.02 -10.10 9.00
CA PHE A 93 -44.90 -10.54 9.81
C PHE A 93 -44.25 -11.75 9.15
N TYR A 94 -42.94 -11.64 8.91
CA TYR A 94 -42.22 -12.64 8.12
C TYR A 94 -40.98 -13.09 8.87
N PRO A 95 -41.13 -14.02 9.80
CA PRO A 95 -39.96 -14.53 10.53
C PRO A 95 -39.27 -15.62 9.76
N ILE A 96 -38.25 -16.26 10.36
CA ILE A 96 -37.53 -17.29 9.62
C ILE A 96 -38.36 -18.55 9.51
N TRP A 97 -39.08 -18.90 10.58
CA TRP A 97 -39.83 -20.15 10.58
C TRP A 97 -41.08 -20.10 9.72
N GLU A 98 -41.53 -18.91 9.32
CA GLU A 98 -42.63 -18.78 8.37
C GLU A 98 -42.11 -18.48 6.98
N ALA A 99 -41.01 -19.12 6.58
CA ALA A 99 -40.41 -18.83 5.29
C ALA A 99 -40.01 -20.05 4.48
N ALA A 100 -40.10 -21.26 5.04
CA ALA A 100 -39.94 -22.57 4.38
C ALA A 100 -38.53 -22.88 3.86
N SER A 101 -37.62 -21.92 3.93
CA SER A 101 -36.17 -22.06 3.74
C SER A 101 -35.56 -20.71 4.04
N ILE A 102 -34.25 -20.70 4.28
CA ILE A 102 -33.59 -19.41 4.49
C ILE A 102 -33.37 -18.72 3.15
N ASP A 103 -33.23 -19.49 2.08
CA ASP A 103 -33.10 -18.91 0.75
C ASP A 103 -34.35 -18.17 0.32
N GLU A 104 -35.53 -18.67 0.69
CA GLU A 104 -36.77 -17.94 0.47
C GLU A 104 -36.89 -16.77 1.42
N TRP A 105 -36.23 -16.86 2.57
CA TRP A 105 -36.27 -15.75 3.52
C TRP A 105 -35.39 -14.60 3.04
N LEU A 106 -34.16 -14.90 2.63
CA LEU A 106 -33.25 -13.85 2.19
C LEU A 106 -33.66 -13.24 0.86
N TYR A 107 -34.44 -13.93 0.05
CA TYR A 107 -34.87 -13.35 -1.22
C TYR A 107 -35.90 -12.25 -1.00
N ASN A 108 -36.84 -12.49 -0.11
CA ASN A 108 -38.00 -11.63 0.04
C ASN A 108 -37.78 -10.53 1.06
N GLY A 109 -36.54 -10.21 1.37
CA GLY A 109 -36.33 -9.18 2.36
C GLY A 109 -36.49 -9.68 3.77
N GLY A 110 -35.87 -10.80 4.09
CA GLY A 110 -35.90 -11.34 5.41
C GLY A 110 -35.30 -10.46 6.48
N PRO A 111 -33.98 -10.21 6.45
CA PRO A 111 -33.31 -9.64 7.63
C PRO A 111 -33.66 -8.20 7.91
N TYR A 112 -34.42 -7.52 7.06
CA TYR A 112 -34.85 -6.18 7.42
C TYR A 112 -35.83 -6.23 8.59
N GLN A 113 -36.71 -7.22 8.63
CA GLN A 113 -37.62 -7.28 9.76
C GLN A 113 -36.96 -7.83 11.01
N LEU A 114 -35.95 -8.67 10.87
CA LEU A 114 -35.31 -9.22 12.05
C LEU A 114 -34.45 -8.17 12.73
N ILE A 115 -33.82 -7.29 11.94
CA ILE A 115 -32.97 -6.26 12.51
C ILE A 115 -33.81 -5.17 13.14
N VAL A 116 -34.84 -4.69 12.41
CA VAL A 116 -35.62 -3.53 12.85
C VAL A 116 -36.44 -3.86 14.11
N LEU A 117 -37.05 -5.03 14.16
CA LEU A 117 -37.88 -5.35 15.30
C LEU A 117 -37.03 -5.66 16.54
N HIS A 118 -35.85 -6.23 16.36
CA HIS A 118 -34.96 -6.33 17.50
C HIS A 118 -34.23 -5.04 17.81
N PHE A 119 -34.29 -4.06 16.90
CA PHE A 119 -33.69 -2.76 17.17
C PHE A 119 -34.61 -1.91 18.02
N LEU A 120 -35.88 -1.83 17.64
CA LEU A 120 -36.82 -0.96 18.32
C LEU A 120 -37.17 -1.48 19.71
N LEU A 121 -37.04 -2.79 19.94
CA LEU A 121 -37.16 -3.30 21.29
C LEU A 121 -35.92 -2.99 22.09
N GLY A 122 -34.75 -3.03 21.47
CA GLY A 122 -33.53 -2.80 22.21
C GLY A 122 -33.25 -1.34 22.49
N VAL A 123 -33.79 -0.45 21.67
CA VAL A 123 -33.59 0.97 21.89
C VAL A 123 -34.61 1.49 22.89
N SER A 124 -35.83 0.97 22.85
CA SER A 124 -36.81 1.26 23.88
C SER A 124 -36.48 0.59 25.21
N ALA A 125 -35.54 -0.35 25.22
CA ALA A 125 -35.01 -0.89 26.46
C ALA A 125 -33.72 -0.22 26.87
N TYR A 126 -32.96 0.30 25.92
CA TYR A 126 -31.83 1.15 26.28
C TYR A 126 -32.30 2.44 26.90
N MET A 127 -33.48 2.91 26.50
CA MET A 127 -34.03 4.11 27.07
C MET A 127 -34.49 3.89 28.50
N GLY A 128 -35.16 2.77 28.77
CA GLY A 128 -35.57 2.48 30.13
C GLY A 128 -34.41 2.12 31.03
N ARG A 129 -33.32 1.66 30.47
CA ARG A 129 -32.12 1.39 31.22
C ARG A 129 -31.44 2.67 31.71
N GLU A 130 -31.55 3.74 30.93
CA GLU A 130 -31.06 5.04 31.38
C GLU A 130 -31.90 5.58 32.52
N TRP A 131 -33.15 5.18 32.62
CA TRP A 131 -33.92 5.54 33.78
C TRP A 131 -33.44 4.80 35.00
N GLU A 132 -33.23 3.49 34.85
CA GLU A 132 -33.05 2.59 35.99
C GLU A 132 -31.81 2.93 36.78
N LEU A 133 -30.70 3.16 36.09
CA LEU A 133 -29.46 3.52 36.75
C LEU A 133 -29.55 4.90 37.39
N SER A 134 -30.37 5.79 36.84
CA SER A 134 -30.59 7.06 37.52
C SER A 134 -31.36 6.87 38.81
N TYR A 135 -32.17 5.81 38.90
CA TYR A 135 -32.84 5.53 40.16
C TYR A 135 -31.89 4.96 41.18
N ARG A 136 -31.02 4.04 40.77
CA ARG A 136 -30.11 3.41 41.72
C ARG A 136 -28.92 4.27 42.08
N LEU A 137 -28.69 5.39 41.39
CA LEU A 137 -27.56 6.26 41.73
C LEU A 137 -27.98 7.50 42.49
N GLY A 138 -29.27 7.70 42.74
CA GLY A 138 -29.71 8.91 43.39
C GLY A 138 -29.92 10.08 42.47
N MET A 139 -29.88 9.88 41.18
CA MET A 139 -30.05 10.99 40.25
C MET A 139 -31.52 11.30 40.06
N ARG A 140 -31.80 12.53 39.78
CA ARG A 140 -33.08 12.93 39.21
C ARG A 140 -33.21 12.29 37.85
N PRO A 141 -34.40 11.89 37.43
CA PRO A 141 -34.48 10.71 36.56
C PRO A 141 -34.43 10.93 35.06
N TRP A 142 -34.49 12.17 34.55
CA TRP A 142 -35.06 12.40 33.23
C TRP A 142 -34.04 12.54 32.11
N ILE A 143 -32.93 11.81 32.17
CA ILE A 143 -32.12 11.74 30.96
C ILE A 143 -32.84 10.93 29.90
N PHE A 144 -33.62 9.94 30.31
CA PHE A 144 -34.31 9.08 29.36
C PHE A 144 -35.47 9.78 28.65
N VAL A 145 -35.93 10.91 29.16
CA VAL A 145 -36.90 11.72 28.42
C VAL A 145 -36.22 12.49 27.29
N ALA A 146 -34.96 12.87 27.48
CA ALA A 146 -34.23 13.50 26.39
C ALA A 146 -33.89 12.48 25.31
N PHE A 147 -33.71 11.22 25.69
CA PHE A 147 -33.44 10.20 24.69
C PHE A 147 -34.72 9.74 24.01
N SER A 148 -35.88 10.19 24.46
CA SER A 148 -37.12 9.87 23.76
C SER A 148 -37.17 10.52 22.38
N ALA A 149 -36.41 11.58 22.16
CA ALA A 149 -36.48 12.29 20.91
C ALA A 149 -35.84 11.53 19.74
N PRO A 150 -34.67 10.87 19.85
CA PRO A 150 -34.29 9.97 18.76
C PRO A 150 -35.03 8.65 18.76
N VAL A 151 -35.62 8.22 19.86
CA VAL A 151 -36.45 7.02 19.83
C VAL A 151 -37.76 7.31 19.10
N ALA A 152 -38.27 8.53 19.23
CA ALA A 152 -39.43 8.94 18.46
C ALA A 152 -39.12 8.98 16.98
N ALA A 153 -37.90 9.37 16.62
CA ALA A 153 -37.54 9.50 15.23
C ALA A 153 -37.11 8.18 14.62
N ALA A 154 -36.56 7.28 15.44
CA ALA A 154 -36.24 5.95 14.92
C ALA A 154 -37.50 5.13 14.70
N SER A 155 -38.46 5.25 15.59
CA SER A 155 -39.71 4.54 15.40
C SER A 155 -40.59 5.20 14.34
N ALA A 156 -40.26 6.40 13.91
CA ALA A 156 -41.06 7.04 12.88
C ALA A 156 -40.73 6.55 11.49
N VAL A 157 -39.46 6.28 11.20
CA VAL A 157 -39.08 5.90 9.85
C VAL A 157 -38.97 4.38 9.68
N PHE A 158 -38.88 3.62 10.75
CA PHE A 158 -38.80 2.18 10.66
C PHE A 158 -40.10 1.50 11.00
N LEU A 159 -40.92 2.11 11.85
CA LEU A 159 -42.15 1.47 12.30
C LEU A 159 -43.38 2.21 11.81
N VAL A 160 -43.52 3.49 12.12
CA VAL A 160 -44.78 4.21 11.89
C VAL A 160 -45.00 4.46 10.41
N TYR A 161 -43.96 4.86 9.70
CA TYR A 161 -44.10 5.07 8.26
C TYR A 161 -44.35 3.80 7.47
N PRO A 162 -43.79 2.62 7.81
CA PRO A 162 -44.29 1.41 7.15
C PRO A 162 -45.71 1.03 7.52
N ILE A 163 -46.22 1.47 8.67
CA ILE A 163 -47.58 1.12 9.04
C ILE A 163 -48.58 1.91 8.21
N GLY A 164 -48.46 3.23 8.21
CA GLY A 164 -49.41 4.05 7.51
C GLY A 164 -49.34 3.92 6.00
N GLN A 165 -48.18 3.56 5.48
CA GLN A 165 -48.07 3.25 4.07
C GLN A 165 -48.32 1.79 3.77
N GLY A 166 -48.47 0.97 4.80
CA GLY A 166 -48.95 -0.38 4.61
C GLY A 166 -47.93 -1.39 4.16
N SER A 167 -46.64 -1.08 4.22
CA SER A 167 -45.62 -2.03 3.81
C SER A 167 -44.29 -1.64 4.41
N PHE A 168 -43.49 -2.64 4.77
CA PHE A 168 -42.12 -2.36 5.18
C PHE A 168 -41.24 -1.99 3.99
N SER A 169 -41.71 -2.16 2.76
CA SER A 169 -40.90 -1.80 1.61
C SER A 169 -40.75 -0.29 1.50
N ASP A 170 -41.74 0.46 1.99
CA ASP A 170 -41.57 1.89 2.12
C ASP A 170 -40.75 2.28 3.34
N GLY A 171 -40.35 1.32 4.16
CA GLY A 171 -39.49 1.63 5.28
C GLY A 171 -38.09 2.03 4.85
N MET A 172 -37.35 2.58 5.79
CA MET A 172 -36.06 3.18 5.47
C MET A 172 -35.00 2.11 5.28
N PRO A 173 -34.24 2.15 4.19
CA PRO A 173 -33.17 1.18 3.99
C PRO A 173 -32.01 1.43 4.92
N LEU A 174 -31.52 0.36 5.54
CA LEU A 174 -30.44 0.44 6.51
C LEU A 174 -29.12 0.63 5.76
N GLY A 175 -28.88 1.86 5.34
CA GLY A 175 -27.64 2.14 4.65
C GLY A 175 -27.42 3.63 4.54
N ILE A 176 -26.48 4.00 3.67
CA ILE A 176 -26.18 5.40 3.46
C ILE A 176 -26.79 5.92 2.18
N SER A 177 -26.59 5.24 1.05
CA SER A 177 -27.31 5.65 -0.15
C SER A 177 -28.79 5.30 -0.07
N GLY A 178 -29.14 4.29 0.72
CA GLY A 178 -30.54 4.00 0.92
C GLY A 178 -31.26 5.05 1.73
N THR A 179 -30.53 5.80 2.55
CA THR A 179 -31.13 6.92 3.27
C THR A 179 -31.57 8.01 2.30
N PHE A 180 -30.74 8.31 1.31
CA PHE A 180 -31.10 9.37 0.40
C PHE A 180 -32.09 8.92 -0.66
N ASN A 181 -32.22 7.61 -0.87
CA ASN A 181 -33.37 7.13 -1.63
C ASN A 181 -34.62 7.33 -0.81
N PHE A 182 -34.52 7.23 0.51
CA PHE A 182 -35.67 7.41 1.36
C PHE A 182 -36.08 8.87 1.44
N MET A 183 -35.13 9.79 1.49
CA MET A 183 -35.47 11.18 1.73
C MET A 183 -36.05 11.83 0.48
N LEU A 184 -35.56 11.45 -0.69
CA LEU A 184 -36.02 12.09 -1.91
C LEU A 184 -37.39 11.60 -2.32
N VAL A 185 -37.63 10.30 -2.20
CA VAL A 185 -38.93 9.74 -2.49
C VAL A 185 -39.97 10.24 -1.48
N PHE A 186 -39.56 10.46 -0.24
CA PHE A 186 -40.43 11.07 0.74
C PHE A 186 -40.72 12.53 0.41
N GLN A 187 -39.83 13.20 -0.31
CA GLN A 187 -40.09 14.58 -0.71
C GLN A 187 -41.16 14.66 -1.79
N ALA A 188 -41.07 13.81 -2.80
CA ALA A 188 -41.99 13.87 -3.92
C ALA A 188 -43.39 13.48 -3.51
N GLU A 189 -43.51 12.54 -2.58
CA GLU A 189 -44.81 11.99 -2.26
C GLU A 189 -45.47 12.69 -1.10
N HIS A 190 -44.74 13.46 -0.31
CA HIS A 190 -45.30 14.05 0.89
C HIS A 190 -44.99 15.51 1.10
N ASN A 191 -44.01 16.07 0.39
CA ASN A 191 -43.60 17.47 0.46
C ASN A 191 -43.23 17.87 1.89
N ILE A 192 -42.15 17.25 2.38
CA ILE A 192 -41.78 17.40 3.78
C ILE A 192 -41.22 18.79 4.07
N LEU A 193 -40.59 19.43 3.09
CA LEU A 193 -39.92 20.70 3.36
C LEU A 193 -40.91 21.81 3.62
N MET A 194 -42.09 21.73 3.03
CA MET A 194 -43.13 22.71 3.32
C MET A 194 -43.92 22.35 4.57
N HIS A 195 -43.73 21.15 5.09
CA HIS A 195 -44.45 20.75 6.29
C HIS A 195 -43.84 21.44 7.49
N PRO A 196 -44.63 22.04 8.38
CA PRO A 196 -44.08 22.87 9.46
C PRO A 196 -43.44 22.08 10.57
N PHE A 197 -43.38 20.77 10.50
CA PHE A 197 -42.72 20.03 11.55
C PHE A 197 -41.31 19.66 11.17
N HIS A 198 -41.00 19.54 9.88
CA HIS A 198 -39.60 19.55 9.49
C HIS A 198 -39.03 20.95 9.66
N MET A 199 -39.86 21.97 9.53
CA MET A 199 -39.43 23.34 9.80
C MET A 199 -39.15 23.56 11.26
N ALA A 200 -39.84 22.85 12.14
CA ALA A 200 -39.64 23.06 13.56
C ALA A 200 -38.53 22.21 14.12
N GLY A 201 -37.84 21.44 13.30
CA GLY A 201 -36.73 20.66 13.78
C GLY A 201 -35.45 20.97 13.05
N VAL A 202 -35.56 21.56 11.87
CA VAL A 202 -34.42 22.27 11.33
C VAL A 202 -34.05 23.42 12.24
N ALA A 203 -35.06 24.12 12.76
CA ALA A 203 -34.84 25.08 13.83
C ALA A 203 -34.38 24.40 15.11
N GLY A 204 -34.66 23.11 15.29
CA GLY A 204 -34.18 22.39 16.44
C GLY A 204 -32.73 22.01 16.41
N VAL A 205 -32.18 21.70 15.23
CA VAL A 205 -30.78 21.31 15.15
C VAL A 205 -29.87 22.44 14.67
N PHE A 206 -30.38 23.40 13.89
CA PHE A 206 -29.61 24.62 13.70
C PHE A 206 -29.53 25.40 14.99
N GLY A 207 -30.66 25.48 15.70
CA GLY A 207 -30.63 26.06 17.03
C GLY A 207 -29.84 25.22 17.99
N GLY A 208 -29.94 23.90 17.89
CA GLY A 208 -29.20 23.02 18.78
C GLY A 208 -27.70 23.12 18.58
N SER A 209 -27.24 23.18 17.34
CA SER A 209 -25.81 23.35 17.13
C SER A 209 -25.37 24.78 17.38
N LEU A 210 -26.28 25.74 17.38
CA LEU A 210 -25.91 27.09 17.78
C LEU A 210 -25.62 27.13 19.26
N PHE A 211 -26.61 26.79 20.08
CA PHE A 211 -26.49 26.89 21.52
C PHE A 211 -25.49 25.90 22.10
N SER A 212 -25.14 24.85 21.36
CA SER A 212 -24.00 24.02 21.73
C SER A 212 -22.70 24.78 21.61
N ALA A 213 -22.42 25.32 20.43
CA ALA A 213 -21.18 26.04 20.21
C ALA A 213 -21.20 27.43 20.81
N MET A 214 -22.36 27.91 21.26
CA MET A 214 -22.41 29.19 21.94
C MET A 214 -22.19 29.01 23.42
N HIS A 215 -22.65 27.90 23.98
CA HIS A 215 -22.38 27.62 25.39
C HIS A 215 -20.98 27.08 25.58
N GLY A 216 -20.51 26.24 24.66
CA GLY A 216 -19.19 25.69 24.76
C GLY A 216 -18.09 26.70 24.52
N SER A 217 -18.40 27.83 23.91
CA SER A 217 -17.39 28.85 23.73
C SER A 217 -17.31 29.77 24.94
N LEU A 218 -18.43 30.04 25.58
CA LEU A 218 -18.40 30.97 26.71
C LEU A 218 -17.89 30.34 27.98
N VAL A 219 -17.87 29.02 28.06
CA VAL A 219 -17.16 28.38 29.16
C VAL A 219 -15.68 28.38 28.90
N THR A 220 -15.28 27.98 27.70
CA THR A 220 -13.88 27.94 27.31
C THR A 220 -13.26 29.33 27.22
N SER A 221 -14.06 30.36 26.97
CA SER A 221 -13.53 31.72 27.03
C SER A 221 -13.16 32.13 28.45
N SER A 222 -13.98 31.79 29.43
CA SER A 222 -13.82 32.34 30.77
C SER A 222 -13.16 31.36 31.73
N LEU A 223 -12.24 30.54 31.24
CA LEU A 223 -11.53 29.62 32.12
C LEU A 223 -10.56 30.37 33.03
N ILE A 224 -10.34 29.84 34.22
CA ILE A 224 -9.45 30.45 35.19
C ILE A 224 -8.03 29.91 34.98
N ARG A 225 -7.02 30.78 35.16
CA ARG A 225 -5.62 30.37 35.14
C ARG A 225 -5.32 29.30 36.17
N GLU A 226 -5.05 28.09 35.71
CA GLU A 226 -4.54 27.05 36.58
C GLU A 226 -3.37 26.30 35.99
N THR A 227 -2.99 26.58 34.75
CA THR A 227 -1.90 25.91 34.07
C THR A 227 -0.86 26.93 33.64
N THR A 228 0.22 26.42 33.07
CA THR A 228 1.23 27.23 32.40
C THR A 228 0.98 27.22 30.91
N GLU A 229 1.73 28.03 30.19
CA GLU A 229 1.56 28.09 28.75
C GLU A 229 2.19 26.90 28.03
N ASN A 230 2.99 26.11 28.72
CA ASN A 230 3.57 24.92 28.09
C ASN A 230 2.61 23.75 28.11
N GLU A 231 1.95 23.50 29.24
CA GLU A 231 1.08 22.34 29.29
C GLU A 231 -0.30 22.67 28.71
N SER A 232 -1.18 21.69 28.74
CA SER A 232 -2.48 21.81 28.10
C SER A 232 -3.41 22.68 28.94
N THR A 233 -4.38 23.27 28.26
CA THR A 233 -5.43 24.03 28.94
C THR A 233 -6.28 23.13 29.82
N ASN A 234 -6.49 21.89 29.41
CA ASN A 234 -7.43 21.02 30.09
C ASN A 234 -6.92 20.50 31.43
N TYR A 235 -5.63 20.63 31.71
CA TYR A 235 -5.12 20.07 32.96
C TYR A 235 -5.32 20.99 34.15
N GLY A 236 -6.02 22.10 33.99
CA GLY A 236 -6.38 22.91 35.13
C GLY A 236 -7.63 22.47 35.83
N TYR A 237 -8.23 21.38 35.36
CA TYR A 237 -9.36 20.75 36.01
C TYR A 237 -8.89 19.44 36.59
N LYS A 238 -8.84 19.37 37.91
CA LYS A 238 -8.67 18.09 38.56
C LYS A 238 -10.03 17.46 38.76
N PHE A 239 -10.10 16.15 38.54
CA PHE A 239 -11.37 15.47 38.57
C PHE A 239 -11.93 15.37 39.97
N GLY A 240 -13.22 15.67 40.10
CA GLY A 240 -13.86 15.62 41.39
C GLY A 240 -13.58 16.80 42.28
N GLN A 241 -13.04 17.88 41.74
CA GLN A 241 -12.79 19.05 42.57
C GLN A 241 -14.11 19.76 42.86
N GLU A 242 -14.08 20.60 43.89
CA GLU A 242 -15.28 21.32 44.30
C GLU A 242 -15.24 22.80 43.94
N GLU A 243 -14.11 23.30 43.46
CA GLU A 243 -14.03 24.68 43.01
C GLU A 243 -14.59 24.80 41.60
N GLU A 244 -15.21 25.94 41.32
CA GLU A 244 -15.77 26.19 40.00
C GLU A 244 -14.65 26.54 39.03
N THR A 245 -14.68 25.92 37.85
CA THR A 245 -13.55 26.01 36.93
C THR A 245 -13.64 27.17 35.95
N TYR A 246 -14.68 28.00 36.01
CA TYR A 246 -14.71 29.16 35.14
C TYR A 246 -15.50 30.28 35.79
N ASN A 247 -15.09 31.51 35.50
CA ASN A 247 -15.77 32.70 36.02
C ASN A 247 -17.06 32.87 35.24
N ILE A 248 -18.17 32.46 35.85
CA ILE A 248 -19.47 32.56 35.18
C ILE A 248 -19.97 33.99 35.14
N VAL A 249 -19.50 34.85 36.04
CA VAL A 249 -19.84 36.26 35.98
C VAL A 249 -19.18 36.91 34.77
N ALA A 250 -18.01 36.41 34.38
CA ALA A 250 -17.31 36.96 33.23
C ALA A 250 -18.05 36.67 31.94
N ALA A 251 -18.46 35.41 31.74
CA ALA A 251 -19.19 35.05 30.53
C ALA A 251 -20.60 35.63 30.51
N HIS A 252 -21.15 35.99 31.65
CA HIS A 252 -22.43 36.67 31.66
C HIS A 252 -22.30 38.13 31.25
N GLY A 253 -21.21 38.79 31.67
CA GLY A 253 -20.99 40.16 31.26
C GLY A 253 -20.58 40.30 29.82
N TYR A 254 -20.06 39.23 29.22
CA TYR A 254 -19.70 39.28 27.81
C TYR A 254 -20.93 39.19 26.94
N PHE A 255 -21.74 38.14 27.12
CA PHE A 255 -22.96 37.99 26.37
C PHE A 255 -23.99 39.04 26.77
N GLY A 256 -23.89 39.59 27.97
CA GLY A 256 -24.71 40.73 28.34
C GLY A 256 -24.35 42.02 27.62
N ARG A 257 -23.21 42.06 26.95
CA ARG A 257 -22.87 43.18 26.07
C ARG A 257 -22.88 42.80 24.62
N LEU A 258 -22.81 41.50 24.30
CA LEU A 258 -22.75 41.10 22.91
C LEU A 258 -24.10 41.26 22.21
N ILE A 259 -25.20 41.05 22.93
CA ILE A 259 -26.50 41.31 22.34
C ILE A 259 -27.17 42.47 23.06
N PHE A 260 -27.55 42.25 24.31
CA PHE A 260 -27.92 43.27 25.29
C PHE A 260 -28.00 42.57 26.63
N GLN A 261 -28.38 43.32 27.66
CA GLN A 261 -28.22 42.84 29.03
C GLN A 261 -29.26 41.81 29.40
N TYR A 262 -30.52 42.03 29.02
CA TYR A 262 -31.62 41.23 29.54
C TYR A 262 -31.82 39.92 28.80
N ALA A 263 -31.04 39.65 27.76
CA ALA A 263 -31.14 38.41 27.01
C ALA A 263 -30.20 37.34 27.52
N SER A 264 -29.56 37.54 28.66
CA SER A 264 -28.55 36.63 29.16
C SER A 264 -29.03 35.91 30.41
N PHE A 265 -28.83 34.58 30.42
CA PHE A 265 -29.15 33.76 31.58
C PHE A 265 -28.04 33.92 32.61
N ASN A 266 -28.32 34.58 33.73
CA ASN A 266 -27.35 34.51 34.82
C ASN A 266 -27.43 33.18 35.55
N ASN A 267 -28.60 32.55 35.53
CA ASN A 267 -28.82 31.27 36.18
C ASN A 267 -28.20 30.17 35.31
N SER A 268 -27.26 29.41 35.86
CA SER A 268 -26.67 28.33 35.07
C SER A 268 -27.54 27.11 35.01
N ARG A 269 -28.51 26.99 35.91
CA ARG A 269 -29.41 25.86 35.85
C ARG A 269 -30.45 26.06 34.77
N ALA A 270 -31.02 27.27 34.71
CA ALA A 270 -31.95 27.58 33.63
C ALA A 270 -31.25 27.67 32.30
N LEU A 271 -29.95 27.97 32.29
CA LEU A 271 -29.18 27.91 31.06
C LEU A 271 -29.00 26.48 30.59
N HIS A 272 -28.53 25.61 31.47
CA HIS A 272 -28.39 24.20 31.12
C HIS A 272 -29.71 23.48 31.00
N PHE A 273 -30.85 24.11 31.25
CA PHE A 273 -32.10 23.48 30.88
C PHE A 273 -32.53 23.83 29.48
N PHE A 274 -32.26 25.06 29.06
CA PHE A 274 -32.60 25.50 27.72
C PHE A 274 -31.80 24.77 26.65
N LEU A 275 -30.62 24.24 27.00
CA LEU A 275 -29.89 23.42 26.07
C LEU A 275 -30.56 22.06 25.88
N ALA A 276 -31.30 21.59 26.87
CA ALA A 276 -32.01 20.34 26.74
C ALA A 276 -33.41 20.51 26.19
N LEU A 277 -34.01 21.68 26.34
CA LEU A 277 -35.35 21.92 25.83
C LEU A 277 -35.36 21.99 24.31
N TRP A 278 -34.62 22.93 23.75
CA TRP A 278 -34.69 23.33 22.35
C TRP A 278 -34.48 22.20 21.33
N PRO A 279 -33.48 21.29 21.46
CA PRO A 279 -33.38 20.24 20.45
C PRO A 279 -34.44 19.18 20.62
N VAL A 280 -34.66 18.79 21.87
CA VAL A 280 -35.53 17.66 22.17
C VAL A 280 -36.97 17.97 21.80
N VAL A 281 -37.42 19.19 22.09
CA VAL A 281 -38.73 19.61 21.62
C VAL A 281 -38.74 19.73 20.10
N GLY A 282 -37.61 20.08 19.50
CA GLY A 282 -37.55 20.16 18.06
C GLY A 282 -37.58 18.82 17.36
N ILE A 283 -37.16 17.76 18.04
CA ILE A 283 -37.16 16.43 17.42
C ILE A 283 -38.40 15.63 17.80
N TRP A 284 -39.04 15.93 18.93
CA TRP A 284 -40.37 15.41 19.19
C TRP A 284 -41.34 15.89 18.13
N ILE A 285 -41.29 17.17 17.80
CA ILE A 285 -42.22 17.75 16.83
C ILE A 285 -41.92 17.23 15.43
N THR A 286 -40.64 17.02 15.11
CA THR A 286 -40.27 16.56 13.79
C THR A 286 -40.66 15.12 13.55
N SER A 287 -40.44 14.26 14.55
CA SER A 287 -40.80 12.87 14.45
C SER A 287 -42.30 12.65 14.43
N MET A 288 -43.08 13.61 14.88
CA MET A 288 -44.50 13.63 14.60
C MET A 288 -44.81 14.43 13.36
N GLY A 289 -43.85 14.62 12.48
CA GLY A 289 -44.11 15.13 11.17
C GLY A 289 -44.11 13.96 10.24
N ILE A 290 -43.13 13.05 10.41
CA ILE A 290 -43.08 11.81 9.66
C ILE A 290 -44.29 10.95 9.99
N SER A 291 -44.74 11.02 11.24
CA SER A 291 -45.87 10.22 11.67
C SER A 291 -47.17 10.70 11.06
N THR A 292 -47.40 12.01 11.05
CA THR A 292 -48.61 12.52 10.41
C THR A 292 -48.49 12.50 8.90
N MET A 293 -47.28 12.44 8.36
CA MET A 293 -47.15 12.22 6.93
C MET A 293 -47.03 10.76 6.59
N ALA A 294 -47.04 9.87 7.57
CA ALA A 294 -47.17 8.46 7.25
C ALA A 294 -48.58 8.13 6.83
N PHE A 295 -49.55 8.90 7.32
CA PHE A 295 -50.96 8.70 6.98
C PHE A 295 -51.43 9.71 5.96
N ASN A 296 -50.52 10.17 5.11
CA ASN A 296 -50.80 10.97 3.92
C ASN A 296 -51.51 12.27 4.26
N LEU A 297 -51.12 12.88 5.36
CA LEU A 297 -51.48 14.26 5.66
C LEU A 297 -50.23 15.07 5.37
N ASN A 298 -50.08 15.46 4.11
CA ASN A 298 -48.84 15.99 3.60
C ASN A 298 -48.62 17.43 4.07
N GLY A 299 -47.50 18.01 3.66
CA GLY A 299 -47.19 19.40 3.95
C GLY A 299 -48.00 20.34 3.08
N PHE A 300 -47.63 21.61 3.12
CA PHE A 300 -48.39 22.61 2.38
C PHE A 300 -48.26 22.42 0.89
N ASN A 301 -49.23 22.95 0.15
CA ASN A 301 -49.27 22.82 -1.29
C ASN A 301 -49.77 24.15 -1.84
N PHE A 302 -48.84 25.01 -2.25
CA PHE A 302 -49.17 26.31 -2.80
C PHE A 302 -49.00 26.35 -4.31
N ASN A 303 -49.22 25.23 -4.97
CA ASN A 303 -49.08 25.19 -6.41
C ASN A 303 -50.29 25.82 -7.07
N GLN A 304 -50.03 26.70 -8.04
CA GLN A 304 -51.03 27.49 -8.76
C GLN A 304 -51.86 28.34 -7.81
N SER A 305 -51.18 29.00 -6.87
CA SER A 305 -51.86 29.81 -5.88
C SER A 305 -51.94 31.28 -6.25
N VAL A 306 -51.02 31.77 -7.06
CA VAL A 306 -50.99 33.18 -7.43
C VAL A 306 -51.47 33.29 -8.88
N VAL A 307 -52.54 34.02 -9.08
CA VAL A 307 -53.13 34.21 -10.39
C VAL A 307 -53.28 35.70 -10.65
N ASP A 308 -53.27 36.06 -11.93
CA ASP A 308 -53.56 37.43 -12.32
C ASP A 308 -55.07 37.63 -12.43
N SER A 309 -55.50 38.82 -12.84
CA SER A 309 -56.93 39.08 -12.99
C SER A 309 -57.52 38.36 -14.18
N GLN A 310 -56.71 38.09 -15.20
CA GLN A 310 -57.14 37.24 -16.31
C GLN A 310 -57.35 35.80 -15.87
N GLY A 311 -56.62 35.34 -14.86
CA GLY A 311 -56.74 33.98 -14.38
C GLY A 311 -55.58 33.08 -14.74
N ARG A 312 -54.60 33.59 -15.46
CA ARG A 312 -53.42 32.79 -15.77
C ARG A 312 -52.60 32.56 -14.52
N VAL A 313 -52.02 31.37 -14.43
CA VAL A 313 -51.21 31.00 -13.28
C VAL A 313 -49.89 31.75 -13.33
N ILE A 314 -49.59 32.50 -12.28
CA ILE A 314 -48.29 33.12 -12.11
C ILE A 314 -47.46 32.20 -11.23
N ASN A 315 -46.25 31.87 -11.68
CA ASN A 315 -45.43 30.94 -10.94
C ASN A 315 -44.89 31.58 -9.67
N THR A 316 -44.62 30.74 -8.69
CA THR A 316 -43.94 31.15 -7.47
C THR A 316 -42.75 30.24 -7.24
N TRP A 317 -42.12 30.36 -6.08
CA TRP A 317 -41.06 29.42 -5.77
C TRP A 317 -41.58 28.04 -5.46
N ALA A 318 -42.84 27.94 -5.04
CA ALA A 318 -43.42 26.62 -4.80
C ALA A 318 -43.71 25.90 -6.10
N ASP A 319 -43.95 26.63 -7.19
CA ASP A 319 -44.13 25.98 -8.47
C ASP A 319 -42.80 25.46 -9.03
N ILE A 320 -41.70 26.14 -8.74
CA ILE A 320 -40.39 25.59 -9.10
C ILE A 320 -40.06 24.40 -8.23
N LEU A 321 -40.45 24.46 -6.95
CA LEU A 321 -40.28 23.32 -6.06
C LEU A 321 -41.16 22.15 -6.47
N ASN A 322 -42.31 22.44 -7.07
CA ASN A 322 -43.22 21.40 -7.52
C ASN A 322 -42.62 20.62 -8.69
N ARG A 323 -41.92 21.33 -9.58
CA ARG A 323 -41.34 20.67 -10.76
C ARG A 323 -40.14 19.82 -10.38
N ALA A 324 -39.54 20.10 -9.22
CA ALA A 324 -38.57 19.16 -8.68
C ALA A 324 -39.24 17.96 -8.04
N ASN A 325 -40.42 18.16 -7.45
CA ASN A 325 -41.15 17.02 -6.89
C ASN A 325 -41.75 16.15 -7.99
N LEU A 326 -42.16 16.75 -9.10
CA LEU A 326 -42.70 15.98 -10.21
C LEU A 326 -41.64 15.14 -10.89
N GLY A 327 -40.37 15.54 -10.78
CA GLY A 327 -39.32 14.75 -11.38
C GLY A 327 -39.03 13.50 -10.59
N ILE A 328 -39.10 13.59 -9.27
CA ILE A 328 -38.86 12.42 -8.45
C ILE A 328 -40.09 11.52 -8.43
N GLU A 329 -41.29 12.10 -8.51
CA GLU A 329 -42.51 11.31 -8.45
C GLU A 329 -42.67 10.42 -9.67
N VAL A 330 -42.33 10.94 -10.86
CA VAL A 330 -42.49 10.14 -12.07
C VAL A 330 -41.34 9.15 -12.27
N MET A 331 -40.35 9.13 -11.39
CA MET A 331 -39.21 8.28 -11.57
C MET A 331 -38.96 7.31 -10.43
N HIS A 332 -39.62 7.46 -9.29
CA HIS A 332 -39.37 6.53 -8.20
C HIS A 332 -40.17 5.27 -8.47
N GLU A 333 -39.51 4.13 -8.29
CA GLU A 333 -40.06 2.80 -8.54
C GLU A 333 -40.62 2.71 -9.95
N ARG A 334 -39.72 2.85 -10.92
CA ARG A 334 -40.09 3.16 -12.30
C ARG A 334 -40.80 2.01 -12.99
N ASN A 335 -40.77 0.82 -12.38
CA ASN A 335 -41.47 -0.33 -12.90
C ASN A 335 -42.61 -0.80 -12.03
N ALA A 336 -42.65 -0.40 -10.76
CA ALA A 336 -43.63 -0.94 -9.83
C ALA A 336 -45.04 -0.42 -10.07
N HIS A 337 -45.20 0.67 -10.79
CA HIS A 337 -46.51 1.28 -10.95
C HIS A 337 -47.17 0.76 -12.21
N ASN A 338 -48.50 0.65 -12.17
CA ASN A 338 -49.29 0.32 -13.33
C ASN A 338 -50.45 1.27 -13.55
N PHE A 339 -50.76 2.11 -12.58
CA PHE A 339 -51.97 2.90 -12.59
C PHE A 339 -51.61 4.36 -12.28
N PRO A 340 -52.38 5.35 -12.76
CA PRO A 340 -51.86 6.73 -12.84
C PRO A 340 -51.53 7.44 -11.55
N LEU A 341 -51.93 6.92 -10.39
CA LEU A 341 -51.76 7.62 -9.13
C LEU A 341 -51.01 6.75 -8.13
N ASP A 342 -49.91 7.28 -7.57
CA ASP A 342 -49.19 6.55 -6.54
C ASP A 342 -50.00 6.62 -5.25
N LEU A 343 -50.94 5.70 -5.08
CA LEU A 343 -51.65 5.58 -3.82
C LEU A 343 -50.77 5.04 -2.71
N ALA A 344 -49.68 4.36 -3.05
CA ALA A 344 -48.73 3.87 -2.06
C ALA A 344 -47.36 4.44 -2.34
N ALA B 2 5.62 18.83 28.30
CA ALA B 2 4.22 18.88 28.70
C ALA B 2 3.38 19.51 27.60
N LEU B 3 4.01 19.75 26.46
CA LEU B 3 3.29 20.33 25.34
C LEU B 3 2.30 19.32 24.77
N PRO B 4 1.12 19.75 24.36
CA PRO B 4 0.25 18.87 23.59
C PRO B 4 0.81 18.70 22.19
N TRP B 5 0.22 17.77 21.45
CA TRP B 5 0.70 17.50 20.10
C TRP B 5 0.45 18.67 19.15
N TYR B 6 -0.49 19.54 19.45
CA TYR B 6 -0.75 20.70 18.61
C TYR B 6 -0.02 21.93 19.09
N ARG B 7 0.94 21.80 19.99
CA ARG B 7 1.79 22.91 20.36
C ARG B 7 3.26 22.54 20.32
N VAL B 8 3.61 21.47 19.59
CA VAL B 8 4.97 20.98 19.63
C VAL B 8 5.92 21.91 18.91
N HIS B 9 5.44 22.67 17.95
CA HIS B 9 6.31 23.51 17.16
C HIS B 9 6.36 24.93 17.72
N THR B 10 5.91 25.15 18.95
CA THR B 10 6.05 26.44 19.60
C THR B 10 7.27 26.54 20.49
N VAL B 11 8.23 25.62 20.36
CA VAL B 11 9.48 25.78 21.07
C VAL B 11 10.39 26.74 20.32
N VAL B 12 9.98 27.13 19.12
CA VAL B 12 10.73 27.99 18.22
C VAL B 12 10.31 29.45 18.38
N LEU B 13 9.41 29.74 19.32
CA LEU B 13 8.95 31.10 19.53
C LEU B 13 10.06 31.99 20.07
N ASN B 14 10.77 31.54 21.09
CA ASN B 14 11.82 32.33 21.69
C ASN B 14 13.20 31.90 21.25
N ASP B 15 13.33 31.45 20.00
CA ASP B 15 14.59 30.96 19.47
C ASP B 15 14.69 31.39 18.02
N PRO B 16 15.35 32.51 17.73
CA PRO B 16 15.46 32.95 16.34
C PRO B 16 16.43 32.11 15.55
N GLY B 17 17.39 31.48 16.22
CA GLY B 17 18.39 30.73 15.49
C GLY B 17 17.83 29.46 14.91
N ARG B 18 16.90 28.84 15.62
CA ARG B 18 16.20 27.67 15.12
C ARG B 18 14.91 28.03 14.41
N LEU B 19 14.55 29.31 14.37
CA LEU B 19 13.42 29.73 13.55
C LEU B 19 13.79 29.69 12.09
N ILE B 20 15.07 29.85 11.79
CA ILE B 20 15.56 29.83 10.44
C ILE B 20 15.74 28.41 9.95
N ALA B 21 16.27 27.54 10.82
CA ALA B 21 16.54 26.17 10.45
C ALA B 21 15.26 25.42 10.16
N VAL B 22 14.19 25.84 10.80
CA VAL B 22 12.88 25.27 10.50
C VAL B 22 12.36 25.83 9.19
N HIS B 23 12.41 27.15 9.04
CA HIS B 23 11.97 27.80 7.80
C HIS B 23 12.84 27.42 6.61
N LEU B 24 14.06 26.96 6.83
CA LEU B 24 14.83 26.37 5.74
C LEU B 24 14.39 24.95 5.43
N MET B 25 13.85 24.24 6.40
CA MET B 25 13.44 22.87 6.14
C MET B 25 12.10 22.83 5.42
N HIS B 26 11.20 23.77 5.66
CA HIS B 26 10.01 23.86 4.82
C HIS B 26 10.40 24.22 3.40
N THR B 27 11.44 25.04 3.25
CA THR B 27 11.92 25.41 1.92
C THR B 27 12.58 24.23 1.21
N ALA B 28 13.30 23.38 1.94
CA ALA B 28 13.91 22.22 1.31
C ALA B 28 12.90 21.17 0.93
N LEU B 29 11.71 21.20 1.50
CA LEU B 29 10.66 20.27 1.10
C LEU B 29 9.82 20.83 -0.03
N VAL B 30 9.61 22.14 -0.05
CA VAL B 30 8.89 22.75 -1.16
C VAL B 30 9.71 22.66 -2.44
N ALA B 31 11.00 22.98 -2.36
CA ALA B 31 11.85 22.93 -3.53
C ALA B 31 12.10 21.51 -3.98
N GLY B 32 12.20 20.57 -3.05
CA GLY B 32 12.34 19.18 -3.43
C GLY B 32 11.08 18.60 -4.02
N TRP B 33 9.92 19.16 -3.67
CA TRP B 33 8.70 18.74 -4.33
C TRP B 33 8.71 19.16 -5.79
N ALA B 34 9.00 20.44 -6.04
CA ALA B 34 8.88 20.98 -7.39
C ALA B 34 9.91 20.38 -8.33
N GLY B 35 11.04 19.93 -7.80
CA GLY B 35 11.97 19.19 -8.63
C GLY B 35 11.49 17.78 -8.90
N SER B 36 11.02 17.09 -7.87
CA SER B 36 10.59 15.72 -8.06
C SER B 36 9.21 15.60 -8.65
N MET B 37 8.41 16.66 -8.62
CA MET B 37 7.18 16.63 -9.38
C MET B 37 7.46 16.78 -10.86
N ALA B 38 8.39 17.66 -11.21
CA ALA B 38 8.67 17.91 -12.62
C ALA B 38 9.48 16.78 -13.24
N LEU B 39 10.24 16.04 -12.45
CA LEU B 39 10.84 14.82 -12.97
C LEU B 39 9.79 13.75 -13.22
N TYR B 40 8.75 13.74 -12.41
CA TYR B 40 7.69 12.76 -12.59
C TYR B 40 6.87 13.09 -13.83
N GLU B 41 6.74 14.37 -14.15
CA GLU B 41 5.93 14.76 -15.29
C GLU B 41 6.64 14.53 -16.61
N LEU B 42 7.96 14.52 -16.62
CA LEU B 42 8.66 14.27 -17.86
C LEU B 42 8.70 12.80 -18.22
N ALA B 43 8.52 11.92 -17.25
CA ALA B 43 8.36 10.51 -17.54
C ALA B 43 6.99 10.18 -18.07
N VAL B 44 6.02 11.07 -17.84
CA VAL B 44 4.65 10.86 -18.24
C VAL B 44 4.29 11.62 -19.52
N PHE B 45 4.95 12.75 -19.79
CA PHE B 45 4.63 13.58 -20.93
C PHE B 45 4.99 12.88 -22.24
N ASP B 46 4.18 13.14 -23.27
CA ASP B 46 4.39 12.55 -24.59
C ASP B 46 4.26 13.67 -25.62
N PRO B 47 5.36 14.11 -26.20
CA PRO B 47 5.29 15.19 -27.19
C PRO B 47 5.06 14.67 -28.60
N SER B 48 4.09 13.77 -28.77
CA SER B 48 3.83 13.24 -30.10
C SER B 48 3.02 14.22 -30.94
N ASP B 49 1.99 14.80 -30.35
CA ASP B 49 1.09 15.70 -31.07
C ASP B 49 0.72 16.81 -30.11
N PRO B 50 1.39 17.96 -30.16
CA PRO B 50 1.01 19.08 -29.31
C PRO B 50 -0.22 19.83 -29.78
N VAL B 51 -0.90 19.36 -30.83
CA VAL B 51 -2.12 19.99 -31.30
C VAL B 51 -3.34 19.32 -30.71
N LEU B 52 -3.44 18.00 -30.80
CA LEU B 52 -4.55 17.27 -30.23
C LEU B 52 -4.18 16.54 -28.95
N ASN B 53 -2.95 16.65 -28.51
CA ASN B 53 -2.64 16.18 -27.16
C ASN B 53 -1.71 17.17 -26.47
N PRO B 54 -2.19 18.33 -26.04
CA PRO B 54 -1.31 19.30 -25.38
C PRO B 54 -0.93 18.86 -23.98
N MET B 55 -0.24 19.75 -23.27
CA MET B 55 0.20 19.38 -21.93
C MET B 55 -0.95 19.45 -20.94
N TRP B 56 -2.01 20.17 -21.26
CA TRP B 56 -3.10 20.27 -20.30
C TRP B 56 -4.10 19.13 -20.45
N ARG B 57 -3.95 18.30 -21.49
CA ARG B 57 -4.72 17.07 -21.54
C ARG B 57 -4.03 15.99 -20.75
N GLN B 58 -2.71 16.04 -20.68
CA GLN B 58 -1.98 14.99 -20.00
C GLN B 58 -1.82 15.24 -18.52
N GLY B 59 -2.63 16.13 -17.96
CA GLY B 59 -2.63 16.37 -16.53
C GLY B 59 -1.39 17.04 -16.00
N MET B 60 -0.63 17.73 -16.85
CA MET B 60 0.59 18.37 -16.38
C MET B 60 0.24 19.57 -15.54
N PHE B 61 0.72 19.55 -14.30
CA PHE B 61 0.32 20.61 -13.40
C PHE B 61 1.37 21.71 -13.31
N VAL B 62 2.59 21.34 -12.93
CA VAL B 62 3.60 22.37 -12.75
C VAL B 62 4.27 22.72 -14.08
N MET B 63 4.10 21.86 -15.08
CA MET B 63 4.69 22.11 -16.40
C MET B 63 4.12 23.32 -17.14
N PRO B 64 2.83 23.70 -17.02
CA PRO B 64 2.46 25.01 -17.57
C PRO B 64 2.99 26.20 -16.80
N PHE B 65 3.66 25.99 -15.67
CA PHE B 65 4.25 27.12 -14.96
C PHE B 65 5.70 27.32 -15.38
N MET B 66 6.32 26.28 -15.91
CA MET B 66 7.65 26.46 -16.50
C MET B 66 7.54 27.09 -17.87
N THR B 67 6.54 26.68 -18.65
CA THR B 67 6.42 27.20 -20.00
C THR B 67 5.80 28.57 -20.03
N ARG B 68 5.20 29.00 -18.92
CA ARG B 68 4.61 30.33 -18.88
C ARG B 68 5.69 31.40 -18.85
N LEU B 69 6.76 31.16 -18.11
CA LEU B 69 7.83 32.13 -18.00
C LEU B 69 9.00 31.86 -18.93
N GLY B 70 8.85 30.98 -19.91
CA GLY B 70 9.83 30.99 -20.97
C GLY B 70 10.67 29.74 -21.16
N ILE B 71 10.11 28.57 -20.89
CA ILE B 71 10.83 27.31 -21.07
C ILE B 71 10.06 26.48 -22.07
N THR B 72 10.62 26.27 -23.24
CA THR B 72 9.93 25.47 -24.23
C THR B 72 10.68 24.21 -24.64
N ASP B 73 11.99 24.16 -24.45
CA ASP B 73 12.77 23.05 -24.97
C ASP B 73 13.08 22.05 -23.87
N SER B 74 13.47 20.86 -24.29
CA SER B 74 13.88 19.80 -23.39
C SER B 74 15.12 19.13 -23.93
N TRP B 75 15.77 18.37 -23.05
CA TRP B 75 17.00 17.67 -23.42
C TRP B 75 16.75 16.52 -24.38
N GLY B 76 15.52 16.03 -24.47
CA GLY B 76 15.20 15.04 -25.48
C GLY B 76 15.23 15.59 -26.88
N GLY B 77 15.07 16.90 -27.03
CA GLY B 77 15.07 17.55 -28.32
C GLY B 77 13.71 18.04 -28.75
N TRP B 78 12.66 17.60 -28.07
CA TRP B 78 11.33 18.07 -28.41
C TRP B 78 11.10 19.47 -27.83
N SER B 79 10.02 20.09 -28.26
CA SER B 79 9.63 21.40 -27.78
C SER B 79 8.12 21.47 -27.74
N ILE B 80 7.60 22.38 -26.92
CA ILE B 80 6.15 22.53 -26.88
C ILE B 80 5.67 23.37 -28.06
N THR B 81 6.57 24.14 -28.66
CA THR B 81 6.19 24.92 -29.83
C THR B 81 6.34 24.10 -31.10
N GLY B 82 6.93 22.91 -30.99
CA GLY B 82 7.05 22.00 -32.10
C GLY B 82 8.30 22.18 -32.94
N GLU B 83 8.96 23.32 -32.85
CA GLU B 83 10.20 23.56 -33.59
C GLU B 83 11.31 22.76 -32.92
N SER B 84 12.13 22.10 -33.73
CA SER B 84 13.20 21.28 -33.18
C SER B 84 14.32 22.17 -32.67
N VAL B 85 15.11 21.63 -31.75
CA VAL B 85 16.23 22.37 -31.18
C VAL B 85 17.43 21.43 -31.11
N SER B 86 18.62 21.98 -31.35
CA SER B 86 19.83 21.18 -31.24
C SER B 86 20.32 21.13 -29.81
N ASN B 87 20.24 22.24 -29.09
CA ASN B 87 20.72 22.28 -27.72
C ASN B 87 19.91 23.31 -26.94
N PRO B 88 19.21 22.90 -25.90
CA PRO B 88 18.55 23.86 -25.01
C PRO B 88 19.45 24.42 -23.93
N GLY B 89 20.66 23.90 -23.78
CA GLY B 89 21.55 24.40 -22.78
C GLY B 89 21.24 23.83 -21.41
N ILE B 90 21.32 24.72 -20.41
CA ILE B 90 21.05 24.28 -19.04
C ILE B 90 19.56 24.35 -18.75
N TRP B 91 18.91 25.48 -19.05
CA TRP B 91 17.55 25.68 -18.58
C TRP B 91 16.59 25.11 -19.61
N SER B 92 16.33 23.82 -19.46
CA SER B 92 15.29 23.08 -20.11
C SER B 92 14.35 22.59 -19.02
N PHE B 93 13.43 21.69 -19.38
CA PHE B 93 12.58 21.11 -18.36
C PHE B 93 13.38 20.23 -17.41
N GLU B 94 14.35 19.49 -17.92
CA GLU B 94 15.15 18.65 -17.04
C GLU B 94 16.13 19.48 -16.24
N GLY B 95 16.55 20.62 -16.77
CA GLY B 95 17.51 21.43 -16.05
C GLY B 95 16.89 22.16 -14.88
N VAL B 96 15.63 22.56 -15.03
CA VAL B 96 14.91 23.22 -13.95
C VAL B 96 14.56 22.23 -12.86
N ALA B 97 14.06 21.05 -13.25
CA ALA B 97 13.69 20.01 -12.31
C ALA B 97 14.89 19.52 -11.51
N LEU B 98 16.03 19.38 -12.16
CA LEU B 98 17.22 18.95 -11.46
C LEU B 98 17.83 20.05 -10.61
N SER B 99 17.57 21.31 -10.94
CA SER B 99 18.12 22.39 -10.14
C SER B 99 17.27 22.74 -8.94
N HIS B 100 15.96 22.51 -8.99
CA HIS B 100 15.17 22.62 -7.77
C HIS B 100 15.46 21.49 -6.79
N ILE B 101 16.03 20.38 -7.26
CA ILE B 101 16.46 19.31 -6.36
C ILE B 101 17.76 19.67 -5.67
N ILE B 102 18.73 20.17 -6.43
CA ILE B 102 20.03 20.56 -5.88
C ILE B 102 19.89 21.71 -4.90
N LEU B 103 18.96 22.61 -5.17
CA LEU B 103 18.61 23.66 -4.22
C LEU B 103 17.97 23.10 -2.96
N SER B 104 17.22 22.00 -3.09
CA SER B 104 16.63 21.37 -1.92
C SER B 104 17.69 20.70 -1.06
N GLY B 105 18.68 20.06 -1.67
CA GLY B 105 19.72 19.42 -0.90
C GLY B 105 20.62 20.38 -0.18
N MET B 106 20.73 21.62 -0.64
CA MET B 106 21.56 22.60 0.01
C MET B 106 20.82 23.39 1.07
N CYS B 107 19.52 23.60 0.89
CA CYS B 107 18.72 24.15 1.98
C CYS B 107 18.51 23.12 3.08
N PHE B 108 18.67 21.84 2.76
CA PHE B 108 18.63 20.80 3.77
C PHE B 108 19.88 20.86 4.65
N LEU B 109 21.05 20.96 4.03
CA LEU B 109 22.31 20.97 4.76
C LEU B 109 22.50 22.27 5.52
N ALA B 110 21.95 23.36 5.03
CA ALA B 110 22.05 24.61 5.74
C ALA B 110 21.14 24.64 6.96
N ALA B 111 20.05 23.89 6.91
CA ALA B 111 19.16 23.80 8.05
C ALA B 111 19.71 22.87 9.11
N ILE B 112 20.60 21.95 8.77
CA ILE B 112 21.29 21.19 9.79
C ILE B 112 22.29 22.09 10.51
N TRP B 113 22.97 22.98 9.78
CA TRP B 113 23.87 23.94 10.41
C TRP B 113 23.10 24.88 11.32
N HIS B 114 22.08 25.53 10.78
CA HIS B 114 21.35 26.55 11.51
C HIS B 114 20.53 25.99 12.65
N TRP B 115 20.37 24.67 12.76
CA TRP B 115 19.74 24.07 13.91
C TRP B 115 20.75 23.75 14.99
N VAL B 116 21.91 23.23 14.60
CA VAL B 116 22.93 22.87 15.57
C VAL B 116 23.54 24.11 16.18
N TYR B 117 24.02 25.03 15.35
CA TYR B 117 24.58 26.29 15.83
C TYR B 117 23.45 27.30 15.98
N TRP B 118 22.62 27.05 16.98
CA TRP B 118 21.49 27.93 17.25
C TRP B 118 21.88 29.17 18.02
N ASP B 119 23.00 29.14 18.72
CA ASP B 119 23.35 30.19 19.65
C ASP B 119 24.35 31.09 18.95
N LEU B 120 23.84 32.08 18.23
CA LEU B 120 24.67 33.07 17.60
C LEU B 120 24.45 34.42 18.26
N GLU B 121 25.50 35.23 18.28
CA GLU B 121 25.43 36.53 18.94
C GLU B 121 24.55 37.51 18.16
N LEU B 122 24.34 37.22 16.88
CA LEU B 122 23.50 38.06 16.02
C LEU B 122 22.07 38.16 16.54
N PHE B 123 21.57 37.10 17.17
CA PHE B 123 20.17 37.09 17.57
C PHE B 123 19.98 37.56 19.00
N ARG B 124 21.05 37.83 19.72
CA ARG B 124 20.90 38.33 21.07
C ARG B 124 20.61 39.82 21.06
N ASP B 125 19.92 40.25 22.08
CA ASP B 125 19.76 41.67 22.34
C ASP B 125 21.04 42.21 22.96
N PRO B 126 21.65 43.26 22.40
CA PRO B 126 22.80 43.88 23.06
C PRO B 126 22.46 44.73 24.27
N ARG B 127 21.18 44.90 24.59
CA ARG B 127 20.80 45.67 25.77
C ARG B 127 20.23 44.83 26.90
N THR B 128 19.67 43.67 26.61
CA THR B 128 19.17 42.78 27.67
C THR B 128 19.80 41.41 27.64
N GLY B 129 20.21 40.90 26.50
CA GLY B 129 20.78 39.58 26.38
C GLY B 129 19.80 38.51 25.97
N GLU B 130 18.51 38.81 25.98
CA GLU B 130 17.49 37.83 25.64
C GLU B 130 17.28 37.82 24.12
N PRO B 131 17.00 36.65 23.52
CA PRO B 131 16.94 36.55 22.06
C PRO B 131 15.78 37.31 21.44
N ALA B 132 16.11 38.30 20.61
CA ALA B 132 15.13 39.23 20.08
C ALA B 132 15.35 39.41 18.59
N LEU B 133 14.27 39.73 17.89
CA LEU B 133 14.32 40.04 16.47
C LEU B 133 13.71 41.41 16.24
N ASP B 134 14.47 42.32 15.65
CA ASP B 134 13.97 43.65 15.40
C ASP B 134 13.02 43.66 14.21
N LEU B 135 11.81 43.22 14.44
CA LEU B 135 10.79 43.06 13.41
C LEU B 135 10.45 44.28 12.55
N PRO B 136 10.56 45.53 13.01
CA PRO B 136 10.42 46.62 12.04
C PRO B 136 11.55 46.72 11.02
N LYS B 137 12.80 46.47 11.41
CA LYS B 137 13.88 46.62 10.44
C LYS B 137 14.08 45.35 9.63
N ILE B 138 13.71 44.18 10.18
CA ILE B 138 13.68 42.96 9.39
C ILE B 138 12.67 43.09 8.28
N PHE B 139 11.57 43.78 8.55
CA PHE B 139 10.62 44.04 7.49
C PHE B 139 11.16 45.03 6.48
N GLY B 140 12.01 45.97 6.89
CA GLY B 140 12.57 46.90 5.95
C GLY B 140 13.55 46.23 5.00
N ILE B 141 14.33 45.29 5.50
CA ILE B 141 15.30 44.59 4.67
C ILE B 141 14.58 43.66 3.71
N HIS B 142 13.68 42.84 4.23
CA HIS B 142 13.02 41.83 3.43
C HIS B 142 11.98 42.41 2.48
N LEU B 143 11.52 43.65 2.70
CA LEU B 143 10.68 44.31 1.70
C LEU B 143 11.51 44.99 0.63
N PHE B 144 12.69 45.49 1.00
CA PHE B 144 13.58 46.08 0.02
C PHE B 144 14.13 45.03 -0.94
N LEU B 145 14.34 43.81 -0.46
CA LEU B 145 14.77 42.74 -1.35
C LEU B 145 13.68 42.36 -2.32
N SER B 146 12.44 42.34 -1.85
CA SER B 146 11.34 41.94 -2.72
C SER B 146 10.95 43.07 -3.66
N GLY B 147 11.40 44.28 -3.37
CA GLY B 147 11.29 45.33 -4.38
C GLY B 147 12.25 45.10 -5.52
N LEU B 148 13.44 44.59 -5.21
CA LEU B 148 14.44 44.35 -6.25
C LEU B 148 14.06 43.15 -7.10
N LEU B 149 13.53 42.10 -6.48
CA LEU B 149 13.17 40.92 -7.25
C LEU B 149 11.87 41.11 -8.00
N CYS B 150 11.06 42.09 -7.60
CA CYS B 150 9.88 42.43 -8.40
C CYS B 150 10.29 43.30 -9.57
N PHE B 151 11.04 44.35 -9.30
CA PHE B 151 11.47 45.25 -10.36
C PHE B 151 12.45 44.56 -11.28
N GLY B 152 13.30 43.69 -10.74
CA GLY B 152 14.20 42.96 -11.60
C GLY B 152 13.49 41.97 -12.50
N PHE B 153 12.38 41.41 -12.03
CA PHE B 153 11.65 40.45 -12.83
C PHE B 153 10.92 41.13 -13.97
N GLY B 154 10.22 42.22 -13.68
CA GLY B 154 9.41 42.87 -14.69
C GLY B 154 10.25 43.61 -15.70
N ALA B 155 11.42 44.10 -15.30
CA ALA B 155 12.22 44.89 -16.23
C ALA B 155 13.13 44.01 -17.06
N PHE B 156 13.55 42.87 -16.54
CA PHE B 156 14.54 42.08 -17.23
C PHE B 156 14.02 40.74 -17.70
N HIS B 157 13.31 40.00 -16.88
CA HIS B 157 12.84 38.72 -17.35
C HIS B 157 11.67 38.91 -18.31
N VAL B 158 10.78 39.82 -17.99
CA VAL B 158 9.54 39.93 -18.73
C VAL B 158 9.74 40.72 -20.01
N THR B 159 10.28 41.94 -19.90
CA THR B 159 10.40 42.80 -21.08
C THR B 159 11.46 42.34 -22.06
N GLY B 160 12.21 41.30 -21.75
CA GLY B 160 13.15 40.75 -22.68
C GLY B 160 14.40 41.55 -22.84
N LEU B 161 14.62 42.52 -21.96
CA LEU B 161 15.92 43.18 -21.85
C LEU B 161 16.99 42.15 -21.55
N PHE B 162 16.84 41.43 -20.45
CA PHE B 162 17.73 40.35 -20.07
C PHE B 162 16.92 39.10 -19.75
N GLY B 163 16.02 38.70 -20.62
CA GLY B 163 15.21 37.54 -20.32
C GLY B 163 14.39 37.08 -21.49
N PRO B 164 13.79 35.93 -21.37
CA PRO B 164 12.99 35.41 -22.48
C PRO B 164 11.64 36.07 -22.66
N GLY B 165 10.92 36.33 -21.57
CA GLY B 165 9.62 36.94 -21.65
C GLY B 165 8.52 35.99 -21.25
N ILE B 166 7.29 36.44 -21.44
CA ILE B 166 6.09 35.70 -21.06
C ILE B 166 5.60 34.94 -22.27
N TRP B 167 5.09 33.73 -22.06
CA TRP B 167 4.24 33.09 -23.05
C TRP B 167 3.02 33.95 -23.34
N VAL B 168 2.93 34.42 -24.57
CA VAL B 168 1.74 35.12 -25.04
C VAL B 168 1.06 34.25 -26.08
N SER B 169 -0.13 34.69 -26.49
CA SER B 169 -0.91 33.95 -27.46
C SER B 169 -1.85 34.90 -28.17
N ASP B 170 -2.56 34.38 -29.16
CA ASP B 170 -3.61 35.16 -29.81
C ASP B 170 -4.91 35.05 -29.01
N ALA B 171 -5.99 35.53 -29.60
CA ALA B 171 -7.25 35.57 -28.87
C ALA B 171 -7.93 34.22 -28.83
N TYR B 172 -7.55 33.31 -29.72
CA TYR B 172 -8.27 32.06 -29.89
C TYR B 172 -7.38 30.84 -29.75
N GLY B 173 -6.22 31.00 -29.13
CA GLY B 173 -5.44 29.84 -28.71
C GLY B 173 -4.88 29.01 -29.84
N ILE B 174 -4.54 29.64 -30.96
CA ILE B 174 -3.96 28.91 -32.07
C ILE B 174 -2.46 29.09 -32.05
N THR B 175 -2.01 30.34 -32.13
CA THR B 175 -0.60 30.65 -32.13
C THR B 175 -0.19 31.14 -30.75
N GLY B 176 0.99 30.73 -30.33
CA GLY B 176 1.51 31.18 -29.05
C GLY B 176 2.99 30.94 -28.96
N LYS B 177 3.72 31.90 -28.42
CA LYS B 177 5.16 31.74 -28.30
C LYS B 177 5.66 32.61 -27.16
N VAL B 178 6.80 32.21 -26.63
CA VAL B 178 7.50 33.00 -25.63
C VAL B 178 8.13 34.19 -26.33
N GLN B 179 7.76 35.40 -25.91
CA GLN B 179 8.40 36.56 -26.51
C GLN B 179 8.48 37.66 -25.47
N PRO B 180 9.40 38.60 -25.62
CA PRO B 180 9.40 39.79 -24.76
C PRO B 180 8.14 40.62 -24.94
N VAL B 181 7.70 41.22 -23.84
CA VAL B 181 6.45 41.96 -23.80
C VAL B 181 6.75 43.37 -23.33
N ALA B 182 6.49 44.33 -24.17
CA ALA B 182 6.72 45.70 -23.76
C ALA B 182 5.58 46.17 -22.88
N PRO B 183 5.85 46.94 -21.83
CA PRO B 183 4.80 47.30 -20.88
C PRO B 183 3.84 48.34 -21.43
N ALA B 184 2.59 48.22 -21.00
CA ALA B 184 1.53 49.16 -21.35
C ALA B 184 1.19 49.96 -20.10
N TRP B 185 1.49 51.25 -20.12
CA TRP B 185 1.43 52.07 -18.94
C TRP B 185 0.09 52.74 -18.70
N GLY B 186 -0.76 52.80 -19.71
CA GLY B 186 -2.00 53.54 -19.61
C GLY B 186 -3.05 52.85 -18.77
N ALA B 187 -4.30 53.14 -19.07
CA ALA B 187 -5.39 52.41 -18.42
C ALA B 187 -5.55 51.04 -19.04
N ASP B 188 -4.92 50.81 -20.19
CA ASP B 188 -4.96 49.50 -20.83
C ASP B 188 -4.10 48.48 -20.09
N GLY B 189 -3.26 48.94 -19.17
CA GLY B 189 -2.48 48.00 -18.38
C GLY B 189 -3.33 47.23 -17.40
N PHE B 190 -4.49 47.77 -17.02
CA PHE B 190 -5.33 47.08 -16.07
C PHE B 190 -6.34 46.17 -16.74
N ASN B 191 -6.33 46.12 -18.06
CA ASN B 191 -6.94 45.02 -18.77
C ASN B 191 -6.11 43.78 -18.46
N PRO B 192 -6.67 42.80 -17.77
CA PRO B 192 -5.85 41.67 -17.33
C PRO B 192 -5.53 40.70 -18.42
N PHE B 193 -6.17 40.81 -19.57
CA PHE B 193 -5.82 39.98 -20.71
C PHE B 193 -4.75 40.63 -21.55
N ASN B 194 -4.32 41.84 -21.20
CA ASN B 194 -3.19 42.49 -21.82
C ASN B 194 -1.94 41.97 -21.13
N PRO B 195 -1.01 41.33 -21.85
CA PRO B 195 0.23 40.89 -21.19
C PRO B 195 1.16 42.04 -20.89
N GLY B 196 0.92 43.21 -21.49
CA GLY B 196 1.73 44.36 -21.17
C GLY B 196 1.45 44.92 -19.80
N GLY B 197 0.28 44.63 -19.24
CA GLY B 197 -0.01 45.08 -17.90
C GLY B 197 0.77 44.33 -16.85
N ILE B 198 1.15 43.10 -17.15
CA ILE B 198 1.96 42.32 -16.23
C ILE B 198 3.37 42.87 -16.16
N ALA B 199 3.93 43.26 -17.30
CA ALA B 199 5.23 43.92 -17.34
C ALA B 199 5.19 45.29 -16.70
N ALA B 200 4.10 46.02 -16.91
CA ALA B 200 3.98 47.33 -16.30
C ALA B 200 3.75 47.23 -14.81
N HIS B 201 3.17 46.13 -14.34
CA HIS B 201 2.91 46.00 -12.91
C HIS B 201 4.21 45.79 -12.15
N HIS B 202 4.94 44.73 -12.49
CA HIS B 202 6.13 44.37 -11.74
C HIS B 202 7.26 45.38 -11.89
N ILE B 203 7.21 46.24 -12.90
CA ILE B 203 8.15 47.36 -12.96
C ILE B 203 7.70 48.49 -12.05
N ALA B 204 6.42 48.86 -12.11
CA ALA B 204 5.94 49.95 -11.28
C ALA B 204 5.93 49.56 -9.81
N ALA B 205 5.24 48.49 -9.47
CA ALA B 205 5.12 48.06 -8.08
C ALA B 205 6.41 47.52 -7.48
N GLY B 206 7.44 47.31 -8.29
CA GLY B 206 8.74 46.98 -7.75
C GLY B 206 9.42 48.20 -7.19
N ILE B 207 9.22 49.34 -7.88
CA ILE B 207 9.77 50.61 -7.41
C ILE B 207 9.13 51.04 -6.11
N PHE B 208 7.81 50.87 -6.00
CA PHE B 208 7.11 51.15 -4.76
C PHE B 208 7.57 50.22 -3.65
N GLY B 209 8.02 49.03 -4.00
CA GLY B 209 8.54 48.12 -2.99
C GLY B 209 10.00 48.36 -2.68
N ILE B 210 10.73 48.96 -3.62
CA ILE B 210 12.09 49.40 -3.29
C ILE B 210 12.06 50.55 -2.32
N PHE B 211 11.28 51.58 -2.61
CA PHE B 211 11.29 52.79 -1.81
C PHE B 211 10.34 52.73 -0.63
N ALA B 212 9.65 51.61 -0.41
CA ALA B 212 9.01 51.38 0.87
C ALA B 212 9.96 50.70 1.83
N GLY B 213 10.88 49.90 1.31
CA GLY B 213 11.94 49.37 2.15
C GLY B 213 12.93 50.43 2.54
N ILE B 214 13.09 51.46 1.71
CA ILE B 214 13.90 52.59 2.11
C ILE B 214 13.20 53.37 3.21
N PHE B 215 11.87 53.42 3.17
CA PHE B 215 11.16 54.01 4.28
C PHE B 215 11.22 53.12 5.51
N HIS B 216 10.88 51.83 5.36
CA HIS B 216 10.69 50.99 6.53
C HIS B 216 12.02 50.52 7.13
N LEU B 217 13.14 50.90 6.53
CA LEU B 217 14.43 50.75 7.22
C LEU B 217 14.68 51.91 8.17
N THR B 218 14.51 53.13 7.70
CA THR B 218 14.97 54.28 8.46
C THR B 218 14.00 54.67 9.56
N VAL B 219 12.74 54.86 9.23
CA VAL B 219 11.77 55.42 10.15
C VAL B 219 11.29 54.31 11.08
N ARG B 220 11.40 54.55 12.38
CA ARG B 220 10.95 53.65 13.41
C ARG B 220 9.44 53.77 13.60
N PRO B 221 8.78 52.74 14.14
CA PRO B 221 7.34 52.81 14.33
C PRO B 221 6.96 53.82 15.40
N PRO B 222 5.72 54.29 15.39
CA PRO B 222 5.27 55.17 16.46
C PRO B 222 5.11 54.41 17.75
N GLN B 223 4.98 55.15 18.86
CA GLN B 223 4.76 54.51 20.14
C GLN B 223 3.38 53.88 20.19
N ARG B 224 2.41 54.49 19.52
CA ARG B 224 1.06 53.94 19.52
C ARG B 224 0.98 52.66 18.70
N LEU B 225 1.49 52.70 17.47
CA LEU B 225 1.41 51.52 16.62
C LEU B 225 2.33 50.40 17.06
N TYR B 226 3.37 50.69 17.82
CA TYR B 226 4.19 49.60 18.34
C TYR B 226 3.46 48.86 19.44
N ARG B 227 2.58 49.54 20.17
CA ARG B 227 1.80 48.87 21.21
C ARG B 227 0.49 48.32 20.68
N ALA B 228 -0.15 49.02 19.74
CA ALA B 228 -1.46 48.60 19.27
C ALA B 228 -1.38 47.35 18.42
N LEU B 229 -0.39 47.26 17.56
CA LEU B 229 -0.21 46.09 16.72
C LEU B 229 0.75 45.08 17.31
N ARG B 230 1.24 45.33 18.52
CA ARG B 230 2.04 44.38 19.32
C ARG B 230 3.32 43.97 18.60
N MET B 231 4.07 44.95 18.11
CA MET B 231 5.19 44.66 17.20
C MET B 231 6.39 44.06 17.93
N GLY B 232 6.34 43.95 19.25
CA GLY B 232 7.37 43.19 19.95
C GLY B 232 7.15 41.69 19.82
N ASN B 233 5.90 41.28 19.71
CA ASN B 233 5.55 39.88 19.55
C ASN B 233 5.85 39.46 18.12
N ILE B 234 6.22 38.19 17.93
CA ILE B 234 6.50 37.72 16.58
C ILE B 234 5.23 37.18 15.94
N GLU B 235 4.19 36.92 16.73
CA GLU B 235 3.01 36.32 16.13
C GLU B 235 2.17 37.36 15.37
N THR B 236 2.35 38.65 15.65
CA THR B 236 1.71 39.67 14.83
C THR B 236 2.29 39.72 13.44
N VAL B 237 3.48 39.16 13.24
CA VAL B 237 3.97 38.98 11.89
C VAL B 237 3.20 37.85 11.23
N LEU B 238 3.00 36.75 11.97
CA LEU B 238 2.34 35.57 11.42
C LEU B 238 0.85 35.78 11.24
N SER B 239 0.25 36.57 12.13
CA SER B 239 -1.18 36.85 12.04
C SER B 239 -1.52 37.59 10.77
N SER B 240 -0.65 38.50 10.38
CA SER B 240 -0.86 39.37 9.26
C SER B 240 -0.17 38.89 8.01
N SER B 241 0.80 37.99 8.12
CA SER B 241 1.34 37.37 6.92
C SER B 241 0.33 36.43 6.30
N ILE B 242 -0.41 35.70 7.13
CA ILE B 242 -1.46 34.81 6.64
C ILE B 242 -2.55 35.58 5.94
N SER B 243 -2.90 36.76 6.45
CA SER B 243 -3.87 37.62 5.79
C SER B 243 -3.38 38.09 4.43
N ALA B 244 -2.09 38.23 4.25
CA ALA B 244 -1.53 38.59 2.97
C ALA B 244 -1.29 37.39 2.07
N VAL B 245 -1.70 36.21 2.48
CA VAL B 245 -1.43 34.99 1.75
C VAL B 245 -2.71 34.33 1.24
N PHE B 246 -3.79 34.31 2.04
CA PHE B 246 -5.04 33.87 1.45
C PHE B 246 -5.62 34.94 0.54
N PHE B 247 -5.35 36.21 0.84
CA PHE B 247 -5.76 37.28 -0.07
C PHE B 247 -5.10 37.12 -1.42
N ALA B 248 -3.86 36.68 -1.43
CA ALA B 248 -3.20 36.39 -2.69
C ALA B 248 -3.74 35.11 -3.31
N ALA B 249 -4.34 34.23 -2.51
CA ALA B 249 -4.76 32.95 -3.05
C ALA B 249 -6.18 33.00 -3.61
N PHE B 250 -6.98 33.97 -3.19
CA PHE B 250 -8.23 34.17 -3.87
C PHE B 250 -8.02 34.80 -5.23
N VAL B 251 -6.99 35.63 -5.35
CA VAL B 251 -6.73 36.31 -6.61
C VAL B 251 -6.24 35.33 -7.65
N THR B 252 -5.27 34.49 -7.30
CA THR B 252 -4.73 33.56 -8.28
C THR B 252 -5.72 32.48 -8.64
N SER B 253 -6.53 32.06 -7.68
CA SER B 253 -7.60 31.13 -8.00
C SER B 253 -8.71 31.84 -8.76
N GLY B 254 -8.83 33.14 -8.60
CA GLY B 254 -9.80 33.88 -9.39
C GLY B 254 -9.35 34.03 -10.82
N THR B 255 -8.14 34.51 -11.03
CA THR B 255 -7.68 34.75 -12.39
C THR B 255 -7.27 33.48 -13.11
N MET B 256 -7.17 32.36 -12.41
CA MET B 256 -7.05 31.09 -13.11
C MET B 256 -8.42 30.65 -13.62
N TRP B 257 -9.46 30.92 -12.87
CA TRP B 257 -10.77 30.41 -13.19
C TRP B 257 -11.48 31.27 -14.22
N TYR B 258 -11.31 32.58 -14.14
CA TYR B 258 -11.94 33.43 -15.13
C TYR B 258 -11.06 33.68 -16.33
N GLY B 259 -9.79 33.35 -16.25
CA GLY B 259 -8.88 33.61 -17.34
C GLY B 259 -8.20 34.96 -17.22
N ALA B 260 -6.92 34.97 -17.55
CA ALA B 260 -6.16 36.20 -17.63
C ALA B 260 -5.03 35.97 -18.62
N ALA B 261 -4.25 37.02 -18.87
CA ALA B 261 -3.09 36.89 -19.75
C ALA B 261 -2.01 36.06 -19.08
N ALA B 262 -2.01 36.03 -17.75
CA ALA B 262 -1.10 35.17 -17.01
C ALA B 262 -1.55 33.73 -16.97
N THR B 263 -2.70 33.40 -17.53
CA THR B 263 -3.18 32.01 -17.62
C THR B 263 -3.61 31.77 -19.06
N PRO B 264 -2.68 31.41 -19.94
CA PRO B 264 -3.04 31.23 -21.34
C PRO B 264 -3.78 29.93 -21.53
N ILE B 265 -4.74 29.92 -22.46
CA ILE B 265 -5.58 28.74 -22.66
C ILE B 265 -4.87 27.73 -23.53
N GLU B 266 -3.65 28.05 -23.96
CA GLU B 266 -2.82 27.06 -24.61
C GLU B 266 -2.00 26.26 -23.63
N LEU B 267 -1.95 26.68 -22.37
CA LEU B 267 -1.19 25.98 -21.36
C LEU B 267 -2.05 25.34 -20.30
N PHE B 268 -3.07 26.04 -19.83
CA PHE B 268 -3.92 25.49 -18.80
C PHE B 268 -5.22 24.92 -19.34
N GLY B 269 -5.56 25.22 -20.58
CA GLY B 269 -6.81 24.77 -21.13
C GLY B 269 -7.83 25.88 -21.09
N PRO B 270 -8.96 25.70 -21.77
CA PRO B 270 -9.96 26.75 -21.84
C PRO B 270 -10.72 26.90 -20.55
N THR B 271 -11.28 28.08 -20.34
CA THR B 271 -12.13 28.29 -19.19
C THR B 271 -13.53 27.78 -19.48
N ARG B 272 -14.40 27.84 -18.47
CA ARG B 272 -15.77 27.40 -18.68
C ARG B 272 -16.60 28.49 -19.32
N TYR B 273 -16.11 29.72 -19.30
CA TYR B 273 -16.85 30.82 -19.87
C TYR B 273 -16.62 30.92 -21.36
N GLN B 274 -15.70 30.11 -21.86
CA GLN B 274 -15.54 29.95 -23.30
C GLN B 274 -16.42 28.84 -23.85
N TRP B 275 -17.08 28.08 -22.99
CA TRP B 275 -18.12 27.18 -23.42
C TRP B 275 -19.50 27.76 -23.25
N ASP B 276 -19.70 28.55 -22.20
CA ASP B 276 -21.02 29.06 -21.91
C ASP B 276 -21.44 30.12 -22.91
N SER B 277 -20.50 30.97 -23.31
CA SER B 277 -20.82 32.03 -24.26
C SER B 277 -20.70 31.59 -25.70
N GLY B 278 -20.23 30.38 -25.96
CA GLY B 278 -19.97 29.95 -27.32
C GLY B 278 -18.82 30.69 -27.94
N TYR B 279 -17.73 30.84 -27.19
CA TYR B 279 -16.61 31.67 -27.63
C TYR B 279 -15.87 31.06 -28.81
N PHE B 280 -15.89 29.74 -28.94
CA PHE B 280 -15.28 29.09 -30.09
C PHE B 280 -16.27 28.68 -31.14
N GLN B 281 -17.55 28.51 -30.79
CA GLN B 281 -18.55 28.24 -31.81
C GLN B 281 -18.72 29.44 -32.72
N GLN B 282 -18.74 30.64 -32.15
CA GLN B 282 -18.90 31.84 -32.95
C GLN B 282 -17.66 32.13 -33.75
N GLU B 283 -16.50 31.62 -33.31
CA GLU B 283 -15.27 31.90 -34.01
C GLU B 283 -15.05 30.96 -35.19
N ILE B 284 -15.42 29.69 -35.02
CA ILE B 284 -15.31 28.75 -36.13
C ILE B 284 -16.27 29.12 -37.24
N GLU B 285 -17.46 29.58 -36.89
CA GLU B 285 -18.40 30.07 -37.90
C GLU B 285 -17.89 31.33 -38.58
N ARG B 286 -17.21 32.20 -37.83
CA ARG B 286 -16.72 33.44 -38.42
C ARG B 286 -15.61 33.20 -39.43
N GLN B 287 -14.79 32.16 -39.24
CA GLN B 287 -13.80 31.81 -40.24
C GLN B 287 -14.37 30.99 -41.39
N VAL B 288 -15.67 30.72 -41.37
CA VAL B 288 -16.34 30.00 -42.46
C VAL B 288 -17.23 30.99 -43.18
N GLU B 289 -17.81 31.95 -42.44
CA GLU B 289 -18.58 33.01 -43.06
C GLU B 289 -17.72 33.89 -43.96
N THR B 290 -16.44 34.03 -43.63
CA THR B 290 -15.54 34.78 -44.50
C THR B 290 -14.98 33.88 -45.61
N SER B 291 -14.94 32.58 -45.38
CA SER B 291 -14.44 31.68 -46.42
C SER B 291 -15.47 31.45 -47.50
N VAL B 292 -16.72 31.24 -47.11
CA VAL B 292 -17.80 31.03 -48.08
C VAL B 292 -18.07 32.31 -48.86
N SER B 293 -17.90 33.48 -48.24
CA SER B 293 -18.08 34.74 -48.94
C SER B 293 -17.00 34.97 -49.98
N GLU B 294 -15.85 34.32 -49.84
CA GLU B 294 -14.80 34.39 -50.86
C GLU B 294 -14.91 33.22 -51.84
N GLY B 295 -16.12 32.98 -52.34
CA GLY B 295 -16.40 32.00 -53.39
C GLY B 295 -15.87 30.59 -53.19
N LEU B 296 -16.41 29.86 -52.21
CA LEU B 296 -15.95 28.50 -51.98
C LEU B 296 -17.13 27.55 -51.89
N SER B 297 -16.83 26.27 -52.09
CA SER B 297 -17.76 25.24 -51.68
C SER B 297 -17.71 25.11 -50.17
N GLU B 298 -18.71 24.43 -49.62
CA GLU B 298 -18.84 24.38 -48.16
C GLU B 298 -17.78 23.49 -47.55
N SER B 299 -17.50 22.34 -48.17
CA SER B 299 -16.55 21.40 -47.58
C SER B 299 -15.12 21.92 -47.67
N GLN B 300 -14.86 22.84 -48.60
CA GLN B 300 -13.55 23.48 -48.64
C GLN B 300 -13.46 24.59 -47.59
N ALA B 301 -14.60 25.12 -47.16
CA ALA B 301 -14.57 26.13 -46.13
C ALA B 301 -14.28 25.51 -44.77
N TRP B 302 -14.87 24.35 -44.50
CA TRP B 302 -14.66 23.72 -43.20
C TRP B 302 -13.30 23.05 -43.14
N SER B 303 -12.68 22.80 -44.29
CA SER B 303 -11.38 22.17 -44.29
C SER B 303 -10.27 23.16 -43.92
N ARG B 304 -10.55 24.45 -43.98
CA ARG B 304 -9.54 25.43 -43.60
C ARG B 304 -9.42 25.54 -42.09
N ILE B 305 -10.45 25.11 -41.36
CA ILE B 305 -10.48 25.21 -39.90
C ILE B 305 -9.43 24.28 -39.31
N PRO B 306 -8.54 24.77 -38.46
CA PRO B 306 -7.54 23.89 -37.85
C PRO B 306 -8.17 22.91 -36.89
N ASP B 307 -7.47 21.81 -36.67
CA ASP B 307 -7.95 20.81 -35.73
C ASP B 307 -7.87 21.32 -34.30
N LYS B 308 -6.95 22.25 -34.03
CA LYS B 308 -6.80 22.78 -32.69
C LYS B 308 -7.97 23.68 -32.33
N LEU B 309 -8.47 24.45 -33.30
CA LEU B 309 -9.55 25.38 -33.01
C LEU B 309 -10.85 24.67 -32.72
N ALA B 310 -11.11 23.56 -33.41
CA ALA B 310 -12.30 22.78 -33.13
C ALA B 310 -12.11 21.94 -31.87
N PHE B 311 -10.86 21.76 -31.42
CA PHE B 311 -10.63 20.95 -30.23
C PHE B 311 -11.00 21.71 -28.97
N TYR B 312 -10.98 23.04 -29.03
CA TYR B 312 -11.47 23.79 -27.89
C TYR B 312 -12.98 23.80 -27.86
N ASP B 313 -13.62 23.62 -29.01
CA ASP B 313 -15.07 23.55 -29.07
C ASP B 313 -15.53 22.15 -28.77
N TYR B 314 -15.30 21.69 -27.56
CA TYR B 314 -15.57 20.33 -27.16
C TYR B 314 -15.83 20.33 -25.67
N ILE B 315 -16.87 19.63 -25.25
CA ILE B 315 -17.30 19.74 -23.86
C ILE B 315 -16.36 18.96 -22.94
N GLY B 316 -15.59 18.03 -23.46
CA GLY B 316 -14.65 17.33 -22.62
C GLY B 316 -13.45 18.14 -22.22
N ASN B 317 -13.24 19.29 -22.83
CA ASN B 317 -12.16 20.20 -22.46
C ASN B 317 -12.62 21.28 -21.50
N ASN B 318 -13.90 21.34 -21.22
CA ASN B 318 -14.43 22.22 -20.21
C ASN B 318 -13.97 21.72 -18.84
N PRO B 319 -13.37 22.57 -18.00
CA PRO B 319 -13.01 22.14 -16.64
C PRO B 319 -14.20 21.96 -15.72
N ALA B 320 -15.37 22.44 -16.10
CA ALA B 320 -16.57 22.29 -15.29
C ALA B 320 -17.34 21.03 -15.64
N LYS B 321 -16.67 20.00 -16.16
CA LYS B 321 -17.29 18.74 -16.46
C LYS B 321 -16.74 17.59 -15.63
N GLY B 322 -15.58 17.75 -15.03
CA GLY B 322 -14.96 16.67 -14.30
C GLY B 322 -15.62 16.43 -12.96
N GLY B 323 -15.01 15.50 -12.22
CA GLY B 323 -15.48 15.18 -10.89
C GLY B 323 -14.32 15.30 -9.92
N LEU B 324 -14.64 15.12 -8.65
CA LEU B 324 -13.61 15.32 -7.63
C LEU B 324 -12.78 14.06 -7.42
N PHE B 325 -13.42 12.94 -7.15
CA PHE B 325 -12.69 11.75 -6.72
C PHE B 325 -12.33 10.84 -7.87
N ARG B 326 -12.65 11.21 -9.09
CA ARG B 326 -12.02 10.61 -10.24
C ARG B 326 -10.66 11.26 -10.44
N ALA B 327 -9.69 10.47 -10.87
CA ALA B 327 -8.31 10.91 -10.81
C ALA B 327 -7.64 10.76 -12.16
N GLY B 328 -6.51 11.46 -12.30
CA GLY B 328 -5.67 11.30 -13.45
C GLY B 328 -5.86 12.39 -14.47
N PRO B 329 -5.24 12.25 -15.62
CA PRO B 329 -5.33 13.26 -16.66
C PRO B 329 -6.68 13.23 -17.36
N MET B 330 -6.88 14.18 -18.26
CA MET B 330 -8.10 14.20 -19.04
C MET B 330 -8.10 13.12 -20.10
N ASN B 331 -6.92 12.60 -20.46
CA ASN B 331 -6.84 11.53 -21.45
C ASN B 331 -7.34 10.22 -20.86
N LYS B 332 -7.40 10.13 -19.54
CA LYS B 332 -8.07 9.01 -18.89
C LYS B 332 -9.58 9.08 -19.12
N GLY B 333 -10.10 10.26 -19.46
CA GLY B 333 -11.50 10.47 -19.71
C GLY B 333 -12.08 9.69 -20.86
N ASP B 334 -11.56 9.90 -22.07
CA ASP B 334 -12.03 9.17 -23.22
C ASP B 334 -10.93 8.73 -24.17
N GLY B 335 -9.67 9.03 -23.88
CA GLY B 335 -8.57 8.59 -24.69
C GLY B 335 -7.92 9.75 -25.42
N ILE B 336 -6.74 9.44 -25.97
CA ILE B 336 -5.98 10.45 -26.69
C ILE B 336 -6.66 10.70 -28.03
N ALA B 337 -6.92 11.97 -28.33
CA ALA B 337 -7.59 12.34 -29.57
C ALA B 337 -6.70 12.05 -30.76
N GLU B 338 -7.29 11.58 -31.84
CA GLU B 338 -6.56 11.23 -33.05
C GLU B 338 -6.83 12.23 -34.17
N ALA B 339 -8.08 12.42 -34.53
CA ALA B 339 -8.41 13.27 -35.66
C ALA B 339 -9.76 13.90 -35.42
N TRP B 340 -10.07 14.87 -36.26
CA TRP B 340 -11.33 15.57 -36.22
C TRP B 340 -12.26 14.91 -37.22
N LEU B 341 -13.41 14.46 -36.75
CA LEU B 341 -14.31 13.72 -37.63
C LEU B 341 -15.07 14.67 -38.56
N GLY B 342 -15.14 15.93 -38.21
CA GLY B 342 -15.74 16.88 -39.12
C GLY B 342 -16.89 17.59 -38.45
N HIS B 343 -17.56 18.42 -39.21
CA HIS B 343 -18.67 19.21 -38.70
C HIS B 343 -19.97 18.71 -39.30
N PRO B 344 -20.77 17.94 -38.57
CA PRO B 344 -22.02 17.45 -39.13
C PRO B 344 -23.05 18.55 -39.22
N ILE B 345 -23.76 18.57 -40.35
CA ILE B 345 -24.87 19.49 -40.57
C ILE B 345 -26.11 18.67 -40.83
N PHE B 346 -27.14 18.89 -40.02
CA PHE B 346 -28.35 18.10 -40.04
C PHE B 346 -29.41 18.81 -40.86
N ARG B 347 -29.99 18.09 -41.80
CA ARG B 347 -31.06 18.60 -42.65
C ARG B 347 -32.19 17.59 -42.68
N ASP B 348 -33.42 18.07 -42.63
CA ASP B 348 -34.58 17.20 -42.67
C ASP B 348 -34.95 16.82 -44.11
N LYS B 349 -36.13 16.23 -44.28
CA LYS B 349 -36.59 15.95 -45.63
C LYS B 349 -37.08 17.21 -46.32
N GLU B 350 -37.41 18.25 -45.55
CA GLU B 350 -37.76 19.54 -46.14
C GLU B 350 -36.52 20.28 -46.63
N GLY B 351 -35.38 20.07 -45.97
CA GLY B 351 -34.13 20.66 -46.41
C GLY B 351 -33.59 21.78 -45.55
N ARG B 352 -34.31 22.18 -44.51
CA ARG B 352 -33.82 23.27 -43.66
C ARG B 352 -32.73 22.77 -42.73
N GLU B 353 -31.93 23.70 -42.24
CA GLU B 353 -30.79 23.37 -41.41
C GLU B 353 -31.19 23.23 -39.95
N LEU B 354 -30.85 22.09 -39.35
CA LEU B 354 -31.15 21.80 -37.96
C LEU B 354 -29.85 21.77 -37.18
N THR B 355 -29.77 22.54 -36.10
CA THR B 355 -28.62 22.54 -35.21
C THR B 355 -28.97 21.74 -33.96
N VAL B 356 -28.05 20.87 -33.54
CA VAL B 356 -28.25 20.13 -32.31
C VAL B 356 -28.07 21.07 -31.13
N ARG B 357 -29.07 21.10 -30.25
CA ARG B 357 -28.96 21.83 -28.98
C ARG B 357 -27.82 21.24 -28.15
N ARG B 358 -26.94 22.10 -27.66
CA ARG B 358 -25.72 21.65 -26.98
C ARG B 358 -25.93 21.48 -25.49
N MET B 359 -25.16 20.57 -24.91
CA MET B 359 -25.24 20.30 -23.48
C MET B 359 -24.61 21.46 -22.70
N PRO B 360 -25.29 22.00 -21.69
CA PRO B 360 -24.64 22.94 -20.78
C PRO B 360 -23.70 22.21 -19.82
N ALA B 361 -23.00 22.98 -19.01
CA ALA B 361 -21.99 22.38 -18.14
C ALA B 361 -22.61 21.73 -16.91
N PHE B 362 -23.86 22.11 -16.59
CA PHE B 362 -24.53 21.53 -15.43
C PHE B 362 -24.93 20.09 -15.69
N PHE B 363 -25.50 19.85 -16.86
CA PHE B 363 -26.17 18.58 -17.14
C PHE B 363 -25.15 17.49 -17.41
N GLU B 364 -25.19 16.43 -16.62
CA GLU B 364 -24.45 15.22 -16.94
C GLU B 364 -25.15 14.47 -18.07
N THR B 365 -26.47 14.36 -17.99
CA THR B 365 -27.28 13.79 -19.04
C THR B 365 -28.10 14.90 -19.68
N PHE B 366 -28.32 14.78 -20.98
CA PHE B 366 -29.06 15.81 -21.69
C PHE B 366 -29.75 15.17 -22.88
N PRO B 367 -31.05 15.42 -23.08
CA PRO B 367 -31.75 14.78 -24.20
C PRO B 367 -31.36 15.41 -25.53
N VAL B 368 -31.18 14.56 -26.54
CA VAL B 368 -30.75 15.04 -27.85
C VAL B 368 -31.92 15.73 -28.52
N ILE B 369 -31.75 17.01 -28.84
CA ILE B 369 -32.80 17.85 -29.40
C ILE B 369 -32.24 18.54 -30.63
N LEU B 370 -32.97 18.49 -31.74
CA LEU B 370 -32.57 19.16 -32.97
C LEU B 370 -33.45 20.37 -33.20
N VAL B 371 -32.84 21.54 -33.28
CA VAL B 371 -33.54 22.81 -33.35
C VAL B 371 -33.13 23.50 -34.64
N ASP B 372 -34.10 24.09 -35.34
CA ASP B 372 -33.83 24.91 -36.51
C ASP B 372 -33.44 26.32 -36.09
N LYS B 373 -33.49 27.26 -37.03
CA LYS B 373 -32.87 28.56 -36.82
C LYS B 373 -33.71 29.45 -35.90
N ASP B 374 -35.01 29.21 -35.79
CA ASP B 374 -35.84 30.13 -35.03
C ASP B 374 -36.24 29.61 -33.65
N GLY B 375 -35.77 28.44 -33.24
CA GLY B 375 -36.06 27.95 -31.92
C GLY B 375 -37.12 26.90 -31.82
N ILE B 376 -37.76 26.54 -32.93
CA ILE B 376 -38.83 25.56 -32.92
C ILE B 376 -38.21 24.17 -32.81
N ILE B 377 -38.76 23.33 -31.93
CA ILE B 377 -38.28 21.97 -31.84
C ILE B 377 -38.76 21.20 -33.06
N ARG B 378 -37.81 20.73 -33.86
CA ARG B 378 -38.14 20.02 -35.09
C ARG B 378 -37.92 18.53 -35.01
N ALA B 379 -36.92 18.09 -34.27
CA ALA B 379 -36.63 16.68 -34.13
C ALA B 379 -35.93 16.44 -32.81
N ASP B 380 -35.97 15.20 -32.36
CA ASP B 380 -35.26 14.79 -31.15
C ASP B 380 -35.04 13.28 -31.18
N ILE B 381 -34.61 12.72 -30.06
CA ILE B 381 -34.59 11.28 -29.85
C ILE B 381 -35.52 11.00 -28.68
N PRO B 382 -36.67 10.39 -28.89
CA PRO B 382 -37.69 10.33 -27.83
C PRO B 382 -37.35 9.29 -26.78
N PHE B 383 -37.57 9.67 -25.51
CA PHE B 383 -37.55 8.73 -24.41
C PHE B 383 -38.69 7.74 -24.57
N ARG B 384 -39.91 8.25 -24.65
CA ARG B 384 -41.12 7.45 -24.76
C ARG B 384 -41.45 7.29 -26.24
N ARG B 385 -41.28 6.08 -26.76
CA ARG B 385 -41.37 5.87 -28.19
C ARG B 385 -42.78 5.62 -28.67
N ALA B 386 -43.77 5.65 -27.78
CA ALA B 386 -45.13 5.26 -28.18
C ALA B 386 -45.83 6.36 -28.95
N GLU B 387 -45.99 7.53 -28.34
CA GLU B 387 -46.78 8.61 -28.91
C GLU B 387 -45.89 9.61 -29.63
N SER B 388 -44.87 9.13 -30.34
CA SER B 388 -43.81 9.99 -30.82
C SER B 388 -44.24 10.90 -31.96
N LYS B 389 -43.99 12.20 -31.81
CA LYS B 389 -44.39 13.18 -32.81
C LYS B 389 -43.23 13.94 -33.44
N TYR B 390 -42.00 13.77 -32.94
CA TYR B 390 -40.85 14.49 -33.48
C TYR B 390 -39.64 13.59 -33.66
N SER B 391 -39.86 12.30 -33.87
CA SER B 391 -38.74 11.38 -34.01
C SER B 391 -37.99 11.62 -35.31
N ILE B 392 -36.79 11.06 -35.40
CA ILE B 392 -35.97 11.23 -36.59
C ILE B 392 -36.54 10.42 -37.74
N GLU B 393 -37.23 9.33 -37.43
CA GLU B 393 -37.87 8.52 -38.47
C GLU B 393 -38.99 9.28 -39.16
N GLN B 394 -39.75 10.07 -38.41
CA GLN B 394 -40.81 10.87 -39.02
C GLN B 394 -40.24 12.02 -39.81
N VAL B 395 -39.33 12.79 -39.20
CA VAL B 395 -38.87 14.02 -39.81
C VAL B 395 -37.89 13.72 -40.95
N GLY B 396 -37.17 12.62 -40.85
CA GLY B 396 -36.29 12.22 -41.92
C GLY B 396 -35.05 13.10 -42.00
N VAL B 397 -34.32 13.16 -40.91
CA VAL B 397 -33.15 14.03 -40.81
C VAL B 397 -31.96 13.30 -41.41
N THR B 398 -31.30 13.93 -42.37
CA THR B 398 -30.06 13.44 -42.93
C THR B 398 -28.90 14.27 -42.41
N VAL B 399 -27.74 13.65 -42.30
CA VAL B 399 -26.54 14.28 -41.77
C VAL B 399 -25.56 14.47 -42.91
N ASP B 400 -24.90 15.62 -42.94
CA ASP B 400 -23.89 15.95 -43.94
C ASP B 400 -22.64 16.40 -43.22
N PHE B 401 -21.53 15.74 -43.47
CA PHE B 401 -20.28 16.17 -42.88
C PHE B 401 -19.55 17.10 -43.82
N TYR B 402 -18.69 17.94 -43.25
CA TYR B 402 -17.92 18.91 -44.01
C TYR B 402 -16.59 19.10 -43.31
N GLY B 403 -15.51 18.77 -43.98
CA GLY B 403 -14.21 18.81 -43.37
C GLY B 403 -13.97 17.61 -42.49
N GLY B 404 -12.76 17.52 -41.98
CA GLY B 404 -12.38 16.35 -41.23
C GLY B 404 -12.21 15.16 -42.14
N LYS B 405 -12.17 13.98 -41.52
CA LYS B 405 -11.89 12.78 -42.30
C LYS B 405 -13.18 12.17 -42.85
N LEU B 406 -14.32 12.79 -42.56
CA LEU B 406 -15.57 12.32 -43.15
C LEU B 406 -16.07 13.27 -44.21
N ASN B 407 -15.14 13.89 -44.95
CA ASN B 407 -15.25 15.21 -45.62
C ASN B 407 -16.50 15.30 -46.49
N GLY B 408 -16.65 14.51 -47.55
CA GLY B 408 -17.92 14.47 -48.21
C GLY B 408 -18.61 13.15 -48.01
N GLN B 409 -19.55 13.09 -47.06
CA GLN B 409 -20.30 11.89 -46.78
C GLN B 409 -21.71 12.31 -46.38
N THR B 410 -22.66 11.41 -46.60
CA THR B 410 -24.06 11.67 -46.26
C THR B 410 -24.66 10.36 -45.77
N PHE B 411 -25.13 10.35 -44.54
CA PHE B 411 -25.84 9.21 -43.99
C PHE B 411 -27.31 9.59 -43.85
N LYS B 412 -28.19 8.72 -44.31
CA LYS B 412 -29.59 9.07 -44.41
C LYS B 412 -30.53 8.25 -43.55
N ASP B 413 -30.12 7.06 -43.09
CA ASP B 413 -31.04 6.23 -42.33
C ASP B 413 -31.02 6.59 -40.85
N ALA B 414 -32.15 6.30 -40.20
CA ALA B 414 -32.28 6.53 -38.76
C ALA B 414 -31.28 5.82 -37.84
N PRO B 415 -30.75 4.61 -38.14
CA PRO B 415 -29.71 4.08 -37.23
C PRO B 415 -28.44 4.89 -37.17
N THR B 416 -28.01 5.49 -38.29
CA THR B 416 -26.71 6.16 -38.31
C THR B 416 -26.83 7.61 -37.88
N VAL B 417 -27.96 8.26 -38.22
CA VAL B 417 -28.16 9.66 -37.88
C VAL B 417 -28.32 9.83 -36.38
N LYS B 418 -28.94 8.85 -35.72
CA LYS B 418 -29.07 8.90 -34.26
C LYS B 418 -27.73 8.75 -33.56
N LYS B 419 -26.80 8.04 -34.18
CA LYS B 419 -25.47 7.90 -33.58
C LYS B 419 -24.68 9.19 -33.68
N PHE B 420 -24.89 9.98 -34.73
CA PHE B 420 -24.15 11.22 -34.85
C PHE B 420 -24.90 12.38 -34.21
N ALA B 421 -26.19 12.21 -33.96
CA ALA B 421 -26.92 13.26 -33.25
C ALA B 421 -26.59 13.25 -31.77
N ARG B 422 -26.21 12.09 -31.24
CA ARG B 422 -25.87 12.02 -29.82
C ARG B 422 -24.48 12.58 -29.56
N LYS B 423 -23.56 12.35 -30.49
CA LYS B 423 -22.22 12.86 -30.28
C LYS B 423 -22.03 14.27 -30.79
N ALA B 424 -23.05 14.90 -31.33
CA ALA B 424 -22.92 16.28 -31.78
C ALA B 424 -23.39 17.29 -30.74
N GLN B 425 -24.05 16.83 -29.69
CA GLN B 425 -24.36 17.74 -28.60
C GLN B 425 -23.17 17.94 -27.67
N LEU B 426 -22.11 17.18 -27.86
CA LEU B 426 -20.88 17.32 -27.08
C LEU B 426 -19.86 18.20 -27.76
N GLY B 427 -20.29 19.23 -28.47
CA GLY B 427 -19.39 20.14 -29.13
C GLY B 427 -19.03 19.66 -30.52
N GLU B 428 -17.74 19.55 -30.82
CA GLU B 428 -17.30 18.98 -32.07
C GLU B 428 -17.25 17.46 -31.94
N VAL B 429 -16.84 16.80 -33.01
CA VAL B 429 -16.89 15.35 -33.11
C VAL B 429 -15.48 14.84 -33.39
N PHE B 430 -14.96 14.00 -32.51
CA PHE B 430 -13.58 13.56 -32.62
C PHE B 430 -13.48 12.04 -32.59
N GLU B 431 -12.37 11.54 -33.10
CA GLU B 431 -12.02 10.14 -33.01
C GLU B 431 -10.94 9.98 -31.94
N PHE B 432 -11.22 9.17 -30.92
CA PHE B 432 -10.31 9.01 -29.79
C PHE B 432 -9.67 7.64 -29.80
N ASP B 433 -8.72 7.46 -28.89
CA ASP B 433 -7.94 6.23 -28.74
C ASP B 433 -8.01 5.82 -27.26
N ARG B 434 -9.02 5.05 -26.89
CA ARG B 434 -9.28 4.79 -25.50
C ARG B 434 -8.63 3.52 -24.97
N THR B 435 -7.78 2.87 -25.76
CA THR B 435 -7.17 1.61 -25.35
C THR B 435 -5.75 1.77 -24.83
N SER B 436 -5.15 2.95 -24.98
CA SER B 436 -3.78 3.13 -24.53
C SER B 436 -3.69 3.34 -23.03
N LEU B 437 -4.61 4.14 -22.47
CA LEU B 437 -4.56 4.47 -21.05
C LEU B 437 -5.69 3.85 -20.25
N GLU B 438 -6.41 2.88 -20.84
CA GLU B 438 -7.60 2.25 -20.26
C GLU B 438 -8.65 3.30 -19.87
N SER B 439 -9.04 4.08 -20.88
CA SER B 439 -9.93 5.21 -20.66
C SER B 439 -11.36 4.71 -20.41
N ASP B 440 -11.90 5.02 -19.23
CA ASP B 440 -13.14 4.40 -18.80
C ASP B 440 -14.36 4.99 -19.48
N GLY B 441 -14.44 6.31 -19.60
CA GLY B 441 -15.57 6.89 -20.28
C GLY B 441 -16.33 7.95 -19.51
N VAL B 442 -15.66 8.64 -18.60
CA VAL B 442 -16.24 9.79 -17.91
C VAL B 442 -15.21 10.92 -17.87
N PHE B 443 -15.70 12.15 -17.97
CA PHE B 443 -14.85 13.31 -18.16
C PHE B 443 -14.07 13.66 -16.90
N ARG B 444 -12.82 14.06 -17.06
CA ARG B 444 -12.02 14.60 -15.97
C ARG B 444 -11.89 16.13 -16.09
N SER B 445 -11.06 16.73 -15.25
CA SER B 445 -10.88 18.17 -15.22
C SER B 445 -9.49 18.57 -15.67
N SER B 446 -9.38 19.80 -16.15
CA SER B 446 -8.12 20.35 -16.60
C SER B 446 -7.32 20.84 -15.39
N PRO B 447 -6.02 21.12 -15.57
CA PRO B 447 -5.26 21.76 -14.49
C PRO B 447 -5.73 23.15 -14.11
N ARG B 448 -6.53 23.81 -14.97
CA ARG B 448 -7.23 25.01 -14.56
C ARG B 448 -8.22 24.69 -13.46
N GLY B 449 -8.87 23.53 -13.54
CA GLY B 449 -9.86 23.19 -12.54
C GLY B 449 -9.26 22.77 -11.23
N TRP B 450 -8.12 22.09 -11.27
CA TRP B 450 -7.52 21.59 -10.04
C TRP B 450 -6.83 22.69 -9.26
N TYR B 451 -6.17 23.61 -9.98
CA TYR B 451 -5.54 24.74 -9.32
C TYR B 451 -6.55 25.62 -8.62
N THR B 452 -7.72 25.77 -9.21
CA THR B 452 -8.74 26.55 -8.56
C THR B 452 -9.32 25.81 -7.37
N TYR B 453 -9.18 24.48 -7.34
CA TYR B 453 -9.72 23.72 -6.23
C TYR B 453 -8.86 23.88 -4.99
N GLY B 454 -7.57 23.56 -5.11
CA GLY B 454 -6.68 23.59 -3.98
C GLY B 454 -6.55 24.99 -3.43
N HIS B 455 -6.11 25.91 -4.27
CA HIS B 455 -5.80 27.25 -3.80
C HIS B 455 -7.02 28.09 -3.45
N ALA B 456 -8.25 27.59 -3.62
CA ALA B 456 -9.40 28.23 -3.01
C ALA B 456 -9.95 27.49 -1.81
N ASN B 457 -9.68 26.19 -1.68
CA ASN B 457 -9.94 25.53 -0.40
C ASN B 457 -8.83 25.77 0.61
N PHE B 458 -7.61 26.03 0.15
CA PHE B 458 -6.55 26.49 1.04
C PHE B 458 -6.89 27.83 1.64
N ALA B 459 -7.23 28.80 0.79
CA ALA B 459 -7.44 30.18 1.21
C ALA B 459 -8.61 30.32 2.17
N LEU B 460 -9.53 29.37 2.13
CA LEU B 460 -10.61 29.38 3.10
C LEU B 460 -10.13 28.85 4.45
N LEU B 461 -9.17 27.92 4.43
CA LEU B 461 -8.62 27.42 5.69
C LEU B 461 -7.69 28.43 6.32
N PHE B 462 -6.92 29.14 5.50
CA PHE B 462 -6.05 30.19 6.02
C PHE B 462 -6.81 31.39 6.54
N PHE B 463 -8.08 31.51 6.20
CA PHE B 463 -8.88 32.52 6.86
C PHE B 463 -9.11 32.18 8.32
N PHE B 464 -9.18 30.90 8.64
CA PHE B 464 -9.29 30.52 10.03
C PHE B 464 -7.98 30.73 10.77
N GLY B 465 -6.85 30.56 10.08
CA GLY B 465 -5.57 30.84 10.69
C GLY B 465 -5.32 32.31 10.93
N HIS B 466 -5.96 33.18 10.16
CA HIS B 466 -5.90 34.60 10.46
C HIS B 466 -6.61 34.91 11.76
N LEU B 467 -7.72 34.25 12.02
CA LEU B 467 -8.48 34.52 13.23
C LEU B 467 -7.87 33.83 14.43
N TRP B 468 -7.27 32.65 14.25
CA TRP B 468 -6.64 32.01 15.37
C TRP B 468 -5.37 32.74 15.79
N HIS B 469 -4.40 32.83 14.87
CA HIS B 469 -3.12 33.45 15.19
C HIS B 469 -3.27 34.93 15.43
N GLY B 470 -4.31 35.55 14.86
CA GLY B 470 -4.54 36.96 15.12
C GLY B 470 -5.09 37.22 16.50
N GLY B 471 -6.09 36.45 16.90
CA GLY B 471 -6.64 36.59 18.24
C GLY B 471 -5.70 36.05 19.29
N ARG B 472 -4.72 35.26 18.88
CA ARG B 472 -3.71 34.83 19.84
C ARG B 472 -2.69 35.92 20.09
N THR B 473 -2.49 36.82 19.13
CA THR B 473 -1.56 37.93 19.31
C THR B 473 -2.10 38.98 20.25
N ILE B 474 -3.34 39.43 20.01
CA ILE B 474 -3.92 40.52 20.77
C ILE B 474 -4.14 40.12 22.22
N PHE B 475 -4.58 38.89 22.44
CA PHE B 475 -5.02 38.41 23.73
C PHE B 475 -3.94 37.66 24.48
N ARG B 476 -2.66 38.02 24.29
CA ARG B 476 -1.55 37.13 24.69
C ARG B 476 -1.46 36.93 26.19
N ASP B 477 -1.88 37.90 26.99
CA ASP B 477 -1.73 37.78 28.43
C ASP B 477 -2.72 36.83 29.08
N VAL B 478 -3.72 36.34 28.35
CA VAL B 478 -4.78 35.55 28.97
C VAL B 478 -4.92 34.15 28.38
N PHE B 479 -3.85 33.55 27.90
CA PHE B 479 -4.04 32.23 27.32
C PHE B 479 -3.67 31.07 28.23
N THR B 480 -3.19 31.33 29.43
CA THR B 480 -3.27 30.31 30.47
C THR B 480 -4.66 30.30 31.08
N GLY B 481 -5.41 31.39 30.89
CA GLY B 481 -6.69 31.58 31.54
C GLY B 481 -6.79 33.02 31.97
N ILE B 482 -7.92 33.35 32.58
CA ILE B 482 -8.12 34.70 33.06
C ILE B 482 -8.02 34.67 34.58
N GLY B 483 -7.71 35.83 35.15
CA GLY B 483 -7.70 35.95 36.58
C GLY B 483 -9.09 36.15 37.13
N ALA B 484 -9.32 35.62 38.33
CA ALA B 484 -10.62 35.73 38.98
C ALA B 484 -10.81 37.05 39.72
N GLU B 485 -9.89 37.99 39.56
CA GLU B 485 -9.93 39.24 40.30
C GLU B 485 -9.81 40.45 39.39
N ILE C 21 -53.99 33.32 50.25
CA ILE C 21 -52.86 33.35 49.34
C ILE C 21 -51.97 32.18 49.70
N ALA C 22 -52.10 31.74 50.95
CA ALA C 22 -51.39 30.56 51.42
C ALA C 22 -51.89 29.32 50.69
N GLY C 23 -50.95 28.61 50.07
CA GLY C 23 -51.26 27.54 49.15
C GLY C 23 -51.25 27.95 47.70
N ARG C 24 -51.12 29.25 47.41
CA ARG C 24 -51.17 29.78 46.06
C ARG C 24 -49.98 30.70 45.80
N ASP C 25 -48.81 30.37 46.33
CA ASP C 25 -47.56 30.98 45.93
C ASP C 25 -46.44 29.99 46.15
N ILE C 26 -45.26 30.32 45.62
CA ILE C 26 -44.15 29.37 45.66
C ILE C 26 -43.53 29.31 47.05
N GLU C 27 -43.78 30.34 47.87
CA GLU C 27 -43.23 30.35 49.22
C GLU C 27 -43.92 29.33 50.11
N SER C 28 -45.19 29.05 49.85
CA SER C 28 -45.91 28.07 50.66
C SER C 28 -45.74 26.68 50.11
N THR C 29 -45.81 26.52 48.78
CA THR C 29 -45.79 25.20 48.17
C THR C 29 -44.39 24.81 47.69
N GLY C 30 -43.81 25.59 46.79
CA GLY C 30 -42.54 25.20 46.23
C GLY C 30 -42.65 24.91 44.75
N PHE C 31 -43.82 25.17 44.20
CA PHE C 31 -44.08 25.01 42.78
C PHE C 31 -44.29 26.37 42.15
N ALA C 32 -43.72 26.55 40.95
CA ALA C 32 -43.83 27.81 40.26
C ALA C 32 -45.21 27.95 39.64
N TRP C 33 -45.45 29.10 39.01
CA TRP C 33 -46.76 29.36 38.43
C TRP C 33 -47.01 28.47 37.23
N TRP C 34 -45.96 28.08 36.53
CA TRP C 34 -46.15 27.29 35.32
C TRP C 34 -46.45 25.84 35.64
N SER C 35 -45.89 25.32 36.71
CA SER C 35 -46.34 24.03 37.24
C SER C 35 -47.27 24.29 38.42
N GLY C 36 -48.37 24.94 38.10
CA GLY C 36 -49.21 25.48 39.15
C GLY C 36 -50.31 24.57 39.58
N ASN C 37 -50.79 23.72 38.68
CA ASN C 37 -51.81 22.75 39.07
C ASN C 37 -51.21 21.55 39.77
N ALA C 38 -49.89 21.52 39.97
CA ALA C 38 -49.28 20.53 40.84
C ALA C 38 -49.44 20.88 42.31
N ARG C 39 -49.95 22.07 42.60
CA ARG C 39 -50.33 22.44 43.95
C ARG C 39 -51.59 21.74 44.40
N LEU C 40 -52.31 21.12 43.47
CA LEU C 40 -53.58 20.47 43.72
C LEU C 40 -53.43 19.00 44.07
N ILE C 41 -52.21 18.53 44.32
CA ILE C 41 -52.03 17.11 44.58
C ILE C 41 -52.56 16.75 45.95
N ASN C 42 -52.22 17.55 46.96
CA ASN C 42 -52.58 17.21 48.32
C ASN C 42 -53.69 18.10 48.88
N VAL C 43 -54.50 18.70 48.01
CA VAL C 43 -55.81 19.20 48.37
C VAL C 43 -56.82 18.41 47.55
N SER C 44 -58.00 18.21 48.10
CA SER C 44 -58.92 17.27 47.47
C SER C 44 -60.15 17.95 46.92
N GLY C 45 -60.53 19.10 47.45
CA GLY C 45 -61.69 19.77 46.91
C GLY C 45 -61.33 20.57 45.70
N LYS C 46 -60.18 21.25 45.77
CA LYS C 46 -59.67 21.96 44.61
C LYS C 46 -59.35 21.00 43.48
N LEU C 47 -58.91 19.79 43.81
CA LEU C 47 -58.59 18.81 42.78
C LEU C 47 -59.85 18.23 42.17
N LEU C 48 -60.89 18.04 42.97
CA LEU C 48 -62.16 17.55 42.44
C LEU C 48 -62.81 18.57 41.54
N GLY C 49 -62.79 19.84 41.94
CA GLY C 49 -63.31 20.90 41.11
C GLY C 49 -62.54 21.08 39.82
N ALA C 50 -61.28 20.68 39.79
CA ALA C 50 -60.51 20.76 38.55
C ALA C 50 -60.87 19.63 37.61
N HIS C 51 -61.09 18.42 38.12
CA HIS C 51 -61.42 17.31 37.24
C HIS C 51 -62.84 17.41 36.71
N VAL C 52 -63.74 18.08 37.42
CA VAL C 52 -65.10 18.23 36.93
C VAL C 52 -65.21 19.47 36.03
N ALA C 53 -64.27 20.40 36.12
CA ALA C 53 -64.27 21.49 35.17
C ALA C 53 -63.70 21.08 33.82
N HIS C 54 -62.62 20.30 33.80
CA HIS C 54 -62.12 19.80 32.53
C HIS C 54 -63.08 18.80 31.91
N ALA C 55 -63.84 18.09 32.74
CA ALA C 55 -64.93 17.30 32.20
C ALA C 55 -66.02 18.19 31.64
N GLY C 56 -66.18 19.39 32.19
CA GLY C 56 -67.10 20.34 31.62
C GLY C 56 -66.65 20.89 30.29
N LEU C 57 -65.35 20.84 30.01
CA LEU C 57 -64.85 21.29 28.72
C LEU C 57 -64.91 20.22 27.66
N MET C 58 -64.73 18.95 28.04
CA MET C 58 -64.85 17.86 27.08
C MET C 58 -66.27 17.77 26.55
N VAL C 59 -67.27 17.92 27.44
CA VAL C 59 -68.67 17.93 27.04
C VAL C 59 -68.95 19.13 26.14
N PHE C 60 -68.53 20.31 26.60
CA PHE C 60 -68.83 21.57 25.94
C PHE C 60 -68.31 21.64 24.53
N TRP C 61 -67.15 21.05 24.28
CA TRP C 61 -66.65 21.00 22.92
C TRP C 61 -67.57 20.16 22.05
N ALA C 62 -67.96 18.99 22.53
CA ALA C 62 -68.71 18.06 21.69
C ALA C 62 -70.11 18.55 21.42
N GLY C 63 -70.70 19.32 22.33
CA GLY C 63 -71.96 19.93 22.01
C GLY C 63 -71.81 21.06 21.01
N ALA C 64 -70.79 21.90 21.21
CA ALA C 64 -70.61 23.06 20.36
C ALA C 64 -70.02 22.70 19.01
N MET C 65 -69.34 21.56 18.91
CA MET C 65 -68.82 21.19 17.61
C MET C 65 -69.90 20.61 16.73
N VAL C 66 -70.83 19.85 17.29
CA VAL C 66 -71.88 19.23 16.49
C VAL C 66 -72.86 20.27 15.98
N LEU C 67 -73.17 21.28 16.79
CA LEU C 67 -73.94 22.41 16.32
C LEU C 67 -73.21 23.15 15.21
N PHE C 68 -71.90 23.27 15.31
CA PHE C 68 -71.09 23.79 14.23
C PHE C 68 -71.09 22.86 13.03
N GLU C 69 -71.21 21.56 13.25
CA GLU C 69 -71.21 20.61 12.14
C GLU C 69 -72.58 20.46 11.52
N VAL C 70 -73.65 20.86 12.21
CA VAL C 70 -74.99 20.86 11.66
C VAL C 70 -75.25 22.10 10.83
N SER C 71 -74.81 23.25 11.32
CA SER C 71 -75.05 24.52 10.62
C SER C 71 -74.25 24.62 9.33
N HIS C 72 -73.25 23.77 9.12
CA HIS C 72 -72.55 23.78 7.85
C HIS C 72 -72.87 22.56 7.02
N PHE C 73 -73.95 21.85 7.34
CA PHE C 73 -74.28 20.65 6.59
C PHE C 73 -75.04 20.99 5.32
N VAL C 74 -74.65 20.35 4.22
CA VAL C 74 -75.28 20.52 2.92
C VAL C 74 -75.68 19.14 2.41
N PRO C 75 -76.91 18.92 1.97
CA PRO C 75 -77.31 17.57 1.55
C PRO C 75 -76.70 17.12 0.23
N GLU C 76 -76.12 18.03 -0.53
CA GLU C 76 -75.61 17.73 -1.86
C GLU C 76 -74.34 16.91 -1.78
N LYS C 77 -73.33 17.43 -1.11
CA LYS C 77 -72.07 16.72 -0.95
C LYS C 77 -72.25 15.53 -0.01
N PRO C 78 -71.41 14.51 -0.13
CA PRO C 78 -71.45 13.40 0.82
C PRO C 78 -71.03 13.82 2.21
N THR C 79 -71.08 12.84 3.10
CA THR C 79 -70.89 13.10 4.52
C THR C 79 -69.43 13.30 4.84
N TYR C 80 -68.55 12.72 4.03
CA TYR C 80 -67.12 12.83 4.27
C TYR C 80 -66.46 13.92 3.46
N GLU C 81 -67.08 14.37 2.37
CA GLU C 81 -66.50 15.46 1.61
C GLU C 81 -66.62 16.78 2.37
N GLN C 82 -67.64 16.90 3.22
CA GLN C 82 -67.88 18.13 3.95
C GLN C 82 -66.98 18.30 5.17
N GLY C 83 -66.13 17.33 5.45
CA GLY C 83 -65.13 17.47 6.50
C GLY C 83 -65.67 17.47 7.90
N PHE C 84 -66.55 16.53 8.25
CA PHE C 84 -67.01 16.41 9.61
C PHE C 84 -66.45 15.15 10.25
N ILE C 85 -66.33 15.19 11.58
CA ILE C 85 -65.83 14.06 12.34
C ILE C 85 -66.77 13.62 13.45
N LEU C 86 -67.68 14.46 13.94
CA LEU C 86 -68.51 14.04 15.04
C LEU C 86 -69.90 13.58 14.63
N ILE C 87 -70.51 14.17 13.60
CA ILE C 87 -71.80 13.66 13.16
C ILE C 87 -71.68 12.36 12.39
N GLN C 88 -70.49 11.84 12.21
CA GLN C 88 -70.34 10.53 11.63
C GLN C 88 -70.20 9.46 12.69
N HIS C 89 -69.98 9.83 13.96
CA HIS C 89 -70.08 8.84 15.01
C HIS C 89 -71.52 8.52 15.34
N LEU C 90 -72.38 9.53 15.29
CA LEU C 90 -73.79 9.30 15.59
C LEU C 90 -74.48 8.58 14.46
N ALA C 91 -73.98 8.72 13.23
CA ALA C 91 -74.54 7.96 12.13
C ALA C 91 -74.16 6.48 12.21
N THR C 92 -73.03 6.17 12.82
CA THR C 92 -72.75 4.77 13.11
C THR C 92 -73.68 4.21 14.16
N LEU C 93 -74.11 5.05 15.10
CA LEU C 93 -75.16 4.64 16.02
C LEU C 93 -76.48 4.48 15.29
N GLY C 94 -76.71 5.25 14.24
CA GLY C 94 -77.87 5.06 13.41
C GLY C 94 -78.85 6.20 13.41
N TYR C 95 -78.52 7.34 13.99
CA TYR C 95 -79.45 8.46 14.00
C TYR C 95 -79.37 9.20 12.69
N GLY C 96 -80.52 9.37 12.04
CA GLY C 96 -80.60 10.21 10.87
C GLY C 96 -79.94 9.65 9.63
N ILE C 97 -79.48 8.43 9.66
CA ILE C 97 -78.82 7.82 8.51
C ILE C 97 -79.86 7.02 7.74
N GLY C 98 -79.72 7.01 6.42
CA GLY C 98 -80.57 6.22 5.57
C GLY C 98 -79.81 5.06 4.98
N PRO C 99 -80.37 4.41 3.97
CA PRO C 99 -79.67 3.29 3.35
C PRO C 99 -78.54 3.77 2.46
N GLY C 100 -77.42 3.06 2.53
CA GLY C 100 -76.28 3.41 1.71
C GLY C 100 -75.49 4.59 2.19
N GLY C 101 -75.61 4.96 3.46
CA GLY C 101 -74.82 6.06 3.98
C GLY C 101 -75.35 7.43 3.66
N GLU C 102 -76.63 7.55 3.34
CA GLU C 102 -77.23 8.83 3.00
C GLU C 102 -77.87 9.42 4.25
N ILE C 103 -77.29 10.49 4.76
CA ILE C 103 -77.87 11.17 5.91
C ILE C 103 -79.13 11.89 5.49
N THR C 104 -80.23 11.61 6.20
CA THR C 104 -81.52 12.13 5.79
C THR C 104 -81.93 13.36 6.60
N SER C 105 -81.91 13.26 7.93
CA SER C 105 -82.75 14.14 8.73
C SER C 105 -82.00 15.36 9.23
N THR C 106 -80.97 15.15 10.04
CA THR C 106 -80.16 16.17 10.76
C THR C 106 -80.97 17.05 11.72
N VAL C 107 -82.21 16.68 12.01
CA VAL C 107 -82.79 17.11 13.27
C VAL C 107 -82.34 16.28 14.48
N PRO C 108 -82.04 14.95 14.43
CA PRO C 108 -81.55 14.33 15.67
C PRO C 108 -80.13 14.70 16.02
N TYR C 109 -79.31 15.14 15.06
CA TYR C 109 -77.97 15.59 15.38
C TYR C 109 -78.00 16.91 16.12
N PHE C 110 -79.01 17.74 15.83
CA PHE C 110 -79.19 18.96 16.59
C PHE C 110 -79.54 18.64 18.03
N ALA C 111 -80.28 17.57 18.25
CA ALA C 111 -80.74 17.26 19.59
C ALA C 111 -79.59 16.78 20.46
N VAL C 112 -78.66 16.01 19.90
CA VAL C 112 -77.55 15.50 20.68
C VAL C 112 -76.58 16.60 21.05
N GLY C 113 -76.30 17.51 20.12
CA GLY C 113 -75.40 18.60 20.41
C GLY C 113 -75.93 19.63 21.39
N VAL C 114 -77.22 19.61 21.69
CA VAL C 114 -77.70 20.49 22.74
C VAL C 114 -77.59 19.83 24.11
N ILE C 115 -77.78 18.51 24.20
CA ILE C 115 -77.70 17.86 25.50
C ILE C 115 -76.27 17.85 26.01
N HIS C 116 -75.30 17.64 25.11
CA HIS C 116 -73.89 17.81 25.42
C HIS C 116 -73.46 19.27 25.42
N LEU C 117 -74.36 20.22 25.47
CA LEU C 117 -74.00 21.61 25.62
C LEU C 117 -74.62 22.25 26.84
N ILE C 118 -75.89 21.94 27.09
CA ILE C 118 -76.56 22.36 28.31
C ILE C 118 -75.92 21.71 29.51
N SER C 119 -75.53 20.43 29.39
CA SER C 119 -75.00 19.70 30.53
C SER C 119 -73.62 20.19 30.93
N SER C 120 -72.88 20.77 30.00
CA SER C 120 -71.59 21.34 30.37
C SER C 120 -71.75 22.62 31.17
N ALA C 121 -72.91 23.26 31.13
CA ALA C 121 -73.13 24.39 32.01
C ALA C 121 -73.40 23.96 33.43
N ILE C 122 -73.81 22.71 33.63
CA ILE C 122 -73.96 22.16 34.97
C ILE C 122 -72.62 21.63 35.49
N LEU C 123 -71.93 20.85 34.66
CA LEU C 123 -70.56 20.43 34.96
C LEU C 123 -69.63 21.62 35.03
N GLY C 124 -69.93 22.69 34.31
CA GLY C 124 -69.21 23.93 34.51
C GLY C 124 -69.43 24.51 35.90
N PHE C 125 -70.66 24.45 36.40
CA PHE C 125 -70.92 25.04 37.70
C PHE C 125 -70.32 24.20 38.82
N GLY C 126 -70.17 22.90 38.62
CA GLY C 126 -69.47 22.10 39.61
C GLY C 126 -67.98 22.39 39.65
N GLY C 127 -67.40 22.72 38.50
CA GLY C 127 -66.00 23.10 38.47
C GLY C 127 -65.74 24.44 39.08
N ILE C 128 -66.70 25.35 39.00
CA ILE C 128 -66.51 26.65 39.60
C ILE C 128 -66.98 26.64 41.05
N TYR C 129 -67.85 25.70 41.43
CA TYR C 129 -68.20 25.63 42.85
C TYR C 129 -67.15 24.89 43.64
N HIS C 130 -66.84 23.66 43.26
CA HIS C 130 -66.00 22.79 44.08
C HIS C 130 -64.56 23.28 44.15
N SER C 131 -64.17 24.16 43.23
CA SER C 131 -62.78 24.59 43.22
C SER C 131 -62.64 26.04 43.71
N LEU C 132 -63.75 26.72 43.99
CA LEU C 132 -63.62 28.08 44.49
C LEU C 132 -64.36 28.28 45.81
N LEU C 133 -65.34 27.44 46.12
CA LEU C 133 -65.98 27.52 47.42
C LEU C 133 -65.93 26.24 48.21
N GLY C 134 -65.67 25.11 47.57
CA GLY C 134 -65.61 23.85 48.24
C GLY C 134 -64.45 23.81 49.21
N PRO C 135 -64.55 22.94 50.21
CA PRO C 135 -63.46 22.80 51.18
C PRO C 135 -62.22 22.26 50.47
N ASP C 136 -61.05 22.62 50.98
CA ASP C 136 -59.81 22.24 50.31
C ASP C 136 -59.59 20.73 50.37
N THR C 137 -59.93 20.12 51.49
CA THR C 137 -59.81 18.68 51.66
C THR C 137 -61.19 18.13 52.00
N LEU C 138 -61.58 17.06 51.32
CA LEU C 138 -62.86 16.44 51.65
C LEU C 138 -62.78 15.51 52.85
N GLU C 139 -61.57 15.17 53.30
CA GLU C 139 -61.43 14.14 54.32
C GLU C 139 -61.92 14.63 55.68
N GLU C 140 -61.96 15.95 55.87
CA GLU C 140 -62.43 16.49 57.14
C GLU C 140 -63.94 16.35 57.27
N SER C 141 -64.69 16.87 56.31
CA SER C 141 -66.14 16.95 56.46
C SER C 141 -66.86 15.75 55.86
N PHE C 142 -66.37 15.24 54.74
CA PHE C 142 -67.11 14.24 53.97
C PHE C 142 -66.32 12.94 53.95
N PRO C 143 -66.54 12.05 54.91
CA PRO C 143 -65.65 10.89 55.03
C PRO C 143 -65.86 9.86 53.96
N PHE C 144 -66.98 9.91 53.23
CA PHE C 144 -67.13 8.99 52.11
C PHE C 144 -66.29 9.42 50.93
N PHE C 145 -66.34 10.70 50.58
CA PHE C 145 -65.62 11.21 49.42
C PHE C 145 -64.18 11.54 49.71
N GLY C 146 -63.83 11.81 50.97
CA GLY C 146 -62.46 12.15 51.30
C GLY C 146 -61.56 10.94 51.16
N TYR C 147 -60.30 11.19 50.86
CA TYR C 147 -59.39 10.11 50.59
C TYR C 147 -57.97 10.54 50.93
N ASP C 148 -57.06 9.61 50.70
CA ASP C 148 -55.64 9.86 50.74
C ASP C 148 -55.03 9.04 49.61
N TRP C 149 -53.95 9.54 49.04
CA TRP C 149 -53.36 8.82 47.92
C TRP C 149 -52.62 7.59 48.40
N ARG C 150 -52.11 7.62 49.64
CA ARG C 150 -51.34 6.50 50.15
C ARG C 150 -52.23 5.36 50.61
N ASP C 151 -53.51 5.65 50.82
CA ASP C 151 -54.48 4.62 51.17
C ASP C 151 -54.68 3.69 49.99
N LYS C 152 -54.82 2.40 50.27
CA LYS C 152 -54.97 1.41 49.22
C LYS C 152 -56.33 0.74 49.23
N ASN C 153 -57.08 0.86 50.32
CA ASN C 153 -58.45 0.35 50.32
C ASN C 153 -59.38 1.33 49.65
N LYS C 154 -59.15 2.64 49.84
CA LYS C 154 -60.04 3.62 49.24
C LYS C 154 -59.80 3.73 47.76
N MET C 155 -58.55 3.64 47.32
CA MET C 155 -58.23 3.86 45.91
C MET C 155 -58.75 2.74 45.04
N THR C 156 -58.80 1.52 45.55
CA THR C 156 -59.43 0.45 44.78
C THR C 156 -60.95 0.57 44.79
N THR C 157 -61.51 1.26 45.77
CA THR C 157 -62.94 1.54 45.76
C THR C 157 -63.28 2.62 44.74
N ILE C 158 -62.45 3.66 44.65
CA ILE C 158 -62.65 4.69 43.63
C ILE C 158 -62.48 4.09 42.26
N LEU C 159 -61.51 3.19 42.11
CA LEU C 159 -61.37 2.43 40.88
C LEU C 159 -62.57 1.51 40.65
N GLY C 160 -63.14 0.99 41.74
CA GLY C 160 -64.24 0.04 41.57
C GLY C 160 -65.54 0.70 41.20
N ILE C 161 -65.84 1.85 41.78
CA ILE C 161 -67.06 2.58 41.47
C ILE C 161 -67.02 3.05 40.02
N HIS C 162 -65.88 3.57 39.60
CA HIS C 162 -65.70 4.09 38.26
C HIS C 162 -65.38 2.99 37.24
N LEU C 163 -65.32 1.73 37.64
CA LEU C 163 -65.32 0.62 36.69
C LEU C 163 -66.70 0.04 36.43
N CYS C 164 -67.60 0.09 37.40
CA CYS C 164 -68.95 -0.40 37.15
C CYS C 164 -69.71 0.55 36.23
N LEU C 165 -69.32 1.82 36.19
CA LEU C 165 -69.90 2.72 35.22
C LEU C 165 -69.42 2.43 33.82
N LEU C 166 -68.17 2.03 33.67
CA LEU C 166 -67.69 1.65 32.35
C LEU C 166 -68.23 0.29 31.92
N GLY C 167 -68.75 -0.49 32.85
CA GLY C 167 -69.47 -1.69 32.48
C GLY C 167 -70.84 -1.31 31.98
N LEU C 168 -71.53 -0.44 32.71
CA LEU C 168 -72.87 -0.01 32.31
C LEU C 168 -72.86 0.78 31.02
N GLY C 169 -71.81 1.58 30.79
CA GLY C 169 -71.72 2.32 29.55
C GLY C 169 -71.47 1.45 28.36
N SER C 170 -70.90 0.27 28.57
CA SER C 170 -70.74 -0.66 27.47
C SER C 170 -72.02 -1.38 27.14
N PHE C 171 -72.92 -1.53 28.09
CA PHE C 171 -74.18 -2.17 27.77
C PHE C 171 -75.15 -1.23 27.08
N LEU C 172 -74.96 0.08 27.21
CA LEU C 172 -75.78 1.02 26.47
C LEU C 172 -75.57 0.89 24.97
N LEU C 173 -74.37 0.53 24.54
CA LEU C 173 -74.19 0.20 23.14
C LEU C 173 -74.95 -1.07 22.80
N VAL C 174 -74.96 -2.03 23.71
CA VAL C 174 -75.59 -3.32 23.45
C VAL C 174 -77.09 -3.22 23.50
N ILE C 175 -77.63 -2.45 24.46
CA ILE C 175 -79.06 -2.19 24.52
C ILE C 175 -79.52 -1.44 23.28
N LYS C 176 -78.71 -0.50 22.81
CA LYS C 176 -79.13 0.29 21.66
C LYS C 176 -79.04 -0.50 20.37
N ALA C 177 -78.11 -1.45 20.28
CA ALA C 177 -77.95 -2.21 19.06
C ALA C 177 -78.85 -3.43 19.00
N MET C 178 -79.52 -3.78 20.08
CA MET C 178 -80.40 -4.93 20.09
C MET C 178 -81.84 -4.53 20.31
N TYR C 179 -82.09 -3.43 21.01
CA TYR C 179 -83.45 -3.03 21.35
C TYR C 179 -83.82 -1.65 20.86
N LEU C 180 -82.98 -0.64 21.12
CA LEU C 180 -83.37 0.75 20.87
C LEU C 180 -82.86 1.19 19.50
N GLY C 181 -83.62 0.83 18.47
CA GLY C 181 -83.35 1.33 17.14
C GLY C 181 -82.39 0.54 16.28
N GLY C 182 -81.29 0.08 16.85
CA GLY C 182 -80.29 -0.64 16.10
C GLY C 182 -79.15 0.27 15.68
N VAL C 183 -78.13 -0.33 15.09
CA VAL C 183 -76.94 0.38 14.65
C VAL C 183 -76.76 0.19 13.16
N TYR C 184 -75.84 0.97 12.60
CA TYR C 184 -75.60 0.97 11.17
C TYR C 184 -74.60 -0.13 10.83
N ASP C 185 -75.06 -1.17 10.17
CA ASP C 185 -74.19 -2.22 9.66
C ASP C 185 -73.93 -1.92 8.20
N THR C 186 -72.66 -1.77 7.84
CA THR C 186 -72.31 -1.58 6.44
C THR C 186 -72.26 -2.91 5.70
N TRP C 187 -72.28 -4.02 6.45
CA TRP C 187 -72.26 -5.34 5.82
C TRP C 187 -73.64 -5.92 5.71
N ALA C 188 -74.67 -5.14 6.06
CA ALA C 188 -76.06 -5.57 6.11
C ALA C 188 -76.51 -6.02 4.73
N PRO C 189 -77.16 -7.18 4.64
CA PRO C 189 -77.49 -7.74 3.33
C PRO C 189 -78.56 -6.93 2.63
N GLY C 190 -78.30 -6.57 1.40
CA GLY C 190 -79.17 -5.66 0.70
C GLY C 190 -78.70 -4.23 0.69
N GLY C 191 -77.60 -3.92 1.36
CA GLY C 191 -77.12 -2.57 1.48
C GLY C 191 -76.94 -2.16 2.92
N GLY C 192 -76.12 -1.13 3.13
CA GLY C 192 -75.86 -0.66 4.47
C GLY C 192 -77.08 0.07 5.03
N ASP C 193 -77.57 -0.40 6.17
CA ASP C 193 -78.77 0.18 6.75
C ASP C 193 -78.76 -0.08 8.24
N VAL C 194 -79.61 0.64 8.96
CA VAL C 194 -79.77 0.42 10.39
C VAL C 194 -80.36 -0.96 10.63
N ARG C 195 -79.59 -1.81 11.30
CA ARG C 195 -79.92 -3.21 11.48
C ARG C 195 -79.91 -3.53 12.97
N TYR C 196 -80.97 -4.15 13.45
CA TYR C 196 -80.94 -4.69 14.80
C TYR C 196 -79.97 -5.86 14.86
N ILE C 197 -79.09 -5.85 15.86
CA ILE C 197 -78.22 -6.97 16.11
C ILE C 197 -79.07 -8.00 16.84
N THR C 198 -79.52 -9.01 16.11
CA THR C 198 -80.37 -10.03 16.71
C THR C 198 -79.55 -10.99 17.55
N THR C 199 -78.56 -11.64 16.93
CA THR C 199 -77.78 -12.71 17.54
C THR C 199 -76.33 -12.31 17.60
N PRO C 200 -75.89 -11.65 18.67
CA PRO C 200 -74.48 -11.29 18.78
C PRO C 200 -73.64 -12.51 19.11
N THR C 201 -72.34 -12.39 18.85
CA THR C 201 -71.42 -13.49 19.04
C THR C 201 -70.93 -13.48 20.48
N LEU C 202 -71.14 -14.59 21.19
CA LEU C 202 -70.74 -14.68 22.58
C LEU C 202 -69.71 -15.77 22.81
N ASN C 203 -68.91 -16.07 21.80
CA ASN C 203 -67.94 -17.13 21.92
C ASN C 203 -66.62 -16.55 22.40
N PRO C 204 -66.12 -16.95 23.56
CA PRO C 204 -64.83 -16.40 24.02
C PRO C 204 -63.64 -16.87 23.20
N ILE C 205 -63.78 -17.95 22.43
CA ILE C 205 -62.71 -18.32 21.52
C ILE C 205 -62.67 -17.36 20.35
N VAL C 206 -63.81 -16.76 20.01
CA VAL C 206 -63.88 -15.79 18.94
C VAL C 206 -63.66 -14.38 19.43
N ILE C 207 -64.28 -14.02 20.55
CA ILE C 207 -64.21 -12.64 21.05
C ILE C 207 -62.83 -12.35 21.61
N PHE C 208 -62.33 -13.19 22.49
CA PHE C 208 -60.93 -13.10 22.87
C PHE C 208 -60.01 -13.69 21.82
N GLY C 209 -60.56 -14.19 20.72
CA GLY C 209 -59.74 -14.49 19.56
C GLY C 209 -59.05 -13.27 19.02
N TYR C 210 -59.74 -12.12 19.00
CA TYR C 210 -59.14 -10.89 18.49
C TYR C 210 -58.02 -10.41 19.38
N VAL C 211 -58.22 -10.46 20.69
CA VAL C 211 -57.33 -9.78 21.64
C VAL C 211 -55.97 -10.47 21.67
N PHE C 212 -55.91 -11.73 21.26
CA PHE C 212 -54.63 -12.42 21.22
C PHE C 212 -54.19 -12.76 19.80
N ARG C 213 -54.48 -11.90 18.83
CA ARG C 213 -53.92 -12.05 17.50
C ARG C 213 -52.60 -11.30 17.40
N SER C 214 -51.91 -11.53 16.30
CA SER C 214 -50.76 -10.71 15.97
C SER C 214 -51.23 -9.31 15.62
N PRO C 215 -50.44 -8.28 15.94
CA PRO C 215 -50.79 -6.93 15.51
C PRO C 215 -50.32 -6.60 14.10
N PHE C 216 -49.68 -7.52 13.42
CA PHE C 216 -49.06 -7.21 12.14
C PHE C 216 -50.08 -7.36 11.02
N GLY C 217 -49.59 -7.37 9.79
CA GLY C 217 -50.48 -7.42 8.65
C GLY C 217 -51.17 -8.77 8.56
N GLY C 218 -52.38 -8.76 8.04
CA GLY C 218 -53.20 -9.94 7.93
C GLY C 218 -53.97 -10.31 9.17
N ASP C 219 -53.35 -10.20 10.34
CA ASP C 219 -54.07 -10.46 11.56
C ASP C 219 -54.65 -9.15 12.08
N GLY C 220 -53.81 -8.18 12.40
CA GLY C 220 -54.35 -6.87 12.69
C GLY C 220 -55.11 -6.78 14.00
N TRP C 221 -54.39 -6.73 15.11
CA TRP C 221 -54.76 -7.21 16.44
C TRP C 221 -56.22 -7.04 16.87
N VAL C 222 -56.67 -5.81 17.05
CA VAL C 222 -58.04 -5.60 17.46
C VAL C 222 -58.77 -4.71 16.45
N VAL C 223 -58.04 -4.21 15.44
CA VAL C 223 -58.64 -3.42 14.38
C VAL C 223 -59.49 -4.25 13.46
N SER C 224 -59.18 -5.53 13.34
CA SER C 224 -59.71 -6.35 12.27
C SER C 224 -61.04 -6.99 12.59
N VAL C 225 -61.81 -6.44 13.51
CA VAL C 225 -63.15 -6.94 13.71
C VAL C 225 -64.00 -6.54 12.50
N ASN C 226 -64.61 -7.53 11.87
CA ASN C 226 -65.13 -7.33 10.52
C ASN C 226 -66.64 -7.53 10.38
N ASN C 227 -67.38 -7.62 11.48
CA ASN C 227 -68.83 -7.55 11.40
C ASN C 227 -69.36 -6.97 12.69
N MET C 228 -70.60 -6.50 12.65
CA MET C 228 -71.18 -5.88 13.82
C MET C 228 -71.61 -6.89 14.87
N GLU C 229 -71.64 -8.18 14.53
CA GLU C 229 -71.96 -9.18 15.55
C GLU C 229 -70.79 -9.37 16.50
N ASP C 230 -69.57 -9.20 16.02
CA ASP C 230 -68.43 -9.29 16.91
C ASP C 230 -68.21 -7.99 17.67
N VAL C 231 -68.63 -6.86 17.10
CA VAL C 231 -68.54 -5.59 17.81
C VAL C 231 -69.52 -5.58 18.98
N ILE C 232 -70.79 -5.83 18.69
CA ILE C 232 -71.82 -5.76 19.73
C ILE C 232 -71.73 -6.96 20.65
N GLY C 233 -71.33 -8.11 20.11
CA GLY C 233 -71.04 -9.24 20.97
C GLY C 233 -69.80 -9.04 21.80
N GLY C 234 -68.88 -8.20 21.33
CA GLY C 234 -67.68 -7.94 22.09
C GLY C 234 -67.89 -6.95 23.21
N HIS C 235 -68.74 -5.95 23.00
CA HIS C 235 -69.03 -4.98 24.06
C HIS C 235 -69.88 -5.56 25.16
N ILE C 236 -70.42 -6.77 24.95
CA ILE C 236 -71.04 -7.50 26.05
C ILE C 236 -69.98 -7.99 27.02
N TRP C 237 -68.92 -8.63 26.50
CA TRP C 237 -67.87 -9.17 27.35
C TRP C 237 -67.12 -8.08 28.07
N VAL C 238 -67.06 -6.88 27.49
CA VAL C 238 -66.46 -5.74 28.17
C VAL C 238 -67.32 -5.34 29.36
N GLY C 239 -68.63 -5.37 29.19
CA GLY C 239 -69.51 -5.05 30.29
C GLY C 239 -69.53 -6.14 31.35
N ILE C 240 -69.26 -7.37 30.97
CA ILE C 240 -69.15 -8.45 31.95
C ILE C 240 -67.88 -8.27 32.78
N LEU C 241 -66.76 -8.00 32.12
CA LEU C 241 -65.49 -7.87 32.82
C LEU C 241 -65.46 -6.63 33.70
N CYS C 242 -65.91 -5.49 33.17
CA CYS C 242 -65.81 -4.24 33.91
C CYS C 242 -66.76 -4.18 35.08
N ILE C 243 -67.78 -5.03 35.13
CA ILE C 243 -68.63 -5.08 36.31
C ILE C 243 -68.10 -6.07 37.33
N THR C 244 -67.68 -7.26 36.89
CA THR C 244 -67.08 -8.20 37.84
C THR C 244 -65.76 -7.68 38.37
N GLY C 245 -64.94 -7.08 37.52
CA GLY C 245 -63.74 -6.43 38.01
C GLY C 245 -63.99 -5.14 38.74
N GLY C 246 -65.15 -4.52 38.51
CA GLY C 246 -65.53 -3.38 39.33
C GLY C 246 -65.90 -3.83 40.72
N ILE C 247 -66.64 -4.93 40.84
CA ILE C 247 -67.01 -5.47 42.13
C ILE C 247 -65.79 -6.11 42.80
N TRP C 248 -64.87 -6.66 42.01
CA TRP C 248 -63.66 -7.24 42.55
C TRP C 248 -62.81 -6.21 43.27
N HIS C 249 -62.65 -5.03 42.69
CA HIS C 249 -61.81 -4.05 43.32
C HIS C 249 -62.54 -3.23 44.37
N ILE C 250 -63.86 -3.32 44.46
CA ILE C 250 -64.53 -2.71 45.61
C ILE C 250 -64.33 -3.55 46.85
N PHE C 251 -64.57 -4.86 46.74
CA PHE C 251 -64.49 -5.73 47.90
C PHE C 251 -63.06 -5.93 48.35
N THR C 252 -62.20 -6.31 47.44
CA THR C 252 -60.87 -6.72 47.81
C THR C 252 -59.96 -5.51 48.00
N LYS C 253 -58.74 -5.80 48.24
CA LYS C 253 -57.55 -5.11 48.63
C LYS C 253 -56.38 -5.67 47.83
N PRO C 254 -55.42 -4.85 47.43
CA PRO C 254 -54.32 -5.35 46.60
C PRO C 254 -53.48 -6.40 47.29
N PHE C 255 -53.09 -7.42 46.52
CA PHE C 255 -52.41 -8.58 47.05
C PHE C 255 -50.98 -8.25 47.46
N ALA C 256 -50.27 -9.30 47.89
CA ALA C 256 -48.90 -9.12 48.35
C ALA C 256 -47.98 -8.73 47.21
N TRP C 257 -48.17 -9.30 46.04
CA TRP C 257 -47.29 -8.97 44.92
C TRP C 257 -47.66 -7.63 44.32
N ALA C 258 -48.90 -7.20 44.48
CA ALA C 258 -49.29 -5.93 43.89
C ALA C 258 -48.90 -4.76 44.78
N ARG C 259 -48.70 -5.02 46.07
CA ARG C 259 -48.25 -3.95 46.95
C ARG C 259 -46.75 -3.74 46.86
N ARG C 260 -46.03 -4.71 46.31
CA ARG C 260 -44.58 -4.59 46.23
C ARG C 260 -44.14 -3.98 44.92
N ALA C 261 -45.02 -3.98 43.91
CA ALA C 261 -44.59 -3.59 42.57
C ALA C 261 -44.91 -2.15 42.27
N PHE C 262 -45.86 -1.57 42.98
CA PHE C 262 -46.33 -0.25 42.61
C PHE C 262 -45.80 0.82 43.54
N VAL C 263 -46.05 2.05 43.15
CA VAL C 263 -45.84 3.21 44.01
C VAL C 263 -47.21 3.78 44.32
N TRP C 264 -47.53 3.86 45.60
CA TRP C 264 -48.86 4.27 46.02
C TRP C 264 -48.74 5.73 46.40
N SER C 265 -48.81 6.59 45.40
CA SER C 265 -48.77 8.02 45.61
C SER C 265 -49.70 8.69 44.62
N GLY C 266 -49.73 10.02 44.67
CA GLY C 266 -50.69 10.75 43.85
C GLY C 266 -50.30 10.78 42.39
N GLU C 267 -49.04 11.13 42.10
CA GLU C 267 -48.62 11.25 40.72
C GLU C 267 -48.41 9.90 40.08
N ALA C 268 -48.17 8.86 40.86
CA ALA C 268 -47.94 7.56 40.27
C ALA C 268 -49.20 7.00 39.65
N TYR C 269 -50.36 7.37 40.15
CA TYR C 269 -51.58 6.85 39.56
C TYR C 269 -51.85 7.57 38.26
N LEU C 270 -51.41 8.83 38.18
CA LEU C 270 -51.54 9.62 36.97
C LEU C 270 -50.63 9.08 35.88
N SER C 271 -49.48 8.55 36.22
CA SER C 271 -48.62 8.01 35.18
C SER C 271 -48.96 6.59 34.83
N TYR C 272 -49.87 5.98 35.56
CA TYR C 272 -50.41 4.69 35.17
C TYR C 272 -51.47 4.89 34.11
N SER C 273 -52.27 5.93 34.26
CA SER C 273 -53.32 6.21 33.29
C SER C 273 -52.72 6.65 31.97
N LEU C 274 -51.73 7.53 32.02
CA LEU C 274 -51.12 8.08 30.82
C LEU C 274 -50.41 7.03 29.98
N ALA C 275 -50.02 5.93 30.57
CA ALA C 275 -49.53 4.83 29.77
C ALA C 275 -50.66 4.10 29.08
N ALA C 276 -51.78 3.90 29.79
CA ALA C 276 -52.89 3.16 29.22
C ALA C 276 -53.70 3.99 28.26
N ILE C 277 -53.79 5.30 28.49
CA ILE C 277 -54.57 6.15 27.59
C ILE C 277 -53.81 6.32 26.29
N SER C 278 -52.49 6.20 26.32
CA SER C 278 -51.73 6.17 25.09
C SER C 278 -51.94 4.87 24.31
N LEU C 279 -52.18 3.76 25.00
CA LEU C 279 -52.55 2.52 24.30
C LEU C 279 -53.86 2.69 23.57
N MET C 280 -54.82 3.34 24.20
CA MET C 280 -56.10 3.58 23.56
C MET C 280 -55.97 4.66 22.51
N GLY C 281 -54.99 5.55 22.68
CA GLY C 281 -54.79 6.61 21.71
C GLY C 281 -54.25 6.10 20.39
N PHE C 282 -53.31 5.18 20.41
CA PHE C 282 -52.81 4.64 19.14
C PHE C 282 -53.86 3.77 18.48
N THR C 283 -54.65 3.06 19.27
CA THR C 283 -55.52 2.04 18.72
C THR C 283 -56.74 2.67 18.05
N ALA C 284 -57.27 3.75 18.62
CA ALA C 284 -58.32 4.50 17.94
C ALA C 284 -57.79 5.21 16.71
N ALA C 285 -56.50 5.51 16.70
CA ALA C 285 -55.89 6.11 15.52
C ALA C 285 -55.55 5.06 14.47
N LEU C 286 -55.61 3.78 14.82
CA LEU C 286 -55.40 2.75 13.83
C LEU C 286 -56.70 2.07 13.43
N TYR C 287 -57.75 2.23 14.23
CA TYR C 287 -59.09 1.89 13.77
C TYR C 287 -59.49 2.75 12.60
N SER C 288 -59.15 4.02 12.67
CA SER C 288 -59.68 4.97 11.71
C SER C 288 -58.97 4.84 10.36
N TRP C 289 -57.83 4.16 10.34
CA TRP C 289 -57.11 4.01 9.09
C TRP C 289 -57.48 2.71 8.37
N TYR C 290 -57.73 1.64 9.11
CA TYR C 290 -57.94 0.36 8.47
C TYR C 290 -59.37 -0.14 8.53
N ASN C 291 -60.06 0.09 9.63
CA ASN C 291 -61.34 -0.57 9.86
C ASN C 291 -62.42 0.12 9.06
N ASN C 292 -63.22 -0.67 8.33
CA ASN C 292 -64.31 -0.14 7.54
C ASN C 292 -65.64 -0.72 8.01
N THR C 293 -65.67 -1.20 9.25
CA THR C 293 -66.86 -1.80 9.83
C THR C 293 -67.41 -0.93 10.95
N ALA C 294 -66.57 -0.59 11.92
CA ALA C 294 -66.97 0.39 12.92
C ALA C 294 -66.96 1.78 12.33
N TYR C 295 -66.20 1.98 11.26
CA TYR C 295 -66.10 3.25 10.57
C TYR C 295 -66.48 3.02 9.13
N PRO C 296 -67.75 3.13 8.77
CA PRO C 296 -68.17 2.75 7.42
C PRO C 296 -67.63 3.69 6.37
N SER C 297 -67.24 3.14 5.23
CA SER C 297 -66.66 3.93 4.15
C SER C 297 -67.70 4.86 3.53
N GLU C 298 -68.97 4.55 3.73
CA GLU C 298 -70.04 5.44 3.33
C GLU C 298 -70.06 6.73 4.13
N LEU C 299 -69.48 6.72 5.32
CA LEU C 299 -69.50 7.85 6.21
C LEU C 299 -68.15 8.54 6.36
N TYR C 300 -67.11 7.77 6.61
CA TYR C 300 -65.79 8.33 6.86
C TYR C 300 -64.96 8.44 5.59
N GLY C 301 -65.47 8.01 4.46
CA GLY C 301 -64.68 7.96 3.26
C GLY C 301 -63.93 6.65 3.18
N PRO C 302 -63.32 6.37 2.03
CA PRO C 302 -62.63 5.10 1.86
C PRO C 302 -61.35 5.09 2.66
N THR C 303 -60.92 3.88 3.03
CA THR C 303 -59.73 3.77 3.84
C THR C 303 -58.50 3.95 2.95
N GLY C 304 -57.34 3.97 3.58
CA GLY C 304 -56.09 3.84 2.88
C GLY C 304 -55.98 2.62 1.98
N PRO C 305 -56.21 1.42 2.53
CA PRO C 305 -56.27 0.23 1.68
C PRO C 305 -57.41 0.21 0.67
N GLU C 306 -58.53 0.85 0.96
CA GLU C 306 -59.69 0.66 0.10
C GLU C 306 -59.57 1.48 -1.17
N ALA C 307 -58.99 2.68 -1.08
CA ALA C 307 -58.81 3.52 -2.25
C ALA C 307 -57.69 3.04 -3.15
N SER C 308 -56.84 2.16 -2.66
CA SER C 308 -55.82 1.56 -3.52
C SER C 308 -56.39 0.43 -4.36
N GLN C 309 -57.38 -0.28 -3.85
CA GLN C 309 -58.06 -1.35 -4.58
C GLN C 309 -59.12 -0.82 -5.52
N ALA C 310 -59.73 0.31 -5.19
CA ALA C 310 -60.77 0.88 -6.04
C ALA C 310 -60.20 1.43 -7.31
N GLN C 311 -58.93 1.82 -7.32
CA GLN C 311 -58.29 2.26 -8.55
C GLN C 311 -58.08 1.09 -9.50
N ALA C 312 -57.54 -0.01 -8.98
CA ALA C 312 -57.25 -1.17 -9.82
C ALA C 312 -58.52 -1.83 -10.31
N PHE C 313 -59.61 -1.67 -9.57
CA PHE C 313 -60.88 -2.24 -10.02
C PHE C 313 -61.52 -1.37 -11.08
N THR C 314 -61.27 -0.07 -11.05
CA THR C 314 -61.88 0.82 -12.02
C THR C 314 -61.29 0.62 -13.39
N PHE C 315 -59.96 0.51 -13.47
CA PHE C 315 -59.33 0.28 -14.76
C PHE C 315 -59.48 -1.17 -15.19
N LEU C 316 -59.84 -2.05 -14.26
CA LEU C 316 -60.27 -3.39 -14.63
C LEU C 316 -61.57 -3.34 -15.41
N VAL C 317 -62.53 -2.55 -14.95
CA VAL C 317 -63.79 -2.39 -15.67
C VAL C 317 -63.56 -1.66 -16.99
N ARG C 318 -62.62 -0.70 -16.99
CA ARG C 318 -62.40 0.15 -18.15
C ARG C 318 -61.88 -0.65 -19.33
N ASP C 319 -60.89 -1.52 -19.09
CA ASP C 319 -60.27 -2.24 -20.20
C ASP C 319 -60.97 -3.56 -20.46
N GLN C 320 -61.90 -3.96 -19.62
CA GLN C 320 -62.73 -5.12 -19.94
C GLN C 320 -63.76 -4.76 -21.01
N ARG C 321 -64.11 -3.48 -21.09
CA ARG C 321 -65.06 -3.04 -22.12
C ARG C 321 -64.38 -2.94 -23.47
N LEU C 322 -63.06 -2.99 -23.51
CA LEU C 322 -62.34 -2.95 -24.77
C LEU C 322 -62.08 -4.36 -25.27
N GLY C 323 -62.78 -5.34 -24.73
CA GLY C 323 -62.65 -6.71 -25.21
C GLY C 323 -61.35 -7.37 -24.82
N ALA C 324 -60.71 -6.89 -23.77
CA ALA C 324 -59.41 -7.42 -23.35
C ALA C 324 -59.64 -8.50 -22.31
N ASN C 325 -59.00 -9.65 -22.53
CA ASN C 325 -58.92 -10.65 -21.49
C ASN C 325 -58.04 -10.15 -20.36
N VAL C 326 -58.66 -9.86 -19.22
CA VAL C 326 -57.91 -9.26 -18.13
C VAL C 326 -57.17 -10.27 -17.28
N SER C 327 -57.53 -11.55 -17.35
CA SER C 327 -56.81 -12.56 -16.59
C SER C 327 -55.45 -12.84 -17.23
N SER C 328 -55.43 -13.03 -18.54
CA SER C 328 -54.22 -13.33 -19.27
C SER C 328 -53.46 -12.09 -19.71
N ALA C 329 -53.91 -10.91 -19.29
CA ALA C 329 -53.24 -9.66 -19.65
C ALA C 329 -51.91 -9.59 -18.92
N GLN C 330 -50.83 -9.84 -19.65
CA GLN C 330 -49.51 -9.87 -19.04
C GLN C 330 -49.05 -8.46 -18.72
N GLY C 331 -48.67 -8.26 -17.47
CA GLY C 331 -48.23 -6.97 -17.01
C GLY C 331 -46.86 -6.61 -17.53
N PRO C 332 -46.46 -5.36 -17.32
CA PRO C 332 -45.17 -4.91 -17.86
C PRO C 332 -43.97 -5.51 -17.15
N THR C 333 -44.12 -5.86 -15.89
CA THR C 333 -43.06 -6.52 -15.12
C THR C 333 -43.03 -8.02 -15.32
N GLY C 334 -44.03 -8.58 -16.00
CA GLY C 334 -44.20 -10.01 -16.08
C GLY C 334 -45.24 -10.57 -15.13
N LEU C 335 -45.72 -9.77 -14.20
CA LEU C 335 -46.77 -10.18 -13.29
C LEU C 335 -48.13 -9.92 -13.93
N GLY C 336 -49.19 -10.00 -13.13
CA GLY C 336 -50.51 -9.67 -13.62
C GLY C 336 -50.69 -8.18 -13.66
N LYS C 337 -51.16 -7.67 -14.81
CA LYS C 337 -51.49 -6.26 -14.87
C LYS C 337 -52.73 -5.97 -14.07
N TYR C 338 -53.69 -6.89 -14.08
CA TYR C 338 -54.94 -6.72 -13.36
C TYR C 338 -55.13 -7.74 -12.25
N LEU C 339 -55.06 -9.02 -12.59
CA LEU C 339 -55.23 -10.08 -11.61
C LEU C 339 -53.92 -10.83 -11.48
N MET C 340 -53.44 -10.94 -10.27
CA MET C 340 -52.26 -11.73 -9.98
C MET C 340 -52.59 -12.59 -8.77
N ARG C 341 -51.57 -13.22 -8.21
CA ARG C 341 -51.77 -14.18 -7.13
C ARG C 341 -50.94 -13.77 -5.94
N SER C 342 -51.58 -13.72 -4.78
CA SER C 342 -51.01 -13.29 -3.51
C SER C 342 -49.97 -14.30 -3.03
N PRO C 343 -49.10 -13.96 -2.07
CA PRO C 343 -48.14 -14.97 -1.58
C PRO C 343 -48.75 -16.07 -0.73
N SER C 344 -50.05 -16.04 -0.50
CA SER C 344 -50.73 -17.18 0.10
C SER C 344 -51.56 -17.94 -0.92
N GLY C 345 -51.70 -17.42 -2.13
CA GLY C 345 -52.31 -18.15 -3.22
C GLY C 345 -53.58 -17.55 -3.77
N GLU C 346 -54.03 -16.42 -3.25
CA GLU C 346 -55.35 -15.92 -3.60
C GLU C 346 -55.28 -14.99 -4.79
N ILE C 347 -56.36 -14.95 -5.56
CA ILE C 347 -56.42 -14.05 -6.72
C ILE C 347 -56.71 -12.65 -6.25
N ILE C 348 -55.79 -11.73 -6.52
CA ILE C 348 -55.86 -10.36 -5.99
C ILE C 348 -55.71 -9.37 -7.13
N PHE C 349 -55.71 -8.07 -6.81
CA PHE C 349 -55.43 -7.04 -7.79
C PHE C 349 -53.93 -6.78 -7.83
N GLY C 350 -53.43 -6.36 -8.99
CA GLY C 350 -52.00 -6.21 -9.20
C GLY C 350 -51.56 -4.75 -9.34
N GLY C 351 -50.28 -4.49 -9.03
CA GLY C 351 -49.74 -3.15 -9.07
C GLY C 351 -48.96 -2.84 -7.80
N GLU C 352 -48.92 -1.58 -7.35
CA GLU C 352 -48.60 -1.35 -5.95
C GLU C 352 -49.75 -1.72 -5.04
N THR C 353 -50.92 -2.06 -5.58
CA THR C 353 -52.02 -2.48 -4.74
C THR C 353 -51.92 -3.92 -4.30
N MET C 354 -50.83 -4.63 -4.61
CA MET C 354 -50.69 -6.00 -4.15
C MET C 354 -50.34 -6.07 -2.67
N ARG C 355 -49.97 -4.95 -2.06
CA ARG C 355 -49.69 -4.97 -0.64
C ARG C 355 -50.99 -5.00 0.16
N PHE C 356 -52.05 -4.41 -0.37
CA PHE C 356 -53.32 -4.35 0.33
C PHE C 356 -54.25 -5.43 -0.20
N TRP C 357 -53.79 -6.66 -0.11
CA TRP C 357 -54.62 -7.75 -0.60
C TRP C 357 -55.56 -8.30 0.44
N ASP C 358 -55.50 -7.79 1.67
CA ASP C 358 -56.42 -8.15 2.73
C ASP C 358 -57.64 -7.24 2.75
N LEU C 359 -57.83 -6.42 1.73
CA LEU C 359 -58.90 -5.44 1.77
C LEU C 359 -60.23 -6.13 1.61
N ARG C 360 -61.00 -6.12 2.69
CA ARG C 360 -62.32 -6.71 2.75
C ARG C 360 -63.31 -5.56 2.85
N ALA C 361 -64.03 -5.30 1.77
CA ALA C 361 -64.90 -4.15 1.67
C ALA C 361 -66.25 -4.59 1.13
N PRO C 362 -67.35 -3.93 1.53
CA PRO C 362 -68.68 -4.40 1.12
C PRO C 362 -68.99 -4.28 -0.36
N TRP C 363 -68.14 -3.60 -1.13
CA TRP C 363 -68.40 -3.52 -2.56
C TRP C 363 -67.48 -4.45 -3.34
N VAL C 364 -66.50 -5.07 -2.68
CA VAL C 364 -65.66 -6.04 -3.36
C VAL C 364 -65.96 -7.46 -2.91
N GLU C 365 -66.47 -7.63 -1.70
CA GLU C 365 -66.86 -8.96 -1.21
C GLU C 365 -68.00 -9.64 -1.98
N PRO C 366 -68.87 -8.95 -2.72
CA PRO C 366 -69.68 -9.68 -3.71
C PRO C 366 -68.89 -10.41 -4.79
N LEU C 367 -67.63 -10.10 -5.01
CA LEU C 367 -66.86 -10.75 -6.06
C LEU C 367 -65.87 -11.77 -5.52
N ARG C 368 -66.01 -12.19 -4.27
CA ARG C 368 -65.06 -13.13 -3.69
C ARG C 368 -65.49 -14.56 -3.96
N GLY C 369 -64.62 -15.49 -3.63
CA GLY C 369 -64.94 -16.90 -3.61
C GLY C 369 -64.17 -17.54 -2.49
N PRO C 370 -63.91 -18.81 -2.59
CA PRO C 370 -62.94 -19.41 -1.67
C PRO C 370 -61.54 -19.00 -2.07
N ASN C 371 -61.30 -19.00 -3.38
CA ASN C 371 -59.95 -18.74 -3.89
C ASN C 371 -59.62 -17.26 -3.86
N GLY C 372 -60.61 -16.41 -4.01
CA GLY C 372 -60.35 -15.00 -4.08
C GLY C 372 -61.32 -14.34 -5.05
N LEU C 373 -60.79 -13.42 -5.85
CA LEU C 373 -61.61 -12.79 -6.87
C LEU C 373 -61.98 -13.81 -7.93
N ASP C 374 -63.26 -14.17 -7.99
CA ASP C 374 -63.70 -15.17 -8.94
C ASP C 374 -63.69 -14.59 -10.34
N ILE C 375 -62.91 -15.22 -11.22
CA ILE C 375 -62.71 -14.72 -12.58
C ILE C 375 -63.99 -14.83 -13.38
N ASN C 376 -64.78 -15.88 -13.14
CA ASN C 376 -66.08 -16.02 -13.79
C ASN C 376 -67.03 -14.91 -13.36
N LYS C 377 -66.93 -14.48 -12.10
CA LYS C 377 -67.82 -13.43 -11.62
C LYS C 377 -67.34 -12.06 -12.06
N ILE C 378 -66.05 -11.92 -12.37
CA ILE C 378 -65.56 -10.65 -12.91
C ILE C 378 -65.94 -10.51 -14.38
N LYS C 379 -65.85 -11.60 -15.14
CA LYS C 379 -66.21 -11.57 -16.54
C LYS C 379 -67.69 -11.33 -16.77
N ASN C 380 -68.54 -11.66 -15.82
CA ASN C 380 -69.97 -11.63 -16.06
C ASN C 380 -70.74 -10.71 -15.12
N ASP C 381 -70.48 -10.78 -13.82
CA ASP C 381 -71.29 -10.06 -12.85
C ASP C 381 -70.49 -8.93 -12.22
N ILE C 382 -70.47 -7.78 -12.88
CA ILE C 382 -70.02 -6.55 -12.25
C ILE C 382 -71.21 -5.61 -12.25
N GLN C 383 -71.63 -5.19 -11.08
CA GLN C 383 -72.83 -4.39 -11.04
C GLN C 383 -72.47 -2.90 -11.08
N PRO C 384 -73.28 -2.08 -11.74
CA PRO C 384 -72.95 -0.66 -11.89
C PRO C 384 -72.93 0.14 -10.61
N TRP C 385 -73.46 -0.37 -9.50
CA TRP C 385 -73.25 0.35 -8.25
C TRP C 385 -71.83 0.15 -7.74
N GLN C 386 -71.17 -0.94 -8.15
CA GLN C 386 -69.77 -1.12 -7.80
C GLN C 386 -68.89 -0.21 -8.63
N GLU C 387 -69.31 0.08 -9.85
CA GLU C 387 -68.56 1.02 -10.68
C GLU C 387 -68.73 2.44 -10.18
N ARG C 388 -69.94 2.76 -9.71
CA ARG C 388 -70.17 4.07 -9.09
C ARG C 388 -69.49 4.19 -7.75
N ARG C 389 -69.14 3.07 -7.12
CA ARG C 389 -68.48 3.11 -5.82
C ARG C 389 -66.96 3.17 -5.97
N ALA C 390 -66.40 2.40 -6.90
CA ALA C 390 -64.96 2.41 -7.07
C ALA C 390 -64.48 3.68 -7.75
N ALA C 391 -65.33 4.32 -8.53
CA ALA C 391 -64.95 5.61 -9.09
C ALA C 391 -65.11 6.72 -8.06
N GLU C 392 -66.01 6.54 -7.11
CA GLU C 392 -66.15 7.52 -6.04
C GLU C 392 -65.00 7.41 -5.06
N TYR C 393 -64.54 6.19 -4.78
CA TYR C 393 -63.46 5.98 -3.83
C TYR C 393 -62.09 6.13 -4.44
N MET C 394 -61.98 6.27 -5.76
CA MET C 394 -60.71 6.61 -6.35
C MET C 394 -60.44 8.10 -6.24
N THR C 395 -61.44 8.91 -6.54
CA THR C 395 -61.29 10.35 -6.54
C THR C 395 -61.32 10.95 -5.14
N HIS C 396 -61.75 10.20 -4.14
CA HIS C 396 -61.76 10.72 -2.79
C HIS C 396 -60.89 9.86 -1.90
N ALA C 397 -59.71 9.53 -2.41
CA ALA C 397 -58.72 8.79 -1.66
C ALA C 397 -58.25 9.61 -0.46
N PRO C 398 -57.87 8.96 0.62
CA PRO C 398 -57.35 9.73 1.77
C PRO C 398 -55.92 10.20 1.58
N LEU C 399 -55.74 11.18 0.69
CA LEU C 399 -54.45 11.83 0.44
C LEU C 399 -54.71 13.32 0.41
N GLY C 400 -54.12 14.05 1.35
CA GLY C 400 -54.46 15.45 1.43
C GLY C 400 -53.29 16.37 1.64
N SER C 401 -53.54 17.48 2.32
CA SER C 401 -52.53 18.47 2.66
C SER C 401 -53.06 19.28 3.82
N LEU C 402 -52.22 20.12 4.39
CA LEU C 402 -52.65 20.85 5.57
C LEU C 402 -53.50 22.06 5.22
N ASN C 403 -53.32 22.61 4.03
CA ASN C 403 -54.20 23.67 3.54
C ASN C 403 -55.45 23.12 2.88
N SER C 404 -55.70 21.81 3.01
CA SER C 404 -56.92 21.12 2.61
C SER C 404 -57.14 21.21 1.11
N VAL C 405 -56.13 20.78 0.37
CA VAL C 405 -56.29 20.47 -1.05
C VAL C 405 -55.94 19.00 -1.24
N GLY C 406 -56.75 18.31 -2.01
CA GLY C 406 -56.67 16.87 -2.08
C GLY C 406 -55.66 16.38 -3.08
N GLY C 407 -55.82 15.13 -3.48
CA GLY C 407 -54.94 14.53 -4.44
C GLY C 407 -53.57 14.24 -3.84
N VAL C 408 -52.63 14.00 -4.74
CA VAL C 408 -51.24 13.72 -4.37
C VAL C 408 -50.56 14.99 -3.91
N ALA C 409 -49.32 14.86 -3.42
CA ALA C 409 -48.59 16.04 -2.93
C ALA C 409 -48.28 17.03 -4.04
N THR C 410 -48.32 16.59 -5.30
CA THR C 410 -48.10 17.48 -6.42
C THR C 410 -49.39 17.81 -7.16
N GLU C 411 -50.53 17.77 -6.50
CA GLU C 411 -51.78 18.15 -7.13
C GLU C 411 -51.95 19.65 -7.10
N ILE C 412 -52.55 20.19 -8.16
CA ILE C 412 -52.83 21.62 -8.24
C ILE C 412 -53.99 21.99 -7.30
N ASN C 413 -54.11 23.29 -7.04
CA ASN C 413 -55.10 23.76 -6.07
C ASN C 413 -56.46 23.97 -6.70
N SER C 414 -57.25 22.91 -6.77
CA SER C 414 -58.63 23.11 -7.21
C SER C 414 -59.64 22.42 -6.30
N VAL C 415 -59.32 21.24 -5.79
CA VAL C 415 -60.24 20.51 -4.93
C VAL C 415 -60.00 20.91 -3.49
N ASN C 416 -61.00 20.69 -2.65
CA ASN C 416 -60.92 21.02 -1.24
C ASN C 416 -61.38 19.76 -0.50
N TYR C 417 -60.44 18.87 -0.21
CA TYR C 417 -60.80 17.62 0.46
C TYR C 417 -59.60 17.04 1.17
N VAL C 418 -59.74 16.80 2.47
CA VAL C 418 -58.86 15.88 3.19
C VAL C 418 -59.78 14.93 3.95
N SER C 419 -59.47 13.63 3.88
CA SER C 419 -60.36 12.63 4.42
C SER C 419 -60.44 12.72 5.94
N PRO C 420 -61.61 12.47 6.53
CA PRO C 420 -61.71 12.51 7.99
C PRO C 420 -60.99 11.38 8.67
N ARG C 421 -60.61 10.35 7.92
CA ARG C 421 -59.69 9.36 8.46
C ARG C 421 -58.32 9.96 8.68
N SER C 422 -57.81 10.73 7.72
CA SER C 422 -56.51 11.34 7.88
C SER C 422 -56.48 12.45 8.91
N TRP C 423 -57.62 12.96 9.34
CA TRP C 423 -57.57 13.87 10.47
C TRP C 423 -57.57 13.11 11.78
N LEU C 424 -58.21 11.95 11.84
CA LEU C 424 -58.24 11.22 13.10
C LEU C 424 -56.98 10.40 13.31
N CYS C 425 -56.41 9.86 12.25
CA CYS C 425 -55.20 9.06 12.34
C CYS C 425 -53.94 9.90 12.47
N CYS C 426 -54.06 11.21 12.43
CA CYS C 426 -52.90 12.07 12.52
C CYS C 426 -53.02 13.02 13.68
N SER C 427 -54.10 12.97 14.41
CA SER C 427 -54.25 13.81 15.56
C SER C 427 -54.36 13.02 16.84
N HIS C 428 -55.15 11.95 16.85
CA HIS C 428 -55.11 11.07 18.00
C HIS C 428 -53.84 10.25 18.04
N PHE C 429 -53.25 9.99 16.88
CA PHE C 429 -51.91 9.43 16.87
C PHE C 429 -50.91 10.46 17.35
N PHE C 430 -51.12 11.73 17.03
CA PHE C 430 -50.23 12.80 17.45
C PHE C 430 -50.21 12.92 18.96
N LEU C 431 -51.38 12.88 19.57
CA LEU C 431 -51.49 12.99 21.02
C LEU C 431 -50.96 11.75 21.70
N ALA C 432 -51.25 10.57 21.14
CA ALA C 432 -50.87 9.31 21.77
C ALA C 432 -49.37 9.09 21.88
N PHE C 433 -48.56 9.86 21.17
CA PHE C 433 -47.17 9.83 21.53
C PHE C 433 -46.86 10.74 22.71
N PHE C 434 -47.49 11.91 22.77
CA PHE C 434 -47.16 12.82 23.86
C PHE C 434 -47.69 12.33 25.19
N PHE C 435 -48.74 11.53 25.18
CA PHE C 435 -49.19 10.92 26.42
C PHE C 435 -48.32 9.73 26.81
N LEU C 436 -47.60 9.14 25.85
CA LEU C 436 -46.56 8.22 26.22
C LEU C 436 -45.38 8.94 26.84
N VAL C 437 -45.15 10.19 26.45
CA VAL C 437 -44.15 11.02 27.12
C VAL C 437 -44.66 11.43 28.49
N GLY C 438 -45.97 11.55 28.65
CA GLY C 438 -46.52 11.82 29.97
C GLY C 438 -46.37 10.66 30.92
N HIS C 439 -46.34 9.44 30.39
CA HIS C 439 -46.00 8.28 31.21
C HIS C 439 -44.55 8.32 31.63
N TRP C 440 -43.69 8.94 30.85
CA TRP C 440 -42.28 8.95 31.17
C TRP C 440 -41.95 10.06 32.14
N TRP C 441 -42.55 11.23 31.97
CA TRP C 441 -42.29 12.30 32.90
C TRP C 441 -42.88 11.99 34.25
N HIS C 442 -44.19 11.78 34.29
CA HIS C 442 -44.91 11.71 35.55
C HIS C 442 -44.60 10.46 36.35
N SER C 443 -44.04 9.42 35.73
CA SER C 443 -43.60 8.26 36.51
C SER C 443 -42.14 8.33 36.90
N GLY C 444 -41.33 9.08 36.18
CA GLY C 444 -39.99 9.34 36.65
C GLY C 444 -40.01 10.19 37.89
N ARG C 445 -40.92 11.16 37.95
CA ARG C 445 -40.99 12.01 39.12
C ARG C 445 -41.63 11.26 40.29
N ALA C 446 -42.67 10.47 40.02
CA ALA C 446 -43.41 9.85 41.10
C ALA C 446 -42.63 8.72 41.74
N ARG C 447 -41.84 8.00 40.96
CA ARG C 447 -40.98 6.98 41.54
C ARG C 447 -39.85 7.63 42.33
N ALA C 448 -39.39 8.80 41.93
CA ALA C 448 -38.32 9.48 42.64
C ALA C 448 -38.85 10.35 43.76
N ALA C 449 -40.11 10.79 43.68
CA ALA C 449 -40.69 11.49 44.82
C ALA C 449 -40.98 10.52 45.96
N ALA C 450 -41.24 9.26 45.63
CA ALA C 450 -41.42 8.26 46.67
C ALA C 450 -40.10 7.93 47.36
N ALA C 451 -38.99 8.09 46.67
CA ALA C 451 -37.70 7.72 47.20
C ALA C 451 -36.95 8.87 47.83
N GLY C 452 -37.31 10.12 47.51
CA GLY C 452 -36.79 11.27 48.20
C GLY C 452 -35.83 12.13 47.43
N PHE C 453 -35.32 11.67 46.29
CA PHE C 453 -34.30 12.44 45.59
C PHE C 453 -34.82 13.16 44.35
N GLU C 454 -36.06 13.64 44.37
CA GLU C 454 -36.55 14.38 43.20
C GLU C 454 -36.09 15.82 43.24
N LYS C 455 -35.58 16.27 44.38
CA LYS C 455 -35.12 17.65 44.47
C LYS C 455 -33.64 17.77 44.16
N GLY C 456 -32.93 16.66 44.13
CA GLY C 456 -31.53 16.69 43.77
C GLY C 456 -30.71 15.83 44.71
N ILE C 457 -29.44 15.81 44.44
CA ILE C 457 -28.50 15.03 45.21
C ILE C 457 -28.14 15.79 46.47
N ASN C 458 -28.03 15.09 47.58
CA ASN C 458 -27.60 15.69 48.84
C ASN C 458 -26.10 15.95 48.77
N ARG C 459 -25.67 17.14 49.19
CA ARG C 459 -24.25 17.44 49.20
C ARG C 459 -23.53 16.70 50.31
N ALA C 460 -24.20 16.52 51.45
CA ALA C 460 -23.55 15.85 52.57
C ALA C 460 -23.39 14.36 52.31
N ASN C 461 -24.39 13.75 51.69
CA ASN C 461 -24.40 12.31 51.44
C ASN C 461 -24.58 12.09 49.95
N GLU C 462 -23.49 11.92 49.24
CA GLU C 462 -23.65 11.55 47.84
C GLU C 462 -23.56 10.04 47.70
N PRO C 463 -24.49 9.40 47.00
CA PRO C 463 -24.48 7.94 46.93
C PRO C 463 -23.38 7.36 46.08
N VAL C 464 -22.80 8.13 45.17
CA VAL C 464 -21.77 7.58 44.30
C VAL C 464 -20.45 7.44 45.06
N LEU C 465 -20.20 8.35 46.00
CA LEU C 465 -18.95 8.32 46.75
C LEU C 465 -18.87 7.13 47.67
N SER C 466 -20.00 6.62 48.14
CA SER C 466 -20.03 5.41 48.93
C SER C 466 -20.35 4.20 48.05
N MET C 467 -19.50 4.01 47.05
CA MET C 467 -19.59 2.84 46.17
C MET C 467 -18.19 2.29 45.99
N ARG C 468 -18.06 1.35 45.08
CA ARG C 468 -16.78 0.76 44.76
C ARG C 468 -15.93 1.73 43.95
N PRO C 469 -14.64 1.46 43.79
CA PRO C 469 -13.87 2.10 42.72
C PRO C 469 -14.52 1.87 41.36
N ILE C 470 -14.29 2.83 40.47
CA ILE C 470 -15.16 3.05 39.32
C ILE C 470 -14.99 1.95 38.28
N ASP C 471 -13.73 1.57 38.00
CA ASP C 471 -13.31 0.78 36.83
C ASP C 471 -13.83 1.46 35.56
N ARG D 11 -7.34 62.78 26.40
CA ARG D 11 -6.37 63.83 26.10
C ARG D 11 -6.51 64.31 24.66
N GLY D 12 -6.05 63.47 23.72
CA GLY D 12 -6.12 63.80 22.32
C GLY D 12 -7.50 63.63 21.74
N LEU D 13 -7.58 63.78 20.42
CA LEU D 13 -8.87 63.60 19.75
C LEU D 13 -9.20 62.13 19.59
N PHE D 14 -8.19 61.29 19.45
CA PHE D 14 -8.41 59.86 19.31
C PHE D 14 -8.87 59.26 20.62
N ASP D 15 -8.43 59.83 21.73
CA ASP D 15 -8.76 59.25 23.04
C ASP D 15 -10.20 59.59 23.42
N LEU D 16 -10.71 60.74 23.01
CA LEU D 16 -12.08 61.10 23.33
C LEU D 16 -13.06 60.24 22.54
N VAL D 17 -12.74 59.94 21.30
CA VAL D 17 -13.56 59.06 20.48
C VAL D 17 -13.47 57.62 20.97
N ASP D 18 -12.27 57.18 21.35
CA ASP D 18 -12.11 55.84 21.92
C ASP D 18 -12.84 55.69 23.24
N ASP D 19 -12.92 56.75 24.05
CA ASP D 19 -13.62 56.63 25.32
C ASP D 19 -15.12 56.73 25.13
N TRP D 20 -15.56 57.38 24.06
CA TRP D 20 -17.01 57.55 23.88
C TRP D 20 -17.65 56.28 23.36
N LEU D 21 -17.00 55.61 22.41
CA LEU D 21 -17.57 54.40 21.83
C LEU D 21 -17.61 53.26 22.82
N LYS D 22 -16.61 53.17 23.70
CA LYS D 22 -16.54 52.07 24.64
C LYS D 22 -17.27 52.35 25.94
N LYS D 23 -18.09 53.39 25.97
CA LYS D 23 -18.81 53.75 27.18
C LYS D 23 -19.89 52.70 27.45
N ASP D 24 -20.14 52.38 28.72
CA ASP D 24 -21.26 51.52 29.07
C ASP D 24 -22.56 52.23 28.74
N ARG D 25 -23.35 51.61 27.88
CA ARG D 25 -24.62 52.18 27.46
C ARG D 25 -25.56 51.01 27.18
N PHE D 26 -26.66 51.28 26.48
CA PHE D 26 -27.66 50.23 26.26
C PHE D 26 -27.13 49.16 25.32
N VAL D 27 -26.80 49.56 24.08
CA VAL D 27 -26.14 48.66 23.14
C VAL D 27 -24.69 49.10 23.00
N PHE D 28 -23.78 48.16 23.18
CA PHE D 28 -22.36 48.46 23.08
C PHE D 28 -22.00 48.74 21.63
N VAL D 29 -21.44 49.92 21.37
CA VAL D 29 -21.18 50.31 20.00
C VAL D 29 -19.76 49.90 19.62
N GLY D 30 -18.78 50.48 20.31
CA GLY D 30 -17.39 50.17 20.05
C GLY D 30 -16.93 50.71 18.71
N TRP D 31 -15.71 50.34 18.34
CA TRP D 31 -15.22 50.69 17.02
C TRP D 31 -15.93 49.88 15.95
N SER D 32 -16.20 48.61 16.24
CA SER D 32 -16.79 47.70 15.28
C SER D 32 -18.26 47.99 14.99
N GLY D 33 -18.91 48.82 15.79
CA GLY D 33 -20.30 49.14 15.53
C GLY D 33 -20.47 50.07 14.35
N LEU D 34 -19.39 50.74 13.93
CA LEU D 34 -19.45 51.58 12.75
C LEU D 34 -19.49 50.74 11.48
N LEU D 35 -19.05 49.49 11.57
CA LEU D 35 -19.12 48.59 10.42
C LEU D 35 -20.35 47.69 10.51
N LEU D 36 -20.74 47.32 11.73
CA LEU D 36 -21.87 46.42 11.90
C LEU D 36 -23.19 47.15 11.71
N PHE D 37 -23.46 48.16 12.53
CA PHE D 37 -24.76 48.81 12.61
C PHE D 37 -25.22 49.50 11.32
N PRO D 38 -24.36 50.10 10.49
CA PRO D 38 -24.86 50.50 9.17
C PRO D 38 -25.08 49.34 8.23
N THR D 39 -24.20 48.35 8.22
CA THR D 39 -24.35 47.32 7.19
C THR D 39 -25.35 46.24 7.56
N ALA D 40 -25.54 45.96 8.85
CA ALA D 40 -26.51 44.95 9.22
C ALA D 40 -27.93 45.49 9.13
N TYR D 41 -28.10 46.78 9.37
CA TYR D 41 -29.40 47.41 9.28
C TYR D 41 -29.91 47.44 7.85
N LEU D 42 -29.02 47.48 6.87
CA LEU D 42 -29.41 47.55 5.48
C LEU D 42 -29.51 46.20 4.83
N ALA D 43 -28.82 45.19 5.35
CA ALA D 43 -29.06 43.84 4.88
C ALA D 43 -30.41 43.34 5.36
N ALA D 44 -30.75 43.61 6.62
CA ALA D 44 -32.04 43.18 7.15
C ALA D 44 -33.18 43.96 6.52
N GLY D 45 -33.04 45.28 6.43
CA GLY D 45 -34.09 46.08 5.81
C GLY D 45 -34.18 45.88 4.32
N GLY D 46 -33.08 45.54 3.67
CA GLY D 46 -33.15 45.20 2.27
C GLY D 46 -33.85 43.89 2.01
N TRP D 47 -33.85 43.01 2.99
CA TRP D 47 -34.57 41.74 2.85
C TRP D 47 -36.05 41.93 3.12
N MET D 48 -36.41 42.74 4.12
CA MET D 48 -37.81 42.95 4.43
C MET D 48 -38.51 43.75 3.34
N THR D 49 -37.77 44.63 2.67
CA THR D 49 -38.34 45.38 1.56
C THR D 49 -38.44 44.50 0.32
N GLY D 50 -37.41 43.71 0.07
CA GLY D 50 -37.38 42.94 -1.16
C GLY D 50 -38.36 41.78 -1.16
N THR D 51 -38.67 41.24 0.01
CA THR D 51 -39.68 40.21 0.09
C THR D 51 -41.08 40.77 0.16
N THR D 52 -41.24 42.04 0.49
CA THR D 52 -42.56 42.64 0.53
C THR D 52 -42.96 43.24 -0.80
N PHE D 53 -42.10 44.07 -1.40
CA PHE D 53 -42.48 44.89 -2.53
C PHE D 53 -41.89 44.42 -3.85
N VAL D 54 -40.61 44.04 -3.88
CA VAL D 54 -39.93 43.84 -5.15
C VAL D 54 -40.22 42.45 -5.68
N THR D 55 -40.58 42.38 -6.96
CA THR D 55 -40.97 41.15 -7.62
C THR D 55 -39.77 40.43 -8.20
N SER D 56 -40.04 39.23 -8.73
CA SER D 56 -39.08 38.48 -9.52
C SER D 56 -39.61 38.21 -10.91
N TRP D 57 -40.45 39.10 -11.41
CA TRP D 57 -41.19 38.83 -12.63
C TRP D 57 -40.30 38.95 -13.85
N TYR D 58 -39.24 39.74 -13.77
CA TYR D 58 -38.40 39.97 -14.92
C TYR D 58 -37.12 39.16 -14.88
N THR D 59 -36.64 38.83 -13.69
CA THR D 59 -35.41 38.05 -13.57
C THR D 59 -35.67 36.56 -13.76
N HIS D 60 -36.47 35.99 -12.87
CA HIS D 60 -36.81 34.57 -12.89
C HIS D 60 -38.10 34.30 -13.62
N GLY D 61 -39.03 35.24 -13.62
CA GLY D 61 -40.35 34.97 -14.14
C GLY D 61 -41.21 34.29 -13.10
N LEU D 62 -41.15 34.80 -11.88
CA LEU D 62 -41.89 34.24 -10.77
C LEU D 62 -42.70 35.34 -10.12
N ALA D 63 -43.22 35.03 -8.95
CA ALA D 63 -43.74 36.01 -8.03
C ALA D 63 -43.09 35.74 -6.69
N SER D 64 -42.43 36.76 -6.11
CA SER D 64 -41.73 36.57 -4.85
C SER D 64 -41.92 37.79 -3.96
N SER D 65 -43.14 38.28 -3.84
CA SER D 65 -43.38 39.43 -3.00
C SER D 65 -44.69 39.24 -2.27
N TYR D 66 -44.95 40.11 -1.29
CA TYR D 66 -46.24 40.06 -0.63
C TYR D 66 -47.29 40.81 -1.43
N LEU D 67 -46.86 41.72 -2.32
CA LEU D 67 -47.80 42.34 -3.24
C LEU D 67 -48.37 41.34 -4.22
N GLU D 68 -47.63 40.27 -4.47
CA GLU D 68 -48.03 39.27 -5.44
C GLU D 68 -48.55 38.00 -4.78
N GLY D 69 -49.18 38.13 -3.62
CA GLY D 69 -49.91 37.03 -3.03
C GLY D 69 -49.10 35.98 -2.34
N CYS D 70 -47.77 36.08 -2.36
CA CYS D 70 -46.96 35.08 -1.69
C CYS D 70 -47.00 35.30 -0.19
N ASN D 71 -47.04 34.21 0.55
CA ASN D 71 -46.97 34.27 2.00
C ASN D 71 -45.52 34.37 2.45
N PHE D 72 -45.30 34.11 3.74
CA PHE D 72 -43.96 34.07 4.30
C PHE D 72 -43.10 33.00 3.65
N LEU D 73 -43.72 31.90 3.26
CA LEU D 73 -42.92 30.80 2.75
C LEU D 73 -42.47 31.03 1.32
N THR D 74 -43.35 31.46 0.43
CA THR D 74 -43.03 31.56 -0.98
C THR D 74 -42.57 32.95 -1.40
N ALA D 75 -42.10 33.76 -0.46
CA ALA D 75 -41.53 35.06 -0.78
C ALA D 75 -40.01 35.01 -0.68
N ALA D 76 -39.35 35.85 -1.47
CA ALA D 76 -37.90 35.82 -1.53
C ALA D 76 -37.37 37.12 -2.12
N VAL D 77 -36.11 37.41 -1.80
CA VAL D 77 -35.32 38.39 -2.53
C VAL D 77 -34.51 37.60 -3.54
N SER D 78 -34.78 37.78 -4.83
CA SER D 78 -34.27 36.82 -5.80
C SER D 78 -33.01 37.32 -6.49
N THR D 79 -32.21 36.35 -6.90
CA THR D 79 -31.00 36.53 -7.68
C THR D 79 -31.29 37.17 -9.03
N PRO D 80 -30.34 37.90 -9.59
CA PRO D 80 -30.58 38.60 -10.85
C PRO D 80 -30.50 37.67 -12.05
N ALA D 81 -30.65 38.27 -13.22
CA ALA D 81 -30.71 37.49 -14.45
C ALA D 81 -29.35 36.90 -14.81
N ASN D 82 -29.35 35.96 -15.75
CA ASN D 82 -28.10 35.39 -16.20
C ASN D 82 -27.39 36.33 -17.15
N SER D 83 -28.14 37.26 -17.76
CA SER D 83 -27.55 38.23 -18.67
C SER D 83 -26.72 39.26 -17.93
N VAL D 84 -27.02 39.47 -16.66
CA VAL D 84 -26.23 40.37 -15.84
C VAL D 84 -24.86 39.77 -15.58
N GLY D 85 -24.76 38.45 -15.56
CA GLY D 85 -23.48 37.82 -15.32
C GLY D 85 -23.11 37.96 -13.87
N HIS D 86 -21.86 38.24 -13.57
CA HIS D 86 -21.44 38.53 -12.20
C HIS D 86 -21.26 40.01 -11.94
N SER D 87 -22.10 40.86 -12.51
CA SER D 87 -22.01 42.27 -12.21
C SER D 87 -22.36 42.52 -10.75
N LEU D 88 -21.73 43.54 -10.17
CA LEU D 88 -22.05 43.88 -8.80
C LEU D 88 -23.38 44.61 -8.71
N LEU D 89 -23.89 45.12 -9.83
CA LEU D 89 -25.18 45.82 -9.92
C LEU D 89 -25.28 46.98 -8.96
N LEU D 90 -24.31 47.87 -9.05
CA LEU D 90 -24.30 49.07 -8.23
C LEU D 90 -25.45 49.97 -8.66
N LEU D 91 -25.96 50.77 -7.72
CA LEU D 91 -27.10 51.63 -8.00
C LEU D 91 -26.76 52.68 -9.05
N TRP D 92 -25.52 53.14 -9.04
CA TRP D 92 -25.01 54.09 -10.02
C TRP D 92 -24.39 53.41 -11.23
N GLY D 93 -24.46 52.09 -11.32
CA GLY D 93 -23.65 51.33 -12.24
C GLY D 93 -24.07 51.44 -13.69
N PRO D 94 -23.44 50.66 -14.57
CA PRO D 94 -23.83 50.69 -15.98
C PRO D 94 -25.15 49.99 -16.26
N GLU D 95 -25.61 49.11 -15.38
CA GLU D 95 -26.89 48.44 -15.58
C GLU D 95 -28.05 49.27 -15.07
N ALA D 96 -27.97 49.77 -13.84
CA ALA D 96 -29.09 50.47 -13.24
C ALA D 96 -29.10 51.94 -13.61
N GLN D 97 -27.91 52.56 -13.66
CA GLN D 97 -27.69 53.95 -14.10
C GLN D 97 -28.45 54.96 -13.25
N GLY D 98 -28.45 54.74 -11.95
CA GLY D 98 -29.02 55.70 -11.03
C GLY D 98 -30.49 55.52 -10.73
N ASP D 99 -31.22 54.82 -11.60
CA ASP D 99 -32.65 54.64 -11.38
C ASP D 99 -32.86 53.60 -10.30
N PHE D 100 -33.71 53.92 -9.33
CA PHE D 100 -34.00 52.96 -8.28
C PHE D 100 -34.93 51.86 -8.77
N THR D 101 -35.91 52.22 -9.59
CA THR D 101 -36.95 51.28 -9.98
C THR D 101 -36.42 50.21 -10.91
N ARG D 102 -35.59 50.60 -11.88
CA ARG D 102 -34.97 49.61 -12.75
C ARG D 102 -33.90 48.82 -12.03
N TRP D 103 -33.37 49.35 -10.93
CA TRP D 103 -32.41 48.58 -10.16
C TRP D 103 -33.07 47.43 -9.44
N CYS D 104 -34.27 47.65 -8.94
CA CYS D 104 -35.00 46.61 -8.23
C CYS D 104 -35.48 45.53 -9.17
N GLN D 105 -35.85 45.89 -10.39
CA GLN D 105 -36.39 44.90 -11.33
C GLN D 105 -35.30 44.02 -11.91
N ILE D 106 -34.08 44.52 -12.06
CA ILE D 106 -32.97 43.67 -12.47
C ILE D 106 -32.56 42.70 -11.38
N GLY D 107 -32.82 43.04 -10.12
CA GLY D 107 -32.44 42.17 -9.04
C GLY D 107 -31.28 42.77 -8.29
N GLY D 108 -31.32 44.10 -8.17
CA GLY D 108 -30.23 44.78 -7.53
C GLY D 108 -30.26 44.69 -6.02
N LEU D 109 -31.44 44.45 -5.44
CA LEU D 109 -31.52 44.33 -4.00
C LEU D 109 -30.84 43.07 -3.50
N TRP D 110 -30.73 42.05 -4.34
CA TRP D 110 -30.14 40.80 -3.89
C TRP D 110 -28.65 40.98 -3.63
N THR D 111 -27.96 41.65 -4.52
CA THR D 111 -26.55 41.95 -4.25
C THR D 111 -26.42 43.00 -3.17
N PHE D 112 -27.42 43.87 -3.03
CA PHE D 112 -27.42 44.81 -1.92
C PHE D 112 -27.52 44.11 -0.58
N VAL D 113 -28.33 43.05 -0.52
CA VAL D 113 -28.46 42.29 0.71
C VAL D 113 -27.19 41.47 0.95
N ALA D 114 -26.69 40.83 -0.09
CA ALA D 114 -25.56 39.92 0.07
C ALA D 114 -24.27 40.66 0.35
N LEU D 115 -24.07 41.84 -0.25
CA LEU D 115 -22.82 42.56 0.00
C LEU D 115 -22.84 43.26 1.34
N HIS D 116 -23.90 44.01 1.64
CA HIS D 116 -23.99 44.63 2.96
C HIS D 116 -24.19 43.59 4.06
N GLY D 117 -24.63 42.39 3.70
CA GLY D 117 -24.68 41.32 4.67
C GLY D 117 -23.32 40.71 4.93
N ALA D 118 -22.48 40.63 3.89
CA ALA D 118 -21.14 40.09 4.07
C ALA D 118 -20.27 41.02 4.89
N PHE D 119 -20.52 42.31 4.82
CA PHE D 119 -19.85 43.26 5.70
C PHE D 119 -20.56 43.42 7.03
N GLY D 120 -21.64 42.69 7.25
CA GLY D 120 -22.22 42.65 8.57
C GLY D 120 -21.57 41.53 9.35
N LEU D 121 -21.30 40.42 8.67
CA LEU D 121 -20.66 39.29 9.33
C LEU D 121 -19.18 39.55 9.58
N ILE D 122 -18.55 40.37 8.75
CA ILE D 122 -17.24 40.90 9.10
C ILE D 122 -17.37 41.78 10.34
N GLY D 123 -18.32 42.70 10.33
CA GLY D 123 -18.46 43.62 11.43
C GLY D 123 -18.99 43.01 12.70
N PHE D 124 -19.65 41.85 12.61
CA PHE D 124 -20.10 41.21 13.82
C PHE D 124 -19.02 40.33 14.43
N CYS D 125 -18.13 39.78 13.61
CA CYS D 125 -17.04 39.00 14.15
C CYS D 125 -15.97 39.88 14.75
N LEU D 126 -15.78 41.09 14.21
CA LEU D 126 -14.93 42.09 14.85
C LEU D 126 -15.53 42.58 16.14
N ARG D 127 -16.86 42.55 16.26
CA ARG D 127 -17.50 42.90 17.52
C ARG D 127 -17.13 41.92 18.62
N GLN D 128 -16.98 40.65 18.27
CA GLN D 128 -16.65 39.64 19.26
C GLN D 128 -15.18 39.64 19.66
N PHE D 129 -14.30 40.22 18.85
CA PHE D 129 -12.94 40.44 19.31
C PHE D 129 -12.84 41.67 20.18
N GLU D 130 -13.70 42.64 19.98
CA GLU D 130 -13.56 43.88 20.71
C GLU D 130 -14.12 43.77 22.11
N ILE D 131 -15.25 43.07 22.25
CA ILE D 131 -15.86 42.94 23.57
C ILE D 131 -15.06 41.98 24.44
N ALA D 132 -14.41 40.99 23.82
CA ALA D 132 -13.61 40.06 24.60
C ALA D 132 -12.35 40.72 25.12
N ARG D 133 -11.86 41.75 24.43
CA ARG D 133 -10.66 42.42 24.90
C ARG D 133 -10.99 43.40 26.03
N LEU D 134 -12.21 43.92 26.04
CA LEU D 134 -12.58 44.85 27.10
C LEU D 134 -12.99 44.10 28.36
N VAL D 135 -13.72 43.01 28.20
CA VAL D 135 -14.07 42.16 29.33
C VAL D 135 -12.85 41.39 29.81
N GLY D 136 -12.00 40.96 28.90
CA GLY D 136 -10.75 40.35 29.28
C GLY D 136 -10.84 38.84 29.32
N ILE D 137 -11.35 38.24 28.26
CA ILE D 137 -11.53 36.80 28.17
C ILE D 137 -10.86 36.32 26.89
N ARG D 138 -10.79 35.02 26.75
CA ARG D 138 -10.23 34.40 25.58
C ARG D 138 -11.21 34.53 24.42
N PRO D 139 -10.75 34.63 23.18
CA PRO D 139 -11.66 34.96 22.09
C PRO D 139 -12.22 33.77 21.35
N TYR D 140 -12.85 32.81 22.02
CA TYR D 140 -13.35 31.64 21.31
C TYR D 140 -14.72 31.83 20.73
N ASN D 141 -15.44 32.87 21.12
CA ASN D 141 -16.71 33.14 20.47
C ASN D 141 -16.48 33.65 19.06
N ALA D 142 -15.45 34.47 18.89
CA ALA D 142 -15.12 35.01 17.59
C ALA D 142 -14.54 33.98 16.65
N ILE D 143 -14.04 32.88 17.19
CA ILE D 143 -13.49 31.81 16.38
C ILE D 143 -14.53 30.75 16.08
N ALA D 144 -15.48 30.55 16.99
CA ALA D 144 -16.62 29.69 16.69
C ALA D 144 -17.59 30.36 15.74
N PHE D 145 -17.68 31.69 15.76
CA PHE D 145 -18.53 32.38 14.79
C PHE D 145 -17.92 32.39 13.40
N SER D 146 -16.64 32.03 13.28
CA SER D 146 -16.03 31.91 11.95
C SER D 146 -16.61 30.74 11.18
N GLY D 147 -17.22 29.78 11.86
CA GLY D 147 -17.98 28.73 11.25
C GLY D 147 -19.09 29.22 10.35
N PRO D 148 -20.06 29.96 10.90
CA PRO D 148 -21.11 30.56 10.05
C PRO D 148 -20.63 31.57 9.03
N ILE D 149 -19.46 32.16 9.21
CA ILE D 149 -18.91 32.99 8.15
C ILE D 149 -18.51 32.14 6.96
N ALA D 150 -17.97 30.95 7.22
CA ALA D 150 -17.54 30.07 6.14
C ALA D 150 -18.70 29.43 5.40
N VAL D 151 -19.91 29.50 5.92
CA VAL D 151 -21.07 29.01 5.19
C VAL D 151 -21.74 30.11 4.38
N PHE D 152 -21.74 31.34 4.90
CA PHE D 152 -22.27 32.44 4.12
C PHE D 152 -21.40 32.72 2.91
N VAL D 153 -20.09 32.79 3.12
CA VAL D 153 -19.17 33.14 2.05
C VAL D 153 -19.13 32.07 0.98
N SER D 154 -19.04 30.81 1.40
CA SER D 154 -18.85 29.77 0.41
C SER D 154 -20.13 29.31 -0.25
N VAL D 155 -21.28 29.91 0.07
CA VAL D 155 -22.54 29.58 -0.58
C VAL D 155 -23.15 30.80 -1.26
N PHE D 156 -23.31 31.88 -0.51
CA PHE D 156 -23.91 33.07 -1.08
C PHE D 156 -22.93 33.88 -1.90
N LEU D 157 -21.64 33.68 -1.71
CA LEU D 157 -20.65 34.40 -2.50
C LEU D 157 -19.81 33.48 -3.36
N LEU D 158 -19.09 32.51 -2.80
CA LEU D 158 -18.17 31.72 -3.62
C LEU D 158 -18.85 30.69 -4.49
N TYR D 159 -20.11 30.39 -4.28
CA TYR D 159 -20.75 29.43 -5.16
C TYR D 159 -21.24 30.04 -6.47
N PRO D 160 -21.91 31.21 -6.52
CA PRO D 160 -22.23 31.78 -7.83
C PRO D 160 -21.03 32.33 -8.57
N LEU D 161 -19.90 32.59 -7.91
CA LEU D 161 -18.75 33.08 -8.63
C LEU D 161 -18.15 32.00 -9.50
N GLY D 162 -18.09 30.77 -9.00
CA GLY D 162 -17.63 29.69 -9.84
C GLY D 162 -18.62 29.27 -10.90
N GLN D 163 -19.90 29.58 -10.72
CA GLN D 163 -20.92 29.22 -11.68
C GLN D 163 -21.04 30.31 -12.74
N ALA D 164 -22.13 30.27 -13.49
CA ALA D 164 -22.26 31.13 -14.66
C ALA D 164 -22.55 32.57 -14.30
N SER D 165 -23.27 32.81 -13.21
CA SER D 165 -23.64 34.17 -12.80
C SER D 165 -24.13 34.15 -11.36
N TRP D 166 -24.69 35.28 -10.90
CA TRP D 166 -25.32 35.31 -9.59
C TRP D 166 -26.66 34.58 -9.57
N PHE D 167 -27.16 34.19 -10.75
CA PHE D 167 -28.46 33.55 -10.85
C PHE D 167 -28.49 32.20 -10.15
N PHE D 168 -27.35 31.53 -10.09
CA PHE D 168 -27.33 30.20 -9.48
C PHE D 168 -27.01 30.27 -7.99
N ALA D 169 -27.35 31.36 -7.32
CA ALA D 169 -27.10 31.52 -5.91
C ALA D 169 -28.40 31.32 -5.14
N PRO D 170 -28.35 31.07 -3.83
CA PRO D 170 -29.60 30.98 -3.07
C PRO D 170 -30.26 32.33 -2.93
N SER D 171 -31.53 32.40 -3.31
CA SER D 171 -32.28 33.62 -3.07
C SER D 171 -32.64 33.69 -1.59
N PHE D 172 -32.77 34.90 -1.06
CA PHE D 172 -33.00 35.07 0.36
C PHE D 172 -34.49 34.95 0.68
N GLY D 173 -34.98 33.74 0.60
CA GLY D 173 -36.36 33.47 0.95
C GLY D 173 -36.51 32.03 1.33
N VAL D 174 -37.60 31.71 2.03
CA VAL D 174 -37.70 30.42 2.72
C VAL D 174 -37.84 29.29 1.72
N ALA D 175 -38.77 29.40 0.78
CA ALA D 175 -38.89 28.37 -0.24
C ALA D 175 -37.82 28.49 -1.31
N ALA D 176 -37.17 29.64 -1.40
CA ALA D 176 -36.12 29.81 -2.39
C ALA D 176 -34.84 29.14 -1.96
N ILE D 177 -34.64 28.96 -0.65
CA ILE D 177 -33.61 28.06 -0.19
C ILE D 177 -33.99 26.63 -0.51
N PHE D 178 -35.29 26.32 -0.46
CA PHE D 178 -35.75 24.94 -0.58
C PHE D 178 -35.53 24.39 -1.98
N ARG D 179 -35.65 25.24 -3.00
CA ARG D 179 -35.33 24.80 -4.36
C ARG D 179 -33.83 24.67 -4.53
N PHE D 180 -33.05 25.50 -3.84
CA PHE D 180 -31.61 25.39 -3.88
C PHE D 180 -31.15 24.08 -3.26
N LEU D 181 -31.91 23.56 -2.31
CA LEU D 181 -31.63 22.23 -1.81
C LEU D 181 -31.93 21.18 -2.86
N LEU D 182 -32.98 21.40 -3.66
CA LEU D 182 -33.36 20.41 -4.66
C LEU D 182 -32.55 20.58 -5.95
N PHE D 183 -32.18 21.82 -6.27
CA PHE D 183 -31.30 22.06 -7.40
C PHE D 183 -29.93 21.45 -7.21
N LEU D 184 -29.48 21.33 -5.97
CA LEU D 184 -28.15 20.81 -5.70
C LEU D 184 -28.09 19.29 -5.62
N GLN D 185 -29.22 18.61 -5.60
CA GLN D 185 -29.17 17.16 -5.64
C GLN D 185 -29.21 16.64 -7.07
N GLY D 186 -30.09 17.19 -7.89
CA GLY D 186 -30.22 16.68 -9.23
C GLY D 186 -29.04 17.02 -10.11
N PHE D 187 -28.49 18.21 -9.92
CA PHE D 187 -27.46 18.70 -10.82
C PHE D 187 -26.07 18.42 -10.29
N HIS D 188 -25.92 18.26 -8.98
CA HIS D 188 -24.61 18.13 -8.40
C HIS D 188 -24.39 16.86 -7.60
N ASN D 189 -25.46 16.15 -7.23
CA ASN D 189 -25.42 15.02 -6.29
C ASN D 189 -24.71 15.41 -5.00
N TRP D 190 -25.32 16.35 -4.28
CA TRP D 190 -24.64 16.97 -3.14
C TRP D 190 -24.60 16.05 -1.95
N THR D 191 -25.58 15.17 -1.79
CA THR D 191 -25.61 14.32 -0.61
C THR D 191 -24.53 13.25 -0.65
N LEU D 192 -24.01 12.95 -1.84
CA LEU D 192 -23.00 11.92 -1.95
C LEU D 192 -21.63 12.47 -1.54
N ASN D 193 -21.46 13.79 -1.55
CA ASN D 193 -20.21 14.48 -1.28
C ASN D 193 -19.78 14.23 0.16
N PRO D 194 -18.55 13.75 0.43
CA PRO D 194 -18.16 13.48 1.83
C PRO D 194 -18.03 14.71 2.68
N PHE D 195 -18.13 15.89 2.10
CA PHE D 195 -18.02 17.09 2.89
C PHE D 195 -19.35 17.46 3.48
N HIS D 196 -20.45 17.12 2.81
CA HIS D 196 -21.75 17.23 3.47
C HIS D 196 -21.87 16.17 4.54
N MET D 197 -21.33 14.98 4.28
CA MET D 197 -21.43 13.87 5.22
C MET D 197 -20.66 14.16 6.49
N MET D 198 -19.56 14.90 6.41
CA MET D 198 -18.91 15.38 7.61
C MET D 198 -19.59 16.61 8.19
N GLY D 199 -20.54 17.20 7.49
CA GLY D 199 -21.21 18.35 8.00
C GLY D 199 -22.49 17.97 8.71
N VAL D 200 -23.14 16.93 8.22
CA VAL D 200 -24.33 16.41 8.90
C VAL D 200 -23.91 15.78 10.22
N ALA D 201 -22.71 15.22 10.27
CA ALA D 201 -22.20 14.63 11.50
C ALA D 201 -21.87 15.69 12.54
N GLY D 202 -21.68 16.93 12.11
CA GLY D 202 -21.40 17.99 13.07
C GLY D 202 -22.66 18.69 13.52
N ILE D 203 -23.64 18.81 12.62
CA ILE D 203 -24.90 19.46 12.98
C ILE D 203 -25.75 18.54 13.84
N LEU D 204 -25.94 17.29 13.41
CA LEU D 204 -26.65 16.35 14.25
C LEU D 204 -25.79 15.92 15.42
N GLY D 205 -24.47 16.05 15.30
CA GLY D 205 -23.61 15.80 16.45
C GLY D 205 -23.59 16.96 17.42
N GLY D 206 -23.75 18.18 16.92
CA GLY D 206 -23.78 19.32 17.81
C GLY D 206 -25.09 19.45 18.55
N ALA D 207 -26.19 19.08 17.89
CA ALA D 207 -27.49 19.06 18.55
C ALA D 207 -27.55 17.94 19.58
N LEU D 208 -26.77 16.89 19.37
CA LEU D 208 -26.71 15.79 20.32
C LEU D 208 -26.05 16.22 21.61
N LEU D 209 -24.96 16.98 21.51
CA LEU D 209 -24.16 17.32 22.69
C LEU D 209 -24.87 18.29 23.59
N CYS D 210 -25.67 19.20 23.04
CA CYS D 210 -26.35 20.13 23.93
C CYS D 210 -27.59 19.49 24.53
N ALA D 211 -28.13 18.46 23.89
CA ALA D 211 -29.25 17.75 24.48
C ALA D 211 -28.78 16.83 25.59
N ILE D 212 -27.55 16.34 25.53
CA ILE D 212 -27.04 15.51 26.62
C ILE D 212 -26.55 16.39 27.75
N HIS D 213 -25.71 17.37 27.43
CA HIS D 213 -25.17 18.23 28.47
C HIS D 213 -26.25 19.09 29.10
N GLY D 214 -27.32 19.34 28.37
CA GLY D 214 -28.47 19.94 28.98
C GLY D 214 -29.15 19.03 29.97
N ALA D 215 -29.30 17.75 29.61
CA ALA D 215 -30.06 16.82 30.40
C ALA D 215 -29.24 16.11 31.46
N THR D 216 -27.92 16.26 31.47
CA THR D 216 -27.11 15.64 32.51
C THR D 216 -26.77 16.62 33.62
N VAL D 217 -26.58 17.89 33.30
CA VAL D 217 -26.40 18.90 34.32
C VAL D 217 -27.69 19.06 35.10
N GLU D 218 -28.81 19.04 34.39
CA GLU D 218 -30.08 19.30 35.05
C GLU D 218 -30.55 18.08 35.86
N ASN D 219 -29.90 16.94 35.68
CA ASN D 219 -30.28 15.75 36.42
C ASN D 219 -29.23 15.27 37.40
N THR D 220 -28.16 16.03 37.64
CA THR D 220 -27.25 15.75 38.73
C THR D 220 -27.09 16.94 39.65
N LEU D 221 -28.13 17.76 39.78
CA LEU D 221 -28.06 18.98 40.54
C LEU D 221 -27.96 18.68 42.03
N PHE D 222 -27.40 19.61 42.78
CA PHE D 222 -27.39 19.43 44.22
C PHE D 222 -28.63 20.03 44.83
N GLU D 223 -28.96 19.56 46.03
CA GLU D 223 -29.99 20.20 46.85
C GLU D 223 -29.41 21.47 47.43
N ASP D 224 -29.87 22.60 46.94
CA ASP D 224 -29.48 23.87 47.53
C ASP D 224 -30.68 24.63 48.09
N GLY D 225 -31.82 23.97 48.20
CA GLY D 225 -33.03 24.60 48.71
C GLY D 225 -34.07 23.57 49.05
N ASP D 226 -35.10 24.03 49.76
CA ASP D 226 -36.15 23.11 50.17
C ASP D 226 -37.29 23.10 49.17
N ALA D 227 -37.29 24.03 48.22
CA ALA D 227 -38.37 24.11 47.24
C ALA D 227 -38.23 23.00 46.20
N ALA D 228 -39.35 22.66 45.57
CA ALA D 228 -39.31 21.65 44.52
C ALA D 228 -38.74 22.22 43.23
N ASN D 229 -38.88 23.53 43.03
CA ASN D 229 -38.25 24.18 41.90
C ASN D 229 -36.76 24.29 42.11
N THR D 230 -35.98 23.72 41.20
CA THR D 230 -34.54 23.78 41.31
C THR D 230 -33.94 24.98 40.61
N PHE D 231 -34.72 25.75 39.85
CA PHE D 231 -34.18 26.91 39.18
C PHE D 231 -33.93 28.04 40.16
N ARG D 232 -34.61 28.03 41.30
CA ARG D 232 -34.49 29.12 42.25
C ARG D 232 -33.19 29.05 43.03
N ALA D 233 -32.59 27.87 43.11
CA ALA D 233 -31.50 27.62 44.04
C ALA D 233 -30.14 27.79 43.37
N PHE D 234 -29.93 28.98 42.80
CA PHE D 234 -28.63 29.28 42.18
C PHE D 234 -28.40 30.78 42.23
N THR D 235 -27.50 31.19 43.09
CA THR D 235 -27.01 32.55 42.99
C THR D 235 -25.80 32.59 42.07
N PRO D 236 -25.69 33.59 41.18
CA PRO D 236 -24.70 33.52 40.10
C PRO D 236 -23.26 33.63 40.56
N THR D 237 -23.00 34.30 41.69
CA THR D 237 -21.65 34.56 42.13
C THR D 237 -21.14 33.53 43.14
N GLN D 238 -21.66 32.31 43.10
CA GLN D 238 -21.22 31.32 44.06
C GLN D 238 -20.10 30.48 43.47
N SER D 239 -19.21 30.03 44.35
CA SER D 239 -18.03 29.28 43.92
C SER D 239 -18.21 27.78 43.96
N GLU D 240 -19.25 27.29 44.63
CA GLU D 240 -19.52 25.86 44.64
C GLU D 240 -20.17 25.46 43.33
N GLU D 241 -19.70 24.35 42.76
CA GLU D 241 -20.30 23.85 41.53
C GLU D 241 -21.72 23.38 41.80
N THR D 242 -22.56 23.49 40.79
CA THR D 242 -23.98 23.26 40.97
C THR D 242 -24.42 21.88 40.55
N TYR D 243 -23.52 21.02 40.08
CA TYR D 243 -23.91 19.67 39.73
C TYR D 243 -22.76 18.71 39.96
N SER D 244 -23.08 17.49 40.33
CA SER D 244 -22.07 16.51 40.69
C SER D 244 -21.43 15.91 39.45
N MET D 245 -20.20 16.33 39.16
CA MET D 245 -19.48 15.79 38.02
C MET D 245 -19.10 14.34 38.24
N VAL D 246 -18.82 13.95 39.48
CA VAL D 246 -18.44 12.58 39.78
C VAL D 246 -19.61 11.64 39.54
N THR D 247 -20.83 12.09 39.86
CA THR D 247 -22.02 11.29 39.64
C THR D 247 -22.29 11.14 38.15
N ALA D 248 -22.19 12.24 37.41
CA ALA D 248 -22.50 12.22 35.98
C ALA D 248 -21.49 11.42 35.20
N ASN D 249 -20.25 11.38 35.67
CA ASN D 249 -19.27 10.48 35.08
C ASN D 249 -19.62 9.04 35.39
N ARG D 250 -20.04 8.76 36.62
CA ARG D 250 -20.37 7.41 37.02
C ARG D 250 -21.62 6.92 36.33
N PHE D 251 -22.51 7.84 35.97
CA PHE D 251 -23.69 7.46 35.20
C PHE D 251 -23.31 7.00 33.82
N TRP D 252 -22.67 7.88 33.04
CA TRP D 252 -22.43 7.56 31.64
C TRP D 252 -21.34 6.52 31.45
N SER D 253 -20.48 6.30 32.45
CA SER D 253 -19.48 5.26 32.32
C SER D 253 -20.10 3.87 32.35
N GLN D 254 -21.30 3.75 32.90
CA GLN D 254 -22.00 2.49 32.95
C GLN D 254 -23.13 2.38 31.94
N ILE D 255 -23.73 3.50 31.54
CA ILE D 255 -24.71 3.45 30.47
C ILE D 255 -24.04 3.31 29.12
N PHE D 256 -23.21 4.28 28.76
CA PHE D 256 -22.64 4.35 27.43
C PHE D 256 -21.27 3.70 27.35
N GLY D 257 -20.56 3.59 28.47
CA GLY D 257 -19.28 2.92 28.53
C GLY D 257 -18.11 3.85 28.67
N VAL D 258 -18.21 5.05 28.13
CA VAL D 258 -17.12 6.01 28.20
C VAL D 258 -17.73 7.40 28.39
N ALA D 259 -17.02 8.26 29.12
CA ALA D 259 -17.64 9.50 29.56
C ALA D 259 -16.58 10.54 29.85
N PHE D 260 -17.00 11.81 29.79
CA PHE D 260 -16.12 12.92 30.11
C PHE D 260 -15.78 12.94 31.58
N SER D 261 -14.51 13.15 31.89
CA SER D 261 -14.06 13.40 33.25
C SER D 261 -13.37 14.75 33.33
N ASN D 262 -13.82 15.72 32.53
CA ASN D 262 -13.10 16.97 32.42
C ASN D 262 -14.07 18.02 31.88
N LYS D 263 -14.43 19.00 32.71
CA LYS D 263 -15.35 20.05 32.29
C LYS D 263 -14.71 20.99 31.29
N ARG D 264 -13.39 21.15 31.36
CA ARG D 264 -12.71 21.99 30.39
C ARG D 264 -12.64 21.31 29.04
N TRP D 265 -12.48 19.99 29.02
CA TRP D 265 -12.48 19.27 27.76
C TRP D 265 -13.88 19.10 27.22
N LEU D 266 -14.88 19.05 28.10
CA LEU D 266 -16.25 18.85 27.65
C LEU D 266 -16.74 20.05 26.89
N HIS D 267 -16.64 21.24 27.50
CA HIS D 267 -17.14 22.43 26.87
C HIS D 267 -16.30 22.85 25.68
N PHE D 268 -15.04 22.46 25.62
CA PHE D 268 -14.34 22.67 24.36
C PHE D 268 -14.86 21.74 23.29
N PHE D 269 -15.26 20.53 23.66
CA PHE D 269 -15.73 19.57 22.68
C PHE D 269 -17.10 19.96 22.15
N MET D 270 -17.85 20.75 22.91
CA MET D 270 -19.09 21.32 22.42
C MET D 270 -18.88 22.48 21.49
N LEU D 271 -17.65 22.98 21.37
CA LEU D 271 -17.30 23.99 20.39
C LEU D 271 -16.77 23.36 19.12
N PHE D 272 -15.98 22.32 19.26
CA PHE D 272 -15.29 21.72 18.11
C PHE D 272 -16.27 21.04 17.19
N VAL D 273 -17.22 20.31 17.75
CA VAL D 273 -18.12 19.47 16.95
C VAL D 273 -19.09 20.27 16.08
N PRO D 274 -19.76 21.33 16.56
CA PRO D 274 -20.64 22.06 15.62
C PRO D 274 -19.87 22.87 14.60
N VAL D 275 -18.72 23.41 14.97
CA VAL D 275 -18.02 24.35 14.10
C VAL D 275 -17.32 23.61 12.97
N THR D 276 -16.72 22.46 13.27
CA THR D 276 -16.02 21.67 12.25
C THR D 276 -16.98 21.15 11.19
N GLY D 277 -18.23 20.89 11.55
CA GLY D 277 -19.21 20.51 10.55
C GLY D 277 -19.58 21.64 9.63
N LEU D 278 -19.33 22.88 10.04
CA LEU D 278 -19.53 24.00 9.13
C LEU D 278 -18.29 24.30 8.32
N TRP D 279 -17.11 23.88 8.79
CA TRP D 279 -15.93 24.09 7.98
C TRP D 279 -15.74 22.99 6.96
N THR D 280 -16.00 21.74 7.34
CA THR D 280 -15.85 20.64 6.38
C THR D 280 -16.92 20.70 5.31
N SER D 281 -18.13 21.14 5.65
CA SER D 281 -19.16 21.27 4.62
C SER D 281 -18.93 22.51 3.76
N SER D 282 -18.12 23.44 4.23
CA SER D 282 -17.83 24.63 3.45
C SER D 282 -16.76 24.36 2.41
N ILE D 283 -15.93 23.35 2.65
CA ILE D 283 -14.90 23.00 1.69
C ILE D 283 -15.51 22.34 0.46
N GLY D 284 -16.57 21.57 0.64
CA GLY D 284 -17.16 20.87 -0.48
C GLY D 284 -17.94 21.77 -1.40
N ILE D 285 -18.59 22.79 -0.85
CA ILE D 285 -19.41 23.68 -1.66
C ILE D 285 -18.53 24.63 -2.47
N VAL D 286 -17.29 24.83 -2.06
CA VAL D 286 -16.31 25.48 -2.92
C VAL D 286 -15.93 24.54 -4.06
N GLY D 287 -15.91 23.24 -3.81
CA GLY D 287 -15.66 22.32 -4.89
C GLY D 287 -16.84 22.09 -5.81
N LEU D 288 -18.00 22.67 -5.52
CA LEU D 288 -19.10 22.61 -6.46
C LEU D 288 -19.28 23.90 -7.22
N ALA D 289 -18.60 24.96 -6.84
CA ALA D 289 -18.50 26.10 -7.71
C ALA D 289 -17.74 25.75 -8.99
N LEU D 290 -16.84 24.79 -8.91
CA LEU D 290 -16.02 24.39 -10.04
C LEU D 290 -16.56 23.18 -10.74
N ASN D 291 -17.75 22.74 -10.34
CA ASN D 291 -18.37 21.50 -10.79
C ASN D 291 -17.47 20.29 -10.59
N LEU D 292 -16.67 20.28 -9.55
CA LEU D 292 -15.94 19.08 -9.14
C LEU D 292 -16.79 18.31 -8.12
N ARG D 293 -17.81 17.66 -8.64
CA ARG D 293 -18.77 16.94 -7.83
C ARG D 293 -18.40 15.46 -7.72
N ALA D 294 -18.82 14.86 -6.61
CA ALA D 294 -18.75 13.41 -6.48
C ALA D 294 -20.04 12.83 -7.06
N TYR D 295 -20.04 12.69 -8.39
CA TYR D 295 -21.27 12.33 -9.06
C TYR D 295 -21.45 10.82 -9.13
N ASP D 296 -20.43 10.09 -9.56
CA ASP D 296 -20.61 8.67 -9.81
C ASP D 296 -19.45 7.85 -9.25
N PHE D 297 -19.76 6.62 -8.87
CA PHE D 297 -18.77 5.58 -8.69
C PHE D 297 -18.67 4.84 -10.01
N VAL D 298 -17.53 4.98 -10.68
CA VAL D 298 -17.42 4.47 -12.05
C VAL D 298 -17.43 2.96 -12.07
N SER D 299 -16.94 2.32 -10.99
CA SER D 299 -17.02 0.87 -10.91
C SER D 299 -18.46 0.40 -10.77
N GLN D 300 -19.32 1.23 -10.18
CA GLN D 300 -20.74 0.94 -10.18
C GLN D 300 -21.37 1.24 -11.54
N GLU D 301 -20.82 2.23 -12.26
CA GLU D 301 -21.45 2.64 -13.49
C GLU D 301 -21.03 1.77 -14.67
N LEU D 302 -19.76 1.34 -14.67
CA LEU D 302 -19.30 0.45 -15.72
C LEU D 302 -19.95 -0.92 -15.61
N ARG D 303 -20.26 -1.33 -14.39
CA ARG D 303 -20.87 -2.64 -14.17
C ARG D 303 -22.35 -2.62 -14.54
N ALA D 304 -23.05 -1.54 -14.21
CA ALA D 304 -24.48 -1.47 -14.50
C ALA D 304 -24.72 -1.27 -15.98
N ALA D 305 -23.71 -0.80 -16.72
CA ALA D 305 -23.85 -0.71 -18.17
C ALA D 305 -23.68 -2.06 -18.83
N GLU D 306 -22.73 -2.86 -18.34
CA GLU D 306 -22.47 -4.15 -18.97
C GLU D 306 -23.42 -5.22 -18.48
N ASP D 307 -23.89 -5.11 -17.25
CA ASP D 307 -24.82 -6.08 -16.68
C ASP D 307 -26.16 -5.40 -16.49
N PRO D 308 -27.14 -5.63 -17.37
CA PRO D 308 -28.44 -4.98 -17.19
C PRO D 308 -29.35 -5.74 -16.24
N GLU D 309 -28.80 -6.22 -15.14
CA GLU D 309 -29.55 -6.78 -14.03
C GLU D 309 -29.05 -6.27 -12.69
N PHE D 310 -27.87 -5.67 -12.65
CA PHE D 310 -27.24 -5.27 -11.40
C PHE D 310 -27.80 -3.92 -10.96
N GLU D 311 -28.52 -3.92 -9.85
CA GLU D 311 -29.14 -2.73 -9.32
C GLU D 311 -28.77 -2.57 -7.87
N THR D 312 -28.37 -1.36 -7.49
CA THR D 312 -28.15 -1.01 -6.11
C THR D 312 -29.12 0.09 -5.74
N PHE D 313 -29.03 0.57 -4.50
CA PHE D 313 -29.74 1.80 -4.16
C PHE D 313 -29.07 3.00 -4.81
N TYR D 314 -27.79 2.86 -5.12
CA TYR D 314 -27.02 3.97 -5.64
C TYR D 314 -27.42 4.30 -7.07
N THR D 315 -27.67 3.29 -7.89
CA THR D 315 -28.12 3.54 -9.25
C THR D 315 -29.58 3.96 -9.26
N LYS D 316 -30.30 3.71 -8.16
CA LYS D 316 -31.67 4.19 -8.06
C LYS D 316 -31.70 5.68 -7.83
N ASN D 317 -30.63 6.25 -7.30
CA ASN D 317 -30.62 7.69 -7.04
C ASN D 317 -30.26 8.47 -8.29
N HIS D 318 -29.63 7.82 -9.28
CA HIS D 318 -29.34 8.52 -10.52
C HIS D 318 -30.60 8.71 -11.35
N LEU D 319 -31.50 7.73 -11.32
CA LEU D 319 -32.75 7.89 -12.05
C LEU D 319 -33.65 8.90 -11.36
N LEU D 320 -33.49 9.08 -10.05
CA LEU D 320 -34.20 10.17 -9.40
C LEU D 320 -33.61 11.50 -9.77
N ASP D 321 -32.33 11.53 -10.16
CA ASP D 321 -31.70 12.78 -10.55
C ASP D 321 -31.93 13.13 -12.01
N GLU D 322 -32.22 12.15 -12.86
CA GLU D 322 -32.66 12.48 -14.20
C GLU D 322 -34.01 13.17 -14.18
N GLY D 323 -34.86 12.80 -13.23
CA GLY D 323 -36.12 13.51 -13.08
C GLY D 323 -35.93 14.93 -12.57
N ILE D 324 -34.92 15.14 -11.74
CA ILE D 324 -34.69 16.51 -11.31
C ILE D 324 -34.02 17.29 -12.43
N ARG D 325 -33.09 16.70 -13.17
CA ARG D 325 -32.42 17.44 -14.23
C ARG D 325 -33.30 17.73 -15.43
N ALA D 326 -34.37 16.99 -15.66
CA ALA D 326 -35.16 17.21 -16.86
C ALA D 326 -36.43 18.00 -16.58
N TRP D 327 -37.10 17.72 -15.47
CA TRP D 327 -38.43 18.26 -15.27
C TRP D 327 -38.40 19.69 -14.77
N MET D 328 -37.48 20.01 -13.87
CA MET D 328 -37.49 21.37 -13.36
C MET D 328 -36.70 22.32 -14.24
N ALA D 329 -35.74 21.82 -15.03
CA ALA D 329 -34.84 22.68 -15.78
C ALA D 329 -35.52 23.46 -16.89
N ALA D 330 -36.72 23.05 -17.31
CA ALA D 330 -37.48 23.87 -18.24
C ALA D 330 -37.94 25.16 -17.59
N GLN D 331 -38.48 25.09 -16.37
CA GLN D 331 -38.97 26.25 -15.67
C GLN D 331 -37.93 26.89 -14.77
N ASP D 332 -36.86 26.16 -14.47
CA ASP D 332 -35.75 26.68 -13.68
C ASP D 332 -35.04 27.81 -14.39
N GLN D 333 -34.72 27.61 -15.66
CA GLN D 333 -33.82 28.48 -16.41
C GLN D 333 -34.60 28.99 -17.62
N PRO D 334 -35.40 30.04 -17.45
CA PRO D 334 -36.15 30.57 -18.59
C PRO D 334 -35.26 31.36 -19.54
N HIS D 335 -34.06 31.73 -19.11
CA HIS D 335 -33.15 32.47 -19.98
C HIS D 335 -32.60 31.57 -21.06
N GLU D 336 -32.47 30.28 -20.79
CA GLU D 336 -31.81 29.40 -21.74
C GLU D 336 -32.80 28.89 -22.79
N ASN D 337 -34.10 29.04 -22.50
CA ASN D 337 -35.22 28.62 -23.35
C ASN D 337 -35.13 27.15 -23.68
N PHE D 338 -35.22 26.30 -22.66
CA PHE D 338 -35.38 24.87 -22.86
C PHE D 338 -36.81 24.61 -23.29
N VAL D 339 -37.00 24.20 -24.54
CA VAL D 339 -38.32 23.76 -24.94
C VAL D 339 -38.22 22.25 -25.09
N PHE D 340 -38.57 21.53 -24.05
CA PHE D 340 -38.55 20.08 -24.16
C PHE D 340 -39.85 19.60 -24.79
N PRO D 341 -39.78 18.64 -25.70
CA PRO D 341 -40.98 17.89 -26.05
C PRO D 341 -41.46 17.04 -24.89
N GLU D 342 -42.70 16.57 -25.02
CA GLU D 342 -43.24 15.64 -24.03
C GLU D 342 -42.56 14.29 -24.10
N GLU D 343 -42.00 13.95 -25.25
CA GLU D 343 -41.47 12.63 -25.51
C GLU D 343 -40.00 12.46 -25.16
N VAL D 344 -39.32 13.50 -24.69
CA VAL D 344 -37.97 13.33 -24.18
C VAL D 344 -37.92 13.30 -22.67
N LEU D 345 -38.95 13.76 -21.99
CA LEU D 345 -38.94 13.81 -20.55
C LEU D 345 -39.04 12.40 -20.00
N PRO D 346 -38.08 11.96 -19.19
CA PRO D 346 -38.11 10.59 -18.67
C PRO D 346 -39.24 10.42 -17.67
N ARG D 347 -40.25 9.66 -18.08
CA ARG D 347 -41.30 9.22 -17.21
C ARG D 347 -41.05 7.76 -16.87
N GLY D 348 -41.63 7.32 -15.75
CA GLY D 348 -41.69 5.91 -15.43
C GLY D 348 -42.88 5.26 -16.11
N ASN D 349 -43.12 4.02 -15.72
CA ASN D 349 -44.28 3.29 -16.20
C ASN D 349 -45.51 3.85 -15.52
N ALA D 350 -46.45 4.38 -16.31
CA ALA D 350 -47.81 4.72 -15.88
C ALA D 350 -47.83 5.80 -14.80
N LEU D 351 -46.84 6.67 -14.84
CA LEU D 351 -46.84 7.84 -13.98
C LEU D 351 -46.69 9.10 -14.82
N ARG E 9 -33.21 54.82 32.48
CA ARG E 9 -34.57 54.51 32.89
C ARG E 9 -34.91 53.07 32.52
N PRO E 10 -35.56 52.33 33.43
CA PRO E 10 -35.95 50.95 33.13
C PRO E 10 -37.04 50.92 32.07
N PHE E 11 -37.05 49.84 31.28
CA PHE E 11 -37.93 49.78 30.12
C PHE E 11 -39.38 49.56 30.53
N SER E 12 -39.61 48.77 31.59
CA SER E 12 -40.97 48.47 32.01
C SER E 12 -41.59 49.66 32.72
N ASP E 13 -40.78 50.58 33.21
CA ASP E 13 -41.32 51.79 33.83
C ASP E 13 -41.78 52.78 32.77
N ILE E 14 -41.31 52.62 31.53
CA ILE E 14 -41.69 53.53 30.46
C ILE E 14 -43.09 53.22 29.97
N ILE E 15 -43.34 51.96 29.61
CA ILE E 15 -44.55 51.62 28.87
C ILE E 15 -45.76 51.59 29.80
N THR E 16 -45.53 51.52 31.10
CA THR E 16 -46.64 51.58 32.04
C THR E 16 -47.00 53.01 32.39
N SER E 17 -46.15 53.96 32.01
CA SER E 17 -46.44 55.36 32.30
C SER E 17 -47.49 55.89 31.34
N VAL E 18 -48.25 56.88 31.79
CA VAL E 18 -49.33 57.43 30.97
C VAL E 18 -48.76 58.33 29.89
N ARG E 19 -47.74 59.12 30.23
CA ARG E 19 -47.13 60.08 29.30
C ARG E 19 -46.57 59.39 28.07
N TYR E 20 -46.12 58.15 28.23
CA TYR E 20 -45.77 57.33 27.08
C TYR E 20 -46.96 57.11 26.16
N TRP E 21 -48.09 56.68 26.72
CA TRP E 21 -49.25 56.40 25.88
C TRP E 21 -49.98 57.66 25.45
N ILE E 22 -49.62 58.82 25.98
CA ILE E 22 -50.16 60.05 25.42
C ILE E 22 -49.52 60.32 24.06
N ILE E 23 -48.20 60.17 23.97
CA ILE E 23 -47.51 60.46 22.73
C ILE E 23 -47.81 59.41 21.68
N HIS E 24 -47.67 58.14 22.05
CA HIS E 24 -47.80 57.07 21.07
C HIS E 24 -49.23 56.66 20.79
N SER E 25 -50.22 57.40 21.27
CA SER E 25 -51.59 57.15 20.82
C SER E 25 -51.90 57.95 19.58
N ILE E 26 -51.05 58.93 19.27
CA ILE E 26 -51.22 59.69 18.04
C ILE E 26 -50.29 59.15 16.97
N THR E 27 -49.06 58.82 17.35
CA THR E 27 -48.03 58.50 16.36
C THR E 27 -48.25 57.14 15.72
N ILE E 28 -48.74 56.16 16.49
CA ILE E 28 -48.98 54.83 15.92
C ILE E 28 -50.13 54.82 14.89
N PRO E 29 -51.31 55.41 15.14
CA PRO E 29 -52.30 55.43 14.05
C PRO E 29 -51.94 56.36 12.92
N SER E 30 -51.15 57.41 13.18
CA SER E 30 -50.74 58.28 12.08
C SER E 30 -49.68 57.64 11.21
N LEU E 31 -49.05 56.57 11.69
CA LEU E 31 -48.00 55.87 10.95
C LEU E 31 -48.49 54.56 10.37
N PHE E 32 -49.48 53.94 10.99
CA PHE E 32 -50.08 52.72 10.45
C PHE E 32 -50.98 53.04 9.27
N VAL E 33 -51.73 54.14 9.34
CA VAL E 33 -52.58 54.55 8.23
C VAL E 33 -51.73 55.05 7.08
N SER E 34 -50.59 55.66 7.36
CA SER E 34 -49.68 56.04 6.27
C SER E 34 -49.08 54.82 5.59
N GLY E 35 -48.97 53.69 6.30
CA GLY E 35 -48.60 52.45 5.64
C GLY E 35 -49.75 51.82 4.88
N TRP E 36 -50.98 52.13 5.29
CA TRP E 36 -52.15 51.72 4.52
C TRP E 36 -52.26 52.52 3.23
N LEU E 37 -52.13 53.85 3.34
CA LEU E 37 -52.28 54.73 2.19
C LEU E 37 -51.13 54.59 1.21
N PHE E 38 -50.00 54.07 1.67
CA PHE E 38 -48.89 53.77 0.78
C PHE E 38 -49.22 52.65 -0.20
N ILE E 39 -50.20 51.82 0.12
CA ILE E 39 -50.59 50.71 -0.74
C ILE E 39 -51.87 51.02 -1.50
N SER E 40 -52.89 51.53 -0.79
CA SER E 40 -54.21 51.70 -1.38
C SER E 40 -54.25 52.81 -2.41
N THR E 41 -53.33 53.77 -2.34
CA THR E 41 -53.23 54.80 -3.36
C THR E 41 -52.36 54.37 -4.54
N GLY E 42 -51.96 53.11 -4.58
CA GLY E 42 -51.24 52.59 -5.73
C GLY E 42 -49.84 53.12 -5.87
N LEU E 43 -49.24 53.57 -4.77
CA LEU E 43 -47.94 54.21 -4.83
C LEU E 43 -46.82 53.18 -4.83
N ALA E 44 -47.02 52.05 -4.16
CA ALA E 44 -45.97 51.04 -4.03
C ALA E 44 -45.71 50.30 -5.32
N TYR E 45 -46.64 50.31 -6.26
CA TYR E 45 -46.40 49.67 -7.53
C TYR E 45 -45.50 50.48 -8.43
N ASP E 46 -45.35 51.77 -8.16
CA ASP E 46 -44.58 52.64 -9.01
C ASP E 46 -43.19 52.92 -8.48
N VAL E 47 -42.99 52.90 -7.17
CA VAL E 47 -41.65 53.05 -6.62
C VAL E 47 -40.81 51.83 -6.93
N PHE E 48 -41.35 50.65 -6.64
CA PHE E 48 -40.60 49.42 -6.77
C PHE E 48 -40.83 48.70 -8.08
N GLY E 49 -41.73 49.20 -8.92
CA GLY E 49 -41.94 48.60 -10.22
C GLY E 49 -42.60 47.25 -10.21
N THR E 50 -43.30 46.92 -9.15
CA THR E 50 -43.98 45.63 -9.03
C THR E 50 -45.22 45.65 -9.92
N PRO E 51 -45.48 44.59 -10.68
CA PRO E 51 -46.68 44.58 -11.52
C PRO E 51 -47.96 44.48 -10.69
N ARG E 52 -48.94 45.28 -11.08
CA ARG E 52 -50.31 45.12 -10.62
C ARG E 52 -50.89 43.81 -11.16
N PRO E 53 -52.00 43.32 -10.59
CA PRO E 53 -52.65 42.14 -11.17
C PRO E 53 -53.16 42.33 -12.59
N ASN E 54 -53.37 43.57 -13.03
CA ASN E 54 -53.78 43.81 -14.41
C ASN E 54 -52.66 43.57 -15.40
N GLU E 55 -51.41 43.76 -14.97
CA GLU E 55 -50.30 43.99 -15.89
C GLU E 55 -49.16 42.98 -15.74
N TYR E 56 -49.46 41.74 -15.41
CA TYR E 56 -48.43 40.71 -15.58
C TYR E 56 -48.21 40.44 -17.05
N PHE E 57 -49.28 40.17 -17.77
CA PHE E 57 -49.24 40.05 -19.21
C PHE E 57 -49.91 41.27 -19.83
N THR E 58 -49.59 41.52 -21.08
CA THR E 58 -50.22 42.57 -21.84
C THR E 58 -50.95 41.97 -23.03
N GLN E 59 -51.51 42.85 -23.86
CA GLN E 59 -52.17 42.39 -25.07
C GLN E 59 -51.15 41.91 -26.09
N ASP E 60 -50.05 42.64 -26.24
CA ASP E 60 -49.00 42.23 -27.17
C ASP E 60 -48.15 41.12 -26.56
N ARG E 61 -47.48 41.42 -25.46
CA ARG E 61 -46.53 40.49 -24.85
C ARG E 61 -47.32 39.47 -24.04
N GLN E 62 -47.34 38.23 -24.52
CA GLN E 62 -48.06 37.14 -23.89
C GLN E 62 -47.13 36.11 -23.27
N GLN E 63 -45.83 36.34 -23.32
CA GLN E 63 -44.87 35.42 -22.74
C GLN E 63 -44.36 35.99 -21.43
N VAL E 64 -43.36 35.33 -20.86
CA VAL E 64 -42.74 35.77 -19.62
C VAL E 64 -41.62 36.74 -19.97
N PRO E 65 -41.62 37.96 -19.44
CA PRO E 65 -40.59 38.94 -19.83
C PRO E 65 -39.28 38.61 -19.15
N LEU E 66 -38.19 38.63 -19.92
CA LEU E 66 -36.88 38.47 -19.34
C LEU E 66 -35.92 39.50 -19.89
N VAL E 67 -34.93 39.81 -19.08
CA VAL E 67 -33.83 40.68 -19.46
C VAL E 67 -32.78 39.82 -20.16
N ASN E 68 -32.32 40.27 -21.32
CA ASN E 68 -31.42 39.46 -22.13
C ASN E 68 -30.19 40.26 -22.56
N ASP E 69 -29.80 41.27 -21.80
CA ASP E 69 -28.62 42.05 -22.16
C ASP E 69 -27.94 42.54 -20.89
N ARG E 70 -26.60 42.60 -20.94
CA ARG E 70 -25.82 43.09 -19.81
C ARG E 70 -26.00 44.58 -19.61
N PHE E 71 -25.76 45.37 -20.65
CA PHE E 71 -25.63 46.81 -20.47
C PHE E 71 -26.84 47.63 -20.89
N SER E 72 -27.64 47.16 -21.85
CA SER E 72 -28.88 47.85 -22.20
C SER E 72 -30.06 47.27 -21.45
N ALA E 73 -29.82 46.75 -20.25
CA ALA E 73 -30.88 46.15 -19.44
C ALA E 73 -31.86 47.19 -18.95
N LYS E 74 -31.39 48.42 -18.75
CA LYS E 74 -32.31 49.50 -18.41
C LYS E 74 -33.20 49.85 -19.59
N GLN E 75 -32.64 49.81 -20.80
CA GLN E 75 -33.42 50.15 -21.98
C GLN E 75 -34.41 49.04 -22.32
N GLU E 76 -34.04 47.78 -22.05
CA GLU E 76 -34.95 46.68 -22.33
C GLU E 76 -36.11 46.64 -21.35
N LEU E 77 -35.90 47.10 -20.11
CA LEU E 77 -37.00 47.18 -19.17
C LEU E 77 -37.84 48.42 -19.42
N GLU E 78 -37.32 49.39 -20.16
CA GLU E 78 -38.18 50.46 -20.66
C GLU E 78 -39.10 49.95 -21.75
N ASP E 79 -38.69 48.89 -22.44
CA ASP E 79 -39.53 48.30 -23.46
C ASP E 79 -40.66 47.48 -22.84
N LEU E 80 -40.32 46.60 -21.91
CA LEU E 80 -41.25 45.62 -21.38
C LEU E 80 -42.23 46.19 -20.36
N THR E 81 -42.11 47.46 -19.98
CA THR E 81 -43.01 48.04 -19.00
C THR E 81 -43.87 49.17 -19.55
N LYS E 82 -43.81 49.46 -20.85
CA LYS E 82 -44.69 50.49 -21.39
C LYS E 82 -46.07 49.94 -21.69
N GLY E 83 -46.15 48.84 -22.44
CA GLY E 83 -47.41 48.30 -22.91
C GLY E 83 -48.31 47.74 -21.82
N PHE F 16 -28.81 59.21 23.16
CA PHE F 16 -30.10 58.78 23.66
C PHE F 16 -30.68 57.66 22.81
N ARG F 17 -31.35 56.71 23.47
CA ARG F 17 -31.79 55.44 22.89
C ARG F 17 -33.10 55.55 22.11
N TRP F 18 -33.64 56.75 21.95
CA TRP F 18 -34.80 56.94 21.10
C TRP F 18 -34.45 56.78 19.63
N LEU F 19 -33.17 56.88 19.29
CA LEU F 19 -32.75 56.62 17.92
C LEU F 19 -32.44 55.15 17.70
N ALA F 20 -32.36 54.37 18.77
CA ALA F 20 -31.96 52.98 18.64
C ALA F 20 -33.15 52.08 18.41
N ILE F 21 -34.27 52.35 19.07
CA ILE F 21 -35.46 51.52 18.99
C ILE F 21 -36.27 51.93 17.76
N HIS F 22 -36.45 53.23 17.61
CA HIS F 22 -37.34 53.78 16.60
C HIS F 22 -36.73 53.75 15.21
N GLY F 23 -35.48 53.32 15.08
CA GLY F 23 -34.99 52.93 13.78
C GLY F 23 -35.44 51.56 13.37
N LEU F 24 -35.94 50.78 14.34
CA LEU F 24 -36.44 49.44 14.09
C LEU F 24 -37.95 49.33 14.22
N ALA F 25 -38.58 50.20 15.01
CA ALA F 25 -40.01 50.11 15.26
C ALA F 25 -40.85 50.99 14.36
N ILE F 26 -40.37 52.18 14.00
CA ILE F 26 -41.08 53.05 13.06
C ILE F 26 -41.15 52.40 11.68
N PRO F 27 -40.13 51.72 11.13
CA PRO F 27 -40.39 50.90 9.94
C PRO F 27 -41.38 49.77 10.15
N THR F 28 -41.31 49.05 11.28
CA THR F 28 -42.07 47.81 11.45
C THR F 28 -43.57 48.06 11.45
N VAL F 29 -44.01 49.15 12.09
CA VAL F 29 -45.43 49.49 12.05
C VAL F 29 -45.82 49.99 10.67
N PHE F 30 -44.89 50.58 9.94
CA PHE F 30 -45.22 51.07 8.61
C PHE F 30 -45.40 49.92 7.63
N PHE F 31 -44.59 48.87 7.74
CA PHE F 31 -44.77 47.73 6.85
C PHE F 31 -46.01 46.92 7.22
N LEU F 32 -46.32 46.82 8.52
CA LEU F 32 -47.54 46.13 8.93
C LEU F 32 -48.80 46.89 8.53
N GLY F 33 -48.68 48.20 8.33
CA GLY F 33 -49.75 48.94 7.70
C GLY F 33 -49.95 48.54 6.25
N GLY F 34 -48.90 48.02 5.62
CA GLY F 34 -49.03 47.55 4.25
C GLY F 34 -49.42 46.10 4.15
N ILE F 35 -49.03 45.29 5.12
CA ILE F 35 -49.35 43.87 5.04
C ILE F 35 -50.81 43.62 5.39
N THR F 36 -51.40 44.44 6.25
CA THR F 36 -52.85 44.37 6.43
C THR F 36 -53.63 44.89 5.23
N ALA F 37 -53.06 45.79 4.44
CA ALA F 37 -53.77 46.28 3.28
C ALA F 37 -53.72 45.28 2.14
N MET F 38 -52.72 44.41 2.11
CA MET F 38 -52.59 43.45 1.04
C MET F 38 -53.48 42.23 1.24
N GLN F 39 -54.09 42.09 2.42
CA GLN F 39 -55.03 40.99 2.61
C GLN F 39 -56.34 41.28 1.90
N PHE F 40 -56.64 42.56 1.71
CA PHE F 40 -57.93 42.96 1.16
C PHE F 40 -57.82 43.32 -0.30
N ILE F 41 -56.62 43.22 -0.87
CA ILE F 41 -56.47 43.40 -2.30
C ILE F 41 -56.74 42.09 -3.00
N GLN F 42 -57.63 42.12 -3.99
CA GLN F 42 -57.87 40.98 -4.85
C GLN F 42 -57.70 41.42 -6.28
N ARG F 43 -57.63 40.45 -7.19
CA ARG F 43 -57.38 40.56 -8.63
C ARG F 43 -57.74 41.84 -9.39
N ALA G 2 25.55 33.41 21.68
CA ALA G 2 26.79 34.08 22.02
C ALA G 2 27.98 33.39 21.36
N LEU G 3 28.00 33.37 20.03
CA LEU G 3 29.11 32.84 19.26
C LEU G 3 29.37 33.81 18.11
N ARG G 4 30.47 34.55 18.20
CA ARG G 4 30.79 35.51 17.15
C ARG G 4 31.24 34.79 15.88
N THR G 5 30.53 35.05 14.79
CA THR G 5 30.95 34.59 13.49
C THR G 5 31.21 35.79 12.61
N ARG G 6 31.94 35.56 11.51
CA ARG G 6 32.32 36.66 10.65
C ARG G 6 31.13 37.22 9.89
N LEU G 7 30.18 36.38 9.53
CA LEU G 7 28.94 36.89 8.95
C LEU G 7 28.06 37.51 10.02
N GLY G 8 28.21 37.06 11.27
CA GLY G 8 27.43 37.66 12.35
C GLY G 8 27.89 39.05 12.69
N GLU G 9 29.16 39.36 12.42
CA GLU G 9 29.68 40.68 12.74
C GLU G 9 29.19 41.73 11.76
N ILE G 10 28.90 41.32 10.53
CA ILE G 10 28.46 42.29 9.53
C ILE G 10 27.02 42.68 9.79
N LEU G 11 26.16 41.70 10.01
CA LEU G 11 24.73 41.93 10.16
C LEU G 11 24.34 42.45 11.52
N ARG G 12 25.28 42.49 12.46
CA ARG G 12 25.00 42.88 13.85
C ARG G 12 24.40 44.27 14.03
N PRO G 13 24.77 45.34 13.28
CA PRO G 13 24.05 46.60 13.48
C PRO G 13 22.62 46.61 12.96
N LEU G 14 22.23 45.60 12.18
CA LEU G 14 20.85 45.55 11.73
C LEU G 14 19.94 45.01 12.81
N ASN G 15 20.49 44.22 13.73
CA ASN G 15 19.71 43.67 14.81
C ASN G 15 19.99 44.37 16.13
N ALA G 16 20.95 45.32 16.15
CA ALA G 16 21.39 45.91 17.41
C ALA G 16 20.32 46.80 18.01
N GLU G 17 19.49 47.38 17.16
CA GLU G 17 18.33 48.13 17.62
C GLU G 17 17.22 47.13 17.90
N TYR G 18 16.49 47.31 18.99
CA TYR G 18 15.33 46.47 19.27
C TYR G 18 14.37 47.25 20.16
N GLY G 19 13.25 47.65 19.62
CA GLY G 19 12.22 48.28 20.41
C GLY G 19 12.34 49.78 20.57
N LYS G 20 13.23 50.44 19.83
CA LYS G 20 13.18 51.89 19.77
C LYS G 20 11.96 52.31 18.98
N VAL G 21 11.21 53.27 19.50
CA VAL G 21 10.00 53.75 18.86
C VAL G 21 10.12 55.24 18.61
N ALA G 22 9.33 55.72 17.66
CA ALA G 22 9.17 57.15 17.47
C ALA G 22 8.12 57.62 18.46
N PRO G 23 8.42 58.59 19.32
CA PRO G 23 7.47 58.95 20.38
C PRO G 23 6.28 59.72 19.82
N GLY G 24 5.09 59.31 20.21
CA GLY G 24 3.88 59.99 19.79
C GLY G 24 3.13 59.22 18.74
N TRP G 25 2.38 59.98 17.94
CA TRP G 25 1.60 59.37 16.87
C TRP G 25 2.46 59.12 15.64
N GLY G 26 3.47 59.96 15.43
CA GLY G 26 4.47 59.67 14.41
C GLY G 26 3.93 59.84 13.01
N THR G 27 4.28 58.88 12.16
CA THR G 27 3.86 58.86 10.77
C THR G 27 2.62 58.02 10.56
N THR G 28 1.74 57.96 11.56
CA THR G 28 0.47 57.25 11.38
C THR G 28 -0.51 57.97 10.44
N PRO G 29 -0.70 59.32 10.49
CA PRO G 29 -1.59 59.91 9.49
C PRO G 29 -1.04 59.87 8.07
N ILE G 30 0.26 59.69 7.89
CA ILE G 30 0.78 59.51 6.54
C ILE G 30 0.41 58.13 6.03
N MET G 31 0.38 57.15 6.92
CA MET G 31 0.06 55.78 6.53
C MET G 31 -1.40 55.64 6.11
N GLY G 32 -2.31 56.27 6.84
CA GLY G 32 -3.72 56.13 6.53
C GLY G 32 -4.12 56.74 5.21
N ILE G 33 -3.43 57.80 4.80
CA ILE G 33 -3.67 58.38 3.49
C ILE G 33 -3.20 57.42 2.40
N VAL G 34 -2.16 56.63 2.69
CA VAL G 34 -1.77 55.58 1.76
C VAL G 34 -2.78 54.44 1.77
N MET G 35 -3.31 54.11 2.94
CA MET G 35 -4.26 52.99 3.03
C MET G 35 -5.62 53.36 2.46
N LEU G 36 -6.05 54.61 2.64
CA LEU G 36 -7.23 55.09 1.94
C LEU G 36 -7.02 55.09 0.44
N ALA G 37 -5.80 55.35 -0.01
CA ALA G 37 -5.52 55.36 -1.43
C ALA G 37 -5.50 53.95 -1.98
N PHE G 38 -4.95 53.00 -1.23
CA PHE G 38 -4.85 51.63 -1.72
C PHE G 38 -6.19 50.94 -1.65
N LEU G 39 -7.10 51.44 -0.83
CA LEU G 39 -8.46 50.93 -0.84
C LEU G 39 -9.18 51.35 -2.10
N ILE G 40 -8.96 52.58 -2.55
CA ILE G 40 -9.60 53.06 -3.76
C ILE G 40 -9.01 52.36 -4.99
N PHE G 41 -7.72 52.01 -4.92
CA PHE G 41 -7.08 51.33 -6.04
C PHE G 41 -7.65 49.94 -6.25
N LEU G 42 -7.97 49.23 -5.17
CA LEU G 42 -8.47 47.88 -5.32
C LEU G 42 -9.92 47.88 -5.78
N VAL G 43 -10.68 48.90 -5.41
CA VAL G 43 -12.05 49.03 -5.88
C VAL G 43 -12.08 49.29 -7.38
N ILE G 44 -11.12 50.08 -7.88
CA ILE G 44 -11.14 50.46 -9.29
C ILE G 44 -10.77 49.29 -10.18
N ILE G 45 -9.71 48.54 -9.83
CA ILE G 45 -9.26 47.49 -10.72
C ILE G 45 -10.16 46.26 -10.63
N LEU G 46 -10.98 46.17 -9.59
CA LEU G 46 -11.99 45.14 -9.56
C LEU G 46 -13.15 45.49 -10.47
N GLN G 47 -13.52 46.77 -10.52
CA GLN G 47 -14.68 47.16 -11.30
C GLN G 47 -14.33 47.26 -12.77
N ILE G 48 -13.06 47.46 -13.11
CA ILE G 48 -12.61 47.31 -14.49
C ILE G 48 -12.78 45.86 -14.93
N TYR G 49 -12.39 44.93 -14.07
CA TYR G 49 -12.42 43.51 -14.36
C TYR G 49 -13.83 42.97 -14.41
N ASN G 50 -14.73 43.56 -13.64
CA ASN G 50 -16.11 43.12 -13.53
C ASN G 50 -16.98 43.68 -14.64
N SER G 51 -16.40 44.51 -15.51
CA SER G 51 -17.11 45.35 -16.48
C SER G 51 -18.19 46.20 -15.83
N SER G 52 -17.98 46.63 -14.60
CA SER G 52 -18.86 47.60 -13.97
C SER G 52 -18.24 48.98 -13.90
N LEU G 53 -17.10 49.17 -14.57
CA LEU G 53 -16.49 50.48 -14.74
C LEU G 53 -15.85 50.47 -16.12
N ILE G 54 -16.49 51.12 -17.08
CA ILE G 54 -16.07 51.05 -18.47
C ILE G 54 -15.14 52.20 -18.76
N ILE G 55 -13.94 51.89 -19.21
CA ILE G 55 -12.95 52.87 -19.63
C ILE G 55 -12.85 52.78 -21.15
N GLU G 56 -12.81 53.94 -21.80
CA GLU G 56 -12.70 53.98 -23.25
C GLU G 56 -11.38 53.40 -23.71
N ASN G 57 -11.47 52.55 -24.75
CA ASN G 57 -10.34 51.80 -25.33
C ASN G 57 -9.70 50.87 -24.31
N VAL G 58 -10.50 50.35 -23.38
CA VAL G 58 -10.12 49.24 -22.51
C VAL G 58 -11.24 48.22 -22.54
N ASP G 59 -11.00 47.08 -23.19
CA ASP G 59 -12.00 46.04 -23.32
C ASP G 59 -11.48 44.79 -22.62
N VAL G 60 -12.25 44.29 -21.66
CA VAL G 60 -11.87 43.10 -20.92
C VAL G 60 -12.34 41.91 -21.74
N ASP G 61 -11.45 41.38 -22.58
CA ASP G 61 -11.72 40.22 -23.40
C ASP G 61 -10.37 39.68 -23.80
N TRP G 62 -10.36 38.44 -24.28
CA TRP G 62 -9.12 37.83 -24.76
C TRP G 62 -8.62 38.57 -25.98
N ALA G 63 -7.49 39.24 -25.82
CA ALA G 63 -6.95 40.13 -26.84
C ALA G 63 -5.81 39.43 -27.58
N ASN G 64 -5.58 39.88 -28.80
CA ASN G 64 -4.51 39.35 -29.64
C ASN G 64 -3.17 39.84 -29.10
N GLY G 65 -2.56 39.05 -28.23
CA GLY G 65 -1.16 39.24 -27.94
C GLY G 65 -0.32 38.93 -29.17
N ILE G 66 0.79 39.64 -29.31
CA ILE G 66 1.56 39.60 -30.55
C ILE G 66 2.22 38.23 -30.70
N VAL G 67 2.02 37.60 -31.84
CA VAL G 67 2.72 36.36 -32.11
C VAL G 67 3.64 36.54 -33.32
N MET H 1 -37.99 -22.98 10.99
CA MET H 1 -38.86 -23.94 10.32
C MET H 1 -39.30 -25.02 11.30
N LEU H 2 -40.01 -24.58 12.35
CA LEU H 2 -40.69 -25.36 13.38
C LEU H 2 -39.78 -26.11 14.32
N THR H 3 -38.49 -26.13 14.08
CA THR H 3 -37.51 -26.47 15.08
C THR H 3 -36.80 -25.24 15.60
N LEU H 4 -36.48 -24.31 14.70
CA LEU H 4 -36.05 -22.98 15.08
C LEU H 4 -37.11 -22.23 15.84
N LYS H 5 -38.38 -22.44 15.49
CA LYS H 5 -39.47 -21.68 16.10
C LYS H 5 -39.60 -22.00 17.58
N ILE H 6 -39.44 -23.28 17.93
CA ILE H 6 -39.44 -23.71 19.33
C ILE H 6 -38.32 -23.02 20.09
N LEU H 7 -37.17 -22.83 19.42
CA LEU H 7 -36.01 -22.27 20.11
C LEU H 7 -36.20 -20.79 20.42
N VAL H 8 -37.04 -20.11 19.64
CA VAL H 8 -37.19 -18.67 19.84
C VAL H 8 -38.13 -18.38 21.00
N TYR H 9 -39.24 -19.13 21.10
CA TYR H 9 -40.19 -18.92 22.19
C TYR H 9 -39.60 -19.32 23.54
N THR H 10 -38.62 -20.22 23.55
CA THR H 10 -37.85 -20.41 24.76
C THR H 10 -37.10 -19.16 25.13
N THR H 11 -36.35 -18.60 24.16
CA THR H 11 -35.46 -17.49 24.45
C THR H 11 -36.23 -16.21 24.72
N VAL H 12 -37.37 -16.01 24.07
CA VAL H 12 -38.15 -14.80 24.33
C VAL H 12 -38.71 -14.82 25.74
N ILE H 13 -39.51 -15.83 26.07
CA ILE H 13 -40.16 -15.87 27.38
C ILE H 13 -39.21 -16.34 28.47
N PHE H 14 -37.96 -16.65 28.16
CA PHE H 14 -36.97 -16.64 29.22
C PHE H 14 -36.68 -15.22 29.66
N PHE H 15 -36.32 -14.35 28.72
CA PHE H 15 -35.91 -13.01 29.11
C PHE H 15 -37.09 -12.10 29.44
N VAL H 16 -38.25 -12.36 28.83
CA VAL H 16 -39.43 -11.60 29.18
C VAL H 16 -39.86 -11.93 30.61
N SER H 17 -39.70 -13.18 31.02
CA SER H 17 -40.04 -13.53 32.39
C SER H 17 -39.03 -13.00 33.39
N LEU H 18 -37.78 -12.81 32.98
CA LEU H 18 -36.82 -12.13 33.84
C LEU H 18 -37.16 -10.66 33.97
N PHE H 19 -37.79 -10.10 32.94
CA PHE H 19 -38.20 -8.72 33.00
C PHE H 19 -39.43 -8.55 33.87
N ILE H 20 -40.41 -9.44 33.69
CA ILE H 20 -41.67 -9.36 34.42
C ILE H 20 -41.44 -9.63 35.90
N PHE H 21 -40.72 -10.68 36.22
CA PHE H 21 -40.43 -10.97 37.61
C PHE H 21 -39.21 -10.22 38.12
N GLY H 22 -38.68 -9.28 37.35
CA GLY H 22 -37.66 -8.43 37.90
C GLY H 22 -38.28 -7.27 38.64
N PHE H 23 -39.29 -6.66 38.05
CA PHE H 23 -39.93 -5.53 38.70
C PHE H 23 -40.95 -5.94 39.74
N LEU H 24 -41.36 -7.18 39.74
CA LEU H 24 -42.14 -7.69 40.86
C LEU H 24 -41.27 -8.01 42.05
N SER H 25 -39.95 -8.00 41.89
CA SER H 25 -39.02 -8.33 42.97
C SER H 25 -38.71 -7.14 43.85
N SER H 26 -39.74 -6.45 44.34
CA SER H 26 -39.65 -5.30 45.25
C SER H 26 -38.73 -4.23 44.69
N ASP H 27 -38.89 -3.95 43.41
CA ASP H 27 -37.99 -3.08 42.68
C ASP H 27 -37.99 -1.61 43.07
N PRO H 28 -39.10 -0.99 43.52
CA PRO H 28 -38.96 0.37 44.06
C PRO H 28 -38.06 0.48 45.27
N SER H 29 -37.90 -0.59 46.06
CA SER H 29 -37.10 -0.48 47.27
C SER H 29 -35.61 -0.53 47.01
N ARG H 30 -35.18 -0.70 45.75
CA ARG H 30 -33.76 -0.82 45.43
C ARG H 30 -33.22 0.53 44.99
N ASN H 31 -33.04 1.40 45.96
CA ASN H 31 -32.60 2.77 45.70
C ASN H 31 -31.43 3.06 46.64
N PRO H 32 -30.62 4.11 46.41
CA PRO H 32 -29.57 4.44 47.37
C PRO H 32 -30.05 5.20 48.59
N ASN H 33 -31.35 5.42 48.75
CA ASN H 33 -31.83 6.13 49.92
C ASN H 33 -31.78 5.24 51.15
N ARG H 34 -32.52 4.14 51.12
CA ARG H 34 -32.57 3.20 52.23
C ARG H 34 -32.85 1.82 51.64
N LYS H 35 -32.07 0.84 52.09
CA LYS H 35 -32.17 -0.57 51.68
C LYS H 35 -32.07 -0.77 50.16
N ARG I 6 -49.99 55.72 35.93
CA ARG I 6 -49.61 54.33 36.16
C ARG I 6 -50.65 53.38 35.61
N ILE I 7 -50.20 52.42 34.80
CA ILE I 7 -51.06 51.39 34.23
C ILE I 7 -50.52 50.05 34.67
N PRO I 8 -51.35 49.11 35.11
CA PRO I 8 -50.87 47.75 35.39
C PRO I 8 -50.33 47.09 34.15
N LEU I 9 -49.20 46.39 34.31
CA LEU I 9 -48.46 45.86 33.19
C LEU I 9 -49.21 44.75 32.48
N TRP I 10 -50.04 44.00 33.22
CA TRP I 10 -50.76 42.90 32.60
C TRP I 10 -51.89 43.41 31.72
N LEU I 11 -52.39 44.62 31.98
CA LEU I 11 -53.33 45.23 31.05
C LEU I 11 -52.65 45.60 29.75
N VAL I 12 -51.38 45.97 29.82
CA VAL I 12 -50.65 46.34 28.61
C VAL I 12 -50.37 45.12 27.75
N GLY I 13 -49.98 44.01 28.38
CA GLY I 13 -49.74 42.79 27.62
C GLY I 13 -51.02 42.13 27.14
N LEU I 14 -52.15 42.47 27.78
CA LEU I 14 -53.42 41.95 27.32
C LEU I 14 -53.87 42.64 26.05
N VAL I 15 -53.82 43.97 26.04
CA VAL I 15 -54.33 44.73 24.90
C VAL I 15 -53.42 44.58 23.70
N GLY I 16 -52.11 44.61 23.93
CA GLY I 16 -51.18 44.35 22.84
C GLY I 16 -51.17 42.90 22.41
N GLY I 17 -51.48 41.99 23.34
CA GLY I 17 -51.47 40.57 23.01
C GLY I 17 -52.65 40.17 22.15
N LEU I 18 -53.82 40.74 22.40
CA LEU I 18 -54.95 40.49 21.50
C LEU I 18 -54.85 41.32 20.24
N ALA I 19 -54.04 42.39 20.26
CA ALA I 19 -53.80 43.15 19.04
C ALA I 19 -52.98 42.33 18.05
N VAL I 20 -52.06 41.51 18.54
CA VAL I 20 -51.29 40.62 17.68
C VAL I 20 -52.17 39.54 17.06
N ILE I 21 -53.14 39.04 17.84
CA ILE I 21 -54.07 38.03 17.34
C ILE I 21 -54.95 38.62 16.25
N THR I 22 -55.32 39.90 16.38
CA THR I 22 -56.02 40.57 15.29
C THR I 22 -55.10 40.83 14.11
N MET I 23 -53.79 40.81 14.30
CA MET I 23 -52.88 40.93 13.16
C MET I 23 -52.59 39.58 12.53
N LEU I 24 -52.38 38.54 13.34
CA LEU I 24 -52.03 37.23 12.81
C LEU I 24 -53.20 36.60 12.10
N SER I 25 -54.37 36.56 12.75
CA SER I 25 -55.55 35.98 12.14
C SER I 25 -56.04 36.78 10.95
N LEU I 26 -55.64 38.04 10.84
CA LEU I 26 -55.87 38.79 9.62
C LEU I 26 -55.00 38.27 8.49
N PHE I 27 -53.80 37.78 8.81
CA PHE I 27 -52.91 37.27 7.77
C PHE I 27 -53.34 35.89 7.31
N PHE I 28 -53.89 35.08 8.23
CA PHE I 28 -54.43 33.79 7.83
C PHE I 28 -55.77 33.93 7.15
N TYR I 29 -56.40 35.09 7.30
CA TYR I 29 -57.61 35.37 6.53
C TYR I 29 -57.28 35.52 5.06
N GLY I 30 -56.28 36.33 4.75
CA GLY I 30 -55.99 36.63 3.36
C GLY I 30 -55.22 35.54 2.66
N SER I 31 -54.99 34.42 3.33
CA SER I 31 -54.55 33.22 2.63
C SER I 31 -55.71 32.56 1.92
N TYR I 32 -56.94 32.84 2.35
CA TYR I 32 -58.13 32.27 1.75
C TYR I 32 -58.96 33.28 0.99
N SER I 33 -58.44 34.49 0.79
CA SER I 33 -59.17 35.51 0.07
C SER I 33 -58.16 36.50 -0.51
N GLY I 34 -58.57 37.16 -1.58
CA GLY I 34 -57.71 38.17 -2.15
C GLY I 34 -56.63 37.54 -2.99
N LEU I 35 -55.44 38.13 -2.95
CA LEU I 35 -54.33 37.63 -3.75
C LEU I 35 -53.70 36.42 -3.09
N GLY I 36 -53.17 35.52 -3.91
CA GLY I 36 -52.53 34.34 -3.39
C GLY I 36 -53.46 33.33 -2.78
N SER I 37 -54.73 33.37 -3.15
CA SER I 37 -55.73 32.48 -2.58
C SER I 37 -56.16 31.38 -3.54
N SER I 38 -55.74 31.45 -4.81
CA SER I 38 -56.09 30.51 -5.88
C SER I 38 -57.60 30.39 -6.07
N LEU I 39 -58.30 31.50 -5.93
CA LEU I 39 -59.75 31.50 -6.15
C LEU I 39 -60.08 31.75 -7.61
N ARG J 8 -78.35 23.12 7.20
CA ARG J 8 -77.92 23.89 8.35
C ARG J 8 -78.79 23.54 9.55
N LEU J 9 -78.75 24.35 10.61
CA LEU J 9 -79.57 24.24 11.81
C LEU J 9 -81.07 24.23 11.48
N PRO J 10 -81.93 23.70 12.37
CA PRO J 10 -83.37 23.79 12.13
C PRO J 10 -83.86 25.23 12.05
N GLU J 11 -85.07 25.38 11.50
CA GLU J 11 -85.55 26.69 11.07
C GLU J 11 -85.80 27.62 12.25
N ALA J 12 -86.05 27.06 13.42
CA ALA J 12 -86.18 27.89 14.62
C ALA J 12 -84.81 28.32 15.15
N TYR J 13 -83.74 27.87 14.52
CA TYR J 13 -82.40 28.13 15.03
C TYR J 13 -81.45 28.65 13.97
N VAL J 14 -81.97 29.11 12.83
CA VAL J 14 -81.08 29.58 11.77
C VAL J 14 -80.57 30.98 12.11
N VAL J 15 -81.21 31.63 13.07
CA VAL J 15 -80.89 32.99 13.49
C VAL J 15 -79.53 33.02 14.15
N PHE J 16 -79.23 31.99 14.96
CA PHE J 16 -78.04 31.95 15.77
C PHE J 16 -76.86 31.29 15.06
N SER J 17 -76.93 31.19 13.74
CA SER J 17 -75.81 30.61 12.99
C SER J 17 -74.49 31.38 13.07
N PRO J 18 -74.42 32.70 13.31
CA PRO J 18 -73.09 33.28 13.60
C PRO J 18 -72.53 32.90 14.96
N ILE J 19 -73.38 32.80 15.98
CA ILE J 19 -72.90 32.59 17.34
C ILE J 19 -72.34 31.18 17.50
N VAL J 20 -72.97 30.20 16.85
CA VAL J 20 -72.54 28.82 16.91
C VAL J 20 -71.18 28.62 16.26
N ASP J 21 -70.85 29.43 15.25
CA ASP J 21 -69.57 29.31 14.57
C ASP J 21 -68.39 29.67 15.47
N VAL J 22 -68.63 30.53 16.46
CA VAL J 22 -67.59 30.91 17.39
C VAL J 22 -67.38 29.85 18.47
N LEU J 23 -68.40 29.03 18.73
CA LEU J 23 -68.41 28.19 19.92
C LEU J 23 -67.31 27.14 20.05
N PRO J 24 -66.84 26.43 19.01
CA PRO J 24 -65.73 25.49 19.25
C PRO J 24 -64.42 26.18 19.58
N ILE J 25 -64.26 27.45 19.24
CA ILE J 25 -63.02 28.15 19.55
C ILE J 25 -62.87 28.38 21.03
N ILE J 26 -63.98 28.51 21.75
CA ILE J 26 -64.06 28.89 23.16
C ILE J 26 -63.25 28.00 24.11
N PRO J 27 -63.13 26.68 23.93
CA PRO J 27 -62.16 25.94 24.74
C PRO J 27 -60.71 26.36 24.60
N VAL J 28 -60.27 26.93 23.46
CA VAL J 28 -58.92 27.49 23.41
C VAL J 28 -58.82 28.69 24.32
N PHE J 29 -59.91 29.45 24.43
CA PHE J 29 -59.92 30.66 25.23
C PHE J 29 -59.83 30.39 26.72
N PHE J 30 -60.08 29.16 27.16
CA PHE J 30 -59.83 28.82 28.56
C PHE J 30 -58.37 28.56 28.83
N LEU J 31 -57.62 28.11 27.83
CA LEU J 31 -56.20 27.94 28.01
C LEU J 31 -55.52 29.29 28.16
N LEU J 32 -55.94 30.26 27.36
CA LEU J 32 -55.42 31.61 27.47
C LEU J 32 -55.95 32.34 28.68
N LEU J 33 -57.08 31.90 29.24
CA LEU J 33 -57.62 32.53 30.43
C LEU J 33 -56.78 32.22 31.65
N ALA J 34 -56.07 31.09 31.64
CA ALA J 34 -55.19 30.76 32.75
C ALA J 34 -54.01 31.71 32.82
N PHE J 35 -53.39 32.00 31.65
CA PHE J 35 -52.23 32.86 31.63
C PHE J 35 -52.59 34.31 31.92
N VAL J 36 -53.75 34.76 31.43
CA VAL J 36 -54.25 36.09 31.77
C VAL J 36 -54.50 36.19 33.26
N TRP J 37 -55.02 35.11 33.85
CA TRP J 37 -55.21 35.11 35.28
C TRP J 37 -53.87 35.04 36.03
N GLN J 38 -52.88 34.35 35.48
CA GLN J 38 -51.58 34.39 36.12
C GLN J 38 -50.87 35.72 35.95
N ALA J 39 -51.17 36.46 34.89
CA ALA J 39 -50.58 37.78 34.75
C ALA J 39 -51.18 38.76 35.75
N ALA J 40 -52.50 38.70 35.92
CA ALA J 40 -53.17 39.64 36.81
C ALA J 40 -52.90 39.34 38.27
N ILE J 41 -52.51 38.12 38.59
CA ILE J 41 -52.19 37.79 39.98
C ILE J 41 -50.73 38.14 40.20
N GLY J 42 -50.02 38.44 39.12
CA GLY J 42 -48.63 38.82 39.25
C GLY J 42 -47.70 37.63 39.27
N PHE J 43 -48.15 36.50 38.70
CA PHE J 43 -47.41 35.24 38.64
C PHE J 43 -46.98 34.76 40.01
N ARG J 44 -47.81 34.99 41.01
CA ARG J 44 -47.48 34.56 42.36
C ARG J 44 -48.57 33.65 42.93
N MET K 1 28.94 22.45 17.37
CA MET K 1 27.70 22.71 18.08
C MET K 1 27.78 23.97 18.91
N THR K 2 26.65 24.30 19.52
CA THR K 2 26.61 25.29 20.59
C THR K 2 25.93 24.62 21.78
N GLY K 3 25.54 25.41 22.77
CA GLY K 3 25.00 24.91 24.01
C GLY K 3 23.66 24.22 23.86
N PRO K 4 23.16 23.64 24.95
CA PRO K 4 21.83 23.00 24.92
C PRO K 4 20.73 24.04 24.91
N ASN K 5 19.69 23.78 24.14
CA ASN K 5 18.61 24.73 23.99
C ASN K 5 17.76 24.75 25.25
N PRO K 6 17.52 25.90 25.86
CA PRO K 6 16.56 25.97 26.97
C PRO K 6 15.10 25.89 26.55
N ASN K 7 14.82 25.79 25.27
CA ASN K 7 13.46 25.62 24.77
C ASN K 7 13.10 24.17 24.51
N LYS K 8 13.82 23.22 25.11
CA LYS K 8 13.39 21.83 25.03
C LYS K 8 12.16 21.64 25.89
N GLN K 9 11.13 21.05 25.31
CA GLN K 9 9.95 20.66 26.05
C GLN K 9 9.69 19.19 25.80
N ALA K 10 8.58 18.72 26.36
CA ALA K 10 8.18 17.34 26.21
C ALA K 10 6.80 17.29 25.58
N VAL K 11 6.55 16.23 24.84
CA VAL K 11 5.29 16.03 24.16
C VAL K 11 4.48 15.01 24.94
N GLU K 12 3.19 15.26 25.08
CA GLU K 12 2.33 14.36 25.81
C GLU K 12 1.14 13.96 24.95
N LEU K 13 0.64 12.75 25.20
CA LEU K 13 -0.59 12.26 24.61
C LEU K 13 -1.13 11.21 25.55
N ASN K 14 -2.19 11.50 26.27
CA ASN K 14 -2.75 10.55 27.22
C ASN K 14 -3.51 9.44 26.47
N ARG K 15 -3.98 8.44 27.23
CA ARG K 15 -4.67 7.30 26.64
C ARG K 15 -6.01 7.69 26.05
N THR K 16 -6.65 8.71 26.63
CA THR K 16 -7.89 9.26 26.08
C THR K 16 -7.69 9.77 24.67
N SER K 17 -6.67 10.60 24.46
CA SER K 17 -6.54 11.27 23.17
C SER K 17 -5.96 10.35 22.12
N LEU K 18 -5.47 9.18 22.54
CA LEU K 18 -5.10 8.16 21.57
C LEU K 18 -6.32 7.61 20.86
N TYR K 19 -7.39 7.32 21.60
CA TYR K 19 -8.53 6.65 21.00
C TYR K 19 -9.33 7.61 20.15
N TRP K 20 -9.31 8.90 20.48
CA TRP K 20 -9.88 9.90 19.58
C TRP K 20 -9.17 9.90 18.26
N GLY K 21 -7.84 9.95 18.30
CA GLY K 21 -7.09 10.10 17.08
C GLY K 21 -7.04 8.84 16.25
N LEU K 22 -7.16 7.68 16.89
CA LEU K 22 -7.29 6.45 16.13
C LEU K 22 -8.63 6.39 15.42
N LEU K 23 -9.70 6.62 16.18
CA LEU K 23 -11.05 6.58 15.61
C LEU K 23 -11.26 7.68 14.58
N LEU K 24 -10.56 8.80 14.72
CA LEU K 24 -10.63 9.86 13.71
C LEU K 24 -10.06 9.38 12.39
N ILE K 25 -9.00 8.60 12.42
CA ILE K 25 -8.36 8.18 11.19
C ILE K 25 -9.14 7.04 10.54
N PHE K 26 -9.64 6.10 11.33
CA PHE K 26 -10.36 4.99 10.74
C PHE K 26 -11.72 5.41 10.17
N VAL K 27 -12.40 6.36 10.81
CA VAL K 27 -13.69 6.80 10.29
C VAL K 27 -13.50 7.64 9.03
N LEU K 28 -12.45 8.47 8.99
CA LEU K 28 -12.07 9.10 7.73
C LEU K 28 -11.59 8.11 6.70
N ALA K 29 -11.05 6.97 7.14
CA ALA K 29 -10.66 5.95 6.17
C ALA K 29 -11.88 5.20 5.66
N VAL K 30 -12.88 5.00 6.51
CA VAL K 30 -14.12 4.38 6.06
C VAL K 30 -14.85 5.30 5.09
N LEU K 31 -14.89 6.58 5.41
CA LEU K 31 -15.67 7.53 4.64
C LEU K 31 -15.07 7.77 3.26
N PHE K 32 -13.77 8.04 3.21
CA PHE K 32 -13.16 8.46 1.97
C PHE K 32 -12.63 7.30 1.13
N SER K 33 -12.77 6.05 1.57
CA SER K 33 -12.24 4.95 0.77
C SER K 33 -13.09 4.72 -0.46
N SER K 34 -14.41 4.77 -0.30
CA SER K 34 -15.34 4.44 -1.37
C SER K 34 -15.19 5.39 -2.55
N TYR K 35 -14.79 6.62 -2.28
CA TYR K 35 -14.59 7.61 -3.32
C TYR K 35 -13.26 7.44 -4.00
N PHE K 36 -12.23 7.06 -3.24
CA PHE K 36 -10.91 6.86 -3.80
C PHE K 36 -10.84 5.63 -4.68
N PHE K 37 -11.46 4.53 -4.26
CA PHE K 37 -11.57 3.37 -5.13
C PHE K 37 -12.45 3.63 -6.33
N ASN K 38 -13.36 4.60 -6.22
CA ASN K 38 -14.24 5.07 -7.28
C ASN K 38 -15.10 3.93 -7.82
N GLU L 44 -13.93 -1.94 -12.54
CA GLU L 44 -12.54 -1.50 -12.55
C GLU L 44 -12.29 -0.38 -11.55
N VAL L 45 -11.41 -0.62 -10.59
CA VAL L 45 -11.09 0.36 -9.56
C VAL L 45 -9.67 0.87 -9.80
N GLN L 46 -9.36 1.98 -9.18
CA GLN L 46 -8.04 2.57 -9.30
C GLN L 46 -7.08 1.89 -8.34
N PHE L 47 -5.98 1.37 -8.87
CA PHE L 47 -5.05 0.59 -8.07
C PHE L 47 -4.12 1.45 -7.24
N GLY L 48 -4.18 2.77 -7.37
CA GLY L 48 -3.51 3.65 -6.46
C GLY L 48 -4.33 4.03 -5.26
N ALA L 49 -5.54 3.48 -5.15
CA ALA L 49 -6.39 3.78 -4.01
C ALA L 49 -6.10 2.86 -2.85
N TYR L 50 -5.59 1.66 -3.12
CA TYR L 50 -5.12 0.79 -2.05
C TYR L 50 -3.96 1.43 -1.31
N LEU L 51 -3.05 2.06 -2.05
CA LEU L 51 -1.97 2.81 -1.43
C LEU L 51 -2.45 4.06 -0.75
N ALA L 52 -3.56 4.65 -1.20
CA ALA L 52 -4.07 5.84 -0.54
C ALA L 52 -4.71 5.47 0.79
N VAL L 53 -5.52 4.43 0.80
CA VAL L 53 -6.27 4.09 1.99
C VAL L 53 -5.37 3.43 3.03
N LEU L 54 -4.63 2.40 2.64
CA LEU L 54 -3.86 1.62 3.61
C LEU L 54 -2.63 2.36 4.12
N LEU L 55 -2.17 3.39 3.42
CA LEU L 55 -1.21 4.31 4.04
C LEU L 55 -1.90 5.48 4.70
N GLY L 56 -3.12 5.82 4.26
CA GLY L 56 -3.91 6.81 4.98
C GLY L 56 -4.40 6.28 6.31
N THR L 57 -4.59 4.97 6.43
CA THR L 57 -4.79 4.41 7.75
C THR L 57 -3.49 4.37 8.54
N PHE L 58 -2.53 3.58 8.06
CA PHE L 58 -1.46 3.08 8.91
C PHE L 58 -0.45 4.15 9.29
N LEU L 59 0.01 4.94 8.32
CA LEU L 59 1.01 5.97 8.60
C LEU L 59 0.56 7.03 9.61
N PRO L 60 -0.67 7.58 9.55
CA PRO L 60 -1.03 8.52 10.61
C PRO L 60 -1.43 7.82 11.89
N ALA L 61 -1.94 6.60 11.82
CA ALA L 61 -2.37 5.91 13.03
C ALA L 61 -1.17 5.35 13.78
N LEU L 62 -0.13 4.93 13.06
CA LEU L 62 1.09 4.54 13.74
C LEU L 62 1.81 5.75 14.30
N PHE L 63 1.55 6.93 13.75
CA PHE L 63 2.12 8.14 14.35
C PHE L 63 1.52 8.41 15.73
N LEU L 64 0.20 8.27 15.87
CA LEU L 64 -0.45 8.63 17.12
C LEU L 64 -0.16 7.61 18.20
N VAL L 65 0.23 6.40 17.81
CA VAL L 65 0.65 5.42 18.80
C VAL L 65 1.98 5.83 19.42
N ASN L 66 2.85 6.46 18.63
CA ASN L 66 4.20 6.78 19.10
C ASN L 66 4.17 7.87 20.12
N LEU L 67 3.28 8.83 19.94
CA LEU L 67 3.15 9.89 20.91
C LEU L 67 2.55 9.39 22.21
N PHE L 68 1.87 8.25 22.19
CA PHE L 68 1.37 7.70 23.44
C PHE L 68 2.41 6.84 24.14
N ILE L 69 3.23 6.12 23.38
CA ILE L 69 4.23 5.25 23.99
C ILE L 69 5.33 6.07 24.65
N GLN L 70 5.75 7.17 24.02
CA GLN L 70 6.75 8.01 24.67
C GLN L 70 6.14 8.83 25.79
N THR L 71 4.82 9.02 25.80
CA THR L 71 4.18 9.66 26.93
C THR L 71 4.25 8.77 28.15
N GLU L 72 3.96 7.48 27.98
CA GLU L 72 3.99 6.56 29.10
C GLU L 72 5.41 6.22 29.51
N ALA L 73 6.36 6.38 28.60
CA ALA L 73 7.75 6.14 28.95
C ALA L 73 8.31 7.27 29.80
N ARG L 74 7.89 8.51 29.54
CA ARG L 74 8.31 9.63 30.39
C ARG L 74 7.70 9.53 31.76
N LYS L 75 6.47 9.05 31.85
CA LYS L 75 5.84 8.87 33.15
C LYS L 75 6.49 7.72 33.90
N ALA L 76 6.89 6.67 33.18
CA ALA L 76 7.63 5.59 33.81
C ALA L 76 9.09 5.96 33.98
N GLY L 77 9.55 6.98 33.27
CA GLY L 77 10.92 7.41 33.42
C GLY L 77 11.13 8.20 34.70
N LYS L 78 10.21 9.09 35.03
CA LYS L 78 10.36 9.90 36.23
C LYS L 78 10.10 9.08 37.48
N ALA L 79 9.16 8.13 37.41
CA ALA L 79 8.65 7.39 38.56
C ALA L 79 9.71 6.58 39.31
N GLY L 80 10.78 6.20 38.62
CA GLY L 80 11.95 5.69 39.31
C GLY L 80 11.86 4.28 39.83
N GLY L 81 10.80 3.54 39.51
CA GLY L 81 10.69 2.20 40.04
C GLY L 81 10.50 1.13 38.99
N GLN L 82 11.49 0.25 38.84
CA GLN L 82 11.46 -1.04 38.16
C GLN L 82 11.38 -0.92 36.64
N ASP L 83 11.13 0.28 36.13
CA ASP L 83 10.92 0.47 34.70
C ASP L 83 11.69 1.66 34.14
N SER L 84 12.38 2.43 34.97
CA SER L 84 12.99 3.65 34.46
C SER L 84 14.26 3.35 33.69
N ASP L 85 15.25 2.77 34.36
CA ASP L 85 16.50 2.27 33.77
C ASP L 85 17.32 3.32 33.02
N LYS M 3 -62.35 -28.77 -5.43
CA LYS M 3 -63.38 -29.78 -5.29
C LYS M 3 -64.69 -29.10 -5.04
N SER M 4 -65.67 -29.87 -4.59
CA SER M 4 -66.81 -29.28 -3.92
C SER M 4 -66.55 -29.12 -2.43
N GLN M 5 -65.53 -29.80 -1.92
CA GLN M 5 -65.15 -29.64 -0.52
C GLN M 5 -64.48 -28.29 -0.30
N ILE M 6 -63.73 -27.82 -1.29
CA ILE M 6 -63.16 -26.48 -1.22
C ILE M 6 -64.26 -25.42 -1.32
N ASN M 7 -65.28 -25.69 -2.14
CA ASN M 7 -66.38 -24.75 -2.29
C ASN M 7 -67.27 -24.67 -1.06
N GLU M 8 -67.16 -25.63 -0.15
CA GLU M 8 -67.89 -25.56 1.11
C GLU M 8 -67.41 -24.40 1.97
N LEU M 9 -66.11 -24.13 1.93
CA LEU M 9 -65.50 -23.15 2.81
C LEU M 9 -65.88 -21.73 2.40
N SER M 10 -65.75 -20.80 3.34
CA SER M 10 -65.90 -19.39 3.05
C SER M 10 -64.55 -18.80 2.72
N TYR M 11 -64.52 -17.49 2.50
CA TYR M 11 -63.27 -16.86 2.10
C TYR M 11 -62.32 -16.68 3.29
N LEU M 12 -62.87 -16.38 4.46
CA LEU M 12 -62.02 -16.10 5.62
C LEU M 12 -61.37 -17.37 6.16
N GLN M 13 -61.88 -18.53 5.78
CA GLN M 13 -61.30 -19.78 6.26
C GLN M 13 -60.20 -20.25 5.33
N VAL M 14 -60.19 -19.77 4.10
CA VAL M 14 -59.18 -20.21 3.15
C VAL M 14 -57.94 -19.32 3.23
N LYS M 15 -58.14 -18.03 3.47
CA LYS M 15 -57.05 -17.06 3.32
C LYS M 15 -55.99 -17.24 4.40
N GLY M 16 -54.74 -17.06 4.00
CA GLY M 16 -53.62 -17.27 4.90
C GLY M 16 -53.28 -18.72 5.16
N THR M 17 -54.02 -19.67 4.59
CA THR M 17 -53.77 -21.08 4.85
C THR M 17 -53.05 -21.79 3.71
N GLY M 18 -52.83 -21.12 2.58
CA GLY M 18 -52.16 -21.76 1.48
C GLY M 18 -52.98 -22.82 0.77
N LEU M 19 -54.30 -22.71 0.82
CA LEU M 19 -55.16 -23.69 0.17
C LEU M 19 -55.51 -23.30 -1.25
N ALA M 20 -55.66 -21.99 -1.51
CA ALA M 20 -56.07 -21.52 -2.82
C ALA M 20 -54.98 -21.76 -3.87
N ASN M 21 -53.75 -21.99 -3.44
CA ASN M 21 -52.67 -22.36 -4.33
C ASN M 21 -52.80 -23.78 -4.87
N ARG M 22 -53.53 -24.66 -4.19
CA ARG M 22 -53.46 -26.09 -4.46
C ARG M 22 -54.64 -26.52 -5.31
N CYS M 23 -54.35 -27.27 -6.37
CA CYS M 23 -55.38 -27.83 -7.20
C CYS M 23 -56.14 -28.92 -6.46
N ALA M 24 -57.34 -29.19 -6.95
CA ALA M 24 -58.25 -30.13 -6.36
C ALA M 24 -57.79 -31.57 -6.58
N GLU M 25 -58.40 -32.46 -5.82
CA GLU M 25 -58.15 -33.89 -5.93
C GLU M 25 -59.43 -34.54 -6.44
N VAL M 26 -59.38 -35.07 -7.65
CA VAL M 26 -60.52 -35.76 -8.24
C VAL M 26 -60.56 -37.19 -7.70
N VAL M 27 -61.77 -37.74 -7.54
CA VAL M 27 -61.99 -39.00 -6.84
C VAL M 27 -62.55 -40.03 -7.82
N GLY M 28 -61.90 -41.17 -7.92
CA GLY M 28 -62.47 -42.26 -8.71
C GLY M 28 -62.06 -42.20 -10.16
N GLU M 29 -62.34 -43.28 -10.88
CA GLU M 29 -61.99 -43.39 -12.30
C GLU M 29 -63.13 -44.02 -13.09
N ASP M 30 -63.46 -43.38 -14.21
CA ASP M 30 -64.43 -43.88 -15.19
C ASP M 30 -64.14 -43.17 -16.52
N SER M 31 -65.10 -43.19 -17.43
CA SER M 31 -64.94 -42.53 -18.71
C SER M 31 -65.94 -41.38 -18.83
N ILE M 32 -65.55 -40.36 -19.60
CA ILE M 32 -66.45 -39.26 -19.94
C ILE M 32 -66.22 -38.90 -21.40
N LYS M 33 -67.31 -38.59 -22.10
CA LYS M 33 -67.26 -38.30 -23.51
C LYS M 33 -67.40 -36.80 -23.74
N PRO M 34 -66.50 -36.19 -24.50
CA PRO M 34 -66.68 -34.77 -24.84
C PRO M 34 -67.77 -34.60 -25.87
N LYS M 35 -68.70 -33.69 -25.56
CA LYS M 35 -69.82 -33.35 -26.42
C LYS M 35 -69.34 -32.60 -27.66
N PRO M 36 -70.21 -32.38 -28.67
CA PRO M 36 -69.82 -31.49 -29.78
C PRO M 36 -69.45 -30.08 -29.37
N GLY M 37 -70.30 -29.40 -28.60
CA GLY M 37 -69.97 -28.10 -28.08
C GLY M 37 -69.26 -28.10 -26.74
N ALA M 38 -68.49 -29.14 -26.44
CA ALA M 38 -67.87 -29.29 -25.13
C ALA M 38 -66.76 -28.27 -24.94
N LYS M 39 -66.77 -27.62 -23.79
CA LYS M 39 -65.85 -26.53 -23.50
C LYS M 39 -65.29 -26.73 -22.11
N LEU M 40 -63.97 -26.77 -22.02
CA LEU M 40 -63.30 -27.03 -20.75
C LEU M 40 -63.35 -25.79 -19.87
N VAL M 41 -63.61 -26.00 -18.58
CA VAL M 41 -64.01 -24.91 -17.71
C VAL M 41 -62.94 -24.51 -16.70
N ASP M 42 -62.51 -25.41 -15.81
CA ASP M 42 -61.72 -24.95 -14.67
C ASP M 42 -60.39 -25.66 -14.61
N MET M 43 -59.69 -25.72 -15.73
CA MET M 43 -58.39 -26.36 -15.71
C MET M 43 -57.37 -25.55 -14.93
N CYS M 44 -56.91 -26.12 -13.82
CA CYS M 44 -55.81 -25.55 -13.05
C CYS M 44 -54.62 -26.50 -13.16
N ILE M 45 -53.44 -25.91 -13.20
CA ILE M 45 -52.19 -26.65 -13.30
C ILE M 45 -51.29 -26.22 -12.16
N GLU M 46 -50.83 -27.17 -11.36
CA GLU M 46 -49.85 -26.74 -10.38
C GLU M 46 -48.66 -27.67 -10.35
N PRO M 47 -47.47 -27.15 -10.55
CA PRO M 47 -46.29 -28.00 -10.51
C PRO M 47 -45.79 -28.24 -9.11
N LYS M 48 -45.34 -29.46 -8.83
CA LYS M 48 -44.86 -29.75 -7.50
C LYS M 48 -43.35 -29.90 -7.43
N ALA M 49 -42.65 -29.92 -8.55
CA ALA M 49 -41.20 -30.04 -8.53
C ALA M 49 -40.64 -29.34 -9.74
N TRP M 50 -39.44 -28.80 -9.58
CA TRP M 50 -38.75 -28.05 -10.63
C TRP M 50 -37.35 -28.58 -10.81
N ALA M 51 -36.84 -28.46 -12.02
CA ALA M 51 -35.50 -28.95 -12.34
C ALA M 51 -34.93 -28.15 -13.50
N VAL M 52 -33.68 -27.73 -13.36
CA VAL M 52 -33.00 -26.90 -14.35
C VAL M 52 -31.83 -27.69 -14.91
N GLU M 53 -31.71 -27.73 -16.23
CA GLU M 53 -30.63 -28.49 -16.86
C GLU M 53 -29.30 -27.79 -16.68
N GLU M 54 -28.34 -28.48 -16.08
CA GLU M 54 -27.04 -27.92 -15.76
C GLU M 54 -25.93 -28.90 -16.12
N GLU M 55 -24.70 -28.48 -15.87
CA GLU M 55 -23.51 -29.31 -16.00
C GLU M 55 -23.23 -29.92 -14.64
N VAL M 56 -23.49 -31.21 -14.49
CA VAL M 56 -23.47 -31.83 -13.18
C VAL M 56 -22.10 -32.44 -12.92
N GLY M 57 -21.67 -32.39 -11.66
CA GLY M 57 -20.39 -32.94 -11.24
C GLY M 57 -20.42 -34.41 -10.86
N LYS M 58 -20.40 -35.32 -11.83
CA LYS M 58 -20.40 -36.75 -11.52
C LYS M 58 -18.99 -37.18 -11.11
N ALA M 59 -18.75 -38.50 -11.13
CA ALA M 59 -17.48 -39.05 -10.65
C ALA M 59 -16.31 -38.60 -11.53
N GLY M 60 -16.47 -38.67 -12.85
CA GLY M 60 -15.43 -38.18 -13.73
C GLY M 60 -15.96 -37.47 -14.96
N LYS M 61 -17.28 -37.43 -15.11
CA LYS M 61 -17.90 -36.97 -16.36
C LYS M 61 -18.80 -35.77 -16.10
N THR M 62 -19.03 -35.00 -17.16
CA THR M 62 -19.83 -33.78 -17.08
C THR M 62 -20.97 -33.75 -18.09
N GLU M 63 -21.74 -34.83 -18.16
CA GLU M 63 -22.91 -34.82 -19.02
C GLU M 63 -24.01 -33.95 -18.42
N LYS M 64 -24.89 -33.43 -19.27
CA LYS M 64 -25.94 -32.53 -18.81
C LYS M 64 -27.05 -33.32 -18.12
N LYS M 65 -27.34 -32.93 -16.88
CA LYS M 65 -28.41 -33.56 -16.13
C LYS M 65 -29.24 -32.48 -15.45
N PHE M 66 -30.40 -32.88 -14.97
CA PHE M 66 -31.27 -31.96 -14.26
C PHE M 66 -30.97 -32.02 -12.78
N VAL M 67 -30.59 -30.90 -12.21
CA VAL M 67 -30.59 -30.72 -10.77
C VAL M 67 -31.91 -30.06 -10.40
N ASN M 68 -32.43 -30.39 -9.24
CA ASN M 68 -33.65 -29.74 -8.82
C ASN M 68 -33.33 -28.39 -8.19
N SER M 69 -34.36 -27.71 -7.71
CA SER M 69 -34.22 -26.35 -7.25
C SER M 69 -35.36 -26.04 -6.30
N LYS M 70 -35.14 -25.04 -5.46
CA LYS M 70 -36.14 -24.60 -4.49
C LYS M 70 -36.78 -23.32 -4.99
N VAL M 71 -38.11 -23.30 -5.02
CA VAL M 71 -38.82 -22.11 -5.44
C VAL M 71 -38.73 -21.05 -4.36
N MET M 72 -38.60 -19.79 -4.76
CA MET M 72 -38.40 -18.70 -3.81
C MET M 72 -39.51 -17.67 -3.80
N THR M 73 -40.15 -17.41 -4.94
CA THR M 73 -41.47 -16.80 -4.91
C THR M 73 -42.40 -17.80 -4.24
N ARG M 74 -43.26 -17.30 -3.35
CA ARG M 74 -43.70 -18.13 -2.24
C ARG M 74 -44.76 -19.14 -2.66
N GLN M 75 -45.95 -18.67 -3.02
CA GLN M 75 -47.05 -19.58 -3.33
C GLN M 75 -47.78 -19.10 -4.57
N THR M 76 -47.05 -18.48 -5.49
CA THR M 76 -47.66 -17.82 -6.62
C THR M 76 -47.45 -18.58 -7.93
N TYR M 77 -47.43 -19.92 -7.90
CA TYR M 77 -46.99 -20.62 -9.10
C TYR M 77 -48.16 -21.28 -9.85
N THR M 78 -49.33 -21.38 -9.25
CA THR M 78 -50.40 -22.18 -9.83
C THR M 78 -51.18 -21.39 -10.88
N LEU M 79 -51.49 -22.05 -11.99
CA LEU M 79 -52.39 -21.50 -13.01
C LEU M 79 -53.84 -21.82 -12.65
N ASP M 80 -54.77 -21.04 -13.18
CA ASP M 80 -56.15 -21.21 -12.75
C ASP M 80 -57.08 -20.69 -13.85
N ALA M 81 -58.31 -21.20 -13.81
CA ALA M 81 -59.46 -20.65 -14.55
C ALA M 81 -59.27 -20.73 -16.06
N ILE M 82 -58.48 -21.71 -16.50
CA ILE M 82 -58.14 -21.79 -17.92
C ILE M 82 -59.29 -22.39 -18.70
N GLU M 83 -59.82 -21.61 -19.64
CA GLU M 83 -60.97 -22.01 -20.43
C GLU M 83 -60.48 -22.55 -21.77
N GLY M 84 -61.44 -22.98 -22.58
CA GLY M 84 -61.14 -23.43 -23.91
C GLY M 84 -62.11 -24.47 -24.41
N PRO M 85 -62.37 -24.46 -25.71
CA PRO M 85 -63.25 -25.48 -26.29
C PRO M 85 -62.48 -26.74 -26.63
N ILE M 86 -63.17 -27.87 -26.48
CA ILE M 86 -62.59 -29.17 -26.80
C ILE M 86 -63.16 -29.58 -28.16
N THR M 87 -62.36 -29.41 -29.21
CA THR M 87 -62.77 -29.79 -30.55
C THR M 87 -62.50 -31.27 -30.79
N VAL M 88 -63.39 -31.89 -31.54
CA VAL M 88 -63.32 -33.33 -31.78
C VAL M 88 -62.81 -33.52 -33.21
N ASP M 89 -61.53 -33.81 -33.35
CA ASP M 89 -61.07 -34.40 -34.59
C ASP M 89 -61.41 -35.87 -34.58
N GLY M 90 -61.42 -36.48 -35.77
CA GLY M 90 -61.89 -37.85 -35.89
C GLY M 90 -60.97 -38.87 -35.23
N GLY M 91 -59.66 -38.73 -35.45
CA GLY M 91 -58.73 -39.69 -34.90
C GLY M 91 -58.46 -39.45 -33.43
N LYS M 92 -58.24 -38.19 -33.07
CA LYS M 92 -57.75 -37.84 -31.74
C LYS M 92 -58.51 -36.61 -31.24
N ILE M 93 -58.92 -36.68 -29.97
CA ILE M 93 -59.55 -35.52 -29.34
C ILE M 93 -58.49 -34.45 -29.09
N THR M 94 -58.86 -33.19 -29.33
CA THR M 94 -57.93 -32.08 -29.23
C THR M 94 -58.46 -31.04 -28.25
N PHE M 95 -57.55 -30.20 -27.77
CA PHE M 95 -57.92 -29.07 -26.91
C PHE M 95 -57.10 -27.86 -27.32
N ASN M 96 -57.76 -26.70 -27.36
CA ASN M 96 -57.12 -25.43 -27.60
C ASN M 96 -57.62 -24.45 -26.56
N GLU M 97 -56.71 -23.93 -25.75
CA GLU M 97 -57.09 -23.06 -24.64
C GLU M 97 -57.36 -21.67 -25.19
N LYS M 98 -58.26 -20.92 -24.53
CA LYS M 98 -58.58 -19.59 -25.01
C LYS M 98 -58.21 -18.52 -23.99
N GLU M 99 -58.71 -18.63 -22.78
CA GLU M 99 -58.53 -17.55 -21.81
C GLU M 99 -58.19 -18.16 -20.45
N GLY M 100 -58.23 -17.34 -19.41
CA GLY M 100 -57.81 -17.76 -18.08
C GLY M 100 -56.41 -17.28 -17.74
N ILE M 101 -56.06 -17.38 -16.46
CA ILE M 101 -54.72 -17.03 -16.01
C ILE M 101 -53.79 -18.13 -16.46
N ASP M 102 -53.03 -17.87 -17.53
CA ASP M 102 -52.20 -18.86 -18.16
C ASP M 102 -50.72 -18.50 -18.13
N TYR M 103 -50.32 -17.72 -17.14
CA TYR M 103 -48.91 -17.47 -16.89
C TYR M 103 -48.76 -17.24 -15.39
N ALA M 104 -47.64 -17.67 -14.84
CA ALA M 104 -47.35 -17.45 -13.43
C ALA M 104 -45.84 -17.35 -13.28
N ALA M 105 -45.35 -16.13 -13.13
CA ALA M 105 -43.92 -15.89 -13.08
C ALA M 105 -43.35 -16.37 -11.76
N THR M 106 -42.21 -17.05 -11.82
CA THR M 106 -41.62 -17.62 -10.62
C THR M 106 -40.11 -17.72 -10.79
N THR M 107 -39.44 -17.98 -9.68
CA THR M 107 -37.99 -17.93 -9.62
C THR M 107 -37.48 -19.03 -8.72
N VAL M 108 -36.56 -19.84 -9.22
CA VAL M 108 -36.02 -20.97 -8.47
C VAL M 108 -34.53 -20.73 -8.28
N GLN M 109 -33.96 -21.34 -7.24
CA GLN M 109 -32.55 -21.15 -6.93
C GLN M 109 -31.81 -22.48 -7.03
N LEU M 110 -30.67 -22.44 -7.68
CA LEU M 110 -29.81 -23.58 -7.97
C LEU M 110 -28.79 -23.79 -6.84
N PRO M 111 -28.07 -24.90 -6.83
CA PRO M 111 -26.82 -24.92 -6.06
C PRO M 111 -25.81 -23.96 -6.64
N GLY M 112 -25.15 -23.24 -5.73
CA GLY M 112 -24.24 -22.18 -6.10
C GLY M 112 -24.77 -20.80 -5.82
N GLY M 113 -26.08 -20.65 -5.64
CA GLY M 113 -26.67 -19.36 -5.40
C GLY M 113 -27.23 -18.67 -6.62
N GLU M 114 -27.25 -19.33 -7.77
CA GLU M 114 -27.78 -18.68 -8.96
C GLU M 114 -29.29 -18.69 -8.94
N ARG M 115 -29.88 -17.53 -9.22
CA ARG M 115 -31.33 -17.36 -9.25
C ARG M 115 -31.78 -17.36 -10.69
N VAL M 116 -32.61 -18.33 -11.04
CA VAL M 116 -33.12 -18.45 -12.39
C VAL M 116 -34.61 -18.17 -12.38
N PRO M 117 -35.05 -17.00 -12.83
CA PRO M 117 -36.49 -16.80 -13.01
C PRO M 117 -36.94 -17.45 -14.29
N PHE M 118 -38.22 -17.78 -14.33
CA PHE M 118 -38.82 -18.27 -15.57
C PHE M 118 -40.32 -18.03 -15.53
N LEU M 119 -40.87 -17.63 -16.66
CA LEU M 119 -42.31 -17.55 -16.79
C LEU M 119 -42.87 -18.93 -17.04
N PHE M 120 -43.73 -19.40 -16.16
CA PHE M 120 -44.39 -20.68 -16.33
C PHE M 120 -45.75 -20.42 -16.94
N THR M 121 -45.99 -20.97 -18.13
CA THR M 121 -47.14 -20.55 -18.92
C THR M 121 -47.65 -21.70 -19.76
N VAL M 122 -48.90 -21.56 -20.20
CA VAL M 122 -49.53 -22.48 -21.15
C VAL M 122 -50.23 -21.71 -22.27
N LYS M 123 -49.71 -20.55 -22.65
CA LYS M 123 -50.35 -19.74 -23.66
C LYS M 123 -50.29 -20.40 -25.03
N ASP M 124 -51.43 -20.36 -25.74
CA ASP M 124 -51.63 -20.91 -27.08
C ASP M 124 -51.28 -22.41 -27.13
N LEU M 125 -51.98 -23.17 -26.30
CA LEU M 125 -51.71 -24.58 -26.13
C LEU M 125 -52.57 -25.39 -27.10
N VAL M 126 -51.95 -26.32 -27.80
CA VAL M 126 -52.66 -27.19 -28.74
C VAL M 126 -52.45 -28.61 -28.22
N ALA M 127 -53.39 -29.11 -27.44
CA ALA M 127 -53.29 -30.45 -26.90
C ALA M 127 -53.90 -31.44 -27.88
N LYS M 128 -53.32 -32.63 -27.92
CA LYS M 128 -53.79 -33.72 -28.77
C LYS M 128 -53.62 -35.02 -28.01
N GLY M 129 -54.69 -35.79 -27.88
CA GLY M 129 -54.58 -37.03 -27.16
C GLY M 129 -55.29 -38.19 -27.83
N ASN M 130 -54.83 -39.41 -27.55
CA ASN M 130 -55.32 -40.60 -28.22
C ASN M 130 -56.78 -40.89 -27.88
N GLY M 131 -57.53 -41.28 -28.91
CA GLY M 131 -58.92 -41.64 -28.73
C GLY M 131 -59.81 -40.42 -28.64
N ASP M 132 -61.03 -40.66 -28.19
CA ASP M 132 -62.03 -39.61 -28.12
C ASP M 132 -62.40 -39.29 -26.68
N THR M 133 -62.79 -40.31 -25.93
CA THR M 133 -63.29 -40.09 -24.58
C THR M 133 -62.13 -40.03 -23.59
N PHE M 134 -62.32 -39.25 -22.53
CA PHE M 134 -61.31 -39.18 -21.48
C PHE M 134 -61.34 -40.45 -20.64
N LYS M 135 -60.17 -41.04 -20.45
CA LYS M 135 -60.02 -42.33 -19.81
C LYS M 135 -58.90 -42.22 -18.80
N PRO M 136 -58.78 -43.18 -17.89
CA PRO M 136 -57.59 -43.21 -17.02
C PRO M 136 -56.30 -43.54 -17.73
N GLY M 137 -56.38 -44.05 -18.96
CA GLY M 137 -55.19 -44.22 -19.78
C GLY M 137 -54.98 -43.11 -20.79
N PHE M 138 -55.76 -42.03 -20.71
CA PHE M 138 -55.66 -40.97 -21.68
C PHE M 138 -54.44 -40.10 -21.42
N GLN M 139 -53.88 -39.55 -22.51
CA GLN M 139 -52.60 -38.84 -22.41
C GLN M 139 -52.50 -37.86 -23.57
N MET M 140 -52.68 -36.57 -23.27
CA MET M 140 -52.61 -35.52 -24.29
C MET M 140 -51.46 -34.58 -23.98
N GLY M 141 -51.00 -33.85 -25.00
CA GLY M 141 -49.95 -32.87 -24.83
C GLY M 141 -49.82 -32.02 -26.09
N GLY M 142 -48.91 -31.06 -26.00
CA GLY M 142 -48.64 -30.24 -27.17
C GLY M 142 -47.83 -29.01 -26.82
N ASP M 143 -47.60 -28.20 -27.85
CA ASP M 143 -46.73 -27.04 -27.76
C ASP M 143 -47.48 -25.83 -27.21
N PHE M 144 -46.74 -25.00 -26.47
CA PHE M 144 -47.26 -23.70 -26.05
C PHE M 144 -46.20 -22.65 -26.32
N ASN M 145 -46.62 -21.41 -26.50
CA ASN M 145 -45.70 -20.33 -26.78
C ASN M 145 -45.39 -19.56 -25.51
N THR M 146 -44.14 -19.51 -25.16
CA THR M 146 -43.73 -18.70 -24.03
C THR M 146 -43.49 -17.27 -24.50
N PRO M 147 -44.17 -16.28 -23.97
CA PRO M 147 -43.77 -14.89 -24.21
C PRO M 147 -42.53 -14.56 -23.40
N SER M 148 -42.02 -13.36 -23.61
CA SER M 148 -40.85 -12.93 -22.86
C SER M 148 -41.25 -12.64 -21.43
N TYR M 149 -40.25 -12.71 -20.54
CA TYR M 149 -40.52 -12.55 -19.12
C TYR M 149 -40.86 -11.11 -18.78
N ARG M 150 -40.36 -10.17 -19.57
CA ARG M 150 -40.61 -8.75 -19.38
C ARG M 150 -41.27 -8.21 -20.63
N THR M 151 -42.36 -7.48 -20.47
CA THR M 151 -42.92 -6.75 -21.60
C THR M 151 -41.99 -5.60 -21.94
N GLY M 152 -41.87 -5.30 -23.23
CA GLY M 152 -40.89 -4.38 -23.77
C GLY M 152 -40.74 -3.00 -23.19
N LEU M 153 -41.69 -2.54 -22.37
CA LEU M 153 -41.56 -1.26 -21.70
C LEU M 153 -41.00 -1.40 -20.29
N PHE M 154 -40.38 -2.53 -19.99
CA PHE M 154 -39.63 -2.69 -18.75
C PHE M 154 -38.35 -1.87 -18.82
N LEU M 155 -38.04 -1.15 -17.74
CA LEU M 155 -36.84 -0.34 -17.68
C LEU M 155 -35.80 -1.03 -16.83
N ASP M 156 -34.62 -1.26 -17.39
CA ASP M 156 -33.50 -1.85 -16.67
C ASP M 156 -32.93 -0.78 -15.73
N PRO M 157 -31.97 -1.14 -14.81
CA PRO M 157 -31.38 -0.12 -13.93
C PRO M 157 -30.79 1.14 -14.56
N LYS M 158 -30.36 1.10 -15.81
CA LYS M 158 -29.89 2.32 -16.45
C LYS M 158 -31.04 3.11 -17.04
N GLY M 159 -32.17 2.47 -17.30
CA GLY M 159 -33.31 3.17 -17.85
C GLY M 159 -33.50 2.91 -19.32
N ARG M 160 -33.32 1.66 -19.75
CA ARG M 160 -33.37 1.29 -21.15
C ARG M 160 -34.37 0.16 -21.31
N GLY M 161 -35.31 0.34 -22.24
CA GLY M 161 -36.28 -0.69 -22.55
C GLY M 161 -36.41 -0.90 -24.05
N GLY M 162 -37.26 -1.86 -24.40
CA GLY M 162 -37.46 -2.17 -25.80
C GLY M 162 -38.37 -1.19 -26.50
N THR M 163 -39.41 -0.74 -25.79
CA THR M 163 -40.37 0.19 -26.35
C THR M 163 -40.36 1.54 -25.66
N THR M 164 -39.49 1.74 -24.68
CA THR M 164 -39.34 3.03 -24.03
C THR M 164 -37.91 3.13 -23.52
N GLY M 165 -37.63 4.21 -22.81
CA GLY M 165 -36.34 4.38 -22.19
C GLY M 165 -35.30 4.93 -23.14
N TYR M 166 -34.08 5.01 -22.65
CA TYR M 166 -32.95 5.43 -23.46
C TYR M 166 -32.48 4.27 -24.32
N ASP M 167 -31.37 4.48 -25.03
CA ASP M 167 -30.74 3.39 -25.76
C ASP M 167 -29.23 3.44 -25.67
N MET M 168 -28.68 4.21 -24.74
CA MET M 168 -27.23 4.28 -24.56
C MET M 168 -26.96 4.34 -23.06
N ALA M 169 -25.71 4.06 -22.70
CA ALA M 169 -25.29 4.11 -21.31
C ALA M 169 -25.38 5.55 -20.84
N VAL M 170 -26.39 5.83 -20.04
CA VAL M 170 -26.83 7.20 -19.85
C VAL M 170 -25.88 7.98 -18.94
N ALA M 171 -25.15 7.30 -18.07
CA ALA M 171 -24.14 7.93 -17.23
C ALA M 171 -22.73 7.64 -17.71
N LEU M 172 -22.58 7.25 -18.96
CA LEU M 172 -21.27 7.08 -19.59
C LEU M 172 -21.28 7.85 -20.90
N PRO M 173 -21.19 9.18 -20.84
CA PRO M 173 -21.43 9.98 -22.05
C PRO M 173 -20.25 10.00 -23.00
N ALA M 174 -19.10 9.46 -22.61
CA ALA M 174 -17.97 9.49 -23.51
C ALA M 174 -17.85 8.19 -24.30
N LEU M 175 -18.84 7.31 -24.20
CA LEU M 175 -18.79 6.09 -24.98
C LEU M 175 -19.18 6.31 -26.43
N GLN M 176 -20.01 7.31 -26.70
CA GLN M 176 -20.49 7.51 -28.06
C GLN M 176 -19.60 8.52 -28.80
N LEU M 177 -18.30 8.30 -28.69
CA LEU M 177 -17.34 9.20 -29.32
C LEU M 177 -16.50 8.41 -30.31
N GLY M 178 -16.47 8.89 -31.54
CA GLY M 178 -15.77 8.20 -32.60
C GLY M 178 -16.72 7.66 -33.64
N GLU M 179 -16.13 7.03 -34.65
CA GLU M 179 -16.94 6.41 -35.68
C GLU M 179 -17.62 5.15 -35.16
N GLU M 180 -16.98 4.47 -34.21
CA GLU M 180 -17.52 3.20 -33.74
C GLU M 180 -18.68 3.41 -32.77
N GLY M 181 -18.71 4.55 -32.09
CA GLY M 181 -19.76 4.80 -31.11
C GLY M 181 -19.61 3.89 -29.91
N ASP M 182 -20.75 3.44 -29.41
CA ASP M 182 -20.84 2.48 -28.31
C ASP M 182 -21.18 1.08 -28.79
N ALA M 183 -20.67 0.68 -29.96
CA ALA M 183 -21.08 -0.59 -30.55
C ALA M 183 -20.41 -1.78 -29.86
N GLU M 184 -19.45 -1.52 -28.97
CA GLU M 184 -18.85 -2.59 -28.20
C GLU M 184 -19.84 -3.16 -27.18
N LEU M 185 -20.67 -2.31 -26.59
CA LEU M 185 -21.73 -2.75 -25.70
C LEU M 185 -23.11 -2.72 -26.36
N PHE M 186 -23.18 -3.05 -27.64
CA PHE M 186 -24.40 -2.99 -28.43
C PHE M 186 -25.48 -3.95 -27.93
N GLY M 187 -25.07 -5.12 -27.44
CA GLY M 187 -26.02 -6.13 -27.06
C GLY M 187 -26.86 -5.76 -25.85
N GLU M 188 -26.28 -4.95 -24.96
CA GLU M 188 -26.97 -4.51 -23.77
C GLU M 188 -27.77 -3.23 -23.98
N ASN M 189 -27.74 -2.68 -25.18
CA ASN M 189 -28.63 -1.58 -25.51
C ASN M 189 -29.86 -2.02 -26.28
N ASN M 190 -29.71 -2.97 -27.18
CA ASN M 190 -30.81 -3.47 -28.00
C ASN M 190 -31.59 -4.46 -27.15
N LYS M 191 -32.85 -4.15 -26.87
CA LYS M 191 -33.71 -5.00 -26.05
C LYS M 191 -34.66 -5.73 -27.00
N VAL M 192 -34.51 -7.04 -27.10
CA VAL M 192 -35.28 -7.83 -28.05
C VAL M 192 -36.29 -8.69 -27.32
N PHE M 193 -37.57 -8.50 -27.66
CA PHE M 193 -38.66 -9.33 -27.16
C PHE M 193 -38.51 -10.72 -27.78
N ASP M 194 -38.55 -11.73 -26.93
CA ASP M 194 -38.24 -13.09 -27.36
C ASP M 194 -39.42 -14.01 -27.09
N ILE M 195 -39.75 -14.83 -28.09
CA ILE M 195 -40.77 -15.87 -27.96
C ILE M 195 -40.10 -17.22 -28.19
N THR M 196 -40.25 -18.13 -27.24
CA THR M 196 -39.73 -19.48 -27.40
C THR M 196 -40.86 -20.49 -27.36
N GLN M 197 -40.52 -21.77 -27.41
CA GLN M 197 -41.50 -22.84 -27.42
C GLN M 197 -41.38 -23.67 -26.15
N GLY M 198 -42.46 -24.34 -25.80
CA GLY M 198 -42.46 -25.25 -24.67
C GLY M 198 -43.35 -26.43 -24.97
N ARG M 199 -43.07 -27.58 -24.38
CA ARG M 199 -43.79 -28.81 -24.68
C ARG M 199 -44.29 -29.41 -23.38
N ILE M 200 -45.61 -29.41 -23.18
CA ILE M 200 -46.23 -29.98 -21.99
C ILE M 200 -46.83 -31.32 -22.38
N GLU M 201 -46.83 -32.27 -21.45
CA GLU M 201 -47.39 -33.60 -21.66
C GLU M 201 -48.23 -33.99 -20.46
N MET M 202 -49.55 -33.94 -20.62
CA MET M 202 -50.51 -34.23 -19.57
C MET M 202 -50.94 -35.68 -19.66
N GLU M 203 -51.56 -36.16 -18.58
CA GLU M 203 -51.96 -37.56 -18.52
C GLU M 203 -53.10 -37.69 -17.52
N VAL M 204 -54.31 -37.90 -18.05
CA VAL M 204 -55.48 -38.09 -17.19
C VAL M 204 -55.44 -39.48 -16.59
N ASN M 205 -55.69 -39.58 -15.28
CA ASN M 205 -55.75 -40.92 -14.70
C ASN M 205 -56.94 -41.13 -13.78
N LYS M 206 -57.64 -40.07 -13.36
CA LYS M 206 -58.78 -40.22 -12.48
C LYS M 206 -59.89 -39.29 -12.96
N VAL M 207 -61.07 -39.85 -13.24
CA VAL M 207 -62.18 -39.14 -13.83
C VAL M 207 -63.40 -39.34 -12.95
N ASN M 208 -64.22 -38.30 -12.80
CA ASN M 208 -65.63 -38.45 -12.44
C ASN M 208 -66.47 -38.17 -13.67
N ALA M 209 -67.46 -39.02 -13.93
CA ALA M 209 -68.43 -38.75 -14.97
C ALA M 209 -69.74 -38.22 -14.40
N GLU M 210 -70.04 -38.59 -13.16
CA GLU M 210 -71.20 -38.04 -12.47
C GLU M 210 -70.98 -36.59 -12.06
N ASP M 211 -69.73 -36.15 -12.08
CA ASP M 211 -69.36 -34.81 -11.69
C ASP M 211 -68.65 -34.08 -12.83
N SER M 212 -68.24 -34.82 -13.87
CA SER M 212 -67.66 -34.28 -15.11
C SER M 212 -66.39 -33.49 -14.85
N GLU M 213 -65.52 -34.04 -14.01
CA GLU M 213 -64.26 -33.40 -13.67
C GLU M 213 -63.15 -34.42 -13.70
N ILE M 214 -62.06 -34.09 -14.38
CA ILE M 214 -60.94 -35.00 -14.57
C ILE M 214 -59.72 -34.43 -13.85
N GLY M 215 -58.66 -35.23 -13.81
CA GLY M 215 -57.44 -34.77 -13.18
C GLY M 215 -56.35 -35.80 -13.16
N GLY M 216 -55.13 -35.39 -13.44
CA GLY M 216 -54.01 -36.31 -13.47
C GLY M 216 -52.69 -35.61 -13.37
N VAL M 217 -51.64 -36.33 -13.79
CA VAL M 217 -50.27 -35.87 -13.64
C VAL M 217 -49.77 -35.36 -14.99
N PHE M 218 -49.05 -34.25 -14.98
CA PHE M 218 -48.45 -33.75 -16.22
C PHE M 218 -46.95 -33.76 -16.07
N VAL M 219 -46.29 -33.33 -17.14
CA VAL M 219 -44.87 -32.98 -17.13
C VAL M 219 -44.63 -31.94 -18.21
N ALA M 220 -43.99 -30.84 -17.86
CA ALA M 220 -43.82 -29.71 -18.75
C ALA M 220 -42.35 -29.33 -18.83
N THR M 221 -41.88 -29.07 -20.04
CA THR M 221 -40.55 -28.53 -20.24
C THR M 221 -40.65 -27.24 -21.03
N GLN M 222 -39.80 -26.29 -20.69
CA GLN M 222 -39.77 -25.03 -21.40
C GLN M 222 -38.39 -24.43 -21.23
N LEU M 223 -38.24 -23.18 -21.63
CA LEU M 223 -36.97 -22.49 -21.60
C LEU M 223 -37.12 -21.29 -20.67
N SER M 224 -36.10 -21.05 -19.85
CA SER M 224 -36.17 -19.93 -18.92
C SER M 224 -35.96 -18.62 -19.65
N ASP M 225 -35.92 -17.52 -18.90
CA ASP M 225 -35.82 -16.24 -19.55
C ASP M 225 -34.38 -15.84 -19.80
N THR M 226 -34.20 -14.76 -20.55
CA THR M 226 -32.90 -14.29 -20.96
C THR M 226 -32.67 -12.82 -20.69
N ASP M 227 -33.69 -12.11 -20.19
CA ASP M 227 -33.73 -10.65 -20.07
C ASP M 227 -33.39 -9.99 -21.40
N MET M 228 -34.18 -10.35 -22.42
CA MET M 228 -34.17 -9.70 -23.74
C MET M 228 -32.82 -9.82 -24.44
N GLY M 229 -32.18 -10.97 -24.27
CA GLY M 229 -30.88 -11.20 -24.85
C GLY M 229 -29.71 -10.89 -23.96
N SER M 230 -29.91 -10.84 -22.64
CA SER M 230 -28.81 -10.51 -21.75
C SER M 230 -27.94 -11.72 -21.49
N LYS M 231 -28.52 -12.92 -21.53
CA LYS M 231 -27.77 -14.14 -21.23
C LYS M 231 -28.34 -15.28 -22.05
N THR M 232 -27.71 -16.44 -21.93
CA THR M 232 -28.23 -17.64 -22.56
C THR M 232 -29.29 -18.26 -21.66
N PRO M 233 -30.50 -18.47 -22.16
CA PRO M 233 -31.54 -19.09 -21.33
C PRO M 233 -31.28 -20.57 -21.15
N LYS M 234 -31.87 -21.11 -20.09
CA LYS M 234 -31.60 -22.49 -19.70
C LYS M 234 -32.88 -23.30 -19.68
N LYS M 235 -32.76 -24.57 -20.05
CA LYS M 235 -33.92 -25.45 -20.17
C LYS M 235 -34.45 -25.83 -18.80
N VAL M 236 -35.75 -25.62 -18.59
CA VAL M 236 -36.37 -25.84 -17.29
C VAL M 236 -37.43 -26.93 -17.44
N LEU M 237 -37.28 -28.00 -16.67
CA LEU M 237 -38.25 -29.07 -16.59
C LEU M 237 -39.03 -28.95 -15.30
N THR M 238 -40.32 -29.29 -15.35
CA THR M 238 -41.12 -29.29 -14.16
C THR M 238 -42.17 -30.40 -14.24
N LYS M 239 -42.70 -30.76 -13.07
CA LYS M 239 -43.68 -31.84 -12.93
C LYS M 239 -44.67 -31.44 -11.87
N GLY M 240 -45.87 -32.00 -11.96
CA GLY M 240 -46.88 -31.71 -10.96
C GLY M 240 -48.15 -32.45 -11.21
N ILE M 241 -49.26 -31.84 -10.83
CA ILE M 241 -50.59 -32.42 -10.97
C ILE M 241 -51.50 -31.33 -11.53
N PHE M 242 -52.51 -31.74 -12.30
CA PHE M 242 -53.50 -30.80 -12.78
C PHE M 242 -54.88 -31.32 -12.41
N TYR M 243 -55.89 -30.63 -12.92
CA TYR M 243 -57.27 -30.84 -12.56
C TYR M 243 -58.10 -30.04 -13.55
N ALA M 244 -59.20 -30.61 -14.02
CA ALA M 244 -60.00 -29.91 -15.01
C ALA M 244 -61.46 -30.30 -14.89
N LYS M 245 -62.33 -29.38 -15.28
CA LYS M 245 -63.76 -29.61 -15.32
C LYS M 245 -64.23 -29.69 -16.76
N VAL M 246 -64.63 -30.88 -17.19
CA VAL M 246 -64.82 -31.12 -18.62
C VAL M 246 -66.15 -30.57 -19.14
N ASP M 247 -67.10 -30.27 -18.25
CA ASP M 247 -68.45 -29.80 -18.57
C ASP M 247 -69.20 -30.73 -19.54
N MET N 1 -11.90 -8.73 -3.96
CA MET N 1 -10.61 -8.11 -3.68
C MET N 1 -10.81 -6.69 -3.19
N GLU N 2 -11.82 -6.02 -3.72
CA GLU N 2 -12.08 -4.64 -3.33
C GLU N 2 -12.82 -4.56 -2.00
N ALA N 3 -13.77 -5.47 -1.78
CA ALA N 3 -14.57 -5.46 -0.57
C ALA N 3 -13.80 -5.95 0.65
N LEU N 4 -12.63 -6.57 0.43
CA LEU N 4 -11.81 -7.01 1.55
C LEU N 4 -11.25 -5.83 2.33
N VAL N 5 -11.02 -4.71 1.64
CA VAL N 5 -10.53 -3.51 2.31
C VAL N 5 -11.64 -2.88 3.14
N TYR N 6 -12.88 -2.88 2.63
CA TYR N 6 -13.99 -2.29 3.34
C TYR N 6 -14.31 -3.03 4.62
N THR N 7 -14.21 -4.37 4.58
CA THR N 7 -14.46 -5.17 5.77
C THR N 7 -13.39 -4.93 6.83
N PHE N 8 -12.13 -4.82 6.40
CA PHE N 8 -11.04 -4.58 7.34
C PHE N 8 -11.14 -3.21 7.98
N LEU N 9 -11.68 -2.23 7.28
CA LEU N 9 -11.88 -0.93 7.88
C LEU N 9 -13.00 -0.96 8.90
N LEU N 10 -14.02 -1.77 8.66
CA LEU N 10 -15.17 -1.79 9.56
C LEU N 10 -14.86 -2.54 10.84
N ILE N 11 -14.30 -3.76 10.74
CA ILE N 11 -13.99 -4.49 11.96
C ILE N 11 -12.78 -3.88 12.66
N GLY N 12 -11.90 -3.19 11.93
CA GLY N 12 -10.83 -2.47 12.57
C GLY N 12 -11.32 -1.26 13.34
N THR N 13 -12.42 -0.66 12.89
CA THR N 13 -13.03 0.43 13.65
C THR N 13 -13.69 -0.10 14.92
N LEU N 14 -14.26 -1.29 14.86
CA LEU N 14 -14.91 -1.86 16.02
C LEU N 14 -13.90 -2.40 17.03
N MET N 15 -12.64 -2.56 16.64
CA MET N 15 -11.64 -2.94 17.63
C MET N 15 -11.35 -1.78 18.56
N VAL N 16 -11.12 -0.60 18.00
CA VAL N 16 -10.70 0.53 18.83
C VAL N 16 -11.88 1.06 19.66
N ILE N 17 -13.11 0.71 19.27
CA ILE N 17 -14.27 0.96 20.12
C ILE N 17 -14.23 0.01 21.32
N PHE N 18 -13.81 -1.23 21.09
CA PHE N 18 -13.74 -2.21 22.18
C PHE N 18 -12.68 -1.82 23.20
N PHE N 19 -11.51 -1.37 22.72
CA PHE N 19 -10.44 -1.02 23.63
C PHE N 19 -10.71 0.27 24.37
N ALA N 20 -11.55 1.13 23.80
CA ALA N 20 -11.80 2.41 24.44
C ALA N 20 -12.79 2.27 25.57
N VAL N 21 -13.63 1.25 25.51
CA VAL N 21 -14.64 1.07 26.54
C VAL N 21 -14.06 0.31 27.72
N PHE N 22 -13.27 -0.73 27.44
CA PHE N 22 -12.89 -1.62 28.52
C PHE N 22 -11.50 -1.31 29.04
N PHE N 23 -10.59 -0.87 28.17
CA PHE N 23 -9.27 -0.46 28.60
C PHE N 23 -9.15 1.04 28.75
N ARG N 24 -10.20 1.70 29.21
CA ARG N 24 -10.15 3.15 29.32
C ARG N 24 -9.29 3.55 30.50
N GLU N 25 -8.68 4.72 30.40
CA GLU N 25 -7.93 5.28 31.51
C GLU N 25 -8.92 5.69 32.59
N THR N 26 -8.98 4.91 33.66
CA THR N 26 -10.02 5.12 34.65
C THR N 26 -9.72 6.37 35.47
N PRO N 27 -10.60 7.35 35.49
CA PRO N 27 -10.32 8.59 36.22
C PRO N 27 -10.49 8.39 37.72
N ARG N 28 -9.60 9.01 38.48
CA ARG N 28 -9.55 8.81 39.92
C ARG N 28 -9.50 10.15 40.63
N ILE N 29 -10.23 10.25 41.73
CA ILE N 29 -10.13 11.40 42.59
C ILE N 29 -8.89 11.24 43.48
N LEU N 30 -8.17 12.34 43.70
CA LEU N 30 -6.87 12.39 44.40
C LEU N 30 -5.85 11.44 43.78
N VAL O 1 -35.85 -2.00 -28.83
CA VAL O 1 -35.00 -1.97 -30.02
C VAL O 1 -34.46 -0.56 -30.17
N ILE O 2 -33.16 -0.45 -30.46
CA ILE O 2 -32.56 0.86 -30.71
C ILE O 2 -33.16 1.51 -31.93
N ASP O 3 -33.06 0.83 -33.07
CA ASP O 3 -33.44 1.36 -34.36
C ASP O 3 -34.65 0.58 -34.88
N TYR O 4 -35.83 1.03 -34.48
CA TYR O 4 -37.07 0.38 -34.88
C TYR O 4 -37.74 1.23 -35.95
N GLU O 5 -37.91 0.66 -37.12
CA GLU O 5 -38.66 1.33 -38.15
C GLU O 5 -40.15 1.17 -37.84
N ASN O 6 -40.96 2.12 -38.35
CA ASN O 6 -42.39 2.30 -38.17
C ASN O 6 -42.70 2.79 -36.77
N ILE O 7 -41.86 3.69 -36.24
CA ILE O 7 -42.24 4.42 -35.05
C ILE O 7 -43.39 5.37 -35.35
N GLY O 8 -43.39 5.94 -36.56
CA GLY O 8 -44.38 6.95 -36.91
C GLY O 8 -45.79 6.39 -37.01
N TYR O 9 -45.91 5.15 -37.48
CA TYR O 9 -47.22 4.57 -37.70
C TYR O 9 -47.93 4.20 -36.40
N LEU O 10 -47.22 4.24 -35.27
CA LEU O 10 -47.84 3.93 -33.99
C LEU O 10 -48.89 4.96 -33.61
N GLY O 11 -48.48 6.17 -33.28
CA GLY O 11 -49.43 7.11 -32.72
C GLY O 11 -49.55 8.46 -33.38
N GLY O 12 -48.51 8.92 -34.06
CA GLY O 12 -48.39 10.33 -34.35
C GLY O 12 -48.32 10.75 -35.80
N SER O 13 -48.22 9.83 -36.75
CA SER O 13 -48.07 10.23 -38.14
C SER O 13 -49.39 10.53 -38.81
N SER O 14 -50.51 10.33 -38.11
CA SER O 14 -51.88 10.39 -38.65
C SER O 14 -52.07 9.44 -39.83
N ILE O 15 -51.35 8.33 -39.81
CA ILE O 15 -51.67 7.13 -40.57
C ILE O 15 -51.30 5.95 -39.68
N VAL O 16 -52.31 5.31 -39.11
CA VAL O 16 -52.06 4.49 -37.93
C VAL O 16 -51.72 3.07 -38.37
N ASP O 17 -51.01 2.35 -37.51
CA ASP O 17 -50.77 0.93 -37.71
C ASP O 17 -51.94 0.17 -37.10
N ILE O 18 -52.15 -1.06 -37.55
CA ILE O 18 -53.22 -1.85 -36.96
C ILE O 18 -52.69 -2.73 -35.84
N ASN O 19 -51.73 -3.57 -36.16
CA ASN O 19 -51.28 -4.59 -35.21
C ASN O 19 -50.19 -4.10 -34.28
N ASN O 20 -49.93 -2.81 -34.21
CA ASN O 20 -48.95 -2.27 -33.27
C ASN O 20 -49.40 -1.02 -32.53
N ALA O 21 -50.48 -0.40 -32.94
CA ALA O 21 -50.87 0.86 -32.31
C ALA O 21 -51.57 0.62 -30.98
N ASN O 22 -51.46 1.61 -30.10
CA ASN O 22 -52.20 1.60 -28.86
C ASN O 22 -53.66 1.93 -29.16
N VAL O 23 -54.54 1.60 -28.23
CA VAL O 23 -55.94 1.97 -28.38
C VAL O 23 -56.12 3.48 -28.25
N ARG O 24 -55.15 4.19 -27.66
CA ARG O 24 -55.16 5.64 -27.64
C ARG O 24 -54.92 6.23 -29.02
N ALA O 25 -54.34 5.47 -29.95
CA ALA O 25 -54.08 6.01 -31.27
C ALA O 25 -55.36 6.11 -32.09
N TYR O 26 -56.33 5.26 -31.80
CA TYR O 26 -57.62 5.33 -32.46
C TYR O 26 -58.55 6.34 -31.83
N LEU O 27 -58.07 7.08 -30.83
CA LEU O 27 -58.90 8.11 -30.24
C LEU O 27 -58.98 9.34 -31.15
N LYS O 28 -57.97 9.53 -32.00
CA LYS O 28 -57.96 10.67 -32.89
C LYS O 28 -58.92 10.52 -34.06
N MET O 29 -59.55 9.36 -34.21
CA MET O 29 -60.52 9.14 -35.25
C MET O 29 -61.90 9.20 -34.61
N PRO O 30 -62.73 10.19 -34.93
CA PRO O 30 -64.07 10.26 -34.36
C PRO O 30 -64.96 9.11 -34.79
N GLY O 31 -65.50 8.41 -33.80
CA GLY O 31 -66.42 7.33 -34.04
C GLY O 31 -65.93 5.96 -33.64
N MET O 32 -64.62 5.77 -33.47
CA MET O 32 -64.09 4.42 -33.32
C MET O 32 -63.83 4.09 -31.85
N TYR O 33 -63.36 5.05 -31.08
CA TYR O 33 -63.25 4.80 -29.66
C TYR O 33 -64.61 4.93 -28.99
N PRO O 34 -64.99 3.99 -28.12
CA PRO O 34 -64.23 2.82 -27.68
C PRO O 34 -64.66 1.50 -28.30
N THR O 35 -65.81 1.48 -28.95
CA THR O 35 -66.44 0.22 -29.36
C THR O 35 -65.74 -0.40 -30.54
N VAL O 36 -65.63 0.35 -31.63
CA VAL O 36 -65.04 -0.18 -32.84
C VAL O 36 -63.54 -0.34 -32.67
N ALA O 37 -62.91 0.60 -31.95
CA ALA O 37 -61.49 0.48 -31.65
C ALA O 37 -61.23 -0.66 -30.67
N GLY O 38 -62.22 -1.01 -29.85
CA GLY O 38 -62.03 -2.07 -28.88
C GLY O 38 -61.92 -3.44 -29.52
N LYS O 39 -62.56 -3.63 -30.67
CA LYS O 39 -62.54 -4.93 -31.31
C LYS O 39 -61.27 -5.12 -32.13
N ILE O 40 -60.76 -4.03 -32.72
CA ILE O 40 -59.58 -4.09 -33.56
C ILE O 40 -58.36 -4.43 -32.73
N VAL O 41 -58.23 -3.80 -31.57
CA VAL O 41 -57.08 -3.99 -30.70
C VAL O 41 -57.13 -5.37 -30.05
N SER O 42 -58.33 -5.91 -29.85
CA SER O 42 -58.47 -7.14 -29.07
C SER O 42 -58.05 -8.37 -29.86
N HIS O 43 -58.31 -8.40 -31.16
CA HIS O 43 -58.04 -9.62 -31.91
C HIS O 43 -56.62 -9.63 -32.46
N GLY O 44 -56.29 -10.74 -33.13
CA GLY O 44 -54.92 -11.06 -33.43
C GLY O 44 -54.41 -10.32 -34.65
N PRO O 45 -53.34 -10.87 -35.25
CA PRO O 45 -52.64 -10.16 -36.33
C PRO O 45 -53.46 -10.02 -37.60
N TYR O 46 -53.41 -8.83 -38.18
CA TYR O 46 -54.08 -8.53 -39.43
C TYR O 46 -53.04 -8.32 -40.52
N SER O 47 -53.42 -8.64 -41.76
CA SER O 47 -52.52 -8.44 -42.88
C SER O 47 -52.91 -7.27 -43.77
N GLY O 48 -54.14 -6.79 -43.67
CA GLY O 48 -54.54 -5.64 -44.47
C GLY O 48 -55.76 -4.98 -43.88
N VAL O 49 -56.20 -3.92 -44.57
CA VAL O 49 -57.42 -3.23 -44.17
C VAL O 49 -58.64 -4.08 -44.54
N ALA O 50 -58.48 -4.99 -45.50
CA ALA O 50 -59.55 -5.91 -45.84
C ALA O 50 -59.79 -6.93 -44.73
N ASP O 51 -58.78 -7.17 -43.90
CA ASP O 51 -58.94 -8.10 -42.79
C ASP O 51 -59.66 -7.45 -41.62
N LEU O 52 -59.88 -6.14 -41.68
CA LEU O 52 -60.66 -5.48 -40.65
C LEU O 52 -62.14 -5.87 -40.74
N TYR O 53 -62.57 -6.28 -41.93
CA TYR O 53 -63.97 -6.69 -42.10
C TYR O 53 -64.16 -8.15 -41.72
N LYS O 54 -63.07 -8.85 -41.41
CA LYS O 54 -63.17 -10.24 -40.99
C LYS O 54 -63.34 -10.40 -39.49
N ILE O 55 -63.51 -9.29 -38.75
CA ILE O 55 -63.62 -9.35 -37.30
C ILE O 55 -64.93 -10.01 -36.91
N PRO O 56 -64.91 -11.04 -36.08
CA PRO O 56 -66.16 -11.62 -35.56
C PRO O 56 -66.93 -10.64 -34.70
N GLY O 57 -68.16 -10.34 -35.09
CA GLY O 57 -68.97 -9.40 -34.32
C GLY O 57 -68.86 -7.99 -34.84
N LEU O 58 -69.11 -7.79 -36.12
CA LEU O 58 -69.15 -6.45 -36.72
C LEU O 58 -70.58 -6.14 -37.15
N SER O 59 -70.97 -4.89 -36.96
CA SER O 59 -72.22 -4.38 -37.51
C SER O 59 -71.96 -3.68 -38.83
N SER O 60 -73.02 -3.10 -39.38
CA SER O 60 -72.85 -2.22 -40.53
C SER O 60 -72.39 -0.84 -40.09
N ALA O 61 -72.72 -0.47 -38.85
CA ALA O 61 -72.23 0.79 -38.31
C ALA O 61 -70.77 0.68 -37.86
N GLU O 62 -70.37 -0.52 -37.42
CA GLU O 62 -68.97 -0.71 -37.05
C GLU O 62 -68.08 -0.79 -38.28
N ALA O 63 -68.60 -1.33 -39.38
CA ALA O 63 -67.88 -1.28 -40.63
C ALA O 63 -67.95 0.10 -41.28
N ASP O 64 -68.83 0.98 -40.81
CA ASP O 64 -68.99 2.29 -41.43
C ASP O 64 -67.83 3.20 -41.07
N VAL O 65 -67.47 3.26 -39.79
CA VAL O 65 -66.39 4.16 -39.37
C VAL O 65 -65.03 3.59 -39.78
N ILE O 66 -64.96 2.29 -40.04
CA ILE O 66 -63.76 1.74 -40.64
C ILE O 66 -63.68 2.12 -42.11
N LYS O 67 -64.84 2.21 -42.77
CA LYS O 67 -64.88 2.58 -44.18
C LYS O 67 -64.49 4.04 -44.39
N LYS O 68 -64.78 4.88 -43.41
CA LYS O 68 -64.36 6.28 -43.48
C LYS O 68 -62.85 6.40 -43.46
N TYR O 69 -62.20 5.75 -42.50
CA TYR O 69 -60.79 5.97 -42.22
C TYR O 69 -59.90 4.88 -42.79
N GLU O 70 -60.39 4.12 -43.77
CA GLU O 70 -59.62 3.00 -44.31
C GLU O 70 -58.41 3.47 -45.09
N SER O 71 -58.41 4.73 -45.52
CA SER O 71 -57.19 5.31 -46.08
C SER O 71 -56.17 5.59 -44.98
N ARG O 72 -56.64 5.90 -43.77
CA ARG O 72 -55.73 6.25 -42.69
C ARG O 72 -55.26 5.01 -41.94
N LEU O 73 -56.10 3.99 -41.88
CA LEU O 73 -55.68 2.70 -41.36
C LEU O 73 -54.74 2.01 -42.34
N THR O 74 -53.68 1.42 -41.80
CA THR O 74 -52.81 0.55 -42.58
C THR O 74 -52.16 -0.44 -41.64
N ALA O 75 -51.74 -1.57 -42.19
CA ALA O 75 -51.23 -2.68 -41.41
C ALA O 75 -49.75 -2.91 -41.71
N LYS O 76 -48.99 -3.20 -40.66
CA LYS O 76 -47.55 -3.40 -40.80
C LYS O 76 -47.10 -4.72 -40.20
N THR O 77 -45.80 -4.89 -40.06
CA THR O 77 -45.24 -6.09 -39.48
C THR O 77 -45.44 -6.09 -37.97
N PRO O 78 -46.03 -7.14 -37.39
CA PRO O 78 -46.23 -7.15 -35.93
C PRO O 78 -44.94 -7.47 -35.19
N SER O 79 -44.36 -6.45 -34.58
CA SER O 79 -43.23 -6.73 -33.70
C SER O 79 -43.76 -7.01 -32.31
N PRO O 80 -43.44 -8.19 -31.74
CA PRO O 80 -44.27 -8.74 -30.66
C PRO O 80 -44.22 -8.01 -29.32
N ASP O 81 -43.37 -7.00 -29.17
CA ASP O 81 -43.34 -6.25 -27.92
C ASP O 81 -44.36 -5.11 -27.92
N TYR O 82 -44.68 -4.59 -29.10
CA TYR O 82 -45.73 -3.60 -29.21
C TYR O 82 -47.10 -4.24 -29.22
N VAL O 83 -47.19 -5.53 -29.54
CA VAL O 83 -48.50 -6.14 -29.71
C VAL O 83 -49.10 -6.51 -28.37
N ILE O 84 -48.27 -6.50 -27.32
CA ILE O 84 -48.76 -6.88 -25.99
C ILE O 84 -49.46 -5.70 -25.34
N ASP O 85 -48.81 -4.54 -25.37
CA ASP O 85 -49.31 -3.34 -24.73
C ASP O 85 -50.16 -2.51 -25.70
N ARG O 86 -51.15 -3.16 -26.28
CA ARG O 86 -52.07 -2.50 -27.19
C ARG O 86 -53.31 -1.97 -26.50
N ILE O 87 -53.78 -2.62 -25.44
CA ILE O 87 -54.82 -2.08 -24.59
C ILE O 87 -54.28 -1.01 -23.66
N ASN O 88 -53.17 -1.29 -23.01
CA ASN O 88 -52.61 -0.39 -22.02
C ASN O 88 -51.10 -0.51 -22.10
N ASN O 89 -50.43 0.60 -22.42
CA ASN O 89 -48.98 0.65 -22.44
C ASN O 89 -48.44 1.52 -21.31
N GLY O 90 -49.30 1.91 -20.38
CA GLY O 90 -48.84 2.73 -19.28
C GLY O 90 -48.67 4.18 -19.65
N LEU O 91 -49.54 4.69 -20.50
CA LEU O 91 -49.51 6.10 -20.89
C LEU O 91 -50.84 6.69 -20.47
N TYR O 92 -50.80 7.72 -19.65
CA TYR O 92 -52.01 8.36 -19.16
C TYR O 92 -51.81 9.86 -19.16
N ARG O 93 -52.85 10.57 -19.58
CA ARG O 93 -52.79 12.03 -19.71
C ARG O 93 -52.84 12.71 -18.35
N ASP P 2 -58.60 42.19 -16.20
CA ASP P 2 -58.08 41.87 -17.53
C ASP P 2 -58.91 40.70 -18.07
N LEU P 3 -60.07 40.46 -17.47
CA LEU P 3 -61.08 39.59 -18.07
C LEU P 3 -61.86 40.41 -19.08
N ASP P 4 -61.28 40.56 -20.26
CA ASP P 4 -61.94 41.33 -21.32
C ASP P 4 -63.12 40.55 -21.85
N GLU P 5 -64.09 41.27 -22.40
CA GLU P 5 -65.30 40.62 -22.89
C GLU P 5 -65.04 39.85 -24.18
N ALA P 6 -63.94 40.14 -24.86
CA ALA P 6 -63.54 39.30 -25.99
C ALA P 6 -63.01 37.96 -25.51
N THR P 7 -62.40 37.93 -24.31
CA THR P 7 -61.91 36.68 -23.77
C THR P 7 -63.03 35.89 -23.10
N ARG P 8 -64.03 36.58 -22.56
CA ARG P 8 -65.18 35.89 -21.99
C ARG P 8 -66.17 35.42 -23.05
N THR P 9 -65.95 35.78 -24.31
CA THR P 9 -66.89 35.40 -25.36
C THR P 9 -66.64 33.98 -25.82
N VAL P 10 -67.60 33.09 -25.58
CA VAL P 10 -67.44 31.66 -25.86
C VAL P 10 -68.51 31.20 -26.84
N VAL P 11 -68.23 30.07 -27.48
CA VAL P 11 -69.10 29.54 -28.53
C VAL P 11 -70.29 28.85 -27.90
N VAL P 12 -71.49 29.08 -28.42
CA VAL P 12 -72.71 28.71 -27.70
C VAL P 12 -73.55 27.65 -28.41
N ASP P 13 -73.49 27.51 -29.74
CA ASP P 13 -74.35 26.50 -30.38
C ASP P 13 -73.53 25.71 -31.40
N ASN P 14 -74.16 24.67 -31.94
CA ASN P 14 -73.49 23.78 -32.88
C ASN P 14 -73.16 24.49 -34.20
N ALA P 15 -73.93 25.53 -34.54
CA ALA P 15 -73.64 26.30 -35.74
C ALA P 15 -72.36 27.11 -35.57
N GLY P 16 -72.18 27.74 -34.42
CA GLY P 16 -70.98 28.52 -34.17
C GLY P 16 -71.19 29.94 -33.69
N ASN P 17 -72.36 30.24 -33.12
CA ASN P 17 -72.57 31.57 -32.55
C ASN P 17 -71.78 31.72 -31.25
N THR P 18 -71.37 32.94 -30.95
CA THR P 18 -70.56 33.23 -29.79
C THR P 18 -71.27 34.27 -28.93
N THR P 19 -71.47 33.94 -27.65
CA THR P 19 -72.01 34.87 -26.68
C THR P 19 -71.01 35.04 -25.55
N VAL P 20 -71.24 36.05 -24.72
CA VAL P 20 -70.31 36.43 -23.68
C VAL P 20 -70.86 35.93 -22.34
N LEU P 21 -69.97 35.69 -21.39
CA LEU P 21 -70.33 35.26 -20.05
C LEU P 21 -70.20 36.43 -19.09
N THR P 22 -71.28 36.73 -18.37
CA THR P 22 -71.28 37.78 -17.37
C THR P 22 -70.38 37.38 -16.21
N PRO P 23 -69.80 38.35 -15.48
CA PRO P 23 -68.78 37.98 -14.46
C PRO P 23 -69.27 37.16 -13.28
N GLU P 24 -70.57 37.02 -13.07
CA GLU P 24 -71.00 36.06 -12.06
C GLU P 24 -71.06 34.65 -12.63
N GLN P 25 -71.08 34.51 -13.95
CA GLN P 25 -71.09 33.17 -14.54
C GLN P 25 -69.72 32.53 -14.41
N VAL P 26 -68.66 33.32 -14.53
CA VAL P 26 -67.31 32.77 -14.47
C VAL P 26 -66.90 32.50 -13.03
N LYS P 27 -67.62 33.10 -12.07
CA LYS P 27 -67.25 32.95 -10.67
C LYS P 27 -67.99 31.78 -10.04
N ARG P 28 -69.31 31.71 -10.28
CA ARG P 28 -70.08 30.54 -9.89
C ARG P 28 -69.68 29.33 -10.72
N GLY P 29 -69.17 29.58 -11.93
CA GLY P 29 -68.75 28.48 -12.76
C GLY P 29 -67.53 27.79 -12.22
N LYS P 30 -66.71 28.50 -11.45
CA LYS P 30 -65.56 27.83 -10.87
C LYS P 30 -65.92 27.14 -9.56
N ARG P 31 -66.77 27.78 -8.73
CA ARG P 31 -67.13 27.19 -7.45
C ARG P 31 -67.96 25.93 -7.64
N LEU P 32 -68.86 25.93 -8.60
CA LEU P 32 -69.67 24.74 -8.84
C LEU P 32 -68.87 23.63 -9.49
N PHE P 33 -67.89 23.97 -10.34
CA PHE P 33 -67.14 22.94 -11.04
C PHE P 33 -66.23 22.20 -10.08
N ASN P 34 -65.57 22.91 -9.17
CA ASN P 34 -64.71 22.24 -8.21
C ASN P 34 -65.51 21.46 -7.19
N ALA P 35 -66.70 21.93 -6.84
CA ALA P 35 -67.51 21.23 -5.85
C ALA P 35 -68.19 20.01 -6.45
N THR P 36 -68.68 20.11 -7.69
CA THR P 36 -69.39 18.99 -8.30
C THR P 36 -68.49 18.13 -9.17
N CYS P 37 -67.90 18.72 -10.21
CA CYS P 37 -67.24 17.96 -11.25
C CYS P 37 -65.78 17.73 -10.95
N GLY P 38 -65.18 18.57 -10.13
CA GLY P 38 -63.75 18.65 -10.02
C GLY P 38 -63.13 17.53 -9.22
N ALA P 39 -63.92 16.63 -8.66
CA ALA P 39 -63.36 15.49 -7.96
C ALA P 39 -62.63 14.57 -8.91
N CYS P 40 -63.13 14.43 -10.13
CA CYS P 40 -62.48 13.63 -11.14
C CYS P 40 -61.99 14.43 -12.32
N HIS P 41 -62.71 15.47 -12.72
CA HIS P 41 -62.29 16.29 -13.84
C HIS P 41 -61.48 17.51 -13.38
N VAL P 42 -60.45 17.30 -12.57
CA VAL P 42 -59.69 18.44 -12.07
C VAL P 42 -58.65 18.86 -13.12
N GLY P 43 -58.73 20.11 -13.53
CA GLY P 43 -57.80 20.62 -14.53
C GLY P 43 -57.97 20.08 -15.92
N GLY P 44 -59.09 19.42 -16.22
CA GLY P 44 -59.36 18.96 -17.55
C GLY P 44 -59.08 17.49 -17.82
N ILE P 45 -58.27 16.88 -17.02
CA ILE P 45 -58.02 15.44 -17.17
C ILE P 45 -59.12 14.69 -16.46
N THR P 46 -59.33 13.45 -16.84
CA THR P 46 -60.28 12.57 -16.18
C THR P 46 -59.51 11.49 -15.43
N LYS P 47 -59.77 11.38 -14.12
CA LYS P 47 -59.00 10.44 -13.31
C LYS P 47 -59.38 9.01 -13.60
N THR P 48 -60.67 8.73 -13.73
CA THR P 48 -61.14 7.35 -13.84
C THR P 48 -61.15 6.83 -15.27
N ASN P 49 -60.88 7.68 -16.26
CA ASN P 49 -60.78 7.27 -17.65
C ASN P 49 -59.95 8.30 -18.40
N PRO P 50 -58.62 8.20 -18.38
CA PRO P 50 -57.78 9.30 -18.86
C PRO P 50 -57.80 9.50 -20.35
N ASN P 51 -58.41 8.59 -21.10
CA ASN P 51 -58.51 8.77 -22.54
C ASN P 51 -59.48 9.87 -22.90
N VAL P 52 -60.56 9.99 -22.15
CA VAL P 52 -61.65 10.91 -22.47
C VAL P 52 -61.52 12.10 -21.53
N GLY P 53 -60.88 13.16 -22.00
CA GLY P 53 -60.61 14.33 -21.19
C GLY P 53 -61.55 15.48 -21.48
N LEU P 54 -61.24 16.62 -20.88
CA LEU P 54 -61.95 17.86 -21.16
C LEU P 54 -61.14 18.79 -22.04
N ASP P 55 -60.26 18.26 -22.85
CA ASP P 55 -59.51 19.05 -23.80
C ASP P 55 -60.44 19.62 -24.86
N PRO P 56 -60.15 20.81 -25.39
CA PRO P 56 -60.90 21.30 -26.54
C PRO P 56 -60.65 20.50 -27.79
N GLU P 57 -59.50 19.83 -27.88
CA GLU P 57 -59.31 18.81 -28.90
C GLU P 57 -60.18 17.60 -28.63
N ALA P 58 -60.25 17.14 -27.38
CA ALA P 58 -60.96 15.91 -27.06
C ALA P 58 -62.47 16.10 -27.06
N LEU P 59 -62.95 17.30 -26.72
CA LEU P 59 -64.38 17.55 -26.82
C LEU P 59 -64.83 17.66 -28.27
N SER P 60 -63.94 18.09 -29.15
CA SER P 60 -64.33 18.25 -30.55
C SER P 60 -64.38 16.91 -31.27
N LEU P 61 -63.57 15.94 -30.85
CA LEU P 61 -63.51 14.68 -31.57
C LEU P 61 -64.61 13.70 -31.17
N ALA P 62 -65.44 14.06 -30.19
CA ALA P 62 -66.55 13.20 -29.84
C ALA P 62 -67.59 13.21 -30.96
N THR P 63 -68.34 12.10 -31.07
CA THR P 63 -69.16 11.83 -32.24
C THR P 63 -70.35 12.79 -32.33
N PRO P 64 -70.98 13.18 -31.22
CA PRO P 64 -71.55 14.54 -31.23
C PRO P 64 -70.48 15.51 -30.79
N ARG P 65 -70.35 16.63 -31.50
CA ARG P 65 -69.36 17.62 -31.12
C ARG P 65 -69.76 18.28 -29.80
N ARG P 66 -68.84 18.32 -28.86
CA ARG P 66 -69.14 18.71 -27.49
C ARG P 66 -68.55 20.03 -27.08
N ASP P 67 -68.03 20.83 -28.01
CA ASP P 67 -67.33 22.05 -27.62
C ASP P 67 -68.29 23.15 -27.19
N ASN P 68 -69.54 23.08 -27.61
CA ASN P 68 -70.45 24.19 -27.40
C ASN P 68 -70.97 24.18 -25.97
N ILE P 69 -71.46 25.34 -25.54
CA ILE P 69 -72.18 25.40 -24.27
C ILE P 69 -73.47 24.59 -24.36
N SER P 70 -74.16 24.69 -25.49
CA SER P 70 -75.41 23.94 -25.67
C SER P 70 -75.13 22.44 -25.83
N ALA P 71 -73.91 22.09 -26.23
CA ALA P 71 -73.58 20.68 -26.36
C ALA P 71 -73.12 20.10 -25.04
N LEU P 72 -72.51 20.91 -24.19
CA LEU P 72 -72.07 20.40 -22.89
C LEU P 72 -73.24 20.21 -21.94
N VAL P 73 -74.18 21.15 -21.92
CA VAL P 73 -75.35 21.00 -21.06
C VAL P 73 -76.25 19.90 -21.60
N ASP P 74 -76.14 19.62 -22.90
CA ASP P 74 -76.76 18.43 -23.47
C ASP P 74 -76.15 17.17 -22.87
N TYR P 75 -74.83 17.15 -22.71
CA TYR P 75 -74.16 15.97 -22.17
C TYR P 75 -74.51 15.75 -20.71
N ILE P 76 -74.73 16.83 -19.97
CA ILE P 76 -75.00 16.71 -18.54
C ILE P 76 -76.37 16.10 -18.31
N LYS P 77 -77.35 16.47 -19.14
CA LYS P 77 -78.67 15.91 -18.95
C LYS P 77 -78.80 14.55 -19.63
N ASN P 78 -77.90 14.23 -20.56
CA ASN P 78 -77.94 12.94 -21.24
C ASN P 78 -76.55 12.53 -21.69
N PRO P 79 -75.77 11.91 -20.81
CA PRO P 79 -74.42 11.53 -21.20
C PRO P 79 -74.35 10.24 -22.00
N THR P 80 -74.07 10.36 -23.29
CA THR P 80 -73.73 9.20 -24.07
C THR P 80 -72.25 8.94 -23.95
N THR P 81 -71.78 7.92 -24.67
CA THR P 81 -70.36 7.63 -24.66
C THR P 81 -69.60 8.57 -25.57
N TYR P 82 -68.35 8.22 -25.82
CA TYR P 82 -67.51 9.02 -26.69
C TYR P 82 -67.92 8.88 -28.15
N ASP P 83 -68.36 7.68 -28.54
CA ASP P 83 -68.89 7.49 -29.88
C ASP P 83 -70.39 7.75 -29.93
N GLY P 84 -70.98 8.07 -28.78
CA GLY P 84 -72.37 8.48 -28.73
C GLY P 84 -73.38 7.42 -29.08
N LEU P 85 -73.01 6.14 -29.03
CA LEU P 85 -73.95 5.10 -29.41
C LEU P 85 -74.88 4.73 -28.25
N GLU P 86 -74.31 4.57 -27.05
CA GLU P 86 -75.10 4.15 -25.90
C GLU P 86 -74.91 5.14 -24.76
N SER P 87 -75.82 5.07 -23.79
CA SER P 87 -75.80 5.98 -22.66
C SER P 87 -75.03 5.39 -21.49
N ILE P 88 -74.30 6.26 -20.81
CA ILE P 88 -73.59 5.90 -19.59
C ILE P 88 -74.06 6.79 -18.46
N ALA P 89 -75.35 7.15 -18.51
CA ALA P 89 -75.94 7.93 -17.44
C ALA P 89 -75.96 7.16 -16.13
N GLU P 90 -75.98 5.84 -16.18
CA GLU P 90 -75.99 5.02 -14.98
C GLU P 90 -74.68 5.13 -14.21
N VAL P 91 -73.58 5.48 -14.87
CA VAL P 91 -72.29 5.60 -14.20
C VAL P 91 -71.73 7.02 -14.22
N HIS P 92 -72.09 7.83 -15.21
CA HIS P 92 -71.66 9.22 -15.06
C HIS P 92 -72.73 10.02 -14.35
N PRO P 93 -72.37 10.98 -13.51
CA PRO P 93 -73.38 11.82 -12.87
C PRO P 93 -74.09 12.68 -13.88
N SER P 94 -75.41 12.75 -13.76
CA SER P 94 -76.22 13.38 -14.78
C SER P 94 -77.45 13.99 -14.13
N ILE P 95 -78.37 14.47 -14.96
CA ILE P 95 -79.68 14.90 -14.50
C ILE P 95 -80.71 13.80 -14.67
N LYS P 96 -80.58 13.03 -15.75
CA LYS P 96 -81.47 11.90 -15.98
C LYS P 96 -81.31 10.84 -14.91
N SER P 97 -80.08 10.44 -14.62
CA SER P 97 -79.80 9.54 -13.52
C SER P 97 -79.28 10.33 -12.33
N ALA P 98 -80.17 11.10 -11.71
CA ALA P 98 -79.80 11.93 -10.57
C ALA P 98 -80.45 11.47 -9.28
N ASP P 99 -81.10 10.32 -9.29
CA ASP P 99 -81.54 9.71 -8.05
C ASP P 99 -80.41 9.01 -7.32
N ILE P 100 -79.47 8.43 -8.07
CA ILE P 100 -78.35 7.79 -7.41
C ILE P 100 -77.35 8.83 -6.93
N TYR P 101 -77.03 9.81 -7.76
CA TYR P 101 -76.06 10.83 -7.40
C TYR P 101 -76.76 11.91 -6.61
N PRO P 102 -76.47 12.07 -5.32
CA PRO P 102 -77.15 13.12 -4.54
C PRO P 102 -76.61 14.49 -4.81
N ARG P 103 -75.56 14.59 -5.61
CA ARG P 103 -74.86 15.84 -5.80
C ARG P 103 -75.56 16.70 -6.84
N MET P 104 -76.39 16.09 -7.67
CA MET P 104 -77.02 16.79 -8.78
C MET P 104 -78.52 16.87 -8.65
N ARG P 105 -79.07 16.77 -7.43
CA ARG P 105 -80.51 16.90 -7.27
C ARG P 105 -80.93 18.35 -7.22
N SER P 106 -80.00 19.27 -6.99
CA SER P 106 -80.33 20.69 -6.91
C SER P 106 -79.44 21.47 -7.87
N LEU P 107 -79.82 21.49 -9.14
CA LEU P 107 -79.11 22.24 -10.16
C LEU P 107 -80.13 22.83 -11.12
N THR P 108 -80.00 24.13 -11.37
CA THR P 108 -80.92 24.83 -12.24
C THR P 108 -80.32 24.87 -13.65
N ASP P 109 -80.99 25.59 -14.55
CA ASP P 109 -80.48 25.71 -15.90
C ASP P 109 -79.29 26.66 -15.97
N GLU P 110 -79.32 27.74 -15.20
CA GLU P 110 -78.21 28.68 -15.19
C GLU P 110 -77.00 28.13 -14.47
N ASP P 111 -77.20 27.13 -13.60
CA ASP P 111 -76.07 26.54 -12.91
C ASP P 111 -75.28 25.62 -13.83
N LEU P 112 -75.97 24.85 -14.66
CA LEU P 112 -75.26 24.09 -15.67
C LEU P 112 -74.73 24.99 -16.79
N TYR P 113 -75.35 26.14 -16.99
CA TYR P 113 -74.86 27.08 -17.98
C TYR P 113 -73.54 27.70 -17.54
N SER P 114 -73.31 27.81 -16.24
CA SER P 114 -72.04 28.36 -15.77
C SER P 114 -70.97 27.29 -15.61
N ILE P 115 -71.35 26.06 -15.25
CA ILE P 115 -70.39 24.97 -15.20
C ILE P 115 -69.83 24.68 -16.58
N ALA P 116 -70.71 24.59 -17.57
CA ALA P 116 -70.27 24.44 -18.95
C ALA P 116 -69.56 25.67 -19.45
N GLY P 117 -69.86 26.84 -18.89
CA GLY P 117 -69.07 28.02 -19.18
C GLY P 117 -67.65 27.89 -18.68
N HIS P 118 -67.45 27.27 -17.52
CA HIS P 118 -66.12 27.11 -16.98
C HIS P 118 -65.30 26.11 -17.77
N ILE P 119 -65.93 25.04 -18.25
CA ILE P 119 -65.23 24.04 -19.07
C ILE P 119 -64.79 24.61 -20.40
N MET P 120 -65.54 25.55 -20.95
CA MET P 120 -65.23 26.15 -22.24
C MET P 120 -64.29 27.35 -22.14
N LEU P 121 -64.40 28.16 -21.10
CA LEU P 121 -63.59 29.35 -20.96
C LEU P 121 -62.22 29.08 -20.34
N SER P 122 -62.02 27.94 -19.71
CA SER P 122 -60.71 27.63 -19.16
C SER P 122 -59.61 27.29 -20.16
N PRO P 123 -59.85 26.63 -21.30
CA PRO P 123 -58.74 26.55 -22.29
C PRO P 123 -58.37 27.88 -22.90
N LYS P 124 -59.25 28.87 -22.84
CA LYS P 124 -58.90 30.19 -23.36
C LYS P 124 -58.03 30.96 -22.38
N ILE P 125 -58.23 30.73 -21.09
CA ILE P 125 -57.33 31.34 -20.12
C ILE P 125 -55.98 30.62 -20.11
N ALA P 126 -55.98 29.35 -19.74
CA ALA P 126 -54.75 28.54 -19.69
C ALA P 126 -54.79 27.64 -20.91
N SER P 127 -53.87 27.87 -21.84
CA SER P 127 -53.96 27.23 -23.15
C SER P 127 -53.54 25.76 -23.09
N GLU P 128 -52.51 25.47 -22.32
CA GLU P 128 -51.93 24.13 -22.30
C GLU P 128 -52.07 23.44 -20.96
N LYS P 129 -52.43 24.17 -19.91
CA LYS P 129 -52.57 23.54 -18.60
C LYS P 129 -53.86 22.76 -18.50
N TRP P 130 -54.88 23.15 -19.25
CA TRP P 130 -56.18 22.51 -19.14
C TRP P 130 -56.17 21.15 -19.81
N GLY P 131 -56.16 20.09 -19.00
CA GLY P 131 -56.18 18.75 -19.54
C GLY P 131 -54.87 18.33 -20.16
N GLY P 132 -53.77 18.92 -19.72
CA GLY P 132 -52.47 18.59 -20.25
C GLY P 132 -51.74 17.62 -19.37
N GLY P 133 -52.37 17.24 -18.27
CA GLY P 133 -51.75 16.30 -17.38
C GLY P 133 -50.76 16.97 -16.45
N LYS P 134 -49.89 16.14 -15.87
CA LYS P 134 -48.95 16.64 -14.89
C LYS P 134 -47.73 17.25 -15.56
N ILE P 135 -47.57 17.07 -16.86
CA ILE P 135 -46.45 17.68 -17.57
C ILE P 135 -46.61 19.20 -17.56
N TYR P 136 -47.84 19.67 -17.66
CA TYR P 136 -48.08 21.10 -17.73
C TYR P 136 -48.64 21.68 -16.44
N TYR P 137 -48.32 21.09 -15.29
CA TYR P 137 -48.73 21.69 -14.02
C TYR P 137 -47.97 22.98 -13.80
N MET Q 1 -77.95 43.33 0.89
CA MET Q 1 -76.69 42.73 0.49
C MET Q 1 -75.52 43.36 1.20
N ILE Q 2 -75.51 43.30 2.53
CA ILE Q 2 -74.46 43.95 3.31
C ILE Q 2 -73.66 42.94 4.13
N ASN Q 3 -73.70 41.65 3.76
CA ASN Q 3 -72.87 40.58 4.31
C ASN Q 3 -73.10 40.42 5.81
N TRP Q 4 -74.32 39.99 6.15
CA TRP Q 4 -74.74 39.89 7.53
C TRP Q 4 -73.99 38.81 8.30
N GLN Q 5 -73.44 37.83 7.59
CA GLN Q 5 -72.75 36.72 8.26
C GLN Q 5 -71.46 37.18 8.89
N VAL Q 6 -70.63 37.88 8.13
CA VAL Q 6 -69.34 38.34 8.63
C VAL Q 6 -69.52 39.38 9.72
N ILE Q 7 -70.54 40.24 9.57
CA ILE Q 7 -70.88 41.20 10.62
C ILE Q 7 -71.34 40.46 11.88
N GLY Q 8 -72.03 39.33 11.71
CA GLY Q 8 -72.44 38.55 12.86
C GLY Q 8 -71.29 37.83 13.53
N GLN Q 9 -70.34 37.32 12.73
CA GLN Q 9 -69.25 36.54 13.29
C GLN Q 9 -68.24 37.42 14.01
N LEU Q 10 -67.93 38.59 13.42
CA LEU Q 10 -66.89 39.45 13.99
C LEU Q 10 -67.36 40.11 15.27
N MET Q 11 -68.67 40.36 15.39
CA MET Q 11 -69.18 40.87 16.64
C MET Q 11 -69.24 39.78 17.69
N SER Q 12 -69.62 38.58 17.29
CA SER Q 12 -69.79 37.50 18.26
C SER Q 12 -68.47 36.93 18.75
N THR Q 13 -67.38 37.06 18.00
CA THR Q 13 -66.08 36.78 18.61
C THR Q 13 -65.70 37.88 19.58
N ALA Q 14 -65.88 39.14 19.18
CA ALA Q 14 -65.52 40.27 20.01
C ALA Q 14 -66.37 40.38 21.25
N VAL Q 15 -67.58 39.82 21.26
CA VAL Q 15 -68.32 39.72 22.51
C VAL Q 15 -67.68 38.68 23.41
N ILE Q 16 -67.33 37.54 22.85
CA ILE Q 16 -66.81 36.41 23.63
C ILE Q 16 -65.36 36.63 24.02
N MET Q 17 -64.53 37.15 23.11
CA MET Q 17 -63.14 37.44 23.44
C MET Q 17 -62.99 38.58 24.44
N LEU Q 18 -64.01 39.41 24.60
CA LEU Q 18 -63.99 40.43 25.64
C LEU Q 18 -64.79 40.04 26.86
N ALA Q 19 -65.48 38.89 26.83
CA ALA Q 19 -66.18 38.41 28.00
C ALA Q 19 -65.29 37.54 28.88
N GLY Q 20 -64.09 37.24 28.45
CA GLY Q 20 -63.16 36.44 29.22
C GLY Q 20 -62.29 37.24 30.15
N PRO Q 21 -61.52 38.20 29.61
CA PRO Q 21 -60.81 39.13 30.49
C PRO Q 21 -61.71 40.03 31.33
N ALA Q 22 -62.99 40.21 30.97
CA ALA Q 22 -63.88 41.00 31.81
C ALA Q 22 -64.22 40.27 33.09
N VAL Q 23 -64.08 38.95 33.10
CA VAL Q 23 -64.21 38.19 34.35
C VAL Q 23 -63.04 38.49 35.27
N ILE Q 24 -61.85 38.67 34.70
CA ILE Q 24 -60.68 38.95 35.50
C ILE Q 24 -60.60 40.42 35.88
N VAL Q 25 -60.94 41.31 34.94
CA VAL Q 25 -60.87 42.76 35.18
C VAL Q 25 -61.87 43.18 36.25
N LEU Q 26 -63.07 42.59 36.23
CA LEU Q 26 -64.02 42.85 37.29
C LEU Q 26 -63.58 42.28 38.63
N LEU Q 27 -62.69 41.30 38.64
CA LEU Q 27 -62.15 40.83 39.90
C LEU Q 27 -60.97 41.66 40.39
N ALA Q 28 -60.19 42.23 39.47
CA ALA Q 28 -59.06 43.03 39.89
C ALA Q 28 -59.52 44.36 40.49
N LEU Q 29 -60.63 44.89 39.98
CA LEU Q 29 -61.20 46.11 40.55
C LEU Q 29 -61.82 45.83 41.91
N LYS Q 30 -62.35 44.62 42.07
CA LYS Q 30 -63.03 44.24 43.29
C LYS Q 30 -62.05 43.74 44.36
N LYS Q 31 -60.79 43.51 43.98
CA LYS Q 31 -59.72 42.99 44.85
C LYS Q 31 -60.11 41.66 45.48
N GLY Q 32 -60.82 40.83 44.74
CA GLY Q 32 -61.22 39.53 45.23
C GLY Q 32 -60.09 38.53 45.16
N ASN Q 33 -60.41 37.29 45.52
CA ASN Q 33 -59.40 36.24 45.57
C ASN Q 33 -59.04 35.77 44.18
N LEU Q 34 -58.13 36.47 43.52
CA LEU Q 34 -57.54 35.98 42.29
C LEU Q 34 -56.50 34.90 42.59
N MET R 1 -14.53 59.87 -17.43
CA MET R 1 -14.84 60.58 -18.66
C MET R 1 -15.95 59.91 -19.45
N THR R 2 -16.14 58.60 -19.25
CA THR R 2 -17.28 57.90 -19.81
C THR R 2 -18.51 58.14 -18.96
N ALA R 3 -19.60 57.46 -19.28
CA ALA R 3 -20.74 57.48 -18.39
C ALA R 3 -20.44 56.68 -17.13
N SER R 4 -19.76 55.54 -17.29
CA SER R 4 -19.50 54.67 -16.16
C SER R 4 -18.41 55.22 -15.26
N LEU R 5 -17.41 55.88 -15.84
CA LEU R 5 -16.32 56.39 -15.02
C LEU R 5 -16.71 57.67 -14.29
N SER R 6 -17.52 58.52 -14.92
CA SER R 6 -17.96 59.74 -14.23
C SER R 6 -18.90 59.42 -13.10
N ASN R 7 -19.76 58.42 -13.27
CA ASN R 7 -20.70 58.06 -12.21
C ASN R 7 -20.01 57.37 -11.06
N PHE R 8 -18.85 56.76 -11.30
CA PHE R 8 -18.18 56.05 -10.21
C PHE R 8 -17.47 57.02 -9.28
N ILE R 9 -16.83 58.05 -9.82
CA ILE R 9 -16.15 59.03 -9.00
C ILE R 9 -17.17 59.83 -8.20
N ALA R 10 -18.36 60.04 -8.77
CA ALA R 10 -19.42 60.69 -8.02
C ALA R 10 -19.90 59.82 -6.87
N SER R 11 -19.87 58.50 -7.05
CA SER R 11 -20.19 57.61 -5.95
C SER R 11 -19.08 57.56 -4.94
N LEU R 12 -17.85 57.81 -5.39
CA LEU R 12 -16.71 57.86 -4.48
C LEU R 12 -16.76 59.12 -3.63
N ILE R 13 -17.21 60.22 -4.21
CA ILE R 13 -17.49 61.43 -3.44
C ILE R 13 -18.67 61.19 -2.52
N ALA R 14 -19.70 60.51 -3.02
CA ALA R 14 -20.87 60.19 -2.19
C ALA R 14 -20.52 59.17 -1.12
N GLY R 15 -19.53 58.32 -1.39
CA GLY R 15 -19.03 57.43 -0.35
C GLY R 15 -18.17 58.17 0.67
N GLY R 16 -17.71 59.37 0.32
CA GLY R 16 -16.94 60.15 1.26
C GLY R 16 -17.81 60.92 2.23
N VAL R 17 -18.97 61.39 1.75
CA VAL R 17 -19.82 62.20 2.61
C VAL R 17 -20.64 61.32 3.55
N VAL R 18 -20.89 60.07 3.16
CA VAL R 18 -21.57 59.13 4.04
C VAL R 18 -20.67 58.78 5.22
N VAL R 19 -19.39 58.54 4.96
CA VAL R 19 -18.42 58.42 6.02
C VAL R 19 -18.23 59.77 6.71
N GLY R 20 -18.38 60.86 5.95
CA GLY R 20 -18.12 62.18 6.50
C GLY R 20 -19.16 62.63 7.51
N VAL R 21 -20.44 62.56 7.14
CA VAL R 21 -21.48 63.10 8.02
C VAL R 21 -21.67 62.21 9.24
N ILE R 22 -21.26 60.94 9.14
CA ILE R 22 -21.19 60.11 10.33
C ILE R 22 -20.02 60.54 11.20
N ALA R 23 -18.87 60.84 10.58
CA ALA R 23 -17.67 61.18 11.35
C ALA R 23 -17.77 62.57 11.96
N ILE R 24 -18.30 63.54 11.22
CA ILE R 24 -18.39 64.91 11.72
C ILE R 24 -19.38 64.98 12.89
N ALA R 25 -20.47 64.24 12.79
CA ALA R 25 -21.43 64.18 13.89
C ALA R 25 -20.86 63.43 15.09
N LEU R 26 -19.90 62.52 14.85
CA LEU R 26 -19.38 61.72 15.94
C LEU R 26 -18.32 62.45 16.73
N ILE R 27 -17.58 63.36 16.08
CA ILE R 27 -16.56 64.13 16.79
C ILE R 27 -17.22 65.15 17.71
N VAL R 28 -18.28 65.80 17.22
CA VAL R 28 -18.92 66.88 17.98
C VAL R 28 -19.60 66.34 19.23
N ILE R 29 -20.31 65.21 19.09
CA ILE R 29 -21.00 64.62 20.23
C ILE R 29 -20.00 63.97 21.20
N SER R 30 -18.81 63.59 20.73
CA SER R 30 -17.81 63.03 21.63
C SER R 30 -17.16 64.11 22.49
N LYS R 31 -17.32 65.38 22.11
CA LYS R 31 -16.86 66.47 22.97
C LYS R 31 -17.80 66.68 24.14
N SER R 32 -19.11 66.64 23.87
CA SER R 32 -20.09 66.97 24.90
C SER R 32 -20.25 65.83 25.91
N ASP R 33 -20.10 64.59 25.46
CA ASP R 33 -20.37 63.44 26.31
C ASP R 33 -19.08 62.84 26.87
N ARG R 34 -18.09 63.67 27.19
CA ARG R 34 -16.86 63.16 27.78
C ARG R 34 -17.11 62.73 29.22
N ILE R 35 -16.27 61.84 29.70
CA ILE R 35 -16.45 61.27 31.04
C ILE R 35 -15.64 62.08 32.02
N LEU R 36 -16.25 62.37 33.17
CA LEU R 36 -15.55 62.96 34.31
C LEU R 36 -14.41 62.05 34.75
N ARG R 37 -13.30 62.68 35.14
CA ARG R 37 -12.09 61.97 35.54
C ARG R 37 -12.28 61.12 36.80
N MET S 1 -91.87 31.58 18.30
CA MET S 1 -91.56 31.96 19.67
C MET S 1 -90.27 31.34 20.14
N ILE S 2 -89.78 30.35 19.39
CA ILE S 2 -88.53 29.69 19.77
C ILE S 2 -87.35 30.64 19.53
N THR S 3 -87.40 31.42 18.46
CA THR S 3 -86.32 32.37 18.18
C THR S 3 -86.32 33.52 19.17
N LEU S 4 -87.42 33.74 19.87
CA LEU S 4 -87.43 34.80 20.88
C LEU S 4 -86.94 34.29 22.22
N LEU S 5 -87.19 33.02 22.52
CA LEU S 5 -86.83 32.50 23.84
C LEU S 5 -85.36 32.09 23.89
N VAL S 6 -84.84 31.56 22.78
CA VAL S 6 -83.42 31.22 22.74
C VAL S 6 -82.58 32.48 22.77
N ALA S 7 -83.05 33.55 22.14
CA ALA S 7 -82.38 34.84 22.25
C ALA S 7 -82.47 35.40 23.66
N LEU S 8 -83.50 35.01 24.40
CA LEU S 8 -83.54 35.39 25.80
C LEU S 8 -82.72 34.43 26.64
N LEU S 9 -82.42 33.25 26.08
CA LEU S 9 -81.63 32.26 26.80
C LEU S 9 -80.15 32.58 26.70
N VAL S 10 -79.73 33.16 25.59
CA VAL S 10 -78.33 33.52 25.41
C VAL S 10 -77.98 34.75 26.23
N LEU S 11 -78.90 35.73 26.29
CA LEU S 11 -78.60 36.97 27.00
C LEU S 11 -78.51 36.77 28.50
N ILE S 12 -79.16 35.73 29.02
CA ILE S 12 -79.00 35.44 30.45
C ILE S 12 -77.67 34.78 30.71
N SER S 13 -77.23 33.90 29.80
CA SER S 13 -75.95 33.26 29.97
C SER S 13 -74.79 34.22 29.71
N LEU S 14 -75.05 35.32 29.00
CA LEU S 14 -74.10 36.43 29.04
C LEU S 14 -74.08 37.08 30.41
N GLY S 15 -75.25 37.23 31.02
CA GLY S 15 -75.31 37.93 32.30
C GLY S 15 -74.78 37.12 33.45
N LEU S 16 -74.77 35.80 33.32
CA LEU S 16 -74.30 34.96 34.41
C LEU S 16 -72.78 34.90 34.44
N VAL S 17 -72.17 34.64 33.28
CA VAL S 17 -70.73 34.36 33.22
C VAL S 17 -69.92 35.60 33.57
N VAL S 18 -70.44 36.77 33.28
CA VAL S 18 -69.79 37.99 33.73
C VAL S 18 -69.90 38.14 35.24
N THR S 19 -70.96 37.62 35.84
CA THR S 19 -71.24 37.91 37.24
C THR S 19 -71.03 36.74 38.20
N VAL S 20 -71.18 35.50 37.76
CA VAL S 20 -71.12 34.35 38.69
C VAL S 20 -69.70 34.07 39.18
N PRO S 21 -68.63 34.00 38.34
CA PRO S 21 -67.29 33.87 38.94
C PRO S 21 -66.84 35.09 39.69
N VAL S 22 -67.36 36.27 39.35
CA VAL S 22 -67.17 37.43 40.22
C VAL S 22 -67.88 37.23 41.54
N ALA S 23 -69.01 36.54 41.54
CA ALA S 23 -69.71 36.27 42.79
C ALA S 23 -69.03 35.18 43.61
N LEU S 24 -68.18 34.36 43.00
CA LEU S 24 -67.56 33.28 43.75
C LEU S 24 -66.14 33.63 44.20
N ALA S 25 -65.40 34.38 43.39
CA ALA S 25 -64.01 34.64 43.74
C ALA S 25 -63.91 35.74 44.79
N THR S 26 -64.98 36.50 44.96
CA THR S 26 -65.03 37.47 46.05
C THR S 26 -65.18 36.71 47.36
N PRO S 27 -64.47 37.12 48.44
CA PRO S 27 -64.52 36.37 49.71
C PRO S 27 -65.88 36.21 50.38
N GLY S 28 -66.88 37.00 50.01
CA GLY S 28 -68.17 36.82 50.66
C GLY S 28 -69.40 37.01 49.81
N GLU S 29 -69.24 37.30 48.53
CA GLU S 29 -70.36 37.77 47.72
C GLU S 29 -71.37 36.66 47.46
N TRP S 30 -70.91 35.40 47.43
CA TRP S 30 -71.83 34.30 47.19
C TRP S 30 -72.65 34.01 48.43
N GLU S 31 -72.03 34.08 49.60
CA GLU S 31 -72.78 33.79 50.82
C GLU S 31 -73.75 34.91 51.15
N ILE S 32 -73.33 36.16 50.92
CA ILE S 32 -74.19 37.30 51.20
C ILE S 32 -75.37 37.34 50.23
N ALA S 33 -75.11 37.09 48.96
CA ALA S 33 -76.16 37.03 47.95
C ALA S 33 -75.99 35.77 47.12
N LYS S 34 -76.82 34.76 47.39
CA LYS S 34 -77.04 33.68 46.47
C LYS S 34 -78.51 33.43 46.18
N GLY S 35 -79.40 33.81 47.11
CA GLY S 35 -80.83 33.71 46.84
C GLY S 35 -81.28 34.67 45.76
N LYS S 36 -80.53 35.76 45.57
CA LYS S 36 -80.69 36.54 44.35
C LYS S 36 -80.26 35.72 43.14
N PHE S 37 -79.09 35.08 43.21
CA PHE S 37 -78.57 34.35 42.07
C PHE S 37 -79.31 33.03 41.85
N ASN S 38 -79.83 32.41 42.90
CA ASN S 38 -80.49 31.12 42.76
C ASN S 38 -81.79 31.23 41.97
N ARG S 39 -82.39 32.42 41.97
CA ARG S 39 -83.50 32.67 41.06
C ARG S 39 -83.05 32.60 39.62
N PHE S 40 -81.88 33.16 39.31
CA PHE S 40 -81.42 33.22 37.94
C PHE S 40 -81.00 31.85 37.42
N PHE S 41 -80.62 30.94 38.33
CA PHE S 41 -80.43 29.56 37.90
C PHE S 41 -81.76 28.89 37.62
N GLN S 42 -82.74 29.11 38.50
CA GLN S 42 -84.04 28.50 38.32
C GLN S 42 -84.79 29.08 37.14
N ILE S 43 -84.55 30.36 36.82
CA ILE S 43 -85.10 30.92 35.59
C ILE S 43 -84.41 30.32 34.38
N TRP S 44 -83.09 30.12 34.46
CA TRP S 44 -82.32 29.62 33.33
C TRP S 44 -82.66 28.18 33.00
N VAL S 45 -82.84 27.36 34.04
CA VAL S 45 -83.22 25.96 33.84
C VAL S 45 -84.64 25.87 33.31
N PHE S 46 -85.51 26.78 33.76
CA PHE S 46 -86.90 26.78 33.32
C PHE S 46 -87.02 27.14 31.84
N LEU S 47 -86.09 27.96 31.33
CA LEU S 47 -86.16 28.32 29.92
C LEU S 47 -85.78 27.15 29.03
N VAL S 48 -84.90 26.27 29.50
CA VAL S 48 -84.46 25.14 28.69
C VAL S 48 -85.61 24.17 28.48
N ILE S 49 -86.46 24.03 29.49
CA ILE S 49 -87.61 23.14 29.38
C ILE S 49 -88.70 23.77 28.52
N VAL S 50 -88.86 25.08 28.60
CA VAL S 50 -89.83 25.78 27.76
C VAL S 50 -89.43 25.70 26.30
N ILE S 51 -88.14 25.82 26.02
CA ILE S 51 -87.65 25.69 24.64
C ILE S 51 -87.76 24.24 24.17
N ALA S 52 -87.51 23.28 25.07
CA ALA S 52 -87.66 21.87 24.71
C ALA S 52 -89.12 21.51 24.51
N ALA S 53 -90.01 22.21 25.21
CA ALA S 53 -91.44 22.02 25.00
C ALA S 53 -91.87 22.60 23.65
N ALA S 54 -91.45 23.83 23.38
CA ALA S 54 -91.85 24.52 22.16
C ALA S 54 -91.22 23.91 20.93
N ASP S 55 -90.13 23.16 21.09
CA ASP S 55 -89.54 22.49 19.93
C ASP S 55 -90.31 21.22 19.59
N GLY S 56 -90.77 20.48 20.58
CA GLY S 56 -91.51 19.27 20.34
C GLY S 56 -92.92 19.51 19.82
N ILE S 57 -93.55 20.59 20.30
CA ILE S 57 -94.84 20.99 19.77
C ILE S 57 -94.71 21.39 18.31
N SER S 58 -93.68 22.16 17.97
CA SER S 58 -93.52 22.65 16.61
C SER S 58 -93.00 21.60 15.64
N SER S 59 -92.70 20.39 16.11
CA SER S 59 -92.26 19.33 15.21
C SER S 59 -93.11 18.08 15.35
N SER T 19 -66.93 40.42 -6.47
CA SER T 19 -65.54 40.55 -6.91
C SER T 19 -64.93 39.15 -7.05
N TYR T 20 -63.89 39.01 -7.89
CA TYR T 20 -63.55 37.70 -8.46
C TYR T 20 -62.87 36.78 -7.46
N SER T 21 -62.05 37.34 -6.56
CA SER T 21 -61.28 36.52 -5.62
C SER T 21 -61.71 36.75 -4.19
N GLU T 22 -62.97 37.12 -3.96
CA GLU T 22 -63.50 37.34 -2.62
C GLU T 22 -63.92 36.01 -2.04
N GLY T 23 -63.32 35.62 -0.92
CA GLY T 23 -63.52 34.28 -0.40
C GLY T 23 -64.74 34.16 0.49
N ALA T 24 -64.93 35.12 1.39
CA ALA T 24 -66.04 35.06 2.33
C ALA T 24 -67.25 35.86 1.89
N ALA T 25 -67.48 36.00 0.59
CA ALA T 25 -68.74 36.56 0.10
C ALA T 25 -69.78 35.46 0.17
N TYR T 26 -70.51 35.42 1.28
CA TYR T 26 -71.45 34.32 1.49
C TYR T 26 -72.70 34.50 0.63
N GLY T 27 -73.25 35.72 0.59
CA GLY T 27 -74.52 35.92 -0.09
C GLY T 27 -74.58 37.09 -1.04
N THR T 28 -73.60 37.99 -0.97
CA THR T 28 -73.63 39.18 -1.80
C THR T 28 -73.15 38.88 -3.21
N ASP T 29 -72.41 37.79 -3.37
CA ASP T 29 -71.87 37.39 -4.67
C ASP T 29 -72.99 37.01 -5.64
N GLN T 30 -73.68 35.93 -5.35
CA GLN T 30 -74.60 35.28 -6.25
C GLN T 30 -75.96 35.97 -6.18
N ALA T 31 -76.78 35.76 -7.20
CA ALA T 31 -78.11 36.39 -7.21
C ALA T 31 -79.17 35.42 -6.68
N ASP T 32 -78.99 34.13 -6.92
CA ASP T 32 -79.96 33.16 -6.42
C ASP T 32 -79.70 32.86 -4.95
N LYS T 33 -80.78 32.59 -4.22
CA LYS T 33 -80.64 32.28 -2.81
C LYS T 33 -80.07 30.88 -2.65
N LEU T 34 -79.12 30.73 -1.73
CA LEU T 34 -78.49 29.44 -1.50
C LEU T 34 -79.20 28.68 -0.39
N TYR T 35 -78.81 27.41 -0.26
CA TYR T 35 -79.33 26.58 0.81
C TYR T 35 -78.85 27.06 2.16
N SER T 36 -77.60 27.51 2.22
CA SER T 36 -76.99 28.01 3.43
C SER T 36 -75.80 28.86 3.01
N PRO T 37 -75.34 29.78 3.88
CA PRO T 37 -74.15 30.57 3.51
C PRO T 37 -72.91 29.72 3.36
N TYR T 38 -72.88 28.56 3.98
CA TYR T 38 -71.75 27.65 3.93
C TYR T 38 -71.87 26.65 2.79
N SER T 39 -72.57 27.00 1.71
CA SER T 39 -72.75 26.11 0.58
C SER T 39 -72.49 26.84 -0.72
N VAL T 40 -72.50 26.06 -1.79
CA VAL T 40 -72.44 26.60 -3.15
C VAL T 40 -73.76 26.37 -3.87
N TYR T 41 -74.50 25.34 -3.50
CA TYR T 41 -75.68 24.89 -4.20
C TYR T 41 -76.91 25.69 -3.78
N SER T 42 -77.86 25.76 -4.69
CA SER T 42 -79.17 26.36 -4.43
C SER T 42 -80.06 25.28 -3.82
N PRO T 43 -81.16 25.61 -3.14
CA PRO T 43 -82.01 24.58 -2.52
C PRO T 43 -82.77 23.74 -3.55
N GLU T 44 -83.62 22.87 -3.02
CA GLU T 44 -84.40 21.90 -3.76
C GLU T 44 -85.74 22.48 -4.23
N GLY T 45 -85.83 23.80 -4.34
CA GLY T 45 -87.09 24.44 -4.68
C GLY T 45 -87.46 24.37 -6.14
N GLU T 46 -87.98 25.48 -6.67
CA GLU T 46 -88.35 25.51 -8.08
C GLU T 46 -87.12 25.65 -8.96
N LYS T 47 -87.39 25.75 -10.27
CA LYS T 47 -86.43 25.92 -11.38
C LYS T 47 -85.29 24.91 -11.40
N SER T 48 -85.41 23.81 -10.66
CA SER T 48 -84.40 22.76 -10.68
C SER T 48 -84.66 21.84 -11.86
N LEU T 49 -83.62 21.14 -12.27
CA LEU T 49 -83.77 20.19 -13.35
C LEU T 49 -84.10 18.79 -12.87
N TYR T 50 -83.87 18.50 -11.59
CA TYR T 50 -84.22 17.22 -11.01
C TYR T 50 -85.62 17.31 -10.43
N LYS T 51 -86.56 16.61 -11.06
CA LYS T 51 -87.92 16.53 -10.55
C LYS T 51 -88.19 15.11 -10.11
N PRO T 52 -88.39 14.87 -8.82
CA PRO T 52 -88.46 13.50 -8.32
C PRO T 52 -89.77 12.79 -8.62
N ASP T 53 -90.76 13.51 -9.16
CA ASP T 53 -92.03 12.88 -9.52
C ASP T 53 -91.99 12.15 -10.85
N ASN T 54 -90.83 12.07 -11.51
CA ASN T 54 -90.77 11.55 -12.85
C ASN T 54 -90.90 10.04 -12.87
N ALA T 55 -91.43 9.52 -13.99
CA ALA T 55 -91.78 8.11 -14.06
C ALA T 55 -90.54 7.24 -14.24
N GLU T 56 -89.50 7.78 -14.87
CA GLU T 56 -88.30 6.98 -15.14
C GLU T 56 -87.51 6.73 -13.87
N TYR T 57 -87.71 7.56 -12.84
CA TYR T 57 -87.15 7.25 -11.54
C TYR T 57 -87.97 6.19 -10.84
N LEU T 58 -89.28 6.21 -11.04
CA LEU T 58 -90.15 5.19 -10.48
C LEU T 58 -89.96 3.87 -11.23
N ALA T 59 -89.70 3.93 -12.53
CA ALA T 59 -89.54 2.70 -13.31
C ALA T 59 -88.19 2.07 -13.06
N ARG T 60 -87.20 2.88 -12.67
CA ARG T 60 -85.91 2.32 -12.29
C ARG T 60 -85.99 1.59 -10.95
N LYS T 61 -86.71 2.15 -10.00
CA LYS T 61 -86.85 1.53 -8.69
C LYS T 61 -87.75 0.30 -8.76
N LYS T 62 -88.69 0.30 -9.71
CA LYS T 62 -89.58 -0.85 -9.84
C LYS T 62 -88.86 -2.02 -10.50
N ALA T 63 -87.87 -1.72 -11.34
CA ALA T 63 -87.20 -2.78 -12.09
C ALA T 63 -86.26 -3.59 -11.21
N VAL T 64 -85.70 -2.97 -10.17
CA VAL T 64 -84.82 -3.73 -9.29
C VAL T 64 -85.64 -4.60 -8.34
N LEU T 65 -86.89 -4.21 -8.07
CA LEU T 65 -87.76 -5.05 -7.26
C LEU T 65 -88.18 -6.31 -8.01
N ALA T 66 -88.27 -6.22 -9.33
CA ALA T 66 -88.66 -7.39 -10.12
C ALA T 66 -87.52 -8.38 -10.23
N GLU T 67 -86.30 -7.88 -10.44
CA GLU T 67 -85.15 -8.77 -10.58
C GLU T 67 -84.71 -9.34 -9.24
N THR T 68 -85.09 -8.67 -8.14
CA THR T 68 -84.73 -9.15 -6.81
C THR T 68 -85.35 -10.51 -6.52
N LYS T 69 -86.60 -10.69 -6.93
CA LYS T 69 -87.24 -12.00 -6.83
C LYS T 69 -86.57 -13.02 -7.75
N ASN T 70 -86.06 -12.56 -8.90
CA ASN T 70 -85.38 -13.47 -9.81
C ASN T 70 -83.99 -13.84 -9.31
N ARG T 71 -83.32 -12.94 -8.60
CA ARG T 71 -82.05 -13.26 -7.97
C ARG T 71 -82.22 -14.07 -6.70
N LEU T 72 -83.43 -14.13 -6.16
CA LEU T 72 -83.68 -14.80 -4.89
C LEU T 72 -84.16 -16.23 -5.09
N GLN T 73 -84.65 -16.56 -6.27
CA GLN T 73 -85.01 -17.94 -6.57
C GLN T 73 -83.80 -18.79 -6.93
N LYS T 74 -82.65 -18.18 -7.19
CA LYS T 74 -81.42 -18.93 -7.41
C LYS T 74 -80.73 -19.29 -6.11
N ILE T 75 -81.28 -18.83 -4.97
CA ILE T 75 -80.70 -19.15 -3.67
C ILE T 75 -80.72 -20.65 -3.35
N PRO T 76 -81.83 -21.40 -3.49
CA PRO T 76 -81.77 -22.82 -3.09
C PRO T 76 -80.91 -23.69 -3.99
N ALA T 77 -80.57 -23.23 -5.20
CA ALA T 77 -79.72 -24.03 -6.08
C ALA T 77 -78.31 -24.16 -5.53
N TYR T 78 -77.83 -23.16 -4.78
CA TYR T 78 -76.54 -23.27 -4.14
C TYR T 78 -76.60 -23.99 -2.81
N VAL T 79 -77.77 -24.02 -2.18
CA VAL T 79 -77.90 -24.72 -0.91
C VAL T 79 -78.22 -26.19 -1.17
N ASP T 80 -78.85 -26.50 -2.30
CA ASP T 80 -78.89 -27.88 -2.77
C ASP T 80 -77.49 -28.37 -3.09
N LYS T 81 -76.63 -27.49 -3.61
CA LYS T 81 -75.22 -27.77 -3.70
C LYS T 81 -74.56 -27.42 -2.37
N LYS T 82 -73.23 -27.39 -2.34
CA LYS T 82 -72.51 -27.20 -1.10
C LYS T 82 -71.89 -25.80 -1.01
N GLU T 83 -72.20 -24.93 -1.97
CA GLU T 83 -71.49 -23.66 -2.13
C GLU T 83 -72.14 -22.61 -1.25
N TRP T 84 -71.53 -22.35 -0.10
CA TRP T 84 -72.01 -21.32 0.80
C TRP T 84 -71.44 -19.95 0.48
N PHE T 85 -70.33 -19.88 -0.25
CA PHE T 85 -69.80 -18.59 -0.61
C PHE T 85 -70.66 -17.89 -1.65
N ASN T 86 -71.39 -18.65 -2.46
CA ASN T 86 -72.24 -18.07 -3.49
C ASN T 86 -73.57 -17.59 -2.95
N VAL T 87 -74.02 -18.11 -1.81
CA VAL T 87 -75.28 -17.63 -1.26
C VAL T 87 -75.06 -16.41 -0.37
N LYS T 88 -73.86 -16.23 0.19
CA LYS T 88 -73.60 -15.07 1.03
C LYS T 88 -73.51 -13.80 0.20
N ASP T 89 -73.15 -13.90 -1.07
CA ASP T 89 -72.93 -12.71 -1.86
C ASP T 89 -73.94 -12.48 -2.96
N GLU T 90 -74.73 -13.51 -3.32
CA GLU T 90 -75.83 -13.33 -4.28
C GLU T 90 -76.83 -12.31 -3.79
N LEU T 91 -77.06 -12.27 -2.48
CA LEU T 91 -77.91 -11.27 -1.87
C LEU T 91 -77.17 -10.00 -1.50
N THR T 92 -75.94 -9.81 -1.97
CA THR T 92 -75.28 -8.51 -1.87
C THR T 92 -74.69 -8.06 -3.20
N ARG T 93 -74.55 -8.97 -4.17
CA ARG T 93 -73.95 -8.58 -5.44
C ARG T 93 -74.91 -7.74 -6.25
N TYR T 94 -76.05 -8.30 -6.63
CA TYR T 94 -77.07 -7.50 -7.26
C TYR T 94 -77.97 -6.80 -6.27
N MET T 95 -78.32 -7.44 -5.17
CA MET T 95 -79.35 -6.96 -4.27
C MET T 95 -78.93 -5.79 -3.41
N TYR T 96 -77.75 -5.21 -3.64
CA TYR T 96 -77.33 -4.01 -2.93
C TYR T 96 -78.27 -2.85 -3.20
N GLU T 97 -78.83 -2.79 -4.40
CA GLU T 97 -79.68 -1.66 -4.76
C GLU T 97 -81.12 -1.84 -4.30
N THR T 98 -81.42 -2.90 -3.56
CA THR T 98 -82.79 -3.13 -3.12
C THR T 98 -83.22 -2.14 -2.05
N ARG T 99 -82.44 -2.06 -0.95
CA ARG T 99 -82.80 -1.24 0.20
C ARG T 99 -82.93 0.23 -0.15
N GLY T 100 -82.20 0.70 -1.17
CA GLY T 100 -82.39 2.06 -1.62
C GLY T 100 -83.72 2.27 -2.30
N ALA T 101 -84.27 1.21 -2.89
CA ALA T 101 -85.51 1.34 -3.63
C ALA T 101 -86.73 1.06 -2.76
N VAL T 102 -86.69 -0.05 -2.02
CA VAL T 102 -87.85 -0.46 -1.22
C VAL T 102 -88.12 0.49 -0.08
N ARG T 103 -87.10 1.16 0.46
CA ARG T 103 -87.35 2.28 1.36
C ARG T 103 -87.95 3.47 0.63
N SER T 104 -87.59 3.68 -0.63
CA SER T 104 -88.08 4.82 -1.38
C SER T 104 -89.48 4.60 -1.91
N LEU T 105 -89.83 3.37 -2.26
CA LEU T 105 -91.18 3.05 -2.70
C LEU T 105 -92.16 3.02 -1.55
N SER T 106 -91.68 2.79 -0.34
CA SER T 106 -92.55 2.76 0.84
C SER T 106 -93.00 4.17 1.17
N SER T 107 -94.23 4.50 0.80
CA SER T 107 -94.77 5.85 0.98
C SER T 107 -95.80 5.88 2.10
N SER T 108 -96.82 5.05 2.04
CA SER T 108 -97.89 5.12 3.04
C SER T 108 -97.46 4.44 4.33
N VAL T 109 -98.38 4.41 5.30
CA VAL T 109 -98.05 3.99 6.66
C VAL T 109 -97.78 2.49 6.72
N THR T 110 -98.80 1.69 6.41
CA THR T 110 -98.69 0.24 6.50
C THR T 110 -97.79 -0.34 5.43
N GLN T 111 -97.51 0.42 4.37
CA GLN T 111 -96.50 0.02 3.40
C GLN T 111 -95.11 0.01 4.01
N LYS T 112 -94.83 0.94 4.93
CA LYS T 112 -93.52 1.07 5.53
C LYS T 112 -93.21 -0.10 6.47
N GLU T 113 -94.12 -0.42 7.40
CA GLU T 113 -93.89 -1.53 8.31
C GLU T 113 -94.13 -2.90 7.68
N LYS T 114 -94.38 -2.96 6.38
CA LYS T 114 -94.33 -4.21 5.63
C LYS T 114 -92.91 -4.52 5.16
N ALA T 115 -92.07 -3.51 5.02
CA ALA T 115 -90.73 -3.70 4.48
C ALA T 115 -89.79 -4.33 5.48
N GLU T 116 -89.91 -4.01 6.77
CA GLU T 116 -89.03 -4.61 7.76
C GLU T 116 -89.38 -6.07 8.02
N VAL T 117 -90.57 -6.51 7.63
CA VAL T 117 -90.85 -7.94 7.58
C VAL T 117 -89.97 -8.59 6.51
N PHE T 118 -89.76 -7.90 5.39
CA PHE T 118 -88.93 -8.46 4.32
C PHE T 118 -87.46 -8.45 4.69
N PHE T 119 -87.01 -7.42 5.40
CA PHE T 119 -85.59 -7.30 5.75
C PHE T 119 -85.19 -8.32 6.80
N ARG T 120 -85.96 -8.41 7.88
CA ARG T 120 -85.63 -9.35 8.96
C ARG T 120 -85.74 -10.79 8.48
N ALA T 121 -86.59 -11.05 7.50
CA ALA T 121 -86.56 -12.35 6.84
C ALA T 121 -85.35 -12.48 5.93
N LEU T 122 -84.85 -11.37 5.40
CA LEU T 122 -83.70 -11.45 4.51
C LEU T 122 -82.39 -11.47 5.29
N GLU T 123 -82.33 -10.83 6.45
CA GLU T 123 -81.11 -10.81 7.24
C GLU T 123 -80.86 -12.15 7.90
N ASP T 124 -81.90 -12.98 8.03
CA ASP T 124 -81.70 -14.32 8.56
C ASP T 124 -81.24 -15.30 7.50
N THR T 125 -81.41 -14.97 6.22
CA THR T 125 -80.81 -15.78 5.18
C THR T 125 -79.29 -15.59 5.17
N TYR T 126 -78.84 -14.36 5.38
CA TYR T 126 -77.40 -14.11 5.45
C TYR T 126 -76.83 -14.58 6.78
N GLY T 127 -77.59 -14.46 7.86
CA GLY T 127 -77.14 -14.93 9.16
C GLY T 127 -77.07 -16.43 9.26
N ALA T 128 -77.79 -17.15 8.40
CA ALA T 128 -77.69 -18.60 8.36
C ALA T 128 -76.68 -19.09 7.35
N ALA T 129 -76.35 -18.28 6.34
CA ALA T 129 -75.36 -18.68 5.36
C ALA T 129 -73.95 -18.61 5.94
N THR T 130 -73.70 -17.66 6.84
CA THR T 130 -72.40 -17.59 7.49
C THR T 130 -72.24 -18.71 8.51
N LEU T 131 -73.33 -19.12 9.14
CA LEU T 131 -73.30 -20.22 10.08
C LEU T 131 -73.50 -21.57 9.40
N LYS T 132 -73.73 -21.58 8.08
CA LYS T 132 -73.83 -22.79 7.26
C LYS T 132 -74.94 -23.73 7.72
N LYS T 133 -76.16 -23.20 7.79
CA LYS T 133 -77.33 -23.98 8.15
C LYS T 133 -78.21 -24.12 6.92
N GLY T 134 -78.40 -25.35 6.46
CA GLY T 134 -79.04 -25.57 5.17
C GLY T 134 -80.53 -25.30 5.19
N ASP T 135 -81.22 -25.78 6.23
CA ASP T 135 -82.66 -25.57 6.30
C ASP T 135 -83.01 -24.14 6.64
N ALA T 136 -82.18 -23.48 7.46
CA ALA T 136 -82.47 -22.12 7.88
C ALA T 136 -82.33 -21.12 6.75
N VAL T 137 -81.57 -21.46 5.71
CA VAL T 137 -81.59 -20.66 4.50
C VAL T 137 -82.86 -20.94 3.71
N LYS T 138 -83.18 -22.22 3.52
CA LYS T 138 -84.34 -22.59 2.72
C LYS T 138 -85.66 -22.22 3.39
N ALA T 139 -85.69 -22.18 4.72
CA ALA T 139 -86.88 -21.71 5.40
C ALA T 139 -87.04 -20.20 5.26
N SER T 140 -85.97 -19.46 5.51
CA SER T 140 -86.04 -18.01 5.48
C SER T 140 -86.02 -17.44 4.08
N ASN T 141 -85.66 -18.23 3.07
CA ASN T 141 -85.84 -17.80 1.70
C ASN T 141 -87.32 -17.72 1.35
N ASP T 142 -88.11 -18.70 1.80
CA ASP T 142 -89.54 -18.68 1.55
C ASP T 142 -90.25 -17.61 2.36
N LYS T 143 -89.66 -17.16 3.46
CA LYS T 143 -90.17 -16.01 4.17
C LYS T 143 -89.84 -14.70 3.47
N ALA T 144 -88.97 -14.72 2.47
CA ALA T 144 -88.59 -13.52 1.73
C ALA T 144 -89.35 -13.36 0.43
N ILE T 145 -89.55 -14.46 -0.31
CA ILE T 145 -90.35 -14.41 -1.53
C ILE T 145 -91.79 -14.09 -1.20
N ALA T 146 -92.29 -14.63 -0.08
CA ALA T 146 -93.63 -14.30 0.37
C ALA T 146 -93.74 -12.87 0.88
N ALA T 147 -92.63 -12.28 1.34
CA ALA T 147 -92.64 -10.93 1.88
C ALA T 147 -92.52 -9.86 0.80
N LEU T 148 -91.73 -10.12 -0.24
CA LEU T 148 -91.71 -9.24 -1.40
C LEU T 148 -93.00 -9.36 -2.20
N ASP T 149 -93.66 -10.51 -2.12
CA ASP T 149 -95.01 -10.67 -2.65
C ASP T 149 -95.98 -9.72 -1.95
N ALA T 150 -95.81 -9.51 -0.66
CA ALA T 150 -96.66 -8.56 0.06
C ALA T 150 -96.33 -7.13 -0.33
N PHE T 151 -95.06 -6.85 -0.64
CA PHE T 151 -94.66 -5.48 -0.95
C PHE T 151 -95.15 -5.06 -2.33
N THR T 152 -94.88 -5.88 -3.35
CA THR T 152 -95.13 -5.48 -4.73
C THR T 152 -96.62 -5.43 -5.03
N ALA T 153 -97.39 -6.34 -4.42
CA ALA T 153 -98.82 -6.42 -4.73
C ALA T 153 -99.60 -5.25 -4.17
N THR T 154 -99.14 -4.64 -3.08
CA THR T 154 -99.85 -3.48 -2.57
C THR T 154 -99.53 -2.24 -3.39
N LEU T 155 -98.27 -1.82 -3.37
CA LEU T 155 -97.85 -0.63 -4.11
C LEU T 155 -96.61 -0.93 -4.94
N THR U 20 -48.28 -20.95 6.72
CA THR U 20 -49.52 -20.32 7.16
C THR U 20 -49.23 -19.16 8.08
N GLU U 21 -49.24 -17.95 7.52
CA GLU U 21 -48.90 -16.76 8.29
C GLU U 21 -50.14 -16.07 8.85
N GLY U 22 -51.06 -15.67 7.98
CA GLY U 22 -52.23 -14.93 8.38
C GLY U 22 -53.36 -15.76 8.98
N THR U 23 -53.01 -16.73 9.81
CA THR U 23 -53.99 -17.43 10.61
C THR U 23 -54.17 -16.69 11.93
N ASN U 24 -55.39 -16.78 12.45
CA ASN U 24 -55.81 -15.97 13.60
C ASN U 24 -55.67 -16.83 14.84
N GLU U 25 -54.44 -17.20 15.17
CA GLU U 25 -54.17 -18.17 16.22
C GLU U 25 -53.47 -17.49 17.39
N TRP U 26 -53.77 -17.95 18.61
CA TRP U 26 -53.40 -17.23 19.81
C TRP U 26 -51.90 -17.25 20.03
N PHE U 27 -51.29 -16.07 20.15
CA PHE U 27 -49.86 -15.88 20.36
C PHE U 27 -49.00 -16.52 19.27
N GLY U 28 -49.56 -16.75 18.09
CA GLY U 28 -48.86 -17.49 17.07
C GLY U 28 -48.63 -18.95 17.40
N VAL U 29 -49.37 -19.51 18.33
CA VAL U 29 -49.21 -20.91 18.69
C VAL U 29 -49.84 -21.73 17.58
N ASP U 30 -49.02 -22.22 16.65
CA ASP U 30 -49.50 -23.03 15.56
C ASP U 30 -49.67 -24.49 15.99
N ASP U 31 -48.61 -25.06 16.56
CA ASP U 31 -48.62 -26.44 17.01
C ASP U 31 -48.83 -26.51 18.51
N LEU U 32 -49.20 -27.70 18.97
CA LEU U 32 -49.45 -27.93 20.39
C LEU U 32 -48.17 -27.90 21.20
N ARG U 33 -47.03 -28.15 20.56
CA ARG U 33 -45.75 -28.24 21.24
C ARG U 33 -45.28 -26.89 21.75
N LEU U 34 -45.75 -25.80 21.14
CA LEU U 34 -45.26 -24.47 21.52
C LEU U 34 -45.85 -24.00 22.83
N LEU U 35 -46.98 -24.57 23.25
CA LEU U 35 -47.58 -24.23 24.54
C LEU U 35 -46.68 -24.63 25.68
N ALA U 36 -46.20 -25.88 25.67
CA ALA U 36 -45.32 -26.42 26.70
C ALA U 36 -44.01 -25.66 26.81
N VAL U 37 -43.65 -24.94 25.75
CA VAL U 37 -42.56 -23.97 25.81
C VAL U 37 -42.97 -22.73 26.60
N LEU U 38 -44.17 -22.23 26.40
CA LEU U 38 -44.60 -21.00 27.06
C LEU U 38 -44.82 -21.24 28.55
N PHE U 39 -45.50 -22.34 28.88
CA PHE U 39 -45.82 -22.61 30.27
C PHE U 39 -44.56 -22.92 31.06
N LEU U 40 -43.63 -23.61 30.48
CA LEU U 40 -42.40 -23.83 31.21
C LEU U 40 -41.47 -22.69 31.17
N GLY U 41 -41.79 -21.55 30.56
CA GLY U 41 -40.89 -20.42 30.63
C GLY U 41 -41.32 -19.48 31.73
N HIS U 42 -42.61 -19.17 31.78
CA HIS U 42 -43.13 -18.30 32.83
C HIS U 42 -43.02 -18.97 34.18
N TRP U 43 -43.27 -20.29 34.24
CA TRP U 43 -43.27 -21.00 35.52
C TRP U 43 -41.87 -21.27 36.02
N ALA U 44 -40.88 -21.40 35.15
CA ALA U 44 -39.54 -21.73 35.61
C ALA U 44 -38.89 -20.56 36.30
N ILE U 45 -39.33 -19.34 35.97
CA ILE U 45 -38.87 -18.14 36.64
C ILE U 45 -39.83 -17.74 37.77
N LEU U 46 -41.12 -18.04 37.62
CA LEU U 46 -42.08 -17.88 38.70
C LEU U 46 -41.69 -18.66 39.93
N SER U 47 -41.21 -19.89 39.73
CA SER U 47 -40.80 -20.71 40.85
C SER U 47 -39.52 -20.19 41.49
N LEU U 48 -38.66 -19.56 40.71
CA LEU U 48 -37.54 -18.83 41.27
C LEU U 48 -38.01 -17.64 42.09
N TRP U 49 -39.01 -16.95 41.58
CA TRP U 49 -39.50 -15.74 42.23
C TRP U 49 -40.21 -16.08 43.54
N LEU U 50 -40.91 -17.21 43.57
CA LEU U 50 -41.60 -17.63 44.78
C LEU U 50 -40.64 -18.15 45.83
N GLY U 51 -39.39 -18.40 45.46
CA GLY U 51 -38.41 -18.84 46.44
C GLY U 51 -38.02 -17.75 47.40
N SER U 52 -38.25 -16.50 47.05
CA SER U 52 -38.02 -15.38 47.94
C SER U 52 -39.26 -14.57 48.25
N TYR U 53 -39.97 -14.11 47.22
CA TYR U 53 -41.13 -13.25 47.45
C TYR U 53 -42.40 -14.04 47.67
N GLY U 54 -42.42 -15.31 47.30
CA GLY U 54 -43.51 -16.17 47.70
C GLY U 54 -43.34 -16.62 49.13
N ASP U 55 -44.41 -17.22 49.65
CA ASP U 55 -44.50 -17.72 51.03
C ASP U 55 -44.20 -16.63 52.05
N SER U 56 -44.65 -15.42 51.75
CA SER U 56 -44.58 -14.27 52.65
C SER U 56 -45.97 -13.95 53.16
N ASN U 57 -46.03 -13.07 54.15
CA ASN U 57 -47.30 -12.70 54.75
C ASN U 57 -48.07 -11.82 53.80
N GLU U 58 -49.24 -12.30 53.37
CA GLU U 58 -50.11 -11.57 52.47
C GLU U 58 -51.07 -10.65 53.20
N ASP U 59 -50.79 -10.32 54.47
CA ASP U 59 -51.70 -9.55 55.30
C ASP U 59 -50.97 -8.45 56.07
N GLU U 60 -49.84 -7.98 55.56
CA GLU U 60 -49.03 -6.96 56.25
C GLU U 60 -48.97 -5.71 55.40
N ASP U 61 -49.48 -4.61 55.94
CA ASP U 61 -49.74 -3.41 55.16
C ASP U 61 -48.70 -2.34 55.48
N PHE U 62 -48.92 -1.13 54.95
CA PHE U 62 -48.09 0.04 55.20
C PHE U 62 -48.88 1.27 54.77
N PHE U 63 -48.57 2.39 55.39
CA PHE U 63 -49.19 3.66 55.03
C PHE U 63 -48.15 4.56 54.36
N GLY U 64 -47.21 3.94 53.66
CA GLY U 64 -46.25 4.65 52.87
C GLY U 64 -46.71 4.83 51.43
N GLU U 65 -45.79 5.29 50.60
CA GLU U 65 -45.97 5.29 49.15
C GLU U 65 -45.21 4.12 48.54
N ILE U 66 -44.42 3.46 49.37
CA ILE U 66 -43.39 2.53 48.93
C ILE U 66 -43.00 1.70 50.14
N ASP U 67 -42.85 0.40 49.95
CA ASP U 67 -42.62 -0.50 51.08
C ASP U 67 -41.17 -0.94 51.12
N TYR U 68 -40.59 -0.93 52.32
CA TYR U 68 -39.23 -1.39 52.56
C TYR U 68 -39.21 -2.58 53.50
N SER U 69 -40.12 -3.51 53.30
CA SER U 69 -40.41 -4.58 54.24
C SER U 69 -39.24 -5.53 54.48
N ALA U 70 -38.88 -6.31 53.47
CA ALA U 70 -37.86 -7.34 53.63
C ALA U 70 -37.34 -7.76 52.27
N ARG U 71 -36.47 -8.77 52.25
CA ARG U 71 -35.90 -9.25 51.01
C ARG U 71 -36.81 -10.27 50.33
N UNK V 1 17.12 29.08 -25.11
CA UNK V 1 16.76 27.91 -25.90
C UNK V 1 17.92 27.45 -26.75
N UNK V 2 19.06 28.11 -26.61
CA UNK V 2 20.29 27.69 -27.24
C UNK V 2 21.38 27.63 -26.19
N UNK V 3 22.33 26.71 -26.36
CA UNK V 3 23.37 26.54 -25.35
C UNK V 3 24.31 27.74 -25.33
N UNK V 4 24.47 28.40 -26.47
CA UNK V 4 25.18 29.66 -26.58
C UNK V 4 24.13 30.76 -26.76
N UNK V 5 23.57 31.21 -25.65
CA UNK V 5 22.50 32.20 -25.69
C UNK V 5 22.40 32.91 -24.35
N UNK V 6 22.08 34.21 -24.42
CA UNK V 6 21.76 35.07 -23.28
C UNK V 6 22.85 35.03 -22.21
N UNK V 7 24.07 35.41 -22.62
CA UNK V 7 25.29 35.31 -21.81
C UNK V 7 25.53 33.87 -21.35
N UNK V 8 25.89 33.02 -22.32
CA UNK V 8 25.73 31.57 -22.34
C UNK V 8 26.03 30.78 -21.08
N UNK V 9 27.28 30.78 -20.64
CA UNK V 9 27.64 30.03 -19.45
C UNK V 9 28.50 30.84 -18.50
N UNK V 10 28.87 32.05 -18.88
CA UNK V 10 29.64 32.91 -18.00
C UNK V 10 28.80 33.35 -16.81
N UNK V 11 27.51 33.54 -17.03
CA UNK V 11 26.67 34.03 -15.95
C UNK V 11 26.23 32.90 -15.04
N UNK V 12 26.13 31.68 -15.58
CA UNK V 12 25.62 30.57 -14.78
C UNK V 12 26.75 29.89 -14.00
N UNK V 13 27.90 29.70 -14.63
CA UNK V 13 28.98 28.95 -14.02
C UNK V 13 29.90 29.79 -13.15
N UNK V 14 30.24 31.00 -13.59
CA UNK V 14 31.19 31.81 -12.84
C UNK V 14 30.53 32.47 -11.63
N UNK V 15 29.21 32.63 -11.67
CA UNK V 15 28.54 33.23 -10.51
C UNK V 15 28.26 32.18 -9.45
N UNK V 16 28.10 30.92 -9.83
CA UNK V 16 28.03 29.86 -8.84
C UNK V 16 29.39 29.62 -8.21
N UNK V 17 30.47 29.92 -8.95
CA UNK V 17 31.79 29.92 -8.34
C UNK V 17 32.01 31.17 -7.51
N UNK V 18 31.38 32.27 -7.89
CA UNK V 18 31.55 33.50 -7.12
C UNK V 18 30.71 33.47 -5.85
N UNK V 19 29.55 32.81 -5.89
CA UNK V 19 28.76 32.65 -4.68
C UNK V 19 29.40 31.66 -3.73
N UNK V 20 30.16 30.71 -4.29
CA UNK V 20 30.93 29.80 -3.44
C UNK V 20 32.09 30.52 -2.78
N UNK V 21 32.60 31.56 -3.42
CA UNK V 21 33.70 32.32 -2.84
C UNK V 21 33.20 33.23 -1.73
N UNK V 22 31.99 33.77 -1.87
CA UNK V 22 31.43 34.58 -0.79
C UNK V 22 31.01 33.74 0.40
N UNK V 23 30.82 32.43 0.21
CA UNK V 23 30.53 31.52 1.31
C UNK V 23 31.80 30.91 1.89
N UNK V 24 32.89 30.87 1.13
CA UNK V 24 34.14 30.33 1.66
C UNK V 24 35.00 31.42 2.28
N UNK V 25 34.74 32.68 1.93
CA UNK V 25 35.49 33.77 2.55
C UNK V 25 34.90 34.12 3.91
N UNK V 26 33.59 33.92 4.09
CA UNK V 26 32.96 34.31 5.34
C UNK V 26 33.16 33.25 6.40
N UNK V 27 33.39 32.00 5.99
CA UNK V 27 33.81 30.93 6.88
C UNK V 27 35.01 30.26 6.22
N UNK V 28 36.20 30.70 6.62
CA UNK V 28 37.43 30.38 5.90
C UNK V 28 37.78 28.91 5.97
N UNK V 29 38.05 28.32 4.80
CA UNK V 29 38.44 26.91 4.75
C UNK V 29 39.81 26.69 5.35
N UNK V 30 40.68 27.70 5.27
CA UNK V 30 41.97 27.65 5.92
C UNK V 30 41.80 27.73 7.43
N UNK V 31 42.71 27.09 8.15
CA UNK V 31 42.71 27.14 9.61
C UNK V 31 44.11 27.36 10.14
N UNK W 1 19.02 55.46 4.47
CA UNK W 1 19.07 54.04 4.13
C UNK W 1 20.49 53.54 4.18
N UNK W 2 20.76 52.65 5.12
CA UNK W 2 22.11 52.17 5.34
C UNK W 2 22.10 50.69 5.68
N UNK W 3 22.91 49.93 4.96
CA UNK W 3 23.34 48.61 5.39
C UNK W 3 24.87 48.62 5.32
N UNK W 4 25.48 49.16 6.38
CA UNK W 4 26.92 49.41 6.50
C UNK W 4 27.48 50.22 5.33
N UNK W 5 26.74 51.21 4.86
CA UNK W 5 27.18 52.05 3.75
C UNK W 5 26.46 53.39 3.82
N UNK W 6 27.04 54.40 3.18
CA UNK W 6 26.43 55.72 3.15
C UNK W 6 25.25 55.74 2.19
N UNK W 7 24.46 56.82 2.28
CA UNK W 7 23.27 56.92 1.44
C UNK W 7 23.63 57.20 -0.01
N UNK W 8 24.83 57.73 -0.25
CA UNK W 8 25.28 57.92 -1.61
C UNK W 8 25.92 56.66 -2.17
N UNK W 9 26.53 55.85 -1.30
CA UNK W 9 27.19 54.65 -1.78
C UNK W 9 26.23 53.47 -1.84
N UNK W 10 25.15 53.52 -1.08
CA UNK W 10 24.15 52.47 -1.18
C UNK W 10 23.36 52.60 -2.47
N UNK W 11 23.15 53.84 -2.93
CA UNK W 11 22.43 54.05 -4.17
C UNK W 11 23.27 53.65 -5.37
N UNK W 12 24.60 53.59 -5.21
CA UNK W 12 25.46 53.25 -6.33
C UNK W 12 25.70 51.74 -6.40
N UNK W 13 25.61 51.03 -5.28
CA UNK W 13 25.82 49.59 -5.33
C UNK W 13 24.63 48.89 -5.95
N UNK W 14 23.42 49.37 -5.68
CA UNK W 14 22.25 48.73 -6.24
C UNK W 14 22.05 49.13 -7.69
N UNK W 15 22.54 50.31 -8.08
CA UNK W 15 22.42 50.71 -9.48
C UNK W 15 23.53 50.10 -10.32
N UNK W 16 24.62 49.67 -9.70
CA UNK W 16 25.67 48.99 -10.47
C UNK W 16 25.34 47.53 -10.71
N UNK W 17 24.62 46.92 -9.77
CA UNK W 17 24.22 45.52 -9.94
C UNK W 17 23.17 45.39 -11.03
N UNK W 18 22.29 46.37 -11.14
CA UNK W 18 21.31 46.36 -12.22
C UNK W 18 21.94 46.81 -13.53
N UNK W 19 23.17 47.33 -13.49
CA UNK W 19 23.81 47.80 -14.71
C UNK W 19 24.59 46.69 -15.39
N UNK W 20 25.27 45.85 -14.61
CA UNK W 20 25.95 44.70 -15.19
C UNK W 20 24.95 43.68 -15.72
N UNK W 21 23.73 43.71 -15.19
CA UNK W 21 22.64 42.93 -15.76
C UNK W 21 22.05 43.63 -16.98
N UNK W 22 22.45 44.87 -17.24
CA UNK W 22 22.05 45.51 -18.50
C UNK W 22 23.18 45.48 -19.51
N UNK W 23 24.43 45.43 -19.06
CA UNK W 23 25.55 45.40 -20.00
C UNK W 23 25.66 44.05 -20.68
N UNK W 24 25.59 42.96 -19.90
CA UNK W 24 25.63 41.63 -20.49
C UNK W 24 24.31 41.29 -21.17
N UNK W 25 23.29 42.11 -20.93
CA UNK W 25 22.01 41.96 -21.59
C UNK W 25 22.10 42.31 -23.05
N UNK W 26 22.42 43.57 -23.32
CA UNK W 26 22.27 44.08 -24.67
C UNK W 26 23.45 43.70 -25.53
N UNK W 27 24.56 43.30 -24.91
CA UNK W 27 25.65 42.74 -25.67
C UNK W 27 25.30 41.33 -26.16
N UNK W 28 24.99 40.42 -25.25
CA UNK W 28 24.70 39.03 -25.59
C UNK W 28 23.22 38.75 -25.34
N UNK W 29 22.47 38.52 -26.42
CA UNK W 29 21.03 38.29 -26.32
C UNK W 29 20.65 37.07 -27.15
N UNK W 30 19.39 36.68 -27.03
CA UNK W 30 18.81 35.60 -27.84
C UNK W 30 17.29 35.71 -27.84
N UNK X 1 -54.29 52.35 -8.32
CA UNK X 1 -54.62 51.83 -7.01
C UNK X 1 -55.29 50.47 -7.11
N UNK X 2 -54.98 49.59 -6.15
CA UNK X 2 -55.55 48.25 -6.16
C UNK X 2 -57.01 48.28 -5.75
N UNK X 3 -57.77 47.28 -6.21
CA UNK X 3 -59.21 47.21 -5.95
C UNK X 3 -59.46 46.48 -4.63
N UNK X 4 -59.36 47.24 -3.54
CA UNK X 4 -59.58 46.67 -2.22
C UNK X 4 -61.06 46.43 -1.98
N UNK X 5 -61.37 45.43 -1.14
CA UNK X 5 -62.74 45.03 -0.91
C UNK X 5 -63.07 44.95 0.58
N UNK X 6 -62.75 46.00 1.34
CA UNK X 6 -63.02 45.96 2.77
C UNK X 6 -64.50 46.22 3.05
N UNK X 7 -65.22 46.80 2.10
CA UNK X 7 -66.62 47.16 2.33
C UNK X 7 -67.52 45.94 2.29
N UNK X 8 -67.09 44.87 1.64
CA UNK X 8 -67.88 43.65 1.50
C UNK X 8 -67.19 42.41 2.05
N UNK X 9 -66.12 42.56 2.82
CA UNK X 9 -65.42 41.43 3.41
C UNK X 9 -65.35 41.58 4.91
N UNK X 10 -64.70 40.62 5.56
CA UNK X 10 -64.49 40.67 7.00
C UNK X 10 -63.29 41.52 7.32
N VAL Y 11 51.36 31.22 8.94
CA VAL Y 11 51.11 32.63 8.68
C VAL Y 11 50.66 32.78 7.24
N SER Y 12 51.32 32.06 6.34
CA SER Y 12 51.01 32.13 4.93
C SER Y 12 49.70 31.45 4.62
N LEU Y 13 49.20 31.70 3.41
CA LEU Y 13 47.91 31.15 3.01
C LEU Y 13 48.03 29.66 2.73
N TRP Y 14 49.18 29.22 2.26
CA TRP Y 14 49.35 27.80 1.98
C TRP Y 14 49.53 27.01 3.26
N GLU Y 15 50.22 27.57 4.24
CA GLU Y 15 50.41 26.86 5.49
C GLU Y 15 49.12 26.78 6.27
N ARG Y 16 48.28 27.80 6.16
CA ARG Y 16 46.96 27.71 6.77
C ARG Y 16 46.02 26.83 5.99
N PHE Y 17 46.39 26.43 4.77
CA PHE Y 17 45.57 25.47 4.04
C PHE Y 17 46.09 24.05 4.22
N CYS Y 18 47.41 23.89 4.32
CA CYS Y 18 47.95 22.58 4.65
C CYS Y 18 47.62 22.16 6.07
N ALA Y 19 47.42 23.13 6.96
CA ALA Y 19 47.07 22.79 8.33
C ALA Y 19 45.65 22.30 8.42
N TRP Y 20 44.79 22.77 7.53
CA TRP Y 20 43.40 22.34 7.55
C TRP Y 20 43.20 21.02 6.82
N ILE Y 21 43.87 20.84 5.70
CA ILE Y 21 43.63 19.68 4.87
C ILE Y 21 44.30 18.44 5.46
N THR Y 22 45.24 18.60 6.39
CA THR Y 22 45.85 17.47 7.08
C THR Y 22 45.44 17.43 8.53
N SER Y 23 44.37 18.12 8.88
CA SER Y 23 43.93 18.13 10.27
C SER Y 23 43.13 16.88 10.54
N THR Y 24 43.48 16.19 11.62
CA THR Y 24 42.68 15.10 12.11
C THR Y 24 41.47 15.58 12.91
N GLU Y 25 41.36 16.89 13.12
CA GLU Y 25 40.25 17.43 13.89
C GLU Y 25 39.05 17.69 13.00
N ASN Y 26 39.16 17.40 11.71
CA ASN Y 26 37.98 17.45 10.85
C ASN Y 26 37.07 16.29 11.18
N ARG Y 27 35.83 16.38 10.72
CA ARG Y 27 34.89 15.27 10.89
C ARG Y 27 35.35 14.06 10.11
N LEU Y 28 35.57 14.21 8.82
CA LEU Y 28 36.20 13.19 8.00
C LEU Y 28 37.55 13.71 7.58
N TYR Y 29 38.58 12.89 7.77
CA TYR Y 29 39.91 13.30 7.38
C TYR Y 29 40.00 13.37 5.87
N ILE Y 30 40.44 14.51 5.36
CA ILE Y 30 40.54 14.72 3.93
C ILE Y 30 41.89 14.29 3.41
N GLY Y 31 42.95 14.93 3.88
CA GLY Y 31 44.27 14.47 3.53
C GLY Y 31 44.68 14.88 2.14
N TRP Y 32 45.88 14.52 1.74
CA TRP Y 32 46.29 14.90 0.40
C TRP Y 32 45.79 13.92 -0.63
N PHE Y 33 45.47 12.71 -0.23
CA PHE Y 33 44.84 11.79 -1.18
C PHE Y 33 43.37 12.12 -1.37
N GLY Y 34 42.74 12.76 -0.39
CA GLY Y 34 41.37 13.19 -0.58
C GLY Y 34 41.23 14.33 -1.56
N CYS Y 35 42.34 15.01 -1.88
CA CYS Y 35 42.32 16.00 -2.94
C CYS Y 35 42.04 15.36 -4.28
N LEU Y 36 42.38 14.09 -4.45
CA LEU Y 36 41.93 13.37 -5.64
C LEU Y 36 41.19 12.08 -5.33
N MET Y 37 40.67 11.93 -4.10
CA MET Y 37 39.71 10.88 -3.83
C MET Y 37 38.30 11.40 -3.99
N PHE Y 38 37.97 12.44 -3.26
CA PHE Y 38 36.67 13.08 -3.25
C PHE Y 38 36.20 13.67 -4.59
N PRO Y 39 37.02 14.33 -5.42
CA PRO Y 39 36.47 14.74 -6.71
C PRO Y 39 36.29 13.57 -7.65
N THR Y 40 37.09 12.53 -7.49
CA THR Y 40 36.93 11.37 -8.37
C THR Y 40 35.72 10.54 -8.00
N LEU Y 41 35.54 10.24 -6.72
CA LEU Y 41 34.47 9.32 -6.36
C LEU Y 41 33.12 9.99 -6.34
N LEU Y 42 33.06 11.31 -6.19
CA LEU Y 42 31.77 11.97 -6.30
C LEU Y 42 31.34 12.09 -7.75
N THR Y 43 32.28 12.08 -8.68
CA THR Y 43 31.91 12.08 -10.10
C THR Y 43 31.60 10.68 -10.59
N ALA Y 44 32.24 9.68 -10.00
CA ALA Y 44 31.84 8.32 -10.32
C ALA Y 44 30.48 8.00 -9.72
N THR Y 45 30.16 8.62 -8.59
CA THR Y 45 28.86 8.40 -7.96
C THR Y 45 27.76 9.11 -8.71
N SER Y 46 27.90 10.42 -8.90
CA SER Y 46 26.85 11.24 -9.48
C SER Y 46 26.57 10.90 -10.93
N CYS Y 47 27.53 10.29 -11.61
CA CYS Y 47 27.23 9.76 -12.93
C CYS Y 47 26.63 8.37 -12.85
N PHE Y 48 26.93 7.60 -11.80
CA PHE Y 48 26.38 6.25 -11.70
C PHE Y 48 24.90 6.30 -11.40
N ILE Y 49 24.48 7.17 -10.51
CA ILE Y 49 23.08 7.28 -10.13
C ILE Y 49 22.23 7.71 -11.31
N ILE Y 50 22.77 8.60 -12.15
CA ILE Y 50 22.02 9.02 -13.32
C ILE Y 50 22.03 7.94 -14.39
N ALA Y 51 23.17 7.28 -14.60
CA ALA Y 51 23.23 6.25 -15.63
C ALA Y 51 22.52 4.98 -15.24
N PHE Y 52 22.30 4.75 -13.95
CA PHE Y 52 21.55 3.57 -13.54
C PHE Y 52 20.06 3.82 -13.62
N ILE Y 53 19.63 5.05 -13.37
CA ILE Y 53 18.21 5.38 -13.35
C ILE Y 53 17.74 5.75 -14.74
N ALA Y 54 18.39 6.71 -15.38
CA ALA Y 54 17.92 7.28 -16.64
C ALA Y 54 19.07 7.26 -17.64
N ALA Y 55 19.16 6.20 -18.45
CA ALA Y 55 20.19 6.20 -19.47
C ALA Y 55 19.67 5.37 -20.63
N PRO Y 56 19.81 5.84 -21.86
CA PRO Y 56 19.25 5.14 -23.00
C PRO Y 56 20.03 3.88 -23.30
N PRO Y 57 19.48 2.97 -24.13
CA PRO Y 57 20.19 1.71 -24.41
C PRO Y 57 21.50 1.92 -25.17
N VAL Y 58 22.37 0.92 -25.05
CA VAL Y 58 23.77 1.00 -25.42
C VAL Y 58 24.11 -0.15 -26.36
N ASP Y 59 24.71 0.17 -27.50
CA ASP Y 59 25.28 -0.85 -28.36
C ASP Y 59 26.53 -1.41 -27.68
N ILE Y 60 26.40 -2.63 -27.15
CA ILE Y 60 27.55 -3.24 -26.50
C ILE Y 60 28.29 -4.16 -27.48
N ASP Y 61 27.56 -4.87 -28.34
CA ASP Y 61 28.21 -5.84 -29.21
C ASP Y 61 28.76 -5.18 -30.45
N GLY Y 62 28.54 -3.88 -30.61
CA GLY Y 62 28.96 -3.18 -31.80
C GLY Y 62 28.18 -3.52 -33.04
N ILE Y 63 27.03 -4.17 -32.90
CA ILE Y 63 26.28 -4.68 -34.04
C ILE Y 63 24.99 -3.88 -34.16
N ARG Y 64 24.93 -2.77 -33.43
CA ARG Y 64 23.83 -1.81 -33.45
C ARG Y 64 22.54 -2.45 -32.96
N GLU Y 65 22.69 -3.29 -31.92
CA GLU Y 65 21.59 -3.89 -31.18
C GLU Y 65 21.68 -3.36 -29.76
N PRO Y 66 20.95 -2.29 -29.45
CA PRO Y 66 21.18 -1.60 -28.18
C PRO Y 66 20.55 -2.33 -27.00
N VAL Y 67 21.35 -2.54 -25.97
CA VAL Y 67 20.97 -3.30 -24.79
C VAL Y 67 20.53 -2.32 -23.71
N ALA Y 68 19.28 -2.43 -23.29
CA ALA Y 68 18.75 -1.54 -22.26
C ALA Y 68 19.35 -1.88 -20.92
N GLY Y 69 19.63 -0.86 -20.12
CA GLY Y 69 20.25 -1.13 -18.84
C GLY Y 69 19.80 -0.27 -17.69
N SER Y 70 18.87 0.65 -17.91
CA SER Y 70 18.50 1.61 -16.90
C SER Y 70 17.06 1.38 -16.46
N LEU Y 71 16.68 2.08 -15.38
CA LEU Y 71 15.38 1.82 -14.78
C LEU Y 71 14.23 2.41 -15.58
N LEU Y 72 14.43 3.56 -16.22
CA LEU Y 72 13.33 4.16 -16.96
C LEU Y 72 12.99 3.40 -18.22
N TYR Y 73 13.87 2.54 -18.70
CA TYR Y 73 13.61 1.74 -19.89
C TYR Y 73 13.19 0.33 -19.52
N GLY Y 74 12.43 0.21 -18.45
CA GLY Y 74 11.82 -1.06 -18.08
C GLY Y 74 12.80 -2.06 -17.51
N ASN Y 75 13.36 -1.75 -16.35
CA ASN Y 75 14.23 -2.68 -15.65
C ASN Y 75 13.87 -2.66 -14.18
N ASN Y 76 14.71 -3.31 -13.39
CA ASN Y 76 14.57 -3.33 -11.95
C ASN Y 76 15.97 -3.22 -11.36
N ILE Y 77 16.07 -3.51 -10.07
CA ILE Y 77 17.37 -3.48 -9.41
C ILE Y 77 18.25 -4.60 -9.96
N ILE Y 78 17.65 -5.73 -10.30
CA ILE Y 78 18.45 -6.89 -10.68
C ILE Y 78 18.88 -6.80 -12.13
N SER Y 79 17.97 -6.53 -13.04
CA SER Y 79 18.33 -6.50 -14.45
C SER Y 79 19.01 -5.21 -14.88
N GLY Y 80 18.73 -4.10 -14.19
CA GLY Y 80 19.30 -2.82 -14.60
C GLY Y 80 20.79 -2.76 -14.30
N ALA Y 81 21.54 -2.11 -15.19
CA ALA Y 81 22.99 -2.14 -15.14
C ALA Y 81 23.55 -1.06 -16.04
N VAL Y 82 24.65 -0.45 -15.61
CA VAL Y 82 25.38 0.42 -16.53
C VAL Y 82 26.16 -0.47 -17.50
N VAL Y 83 25.78 -0.41 -18.77
CA VAL Y 83 26.26 -1.31 -19.81
C VAL Y 83 27.70 -0.91 -20.15
N PRO Y 84 28.60 -1.86 -20.40
CA PRO Y 84 29.93 -1.50 -20.88
C PRO Y 84 29.91 -0.87 -22.26
N SER Y 85 31.05 -0.32 -22.65
CA SER Y 85 31.11 0.42 -23.90
C SER Y 85 31.09 -0.53 -25.08
N SER Y 86 31.13 0.05 -26.28
CA SER Y 86 30.87 -0.72 -27.47
C SER Y 86 32.05 -1.60 -27.83
N ASN Y 87 31.76 -2.60 -28.66
CA ASN Y 87 32.83 -3.33 -29.34
C ASN Y 87 33.43 -2.49 -30.45
N ALA Y 88 32.67 -1.52 -30.96
CA ALA Y 88 33.19 -0.64 -32.01
C ALA Y 88 34.29 0.26 -31.47
N ILE Y 89 34.10 0.80 -30.28
CA ILE Y 89 35.16 1.55 -29.63
C ILE Y 89 36.28 0.61 -29.24
N GLY Y 90 35.99 -0.37 -28.43
CA GLY Y 90 37.03 -1.24 -27.94
C GLY Y 90 37.85 -0.53 -26.92
N MET Y 91 39.16 -0.54 -27.10
CA MET Y 91 40.06 -0.06 -26.09
C MET Y 91 40.30 1.44 -26.16
N HIS Y 92 39.75 2.12 -27.16
CA HIS Y 92 40.00 3.54 -27.35
C HIS Y 92 39.40 4.38 -26.24
N PHE Y 93 40.11 5.44 -25.89
CA PHE Y 93 39.63 6.37 -24.89
C PHE Y 93 38.52 7.23 -25.49
N TYR Y 94 37.38 7.25 -24.84
CA TYR Y 94 36.17 7.86 -25.40
C TYR Y 94 35.56 8.80 -24.38
N PRO Y 95 36.08 10.02 -24.28
CA PRO Y 95 35.50 10.99 -23.34
C PRO Y 95 34.32 11.71 -23.94
N ILE Y 96 33.76 12.70 -23.25
CA ILE Y 96 32.59 13.37 -23.79
C ILE Y 96 32.99 14.29 -24.93
N TRP Y 97 34.13 14.97 -24.81
CA TRP Y 97 34.52 15.94 -25.82
C TRP Y 97 35.01 15.29 -27.10
N GLU Y 98 35.31 14.00 -27.08
CA GLU Y 98 35.64 13.27 -28.31
C GLU Y 98 34.47 12.46 -28.78
N ALA Y 99 33.26 13.00 -28.70
CA ALA Y 99 32.07 12.27 -29.05
C ALA Y 99 31.07 13.03 -29.92
N ALA Y 100 31.27 14.33 -30.16
CA ALA Y 100 30.55 15.18 -31.11
C ALA Y 100 29.09 15.45 -30.77
N SER Y 101 28.55 14.79 -29.74
CA SER Y 101 27.28 15.06 -29.08
C SER Y 101 27.19 14.13 -27.90
N ILE Y 102 26.30 14.44 -26.96
CA ILE Y 102 26.11 13.53 -25.85
C ILE Y 102 25.25 12.34 -26.28
N ASP Y 103 24.39 12.53 -27.26
CA ASP Y 103 23.59 11.44 -27.81
C ASP Y 103 24.45 10.39 -28.49
N GLU Y 104 25.51 10.82 -29.16
CA GLU Y 104 26.48 9.87 -29.70
C GLU Y 104 27.33 9.27 -28.60
N TRP Y 105 27.48 9.97 -27.49
CA TRP Y 105 28.24 9.45 -26.37
C TRP Y 105 27.46 8.36 -25.65
N LEU Y 106 26.19 8.63 -25.34
CA LEU Y 106 25.38 7.67 -24.61
C LEU Y 106 25.02 6.45 -25.44
N TYR Y 107 25.05 6.55 -26.76
CA TYR Y 107 24.73 5.40 -27.59
C TYR Y 107 25.85 4.37 -27.55
N ASN Y 108 27.09 4.83 -27.62
CA ASN Y 108 28.23 3.95 -27.80
C ASN Y 108 28.84 3.50 -26.50
N GLY Y 109 28.10 3.57 -25.40
CA GLY Y 109 28.67 3.17 -24.15
C GLY Y 109 29.55 4.23 -23.55
N GLY Y 110 29.08 5.44 -23.48
CA GLY Y 110 29.78 6.52 -22.87
C GLY Y 110 30.09 6.36 -21.40
N PRO Y 111 29.06 6.33 -20.53
CA PRO Y 111 29.33 6.48 -19.09
C PRO Y 111 30.00 5.31 -18.44
N TYR Y 112 30.21 4.20 -19.15
CA TYR Y 112 30.98 3.13 -18.54
C TYR Y 112 32.44 3.54 -18.36
N GLN Y 113 32.99 4.29 -19.31
CA GLN Y 113 34.37 4.70 -19.14
C GLN Y 113 34.51 5.86 -18.17
N LEU Y 114 33.48 6.71 -18.05
CA LEU Y 114 33.57 7.83 -17.13
C LEU Y 114 33.47 7.36 -15.69
N ILE Y 115 32.66 6.35 -15.44
CA ILE Y 115 32.49 5.84 -14.09
C ILE Y 115 33.70 5.04 -13.67
N VAL Y 116 34.16 4.12 -14.53
CA VAL Y 116 35.22 3.19 -14.17
C VAL Y 116 36.55 3.92 -13.97
N LEU Y 117 36.88 4.86 -14.84
CA LEU Y 117 38.17 5.53 -14.71
C LEU Y 117 38.17 6.50 -13.55
N HIS Y 118 37.04 7.11 -13.22
CA HIS Y 118 37.00 7.88 -11.99
C HIS Y 118 36.81 7.01 -10.77
N PHE Y 119 36.47 5.73 -10.95
CA PHE Y 119 36.36 4.82 -9.81
C PHE Y 119 37.73 4.32 -9.40
N LEU Y 120 38.53 3.85 -10.37
CA LEU Y 120 39.82 3.26 -10.07
C LEU Y 120 40.82 4.30 -9.59
N LEU Y 121 40.65 5.56 -9.97
CA LEU Y 121 41.46 6.61 -9.38
C LEU Y 121 40.99 6.92 -7.96
N GLY Y 122 39.69 6.86 -7.71
CA GLY Y 122 39.21 7.20 -6.39
C GLY Y 122 39.39 6.11 -5.37
N VAL Y 123 39.48 4.86 -5.83
CA VAL Y 123 39.69 3.75 -4.91
C VAL Y 123 41.16 3.59 -4.61
N SER Y 124 42.02 3.82 -5.60
CA SER Y 124 43.45 3.89 -5.35
C SER Y 124 43.86 5.13 -4.59
N ALA Y 125 42.98 6.11 -4.45
CA ALA Y 125 43.21 7.25 -3.58
C ALA Y 125 42.53 7.06 -2.22
N TYR Y 126 41.45 6.29 -2.17
CA TYR Y 126 40.91 5.90 -0.88
C TYR Y 126 41.85 4.98 -0.15
N MET Y 127 42.63 4.20 -0.89
CA MET Y 127 43.60 3.32 -0.28
C MET Y 127 44.78 4.10 0.30
N GLY Y 128 45.27 5.09 -0.44
CA GLY Y 128 46.36 5.90 0.09
C GLY Y 128 45.92 6.82 1.21
N ARG Y 129 44.64 7.14 1.26
CA ARG Y 129 44.09 7.92 2.35
C ARG Y 129 44.05 7.14 3.65
N GLU Y 130 43.85 5.82 3.57
CA GLU Y 130 43.94 4.99 4.76
C GLU Y 130 45.36 4.90 5.27
N TRP Y 131 46.34 5.09 4.41
CA TRP Y 131 47.71 5.18 4.89
C TRP Y 131 47.92 6.46 5.64
N GLU Y 132 47.45 7.58 5.08
CA GLU Y 132 47.84 8.91 5.51
C GLU Y 132 47.38 9.18 6.93
N LEU Y 133 46.13 8.85 7.22
CA LEU Y 133 45.60 9.04 8.56
C LEU Y 133 46.27 8.13 9.57
N SER Y 134 46.74 6.96 9.14
CA SER Y 134 47.52 6.12 10.03
C SER Y 134 48.86 6.76 10.35
N TYR Y 135 49.38 7.59 9.45
CA TYR Y 135 50.62 8.30 9.75
C TYR Y 135 50.36 9.42 10.74
N ARG Y 136 49.29 10.18 10.55
CA ARG Y 136 49.03 11.31 11.41
C ARG Y 136 48.43 10.93 12.76
N LEU Y 137 48.03 9.69 12.96
CA LEU Y 137 47.49 9.26 14.24
C LEU Y 137 48.47 8.45 15.08
N GLY Y 138 49.66 8.19 14.57
CA GLY Y 138 50.59 7.36 15.30
C GLY Y 138 50.41 5.88 15.12
N MET Y 139 49.57 5.46 14.18
CA MET Y 139 49.33 4.04 13.98
C MET Y 139 50.44 3.44 13.13
N ARG Y 140 50.70 2.18 13.35
CA ARG Y 140 51.44 1.38 12.40
C ARG Y 140 50.63 1.27 11.12
N PRO Y 141 51.26 1.25 9.96
CA PRO Y 141 50.62 1.85 8.79
C PRO Y 141 49.73 0.98 7.93
N TRP Y 142 49.68 -0.33 8.12
CA TRP Y 142 49.39 -1.24 7.02
C TRP Y 142 47.95 -1.71 6.94
N ILE Y 143 46.98 -0.88 7.30
CA ILE Y 143 45.62 -1.22 6.95
C ILE Y 143 45.43 -1.13 5.44
N PHE Y 144 46.13 -0.20 4.80
CA PHE Y 144 45.97 -0.01 3.36
C PHE Y 144 46.58 -1.13 2.54
N VAL Y 145 47.43 -1.96 3.11
CA VAL Y 145 47.90 -3.16 2.44
C VAL Y 145 46.83 -4.24 2.44
N ALA Y 146 45.99 -4.29 3.48
CA ALA Y 146 44.87 -5.22 3.47
C ALA Y 146 43.81 -4.77 2.49
N PHE Y 147 43.67 -3.46 2.28
CA PHE Y 147 42.71 -2.99 1.30
C PHE Y 147 43.24 -3.10 -0.12
N SER Y 148 44.50 -3.49 -0.30
CA SER Y 148 45.03 -3.74 -1.64
C SER Y 148 44.35 -4.95 -2.29
N ALA Y 149 43.80 -5.84 -1.49
CA ALA Y 149 43.22 -7.06 -2.04
C ALA Y 149 41.90 -6.82 -2.79
N PRO Y 150 40.94 -6.01 -2.33
CA PRO Y 150 39.85 -5.66 -3.25
C PRO Y 150 40.22 -4.63 -4.30
N VAL Y 151 41.28 -3.84 -4.10
CA VAL Y 151 41.71 -2.95 -5.17
C VAL Y 151 42.36 -3.76 -6.28
N ALA Y 152 43.04 -4.84 -5.94
CA ALA Y 152 43.56 -5.75 -6.95
C ALA Y 152 42.45 -6.40 -7.73
N ALA Y 153 41.35 -6.71 -7.06
CA ALA Y 153 40.26 -7.41 -7.72
C ALA Y 153 39.35 -6.46 -8.47
N ALA Y 154 39.24 -5.21 -8.03
CA ALA Y 154 38.46 -4.24 -8.79
C ALA Y 154 39.20 -3.84 -10.05
N SER Y 155 40.52 -3.68 -9.98
CA SER Y 155 41.26 -3.36 -11.18
C SER Y 155 41.44 -4.56 -12.08
N ALA Y 156 41.12 -5.76 -11.63
CA ALA Y 156 41.26 -6.92 -12.48
C ALA Y 156 40.09 -7.07 -13.43
N VAL Y 157 38.88 -6.76 -13.01
CA VAL Y 157 37.72 -6.99 -13.85
C VAL Y 157 37.28 -5.74 -14.60
N PHE Y 158 37.72 -4.56 -14.18
CA PHE Y 158 37.36 -3.33 -14.87
C PHE Y 158 38.49 -2.79 -15.71
N LEU Y 159 39.74 -3.07 -15.36
CA LEU Y 159 40.86 -2.51 -16.08
C LEU Y 159 41.68 -3.58 -16.80
N VAL Y 160 42.18 -4.58 -16.08
CA VAL Y 160 43.15 -5.52 -16.64
C VAL Y 160 42.50 -6.46 -17.63
N TYR Y 161 41.32 -6.96 -17.31
CA TYR Y 161 40.62 -7.83 -18.24
C TYR Y 161 40.14 -7.12 -19.51
N PRO Y 162 39.71 -5.85 -19.49
CA PRO Y 162 39.51 -5.18 -20.78
C PRO Y 162 40.79 -4.92 -21.55
N ILE Y 163 41.94 -4.85 -20.88
CA ILE Y 163 43.19 -4.59 -21.60
C ILE Y 163 43.61 -5.83 -22.39
N GLY Y 164 43.73 -6.97 -21.70
CA GLY Y 164 44.21 -8.17 -22.35
C GLY Y 164 43.24 -8.72 -23.36
N GLN Y 165 41.95 -8.46 -23.20
CA GLN Y 165 40.98 -8.83 -24.21
C GLN Y 165 40.77 -7.73 -25.23
N GLY Y 166 41.36 -6.56 -25.02
CA GLY Y 166 41.41 -5.55 -26.04
C GLY Y 166 40.17 -4.71 -26.20
N SER Y 167 39.24 -4.74 -25.26
CA SER Y 167 38.04 -3.94 -25.37
C SER Y 167 37.41 -3.77 -24.00
N PHE Y 168 36.83 -2.60 -23.76
CA PHE Y 168 36.02 -2.45 -22.56
C PHE Y 168 34.69 -3.16 -22.64
N SER Y 169 34.30 -3.65 -23.82
CA SER Y 169 33.04 -4.38 -23.94
C SER Y 169 33.10 -5.72 -23.23
N ASP Y 170 34.29 -6.31 -23.14
CA ASP Y 170 34.46 -7.47 -22.29
C ASP Y 170 34.61 -7.11 -20.83
N GLY Y 171 34.62 -5.83 -20.48
CA GLY Y 171 34.65 -5.45 -19.09
C GLY Y 171 33.35 -5.75 -18.37
N MET Y 172 33.41 -5.69 -17.06
CA MET Y 172 32.30 -6.13 -16.23
C MET Y 172 31.17 -5.12 -16.23
N PRO Y 173 29.94 -5.54 -16.49
CA PRO Y 173 28.82 -4.60 -16.44
C PRO Y 173 28.49 -4.20 -15.02
N LEU Y 174 28.31 -2.90 -14.82
CA LEU Y 174 28.03 -2.34 -13.49
C LEU Y 174 26.57 -2.64 -13.12
N GLY Y 175 26.34 -3.87 -12.69
CA GLY Y 175 24.99 -4.23 -12.29
C GLY Y 175 25.00 -5.54 -11.56
N ILE Y 176 23.81 -6.11 -11.40
CA ILE Y 176 23.66 -7.38 -10.71
C ILE Y 176 23.49 -8.52 -11.69
N SER Y 177 22.55 -8.42 -12.64
CA SER Y 177 22.47 -9.44 -13.67
C SER Y 177 23.62 -9.35 -14.64
N GLY Y 178 24.21 -8.16 -14.80
CA GLY Y 178 25.39 -8.04 -15.61
C GLY Y 178 26.61 -8.70 -15.02
N THR Y 179 26.63 -8.86 -13.70
CA THR Y 179 27.71 -9.61 -13.07
C THR Y 179 27.66 -11.07 -13.46
N PHE Y 180 26.47 -11.65 -13.50
CA PHE Y 180 26.39 -13.06 -13.83
C PHE Y 180 26.48 -13.31 -15.31
N ASN Y 181 26.23 -12.29 -16.13
CA ASN Y 181 26.62 -12.42 -17.52
C ASN Y 181 28.13 -12.41 -17.65
N PHE Y 182 28.81 -11.70 -16.74
CA PHE Y 182 30.25 -11.66 -16.78
C PHE Y 182 30.86 -12.96 -16.29
N MET Y 183 30.28 -13.58 -15.28
CA MET Y 183 30.91 -14.75 -14.68
C MET Y 183 30.75 -15.98 -15.54
N LEU Y 184 29.62 -16.11 -16.21
CA LEU Y 184 29.36 -17.31 -16.99
C LEU Y 184 30.12 -17.29 -18.30
N VAL Y 185 30.18 -16.14 -18.95
CA VAL Y 185 30.95 -16.01 -20.18
C VAL Y 185 32.43 -16.14 -19.89
N PHE Y 186 32.87 -15.70 -18.71
CA PHE Y 186 34.25 -15.93 -18.31
C PHE Y 186 34.52 -17.39 -18.02
N GLN Y 187 33.50 -18.16 -17.67
CA GLN Y 187 33.70 -19.59 -17.45
C GLN Y 187 33.91 -20.34 -18.76
N ALA Y 188 33.10 -20.05 -19.77
CA ALA Y 188 33.18 -20.77 -21.02
C ALA Y 188 34.47 -20.46 -21.76
N GLU Y 189 34.96 -19.24 -21.65
CA GLU Y 189 36.09 -18.82 -22.46
C GLU Y 189 37.42 -19.01 -21.76
N HIS Y 190 37.42 -19.20 -20.45
CA HIS Y 190 38.68 -19.25 -19.71
C HIS Y 190 38.79 -20.37 -18.71
N ASN Y 191 37.67 -21.04 -18.35
CA ASN Y 191 37.63 -22.16 -17.41
C ASN Y 191 38.24 -21.78 -16.06
N ILE Y 192 37.57 -20.84 -15.39
CA ILE Y 192 38.13 -20.27 -14.16
C ILE Y 192 38.09 -21.25 -13.00
N LEU Y 193 37.11 -22.16 -12.99
CA LEU Y 193 36.95 -23.04 -11.83
C LEU Y 193 38.08 -24.04 -11.72
N MET Y 194 38.64 -24.45 -12.85
CA MET Y 194 39.79 -25.32 -12.82
C MET Y 194 41.09 -24.57 -12.63
N HIS Y 195 41.07 -23.25 -12.72
CA HIS Y 195 42.27 -22.48 -12.53
C HIS Y 195 42.61 -22.42 -11.05
N PRO Y 196 43.86 -22.67 -10.65
CA PRO Y 196 44.19 -22.80 -9.23
C PRO Y 196 44.22 -21.50 -8.48
N PHE Y 197 43.91 -20.38 -9.11
CA PHE Y 197 43.89 -19.14 -8.36
C PHE Y 197 42.49 -18.75 -7.95
N HIS Y 198 41.47 -19.20 -8.68
CA HIS Y 198 40.14 -19.16 -8.11
C HIS Y 198 40.00 -20.20 -7.01
N MET Y 199 40.74 -21.30 -7.12
CA MET Y 199 40.79 -22.29 -6.05
C MET Y 199 41.47 -21.76 -4.82
N ALA Y 200 42.41 -20.86 -4.97
CA ALA Y 200 43.14 -20.35 -3.82
C ALA Y 200 42.45 -19.17 -3.17
N GLY Y 201 41.29 -18.76 -3.67
CA GLY Y 201 40.57 -17.67 -3.06
C GLY Y 201 39.18 -18.06 -2.64
N VAL Y 202 38.67 -19.15 -3.21
CA VAL Y 202 37.56 -19.83 -2.57
C VAL Y 202 38.00 -20.35 -1.23
N ALA Y 203 39.21 -20.90 -1.15
CA ALA Y 203 39.82 -21.19 0.13
C ALA Y 203 40.11 -19.94 0.94
N GLY Y 204 40.22 -18.78 0.30
CA GLY Y 204 40.41 -17.55 1.02
C GLY Y 204 39.17 -16.99 1.67
N VAL Y 205 38.00 -17.16 1.07
CA VAL Y 205 36.77 -16.63 1.66
C VAL Y 205 35.97 -17.69 2.40
N PHE Y 206 36.06 -18.96 2.03
CA PHE Y 206 35.54 -19.99 2.91
C PHE Y 206 36.36 -20.07 4.17
N GLY Y 207 37.68 -20.00 4.03
CA GLY Y 207 38.54 -19.89 5.19
C GLY Y 207 38.35 -18.58 5.91
N GLY Y 208 38.14 -17.49 5.17
CA GLY Y 208 37.94 -16.20 5.79
C GLY Y 208 36.67 -16.13 6.60
N SER Y 209 35.58 -16.68 6.06
CA SER Y 209 34.35 -16.69 6.84
C SER Y 209 34.37 -17.74 7.93
N LEU Y 210 35.25 -18.73 7.84
CA LEU Y 210 35.42 -19.67 8.93
C LEU Y 210 36.07 -18.97 10.11
N PHE Y 211 37.28 -18.46 9.92
CA PHE Y 211 38.05 -17.86 10.99
C PHE Y 211 37.44 -16.57 11.51
N SER Y 212 36.56 -15.94 10.74
CA SER Y 212 35.75 -14.86 11.26
C SER Y 212 34.76 -15.36 12.30
N ALA Y 213 33.93 -16.33 11.94
CA ALA Y 213 32.94 -16.86 12.85
C ALA Y 213 33.54 -17.79 13.89
N MET Y 214 34.79 -18.19 13.72
CA MET Y 214 35.45 -19.00 14.73
C MET Y 214 36.12 -18.13 15.76
N HIS Y 215 36.63 -16.98 15.35
CA HIS Y 215 37.19 -16.05 16.31
C HIS Y 215 36.11 -15.26 17.02
N GLY Y 216 35.07 -14.88 16.29
CA GLY Y 216 33.99 -14.13 16.89
C GLY Y 216 33.15 -14.94 17.84
N SER Y 217 33.22 -16.26 17.77
CA SER Y 217 32.48 -17.07 18.73
C SER Y 217 33.27 -17.29 20.00
N LEU Y 218 34.58 -17.42 19.89
CA LEU Y 218 35.37 -17.71 21.07
C LEU Y 218 35.61 -16.49 21.93
N VAL Y 219 35.44 -15.29 21.39
CA VAL Y 219 35.43 -14.12 22.24
C VAL Y 219 34.09 -13.99 22.94
N THR Y 220 33.01 -14.13 22.19
CA THR Y 220 31.66 -14.04 22.75
C THR Y 220 31.35 -15.18 23.70
N SER Y 221 32.00 -16.34 23.53
CA SER Y 221 31.85 -17.40 24.51
C SER Y 221 32.45 -17.06 25.85
N SER Y 222 33.63 -16.45 25.87
CA SER Y 222 34.37 -16.27 27.10
C SER Y 222 34.27 -14.87 27.67
N LEU Y 223 33.11 -14.23 27.52
CA LEU Y 223 32.92 -12.90 28.10
C LEU Y 223 32.81 -12.99 29.61
N ILE Y 224 33.25 -11.94 30.28
CA ILE Y 224 33.21 -11.88 31.74
C ILE Y 224 31.89 -11.27 32.19
N ARG Y 225 31.34 -11.78 33.29
CA ARG Y 225 30.15 -11.20 33.93
C ARG Y 225 30.34 -9.74 34.30
N GLU Y 226 29.66 -8.85 33.59
CA GLU Y 226 29.61 -7.46 34.00
C GLU Y 226 28.20 -6.89 33.94
N THR Y 227 27.23 -7.64 33.46
CA THR Y 227 25.86 -7.20 33.35
C THR Y 227 24.93 -8.10 34.16
N THR Y 228 23.66 -7.74 34.17
CA THR Y 228 22.61 -8.59 34.71
C THR Y 228 21.92 -9.31 33.56
N GLU Y 229 21.02 -10.23 33.90
CA GLU Y 229 20.33 -10.97 32.87
C GLU Y 229 19.22 -10.17 32.21
N ASN Y 230 18.86 -9.02 32.77
CA ASN Y 230 17.84 -8.17 32.17
C ASN Y 230 18.42 -7.30 31.06
N GLU Y 231 19.57 -6.68 31.31
CA GLU Y 231 20.10 -5.77 30.30
C GLU Y 231 20.89 -6.57 29.25
N SER Y 232 21.46 -5.85 28.29
CA SER Y 232 22.13 -6.46 27.16
C SER Y 232 23.49 -6.97 27.57
N THR Y 233 23.96 -7.97 26.82
CA THR Y 233 25.31 -8.49 27.00
C THR Y 233 26.35 -7.44 26.66
N ASN Y 234 26.08 -6.58 25.71
CA ASN Y 234 27.09 -5.66 25.20
C ASN Y 234 27.39 -4.52 26.14
N TYR Y 235 26.56 -4.29 27.16
CA TYR Y 235 26.80 -3.14 28.02
C TYR Y 235 27.81 -3.42 29.12
N GLY Y 236 28.44 -4.58 29.12
CA GLY Y 236 29.53 -4.82 30.03
C GLY Y 236 30.86 -4.31 29.55
N TYR Y 237 30.88 -3.68 28.39
CA TYR Y 237 32.06 -3.02 27.86
C TYR Y 237 31.82 -1.54 27.92
N LYS Y 238 32.54 -0.85 28.79
CA LYS Y 238 32.58 0.59 28.74
C LYS Y 238 33.67 1.00 27.78
N PHE Y 239 33.39 2.03 27.00
CA PHE Y 239 34.31 2.44 25.93
C PHE Y 239 35.56 3.06 26.50
N GLY Y 240 36.70 2.65 25.96
CA GLY Y 240 37.96 3.19 26.41
C GLY Y 240 38.45 2.62 27.72
N GLN Y 241 37.89 1.51 28.18
CA GLN Y 241 38.36 0.92 29.41
C GLN Y 241 39.69 0.21 29.16
N GLU Y 242 40.42 -0.04 30.23
CA GLU Y 242 41.72 -0.67 30.14
C GLU Y 242 41.72 -2.12 30.61
N GLU Y 243 40.62 -2.59 31.18
CA GLU Y 243 40.52 -3.99 31.57
C GLU Y 243 40.15 -4.84 30.36
N GLU Y 244 40.65 -6.06 30.34
CA GLU Y 244 40.37 -6.99 29.25
C GLU Y 244 38.97 -7.55 29.42
N THR Y 245 38.19 -7.56 28.32
CA THR Y 245 36.78 -7.87 28.44
C THR Y 245 36.45 -9.35 28.25
N TYR Y 246 37.44 -10.23 28.07
CA TYR Y 246 37.14 -11.64 28.01
C TYR Y 246 38.34 -12.45 28.49
N ASN Y 247 38.04 -13.59 29.11
CA ASN Y 247 39.06 -14.50 29.60
C ASN Y 247 39.66 -15.22 28.40
N ILE Y 248 40.83 -14.76 27.96
CA ILE Y 248 41.47 -15.36 26.80
C ILE Y 248 42.09 -16.72 27.13
N VAL Y 249 42.39 -16.98 28.42
CA VAL Y 249 42.85 -18.30 28.82
C VAL Y 249 41.73 -19.31 28.70
N ALA Y 250 40.48 -18.86 28.92
CA ALA Y 250 39.33 -19.75 28.81
C ALA Y 250 39.11 -20.21 27.38
N ALA Y 251 39.11 -19.28 26.43
CA ALA Y 251 38.92 -19.64 25.03
C ALA Y 251 40.11 -20.38 24.45
N HIS Y 252 41.28 -20.26 25.05
CA HIS Y 252 42.41 -21.06 24.62
C HIS Y 252 42.31 -22.50 25.10
N GLY Y 253 41.81 -22.70 26.32
CA GLY Y 253 41.61 -24.06 26.81
C GLY Y 253 40.45 -24.78 26.15
N TYR Y 254 39.51 -24.03 25.58
CA TYR Y 254 38.40 -24.65 24.87
C TYR Y 254 38.85 -25.19 23.52
N PHE Y 255 39.41 -24.32 22.69
CA PHE Y 255 39.93 -24.75 21.40
C PHE Y 255 41.14 -25.63 21.54
N GLY Y 256 41.87 -25.55 22.65
CA GLY Y 256 42.91 -26.51 22.94
C GLY Y 256 42.41 -27.90 23.26
N ARG Y 257 41.12 -28.07 23.51
CA ARG Y 257 40.52 -29.38 23.65
C ARG Y 257 39.61 -29.73 22.50
N LEU Y 258 39.15 -28.73 21.73
CA LEU Y 258 38.22 -29.01 20.66
C LEU Y 258 38.90 -29.69 19.49
N ILE Y 259 40.16 -29.36 19.21
CA ILE Y 259 40.88 -30.07 18.17
C ILE Y 259 42.03 -30.86 18.79
N PHE Y 260 43.03 -30.15 19.29
CA PHE Y 260 44.07 -30.66 20.19
C PHE Y 260 44.81 -29.44 20.71
N GLN Y 261 45.84 -29.69 21.51
CA GLN Y 261 46.43 -28.61 22.30
C GLN Y 261 47.31 -27.70 21.46
N TYR Y 262 48.12 -28.28 20.57
CA TYR Y 262 49.17 -27.53 19.89
C TYR Y 262 48.67 -26.76 18.68
N ALA Y 263 47.40 -26.88 18.33
CA ALA Y 263 46.83 -26.16 17.21
C ALA Y 263 46.21 -24.83 17.60
N SER Y 264 46.42 -24.38 18.82
CA SER Y 264 45.76 -23.18 19.33
C SER Y 264 46.76 -22.06 19.54
N PHE Y 265 46.40 -20.87 19.06
CA PHE Y 265 47.22 -19.67 19.26
C PHE Y 265 46.97 -19.14 20.67
N ASN Y 266 47.95 -19.25 21.55
CA ASN Y 266 47.82 -18.54 22.81
C ASN Y 266 48.10 -17.05 22.64
N ASN Y 267 48.90 -16.70 21.65
CA ASN Y 267 49.24 -15.32 21.36
C ASN Y 267 48.07 -14.67 20.64
N SER Y 268 47.54 -13.59 21.20
CA SER Y 268 46.43 -12.92 20.54
C SER Y 268 46.88 -12.02 19.42
N ARG Y 269 48.16 -11.67 19.38
CA ARG Y 269 48.65 -10.86 18.29
C ARG Y 269 48.87 -11.70 17.06
N ALA Y 270 49.48 -12.86 17.23
CA ALA Y 270 49.63 -13.79 16.13
C ALA Y 270 48.30 -14.38 15.69
N LEU Y 271 47.33 -14.42 16.59
CA LEU Y 271 45.97 -14.80 16.20
C LEU Y 271 45.32 -13.74 15.34
N HIS Y 272 45.34 -12.50 15.80
CA HIS Y 272 44.79 -11.41 15.00
C HIS Y 272 45.64 -11.06 13.80
N PHE Y 273 46.79 -11.68 13.59
CA PHE Y 273 47.47 -11.50 12.32
C PHE Y 273 47.02 -12.52 11.30
N PHE Y 274 46.76 -13.75 11.74
CA PHE Y 274 46.31 -14.81 10.85
C PHE Y 274 44.94 -14.52 10.28
N LEU Y 275 44.14 -13.71 10.96
CA LEU Y 275 42.86 -13.30 10.40
C LEU Y 275 43.06 -12.32 9.26
N ALA Y 276 44.16 -11.58 9.26
CA ALA Y 276 44.44 -10.66 8.18
C ALA Y 276 45.24 -11.29 7.06
N LEU Y 277 46.00 -12.34 7.35
CA LEU Y 277 46.80 -13.00 6.34
C LEU Y 277 45.92 -13.76 5.35
N TRP Y 278 45.16 -14.73 5.85
CA TRP Y 278 44.45 -15.72 5.06
C TRP Y 278 43.50 -15.17 3.99
N PRO Y 279 42.63 -14.16 4.25
CA PRO Y 279 41.79 -13.69 3.15
C PRO Y 279 42.55 -12.87 2.16
N VAL Y 280 43.40 -11.98 2.66
CA VAL Y 280 44.08 -11.00 1.83
C VAL Y 280 45.06 -11.68 0.89
N VAL Y 281 45.78 -12.69 1.37
CA VAL Y 281 46.61 -13.48 0.47
C VAL Y 281 45.74 -14.28 -0.48
N GLY Y 282 44.55 -14.68 -0.04
CA GLY Y 282 43.66 -15.42 -0.93
C GLY Y 282 43.05 -14.57 -2.03
N ILE Y 283 42.95 -13.26 -1.82
CA ILE Y 283 42.38 -12.39 -2.84
C ILE Y 283 43.44 -11.72 -3.69
N TRP Y 284 44.67 -11.55 -3.17
CA TRP Y 284 45.80 -11.21 -4.04
C TRP Y 284 46.02 -12.28 -5.10
N ILE Y 285 45.99 -13.53 -4.70
CA ILE Y 285 46.24 -14.63 -5.61
C ILE Y 285 45.09 -14.78 -6.60
N THR Y 286 43.87 -14.53 -6.16
CA THR Y 286 42.71 -14.68 -7.02
C THR Y 286 42.65 -13.59 -8.08
N SER Y 287 42.93 -12.35 -7.68
CA SER Y 287 42.93 -11.23 -8.60
C SER Y 287 44.05 -11.30 -9.60
N MET Y 288 45.10 -12.06 -9.31
CA MET Y 288 46.06 -12.44 -10.34
C MET Y 288 45.70 -13.76 -10.98
N GLY Y 289 44.46 -14.17 -10.89
CA GLY Y 289 43.97 -15.27 -11.69
C GLY Y 289 43.23 -14.67 -12.84
N ILE Y 290 42.42 -13.65 -12.56
CA ILE Y 290 41.72 -12.90 -13.62
C ILE Y 290 42.74 -12.19 -14.50
N SER Y 291 43.84 -11.75 -13.91
CA SER Y 291 44.87 -11.04 -14.65
C SER Y 291 45.60 -11.96 -15.60
N THR Y 292 45.99 -13.15 -15.14
CA THR Y 292 46.65 -14.08 -16.05
C THR Y 292 45.66 -14.75 -16.98
N MET Y 293 44.38 -14.73 -16.66
CA MET Y 293 43.40 -15.18 -17.63
C MET Y 293 42.87 -14.04 -18.47
N ALA Y 294 43.31 -12.82 -18.23
CA ALA Y 294 43.00 -11.75 -19.17
C ALA Y 294 43.81 -11.90 -20.43
N PHE Y 295 44.99 -12.49 -20.32
CA PHE Y 295 45.87 -12.71 -21.45
C PHE Y 295 45.80 -14.15 -21.95
N ASN Y 296 44.65 -14.79 -21.77
CA ASN Y 296 44.32 -16.08 -22.35
C ASN Y 296 45.28 -17.16 -21.95
N LEU Y 297 45.72 -17.13 -20.71
CA LEU Y 297 46.41 -18.25 -20.08
C LEU Y 297 45.37 -18.89 -19.17
N ASN Y 298 44.59 -19.79 -19.74
CA ASN Y 298 43.38 -20.29 -19.10
C ASN Y 298 43.72 -21.29 -18.00
N GLY Y 299 42.68 -21.80 -17.34
CA GLY Y 299 42.84 -22.82 -16.32
C GLY Y 299 43.12 -24.17 -16.95
N PHE Y 300 43.06 -25.21 -16.11
CA PHE Y 300 43.39 -26.54 -16.58
C PHE Y 300 42.36 -27.04 -17.58
N ASN Y 301 42.80 -28.00 -18.41
CA ASN Y 301 41.94 -28.56 -19.44
C ASN Y 301 42.23 -30.05 -19.48
N PHE Y 302 41.39 -30.84 -18.82
CA PHE Y 302 41.54 -32.28 -18.78
C PHE Y 302 40.52 -32.98 -19.66
N ASN Y 303 40.13 -32.35 -20.75
CA ASN Y 303 39.15 -32.95 -21.64
C ASN Y 303 39.83 -34.01 -22.51
N GLN Y 304 39.19 -35.17 -22.58
CA GLN Y 304 39.68 -36.37 -23.29
C GLN Y 304 41.04 -36.79 -22.76
N SER Y 305 41.17 -36.83 -21.44
CA SER Y 305 42.42 -37.20 -20.80
C SER Y 305 42.50 -38.66 -20.41
N VAL Y 306 41.38 -39.31 -20.18
CA VAL Y 306 41.35 -40.71 -19.77
C VAL Y 306 40.90 -41.54 -20.94
N VAL Y 307 41.76 -42.46 -21.37
CA VAL Y 307 41.47 -43.32 -22.50
C VAL Y 307 41.68 -44.76 -22.08
N ASP Y 308 40.98 -45.67 -22.76
CA ASP Y 308 41.19 -47.10 -22.56
C ASP Y 308 42.37 -47.55 -23.42
N SER Y 309 42.64 -48.86 -23.41
CA SER Y 309 43.73 -49.38 -24.22
C SER Y 309 43.38 -49.40 -25.69
N GLN Y 310 42.10 -49.51 -26.02
CA GLN Y 310 41.65 -49.35 -27.40
C GLN Y 310 41.84 -47.93 -27.90
N GLY Y 311 41.78 -46.94 -27.01
CA GLY Y 311 41.94 -45.55 -27.38
C GLY Y 311 40.66 -44.74 -27.35
N ARG Y 312 39.54 -45.36 -27.01
CA ARG Y 312 38.30 -44.61 -26.90
C ARG Y 312 38.35 -43.69 -25.69
N VAL Y 313 37.75 -42.52 -25.85
CA VAL Y 313 37.74 -41.53 -24.77
C VAL Y 313 36.77 -41.99 -23.68
N ILE Y 314 37.28 -42.12 -22.46
CA ILE Y 314 36.45 -42.36 -21.30
C ILE Y 314 36.17 -41.02 -20.65
N ASN Y 315 34.90 -40.74 -20.39
CA ASN Y 315 34.53 -39.45 -19.83
C ASN Y 315 34.95 -39.34 -18.38
N THR Y 316 35.18 -38.10 -17.96
CA THR Y 316 35.43 -37.79 -16.55
C THR Y 316 34.48 -36.71 -16.13
N TRP Y 317 34.69 -36.16 -14.93
CA TRP Y 317 33.87 -35.02 -14.53
C TRP Y 317 34.25 -33.77 -15.28
N ALA Y 318 35.48 -33.69 -15.79
CA ALA Y 318 35.87 -32.54 -16.58
C ALA Y 318 35.21 -32.54 -17.94
N ASP Y 319 34.88 -33.72 -18.47
CA ASP Y 319 34.15 -33.77 -19.73
C ASP Y 319 32.69 -33.36 -19.55
N ILE Y 320 32.10 -33.64 -18.39
CA ILE Y 320 30.76 -33.12 -18.12
C ILE Y 320 30.83 -31.61 -17.89
N LEU Y 321 31.90 -31.14 -17.25
CA LEU Y 321 32.10 -29.71 -17.09
C LEU Y 321 32.37 -29.03 -18.41
N ASN Y 322 32.98 -29.75 -19.35
CA ASN Y 322 33.26 -29.19 -20.67
C ASN Y 322 31.96 -28.96 -21.44
N ARG Y 323 30.99 -29.86 -21.30
CA ARG Y 323 29.75 -29.74 -22.04
C ARG Y 323 28.88 -28.62 -21.48
N ALA Y 324 29.13 -28.23 -20.23
CA ALA Y 324 28.52 -27.00 -19.72
C ALA Y 324 29.25 -25.78 -20.26
N ASN Y 325 30.56 -25.87 -20.47
CA ASN Y 325 31.28 -24.74 -21.05
C ASN Y 325 30.95 -24.59 -22.53
N LEU Y 326 30.74 -25.69 -23.25
CA LEU Y 326 30.37 -25.61 -24.65
C LEU Y 326 29.00 -25.02 -24.85
N GLY Y 327 28.13 -25.11 -23.85
CA GLY Y 327 26.81 -24.53 -24.00
C GLY Y 327 26.84 -23.02 -23.88
N ILE Y 328 27.69 -22.51 -23.00
CA ILE Y 328 27.80 -21.07 -22.86
C ILE Y 328 28.64 -20.48 -23.98
N GLU Y 329 29.64 -21.22 -24.47
CA GLU Y 329 30.51 -20.70 -25.52
C GLU Y 329 29.77 -20.52 -26.83
N VAL Y 330 28.89 -21.46 -27.19
CA VAL Y 330 28.15 -21.34 -28.44
C VAL Y 330 26.98 -20.39 -28.37
N MET Y 331 26.71 -19.80 -27.21
CA MET Y 331 25.56 -18.94 -27.04
C MET Y 331 25.88 -17.53 -26.58
N HIS Y 332 27.10 -17.25 -26.15
CA HIS Y 332 27.40 -15.91 -25.71
C HIS Y 332 27.67 -15.06 -26.93
N GLU Y 333 27.06 -13.87 -26.96
CA GLU Y 333 27.13 -12.91 -28.06
C GLU Y 333 26.73 -13.58 -29.37
N ARG Y 334 25.47 -14.01 -29.42
CA ARG Y 334 25.00 -14.97 -30.40
C ARG Y 334 24.96 -14.40 -31.81
N ASN Y 335 25.11 -13.08 -31.94
CA ASN Y 335 25.16 -12.42 -33.22
C ASN Y 335 26.51 -11.80 -33.54
N ALA Y 336 27.36 -11.57 -32.53
CA ALA Y 336 28.59 -10.84 -32.74
C ALA Y 336 29.65 -11.62 -33.49
N HIS Y 337 29.53 -12.94 -33.56
CA HIS Y 337 30.57 -13.76 -34.16
C HIS Y 337 30.26 -14.00 -35.63
N ASN Y 338 31.32 -14.10 -36.43
CA ASN Y 338 31.21 -14.48 -37.82
C ASN Y 338 32.16 -15.59 -38.21
N PHE Y 339 33.10 -15.94 -37.35
CA PHE Y 339 34.18 -16.85 -37.72
C PHE Y 339 34.31 -17.90 -36.64
N PRO Y 340 34.81 -19.11 -36.94
CA PRO Y 340 34.56 -20.27 -36.06
C PRO Y 340 35.20 -20.23 -34.67
N LEU Y 341 36.10 -19.31 -34.38
CA LEU Y 341 36.83 -19.32 -33.11
C LEU Y 341 36.68 -17.98 -32.42
N ASP Y 342 36.24 -18.00 -31.15
CA ASP Y 342 36.15 -16.76 -30.39
C ASP Y 342 37.55 -16.37 -29.97
N LEU Y 343 38.25 -15.65 -30.84
CA LEU Y 343 39.54 -15.07 -30.48
C LEU Y 343 39.41 -13.94 -29.48
N ALA Y 344 38.23 -13.33 -29.36
CA ALA Y 344 38.00 -12.29 -28.38
C ALA Y 344 36.82 -12.70 -27.49
N ALA Z 2 15.15 -2.36 30.33
CA ALA Z 2 16.50 -2.46 29.78
C ALA Z 2 16.62 -3.65 28.85
N LEU Z 3 15.48 -4.29 28.58
CA LEU Z 3 15.49 -5.42 27.68
C LEU Z 3 15.76 -4.96 26.25
N PRO Z 4 16.53 -5.72 25.49
CA PRO Z 4 16.62 -5.46 24.06
C PRO Z 4 15.32 -5.86 23.38
N TRP Z 5 15.19 -5.49 22.10
CA TRP Z 5 13.97 -5.80 21.37
C TRP Z 5 13.80 -7.29 21.14
N TYR Z 6 14.87 -8.08 21.19
CA TYR Z 6 14.77 -9.51 21.02
C TYR Z 6 14.66 -10.25 22.33
N ARG Z 7 14.42 -9.55 23.43
CA ARG Z 7 14.14 -10.21 24.70
C ARG Z 7 12.90 -9.66 25.36
N VAL Z 8 12.02 -9.01 24.59
CA VAL Z 8 10.89 -8.34 25.20
C VAL Z 8 9.86 -9.32 25.71
N HIS Z 9 9.80 -10.51 25.14
CA HIS Z 9 8.79 -11.47 25.53
C HIS Z 9 9.31 -12.43 26.57
N THR Z 10 10.42 -12.13 27.22
CA THR Z 10 10.91 -12.94 28.33
C THR Z 10 10.48 -12.42 29.69
N VAL Z 11 9.51 -11.52 29.74
CA VAL Z 11 8.96 -11.12 31.03
C VAL Z 11 7.96 -12.16 31.51
N VAL Z 12 7.63 -13.11 30.64
CA VAL Z 12 6.65 -14.15 30.89
C VAL Z 12 7.31 -15.42 31.43
N LEU Z 13 8.63 -15.40 31.64
CA LEU Z 13 9.34 -16.56 32.15
C LEU Z 13 8.92 -16.91 33.57
N ASN Z 14 8.89 -15.92 34.46
CA ASN Z 14 8.55 -16.15 35.85
C ASN Z 14 7.12 -15.75 36.16
N ASP Z 15 6.21 -15.93 35.21
CA ASP Z 15 4.82 -15.53 35.37
C ASP Z 15 3.96 -16.55 34.67
N PRO Z 16 3.45 -17.57 35.39
CA PRO Z 16 2.60 -18.57 34.74
C PRO Z 16 1.25 -18.04 34.39
N GLY Z 17 0.78 -17.02 35.11
CA GLY Z 17 -0.57 -16.54 34.88
C GLY Z 17 -0.67 -15.79 33.58
N ARG Z 18 0.37 -15.07 33.21
CA ARG Z 18 0.43 -14.41 31.92
C ARG Z 18 1.10 -15.26 30.86
N LEU Z 19 1.58 -16.45 31.21
CA LEU Z 19 2.05 -17.38 30.20
C LEU Z 19 0.88 -17.97 29.43
N ILE Z 20 -0.27 -18.02 30.06
CA ILE Z 20 -1.47 -18.56 29.45
C ILE Z 20 -2.14 -17.51 28.57
N ALA Z 21 -2.18 -16.27 29.06
CA ALA Z 21 -2.83 -15.20 28.33
C ALA Z 21 -2.11 -14.88 27.05
N VAL Z 22 -0.82 -15.12 27.02
CA VAL Z 22 -0.06 -15.00 25.80
C VAL Z 22 -0.33 -16.17 24.88
N HIS Z 23 -0.24 -17.39 25.42
CA HIS Z 23 -0.52 -18.58 24.64
C HIS Z 23 -1.97 -18.66 24.19
N LEU Z 24 -2.89 -17.95 24.85
CA LEU Z 24 -4.23 -17.82 24.30
C LEU Z 24 -4.30 -16.80 23.19
N MET Z 25 -3.41 -15.81 23.19
CA MET Z 25 -3.47 -14.82 22.14
C MET Z 25 -2.85 -15.32 20.85
N HIS Z 26 -1.83 -16.19 20.91
CA HIS Z 26 -1.38 -16.85 19.69
C HIS Z 26 -2.46 -17.75 19.15
N THR Z 27 -3.25 -18.36 20.04
CA THR Z 27 -4.34 -19.22 19.61
C THR Z 27 -5.48 -18.41 18.99
N ALA Z 28 -5.75 -17.22 19.51
CA ALA Z 28 -6.80 -16.39 18.92
C ALA Z 28 -6.40 -15.81 17.58
N LEU Z 29 -5.12 -15.78 17.27
CA LEU Z 29 -4.67 -15.33 15.96
C LEU Z 29 -4.58 -16.47 14.97
N VAL Z 30 -4.21 -17.66 15.43
CA VAL Z 30 -4.21 -18.83 14.56
C VAL Z 30 -5.62 -19.20 14.15
N ALA Z 31 -6.54 -19.22 15.12
CA ALA Z 31 -7.91 -19.58 14.83
C ALA Z 31 -8.61 -18.51 14.01
N GLY Z 32 -8.29 -17.25 14.26
CA GLY Z 32 -8.85 -16.18 13.45
C GLY Z 32 -8.30 -16.15 12.04
N TRP Z 33 -7.09 -16.67 11.85
CA TRP Z 33 -6.58 -16.82 10.50
C TRP Z 33 -7.38 -17.85 9.73
N ALA Z 34 -7.55 -19.04 10.31
CA ALA Z 34 -8.17 -20.16 9.61
C ALA Z 34 -9.63 -19.90 9.32
N GLY Z 35 -10.29 -19.07 10.13
CA GLY Z 35 -11.63 -18.65 9.79
C GLY Z 35 -11.64 -17.63 8.67
N SER Z 36 -10.77 -16.63 8.75
CA SER Z 36 -10.78 -15.59 7.76
C SER Z 36 -10.04 -15.99 6.49
N MET Z 37 -9.23 -17.03 6.53
CA MET Z 37 -8.71 -17.55 5.28
C MET Z 37 -9.78 -18.32 4.53
N ALA Z 38 -10.58 -19.10 5.26
CA ALA Z 38 -11.59 -19.92 4.61
C ALA Z 38 -12.79 -19.09 4.16
N LEU Z 39 -13.03 -17.95 4.79
CA LEU Z 39 -14.02 -17.03 4.24
C LEU Z 39 -13.51 -16.39 2.96
N TYR Z 40 -12.20 -16.17 2.87
CA TYR Z 40 -11.64 -15.58 1.67
C TYR Z 40 -11.68 -16.57 0.52
N GLU Z 41 -11.55 -17.86 0.82
CA GLU Z 41 -11.51 -18.86 -0.22
C GLU Z 41 -12.89 -19.16 -0.79
N LEU Z 42 -13.95 -18.92 -0.02
CA LEU Z 42 -15.28 -19.16 -0.55
C LEU Z 42 -15.76 -18.04 -1.45
N ALA Z 43 -15.18 -16.85 -1.31
CA ALA Z 43 -15.46 -15.78 -2.25
C ALA Z 43 -14.73 -15.97 -3.56
N VAL Z 44 -13.70 -16.80 -3.57
CA VAL Z 44 -12.89 -17.03 -4.75
C VAL Z 44 -13.24 -18.33 -5.44
N PHE Z 45 -13.73 -19.33 -4.71
CA PHE Z 45 -14.01 -20.64 -5.28
C PHE Z 45 -15.19 -20.58 -6.25
N ASP Z 46 -15.12 -21.41 -7.30
CA ASP Z 46 -16.15 -21.47 -8.32
C ASP Z 46 -16.47 -22.93 -8.56
N PRO Z 47 -17.62 -23.41 -8.09
CA PRO Z 47 -17.97 -24.82 -8.30
C PRO Z 47 -18.71 -25.05 -9.60
N SER Z 48 -18.19 -24.52 -10.70
CA SER Z 48 -18.86 -24.70 -11.98
C SER Z 48 -18.56 -26.07 -12.57
N ASP Z 49 -17.30 -26.49 -12.50
CA ASP Z 49 -16.87 -27.75 -13.09
C ASP Z 49 -15.82 -28.32 -12.17
N PRO Z 50 -16.21 -29.25 -11.28
CA PRO Z 50 -15.21 -29.90 -10.43
C PRO Z 50 -14.40 -30.97 -11.12
N VAL Z 51 -14.56 -31.16 -12.42
CA VAL Z 51 -13.77 -32.13 -13.17
C VAL Z 51 -12.56 -31.46 -13.80
N LEU Z 52 -12.76 -30.38 -14.54
CA LEU Z 52 -11.66 -29.66 -15.15
C LEU Z 52 -11.31 -28.38 -14.42
N ASN Z 53 -12.00 -28.05 -13.35
CA ASN Z 53 -11.54 -26.98 -12.50
C ASN Z 53 -11.70 -27.38 -11.04
N PRO Z 54 -10.87 -28.27 -10.50
CA PRO Z 54 -11.02 -28.66 -9.10
C PRO Z 54 -10.56 -27.57 -8.15
N MET Z 55 -10.55 -27.90 -6.86
CA MET Z 55 -10.16 -26.89 -5.88
C MET Z 55 -8.65 -26.68 -5.86
N TRP Z 56 -7.89 -27.63 -6.38
CA TRP Z 56 -6.45 -27.46 -6.34
C TRP Z 56 -5.93 -26.70 -7.54
N ARG Z 57 -6.79 -26.43 -8.53
CA ARG Z 57 -6.42 -25.51 -9.60
C ARG Z 57 -6.68 -24.08 -9.18
N GLN Z 58 -7.67 -23.88 -8.31
CA GLN Z 58 -8.02 -22.53 -7.91
C GLN Z 58 -7.23 -22.05 -6.73
N GLY Z 59 -6.11 -22.68 -6.42
CA GLY Z 59 -5.23 -22.24 -5.37
C GLY Z 59 -5.78 -22.38 -3.98
N MET Z 60 -6.77 -23.25 -3.77
CA MET Z 60 -7.36 -23.38 -2.45
C MET Z 60 -6.39 -24.10 -1.53
N PHE Z 61 -6.04 -23.44 -0.44
CA PHE Z 61 -5.01 -24.02 0.41
C PHE Z 61 -5.61 -24.75 1.59
N VAL Z 62 -6.42 -24.07 2.39
CA VAL Z 62 -6.94 -24.71 3.59
C VAL Z 62 -8.19 -25.50 3.26
N MET Z 63 -8.79 -25.25 2.11
CA MET Z 63 -9.99 -25.98 1.68
C MET Z 63 -9.78 -27.46 1.43
N PRO Z 64 -8.65 -27.96 0.91
CA PRO Z 64 -8.46 -29.42 0.94
C PRO Z 64 -8.23 -30.01 2.31
N PHE Z 65 -8.12 -29.20 3.37
CA PHE Z 65 -7.98 -29.77 4.70
C PHE Z 65 -9.33 -29.88 5.37
N MET Z 66 -10.32 -29.12 4.90
CA MET Z 66 -11.67 -29.33 5.38
C MET Z 66 -12.31 -30.52 4.70
N THR Z 67 -12.04 -30.70 3.40
CA THR Z 67 -12.67 -31.79 2.68
C THR Z 67 -11.96 -33.11 2.93
N ARG Z 68 -10.77 -33.06 3.51
CA ARG Z 68 -10.07 -34.30 3.81
C ARG Z 68 -10.72 -35.04 4.95
N LEU Z 69 -11.18 -34.32 5.96
CA LEU Z 69 -11.80 -34.93 7.12
C LEU Z 69 -13.31 -34.93 7.07
N GLY Z 70 -13.91 -34.65 5.92
CA GLY Z 70 -15.31 -34.98 5.80
C GLY Z 70 -16.28 -33.84 5.60
N ILE Z 71 -15.88 -32.79 4.90
CA ILE Z 71 -16.76 -31.66 4.63
C ILE Z 71 -16.87 -31.52 3.13
N THR Z 72 -18.05 -31.79 2.59
CA THR Z 72 -18.22 -31.65 1.15
C THR Z 72 -19.26 -30.62 0.74
N ASP Z 73 -20.18 -30.28 1.62
CA ASP Z 73 -21.29 -29.42 1.23
C ASP Z 73 -21.04 -27.99 1.68
N SER Z 74 -21.80 -27.08 1.08
CA SER Z 74 -21.76 -25.68 1.43
C SER Z 74 -23.17 -25.14 1.49
N TRP Z 75 -23.29 -23.96 2.10
CA TRP Z 75 -24.59 -23.32 2.26
C TRP Z 75 -25.15 -22.79 0.96
N GLY Z 76 -24.31 -22.61 -0.06
CA GLY Z 76 -24.83 -22.26 -1.37
C GLY Z 76 -25.58 -23.39 -2.03
N GLY Z 77 -25.33 -24.62 -1.62
CA GLY Z 77 -25.99 -25.79 -2.18
C GLY Z 77 -25.08 -26.63 -3.03
N TRP Z 78 -23.93 -26.12 -3.42
CA TRP Z 78 -23.00 -26.91 -4.20
C TRP Z 78 -22.25 -27.89 -3.31
N SER Z 79 -21.55 -28.81 -3.95
CA SER Z 79 -20.74 -29.78 -3.24
C SER Z 79 -19.52 -30.09 -4.08
N ILE Z 80 -18.47 -30.58 -3.43
CA ILE Z 80 -17.27 -30.94 -4.19
C ILE Z 80 -17.46 -32.29 -4.86
N THR Z 81 -18.40 -33.09 -4.37
CA THR Z 81 -18.67 -34.38 -5.01
C THR Z 81 -19.66 -34.22 -6.15
N GLY Z 82 -20.25 -33.04 -6.28
CA GLY Z 82 -21.16 -32.73 -7.35
C GLY Z 82 -22.61 -33.07 -7.10
N GLU Z 83 -22.89 -33.91 -6.12
CA GLU Z 83 -24.27 -34.26 -5.77
C GLU Z 83 -24.88 -33.08 -5.03
N SER Z 84 -26.12 -32.74 -5.39
CA SER Z 84 -26.77 -31.58 -4.77
C SER Z 84 -27.21 -31.95 -3.37
N VAL Z 85 -27.38 -30.93 -2.54
CA VAL Z 85 -27.79 -31.11 -1.15
C VAL Z 85 -28.87 -30.07 -0.84
N SER Z 86 -29.85 -30.47 -0.03
CA SER Z 86 -30.88 -29.52 0.38
C SER Z 86 -30.43 -28.73 1.60
N ASN Z 87 -29.76 -29.38 2.53
CA ASN Z 87 -29.32 -28.70 3.74
C ASN Z 87 -28.06 -29.37 4.26
N PRO Z 88 -26.94 -28.65 4.34
CA PRO Z 88 -25.76 -29.19 4.99
C PRO Z 88 -25.73 -29.03 6.50
N GLY Z 89 -26.68 -28.32 7.06
CA GLY Z 89 -26.72 -28.14 8.49
C GLY Z 89 -25.74 -27.06 8.95
N ILE Z 90 -25.08 -27.36 10.06
CA ILE Z 90 -24.13 -26.40 10.61
C ILE Z 90 -22.76 -26.57 9.95
N TRP Z 91 -22.26 -27.79 9.89
CA TRP Z 91 -20.87 -27.98 9.49
C TRP Z 91 -20.81 -28.11 7.99
N SER Z 92 -20.73 -26.96 7.33
CA SER Z 92 -20.40 -26.80 5.94
C SER Z 92 -19.10 -26.01 5.89
N PHE Z 93 -18.74 -25.55 4.70
CA PHE Z 93 -17.56 -24.71 4.59
C PHE Z 93 -17.76 -23.37 5.28
N GLU Z 94 -18.95 -22.81 5.18
CA GLU Z 94 -19.20 -21.53 5.84
C GLU Z 94 -19.37 -21.73 7.34
N GLY Z 95 -19.83 -22.90 7.77
CA GLY Z 95 -20.03 -23.12 9.19
C GLY Z 95 -18.73 -23.31 9.93
N VAL Z 96 -17.75 -23.94 9.27
CA VAL Z 96 -16.44 -24.13 9.87
C VAL Z 96 -15.67 -22.83 9.92
N ALA Z 97 -15.71 -22.07 8.82
CA ALA Z 97 -15.04 -20.78 8.74
C ALA Z 97 -15.59 -19.79 9.75
N LEU Z 98 -16.90 -19.78 9.94
CA LEU Z 98 -17.49 -18.87 10.91
C LEU Z 98 -17.30 -19.36 12.33
N SER Z 99 -17.07 -20.65 12.55
CA SER Z 99 -16.87 -21.13 13.91
C SER Z 99 -15.42 -21.01 14.35
N HIS Z 100 -14.45 -21.05 13.43
CA HIS Z 100 -13.09 -20.72 13.84
C HIS Z 100 -12.92 -19.24 14.13
N ILE Z 101 -13.83 -18.39 13.64
CA ILE Z 101 -13.81 -16.97 14.00
C ILE Z 101 -14.38 -16.75 15.39
N ILE Z 102 -15.52 -17.39 15.69
CA ILE Z 102 -16.16 -17.25 17.00
C ILE Z 102 -15.27 -17.82 18.09
N LEU Z 103 -14.55 -18.89 17.78
CA LEU Z 103 -13.54 -19.42 18.69
C LEU Z 103 -12.40 -18.45 18.89
N SER Z 104 -12.05 -17.68 17.86
CA SER Z 104 -11.01 -16.70 17.98
C SER Z 104 -11.42 -15.54 18.88
N GLY Z 105 -12.67 -15.10 18.76
CA GLY Z 105 -13.14 -14.01 19.58
C GLY Z 105 -13.28 -14.36 21.04
N MET Z 106 -13.44 -15.64 21.36
CA MET Z 106 -13.56 -16.06 22.75
C MET Z 106 -12.21 -16.38 23.37
N CYS Z 107 -11.25 -16.87 22.59
CA CYS Z 107 -9.90 -16.97 23.09
C CYS Z 107 -9.24 -15.61 23.21
N PHE Z 108 -9.76 -14.61 22.50
CA PHE Z 108 -9.30 -13.24 22.69
C PHE Z 108 -9.77 -12.68 24.02
N LEU Z 109 -11.04 -12.87 24.35
CA LEU Z 109 -11.59 -12.33 25.58
C LEU Z 109 -11.10 -13.08 26.80
N ALA Z 110 -10.77 -14.36 26.65
CA ALA Z 110 -10.21 -15.10 27.76
C ALA Z 110 -8.78 -14.71 28.05
N ALA Z 111 -8.06 -14.26 27.01
CA ALA Z 111 -6.70 -13.80 27.21
C ALA Z 111 -6.66 -12.41 27.81
N ILE Z 112 -7.72 -11.62 27.68
CA ILE Z 112 -7.79 -10.37 28.42
C ILE Z 112 -8.00 -10.66 29.89
N TRP Z 113 -8.83 -11.66 30.22
CA TRP Z 113 -9.01 -12.06 31.62
C TRP Z 113 -7.71 -12.59 32.19
N HIS Z 114 -7.12 -13.57 31.53
CA HIS Z 114 -5.94 -14.24 32.05
C HIS Z 114 -4.71 -13.36 32.08
N TRP Z 115 -4.74 -12.20 31.45
CA TRP Z 115 -3.66 -11.24 31.55
C TRP Z 115 -3.86 -10.29 32.72
N VAL Z 116 -5.10 -9.83 32.91
CA VAL Z 116 -5.40 -8.90 33.98
C VAL Z 116 -5.31 -9.60 35.33
N TYR Z 117 -6.03 -10.71 35.47
CA TYR Z 117 -5.99 -11.50 36.71
C TYR Z 117 -4.84 -12.49 36.61
N TRP Z 118 -3.63 -11.95 36.66
CA TRP Z 118 -2.44 -12.77 36.58
C TRP Z 118 -2.09 -13.44 37.89
N ASP Z 119 -2.56 -12.90 39.00
CA ASP Z 119 -2.12 -13.33 40.31
C ASP Z 119 -3.17 -14.28 40.85
N LEU Z 120 -3.03 -15.55 40.54
CA LEU Z 120 -3.91 -16.58 41.06
C LEU Z 120 -3.12 -17.48 41.99
N GLU Z 121 -3.81 -18.01 42.99
CA GLU Z 121 -3.16 -18.85 44.00
C GLU Z 121 -2.76 -20.20 43.41
N LEU Z 122 -3.39 -20.59 42.30
CA LEU Z 122 -3.09 -21.85 41.63
C LEU Z 122 -1.65 -21.93 41.17
N PHE Z 123 -1.05 -20.80 40.81
CA PHE Z 123 0.28 -20.84 40.24
C PHE Z 123 1.36 -20.62 41.29
N ARG Z 124 0.98 -20.36 42.52
CA ARG Z 124 1.98 -20.18 43.56
C ARG Z 124 2.45 -21.54 44.06
N ASP Z 125 3.66 -21.55 44.55
CA ASP Z 125 4.18 -22.70 45.27
C ASP Z 125 3.62 -22.67 46.69
N PRO Z 126 2.98 -23.75 47.16
CA PRO Z 126 2.55 -23.78 48.56
C PRO Z 126 3.68 -24.03 49.55
N ARG Z 127 4.91 -24.23 49.10
CA ARG Z 127 6.04 -24.43 49.99
C ARG Z 127 7.01 -23.27 50.03
N THR Z 128 7.11 -22.48 48.97
CA THR Z 128 7.97 -21.31 48.96
C THR Z 128 7.24 -20.01 48.69
N GLY Z 129 6.15 -20.04 47.93
CA GLY Z 129 5.42 -18.84 47.58
C GLY Z 129 5.77 -18.26 46.24
N GLU Z 130 6.85 -18.72 45.62
CA GLU Z 130 7.29 -18.20 44.33
C GLU Z 130 6.57 -18.92 43.21
N PRO Z 131 6.25 -18.24 42.10
CA PRO Z 131 5.41 -18.84 41.05
C PRO Z 131 6.08 -19.97 40.32
N ALA Z 132 5.49 -21.15 40.41
CA ALA Z 132 6.11 -22.37 39.92
C ALA Z 132 5.08 -23.18 39.14
N LEU Z 133 5.57 -23.96 38.19
CA LEU Z 133 4.74 -24.88 37.42
C LEU Z 133 5.32 -26.28 37.54
N ASP Z 134 4.51 -27.22 38.01
CA ASP Z 134 4.97 -28.59 38.17
C ASP Z 134 5.03 -29.28 36.83
N LEU Z 135 6.05 -29.00 36.06
CA LEU Z 135 6.21 -29.50 34.70
C LEU Z 135 6.19 -31.02 34.49
N PRO Z 136 6.56 -31.88 35.44
CA PRO Z 136 6.27 -33.31 35.21
C PRO Z 136 4.80 -33.67 35.25
N LYS Z 137 4.00 -33.07 36.14
CA LYS Z 137 2.60 -33.47 36.21
C LYS Z 137 1.76 -32.70 35.20
N ILE Z 138 2.18 -31.50 34.81
CA ILE Z 138 1.53 -30.79 33.71
C ILE Z 138 1.70 -31.58 32.43
N PHE Z 139 2.84 -32.24 32.28
CA PHE Z 139 3.00 -33.12 31.13
C PHE Z 139 2.15 -34.36 31.24
N GLY Z 140 1.87 -34.84 32.45
CA GLY Z 140 1.01 -36.00 32.59
C GLY Z 140 -0.42 -35.70 32.22
N ILE Z 141 -0.89 -34.51 32.59
CA ILE Z 141 -2.26 -34.12 32.29
C ILE Z 141 -2.42 -33.88 30.79
N HIS Z 142 -1.53 -33.07 30.23
CA HIS Z 142 -1.64 -32.66 28.84
C HIS Z 142 -1.28 -33.78 27.87
N LEU Z 143 -0.60 -34.84 28.31
CA LEU Z 143 -0.42 -36.01 27.46
C LEU Z 143 -1.60 -36.97 27.56
N PHE Z 144 -2.23 -37.03 28.74
CA PHE Z 144 -3.41 -37.85 28.88
C PHE Z 144 -4.58 -37.29 28.08
N LEU Z 145 -4.66 -35.96 27.96
CA LEU Z 145 -5.71 -35.37 27.13
C LEU Z 145 -5.48 -35.67 25.68
N SER Z 146 -4.23 -35.64 25.24
CA SER Z 146 -3.93 -35.88 23.84
C SER Z 146 -4.00 -37.35 23.51
N GLY Z 147 -3.99 -38.21 24.51
CA GLY Z 147 -4.33 -39.59 24.27
C GLY Z 147 -5.80 -39.76 23.98
N LEU Z 148 -6.64 -38.98 24.65
CA LEU Z 148 -8.08 -39.08 24.43
C LEU Z 148 -8.48 -38.49 23.09
N LEU Z 149 -7.86 -37.38 22.71
CA LEU Z 149 -8.22 -36.76 21.43
C LEU Z 149 -7.61 -37.50 20.26
N CYS Z 150 -6.58 -38.30 20.50
CA CYS Z 150 -6.07 -39.16 19.45
C CYS Z 150 -6.94 -40.39 19.30
N PHE Z 151 -7.19 -41.07 20.42
CA PHE Z 151 -8.02 -42.25 20.38
C PHE Z 151 -9.45 -41.92 20.01
N GLY Z 152 -9.93 -40.78 20.49
CA GLY Z 152 -11.28 -40.37 20.11
C GLY Z 152 -11.40 -40.05 18.65
N PHE Z 153 -10.34 -39.52 18.05
CA PHE Z 153 -10.40 -39.19 16.63
C PHE Z 153 -10.38 -40.42 15.77
N GLY Z 154 -9.48 -41.34 16.05
CA GLY Z 154 -9.34 -42.50 15.20
C GLY Z 154 -10.48 -43.48 15.35
N ALA Z 155 -11.08 -43.53 16.54
CA ALA Z 155 -12.13 -44.52 16.77
C ALA Z 155 -13.49 -43.99 16.35
N PHE Z 156 -13.69 -42.69 16.41
CA PHE Z 156 -15.01 -42.15 16.18
C PHE Z 156 -15.10 -41.30 14.94
N HIS Z 157 -14.18 -40.37 14.73
CA HIS Z 157 -14.28 -39.55 13.53
C HIS Z 157 -13.91 -40.35 12.32
N VAL Z 158 -12.85 -41.15 12.41
CA VAL Z 158 -12.31 -41.80 11.24
C VAL Z 158 -13.09 -43.04 10.88
N THR Z 159 -13.25 -43.97 11.83
CA THR Z 159 -13.90 -45.24 11.52
C THR Z 159 -15.39 -45.11 11.28
N GLY Z 160 -15.98 -43.93 11.46
CA GLY Z 160 -17.36 -43.73 11.14
C GLY Z 160 -18.31 -44.30 12.14
N LEU Z 161 -17.79 -44.71 13.30
CA LEU Z 161 -18.65 -45.01 14.44
C LEU Z 161 -19.49 -43.80 14.79
N PHE Z 162 -18.84 -42.69 15.11
CA PHE Z 162 -19.49 -41.43 15.38
C PHE Z 162 -18.87 -40.32 14.55
N GLY Z 163 -18.74 -40.53 13.24
CA GLY Z 163 -18.11 -39.52 12.43
C GLY Z 163 -18.23 -39.78 10.96
N PRO Z 164 -17.88 -38.82 10.15
CA PRO Z 164 -17.98 -39.01 8.71
C PRO Z 164 -16.91 -39.90 8.10
N GLY Z 165 -15.66 -39.74 8.51
CA GLY Z 165 -14.58 -40.52 7.97
C GLY Z 165 -13.64 -39.68 7.15
N ILE Z 166 -12.69 -40.37 6.50
CA ILE Z 166 -11.64 -39.74 5.71
C ILE Z 166 -12.10 -39.73 4.26
N TRP Z 167 -11.76 -38.65 3.55
CA TRP Z 167 -11.78 -38.68 2.09
C TRP Z 167 -10.86 -39.78 1.59
N VAL Z 168 -11.42 -40.77 0.92
CA VAL Z 168 -10.66 -41.80 0.24
C VAL Z 168 -10.86 -41.63 -1.26
N SER Z 169 -10.10 -42.40 -2.03
CA SER Z 169 -10.18 -42.32 -3.47
C SER Z 169 -9.70 -43.64 -4.05
N ASP Z 170 -9.80 -43.75 -5.38
CA ASP Z 170 -9.24 -44.90 -6.06
C ASP Z 170 -7.76 -44.66 -6.35
N ALA Z 171 -7.17 -45.53 -7.16
CA ALA Z 171 -5.73 -45.44 -7.40
C ALA Z 171 -5.41 -44.35 -8.40
N TYR Z 172 -6.38 -43.90 -9.19
CA TYR Z 172 -6.10 -43.01 -10.30
C TYR Z 172 -6.92 -41.74 -10.24
N GLY Z 173 -7.45 -41.40 -9.07
CA GLY Z 173 -8.01 -40.07 -8.87
C GLY Z 173 -9.25 -39.78 -9.67
N ILE Z 174 -10.07 -40.78 -9.92
CA ILE Z 174 -11.32 -40.57 -10.65
C ILE Z 174 -12.45 -40.46 -9.66
N THR Z 175 -12.66 -41.51 -8.88
CA THR Z 175 -13.72 -41.55 -7.89
C THR Z 175 -13.15 -41.27 -6.52
N GLY Z 176 -13.90 -40.53 -5.72
CA GLY Z 176 -13.48 -40.25 -4.37
C GLY Z 176 -14.64 -39.75 -3.55
N LYS Z 177 -14.74 -40.22 -2.32
CA LYS Z 177 -15.84 -39.78 -1.46
C LYS Z 177 -15.41 -39.93 -0.01
N VAL Z 178 -16.06 -39.15 0.83
CA VAL Z 178 -15.90 -39.27 2.27
C VAL Z 178 -16.62 -40.52 2.73
N GLN Z 179 -15.88 -41.45 3.35
CA GLN Z 179 -16.55 -42.63 3.86
C GLN Z 179 -15.81 -43.10 5.10
N PRO Z 180 -16.47 -43.83 5.99
CA PRO Z 180 -15.77 -44.47 7.10
C PRO Z 180 -14.76 -45.49 6.62
N VAL Z 181 -13.66 -45.58 7.37
CA VAL Z 181 -12.53 -46.40 7.00
C VAL Z 181 -12.26 -47.37 8.13
N ALA Z 182 -12.39 -48.64 7.87
CA ALA Z 182 -12.11 -49.60 8.91
C ALA Z 182 -10.60 -49.80 9.04
N PRO Z 183 -10.08 -49.94 10.25
CA PRO Z 183 -8.63 -49.99 10.42
C PRO Z 183 -8.02 -51.31 9.97
N ALA Z 184 -6.80 -51.21 9.46
CA ALA Z 184 -6.02 -52.37 9.04
C ALA Z 184 -4.88 -52.54 10.04
N TRP Z 185 -4.92 -53.63 10.79
CA TRP Z 185 -4.04 -53.81 11.93
C TRP Z 185 -2.73 -54.51 11.59
N GLY Z 186 -2.65 -55.17 10.45
CA GLY Z 186 -1.48 -55.97 10.13
C GLY Z 186 -0.28 -55.15 9.74
N ALA Z 187 0.59 -55.75 8.93
CA ALA Z 187 1.71 -54.99 8.39
C ALA Z 187 1.25 -54.11 7.26
N ASP Z 188 0.04 -54.33 6.76
CA ASP Z 188 -0.52 -53.50 5.71
C ASP Z 188 -0.92 -52.13 6.23
N GLY Z 189 -0.98 -51.96 7.55
CA GLY Z 189 -1.28 -50.66 8.10
C GLY Z 189 -0.15 -49.66 7.89
N PHE Z 190 1.06 -50.16 7.70
CA PHE Z 190 2.19 -49.26 7.53
C PHE Z 190 2.44 -48.95 6.06
N ASN Z 191 1.64 -49.50 5.17
CA ASN Z 191 1.53 -48.97 3.83
C ASN Z 191 0.85 -47.61 3.96
N PRO Z 192 1.53 -46.52 3.64
CA PRO Z 192 0.97 -45.20 3.88
C PRO Z 192 -0.08 -44.80 2.90
N PHE Z 193 -0.25 -45.54 1.81
CA PHE Z 193 -1.32 -45.28 0.89
C PHE Z 193 -2.57 -46.06 1.26
N ASN Z 194 -2.49 -46.88 2.30
CA ASN Z 194 -3.66 -47.55 2.87
C ASN Z 194 -4.32 -46.57 3.82
N PRO Z 195 -5.58 -46.19 3.59
CA PRO Z 195 -6.24 -45.31 4.55
C PRO Z 195 -6.61 -46.01 5.85
N GLY Z 196 -6.59 -47.34 5.84
CA GLY Z 196 -6.85 -48.07 7.06
C GLY Z 196 -5.73 -47.97 8.07
N GLY Z 197 -4.53 -47.65 7.61
CA GLY Z 197 -3.43 -47.49 8.53
C GLY Z 197 -3.53 -46.21 9.34
N ILE Z 198 -4.22 -45.21 8.80
CA ILE Z 198 -4.45 -43.97 9.53
C ILE Z 198 -5.43 -44.19 10.67
N ALA Z 199 -6.48 -44.97 10.41
CA ALA Z 199 -7.43 -45.35 11.45
C ALA Z 199 -6.79 -46.24 12.48
N ALA Z 200 -5.93 -47.16 12.05
CA ALA Z 200 -5.27 -48.04 12.99
C ALA Z 200 -4.23 -47.31 13.79
N HIS Z 201 -3.66 -46.23 13.25
CA HIS Z 201 -2.65 -45.50 13.98
C HIS Z 201 -3.25 -44.75 15.15
N HIS Z 202 -4.20 -43.86 14.87
CA HIS Z 202 -4.75 -43.00 15.91
C HIS Z 202 -5.56 -43.77 16.95
N ILE Z 203 -5.99 -45.00 16.65
CA ILE Z 203 -6.58 -45.84 17.67
C ILE Z 203 -5.50 -46.48 18.54
N ALA Z 204 -4.47 -47.05 17.91
CA ALA Z 204 -3.41 -47.69 18.68
C ALA Z 204 -2.61 -46.67 19.46
N ALA Z 205 -2.04 -45.69 18.78
CA ALA Z 205 -1.19 -44.70 19.44
C ALA Z 205 -1.95 -43.75 20.34
N GLY Z 206 -3.28 -43.75 20.32
CA GLY Z 206 -4.04 -43.00 21.29
C GLY Z 206 -4.04 -43.72 22.62
N ILE Z 207 -4.10 -45.05 22.58
CA ILE Z 207 -4.06 -45.86 23.80
C ILE Z 207 -2.72 -45.73 24.48
N PHE Z 208 -1.64 -45.75 23.70
CA PHE Z 208 -0.30 -45.54 24.23
C PHE Z 208 -0.15 -44.14 24.81
N GLY Z 209 -0.92 -43.18 24.29
CA GLY Z 209 -0.88 -41.85 24.85
C GLY Z 209 -1.81 -41.67 26.03
N ILE Z 210 -2.84 -42.50 26.12
CA ILE Z 210 -3.65 -42.51 27.33
C ILE Z 210 -2.86 -43.08 28.50
N PHE Z 211 -2.25 -44.24 28.31
CA PHE Z 211 -1.59 -44.91 29.41
C PHE Z 211 -0.15 -44.48 29.61
N ALA Z 212 0.33 -43.52 28.82
CA ALA Z 212 1.57 -42.83 29.18
C ALA Z 212 1.28 -41.64 30.08
N GLY Z 213 0.11 -41.02 29.91
CA GLY Z 213 -0.32 -40.00 30.83
C GLY Z 213 -0.69 -40.59 32.18
N ILE Z 214 -1.15 -41.83 32.19
CA ILE Z 214 -1.37 -42.51 33.45
C ILE Z 214 -0.04 -42.80 34.14
N PHE Z 215 0.99 -43.07 33.34
CA PHE Z 215 2.31 -43.19 33.93
C PHE Z 215 2.84 -41.84 34.36
N HIS Z 216 2.82 -40.85 33.47
CA HIS Z 216 3.53 -39.60 33.74
C HIS Z 216 2.74 -38.70 34.70
N LEU Z 217 1.56 -39.12 35.16
CA LEU Z 217 0.93 -38.47 36.30
C LEU Z 217 1.49 -38.99 37.62
N THR Z 218 1.54 -40.30 37.76
CA THR Z 218 1.80 -40.88 39.07
C THR Z 218 3.29 -40.87 39.42
N VAL Z 219 4.12 -41.40 38.53
CA VAL Z 219 5.53 -41.63 38.82
C VAL Z 219 6.28 -40.31 38.64
N ARG Z 220 6.99 -39.90 39.69
CA ARG Z 220 7.81 -38.71 39.69
C ARG Z 220 9.14 -38.97 38.98
N PRO Z 221 9.80 -37.94 38.47
CA PRO Z 221 11.08 -38.14 37.78
C PRO Z 221 12.17 -38.59 38.73
N PRO Z 222 13.22 -39.22 38.21
CA PRO Z 222 14.35 -39.57 39.05
C PRO Z 222 15.11 -38.33 39.46
N GLN Z 223 15.99 -38.49 40.46
CA GLN Z 223 16.82 -37.38 40.89
C GLN Z 223 17.84 -37.03 39.81
N ARG Z 224 18.31 -38.03 39.08
CA ARG Z 224 19.29 -37.78 38.03
C ARG Z 224 18.65 -37.06 36.85
N LEU Z 225 17.53 -37.57 36.35
CA LEU Z 225 16.90 -36.95 35.18
C LEU Z 225 16.26 -35.62 35.50
N TYR Z 226 15.93 -35.34 36.76
CA TYR Z 226 15.42 -34.03 37.10
C TYR Z 226 16.52 -32.99 37.05
N ARG Z 227 17.75 -33.40 37.32
CA ARG Z 227 18.87 -32.46 37.24
C ARG Z 227 19.50 -32.44 35.87
N ALA Z 228 19.57 -33.59 35.19
CA ALA Z 228 20.26 -33.66 33.91
C ALA Z 228 19.49 -32.93 32.82
N LEU Z 229 18.18 -33.10 32.79
CA LEU Z 229 17.35 -32.43 31.79
C LEU Z 229 16.77 -31.12 32.30
N ARG Z 230 17.15 -30.70 33.50
CA ARG Z 230 16.83 -29.37 34.06
C ARG Z 230 15.33 -29.13 34.14
N MET Z 231 14.61 -30.10 34.72
CA MET Z 231 13.15 -30.07 34.64
C MET Z 231 12.53 -29.02 35.55
N GLY Z 232 13.32 -28.32 36.35
CA GLY Z 232 12.80 -27.17 37.07
C GLY Z 232 12.66 -25.95 36.17
N ASN Z 233 13.52 -25.85 35.16
CA ASN Z 233 13.46 -24.76 34.20
C ASN Z 233 12.31 -25.01 33.24
N ILE Z 234 11.70 -23.93 32.75
CA ILE Z 234 10.61 -24.09 31.81
C ILE Z 234 11.14 -24.13 30.38
N GLU Z 235 12.39 -23.71 30.17
CA GLU Z 235 12.87 -23.66 28.80
C GLU Z 235 13.25 -25.04 28.28
N THR Z 236 13.48 -26.01 29.17
CA THR Z 236 13.68 -27.38 28.71
C THR Z 236 12.40 -27.98 28.17
N VAL Z 237 11.25 -27.39 28.49
CA VAL Z 237 10.05 -27.77 27.79
C VAL Z 237 10.08 -27.21 26.38
N LEU Z 238 10.49 -25.95 26.23
CA LEU Z 238 10.50 -25.29 24.94
C LEU Z 238 11.60 -25.79 24.04
N SER Z 239 12.73 -26.18 24.64
CA SER Z 239 13.85 -26.69 23.87
C SER Z 239 13.49 -27.98 23.17
N SER Z 240 12.71 -28.80 23.84
CA SER Z 240 12.37 -30.12 23.37
C SER Z 240 11.01 -30.17 22.73
N SER Z 241 10.16 -29.17 22.96
CA SER Z 241 8.93 -29.09 22.19
C SER Z 241 9.19 -28.72 20.76
N ILE Z 242 10.15 -27.83 20.54
CA ILE Z 242 10.54 -27.44 19.18
C ILE Z 242 11.12 -28.63 18.43
N SER Z 243 11.90 -29.48 19.11
CA SER Z 243 12.41 -30.69 18.49
C SER Z 243 11.29 -31.65 18.09
N ALA Z 244 10.18 -31.64 18.81
CA ALA Z 244 9.05 -32.45 18.45
C ALA Z 244 8.14 -31.78 17.45
N VAL Z 245 8.52 -30.63 16.93
CA VAL Z 245 7.66 -29.86 16.04
C VAL Z 245 8.27 -29.73 14.65
N PHE Z 246 9.59 -29.52 14.53
CA PHE Z 246 10.15 -29.61 13.19
C PHE Z 246 10.25 -31.07 12.75
N PHE Z 247 10.41 -31.99 13.69
CA PHE Z 247 10.38 -33.40 13.34
C PHE Z 247 9.04 -33.78 12.76
N ALA Z 248 7.98 -33.20 13.28
CA ALA Z 248 6.66 -33.41 12.70
C ALA Z 248 6.51 -32.68 11.38
N ALA Z 249 7.32 -31.64 11.15
CA ALA Z 249 7.12 -30.83 9.95
C ALA Z 249 7.92 -31.37 8.78
N PHE Z 250 8.97 -32.15 9.03
CA PHE Z 250 9.58 -32.86 7.92
C PHE Z 250 8.72 -34.00 7.44
N VAL Z 251 7.96 -34.60 8.36
CA VAL Z 251 7.13 -35.73 8.00
C VAL Z 251 5.95 -35.28 7.14
N THR Z 252 5.27 -34.22 7.55
CA THR Z 252 4.10 -33.78 6.80
C THR Z 252 4.50 -33.16 5.48
N SER Z 253 5.65 -32.49 5.44
CA SER Z 253 6.14 -32.01 4.17
C SER Z 253 6.69 -33.15 3.33
N GLY Z 254 7.10 -34.23 3.97
CA GLY Z 254 7.51 -35.40 3.21
C GLY Z 254 6.34 -36.12 2.60
N THR Z 255 5.33 -36.44 3.39
CA THR Z 255 4.21 -37.19 2.87
C THR Z 255 3.25 -36.35 2.06
N MET Z 256 3.40 -35.03 2.07
CA MET Z 256 2.69 -34.24 1.08
C MET Z 256 3.39 -34.32 -0.26
N TRP Z 257 4.70 -34.37 -0.25
CA TRP Z 257 5.46 -34.29 -1.48
C TRP Z 257 5.56 -35.63 -2.18
N TYR Z 258 5.68 -36.71 -1.42
CA TYR Z 258 5.74 -38.01 -2.05
C TYR Z 258 4.37 -38.63 -2.21
N GLY Z 259 3.36 -38.10 -1.57
CA GLY Z 259 2.04 -38.67 -1.64
C GLY Z 259 1.80 -39.68 -0.53
N ALA Z 260 0.59 -39.64 0.02
CA ALA Z 260 0.14 -40.63 0.98
C ALA Z 260 -1.37 -40.70 0.88
N ALA Z 261 -1.96 -41.59 1.67
CA ALA Z 261 -3.41 -41.68 1.70
C ALA Z 261 -4.01 -40.49 2.41
N ALA Z 262 -3.24 -39.84 3.27
CA ALA Z 262 -3.66 -38.60 3.91
C ALA Z 262 -3.51 -37.40 3.00
N THR Z 263 -2.98 -37.56 1.79
CA THR Z 263 -2.89 -36.48 0.81
C THR Z 263 -3.44 -37.01 -0.50
N PRO Z 264 -4.75 -36.93 -0.71
CA PRO Z 264 -5.32 -37.49 -1.93
C PRO Z 264 -5.06 -36.56 -3.10
N ILE Z 265 -4.85 -37.13 -4.27
CA ILE Z 265 -4.50 -36.34 -5.45
C ILE Z 265 -5.75 -35.74 -6.07
N GLU Z 266 -6.90 -36.02 -5.50
CA GLU Z 266 -8.10 -35.32 -5.89
C GLU Z 266 -8.30 -34.04 -5.12
N LEU Z 267 -7.54 -33.82 -4.06
CA LEU Z 267 -7.66 -32.60 -3.28
C LEU Z 267 -6.44 -31.70 -3.38
N PHE Z 268 -5.25 -32.26 -3.35
CA PHE Z 268 -4.06 -31.46 -3.42
C PHE Z 268 -3.44 -31.42 -4.80
N GLY Z 269 -3.85 -32.32 -5.69
CA GLY Z 269 -3.28 -32.38 -7.00
C GLY Z 269 -2.26 -33.49 -7.06
N PRO Z 270 -1.80 -33.83 -8.26
CA PRO Z 270 -0.88 -34.95 -8.42
C PRO Z 270 0.51 -34.61 -7.94
N THR Z 271 1.26 -35.64 -7.58
CA THR Z 271 2.65 -35.43 -7.22
C THR Z 271 3.50 -35.35 -8.49
N ARG Z 272 4.80 -35.09 -8.30
CA ARG Z 272 5.68 -35.01 -9.46
C ARG Z 272 6.13 -36.40 -9.88
N TYR Z 273 5.96 -37.38 -9.00
CA TYR Z 273 6.40 -38.73 -9.30
C TYR Z 273 5.34 -39.46 -10.11
N GLN Z 274 4.18 -38.83 -10.28
CA GLN Z 274 3.19 -39.33 -11.19
C GLN Z 274 3.38 -38.77 -12.59
N TRP Z 275 4.28 -37.81 -12.75
CA TRP Z 275 4.69 -37.40 -14.09
C TRP Z 275 5.99 -38.05 -14.52
N ASP Z 276 6.89 -38.28 -13.57
CA ASP Z 276 8.20 -38.82 -13.92
C ASP Z 276 8.11 -40.27 -14.34
N SER Z 277 7.27 -41.06 -13.66
CA SER Z 277 7.13 -42.46 -13.99
C SER Z 277 6.11 -42.72 -15.07
N GLY Z 278 5.39 -41.71 -15.54
CA GLY Z 278 4.32 -41.92 -16.48
C GLY Z 278 3.15 -42.66 -15.86
N TYR Z 279 2.76 -42.27 -14.66
CA TYR Z 279 1.76 -43.00 -13.91
C TYR Z 279 0.38 -42.90 -14.52
N PHE Z 280 0.10 -41.81 -15.24
CA PHE Z 280 -1.16 -41.67 -15.93
C PHE Z 280 -1.08 -41.96 -17.41
N GLN Z 281 0.12 -41.87 -18.00
CA GLN Z 281 0.26 -42.26 -19.40
C GLN Z 281 0.04 -43.76 -19.56
N GLN Z 282 0.60 -44.53 -18.63
CA GLN Z 282 0.45 -45.98 -18.71
C GLN Z 282 -0.97 -46.41 -18.36
N GLU Z 283 -1.69 -45.56 -17.62
CA GLU Z 283 -3.04 -45.93 -17.23
C GLU Z 283 -4.05 -45.62 -18.31
N ILE Z 284 -3.87 -44.50 -19.01
CA ILE Z 284 -4.78 -44.16 -20.11
C ILE Z 284 -4.61 -45.15 -21.24
N GLU Z 285 -3.38 -45.60 -21.50
CA GLU Z 285 -3.16 -46.64 -22.50
C GLU Z 285 -3.76 -47.97 -22.07
N ARG Z 286 -3.71 -48.27 -20.77
CA ARG Z 286 -4.25 -49.53 -20.28
C ARG Z 286 -5.76 -49.62 -20.41
N GLN Z 287 -6.46 -48.49 -20.29
CA GLN Z 287 -7.89 -48.47 -20.53
C GLN Z 287 -8.25 -48.38 -22.00
N VAL Z 288 -7.26 -48.35 -22.90
CA VAL Z 288 -7.49 -48.34 -24.33
C VAL Z 288 -7.06 -49.68 -24.88
N GLU Z 289 -6.01 -50.27 -24.29
CA GLU Z 289 -5.59 -51.62 -24.67
C GLU Z 289 -6.66 -52.65 -24.35
N THR Z 290 -7.45 -52.41 -23.31
CA THR Z 290 -8.55 -53.32 -23.02
C THR Z 290 -9.79 -52.96 -23.82
N SER Z 291 -9.91 -51.70 -24.26
CA SER Z 291 -11.07 -51.31 -25.05
C SER Z 291 -10.93 -51.79 -26.49
N VAL Z 292 -9.73 -51.63 -27.07
CA VAL Z 292 -9.48 -52.07 -28.44
C VAL Z 292 -9.54 -53.59 -28.52
N SER Z 293 -9.11 -54.28 -27.47
CA SER Z 293 -9.18 -55.75 -27.45
C SER Z 293 -10.60 -56.25 -27.40
N GLU Z 294 -11.54 -55.43 -26.93
CA GLU Z 294 -12.96 -55.78 -26.97
C GLU Z 294 -13.64 -55.24 -28.22
N GLY Z 295 -13.03 -55.45 -29.37
CA GLY Z 295 -13.58 -55.12 -30.68
C GLY Z 295 -14.11 -53.73 -30.89
N LEU Z 296 -13.23 -52.72 -30.90
CA LEU Z 296 -13.67 -51.35 -31.10
C LEU Z 296 -12.84 -50.68 -32.18
N SER Z 297 -13.40 -49.61 -32.72
CA SER Z 297 -12.60 -48.67 -33.48
C SER Z 297 -11.77 -47.86 -32.50
N GLU Z 298 -10.76 -47.17 -33.04
CA GLU Z 298 -9.81 -46.48 -32.19
C GLU Z 298 -10.42 -45.24 -31.56
N SER Z 299 -11.20 -44.48 -32.33
CA SER Z 299 -11.76 -43.23 -31.82
C SER Z 299 -12.86 -43.50 -30.80
N GLN Z 300 -13.46 -44.69 -30.83
CA GLN Z 300 -14.41 -45.05 -29.79
C GLN Z 300 -13.69 -45.50 -28.53
N ALA Z 301 -12.45 -45.96 -28.68
CA ALA Z 301 -11.69 -46.37 -27.50
C ALA Z 301 -11.21 -45.15 -26.72
N TRP Z 302 -10.78 -44.10 -27.42
CA TRP Z 302 -10.28 -42.93 -26.73
C TRP Z 302 -11.42 -42.09 -26.19
N SER Z 303 -12.64 -42.30 -26.70
CA SER Z 303 -13.78 -41.53 -26.23
C SER Z 303 -14.27 -42.04 -24.88
N ARG Z 304 -13.87 -43.25 -24.48
CA ARG Z 304 -14.28 -43.75 -23.18
C ARG Z 304 -13.46 -43.14 -22.06
N ILE Z 305 -12.29 -42.60 -22.38
CA ILE Z 305 -11.39 -42.02 -21.39
C ILE Z 305 -12.03 -40.76 -20.81
N PRO Z 306 -12.13 -40.65 -19.49
CA PRO Z 306 -12.72 -39.44 -18.90
C PRO Z 306 -11.81 -38.24 -19.10
N ASP Z 307 -12.42 -37.07 -19.04
CA ASP Z 307 -11.64 -35.84 -19.17
C ASP Z 307 -10.78 -35.62 -17.94
N LYS Z 308 -11.20 -36.14 -16.79
CA LYS Z 308 -10.43 -35.97 -15.56
C LYS Z 308 -9.15 -36.78 -15.61
N LEU Z 309 -9.19 -37.98 -16.18
CA LEU Z 309 -8.02 -38.85 -16.19
C LEU Z 309 -6.94 -38.30 -17.11
N ALA Z 310 -7.33 -37.69 -18.22
CA ALA Z 310 -6.36 -37.07 -19.10
C ALA Z 310 -5.89 -35.74 -18.55
N PHE Z 311 -6.64 -35.17 -17.60
CA PHE Z 311 -6.26 -33.88 -17.05
C PHE Z 311 -5.09 -34.02 -16.08
N TYR Z 312 -4.92 -35.19 -15.49
CA TYR Z 312 -3.74 -35.40 -14.68
C TYR Z 312 -2.52 -35.65 -15.55
N ASP Z 313 -2.74 -36.13 -16.76
CA ASP Z 313 -1.64 -36.35 -17.69
C ASP Z 313 -1.33 -35.05 -18.42
N TYR Z 314 -0.86 -34.06 -17.69
CA TYR Z 314 -0.64 -32.72 -18.21
C TYR Z 314 0.44 -32.08 -17.38
N ILE Z 315 1.41 -31.44 -18.04
CA ILE Z 315 2.58 -30.97 -17.32
C ILE Z 315 2.26 -29.73 -16.52
N GLY Z 316 1.18 -29.03 -16.84
CA GLY Z 316 0.83 -27.87 -16.05
C GLY Z 316 0.25 -28.19 -14.70
N ASN Z 317 -0.10 -29.45 -14.44
CA ASN Z 317 -0.57 -29.88 -13.15
C ASN Z 317 0.53 -30.46 -12.28
N ASN Z 318 1.72 -30.60 -12.83
CA ASN Z 318 2.89 -30.98 -12.06
C ASN Z 318 3.25 -29.85 -11.11
N PRO Z 319 3.40 -30.10 -9.81
CA PRO Z 319 3.85 -29.04 -8.90
C PRO Z 319 5.30 -28.65 -9.08
N ALA Z 320 6.09 -29.45 -9.80
CA ALA Z 320 7.48 -29.13 -10.05
C ALA Z 320 7.69 -28.31 -11.31
N LYS Z 321 6.68 -27.56 -11.73
CA LYS Z 321 6.79 -26.69 -12.87
C LYS Z 321 6.65 -25.22 -12.53
N GLY Z 322 6.12 -24.89 -11.37
CA GLY Z 322 5.89 -23.51 -11.02
C GLY Z 322 7.15 -22.79 -10.64
N GLY Z 323 6.96 -21.54 -10.22
CA GLY Z 323 8.06 -20.73 -9.76
C GLY Z 323 7.74 -20.19 -8.38
N LEU Z 324 8.72 -19.49 -7.81
CA LEU Z 324 8.53 -19.04 -6.45
C LEU Z 324 7.80 -17.71 -6.38
N PHE Z 325 8.28 -16.70 -7.10
CA PHE Z 325 7.78 -15.36 -6.94
C PHE Z 325 6.66 -15.03 -7.91
N ARG Z 326 6.24 -15.97 -8.73
CA ARG Z 326 4.97 -15.87 -9.40
C ARG Z 326 3.88 -16.30 -8.43
N ALA Z 327 2.73 -15.65 -8.51
CA ALA Z 327 1.76 -15.77 -7.45
C ALA Z 327 0.40 -16.16 -8.01
N GLY Z 328 -0.46 -16.65 -7.12
CA GLY Z 328 -1.82 -16.90 -7.47
C GLY Z 328 -2.10 -18.37 -7.75
N PRO Z 329 -3.30 -18.66 -8.21
CA PRO Z 329 -3.68 -20.05 -8.48
C PRO Z 329 -3.02 -20.55 -9.76
N MET Z 330 -3.25 -21.83 -10.02
CA MET Z 330 -2.74 -22.40 -11.26
C MET Z 330 -3.55 -21.95 -12.46
N ASN Z 331 -4.77 -21.49 -12.24
CA ASN Z 331 -5.60 -20.98 -13.34
C ASN Z 331 -5.07 -19.65 -13.85
N LYS Z 332 -4.25 -18.98 -13.06
CA LYS Z 332 -3.52 -17.82 -13.53
C LYS Z 332 -2.45 -18.22 -14.54
N GLY Z 333 -2.06 -19.48 -14.53
CA GLY Z 333 -1.06 -20.02 -15.43
C GLY Z 333 -1.41 -19.97 -16.90
N ASP Z 334 -2.50 -20.62 -17.29
CA ASP Z 334 -2.93 -20.60 -18.67
C ASP Z 334 -4.43 -20.46 -18.85
N GLY Z 335 -5.19 -20.38 -17.77
CA GLY Z 335 -6.62 -20.20 -17.86
C GLY Z 335 -7.38 -21.43 -17.43
N ILE Z 336 -8.68 -21.24 -17.23
CA ILE Z 336 -9.54 -22.32 -16.80
C ILE Z 336 -9.76 -23.27 -17.97
N ALA Z 337 -9.53 -24.56 -17.74
CA ALA Z 337 -9.67 -25.55 -18.78
C ALA Z 337 -11.13 -25.70 -19.18
N GLU Z 338 -11.37 -25.89 -20.47
CA GLU Z 338 -12.71 -26.03 -20.99
C GLU Z 338 -13.01 -27.45 -21.43
N ALA Z 339 -12.19 -27.99 -22.31
CA ALA Z 339 -12.46 -29.31 -22.86
C ALA Z 339 -11.16 -29.98 -23.23
N TRP Z 340 -11.26 -31.26 -23.51
CA TRP Z 340 -10.11 -32.05 -23.90
C TRP Z 340 -10.08 -32.10 -25.41
N LEU Z 341 -8.96 -31.67 -26.00
CA LEU Z 341 -8.90 -31.60 -27.46
C LEU Z 341 -8.69 -32.96 -28.08
N GLY Z 342 -8.22 -33.91 -27.30
CA GLY Z 342 -8.13 -35.26 -27.82
C GLY Z 342 -6.71 -35.76 -27.72
N HIS Z 343 -6.49 -36.95 -28.25
CA HIS Z 343 -5.18 -37.59 -28.20
C HIS Z 343 -4.59 -37.65 -29.59
N PRO Z 344 -3.66 -36.76 -29.94
CA PRO Z 344 -3.08 -36.80 -31.27
C PRO Z 344 -2.15 -37.97 -31.45
N ILE Z 345 -2.25 -38.61 -32.59
CA ILE Z 345 -1.35 -39.71 -32.97
C ILE Z 345 -0.65 -39.32 -34.26
N PHE Z 346 0.67 -39.31 -34.22
CA PHE Z 346 1.48 -38.83 -35.32
C PHE Z 346 1.96 -40.00 -36.15
N ARG Z 347 1.74 -39.90 -37.46
CA ARG Z 347 2.16 -40.92 -38.41
C ARG Z 347 2.88 -40.23 -39.56
N ASP Z 348 3.96 -40.84 -40.03
CA ASP Z 348 4.70 -40.29 -41.15
C ASP Z 348 4.08 -40.67 -42.49
N LYS Z 349 4.82 -40.44 -43.58
CA LYS Z 349 4.34 -40.89 -44.87
C LYS Z 349 4.53 -42.39 -45.03
N GLU Z 350 5.42 -42.99 -44.24
CA GLU Z 350 5.54 -44.45 -44.24
C GLU Z 350 4.41 -45.11 -43.49
N GLY Z 351 3.85 -44.45 -42.48
CA GLY Z 351 2.71 -44.94 -41.76
C GLY Z 351 2.97 -45.43 -40.35
N ARG Z 352 4.21 -45.43 -39.91
CA ARG Z 352 4.51 -45.91 -38.56
C ARG Z 352 4.11 -44.86 -37.53
N GLU Z 353 3.94 -45.32 -36.30
CA GLU Z 353 3.46 -44.46 -35.23
C GLU Z 353 4.62 -43.72 -34.57
N LEU Z 354 4.52 -42.40 -34.49
CA LEU Z 354 5.54 -41.56 -33.88
C LEU Z 354 4.96 -40.95 -32.62
N THR Z 355 5.66 -41.12 -31.50
CA THR Z 355 5.28 -40.52 -30.23
C THR Z 355 6.16 -39.30 -29.97
N VAL Z 356 5.54 -38.20 -29.55
CA VAL Z 356 6.31 -37.02 -29.20
C VAL Z 356 7.01 -37.26 -27.88
N ARG Z 357 8.32 -37.05 -27.87
CA ARG Z 357 9.11 -37.08 -26.63
C ARG Z 357 8.61 -36.00 -25.68
N ARG Z 358 8.34 -36.38 -24.43
CA ARG Z 358 7.70 -35.47 -23.48
C ARG Z 358 8.73 -34.68 -22.69
N MET Z 359 8.32 -33.48 -22.27
CA MET Z 359 9.17 -32.60 -21.50
C MET Z 359 9.33 -33.14 -20.08
N PRO Z 360 10.54 -33.26 -19.57
CA PRO Z 360 10.73 -33.55 -18.14
C PRO Z 360 10.44 -32.33 -17.29
N ALA Z 361 10.48 -32.51 -15.97
CA ALA Z 361 10.10 -31.42 -15.09
C ALA Z 361 11.21 -30.40 -14.93
N PHE Z 362 12.45 -30.77 -15.28
CA PHE Z 362 13.57 -29.85 -15.19
C PHE Z 362 13.49 -28.77 -16.26
N PHE Z 363 13.22 -29.19 -17.48
CA PHE Z 363 13.37 -28.33 -18.64
C PHE Z 363 12.23 -27.34 -18.72
N GLU Z 364 12.56 -26.05 -18.71
CA GLU Z 364 11.58 -25.03 -19.05
C GLU Z 364 11.35 -25.01 -20.55
N THR Z 365 12.42 -25.09 -21.32
CA THR Z 365 12.35 -25.22 -22.78
C THR Z 365 12.80 -26.61 -23.17
N PHE Z 366 12.18 -27.14 -24.20
CA PHE Z 366 12.53 -28.48 -24.64
C PHE Z 366 12.26 -28.59 -26.13
N PRO Z 367 13.20 -29.12 -26.92
CA PRO Z 367 12.99 -29.20 -28.36
C PRO Z 367 12.00 -30.29 -28.73
N VAL Z 368 11.12 -29.99 -29.67
CA VAL Z 368 10.09 -30.94 -30.08
C VAL Z 368 10.72 -32.05 -30.90
N ILE Z 369 10.62 -33.28 -30.41
CA ILE Z 369 11.25 -34.45 -31.01
C ILE Z 369 10.20 -35.52 -31.18
N LEU Z 370 10.10 -36.10 -32.37
CA LEU Z 370 9.17 -37.19 -32.63
C LEU Z 370 9.93 -38.50 -32.75
N VAL Z 371 9.59 -39.45 -31.89
CA VAL Z 371 10.30 -40.72 -31.78
C VAL Z 371 9.34 -41.85 -32.07
N ASP Z 372 9.79 -42.84 -32.84
CA ASP Z 372 9.02 -44.05 -33.08
C ASP Z 372 9.17 -45.02 -31.91
N LYS Z 373 8.81 -46.27 -32.14
CA LYS Z 373 8.67 -47.22 -31.03
C LYS Z 373 10.02 -47.71 -30.49
N ASP Z 374 11.07 -47.65 -31.31
CA ASP Z 374 12.33 -48.25 -30.87
C ASP Z 374 13.37 -47.23 -30.43
N GLY Z 375 13.05 -45.94 -30.42
CA GLY Z 375 13.97 -44.95 -29.94
C GLY Z 375 14.70 -44.15 -30.99
N ILE Z 376 14.50 -44.47 -32.27
CA ILE Z 376 15.19 -43.77 -33.34
C ILE Z 376 14.54 -42.41 -33.55
N ILE Z 377 15.36 -41.37 -33.68
CA ILE Z 377 14.81 -40.06 -33.96
C ILE Z 377 14.34 -40.03 -35.40
N ARG Z 378 13.04 -39.83 -35.60
CA ARG Z 378 12.46 -39.85 -36.93
C ARG Z 378 12.09 -38.47 -37.44
N ALA Z 379 11.66 -37.57 -36.56
CA ALA Z 379 11.29 -36.23 -36.95
C ALA Z 379 11.48 -35.31 -35.77
N ASP Z 380 11.57 -34.01 -36.06
CA ASP Z 380 11.66 -32.98 -35.04
C ASP Z 380 11.22 -31.65 -35.62
N ILE Z 381 11.45 -30.57 -34.88
CA ILE Z 381 11.33 -29.21 -35.40
C ILE Z 381 12.71 -28.59 -35.29
N PRO Z 382 13.39 -28.33 -36.40
CA PRO Z 382 14.81 -27.96 -36.33
C PRO Z 382 15.00 -26.52 -35.91
N PHE Z 383 15.98 -26.31 -35.03
CA PHE Z 383 16.46 -24.97 -34.74
C PHE Z 383 17.11 -24.36 -35.97
N ARG Z 384 18.11 -25.04 -36.50
CA ARG Z 384 18.87 -24.60 -37.65
C ARG Z 384 18.23 -25.21 -38.90
N ARG Z 385 17.59 -24.35 -39.70
CA ARG Z 385 16.78 -24.86 -40.80
C ARG Z 385 17.57 -25.09 -42.08
N ALA Z 386 18.89 -24.87 -42.06
CA ALA Z 386 19.65 -24.93 -43.30
C ALA Z 386 19.94 -26.37 -43.71
N GLU Z 387 20.61 -27.13 -42.86
CA GLU Z 387 21.08 -28.46 -43.20
C GLU Z 387 20.11 -29.52 -42.70
N SER Z 388 18.80 -29.26 -42.79
CA SER Z 388 17.82 -30.06 -42.08
C SER Z 388 17.64 -31.44 -42.67
N LYS Z 389 17.74 -32.47 -41.83
CA LYS Z 389 17.62 -33.85 -42.27
C LYS Z 389 16.46 -34.61 -41.65
N TYR Z 390 15.75 -34.03 -40.68
CA TYR Z 390 14.65 -34.72 -40.02
C TYR Z 390 13.45 -33.82 -39.85
N SER Z 391 13.28 -32.82 -40.71
CA SER Z 391 12.16 -31.90 -40.55
C SER Z 391 10.84 -32.59 -40.87
N ILE Z 392 9.75 -31.93 -40.47
CA ILE Z 392 8.43 -32.51 -40.70
C ILE Z 392 8.06 -32.42 -42.18
N GLU Z 393 8.62 -31.44 -42.88
CA GLU Z 393 8.38 -31.32 -44.32
C GLU Z 393 8.98 -32.48 -45.09
N GLN Z 394 10.15 -32.95 -44.67
CA GLN Z 394 10.76 -34.10 -45.33
C GLN Z 394 10.03 -35.38 -44.99
N VAL Z 395 9.80 -35.62 -43.70
CA VAL Z 395 9.26 -36.90 -43.26
C VAL Z 395 7.77 -37.00 -43.58
N GLY Z 396 7.08 -35.87 -43.59
CA GLY Z 396 5.68 -35.87 -43.96
C GLY Z 396 4.81 -36.48 -42.88
N VAL Z 397 4.88 -35.90 -41.69
CA VAL Z 397 4.15 -36.43 -40.55
C VAL Z 397 2.75 -35.86 -40.57
N THR Z 398 1.76 -36.75 -40.52
CA THR Z 398 0.37 -36.38 -40.38
C THR Z 398 -0.11 -36.68 -38.97
N VAL Z 399 -1.06 -35.88 -38.50
CA VAL Z 399 -1.58 -36.00 -37.16
C VAL Z 399 -3.01 -36.53 -37.25
N ASP Z 400 -3.36 -37.43 -36.34
CA ASP Z 400 -4.69 -38.02 -36.25
C ASP Z 400 -5.18 -37.87 -34.83
N PHE Z 401 -6.32 -37.23 -34.65
CA PHE Z 401 -6.88 -37.12 -33.32
C PHE Z 401 -7.87 -38.25 -33.08
N TYR Z 402 -8.07 -38.58 -31.81
CA TYR Z 402 -8.97 -39.65 -31.41
C TYR Z 402 -9.57 -39.27 -30.07
N GLY Z 403 -10.88 -39.11 -30.04
CA GLY Z 403 -11.54 -38.65 -28.85
C GLY Z 403 -11.40 -37.16 -28.67
N GLY Z 404 -12.07 -36.64 -27.66
CA GLY Z 404 -12.13 -35.22 -27.48
C GLY Z 404 -12.99 -34.57 -28.54
N LYS Z 405 -12.85 -33.25 -28.64
CA LYS Z 405 -13.71 -32.51 -29.55
C LYS Z 405 -13.12 -32.45 -30.95
N LEU Z 406 -11.95 -33.04 -31.15
CA LEU Z 406 -11.40 -33.11 -32.49
C LEU Z 406 -11.47 -34.52 -33.05
N ASN Z 407 -12.54 -35.24 -32.71
CA ASN Z 407 -12.63 -36.72 -32.62
C ASN Z 407 -12.14 -37.40 -33.89
N GLY Z 408 -12.78 -37.22 -35.02
CA GLY Z 408 -12.17 -37.72 -36.24
C GLY Z 408 -11.72 -36.58 -37.12
N GLN Z 409 -10.44 -36.25 -37.08
CA GLN Z 409 -9.87 -35.19 -37.90
C GLN Z 409 -8.46 -35.60 -38.26
N THR Z 410 -7.97 -35.08 -39.39
CA THR Z 410 -6.62 -35.37 -39.86
C THR Z 410 -6.08 -34.11 -40.50
N PHE Z 411 -4.98 -33.61 -39.97
CA PHE Z 411 -4.28 -32.48 -40.56
C PHE Z 411 -2.98 -33.00 -41.15
N LYS Z 412 -2.69 -32.59 -42.37
CA LYS Z 412 -1.59 -33.18 -43.11
C LYS Z 412 -0.47 -32.21 -43.47
N ASP Z 413 -0.72 -30.91 -43.48
CA ASP Z 413 0.31 -29.98 -43.89
C ASP Z 413 1.24 -29.61 -42.75
N ALA Z 414 2.47 -29.24 -43.11
CA ALA Z 414 3.46 -28.81 -42.13
C ALA Z 414 3.10 -27.59 -41.26
N PRO Z 415 2.30 -26.58 -41.70
CA PRO Z 415 1.94 -25.53 -40.73
C PRO Z 415 1.09 -26.01 -39.56
N THR Z 416 0.21 -26.98 -39.77
CA THR Z 416 -0.72 -27.35 -38.72
C THR Z 416 -0.14 -28.45 -37.83
N VAL Z 417 0.65 -29.34 -38.42
CA VAL Z 417 1.23 -30.44 -37.67
C VAL Z 417 2.28 -29.92 -36.69
N LYS Z 418 3.00 -28.86 -37.08
CA LYS Z 418 3.97 -28.27 -36.16
C LYS Z 418 3.30 -27.59 -34.98
N LYS Z 419 2.07 -27.09 -35.16
CA LYS Z 419 1.36 -26.48 -34.04
C LYS Z 419 0.89 -27.53 -33.04
N PHE Z 420 0.57 -28.73 -33.51
CA PHE Z 420 0.12 -29.75 -32.58
C PHE Z 420 1.27 -30.58 -32.05
N ALA Z 421 2.42 -30.53 -32.73
CA ALA Z 421 3.58 -31.24 -32.20
C ALA Z 421 4.19 -30.50 -31.04
N ARG Z 422 4.01 -29.18 -31.00
CA ARG Z 422 4.57 -28.40 -29.90
C ARG Z 422 3.72 -28.55 -28.64
N LYS Z 423 2.41 -28.62 -28.82
CA LYS Z 423 1.55 -28.75 -27.65
C LYS Z 423 1.33 -30.18 -27.22
N ALA Z 424 1.92 -31.15 -27.90
CA ALA Z 424 1.78 -32.54 -27.48
C ALA Z 424 2.93 -33.02 -26.61
N GLN Z 425 4.00 -32.23 -26.50
CA GLN Z 425 5.04 -32.57 -25.55
C GLN Z 425 4.69 -32.14 -24.14
N LEU Z 426 3.60 -31.39 -23.98
CA LEU Z 426 3.12 -30.94 -22.69
C LEU Z 426 2.05 -31.86 -22.13
N GLY Z 427 2.15 -33.15 -22.38
CA GLY Z 427 1.18 -34.10 -21.87
C GLY Z 427 0.00 -34.27 -22.79
N GLU Z 428 -1.21 -34.09 -22.27
CA GLU Z 428 -2.39 -34.09 -23.11
C GLU Z 428 -2.60 -32.70 -23.69
N VAL Z 429 -3.66 -32.56 -24.47
CA VAL Z 429 -3.92 -31.35 -25.24
C VAL Z 429 -5.28 -30.80 -24.82
N PHE Z 430 -5.31 -29.58 -24.31
CA PHE Z 430 -6.54 -29.01 -23.78
C PHE Z 430 -6.83 -27.66 -24.40
N GLU Z 431 -8.10 -27.28 -24.32
CA GLU Z 431 -8.56 -25.95 -24.69
C GLU Z 431 -8.80 -25.15 -23.43
N PHE Z 432 -8.11 -24.01 -23.29
CA PHE Z 432 -8.19 -23.21 -22.08
C PHE Z 432 -8.93 -21.91 -22.33
N ASP Z 433 -9.17 -21.16 -21.25
CA ASP Z 433 -9.90 -19.90 -21.27
C ASP Z 433 -9.05 -18.88 -20.51
N ARG Z 434 -8.15 -18.20 -21.21
CA ARG Z 434 -7.15 -17.37 -20.57
C ARG Z 434 -7.56 -15.91 -20.43
N THR Z 435 -8.81 -15.57 -20.75
CA THR Z 435 -9.24 -14.19 -20.70
C THR Z 435 -10.05 -13.85 -19.44
N SER Z 436 -10.42 -14.85 -18.64
CA SER Z 436 -11.20 -14.58 -17.45
C SER Z 436 -10.34 -14.06 -16.31
N LEU Z 437 -9.16 -14.64 -16.11
CA LEU Z 437 -8.30 -14.27 -14.99
C LEU Z 437 -7.04 -13.54 -15.42
N GLU Z 438 -6.98 -13.08 -16.67
CA GLU Z 438 -5.80 -12.47 -17.29
C GLU Z 438 -4.58 -13.39 -17.16
N SER Z 439 -4.73 -14.59 -17.70
CA SER Z 439 -3.71 -15.61 -17.56
C SER Z 439 -2.53 -15.30 -18.46
N ASP Z 440 -1.36 -15.12 -17.86
CA ASP Z 440 -0.21 -14.58 -18.60
C ASP Z 440 0.45 -15.62 -19.50
N GLY Z 441 0.65 -16.83 -19.02
CA GLY Z 441 1.25 -17.84 -19.86
C GLY Z 441 2.47 -18.53 -19.31
N VAL Z 442 2.59 -18.61 -18.00
CA VAL Z 442 3.63 -19.38 -17.34
C VAL Z 442 3.04 -20.18 -16.20
N PHE Z 443 3.56 -21.37 -15.98
CA PHE Z 443 2.96 -22.34 -15.07
C PHE Z 443 3.16 -21.94 -13.62
N ARG Z 444 2.14 -22.16 -12.79
CA ARG Z 444 2.24 -21.99 -11.35
C ARG Z 444 2.31 -23.36 -10.65
N SER Z 445 2.24 -23.35 -9.32
CA SER Z 445 2.37 -24.57 -8.53
C SER Z 445 1.06 -24.90 -7.82
N SER Z 446 0.90 -26.17 -7.51
CA SER Z 446 -0.27 -26.66 -6.81
C SER Z 446 -0.12 -26.39 -5.31
N PRO Z 447 -1.20 -26.50 -4.54
CA PRO Z 447 -1.06 -26.44 -3.07
C PRO Z 447 -0.24 -27.56 -2.47
N ARG Z 448 -0.02 -28.65 -3.19
CA ARG Z 448 0.97 -29.62 -2.78
C ARG Z 448 2.37 -29.01 -2.80
N GLY Z 449 2.64 -28.13 -3.75
CA GLY Z 449 3.96 -27.54 -3.84
C GLY Z 449 4.19 -26.47 -2.81
N TRP Z 450 3.15 -25.70 -2.48
CA TRP Z 450 3.33 -24.61 -1.53
C TRP Z 450 3.42 -25.11 -0.12
N TYR Z 451 2.62 -26.11 0.23
CA TYR Z 451 2.69 -26.70 1.56
C TYR Z 451 4.06 -27.31 1.82
N THR Z 452 4.65 -27.91 0.81
CA THR Z 452 5.97 -28.45 1.00
C THR Z 452 7.01 -27.35 1.11
N TYR Z 453 6.70 -26.17 0.60
CA TYR Z 453 7.66 -25.07 0.67
C TYR Z 453 7.74 -24.49 2.07
N GLY Z 454 6.60 -24.06 2.60
CA GLY Z 454 6.56 -23.43 3.89
C GLY Z 454 7.02 -24.37 4.97
N HIS Z 455 6.32 -25.49 5.11
CA HIS Z 455 6.58 -26.39 6.22
C HIS Z 455 7.89 -27.15 6.11
N ALA Z 456 8.67 -27.00 5.05
CA ALA Z 456 10.05 -27.47 5.06
C ALA Z 456 11.07 -26.36 5.19
N ASN Z 457 10.73 -25.12 4.84
CA ASN Z 457 11.57 -24.01 5.22
C ASN Z 457 11.33 -23.57 6.65
N PHE Z 458 10.14 -23.80 7.20
CA PHE Z 458 9.91 -23.61 8.62
C PHE Z 458 10.74 -24.57 9.45
N ALA Z 459 10.66 -25.86 9.13
CA ALA Z 459 11.30 -26.90 9.92
C ALA Z 459 12.82 -26.77 9.93
N LEU Z 460 13.38 -26.12 8.93
CA LEU Z 460 14.80 -25.85 8.93
C LEU Z 460 15.13 -24.69 9.85
N LEU Z 461 14.22 -23.72 9.98
CA LEU Z 461 14.44 -22.62 10.92
C LEU Z 461 14.23 -23.06 12.35
N PHE Z 462 13.27 -23.93 12.59
CA PHE Z 462 13.05 -24.46 13.93
C PHE Z 462 14.16 -25.39 14.37
N PHE Z 463 14.99 -25.87 13.45
CA PHE Z 463 16.17 -26.58 13.88
C PHE Z 463 17.16 -25.65 14.56
N PHE Z 464 17.20 -24.39 14.14
CA PHE Z 464 18.04 -23.43 14.83
C PHE Z 464 17.47 -23.07 16.18
N GLY Z 465 16.15 -23.06 16.32
CA GLY Z 465 15.54 -22.80 17.60
C GLY Z 465 15.73 -23.93 18.59
N HIS Z 466 15.92 -25.15 18.10
CA HIS Z 466 16.28 -26.24 18.99
C HIS Z 466 17.66 -26.04 19.58
N LEU Z 467 18.58 -25.50 18.79
CA LEU Z 467 19.93 -25.32 19.27
C LEU Z 467 20.05 -24.06 20.10
N TRP Z 468 19.28 -23.03 19.80
CA TRP Z 468 19.35 -21.83 20.61
C TRP Z 468 18.71 -22.07 21.97
N HIS Z 469 17.42 -22.41 21.98
CA HIS Z 469 16.70 -22.59 23.23
C HIS Z 469 17.20 -23.81 23.99
N GLY Z 470 17.78 -24.77 23.28
CA GLY Z 470 18.34 -25.93 23.96
C GLY Z 470 19.64 -25.61 24.68
N GLY Z 471 20.54 -24.91 23.99
CA GLY Z 471 21.78 -24.51 24.62
C GLY Z 471 21.58 -23.39 25.62
N ARG Z 472 20.42 -22.74 25.57
CA ARG Z 472 20.13 -21.76 26.60
C ARG Z 472 19.65 -22.43 27.87
N THR Z 473 19.07 -23.62 27.77
CA THR Z 473 18.62 -24.35 28.95
C THR Z 473 19.79 -24.92 29.74
N ILE Z 474 20.68 -25.62 29.06
CA ILE Z 474 21.78 -26.33 29.72
C ILE Z 474 22.74 -25.34 30.36
N PHE Z 475 23.00 -24.24 29.68
CA PHE Z 475 24.05 -23.30 30.05
C PHE Z 475 23.51 -22.13 30.85
N ARG Z 476 22.45 -22.30 31.64
CA ARG Z 476 21.66 -21.18 32.14
C ARG Z 476 22.44 -20.29 33.11
N ASP Z 477 23.41 -20.84 33.83
CA ASP Z 477 24.11 -20.04 34.82
C ASP Z 477 25.13 -19.08 34.23
N VAL Z 478 25.40 -19.15 32.92
CA VAL Z 478 26.49 -18.35 32.36
C VAL Z 478 26.02 -17.44 31.22
N PHE Z 479 24.79 -16.94 31.27
CA PHE Z 479 24.38 -16.09 30.15
C PHE Z 479 24.44 -14.61 30.44
N THR Z 480 24.82 -14.20 31.64
CA THR Z 480 25.33 -12.85 31.80
C THR Z 480 26.79 -12.78 31.39
N GLY Z 481 27.44 -13.94 31.32
CA GLY Z 481 28.86 -14.02 31.09
C GLY Z 481 29.43 -15.09 31.99
N ILE Z 482 30.73 -15.29 31.87
CA ILE Z 482 31.41 -16.27 32.70
C ILE Z 482 32.22 -15.54 33.75
N GLY Z 483 32.50 -16.23 34.84
CA GLY Z 483 33.36 -15.68 35.86
C GLY Z 483 34.82 -15.82 35.48
N ALA Z 484 35.63 -14.85 35.90
CA ALA Z 484 37.05 -14.85 35.60
C ALA Z 484 37.84 -15.70 36.59
N GLU Z 485 37.18 -16.44 37.47
CA GLU Z 485 37.85 -17.19 38.51
C GLU Z 485 37.43 -18.66 38.54
N ILE AA 21 77.63 -14.74 17.18
CA ILE AA 21 76.21 -15.00 17.26
C ILE AA 21 75.53 -13.66 17.48
N ALA AA 22 76.31 -12.72 18.03
CA ALA AA 22 75.82 -11.36 18.21
C ALA AA 22 75.58 -10.70 16.86
N GLY AA 23 74.37 -10.20 16.67
CA GLY AA 23 73.90 -9.75 15.39
C GLY AA 23 73.09 -10.77 14.63
N ARG AA 24 73.05 -12.01 15.11
CA ARG AA 24 72.36 -13.11 14.42
C ARG AA 24 71.41 -13.84 15.37
N ASP AA 25 70.75 -13.11 16.26
CA ASP AA 25 69.62 -13.62 17.01
C ASP AA 25 68.70 -12.46 17.36
N ILE AA 26 67.51 -12.80 17.86
CA ILE AA 26 66.50 -11.78 18.09
C ILE AA 26 66.83 -10.98 19.36
N GLU AA 27 67.67 -11.54 20.23
CA GLU AA 27 68.04 -10.84 21.46
C GLU AA 27 68.94 -9.65 21.17
N SER AA 28 69.75 -9.75 20.12
CA SER AA 28 70.63 -8.64 19.79
C SER AA 28 69.95 -7.63 18.87
N THR AA 29 69.21 -8.12 17.87
CA THR AA 29 68.61 -7.25 16.88
C THR AA 29 67.16 -6.91 17.20
N GLY AA 30 66.30 -7.90 17.30
CA GLY AA 30 64.90 -7.61 17.50
C GLY AA 30 64.07 -8.05 16.32
N PHE AA 31 64.71 -8.72 15.38
CA PHE AA 31 64.05 -9.27 14.21
C PHE AA 31 64.05 -10.79 14.29
N ALA AA 32 62.93 -11.40 13.93
CA ALA AA 32 62.82 -12.84 13.98
C ALA AA 32 63.56 -13.48 12.82
N TRP AA 33 63.57 -14.81 12.79
CA TRP AA 33 64.31 -15.52 11.75
C TRP AA 33 63.65 -15.34 10.40
N TRP AA 34 62.34 -15.14 10.37
CA TRP AA 34 61.66 -15.06 9.09
C TRP AA 34 61.85 -13.69 8.46
N SER AA 35 61.96 -12.64 9.26
CA SER AA 35 62.42 -11.35 8.75
C SER AA 35 63.89 -11.20 9.11
N GLY AA 36 64.69 -12.09 8.54
CA GLY AA 36 66.04 -12.22 8.99
C GLY AA 36 67.03 -11.40 8.21
N ASN AA 37 66.74 -11.16 6.94
CA ASN AA 37 67.62 -10.30 6.17
C ASN AA 37 67.36 -8.83 6.42
N ALA AA 38 66.44 -8.49 7.31
CA ALA AA 38 66.31 -7.12 7.80
C ALA AA 38 67.36 -6.78 8.84
N ARG AA 39 68.12 -7.78 9.28
CA ARG AA 39 69.28 -7.53 10.13
C ARG AA 39 70.43 -6.93 9.36
N LEU AA 40 70.34 -6.93 8.03
CA LEU AA 40 71.40 -6.45 7.15
C LEU AA 40 71.25 -5.00 6.81
N ILE AA 41 70.36 -4.26 7.47
CA ILE AA 41 70.13 -2.88 7.09
C ILE AA 41 71.31 -2.02 7.52
N ASN AA 42 71.76 -2.20 8.76
CA ASN AA 42 72.79 -1.34 9.29
C ASN AA 42 74.14 -2.03 9.42
N VAL AA 43 74.36 -3.10 8.65
CA VAL AA 43 75.71 -3.59 8.35
C VAL AA 43 75.90 -3.44 6.85
N SER AA 44 77.13 -3.20 6.42
CA SER AA 44 77.32 -2.83 5.03
C SER AA 44 78.07 -3.88 4.25
N GLY AA 45 78.88 -4.70 4.91
CA GLY AA 45 79.59 -5.72 4.20
C GLY AA 45 78.72 -6.93 3.97
N LYS AA 46 77.97 -7.29 5.00
CA LYS AA 46 76.98 -8.36 4.85
C LYS AA 46 75.92 -7.99 3.84
N LEU AA 47 75.56 -6.71 3.77
CA LEU AA 47 74.55 -6.28 2.81
C LEU AA 47 75.09 -6.26 1.40
N LEU AA 48 76.36 -5.89 1.23
CA LEU AA 48 76.98 -5.92 -0.09
C LEU AA 48 77.11 -7.34 -0.60
N GLY AA 49 77.54 -8.26 0.27
CA GLY AA 49 77.63 -9.65 -0.11
C GLY AA 49 76.30 -10.27 -0.42
N ALA AA 50 75.21 -9.73 0.12
CA ALA AA 50 73.90 -10.24 -0.22
C ALA AA 50 73.43 -9.75 -1.58
N HIS AA 51 73.71 -8.49 -1.93
CA HIS AA 51 73.28 -7.98 -3.22
C HIS AA 51 74.11 -8.55 -4.36
N VAL AA 52 75.35 -8.95 -4.11
CA VAL AA 52 76.16 -9.54 -5.16
C VAL AA 52 75.92 -11.05 -5.26
N ALA AA 53 75.37 -11.67 -4.21
CA ALA AA 53 74.99 -13.06 -4.33
C ALA AA 53 73.68 -13.22 -5.09
N HIS AA 54 72.68 -12.37 -4.82
CA HIS AA 54 71.46 -12.43 -5.61
C HIS AA 54 71.70 -12.01 -7.04
N ALA AA 55 72.67 -11.13 -7.27
CA ALA AA 55 73.09 -10.87 -8.63
C ALA AA 55 73.77 -12.09 -9.24
N GLY AA 56 74.41 -12.91 -8.41
CA GLY AA 56 74.95 -14.15 -8.89
C GLY AA 56 73.91 -15.17 -9.25
N LEU AA 57 72.70 -15.04 -8.70
CA LEU AA 57 71.61 -15.94 -9.06
C LEU AA 57 70.86 -15.51 -10.29
N MET AA 58 70.74 -14.20 -10.51
CA MET AA 58 70.11 -13.71 -11.73
C MET AA 58 70.90 -14.11 -12.95
N VAL AA 59 72.23 -13.99 -12.88
CA VAL AA 59 73.10 -14.41 -13.96
C VAL AA 59 73.00 -15.91 -14.17
N PHE AA 60 73.13 -16.67 -13.08
CA PHE AA 60 73.18 -18.13 -13.11
C PHE AA 60 71.94 -18.74 -13.72
N TRP AA 61 70.78 -18.16 -13.47
CA TRP AA 61 69.58 -18.65 -14.10
C TRP AA 61 69.65 -18.48 -15.61
N ALA AA 62 70.06 -17.29 -16.06
CA ALA AA 62 70.02 -16.99 -17.48
C ALA AA 62 71.04 -17.78 -18.27
N GLY AA 63 72.16 -18.13 -17.66
CA GLY AA 63 73.08 -19.03 -18.32
C GLY AA 63 72.54 -20.44 -18.36
N ALA AA 64 71.99 -20.91 -17.26
CA ALA AA 64 71.53 -22.29 -17.18
C ALA AA 64 70.22 -22.49 -17.89
N MET AA 65 69.44 -21.43 -18.09
CA MET AA 65 68.20 -21.61 -18.81
C MET AA 65 68.44 -21.70 -20.30
N VAL AA 66 69.39 -20.93 -20.83
CA VAL AA 66 69.65 -20.93 -22.27
C VAL AA 66 70.28 -22.24 -22.70
N LEU AA 67 71.17 -22.79 -21.87
CA LEU AA 67 71.69 -24.13 -22.13
C LEU AA 67 70.58 -25.17 -22.09
N PHE AA 68 69.61 -24.99 -21.19
CA PHE AA 68 68.42 -25.81 -21.20
C PHE AA 68 67.56 -25.56 -22.42
N GLU AA 69 67.58 -24.34 -22.95
CA GLU AA 69 66.77 -24.03 -24.12
C GLU AA 69 67.47 -24.40 -25.41
N VAL AA 70 68.78 -24.61 -25.40
CA VAL AA 70 69.52 -25.08 -26.55
C VAL AA 70 69.43 -26.60 -26.68
N SER AA 71 69.57 -27.31 -25.56
CA SER AA 71 69.54 -28.76 -25.58
C SER AA 71 68.18 -29.32 -25.92
N HIS AA 72 67.12 -28.51 -25.86
CA HIS AA 72 65.81 -28.98 -26.30
C HIS AA 72 65.39 -28.35 -27.60
N PHE AA 73 66.31 -27.77 -28.35
CA PHE AA 73 65.94 -27.12 -29.59
C PHE AA 73 65.84 -28.13 -30.73
N VAL AA 74 64.78 -28.00 -31.52
CA VAL AA 74 64.55 -28.85 -32.68
C VAL AA 74 64.34 -27.94 -33.89
N PRO AA 75 65.02 -28.17 -35.02
CA PRO AA 75 64.87 -27.25 -36.15
C PRO AA 75 63.54 -27.37 -36.87
N GLU AA 76 62.78 -28.41 -36.61
CA GLU AA 76 61.54 -28.68 -37.33
C GLU AA 76 60.46 -27.71 -36.92
N LYS AA 77 60.13 -27.69 -35.62
CA LYS AA 77 59.11 -26.79 -35.13
C LYS AA 77 59.62 -25.36 -35.16
N PRO AA 78 58.72 -24.38 -35.21
CA PRO AA 78 59.13 -22.99 -35.11
C PRO AA 78 59.70 -22.64 -33.74
N THR AA 79 60.10 -21.38 -33.64
CA THR AA 79 60.82 -20.93 -32.46
C THR AA 79 59.88 -20.72 -31.30
N TYR AA 80 58.62 -20.43 -31.59
CA TYR AA 80 57.64 -20.18 -30.54
C TYR AA 80 56.82 -21.40 -30.18
N GLU AA 81 56.75 -22.39 -31.06
CA GLU AA 81 56.01 -23.60 -30.72
C GLU AA 81 56.76 -24.42 -29.69
N GLN AA 82 58.09 -24.30 -29.66
CA GLN AA 82 58.92 -25.08 -28.75
C GLN AA 82 58.95 -24.53 -27.34
N GLY AA 83 58.28 -23.41 -27.09
CA GLY AA 83 58.13 -22.88 -25.75
C GLY AA 83 59.39 -22.32 -25.13
N PHE AA 84 60.12 -21.48 -25.84
CA PHE AA 84 61.29 -20.83 -25.28
C PHE AA 84 61.01 -19.34 -25.09
N ILE AA 85 61.70 -18.75 -24.13
CA ILE AA 85 61.58 -17.33 -23.84
C ILE AA 85 62.91 -16.59 -23.87
N LEU AA 86 64.04 -17.25 -23.70
CA LEU AA 86 65.30 -16.51 -23.64
C LEU AA 86 66.07 -16.54 -24.94
N ILE AA 87 66.05 -17.62 -25.71
CA ILE AA 87 66.73 -17.59 -27.00
C ILE AA 87 65.98 -16.80 -28.05
N GLN AA 88 64.83 -16.22 -27.69
CA GLN AA 88 64.17 -15.32 -28.60
C GLN AA 88 64.51 -13.88 -28.31
N HIS AA 89 65.13 -13.58 -27.17
CA HIS AA 89 65.68 -12.25 -26.98
C HIS AA 89 66.96 -12.06 -27.76
N LEU AA 90 67.78 -13.10 -27.83
CA LEU AA 90 69.03 -13.00 -28.56
C LEU AA 90 68.79 -13.01 -30.07
N ALA AA 91 67.69 -13.60 -30.51
CA ALA AA 91 67.37 -13.55 -31.93
C ALA AA 91 66.89 -12.16 -32.33
N THR AA 92 66.30 -11.41 -31.40
CA THR AA 92 66.01 -10.01 -31.70
C THR AA 92 67.29 -9.20 -31.79
N LEU AA 93 68.32 -9.58 -31.04
CA LEU AA 93 69.62 -8.96 -31.25
C LEU AA 93 70.22 -9.37 -32.57
N GLY AA 94 69.89 -10.56 -33.06
CA GLY AA 94 70.30 -10.98 -34.37
C GLY AA 94 71.25 -12.14 -34.43
N TYR AA 95 71.52 -12.80 -33.32
CA TYR AA 95 72.44 -13.92 -33.33
C TYR AA 95 71.73 -15.18 -33.83
N GLY AA 96 72.29 -15.81 -34.85
CA GLY AA 96 71.78 -17.09 -35.30
C GLY AA 96 70.44 -17.06 -35.98
N ILE AA 97 69.90 -15.90 -36.26
CA ILE AA 97 68.61 -15.79 -36.91
C ILE AA 97 68.85 -15.62 -38.41
N GLY AA 98 67.96 -16.20 -39.21
CA GLY AA 98 68.00 -16.04 -40.63
C GLY AA 98 66.86 -15.18 -41.11
N PRO AA 99 66.61 -15.17 -42.41
CA PRO AA 99 65.51 -14.35 -42.94
C PRO AA 99 64.17 -15.00 -42.63
N GLY AA 100 63.21 -14.17 -42.26
CA GLY AA 100 61.88 -14.66 -41.97
C GLY AA 100 61.72 -15.34 -40.63
N GLY AA 101 62.63 -15.09 -39.70
CA GLY AA 101 62.50 -15.67 -38.38
C GLY AA 101 62.94 -17.11 -38.27
N GLU AA 102 63.78 -17.57 -39.19
CA GLU AA 102 64.26 -18.95 -39.18
C GLU AA 102 65.60 -18.99 -38.45
N ILE AA 103 65.62 -19.59 -37.26
CA ILE AA 103 66.86 -19.74 -36.53
C ILE AA 103 67.73 -20.78 -37.21
N THR AA 104 68.96 -20.40 -37.53
CA THR AA 104 69.84 -21.26 -38.31
C THR AA 104 70.82 -22.03 -37.45
N SER AA 105 71.58 -21.32 -36.61
CA SER AA 105 72.86 -21.86 -36.17
C SER AA 105 72.76 -22.57 -34.82
N THR AA 106 72.38 -21.84 -33.77
CA THR AA 106 72.33 -22.28 -32.35
C THR AA 106 73.67 -22.72 -31.78
N VAL AA 107 74.77 -22.46 -32.49
CA VAL AA 107 76.05 -22.37 -31.80
C VAL AA 107 76.27 -21.01 -31.11
N PRO AA 108 75.79 -19.83 -31.57
CA PRO AA 108 76.03 -18.64 -30.75
C PRO AA 108 75.17 -18.56 -29.51
N TYR AA 109 74.04 -19.25 -29.48
CA TYR AA 109 73.23 -19.27 -28.27
C TYR AA 109 73.90 -20.10 -27.18
N PHE AA 110 74.66 -21.11 -27.59
CA PHE AA 110 75.45 -21.86 -26.62
C PHE AA 110 76.52 -20.98 -26.01
N ALA AA 111 77.07 -20.07 -26.80
CA ALA AA 111 78.17 -19.26 -26.32
C ALA AA 111 77.70 -18.24 -25.29
N VAL AA 112 76.51 -17.68 -25.48
CA VAL AA 112 76.01 -16.68 -24.54
C VAL AA 112 75.63 -17.32 -23.21
N GLY AA 113 75.01 -18.50 -23.25
CA GLY AA 113 74.64 -19.16 -22.01
C GLY AA 113 75.80 -19.69 -21.20
N VAL AA 114 77.00 -19.75 -21.77
CA VAL AA 114 78.13 -20.13 -20.95
C VAL AA 114 78.75 -18.90 -20.29
N ILE AA 115 78.75 -17.73 -20.94
CA ILE AA 115 79.35 -16.56 -20.33
C ILE AA 115 78.51 -16.08 -19.15
N HIS AA 116 77.18 -16.14 -19.28
CA HIS AA 116 76.27 -15.92 -18.18
C HIS AA 116 76.16 -17.12 -17.24
N LEU AA 117 77.06 -18.08 -17.30
CA LEU AA 117 77.09 -19.17 -16.34
C LEU AA 117 78.40 -19.26 -15.61
N ILE AA 118 79.50 -19.09 -16.33
CA ILE AA 118 80.81 -19.00 -15.71
C ILE AA 118 80.91 -17.77 -14.84
N SER AA 119 80.32 -16.66 -15.29
CA SER AA 119 80.46 -15.40 -14.55
C SER AA 119 79.69 -15.41 -13.26
N SER AA 120 78.65 -16.24 -13.17
CA SER AA 120 77.94 -16.35 -11.91
C SER AA 120 78.74 -17.12 -10.87
N ALA AA 121 79.74 -17.89 -11.29
CA ALA AA 121 80.61 -18.51 -10.31
C ALA AA 121 81.59 -17.51 -9.72
N ILE AA 122 81.83 -16.40 -10.41
CA ILE AA 122 82.65 -15.33 -9.86
C ILE AA 122 81.81 -14.41 -8.98
N LEU AA 123 80.64 -14.00 -9.48
CA LEU AA 123 79.68 -13.27 -8.66
C LEU AA 123 79.17 -14.12 -7.51
N GLY AA 124 79.15 -15.44 -7.68
CA GLY AA 124 78.90 -16.30 -6.55
C GLY AA 124 79.99 -16.20 -5.50
N PHE AA 125 81.25 -16.13 -5.92
CA PHE AA 125 82.31 -16.08 -4.92
C PHE AA 125 82.37 -14.74 -4.21
N GLY AA 126 81.92 -13.66 -4.86
CA GLY AA 126 81.82 -12.40 -4.17
C GLY AA 126 80.71 -12.40 -3.13
N GLY AA 127 79.62 -13.11 -3.39
CA GLY AA 127 78.57 -13.22 -2.43
C GLY AA 127 78.93 -14.07 -1.24
N ILE AA 128 79.79 -15.06 -1.44
CA ILE AA 128 80.21 -15.89 -0.32
C ILE AA 128 81.44 -15.29 0.35
N TYR AA 129 82.19 -14.44 -0.34
CA TYR AA 129 83.28 -13.78 0.36
C TYR AA 129 82.81 -12.60 1.17
N HIS AA 130 82.14 -11.65 0.52
CA HIS AA 130 81.81 -10.37 1.16
C HIS AA 130 80.80 -10.53 2.28
N SER AA 131 80.07 -11.65 2.31
CA SER AA 131 79.05 -11.80 3.32
C SER AA 131 79.46 -12.81 4.39
N LEU AA 132 80.61 -13.47 4.24
CA LEU AA 132 81.02 -14.41 5.27
C LEU AA 132 82.41 -14.10 5.81
N LEU AA 133 83.24 -13.39 5.05
CA LEU AA 133 84.53 -12.96 5.57
C LEU AA 133 84.75 -11.47 5.53
N GLY AA 134 83.98 -10.74 4.74
CA GLY AA 134 84.13 -9.32 4.64
C GLY AA 134 83.78 -8.65 5.95
N PRO AA 135 84.30 -7.45 6.16
CA PRO AA 135 83.99 -6.70 7.38
C PRO AA 135 82.51 -6.35 7.38
N ASP AA 136 81.93 -6.24 8.58
CA ASP AA 136 80.50 -6.01 8.69
C ASP AA 136 80.11 -4.63 8.16
N THR AA 137 80.95 -3.63 8.42
CA THR AA 137 80.73 -2.27 7.94
C THR AA 137 81.92 -1.87 7.10
N LEU AA 138 81.67 -1.31 5.92
CA LEU AA 138 82.77 -0.83 5.11
C LEU AA 138 83.26 0.54 5.53
N GLU AA 139 82.52 1.25 6.38
CA GLU AA 139 82.84 2.63 6.66
C GLU AA 139 84.11 2.76 7.50
N GLU AA 140 84.47 1.69 8.21
CA GLU AA 140 85.68 1.71 9.02
C GLU AA 140 86.93 1.65 8.16
N SER AA 141 87.04 0.63 7.33
CA SER AA 141 88.28 0.39 6.61
C SER AA 141 88.31 1.04 5.24
N PHE AA 142 87.18 1.05 4.54
CA PHE AA 142 87.15 1.45 3.14
C PHE AA 142 86.31 2.69 2.98
N PRO AA 143 86.90 3.89 3.07
CA PRO AA 143 86.08 5.09 3.15
C PRO AA 143 85.45 5.47 1.83
N PHE AA 144 85.92 4.90 0.72
CA PHE AA 144 85.24 5.16 -0.54
C PHE AA 144 83.94 4.39 -0.64
N PHE AA 145 83.97 3.11 -0.29
CA PHE AA 145 82.81 2.25 -0.42
C PHE AA 145 81.88 2.33 0.78
N GLY AA 146 82.41 2.72 1.94
CA GLY AA 146 81.56 2.81 3.12
C GLY AA 146 80.58 3.95 3.00
N TYR AA 147 79.44 3.81 3.67
CA TYR AA 147 78.38 4.78 3.52
C TYR AA 147 77.52 4.79 4.77
N ASP AA 148 76.53 5.65 4.73
CA ASP AA 148 75.46 5.69 5.71
C ASP AA 148 74.19 5.98 4.93
N TRP AA 149 73.07 5.47 5.42
CA TRP AA 149 71.83 5.67 4.69
C TRP AA 149 71.33 7.10 4.88
N ARG AA 150 71.67 7.71 6.01
CA ARG AA 150 71.18 9.05 6.30
C ARG AA 150 71.96 10.10 5.55
N ASP AA 151 73.15 9.75 5.07
CA ASP AA 151 73.96 10.65 4.26
C ASP AA 151 73.27 10.88 2.92
N LYS AA 152 73.34 12.11 2.43
CA LYS AA 152 72.69 12.46 1.19
C LYS AA 152 73.66 12.83 0.09
N ASN AA 153 74.92 13.10 0.43
CA ASN AA 153 75.91 13.32 -0.61
C ASN AA 153 76.41 12.00 -1.15
N LYS AA 154 76.56 10.99 -0.29
CA LYS AA 154 77.07 9.72 -0.76
C LYS AA 154 76.01 8.98 -1.56
N MET AA 155 74.75 9.05 -1.13
CA MET AA 155 73.72 8.27 -1.79
C MET AA 155 73.42 8.76 -3.19
N THR AA 156 73.56 10.06 -3.45
CA THR AA 156 73.44 10.52 -4.82
C THR AA 156 74.67 10.17 -5.66
N THR AA 157 75.80 9.93 -5.02
CA THR AA 157 76.98 9.44 -5.72
C THR AA 157 76.82 7.98 -6.11
N ILE AA 158 76.26 7.16 -5.20
CA ILE AA 158 76.00 5.76 -5.53
C ILE AA 158 74.95 5.68 -6.61
N LEU AA 159 73.96 6.56 -6.56
CA LEU AA 159 73.00 6.68 -7.64
C LEU AA 159 73.66 7.18 -8.91
N GLY AA 160 74.68 8.02 -8.78
CA GLY AA 160 75.28 8.60 -9.97
C GLY AA 160 76.21 7.65 -10.68
N ILE AA 161 76.99 6.86 -9.93
CA ILE AA 161 77.87 5.87 -10.53
C ILE AA 161 77.06 4.81 -11.24
N HIS AA 162 76.00 4.35 -10.61
CA HIS AA 162 75.15 3.31 -11.17
C HIS AA 162 74.12 3.85 -12.15
N LEU AA 163 74.11 5.15 -12.44
CA LEU AA 163 73.37 5.68 -13.58
C LEU AA 163 74.21 5.84 -14.83
N CYS AA 164 75.51 6.10 -14.70
CA CYS AA 164 76.36 6.17 -15.88
C CYS AA 164 76.56 4.80 -16.50
N LEU AA 165 76.44 3.74 -15.71
CA LEU AA 165 76.47 2.40 -16.27
C LEU AA 165 75.21 2.10 -17.06
N LEU AA 166 74.06 2.59 -16.60
CA LEU AA 166 72.85 2.40 -17.38
C LEU AA 166 72.81 3.29 -18.61
N GLY AA 167 73.64 4.32 -18.66
CA GLY AA 167 73.81 5.06 -19.88
C GLY AA 167 74.66 4.29 -20.86
N LEU AA 168 75.78 3.74 -20.36
CA LEU AA 168 76.67 2.97 -21.22
C LEU AA 168 76.03 1.68 -21.71
N GLY AA 169 75.18 1.06 -20.87
CA GLY AA 169 74.50 -0.15 -21.30
C GLY AA 169 73.46 0.11 -22.35
N SER AA 170 72.94 1.33 -22.41
CA SER AA 170 72.02 1.66 -23.48
C SER AA 170 72.72 1.93 -24.79
N PHE AA 171 73.98 2.34 -24.75
CA PHE AA 171 74.69 2.54 -26.01
C PHE AA 171 75.20 1.24 -26.60
N LEU AA 172 75.32 0.19 -25.79
CA LEU AA 172 75.70 -1.10 -26.33
C LEU AA 172 74.62 -1.64 -27.26
N LEU AA 173 73.36 -1.32 -27.01
CA LEU AA 173 72.34 -1.65 -27.99
C LEU AA 173 72.54 -0.83 -29.26
N VAL AA 174 72.93 0.43 -29.10
CA VAL AA 174 73.06 1.33 -30.24
C VAL AA 174 74.31 1.02 -31.04
N ILE AA 175 75.41 0.69 -30.36
CA ILE AA 175 76.63 0.26 -31.04
C ILE AA 175 76.38 -1.04 -31.79
N LYS AA 176 75.62 -1.95 -31.19
CA LYS AA 176 75.40 -3.23 -31.84
C LYS AA 176 74.43 -3.12 -33.00
N ALA AA 177 73.50 -2.18 -32.95
CA ALA AA 177 72.52 -2.05 -34.03
C ALA AA 177 73.00 -1.17 -35.16
N MET AA 178 74.12 -0.48 -34.99
CA MET AA 178 74.64 0.39 -36.04
C MET AA 178 75.98 -0.10 -36.56
N TYR AA 179 76.75 -0.78 -35.72
CA TYR AA 179 78.10 -1.19 -36.11
C TYR AA 179 78.33 -2.69 -36.01
N LEU AA 180 77.98 -3.32 -34.90
CA LEU AA 180 78.36 -4.70 -34.65
C LEU AA 180 77.22 -5.63 -35.05
N GLY AA 181 77.14 -5.90 -36.34
CA GLY AA 181 76.23 -6.92 -36.83
C GLY AA 181 74.85 -6.47 -37.20
N GLY AA 182 74.24 -5.61 -36.39
CA GLY AA 182 72.89 -5.17 -36.65
C GLY AA 182 71.89 -5.97 -35.82
N VAL AA 183 70.63 -5.55 -35.90
CA VAL AA 183 69.55 -6.17 -35.17
C VAL AA 183 68.49 -6.67 -36.14
N TYR AA 184 67.56 -7.44 -35.61
CA TYR AA 184 66.52 -8.06 -36.43
C TYR AA 184 65.36 -7.10 -36.55
N ASP AA 185 65.17 -6.56 -37.75
CA ASP AA 185 64.01 -5.73 -38.06
C ASP AA 185 62.98 -6.63 -38.74
N THR AA 186 61.79 -6.71 -38.16
CA THR AA 186 60.73 -7.47 -38.81
C THR AA 186 60.04 -6.63 -39.87
N TRP AA 187 60.31 -5.33 -39.90
CA TRP AA 187 59.72 -4.47 -40.91
C TRP AA 187 60.65 -4.25 -42.07
N ALA AA 188 61.80 -4.92 -42.08
CA ALA AA 188 62.86 -4.77 -43.06
C ALA AA 188 62.33 -5.08 -44.45
N PRO AA 189 62.60 -4.22 -45.44
CA PRO AA 189 62.00 -4.38 -46.76
C PRO AA 189 62.58 -5.59 -47.47
N GLY AA 190 61.70 -6.43 -47.98
CA GLY AA 190 62.12 -7.69 -48.53
C GLY AA 190 61.97 -8.86 -47.60
N GLY AA 191 61.56 -8.65 -46.37
CA GLY AA 191 61.45 -9.69 -45.38
C GLY AA 191 62.23 -9.35 -44.12
N GLY AA 192 61.86 -10.02 -43.04
CA GLY AA 192 62.53 -9.77 -41.77
C GLY AA 192 63.93 -10.34 -41.77
N ASP AA 193 64.93 -9.49 -41.53
CA ASP AA 193 66.31 -9.94 -41.58
C ASP AA 193 67.12 -9.01 -40.69
N VAL AA 194 68.34 -9.46 -40.39
CA VAL AA 194 69.28 -8.62 -39.64
C VAL AA 194 69.66 -7.41 -40.46
N ARG AA 195 69.33 -6.24 -39.95
CA ARG AA 195 69.46 -4.99 -40.68
C ARG AA 195 70.28 -4.03 -39.83
N TYR AA 196 71.30 -3.44 -40.42
CA TYR AA 196 71.98 -2.34 -39.76
C TYR AA 196 71.06 -1.13 -39.69
N ILE AA 197 70.97 -0.54 -38.50
CA ILE AA 197 70.24 0.71 -38.34
C ILE AA 197 71.18 1.80 -38.83
N THR AA 198 70.95 2.27 -40.05
CA THR AA 198 71.80 3.29 -40.62
C THR AA 198 71.49 4.65 -40.02
N THR AA 199 70.24 5.09 -40.15
CA THR AA 199 69.81 6.44 -39.79
C THR AA 199 68.76 6.36 -38.71
N PRO AA 200 69.15 6.34 -37.44
CA PRO AA 200 68.16 6.33 -36.36
C PRO AA 200 67.49 7.67 -36.22
N THR AA 201 66.33 7.66 -35.57
CA THR AA 201 65.54 8.86 -35.40
C THR AA 201 66.00 9.60 -34.16
N LEU AA 202 66.40 10.85 -34.32
CA LEU AA 202 66.89 11.64 -33.21
C LEU AA 202 66.03 12.87 -32.96
N ASN AA 203 64.75 12.79 -33.28
CA ASN AA 203 63.89 13.94 -33.13
C ASN AA 203 63.22 13.87 -31.77
N PRO AA 204 63.44 14.84 -30.89
CA PRO AA 204 62.79 14.78 -29.57
C PRO AA 204 61.29 15.01 -29.62
N ILE AA 205 60.77 15.58 -30.71
CA ILE AA 205 59.32 15.66 -30.86
C ILE AA 205 58.75 14.28 -31.19
N VAL AA 206 59.56 13.42 -31.79
CA VAL AA 206 59.13 12.07 -32.12
C VAL AA 206 59.48 11.11 -30.99
N ILE AA 207 60.69 11.19 -30.45
CA ILE AA 207 61.15 10.24 -29.44
C ILE AA 207 60.43 10.46 -28.13
N PHE AA 208 60.42 11.70 -27.63
CA PHE AA 208 59.55 12.02 -26.52
C PHE AA 208 58.10 12.20 -26.94
N GLY AA 209 57.82 12.04 -28.23
CA GLY AA 209 56.43 11.91 -28.66
C GLY AA 209 55.76 10.70 -28.04
N TYR AA 210 56.48 9.58 -27.94
CA TYR AA 210 55.90 8.37 -27.36
C TYR AA 210 55.62 8.54 -25.88
N VAL AA 211 56.54 9.16 -25.15
CA VAL AA 211 56.50 9.15 -23.69
C VAL AA 211 55.33 9.99 -23.17
N PHE AA 212 54.84 10.92 -23.98
CA PHE AA 212 53.69 11.71 -23.60
C PHE AA 212 52.45 11.43 -24.43
N ARG AA 213 52.26 10.18 -24.85
CA ARG AA 213 51.00 9.80 -25.48
C ARG AA 213 50.02 9.31 -24.42
N SER AA 214 48.79 9.12 -24.86
CA SER AA 214 47.82 8.45 -24.02
C SER AA 214 48.20 6.98 -23.88
N PRO AA 215 47.94 6.37 -22.73
CA PRO AA 215 48.17 4.93 -22.59
C PRO AA 215 47.03 4.07 -23.10
N PHE AA 216 45.96 4.67 -23.60
CA PHE AA 216 44.77 3.92 -23.95
C PHE AA 216 44.90 3.35 -25.35
N GLY AA 217 43.78 2.89 -25.89
CA GLY AA 217 43.80 2.26 -27.19
C GLY AA 217 44.08 3.28 -28.29
N GLY AA 218 44.74 2.83 -29.34
CA GLY AA 218 45.12 3.68 -30.44
C GLY AA 218 46.40 4.44 -30.23
N ASP AA 219 46.62 4.98 -29.04
CA ASP AA 219 47.88 5.65 -28.77
C ASP AA 219 48.85 4.65 -28.17
N GLY AA 220 48.53 4.09 -27.01
CA GLY AA 220 49.34 2.98 -26.54
C GLY AA 220 50.72 3.39 -26.08
N TRP AA 221 50.83 3.98 -24.88
CA TRP AA 221 51.82 4.94 -24.45
C TRP AA 221 53.24 4.76 -24.94
N VAL AA 222 53.92 3.69 -24.52
CA VAL AA 222 55.28 3.46 -24.95
C VAL AA 222 55.40 2.10 -25.63
N VAL AA 223 54.31 1.33 -25.64
CA VAL AA 223 54.28 0.04 -26.34
C VAL AA 223 54.29 0.21 -27.83
N SER AA 224 53.75 1.32 -28.32
CA SER AA 224 53.42 1.46 -29.72
C SER AA 224 54.55 1.94 -30.58
N VAL AA 225 55.79 1.76 -30.17
CA VAL AA 225 56.90 2.06 -31.06
C VAL AA 225 56.93 1.02 -32.18
N ASN AA 226 56.88 1.48 -33.42
CA ASN AA 226 56.52 0.60 -34.53
C ASN AA 226 57.60 0.47 -35.60
N ASN AA 227 58.82 0.92 -35.34
CA ASN AA 227 59.93 0.60 -36.22
C ASN AA 227 61.21 0.59 -35.40
N MET AA 228 62.24 -0.04 -35.95
CA MET AA 228 63.49 -0.13 -35.22
C MET AA 228 64.28 1.16 -35.25
N GLU AA 229 63.90 2.13 -36.08
CA GLU AA 229 64.60 3.40 -36.06
C GLU AA 229 64.20 4.21 -34.82
N ASP AA 230 62.97 4.03 -34.35
CA ASP AA 230 62.58 4.72 -33.12
C ASP AA 230 63.07 3.98 -31.89
N VAL AA 231 63.24 2.65 -31.99
CA VAL AA 231 63.81 1.88 -30.88
C VAL AA 231 65.27 2.24 -30.68
N ILE AA 232 66.06 2.13 -31.74
CA ILE AA 232 67.50 2.37 -31.61
C ILE AA 232 67.77 3.85 -31.51
N GLY AA 233 66.95 4.67 -32.15
CA GLY AA 233 67.06 6.11 -31.94
C GLY AA 233 66.59 6.52 -30.56
N GLY AA 234 65.73 5.72 -29.95
CA GLY AA 234 65.26 6.04 -28.62
C GLY AA 234 66.25 5.66 -27.54
N HIS AA 235 66.95 4.54 -27.72
CA HIS AA 235 67.96 4.13 -26.74
C HIS AA 235 69.20 5.02 -26.79
N ILE AA 236 69.31 5.88 -27.79
CA ILE AA 236 70.32 6.93 -27.76
C ILE AA 236 69.98 7.98 -26.73
N TRP AA 237 68.74 8.46 -26.74
CA TRP AA 237 68.32 9.50 -25.80
C TRP AA 237 68.33 9.00 -24.37
N VAL AA 238 68.12 7.71 -24.18
CA VAL AA 238 68.23 7.13 -22.85
C VAL AA 238 69.68 7.18 -22.38
N GLY AA 239 70.60 6.91 -23.28
CA GLY AA 239 72.00 7.00 -22.91
C GLY AA 239 72.47 8.41 -22.72
N ILE AA 240 71.83 9.38 -23.38
CA ILE AA 240 72.15 10.78 -23.17
C ILE AA 240 71.67 11.22 -21.79
N LEU AA 241 70.43 10.86 -21.44
CA LEU AA 241 69.86 11.27 -20.17
C LEU AA 241 70.55 10.60 -19.00
N CYS AA 242 70.78 9.29 -19.09
CA CYS AA 242 71.33 8.56 -17.96
C CYS AA 242 72.80 8.89 -17.71
N ILE AA 243 73.49 9.49 -18.67
CA ILE AA 243 74.85 9.93 -18.41
C ILE AA 243 74.88 11.35 -17.88
N THR AA 244 74.10 12.26 -18.48
CA THR AA 244 74.02 13.60 -17.93
C THR AA 244 73.37 13.61 -16.56
N GLY AA 245 72.32 12.84 -16.36
CA GLY AA 245 71.77 12.70 -15.03
C GLY AA 245 72.61 11.86 -14.11
N GLY AA 246 73.48 11.02 -14.64
CA GLY AA 246 74.45 10.35 -13.81
C GLY AA 246 75.50 11.31 -13.30
N ILE AA 247 75.96 12.21 -14.16
CA ILE AA 247 76.94 13.21 -13.76
C ILE AA 247 76.26 14.28 -12.91
N TRP AA 248 74.98 14.55 -13.14
CA TRP AA 248 74.24 15.51 -12.34
C TRP AA 248 74.16 15.09 -10.89
N HIS AA 249 73.88 13.82 -10.65
CA HIS AA 249 73.75 13.38 -9.27
C HIS AA 249 75.07 13.04 -8.62
N ILE AA 250 76.16 12.93 -9.38
CA ILE AA 250 77.47 12.82 -8.74
C ILE AA 250 77.90 14.16 -8.18
N PHE AA 251 77.81 15.20 -9.00
CA PHE AA 251 78.31 16.51 -8.58
C PHE AA 251 77.41 17.13 -7.54
N THR AA 252 76.12 17.19 -7.81
CA THR AA 252 75.21 17.93 -6.96
C THR AA 252 74.81 17.11 -5.74
N LYS AA 253 73.94 17.68 -5.01
CA LYS AA 253 73.34 17.46 -3.73
C LYS AA 253 71.85 17.77 -3.84
N PRO AA 254 70.98 17.03 -3.15
CA PRO AA 254 69.54 17.26 -3.30
C PRO AA 254 69.12 18.64 -2.82
N PHE AA 255 68.19 19.23 -3.57
CA PHE AA 255 67.77 20.61 -3.35
C PHE AA 255 66.94 20.75 -2.09
N ALA AA 256 66.45 21.97 -1.87
CA ALA AA 256 65.67 22.26 -0.68
C ALA AA 256 64.34 21.54 -0.71
N TRP AA 257 63.70 21.47 -1.88
CA TRP AA 257 62.41 20.83 -1.94
C TRP AA 257 62.55 19.31 -1.93
N ALA AA 258 63.70 18.80 -2.37
CA ALA AA 258 63.87 17.35 -2.40
C ALA AA 258 64.27 16.82 -1.03
N ARG AA 259 64.83 17.66 -0.18
CA ARG AA 259 65.17 17.21 1.16
C ARG AA 259 63.96 17.24 2.07
N ARG AA 260 62.90 17.95 1.68
CA ARG AA 260 61.74 18.04 2.54
C ARG AA 260 60.71 16.98 2.21
N ALA AA 261 60.81 16.37 1.03
CA ALA AA 261 59.75 15.49 0.57
C ALA AA 261 60.05 14.03 0.84
N PHE AA 262 61.32 13.70 1.02
CA PHE AA 262 61.68 12.30 1.11
C PHE AA 262 61.98 11.89 2.53
N VAL AA 263 62.15 10.59 2.70
CA VAL AA 263 62.67 10.01 3.93
C VAL AA 263 64.03 9.43 3.60
N TRP AA 264 65.05 9.89 4.29
CA TRP AA 264 66.42 9.52 3.99
C TRP AA 264 66.78 8.43 4.98
N SER AA 265 66.39 7.20 4.67
CA SER AA 265 66.71 6.06 5.50
C SER AA 265 66.96 4.87 4.59
N GLY AA 266 67.23 3.73 5.22
CA GLY AA 266 67.63 2.56 4.46
C GLY AA 266 66.46 1.92 3.73
N GLU AA 267 65.35 1.70 4.44
CA GLU AA 267 64.23 1.02 3.83
C GLU AA 267 63.46 1.94 2.90
N ALA AA 268 63.57 3.24 3.08
CA ALA AA 268 62.83 4.15 2.22
C ALA AA 268 63.37 4.13 0.81
N TYR AA 269 64.65 3.85 0.63
CA TYR AA 269 65.18 3.84 -0.73
C TYR AA 269 64.74 2.57 -1.42
N LEU AA 270 64.55 1.51 -0.63
CA LEU AA 270 64.06 0.24 -1.14
C LEU AA 270 62.62 0.34 -1.57
N SER AA 271 61.81 1.17 -0.91
CA SER AA 271 60.45 1.29 -1.36
C SER AA 271 60.27 2.33 -2.44
N TYR AA 272 61.33 3.04 -2.77
CA TYR AA 272 61.32 3.88 -3.94
C TYR AA 272 61.56 3.06 -5.18
N SER AA 273 62.45 2.09 -5.08
CA SER AA 273 62.76 1.22 -6.20
C SER AA 273 61.58 0.34 -6.52
N LEU AA 274 60.97 -0.25 -5.50
CA LEU AA 274 59.85 -1.18 -5.68
C LEU AA 274 58.64 -0.54 -6.31
N ALA AA 275 58.49 0.76 -6.20
CA ALA AA 275 57.46 1.44 -6.96
C ALA AA 275 57.84 1.57 -8.42
N ALA AA 276 59.10 1.89 -8.69
CA ALA AA 276 59.54 2.09 -10.06
C ALA AA 276 59.74 0.78 -10.79
N ILE AA 277 60.17 -0.26 -10.09
CA ILE AA 277 60.37 -1.55 -10.76
C ILE AA 277 59.03 -2.17 -11.10
N SER AA 278 58.00 -1.83 -10.35
CA SER AA 278 56.66 -2.26 -10.74
C SER AA 278 56.16 -1.51 -11.97
N LEU AA 279 56.58 -0.26 -12.17
CA LEU AA 279 56.26 0.43 -13.42
C LEU AA 279 56.89 -0.26 -14.61
N MET AA 280 58.13 -0.69 -14.45
CA MET AA 280 58.81 -1.41 -15.51
C MET AA 280 58.27 -2.82 -15.63
N GLY AA 281 57.72 -3.35 -14.54
CA GLY AA 281 57.16 -4.69 -14.57
C GLY AA 281 55.88 -4.77 -15.37
N PHE AA 282 54.99 -3.79 -15.23
CA PHE AA 282 53.77 -3.82 -16.03
C PHE AA 282 54.07 -3.55 -17.49
N THR AA 283 55.05 -2.70 -17.75
CA THR AA 283 55.25 -2.20 -19.10
C THR AA 283 55.91 -3.26 -19.97
N ALA AA 284 56.85 -4.03 -19.41
CA ALA AA 284 57.39 -5.17 -20.14
C ALA AA 284 56.36 -6.26 -20.30
N ALA AA 285 55.39 -6.33 -19.41
CA ALA AA 285 54.31 -7.28 -19.57
C ALA AA 285 53.25 -6.79 -20.55
N LEU AA 286 53.31 -5.52 -20.94
CA LEU AA 286 52.38 -5.05 -21.96
C LEU AA 286 53.06 -4.85 -23.30
N TYR AA 287 54.40 -4.80 -23.30
CA TYR AA 287 55.13 -4.94 -24.55
C TYR AA 287 54.89 -6.29 -25.17
N SER AA 288 54.88 -7.32 -24.34
CA SER AA 288 54.87 -8.68 -24.85
C SER AA 288 53.50 -9.06 -25.38
N TRP AA 289 52.48 -8.29 -25.04
CA TRP AA 289 51.14 -8.61 -25.53
C TRP AA 289 50.81 -7.88 -26.81
N TYR AA 290 51.27 -6.64 -26.96
CA TYR AA 290 50.84 -5.85 -28.11
C TYR AA 290 51.94 -5.63 -29.14
N ASN AA 291 53.18 -5.43 -28.70
CA ASN AA 291 54.21 -4.96 -29.61
C ASN AA 291 54.71 -6.11 -30.47
N ASN AA 292 54.78 -5.89 -31.77
CA ASN AA 292 55.28 -6.90 -32.70
C ASN AA 292 56.51 -6.39 -33.44
N THR AA 293 57.18 -5.42 -32.85
CA THR AA 293 58.37 -4.82 -33.45
C THR AA 293 59.60 -5.14 -32.63
N ALA AA 294 59.57 -4.86 -31.33
CA ALA AA 294 60.63 -5.32 -30.46
C ALA AA 294 60.50 -6.81 -30.19
N TYR AA 295 59.30 -7.34 -30.36
CA TYR AA 295 59.01 -8.75 -30.18
C TYR AA 295 58.43 -9.28 -31.47
N PRO AA 296 59.24 -9.75 -32.40
CA PRO AA 296 58.72 -10.11 -33.71
C PRO AA 296 57.82 -11.32 -33.66
N SER AA 297 56.74 -11.30 -34.45
CA SER AA 297 55.79 -12.39 -34.46
C SER AA 297 56.39 -13.66 -35.05
N GLU AA 298 57.47 -13.51 -35.81
CA GLU AA 298 58.22 -14.65 -36.30
C GLU AA 298 58.92 -15.40 -35.17
N LEU AA 299 59.15 -14.75 -34.04
CA LEU AA 299 59.88 -15.34 -32.95
C LEU AA 299 59.01 -15.65 -31.75
N TYR AA 300 58.21 -14.69 -31.30
CA TYR AA 300 57.40 -14.85 -30.12
C TYR AA 300 56.01 -15.37 -30.41
N GLY AA 301 55.68 -15.62 -31.68
CA GLY AA 301 54.34 -16.00 -32.03
C GLY AA 301 53.49 -14.77 -32.24
N PRO AA 302 52.29 -14.95 -32.78
CA PRO AA 302 51.44 -13.80 -33.06
C PRO AA 302 50.89 -13.20 -31.79
N THR AA 303 50.57 -11.92 -31.85
CA THR AA 303 50.09 -11.25 -30.66
C THR AA 303 48.62 -11.60 -30.45
N GLY AA 304 48.07 -11.14 -29.34
CA GLY AA 304 46.64 -11.15 -29.13
C GLY AA 304 45.84 -10.48 -30.22
N PRO AA 305 46.15 -9.22 -30.55
CA PRO AA 305 45.51 -8.58 -31.70
C PRO AA 305 45.82 -9.21 -33.04
N GLU AA 306 46.97 -9.83 -33.23
CA GLU AA 306 47.36 -10.26 -34.56
C GLU AA 306 46.64 -11.54 -34.95
N ALA AA 307 46.43 -12.44 -33.99
CA ALA AA 307 45.73 -13.68 -34.29
C ALA AA 307 44.24 -13.49 -34.44
N SER AA 308 43.70 -12.35 -34.03
CA SER AA 308 42.30 -12.05 -34.28
C SER AA 308 42.08 -11.55 -35.69
N GLN AA 309 43.05 -10.86 -36.26
CA GLN AA 309 42.98 -10.38 -37.63
C GLN AA 309 43.35 -11.45 -38.63
N ALA AA 310 44.23 -12.39 -38.26
CA ALA AA 310 44.63 -13.44 -39.17
C ALA AA 310 43.51 -14.43 -39.43
N GLN AA 311 42.57 -14.55 -38.51
CA GLN AA 311 41.41 -15.40 -38.74
C GLN AA 311 40.49 -14.78 -39.78
N ALA AA 312 40.19 -13.48 -39.64
CA ALA AA 312 39.29 -12.81 -40.55
C ALA AA 312 39.90 -12.67 -41.94
N PHE AA 313 41.22 -12.66 -42.02
CA PHE AA 313 41.87 -12.57 -43.31
C PHE AA 313 41.88 -13.93 -44.01
N THR AA 314 41.92 -15.00 -43.23
CA THR AA 314 41.98 -16.34 -43.83
C THR AA 314 40.66 -16.69 -44.48
N PHE AA 315 39.55 -16.41 -43.80
CA PHE AA 315 38.25 -16.69 -44.40
C PHE AA 315 37.89 -15.65 -45.44
N LEU AA 316 38.57 -14.52 -45.43
CA LEU AA 316 38.49 -13.58 -46.56
C LEU AA 316 39.06 -14.20 -47.82
N VAL AA 317 40.23 -14.84 -47.71
CA VAL AA 317 40.82 -15.52 -48.86
C VAL AA 317 39.98 -16.73 -49.26
N ARG AA 318 39.39 -17.41 -48.27
CA ARG AA 318 38.67 -18.65 -48.51
C ARG AA 318 37.43 -18.40 -49.36
N ASP AA 319 36.65 -17.39 -49.02
CA ASP AA 319 35.40 -17.16 -49.72
C ASP AA 319 35.56 -16.24 -50.92
N GLN AA 320 36.74 -15.66 -51.09
CA GLN AA 320 37.02 -14.93 -52.32
C GLN AA 320 37.27 -15.90 -53.47
N ARG AA 321 37.71 -17.12 -53.14
CA ARG AA 321 37.92 -18.12 -54.18
C ARG AA 321 36.60 -18.73 -54.64
N LEU AA 322 35.53 -18.48 -53.91
CA LEU AA 322 34.22 -18.97 -54.30
C LEU AA 322 33.48 -17.93 -55.14
N GLY AA 323 34.20 -16.94 -55.64
CA GLY AA 323 33.60 -15.95 -56.52
C GLY AA 323 32.70 -14.98 -55.80
N ALA AA 324 32.89 -14.81 -54.50
CA ALA AA 324 32.03 -13.95 -53.70
C ALA AA 324 32.64 -12.56 -53.65
N ASN AA 325 31.83 -11.56 -53.94
CA ASN AA 325 32.21 -10.19 -53.67
C ASN AA 325 32.26 -9.97 -52.17
N VAL AA 326 33.46 -9.79 -51.65
CA VAL AA 326 33.61 -9.69 -50.20
C VAL AA 326 33.34 -8.29 -49.67
N SER AA 327 33.40 -7.27 -50.52
CA SER AA 327 33.11 -5.92 -50.06
C SER AA 327 31.63 -5.74 -49.81
N SER AA 328 30.80 -6.18 -50.76
CA SER AA 328 29.36 -6.04 -50.67
C SER AA 328 28.71 -7.21 -49.94
N ALA AA 329 29.49 -8.12 -49.38
CA ALA AA 329 28.95 -9.26 -48.66
C ALA AA 329 28.34 -8.77 -47.35
N GLN AA 330 27.01 -8.71 -47.32
CA GLN AA 330 26.33 -8.19 -46.16
C GLN AA 330 26.37 -9.19 -45.02
N GLY AA 331 26.85 -8.73 -43.86
CA GLY AA 331 26.98 -9.57 -42.71
C GLY AA 331 25.64 -9.90 -42.09
N PRO AA 332 25.65 -10.83 -41.13
CA PRO AA 332 24.37 -11.24 -40.52
C PRO AA 332 23.76 -10.20 -39.63
N THR AA 333 24.56 -9.33 -39.03
CA THR AA 333 24.07 -8.24 -38.22
C THR AA 333 23.68 -7.02 -39.02
N GLY AA 334 23.98 -7.00 -40.30
CA GLY AA 334 23.84 -5.81 -41.13
C GLY AA 334 25.14 -5.08 -41.37
N LEU AA 335 26.19 -5.43 -40.65
CA LEU AA 335 27.49 -4.82 -40.85
C LEU AA 335 28.23 -5.56 -41.96
N GLY AA 336 29.53 -5.30 -42.09
CA GLY AA 336 30.34 -6.02 -43.05
C GLY AA 336 30.70 -7.38 -42.50
N LYS AA 337 30.47 -8.43 -43.29
CA LYS AA 337 30.92 -9.74 -42.88
C LYS AA 337 32.44 -9.83 -42.94
N TYR AA 338 33.04 -9.20 -43.93
CA TYR AA 338 34.48 -9.22 -44.12
C TYR AA 338 35.12 -7.85 -43.96
N LEU AA 339 34.66 -6.88 -44.73
CA LEU AA 339 35.20 -5.53 -44.67
C LEU AA 339 34.12 -4.60 -44.17
N MET AA 340 34.43 -3.87 -43.12
CA MET AA 340 33.55 -2.84 -42.61
C MET AA 340 34.38 -1.59 -42.39
N ARG AA 341 33.80 -0.62 -41.72
CA ARG AA 341 34.43 0.68 -41.56
C ARG AA 341 34.55 1.02 -40.08
N SER AA 342 35.74 1.39 -39.67
CA SER AA 342 36.11 1.70 -38.29
C SER AA 342 35.41 2.97 -37.82
N PRO AA 343 35.34 3.26 -36.52
CA PRO AA 343 34.71 4.52 -36.10
C PRO AA 343 35.51 5.77 -36.41
N SER AA 344 36.69 5.64 -37.00
CA SER AA 344 37.39 6.79 -37.53
C SER AA 344 37.33 6.86 -39.05
N GLY AA 345 36.80 5.82 -39.70
CA GLY AA 345 36.53 5.85 -41.11
C GLY AA 345 37.32 4.87 -41.95
N GLU AA 346 38.16 4.05 -41.34
CA GLU AA 346 39.07 3.24 -42.12
C GLU AA 346 38.46 1.88 -42.44
N ILE AA 347 38.88 1.30 -43.57
CA ILE AA 347 38.38 0.00 -43.95
C ILE AA 347 39.12 -1.07 -43.16
N ILE AA 348 38.37 -1.85 -42.38
CA ILE AA 348 38.96 -2.80 -41.45
C ILE AA 348 38.34 -4.17 -41.65
N PHE AA 349 38.73 -5.15 -40.85
CA PHE AA 349 38.10 -6.46 -40.84
C PHE AA 349 36.93 -6.46 -39.87
N GLY AA 350 35.91 -7.27 -40.15
CA GLY AA 350 34.68 -7.27 -39.38
C GLY AA 350 34.49 -8.52 -38.54
N GLY AA 351 33.70 -8.40 -37.47
CA GLY AA 351 33.45 -9.50 -36.56
C GLY AA 351 33.64 -9.05 -35.12
N GLU AA 352 34.08 -9.94 -34.22
CA GLU AA 352 34.69 -9.44 -32.98
C GLU AA 352 36.08 -8.88 -33.23
N THR AA 353 36.64 -9.05 -34.43
CA THR AA 353 37.94 -8.48 -34.71
C THR AA 353 37.89 -6.99 -35.02
N MET AA 354 36.72 -6.34 -34.92
CA MET AA 354 36.65 -4.91 -35.17
C MET AA 354 37.23 -4.11 -34.02
N ARG AA 355 37.49 -4.75 -32.88
CA ARG AA 355 38.10 -4.03 -31.77
C ARG AA 355 39.59 -3.84 -32.01
N PHE AA 356 40.21 -4.78 -32.72
CA PHE AA 356 41.64 -4.73 -32.98
C PHE AA 356 41.90 -4.18 -34.37
N TRP AA 357 41.38 -2.98 -34.61
CA TRP AA 357 41.57 -2.40 -35.93
C TRP AA 357 42.85 -1.59 -36.03
N ASP AA 358 43.61 -1.46 -34.94
CA ASP AA 358 44.91 -0.83 -34.96
C ASP AA 358 46.03 -1.80 -35.24
N LEU AA 359 45.71 -3.01 -35.66
CA LEU AA 359 46.73 -4.04 -35.80
C LEU AA 359 47.58 -3.72 -37.01
N ARG AA 360 48.82 -3.37 -36.74
CA ARG AA 360 49.82 -3.05 -37.74
C ARG AA 360 50.84 -4.16 -37.73
N ALA AA 361 50.82 -5.00 -38.76
CA ALA AA 361 51.64 -6.19 -38.81
C ALA AA 361 52.31 -6.28 -40.16
N PRO AA 362 53.52 -6.85 -40.22
CA PRO AA 362 54.26 -6.85 -41.50
C PRO AA 362 53.65 -7.69 -42.60
N TRP AA 363 52.64 -8.50 -42.31
CA TRP AA 363 52.01 -9.27 -43.37
C TRP AA 363 50.67 -8.66 -43.78
N VAL AA 364 50.19 -7.66 -43.05
CA VAL AA 364 48.96 -6.98 -43.47
C VAL AA 364 49.24 -5.59 -44.00
N GLU AA 365 50.33 -4.96 -43.56
CA GLU AA 365 50.72 -3.66 -44.09
C GLU AA 365 51.06 -3.59 -45.58
N PRO AA 366 51.43 -4.68 -46.27
CA PRO AA 366 51.36 -4.64 -47.74
C PRO AA 366 49.99 -4.36 -48.33
N LEU AA 367 48.90 -4.53 -47.59
CA LEU AA 367 47.57 -4.31 -48.13
C LEU AA 367 46.94 -3.02 -47.65
N ARG AA 368 47.73 -2.10 -47.10
CA ARG AA 368 47.16 -0.86 -46.60
C ARG AA 368 47.13 0.19 -47.69
N GLY AA 369 46.47 1.31 -47.39
CA GLY AA 369 46.50 2.49 -48.22
C GLY AA 369 46.46 3.70 -47.32
N PRO AA 370 45.99 4.80 -47.81
CA PRO AA 370 45.66 5.91 -46.91
C PRO AA 370 44.38 5.60 -46.16
N ASN AA 371 43.43 5.03 -46.89
CA ASN AA 371 42.10 4.80 -46.32
C ASN AA 371 42.10 3.57 -45.42
N GLY AA 372 42.92 2.60 -45.71
CA GLY AA 372 42.90 1.37 -44.95
C GLY AA 372 43.20 0.20 -45.86
N LEU AA 373 42.47 -0.89 -45.66
CA LEU AA 373 42.61 -2.04 -46.53
C LEU AA 373 42.11 -1.70 -47.92
N ASP AA 374 43.03 -1.62 -48.88
CA ASP AA 374 42.66 -1.26 -50.23
C ASP AA 374 41.92 -2.41 -50.89
N ILE AA 375 40.69 -2.14 -51.30
CA ILE AA 375 39.80 -3.16 -51.86
C ILE AA 375 40.33 -3.65 -53.20
N ASN AA 376 40.93 -2.76 -53.99
CA ASN AA 376 41.55 -3.14 -55.25
C ASN AA 376 42.74 -4.07 -55.00
N LYS AA 377 43.48 -3.85 -53.91
CA LYS AA 377 44.62 -4.70 -53.63
C LYS AA 377 44.20 -6.01 -53.01
N ILE AA 378 43.02 -6.07 -52.38
CA ILE AA 378 42.53 -7.34 -51.87
C ILE AA 378 41.98 -8.20 -53.01
N LYS AA 379 41.29 -7.58 -53.97
CA LYS AA 379 40.74 -8.31 -55.09
C LYS AA 379 41.83 -8.87 -56.01
N ASN AA 380 43.01 -8.29 -56.02
CA ASN AA 380 43.99 -8.67 -57.01
C ASN AA 380 45.31 -9.16 -56.42
N ASP AA 381 45.87 -8.47 -55.43
CA ASP AA 381 47.19 -8.78 -54.92
C ASP AA 381 47.11 -9.33 -53.51
N ILE AA 382 46.89 -10.64 -53.42
CA ILE AA 382 47.10 -11.36 -52.16
C ILE AA 382 48.20 -12.37 -52.43
N GLN AA 383 49.27 -12.26 -51.71
CA GLN AA 383 50.38 -13.15 -52.01
C GLN AA 383 50.31 -14.40 -51.14
N PRO AA 384 50.71 -15.55 -51.69
CA PRO AA 384 50.58 -16.82 -50.93
C PRO AA 384 51.44 -16.92 -49.70
N TRP AA 385 52.44 -16.05 -49.51
CA TRP AA 385 53.12 -16.06 -48.22
C TRP AA 385 52.25 -15.42 -47.15
N GLN AA 386 51.33 -14.55 -47.53
CA GLN AA 386 50.40 -14.00 -46.55
C GLN AA 386 49.35 -15.04 -46.17
N GLU AA 387 49.01 -15.92 -47.09
CA GLU AA 387 48.07 -16.99 -46.77
C GLU AA 387 48.74 -18.03 -45.88
N ARG AA 388 50.03 -18.30 -46.12
CA ARG AA 388 50.78 -19.18 -45.26
C ARG AA 388 51.05 -18.56 -43.90
N ARG AA 389 50.97 -17.25 -43.80
CA ARG AA 389 51.21 -16.57 -42.53
C ARG AA 389 49.94 -16.44 -41.71
N ALA AA 390 48.83 -16.09 -42.35
CA ALA AA 390 47.58 -15.94 -41.62
C ALA AA 390 47.01 -17.28 -41.19
N ALA AA 391 47.32 -18.35 -41.92
CA ALA AA 391 46.90 -19.67 -41.47
C ALA AA 391 47.81 -20.20 -40.37
N GLU AA 392 49.05 -19.75 -40.35
CA GLU AA 392 49.94 -20.13 -39.26
C GLU AA 392 49.60 -19.39 -37.98
N TYR AA 393 49.21 -18.13 -38.10
CA TYR AA 393 48.88 -17.33 -36.93
C TYR AA 393 47.45 -17.51 -36.46
N MET AA 394 46.62 -18.21 -37.21
CA MET AA 394 45.31 -18.57 -36.69
C MET AA 394 45.40 -19.78 -35.78
N THR AA 395 46.15 -20.80 -36.19
CA THR AA 395 46.27 -22.03 -35.43
C THR AA 395 47.21 -21.91 -34.25
N HIS AA 396 48.02 -20.86 -34.18
CA HIS AA 396 48.91 -20.69 -33.05
C HIS AA 396 48.60 -19.40 -32.34
N ALA AA 397 47.32 -19.14 -32.14
CA ALA AA 397 46.86 -17.99 -31.40
C ALA AA 397 47.32 -18.08 -29.94
N PRO AA 398 47.55 -16.95 -29.31
CA PRO AA 398 47.94 -17.01 -27.88
C PRO AA 398 46.77 -17.27 -26.96
N LEU AA 399 46.26 -18.50 -26.99
CA LEU AA 399 45.21 -18.97 -26.09
C LEU AA 399 45.61 -20.32 -25.58
N GLY AA 400 45.82 -20.44 -24.27
CA GLY AA 400 46.36 -21.68 -23.77
C GLY AA 400 45.72 -22.19 -22.51
N SER AA 401 46.50 -22.88 -21.70
CA SER AA 401 46.05 -23.42 -20.44
C SER AA 401 47.28 -23.69 -19.59
N LEU AA 402 47.08 -24.02 -18.33
CA LEU AA 402 48.25 -24.19 -17.46
C LEU AA 402 48.90 -25.54 -17.64
N ASN AA 403 48.15 -26.54 -18.07
CA ASN AA 403 48.72 -27.83 -18.42
C ASN AA 403 49.24 -27.86 -19.86
N SER AA 404 49.30 -26.70 -20.51
CA SER AA 404 49.92 -26.49 -21.82
C SER AA 404 49.22 -27.29 -22.90
N VAL AA 405 47.92 -27.10 -23.00
CA VAL AA 405 47.16 -27.51 -24.18
C VAL AA 405 46.54 -26.25 -24.78
N GLY AA 406 46.61 -26.13 -26.08
CA GLY AA 406 46.28 -24.90 -26.75
C GLY AA 406 44.81 -24.77 -27.05
N GLY AA 407 44.51 -23.89 -27.99
CA GLY AA 407 43.14 -23.66 -28.37
C GLY AA 407 42.37 -22.89 -27.31
N VAL AA 408 41.05 -22.95 -27.46
CA VAL AA 408 40.12 -22.30 -26.54
C VAL AA 408 40.07 -23.08 -25.23
N ALA AA 409 39.35 -22.55 -24.25
CA ALA AA 409 39.24 -23.22 -22.95
C ALA AA 409 38.51 -24.56 -23.05
N THR AA 410 37.72 -24.74 -24.10
CA THR AA 410 37.03 -26.01 -24.31
C THR AA 410 37.66 -26.85 -25.41
N GLU AA 411 38.96 -26.69 -25.66
CA GLU AA 411 39.63 -27.52 -26.65
C GLU AA 411 40.02 -28.86 -26.02
N ILE AA 412 39.97 -29.91 -26.83
CA ILE AA 412 40.37 -31.24 -26.39
C ILE AA 412 41.89 -31.32 -26.27
N ASN AA 413 42.36 -32.35 -25.57
CA ASN AA 413 43.79 -32.48 -25.29
C ASN AA 413 44.52 -33.18 -26.41
N SER AA 414 44.95 -32.43 -27.42
CA SER AA 414 45.81 -33.02 -28.43
C SER AA 414 47.04 -32.17 -28.73
N VAL AA 415 46.89 -30.85 -28.75
CA VAL AA 415 48.00 -29.97 -29.06
C VAL AA 415 48.74 -29.62 -27.78
N ASN AA 416 49.98 -29.21 -27.91
CA ASN AA 416 50.81 -28.83 -26.77
C ASN AA 416 51.41 -27.48 -27.12
N TYR AA 417 50.69 -26.40 -26.80
CA TYR AA 417 51.17 -25.07 -27.14
C TYR AA 417 50.55 -24.04 -26.23
N VAL AA 418 51.37 -23.25 -25.56
CA VAL AA 418 50.97 -21.98 -24.99
C VAL AA 418 51.98 -20.94 -25.47
N SER AA 419 51.49 -19.80 -25.93
CA SER AA 419 52.36 -18.81 -26.56
C SER AA 419 53.32 -18.21 -25.56
N PRO AA 420 54.56 -17.93 -25.96
CA PRO AA 420 55.51 -17.30 -25.03
C PRO AA 420 55.15 -15.88 -24.68
N ARG AA 421 54.25 -15.26 -25.43
CA ARG AA 421 53.68 -13.99 -24.99
C ARG AA 421 52.82 -14.19 -23.75
N SER AA 422 51.97 -15.21 -23.74
CA SER AA 422 51.13 -15.46 -22.59
C SER AA 422 51.90 -15.96 -21.38
N TRP AA 423 53.13 -16.39 -21.53
CA TRP AA 423 53.91 -16.65 -20.33
C TRP AA 423 54.56 -15.39 -19.80
N LEU AA 424 54.92 -14.46 -20.67
CA LEU AA 424 55.56 -13.25 -20.20
C LEU AA 424 54.55 -12.22 -19.70
N CYS AA 425 53.39 -12.14 -20.33
CA CYS AA 425 52.36 -11.21 -19.90
C CYS AA 425 51.58 -11.67 -18.70
N CYS AA 426 51.85 -12.85 -18.18
CA CYS AA 426 51.13 -13.37 -17.04
C CYS AA 426 52.06 -13.68 -15.90
N SER AA 427 53.34 -13.48 -16.08
CA SER AA 427 54.28 -13.71 -15.01
C SER AA 427 54.99 -12.45 -14.60
N HIS AA 428 55.43 -11.64 -15.56
CA HIS AA 428 55.95 -10.34 -15.17
C HIS AA 428 54.84 -9.40 -14.78
N PHE AA 429 53.65 -9.61 -15.32
CA PHE AA 429 52.48 -8.91 -14.80
C PHE AA 429 52.14 -9.41 -13.41
N PHE AA 430 52.32 -10.72 -13.17
CA PHE AA 430 52.03 -11.30 -11.87
C PHE AA 430 52.93 -10.70 -10.80
N LEU AA 431 54.22 -10.58 -11.10
CA LEU AA 431 55.17 -10.03 -10.15
C LEU AA 431 54.95 -8.55 -9.96
N ALA AA 432 54.66 -7.83 -11.04
CA ALA AA 432 54.52 -6.36 -10.99
C ALA AA 432 53.36 -5.89 -10.14
N PHE AA 433 52.43 -6.75 -9.77
CA PHE AA 433 51.54 -6.31 -8.72
C PHE AA 433 52.14 -6.52 -7.35
N PHE AA 434 52.86 -7.62 -7.13
CA PHE AA 434 53.39 -7.86 -5.79
C PHE AA 434 54.51 -6.91 -5.45
N PHE AA 435 55.20 -6.38 -6.45
CA PHE AA 435 56.19 -5.35 -6.17
C PHE AA 435 55.55 -4.00 -5.94
N LEU AA 436 54.32 -3.81 -6.42
CA LEU AA 436 53.56 -2.65 -6.00
C LEU AA 436 53.11 -2.80 -4.55
N VAL AA 437 52.89 -4.04 -4.10
CA VAL AA 437 52.63 -4.29 -2.69
C VAL AA 437 53.91 -4.09 -1.89
N GLY AA 438 55.07 -4.36 -2.50
CA GLY AA 438 56.31 -4.08 -1.82
C GLY AA 438 56.58 -2.59 -1.64
N HIS AA 439 56.04 -1.76 -2.53
CA HIS AA 439 56.07 -0.33 -2.33
C HIS AA 439 55.18 0.08 -1.18
N TRP AA 440 54.14 -0.69 -0.91
CA TRP AA 440 53.21 -0.31 0.14
C TRP AA 440 53.69 -0.78 1.49
N TRP AA 441 54.25 -1.98 1.57
CA TRP AA 441 54.77 -2.45 2.84
C TRP AA 441 55.99 -1.65 3.24
N HIS AA 442 57.01 -1.66 2.39
CA HIS AA 442 58.31 -1.14 2.78
C HIS AA 442 58.34 0.37 2.91
N SER AA 443 57.37 1.09 2.36
CA SER AA 443 57.28 2.53 2.60
C SER AA 443 56.38 2.89 3.74
N GLY AA 444 55.42 2.04 4.08
CA GLY AA 444 54.69 2.25 5.31
C GLY AA 444 55.57 2.08 6.51
N ARG AA 445 56.47 1.10 6.46
CA ARG AA 445 57.36 0.89 7.60
C ARG AA 445 58.44 1.97 7.65
N ALA AA 446 58.97 2.37 6.49
CA ALA AA 446 60.10 3.28 6.48
C ALA AA 446 59.68 4.69 6.85
N ARG AA 447 58.47 5.09 6.47
CA ARG AA 447 57.97 6.38 6.89
C ARG AA 447 57.64 6.38 8.38
N ALA AA 448 57.23 5.24 8.91
CA ALA AA 448 56.92 5.16 10.34
C ALA AA 448 58.14 4.82 11.17
N ALA AA 449 59.15 4.20 10.58
CA ALA AA 449 60.40 4.02 11.32
C ALA AA 449 61.14 5.34 11.46
N ALA AA 450 60.96 6.24 10.51
CA ALA AA 450 61.55 7.56 10.63
C ALA AA 450 60.87 8.38 11.71
N ALA AA 451 59.59 8.10 11.98
CA ALA AA 451 58.83 8.90 12.92
C ALA AA 451 58.79 8.29 14.31
N GLY AA 452 59.08 7.01 14.46
CA GLY AA 452 59.27 6.41 15.76
C GLY AA 452 58.19 5.47 16.21
N PHE AA 453 57.04 5.42 15.54
CA PHE AA 453 55.94 4.59 16.01
C PHE AA 453 55.75 3.30 15.22
N GLU AA 454 56.81 2.69 14.73
CA GLU AA 454 56.63 1.44 14.01
C GLU AA 454 56.51 0.26 14.97
N LYS AA 455 56.86 0.48 16.23
CA LYS AA 455 56.77 -0.60 17.21
C LYS AA 455 55.43 -0.60 17.92
N GLY AA 456 54.68 0.47 17.81
CA GLY AA 456 53.36 0.51 18.39
C GLY AA 456 53.13 1.83 19.11
N ILE AA 457 51.96 1.93 19.67
CA ILE AA 457 51.54 3.13 20.38
C ILE AA 457 52.11 3.09 21.78
N ASN AA 458 52.58 4.25 22.25
CA ASN AA 458 53.07 4.37 23.62
C ASN AA 458 51.88 4.35 24.58
N ARG AA 459 51.99 3.58 25.66
CA ARG AA 459 50.92 3.55 26.64
C ARG AA 459 50.88 4.83 27.46
N ALA AA 460 52.05 5.41 27.74
CA ALA AA 460 52.10 6.61 28.56
C ALA AA 460 51.57 7.82 27.79
N ASN AA 461 51.90 7.90 26.51
CA ASN AA 461 51.53 9.04 25.67
C ASN AA 461 50.76 8.51 24.47
N GLU AA 462 49.46 8.52 24.56
CA GLU AA 462 48.70 8.16 23.37
C GLU AA 462 48.30 9.44 22.64
N PRO AA 463 48.53 9.52 21.32
CA PRO AA 463 48.24 10.77 20.60
C PRO AA 463 46.77 11.06 20.43
N VAL AA 464 45.90 10.07 20.52
CA VAL AA 464 44.48 10.32 20.28
C VAL AA 464 43.87 11.00 21.50
N LEU AA 465 44.37 10.69 22.69
CA LEU AA 465 43.82 11.25 23.91
C LEU AA 465 44.10 12.74 24.03
N SER AA 466 45.20 13.21 23.44
CA SER AA 466 45.49 14.63 23.39
C SER AA 466 45.02 15.22 22.06
N MET AA 467 43.74 15.07 21.80
CA MET AA 467 43.11 15.67 20.63
C MET AA 467 41.80 16.30 21.07
N ARG AA 468 41.00 16.72 20.11
CA ARG AA 468 39.71 17.31 20.38
C ARG AA 468 38.72 16.22 20.78
N PRO AA 469 37.56 16.60 21.32
CA PRO AA 469 36.42 15.68 21.35
C PRO AA 469 36.09 15.14 19.97
N ILE AA 470 35.54 13.93 19.95
CA ILE AA 470 35.59 13.07 18.77
C ILE AA 470 34.66 13.58 17.67
N ASP AA 471 33.44 13.99 18.05
CA ASP AA 471 32.29 14.22 17.16
C ASP AA 471 32.07 12.96 16.33
N ARG BA 11 31.55 -43.61 42.06
CA ARG BA 11 30.78 -44.49 42.93
C ARG BA 11 30.12 -45.59 42.12
N GLY BA 12 29.07 -45.23 41.38
CA GLY BA 12 28.34 -46.18 40.56
C GLY BA 12 29.07 -46.52 39.28
N LEU BA 13 28.38 -47.27 38.42
CA LEU BA 13 28.97 -47.64 37.14
C LEU BA 13 28.90 -46.48 36.16
N PHE BA 14 27.87 -45.64 36.27
CA PHE BA 14 27.74 -44.50 35.38
C PHE BA 14 28.78 -43.45 35.71
N ASP BA 15 29.18 -43.35 36.98
CA ASP BA 15 30.12 -42.32 37.38
C ASP BA 15 31.54 -42.66 36.93
N LEU BA 16 31.88 -43.94 36.89
CA LEU BA 16 33.21 -44.33 36.46
C LEU BA 16 33.40 -44.11 34.97
N VAL BA 17 32.34 -44.37 34.20
CA VAL BA 17 32.37 -44.11 32.76
C VAL BA 17 32.35 -42.62 32.46
N ASP BA 18 31.55 -41.86 33.23
CA ASP BA 18 31.54 -40.41 33.09
C ASP BA 18 32.89 -39.79 33.45
N ASP BA 19 33.59 -40.35 34.43
CA ASP BA 19 34.88 -39.78 34.81
C ASP BA 19 35.97 -40.19 33.84
N TRP BA 20 35.80 -41.32 33.16
CA TRP BA 20 36.85 -41.79 32.27
C TRP BA 20 36.85 -41.03 30.97
N LEU BA 21 35.66 -40.77 30.41
CA LEU BA 21 35.57 -40.09 29.12
C LEU BA 21 36.00 -38.64 29.24
N LYS BA 22 35.72 -38.00 30.37
CA LYS BA 22 36.03 -36.58 30.53
C LYS BA 22 37.43 -36.36 31.09
N LYS BA 23 38.27 -37.38 31.10
CA LYS BA 23 39.61 -37.25 31.64
C LYS BA 23 40.45 -36.40 30.71
N ASP BA 24 41.34 -35.57 31.25
CA ASP BA 24 42.29 -34.85 30.42
C ASP BA 24 43.25 -35.83 29.76
N ARG BA 25 43.27 -35.82 28.43
CA ARG BA 25 44.11 -36.72 27.67
C ARG BA 25 44.50 -35.98 26.40
N PHE BA 26 44.99 -36.71 25.40
CA PHE BA 26 45.48 -36.07 24.19
C PHE BA 26 44.33 -35.49 23.37
N VAL BA 27 43.41 -36.34 22.95
CA VAL BA 27 42.18 -35.90 22.29
C VAL BA 27 41.02 -36.10 23.25
N PHE BA 28 40.26 -35.04 23.48
CA PHE BA 28 39.13 -35.12 24.39
C PHE BA 28 38.04 -35.97 23.77
N VAL BA 29 37.63 -37.03 24.48
CA VAL BA 29 36.67 -37.96 23.90
C VAL BA 29 35.27 -37.54 24.31
N GLY BA 30 34.99 -37.57 25.60
CA GLY BA 30 33.69 -37.18 26.10
C GLY BA 30 32.62 -38.21 25.75
N TRP BA 31 31.38 -37.84 26.04
CA TRP BA 31 30.27 -38.68 25.62
C TRP BA 31 30.06 -38.58 24.12
N SER BA 32 30.24 -37.40 23.57
CA SER BA 32 30.00 -37.14 22.16
C SER BA 32 31.02 -37.77 21.24
N GLY BA 33 32.16 -38.23 21.77
CA GLY BA 33 33.15 -38.86 20.93
C GLY BA 33 32.74 -40.24 20.47
N LEU BA 34 31.74 -40.83 21.13
CA LEU BA 34 31.23 -42.12 20.71
C LEU BA 34 30.38 -41.98 19.46
N LEU BA 35 29.87 -40.77 19.21
CA LEU BA 35 29.11 -40.54 17.99
C LEU BA 35 29.98 -39.90 16.91
N LEU BA 36 30.95 -39.09 17.31
CA LEU BA 36 31.81 -38.42 16.34
C LEU BA 36 32.85 -39.36 15.77
N PHE BA 37 33.72 -39.90 16.62
CA PHE BA 37 34.90 -40.64 16.20
C PHE BA 37 34.60 -41.92 15.39
N PRO BA 38 33.54 -42.68 15.63
CA PRO BA 38 33.21 -43.72 14.65
C PRO BA 38 32.64 -43.18 13.36
N THR BA 39 31.78 -42.17 13.40
CA THR BA 39 31.12 -41.77 12.18
C THR BA 39 31.97 -40.84 11.32
N ALA BA 40 32.82 -40.02 11.94
CA ALA BA 40 33.65 -39.13 11.13
C ALA BA 40 34.80 -39.88 10.49
N TYR BA 41 35.29 -40.93 11.16
CA TYR BA 41 36.37 -41.73 10.60
C TYR BA 41 35.92 -42.50 9.37
N LEU BA 42 34.64 -42.82 9.28
CA LEU BA 42 34.16 -43.61 8.16
C LEU BA 42 33.63 -42.73 7.04
N ALA BA 43 33.23 -41.51 7.34
CA ALA BA 43 32.91 -40.59 6.25
C ALA BA 43 34.18 -40.16 5.54
N ALA BA 44 35.24 -39.87 6.30
CA ALA BA 44 36.50 -39.46 5.69
C ALA BA 44 37.16 -40.61 4.96
N GLY BA 45 37.21 -41.79 5.59
CA GLY BA 45 37.80 -42.94 4.94
C GLY BA 45 36.97 -43.47 3.80
N GLY BA 46 35.65 -43.29 3.87
CA GLY BA 46 34.82 -43.65 2.74
C GLY BA 46 35.02 -42.75 1.55
N TRP BA 47 35.45 -41.51 1.79
CA TRP BA 47 35.73 -40.61 0.69
C TRP BA 47 37.09 -40.88 0.08
N MET BA 48 38.09 -41.19 0.90
CA MET BA 48 39.42 -41.47 0.38
C MET BA 48 39.45 -42.78 -0.39
N THR BA 49 38.63 -43.73 0.01
CA THR BA 49 38.54 -44.98 -0.72
C THR BA 49 37.75 -44.81 -2.00
N GLY BA 50 36.64 -44.06 -1.93
CA GLY BA 50 35.77 -43.94 -3.07
C GLY BA 50 36.36 -43.10 -4.19
N THR BA 51 37.20 -42.14 -3.84
CA THR BA 51 37.89 -41.37 -4.87
C THR BA 51 39.12 -42.06 -5.39
N THR BA 52 39.65 -43.05 -4.67
CA THR BA 52 40.81 -43.76 -5.15
C THR BA 52 40.44 -44.96 -5.99
N PHE BA 53 39.55 -45.83 -5.50
CA PHE BA 53 39.30 -47.13 -6.09
C PHE BA 53 37.99 -47.23 -6.84
N VAL BA 54 36.90 -46.70 -6.28
CA VAL BA 54 35.58 -47.00 -6.81
C VAL BA 54 35.26 -46.08 -7.97
N THR BA 55 34.79 -46.67 -9.07
CA THR BA 55 34.50 -45.96 -10.30
C THR BA 55 33.09 -45.41 -10.30
N SER BA 56 32.79 -44.65 -11.36
CA SER BA 56 31.44 -44.19 -11.67
C SER BA 56 31.00 -44.70 -13.03
N TRP BA 57 31.52 -45.85 -13.44
CA TRP BA 57 31.33 -46.28 -14.82
C TRP BA 57 29.92 -46.81 -15.04
N TYR BA 58 29.27 -47.28 -13.99
CA TYR BA 58 27.96 -47.88 -14.16
C TYR BA 58 26.84 -46.94 -13.75
N THR BA 59 27.11 -46.02 -12.84
CA THR BA 59 26.08 -45.08 -12.38
C THR BA 59 25.94 -43.92 -13.35
N HIS BA 60 26.99 -43.14 -13.50
CA HIS BA 60 27.02 -41.98 -14.37
C HIS BA 60 27.57 -42.28 -15.75
N GLY BA 61 28.46 -43.26 -15.86
CA GLY BA 61 29.15 -43.48 -17.10
C GLY BA 61 30.32 -42.55 -17.24
N LEU BA 62 31.10 -42.42 -16.16
CA LEU BA 62 32.23 -41.54 -16.12
C LEU BA 62 33.43 -42.33 -15.66
N ALA BA 63 34.50 -41.61 -15.33
CA ALA BA 63 35.61 -42.14 -14.57
C ALA BA 63 35.85 -41.17 -13.42
N SER BA 64 35.84 -41.68 -12.19
CA SER BA 64 35.99 -40.83 -11.03
C SER BA 64 36.87 -41.50 -9.98
N SER BA 65 37.98 -42.07 -10.40
CA SER BA 65 38.85 -42.73 -9.45
C SER BA 65 40.29 -42.45 -9.83
N TYR BA 66 41.20 -42.80 -8.94
CA TYR BA 66 42.61 -42.66 -9.28
C TYR BA 66 43.08 -43.86 -10.09
N LEU BA 67 42.38 -44.99 -10.00
CA LEU BA 67 42.67 -46.12 -10.88
C LEU BA 67 42.39 -45.78 -12.33
N GLU BA 68 41.49 -44.85 -12.55
CA GLU BA 68 41.07 -44.48 -13.89
C GLU BA 68 41.66 -43.16 -14.34
N GLY BA 69 42.86 -42.84 -13.90
CA GLY BA 69 43.61 -41.74 -14.44
C GLY BA 69 43.19 -40.36 -13.98
N CYS BA 70 42.16 -40.24 -13.17
CA CYS BA 70 41.74 -38.93 -12.72
C CYS BA 70 42.70 -38.44 -11.64
N ASN BA 71 43.00 -37.16 -11.67
CA ASN BA 71 43.80 -36.52 -10.65
C ASN BA 71 42.94 -36.16 -9.45
N PHE BA 72 43.49 -35.30 -8.58
CA PHE BA 72 42.75 -34.80 -7.43
C PHE BA 72 41.52 -34.00 -7.85
N LEU BA 73 41.59 -33.34 -8.99
CA LEU BA 73 40.48 -32.48 -9.36
C LEU BA 73 39.31 -33.26 -9.94
N THR BA 74 39.57 -34.19 -10.84
CA THR BA 74 38.49 -34.88 -11.54
C THR BA 74 38.11 -36.21 -10.90
N ALA BA 75 38.42 -36.41 -9.63
CA ALA BA 75 37.99 -37.59 -8.91
C ALA BA 75 36.85 -37.26 -7.97
N ALA BA 76 35.99 -38.24 -7.72
CA ALA BA 76 34.80 -38.01 -6.91
C ALA BA 76 34.25 -39.32 -6.39
N VAL BA 77 33.49 -39.22 -5.31
CA VAL BA 77 32.59 -40.28 -4.87
C VAL BA 77 31.22 -39.93 -5.42
N SER BA 78 30.71 -40.72 -6.35
CA SER BA 78 29.59 -40.24 -7.13
C SER BA 78 28.26 -40.79 -6.62
N THR BA 79 27.21 -40.00 -6.86
CA THR BA 79 25.84 -40.31 -6.58
C THR BA 79 25.37 -41.55 -7.35
N PRO BA 80 24.40 -42.29 -6.83
CA PRO BA 80 23.97 -43.53 -7.47
C PRO BA 80 23.05 -43.25 -8.66
N ALA BA 81 22.56 -44.34 -9.25
CA ALA BA 81 21.76 -44.24 -10.45
C ALA BA 81 20.38 -43.66 -10.16
N ASN BA 82 19.67 -43.27 -11.22
CA ASN BA 82 18.32 -42.77 -11.04
C ASN BA 82 17.35 -43.93 -10.82
N SER BA 83 17.74 -45.13 -11.23
CA SER BA 83 16.88 -46.30 -11.04
C SER BA 83 16.84 -46.71 -9.58
N VAL BA 84 17.87 -46.36 -8.82
CA VAL BA 84 17.88 -46.65 -7.39
C VAL BA 84 16.84 -45.78 -6.68
N GLY BA 85 16.56 -44.61 -7.23
CA GLY BA 85 15.59 -43.73 -6.61
C GLY BA 85 16.18 -43.12 -5.35
N HIS BA 86 15.41 -43.02 -4.29
CA HIS BA 86 15.93 -42.57 -3.01
C HIS BA 86 16.19 -43.71 -2.05
N SER BA 87 16.65 -44.85 -2.53
CA SER BA 87 16.99 -45.93 -1.62
C SER BA 87 18.16 -45.54 -0.75
N LEU BA 88 18.18 -46.05 0.47
CA LEU BA 88 19.30 -45.77 1.34
C LEU BA 88 20.53 -46.58 0.97
N LEU BA 89 20.35 -47.63 0.16
CA LEU BA 89 21.43 -48.49 -0.35
C LEU BA 89 22.27 -49.08 0.78
N LEU BA 90 21.58 -49.74 1.70
CA LEU BA 90 22.26 -50.41 2.79
C LEU BA 90 23.06 -51.58 2.25
N LEU BA 91 24.14 -51.92 2.94
CA LEU BA 91 25.02 -52.99 2.47
C LEU BA 91 24.30 -54.33 2.47
N TRP BA 92 23.41 -54.53 3.42
CA TRP BA 92 22.58 -55.72 3.52
C TRP BA 92 21.26 -55.59 2.76
N GLY BA 93 21.05 -54.48 2.05
CA GLY BA 93 19.74 -54.12 1.57
C GLY BA 93 19.23 -54.95 0.41
N PRO BA 94 18.09 -54.56 -0.17
CA PRO BA 94 17.57 -55.31 -1.31
C PRO BA 94 18.33 -55.05 -2.60
N GLU BA 95 19.08 -53.96 -2.69
CA GLU BA 95 19.86 -53.67 -3.89
C GLU BA 95 21.22 -54.35 -3.85
N ALA BA 96 21.95 -54.20 -2.76
CA ALA BA 96 23.31 -54.72 -2.69
C ALA BA 96 23.33 -56.18 -2.27
N GLN BA 97 22.48 -56.54 -1.32
CA GLN BA 97 22.26 -57.92 -0.84
C GLN BA 97 23.52 -58.53 -0.26
N GLY BA 98 24.26 -57.75 0.51
CA GLY BA 98 25.41 -58.25 1.22
C GLY BA 98 26.71 -58.20 0.46
N ASP BA 99 26.67 -58.11 -0.87
CA ASP BA 99 27.90 -58.09 -1.65
C ASP BA 99 28.54 -56.72 -1.53
N PHE BA 100 29.84 -56.69 -1.25
CA PHE BA 100 30.53 -55.42 -1.17
C PHE BA 100 30.79 -54.84 -2.55
N THR BA 101 31.15 -55.69 -3.50
CA THR BA 101 31.58 -55.22 -4.82
C THR BA 101 30.44 -54.64 -5.60
N ARG BA 102 29.28 -55.28 -5.57
CA ARG BA 102 28.11 -54.72 -6.25
C ARG BA 102 27.55 -53.53 -5.50
N TRP BA 103 27.87 -53.38 -4.22
CA TRP BA 103 27.44 -52.21 -3.49
C TRP BA 103 28.21 -50.98 -3.94
N CYS BA 104 29.50 -51.13 -4.22
CA CYS BA 104 30.31 -50.01 -4.65
C CYS BA 104 29.96 -49.59 -6.07
N GLN BA 105 29.59 -50.54 -6.93
CA GLN BA 105 29.30 -50.19 -8.31
C GLN BA 105 27.95 -49.51 -8.46
N ILE BA 106 26.98 -49.81 -7.61
CA ILE BA 106 25.72 -49.08 -7.61
C ILE BA 106 25.89 -47.66 -7.10
N GLY BA 107 26.88 -47.42 -6.27
CA GLY BA 107 27.08 -46.09 -5.73
C GLY BA 107 26.72 -46.10 -4.27
N GLY BA 108 27.03 -47.19 -3.60
CA GLY BA 108 26.66 -47.32 -2.22
C GLY BA 108 27.55 -46.55 -1.29
N LEU BA 109 28.79 -46.28 -1.70
CA LEU BA 109 29.69 -45.51 -0.84
C LEU BA 109 29.25 -44.07 -0.70
N TRP BA 110 28.50 -43.55 -1.66
CA TRP BA 110 28.10 -42.15 -1.59
C TRP BA 110 27.11 -41.94 -0.46
N THR BA 111 26.12 -42.83 -0.33
CA THR BA 111 25.23 -42.73 0.81
C THR BA 111 25.94 -43.13 2.09
N PHE BA 112 26.95 -43.98 2.00
CA PHE BA 112 27.76 -44.31 3.17
C PHE BA 112 28.51 -43.08 3.66
N VAL BA 113 29.01 -42.27 2.75
CA VAL BA 113 29.72 -41.05 3.13
C VAL BA 113 28.74 -40.02 3.66
N ALA BA 114 27.61 -39.86 2.96
CA ALA BA 114 26.67 -38.80 3.32
C ALA BA 114 25.93 -39.11 4.62
N LEU BA 115 25.61 -40.37 4.89
CA LEU BA 115 24.89 -40.69 6.12
C LEU BA 115 25.81 -40.69 7.31
N HIS BA 116 26.96 -41.38 7.24
CA HIS BA 116 27.91 -41.32 8.35
C HIS BA 116 28.55 -39.95 8.46
N GLY BA 117 28.48 -39.13 7.42
CA GLY BA 117 28.92 -37.76 7.54
C GLY BA 117 27.90 -36.88 8.23
N ALA BA 118 26.61 -37.16 8.01
CA ALA BA 118 25.58 -36.37 8.66
C ALA BA 118 25.51 -36.67 10.15
N PHE BA 119 25.89 -37.87 10.55
CA PHE BA 119 26.02 -38.17 11.96
C PHE BA 119 27.41 -37.84 12.50
N GLY BA 120 28.27 -37.27 11.67
CA GLY BA 120 29.50 -36.72 12.18
C GLY BA 120 29.27 -35.27 12.56
N LEU BA 121 28.47 -34.58 11.77
CA LEU BA 121 28.16 -33.18 12.06
C LEU BA 121 27.19 -33.04 13.21
N ILE BA 122 26.33 -34.04 13.42
CA ILE BA 122 25.59 -34.14 14.67
C ILE BA 122 26.56 -34.34 15.82
N GLY BA 123 27.46 -35.31 15.68
CA GLY BA 123 28.38 -35.63 16.76
C GLY BA 123 29.44 -34.59 17.00
N PHE BA 124 29.71 -33.74 16.01
CA PHE BA 124 30.70 -32.69 16.25
C PHE BA 124 30.05 -31.47 16.87
N CYS BA 125 28.78 -31.22 16.60
CA CYS BA 125 28.11 -30.10 17.25
C CYS BA 125 27.76 -30.43 18.69
N LEU BA 126 27.48 -31.69 19.00
CA LEU BA 126 27.36 -32.13 20.39
C LEU BA 126 28.68 -32.07 21.12
N ARG BA 127 29.79 -32.20 20.40
CA ARG BA 127 31.10 -32.03 21.01
C ARG BA 127 31.29 -30.61 21.49
N GLN BA 128 30.76 -29.63 20.78
CA GLN BA 128 30.93 -28.25 21.16
C GLN BA 128 30.00 -27.83 22.29
N PHE BA 129 28.91 -28.56 22.55
CA PHE BA 129 28.14 -28.31 23.76
C PHE BA 129 28.78 -28.97 24.96
N GLU BA 130 29.51 -30.05 24.76
CA GLU BA 130 30.03 -30.77 25.91
C GLU BA 130 31.28 -30.12 26.45
N ILE BA 131 32.14 -29.62 25.55
CA ILE BA 131 33.39 -29.00 26.01
C ILE BA 131 33.10 -27.64 26.62
N ALA BA 132 32.08 -26.96 26.12
CA ALA BA 132 31.74 -25.65 26.68
C ALA BA 132 31.16 -25.78 28.09
N ARG BA 133 30.54 -26.92 28.39
CA ARG BA 133 29.98 -27.09 29.72
C ARG BA 133 31.06 -27.47 30.71
N LEU BA 134 32.12 -28.13 30.25
CA LEU BA 134 33.19 -28.51 31.16
C LEU BA 134 34.13 -27.33 31.41
N VAL BA 135 34.44 -26.58 30.36
CA VAL BA 135 35.25 -25.38 30.52
C VAL BA 135 34.44 -24.29 31.21
N GLY BA 136 33.16 -24.20 30.90
CA GLY BA 136 32.30 -23.27 31.60
C GLY BA 136 32.15 -21.95 30.89
N ILE BA 137 31.82 -22.01 29.60
CA ILE BA 137 31.67 -20.82 28.77
C ILE BA 137 30.31 -20.88 28.10
N ARG BA 138 29.97 -19.80 27.45
CA ARG BA 138 28.72 -19.71 26.72
C ARG BA 138 28.84 -20.51 25.43
N PRO BA 139 27.75 -21.10 24.93
CA PRO BA 139 27.90 -22.05 23.82
C PRO BA 139 27.70 -21.44 22.45
N TYR BA 140 28.43 -20.39 22.09
CA TYR BA 140 28.21 -19.79 20.78
C TYR BA 140 29.00 -20.44 19.66
N ASN BA 141 29.96 -21.29 19.99
CA ASN BA 141 30.63 -22.03 18.93
C ASN BA 141 29.69 -23.09 18.37
N ALA BA 142 28.92 -23.71 19.24
CA ALA BA 142 27.97 -24.74 18.82
C ALA BA 142 26.79 -24.17 18.07
N ILE BA 143 26.54 -22.88 18.21
CA ILE BA 143 25.44 -22.23 17.51
C ILE BA 143 25.92 -21.61 16.21
N ALA BA 144 27.18 -21.17 16.15
CA ALA BA 144 27.75 -20.76 14.88
C ALA BA 144 28.08 -21.94 13.99
N PHE BA 145 28.37 -23.10 14.57
CA PHE BA 145 28.59 -24.28 13.74
C PHE BA 145 27.28 -24.83 13.18
N SER BA 146 26.14 -24.37 13.69
CA SER BA 146 24.86 -24.78 13.12
C SER BA 146 24.67 -24.20 11.72
N GLY BA 147 25.40 -23.15 11.38
CA GLY BA 147 25.46 -22.64 10.04
C GLY BA 147 25.89 -23.67 9.01
N PRO BA 148 27.10 -24.23 9.15
CA PRO BA 148 27.53 -25.31 8.24
C PRO BA 148 26.70 -26.58 8.31
N ILE BA 149 25.98 -26.82 9.39
CA ILE BA 149 25.06 -27.95 9.40
C ILE BA 149 23.90 -27.68 8.46
N ALA BA 150 23.43 -26.44 8.40
CA ALA BA 150 22.31 -26.09 7.54
C ALA BA 150 22.69 -26.07 6.07
N VAL BA 151 23.97 -26.10 5.73
CA VAL BA 151 24.37 -26.18 4.33
C VAL BA 151 24.59 -27.63 3.91
N PHE BA 152 25.11 -28.47 4.82
CA PHE BA 152 25.24 -29.87 4.49
C PHE BA 152 23.88 -30.53 4.33
N VAL BA 153 22.98 -30.28 5.28
CA VAL BA 153 21.68 -30.93 5.28
C VAL BA 153 20.85 -30.48 4.10
N SER BA 154 20.81 -29.18 3.85
CA SER BA 154 19.91 -28.69 2.83
C SER BA 154 20.46 -28.81 1.42
N VAL BA 155 21.65 -29.37 1.23
CA VAL BA 155 22.22 -29.59 -0.10
C VAL BA 155 22.50 -31.06 -0.34
N PHE BA 156 23.24 -31.70 0.56
CA PHE BA 156 23.57 -33.09 0.38
C PHE BA 156 22.45 -34.02 0.79
N LEU BA 157 21.49 -33.54 1.59
CA LEU BA 157 20.38 -34.36 1.98
C LEU BA 157 19.04 -33.83 1.47
N LEU BA 158 18.65 -32.60 1.82
CA LEU BA 158 17.32 -32.15 1.46
C LEU BA 158 17.17 -31.75 0.01
N TYR BA 159 18.24 -31.61 -0.73
CA TYR BA 159 18.06 -31.27 -2.14
C TYR BA 159 17.78 -32.49 -3.02
N PRO BA 160 18.47 -33.64 -2.90
CA PRO BA 160 18.03 -34.80 -3.69
C PRO BA 160 16.75 -35.42 -3.23
N LEU BA 161 16.30 -35.15 -2.00
CA LEU BA 161 15.02 -35.74 -1.57
C LEU BA 161 13.86 -35.09 -2.29
N GLY BA 162 13.91 -33.79 -2.50
CA GLY BA 162 12.89 -33.14 -3.28
C GLY BA 162 12.97 -33.43 -4.76
N GLN BA 163 14.13 -33.82 -5.24
CA GLN BA 163 14.31 -34.13 -6.66
C GLN BA 163 13.96 -35.59 -6.93
N ALA BA 164 14.38 -36.08 -8.09
CA ALA BA 164 13.92 -37.38 -8.55
C ALA BA 164 14.60 -38.53 -7.81
N SER BA 165 15.86 -38.35 -7.40
CA SER BA 165 16.61 -39.40 -6.72
C SER BA 165 17.84 -38.81 -6.06
N TRP BA 166 18.75 -39.67 -5.57
CA TRP BA 166 20.02 -39.20 -5.06
C TRP BA 166 20.96 -38.78 -6.17
N PHE BA 167 20.60 -39.06 -7.43
CA PHE BA 167 21.47 -38.76 -8.56
C PHE BA 167 21.69 -37.27 -8.73
N PHE BA 168 20.71 -36.46 -8.33
CA PHE BA 168 20.84 -35.03 -8.52
C PHE BA 168 21.48 -34.35 -7.33
N ALA BA 169 22.31 -35.04 -6.57
CA ALA BA 169 22.99 -34.48 -5.42
C ALA BA 169 24.43 -34.17 -5.78
N PRO BA 170 25.13 -33.35 -4.99
CA PRO BA 170 26.55 -33.12 -5.26
C PRO BA 170 27.38 -34.35 -4.94
N SER BA 171 28.16 -34.80 -5.90
CA SER BA 171 29.10 -35.86 -5.63
C SER BA 171 30.26 -35.31 -4.83
N PHE BA 172 30.87 -36.15 -4.01
CA PHE BA 172 31.93 -35.67 -3.12
C PHE BA 172 33.27 -35.66 -3.84
N GLY BA 173 33.42 -34.73 -4.75
CA GLY BA 173 34.68 -34.56 -5.44
C GLY BA 173 34.77 -33.15 -5.96
N VAL BA 174 36.00 -32.73 -6.28
CA VAL BA 174 36.28 -31.31 -6.48
C VAL BA 174 35.61 -30.80 -7.74
N ALA BA 175 35.81 -31.48 -8.87
CA ALA BA 175 35.13 -31.08 -10.09
C ALA BA 175 33.67 -31.50 -10.10
N ALA BA 176 33.30 -32.44 -9.25
CA ALA BA 176 31.91 -32.87 -9.21
C ALA BA 176 31.05 -31.87 -8.47
N ILE BA 177 31.64 -31.08 -7.57
CA ILE BA 177 30.94 -29.92 -7.06
C ILE BA 177 30.82 -28.88 -8.17
N PHE BA 178 31.83 -28.80 -9.05
CA PHE BA 178 31.89 -27.73 -10.04
C PHE BA 178 30.79 -27.86 -11.08
N ARG BA 179 30.44 -29.09 -11.45
CA ARG BA 179 29.31 -29.26 -12.35
C ARG BA 179 27.99 -28.99 -11.65
N PHE BA 180 27.93 -29.27 -10.35
CA PHE BA 180 26.74 -28.95 -9.57
C PHE BA 180 26.53 -27.45 -9.49
N LEU BA 181 27.61 -26.69 -9.55
CA LEU BA 181 27.47 -25.24 -9.67
C LEU BA 181 26.92 -24.87 -11.03
N LEU BA 182 27.30 -25.60 -12.07
CA LEU BA 182 26.85 -25.26 -13.42
C LEU BA 182 25.49 -25.86 -13.71
N PHE BA 183 25.20 -27.04 -13.13
CA PHE BA 183 23.87 -27.62 -13.26
C PHE BA 183 22.81 -26.77 -12.60
N LEU BA 184 23.16 -26.02 -11.57
CA LEU BA 184 22.19 -25.23 -10.85
C LEU BA 184 21.94 -23.85 -11.46
N GLN BA 185 22.73 -23.44 -12.42
CA GLN BA 185 22.44 -22.19 -13.10
C GLN BA 185 21.53 -22.40 -14.30
N GLY BA 186 21.83 -23.40 -15.12
CA GLY BA 186 21.07 -23.60 -16.31
C GLY BA 186 19.67 -24.10 -16.04
N PHE BA 187 19.54 -24.96 -15.04
CA PHE BA 187 18.28 -25.64 -14.81
C PHE BA 187 17.44 -24.92 -13.76
N HIS BA 188 18.08 -24.16 -12.89
CA HIS BA 188 17.36 -23.55 -11.78
C HIS BA 188 17.46 -22.04 -11.72
N ASN BA 189 18.41 -21.42 -12.42
CA ASN BA 189 18.75 -20.00 -12.30
C ASN BA 189 19.00 -19.63 -10.85
N TRP BA 190 20.06 -20.23 -10.29
CA TRP BA 190 20.31 -20.12 -8.86
C TRP BA 190 20.83 -18.76 -8.45
N THR BA 191 21.55 -18.08 -9.35
CA THR BA 191 22.14 -16.81 -8.96
C THR BA 191 21.08 -15.72 -8.86
N LEU BA 192 19.93 -15.92 -9.48
CA LEU BA 192 18.89 -14.91 -9.42
C LEU BA 192 18.14 -14.97 -8.10
N ASN BA 193 18.21 -16.08 -7.39
CA ASN BA 193 17.49 -16.36 -6.16
C ASN BA 193 17.97 -15.40 -5.07
N PRO BA 194 17.07 -14.66 -4.38
CA PRO BA 194 17.55 -13.73 -3.35
C PRO BA 194 18.15 -14.38 -2.14
N PHE BA 195 18.09 -15.70 -2.05
CA PHE BA 195 18.65 -16.35 -0.89
C PHE BA 195 20.12 -16.63 -1.12
N HIS BA 196 20.54 -16.82 -2.36
CA HIS BA 196 21.96 -16.83 -2.65
C HIS BA 196 22.53 -15.43 -2.50
N MET BA 197 21.75 -14.42 -2.91
CA MET BA 197 22.21 -13.04 -2.85
C MET BA 197 22.41 -12.58 -1.41
N MET BA 198 21.60 -13.09 -0.49
CA MET BA 198 21.88 -12.83 0.92
C MET BA 198 22.95 -13.75 1.47
N GLY BA 199 23.37 -14.75 0.71
CA GLY BA 199 24.40 -15.63 1.19
C GLY BA 199 25.77 -15.18 0.74
N VAL BA 200 25.84 -14.60 -0.47
CA VAL BA 200 27.08 -14.03 -0.95
C VAL BA 200 27.44 -12.81 -0.12
N ALA BA 201 26.42 -12.09 0.35
CA ALA BA 201 26.64 -10.93 1.20
C ALA BA 201 27.17 -11.32 2.57
N GLY BA 202 26.97 -12.58 2.98
CA GLY BA 202 27.49 -13.00 4.26
C GLY BA 202 28.87 -13.62 4.14
N ILE BA 203 29.13 -14.30 3.03
CA ILE BA 203 30.44 -14.90 2.82
C ILE BA 203 31.47 -13.85 2.46
N LEU BA 204 31.16 -12.99 1.48
CA LEU BA 204 32.07 -11.90 1.18
C LEU BA 204 32.01 -10.83 2.27
N GLY BA 205 30.93 -10.79 3.03
CA GLY BA 205 30.88 -9.91 4.18
C GLY BA 205 31.62 -10.47 5.38
N GLY BA 206 31.66 -11.79 5.52
CA GLY BA 206 32.39 -12.38 6.62
C GLY BA 206 33.89 -12.37 6.39
N ALA BA 207 34.31 -12.53 5.13
CA ALA BA 207 35.72 -12.42 4.80
C ALA BA 207 36.19 -10.98 4.93
N LEU BA 208 35.27 -10.03 4.75
CA LEU BA 208 35.61 -8.62 4.91
C LEU BA 208 35.92 -8.29 6.35
N LEU BA 209 35.12 -8.81 7.29
CA LEU BA 209 35.24 -8.45 8.69
C LEU BA 209 36.50 -9.00 9.33
N CYS BA 210 36.95 -10.17 8.91
CA CYS BA 210 38.17 -10.69 9.52
C CYS BA 210 39.40 -10.05 8.89
N ALA BA 211 39.28 -9.54 7.67
CA ALA BA 211 40.40 -8.84 7.08
C ALA BA 211 40.53 -7.44 7.66
N ILE BA 212 39.44 -6.84 8.13
CA ILE BA 212 39.55 -5.54 8.76
C ILE BA 212 39.97 -5.68 10.21
N HIS BA 213 39.28 -6.55 10.94
CA HIS BA 213 39.60 -6.74 12.35
C HIS BA 213 40.97 -7.37 12.52
N GLY BA 214 41.42 -8.11 11.52
CA GLY BA 214 42.80 -8.54 11.53
C GLY BA 214 43.77 -7.39 11.35
N ALA BA 215 43.46 -6.49 10.45
CA ALA BA 215 44.39 -5.43 10.10
C ALA BA 215 44.24 -4.18 10.95
N THR BA 216 43.23 -4.10 11.80
CA THR BA 216 43.11 -2.94 12.67
C THR BA 216 43.66 -3.22 14.06
N VAL BA 217 43.52 -4.44 14.55
CA VAL BA 217 44.15 -4.83 15.81
C VAL BA 217 45.65 -4.82 15.63
N GLU BA 218 46.12 -5.31 14.49
CA GLU BA 218 47.55 -5.44 14.30
C GLU BA 218 48.19 -4.10 14.00
N ASN BA 219 47.40 -3.07 13.73
CA ASN BA 219 47.94 -1.75 13.45
C ASN BA 219 47.61 -0.71 14.50
N THR BA 220 47.03 -1.08 15.63
CA THR BA 220 46.91 -0.18 16.76
C THR BA 220 47.51 -0.78 18.01
N LEU BA 221 48.55 -1.61 17.86
CA LEU BA 221 49.15 -2.30 18.98
C LEU BA 221 49.89 -1.34 19.88
N PHE BA 222 50.05 -1.71 21.14
CA PHE BA 222 50.86 -0.89 22.01
C PHE BA 222 52.31 -1.34 21.97
N GLU BA 223 53.20 -0.43 22.35
CA GLU BA 223 54.60 -0.78 22.57
C GLU BA 223 54.69 -1.52 23.88
N ASP BA 224 54.95 -2.82 23.82
CA ASP BA 224 55.20 -3.59 25.02
C ASP BA 224 56.59 -4.18 25.03
N GLY BA 225 57.46 -3.74 24.12
CA GLY BA 225 58.81 -4.26 24.05
C GLY BA 225 59.67 -3.38 23.18
N ASP BA 226 60.98 -3.61 23.26
CA ASP BA 226 61.91 -2.81 22.48
C ASP BA 226 62.21 -3.45 21.14
N ALA BA 227 61.79 -4.69 20.94
CA ALA BA 227 62.09 -5.39 19.69
C ALA BA 227 61.19 -4.87 18.59
N ALA BA 228 61.64 -5.06 17.34
CA ALA BA 228 60.82 -4.66 16.20
C ALA BA 228 59.70 -5.65 15.95
N ASN BA 229 59.91 -6.90 16.34
CA ASN BA 229 58.85 -7.89 16.26
C ASN BA 229 57.81 -7.65 17.34
N THR BA 230 56.56 -7.44 16.92
CA THR BA 230 55.50 -7.21 17.88
C THR BA 230 54.81 -8.48 18.32
N PHE BA 231 55.12 -9.62 17.71
CA PHE BA 231 54.48 -10.87 18.12
C PHE BA 231 55.03 -11.35 19.45
N ARG BA 232 56.24 -10.93 19.78
CA ARG BA 232 56.90 -11.42 20.99
C ARG BA 232 56.31 -10.78 22.24
N ALA BA 233 55.69 -9.62 22.11
CA ALA BA 233 55.34 -8.79 23.25
C ALA BA 233 53.89 -9.03 23.68
N PHE BA 234 53.59 -10.29 23.99
CA PHE BA 234 52.25 -10.62 24.48
C PHE BA 234 52.33 -11.86 25.35
N THR BA 235 52.20 -11.69 26.64
CA THR BA 235 51.97 -12.85 27.48
C THR BA 235 50.48 -13.09 27.60
N PRO BA 236 50.04 -14.36 27.54
CA PRO BA 236 48.59 -14.63 27.38
C PRO BA 236 47.75 -14.28 28.59
N THR BA 237 48.32 -14.30 29.79
CA THR BA 237 47.55 -14.10 31.01
C THR BA 237 47.59 -12.66 31.50
N GLN BA 238 47.78 -11.70 30.61
CA GLN BA 238 47.84 -10.31 31.04
C GLN BA 238 46.46 -9.67 30.93
N SER BA 239 46.20 -8.72 31.82
CA SER BA 239 44.89 -8.08 31.89
C SER BA 239 44.82 -6.78 31.12
N GLU BA 240 45.95 -6.21 30.73
CA GLU BA 240 45.95 -5.01 29.91
C GLU BA 240 45.61 -5.38 28.48
N GLU BA 241 44.73 -4.59 27.86
CA GLU BA 241 44.39 -4.82 26.47
C GLU BA 241 45.59 -4.52 25.59
N THR BA 242 45.68 -5.22 24.47
CA THR BA 242 46.87 -5.17 23.64
C THR BA 242 46.75 -4.22 22.47
N TYR BA 243 45.62 -3.55 22.30
CA TYR BA 243 45.51 -2.60 21.21
C TYR BA 243 44.57 -1.47 21.60
N SER BA 244 44.85 -0.28 21.09
CA SER BA 244 44.10 0.91 21.47
C SER BA 244 42.77 0.96 20.76
N MET BA 245 41.70 0.66 21.48
CA MET BA 245 40.35 0.72 20.91
C MET BA 245 39.94 2.15 20.61
N VAL BA 246 40.41 3.11 21.41
CA VAL BA 246 40.06 4.51 21.20
C VAL BA 246 40.68 5.03 19.92
N THR BA 247 41.90 4.58 19.63
CA THR BA 247 42.58 4.98 18.40
C THR BA 247 41.91 4.38 17.18
N ALA BA 248 41.55 3.10 17.26
CA ALA BA 248 40.96 2.41 16.12
C ALA BA 248 39.57 2.91 15.83
N ASN BA 249 38.86 3.36 16.86
CA ASN BA 249 37.59 4.03 16.63
C ASN BA 249 37.81 5.37 15.96
N ARG BA 250 38.83 6.11 16.40
CA ARG BA 250 39.10 7.44 15.85
C ARG BA 250 39.60 7.33 14.42
N PHE BA 251 40.25 6.22 14.08
CA PHE BA 251 40.67 6.00 12.70
C PHE BA 251 39.47 5.81 11.80
N TRP BA 252 38.65 4.80 12.07
CA TRP BA 252 37.57 4.48 11.14
C TRP BA 252 36.44 5.48 11.18
N SER BA 253 36.31 6.26 12.25
CA SER BA 253 35.27 7.29 12.26
C SER BA 253 35.56 8.41 11.29
N GLN BA 254 36.81 8.56 10.88
CA GLN BA 254 37.18 9.57 9.92
C GLN BA 254 37.46 9.01 8.53
N ILE BA 255 37.87 7.77 8.43
CA ILE BA 255 38.02 7.15 7.12
C ILE BA 255 36.67 6.76 6.55
N PHE BA 256 35.96 5.89 7.26
CA PHE BA 256 34.73 5.30 6.74
C PHE BA 256 33.50 6.06 7.20
N GLY BA 257 33.58 6.78 8.31
CA GLY BA 257 32.50 7.61 8.79
C GLY BA 257 31.80 7.06 10.01
N VAL BA 258 31.75 5.73 10.16
CA VAL BA 258 31.10 5.11 11.28
C VAL BA 258 31.91 3.89 11.68
N ALA BA 259 31.92 3.59 12.98
CA ALA BA 259 32.89 2.62 13.49
C ALA BA 259 32.38 2.02 14.78
N PHE BA 260 32.90 0.82 15.08
CA PHE BA 260 32.56 0.14 16.32
C PHE BA 260 33.17 0.85 17.51
N SER BA 261 32.37 1.03 18.56
CA SER BA 261 32.86 1.50 19.84
C SER BA 261 32.60 0.48 20.93
N ASN BA 262 32.63 -0.80 20.58
CA ASN BA 262 32.20 -1.84 21.50
C ASN BA 262 32.82 -3.15 21.06
N LYS BA 263 33.75 -3.68 21.86
CA LYS BA 263 34.40 -4.95 21.51
C LYS BA 263 33.46 -6.12 21.66
N ARG BA 264 32.48 -6.00 22.55
CA ARG BA 264 31.52 -7.08 22.72
C ARG BA 264 30.54 -7.10 21.54
N TRP BA 265 30.20 -5.93 21.01
CA TRP BA 265 29.33 -5.88 19.85
C TRP BA 265 30.09 -6.22 18.59
N LEU BA 266 31.38 -5.93 18.55
CA LEU BA 266 32.19 -6.18 17.37
C LEU BA 266 32.31 -7.67 17.12
N HIS BA 267 32.78 -8.39 18.13
CA HIS BA 267 33.00 -9.82 17.96
C HIS BA 267 31.70 -10.59 17.87
N PHE BA 268 30.61 -10.07 18.38
CA PHE BA 268 29.35 -10.72 18.06
C PHE BA 268 28.98 -10.49 16.62
N PHE BA 269 29.32 -9.33 16.07
CA PHE BA 269 28.94 -9.02 14.70
C PHE BA 269 29.77 -9.83 13.72
N MET BA 270 30.94 -10.29 14.15
CA MET BA 270 31.73 -11.21 13.35
C MET BA 270 31.20 -12.63 13.40
N LEU BA 271 30.24 -12.90 14.27
CA LEU BA 271 29.55 -14.19 14.30
C LEU BA 271 28.29 -14.14 13.48
N PHE BA 272 27.57 -13.03 13.56
CA PHE BA 272 26.26 -12.94 12.94
C PHE BA 272 26.37 -12.92 11.43
N VAL BA 273 27.34 -12.18 10.90
CA VAL BA 273 27.42 -11.98 9.46
C VAL BA 273 27.81 -13.23 8.68
N PRO BA 274 28.81 -14.04 9.08
CA PRO BA 274 29.05 -15.25 8.28
C PRO BA 274 27.98 -16.30 8.44
N VAL BA 275 27.38 -16.42 9.61
CA VAL BA 275 26.46 -17.52 9.88
C VAL BA 275 25.12 -17.28 9.21
N THR BA 276 24.64 -16.04 9.22
CA THR BA 276 23.36 -15.71 8.59
C THR BA 276 23.40 -15.91 7.09
N GLY BA 277 24.56 -15.71 6.47
CA GLY BA 277 24.69 -16.00 5.06
C GLY BA 277 24.62 -17.49 4.74
N LEU BA 278 24.85 -18.33 5.74
CA LEU BA 278 24.66 -19.75 5.53
C LEU BA 278 23.25 -20.18 5.86
N TRP BA 279 22.53 -19.40 6.67
CA TRP BA 279 21.14 -19.76 6.94
C TRP BA 279 20.22 -19.24 5.87
N THR BA 280 20.44 -18.02 5.38
CA THR BA 280 19.58 -17.49 4.34
C THR BA 280 19.80 -18.22 3.02
N SER BA 281 21.02 -18.64 2.73
CA SER BA 281 21.25 -19.40 1.51
C SER BA 281 20.77 -20.83 1.64
N SER BA 282 20.56 -21.29 2.87
CA SER BA 282 20.07 -22.64 3.07
C SER BA 282 18.57 -22.71 2.89
N ILE BA 283 17.88 -21.58 3.07
CA ILE BA 283 16.44 -21.55 2.88
C ILE BA 283 16.09 -21.64 1.40
N GLY BA 284 16.91 -21.07 0.54
CA GLY BA 284 16.61 -21.06 -0.87
C GLY BA 284 16.83 -22.39 -1.53
N ILE BA 285 17.83 -23.15 -1.08
CA ILE BA 285 18.13 -24.42 -1.69
C ILE BA 285 17.13 -25.49 -1.27
N VAL BA 286 16.42 -25.26 -0.17
CA VAL BA 286 15.24 -26.06 0.13
C VAL BA 286 14.12 -25.72 -0.82
N GLY BA 287 14.03 -24.46 -1.24
CA GLY BA 287 13.05 -24.11 -2.24
C GLY BA 287 13.40 -24.54 -3.65
N LEU BA 288 14.59 -25.08 -3.88
CA LEU BA 288 14.89 -25.66 -5.17
C LEU BA 288 14.79 -27.16 -5.20
N ALA BA 289 14.64 -27.79 -4.04
CA ALA BA 289 14.24 -29.18 -4.05
C ALA BA 289 12.83 -29.33 -4.60
N LEU BA 290 12.00 -28.31 -4.46
CA LEU BA 290 10.63 -28.35 -4.90
C LEU BA 290 10.44 -27.71 -6.26
N ASN BA 291 11.54 -27.33 -6.88
CA ASN BA 291 11.57 -26.56 -8.12
C ASN BA 291 10.78 -25.27 -8.02
N LEU BA 292 10.75 -24.64 -6.86
CA LEU BA 292 10.23 -23.29 -6.71
C LEU BA 292 11.37 -22.29 -6.89
N ARG BA 293 11.76 -22.12 -8.14
CA ARG BA 293 12.88 -21.29 -8.51
C ARG BA 293 12.43 -19.89 -8.90
N ALA BA 294 13.31 -18.93 -8.69
CA ALA BA 294 13.10 -17.58 -9.23
C ALA BA 294 13.67 -17.56 -10.65
N TYR BA 295 12.88 -18.04 -11.58
CA TYR BA 295 13.39 -18.25 -12.92
C TYR BA 295 13.25 -16.99 -13.77
N ASP BA 296 12.05 -16.40 -13.79
CA ASP BA 296 11.83 -15.29 -14.72
C ASP BA 296 11.11 -14.13 -14.04
N PHE BA 297 11.39 -12.93 -14.54
CA PHE BA 297 10.53 -11.77 -14.32
C PHE BA 297 9.55 -11.73 -15.47
N VAL BA 298 8.28 -11.97 -15.19
CA VAL BA 298 7.30 -12.15 -16.25
C VAL BA 298 7.04 -10.83 -16.96
N SER BA 299 7.19 -9.70 -16.27
CA SER BA 299 7.07 -8.40 -16.93
C SER BA 299 8.22 -8.18 -17.90
N GLN BA 300 9.38 -8.77 -17.63
CA GLN BA 300 10.46 -8.75 -18.61
C GLN BA 300 10.20 -9.75 -19.74
N GLU BA 301 9.50 -10.83 -19.44
CA GLU BA 301 9.33 -11.87 -20.44
C GLU BA 301 8.16 -11.58 -21.36
N LEU BA 302 7.09 -11.00 -20.82
CA LEU BA 302 5.95 -10.63 -21.66
C LEU BA 302 6.31 -9.49 -22.60
N ARG BA 303 7.22 -8.62 -22.16
CA ARG BA 303 7.61 -7.49 -22.98
C ARG BA 303 8.57 -7.92 -24.09
N ALA BA 304 9.50 -8.82 -23.78
CA ALA BA 304 10.45 -9.26 -24.79
C ALA BA 304 9.81 -10.16 -25.82
N ALA BA 305 8.65 -10.73 -25.51
CA ALA BA 305 7.92 -11.51 -26.49
C ALA BA 305 7.17 -10.60 -27.45
N GLU BA 306 6.58 -9.52 -26.94
CA GLU BA 306 5.79 -8.64 -27.79
C GLU BA 306 6.65 -7.65 -28.53
N ASP BA 307 7.78 -7.25 -27.93
CA ASP BA 307 8.68 -6.29 -28.56
C ASP BA 307 9.97 -7.02 -28.92
N PRO BA 308 10.19 -7.38 -30.18
CA PRO BA 308 11.43 -8.08 -30.52
C PRO BA 308 12.60 -7.14 -30.79
N GLU BA 309 12.73 -6.11 -29.96
CA GLU BA 309 13.89 -5.24 -29.92
C GLU BA 309 14.36 -4.98 -28.51
N PHE BA 310 13.55 -5.30 -27.50
CA PHE BA 310 13.85 -4.97 -26.12
C PHE BA 310 14.77 -6.03 -25.54
N GLU BA 311 16.00 -5.63 -25.23
CA GLU BA 311 16.99 -6.54 -24.69
C GLU BA 311 17.59 -5.94 -23.44
N THR BA 312 17.70 -6.76 -22.39
CA THR BA 312 18.39 -6.38 -21.19
C THR BA 312 19.56 -7.33 -21.01
N PHE BA 313 20.30 -7.17 -19.91
CA PHE BA 313 21.26 -8.22 -19.54
C PHE BA 313 20.54 -9.44 -19.02
N TYR BA 314 19.32 -9.25 -18.53
CA TYR BA 314 18.60 -10.33 -17.91
C TYR BA 314 18.12 -11.35 -18.94
N THR BA 315 17.67 -10.87 -20.10
CA THR BA 315 17.26 -11.80 -21.15
C THR BA 315 18.47 -12.40 -21.82
N LYS BA 316 19.65 -11.81 -21.64
CA LYS BA 316 20.87 -12.40 -22.16
C LYS BA 316 21.27 -13.62 -21.34
N ASN BA 317 20.83 -13.68 -20.08
CA ASN BA 317 21.21 -14.80 -19.25
C ASN BA 317 20.31 -16.01 -19.51
N HIS BA 318 19.14 -15.79 -20.08
CA HIS BA 318 18.29 -16.93 -20.42
C HIS BA 318 18.82 -17.69 -21.62
N LEU BA 319 19.39 -16.97 -22.59
CA LEU BA 319 19.97 -17.64 -23.73
C LEU BA 319 21.24 -18.36 -23.34
N LEU BA 320 21.93 -17.89 -22.30
CA LEU BA 320 23.05 -18.66 -21.79
C LEU BA 320 22.58 -19.89 -21.06
N ASP BA 321 21.34 -19.88 -20.55
CA ASP BA 321 20.82 -21.05 -19.85
C ASP BA 321 20.20 -22.06 -20.80
N GLU BA 322 19.76 -21.65 -21.99
CA GLU BA 322 19.37 -22.63 -22.98
C GLU BA 322 20.56 -23.44 -23.44
N GLY BA 323 21.75 -22.82 -23.49
CA GLY BA 323 22.94 -23.58 -23.81
C GLY BA 323 23.32 -24.55 -22.70
N ILE BA 324 23.05 -24.18 -21.46
CA ILE BA 324 23.34 -25.15 -20.41
C ILE BA 324 22.28 -26.24 -20.39
N ARG BA 325 21.01 -25.90 -20.61
CA ARG BA 325 19.97 -26.92 -20.58
C ARG BA 325 20.00 -27.89 -21.75
N ALA BA 326 20.59 -27.52 -22.87
CA ALA BA 326 20.55 -28.39 -24.03
C ALA BA 326 21.85 -29.16 -24.23
N TRP BA 327 22.98 -28.51 -24.02
CA TRP BA 327 24.24 -29.12 -24.43
C TRP BA 327 24.74 -30.13 -23.42
N MET BA 328 24.61 -29.83 -22.13
CA MET BA 328 25.13 -30.79 -21.17
C MET BA 328 24.15 -31.89 -20.85
N ALA BA 329 22.84 -31.66 -21.04
CA ALA BA 329 21.82 -32.61 -20.61
C ALA BA 329 21.84 -33.91 -21.39
N ALA BA 330 22.47 -33.94 -22.56
CA ALA BA 330 22.65 -35.22 -23.25
C ALA BA 330 23.61 -36.12 -22.49
N GLN BA 331 24.74 -35.58 -22.04
CA GLN BA 331 25.74 -36.36 -21.32
C GLN BA 331 25.55 -36.33 -19.82
N ASP BA 332 24.77 -35.37 -19.32
CA ASP BA 332 24.44 -35.27 -17.91
C ASP BA 332 23.64 -36.47 -17.43
N GLN BA 333 22.61 -36.84 -18.18
CA GLN BA 333 21.59 -37.79 -17.75
C GLN BA 333 21.57 -38.92 -18.77
N PRO BA 334 22.49 -39.89 -18.64
CA PRO BA 334 22.48 -41.00 -19.59
C PRO BA 334 21.36 -41.98 -19.34
N HIS BA 335 20.72 -41.91 -18.17
CA HIS BA 335 19.61 -42.81 -17.88
C HIS BA 335 18.38 -42.43 -18.68
N GLU BA 336 18.23 -41.15 -19.02
CA GLU BA 336 17.01 -40.72 -19.67
C GLU BA 336 17.09 -40.92 -21.17
N ASN BA 337 18.31 -41.13 -21.68
CA ASN BA 337 18.62 -41.35 -23.09
C ASN BA 337 18.12 -40.19 -23.95
N PHE BA 338 18.65 -39.00 -23.72
CA PHE BA 338 18.42 -37.88 -24.59
C PHE BA 338 19.26 -38.08 -25.84
N VAL BA 339 18.60 -38.33 -26.96
CA VAL BA 339 19.33 -38.34 -28.23
C VAL BA 339 18.92 -37.08 -28.97
N PHE BA 340 19.70 -36.04 -28.82
CA PHE BA 340 19.39 -34.82 -29.54
C PHE BA 340 19.96 -34.90 -30.94
N PRO BA 341 19.21 -34.47 -31.95
CA PRO BA 341 19.82 -34.18 -33.25
C PRO BA 341 20.75 -32.98 -33.15
N GLU BA 342 21.58 -32.83 -34.18
CA GLU BA 342 22.44 -31.66 -34.28
C GLU BA 342 21.63 -30.39 -34.54
N GLU BA 343 20.46 -30.55 -35.13
CA GLU BA 343 19.67 -29.42 -35.60
C GLU BA 343 18.70 -28.87 -34.57
N VAL BA 344 18.61 -29.46 -33.38
CA VAL BA 344 17.81 -28.85 -32.33
C VAL BA 344 18.66 -28.10 -31.32
N LEU BA 345 19.95 -28.37 -31.26
CA LEU BA 345 20.80 -27.75 -30.28
C LEU BA 345 20.98 -26.29 -30.62
N PRO BA 346 20.62 -25.36 -29.72
CA PRO BA 346 20.73 -23.94 -30.02
C PRO BA 346 22.19 -23.51 -30.12
N ARG BA 347 22.61 -23.21 -31.34
CA ARG BA 347 23.89 -22.59 -31.59
C ARG BA 347 23.66 -21.12 -31.88
N GLY BA 348 24.70 -20.33 -31.69
CA GLY BA 348 24.71 -18.96 -32.17
C GLY BA 348 25.15 -18.89 -33.61
N ASN BA 349 25.36 -17.67 -34.07
CA ASN BA 349 25.88 -17.45 -35.41
C ASN BA 349 27.35 -17.83 -35.42
N ALA BA 350 27.70 -18.81 -36.26
CA ALA BA 350 29.09 -19.14 -36.62
C ALA BA 350 29.92 -19.59 -35.43
N LEU BA 351 29.25 -20.19 -34.45
CA LEU BA 351 29.95 -20.81 -33.35
C LEU BA 351 29.54 -22.27 -33.23
N ARG CA 9 54.04 -38.36 27.30
CA ARG CA 9 55.32 -38.13 26.64
C ARG CA 9 55.14 -37.10 25.52
N PRO CA 10 56.06 -36.15 25.42
CA PRO CA 10 55.98 -35.14 24.35
C PRO CA 10 56.23 -35.79 22.99
N PHE CA 11 55.60 -35.22 21.96
CA PHE CA 11 55.62 -35.84 20.63
C PHE CA 11 56.98 -35.69 19.96
N SER CA 12 57.64 -34.56 20.18
CA SER CA 12 58.93 -34.34 19.52
C SER CA 12 60.03 -35.14 20.18
N ASP CA 13 59.81 -35.59 21.42
CA ASP CA 13 60.79 -36.44 22.07
C ASP CA 13 60.70 -37.87 21.55
N ILE CA 14 59.59 -38.22 20.93
CA ILE CA 14 59.41 -39.57 20.42
C ILE CA 14 60.18 -39.77 19.13
N ILE CA 15 59.97 -38.87 18.16
CA ILE CA 15 60.45 -39.12 16.79
C ILE CA 15 61.94 -38.86 16.70
N THR CA 16 62.52 -38.17 17.67
CA THR CA 16 63.95 -37.96 17.68
C THR CA 16 64.67 -39.10 18.36
N SER CA 17 63.93 -39.97 19.05
CA SER CA 17 64.55 -41.10 19.72
C SER CA 17 64.90 -42.19 18.71
N VAL CA 18 65.93 -42.96 19.04
CA VAL CA 18 66.40 -44.00 18.12
C VAL CA 18 65.46 -45.18 18.14
N ARG CA 19 64.96 -45.56 19.33
CA ARG CA 19 64.09 -46.72 19.50
C ARG CA 19 62.81 -46.59 18.70
N TYR CA 20 62.35 -45.37 18.49
CA TYR CA 20 61.28 -45.12 17.54
C TYR CA 20 61.65 -45.55 16.13
N TRP CA 21 62.80 -45.11 15.65
CA TRP CA 21 63.20 -45.44 14.29
C TRP CA 21 63.72 -46.85 14.16
N ILE CA 22 63.93 -47.57 15.27
CA ILE CA 22 64.23 -48.99 15.15
C ILE CA 22 62.98 -49.74 14.74
N ILE CA 23 61.86 -49.43 15.37
CA ILE CA 23 60.62 -50.15 15.08
C ILE CA 23 60.08 -49.77 13.72
N HIS CA 24 59.97 -48.46 13.45
CA HIS CA 24 59.33 -48.00 12.24
C HIS CA 24 60.24 -48.01 11.02
N SER CA 25 61.43 -48.60 11.10
CA SER CA 25 62.22 -48.82 9.90
C SER CA 25 61.86 -50.14 9.26
N ILE CA 26 61.17 -50.99 10.00
CA ILE CA 26 60.71 -52.26 9.44
C ILE CA 26 59.25 -52.13 9.01
N THR CA 27 58.45 -51.45 9.83
CA THR CA 27 57.00 -51.46 9.62
C THR CA 27 56.59 -50.61 8.44
N ILE CA 28 57.26 -49.48 8.21
CA ILE CA 28 56.91 -48.63 7.06
C ILE CA 28 57.21 -49.29 5.71
N PRO CA 29 58.40 -49.87 5.47
CA PRO CA 29 58.56 -50.56 4.16
C PRO CA 29 57.76 -51.84 4.07
N SER CA 30 57.45 -52.50 5.18
CA SER CA 30 56.62 -53.69 5.09
C SER CA 30 55.17 -53.37 4.83
N LEU CA 31 54.77 -52.11 5.02
CA LEU CA 31 53.40 -51.68 4.81
C LEU CA 31 53.23 -50.87 3.53
N PHE CA 32 54.29 -50.22 3.08
CA PHE CA 32 54.26 -49.50 1.81
C PHE CA 32 54.34 -50.47 0.64
N VAL CA 33 55.15 -51.52 0.76
CA VAL CA 33 55.24 -52.53 -0.28
C VAL CA 33 53.96 -53.35 -0.33
N SER CA 34 53.31 -53.56 0.81
CA SER CA 34 52.02 -54.25 0.79
C SER CA 34 50.94 -53.40 0.11
N GLY CA 35 51.10 -52.08 0.13
CA GLY CA 35 50.22 -51.23 -0.67
C GLY CA 35 50.59 -51.23 -2.14
N TRP CA 36 51.86 -51.52 -2.44
CA TRP CA 36 52.28 -51.72 -3.83
C TRP CA 36 51.73 -53.02 -4.37
N LEU CA 37 51.92 -54.10 -3.61
CA LEU CA 37 51.50 -55.42 -4.05
C LEU CA 37 50.00 -55.57 -4.11
N PHE CA 38 49.27 -54.72 -3.38
CA PHE CA 38 47.83 -54.68 -3.47
C PHE CA 38 47.34 -54.22 -4.83
N ILE CA 39 48.17 -53.50 -5.58
CA ILE CA 39 47.80 -53.00 -6.89
C ILE CA 39 48.42 -53.82 -8.00
N SER CA 40 49.72 -54.12 -7.89
CA SER CA 40 50.46 -54.76 -8.97
C SER CA 40 50.07 -56.21 -9.17
N THR CA 41 49.53 -56.86 -8.14
CA THR CA 41 49.01 -58.21 -8.28
C THR CA 41 47.57 -58.23 -8.76
N GLY CA 42 47.02 -57.09 -9.14
CA GLY CA 42 45.70 -57.05 -9.73
C GLY CA 42 44.59 -57.35 -8.75
N LEU CA 43 44.82 -57.13 -7.47
CA LEU CA 43 43.86 -57.50 -6.45
C LEU CA 43 42.80 -56.42 -6.28
N ALA CA 44 43.17 -55.16 -6.47
CA ALA CA 44 42.25 -54.05 -6.24
C ALA CA 44 41.17 -53.95 -7.29
N TYR CA 45 41.36 -54.54 -8.46
CA TYR CA 45 40.33 -54.53 -9.46
C TYR CA 45 39.21 -55.51 -9.16
N ASP CA 46 39.46 -56.48 -8.29
CA ASP CA 46 38.49 -57.51 -8.00
C ASP CA 46 37.73 -57.28 -6.72
N VAL CA 47 38.34 -56.63 -5.74
CA VAL CA 47 37.62 -56.29 -4.52
C VAL CA 47 36.59 -55.22 -4.80
N PHE CA 48 36.99 -54.16 -5.48
CA PHE CA 48 36.12 -53.01 -5.69
C PHE CA 48 35.41 -53.04 -7.03
N GLY CA 49 35.73 -54.00 -7.88
CA GLY CA 49 35.04 -54.11 -9.15
C GLY CA 49 35.36 -53.04 -10.16
N THR CA 50 36.49 -52.38 -10.01
CA THR CA 50 36.88 -51.32 -10.92
C THR CA 50 37.36 -51.95 -12.24
N PRO CA 51 36.95 -51.42 -13.39
CA PRO CA 51 37.41 -51.99 -14.65
C PRO CA 51 38.89 -51.73 -14.89
N ARG CA 52 39.57 -52.76 -15.35
CA ARG CA 52 40.91 -52.64 -15.91
C ARG CA 52 40.84 -51.85 -17.21
N PRO CA 53 41.98 -51.35 -17.71
CA PRO CA 53 41.97 -50.69 -19.03
C PRO CA 53 41.59 -51.60 -20.18
N ASN CA 54 41.69 -52.92 -20.02
CA ASN CA 54 41.26 -53.82 -21.08
C ASN CA 54 39.74 -53.88 -21.18
N GLU CA 55 39.03 -53.65 -20.09
CA GLU CA 55 37.65 -54.09 -19.95
C GLU CA 55 36.67 -52.96 -19.65
N TYR CA 56 36.89 -51.77 -20.19
CA TYR CA 56 35.81 -50.79 -20.17
C TYR CA 56 34.73 -51.20 -21.15
N PHE CA 57 35.13 -51.47 -22.38
CA PHE CA 57 34.23 -52.03 -23.37
C PHE CA 57 34.60 -53.47 -23.61
N THR CA 58 33.65 -54.22 -24.15
CA THR CA 58 33.88 -55.60 -24.52
C THR CA 58 33.67 -55.74 -26.02
N GLN CA 59 33.76 -56.99 -26.50
CA GLN CA 59 33.51 -57.25 -27.90
C GLN CA 59 32.03 -57.13 -28.21
N ASP CA 60 31.18 -57.65 -27.34
CA ASP CA 60 29.73 -57.56 -27.53
C ASP CA 60 29.24 -56.17 -27.15
N ARG CA 61 29.41 -55.81 -25.88
CA ARG CA 61 28.85 -54.56 -25.36
C ARG CA 61 29.80 -53.43 -25.74
N GLN CA 62 29.32 -52.58 -26.66
CA GLN CA 62 30.09 -51.45 -27.15
C GLN CA 62 29.56 -50.12 -26.67
N GLN CA 63 28.52 -50.12 -25.86
CA GLN CA 63 27.95 -48.89 -25.32
C GLN CA 63 28.39 -48.71 -23.89
N VAL CA 64 27.83 -47.70 -23.23
CA VAL CA 64 28.14 -47.41 -21.84
C VAL CA 64 27.19 -48.22 -20.97
N PRO CA 65 27.70 -49.06 -20.05
CA PRO CA 65 26.81 -49.91 -19.26
C PRO CA 65 26.11 -49.09 -18.19
N LEU CA 66 24.80 -49.29 -18.07
CA LEU CA 66 24.07 -48.66 -16.99
C LEU CA 66 23.15 -49.67 -16.32
N VAL CA 67 22.89 -49.39 -15.05
CA VAL CA 67 21.92 -50.13 -14.26
C VAL CA 67 20.55 -49.55 -14.52
N ASN CA 68 19.58 -50.39 -14.82
CA ASN CA 68 18.25 -49.91 -15.20
C ASN CA 68 17.15 -50.60 -14.41
N ASP CA 69 17.45 -51.07 -13.20
CA ASP CA 69 16.42 -51.72 -12.40
C ASP CA 69 16.69 -51.45 -10.92
N ARG CA 70 15.62 -51.30 -10.16
CA ARG CA 70 15.74 -51.07 -8.72
C ARG CA 70 16.23 -52.32 -8.00
N PHE CA 71 15.56 -53.45 -8.17
CA PHE CA 71 15.78 -54.60 -7.31
C PHE CA 71 16.64 -55.69 -7.91
N SER CA 72 16.64 -55.87 -9.24
CA SER CA 72 17.52 -56.83 -9.88
C SER CA 72 18.82 -56.18 -10.34
N ALA CA 73 19.24 -55.13 -9.64
CA ALA CA 73 20.45 -54.41 -10.00
C ALA CA 73 21.69 -55.25 -9.76
N LYS CA 74 21.63 -56.16 -8.78
CA LYS CA 74 22.73 -57.09 -8.58
C LYS CA 74 22.80 -58.09 -9.73
N GLN CA 75 21.65 -58.53 -10.23
CA GLN CA 75 21.63 -59.49 -11.32
C GLN CA 75 22.04 -58.84 -12.64
N GLU CA 76 21.71 -57.56 -12.82
CA GLU CA 76 22.10 -56.87 -14.05
C GLU CA 76 23.59 -56.59 -14.09
N LEU CA 77 24.20 -56.38 -12.92
CA LEU CA 77 25.66 -56.19 -12.91
C LEU CA 77 26.37 -57.53 -12.99
N GLU CA 78 25.67 -58.63 -12.72
CA GLU CA 78 26.24 -59.93 -13.06
C GLU CA 78 26.26 -60.15 -14.56
N ASP CA 79 25.36 -59.47 -15.27
CA ASP CA 79 25.33 -59.57 -16.73
C ASP CA 79 26.46 -58.76 -17.34
N LEU CA 80 26.60 -57.49 -16.93
CA LEU CA 80 27.50 -56.55 -17.58
C LEU CA 80 28.96 -56.74 -17.20
N THR CA 81 29.29 -57.66 -16.30
CA THR CA 81 30.67 -57.86 -15.90
C THR CA 81 31.21 -59.23 -16.23
N LYS CA 82 30.45 -60.08 -16.93
CA LYS CA 82 31.01 -61.37 -17.32
C LYS CA 82 31.83 -61.25 -18.60
N GLY CA 83 31.28 -60.66 -19.64
CA GLY CA 83 31.92 -60.62 -20.94
C GLY CA 83 33.19 -59.77 -21.01
N PHE DA 16 45.80 -45.63 25.73
CA PHE DA 16 47.07 -45.29 25.10
C PHE DA 16 46.86 -44.80 23.67
N ARG DA 17 47.67 -43.82 23.28
CA ARG DA 17 47.51 -43.05 22.04
C ARG DA 17 48.08 -43.75 20.82
N TRP DA 18 48.56 -44.98 20.95
CA TRP DA 18 48.99 -45.76 19.80
C TRP DA 18 47.81 -46.19 18.95
N LEU DA 19 46.60 -46.17 19.52
CA LEU DA 19 45.42 -46.48 18.74
C LEU DA 19 44.85 -45.23 18.08
N ALA DA 20 45.34 -44.06 18.48
CA ALA DA 20 44.77 -42.81 17.98
C ALA DA 20 45.45 -42.37 16.70
N ILE DA 21 46.77 -42.54 16.62
CA ILE DA 21 47.54 -42.09 15.47
C ILE DA 21 47.49 -43.14 14.39
N HIS DA 22 47.71 -44.38 14.78
CA HIS DA 22 47.87 -45.50 13.86
C HIS DA 22 46.55 -45.96 13.27
N GLY DA 23 45.43 -45.40 13.71
CA GLY DA 23 44.21 -45.54 12.96
C GLY DA 23 44.16 -44.61 11.78
N LEU DA 24 45.02 -43.60 11.76
CA LEU DA 24 45.10 -42.64 10.68
C LEU DA 24 46.35 -42.78 9.84
N ALA DA 25 47.44 -43.31 10.40
CA ALA DA 25 48.70 -43.42 9.69
C ALA DA 25 48.93 -44.75 9.01
N ILE DA 26 48.49 -45.86 9.61
CA ILE DA 26 48.58 -47.16 8.98
C ILE DA 26 47.73 -47.23 7.71
N PRO DA 27 46.51 -46.67 7.63
CA PRO DA 27 45.89 -46.54 6.31
C PRO DA 27 46.65 -45.65 5.34
N THR DA 28 47.18 -44.51 5.79
CA THR DA 28 47.73 -43.51 4.88
C THR DA 28 48.95 -44.02 4.12
N VAL DA 29 49.82 -44.77 4.79
CA VAL DA 29 50.95 -45.37 4.11
C VAL DA 29 50.50 -46.49 3.19
N PHE DA 30 49.40 -47.15 3.53
CA PHE DA 30 48.90 -48.23 2.69
C PHE DA 30 48.31 -47.71 1.39
N PHE DA 31 47.62 -46.57 1.45
CA PHE DA 31 47.08 -46.01 0.21
C PHE DA 31 48.18 -45.38 -0.64
N LEU DA 32 49.19 -44.78 -0.01
CA LEU DA 32 50.30 -44.24 -0.78
C LEU DA 32 51.15 -45.34 -1.41
N GLY DA 33 51.10 -46.55 -0.86
CA GLY DA 33 51.66 -47.68 -1.56
C GLY DA 33 50.90 -48.01 -2.82
N GLY DA 34 49.62 -47.63 -2.88
CA GLY DA 34 48.84 -47.86 -4.08
C GLY DA 34 48.89 -46.71 -5.05
N ILE DA 35 49.07 -45.49 -4.56
CA ILE DA 35 49.09 -44.35 -5.46
C ILE DA 35 50.42 -44.27 -6.20
N THR DA 36 51.52 -44.72 -5.60
CA THR DA 36 52.76 -44.87 -6.35
C THR DA 36 52.71 -46.01 -7.36
N ALA DA 37 51.90 -47.03 -7.12
CA ALA DA 37 51.81 -48.11 -8.09
C ALA DA 37 50.97 -47.73 -9.27
N MET DA 38 50.05 -46.80 -9.12
CA MET DA 38 49.18 -46.40 -10.22
C MET DA 38 49.85 -45.42 -11.16
N GLN DA 39 51.02 -44.90 -10.81
CA GLN DA 39 51.74 -44.05 -11.74
C GLN DA 39 52.38 -44.87 -12.84
N PHE DA 40 52.65 -46.13 -12.55
CA PHE DA 40 53.39 -46.97 -13.47
C PHE DA 40 52.48 -47.92 -14.21
N ILE DA 41 51.18 -47.85 -13.94
CA ILE DA 41 50.21 -48.61 -14.70
C ILE DA 41 49.84 -47.83 -15.95
N GLN DA 42 49.94 -48.47 -17.10
CA GLN DA 42 49.46 -47.89 -18.35
C GLN DA 42 48.54 -48.90 -19.00
N ARG DA 43 47.80 -48.43 -20.00
CA ARG DA 43 46.75 -49.13 -20.77
C ARG DA 43 46.74 -50.65 -20.89
N ALA EA 2 -2.13 -14.84 44.43
CA ALA EA 2 -2.80 -15.07 45.70
C ALA EA 2 -4.23 -14.56 45.66
N LEU EA 3 -5.04 -15.16 44.78
CA LEU EA 3 -6.46 -14.88 44.67
C LEU EA 3 -7.19 -16.21 44.52
N ARG EA 4 -7.90 -16.63 45.56
CA ARG EA 4 -8.60 -17.91 45.50
C ARG EA 4 -9.82 -17.78 44.60
N THR EA 5 -9.86 -18.63 43.57
CA THR EA 5 -11.04 -18.76 42.75
C THR EA 5 -11.58 -20.17 42.87
N ARG EA 6 -12.83 -20.35 42.47
CA ARG EA 6 -13.47 -21.65 42.63
C ARG EA 6 -12.89 -22.68 41.69
N LEU EA 7 -12.48 -22.27 40.49
CA LEU EA 7 -11.76 -23.19 39.63
C LEU EA 7 -10.33 -23.38 40.10
N GLY EA 8 -9.79 -22.39 40.79
CA GLY EA 8 -8.44 -22.54 41.32
C GLY EA 8 -8.37 -23.53 42.48
N GLU EA 9 -9.48 -23.71 43.19
CA GLU EA 9 -9.49 -24.63 44.32
C GLU EA 9 -9.51 -26.07 43.86
N ILE EA 10 -10.08 -26.33 42.68
CA ILE EA 10 -10.17 -27.70 42.21
C ILE EA 10 -8.82 -28.17 41.71
N LEU EA 11 -8.16 -27.34 40.90
CA LEU EA 11 -6.91 -27.72 40.26
C LEU EA 11 -5.70 -27.61 41.17
N ARG EA 12 -5.88 -27.05 42.36
CA ARG EA 12 -4.79 -26.81 43.30
C ARG EA 12 -3.97 -28.04 43.70
N PRO EA 13 -4.54 -29.24 43.93
CA PRO EA 13 -3.65 -30.38 44.21
C PRO EA 13 -2.83 -30.86 43.03
N LEU EA 14 -3.13 -30.40 41.82
CA LEU EA 14 -2.33 -30.79 40.67
C LEU EA 14 -1.05 -29.97 40.61
N ASN EA 15 -1.07 -28.77 41.17
CA ASN EA 15 0.10 -27.91 41.18
C ASN EA 15 0.77 -27.88 42.55
N ALA EA 16 0.18 -28.54 43.55
CA ALA EA 16 0.66 -28.40 44.93
C ALA EA 16 2.01 -29.08 45.10
N GLU EA 17 2.26 -30.12 44.32
CA GLU EA 17 3.57 -30.74 44.28
C GLU EA 17 4.45 -29.92 43.34
N TYR EA 18 5.71 -29.71 43.73
CA TYR EA 18 6.65 -29.04 42.83
C TYR EA 18 8.06 -29.45 43.23
N GLY EA 19 8.70 -30.25 42.38
CA GLY EA 19 10.08 -30.60 42.60
C GLY EA 19 10.31 -31.82 43.47
N LYS EA 20 9.28 -32.58 43.80
CA LYS EA 20 9.52 -33.88 44.40
C LYS EA 20 10.08 -34.82 43.35
N VAL EA 21 11.14 -35.54 43.70
CA VAL EA 21 11.79 -36.44 42.77
C VAL EA 21 11.79 -37.84 43.38
N ALA EA 22 11.93 -38.83 42.50
CA ALA EA 22 12.19 -40.20 42.94
C ALA EA 22 13.67 -40.32 43.19
N PRO EA 23 14.11 -40.72 44.39
CA PRO EA 23 15.55 -40.70 44.69
C PRO EA 23 16.28 -41.82 43.98
N GLY EA 24 17.39 -41.48 43.34
CA GLY EA 24 18.20 -42.47 42.67
C GLY EA 24 18.05 -42.41 41.16
N TRP EA 25 18.29 -43.56 40.55
CA TRP EA 25 18.17 -43.66 39.10
C TRP EA 25 16.74 -43.87 38.67
N GLY EA 26 15.95 -44.52 39.53
CA GLY EA 26 14.51 -44.58 39.31
C GLY EA 26 14.13 -45.45 38.14
N THR EA 27 13.19 -44.95 37.33
CA THR EA 27 12.69 -45.65 36.16
C THR EA 27 13.42 -45.22 34.89
N THR EA 28 14.70 -44.86 35.01
CA THR EA 28 15.47 -44.53 33.82
C THR EA 28 15.81 -45.74 32.96
N PRO EA 29 16.21 -46.91 33.50
CA PRO EA 29 16.41 -48.06 32.58
C PRO EA 29 15.14 -48.58 31.94
N ILE EA 30 13.98 -48.29 32.51
CA ILE EA 30 12.74 -48.67 31.84
C ILE EA 30 12.50 -47.77 30.65
N MET EA 31 12.90 -46.50 30.76
CA MET EA 31 12.70 -45.54 29.68
C MET EA 31 13.57 -45.86 28.48
N GLY EA 32 14.83 -46.22 28.72
CA GLY EA 32 15.75 -46.47 27.62
C GLY EA 32 15.37 -47.68 26.78
N ILE EA 33 14.76 -48.67 27.41
CA ILE EA 33 14.27 -49.83 26.67
C ILE EA 33 13.10 -49.41 25.78
N VAL EA 34 12.33 -48.42 26.22
CA VAL EA 34 11.29 -47.87 25.35
C VAL EA 34 11.91 -47.04 24.25
N MET EA 35 12.97 -46.30 24.55
CA MET EA 35 13.59 -45.44 23.54
C MET EA 35 14.39 -46.25 22.53
N LEU EA 36 15.03 -47.32 22.98
CA LEU EA 36 15.63 -48.25 22.02
C LEU EA 36 14.58 -48.91 21.15
N ALA EA 37 13.39 -49.14 21.70
CA ALA EA 37 12.34 -49.76 20.92
C ALA EA 37 11.76 -48.78 19.91
N PHE EA 38 11.62 -47.53 20.32
CA PHE EA 38 11.03 -46.54 19.41
C PHE EA 38 12.01 -46.12 18.33
N LEU EA 39 13.30 -46.33 18.59
CA LEU EA 39 14.28 -46.11 17.54
C LEU EA 39 14.17 -47.18 16.47
N ILE EA 40 13.94 -48.43 16.87
CA ILE EA 40 13.80 -49.51 15.91
C ILE EA 40 12.50 -49.37 15.13
N PHE EA 41 11.47 -48.81 15.77
CA PHE EA 41 10.19 -48.62 15.10
C PHE EA 41 10.28 -47.61 13.97
N LEU EA 42 11.05 -46.55 14.18
CA LEU EA 42 11.16 -45.52 13.15
C LEU EA 42 12.01 -45.98 11.99
N VAL EA 43 13.00 -46.83 12.27
CA VAL EA 43 13.83 -47.38 11.21
C VAL EA 43 13.01 -48.29 10.31
N ILE EA 44 12.09 -49.06 10.91
CA ILE EA 44 11.33 -50.04 10.14
C ILE EA 44 10.31 -49.37 9.23
N ILE EA 45 9.58 -48.38 9.75
CA ILE EA 45 8.52 -47.80 8.93
C ILE EA 45 9.08 -46.84 7.89
N LEU EA 46 10.33 -46.41 8.07
CA LEU EA 46 10.98 -45.66 7.01
C LEU EA 46 11.42 -46.58 5.88
N GLN EA 47 11.89 -47.78 6.23
CA GLN EA 47 12.40 -48.67 5.20
C GLN EA 47 11.27 -49.39 4.47
N ILE EA 48 10.10 -49.49 5.10
CA ILE EA 48 8.91 -49.93 4.37
C ILE EA 48 8.55 -48.90 3.32
N TYR EA 49 8.60 -47.63 3.69
CA TYR EA 49 8.21 -46.53 2.82
C TYR EA 49 9.21 -46.32 1.70
N ASN EA 50 10.47 -46.61 1.96
CA ASN EA 50 11.56 -46.41 1.03
C ASN EA 50 11.68 -47.56 0.03
N SER EA 51 10.84 -48.59 0.17
CA SER EA 51 10.97 -49.88 -0.50
C SER EA 51 12.34 -50.50 -0.33
N SER EA 52 12.97 -50.28 0.83
CA SER EA 52 14.20 -50.98 1.16
C SER EA 52 13.97 -52.05 2.21
N LEU EA 53 12.72 -52.33 2.53
CA LEU EA 53 12.34 -53.45 3.39
C LEU EA 53 11.03 -53.97 2.85
N ILE EA 54 11.07 -55.08 2.13
CA ILE EA 54 9.90 -55.59 1.43
C ILE EA 54 9.18 -56.59 2.32
N ILE EA 55 7.91 -56.32 2.58
CA ILE EA 55 7.05 -57.20 3.34
C ILE EA 55 6.06 -57.81 2.36
N GLU EA 56 5.82 -59.11 2.49
CA GLU EA 56 4.89 -59.80 1.60
C GLU EA 56 3.47 -59.28 1.81
N ASN EA 57 2.80 -59.04 0.68
CA ASN EA 57 1.44 -58.46 0.61
C ASN EA 57 1.38 -57.08 1.23
N VAL EA 58 2.48 -56.33 1.15
CA VAL EA 58 2.51 -54.90 1.44
C VAL EA 58 3.22 -54.21 0.28
N ASP EA 59 2.46 -53.48 -0.53
CA ASP EA 59 3.01 -52.78 -1.69
C ASP EA 59 2.80 -51.29 -1.50
N VAL EA 60 3.89 -50.55 -1.55
CA VAL EA 60 3.84 -49.10 -1.39
C VAL EA 60 3.54 -48.52 -2.76
N ASP EA 61 2.25 -48.30 -3.03
CA ASP EA 61 1.79 -47.71 -4.28
C ASP EA 61 0.39 -47.20 -3.99
N TRP EA 62 -0.10 -46.33 -4.87
CA TRP EA 62 -1.45 -45.82 -4.75
C TRP EA 62 -2.46 -46.95 -4.91
N ALA EA 63 -3.15 -47.27 -3.82
CA ALA EA 63 -4.04 -48.41 -3.78
C ALA EA 63 -5.48 -47.97 -3.90
N ASN EA 64 -6.32 -48.88 -4.37
CA ASN EA 64 -7.74 -48.63 -4.54
C ASN EA 64 -8.40 -48.60 -3.18
N GLY EA 65 -8.51 -47.40 -2.60
CA GLY EA 65 -9.41 -47.21 -1.49
C GLY EA 65 -10.84 -47.36 -1.96
N ILE EA 66 -11.69 -47.86 -1.06
CA ILE EA 66 -13.03 -48.26 -1.45
C ILE EA 66 -13.87 -47.04 -1.79
N VAL EA 67 -14.49 -47.04 -2.95
CA VAL EA 67 -15.41 -45.97 -3.30
C VAL EA 67 -16.81 -46.53 -3.47
N MET FA 1 32.97 19.01 -25.47
CA MET FA 1 33.11 19.39 -26.86
C MET FA 1 33.85 20.70 -26.96
N LEU FA 2 35.11 20.68 -26.49
CA LEU FA 2 36.14 21.72 -26.58
C LEU FA 2 35.85 22.97 -25.75
N THR FA 3 34.68 23.09 -25.16
CA THR FA 3 34.44 24.01 -24.08
C THR FA 3 34.38 23.29 -22.75
N LEU FA 4 33.76 22.11 -22.72
CA LEU FA 4 33.85 21.20 -21.61
C LEU FA 4 35.28 20.72 -21.38
N LYS FA 5 36.03 20.53 -22.45
CA LYS FA 5 37.38 19.98 -22.35
C LYS FA 5 38.30 20.91 -21.60
N ILE FA 6 38.18 22.22 -21.86
CA ILE FA 6 38.92 23.23 -21.13
C ILE FA 6 38.60 23.17 -19.65
N LEU FA 7 37.34 22.89 -19.32
CA LEU FA 7 36.92 22.90 -17.93
C LEU FA 7 37.49 21.73 -17.16
N VAL FA 8 37.80 20.64 -17.84
CA VAL FA 8 38.28 19.45 -17.14
C VAL FA 8 39.75 19.59 -16.79
N TYR FA 9 40.55 20.09 -17.72
CA TYR FA 9 41.99 20.26 -17.47
C TYR FA 9 42.26 21.32 -16.42
N THR FA 10 41.35 22.27 -16.25
CA THR FA 10 41.42 23.13 -15.07
C THR FA 10 41.24 22.32 -13.81
N THR FA 11 40.18 21.52 -13.75
CA THR FA 11 39.82 20.83 -12.52
C THR FA 11 40.79 19.71 -12.20
N VAL FA 12 41.35 19.05 -13.21
CA VAL FA 12 42.31 17.99 -12.95
C VAL FA 12 43.59 18.56 -12.36
N ILE FA 13 44.26 19.46 -13.07
CA ILE FA 13 45.53 19.99 -12.60
C ILE FA 13 45.35 21.07 -11.53
N PHE FA 14 44.12 21.39 -11.16
CA PHE FA 14 43.97 22.04 -9.86
C PHE FA 14 44.23 21.04 -8.74
N PHE FA 15 43.53 19.91 -8.74
CA PHE FA 15 43.66 18.99 -7.62
C PHE FA 15 44.93 18.16 -7.70
N VAL FA 16 45.45 17.91 -8.90
CA VAL FA 16 46.72 17.22 -9.02
C VAL FA 16 47.84 18.09 -8.47
N SER FA 17 47.76 19.39 -8.68
CA SER FA 17 48.78 20.28 -8.13
C SER FA 17 48.66 20.44 -6.63
N LEU FA 18 47.46 20.30 -6.08
CA LEU FA 18 47.33 20.26 -4.63
C LEU FA 18 47.91 18.98 -4.07
N PHE FA 19 47.88 17.92 -4.85
CA PHE FA 19 48.47 16.67 -4.43
C PHE FA 19 49.99 16.72 -4.50
N ILE FA 20 50.51 17.25 -5.61
CA ILE FA 20 51.95 17.31 -5.83
C ILE FA 20 52.59 18.27 -4.84
N PHE FA 21 52.05 19.45 -4.69
CA PHE FA 21 52.58 20.40 -3.74
C PHE FA 21 52.05 20.17 -2.33
N GLY FA 22 51.33 19.10 -2.09
CA GLY FA 22 50.98 18.78 -0.73
C GLY FA 22 52.10 18.00 -0.07
N PHE FA 23 52.65 17.02 -0.77
CA PHE FA 23 53.73 16.23 -0.20
C PHE FA 23 55.08 16.90 -0.30
N LEU FA 24 55.19 17.93 -1.13
CA LEU FA 24 56.39 18.74 -1.08
C LEU FA 24 56.35 19.73 0.08
N SER FA 25 55.23 19.86 0.76
CA SER FA 25 55.08 20.79 1.87
C SER FA 25 55.54 20.21 3.18
N SER FA 26 56.76 19.66 3.22
CA SER FA 26 57.41 19.10 4.40
C SER FA 26 56.53 18.06 5.07
N ASP FA 27 55.95 17.20 4.26
CA ASP FA 27 54.95 16.25 4.70
C ASP FA 27 55.42 15.14 5.65
N PRO FA 28 56.66 14.63 5.58
CA PRO FA 28 57.09 13.71 6.65
C PRO FA 28 57.11 14.33 8.03
N SER FA 29 57.28 15.65 8.15
CA SER FA 29 57.38 16.23 9.48
C SER FA 29 56.03 16.41 10.16
N ARG FA 30 54.93 16.06 9.50
CA ARG FA 30 53.59 16.25 10.07
C ARG FA 30 53.13 14.94 10.72
N ASN FA 31 53.70 14.66 11.87
CA ASN FA 31 53.41 13.44 12.60
C ASN FA 31 53.09 13.80 14.05
N PRO FA 32 52.50 12.91 14.84
CA PRO FA 32 52.29 13.24 16.25
C PRO FA 32 53.52 13.06 17.14
N ASN FA 33 54.67 12.74 16.57
CA ASN FA 33 55.85 12.57 17.39
C ASN FA 33 56.40 13.92 17.82
N ARG FA 34 56.79 14.74 16.85
CA ARG FA 34 57.33 16.06 17.12
C ARG FA 34 56.98 16.95 15.94
N LYS FA 35 56.46 18.14 16.24
CA LYS FA 35 56.07 19.16 15.25
C LYS FA 35 55.06 18.65 14.23
N ARG GA 6 69.63 -40.29 20.30
CA ARG GA 6 69.25 -38.91 20.02
C ARG GA 6 69.60 -38.51 18.59
N ILE GA 7 68.63 -37.97 17.88
CA ILE GA 7 68.82 -37.50 16.52
C ILE GA 7 68.44 -36.02 16.49
N PRO GA 8 69.24 -35.15 15.85
CA PRO GA 8 68.82 -33.75 15.69
C PRO GA 8 67.54 -33.65 14.87
N LEU GA 9 66.65 -32.77 15.31
CA LEU GA 9 65.31 -32.68 14.75
C LEU GA 9 65.33 -32.17 13.32
N TRP GA 10 66.30 -31.34 12.98
CA TRP GA 10 66.36 -30.79 11.64
C TRP GA 10 66.80 -31.83 10.63
N LEU GA 11 67.53 -32.85 11.07
CA LEU GA 11 67.82 -33.98 10.19
C LEU GA 11 66.57 -34.78 9.90
N VAL GA 12 65.65 -34.84 10.86
CA VAL GA 12 64.41 -35.59 10.67
C VAL GA 12 63.49 -34.87 9.69
N GLY GA 13 63.40 -33.55 9.81
CA GLY GA 13 62.58 -32.79 8.88
C GLY GA 13 63.21 -32.67 7.51
N LEU GA 14 64.52 -32.86 7.42
CA LEU GA 14 65.19 -32.85 6.13
C LEU GA 14 64.89 -34.12 5.35
N VAL GA 15 65.05 -35.28 5.99
CA VAL GA 15 64.89 -36.55 5.29
C VAL GA 15 63.43 -36.80 4.96
N GLY GA 16 62.53 -36.49 5.89
CA GLY GA 16 61.12 -36.60 5.59
C GLY GA 16 60.64 -35.52 4.63
N GLY GA 17 61.30 -34.36 4.64
CA GLY GA 17 60.89 -33.27 3.77
C GLY GA 17 61.25 -33.53 2.32
N LEU GA 18 62.41 -34.13 2.06
CA LEU GA 18 62.73 -34.51 0.70
C LEU GA 18 62.03 -35.80 0.31
N ALA GA 19 61.57 -36.58 1.29
CA ALA GA 19 60.76 -37.75 0.98
C ALA GA 19 59.40 -37.35 0.42
N VAL GA 20 58.84 -36.25 0.90
CA VAL GA 20 57.58 -35.73 0.37
C VAL GA 20 57.77 -35.23 -1.07
N ILE GA 21 58.92 -34.61 -1.35
CA ILE GA 21 59.20 -34.13 -2.70
C ILE GA 21 59.35 -35.30 -3.67
N THR GA 22 59.91 -36.42 -3.20
CA THR GA 22 59.92 -37.62 -4.01
C THR GA 22 58.53 -38.23 -4.15
N MET GA 23 57.60 -37.89 -3.25
CA MET GA 23 56.22 -38.35 -3.42
C MET GA 23 55.41 -37.42 -4.30
N LEU GA 24 55.58 -36.10 -4.12
CA LEU GA 24 54.79 -35.14 -4.88
C LEU GA 24 55.21 -35.12 -6.34
N SER GA 25 56.51 -35.00 -6.60
CA SER GA 25 57.00 -34.99 -7.97
C SER GA 25 56.79 -36.32 -8.67
N LEU GA 26 56.60 -37.39 -7.91
CA LEU GA 26 56.18 -38.64 -8.50
C LEU GA 26 54.74 -38.55 -8.99
N PHE GA 27 53.90 -37.77 -8.31
CA PHE GA 27 52.51 -37.64 -8.72
C PHE GA 27 52.37 -36.71 -9.92
N PHE GA 28 53.23 -35.70 -10.03
CA PHE GA 28 53.22 -34.85 -11.20
C PHE GA 28 53.91 -35.53 -12.36
N TYR GA 29 54.68 -36.58 -12.09
CA TYR GA 29 55.21 -37.38 -13.17
C TYR GA 29 54.11 -38.14 -13.88
N GLY GA 30 53.25 -38.81 -13.13
CA GLY GA 30 52.23 -39.65 -13.75
C GLY GA 30 51.04 -38.89 -14.27
N SER GA 31 51.09 -37.56 -14.22
CA SER GA 31 50.16 -36.76 -14.98
C SER GA 31 50.55 -36.72 -16.45
N TYR GA 32 51.82 -36.99 -16.74
CA TYR GA 32 52.33 -36.98 -18.10
C TYR GA 32 52.69 -38.36 -18.61
N SER GA 33 52.34 -39.40 -17.89
CA SER GA 33 52.63 -40.76 -18.31
C SER GA 33 51.65 -41.70 -17.64
N GLY GA 34 51.44 -42.84 -18.27
CA GLY GA 34 50.56 -43.82 -17.67
C GLY GA 34 49.11 -43.47 -17.89
N LEU GA 35 48.28 -43.75 -16.89
CA LEU GA 35 46.86 -43.48 -17.02
C LEU GA 35 46.58 -42.01 -16.78
N GLY GA 36 45.54 -41.51 -17.44
CA GLY GA 36 45.15 -40.13 -17.27
C GLY GA 36 46.10 -39.14 -17.88
N SER GA 37 46.90 -39.56 -18.85
CA SER GA 37 47.89 -38.71 -19.48
C SER GA 37 47.51 -38.27 -20.88
N SER GA 38 46.43 -38.85 -21.44
CA SER GA 38 45.93 -38.58 -22.79
C SER GA 38 46.99 -38.83 -23.86
N LEU GA 39 47.80 -39.86 -23.66
CA LEU GA 39 48.81 -40.20 -24.65
C LEU GA 39 48.25 -41.14 -25.69
N ARG HA 8 70.06 -29.67 -30.61
CA ARG HA 8 70.50 -29.75 -29.24
C ARG HA 8 71.85 -29.04 -29.12
N LEU HA 9 72.58 -29.26 -28.01
CA LEU HA 9 73.93 -28.75 -27.75
C LEU HA 9 74.90 -29.14 -28.86
N PRO HA 10 76.02 -28.43 -29.01
CA PRO HA 10 77.04 -28.85 -29.98
C PRO HA 10 77.61 -30.23 -29.65
N GLU HA 11 78.25 -30.82 -30.66
CA GLU HA 11 78.59 -32.24 -30.63
C GLU HA 11 79.63 -32.56 -29.55
N ALA HA 12 80.44 -31.56 -29.19
CA ALA HA 12 81.37 -31.76 -28.09
C ALA HA 12 80.68 -31.66 -26.73
N TYR HA 13 79.38 -31.38 -26.72
CA TYR HA 13 78.66 -31.15 -25.49
C TYR HA 13 77.37 -31.94 -25.39
N VAL HA 14 77.18 -32.94 -26.24
CA VAL HA 14 75.93 -33.69 -26.20
C VAL HA 14 75.94 -34.68 -25.04
N VAL HA 15 77.11 -34.91 -24.47
CA VAL HA 15 77.33 -35.85 -23.38
C VAL HA 15 76.64 -35.35 -22.13
N PHE HA 16 76.73 -34.03 -21.89
CA PHE HA 16 76.24 -33.42 -20.66
C PHE HA 16 74.80 -32.98 -20.76
N SER HA 17 74.05 -33.50 -21.71
CA SER HA 17 72.63 -33.15 -21.82
C SER HA 17 71.76 -33.55 -20.63
N PRO HA 18 72.06 -34.60 -19.83
CA PRO HA 18 71.27 -34.74 -18.59
C PRO HA 18 71.57 -33.70 -17.53
N ILE HA 19 72.82 -33.29 -17.39
CA ILE HA 19 73.22 -32.40 -16.30
C ILE HA 19 72.65 -31.00 -16.52
N VAL HA 20 72.61 -30.57 -17.76
CA VAL HA 20 72.08 -29.25 -18.12
C VAL HA 20 70.59 -29.14 -17.84
N ASP HA 21 69.87 -30.25 -17.94
CA ASP HA 21 68.43 -30.24 -17.70
C ASP HA 21 68.10 -29.95 -16.24
N VAL HA 22 69.00 -30.29 -15.32
CA VAL HA 22 68.79 -30.03 -13.92
C VAL HA 22 69.09 -28.58 -13.57
N LEU HA 23 69.92 -27.91 -14.37
CA LEU HA 23 70.50 -26.63 -13.97
C LEU HA 23 69.55 -25.46 -13.72
N PRO HA 24 68.45 -25.25 -14.47
CA PRO HA 24 67.57 -24.13 -14.08
C PRO HA 24 66.84 -24.35 -12.78
N ILE HA 25 66.70 -25.60 -12.32
CA ILE HA 25 66.01 -25.86 -11.07
C ILE HA 25 66.81 -25.35 -9.88
N ILE HA 26 68.13 -25.33 -10.00
CA ILE HA 26 69.09 -25.04 -8.93
C ILE HA 26 68.87 -23.69 -8.23
N PRO HA 27 68.47 -22.59 -8.90
CA PRO HA 27 68.05 -21.41 -8.12
C PRO HA 27 66.88 -21.61 -7.17
N VAL HA 28 65.96 -22.54 -7.41
CA VAL HA 28 64.95 -22.83 -6.39
C VAL HA 28 65.60 -23.46 -5.18
N PHE HA 29 66.64 -24.25 -5.39
CA PHE HA 29 67.32 -24.94 -4.30
C PHE HA 29 68.08 -24.00 -3.38
N PHE HA 30 68.35 -22.77 -3.81
CA PHE HA 30 68.93 -21.80 -2.89
C PHE HA 30 67.89 -21.20 -1.97
N LEU HA 31 66.63 -21.14 -2.41
CA LEU HA 31 65.59 -20.67 -1.52
C LEU HA 31 65.35 -21.66 -0.41
N LEU HA 32 65.36 -22.95 -0.74
CA LEU HA 32 65.22 -24.00 0.27
C LEU HA 32 66.48 -24.16 1.10
N LEU HA 33 67.63 -23.72 0.59
CA LEU HA 33 68.87 -23.81 1.35
C LEU HA 33 68.87 -22.85 2.52
N ALA HA 34 68.12 -21.75 2.42
CA ALA HA 34 68.04 -20.81 3.52
C ALA HA 34 67.28 -21.41 4.69
N PHE HA 35 66.16 -22.08 4.42
CA PHE HA 35 65.35 -22.66 5.49
C PHE HA 35 66.04 -23.84 6.13
N VAL HA 36 66.74 -24.66 5.34
CA VAL HA 36 67.55 -25.75 5.87
C VAL HA 36 68.65 -25.19 6.75
N TRP HA 37 69.23 -24.07 6.36
CA TRP HA 37 70.23 -23.45 7.20
C TRP HA 37 69.61 -22.83 8.43
N GLN HA 38 68.39 -22.32 8.34
CA GLN HA 38 67.74 -21.83 9.56
C GLN HA 38 67.29 -22.95 10.46
N ALA HA 39 67.02 -24.13 9.93
CA ALA HA 39 66.67 -25.25 10.79
C ALA HA 39 67.89 -25.75 11.55
N ALA HA 40 69.03 -25.84 10.87
CA ALA HA 40 70.23 -26.37 11.49
C ALA HA 40 70.84 -25.41 12.48
N ILE HA 41 70.52 -24.12 12.38
CA ILE HA 41 71.04 -23.15 13.32
C ILE HA 41 70.06 -23.10 14.49
N GLY HA 42 68.92 -23.75 14.34
CA GLY HA 42 67.95 -23.77 15.41
C GLY HA 42 67.04 -22.58 15.42
N PHE HA 43 66.89 -21.92 14.26
CA PHE HA 43 66.07 -20.73 14.07
C PHE HA 43 66.46 -19.60 15.02
N ARG HA 44 67.75 -19.49 15.30
CA ARG HA 44 68.21 -18.45 16.19
C ARG HA 44 69.27 -17.57 15.51
N MET IA 1 -9.28 -6.46 38.58
CA MET IA 1 -7.84 -6.57 38.45
C MET IA 1 -7.23 -7.28 39.63
N THR IA 2 -5.93 -7.49 39.55
CA THR IA 2 -5.11 -7.87 40.69
C THR IA 2 -3.98 -6.85 40.78
N GLY IA 3 -2.97 -7.17 41.59
CA GLY IA 3 -1.89 -6.25 41.85
C GLY IA 3 -1.01 -5.95 40.66
N PRO IA 4 -0.05 -5.03 40.83
CA PRO IA 4 0.88 -4.72 39.75
C PRO IA 4 1.91 -5.83 39.58
N ASN IA 5 2.25 -6.12 38.34
CA ASN IA 5 3.15 -7.21 38.05
C ASN IA 5 4.58 -6.80 38.40
N PRO IA 6 5.30 -7.57 39.20
CA PRO IA 6 6.73 -7.29 39.42
C PRO IA 6 7.63 -7.66 38.26
N ASN IA 7 7.08 -8.22 37.19
CA ASN IA 7 7.85 -8.53 36.00
C ASN IA 7 7.76 -7.44 34.93
N LYS IA 8 7.40 -6.22 35.30
CA LYS IA 8 7.49 -5.12 34.37
C LYS IA 8 8.94 -4.77 34.13
N GLN IA 9 9.32 -4.70 32.87
CA GLN IA 9 10.63 -4.23 32.48
C GLN IA 9 10.48 -3.11 31.49
N ALA IA 10 11.62 -2.63 31.00
CA ALA IA 10 11.64 -1.57 30.02
C ALA IA 10 12.37 -2.05 28.78
N VAL IA 11 11.97 -1.50 27.64
CA VAL IA 11 12.55 -1.87 26.36
C VAL IA 11 13.49 -0.77 25.94
N GLU IA 12 14.63 -1.14 25.40
CA GLU IA 12 15.62 -0.18 24.96
C GLU IA 12 15.99 -0.43 23.52
N LEU IA 13 16.35 0.66 22.83
CA LEU IA 13 16.91 0.59 21.49
C LEU IA 13 17.74 1.86 21.30
N ASN IA 14 19.05 1.75 21.31
CA ASN IA 14 19.90 2.91 21.17
C ASN IA 14 19.91 3.41 19.72
N ARG IA 15 20.57 4.54 19.49
CA ARG IA 15 20.60 5.15 18.16
C ARG IA 15 21.39 4.30 17.17
N THR IA 16 22.39 3.56 17.67
CA THR IA 16 23.13 2.62 16.83
C THR IA 16 22.22 1.56 16.24
N SER IA 17 21.42 0.91 17.08
CA SER IA 17 20.65 -0.24 16.61
C SER IA 17 19.42 0.20 15.82
N LEU IA 18 19.11 1.48 15.84
CA LEU IA 18 18.09 2.00 14.92
C LEU IA 18 18.57 1.94 13.49
N TYR IA 19 19.81 2.35 13.23
CA TYR IA 19 20.26 2.45 11.85
C TYR IA 19 20.55 1.08 11.26
N TRP IA 20 20.90 0.12 12.10
CA TRP IA 20 20.99 -1.26 11.64
C TRP IA 20 19.65 -1.75 11.17
N GLY IA 21 18.62 -1.54 11.99
CA GLY IA 21 17.32 -2.11 11.68
C GLY IA 21 16.61 -1.36 10.57
N LEU IA 22 16.91 -0.08 10.39
CA LEU IA 22 16.37 0.62 9.23
C LEU IA 22 17.02 0.12 7.95
N LEU IA 23 18.35 0.07 7.94
CA LEU IA 23 19.08 -0.39 6.76
C LEU IA 23 18.80 -1.85 6.45
N LEU IA 24 18.51 -2.65 7.49
CA LEU IA 24 18.12 -4.03 7.26
C LEU IA 24 16.82 -4.13 6.49
N ILE IA 25 15.88 -3.25 6.78
CA ILE IA 25 14.58 -3.34 6.12
C ILE IA 25 14.65 -2.78 4.70
N PHE IA 26 15.37 -1.68 4.50
CA PHE IA 26 15.44 -1.11 3.16
C PHE IA 26 16.23 -1.96 2.20
N VAL IA 27 17.29 -2.62 2.67
CA VAL IA 27 18.08 -3.47 1.77
C VAL IA 27 17.31 -4.75 1.44
N LEU IA 28 16.58 -5.30 2.41
CA LEU IA 28 15.64 -6.37 2.09
C LEU IA 28 14.50 -5.89 1.22
N ALA IA 29 14.15 -4.61 1.28
CA ALA IA 29 13.13 -4.09 0.40
C ALA IA 29 13.68 -3.88 -1.00
N VAL IA 30 14.95 -3.50 -1.11
CA VAL IA 30 15.57 -3.37 -2.43
C VAL IA 30 15.73 -4.74 -3.06
N LEU IA 31 16.13 -5.72 -2.28
CA LEU IA 31 16.44 -7.04 -2.80
C LEU IA 31 15.19 -7.77 -3.25
N PHE IA 32 14.17 -7.81 -2.41
CA PHE IA 32 13.01 -8.63 -2.69
C PHE IA 32 11.93 -7.91 -3.48
N SER IA 33 12.11 -6.64 -3.84
CA SER IA 33 11.06 -5.96 -4.59
C SER IA 33 10.97 -6.47 -6.01
N SER IA 34 12.12 -6.67 -6.64
CA SER IA 34 12.18 -7.04 -8.06
C SER IA 34 11.52 -8.38 -8.31
N TYR IA 35 11.54 -9.25 -7.32
CA TYR IA 35 10.92 -10.56 -7.45
C TYR IA 35 9.43 -10.49 -7.20
N PHE IA 36 9.01 -9.64 -6.28
CA PHE IA 36 7.60 -9.49 -5.98
C PHE IA 36 6.84 -8.82 -7.10
N PHE IA 37 7.42 -7.76 -7.68
CA PHE IA 37 6.82 -7.17 -8.87
C PHE IA 37 6.85 -8.11 -10.06
N ASN IA 38 7.79 -9.05 -10.07
CA ASN IA 38 7.94 -10.11 -11.07
C ASN IA 38 8.12 -9.51 -12.46
N GLU JA 44 3.26 -6.09 -17.68
CA GLU JA 44 2.24 -6.27 -16.66
C GLU JA 44 2.83 -6.75 -15.35
N VAL JA 45 2.64 -5.97 -14.30
CA VAL JA 45 3.17 -6.30 -12.98
C VAL JA 45 2.00 -6.64 -12.07
N GLN JA 46 2.32 -7.29 -10.95
CA GLN JA 46 1.31 -7.67 -10.00
C GLN JA 46 0.98 -6.49 -9.09
N PHE JA 47 -0.29 -6.13 -9.02
CA PHE JA 47 -0.70 -4.95 -8.29
C PHE JA 47 -0.79 -5.17 -6.80
N GLY JA 48 -0.58 -6.39 -6.33
CA GLY JA 48 -0.42 -6.64 -4.92
C GLY JA 48 0.99 -6.53 -4.44
N ALA JA 49 1.92 -6.17 -5.34
CA ALA JA 49 3.31 -6.03 -4.95
C ALA JA 49 3.60 -4.65 -4.41
N TYR JA 50 2.82 -3.66 -4.83
CA TYR JA 50 2.91 -2.32 -4.24
C TYR JA 50 2.53 -2.38 -2.77
N LEU JA 51 1.50 -3.14 -2.43
CA LEU JA 51 1.14 -3.34 -1.05
C LEU JA 51 2.14 -4.19 -0.30
N ALA JA 52 2.86 -5.07 -1.00
CA ALA JA 52 3.88 -5.87 -0.33
C ALA JA 52 5.08 -5.03 0.01
N VAL JA 53 5.55 -4.23 -0.94
CA VAL JA 53 6.78 -3.48 -0.73
C VAL JA 53 6.55 -2.29 0.18
N LEU JA 54 5.55 -1.47 -0.11
CA LEU JA 54 5.35 -0.23 0.65
C LEU JA 54 4.83 -0.47 2.05
N LEU JA 55 4.23 -1.63 2.33
CA LEU JA 55 4.01 -2.00 3.72
C LEU JA 55 5.15 -2.80 4.28
N GLY JA 56 5.91 -3.49 3.43
CA GLY JA 56 7.14 -4.12 3.88
C GLY JA 56 8.22 -3.13 4.23
N THR JA 57 8.19 -1.95 3.62
CA THR JA 57 9.03 -0.87 4.12
C THR JA 57 8.44 -0.28 5.39
N PHE JA 58 7.25 0.31 5.29
CA PHE JA 58 6.83 1.31 6.26
C PHE JA 58 6.44 0.70 7.59
N LEU JA 59 5.65 -0.38 7.58
CA LEU JA 59 5.20 -1.00 8.83
C LEU JA 59 6.35 -1.52 9.71
N PRO JA 60 7.38 -2.21 9.19
CA PRO JA 60 8.46 -2.59 10.11
C PRO JA 60 9.41 -1.44 10.41
N ALA JA 61 9.54 -0.48 9.50
CA ALA JA 61 10.47 0.63 9.75
C ALA JA 61 9.85 1.63 10.70
N LEU JA 62 8.53 1.82 10.64
CA LEU JA 62 7.90 2.66 11.66
C LEU JA 62 7.86 1.96 12.99
N PHE JA 63 7.97 0.63 13.01
CA PHE JA 63 8.09 -0.06 14.29
C PHE JA 63 9.41 0.26 14.97
N LEU JA 64 10.51 0.25 14.22
CA LEU JA 64 11.82 0.43 14.83
C LEU JA 64 12.04 1.87 15.25
N VAL JA 65 11.28 2.80 14.68
CA VAL JA 65 11.35 4.18 15.14
C VAL JA 65 10.74 4.31 16.53
N ASN JA 66 9.70 3.51 16.81
CA ASN JA 66 8.97 3.64 18.07
C ASN JA 66 9.78 3.15 19.23
N LEU JA 67 10.55 2.10 19.02
CA LEU JA 67 11.42 1.61 20.06
C LEU JA 67 12.56 2.57 20.35
N PHE JA 68 12.87 3.46 19.41
CA PHE JA 68 13.90 4.44 19.69
C PHE JA 68 13.34 5.67 20.40
N ILE JA 69 12.11 6.06 20.05
CA ILE JA 69 11.52 7.25 20.65
C ILE JA 69 11.18 7.00 22.12
N GLN JA 70 10.68 5.81 22.44
CA GLN JA 70 10.42 5.53 23.85
C GLN JA 70 11.71 5.23 24.60
N THR JA 71 12.79 4.89 23.91
CA THR JA 71 14.08 4.76 24.58
C THR JA 71 14.57 6.13 25.03
N GLU JA 72 14.47 7.12 24.16
CA GLU JA 72 14.94 8.46 24.49
C GLU JA 72 13.98 9.15 25.46
N ALA JA 73 12.73 8.72 25.50
CA ALA JA 73 11.79 9.29 26.45
C ALA JA 73 12.05 8.77 27.86
N ARG JA 74 12.46 7.51 27.99
CA ARG JA 74 12.81 7.00 29.31
C ARG JA 74 14.08 7.63 29.82
N LYS JA 75 15.02 7.92 28.93
CA LYS JA 75 16.24 8.59 29.34
C LYS JA 75 15.96 10.03 29.70
N ALA JA 76 15.03 10.67 28.98
CA ALA JA 76 14.62 12.01 29.35
C ALA JA 76 13.63 11.98 30.51
N GLY JA 77 13.04 10.82 30.77
CA GLY JA 77 12.12 10.71 31.88
C GLY JA 77 12.84 10.66 33.21
N LYS JA 78 13.92 9.90 33.28
CA LYS JA 78 14.66 9.77 34.54
C LYS JA 78 15.45 11.03 34.84
N ALA JA 79 15.98 11.69 33.81
CA ALA JA 79 16.91 12.81 33.93
C ALA JA 79 16.35 14.01 34.70
N GLY JA 80 15.04 14.18 34.70
CA GLY JA 80 14.44 15.11 35.63
C GLY JA 80 14.55 16.57 35.28
N GLY JA 81 15.06 16.91 34.10
CA GLY JA 81 15.22 18.32 33.78
C GLY JA 81 14.57 18.74 32.48
N GLN JA 82 13.54 19.58 32.59
CA GLN JA 82 12.94 20.39 31.52
C GLN JA 82 12.12 19.56 30.52
N ASP JA 83 12.25 18.24 30.57
CA ASP JA 83 11.61 17.37 29.59
C ASP JA 83 10.90 16.18 30.21
N SER JA 84 10.96 16.00 31.52
CA SER JA 84 10.41 14.78 32.09
C SER JA 84 8.90 14.86 32.20
N ASP JA 85 8.40 15.83 32.98
CA ASP JA 85 6.97 16.17 33.11
C ASP JA 85 6.08 15.02 33.56
N LYS KA 3 41.38 12.33 -53.50
CA LYS KA 3 42.11 13.11 -54.49
C LYS KA 3 43.41 12.41 -54.78
N SER KA 4 44.32 13.13 -55.41
CA SER KA 4 45.72 12.75 -55.36
C SER KA 4 46.42 13.33 -54.16
N GLN KA 5 45.80 14.33 -53.54
CA GLN KA 5 46.35 14.90 -52.31
C GLN KA 5 46.17 13.94 -51.15
N ILE KA 6 45.07 13.18 -51.14
CA ILE KA 6 44.87 12.14 -50.13
C ILE KA 6 45.85 11.00 -50.35
N ASN KA 7 46.14 10.69 -51.62
CA ASN KA 7 47.07 9.61 -51.94
C ASN KA 7 48.51 9.96 -51.61
N GLU KA 8 48.81 11.24 -51.38
CA GLU KA 8 50.14 11.64 -50.95
C GLU KA 8 50.45 11.10 -49.56
N LEU KA 9 49.45 11.06 -48.69
CA LEU KA 9 49.63 10.71 -47.29
C LEU KA 9 49.92 9.22 -47.14
N SER KA 10 50.53 8.87 -46.01
CA SER KA 10 50.71 7.48 -45.64
C SER KA 10 49.53 7.04 -44.79
N TYR KA 11 49.59 5.80 -44.30
CA TYR KA 11 48.47 5.28 -43.54
C TYR KA 11 48.44 5.82 -42.12
N LEU KA 12 49.61 6.01 -41.52
CA LEU KA 12 49.68 6.45 -40.13
C LEU KA 12 49.28 7.90 -39.96
N GLN KA 13 49.27 8.66 -41.06
CA GLN KA 13 48.90 10.06 -40.98
C GLN KA 13 47.40 10.24 -41.17
N VAL KA 14 46.74 9.23 -41.75
CA VAL KA 14 45.31 9.35 -41.99
C VAL KA 14 44.53 8.82 -40.80
N LYS KA 15 45.03 7.77 -40.15
CA LYS KA 15 44.23 7.05 -39.18
C LYS KA 15 44.01 7.87 -37.91
N GLY KA 16 42.82 7.74 -37.35
CA GLY KA 16 42.42 8.52 -36.22
C GLY KA 16 42.07 9.96 -36.50
N THR KA 17 42.17 10.40 -37.75
CA THR KA 17 41.89 11.79 -38.09
C THR KA 17 40.53 12.00 -38.74
N GLY KA 18 39.81 10.93 -39.06
CA GLY KA 18 38.52 11.10 -39.70
C GLY KA 18 38.58 11.56 -41.13
N LEU KA 19 39.68 11.27 -41.82
CA LEU KA 19 39.81 11.69 -43.21
C LEU KA 19 39.31 10.62 -44.18
N ALA KA 20 39.49 9.35 -43.83
CA ALA KA 20 39.11 8.26 -44.73
C ALA KA 20 37.61 8.16 -44.90
N ASN KA 21 36.85 8.77 -44.00
CA ASN KA 21 35.41 8.87 -44.12
C ASN KA 21 34.97 9.82 -45.21
N ARG KA 22 35.80 10.79 -45.59
CA ARG KA 22 35.35 11.91 -46.39
C ARG KA 22 35.71 11.71 -47.85
N CYS KA 23 34.73 11.93 -48.72
CA CYS KA 23 34.97 11.86 -50.15
C CYS KA 23 35.83 13.03 -50.61
N ALA KA 24 36.44 12.83 -51.77
CA ALA KA 24 37.38 13.77 -52.34
C ALA KA 24 36.65 15.00 -52.88
N GLU KA 25 37.43 16.03 -53.14
CA GLU KA 25 36.94 17.26 -53.74
C GLU KA 25 37.56 17.38 -55.13
N VAL KA 26 36.72 17.30 -56.15
CA VAL KA 26 37.15 17.44 -57.54
C VAL KA 26 37.27 18.93 -57.86
N VAL KA 27 38.23 19.27 -58.72
CA VAL KA 27 38.61 20.66 -58.96
C VAL KA 27 38.32 21.02 -60.41
N GLY KA 28 37.56 22.07 -60.63
CA GLY KA 28 37.37 22.56 -61.99
C GLY KA 28 36.20 21.91 -62.68
N GLU KA 29 35.81 22.48 -63.83
CA GLU KA 29 34.69 21.98 -64.61
C GLU KA 29 35.03 21.98 -66.10
N ASP KA 30 34.72 20.85 -66.75
CA ASP KA 30 34.84 20.67 -68.19
C ASP KA 30 33.94 19.48 -68.57
N SER KA 31 34.15 18.92 -69.76
CA SER KA 31 33.39 17.77 -70.20
C SER KA 31 34.28 16.55 -70.34
N ILE KA 32 33.70 15.38 -70.15
CA ILE KA 32 34.38 14.12 -70.39
C ILE KA 32 33.40 13.17 -71.06
N LYS KA 33 33.89 12.39 -72.02
CA LYS KA 33 33.06 11.49 -72.79
C LYS KA 33 33.29 10.06 -72.34
N PRO KA 34 32.23 9.33 -72.02
CA PRO KA 34 32.39 7.91 -71.70
C PRO KA 34 32.69 7.09 -72.95
N LYS KA 35 33.74 6.29 -72.87
CA LYS KA 35 34.18 5.41 -73.95
C LYS KA 35 33.19 4.27 -74.15
N PRO KA 36 33.32 3.46 -75.21
CA PRO KA 36 32.50 2.25 -75.31
C PRO KA 36 32.68 1.26 -74.17
N GLY KA 37 33.91 0.89 -73.84
CA GLY KA 37 34.18 0.05 -72.70
C GLY KA 37 34.40 0.79 -71.40
N ALA KA 38 33.79 1.96 -71.22
CA ALA KA 38 34.05 2.79 -70.06
C ALA KA 38 33.45 2.17 -68.81
N LYS KA 39 34.25 2.13 -67.75
CA LYS KA 39 33.86 1.48 -66.52
C LYS KA 39 34.20 2.39 -65.36
N LEU KA 40 33.21 2.68 -64.54
CA LEU KA 40 33.38 3.60 -63.43
C LEU KA 40 34.14 2.91 -62.29
N VAL KA 41 35.07 3.65 -61.69
CA VAL KA 41 36.08 3.03 -60.84
C VAL KA 41 35.89 3.33 -59.36
N ASP KA 42 35.93 4.59 -58.93
CA ASP KA 42 36.05 4.85 -57.50
C ASP KA 42 34.93 5.72 -57.00
N MET KA 43 33.69 5.37 -57.35
CA MET KA 43 32.57 6.16 -56.88
C MET KA 43 32.35 5.97 -55.39
N CYS KA 44 32.56 7.06 -54.65
CA CYS KA 44 32.23 7.11 -53.23
C CYS KA 44 31.07 8.06 -53.04
N ILE KA 45 30.21 7.75 -52.09
CA ILE KA 45 29.04 8.55 -51.77
C ILE KA 45 29.07 8.85 -50.29
N GLU KA 46 29.03 10.12 -49.92
CA GLU KA 46 28.91 10.35 -48.50
C GLU KA 46 27.82 11.38 -48.21
N PRO KA 47 26.85 11.02 -47.39
CA PRO KA 47 25.79 11.99 -47.08
C PRO KA 47 26.19 12.93 -45.96
N LYS KA 48 25.80 14.18 -46.07
CA LYS KA 48 26.17 15.15 -45.05
C LYS KA 48 24.99 15.55 -44.17
N ALA KA 49 23.76 15.16 -44.52
CA ALA KA 49 22.62 15.52 -43.71
C ALA KA 49 21.56 14.44 -43.86
N TRP KA 50 20.79 14.24 -42.80
CA TRP KA 50 19.76 13.23 -42.75
C TRP KA 50 18.45 13.84 -42.28
N ALA KA 51 17.35 13.26 -42.73
CA ALA KA 51 16.04 13.76 -42.37
C ALA KA 51 15.03 12.62 -42.43
N VAL KA 52 14.18 12.52 -41.41
CA VAL KA 52 13.20 11.46 -41.29
C VAL KA 52 11.82 12.08 -41.35
N GLU KA 53 10.93 11.53 -42.16
CA GLU KA 53 9.59 12.08 -42.31
C GLU KA 53 8.75 11.77 -41.07
N GLU KA 54 8.24 12.82 -40.42
CA GLU KA 54 7.48 12.69 -39.19
C GLU KA 54 6.24 13.56 -39.24
N GLU KA 55 5.48 13.51 -38.15
CA GLU KA 55 4.32 14.37 -37.92
C GLU KA 55 4.81 15.58 -37.13
N VAL KA 56 4.89 16.72 -37.78
CA VAL KA 56 5.55 17.87 -37.18
C VAL KA 56 4.51 18.76 -36.49
N GLY KA 57 4.92 19.37 -35.38
CA GLY KA 57 4.08 20.26 -34.60
C GLY KA 57 4.09 21.71 -35.05
N LYS KA 58 3.36 22.05 -36.10
CA LYS KA 58 3.30 23.44 -36.55
C LYS KA 58 2.36 24.24 -35.66
N ALA KA 59 1.95 25.42 -36.14
CA ALA KA 59 1.14 26.33 -35.32
C ALA KA 59 -0.23 25.73 -35.01
N GLY KA 60 -0.90 25.15 -36.01
CA GLY KA 60 -2.16 24.49 -35.76
C GLY KA 60 -2.35 23.22 -36.55
N LYS KA 61 -1.40 22.89 -37.42
CA LYS KA 61 -1.57 21.82 -38.39
C LYS KA 61 -0.50 20.75 -38.20
N THR KA 62 -0.82 19.54 -38.69
CA THR KA 62 0.05 18.38 -38.53
C THR KA 62 0.36 17.71 -39.86
N GLU KA 63 0.76 18.47 -40.87
CA GLU KA 63 1.19 17.88 -42.13
C GLU KA 63 2.54 17.22 -41.96
N LYS KA 64 2.82 16.23 -42.80
CA LYS KA 64 4.07 15.49 -42.70
C LYS KA 64 5.23 16.30 -43.25
N LYS KA 65 6.25 16.49 -42.43
CA LYS KA 65 7.44 17.21 -42.85
C LYS KA 65 8.67 16.44 -42.39
N PHE KA 66 9.81 16.81 -42.94
CA PHE KA 66 11.07 16.20 -42.55
C PHE KA 66 11.69 16.99 -41.42
N VAL KA 67 11.91 16.33 -40.30
CA VAL KA 67 12.79 16.83 -39.26
C VAL KA 67 14.15 16.21 -39.50
N ASN KA 68 15.20 16.96 -39.17
CA ASN KA 68 16.52 16.37 -39.31
C ASN KA 68 16.85 15.54 -38.09
N SER KA 69 18.06 15.00 -38.07
CA SER KA 69 18.44 14.05 -37.04
C SER KA 69 19.95 14.03 -36.93
N LYS KA 70 20.44 13.58 -35.79
CA LYS KA 70 21.87 13.48 -35.53
C LYS KA 70 22.29 12.04 -35.65
N VAL KA 71 23.33 11.78 -36.44
CA VAL KA 71 23.83 10.42 -36.59
C VAL KA 71 24.57 10.01 -35.32
N MET KA 72 24.44 8.75 -34.93
CA MET KA 72 25.00 8.27 -33.68
C MET KA 72 26.05 7.20 -33.86
N THR KA 73 25.93 6.34 -34.86
CA THR KA 73 27.09 5.61 -35.33
C THR KA 73 28.07 6.63 -35.90
N ARG KA 74 29.35 6.47 -35.59
CA ARG KA 74 30.22 7.62 -35.50
C ARG KA 74 30.65 8.13 -36.87
N GLN KA 75 31.46 7.36 -37.59
CA GLN KA 75 32.00 7.82 -38.87
C GLN KA 75 31.91 6.72 -39.90
N THR KA 76 30.90 5.88 -39.78
CA THR KA 76 30.82 4.68 -40.59
C THR KA 76 29.77 4.77 -41.68
N TYR KA 77 29.54 5.95 -42.27
CA TYR KA 77 28.39 6.09 -43.14
C TYR KA 77 28.75 6.12 -44.62
N THR KA 78 30.02 6.29 -44.96
CA THR KA 78 30.39 6.53 -46.35
C THR KA 78 30.52 5.24 -47.13
N LEU KA 79 30.01 5.25 -48.37
CA LEU KA 79 30.20 4.16 -49.31
C LEU KA 79 31.51 4.37 -50.07
N ASP KA 80 32.06 3.28 -50.61
CA ASP KA 80 33.38 3.39 -51.22
C ASP KA 80 33.55 2.29 -52.26
N ALA KA 81 34.47 2.54 -53.19
CA ALA KA 81 35.03 1.53 -54.11
C ALA KA 81 33.97 0.94 -55.04
N ILE KA 82 32.92 1.71 -55.31
CA ILE KA 82 31.81 1.19 -56.08
C ILE KA 82 32.16 1.16 -57.56
N GLU KA 83 32.15 -0.04 -58.14
CA GLU KA 83 32.53 -0.24 -59.52
C GLU KA 83 31.28 -0.30 -60.37
N GLY KA 84 31.48 -0.46 -61.66
CA GLY KA 84 30.37 -0.64 -62.58
C GLY KA 84 30.69 -0.12 -63.96
N PRO KA 85 30.14 -0.78 -64.98
CA PRO KA 85 30.32 -0.30 -66.35
C PRO KA 85 29.31 0.78 -66.72
N ILE KA 86 29.76 1.71 -67.54
CA ILE KA 86 28.91 2.79 -68.02
C ILE KA 86 28.48 2.43 -69.43
N THR KA 87 27.26 1.94 -69.57
CA THR KA 87 26.74 1.58 -70.88
C THR KA 87 26.15 2.79 -71.57
N VAL KA 88 26.30 2.85 -72.88
CA VAL KA 88 25.88 4.00 -73.67
C VAL KA 88 24.61 3.60 -74.40
N ASP KA 89 23.46 3.99 -73.87
CA ASP KA 89 22.27 4.01 -74.69
C ASP KA 89 22.30 5.25 -75.57
N GLY KA 90 21.51 5.23 -76.65
CA GLY KA 90 21.59 6.30 -77.64
C GLY KA 90 21.09 7.63 -77.13
N GLY KA 91 19.94 7.62 -76.44
CA GLY KA 91 19.38 8.87 -75.98
C GLY KA 91 20.07 9.38 -74.73
N LYS KA 92 20.32 8.49 -73.77
CA LYS KA 92 20.78 8.87 -72.45
C LYS KA 92 21.86 7.92 -71.99
N ILE KA 93 22.93 8.48 -71.43
CA ILE KA 93 23.98 7.67 -70.84
C ILE KA 93 23.46 7.03 -69.56
N THR KA 94 23.81 5.76 -69.35
CA THR KA 94 23.33 4.97 -68.22
C THR KA 94 24.48 4.43 -67.41
N PHE KA 95 24.19 4.08 -66.16
CA PHE KA 95 25.15 3.43 -65.29
C PHE KA 95 24.47 2.32 -64.52
N ASN KA 96 25.15 1.18 -64.40
CA ASN KA 96 24.70 0.07 -63.59
C ASN KA 96 25.87 -0.39 -62.74
N GLU KA 97 25.72 -0.31 -61.43
CA GLU KA 97 26.82 -0.63 -60.51
C GLU KA 97 26.93 -2.14 -60.39
N LYS KA 98 28.14 -2.62 -60.14
CA LYS KA 98 28.33 -4.06 -60.03
C LYS KA 98 28.81 -4.47 -58.65
N GLU KA 99 29.91 -3.90 -58.17
CA GLU KA 99 30.52 -4.37 -56.93
C GLU KA 99 30.95 -3.15 -56.12
N GLY KA 100 31.72 -3.39 -55.06
CA GLY KA 100 32.10 -2.34 -54.14
C GLY KA 100 31.27 -2.37 -52.86
N ILE KA 101 31.75 -1.63 -51.86
CA ILE KA 101 31.00 -1.51 -50.60
C ILE KA 101 29.81 -0.60 -50.87
N ASP KA 102 28.64 -1.20 -51.00
CA ASP KA 102 27.44 -0.48 -51.40
C ASP KA 102 26.35 -0.54 -50.34
N TYR KA 103 26.74 -0.70 -49.08
CA TYR KA 103 25.81 -0.57 -47.97
C TYR KA 103 26.61 -0.06 -46.79
N ALA KA 104 25.98 0.76 -45.96
CA ALA KA 104 26.62 1.27 -44.76
C ALA KA 104 25.54 1.49 -43.72
N ALA KA 105 25.43 0.59 -42.76
CA ALA KA 105 24.36 0.64 -41.78
C ALA KA 105 24.61 1.76 -40.79
N THR KA 106 23.57 2.52 -40.48
CA THR KA 106 23.71 3.66 -39.60
C THR KA 106 22.41 3.92 -38.88
N THR KA 107 22.48 4.77 -37.85
CA THR KA 107 21.38 4.99 -36.93
C THR KA 107 21.33 6.45 -36.55
N VAL KA 108 20.17 7.08 -36.71
CA VAL KA 108 20.00 8.49 -36.41
C VAL KA 108 18.99 8.63 -35.30
N GLN KA 109 19.04 9.73 -34.57
CA GLN KA 109 18.14 9.95 -33.45
C GLN KA 109 17.28 11.17 -33.69
N LEU KA 110 16.00 11.03 -33.43
CA LEU KA 110 14.97 12.03 -33.64
C LEU KA 110 14.79 12.90 -32.40
N PRO KA 111 14.05 14.00 -32.47
CA PRO KA 111 13.51 14.59 -31.25
C PRO KA 111 12.52 13.65 -30.57
N GLY KA 112 12.66 13.54 -29.26
CA GLY KA 112 11.89 12.60 -28.48
C GLY KA 112 12.69 11.43 -27.97
N GLY KA 113 13.86 11.18 -28.55
CA GLY KA 113 14.68 10.07 -28.15
C GLY KA 113 14.51 8.80 -28.95
N GLU KA 114 13.75 8.84 -30.04
CA GLU KA 114 13.56 7.65 -30.84
C GLU KA 114 14.77 7.41 -31.72
N ARG KA 115 15.27 6.17 -31.71
CA ARG KA 115 16.41 5.77 -32.51
C ARG KA 115 15.93 5.03 -33.73
N VAL KA 116 16.22 5.57 -34.91
CA VAL KA 116 15.81 4.97 -36.16
C VAL KA 116 17.04 4.49 -36.89
N PRO KA 117 17.32 3.19 -36.92
CA PRO KA 117 18.38 2.68 -37.78
C PRO KA 117 17.88 2.59 -39.20
N PHE KA 118 18.82 2.65 -40.14
CA PHE KA 118 18.48 2.41 -41.53
C PHE KA 118 19.73 1.98 -42.27
N LEU KA 119 19.55 1.02 -43.17
CA LEU KA 119 20.64 0.64 -44.05
C LEU KA 119 20.70 1.63 -45.19
N PHE KA 120 21.83 2.31 -45.33
CA PHE KA 120 22.05 3.24 -46.43
C PHE KA 120 22.81 2.51 -47.52
N THR KA 121 22.20 2.39 -48.69
CA THR KA 121 22.71 1.48 -49.70
C THR KA 121 22.44 2.00 -51.10
N VAL KA 122 23.19 1.48 -52.06
CA VAL KA 122 22.98 1.73 -53.48
C VAL KA 122 23.00 0.43 -54.28
N LYS KA 123 22.55 -0.67 -53.69
CA LYS KA 123 22.59 -1.96 -54.36
C LYS KA 123 21.63 -2.00 -55.55
N ASP KA 124 22.13 -2.54 -56.67
CA ASP KA 124 21.39 -2.72 -57.92
C ASP KA 124 20.85 -1.38 -58.44
N LEU KA 125 21.77 -0.45 -58.65
CA LEU KA 125 21.42 0.91 -59.04
C LEU KA 125 21.42 1.02 -60.56
N VAL KA 126 20.36 1.60 -61.10
CA VAL KA 126 20.23 1.82 -62.54
C VAL KA 126 20.13 3.33 -62.72
N ALA KA 127 21.25 3.97 -62.99
CA ALA KA 127 21.29 5.41 -63.20
C ALA KA 127 21.02 5.72 -64.66
N LYS KA 128 20.34 6.84 -64.90
CA LYS KA 128 20.05 7.31 -66.24
C LYS KA 128 20.15 8.82 -66.23
N GLY KA 129 20.94 9.37 -67.13
CA GLY KA 129 21.09 10.82 -67.18
C GLY KA 129 21.06 11.40 -68.56
N ASN KA 130 20.67 12.66 -68.67
CA ASN KA 130 20.47 13.31 -69.96
C ASN KA 130 21.78 13.48 -70.73
N GLY KA 131 21.70 13.21 -72.03
CA GLY KA 131 22.85 13.38 -72.90
C GLY KA 131 23.81 12.21 -72.78
N ASP KA 132 25.00 12.44 -73.33
CA ASP KA 132 26.00 11.37 -73.39
C ASP KA 132 27.19 11.70 -72.50
N THR KA 133 27.79 12.88 -72.70
CA THR KA 133 29.01 13.22 -71.99
C THR KA 133 28.68 13.82 -70.63
N PHE KA 134 29.58 13.60 -69.68
CA PHE KA 134 29.42 14.18 -68.36
C PHE KA 134 29.73 15.68 -68.41
N LYS KA 135 28.82 16.47 -67.87
CA LYS KA 135 28.87 17.91 -67.95
C LYS KA 135 28.60 18.48 -66.56
N PRO KA 136 28.89 19.75 -66.34
CA PRO KA 136 28.46 20.37 -65.07
C PRO KA 136 26.96 20.55 -64.93
N GLY KA 137 26.22 20.42 -66.04
CA GLY KA 137 24.77 20.38 -65.96
C GLY KA 137 24.19 18.99 -65.99
N PHE KA 138 25.01 17.95 -65.89
CA PHE KA 138 24.53 16.59 -66.00
C PHE KA 138 23.85 16.16 -64.71
N GLN KA 139 22.87 15.27 -64.84
CA GLN KA 139 22.03 14.91 -63.69
C GLN KA 139 21.43 13.53 -63.95
N MET KA 140 21.95 12.52 -63.27
CA MET KA 140 21.47 11.15 -63.40
C MET KA 140 20.89 10.66 -62.08
N GLY KA 141 20.05 9.63 -62.16
CA GLY KA 141 19.48 9.02 -60.98
C GLY KA 141 18.76 7.73 -61.33
N GLY KA 142 18.24 7.08 -60.31
CA GLY KA 142 17.47 5.87 -60.54
C GLY KA 142 17.23 5.09 -59.27
N ASP KA 143 16.58 3.95 -59.43
CA ASP KA 143 16.14 3.13 -58.33
C ASP KA 143 17.25 2.21 -57.84
N PHE KA 144 17.24 1.93 -56.53
CA PHE KA 144 18.10 0.91 -55.97
C PHE KA 144 17.27 0.05 -55.03
N ASN KA 145 17.70 -1.19 -54.83
CA ASN KA 145 16.97 -2.10 -53.97
C ASN KA 145 17.60 -2.15 -52.59
N THR KA 146 16.83 -1.80 -51.60
CA THR KA 146 17.30 -1.94 -50.23
C THR KA 146 17.06 -3.35 -49.74
N PRO KA 147 18.08 -4.08 -49.32
CA PRO KA 147 17.85 -5.34 -48.62
C PRO KA 147 17.40 -5.05 -47.19
N SER KA 148 17.05 -6.12 -46.48
CA SER KA 148 16.64 -5.95 -45.10
C SER KA 148 17.85 -5.61 -44.24
N TYR KA 149 17.58 -4.97 -43.10
CA TYR KA 149 18.66 -4.50 -42.24
C TYR KA 149 19.35 -5.65 -41.55
N ARG KA 150 18.64 -6.75 -41.34
CA ARG KA 150 19.18 -7.94 -40.71
C ARG KA 150 19.05 -9.09 -41.67
N THR KA 151 20.13 -9.84 -41.87
CA THR KA 151 20.03 -11.09 -42.61
C THR KA 151 19.27 -12.09 -41.76
N GLY KA 152 18.47 -12.94 -42.40
CA GLY KA 152 17.51 -13.82 -41.77
C GLY KA 152 17.97 -14.74 -40.64
N LEU KA 153 19.27 -14.92 -40.46
CA LEU KA 153 19.78 -15.70 -39.34
C LEU KA 153 20.14 -14.83 -38.14
N PHE KA 154 19.64 -13.60 -38.10
CA PHE KA 154 19.75 -12.77 -36.91
C PHE KA 154 18.83 -13.30 -35.82
N LEU KA 155 19.34 -13.40 -34.60
CA LEU KA 155 18.56 -13.87 -33.47
C LEU KA 155 18.12 -12.69 -32.62
N ASP KA 156 16.82 -12.56 -32.40
CA ASP KA 156 16.26 -11.53 -31.54
C ASP KA 156 16.53 -11.94 -30.09
N PRO KA 157 16.26 -11.04 -29.08
CA PRO KA 157 16.47 -11.43 -27.67
C PRO KA 157 15.85 -12.71 -27.16
N LYS KA 158 14.77 -13.18 -27.76
CA LYS KA 158 14.21 -14.46 -27.33
C LYS KA 158 14.91 -15.62 -28.04
N GLY KA 159 15.54 -15.37 -29.18
CA GLY KA 159 16.23 -16.42 -29.88
C GLY KA 159 15.46 -16.91 -31.09
N ARG KA 160 14.87 -15.99 -31.84
CA ARG KA 160 14.03 -16.31 -32.97
C ARG KA 160 14.53 -15.58 -34.20
N GLY KA 161 14.76 -16.31 -35.28
CA GLY KA 161 15.19 -15.71 -36.54
C GLY KA 161 14.37 -16.25 -37.69
N GLY KA 162 14.67 -15.71 -38.88
CA GLY KA 162 13.96 -16.11 -40.08
C GLY KA 162 14.44 -17.45 -40.61
N THR KA 163 15.74 -17.68 -40.56
CA THR KA 163 16.32 -18.92 -41.05
C THR KA 163 16.94 -19.77 -39.97
N THR KA 164 16.86 -19.34 -38.71
CA THR KA 164 17.34 -20.15 -37.59
C THR KA 164 16.52 -19.76 -36.37
N GLY KA 165 16.88 -20.34 -35.23
CA GLY KA 165 16.26 -19.97 -33.99
C GLY KA 165 14.97 -20.72 -33.76
N TYR KA 166 14.30 -20.37 -32.66
CA TYR KA 166 13.00 -20.92 -32.35
C TYR KA 166 11.93 -20.23 -33.18
N ASP KA 167 10.67 -20.55 -32.91
CA ASP KA 167 9.56 -19.82 -33.51
C ASP KA 167 8.42 -19.58 -32.54
N MET KA 168 8.66 -19.73 -31.25
CA MET KA 168 7.64 -19.47 -30.25
C MET KA 168 8.31 -18.79 -29.06
N ALA KA 169 7.49 -18.18 -28.21
CA ALA KA 169 7.98 -17.51 -27.03
C ALA KA 169 8.57 -18.56 -26.10
N VAL KA 170 9.89 -18.60 -26.03
CA VAL KA 170 10.57 -19.78 -25.53
C VAL KA 170 10.48 -19.88 -24.02
N ALA KA 171 10.30 -18.76 -23.32
CA ALA KA 171 10.11 -18.77 -21.88
C ALA KA 171 8.66 -18.50 -21.49
N LEU KA 172 7.73 -18.71 -22.42
CA LEU KA 172 6.30 -18.64 -22.15
C LEU KA 172 5.66 -19.92 -22.66
N PRO KA 173 5.84 -21.03 -21.95
CA PRO KA 173 5.45 -22.32 -22.53
C PRO KA 173 3.96 -22.58 -22.45
N ALA KA 174 3.19 -21.74 -21.78
CA ALA KA 174 1.77 -21.99 -21.70
C ALA KA 174 1.00 -21.20 -22.74
N LEU KA 175 1.71 -20.56 -23.67
CA LEU KA 175 1.00 -19.83 -24.72
C LEU KA 175 0.48 -20.77 -25.80
N GLN KA 176 1.15 -21.91 -26.02
CA GLN KA 176 0.76 -22.80 -27.11
C GLN KA 176 -0.21 -23.86 -26.61
N LEU KA 177 -1.21 -23.41 -25.86
CA LEU KA 177 -2.21 -24.31 -25.31
C LEU KA 177 -3.57 -23.94 -25.83
N GLY KA 178 -4.25 -24.92 -26.41
CA GLY KA 178 -5.54 -24.69 -27.02
C GLY KA 178 -5.49 -24.87 -28.52
N GLU KA 179 -6.64 -24.68 -29.14
CA GLU KA 179 -6.71 -24.75 -30.59
C GLU KA 179 -6.08 -23.52 -31.22
N GLU KA 180 -6.13 -22.38 -30.53
CA GLU KA 180 -5.63 -21.15 -31.11
C GLU KA 180 -4.12 -21.08 -31.06
N GLY KA 181 -3.51 -21.77 -30.10
CA GLY KA 181 -2.05 -21.71 -29.95
C GLY KA 181 -1.61 -20.34 -29.49
N ASP KA 182 -0.48 -19.90 -30.04
CA ASP KA 182 0.08 -18.58 -29.80
C ASP KA 182 -0.15 -17.63 -30.98
N ALA KA 183 -1.31 -17.74 -31.63
CA ALA KA 183 -1.55 -16.97 -32.85
C ALA KA 183 -1.87 -15.51 -32.55
N GLU KA 184 -2.05 -15.16 -31.27
CA GLU KA 184 -2.25 -13.77 -30.90
C GLU KA 184 -0.96 -12.97 -31.09
N LEU KA 185 0.18 -13.57 -30.78
CA LEU KA 185 1.48 -12.96 -31.01
C LEU KA 185 2.19 -13.52 -32.25
N PHE KA 186 1.43 -13.83 -33.30
CA PHE KA 186 1.94 -14.44 -34.51
C PHE KA 186 2.93 -13.56 -35.26
N GLY KA 187 2.71 -12.25 -35.23
CA GLY KA 187 3.54 -11.35 -36.01
C GLY KA 187 4.96 -11.25 -35.52
N GLU KA 188 5.16 -11.46 -34.22
CA GLU KA 188 6.48 -11.40 -33.63
C GLU KA 188 7.19 -12.74 -33.65
N ASN KA 189 6.56 -13.78 -34.17
CA ASN KA 189 7.23 -15.04 -34.40
C ASN KA 189 7.69 -15.21 -35.84
N ASN KA 190 6.88 -14.78 -36.80
CA ASN KA 190 7.20 -14.90 -38.21
C ASN KA 190 8.15 -13.77 -38.57
N LYS KA 191 9.37 -14.12 -38.98
CA LYS KA 191 10.38 -13.14 -39.34
C LYS KA 191 10.46 -13.09 -40.86
N VAL KA 192 10.08 -11.97 -41.44
CA VAL KA 192 10.00 -11.86 -42.89
C VAL KA 192 11.09 -10.94 -43.41
N PHE KA 193 11.94 -11.47 -44.29
CA PHE KA 193 12.94 -10.71 -44.98
C PHE KA 193 12.25 -9.76 -45.95
N ASP KA 194 12.61 -8.48 -45.89
CA ASP KA 194 11.90 -7.44 -46.61
C ASP KA 194 12.84 -6.72 -47.56
N ILE KA 195 12.38 -6.51 -48.79
CA ILE KA 195 13.10 -5.71 -49.78
C ILE KA 195 12.22 -4.54 -50.18
N THR KA 196 12.75 -3.32 -50.04
CA THR KA 196 12.02 -2.14 -50.47
C THR KA 196 12.78 -1.43 -51.59
N GLN KA 197 12.27 -0.28 -52.01
CA GLN KA 197 12.87 0.49 -53.08
C GLN KA 197 13.38 1.81 -52.55
N GLY KA 198 14.35 2.38 -53.27
CA GLY KA 198 14.86 3.70 -52.94
C GLY KA 198 15.21 4.43 -54.21
N ARG KA 199 15.14 5.75 -54.18
CA ARG KA 199 15.34 6.57 -55.38
C ARG KA 199 16.40 7.62 -55.09
N ILE KA 200 17.56 7.49 -55.72
CA ILE KA 200 18.67 8.43 -55.58
C ILE KA 200 18.69 9.32 -56.81
N GLU KA 201 19.09 10.58 -56.63
CA GLU KA 201 19.19 11.55 -57.71
C GLU KA 201 20.51 12.30 -57.58
N MET KA 202 21.46 11.95 -58.45
CA MET KA 202 22.79 12.54 -58.44
C MET KA 202 22.86 13.69 -59.43
N GLU KA 203 23.90 14.51 -59.30
CA GLU KA 203 24.02 15.69 -60.14
C GLU KA 203 25.50 16.07 -60.22
N VAL KA 204 26.12 15.82 -61.37
CA VAL KA 204 27.51 16.17 -61.59
C VAL KA 204 27.61 17.68 -61.80
N ASN KA 205 28.55 18.32 -61.12
CA ASN KA 205 28.74 19.74 -61.39
C ASN KA 205 30.19 20.17 -61.58
N LYS KA 206 31.15 19.31 -61.23
CA LYS KA 206 32.56 19.66 -61.38
C LYS KA 206 33.30 18.45 -61.92
N VAL KA 207 33.97 18.61 -63.06
CA VAL KA 207 34.62 17.53 -63.78
C VAL KA 207 36.08 17.91 -64.00
N ASN KA 208 36.98 16.93 -63.91
CA ASN KA 208 38.28 17.00 -64.56
C ASN KA 208 38.26 16.05 -65.75
N ALA KA 209 38.76 16.51 -66.89
CA ALA KA 209 38.95 15.63 -68.03
C ALA KA 209 40.41 15.22 -68.17
N GLU KA 210 41.33 16.06 -67.71
CA GLU KA 210 42.75 15.71 -67.67
C GLU KA 210 43.04 14.67 -66.60
N ASP KA 211 42.11 14.48 -65.67
CA ASP KA 211 42.27 13.55 -64.59
C ASP KA 211 41.15 12.52 -64.57
N SER KA 212 40.09 12.73 -65.37
CA SER KA 212 38.99 11.80 -65.61
C SER KA 212 38.26 11.44 -64.32
N GLU KA 213 37.98 12.44 -63.50
CA GLU KA 213 37.29 12.26 -62.23
C GLU KA 213 36.22 13.32 -62.08
N ILE KA 214 35.01 12.90 -61.73
CA ILE KA 214 33.87 13.79 -61.62
C ILE KA 214 33.42 13.83 -60.17
N GLY KA 215 32.48 14.72 -59.88
CA GLY KA 215 31.96 14.80 -58.54
C GLY KA 215 30.94 15.90 -58.36
N GLY KA 216 29.87 15.61 -57.62
CA GLY KA 216 28.83 16.59 -57.42
C GLY KA 216 27.94 16.24 -56.26
N VAL KA 217 26.77 16.84 -56.25
CA VAL KA 217 25.83 16.75 -55.13
C VAL KA 217 24.74 15.76 -55.49
N PHE KA 218 24.34 14.91 -54.55
CA PHE KA 218 23.22 14.01 -54.79
C PHE KA 218 22.12 14.33 -53.81
N VAL KA 219 21.02 13.58 -53.94
CA VAL KA 219 19.96 13.51 -52.93
C VAL KA 219 19.31 12.14 -53.03
N ALA KA 220 19.19 11.45 -51.90
CA ALA KA 220 18.71 10.09 -51.87
C ALA KA 220 17.57 9.96 -50.89
N THR KA 221 16.52 9.26 -51.30
CA THR KA 221 15.44 8.92 -50.39
C THR KA 221 15.26 7.42 -50.39
N GLN KA 222 14.95 6.88 -49.22
CA GLN KA 222 14.70 5.45 -49.09
C GLN KA 222 13.80 5.24 -47.88
N LEU KA 223 13.65 4.00 -47.48
CA LEU KA 223 12.78 3.62 -46.39
C LEU KA 223 13.64 2.98 -45.31
N SER KA 224 13.36 3.31 -44.05
CA SER KA 224 14.13 2.76 -42.96
C SER KA 224 13.75 1.30 -42.72
N ASP KA 225 14.34 0.71 -41.70
CA ASP KA 225 14.08 -0.71 -41.47
C ASP KA 225 12.85 -0.92 -40.60
N THR KA 226 12.45 -2.18 -40.49
CA THR KA 226 11.24 -2.56 -39.79
C THR KA 226 11.47 -3.68 -38.78
N ASP KA 227 12.68 -4.24 -38.73
CA ASP KA 227 13.02 -5.47 -38.00
C ASP KA 227 12.08 -6.60 -38.38
N MET KA 228 12.04 -6.88 -39.68
CA MET KA 228 11.36 -8.05 -40.25
C MET KA 228 9.86 -8.05 -39.97
N GLY KA 229 9.27 -6.86 -40.02
CA GLY KA 229 7.86 -6.72 -39.75
C GLY KA 229 7.51 -6.39 -38.32
N SER KA 230 8.46 -5.85 -37.55
CA SER KA 230 8.16 -5.54 -36.16
C SER KA 230 7.42 -4.22 -36.03
N LYS KA 231 7.68 -3.28 -36.95
CA LYS KA 231 7.05 -1.97 -36.88
C LYS KA 231 6.84 -1.45 -38.29
N THR KA 232 6.23 -0.28 -38.37
CA THR KA 232 6.07 0.39 -39.64
C THR KA 232 7.34 1.16 -39.96
N PRO KA 233 7.97 0.93 -41.11
CA PRO KA 233 9.18 1.67 -41.44
C PRO KA 233 8.86 3.09 -41.86
N LYS KA 234 9.84 3.96 -41.75
CA LYS KA 234 9.65 5.38 -41.97
C LYS KA 234 10.55 5.88 -43.09
N LYS KA 235 10.02 6.84 -43.85
CA LYS KA 235 10.73 7.35 -45.02
C LYS KA 235 11.90 8.23 -44.60
N VAL KA 236 13.08 7.94 -45.13
CA VAL KA 236 14.30 8.63 -44.75
C VAL KA 236 14.87 9.33 -45.96
N LEU KA 237 15.04 10.64 -45.86
CA LEU KA 237 15.67 11.46 -46.88
C LEU KA 237 17.08 11.81 -46.42
N THR KA 238 18.01 11.86 -47.36
CA THR KA 238 19.36 12.29 -47.04
C THR KA 238 19.95 13.05 -48.23
N LYS KA 239 21.00 13.81 -47.94
CA LYS KA 239 21.69 14.64 -48.91
C LYS KA 239 23.16 14.63 -48.62
N GLY KA 240 23.98 14.87 -49.64
CA GLY KA 240 25.41 14.91 -49.43
C GLY KA 240 26.15 15.23 -50.70
N ILE KA 241 27.36 14.69 -50.81
CA ILE KA 241 28.22 14.91 -51.95
C ILE KA 241 28.78 13.55 -52.36
N PHE KA 242 29.05 13.39 -53.65
CA PHE KA 242 29.72 12.19 -54.11
C PHE KA 242 30.94 12.59 -54.93
N TYR KA 243 31.54 11.57 -55.53
CA TYR KA 243 32.82 11.69 -56.20
C TYR KA 243 33.03 10.41 -56.99
N ALA KA 244 33.53 10.51 -58.21
CA ALA KA 244 33.69 9.30 -59.01
C ALA KA 244 34.86 9.46 -59.96
N LYS KA 245 35.47 8.34 -60.30
CA LYS KA 245 36.53 8.28 -61.29
C LYS KA 245 36.04 7.60 -62.55
N VAL KA 246 35.91 8.37 -63.63
CA VAL KA 246 35.19 7.90 -64.80
C VAL KA 246 36.02 6.95 -65.66
N ASP KA 247 37.34 6.95 -65.49
CA ASP KA 247 38.30 6.17 -66.30
C ASP KA 247 38.17 6.41 -67.80
N MET LA 1 5.63 3.95 -13.69
CA MET LA 1 4.87 3.75 -12.47
C MET LA 1 5.57 2.70 -11.61
N GLU LA 2 6.17 1.71 -12.27
CA GLU LA 2 6.85 0.65 -11.53
C GLU LA 2 8.23 1.08 -11.05
N ALA LA 3 8.94 1.82 -11.88
CA ALA LA 3 10.30 2.26 -11.55
C ALA LA 3 10.31 3.35 -10.51
N LEU LA 4 9.17 3.97 -10.22
CA LEU LA 4 9.11 5.00 -9.20
C LEU LA 4 9.32 4.41 -7.82
N VAL LA 5 8.93 3.16 -7.62
CA VAL LA 5 9.15 2.49 -6.35
C VAL LA 5 10.61 2.14 -6.17
N TYR LA 6 11.28 1.72 -7.25
CA TYR LA 6 12.69 1.35 -7.17
C TYR LA 6 13.57 2.54 -6.85
N THR LA 7 13.23 3.70 -7.41
CA THR LA 7 14.00 4.91 -7.13
C THR LA 7 13.81 5.37 -5.70
N PHE LA 8 12.60 5.26 -5.17
CA PHE LA 8 12.33 5.65 -3.80
C PHE LA 8 13.02 4.73 -2.80
N LEU LA 9 13.19 3.46 -3.15
CA LEU LA 9 13.93 2.57 -2.28
C LEU LA 9 15.41 2.89 -2.28
N LEU LA 10 15.94 3.34 -3.43
CA LEU LA 10 17.37 3.60 -3.51
C LEU LA 10 17.75 4.89 -2.81
N ILE LA 11 17.04 5.99 -3.10
CA ILE LA 11 17.39 7.23 -2.42
C ILE LA 11 16.95 7.20 -0.98
N GLY LA 12 15.95 6.40 -0.63
CA GLY LA 12 15.60 6.23 0.76
C GLY LA 12 16.65 5.45 1.53
N THR LA 13 17.37 4.56 0.85
CA THR LA 13 18.47 3.86 1.49
C THR LA 13 19.65 4.79 1.70
N LEU LA 14 19.86 5.72 0.77
CA LEU LA 14 20.97 6.66 0.91
C LEU LA 14 20.68 7.74 1.93
N MET LA 15 19.43 7.90 2.35
CA MET LA 15 19.14 8.84 3.43
C MET LA 15 19.66 8.29 4.74
N VAL LA 16 19.36 7.04 5.05
CA VAL LA 16 19.72 6.49 6.36
C VAL LA 16 21.21 6.22 6.44
N ILE LA 17 21.89 6.17 5.29
CA ILE LA 17 23.35 6.18 5.29
C ILE LA 17 23.88 7.55 5.67
N PHE LA 18 23.20 8.60 5.21
CA PHE LA 18 23.62 9.96 5.55
C PHE LA 18 23.44 10.25 7.02
N PHE LA 19 22.32 9.81 7.60
CA PHE LA 19 22.06 10.11 9.00
C PHE LA 19 22.93 9.26 9.92
N ALA LA 20 23.41 8.12 9.43
CA ALA LA 20 24.21 7.25 10.28
C ALA LA 20 25.64 7.74 10.39
N VAL LA 21 26.09 8.48 9.38
CA VAL LA 21 27.46 8.96 9.39
C VAL LA 21 27.56 10.26 10.16
N PHE LA 22 26.61 11.15 9.98
CA PHE LA 22 26.78 12.50 10.53
C PHE LA 22 26.04 12.67 11.84
N PHE LA 23 24.90 12.03 12.00
CA PHE LA 23 24.17 12.07 13.25
C PHE LA 23 24.42 10.83 14.10
N ARG LA 24 25.64 10.31 14.08
CA ARG LA 24 25.91 9.10 14.85
C ARG LA 24 26.00 9.43 16.33
N GLU LA 25 25.65 8.44 17.15
CA GLU LA 25 25.81 8.58 18.59
C GLU LA 25 27.29 8.57 18.90
N THR LA 26 27.85 9.73 19.22
CA THR LA 26 29.29 9.84 19.35
C THR LA 26 29.75 9.18 20.64
N PRO LA 27 30.63 8.18 20.58
CA PRO LA 27 31.04 7.48 21.80
C PRO LA 27 32.03 8.32 22.59
N ARG LA 28 31.88 8.25 23.91
CA ARG LA 28 32.65 9.09 24.81
C ARG LA 28 33.26 8.26 25.92
N ILE LA 29 34.50 8.56 26.25
CA ILE LA 29 35.12 7.96 27.42
C ILE LA 29 34.65 8.70 28.66
N LEU LA 30 34.40 7.95 29.73
CA LEU LA 30 33.79 8.43 30.99
C LEU LA 30 32.47 9.15 30.76
N VAL MA 1 10.92 -17.49 -41.20
CA VAL MA 1 9.57 -17.93 -41.48
C VAL MA 1 9.28 -19.14 -40.61
N ILE MA 2 8.09 -19.17 -39.99
CA ILE MA 2 7.69 -20.32 -39.19
C ILE MA 2 7.55 -21.55 -40.07
N ASP MA 3 6.70 -21.46 -41.07
CA ASP MA 3 6.32 -22.59 -41.91
C ASP MA 3 6.85 -22.35 -43.32
N TYR MA 4 8.09 -22.74 -43.55
CA TYR MA 4 8.74 -22.57 -44.83
C TYR MA 4 8.76 -23.91 -45.54
N GLU MA 5 8.12 -23.98 -46.70
CA GLU MA 5 8.23 -25.16 -47.51
C GLU MA 5 9.56 -25.12 -48.25
N ASN MA 6 10.05 -26.32 -48.62
CA ASN MA 6 11.33 -26.62 -49.27
C ASN MA 6 12.48 -26.46 -48.29
N ILE MA 7 12.27 -26.86 -47.03
CA ILE MA 7 13.39 -27.00 -46.12
C ILE MA 7 14.28 -28.16 -46.57
N GLY MA 8 13.66 -29.21 -47.11
CA GLY MA 8 14.41 -30.41 -47.46
C GLY MA 8 15.36 -30.19 -48.60
N TYR MA 9 14.98 -29.36 -49.56
CA TYR MA 9 15.80 -29.17 -50.75
C TYR MA 9 17.06 -28.36 -50.48
N LEU MA 10 17.17 -27.76 -49.29
CA LEU MA 10 18.37 -27.00 -48.95
C LEU MA 10 19.59 -27.89 -48.84
N GLY MA 11 19.67 -28.72 -47.81
CA GLY MA 11 20.90 -29.44 -47.57
C GLY MA 11 20.83 -30.94 -47.46
N GLY MA 12 19.67 -31.49 -47.08
CA GLY MA 12 19.63 -32.83 -46.56
C GLY MA 12 18.79 -33.86 -47.27
N SER MA 13 18.01 -33.48 -48.27
CA SER MA 13 17.14 -34.44 -48.92
C SER MA 13 17.84 -35.24 -50.02
N SER MA 14 19.11 -34.91 -50.30
CA SER MA 14 19.88 -35.44 -51.44
C SER MA 14 19.19 -35.19 -52.78
N ILE MA 15 18.45 -34.09 -52.84
CA ILE MA 15 18.06 -33.45 -54.10
C ILE MA 15 18.09 -31.95 -53.83
N VAL MA 16 19.13 -31.29 -54.34
CA VAL MA 16 19.48 -29.99 -53.79
C VAL MA 16 18.72 -28.90 -54.53
N ASP MA 17 18.55 -27.76 -53.87
CA ASP MA 17 18.01 -26.58 -54.51
C ASP MA 17 19.17 -25.83 -55.15
N ILE MA 18 18.88 -24.99 -56.15
CA ILE MA 18 19.94 -24.20 -56.75
C ILE MA 18 20.03 -22.83 -56.11
N ASN MA 19 18.94 -22.08 -56.14
CA ASN MA 19 18.97 -20.70 -55.72
C ASN MA 19 18.74 -20.50 -54.23
N ASN MA 20 18.79 -21.57 -53.43
CA ASN MA 20 18.65 -21.44 -51.98
C ASN MA 20 19.64 -22.25 -51.18
N ALA MA 21 20.37 -23.17 -51.80
CA ALA MA 21 21.25 -24.04 -51.04
C ALA MA 21 22.54 -23.33 -50.67
N ASN MA 22 23.14 -23.76 -49.57
CA ASN MA 22 24.46 -23.31 -49.17
C ASN MA 22 25.48 -23.96 -50.09
N VAL MA 23 26.68 -23.39 -50.13
CA VAL MA 23 27.76 -24.02 -50.89
C VAL MA 23 28.23 -25.31 -50.22
N ARG MA 24 27.92 -25.48 -48.92
CA ARG MA 24 28.17 -26.74 -48.25
C ARG MA 24 27.27 -27.86 -48.75
N ALA MA 25 26.15 -27.53 -49.37
CA ALA MA 25 25.24 -28.57 -49.85
C ALA MA 25 25.79 -29.25 -51.10
N TYR MA 26 26.59 -28.52 -51.88
CA TYR MA 26 27.24 -29.10 -53.04
C TYR MA 26 28.51 -29.84 -52.69
N LEU MA 27 28.84 -29.95 -51.41
CA LEU MA 27 30.02 -30.71 -51.03
C LEU MA 27 29.74 -32.21 -51.11
N LYS MA 28 28.47 -32.60 -51.01
CA LYS MA 28 28.13 -34.01 -51.06
C LYS MA 28 28.19 -34.57 -52.47
N MET MA 29 28.40 -33.73 -53.47
CA MET MA 29 28.53 -34.18 -54.84
C MET MA 29 30.00 -34.16 -55.19
N PRO MA 30 30.63 -35.31 -55.44
CA PRO MA 30 32.04 -35.33 -55.82
C PRO MA 30 32.31 -34.66 -57.15
N GLY MA 31 33.20 -33.68 -57.14
CA GLY MA 31 33.61 -33.00 -58.34
C GLY MA 31 33.24 -31.54 -58.42
N MET MA 32 32.26 -31.09 -57.62
CA MET MA 32 31.72 -29.75 -57.83
C MET MA 32 32.31 -28.75 -56.86
N TYR MA 33 32.56 -29.15 -55.63
CA TYR MA 33 33.26 -28.26 -54.73
C TYR MA 33 34.76 -28.29 -55.03
N PRO MA 34 35.41 -27.12 -55.11
CA PRO MA 34 34.88 -25.78 -54.91
C PRO MA 34 34.63 -24.97 -56.18
N THR MA 35 35.17 -25.45 -57.31
CA THR MA 35 35.21 -24.65 -58.52
C THR MA 35 33.86 -24.53 -59.18
N VAL MA 36 33.26 -25.68 -59.49
CA VAL MA 36 31.98 -25.68 -60.20
C VAL MA 36 30.87 -25.23 -59.27
N ALA MA 37 30.95 -25.59 -58.00
CA ALA MA 37 29.99 -25.11 -57.01
C ALA MA 37 30.17 -23.63 -56.74
N GLY MA 38 31.38 -23.11 -56.95
CA GLY MA 38 31.62 -21.71 -56.68
C GLY MA 38 30.95 -20.79 -57.67
N LYS MA 39 30.74 -21.26 -58.90
CA LYS MA 39 30.13 -20.42 -59.91
C LYS MA 39 28.61 -20.44 -59.80
N ILE MA 40 28.05 -21.56 -59.38
CA ILE MA 40 26.60 -21.71 -59.26
C ILE MA 40 26.07 -20.82 -58.15
N VAL MA 41 26.75 -20.83 -57.02
CA VAL MA 41 26.33 -20.07 -55.86
C VAL MA 41 26.52 -18.57 -56.08
N SER MA 42 27.50 -18.21 -56.90
CA SER MA 42 27.87 -16.80 -57.04
C SER MA 42 26.86 -16.02 -57.88
N HIS MA 43 26.30 -16.64 -58.92
CA HIS MA 43 25.45 -15.88 -59.81
C HIS MA 43 24.00 -15.90 -59.36
N GLY MA 44 23.16 -15.17 -60.11
CA GLY MA 44 21.85 -14.83 -59.66
C GLY MA 44 20.84 -15.95 -59.83
N PRO MA 45 19.56 -15.57 -59.85
CA PRO MA 45 18.48 -16.57 -59.83
C PRO MA 45 18.40 -17.41 -61.09
N TYR MA 46 18.22 -18.71 -60.90
CA TYR MA 46 18.07 -19.66 -61.98
C TYR MA 46 16.64 -20.18 -62.00
N SER MA 47 16.16 -20.53 -63.19
CA SER MA 47 14.81 -21.07 -63.31
C SER MA 47 14.80 -22.57 -63.59
N GLY MA 48 15.91 -23.15 -64.02
CA GLY MA 48 15.94 -24.58 -64.25
C GLY MA 48 17.36 -25.09 -64.28
N VAL MA 49 17.48 -26.40 -64.51
CA VAL MA 49 18.79 -27.01 -64.64
C VAL MA 49 19.41 -26.65 -66.00
N ALA MA 50 18.56 -26.27 -66.96
CA ALA MA 50 19.06 -25.80 -68.24
C ALA MA 50 19.73 -24.44 -68.12
N ASP MA 51 19.38 -23.67 -67.08
CA ASP MA 51 20.02 -22.38 -66.87
C ASP MA 51 21.38 -22.52 -66.23
N LEU MA 52 21.73 -23.73 -65.78
CA LEU MA 52 23.07 -23.95 -65.25
C LEU MA 52 24.11 -23.89 -66.36
N TYR MA 53 23.70 -24.15 -67.60
CA TYR MA 53 24.63 -24.10 -68.72
C TYR MA 53 24.77 -22.69 -69.25
N LYS MA 54 23.97 -21.76 -68.73
CA LYS MA 54 24.07 -20.36 -69.15
C LYS MA 54 25.06 -19.57 -68.33
N ILE MA 55 25.81 -20.21 -67.44
CA ILE MA 55 26.74 -19.51 -66.55
C ILE MA 55 27.90 -18.98 -67.38
N PRO MA 56 28.21 -17.68 -67.28
CA PRO MA 56 29.40 -17.14 -67.95
C PRO MA 56 30.68 -17.72 -67.36
N GLY MA 57 31.47 -18.35 -68.21
CA GLY MA 57 32.71 -18.95 -67.75
C GLY MA 57 32.56 -20.41 -67.37
N LEU MA 58 32.03 -21.22 -68.29
CA LEU MA 58 31.94 -22.66 -68.09
C LEU MA 58 32.86 -23.37 -69.06
N SER MA 59 33.49 -24.44 -68.60
CA SER MA 59 34.25 -25.33 -69.46
C SER MA 59 33.37 -26.52 -69.87
N SER MA 60 33.99 -27.44 -70.59
CA SER MA 60 33.32 -28.72 -70.84
C SER MA 60 33.45 -29.64 -69.64
N ALA MA 61 34.50 -29.44 -68.83
CA ALA MA 61 34.63 -30.22 -67.60
C ALA MA 61 33.72 -29.68 -66.51
N GLU MA 62 33.46 -28.36 -66.53
CA GLU MA 62 32.55 -27.79 -65.55
C GLU MA 62 31.11 -28.16 -65.88
N ALA MA 63 30.79 -28.27 -67.17
CA ALA MA 63 29.48 -28.79 -67.56
C ALA MA 63 29.38 -30.29 -67.38
N ASP MA 64 30.51 -30.98 -67.18
CA ASP MA 64 30.48 -32.43 -67.08
C ASP MA 64 29.91 -32.88 -65.75
N VAL MA 65 30.39 -32.29 -64.66
CA VAL MA 65 29.93 -32.68 -63.32
C VAL MA 65 28.53 -32.17 -63.05
N ILE MA 66 28.10 -31.14 -63.80
CA ILE MA 66 26.70 -30.74 -63.73
C ILE MA 66 25.84 -31.75 -64.50
N LYS MA 67 26.40 -32.32 -65.57
CA LYS MA 67 25.66 -33.30 -66.36
C LYS MA 67 25.46 -34.60 -65.60
N LYS MA 68 26.41 -34.93 -64.72
CA LYS MA 68 26.26 -36.12 -63.88
C LYS MA 68 25.10 -35.97 -62.92
N TYR MA 69 25.03 -34.85 -62.21
CA TYR MA 69 24.11 -34.69 -61.09
C TYR MA 69 22.90 -33.84 -61.44
N GLU MA 70 22.59 -33.72 -62.74
CA GLU MA 70 21.49 -32.87 -63.15
C GLU MA 70 20.14 -33.44 -62.74
N SER MA 71 20.09 -34.74 -62.45
CA SER MA 71 18.89 -35.30 -61.84
C SER MA 71 18.77 -34.87 -60.38
N ARG MA 72 19.90 -34.65 -59.71
CA ARG MA 72 19.88 -34.32 -58.29
C ARG MA 72 19.75 -32.82 -58.09
N LEU MA 73 20.28 -32.03 -59.02
CA LEU MA 73 20.05 -30.60 -59.01
C LEU MA 73 18.61 -30.29 -59.44
N THR MA 74 17.99 -29.37 -58.72
CA THR MA 74 16.70 -28.83 -59.13
C THR MA 74 16.58 -27.42 -58.59
N ALA MA 75 15.73 -26.62 -59.22
CA ALA MA 75 15.61 -25.20 -58.91
C ALA MA 75 14.23 -24.90 -58.36
N LYS MA 76 14.18 -24.05 -57.34
CA LYS MA 76 12.93 -23.71 -56.67
C LYS MA 76 12.71 -22.21 -56.63
N THR MA 77 11.73 -21.79 -55.85
CA THR MA 77 11.43 -20.37 -55.69
C THR MA 77 12.48 -19.71 -54.81
N PRO MA 78 13.12 -18.63 -55.25
CA PRO MA 78 14.14 -17.98 -54.41
C PRO MA 78 13.50 -17.14 -53.30
N SER MA 79 13.56 -17.65 -52.08
CA SER MA 79 13.14 -16.83 -50.96
C SER MA 79 14.32 -16.01 -50.48
N PRO MA 80 14.22 -14.68 -50.46
CA PRO MA 80 15.42 -13.83 -50.48
C PRO MA 80 16.29 -13.84 -49.23
N ASP MA 81 15.87 -14.52 -48.16
CA ASP MA 81 16.71 -14.58 -46.97
C ASP MA 81 17.69 -15.74 -47.04
N TYR MA 82 17.33 -16.79 -47.78
CA TYR MA 82 18.27 -17.88 -48.01
C TYR MA 82 19.25 -17.55 -49.11
N VAL MA 83 18.91 -16.59 -49.97
CA VAL MA 83 19.75 -16.35 -51.15
C VAL MA 83 20.96 -15.50 -50.76
N ILE MA 84 20.92 -14.89 -49.58
CA ILE MA 84 22.02 -14.03 -49.17
C ILE MA 84 23.15 -14.86 -48.59
N ASP MA 85 22.81 -15.79 -47.70
CA ASP MA 85 23.79 -16.62 -47.02
C ASP MA 85 24.02 -17.93 -47.77
N ARG MA 86 24.36 -17.79 -49.05
CA ARG MA 86 24.65 -18.94 -49.89
C ARG MA 86 26.14 -19.28 -49.92
N ILE MA 87 27.02 -18.29 -49.78
CA ILE MA 87 28.44 -18.55 -49.59
C ILE MA 87 28.73 -18.96 -48.16
N ASN MA 88 28.19 -18.23 -47.20
CA ASN MA 88 28.47 -18.47 -45.80
C ASN MA 88 27.21 -18.16 -45.02
N ASN MA 89 26.68 -19.17 -44.32
CA ASN MA 89 25.52 -18.98 -43.46
C ASN MA 89 25.90 -19.14 -42.00
N GLY MA 90 27.19 -19.18 -41.70
CA GLY MA 90 27.61 -19.31 -40.32
C GLY MA 90 27.50 -20.73 -39.79
N LEU MA 91 27.76 -21.71 -40.64
CA LEU MA 91 27.74 -23.10 -40.23
C LEU MA 91 29.15 -23.64 -40.46
N TYR MA 92 29.76 -24.17 -39.41
CA TYR MA 92 31.11 -24.69 -39.51
C TYR MA 92 31.21 -25.97 -38.69
N ARG MA 93 31.89 -26.95 -39.26
CA ARG MA 93 32.02 -28.26 -38.63
C ARG MA 93 32.96 -28.24 -37.45
N ASP NA 2 43.54 -53.96 -25.71
CA ASP NA 2 42.30 -54.21 -26.43
C ASP NA 2 42.43 -53.58 -27.81
N LEU NA 3 43.68 -53.29 -28.21
CA LEU NA 3 43.97 -52.97 -29.61
C LEU NA 3 44.14 -54.28 -30.36
N ASP NA 4 43.01 -54.86 -30.73
CA ASP NA 4 43.02 -56.12 -31.46
C ASP NA 4 43.51 -55.88 -32.87
N GLU NA 5 44.07 -56.93 -33.48
CA GLU NA 5 44.63 -56.79 -34.81
C GLU NA 5 43.54 -56.67 -35.87
N ALA NA 6 42.30 -57.05 -35.53
CA ALA NA 6 41.20 -56.77 -36.43
C ALA NA 6 40.83 -55.29 -36.42
N THR NA 7 41.06 -54.63 -35.29
CA THR NA 7 40.79 -53.19 -35.21
C THR NA 7 41.93 -52.38 -35.80
N ARG NA 8 43.16 -52.89 -35.71
CA ARG NA 8 44.29 -52.22 -36.32
C ARG NA 8 44.38 -52.47 -37.82
N THR NA 9 43.52 -53.32 -38.37
CA THR NA 9 43.58 -53.62 -39.79
C THR NA 9 42.86 -52.56 -40.61
N VAL NA 10 43.63 -51.83 -41.42
CA VAL NA 10 43.11 -50.69 -42.18
C VAL NA 10 43.30 -50.91 -43.66
N VAL NA 11 42.51 -50.17 -44.45
CA VAL NA 11 42.49 -50.35 -45.90
C VAL NA 11 43.70 -49.64 -46.50
N VAL NA 12 44.37 -50.29 -47.45
CA VAL NA 12 45.70 -49.84 -47.87
C VAL NA 12 45.77 -49.37 -49.32
N ASP NA 13 44.92 -49.84 -50.23
CA ASP NA 13 45.05 -49.41 -51.62
C ASP NA 13 43.68 -49.05 -52.18
N ASN NA 14 43.68 -48.50 -53.39
CA ASN NA 14 42.45 -48.05 -54.03
C ASN NA 14 41.54 -49.21 -54.39
N ALA NA 15 42.11 -50.41 -54.58
CA ALA NA 15 41.30 -51.58 -54.86
C ALA NA 15 40.51 -52.01 -53.61
N GLY NA 16 41.16 -52.00 -52.45
CA GLY NA 16 40.48 -52.36 -51.22
C GLY NA 16 41.17 -53.42 -50.37
N ASN NA 17 42.47 -53.61 -50.53
CA ASN NA 17 43.19 -54.54 -49.68
C ASN NA 17 43.36 -53.93 -48.29
N THR NA 18 43.41 -54.80 -47.28
CA THR NA 18 43.51 -54.38 -45.89
C THR NA 18 44.75 -55.00 -45.27
N THR NA 19 45.61 -54.18 -44.69
CA THR NA 19 46.76 -54.62 -43.93
C THR NA 19 46.67 -54.09 -42.51
N VAL NA 20 47.51 -54.62 -41.64
CA VAL NA 20 47.44 -54.31 -40.23
C VAL NA 20 48.59 -53.36 -39.89
N LEU NA 21 48.41 -52.55 -38.84
CA LEU NA 21 49.42 -51.63 -38.37
C LEU NA 21 50.06 -52.18 -37.12
N THR NA 22 51.40 -52.29 -37.15
CA THR NA 22 52.15 -52.76 -35.99
C THR NA 22 52.06 -51.71 -34.88
N PRO NA 23 52.19 -52.13 -33.61
CA PRO NA 23 51.93 -51.17 -32.50
C PRO NA 23 52.87 -49.99 -32.39
N GLU NA 24 54.01 -49.99 -33.08
CA GLU NA 24 54.80 -48.76 -33.11
C GLU NA 24 54.27 -47.79 -34.17
N GLN NA 25 53.49 -48.29 -35.12
CA GLN NA 25 52.92 -47.39 -36.13
C GLN NA 25 51.80 -46.55 -35.54
N VAL NA 26 51.04 -47.12 -34.62
CA VAL NA 26 49.92 -46.38 -34.04
C VAL NA 26 50.40 -45.43 -32.97
N LYS NA 27 51.63 -45.61 -32.48
CA LYS NA 27 52.14 -44.78 -31.40
C LYS NA 27 52.92 -43.60 -31.97
N ARG NA 28 53.80 -43.86 -32.93
CA ARG NA 28 54.45 -42.78 -33.67
C ARG NA 28 53.45 -42.05 -34.55
N GLY NA 29 52.38 -42.74 -34.93
CA GLY NA 29 51.36 -42.10 -35.75
C GLY NA 29 50.61 -41.03 -34.99
N LYS NA 30 50.54 -41.17 -33.66
CA LYS NA 30 49.86 -40.13 -32.90
C LYS NA 30 50.80 -39.00 -32.57
N ARG NA 31 52.06 -39.30 -32.23
CA ARG NA 31 53.00 -38.25 -31.86
C ARG NA 31 53.35 -37.37 -33.05
N LEU NA 32 53.50 -37.98 -34.23
CA LEU NA 32 53.80 -37.18 -35.41
C LEU NA 32 52.60 -36.38 -35.89
N PHE NA 33 51.39 -36.90 -35.71
CA PHE NA 33 50.21 -36.21 -36.20
C PHE NA 33 49.93 -34.97 -35.38
N ASN NA 34 50.06 -35.06 -34.06
CA ASN NA 34 49.84 -33.90 -33.22
C ASN NA 34 50.95 -32.87 -33.38
N ALA NA 35 52.17 -33.32 -33.63
CA ALA NA 35 53.28 -32.39 -33.78
C ALA NA 35 53.26 -31.72 -35.14
N THR NA 36 52.93 -32.44 -36.20
CA THR NA 36 52.95 -31.88 -37.54
C THR NA 36 51.59 -31.38 -37.98
N CYS NA 37 50.61 -32.26 -38.05
CA CYS NA 37 49.35 -31.98 -38.70
C CYS NA 37 48.33 -31.41 -37.75
N GLY NA 38 48.49 -31.67 -36.46
CA GLY NA 38 47.43 -31.42 -35.50
C GLY NA 38 47.23 -29.98 -35.13
N ALA NA 39 48.05 -29.07 -35.64
CA ALA NA 39 47.83 -27.67 -35.37
C ALA NA 39 46.53 -27.18 -36.00
N CYS NA 40 46.19 -27.71 -37.16
CA CYS NA 40 44.94 -27.36 -37.82
C CYS NA 40 43.99 -28.53 -37.94
N HIS NA 41 44.50 -29.73 -38.15
CA HIS NA 41 43.64 -30.90 -38.26
C HIS NA 41 43.47 -31.61 -36.92
N VAL NA 42 43.10 -30.89 -35.87
CA VAL NA 42 42.97 -31.53 -34.56
C VAL NA 42 41.60 -32.20 -34.45
N GLY NA 43 41.62 -33.50 -34.20
CA GLY NA 43 40.39 -34.25 -34.07
C GLY NA 43 39.61 -34.44 -35.34
N GLY NA 44 40.21 -34.19 -36.51
CA GLY NA 44 39.56 -34.46 -37.76
C GLY NA 44 38.95 -33.25 -38.45
N ILE NA 45 38.67 -32.21 -37.73
CA ILE NA 45 38.16 -30.99 -38.34
C ILE NA 45 39.33 -30.19 -38.87
N THR NA 46 39.06 -29.31 -39.82
CA THR NA 46 40.06 -28.40 -40.35
C THR NA 46 39.72 -26.99 -39.89
N LYS NA 47 40.67 -26.33 -39.23
CA LYS NA 47 40.40 -25.01 -38.67
C LYS NA 47 40.29 -23.95 -39.76
N THR NA 48 41.19 -23.98 -40.73
CA THR NA 48 41.27 -22.91 -41.72
C THR NA 48 40.35 -23.12 -42.90
N ASN NA 49 39.69 -24.27 -43.01
CA ASN NA 49 38.71 -24.53 -44.06
C ASN NA 49 37.80 -25.65 -43.59
N PRO NA 50 36.74 -25.32 -42.84
CA PRO NA 50 35.97 -26.37 -42.14
C PRO NA 50 35.13 -27.24 -43.06
N ASN NA 51 35.02 -26.90 -44.34
CA ASN NA 51 34.28 -27.72 -45.27
C ASN NA 51 35.02 -29.01 -45.56
N VAL NA 52 36.34 -28.95 -45.65
CA VAL NA 52 37.15 -30.07 -46.09
C VAL NA 52 37.80 -30.67 -44.84
N GLY NA 53 37.19 -31.70 -44.28
CA GLY NA 53 37.64 -32.30 -43.05
C GLY NA 53 38.40 -33.58 -43.26
N LEU NA 54 38.70 -34.26 -42.15
CA LEU NA 54 39.29 -35.58 -42.19
C LEU NA 54 38.29 -36.67 -41.86
N ASP NA 55 37.02 -36.44 -42.13
CA ASP NA 55 36.00 -37.44 -41.95
C ASP NA 55 36.20 -38.58 -42.94
N PRO NA 56 35.86 -39.81 -42.55
CA PRO NA 56 35.86 -40.89 -43.55
C PRO NA 56 34.78 -40.71 -44.59
N GLU NA 57 33.71 -39.98 -44.29
CA GLU NA 57 32.80 -39.55 -45.32
C GLU NA 57 33.45 -38.51 -46.22
N ALA NA 58 34.16 -37.54 -45.63
CA ALA NA 58 34.70 -36.44 -46.41
C ALA NA 58 35.93 -36.85 -47.22
N LEU NA 59 36.70 -37.82 -46.72
CA LEU NA 59 37.83 -38.33 -47.50
C LEU NA 59 37.34 -39.15 -48.69
N SER NA 60 36.19 -39.79 -48.56
CA SER NA 60 35.69 -40.63 -49.63
C SER NA 60 35.09 -39.81 -50.75
N LEU NA 61 34.54 -38.63 -50.45
CA LEU NA 61 33.86 -37.87 -51.48
C LEU NA 61 34.81 -37.01 -52.30
N ALA NA 62 36.10 -37.01 -51.99
CA ALA NA 62 37.06 -36.28 -52.81
C ALA NA 62 37.21 -36.96 -54.15
N THR NA 63 37.55 -36.18 -55.18
CA THR NA 63 37.46 -36.63 -56.57
C THR NA 63 38.51 -37.70 -56.87
N PRO NA 64 39.73 -37.64 -56.34
CA PRO NA 64 40.40 -38.91 -56.06
C PRO NA 64 39.97 -39.38 -54.68
N ARG NA 65 39.63 -40.66 -54.56
CA ARG NA 65 39.23 -41.18 -53.27
C ARG NA 65 40.44 -41.21 -52.33
N ARG NA 66 40.26 -40.67 -51.14
CA ARG NA 66 41.37 -40.42 -50.24
C ARG NA 66 41.37 -41.30 -48.99
N ASP NA 67 40.54 -42.34 -48.94
CA ASP NA 67 40.41 -43.10 -47.71
C ASP NA 67 41.61 -44.02 -47.48
N ASN NA 68 42.33 -44.36 -48.53
CA ASN NA 68 43.36 -45.38 -48.42
C ASN NA 68 44.62 -44.80 -47.79
N ILE NA 69 45.45 -45.69 -47.25
CA ILE NA 69 46.78 -45.28 -46.81
C ILE NA 69 47.60 -44.82 -48.00
N SER NA 70 47.50 -45.54 -49.12
CA SER NA 70 48.24 -45.17 -50.31
C SER NA 70 47.70 -43.91 -50.94
N ALA NA 71 46.44 -43.59 -50.66
CA ALA NA 71 45.87 -42.36 -51.20
C ALA NA 71 46.20 -41.17 -50.32
N LEU NA 72 46.36 -41.38 -49.01
CA LEU NA 72 46.69 -40.26 -48.13
C LEU NA 72 48.14 -39.86 -48.28
N VAL NA 73 49.05 -40.82 -48.39
CA VAL NA 73 50.46 -40.49 -48.57
C VAL NA 73 50.67 -39.92 -49.98
N ASP NA 74 49.77 -40.26 -50.91
CA ASP NA 74 49.73 -39.58 -52.20
C ASP NA 74 49.40 -38.11 -52.03
N TYR NA 75 48.45 -37.79 -51.15
CA TYR NA 75 48.04 -36.41 -50.94
C TYR NA 75 49.14 -35.61 -50.28
N ILE NA 76 49.94 -36.25 -49.42
CA ILE NA 76 50.97 -35.52 -48.69
C ILE NA 76 52.09 -35.12 -49.64
N LYS NA 77 52.43 -35.97 -50.58
CA LYS NA 77 53.50 -35.62 -51.50
C LYS NA 77 52.98 -34.77 -52.64
N ASN NA 78 51.67 -34.77 -52.88
CA ASN NA 78 51.09 -33.96 -53.95
C ASN NA 78 49.65 -33.59 -53.61
N PRO NA 79 49.46 -32.51 -52.86
CA PRO NA 79 48.09 -32.14 -52.49
C PRO NA 79 47.36 -31.37 -53.58
N THR NA 80 46.41 -32.03 -54.21
CA THR NA 80 45.48 -31.31 -55.06
C THR NA 80 44.33 -30.78 -54.22
N THR NA 81 43.37 -30.15 -54.90
CA THR NA 81 42.21 -29.65 -54.19
C THR NA 81 41.22 -30.78 -53.90
N TYR NA 82 40.03 -30.37 -53.50
CA TYR NA 82 38.98 -31.34 -53.22
C TYR NA 82 38.43 -31.95 -54.49
N ASP NA 83 38.35 -31.16 -55.55
CA ASP NA 83 37.93 -31.71 -56.84
C ASP NA 83 39.13 -32.20 -57.64
N GLY NA 84 40.34 -32.05 -57.10
CA GLY NA 84 41.53 -32.61 -57.68
C GLY NA 84 41.96 -32.01 -59.00
N LEU NA 85 41.47 -30.81 -59.34
CA LEU NA 85 41.84 -30.23 -60.63
C LEU NA 85 43.19 -29.53 -60.56
N GLU NA 86 43.42 -28.74 -59.53
CA GLU NA 86 44.65 -27.98 -59.42
C GLU NA 86 45.34 -28.28 -58.10
N SER NA 87 46.61 -27.93 -58.02
CA SER NA 87 47.42 -28.19 -56.84
C SER NA 87 47.39 -27.02 -55.88
N ILE NA 88 47.37 -27.33 -54.60
CA ILE NA 88 47.48 -26.34 -53.53
C ILE NA 88 48.66 -26.69 -52.66
N ALA NA 89 49.70 -27.23 -53.28
CA ALA NA 89 50.94 -27.51 -52.57
C ALA NA 89 51.60 -26.24 -52.06
N GLU NA 90 51.36 -25.12 -52.71
CA GLU NA 90 51.95 -23.86 -52.31
C GLU NA 90 51.39 -23.38 -50.97
N VAL NA 91 50.19 -23.81 -50.60
CA VAL NA 91 49.58 -23.38 -49.34
C VAL NA 91 49.35 -24.54 -48.37
N HIS NA 92 49.19 -25.77 -48.85
CA HIS NA 92 49.16 -26.83 -47.87
C HIS NA 92 50.56 -27.39 -47.66
N PRO NA 93 50.92 -27.78 -46.45
CA PRO NA 93 52.25 -28.37 -46.24
C PRO NA 93 52.35 -29.71 -46.92
N SER NA 94 53.46 -29.93 -47.60
CA SER NA 94 53.61 -31.09 -48.46
C SER NA 94 55.07 -31.53 -48.47
N ILE NA 95 55.38 -32.47 -49.34
CA ILE NA 95 56.76 -32.85 -49.61
C ILE NA 95 57.29 -32.14 -50.83
N LYS NA 96 56.43 -31.94 -51.83
CA LYS NA 96 56.81 -31.22 -53.03
C LYS NA 96 57.14 -29.77 -52.72
N SER NA 97 56.29 -29.09 -51.98
CA SER NA 97 56.56 -27.74 -51.51
C SER NA 97 56.99 -27.80 -50.04
N ALA NA 98 58.18 -28.34 -49.80
CA ALA NA 98 58.69 -28.48 -48.44
C ALA NA 98 59.89 -27.58 -48.19
N ASP NA 99 60.21 -26.69 -49.11
CA ASP NA 99 61.20 -25.66 -48.83
C ASP NA 99 60.61 -24.53 -48.01
N ILE NA 100 59.35 -24.21 -48.21
CA ILE NA 100 58.74 -23.16 -47.41
C ILE NA 100 58.40 -23.69 -46.02
N TYR NA 101 57.81 -24.87 -45.94
CA TYR NA 101 57.44 -25.44 -44.65
C TYR NA 101 58.63 -26.13 -44.04
N PRO NA 102 59.19 -25.64 -42.94
CA PRO NA 102 60.36 -26.29 -42.34
C PRO NA 102 59.99 -27.52 -41.57
N ARG NA 103 58.70 -27.81 -41.44
CA ARG NA 103 58.24 -28.87 -40.57
C ARG NA 103 58.32 -30.22 -41.28
N MET NA 104 58.39 -30.20 -42.60
CA MET NA 104 58.35 -31.43 -43.38
C MET NA 104 59.63 -31.68 -44.14
N ARG NA 105 60.75 -31.13 -43.71
CA ARG NA 105 62.01 -31.40 -44.39
C ARG NA 105 62.62 -32.72 -43.93
N SER NA 106 62.16 -33.26 -42.81
CA SER NA 106 62.70 -34.51 -42.30
C SER NA 106 61.55 -35.49 -42.04
N LEU NA 107 61.12 -36.16 -43.11
CA LEU NA 107 60.08 -37.17 -43.01
C LEU NA 107 60.41 -38.30 -43.97
N THR NA 108 60.37 -39.52 -43.47
CA THR NA 108 60.69 -40.69 -44.26
C THR NA 108 59.40 -41.27 -44.83
N ASP NA 109 59.51 -42.43 -45.48
CA ASP NA 109 58.33 -43.07 -46.02
C ASP NA 109 57.50 -43.73 -44.94
N GLU NA 110 58.17 -44.31 -43.93
CA GLU NA 110 57.43 -44.94 -42.84
C GLU NA 110 56.82 -43.93 -41.91
N ASP NA 111 57.32 -42.70 -41.90
CA ASP NA 111 56.75 -41.67 -41.05
C ASP NA 111 55.43 -41.17 -41.62
N LEU NA 112 55.36 -41.00 -42.93
CA LEU NA 112 54.07 -40.68 -43.54
C LEU NA 112 53.14 -41.88 -43.55
N TYR NA 113 53.71 -43.09 -43.52
CA TYR NA 113 52.88 -44.29 -43.44
C TYR NA 113 52.20 -44.40 -42.09
N SER NA 114 52.80 -43.86 -41.04
CA SER NA 114 52.17 -43.92 -39.73
C SER NA 114 51.25 -42.74 -39.49
N ILE NA 115 51.55 -41.57 -40.05
CA ILE NA 115 50.65 -40.43 -39.93
C ILE NA 115 49.34 -40.71 -40.66
N ALA NA 116 49.44 -41.25 -41.88
CA ALA NA 116 48.24 -41.67 -42.60
C ALA NA 116 47.59 -42.87 -41.94
N GLY NA 117 48.35 -43.67 -41.21
CA GLY NA 117 47.76 -44.70 -40.39
C GLY NA 117 46.90 -44.13 -39.28
N HIS NA 118 47.34 -43.02 -38.68
CA HIS NA 118 46.56 -42.41 -37.61
C HIS NA 118 45.29 -41.77 -38.12
N ILE NA 119 45.33 -41.16 -39.30
CA ILE NA 119 44.13 -40.55 -39.89
C ILE NA 119 43.09 -41.59 -40.25
N MET NA 120 43.51 -42.78 -40.62
CA MET NA 120 42.60 -43.85 -41.01
C MET NA 120 42.11 -44.69 -39.85
N LEU NA 121 42.95 -44.94 -38.85
CA LEU NA 121 42.59 -45.78 -37.72
C LEU NA 121 41.82 -45.03 -36.63
N SER NA 122 41.85 -43.72 -36.62
CA SER NA 122 41.10 -42.97 -35.62
C SER NA 122 39.58 -42.96 -35.79
N PRO NA 123 38.98 -42.96 -36.99
CA PRO NA 123 37.52 -43.15 -37.03
C PRO NA 123 37.08 -44.54 -36.61
N LYS NA 124 37.97 -45.53 -36.64
CA LYS NA 124 37.60 -46.85 -36.16
C LYS NA 124 37.62 -46.93 -34.65
N ILE NA 125 38.50 -46.16 -34.00
CA ILE NA 125 38.46 -46.10 -32.54
C ILE NA 125 37.28 -45.24 -32.09
N ALA NA 126 37.29 -43.96 -32.42
CA ALA NA 126 36.22 -43.04 -32.05
C ALA NA 126 35.38 -42.82 -33.29
N SER NA 127 34.14 -43.29 -33.26
CA SER NA 127 33.34 -43.35 -34.47
C SER NA 127 32.80 -41.98 -34.85
N GLU NA 128 32.39 -41.19 -33.87
CA GLU NA 128 31.73 -39.93 -34.13
C GLU NA 128 32.51 -38.73 -33.65
N LYS NA 129 33.54 -38.94 -32.83
CA LYS NA 129 34.33 -37.82 -32.33
C LYS NA 129 35.28 -37.30 -33.38
N TRP NA 130 35.70 -38.15 -34.32
CA TRP NA 130 36.69 -37.75 -35.30
C TRP NA 130 36.07 -36.88 -36.36
N GLY NA 131 36.37 -35.59 -36.31
CA GLY NA 131 35.84 -34.67 -37.30
C GLY NA 131 34.37 -34.37 -37.13
N GLY NA 132 33.86 -34.50 -35.91
CA GLY NA 132 32.46 -34.25 -35.65
C GLY NA 132 32.25 -32.87 -35.08
N GLY NA 133 33.33 -32.14 -34.91
CA GLY NA 133 33.23 -30.80 -34.38
C GLY NA 133 33.10 -30.80 -32.88
N LYS NA 134 32.61 -29.67 -32.36
CA LYS NA 134 32.53 -29.50 -30.92
C LYS NA 134 31.27 -30.13 -30.36
N ILE NA 135 30.34 -30.54 -31.22
CA ILE NA 135 29.15 -31.23 -30.75
C ILE NA 135 29.52 -32.56 -30.13
N TYR NA 136 30.51 -33.23 -30.70
CA TYR NA 136 30.90 -34.54 -30.23
C TYR NA 136 32.20 -34.55 -29.44
N TYR NA 137 32.52 -33.45 -28.77
CA TYR NA 137 33.69 -33.46 -27.90
C TYR NA 137 33.44 -34.35 -26.71
N MET OA 1 68.91 -50.13 -25.03
CA MET OA 1 67.58 -49.58 -24.83
C MET OA 1 67.20 -49.61 -23.36
N ILE OA 2 67.98 -48.95 -22.51
CA ILE OA 2 67.73 -48.99 -21.08
C ILE OA 2 67.44 -47.60 -20.51
N ASN OA 3 67.03 -46.65 -21.36
CA ASN OA 3 66.54 -45.33 -21.00
C ASN OA 3 67.60 -44.53 -20.22
N TRP OA 4 68.67 -44.21 -20.94
CA TRP OA 4 69.83 -43.56 -20.34
C TRP OA 4 69.52 -42.14 -19.87
N GLN OA 5 68.50 -41.52 -20.45
CA GLN OA 5 68.18 -40.13 -20.10
C GLN OA 5 67.64 -40.02 -18.69
N VAL OA 6 66.64 -40.85 -18.37
CA VAL OA 6 66.00 -40.82 -17.06
C VAL OA 6 66.98 -41.25 -15.98
N ILE OA 7 67.83 -42.23 -16.30
CA ILE OA 7 68.89 -42.64 -15.38
C ILE OA 7 69.88 -41.50 -15.16
N GLY OA 8 70.12 -40.71 -16.21
CA GLY OA 8 71.01 -39.57 -16.06
C GLY OA 8 70.39 -38.45 -15.27
N GLN OA 9 69.10 -38.21 -15.45
CA GLN OA 9 68.45 -37.09 -14.77
C GLN OA 9 68.24 -37.38 -13.30
N LEU OA 10 67.83 -38.60 -12.96
CA LEU OA 10 67.51 -38.92 -11.57
C LEU OA 10 68.77 -39.01 -10.71
N MET OA 11 69.89 -39.38 -11.32
CA MET OA 11 71.14 -39.34 -10.56
C MET OA 11 71.63 -37.91 -10.40
N SER OA 12 71.48 -37.11 -11.45
CA SER OA 12 72.02 -35.75 -11.40
C SER OA 12 71.19 -34.80 -10.55
N THR OA 13 69.90 -35.08 -10.32
CA THR OA 13 69.21 -34.35 -9.27
C THR OA 13 69.68 -34.80 -7.91
N ALA OA 14 69.79 -36.12 -7.71
CA ALA OA 14 70.20 -36.66 -6.43
C ALA OA 14 71.65 -36.34 -6.08
N VAL OA 15 72.49 -36.04 -7.05
CA VAL OA 15 73.81 -35.51 -6.73
C VAL OA 15 73.68 -34.08 -6.22
N ILE OA 16 72.87 -33.28 -6.90
CA ILE OA 16 72.75 -31.86 -6.60
C ILE OA 16 71.89 -31.63 -5.36
N MET OA 17 70.77 -32.36 -5.22
CA MET OA 17 69.94 -32.22 -4.03
C MET OA 17 70.61 -32.74 -2.78
N LEU OA 18 71.64 -33.57 -2.90
CA LEU OA 18 72.42 -33.98 -1.74
C LEU OA 18 73.72 -33.21 -1.61
N ALA OA 19 74.04 -32.34 -2.57
CA ALA OA 19 75.22 -31.49 -2.44
C ALA OA 19 74.92 -30.19 -1.73
N GLY OA 20 73.66 -29.92 -1.42
CA GLY OA 20 73.27 -28.72 -0.73
C GLY OA 20 73.29 -28.85 0.78
N PRO OA 21 72.52 -29.81 1.33
CA PRO OA 21 72.65 -30.11 2.76
C PRO OA 21 74.01 -30.65 3.17
N ALA OA 22 74.81 -31.19 2.25
CA ALA OA 22 76.15 -31.65 2.62
C ALA OA 22 77.07 -30.47 2.92
N VAL OA 23 76.74 -29.28 2.42
CA VAL OA 23 77.47 -28.08 2.80
C VAL OA 23 77.16 -27.72 4.25
N ILE OA 24 75.92 -27.95 4.67
CA ILE OA 24 75.54 -27.63 6.04
C ILE OA 24 75.95 -28.73 6.99
N VAL OA 25 75.79 -30.00 6.59
CA VAL OA 25 76.13 -31.13 7.44
C VAL OA 25 77.62 -31.17 7.73
N LEU OA 26 78.45 -30.88 6.72
CA LEU OA 26 79.88 -30.77 6.97
C LEU OA 26 80.24 -29.60 7.85
N LEU OA 27 79.39 -28.59 7.94
CA LEU OA 27 79.65 -27.50 8.88
C LEU OA 27 79.16 -27.82 10.29
N ALA OA 28 78.09 -28.60 10.41
CA ALA OA 28 77.59 -28.93 11.74
C ALA OA 28 78.54 -29.89 12.46
N LEU OA 29 79.19 -30.77 11.70
CA LEU OA 29 80.18 -31.67 12.29
C LEU OA 29 81.43 -30.90 12.67
N LYS OA 30 81.74 -29.86 11.91
CA LYS OA 30 82.94 -29.07 12.12
C LYS OA 30 82.74 -28.00 13.18
N LYS OA 31 81.49 -27.76 13.59
CA LYS OA 31 81.09 -26.73 14.56
C LYS OA 31 81.56 -25.34 14.15
N GLY OA 32 81.52 -25.08 12.85
CA GLY OA 32 81.90 -23.78 12.35
C GLY OA 32 80.82 -22.76 12.51
N ASN OA 33 81.08 -21.56 11.99
CA ASN OA 33 80.15 -20.45 12.15
C ASN OA 33 78.94 -20.61 11.24
N LEU OA 34 77.96 -21.38 11.69
CA LEU OA 34 76.67 -21.41 11.01
C LEU OA 34 75.86 -20.16 11.35
N MET PA 1 11.16 -63.05 7.43
CA MET PA 1 10.85 -64.29 6.74
C MET PA 1 11.13 -64.21 5.25
N THR PA 2 11.11 -62.99 4.69
CA THR PA 2 11.56 -62.77 3.32
C THR PA 2 13.08 -62.74 3.27
N ALA PA 3 13.61 -62.43 2.09
CA ALA PA 3 15.03 -62.15 2.01
C ALA PA 3 15.36 -60.82 2.67
N SER PA 4 14.50 -59.82 2.47
CA SER PA 4 14.77 -58.49 3.00
C SER PA 4 14.52 -58.43 4.49
N LEU PA 5 13.54 -59.15 5.00
CA LEU PA 5 13.25 -59.09 6.43
C LEU PA 5 14.25 -59.90 7.24
N SER PA 6 14.70 -61.03 6.72
CA SER PA 6 15.68 -61.83 7.45
C SER PA 6 17.03 -61.13 7.50
N ASN PA 7 17.41 -60.44 6.42
CA ASN PA 7 18.68 -59.73 6.40
C ASN PA 7 18.65 -58.51 7.30
N PHE PA 8 17.48 -57.95 7.56
CA PHE PA 8 17.42 -56.74 8.36
C PHE PA 8 17.60 -57.05 9.84
N ILE PA 9 16.99 -58.14 10.32
CA ILE PA 9 17.13 -58.52 11.71
C ILE PA 9 18.55 -58.96 11.99
N ALA PA 10 19.21 -59.56 10.99
CA ALA PA 10 20.62 -59.91 11.13
C ALA PA 10 21.48 -58.65 11.23
N SER PA 11 21.08 -57.58 10.55
CA SER PA 11 21.80 -56.31 10.69
C SER PA 11 21.48 -55.67 12.02
N LEU PA 12 20.31 -55.96 12.56
CA LEU PA 12 19.93 -55.44 13.87
C LEU PA 12 20.72 -56.13 14.96
N ILE PA 13 20.97 -57.43 14.78
CA ILE PA 13 21.87 -58.15 15.67
C ILE PA 13 23.30 -57.64 15.48
N ALA PA 14 23.69 -57.40 14.22
CA ALA PA 14 25.02 -56.87 13.93
C ALA PA 14 25.15 -55.44 14.40
N GLY PA 15 24.04 -54.70 14.45
CA GLY PA 15 24.06 -53.38 15.05
C GLY PA 15 24.12 -53.44 16.56
N GLY PA 16 23.79 -54.59 17.13
CA GLY PA 16 23.90 -54.74 18.57
C GLY PA 16 25.30 -55.07 19.03
N VAL PA 17 26.04 -55.83 18.23
CA VAL PA 17 27.38 -56.24 18.64
C VAL PA 17 28.37 -55.13 18.40
N VAL PA 18 28.09 -54.24 17.43
CA VAL PA 18 28.94 -53.09 17.20
C VAL PA 18 28.85 -52.12 18.37
N VAL PA 19 27.62 -51.89 18.85
CA VAL PA 19 27.45 -51.16 20.10
C VAL PA 19 27.98 -51.99 21.26
N GLY PA 20 27.88 -53.32 21.15
CA GLY PA 20 28.25 -54.19 22.25
C GLY PA 20 29.75 -54.22 22.51
N VAL PA 21 30.55 -54.49 21.46
CA VAL PA 21 31.99 -54.67 21.66
C VAL PA 21 32.65 -53.33 21.97
N ILE PA 22 32.00 -52.22 21.59
CA ILE PA 22 32.47 -50.92 22.06
C ILE PA 22 32.12 -50.75 23.53
N ALA PA 23 30.93 -51.17 23.93
CA ALA PA 23 30.49 -50.96 25.31
C ALA PA 23 31.21 -51.90 26.28
N ILE PA 24 31.39 -53.16 25.90
CA ILE PA 24 32.04 -54.13 26.79
C ILE PA 24 33.50 -53.75 27.00
N ALA PA 25 34.17 -53.28 25.94
CA ALA PA 25 35.54 -52.82 26.09
C ALA PA 25 35.62 -51.54 26.89
N LEU PA 26 34.55 -50.75 26.91
CA LEU PA 26 34.59 -49.46 27.58
C LEU PA 26 34.36 -49.61 29.07
N ILE PA 27 33.59 -50.62 29.49
CA ILE PA 27 33.36 -50.84 30.92
C ILE PA 27 34.60 -51.37 31.59
N VAL PA 28 35.30 -52.30 30.92
CA VAL PA 28 36.46 -52.96 31.51
C VAL PA 28 37.61 -51.97 31.70
N ILE PA 29 37.87 -51.14 30.69
CA ILE PA 29 38.94 -50.17 30.76
C ILE PA 29 38.58 -49.02 31.73
N SER PA 30 37.29 -48.78 31.95
CA SER PA 30 36.89 -47.74 32.91
C SER PA 30 37.11 -48.19 34.35
N LYS PA 31 37.28 -49.50 34.57
CA LYS PA 31 37.62 -49.99 35.89
C LYS PA 31 39.09 -49.73 36.20
N SER PA 32 39.95 -49.98 35.22
CA SER PA 32 41.39 -49.90 35.46
C SER PA 32 41.87 -48.45 35.53
N ASP PA 33 41.24 -47.56 34.78
CA ASP PA 33 41.70 -46.19 34.67
C ASP PA 33 40.88 -45.24 35.55
N ARG PA 34 40.46 -45.70 36.73
CA ARG PA 34 39.72 -44.83 37.64
C ARG PA 34 40.65 -43.80 38.25
N ILE PA 35 40.09 -42.70 38.69
CA ILE PA 35 40.88 -41.59 39.21
C ILE PA 35 40.98 -41.74 40.73
N LEU PA 36 42.18 -41.52 41.25
CA LEU PA 36 42.41 -41.42 42.69
C LEU PA 36 41.57 -40.28 43.27
N ARG PA 37 41.04 -40.50 44.47
CA ARG PA 37 40.16 -39.55 45.15
C ARG PA 37 40.86 -38.24 45.50
N MET QA 1 88.91 -33.84 -27.33
CA MET QA 1 89.52 -33.48 -26.06
C MET QA 1 88.67 -32.53 -25.27
N ILE QA 2 87.68 -31.93 -25.93
CA ILE QA 2 86.79 -30.99 -25.25
C ILE QA 2 85.88 -31.74 -24.28
N THR QA 3 85.42 -32.93 -24.66
CA THR QA 3 84.57 -33.72 -23.78
C THR QA 3 85.34 -34.26 -22.58
N LEU QA 4 86.67 -34.30 -22.66
CA LEU QA 4 87.44 -34.76 -21.52
C LEU QA 4 87.76 -33.61 -20.57
N LEU QA 5 87.91 -32.40 -21.10
CA LEU QA 5 88.31 -31.29 -20.25
C LEU QA 5 87.11 -30.67 -19.55
N VAL QA 6 85.95 -30.64 -20.21
CA VAL QA 6 84.74 -30.15 -19.57
C VAL QA 6 84.30 -31.09 -18.46
N ALA QA 7 84.50 -32.40 -18.67
CA ALA QA 7 84.25 -33.37 -17.62
C ALA QA 7 85.25 -33.21 -16.47
N LEU QA 8 86.43 -32.69 -16.76
CA LEU QA 8 87.35 -32.37 -15.68
C LEU QA 8 87.02 -31.01 -15.08
N LEU QA 9 86.26 -30.20 -15.81
CA LEU QA 9 85.88 -28.88 -15.32
C LEU QA 9 84.70 -28.97 -14.38
N VAL QA 10 83.82 -29.93 -14.60
CA VAL QA 10 82.66 -30.11 -13.73
C VAL QA 10 83.08 -30.75 -12.41
N LEU QA 11 84.01 -31.71 -12.47
CA LEU QA 11 84.40 -32.42 -11.25
C LEU QA 11 85.17 -31.54 -10.29
N ILE QA 12 85.82 -30.49 -10.80
CA ILE QA 12 86.48 -29.55 -9.90
C ILE QA 12 85.45 -28.64 -9.24
N SER QA 13 84.44 -28.23 -9.99
CA SER QA 13 83.40 -27.39 -9.42
C SER QA 13 82.49 -28.17 -8.47
N LEU QA 14 82.47 -29.49 -8.59
CA LEU QA 14 81.93 -30.30 -7.49
C LEU QA 14 82.83 -30.23 -6.27
N GLY QA 15 84.14 -30.25 -6.48
CA GLY QA 15 85.05 -30.28 -5.34
C GLY QA 15 85.16 -28.96 -4.63
N LEU QA 16 84.86 -27.86 -5.33
CA LEU QA 16 84.98 -26.55 -4.71
C LEU QA 16 83.79 -26.25 -3.83
N VAL QA 17 82.58 -26.46 -4.35
CA VAL QA 17 81.35 -26.02 -3.68
C VAL QA 17 81.13 -26.81 -2.39
N VAL QA 18 81.58 -28.06 -2.35
CA VAL QA 18 81.53 -28.81 -1.12
C VAL QA 18 82.53 -28.25 -0.10
N THR QA 19 83.63 -27.67 -0.58
CA THR QA 19 84.72 -27.32 0.32
C THR QA 19 84.91 -25.83 0.56
N VAL QA 20 84.56 -24.97 -0.40
CA VAL QA 20 84.86 -23.54 -0.28
C VAL QA 20 83.97 -22.84 0.75
N PRO QA 21 82.63 -23.00 0.79
CA PRO QA 21 81.89 -22.40 1.92
C PRO QA 21 82.17 -23.05 3.26
N VAL QA 22 82.60 -24.30 3.27
CA VAL QA 22 83.15 -24.88 4.48
C VAL QA 22 84.46 -24.21 4.85
N ALA QA 23 85.25 -23.78 3.86
CA ALA QA 23 86.48 -23.07 4.15
C ALA QA 23 86.23 -21.64 4.60
N LEU QA 24 85.05 -21.07 4.31
CA LEU QA 24 84.82 -19.69 4.68
C LEU QA 24 84.03 -19.57 5.98
N ALA QA 25 83.08 -20.47 6.23
CA ALA QA 25 82.23 -20.32 7.40
C ALA QA 25 82.96 -20.78 8.66
N THR QA 26 84.04 -21.53 8.49
CA THR QA 26 84.88 -21.87 9.63
C THR QA 26 85.64 -20.63 10.07
N PRO QA 27 85.78 -20.38 11.38
CA PRO QA 27 86.43 -19.14 11.86
C PRO QA 27 87.87 -18.89 11.43
N GLY QA 28 88.58 -19.91 10.95
CA GLY QA 28 89.95 -19.65 10.55
C GLY QA 28 90.47 -20.40 9.35
N GLU QA 29 89.64 -21.23 8.72
CA GLU QA 29 90.12 -22.19 7.74
C GLU QA 29 90.59 -21.49 6.46
N TRP QA 30 89.99 -20.35 6.14
CA TRP QA 30 90.39 -19.66 4.93
C TRP QA 30 91.71 -18.94 5.13
N GLU QA 31 91.92 -18.36 6.30
CA GLU QA 31 93.18 -17.66 6.54
C GLU QA 31 94.33 -18.63 6.71
N ILE QA 32 94.07 -19.76 7.37
CA ILE QA 32 95.12 -20.77 7.57
C ILE QA 32 95.49 -21.42 6.26
N ALA QA 33 94.51 -21.76 5.44
CA ALA QA 33 94.74 -22.35 4.13
C ALA QA 33 93.90 -21.60 3.10
N LYS QA 34 94.54 -20.73 2.34
CA LYS QA 34 93.99 -20.24 1.07
C LYS QA 34 94.95 -20.40 -0.08
N GLY QA 35 96.26 -20.43 0.18
CA GLY QA 35 97.22 -20.68 -0.88
C GLY QA 35 97.12 -22.09 -1.42
N LYS QA 36 96.59 -23.02 -0.60
CA LYS QA 36 96.14 -24.29 -1.16
C LYS QA 36 94.95 -24.08 -2.08
N PHE QA 37 93.95 -23.32 -1.64
CA PHE QA 37 92.75 -23.11 -2.43
C PHE QA 37 92.98 -22.20 -3.62
N ASN QA 38 93.90 -21.24 -3.50
CA ASN QA 38 94.13 -20.28 -4.59
C ASN QA 38 94.70 -20.95 -5.82
N ARG QA 39 95.39 -22.08 -5.63
CA ARG QA 39 95.78 -22.90 -6.77
C ARG QA 39 94.57 -23.43 -7.50
N PHE QA 40 93.56 -23.88 -6.76
CA PHE QA 40 92.40 -24.50 -7.37
C PHE QA 40 91.53 -23.48 -8.09
N PHE QA 41 91.61 -22.22 -7.69
CA PHE QA 41 90.96 -21.18 -8.49
C PHE QA 41 91.73 -20.93 -9.77
N GLN QA 42 93.06 -20.88 -9.67
CA GLN QA 42 93.89 -20.62 -10.84
C GLN QA 42 93.89 -21.80 -11.79
N ILE QA 43 93.72 -23.02 -11.27
CA ILE QA 43 93.55 -24.16 -12.16
C ILE QA 43 92.19 -24.09 -12.83
N TRP QA 44 91.16 -23.68 -12.09
CA TRP QA 44 89.81 -23.66 -12.61
C TRP QA 44 89.64 -22.60 -13.69
N VAL QA 45 90.23 -21.42 -13.49
CA VAL QA 45 90.18 -20.37 -14.49
C VAL QA 45 90.98 -20.76 -15.72
N PHE QA 46 92.09 -21.47 -15.52
CA PHE QA 46 92.94 -21.90 -16.63
C PHE QA 46 92.22 -22.91 -17.51
N LEU QA 47 91.34 -23.72 -16.93
CA LEU QA 47 90.61 -24.70 -17.73
C LEU QA 47 89.60 -24.04 -18.65
N VAL QA 48 89.03 -22.91 -18.22
CA VAL QA 48 88.02 -22.24 -19.02
C VAL QA 48 88.64 -21.67 -20.28
N ILE QA 49 89.88 -21.21 -20.18
CA ILE QA 49 90.58 -20.66 -21.34
C ILE QA 49 91.03 -21.78 -22.27
N VAL QA 50 91.44 -22.91 -21.70
CA VAL QA 50 91.83 -24.07 -22.50
C VAL QA 50 90.65 -24.62 -23.28
N ILE QA 51 89.48 -24.65 -22.65
CA ILE QA 51 88.27 -25.10 -23.34
C ILE QA 51 87.83 -24.07 -24.37
N ALA QA 52 87.98 -22.78 -24.07
CA ALA QA 52 87.65 -21.75 -25.05
C ALA QA 52 88.64 -21.75 -26.21
N ALA QA 53 89.88 -22.17 -25.95
CA ALA QA 53 90.85 -22.33 -27.02
C ALA QA 53 90.50 -23.53 -27.89
N ALA QA 54 90.24 -24.67 -27.26
CA ALA QA 54 89.95 -25.89 -28.00
C ALA QA 54 88.61 -25.83 -28.73
N ASP QA 55 87.71 -24.94 -28.32
CA ASP QA 55 86.46 -24.80 -29.05
C ASP QA 55 86.65 -23.97 -30.32
N GLY QA 56 87.48 -22.94 -30.26
CA GLY QA 56 87.72 -22.11 -31.43
C GLY QA 56 88.57 -22.78 -32.48
N ILE QA 57 89.52 -23.61 -32.04
CA ILE QA 57 90.31 -24.40 -32.98
C ILE QA 57 89.42 -25.42 -33.69
N SER QA 58 88.54 -26.07 -32.94
CA SER QA 58 87.70 -27.10 -33.53
C SER QA 58 86.55 -26.56 -34.35
N SER QA 59 86.37 -25.24 -34.42
CA SER QA 59 85.31 -24.67 -35.24
C SER QA 59 85.87 -23.65 -36.22
N SER RA 19 55.73 -49.24 -24.77
CA SER RA 19 54.40 -49.34 -24.17
C SER RA 19 53.60 -48.08 -24.54
N TYR RA 20 52.26 -48.17 -24.55
CA TYR RA 20 51.45 -47.24 -25.33
C TYR RA 20 51.35 -45.86 -24.69
N SER RA 21 51.32 -45.80 -23.37
CA SER RA 21 51.14 -44.53 -22.67
C SER RA 21 52.37 -44.14 -21.85
N GLU RA 22 53.55 -44.55 -22.29
CA GLU RA 22 54.80 -44.22 -21.60
C GLU RA 22 55.27 -42.86 -22.09
N GLY RA 23 55.37 -41.91 -21.16
CA GLY RA 23 55.63 -40.53 -21.55
C GLY RA 23 57.10 -40.22 -21.74
N ALA RA 24 57.94 -40.67 -20.81
CA ALA RA 24 59.36 -40.37 -20.87
C ALA RA 24 60.19 -41.47 -21.52
N ALA RA 25 59.63 -42.23 -22.46
CA ALA RA 25 60.41 -43.16 -23.26
C ALA RA 25 61.11 -42.33 -24.34
N TYR RA 26 62.33 -41.90 -24.05
CA TYR RA 26 63.02 -41.00 -24.97
C TYR RA 26 63.53 -41.76 -26.20
N GLY RA 27 64.13 -42.93 -25.99
CA GLY RA 27 64.76 -43.63 -27.09
C GLY RA 27 64.44 -45.10 -27.22
N THR RA 28 63.86 -45.69 -26.17
CA THR RA 28 63.59 -47.12 -26.20
C THR RA 28 62.33 -47.43 -26.99
N ASP RA 29 61.46 -46.42 -27.15
CA ASP RA 29 60.22 -46.60 -27.88
C ASP RA 29 60.47 -46.89 -29.35
N GLN RA 30 61.01 -45.92 -30.06
CA GLN RA 30 61.09 -45.93 -31.53
C GLN RA 30 62.32 -46.72 -31.95
N ALA RA 31 62.33 -47.16 -33.22
CA ALA RA 31 63.47 -47.92 -33.72
C ALA RA 31 64.46 -47.00 -34.43
N ASP RA 32 63.98 -45.95 -35.08
CA ASP RA 32 64.87 -45.05 -35.77
C ASP RA 32 65.49 -44.06 -34.78
N LYS RA 33 66.73 -43.66 -35.06
CA LYS RA 33 67.41 -42.71 -34.19
C LYS RA 33 66.82 -41.33 -34.38
N LEU RA 34 66.59 -40.62 -33.28
CA LEU RA 34 66.02 -39.29 -33.36
C LEU RA 34 67.11 -38.23 -33.39
N TYR RA 35 66.67 -37.00 -33.66
CA TYR RA 35 67.58 -35.86 -33.65
C TYR RA 35 68.08 -35.58 -32.24
N SER RA 36 67.20 -35.73 -31.26
CA SER RA 36 67.51 -35.51 -29.86
C SER RA 36 66.47 -36.26 -29.05
N PRO RA 37 66.76 -36.58 -27.79
CA PRO RA 37 65.73 -37.24 -26.96
C PRO RA 37 64.53 -36.37 -26.72
N TYR RA 38 64.68 -35.07 -26.83
CA TYR RA 38 63.61 -34.12 -26.62
C TYR RA 38 62.86 -33.79 -27.89
N SER RA 39 62.84 -34.70 -28.86
CA SER RA 39 62.17 -34.47 -30.12
C SER RA 39 61.31 -35.68 -30.50
N VAL RA 40 60.56 -35.49 -31.57
CA VAL RA 40 59.80 -36.58 -32.19
C VAL RA 40 60.38 -36.92 -33.55
N TYR RA 41 61.01 -35.97 -34.22
CA TYR RA 41 61.46 -36.10 -35.59
C TYR RA 41 62.81 -36.80 -35.66
N SER RA 42 63.05 -37.44 -36.80
CA SER RA 42 64.32 -38.06 -37.12
C SER RA 42 65.21 -36.99 -37.75
N PRO RA 43 66.53 -37.15 -37.78
CA PRO RA 43 67.39 -36.11 -38.36
C PRO RA 43 67.26 -35.97 -39.88
N GLU RA 44 68.10 -35.10 -40.41
CA GLU RA 44 68.12 -34.73 -41.83
C GLU RA 44 69.01 -35.68 -42.66
N GLY RA 45 69.22 -36.90 -42.18
CA GLY RA 45 70.13 -37.81 -42.84
C GLY RA 45 69.54 -38.49 -44.06
N GLU RA 46 69.81 -39.78 -44.21
CA GLU RA 46 69.28 -40.52 -45.34
C GLU RA 46 67.80 -40.85 -45.14
N LYS RA 47 67.26 -41.58 -46.12
CA LYS RA 47 65.88 -42.09 -46.21
C LYS RA 47 64.80 -41.02 -46.02
N SER RA 48 65.15 -39.74 -46.11
CA SER RA 48 64.19 -38.67 -46.01
C SER RA 48 63.53 -38.44 -47.37
N LEU RA 49 62.35 -37.86 -47.35
CA LEU RA 49 61.68 -37.55 -48.60
C LEU RA 49 62.00 -36.17 -49.11
N TYR RA 50 62.52 -35.29 -48.26
CA TYR RA 50 62.93 -33.96 -48.69
C TYR RA 50 64.40 -34.01 -49.08
N LYS RA 51 64.66 -33.84 -50.37
CA LYS RA 51 66.01 -33.76 -50.88
C LYS RA 51 66.26 -32.36 -51.40
N PRO RA 52 67.15 -31.60 -50.78
CA PRO RA 52 67.27 -30.18 -51.12
C PRO RA 52 68.00 -29.91 -52.42
N ASP RA 53 68.58 -30.94 -53.03
CA ASP RA 53 69.27 -30.77 -54.30
C ASP RA 53 68.34 -30.75 -55.50
N ASN RA 54 67.03 -30.79 -55.29
CA ASN RA 54 66.10 -30.95 -56.38
C ASN RA 54 65.94 -29.66 -57.17
N ALA RA 55 65.61 -29.81 -58.45
CA ALA RA 55 65.62 -28.67 -59.36
C ALA RA 55 64.39 -27.80 -59.17
N GLU RA 56 63.28 -28.37 -58.70
CA GLU RA 56 62.06 -27.60 -58.56
C GLU RA 56 62.13 -26.67 -57.35
N TYR RA 57 63.04 -26.95 -56.42
CA TYR RA 57 63.31 -25.99 -55.36
C TYR RA 57 64.20 -24.87 -55.87
N LEU RA 58 65.12 -25.21 -56.77
CA LEU RA 58 65.96 -24.20 -57.39
C LEU RA 58 65.17 -23.36 -58.37
N ALA RA 59 64.20 -23.98 -59.06
CA ALA RA 59 63.41 -23.24 -60.04
C ALA RA 59 62.39 -22.35 -59.37
N ARG RA 60 61.97 -22.70 -58.16
CA ARG RA 60 61.08 -21.84 -57.40
C ARG RA 60 61.82 -20.59 -56.91
N LYS RA 61 63.05 -20.77 -56.43
CA LYS RA 61 63.83 -19.64 -55.94
C LYS RA 61 64.30 -18.75 -57.08
N LYS RA 62 64.48 -19.34 -58.26
CA LYS RA 62 64.91 -18.55 -59.41
C LYS RA 62 63.77 -17.71 -59.96
N ALA RA 63 62.53 -18.19 -59.80
CA ALA RA 63 61.38 -17.51 -60.38
C ALA RA 63 61.04 -16.24 -59.62
N VAL RA 64 61.32 -16.20 -58.31
CA VAL RA 64 61.02 -14.99 -57.55
C VAL RA 64 62.08 -13.94 -57.82
N LEU RA 65 63.28 -14.35 -58.21
CA LEU RA 65 64.31 -13.39 -58.56
C LEU RA 65 64.01 -12.72 -59.89
N ALA RA 66 63.30 -13.41 -60.77
CA ALA RA 66 62.96 -12.83 -62.06
C ALA RA 66 61.83 -11.82 -61.93
N GLU RA 67 60.83 -12.15 -61.11
CA GLU RA 67 59.69 -11.26 -60.93
C GLU RA 67 60.05 -10.07 -60.06
N THR RA 68 61.10 -10.20 -59.24
CA THR RA 68 61.52 -9.11 -58.37
C THR RA 68 61.96 -7.89 -59.18
N LYS RA 69 62.68 -8.13 -60.28
CA LYS RA 69 63.03 -7.04 -61.18
C LYS RA 69 61.78 -6.48 -61.87
N ASN RA 70 60.79 -7.33 -62.12
CA ASN RA 70 59.56 -6.83 -62.74
C ASN RA 70 58.69 -6.06 -61.76
N ARG RA 71 58.73 -6.40 -60.47
CA ARG RA 71 58.05 -5.62 -59.45
C ARG RA 71 58.81 -4.36 -59.09
N LEU RA 72 60.07 -4.26 -59.47
CA LEU RA 72 60.90 -3.13 -59.09
C LEU RA 72 60.94 -2.05 -60.15
N GLN RA 73 60.56 -2.39 -61.39
CA GLN RA 73 60.45 -1.39 -62.43
C GLN RA 73 59.14 -0.61 -62.35
N LYS RA 74 58.19 -1.07 -61.56
CA LYS RA 74 56.96 -0.31 -61.33
C LYS RA 74 57.13 0.71 -60.22
N ILE RA 75 58.30 0.73 -59.58
CA ILE RA 75 58.56 1.72 -58.53
C ILE RA 75 58.52 3.17 -59.01
N PRO RA 76 59.19 3.57 -60.11
CA PRO RA 76 59.15 5.01 -60.47
C PRO RA 76 57.81 5.49 -60.97
N ALA RA 77 56.89 4.60 -61.34
CA ALA RA 77 55.57 5.02 -61.79
C ALA RA 77 54.76 5.62 -60.66
N TYR RA 78 54.98 5.18 -59.42
CA TYR RA 78 54.33 5.78 -58.29
C TYR RA 78 55.05 7.01 -57.77
N VAL RA 79 56.34 7.13 -58.05
CA VAL RA 79 57.09 8.30 -57.62
C VAL RA 79 56.94 9.42 -58.66
N ASP RA 80 56.71 9.06 -59.92
CA ASP RA 80 56.24 10.04 -60.89
C ASP RA 80 54.86 10.56 -60.51
N LYS RA 81 54.02 9.69 -59.95
CA LYS RA 81 52.80 10.13 -59.29
C LYS RA 81 53.13 10.55 -57.86
N LYS RA 82 52.11 10.75 -57.05
CA LYS RA 82 52.29 11.27 -55.70
C LYS RA 82 52.09 10.19 -54.64
N GLU RA 83 51.90 8.94 -55.05
CA GLU RA 83 51.47 7.88 -54.16
C GLU RA 83 52.67 7.27 -53.47
N TRP RA 84 52.90 7.68 -52.23
CA TRP RA 84 53.98 7.10 -51.43
C TRP RA 84 53.57 5.86 -50.68
N PHE RA 85 52.27 5.65 -50.48
CA PHE RA 85 51.85 4.43 -49.80
C PHE RA 85 52.02 3.21 -50.69
N ASN RA 86 51.99 3.38 -52.01
CA ASN RA 86 52.16 2.25 -52.92
C ASN RA 86 53.61 1.87 -53.12
N VAL RA 87 54.55 2.77 -52.88
CA VAL RA 87 55.95 2.41 -53.03
C VAL RA 87 56.50 1.79 -51.75
N LYS RA 88 55.91 2.08 -50.58
CA LYS RA 88 56.40 1.49 -49.34
C LYS RA 88 56.04 0.02 -49.25
N ASP RA 89 54.99 -0.41 -49.93
CA ASP RA 89 54.55 -1.78 -49.77
C ASP RA 89 54.73 -2.65 -50.99
N GLU RA 90 54.97 -2.06 -52.17
CA GLU RA 90 55.31 -2.84 -53.37
C GLU RA 90 56.56 -3.66 -53.16
N LEU RA 91 57.51 -3.13 -52.42
CA LEU RA 91 58.70 -3.87 -52.06
C LEU RA 91 58.55 -4.68 -50.78
N THR RA 92 57.32 -4.86 -50.28
CA THR RA 92 57.08 -5.84 -49.23
C THR RA 92 55.91 -6.75 -49.55
N ARG RA 93 55.07 -6.38 -50.53
CA ARG RA 93 53.91 -7.20 -50.83
C ARG RA 93 54.33 -8.48 -51.55
N TYR RA 94 54.90 -8.35 -52.74
CA TYR RA 94 55.47 -9.51 -53.39
C TYR RA 94 56.88 -9.80 -52.94
N MET RA 95 57.71 -8.79 -52.71
CA MET RA 95 59.13 -8.97 -52.51
C MET RA 95 59.50 -9.52 -51.14
N TYR RA 96 58.52 -9.94 -50.33
CA TYR RA 96 58.82 -10.58 -49.06
C TYR RA 96 59.57 -11.88 -49.26
N GLU RA 97 59.32 -12.58 -50.36
CA GLU RA 97 59.96 -13.86 -50.58
C GLU RA 97 61.33 -13.73 -51.21
N THR RA 98 61.84 -12.52 -51.38
CA THR RA 98 63.15 -12.35 -52.01
C THR RA 98 64.28 -12.78 -51.09
N ARG RA 99 64.32 -12.22 -49.88
CA ARG RA 99 65.43 -12.47 -48.94
C ARG RA 99 65.57 -13.93 -48.57
N GLY RA 100 64.47 -14.68 -48.59
CA GLY RA 100 64.57 -16.10 -48.37
C GLY RA 100 65.26 -16.82 -49.52
N ALA RA 101 65.17 -16.27 -50.73
CA ALA RA 101 65.73 -16.94 -51.89
C ALA RA 101 67.16 -16.48 -52.16
N VAL RA 102 67.39 -15.16 -52.16
CA VAL RA 102 68.70 -14.63 -52.51
C VAL RA 102 69.75 -14.98 -51.46
N ARG RA 103 69.37 -15.15 -50.20
CA ARG RA 103 70.28 -15.75 -49.24
C ARG RA 103 70.52 -17.23 -49.52
N SER RA 104 69.52 -17.92 -50.05
CA SER RA 104 69.65 -19.35 -50.30
C SER RA 104 70.42 -19.64 -51.58
N LEU RA 105 70.28 -18.77 -52.59
CA LEU RA 105 71.03 -18.92 -53.82
C LEU RA 105 72.49 -18.52 -53.66
N SER RA 106 72.79 -17.69 -52.67
CA SER RA 106 74.16 -17.26 -52.42
C SER RA 106 74.94 -18.42 -51.82
N SER RA 107 75.75 -19.07 -52.65
CA SER RA 107 76.50 -20.25 -52.23
C SER RA 107 77.98 -19.94 -52.07
N SER RA 108 78.62 -19.41 -53.10
CA SER RA 108 80.06 -19.18 -53.03
C SER RA 108 80.38 -17.93 -52.23
N VAL RA 109 81.67 -17.60 -52.14
CA VAL RA 109 82.15 -16.56 -51.25
C VAL RA 109 81.73 -15.18 -51.75
N THR RA 110 82.22 -14.79 -52.92
CA THR RA 110 81.95 -13.47 -53.47
C THR RA 110 80.51 -13.31 -53.91
N GLN RA 111 79.78 -14.40 -54.09
CA GLN RA 111 78.35 -14.35 -54.32
C GLN RA 111 77.61 -13.84 -53.10
N LYS RA 112 78.08 -14.17 -51.91
CA LYS RA 112 77.42 -13.78 -50.68
C LYS RA 112 77.54 -12.28 -50.41
N GLU RA 113 78.76 -11.73 -50.49
CA GLU RA 113 78.94 -10.30 -50.25
C GLU RA 113 78.53 -9.44 -51.44
N LYS RA 114 77.95 -10.03 -52.48
CA LYS RA 114 77.26 -9.27 -53.52
C LYS RA 114 75.82 -8.99 -53.14
N ALA RA 115 75.24 -9.80 -52.26
CA ALA RA 115 73.83 -9.66 -51.92
C ALA RA 115 73.56 -8.48 -50.99
N GLU RA 116 74.48 -8.20 -50.07
CA GLU RA 116 74.27 -7.06 -49.17
C GLU RA 116 74.46 -5.73 -49.87
N VAL RA 117 75.10 -5.73 -51.03
CA VAL RA 117 75.05 -4.55 -51.90
C VAL RA 117 73.63 -4.32 -52.39
N PHE RA 118 72.91 -5.41 -52.68
CA PHE RA 118 71.54 -5.28 -53.16
C PHE RA 118 70.59 -4.88 -52.04
N PHE RA 119 70.82 -5.38 -50.83
CA PHE RA 119 69.93 -5.08 -49.71
C PHE RA 119 70.06 -3.64 -49.24
N ARG RA 120 71.29 -3.19 -49.03
CA ARG RA 120 71.53 -1.82 -48.56
C ARG RA 120 71.08 -0.81 -49.60
N ALA RA 121 71.14 -1.17 -50.88
CA ALA RA 121 70.51 -0.34 -51.89
C ALA RA 121 69.00 -0.44 -51.84
N LEU RA 122 68.47 -1.57 -51.38
CA LEU RA 122 67.02 -1.72 -51.33
C LEU RA 122 66.45 -1.13 -50.05
N GLU RA 123 67.20 -1.15 -48.95
CA GLU RA 123 66.69 -0.59 -47.70
C GLU RA 123 66.67 0.92 -47.73
N ASP RA 124 67.44 1.54 -48.63
CA ASP RA 124 67.37 2.98 -48.79
C ASP RA 124 66.21 3.42 -49.66
N THR RA 125 65.66 2.51 -50.47
CA THR RA 125 64.42 2.84 -51.18
C THR RA 125 63.26 2.93 -50.20
N TYR RA 126 63.23 2.02 -49.23
CA TYR RA 126 62.17 2.07 -48.22
C TYR RA 126 62.42 3.18 -47.21
N GLY RA 127 63.69 3.46 -46.90
CA GLY RA 127 64.01 4.54 -45.99
C GLY RA 127 63.78 5.91 -46.57
N ALA RA 128 63.72 6.02 -47.90
CA ALA RA 128 63.38 7.28 -48.54
C ALA RA 128 61.90 7.41 -48.83
N ALA RA 129 61.19 6.29 -48.93
CA ALA RA 129 59.75 6.37 -49.18
C ALA RA 129 59.00 6.79 -47.94
N THR RA 130 59.48 6.41 -46.75
CA THR RA 130 58.85 6.87 -45.52
C THR RA 130 59.14 8.34 -45.27
N LEU RA 131 60.31 8.81 -45.69
CA LEU RA 131 60.67 10.21 -45.55
C LEU RA 131 60.21 11.05 -46.74
N LYS RA 132 59.61 10.41 -47.75
CA LYS RA 132 59.00 11.06 -48.92
C LYS RA 132 60.00 11.90 -49.69
N LYS RA 133 61.08 11.27 -50.13
CA LYS RA 133 62.10 11.94 -50.95
C LYS RA 133 62.04 11.33 -52.34
N GLY RA 134 61.72 12.17 -53.33
CA GLY RA 134 61.43 11.65 -54.66
C GLY RA 134 62.66 11.20 -55.41
N ASP RA 135 63.74 11.98 -55.35
CA ASP RA 135 64.95 11.58 -56.06
C ASP RA 135 65.67 10.44 -55.37
N ALA RA 136 65.60 10.37 -54.04
CA ALA RA 136 66.31 9.33 -53.30
C ALA RA 136 65.69 7.97 -53.50
N VAL RA 137 64.42 7.91 -53.89
CA VAL RA 137 63.84 6.65 -54.35
C VAL RA 137 64.34 6.32 -55.75
N LYS RA 138 64.27 7.29 -56.65
CA LYS RA 138 64.66 7.06 -58.04
C LYS RA 138 66.15 6.84 -58.19
N ALA RA 139 66.96 7.41 -57.31
CA ALA RA 139 68.40 7.12 -57.35
C ALA RA 139 68.67 5.71 -56.84
N SER RA 140 68.10 5.35 -55.70
CA SER RA 140 68.37 4.06 -55.09
C SER RA 140 67.62 2.92 -55.74
N ASN RA 141 66.61 3.22 -56.57
CA ASN RA 141 66.02 2.17 -57.39
C ASN RA 141 67.00 1.69 -58.45
N ASP RA 142 67.72 2.63 -59.07
CA ASP RA 142 68.70 2.26 -60.07
C ASP RA 142 69.92 1.58 -59.47
N LYS RA 143 70.19 1.80 -58.18
CA LYS RA 143 71.20 1.03 -57.48
C LYS RA 143 70.74 -0.38 -57.15
N ALA RA 144 69.44 -0.68 -57.31
CA ALA RA 144 68.90 -1.99 -57.01
C ALA RA 144 68.77 -2.86 -58.25
N ILE RA 145 68.30 -2.28 -59.36
CA ILE RA 145 68.21 -3.02 -60.62
C ILE RA 145 69.61 -3.38 -61.10
N ALA RA 146 70.58 -2.48 -60.90
CA ALA RA 146 71.95 -2.77 -61.24
C ALA RA 146 72.58 -3.80 -60.32
N ALA RA 147 72.07 -3.93 -59.09
CA ALA RA 147 72.62 -4.86 -58.11
C ALA RA 147 72.05 -6.27 -58.27
N LEU RA 148 70.78 -6.39 -58.61
CA LEU RA 148 70.22 -7.69 -58.96
C LEU RA 148 70.75 -8.17 -60.29
N ASP RA 149 71.13 -7.23 -61.17
CA ASP RA 149 71.86 -7.57 -62.39
C ASP RA 149 73.19 -8.23 -62.06
N ALA RA 150 73.86 -7.79 -61.01
CA ALA RA 150 75.10 -8.43 -60.59
C ALA RA 150 74.84 -9.80 -60.00
N PHE RA 151 73.71 -9.98 -59.32
CA PHE RA 151 73.43 -11.25 -58.66
C PHE RA 151 73.07 -12.33 -59.67
N THR RA 152 72.12 -12.04 -60.55
CA THR RA 152 71.57 -13.07 -61.44
C THR RA 152 72.58 -13.49 -62.49
N ALA RA 153 73.40 -12.55 -62.96
CA ALA RA 153 74.32 -12.85 -64.05
C ALA RA 153 75.47 -13.75 -63.61
N THR RA 154 75.85 -13.70 -62.33
CA THR RA 154 76.90 -14.60 -61.86
C THR RA 154 76.35 -16.01 -61.65
N LEU RA 155 75.44 -16.15 -60.70
CA LEU RA 155 74.87 -17.45 -60.39
C LEU RA 155 73.35 -17.38 -60.35
N THR SA 20 38.70 13.80 -33.49
CA THR SA 20 40.03 13.23 -33.64
C THR SA 20 40.53 12.68 -32.31
N GLU SA 21 40.38 11.37 -32.11
CA GLU SA 21 40.75 10.74 -30.85
C GLU SA 21 42.16 10.17 -30.89
N GLY SA 22 42.42 9.26 -31.83
CA GLY SA 22 43.71 8.59 -31.89
C GLY SA 22 44.82 9.38 -32.53
N THR SA 23 44.90 10.66 -32.22
CA THR SA 23 46.05 11.46 -32.60
C THR SA 23 47.09 11.38 -31.49
N ASN SA 24 48.35 11.48 -31.90
CA ASN SA 24 49.47 11.22 -31.01
C ASN SA 24 49.98 12.56 -30.51
N GLU SA 25 49.15 13.27 -29.75
CA GLU SA 25 49.43 14.63 -29.34
C GLU SA 25 49.66 14.70 -27.84
N TRP SA 26 50.56 15.60 -27.42
CA TRP SA 26 51.09 15.58 -26.07
C TRP SA 26 50.04 15.98 -25.06
N PHE SA 27 49.80 15.11 -24.08
CA PHE SA 27 48.82 15.29 -23.00
C PHE SA 27 47.39 15.52 -23.53
N GLY SA 28 47.09 15.07 -24.73
CA GLY SA 28 45.83 15.38 -25.35
C GLY SA 28 45.62 16.85 -25.68
N VAL SA 29 46.69 17.63 -25.76
CA VAL SA 29 46.56 19.04 -26.09
C VAL SA 29 46.29 19.14 -27.58
N ASP SA 30 45.02 19.29 -27.93
CA ASP SA 30 44.62 19.41 -29.32
C ASP SA 30 44.80 20.83 -29.81
N ASP SA 31 44.22 21.79 -29.09
CA ASP SA 31 44.29 23.20 -29.43
C ASP SA 31 45.35 23.91 -28.60
N LEU SA 32 45.74 25.09 -29.07
CA LEU SA 32 46.75 25.89 -28.38
C LEU SA 32 46.22 26.47 -27.09
N ARG SA 33 44.90 26.60 -26.96
CA ARG SA 33 44.29 27.21 -25.80
C ARG SA 33 44.41 26.36 -24.55
N LEU SA 34 44.57 25.05 -24.72
CA LEU SA 34 44.61 24.15 -23.55
C LEU SA 34 45.93 24.23 -22.81
N LEU SA 35 46.99 24.70 -23.46
CA LEU SA 35 48.28 24.89 -22.81
C LEU SA 35 48.18 25.92 -21.71
N ALA SA 36 47.62 27.09 -22.02
CA ALA SA 36 47.45 28.19 -21.08
C ALA SA 36 46.60 27.82 -19.87
N VAL SA 37 45.79 26.77 -20.03
CA VAL SA 37 45.10 26.16 -18.91
C VAL SA 37 46.07 25.36 -18.04
N LEU SA 38 46.98 24.61 -18.64
CA LEU SA 38 47.89 23.76 -17.88
C LEU SA 38 48.92 24.60 -17.14
N PHE SA 39 49.49 25.59 -17.83
CA PHE SA 39 50.53 26.41 -17.22
C PHE SA 39 49.96 27.26 -16.10
N LEU SA 40 48.77 27.77 -16.27
CA LEU SA 40 48.20 28.52 -15.17
C LEU SA 40 47.61 27.66 -14.12
N GLY SA 41 47.66 26.35 -14.18
CA GLY SA 41 47.17 25.55 -13.07
C GLY SA 41 48.30 25.16 -12.15
N HIS SA 42 49.40 24.68 -12.74
CA HIS SA 42 50.56 24.29 -11.93
C HIS SA 42 51.17 25.52 -11.29
N TRP SA 43 51.22 26.65 -12.01
CA TRP SA 43 51.87 27.84 -11.50
C TRP SA 43 51.03 28.58 -10.46
N ALA SA 44 49.70 28.47 -10.53
CA ALA SA 44 48.87 29.20 -9.60
C ALA SA 44 48.94 28.60 -8.21
N ILE SA 45 49.27 27.32 -8.11
CA ILE SA 45 49.49 26.65 -6.84
C ILE SA 45 50.96 26.66 -6.47
N LEU SA 46 51.86 26.61 -7.46
CA LEU SA 46 53.29 26.79 -7.24
C LEU SA 46 53.59 28.11 -6.56
N SER SA 47 52.92 29.17 -6.99
CA SER SA 47 53.13 30.48 -6.38
C SER SA 47 52.58 30.54 -4.96
N LEU SA 48 51.53 29.78 -4.69
CA LEU SA 48 51.08 29.61 -3.31
C LEU SA 48 52.11 28.87 -2.50
N TRP SA 49 52.71 27.84 -3.09
CA TRP SA 49 53.66 27.01 -2.39
C TRP SA 49 54.95 27.77 -2.09
N LEU SA 50 55.35 28.63 -3.02
CA LEU SA 50 56.56 29.42 -2.81
C LEU SA 50 56.35 30.53 -1.79
N GLY SA 51 55.10 30.81 -1.43
CA GLY SA 51 54.85 31.82 -0.41
C GLY SA 51 55.26 31.38 0.97
N SER SA 52 55.43 30.08 1.18
CA SER SA 52 55.94 29.56 2.44
C SER SA 52 57.22 28.76 2.29
N TYR SA 53 57.24 27.75 1.41
CA TYR SA 53 58.41 26.91 1.28
C TYR SA 53 59.44 27.47 0.32
N GLY SA 54 59.05 28.40 -0.54
CA GLY SA 54 60.01 29.14 -1.31
C GLY SA 54 60.66 30.21 -0.48
N ASP SA 55 61.74 30.78 -1.04
CA ASP SA 55 62.55 31.83 -0.41
C ASP SA 55 63.09 31.39 0.96
N SER SA 56 63.44 30.12 1.05
CA SER SA 56 64.08 29.55 2.23
C SER SA 56 65.53 29.25 1.90
N ASN SA 57 66.30 28.91 2.94
CA ASN SA 57 67.71 28.64 2.77
C ASN SA 57 67.89 27.29 2.08
N GLU SA 58 68.49 27.31 0.90
CA GLU SA 58 68.74 26.10 0.14
C GLU SA 58 70.08 25.46 0.49
N ASP SA 59 70.66 25.80 1.65
CA ASP SA 59 71.98 25.34 2.03
C ASP SA 59 72.03 24.86 3.47
N GLU SA 60 70.90 24.43 4.02
CA GLU SA 60 70.81 24.01 5.42
C GLU SA 60 70.44 22.53 5.49
N ASP SA 61 71.33 21.73 6.05
CA ASP SA 61 71.25 20.28 5.95
C ASP SA 61 70.78 19.68 7.28
N PHE SA 62 70.80 18.36 7.36
CA PHE SA 62 70.47 17.59 8.56
C PHE SA 62 71.02 16.18 8.38
N PHE SA 63 71.32 15.54 9.50
CA PHE SA 63 71.78 14.16 9.49
C PHE SA 63 70.69 13.26 10.08
N GLY SA 64 69.43 13.65 9.87
CA GLY SA 64 68.30 12.85 10.24
C GLY SA 64 67.84 11.95 9.10
N GLU SA 65 66.68 11.33 9.31
CA GLU SA 65 65.97 10.65 8.24
C GLU SA 65 64.83 11.52 7.73
N ILE SA 66 64.60 12.62 8.43
CA ILE SA 66 63.40 13.42 8.31
C ILE SA 66 63.69 14.77 8.95
N ASP SA 67 63.25 15.83 8.31
CA ASP SA 67 63.62 17.17 8.78
C ASP SA 67 62.43 17.84 9.44
N TYR SA 68 62.69 18.48 10.59
CA TYR SA 68 61.68 19.23 11.33
C TYR SA 68 62.05 20.71 11.40
N SER SA 69 62.53 21.27 10.29
CA SER SA 69 63.16 22.58 10.25
C SER SA 69 62.24 23.72 10.66
N ALA SA 70 61.23 24.00 9.83
CA ALA SA 70 60.37 25.16 10.05
C ALA SA 70 59.08 25.00 9.25
N ARG SA 71 58.25 26.03 9.28
CA ARG SA 71 56.98 25.98 8.56
C ARG SA 71 57.15 26.40 7.11
N UNK TA 1 -23.89 -34.09 6.26
CA UNK TA 1 -24.25 -33.48 5.00
C UNK TA 1 -25.75 -33.28 4.89
N UNK TA 2 -26.46 -33.60 5.97
CA UNK TA 2 -27.89 -33.32 6.06
C UNK TA 2 -28.13 -32.59 7.37
N UNK TA 3 -29.13 -31.72 7.40
CA UNK TA 3 -29.40 -30.94 8.61
C UNK TA 3 -29.92 -31.83 9.72
N UNK TA 4 -30.62 -32.90 9.35
CA UNK TA 4 -31.04 -33.95 10.27
C UNK TA 4 -30.13 -35.15 10.04
N UNK TA 5 -28.95 -35.13 10.66
CA UNK TA 5 -27.97 -36.18 10.45
C UNK TA 5 -26.99 -36.20 11.61
N UNK TA 6 -26.57 -37.41 11.97
CA UNK TA 6 -25.50 -37.69 12.95
C UNK TA 6 -25.74 -36.98 14.28
N UNK TA 7 -26.89 -37.30 14.90
CA UNK TA 7 -27.39 -36.63 16.11
C UNK TA 7 -27.55 -35.13 15.88
N UNK TA 8 -28.53 -34.77 15.06
CA UNK TA 8 -28.66 -33.54 14.28
C UNK TA 8 -28.28 -32.23 14.94
N UNK TA 9 -29.01 -31.82 15.97
CA UNK TA 9 -28.73 -30.55 16.64
C UNK TA 9 -28.71 -30.69 18.15
N UNK TA 10 -29.02 -31.86 18.67
CA UNK TA 10 -28.95 -32.09 20.10
C UNK TA 10 -27.52 -32.05 20.59
N UNK TA 11 -26.60 -32.54 19.77
CA UNK TA 11 -25.22 -32.60 20.22
C UNK TA 11 -24.52 -31.26 20.03
N UNK TA 12 -24.97 -30.46 19.07
CA UNK TA 12 -24.30 -29.20 18.78
C UNK TA 12 -24.85 -28.07 19.63
N UNK TA 13 -26.16 -28.01 19.82
CA UNK TA 13 -26.77 -26.89 20.51
C UNK TA 13 -26.84 -27.08 22.02
N UNK TA 14 -27.15 -28.28 22.49
CA UNK TA 14 -27.33 -28.48 23.92
C UNK TA 14 -25.98 -28.62 24.62
N UNK TA 15 -24.93 -29.00 23.89
CA UNK TA 15 -23.63 -29.09 24.53
C UNK TA 15 -22.94 -27.73 24.60
N UNK TA 16 -23.27 -26.83 23.67
CA UNK TA 16 -22.80 -25.46 23.80
C UNK TA 16 -23.55 -24.75 24.93
N UNK TA 17 -24.78 -25.17 25.21
CA UNK TA 17 -25.46 -24.67 26.39
C UNK TA 17 -24.93 -25.35 27.64
N UNK TA 18 -24.48 -26.59 27.52
CA UNK TA 18 -23.94 -27.29 28.69
C UNK TA 18 -22.55 -26.78 29.03
N UNK TA 19 -21.77 -26.41 28.00
CA UNK TA 19 -20.45 -25.84 28.25
C UNK TA 19 -20.58 -24.43 28.81
N UNK TA 20 -21.66 -23.73 28.46
CA UNK TA 20 -21.92 -22.43 29.06
C UNK TA 20 -22.33 -22.57 30.52
N UNK TA 21 -22.94 -23.70 30.87
CA UNK TA 21 -23.33 -23.92 32.25
C UNK TA 21 -22.13 -24.27 33.11
N UNK TA 22 -21.17 -25.01 32.55
CA UNK TA 22 -19.96 -25.30 33.30
C UNK TA 22 -19.05 -24.09 33.45
N UNK TA 23 -19.24 -23.07 32.61
CA UNK TA 23 -18.52 -21.81 32.75
C UNK TA 23 -19.26 -20.82 33.63
N UNK TA 24 -20.59 -20.94 33.74
CA UNK TA 24 -21.34 -20.02 34.58
C UNK TA 24 -21.48 -20.55 36.00
N UNK TA 25 -21.30 -21.86 36.20
CA UNK TA 25 -21.34 -22.40 37.54
C UNK TA 25 -20.02 -22.18 38.26
N UNK TA 26 -18.92 -22.13 37.52
CA UNK TA 26 -17.62 -22.00 38.15
C UNK TA 26 -17.31 -20.55 38.50
N UNK TA 27 -17.92 -19.62 37.78
CA UNK TA 27 -17.90 -18.21 38.14
C UNK TA 27 -19.33 -17.71 38.09
N UNK TA 28 -19.99 -17.71 39.25
CA UNK TA 28 -21.44 -17.57 39.35
C UNK TA 28 -21.91 -16.20 38.92
N UNK TA 29 -22.92 -16.18 38.05
CA UNK TA 29 -23.48 -14.90 37.59
C UNK TA 29 -24.24 -14.21 38.70
N UNK TA 30 -24.81 -14.98 39.63
CA UNK TA 30 -25.46 -14.42 40.79
C UNK TA 30 -24.43 -13.80 41.73
N UNK TA 31 -24.85 -12.76 42.44
CA UNK TA 31 -23.99 -12.13 43.43
C UNK TA 31 -24.76 -11.84 44.71
N UNK UA 1 -3.45 -43.40 39.38
CA UNK UA 1 -3.90 -42.33 38.49
C UNK UA 1 -5.08 -41.60 39.09
N UNK UA 2 -4.85 -40.34 39.48
CA UNK UA 2 -5.87 -39.58 40.18
C UNK UA 2 -5.86 -38.14 39.68
N UNK UA 3 -7.05 -37.65 39.33
CA UNK UA 3 -7.32 -36.23 39.23
C UNK UA 3 -8.56 -35.97 40.09
N UNK UA 4 -8.33 -35.86 41.40
CA UNK UA 4 -9.36 -35.73 42.45
C UNK UA 4 -10.39 -36.86 42.40
N UNK UA 5 -9.95 -38.09 42.12
CA UNK UA 5 -10.85 -39.24 42.03
C UNK UA 5 -10.05 -40.50 42.30
N UNK UA 6 -10.76 -41.56 42.67
CA UNK UA 6 -10.11 -42.84 42.93
C UNK UA 6 -9.73 -43.52 41.61
N UNK UA 7 -8.90 -44.55 41.72
CA UNK UA 7 -8.43 -45.25 40.52
C UNK UA 7 -9.54 -46.08 39.91
N UNK UA 8 -10.56 -46.43 40.70
CA UNK UA 8 -11.70 -47.16 40.17
C UNK UA 8 -12.73 -46.19 39.58
N UNK UA 9 -12.80 -44.98 40.12
CA UNK UA 9 -13.80 -44.04 39.63
C UNK UA 9 -13.25 -43.21 38.47
N UNK UA 10 -11.93 -43.09 38.36
CA UNK UA 10 -11.36 -42.41 37.21
C UNK UA 10 -11.48 -43.26 35.97
N UNK UA 11 -11.41 -44.58 36.13
CA UNK UA 11 -11.55 -45.47 34.98
C UNK UA 11 -12.99 -45.51 34.49
N UNK UA 12 -13.94 -45.14 35.35
CA UNK UA 12 -15.34 -45.19 34.95
C UNK UA 12 -15.80 -43.88 34.33
N UNK UA 13 -15.17 -42.76 34.69
CA UNK UA 13 -15.58 -41.49 34.10
C UNK UA 13 -15.12 -41.38 32.66
N UNK UA 14 -13.93 -41.90 32.36
CA UNK UA 14 -13.44 -41.82 30.99
C UNK UA 14 -14.09 -42.87 30.11
N UNK UA 15 -14.52 -43.99 30.70
CA UNK UA 15 -15.20 -45.01 29.91
C UNK UA 15 -16.66 -44.66 29.70
N UNK UA 16 -17.23 -43.79 30.54
CA UNK UA 16 -18.61 -43.38 30.35
C UNK UA 16 -18.72 -42.27 29.31
N UNK UA 17 -17.67 -41.44 29.20
CA UNK UA 17 -17.67 -40.38 28.21
C UNK UA 17 -17.52 -40.96 26.81
N UNK UA 18 -16.74 -42.02 26.68
CA UNK UA 18 -16.62 -42.69 25.38
C UNK UA 18 -17.83 -43.57 25.10
N UNK UA 19 -18.68 -43.78 26.10
CA UNK UA 19 -19.85 -44.62 25.89
C UNK UA 19 -21.04 -43.83 25.38
N UNK UA 20 -21.23 -42.62 25.90
CA UNK UA 20 -22.29 -41.75 25.39
C UNK UA 20 -21.97 -41.29 23.98
N UNK UA 21 -20.68 -41.29 23.62
CA UNK UA 21 -20.30 -41.06 22.24
C UNK UA 21 -20.44 -42.34 21.41
N UNK UA 22 -20.73 -43.47 22.06
CA UNK UA 22 -21.07 -44.67 21.30
C UNK UA 22 -22.57 -44.91 21.29
N UNK UA 23 -23.30 -44.43 22.30
CA UNK UA 23 -24.74 -44.62 22.32
C UNK UA 23 -25.44 -43.74 21.30
N UNK UA 24 -25.09 -42.46 21.26
CA UNK UA 24 -25.67 -41.56 20.25
C UNK UA 24 -25.07 -41.82 18.89
N UNK UA 25 -23.99 -42.61 18.84
CA UNK UA 25 -23.39 -43.02 17.58
C UNK UA 25 -24.29 -43.96 16.83
N UNK UA 26 -24.53 -45.12 17.41
CA UNK UA 26 -25.12 -46.20 16.66
C UNK UA 26 -26.64 -46.07 16.62
N UNK UA 27 -27.19 -45.25 17.53
CA UNK UA 27 -28.60 -44.92 17.41
C UNK UA 27 -28.83 -43.98 16.23
N UNK UA 28 -28.18 -42.82 16.22
CA UNK UA 28 -28.37 -41.84 15.16
C UNK UA 28 -27.10 -41.74 14.33
N UNK UA 29 -27.17 -42.19 13.08
CA UNK UA 29 -26.02 -42.21 12.19
C UNK UA 29 -26.40 -41.62 10.85
N UNK UA 30 -25.39 -41.45 10.00
CA UNK UA 30 -25.56 -41.00 8.62
C UNK UA 30 -24.36 -41.38 7.77
N UNK VA 1 46.84 -58.65 -14.07
CA UNK VA 1 47.80 -57.71 -13.51
C UNK VA 1 47.97 -56.51 -14.43
N UNK VA 2 48.15 -55.33 -13.83
CA UNK VA 2 48.32 -54.12 -14.62
C UNK VA 2 49.70 -54.07 -15.24
N UNK VA 3 49.81 -53.34 -16.35
CA UNK VA 3 51.06 -53.24 -17.11
C UNK VA 3 51.91 -52.10 -16.57
N UNK VA 4 52.64 -52.41 -15.50
CA UNK VA 4 53.51 -51.41 -14.88
C UNK VA 4 54.74 -51.17 -15.73
N UNK VA 5 55.28 -49.96 -15.63
CA UNK VA 5 56.41 -49.55 -16.48
C UNK VA 5 57.55 -48.96 -15.66
N UNK VA 6 57.97 -49.64 -14.59
CA UNK VA 6 59.05 -49.11 -13.77
C UNK VA 6 60.41 -49.32 -14.42
N UNK VA 7 60.49 -50.24 -15.38
CA UNK VA 7 61.78 -50.56 -15.99
C UNK VA 7 62.22 -49.48 -16.98
N UNK VA 8 61.27 -48.70 -17.50
CA UNK VA 8 61.55 -47.65 -18.47
C UNK VA 8 61.12 -46.27 -18.02
N UNK VA 9 60.79 -46.08 -16.75
CA UNK VA 9 60.38 -44.77 -16.24
C UNK VA 9 61.28 -44.36 -15.09
N UNK VA 10 60.98 -43.21 -14.51
CA UNK VA 10 61.70 -42.71 -13.35
C UNK VA 10 61.14 -43.34 -12.09
N SER WA 31 -32.73 -47.94 61.47
CA SER WA 31 -33.10 -46.54 61.28
C SER WA 31 -33.52 -46.31 59.84
N GLU WA 32 -34.68 -45.68 59.65
CA GLU WA 32 -35.22 -45.50 58.31
C GLU WA 32 -34.51 -44.38 57.56
N ILE WA 33 -33.75 -43.55 58.28
CA ILE WA 33 -33.02 -42.47 57.62
C ILE WA 33 -31.87 -43.05 56.80
N GLU WA 34 -31.22 -44.09 57.32
CA GLU WA 34 -30.05 -44.64 56.65
C GLU WA 34 -30.40 -45.61 55.53
N LEU WA 35 -31.68 -45.83 55.26
CA LEU WA 35 -32.04 -46.89 54.33
C LEU WA 35 -32.01 -46.42 52.88
N GLY WA 36 -32.07 -45.11 52.67
CA GLY WA 36 -32.06 -44.62 51.30
C GLY WA 36 -30.64 -44.39 50.78
N VAL WA 37 -29.67 -44.34 51.68
CA VAL WA 37 -28.32 -43.95 51.31
C VAL WA 37 -27.60 -45.11 50.66
N THR WA 38 -27.07 -44.87 49.46
CA THR WA 38 -26.24 -45.85 48.78
C THR WA 38 -24.92 -45.14 48.49
N GLU WA 39 -23.95 -45.84 47.89
CA GLU WA 39 -22.58 -45.36 47.72
C GLU WA 39 -22.37 -44.14 46.82
N PRO WA 40 -22.83 -44.08 45.54
CA PRO WA 40 -22.33 -43.02 44.65
C PRO WA 40 -22.83 -41.62 44.99
N LEU WA 41 -24.01 -41.52 45.60
CA LEU WA 41 -24.52 -40.20 45.92
C LEU WA 41 -24.53 -39.95 47.43
N GLY WA 42 -24.72 -40.99 48.22
CA GLY WA 42 -24.83 -40.76 49.65
C GLY WA 42 -26.16 -40.15 50.02
N VAL WA 43 -26.16 -39.32 51.04
CA VAL WA 43 -27.33 -38.56 51.42
C VAL WA 43 -27.56 -37.50 50.35
N TYR WA 44 -28.59 -37.66 49.54
CA TYR WA 44 -28.79 -36.82 48.38
C TYR WA 44 -30.13 -36.11 48.48
N ASP WA 45 -30.09 -34.80 48.66
CA ASP WA 45 -31.29 -33.97 48.57
C ASP WA 45 -30.93 -32.55 48.12
N PRO WA 46 -31.20 -32.22 46.86
CA PRO WA 46 -30.99 -30.84 46.42
C PRO WA 46 -31.98 -29.87 47.02
N LEU WA 47 -33.21 -30.34 47.27
CA LEU WA 47 -34.21 -29.46 47.86
C LEU WA 47 -33.97 -29.29 49.35
N GLY WA 48 -33.38 -30.30 49.99
CA GLY WA 48 -33.05 -30.22 51.39
C GLY WA 48 -34.22 -30.38 52.32
N TRP WA 49 -35.16 -31.29 52.04
CA TRP WA 49 -36.29 -31.47 52.92
C TRP WA 49 -35.93 -32.27 54.17
N LEU WA 50 -34.74 -32.88 54.19
CA LEU WA 50 -34.32 -33.63 55.37
C LEU WA 50 -34.06 -32.72 56.55
N GLU WA 51 -33.63 -31.48 56.29
CA GLU WA 51 -33.37 -30.55 57.38
C GLU WA 51 -34.53 -29.57 57.56
N SER WA 52 -35.22 -29.24 56.46
CA SER WA 52 -36.28 -28.24 56.55
C SER WA 52 -37.53 -28.83 57.19
N GLU WA 53 -38.04 -29.92 56.64
CA GLU WA 53 -39.26 -30.56 57.14
C GLU WA 53 -38.94 -32.02 57.47
N PRO WA 54 -38.39 -32.28 58.65
CA PRO WA 54 -38.03 -33.66 59.01
C PRO WA 54 -39.24 -34.47 59.47
N GLU WA 55 -40.36 -33.79 59.72
CA GLU WA 55 -41.55 -34.50 60.19
C GLU WA 55 -42.22 -35.24 59.04
N ALA WA 56 -42.04 -34.76 57.81
CA ALA WA 56 -42.72 -35.38 56.68
C ALA WA 56 -42.01 -36.65 56.23
N PHE WA 57 -40.77 -36.84 56.65
CA PHE WA 57 -39.88 -37.90 56.18
C PHE WA 57 -40.44 -39.30 56.42
N GLU WA 58 -41.19 -39.48 57.50
CA GLU WA 58 -41.80 -40.78 57.76
C GLU WA 58 -42.88 -41.10 56.74
N ARG WA 59 -43.54 -40.08 56.19
CA ARG WA 59 -44.45 -40.32 55.09
C ARG WA 59 -43.71 -40.40 53.77
N ARG WA 60 -42.72 -39.52 53.56
CA ARG WA 60 -42.04 -39.42 52.27
C ARG WA 60 -41.26 -40.69 51.96
N ARG WA 61 -40.69 -41.33 52.98
CA ARG WA 61 -40.06 -42.63 52.77
C ARG WA 61 -41.11 -43.68 52.45
N ALA WA 62 -42.26 -43.61 53.11
CA ALA WA 62 -43.31 -44.59 52.85
C ALA WA 62 -44.05 -44.30 51.55
N VAL WA 63 -43.70 -43.22 50.87
CA VAL WA 63 -44.19 -43.01 49.52
C VAL WA 63 -43.14 -43.43 48.49
N GLU WA 64 -41.86 -43.17 48.79
CA GLU WA 64 -40.79 -43.58 47.88
C GLU WA 64 -40.68 -45.11 47.81
N ARG WA 65 -41.00 -45.79 48.91
CA ARG WA 65 -41.22 -47.24 48.81
C ARG WA 65 -42.46 -47.55 48.01
N LYS WA 66 -43.51 -46.76 48.17
CA LYS WA 66 -44.81 -47.14 47.63
C LYS WA 66 -44.88 -46.94 46.14
N HIS WA 67 -44.45 -45.77 45.65
CA HIS WA 67 -44.30 -45.57 44.21
C HIS WA 67 -43.24 -46.50 43.65
N GLY WA 68 -42.28 -46.93 44.48
CA GLY WA 68 -41.30 -47.89 44.03
C GLY WA 68 -41.91 -49.25 43.75
N ARG WA 69 -42.66 -49.78 44.72
CA ARG WA 69 -43.20 -51.14 44.61
C ARG WA 69 -44.24 -51.24 43.50
N VAL WA 70 -44.91 -50.14 43.20
CA VAL WA 70 -45.84 -50.15 42.07
C VAL WA 70 -45.05 -50.10 40.76
N ALA WA 71 -43.96 -49.35 40.73
CA ALA WA 71 -43.19 -49.23 39.49
C ALA WA 71 -42.43 -50.51 39.18
N MET WA 72 -41.96 -51.21 40.20
CA MET WA 72 -41.23 -52.45 39.99
C MET WA 72 -42.14 -53.54 39.44
N ALA WA 73 -43.40 -53.56 39.86
CA ALA WA 73 -44.36 -54.49 39.32
C ALA WA 73 -44.95 -54.03 38.02
N ALA WA 74 -44.57 -52.85 37.53
CA ALA WA 74 -45.04 -52.35 36.26
C ALA WA 74 -44.02 -52.52 35.15
N VAL WA 75 -42.72 -52.47 35.47
CA VAL WA 75 -41.70 -52.74 34.47
C VAL WA 75 -41.78 -54.19 34.03
N VAL WA 76 -41.92 -55.10 35.00
CA VAL WA 76 -42.16 -56.50 34.69
C VAL WA 76 -43.48 -56.67 33.97
N GLY WA 77 -44.47 -55.84 34.31
CA GLY WA 77 -45.71 -55.83 33.55
C GLY WA 77 -45.54 -55.26 32.16
N THR WA 78 -44.50 -54.46 31.94
CA THR WA 78 -44.25 -53.97 30.59
C THR WA 78 -43.57 -55.05 29.76
N ILE WA 79 -42.66 -55.80 30.37
CA ILE WA 79 -41.85 -56.77 29.65
C ILE WA 79 -42.67 -58.00 29.29
N VAL WA 80 -43.44 -58.51 30.26
CA VAL WA 80 -44.23 -59.72 30.06
C VAL WA 80 -45.34 -59.47 29.04
N HIS WA 81 -45.92 -58.28 29.05
CA HIS WA 81 -46.94 -57.96 28.05
C HIS WA 81 -46.35 -57.79 26.67
N ASN WA 82 -45.06 -57.43 26.57
CA ASN WA 82 -44.44 -57.21 25.28
C ASN WA 82 -43.66 -58.40 24.75
N ASN WA 83 -43.43 -59.43 25.56
CA ASN WA 83 -42.96 -60.71 25.04
C ASN WA 83 -44.09 -61.58 24.52
N HIS WA 84 -45.31 -61.04 24.50
CA HIS WA 84 -46.54 -61.75 24.11
C HIS WA 84 -46.76 -62.98 24.97
N ILE WA 85 -46.37 -62.90 26.24
CA ILE WA 85 -46.73 -63.92 27.21
C ILE WA 85 -48.17 -63.63 27.61
N VAL WA 86 -49.09 -64.37 27.01
CA VAL WA 86 -50.52 -64.11 27.10
C VAL WA 86 -51.14 -65.34 27.75
N PHE WA 87 -52.22 -65.12 28.53
CA PHE WA 87 -52.89 -66.23 29.22
C PHE WA 87 -53.51 -67.26 28.27
N ASP WA 88 -53.69 -66.91 26.99
CA ASP WA 88 -54.18 -67.81 25.95
C ASP WA 88 -55.57 -68.34 26.30
N GLY WA 89 -56.40 -67.43 26.80
CA GLY WA 89 -57.78 -67.75 27.12
C GLY WA 89 -58.68 -66.71 26.50
N TYR WA 90 -59.98 -66.86 26.80
CA TYR WA 90 -61.00 -65.97 26.27
C TYR WA 90 -61.51 -65.10 27.41
N LEU WA 91 -61.08 -63.83 27.42
CA LEU WA 91 -61.28 -62.97 28.59
C LEU WA 91 -62.74 -62.66 28.84
N SER WA 92 -63.39 -62.01 27.90
CA SER WA 92 -64.77 -61.61 28.13
C SER WA 92 -65.68 -62.45 27.27
N PRO WA 93 -66.52 -63.29 27.86
CA PRO WA 93 -67.55 -63.96 27.05
C PRO WA 93 -68.62 -63.00 26.56
N SER WA 94 -68.81 -61.88 27.26
CA SER WA 94 -69.83 -60.93 26.85
C SER WA 94 -69.29 -59.95 25.81
N ASN WA 95 -68.22 -59.25 26.13
CA ASN WA 95 -67.68 -58.21 25.26
C ASN WA 95 -66.78 -58.77 24.16
N ASN WA 96 -66.56 -60.09 24.16
CA ASN WA 96 -65.78 -60.80 23.15
C ASN WA 96 -64.35 -60.30 23.06
N LEU WA 97 -63.71 -60.10 24.20
CA LEU WA 97 -62.30 -59.77 24.27
C LEU WA 97 -61.53 -61.05 24.53
N LYS WA 98 -60.52 -61.30 23.72
CA LYS WA 98 -59.51 -62.26 24.12
C LYS WA 98 -58.40 -61.54 24.88
N PHE WA 99 -57.55 -62.32 25.52
CA PHE WA 99 -56.39 -61.72 26.19
C PHE WA 99 -55.38 -61.22 25.17
N SER WA 100 -55.35 -61.84 23.98
CA SER WA 100 -54.42 -61.39 22.95
C SER WA 100 -54.93 -60.13 22.25
N ASP WA 101 -56.22 -59.83 22.40
CA ASP WA 101 -56.77 -58.67 21.72
C ASP WA 101 -56.44 -57.37 22.43
N ILE WA 102 -56.03 -57.43 23.68
CA ILE WA 102 -55.75 -56.22 24.44
C ILE WA 102 -54.39 -55.66 24.01
N PRO WA 103 -54.29 -54.37 23.73
CA PRO WA 103 -52.99 -53.80 23.36
C PRO WA 103 -51.99 -53.85 24.50
N THR WA 104 -50.72 -53.87 24.13
CA THR WA 104 -49.65 -54.08 25.09
C THR WA 104 -49.01 -52.79 25.58
N GLY WA 105 -49.30 -51.67 24.95
CA GLY WA 105 -48.68 -50.43 25.35
C GLY WA 105 -49.42 -49.74 26.48
N VAL WA 106 -49.64 -48.44 26.32
CA VAL WA 106 -50.37 -47.67 27.32
C VAL WA 106 -51.86 -48.01 27.28
N ASP WA 107 -52.38 -48.38 26.11
CA ASP WA 107 -53.82 -48.54 25.92
C ASP WA 107 -54.33 -49.91 26.35
N GLY WA 108 -53.63 -50.59 27.25
CA GLY WA 108 -54.10 -51.89 27.71
C GLY WA 108 -55.27 -51.79 28.65
N ILE WA 109 -55.19 -50.87 29.62
CA ILE WA 109 -56.27 -50.73 30.60
C ILE WA 109 -57.50 -50.12 29.94
N ARG WA 110 -57.30 -49.28 28.94
CA ARG WA 110 -58.43 -48.66 28.25
C ARG WA 110 -59.22 -49.67 27.42
N ALA WA 111 -58.64 -50.83 27.13
CA ALA WA 111 -59.37 -51.91 26.49
C ALA WA 111 -60.12 -52.79 27.49
N ILE WA 112 -59.75 -52.75 28.76
CA ILE WA 112 -60.45 -53.51 29.79
C ILE WA 112 -61.82 -52.90 30.01
N PRO WA 113 -62.90 -53.70 30.01
CA PRO WA 113 -64.22 -53.15 30.24
C PRO WA 113 -64.41 -52.68 31.66
N THR WA 114 -65.40 -51.81 31.86
CA THR WA 114 -65.59 -51.16 33.16
C THR WA 114 -66.11 -52.11 34.21
N ALA WA 115 -66.69 -53.25 33.82
CA ALA WA 115 -67.04 -54.25 34.82
C ALA WA 115 -65.81 -54.95 35.35
N GLY WA 116 -64.73 -54.99 34.56
CA GLY WA 116 -63.49 -55.57 35.02
C GLY WA 116 -62.67 -54.57 35.80
N LEU WA 117 -62.81 -53.29 35.45
CA LEU WA 117 -62.18 -52.25 36.25
C LEU WA 117 -62.85 -52.10 37.58
N ALA WA 118 -64.14 -52.45 37.68
CA ALA WA 118 -64.81 -52.44 38.96
C ALA WA 118 -64.35 -53.60 39.83
N GLN WA 119 -63.98 -54.73 39.22
CA GLN WA 119 -63.49 -55.86 40.01
C GLN WA 119 -62.10 -55.58 40.57
N ILE WA 120 -61.28 -54.84 39.84
CA ILE WA 120 -59.93 -54.53 40.32
C ILE WA 120 -60.00 -53.52 41.46
N LEU WA 121 -60.78 -52.45 41.29
CA LEU WA 121 -60.85 -51.41 42.29
C LEU WA 121 -61.54 -51.89 43.56
N ALA WA 122 -62.46 -52.83 43.46
CA ALA WA 122 -63.09 -53.37 44.66
C ALA WA 122 -62.13 -54.30 45.39
N PHE WA 123 -61.20 -54.90 44.66
CA PHE WA 123 -60.27 -55.83 45.29
C PHE WA 123 -59.14 -55.08 45.99
N PHE WA 124 -58.50 -54.14 45.31
CA PHE WA 124 -57.36 -53.48 45.93
C PHE WA 124 -57.80 -52.40 46.90
N ALA WA 125 -59.09 -52.09 46.97
CA ALA WA 125 -59.59 -51.35 48.11
C ALA WA 125 -59.53 -52.21 49.36
N LEU WA 126 -59.74 -53.52 49.20
CA LEU WA 126 -59.66 -54.41 50.35
C LEU WA 126 -58.22 -54.70 50.69
N VAL WA 127 -57.32 -54.63 49.71
CA VAL WA 127 -55.91 -54.82 49.98
C VAL WA 127 -55.34 -53.58 50.64
N GLU WA 128 -55.51 -52.42 50.02
CA GLU WA 128 -54.71 -51.28 50.40
C GLU WA 128 -55.29 -50.54 51.61
N LEU WA 129 -56.51 -50.90 52.01
CA LEU WA 129 -57.07 -50.34 53.23
C LEU WA 129 -57.06 -51.33 54.38
N ALA WA 130 -57.45 -52.57 54.13
CA ALA WA 130 -57.69 -53.52 55.20
C ALA WA 130 -56.50 -54.42 55.46
N TRP WA 131 -56.10 -55.22 54.48
CA TRP WA 131 -55.11 -56.25 54.71
C TRP WA 131 -53.70 -55.71 54.75
N MET WA 132 -53.32 -54.93 53.74
CA MET WA 132 -52.02 -54.27 53.68
C MET WA 132 -52.28 -52.77 53.68
N PRO WA 133 -52.56 -52.18 54.84
CA PRO WA 133 -53.04 -50.79 54.87
C PRO WA 133 -51.92 -49.82 54.53
N ALA WA 134 -52.20 -48.94 53.56
CA ALA WA 134 -51.23 -47.96 53.13
C ALA WA 134 -50.98 -46.88 54.16
N SER WA 135 -51.86 -46.73 55.14
CA SER WA 135 -51.62 -45.80 56.24
C SER WA 135 -50.51 -46.28 57.16
N LYS WA 136 -50.14 -47.56 57.09
CA LYS WA 136 -49.03 -48.08 57.88
C LYS WA 136 -47.74 -47.62 57.23
N TYR WA 137 -47.13 -46.58 57.78
CA TYR WA 137 -45.96 -45.96 57.16
C TYR WA 137 -44.69 -46.75 57.34
N ASP WA 138 -44.71 -47.87 58.06
CA ASP WA 138 -43.51 -48.69 58.17
C ASP WA 138 -43.31 -49.53 56.92
N GLY WA 139 -44.40 -49.97 56.30
CA GLY WA 139 -44.33 -50.75 55.08
C GLY WA 139 -43.99 -52.21 55.27
N ASP WA 140 -43.90 -52.68 56.52
CA ASP WA 140 -43.43 -54.03 56.83
C ASP WA 140 -44.59 -54.97 57.16
N TYR WA 141 -45.64 -54.87 56.36
CA TYR WA 141 -47.02 -55.28 56.63
C TYR WA 141 -47.20 -56.62 57.30
N GLY WA 142 -46.91 -57.71 56.61
CA GLY WA 142 -46.85 -58.96 57.33
C GLY WA 142 -45.71 -59.87 56.96
N VAL WA 143 -45.19 -59.69 55.76
CA VAL WA 143 -44.44 -60.72 55.07
C VAL WA 143 -42.98 -60.35 55.05
N GLY WA 144 -42.12 -61.30 55.38
CA GLY WA 144 -40.70 -61.10 55.26
C GLY WA 144 -40.24 -61.16 53.82
N TYR WA 145 -38.93 -61.13 53.66
CA TYR WA 145 -38.35 -61.33 52.34
C TYR WA 145 -38.49 -62.81 52.03
N PHE WA 146 -39.49 -63.13 51.21
CA PHE WA 146 -39.95 -64.50 50.94
C PHE WA 146 -40.31 -65.20 52.24
N GLY WA 147 -41.23 -64.61 53.00
CA GLY WA 147 -41.81 -65.24 54.16
C GLY WA 147 -41.01 -65.17 55.43
N THR WA 148 -39.70 -64.98 55.35
CA THR WA 148 -38.84 -64.92 56.52
C THR WA 148 -38.24 -63.54 56.64
N ASP WA 149 -38.08 -63.07 57.87
CA ASP WA 149 -37.35 -61.84 58.06
C ASP WA 149 -35.85 -62.09 57.97
N ILE WA 150 -35.09 -61.01 58.03
CA ILE WA 150 -33.64 -61.06 57.92
C ILE WA 150 -33.09 -60.64 59.27
N LYS WA 151 -32.67 -61.61 60.07
CA LYS WA 151 -32.25 -61.32 61.43
C LYS WA 151 -30.91 -60.63 61.52
N ASP WA 152 -30.06 -60.76 60.51
CA ASP WA 152 -28.78 -60.07 60.47
C ASP WA 152 -29.02 -58.60 60.20
N PRO WA 153 -28.63 -57.69 61.12
CA PRO WA 153 -28.99 -56.27 60.96
C PRO WA 153 -28.32 -55.59 59.78
N GLU WA 154 -27.14 -56.06 59.38
CA GLU WA 154 -26.48 -55.49 58.23
C GLU WA 154 -27.15 -55.95 56.94
N GLU WA 155 -27.58 -57.22 56.89
CA GLU WA 155 -28.19 -57.73 55.67
C GLU WA 155 -29.64 -57.28 55.54
N LYS WA 156 -30.30 -57.07 56.67
CA LYS WA 156 -31.65 -56.50 56.61
C LYS WA 156 -31.58 -55.04 56.17
N ALA WA 157 -30.56 -54.32 56.61
CA ALA WA 157 -30.33 -52.96 56.15
C ALA WA 157 -29.59 -52.92 54.83
N ARG WA 158 -29.22 -54.07 54.30
CA ARG WA 158 -28.76 -54.12 52.92
C ARG WA 158 -29.92 -54.16 51.95
N LYS WA 159 -30.80 -55.15 52.07
CA LYS WA 159 -31.82 -55.38 51.06
C LYS WA 159 -32.93 -54.33 51.09
N LEU WA 160 -33.05 -53.58 52.17
CA LEU WA 160 -33.92 -52.42 52.15
C LEU WA 160 -33.40 -51.31 51.26
N ASN WA 161 -32.07 -51.13 51.17
CA ASN WA 161 -31.51 -50.30 50.11
C ASN WA 161 -31.79 -50.87 48.74
N VAL WA 162 -31.84 -52.20 48.63
CA VAL WA 162 -32.02 -52.83 47.33
C VAL WA 162 -33.46 -52.70 46.86
N GLU WA 163 -34.41 -52.76 47.80
CA GLU WA 163 -35.80 -52.49 47.43
C GLU WA 163 -35.98 -51.04 47.03
N LEU WA 164 -35.20 -50.14 47.61
CA LEU WA 164 -35.29 -48.75 47.19
C LEU WA 164 -34.60 -48.52 45.85
N ASN WA 165 -33.40 -49.05 45.66
CA ASN WA 165 -32.65 -48.69 44.46
C ASN WA 165 -33.17 -49.36 43.21
N ASN WA 166 -33.54 -50.64 43.29
CA ASN WA 166 -34.35 -51.24 42.22
C ASN WA 166 -35.71 -50.56 42.13
N GLY WA 167 -36.21 -49.98 43.22
CA GLY WA 167 -37.46 -49.25 43.16
C GLY WA 167 -37.34 -47.88 42.56
N ARG WA 168 -36.25 -47.16 42.87
CA ARG WA 168 -36.03 -45.85 42.29
C ARG WA 168 -35.77 -45.95 40.79
N ALA WA 169 -35.00 -46.96 40.38
CA ALA WA 169 -34.72 -47.15 38.96
C ALA WA 169 -35.94 -47.60 38.19
N ALA WA 170 -36.90 -48.23 38.85
CA ALA WA 170 -38.11 -48.66 38.14
C ALA WA 170 -39.06 -47.51 37.91
N MET WA 171 -39.03 -46.48 38.77
CA MET WA 171 -39.84 -45.29 38.52
C MET WA 171 -39.34 -44.55 37.30
N MET WA 172 -38.03 -44.47 37.15
CA MET WA 172 -37.45 -43.87 35.96
C MET WA 172 -37.53 -44.76 34.74
N GLY WA 173 -37.90 -46.03 34.92
CA GLY WA 173 -38.04 -46.92 33.79
C GLY WA 173 -39.42 -46.89 33.19
N ILE WA 174 -40.45 -46.76 34.03
CA ILE WA 174 -41.82 -46.67 33.53
C ILE WA 174 -42.04 -45.34 32.81
N MET WA 175 -41.46 -44.26 33.34
CA MET WA 175 -41.49 -42.99 32.63
C MET WA 175 -40.69 -43.06 31.34
N GLY WA 176 -39.69 -43.94 31.26
CA GLY WA 176 -39.03 -44.20 30.01
C GLY WA 176 -39.87 -44.98 29.03
N ASN WA 177 -40.84 -45.76 29.53
CA ASN WA 177 -41.80 -46.43 28.65
C ASN WA 177 -42.95 -45.53 28.26
N MET WA 178 -43.65 -44.95 29.23
CA MET WA 178 -44.91 -44.28 28.95
C MET WA 178 -44.72 -43.00 28.15
N VAL WA 179 -43.52 -42.44 28.13
CA VAL WA 179 -43.23 -41.31 27.26
C VAL WA 179 -42.79 -41.78 25.88
N ALA WA 180 -41.91 -42.76 25.81
CA ALA WA 180 -41.46 -43.27 24.53
C ALA WA 180 -42.46 -44.17 23.83
N GLU WA 181 -43.59 -44.49 24.47
CA GLU WA 181 -44.68 -45.17 23.78
C GLU WA 181 -45.75 -44.21 23.29
N VAL WA 182 -45.73 -42.96 23.73
CA VAL WA 182 -46.62 -41.94 23.23
C VAL WA 182 -45.95 -41.08 22.15
N LEU WA 183 -44.69 -40.73 22.36
CA LEU WA 183 -43.99 -39.92 21.37
C LEU WA 183 -43.68 -40.71 20.12
N THR WA 184 -43.23 -41.95 20.27
CA THR WA 184 -43.08 -42.81 19.10
C THR WA 184 -44.41 -43.36 18.62
N GLY WA 185 -45.44 -43.33 19.45
CA GLY WA 185 -46.75 -43.79 19.07
C GLY WA 185 -46.88 -45.28 18.88
N GLN WA 186 -45.92 -46.06 19.38
CA GLN WA 186 -45.89 -47.50 19.18
C GLN WA 186 -45.80 -48.18 20.54
N THR WA 187 -45.93 -49.49 20.54
CA THR WA 187 -45.65 -50.25 21.73
C THR WA 187 -44.14 -50.43 21.86
N MET WA 188 -43.71 -51.09 22.93
CA MET WA 188 -42.29 -51.38 23.05
C MET WA 188 -41.88 -52.47 22.07
N TYR WA 189 -42.78 -53.41 21.80
CA TYR WA 189 -42.48 -54.49 20.87
C TYR WA 189 -42.32 -54.00 19.45
N GLU WA 190 -43.08 -52.97 19.07
CA GLU WA 190 -42.98 -52.44 17.71
C GLU WA 190 -41.76 -51.59 17.49
N GLN WA 191 -41.19 -51.02 18.56
CA GLN WA 191 -39.99 -50.21 18.39
C GLN WA 191 -38.78 -51.08 18.09
N TYR WA 192 -38.64 -52.19 18.81
CA TYR WA 192 -37.53 -53.08 18.57
C TYR WA 192 -37.73 -53.91 17.30
N ALA WA 193 -38.99 -54.11 16.89
CA ALA WA 193 -39.24 -54.84 15.65
C ALA WA 193 -38.91 -53.97 14.44
N SER WA 194 -39.41 -52.74 14.43
CA SER WA 194 -39.18 -51.85 13.29
C SER WA 194 -37.79 -51.23 13.31
N GLY WA 195 -37.02 -51.43 14.37
CA GLY WA 195 -35.71 -50.82 14.45
C GLY WA 195 -35.78 -49.33 14.69
N HIS WA 196 -36.76 -48.88 15.47
CA HIS WA 196 -36.93 -47.46 15.79
C HIS WA 196 -36.22 -47.10 17.09
N ILE WA 197 -35.10 -47.75 17.36
CA ILE WA 197 -34.31 -47.49 18.55
C ILE WA 197 -33.69 -46.11 18.50
N SER WA 198 -33.42 -45.62 17.29
CA SER WA 198 -32.87 -44.28 17.13
C SER WA 198 -33.93 -43.23 17.46
N PRO WA 199 -33.57 -42.16 18.15
CA PRO WA 199 -34.57 -41.15 18.55
C PRO WA 199 -34.93 -40.19 17.42
N PHE WA 200 -36.24 -40.04 17.19
CA PHE WA 200 -36.72 -39.07 16.21
C PHE WA 200 -36.62 -37.65 16.76
N GLY WA 201 -36.91 -37.49 18.05
CA GLY WA 201 -36.75 -36.21 18.71
C GLY WA 201 -35.47 -36.18 19.52
N ASP WA 202 -35.59 -36.41 20.83
CA ASP WA 202 -34.43 -36.59 21.69
C ASP WA 202 -34.73 -37.74 22.64
N GLY WA 203 -33.69 -38.38 23.12
CA GLY WA 203 -33.85 -39.46 24.06
C GLY WA 203 -32.62 -39.63 24.92
N GLN WA 204 -32.85 -39.68 26.23
CA GLN WA 204 -31.76 -39.81 27.20
C GLN WA 204 -31.96 -41.10 27.98
N GLY WA 205 -31.05 -42.04 27.78
CA GLY WA 205 -31.07 -43.31 28.48
C GLY WA 205 -29.75 -43.65 29.10
N VAL WA 206 -29.66 -44.81 29.75
CA VAL WA 206 -28.42 -45.25 30.36
C VAL WA 206 -27.78 -46.35 29.52
N SER XA 31 -9.86 -66.26 58.30
CA SER XA 31 -8.53 -65.96 57.79
C SER XA 31 -8.42 -66.38 56.33
N GLU XA 32 -7.94 -65.47 55.48
CA GLU XA 32 -7.90 -65.75 54.04
C GLU XA 32 -6.75 -66.68 53.68
N ILE XA 33 -5.79 -66.85 54.60
CA ILE XA 33 -4.67 -67.74 54.33
C ILE XA 33 -5.14 -69.19 54.34
N GLU XA 34 -6.07 -69.52 55.23
CA GLU XA 34 -6.51 -70.90 55.37
C GLU XA 34 -7.57 -71.29 54.36
N LEU XA 35 -7.96 -70.39 53.46
CA LEU XA 35 -9.10 -70.68 52.59
C LEU XA 35 -8.70 -71.47 51.37
N GLY XA 36 -7.42 -71.44 50.99
CA GLY XA 36 -7.02 -72.17 49.81
C GLY XA 36 -6.64 -73.61 50.12
N VAL XA 37 -6.43 -73.92 51.39
CA VAL XA 37 -5.89 -75.23 51.77
C VAL XA 37 -6.99 -76.27 51.74
N THR XA 38 -6.75 -77.35 51.00
CA THR XA 38 -7.66 -78.48 50.99
C THR XA 38 -6.82 -79.69 51.39
N GLU XA 39 -7.42 -80.88 51.48
CA GLU XA 39 -6.78 -82.08 52.03
C GLU XA 39 -5.59 -82.65 51.26
N PRO XA 40 -5.66 -82.98 49.93
CA PRO XA 40 -4.59 -83.80 49.35
C PRO XA 40 -3.26 -83.10 49.21
N LEU XA 41 -3.26 -81.77 49.08
CA LEU XA 41 -2.00 -81.07 48.92
C LEU XA 41 -1.67 -80.23 50.15
N GLY XA 42 -2.69 -79.70 50.83
CA GLY XA 42 -2.40 -78.83 51.93
C GLY XA 42 -1.94 -77.45 51.44
N VAL XA 43 -1.06 -76.84 52.22
CA VAL XA 43 -0.43 -75.59 51.81
C VAL XA 43 0.54 -75.92 50.69
N TYR XA 44 0.22 -75.51 49.46
CA TYR XA 44 0.97 -75.93 48.29
C TYR XA 44 1.52 -74.71 47.57
N ASP XA 45 2.83 -74.55 47.60
CA ASP XA 45 3.51 -73.53 46.80
C ASP XA 45 4.92 -73.97 46.46
N PRO XA 46 5.16 -74.41 45.23
CA PRO XA 46 6.54 -74.74 44.82
C PRO XA 46 7.40 -73.50 44.68
N LEU XA 47 6.81 -72.38 44.27
CA LEU XA 47 7.59 -71.16 44.13
C LEU XA 47 7.85 -70.54 45.49
N GLY XA 48 6.96 -70.76 46.45
CA GLY XA 48 7.14 -70.25 47.79
C GLY XA 48 6.90 -68.77 47.96
N TRP XA 49 5.88 -68.22 47.30
CA TRP XA 49 5.60 -66.79 47.45
C TRP XA 49 4.93 -66.48 48.77
N LEU XA 50 4.46 -67.50 49.50
CA LEU XA 50 3.83 -67.25 50.79
C LEU XA 50 4.82 -66.76 51.82
N GLU XA 51 6.09 -67.16 51.70
CA GLU XA 51 7.10 -66.72 52.65
C GLU XA 51 7.93 -65.59 52.06
N SER XA 52 8.13 -65.59 50.74
CA SER XA 52 9.00 -64.59 50.14
C SER XA 52 8.30 -63.24 50.06
N GLU XA 53 7.12 -63.18 49.43
CA GLU XA 53 6.36 -61.95 49.27
C GLU XA 53 4.98 -62.13 49.88
N PRO XA 54 4.84 -61.97 51.19
CA PRO XA 54 3.54 -62.17 51.82
C PRO XA 54 2.61 -60.97 51.64
N GLU XA 55 3.16 -59.85 51.19
CA GLU XA 55 2.34 -58.65 51.00
C GLU XA 55 1.47 -58.77 49.75
N ALA XA 56 1.90 -59.57 48.78
CA ALA XA 56 1.16 -59.67 47.54
C ALA XA 56 -0.05 -60.60 47.68
N PHE XA 57 -0.06 -61.42 48.73
CA PHE XA 57 -1.04 -62.48 48.94
C PHE XA 57 -2.48 -62.00 48.98
N GLU XA 58 -2.70 -60.79 49.48
CA GLU XA 58 -4.04 -60.23 49.52
C GLU XA 58 -4.54 -59.91 48.13
N ARG XA 59 -3.64 -59.60 47.20
CA ARG XA 59 -4.04 -59.46 45.81
C ARG XA 59 -4.11 -60.81 45.12
N ARG XA 60 -3.12 -61.67 45.37
CA ARG XA 60 -3.00 -62.94 44.66
C ARG XA 60 -4.18 -63.86 44.96
N ARG XA 61 -4.70 -63.82 46.19
CA ARG XA 61 -5.92 -64.54 46.50
C ARG XA 61 -7.10 -63.93 45.78
N ALA XA 62 -7.14 -62.60 45.69
CA ALA XA 62 -8.25 -61.94 45.02
C ALA XA 62 -8.12 -62.02 43.51
N VAL XA 63 -7.04 -62.62 43.01
CA VAL XA 63 -6.97 -62.93 41.59
C VAL XA 63 -7.30 -64.40 41.36
N GLU XA 64 -6.88 -65.29 42.26
CA GLU XA 64 -7.21 -66.70 42.12
C GLU XA 64 -8.71 -66.93 42.29
N ARG XA 65 -9.37 -66.11 43.11
CA ARG XA 65 -10.83 -66.10 43.06
C ARG XA 65 -11.34 -65.52 41.76
N LYS XA 66 -10.67 -64.50 41.24
CA LYS XA 66 -11.23 -63.74 40.13
C LYS XA 66 -11.11 -64.49 38.83
N HIS XA 67 -9.92 -65.03 38.52
CA HIS XA 67 -9.79 -65.93 37.39
C HIS XA 67 -10.61 -67.20 37.60
N GLY XA 68 -10.88 -67.56 38.85
CA GLY XA 68 -11.74 -68.70 39.11
C GLY XA 68 -13.17 -68.44 38.69
N ARG XA 69 -13.74 -67.33 39.16
CA ARG XA 69 -15.15 -67.03 38.92
C ARG XA 69 -15.43 -66.78 37.45
N VAL XA 70 -14.44 -66.31 36.71
CA VAL XA 70 -14.63 -66.16 35.26
C VAL XA 70 -14.54 -67.53 34.59
N ALA XA 71 -13.67 -68.41 35.07
CA ALA XA 71 -13.52 -69.71 34.45
C ALA XA 71 -14.72 -70.61 34.73
N MET XA 72 -15.30 -70.50 35.93
CA MET XA 72 -16.46 -71.31 36.27
C MET XA 72 -17.67 -70.93 35.44
N ALA XA 73 -17.82 -69.65 35.12
CA ALA XA 73 -18.89 -69.21 34.25
C ALA XA 73 -18.56 -69.40 32.78
N ALA XA 74 -17.37 -69.90 32.46
CA ALA XA 74 -16.99 -70.17 31.09
C ALA XA 74 -17.10 -71.65 30.73
N VAL XA 75 -16.88 -72.54 31.70
CA VAL XA 75 -17.07 -73.97 31.44
C VAL XA 75 -18.54 -74.25 31.19
N VAL XA 76 -19.42 -73.67 32.02
CA VAL XA 76 -20.85 -73.73 31.79
C VAL XA 76 -21.21 -73.05 30.49
N GLY XA 77 -20.49 -71.98 30.15
CA GLY XA 77 -20.68 -71.36 28.85
C GLY XA 77 -20.16 -72.22 27.72
N THR XA 78 -19.25 -73.14 28.00
CA THR XA 78 -18.81 -74.06 26.96
C THR XA 78 -19.84 -75.16 26.75
N ILE XA 79 -20.43 -75.63 27.84
CA ILE XA 79 -21.33 -76.78 27.77
C ILE XA 79 -22.68 -76.38 27.17
N VAL XA 80 -23.22 -75.25 27.61
CA VAL XA 80 -24.53 -74.79 27.15
C VAL XA 80 -24.47 -74.41 25.67
N HIS XA 81 -23.36 -73.83 25.24
CA HIS XA 81 -23.22 -73.50 23.83
C HIS XA 81 -23.04 -74.74 22.97
N ASN XA 82 -22.54 -75.84 23.54
CA ASN XA 82 -22.31 -77.06 22.78
C ASN XA 82 -23.43 -78.08 22.89
N ASN XA 83 -24.37 -77.90 23.81
CA ASN XA 83 -25.62 -78.66 23.76
C ASN XA 83 -26.64 -78.08 22.82
N HIS XA 84 -26.25 -77.03 22.07
CA HIS XA 84 -27.12 -76.27 21.16
C HIS XA 84 -28.32 -75.71 21.90
N ILE XA 85 -28.14 -75.33 23.15
CA ILE XA 85 -29.13 -74.57 23.88
C ILE XA 85 -29.01 -73.13 23.40
N VAL XA 86 -29.88 -72.75 22.49
CA VAL XA 86 -29.79 -71.50 21.76
C VAL XA 86 -31.04 -70.70 22.10
N PHE XA 87 -30.93 -69.37 22.14
CA PHE XA 87 -32.06 -68.51 22.47
C PHE XA 87 -33.20 -68.59 21.47
N ASP XA 88 -32.95 -69.12 20.27
CA ASP XA 88 -33.96 -69.34 19.22
C ASP XA 88 -34.62 -68.03 18.82
N GLY XA 89 -33.80 -66.99 18.69
CA GLY XA 89 -34.27 -65.70 18.25
C GLY XA 89 -33.38 -65.21 17.13
N TYR XA 90 -33.66 -63.98 16.69
CA TYR XA 90 -32.93 -63.35 15.60
C TYR XA 90 -32.08 -62.25 16.19
N LEU XA 91 -30.77 -62.49 16.29
CA LEU XA 91 -29.87 -61.63 17.07
C LEU XA 91 -29.72 -60.25 16.45
N SER XA 92 -29.21 -60.17 15.24
CA SER XA 92 -28.97 -58.88 14.64
C SER XA 92 -29.95 -58.65 13.53
N PRO XA 93 -30.86 -57.68 13.66
CA PRO XA 93 -31.69 -57.33 12.49
C PRO XA 93 -30.89 -56.62 11.41
N SER XA 94 -29.76 -56.01 11.77
CA SER XA 94 -28.96 -55.31 10.77
C SER XA 94 -27.99 -56.26 10.08
N ASN XA 95 -27.15 -56.94 10.86
CA ASN XA 95 -26.09 -57.79 10.31
C ASN XA 95 -26.60 -59.18 9.94
N ASN XA 96 -27.88 -59.46 10.21
CA ASN XA 96 -28.55 -60.71 9.86
C ASN XA 96 -27.88 -61.93 10.49
N LEU XA 97 -27.54 -61.81 11.78
CA LEU XA 97 -27.04 -62.93 12.56
C LEU XA 97 -28.20 -63.51 13.34
N LYS XA 98 -28.38 -64.82 13.24
CA LYS XA 98 -29.19 -65.51 14.22
C LYS XA 98 -28.30 -65.97 15.36
N PHE XA 99 -28.94 -66.37 16.46
CA PHE XA 99 -28.17 -66.93 17.57
C PHE XA 99 -27.61 -68.30 17.21
N SER XA 100 -28.27 -69.01 16.30
CA SER XA 100 -27.77 -70.32 15.90
C SER XA 100 -26.63 -70.20 14.91
N ASP XA 101 -26.47 -69.02 14.30
CA ASP XA 101 -25.43 -68.84 13.30
C ASP XA 101 -24.06 -68.63 13.93
N ILE XA 102 -24.00 -68.29 15.21
CA ILE XA 102 -22.72 -68.02 15.86
C ILE XA 102 -22.04 -69.35 16.18
N PRO XA 103 -20.76 -69.50 15.86
CA PRO XA 103 -20.06 -70.74 16.19
C PRO XA 103 -19.93 -70.95 17.68
N THR XA 104 -19.80 -72.21 18.07
CA THR XA 104 -19.85 -72.58 19.47
C THR XA 104 -18.47 -72.77 20.08
N GLY XA 105 -17.42 -72.79 19.28
CA GLY XA 105 -16.08 -72.99 19.82
C GLY XA 105 -15.44 -71.71 20.28
N VAL XA 106 -14.18 -71.51 19.87
CA VAL XA 106 -13.46 -70.30 20.24
C VAL XA 106 -13.98 -69.10 19.44
N ASP XA 107 -14.47 -69.34 18.22
CA ASP XA 107 -14.81 -68.26 17.30
C ASP XA 107 -16.21 -67.70 17.53
N GLY XA 108 -16.75 -67.84 18.74
CA GLY XA 108 -18.07 -67.30 19.00
C GLY XA 108 -18.05 -65.79 19.15
N ILE XA 109 -17.09 -65.26 19.90
CA ILE XA 109 -17.03 -63.81 20.12
C ILE XA 109 -16.61 -63.10 18.84
N ARG XA 110 -15.80 -63.76 18.03
CA ARG XA 110 -15.36 -63.16 16.77
C ARG XA 110 -16.50 -63.03 15.76
N ALA XA 111 -17.60 -63.76 15.95
CA ALA XA 111 -18.79 -63.57 15.14
C ALA XA 111 -19.69 -62.46 15.67
N ILE XA 112 -19.55 -62.07 16.92
CA ILE XA 112 -20.33 -60.98 17.49
C ILE XA 112 -19.88 -59.67 16.86
N PRO XA 113 -20.80 -58.84 16.37
CA PRO XA 113 -20.40 -57.56 15.77
C PRO XA 113 -19.89 -56.59 16.83
N THR XA 114 -19.13 -55.60 16.35
CA THR XA 114 -18.46 -54.68 17.25
C THR XA 114 -19.40 -53.74 17.97
N ALA XA 115 -20.61 -53.55 17.45
CA ALA XA 115 -21.60 -52.79 18.19
C ALA XA 115 -22.12 -53.57 19.38
N GLY XA 116 -22.07 -54.89 19.31
CA GLY XA 116 -22.47 -55.72 20.43
C GLY XA 116 -21.35 -55.89 21.41
N LEU XA 117 -20.11 -55.89 20.91
CA LEU XA 117 -18.97 -55.90 21.80
C LEU XA 117 -18.83 -54.59 22.54
N ALA XA 118 -19.31 -53.50 21.95
CA ALA XA 118 -19.32 -52.24 22.67
C ALA XA 118 -20.37 -52.22 23.77
N GLN XA 119 -21.49 -52.94 23.59
CA GLN XA 119 -22.50 -53.00 24.62
C GLN XA 119 -22.03 -53.84 25.82
N ILE XA 120 -21.23 -54.86 25.57
CA ILE XA 120 -20.74 -55.70 26.66
C ILE XA 120 -19.69 -54.95 27.46
N LEU XA 121 -18.74 -54.31 26.79
CA LEU XA 121 -17.66 -53.63 27.48
C LEU XA 121 -18.15 -52.39 28.22
N ALA XA 122 -19.20 -51.75 27.72
CA ALA XA 122 -19.74 -50.61 28.44
C ALA XA 122 -20.51 -51.06 29.68
N PHE XA 123 -21.04 -52.29 29.64
CA PHE XA 123 -21.81 -52.78 30.77
C PHE XA 123 -20.91 -53.28 31.88
N PHE XA 124 -19.93 -54.13 31.56
CA PHE XA 124 -19.09 -54.69 32.62
C PHE XA 124 -18.04 -53.71 33.08
N ALA XA 125 -17.88 -52.58 32.39
CA ALA XA 125 -17.15 -51.48 33.01
C ALA XA 125 -17.94 -50.91 34.17
N LEU XA 126 -19.26 -50.90 34.06
CA LEU XA 126 -20.06 -50.40 35.15
C LEU XA 126 -20.18 -51.45 36.26
N VAL XA 127 -20.05 -52.72 35.91
CA VAL XA 127 -20.05 -53.76 36.93
C VAL XA 127 -18.72 -53.80 37.65
N GLU XA 128 -17.62 -53.90 36.92
CA GLU XA 128 -16.38 -54.29 37.55
C GLU XA 128 -15.66 -53.08 38.16
N LEU XA 129 -16.12 -51.88 37.87
CA LEU XA 129 -15.58 -50.69 38.52
C LEU XA 129 -16.51 -50.14 39.60
N ALA XA 130 -17.79 -50.05 39.30
CA ALA XA 130 -18.70 -49.32 40.17
C ALA XA 130 -19.45 -50.24 41.15
N TRP XA 131 -20.23 -51.18 40.61
CA TRP XA 131 -21.14 -51.94 41.46
C TRP XA 131 -20.41 -53.06 42.20
N MET XA 132 -19.66 -53.87 41.48
CA MET XA 132 -18.85 -54.94 42.06
C MET XA 132 -17.40 -54.61 41.75
N PRO XA 133 -16.78 -53.70 42.51
CA PRO XA 133 -15.46 -53.18 42.12
C PRO XA 133 -14.37 -54.22 42.34
N ALA XA 134 -13.60 -54.47 41.28
CA ALA XA 134 -12.52 -55.45 41.34
C ALA XA 134 -11.37 -55.01 42.22
N SER XA 135 -11.28 -53.72 42.54
CA SER XA 135 -10.27 -53.26 43.48
C SER XA 135 -10.58 -53.71 44.91
N LYS XA 136 -11.80 -54.14 45.19
CA LYS XA 136 -12.14 -54.68 46.50
C LYS XA 136 -11.56 -56.07 46.61
N TYR XA 137 -10.43 -56.20 47.28
CA TYR XA 137 -9.70 -57.47 47.33
C TYR XA 137 -10.33 -58.49 48.26
N ASP XA 138 -11.41 -58.16 48.97
CA ASP XA 138 -12.07 -59.15 49.80
C ASP XA 138 -12.94 -60.07 48.94
N GLY XA 139 -13.53 -59.53 47.89
CA GLY XA 139 -14.37 -60.32 47.00
C GLY XA 139 -15.76 -60.60 47.50
N ASP XA 140 -16.15 -60.04 48.64
CA ASP XA 140 -17.42 -60.35 49.30
C ASP XA 140 -18.46 -59.27 49.06
N TYR XA 141 -18.55 -58.83 47.80
CA TYR XA 141 -19.09 -57.56 47.33
C TYR XA 141 -20.42 -57.14 47.94
N GLY XA 142 -21.50 -57.83 47.64
CA GLY XA 142 -22.70 -57.57 48.40
C GLY XA 142 -23.47 -58.79 48.80
N VAL XA 143 -23.29 -59.88 48.07
CA VAL XA 143 -24.27 -60.95 48.01
C VAL XA 143 -23.72 -62.15 48.75
N GLY XA 144 -24.55 -62.75 49.59
CA GLY XA 144 -24.18 -63.99 50.24
C GLY XA 144 -24.27 -65.16 49.29
N TYR XA 145 -24.08 -66.34 49.86
CA TYR XA 145 -24.28 -67.57 49.09
C TYR XA 145 -25.77 -67.72 48.93
N PHE XA 146 -26.26 -67.37 47.73
CA PHE XA 146 -27.67 -67.23 47.41
C PHE XA 146 -28.36 -66.27 48.37
N GLY XA 147 -27.83 -65.04 48.44
CA GLY XA 147 -28.47 -63.97 49.16
C GLY XA 147 -28.24 -63.93 50.65
N THR XA 148 -27.90 -65.05 51.27
CA THR XA 148 -27.68 -65.11 52.70
C THR XA 148 -26.23 -65.46 52.99
N ASP XA 149 -25.68 -64.87 54.04
CA ASP XA 149 -24.36 -65.30 54.46
C ASP XA 149 -24.44 -66.61 55.22
N ILE XA 150 -23.28 -67.14 55.57
CA ILE XA 150 -23.16 -68.41 56.27
C ILE XA 150 -22.60 -68.09 57.64
N LYS XA 151 -23.48 -68.07 58.65
CA LYS XA 151 -23.08 -67.66 59.98
C LYS XA 151 -22.21 -68.68 60.70
N ASP XA 152 -22.30 -69.95 60.33
CA ASP XA 152 -21.47 -70.99 60.91
C ASP XA 152 -20.04 -70.82 60.41
N PRO XA 153 -19.05 -70.57 61.28
CA PRO XA 153 -17.70 -70.26 60.80
C PRO XA 153 -17.00 -71.42 60.10
N GLU XA 154 -17.35 -72.66 60.46
CA GLU XA 154 -16.76 -73.80 59.78
C GLU XA 154 -17.36 -73.98 58.40
N GLU XA 155 -18.66 -73.74 58.27
CA GLU XA 155 -19.31 -73.94 56.97
C GLU XA 155 -19.05 -72.77 56.05
N LYS XA 156 -18.86 -71.57 56.59
CA LYS XA 156 -18.45 -70.45 55.75
C LYS XA 156 -17.03 -70.64 55.27
N ALA XA 157 -16.17 -71.21 56.11
CA ALA XA 157 -14.82 -71.55 55.70
C ALA XA 157 -14.76 -72.89 54.99
N ARG XA 158 -15.88 -73.58 54.88
CA ARG XA 158 -15.95 -74.71 53.98
C ARG XA 158 -16.18 -74.28 52.55
N LYS XA 159 -17.26 -73.57 52.27
CA LYS XA 159 -17.66 -73.27 50.91
C LYS XA 159 -16.76 -72.26 50.23
N LEU XA 160 -15.97 -71.51 50.98
CA LEU XA 160 -14.92 -70.72 50.36
C LEU XA 160 -13.80 -71.55 49.78
N ASN XA 161 -13.48 -72.69 50.40
CA ASN XA 161 -12.64 -73.69 49.73
C ASN XA 161 -13.31 -74.26 48.50
N VAL XA 162 -14.63 -74.36 48.53
CA VAL XA 162 -15.35 -74.98 47.42
C VAL XA 162 -15.42 -74.02 46.24
N GLU XA 163 -15.55 -72.71 46.50
CA GLU XA 163 -15.46 -71.74 45.41
C GLU XA 163 -14.06 -71.71 44.82
N LEU XA 164 -13.05 -71.97 45.63
CA LEU XA 164 -11.70 -72.04 45.09
C LEU XA 164 -11.46 -73.33 44.32
N ASN XA 165 -11.85 -74.47 44.87
CA ASN XA 165 -11.45 -75.73 44.24
C ASN XA 165 -12.26 -76.02 42.97
N ASN XA 166 -13.57 -75.76 42.98
CA ASN XA 166 -14.30 -75.72 41.72
C ASN XA 166 -13.80 -74.59 40.83
N GLY XA 167 -13.24 -73.54 41.41
CA GLY XA 167 -12.66 -72.47 40.61
C GLY XA 167 -11.32 -72.80 40.02
N ARG XA 168 -10.46 -73.48 40.79
CA ARG XA 168 -9.16 -73.90 40.28
C ARG XA 168 -9.31 -74.95 39.19
N ALA XA 169 -10.25 -75.87 39.36
CA ALA XA 169 -10.47 -76.90 38.36
C ALA XA 169 -11.09 -76.35 37.10
N ALA XA 170 -11.80 -75.22 37.20
CA ALA XA 170 -12.41 -74.65 36.02
C ALA XA 170 -11.39 -73.89 35.17
N MET XA 171 -10.33 -73.37 35.79
CA MET XA 171 -9.27 -72.75 35.03
C MET XA 171 -8.54 -73.78 34.19
N MET XA 172 -8.30 -74.95 34.75
CA MET XA 172 -7.69 -76.05 34.03
C MET XA 172 -8.65 -76.71 33.06
N GLY XA 173 -9.94 -76.39 33.15
CA GLY XA 173 -10.91 -76.96 32.23
C GLY XA 173 -11.07 -76.14 30.97
N ILE XA 174 -11.02 -74.81 31.10
CA ILE XA 174 -11.11 -73.94 29.93
C ILE XA 174 -9.86 -74.05 29.08
N MET XA 175 -8.71 -74.17 29.71
CA MET XA 175 -7.49 -74.44 28.97
C MET XA 175 -7.53 -75.83 28.32
N GLY XA 176 -8.28 -76.76 28.90
CA GLY XA 176 -8.52 -78.03 28.24
C GLY XA 176 -9.45 -77.91 27.06
N ASN XA 177 -10.30 -76.89 27.02
CA ASN XA 177 -11.13 -76.62 25.86
C ASN XA 177 -10.40 -75.82 24.80
N MET XA 178 -9.86 -74.66 25.17
CA MET XA 178 -9.36 -73.70 24.19
C MET XA 178 -8.11 -74.22 23.48
N VAL XA 179 -7.41 -75.18 24.05
CA VAL XA 179 -6.30 -75.82 23.36
C VAL XA 179 -6.78 -76.98 22.50
N ALA XA 180 -7.66 -77.82 23.02
CA ALA XA 180 -8.16 -78.95 22.25
C ALA XA 180 -9.22 -78.55 21.22
N GLU XA 181 -9.63 -77.28 21.18
CA GLU XA 181 -10.48 -76.79 20.10
C GLU XA 181 -9.68 -76.11 19.00
N VAL XA 182 -8.41 -75.81 19.25
CA VAL XA 182 -7.54 -75.26 18.23
C VAL XA 182 -6.67 -76.34 17.61
N LEU XA 183 -6.15 -77.26 18.42
CA LEU XA 183 -5.31 -78.32 17.88
C LEU XA 183 -6.13 -79.33 17.09
N THR XA 184 -7.29 -79.71 17.59
CA THR XA 184 -8.18 -80.54 16.78
C THR XA 184 -8.92 -79.73 15.73
N GLY XA 185 -8.97 -78.42 15.88
CA GLY XA 185 -9.60 -77.57 14.89
C GLY XA 185 -11.11 -77.67 14.83
N GLN XA 186 -11.74 -78.25 15.85
CA GLN XA 186 -13.16 -78.49 15.86
C GLN XA 186 -13.75 -77.87 17.11
N THR XA 187 -15.08 -77.85 17.18
CA THR XA 187 -15.74 -77.49 18.41
C THR XA 187 -15.73 -78.68 19.35
N MET XA 188 -16.27 -78.50 20.56
CA MET XA 188 -16.39 -79.65 21.45
C MET XA 188 -17.46 -80.60 20.97
N TYR XA 189 -18.53 -80.07 20.36
CA TYR XA 189 -19.61 -80.91 19.87
C TYR XA 189 -19.16 -81.78 18.71
N GLU XA 190 -18.27 -81.28 17.87
CA GLU XA 190 -17.81 -82.07 16.74
C GLU XA 190 -16.82 -83.16 17.12
N GLN XA 191 -16.13 -83.01 18.25
CA GLN XA 191 -15.19 -84.03 18.69
C GLN XA 191 -15.93 -85.27 19.17
N TYR XA 192 -16.97 -85.07 19.97
CA TYR XA 192 -17.74 -86.20 20.46
C TYR XA 192 -18.64 -86.78 19.39
N ALA XA 193 -19.02 -85.97 18.40
CA ALA XA 193 -19.82 -86.50 17.30
C ALA XA 193 -19.00 -87.37 16.37
N SER XA 194 -17.84 -86.88 15.96
CA SER XA 194 -16.97 -87.63 15.05
C SER XA 194 -16.19 -88.73 15.74
N GLY XA 195 -16.25 -88.80 17.07
CA GLY XA 195 -15.48 -89.81 17.77
C GLY XA 195 -14.00 -89.51 17.77
N HIS XA 196 -13.63 -88.22 17.84
CA HIS XA 196 -12.23 -87.82 17.86
C HIS XA 196 -11.72 -87.65 19.29
N ILE XA 197 -12.22 -88.50 20.19
CA ILE XA 197 -11.81 -88.48 21.59
C ILE XA 197 -10.35 -88.92 21.72
N SER XA 198 -9.90 -89.78 20.81
CA SER XA 198 -8.52 -90.22 20.83
C SER XA 198 -7.59 -89.08 20.41
N PRO XA 199 -6.45 -88.93 21.07
CA PRO XA 199 -5.55 -87.81 20.75
C PRO XA 199 -4.71 -88.05 19.51
N PHE XA 200 -4.73 -87.08 18.60
CA PHE XA 200 -3.86 -87.15 17.42
C PHE XA 200 -2.43 -86.82 17.78
N GLY XA 201 -2.22 -85.87 18.68
CA GLY XA 201 -0.90 -85.54 19.17
C GLY XA 201 -0.68 -86.15 20.55
N ASP XA 202 -0.86 -85.35 21.59
CA ASP XA 202 -0.85 -85.87 22.95
C ASP XA 202 -1.98 -85.18 23.71
N GLY XA 203 -2.46 -85.84 24.75
CA GLY XA 203 -3.51 -85.26 25.56
C GLY XA 203 -3.49 -85.82 26.96
N GLN XA 204 -3.50 -84.92 27.94
CA GLN XA 204 -3.44 -85.30 29.34
C GLN XA 204 -4.70 -84.80 30.03
N GLY XA 205 -5.53 -85.74 30.46
CA GLY XA 205 -6.77 -85.41 31.16
C GLY XA 205 -6.90 -86.21 32.44
N VAL XA 206 -8.01 -86.01 33.15
CA VAL XA 206 -8.26 -86.74 34.39
C VAL XA 206 -9.33 -87.81 34.15
N SER YA 31 -26.61 -88.31 69.94
CA SER YA 31 -26.22 -89.69 70.21
C SER YA 31 -26.70 -90.59 69.08
N GLU YA 32 -25.79 -91.42 68.55
CA GLU YA 32 -26.14 -92.24 67.40
C GLU YA 32 -26.96 -93.46 67.81
N ILE YA 33 -27.00 -93.76 69.11
CA ILE YA 33 -27.81 -94.89 69.58
C ILE YA 33 -29.29 -94.56 69.46
N GLU YA 34 -29.66 -93.31 69.74
CA GLU YA 34 -31.06 -92.95 69.73
C GLU YA 34 -31.60 -92.64 68.34
N LEU YA 35 -30.78 -92.75 67.30
CA LEU YA 35 -31.22 -92.28 65.98
C LEU YA 35 -32.03 -93.34 65.25
N GLY YA 36 -31.90 -94.61 65.63
CA GLY YA 36 -32.65 -95.63 64.93
C GLY YA 36 -34.03 -95.85 65.52
N VAL YA 37 -34.26 -95.34 66.73
CA VAL YA 37 -35.47 -95.65 67.45
C VAL YA 37 -36.62 -94.80 66.92
N THR YA 38 -37.71 -95.46 66.54
CA THR YA 38 -38.92 -94.76 66.14
C THR YA 38 -40.03 -95.32 67.03
N GLU YA 39 -41.27 -94.82 66.90
CA GLU YA 39 -42.36 -95.10 67.81
C GLU YA 39 -42.87 -96.55 67.88
N PRO YA 40 -43.26 -97.24 66.75
CA PRO YA 40 -44.01 -98.49 66.92
C PRO YA 40 -43.19 -99.65 67.47
N LEU YA 41 -41.88 -99.66 67.22
CA LEU YA 41 -41.07 -100.76 67.72
C LEU YA 41 -40.15 -100.32 68.84
N GLY YA 42 -39.69 -99.07 68.81
CA GLY YA 42 -38.72 -98.66 69.81
C GLY YA 42 -37.35 -99.25 69.53
N VAL YA 43 -36.62 -99.52 70.59
CA VAL YA 43 -35.34 -100.21 70.48
C VAL YA 43 -35.63 -101.65 70.09
N TYR YA 44 -35.32 -102.02 68.86
CA TYR YA 44 -35.72 -103.32 68.34
C TYR YA 44 -34.49 -104.10 67.91
N ASP YA 45 -34.20 -105.17 68.64
CA ASP YA 45 -33.18 -106.14 68.24
C ASP YA 45 -33.50 -107.53 68.77
N PRO YA 46 -33.98 -108.42 67.90
CA PRO YA 46 -34.19 -109.81 68.34
C PRO YA 46 -32.90 -110.55 68.58
N LEU YA 47 -31.86 -110.22 67.82
CA LEU YA 47 -30.57 -110.88 68.01
C LEU YA 47 -29.86 -110.33 69.23
N GLY YA 48 -30.11 -109.08 69.56
CA GLY YA 48 -29.53 -108.48 70.74
C GLY YA 48 -28.08 -108.09 70.61
N TRP YA 49 -27.64 -107.57 69.46
CA TRP YA 49 -26.25 -107.19 69.31
C TRP YA 49 -25.93 -105.89 70.01
N LEU YA 50 -26.95 -105.15 70.46
CA LEU YA 50 -26.70 -103.90 71.17
C LEU YA 50 -26.07 -104.14 72.53
N GLU YA 51 -26.37 -105.28 73.16
CA GLU YA 51 -25.78 -105.59 74.45
C GLU YA 51 -24.61 -106.55 74.32
N SER YA 52 -24.66 -107.44 73.32
CA SER YA 52 -23.61 -108.44 73.19
C SER YA 52 -22.33 -107.83 72.63
N GLU YA 53 -22.42 -107.19 71.46
CA GLU YA 53 -21.27 -106.59 70.80
C GLU YA 53 -21.56 -105.10 70.57
N PRO YA 54 -21.33 -104.27 71.57
CA PRO YA 54 -21.63 -102.84 71.42
C PRO YA 54 -20.53 -102.10 70.66
N GLU YA 55 -19.38 -102.76 70.47
CA GLU YA 55 -18.29 -102.11 69.76
C GLU YA 55 -18.54 -102.07 68.26
N ALA YA 56 -19.34 -103.01 67.75
CA ALA YA 56 -19.57 -103.07 66.32
C ALA YA 56 -20.58 -102.03 65.87
N PHE YA 57 -21.36 -101.49 66.82
CA PHE YA 57 -22.50 -100.62 66.55
C PHE YA 57 -22.15 -99.36 65.76
N GLU YA 58 -20.93 -98.84 65.96
CA GLU YA 58 -20.51 -97.67 65.21
C GLU YA 58 -20.30 -98.00 63.74
N ARG YA 59 -19.96 -99.25 63.43
CA ARG YA 59 -19.92 -99.67 62.04
C ARG YA 59 -21.31 -100.06 61.55
N ARG YA 60 -22.06 -100.79 62.38
CA ARG YA 60 -23.35 -101.33 61.97
C ARG YA 60 -24.36 -100.23 61.66
N ARG YA 61 -24.29 -99.13 62.40
CA ARG YA 61 -25.12 -97.97 62.06
C ARG YA 61 -24.65 -97.35 60.76
N ALA YA 62 -23.34 -97.30 60.56
CA ALA YA 62 -22.82 -96.71 59.33
C ALA YA 62 -22.96 -97.65 58.14
N VAL YA 63 -23.47 -98.85 58.37
CA VAL YA 63 -23.85 -99.71 57.24
C VAL YA 63 -25.35 -99.63 57.00
N GLU YA 64 -26.14 -99.53 58.07
CA GLU YA 64 -27.60 -99.40 57.91
C GLU YA 64 -27.96 -98.07 57.26
N ARG YA 65 -27.16 -97.02 57.50
CA ARG YA 65 -27.28 -95.83 56.68
C ARG YA 65 -26.82 -96.10 55.25
N LYS YA 66 -25.77 -96.89 55.09
CA LYS YA 66 -25.12 -96.98 53.80
C LYS YA 66 -25.91 -97.84 52.84
N HIS YA 67 -26.36 -99.02 53.28
CA HIS YA 67 -27.30 -99.80 52.49
C HIS YA 67 -28.63 -99.07 52.33
N GLY YA 68 -28.95 -98.18 53.26
CA GLY YA 68 -30.14 -97.37 53.12
C GLY YA 68 -30.05 -96.40 51.96
N ARG YA 69 -28.97 -95.60 51.95
CA ARG YA 69 -28.81 -94.54 50.95
C ARG YA 69 -28.66 -95.10 49.54
N VAL YA 70 -28.14 -96.31 49.42
CA VAL YA 70 -28.08 -96.94 48.10
C VAL YA 70 -29.46 -97.44 47.70
N ALA YA 71 -30.23 -97.94 48.67
CA ALA YA 71 -31.54 -98.48 48.34
C ALA YA 71 -32.54 -97.38 48.02
N MET YA 72 -32.41 -96.23 48.69
CA MET YA 72 -33.32 -95.12 48.42
C MET YA 72 -33.10 -94.54 47.04
N ALA YA 73 -31.85 -94.53 46.57
CA ALA YA 73 -31.56 -94.09 45.22
C ALA YA 73 -31.78 -95.18 44.19
N ALA YA 74 -32.18 -96.36 44.61
CA ALA YA 74 -32.49 -97.45 43.69
C ALA YA 74 -33.98 -97.62 43.47
N VAL YA 75 -34.80 -97.32 44.48
CA VAL YA 75 -36.25 -97.37 44.29
C VAL YA 75 -36.68 -96.29 43.32
N VAL YA 76 -36.13 -95.09 43.48
CA VAL YA 76 -36.35 -94.02 42.52
C VAL YA 76 -35.76 -94.40 41.17
N GLY YA 77 -34.65 -95.12 41.18
CA GLY YA 77 -34.12 -95.65 39.95
C GLY YA 77 -34.98 -96.75 39.36
N THR YA 78 -35.80 -97.40 40.18
CA THR YA 78 -36.72 -98.38 39.63
C THR YA 78 -37.92 -97.70 38.99
N ILE YA 79 -38.39 -96.63 39.61
CA ILE YA 79 -39.62 -95.97 39.17
C ILE YA 79 -39.37 -95.16 37.91
N VAL YA 80 -38.28 -94.40 37.88
CA VAL YA 80 -37.96 -93.54 36.75
C VAL YA 80 -37.65 -94.37 35.51
N HIS YA 81 -36.99 -95.52 35.70
CA HIS YA 81 -36.72 -96.39 34.56
C HIS YA 81 -37.99 -97.07 34.06
N ASN YA 82 -39.00 -97.23 34.91
CA ASN YA 82 -40.22 -97.90 34.51
C ASN YA 82 -41.34 -96.96 34.08
N ASN YA 83 -41.21 -95.65 34.31
CA ASN YA 83 -42.09 -94.68 33.68
C ASN YA 83 -41.64 -94.32 32.28
N HIS YA 84 -40.60 -94.99 31.78
CA HIS YA 84 -39.97 -94.73 30.47
C HIS YA 84 -39.48 -93.29 30.38
N ILE YA 85 -39.03 -92.74 31.50
CA ILE YA 85 -38.33 -91.47 31.49
C ILE YA 85 -36.92 -91.77 31.03
N VAL YA 86 -36.65 -91.52 29.76
CA VAL YA 86 -35.44 -91.93 29.09
C VAL YA 86 -34.75 -90.65 28.62
N PHE YA 87 -33.41 -90.66 28.60
CA PHE YA 87 -32.65 -89.49 28.18
C PHE YA 87 -32.87 -89.10 26.73
N ASP YA 88 -33.43 -89.99 25.91
CA ASP YA 88 -33.81 -89.73 24.51
C ASP YA 88 -32.57 -89.33 23.69
N GLY YA 89 -31.48 -90.04 23.94
CA GLY YA 89 -30.25 -89.82 23.20
C GLY YA 89 -29.74 -91.15 22.70
N TYR YA 90 -28.57 -91.09 22.07
CA TYR YA 90 -27.93 -92.27 21.50
C TYR YA 90 -26.71 -92.61 22.36
N LEU YA 91 -26.84 -93.66 23.17
CA LEU YA 91 -25.86 -93.93 24.23
C LEU YA 91 -24.50 -94.33 23.66
N SER YA 92 -24.45 -95.42 22.92
CA SER YA 92 -23.16 -95.88 22.44
C SER YA 92 -23.08 -95.65 20.95
N PRO YA 93 -22.19 -94.77 20.48
CA PRO YA 93 -21.97 -94.71 19.03
C PRO YA 93 -21.26 -95.94 18.49
N SER YA 94 -20.52 -96.65 19.35
CA SER YA 94 -19.80 -97.83 18.88
C SER YA 94 -20.69 -99.06 18.92
N ASN YA 95 -21.25 -99.38 20.09
CA ASN YA 95 -22.02 -100.59 20.27
C ASN YA 95 -23.47 -100.45 19.83
N ASN YA 96 -23.85 -99.25 19.38
CA ASN YA 96 -25.19 -98.94 18.84
C ASN YA 96 -26.29 -99.22 19.84
N LEU YA 97 -26.08 -98.79 21.09
CA LEU YA 97 -27.11 -98.83 22.11
C LEU YA 97 -27.76 -97.47 22.18
N LYS YA 98 -29.09 -97.44 22.12
CA LYS YA 98 -29.80 -96.26 22.57
C LYS YA 98 -30.11 -96.40 24.05
N PHE YA 99 -30.52 -95.29 24.65
CA PHE YA 99 -30.95 -95.35 26.05
C PHE YA 99 -32.28 -96.08 26.18
N SER YA 100 -33.09 -96.06 25.13
CA SER YA 100 -34.37 -96.77 25.18
C SER YA 100 -34.18 -98.26 24.95
N ASP YA 101 -33.04 -98.67 24.42
CA ASP YA 101 -32.81 -100.08 24.15
C ASP YA 101 -32.44 -100.86 25.39
N ILE YA 102 -32.04 -100.20 26.46
CA ILE YA 102 -31.62 -100.89 27.68
C ILE YA 102 -32.87 -101.35 28.43
N PRO YA 103 -32.91 -102.60 28.87
CA PRO YA 103 -34.06 -103.08 29.64
C PRO YA 103 -34.19 -102.37 30.97
N THR YA 104 -35.41 -102.33 31.48
CA THR YA 104 -35.71 -101.54 32.66
C THR YA 104 -35.74 -102.36 33.94
N GLY YA 105 -35.71 -103.69 33.85
CA GLY YA 105 -35.76 -104.52 35.03
C GLY YA 105 -34.40 -104.74 35.65
N VAL YA 106 -34.11 -106.00 35.98
CA VAL YA 106 -32.82 -106.35 36.56
C VAL YA 106 -31.72 -106.29 35.50
N ASP YA 107 -32.05 -106.56 34.24
CA ASP YA 107 -31.06 -106.72 33.19
C ASP YA 107 -30.62 -105.40 32.57
N GLY YA 108 -30.75 -104.30 33.30
CA GLY YA 108 -30.32 -103.02 32.76
C GLY YA 108 -28.81 -102.87 32.75
N ILE YA 109 -28.16 -103.24 33.85
CA ILE YA 109 -26.71 -103.10 33.94
C ILE YA 109 -26.02 -104.11 33.04
N ARG YA 110 -26.63 -105.27 32.85
CA ARG YA 110 -26.06 -106.29 31.98
C ARG YA 110 -26.09 -105.89 30.51
N ALA YA 111 -26.90 -104.90 30.14
CA ALA YA 111 -26.87 -104.34 28.80
C ALA YA 111 -25.83 -103.24 28.65
N ILE YA 112 -25.36 -102.66 29.75
CA ILE YA 112 -24.32 -101.64 29.70
C ILE YA 112 -22.99 -102.29 29.29
N PRO YA 113 -22.29 -101.75 28.30
CA PRO YA 113 -21.01 -102.35 27.91
C PRO YA 113 -19.94 -102.15 28.97
N THR YA 114 -18.91 -102.99 28.90
CA THR YA 114 -17.89 -103.02 29.94
C THR YA 114 -17.01 -101.78 29.93
N ALA YA 115 -16.95 -101.05 28.82
CA ALA YA 115 -16.25 -99.78 28.84
C ALA YA 115 -17.02 -98.74 29.62
N GLY YA 116 -18.34 -98.88 29.71
CA GLY YA 116 -19.13 -97.98 30.50
C GLY YA 116 -19.16 -98.39 31.95
N LEU YA 117 -19.07 -99.69 32.20
CA LEU YA 117 -18.93 -100.17 33.57
C LEU YA 117 -17.58 -99.81 34.14
N ALA YA 118 -16.56 -99.66 33.29
CA ALA YA 118 -15.27 -99.20 33.76
C ALA YA 118 -15.31 -97.73 34.11
N GLN YA 119 -16.14 -96.93 33.42
CA GLN YA 119 -16.23 -95.52 33.74
C GLN YA 119 -16.96 -95.29 35.07
N ILE YA 120 -17.93 -96.15 35.39
CA ILE YA 120 -18.66 -96.01 36.64
C ILE YA 120 -17.77 -96.41 37.82
N LEU YA 121 -17.09 -97.54 37.70
CA LEU YA 121 -16.27 -98.04 38.81
C LEU YA 121 -15.05 -97.17 39.05
N ALA YA 122 -14.53 -96.52 38.01
CA ALA YA 122 -13.41 -95.60 38.21
C ALA YA 122 -13.88 -94.31 38.87
N PHE YA 123 -15.15 -93.95 38.66
CA PHE YA 123 -15.65 -92.72 39.23
C PHE YA 123 -16.01 -92.89 40.70
N PHE YA 124 -16.78 -93.92 41.03
CA PHE YA 124 -17.21 -94.07 42.42
C PHE YA 124 -16.11 -94.65 43.29
N ALA YA 125 -15.01 -95.11 42.70
CA ALA YA 125 -13.82 -95.32 43.51
C ALA YA 125 -13.27 -94.00 44.00
N LEU YA 126 -13.39 -92.95 43.20
CA LEU YA 126 -12.91 -91.66 43.63
C LEU YA 126 -13.90 -91.00 44.58
N VAL YA 127 -15.18 -91.38 44.48
CA VAL YA 127 -16.16 -90.86 45.42
C VAL YA 127 -16.05 -91.58 46.75
N GLU YA 128 -16.08 -92.91 46.74
CA GLU YA 128 -16.32 -93.62 47.98
C GLU YA 128 -15.02 -93.83 48.76
N LEU YA 129 -13.88 -93.54 48.17
CA LEU YA 129 -12.62 -93.57 48.90
C LEU YA 129 -12.10 -92.18 49.25
N ALA YA 130 -12.14 -91.26 48.30
CA ALA YA 130 -11.47 -89.99 48.46
C ALA YA 130 -12.40 -88.88 48.95
N TRP YA 131 -13.42 -88.56 48.17
CA TRP YA 131 -14.24 -87.38 48.45
C TRP YA 131 -15.23 -87.64 49.56
N MET YA 132 -16.00 -88.71 49.45
CA MET YA 132 -16.97 -89.12 50.47
C MET YA 132 -16.53 -90.49 50.97
N PRO YA 133 -15.53 -90.54 51.85
CA PRO YA 133 -14.91 -91.83 52.19
C PRO YA 133 -15.83 -92.67 53.06
N ALA YA 134 -16.05 -93.91 52.62
CA ALA YA 134 -16.94 -94.82 53.34
C ALA YA 134 -16.34 -95.28 54.66
N SER YA 135 -15.04 -95.11 54.86
CA SER YA 135 -14.44 -95.42 56.15
C SER YA 135 -14.85 -94.41 57.22
N LYS YA 136 -15.37 -93.26 56.84
CA LYS YA 136 -15.88 -92.28 57.79
C LYS YA 136 -17.21 -92.78 58.32
N TYR YA 137 -17.20 -93.36 59.51
CA TYR YA 137 -18.39 -93.99 60.06
C TYR YA 137 -19.42 -93.02 60.59
N ASP YA 138 -19.14 -91.71 60.57
CA ASP YA 138 -20.16 -90.76 60.99
C ASP YA 138 -21.19 -90.54 59.89
N GLY YA 139 -20.77 -90.60 58.64
CA GLY YA 139 -21.67 -90.43 57.52
C GLY YA 139 -22.05 -89.01 57.21
N ASP YA 140 -21.47 -88.03 57.90
CA ASP YA 140 -21.86 -86.63 57.78
C ASP YA 140 -20.91 -85.83 56.92
N TYR YA 141 -20.53 -86.43 55.78
CA TYR YA 141 -19.34 -86.17 54.97
C TYR YA 141 -19.01 -84.70 54.74
N GLY YA 142 -19.82 -84.00 53.95
CA GLY YA 142 -19.63 -82.57 53.92
C GLY YA 142 -20.90 -81.76 53.95
N VAL YA 143 -22.00 -82.37 53.53
CA VAL YA 143 -23.16 -81.63 53.05
C VAL YA 143 -24.27 -81.75 54.08
N GLY YA 144 -24.90 -80.63 54.39
CA GLY YA 144 -26.07 -80.65 55.24
C GLY YA 144 -27.28 -81.15 54.50
N TYR YA 145 -28.42 -81.05 55.19
CA TYR YA 145 -29.68 -81.38 54.55
C TYR YA 145 -29.99 -80.22 53.62
N PHE YA 146 -29.74 -80.45 52.32
CA PHE YA 146 -29.75 -79.43 51.28
C PHE YA 146 -28.81 -78.29 51.62
N GLY YA 147 -27.54 -78.63 51.84
CA GLY YA 147 -26.50 -77.65 52.00
C GLY YA 147 -26.37 -77.02 53.37
N THR YA 148 -27.41 -77.03 54.18
CA THR YA 148 -27.39 -76.42 55.50
C THR YA 148 -27.59 -77.50 56.56
N ASP YA 149 -26.90 -77.34 57.68
CA ASP YA 149 -27.17 -78.25 58.79
C ASP YA 149 -28.46 -77.83 59.50
N ILE YA 150 -28.85 -78.65 60.47
CA ILE YA 150 -30.07 -78.41 61.23
C ILE YA 150 -29.64 -78.11 62.65
N LYS YA 151 -29.65 -76.84 63.01
CA LYS YA 151 -29.13 -76.42 64.30
C LYS YA 151 -30.04 -76.80 65.47
N ASP YA 152 -31.33 -76.99 65.23
CA ASP YA 152 -32.26 -77.42 66.26
C ASP YA 152 -31.98 -78.88 66.59
N PRO YA 153 -31.61 -79.22 67.83
CA PRO YA 153 -31.19 -80.59 68.14
C PRO YA 153 -32.31 -81.61 68.03
N GLU YA 154 -33.55 -81.19 68.28
CA GLU YA 154 -34.67 -82.12 68.13
C GLU YA 154 -34.98 -82.37 66.66
N GLU YA 155 -34.87 -81.34 65.81
CA GLU YA 155 -35.18 -81.52 64.41
C GLU YA 155 -34.05 -82.19 63.67
N LYS YA 156 -32.81 -81.99 64.11
CA LYS YA 156 -31.69 -82.73 63.54
C LYS YA 156 -31.78 -84.20 63.92
N ALA YA 157 -32.22 -84.48 65.14
CA ALA YA 157 -32.45 -85.86 65.56
C ALA YA 157 -33.81 -86.36 65.13
N ARG YA 158 -34.60 -85.52 64.48
CA ARG YA 158 -35.78 -86.02 63.80
C ARG YA 158 -35.45 -86.58 62.45
N LYS YA 159 -34.85 -85.80 61.57
CA LYS YA 159 -34.67 -86.19 60.18
C LYS YA 159 -33.61 -87.27 60.00
N LEU YA 160 -32.75 -87.48 60.99
CA LEU YA 160 -31.89 -88.65 60.97
C LEU YA 160 -32.65 -89.95 61.17
N ASN YA 161 -33.73 -89.95 61.97
CA ASN YA 161 -34.67 -91.06 61.96
C ASN YA 161 -35.36 -91.20 60.62
N VAL YA 162 -35.58 -90.09 59.93
CA VAL YA 162 -36.31 -90.12 58.67
C VAL YA 162 -35.42 -90.66 57.55
N GLU YA 163 -34.13 -90.35 57.59
CA GLU YA 163 -33.21 -90.96 56.64
C GLU YA 163 -33.07 -92.45 56.90
N LEU YA 164 -33.21 -92.87 58.15
CA LEU YA 164 -33.17 -94.30 58.43
C LEU YA 164 -34.47 -94.98 58.04
N ASN YA 165 -35.62 -94.41 58.38
CA ASN YA 165 -36.86 -95.15 58.18
C ASN YA 165 -37.29 -95.18 56.72
N ASN YA 166 -37.15 -94.07 55.99
CA ASN YA 166 -37.24 -94.15 54.54
C ASN YA 166 -36.11 -95.00 53.97
N GLY YA 167 -34.98 -95.10 54.66
CA GLY YA 167 -33.91 -95.97 54.21
C GLY YA 167 -34.15 -97.43 54.48
N ARG YA 168 -34.71 -97.75 55.65
CA ARG YA 168 -35.03 -99.14 55.96
C ARG YA 168 -36.13 -99.66 55.06
N ALA YA 169 -37.14 -98.83 54.78
CA ALA YA 169 -38.22 -99.25 53.92
C ALA YA 169 -37.79 -99.38 52.48
N ALA YA 170 -36.74 -98.69 52.07
CA ALA YA 170 -36.27 -98.81 50.70
C ALA YA 170 -35.47 -100.08 50.48
N MET YA 171 -34.83 -100.59 51.53
CA MET YA 171 -34.15 -101.87 51.40
C MET YA 171 -35.15 -103.00 51.19
N MET YA 172 -36.27 -102.93 51.91
CA MET YA 172 -37.33 -103.90 51.73
C MET YA 172 -38.12 -103.67 50.46
N GLY YA 173 -37.93 -102.53 49.80
CA GLY YA 173 -38.62 -102.25 48.56
C GLY YA 173 -37.88 -102.75 47.36
N ILE YA 174 -36.55 -102.66 47.36
CA ILE YA 174 -35.76 -103.17 46.26
C ILE YA 174 -35.79 -104.70 46.23
N MET YA 175 -35.76 -105.32 47.40
CA MET YA 175 -35.97 -106.77 47.47
C MET YA 175 -37.37 -107.15 47.03
N GLY YA 176 -38.35 -106.26 47.20
CA GLY YA 176 -39.65 -106.48 46.62
C GLY YA 176 -39.68 -106.34 45.11
N ASN YA 177 -38.74 -105.60 44.54
CA ASN YA 177 -38.62 -105.54 43.09
C ASN YA 177 -37.79 -106.69 42.54
N MET YA 178 -36.57 -106.87 43.03
CA MET YA 178 -35.64 -107.79 42.39
C MET YA 178 -36.06 -109.24 42.53
N VAL YA 179 -36.93 -109.56 43.47
CA VAL YA 179 -37.50 -110.89 43.56
C VAL YA 179 -38.74 -111.02 42.67
N ALA YA 180 -39.64 -110.05 42.72
CA ALA YA 180 -40.83 -110.10 41.90
C ALA YA 180 -40.59 -109.76 40.44
N GLU YA 181 -39.36 -109.38 40.05
CA GLU YA 181 -39.01 -109.24 38.65
C GLU YA 181 -38.31 -110.47 38.11
N VAL YA 182 -37.88 -111.39 38.97
CA VAL YA 182 -37.30 -112.64 38.55
C VAL YA 182 -38.33 -113.77 38.58
N LEU YA 183 -39.15 -113.80 39.64
CA LEU YA 183 -40.16 -114.85 39.74
C LEU YA 183 -41.27 -114.65 38.73
N THR YA 184 -41.74 -113.42 38.55
CA THR YA 184 -42.69 -113.16 37.47
C THR YA 184 -42.00 -113.08 36.12
N GLY YA 185 -40.69 -112.89 36.10
CA GLY YA 185 -39.96 -112.86 34.84
C GLY YA 185 -40.20 -111.65 33.99
N GLN YA 186 -40.78 -110.59 34.55
CA GLN YA 186 -41.15 -109.40 33.81
C GLN YA 186 -40.52 -108.20 34.48
N THR YA 187 -40.63 -107.05 33.82
CA THR YA 187 -40.27 -105.80 34.45
C THR YA 187 -41.41 -105.36 35.36
N MET YA 188 -41.22 -104.24 36.05
CA MET YA 188 -42.33 -103.71 36.84
C MET YA 188 -43.39 -103.12 35.94
N TYR YA 189 -43.00 -102.54 34.81
CA TYR YA 189 -43.96 -101.95 33.89
C TYR YA 189 -44.84 -103.00 33.24
N GLU YA 190 -44.30 -104.19 32.97
CA GLU YA 190 -45.09 -105.23 32.35
C GLU YA 190 -46.06 -105.89 33.31
N GLN YA 191 -45.79 -105.85 34.61
CA GLN YA 191 -46.71 -106.45 35.58
C GLN YA 191 -47.98 -105.62 35.70
N TYR YA 192 -47.85 -104.31 35.79
CA TYR YA 192 -49.02 -103.44 35.88
C TYR YA 192 -49.72 -103.32 34.55
N ALA YA 193 -49.01 -103.50 33.44
CA ALA YA 193 -49.66 -103.45 32.13
C ALA YA 193 -50.50 -104.70 31.89
N SER YA 194 -49.92 -105.88 32.13
CA SER YA 194 -50.62 -107.13 31.90
C SER YA 194 -51.61 -107.46 33.01
N GLY YA 195 -51.63 -106.69 34.08
CA GLY YA 195 -52.53 -107.00 35.19
C GLY YA 195 -52.09 -108.22 35.96
N HIS YA 196 -50.78 -108.42 36.09
CA HIS YA 196 -50.24 -109.55 36.84
C HIS YA 196 -49.96 -109.18 38.29
N ILE YA 197 -50.81 -108.32 38.86
CA ILE YA 197 -50.69 -107.90 40.24
C ILE YA 197 -50.98 -109.06 41.18
N SER YA 198 -51.84 -109.99 40.75
CA SER YA 198 -52.15 -111.15 41.55
C SER YA 198 -50.95 -112.09 41.60
N PRO YA 199 -50.65 -112.68 42.76
CA PRO YA 199 -49.47 -113.55 42.87
C PRO YA 199 -49.70 -114.95 42.32
N PHE YA 200 -48.79 -115.39 41.46
CA PHE YA 200 -48.83 -116.75 40.94
C PHE YA 200 -48.36 -117.75 41.99
N GLY YA 201 -47.35 -117.38 42.77
CA GLY YA 201 -46.87 -118.18 43.88
C GLY YA 201 -47.39 -117.65 45.19
N ASP YA 202 -46.57 -116.89 45.90
CA ASP YA 202 -47.00 -116.17 47.08
C ASP YA 202 -46.38 -114.78 47.04
N GLY YA 203 -47.04 -113.84 47.70
CA GLY YA 203 -46.52 -112.49 47.76
C GLY YA 203 -47.01 -111.78 49.01
N GLN YA 204 -46.06 -111.19 49.73
CA GLN YA 204 -46.36 -110.48 50.97
C GLN YA 204 -45.96 -109.02 50.81
N GLY YA 205 -46.94 -108.15 50.80
CA GLY YA 205 -46.71 -106.72 50.70
C GLY YA 205 -47.43 -105.94 51.76
N VAL YA 206 -47.31 -104.62 51.73
CA VAL YA 206 -48.01 -103.77 52.70
C VAL YA 206 -49.18 -103.07 52.01
N SER ZA 31 -49.50 -69.61 73.15
CA SER ZA 31 -50.81 -69.88 73.73
C SER ZA 31 -51.83 -70.14 72.62
N GLU ZA 32 -52.59 -71.24 72.74
CA GLU ZA 32 -53.50 -71.61 71.68
C GLU ZA 32 -54.77 -70.77 71.71
N ILE ZA 33 -55.02 -70.06 72.81
CA ILE ZA 33 -56.19 -69.20 72.90
C ILE ZA 33 -56.02 -67.99 71.97
N GLU ZA 34 -54.81 -67.46 71.87
CA GLU ZA 34 -54.58 -66.26 71.09
C GLU ZA 34 -54.41 -66.54 69.60
N LEU ZA 35 -54.50 -67.79 69.17
CA LEU ZA 35 -54.16 -68.11 67.79
C LEU ZA 35 -55.33 -67.88 66.85
N GLY ZA 36 -56.55 -67.86 67.37
CA GLY ZA 36 -57.69 -67.67 66.50
C GLY ZA 36 -58.01 -66.21 66.27
N VAL ZA 37 -57.47 -65.33 67.12
CA VAL ZA 37 -57.87 -63.93 67.12
C VAL ZA 37 -57.17 -63.20 65.98
N THR ZA 38 -57.96 -62.53 65.14
CA THR ZA 38 -57.42 -61.68 64.09
C THR ZA 38 -58.03 -60.31 64.31
N GLU ZA 39 -57.68 -59.32 63.49
CA GLU ZA 39 -58.04 -57.92 63.70
C GLU ZA 39 -59.52 -57.54 63.64
N PRO ZA 40 -60.31 -57.86 62.55
CA PRO ZA 40 -61.62 -57.21 62.43
C PRO ZA 40 -62.65 -57.68 63.45
N LEU ZA 41 -62.53 -58.90 63.93
CA LEU ZA 41 -63.51 -59.39 64.89
C LEU ZA 41 -62.92 -59.53 66.29
N GLY ZA 42 -61.63 -59.86 66.37
CA GLY ZA 42 -61.07 -60.11 67.68
C GLY ZA 42 -61.52 -61.45 68.23
N VAL ZA 43 -61.67 -61.51 69.55
CA VAL ZA 43 -62.21 -62.68 70.21
C VAL ZA 43 -63.69 -62.73 69.88
N TYR ZA 44 -64.10 -63.68 69.05
CA TYR ZA 44 -65.46 -63.71 68.53
C TYR ZA 44 -66.13 -65.01 68.90
N ASP ZA 45 -67.13 -64.93 69.77
CA ASP ZA 45 -67.99 -66.06 70.08
C ASP ZA 45 -69.38 -65.59 70.50
N PRO ZA 46 -70.37 -65.70 69.61
CA PRO ZA 46 -71.73 -65.37 70.01
C PRO ZA 46 -72.32 -66.38 70.97
N LEU ZA 47 -71.93 -67.65 70.85
CA LEU ZA 47 -72.44 -68.66 71.76
C LEU ZA 47 -71.75 -68.57 73.11
N GLY ZA 48 -70.51 -68.10 73.13
CA GLY ZA 48 -69.79 -67.93 74.37
C GLY ZA 48 -69.26 -69.19 74.99
N TRP ZA 49 -68.76 -70.14 74.20
CA TRP ZA 49 -68.24 -71.38 74.76
C TRP ZA 49 -66.88 -71.19 75.40
N LEU ZA 50 -66.24 -70.05 75.16
CA LEU ZA 50 -64.92 -69.79 75.75
C LEU ZA 50 -65.02 -69.61 77.26
N GLU ZA 51 -66.15 -69.10 77.74
CA GLU ZA 51 -66.32 -68.91 79.18
C GLU ZA 51 -67.16 -70.02 79.78
N SER ZA 52 -68.10 -70.57 79.01
CA SER ZA 52 -69.00 -71.58 79.57
C SER ZA 52 -68.29 -72.92 79.70
N GLU ZA 53 -67.73 -73.44 78.61
CA GLU ZA 53 -67.04 -74.73 78.60
C GLU ZA 53 -65.62 -74.53 78.11
N PRO ZA 54 -64.69 -74.11 78.98
CA PRO ZA 54 -63.31 -73.88 78.54
C PRO ZA 54 -62.51 -75.16 78.41
N GLU ZA 55 -63.05 -76.26 78.93
CA GLU ZA 55 -62.34 -77.53 78.85
C GLU ZA 55 -62.41 -78.12 77.45
N ALA ZA 56 -63.45 -77.78 76.69
CA ALA ZA 56 -63.62 -78.36 75.37
C ALA ZA 56 -62.71 -77.68 74.35
N PHE ZA 57 -62.21 -76.49 74.67
CA PHE ZA 57 -61.48 -75.62 73.76
C PHE ZA 57 -60.24 -76.27 73.16
N GLU ZA 58 -59.59 -77.15 73.92
CA GLU ZA 58 -58.41 -77.85 73.38
C GLU ZA 58 -58.80 -78.83 72.29
N ARG ZA 59 -60.02 -79.36 72.34
CA ARG ZA 59 -60.51 -80.16 71.23
C ARG ZA 59 -61.07 -79.28 70.13
N ARG ZA 60 -61.83 -78.24 70.50
CA ARG ZA 60 -62.54 -77.42 69.52
C ARG ZA 60 -61.56 -76.67 68.62
N ARG ZA 61 -60.42 -76.26 69.16
CA ARG ZA 61 -59.38 -75.68 68.32
C ARG ZA 61 -58.78 -76.73 67.41
N ALA ZA 62 -58.61 -77.95 67.92
CA ALA ZA 62 -58.03 -79.01 67.11
C ALA ZA 62 -59.04 -79.59 66.14
N VAL ZA 63 -60.29 -79.11 66.17
CA VAL ZA 63 -61.24 -79.45 65.12
C VAL ZA 63 -61.33 -78.30 64.11
N GLU ZA 64 -61.26 -77.05 64.58
CA GLU ZA 64 -61.30 -75.92 63.66
C GLU ZA 64 -60.04 -75.88 62.78
N ARG ZA 65 -58.91 -76.35 63.30
CA ARG ZA 65 -57.78 -76.63 62.41
C ARG ZA 65 -58.07 -77.80 61.49
N LYS ZA 66 -58.76 -78.82 61.99
CA LYS ZA 66 -58.86 -80.07 61.27
C LYS ZA 66 -59.84 -79.96 60.11
N HIS ZA 67 -61.04 -79.42 60.38
CA HIS ZA 67 -61.96 -79.10 59.29
C HIS ZA 67 -61.38 -78.03 58.38
N GLY ZA 68 -60.48 -77.21 58.90
CA GLY ZA 68 -59.81 -76.23 58.06
C GLY ZA 68 -58.89 -76.89 57.04
N ARG ZA 69 -57.99 -77.74 57.52
CA ARG ZA 69 -56.98 -78.35 56.65
C ARG ZA 69 -57.60 -79.26 55.61
N VAL ZA 70 -58.76 -79.84 55.90
CA VAL ZA 70 -59.44 -80.63 54.90
C VAL ZA 70 -60.10 -79.72 53.88
N ALA ZA 71 -60.64 -78.58 54.34
CA ALA ZA 71 -61.34 -77.68 53.42
C ALA ZA 71 -60.35 -76.96 52.51
N MET ZA 72 -59.17 -76.63 53.01
CA MET ZA 72 -58.17 -75.95 52.19
C MET ZA 72 -57.65 -76.86 51.09
N ALA ZA 73 -57.54 -78.14 51.35
CA ALA ZA 73 -57.14 -79.10 50.32
C ALA ZA 73 -58.30 -79.52 49.45
N ALA ZA 74 -59.50 -79.03 49.72
CA ALA ZA 74 -60.66 -79.34 48.90
C ALA ZA 74 -61.01 -78.20 47.94
N VAL ZA 75 -60.74 -76.96 48.32
CA VAL ZA 75 -60.95 -75.84 47.40
C VAL ZA 75 -59.97 -75.95 46.24
N VAL ZA 76 -58.72 -76.24 46.55
CA VAL ZA 76 -57.73 -76.51 45.51
C VAL ZA 76 -58.12 -77.75 44.72
N GLY ZA 77 -58.72 -78.73 45.40
CA GLY ZA 77 -59.26 -79.87 44.70
C GLY ZA 77 -60.47 -79.53 43.86
N THR ZA 78 -61.15 -78.43 44.18
CA THR ZA 78 -62.27 -78.02 43.33
C THR ZA 78 -61.75 -77.31 42.08
N ILE ZA 79 -60.69 -76.52 42.25
CA ILE ZA 79 -60.20 -75.68 41.16
C ILE ZA 79 -59.43 -76.52 40.15
N VAL ZA 80 -58.58 -77.42 40.63
CA VAL ZA 80 -57.75 -78.23 39.75
C VAL ZA 80 -58.62 -79.21 38.96
N HIS ZA 81 -59.67 -79.73 39.58
CA HIS ZA 81 -60.57 -80.63 38.86
C HIS ZA 81 -61.40 -79.87 37.83
N ASN ZA 82 -61.62 -78.57 38.03
CA ASN ZA 82 -62.44 -77.80 37.11
C ASN ZA 82 -61.64 -77.03 36.07
N ASN ZA 83 -60.33 -76.94 36.20
CA ASN ZA 83 -59.49 -76.49 35.10
C ASN ZA 83 -59.15 -77.60 34.12
N HIS ZA 84 -59.74 -78.78 34.31
CA HIS ZA 84 -59.49 -79.99 33.53
C HIS ZA 84 -58.01 -80.37 33.56
N ILE ZA 85 -57.36 -80.12 34.68
CA ILE ZA 85 -56.01 -80.63 34.92
C ILE ZA 85 -56.19 -82.09 35.32
N VAL ZA 86 -55.99 -82.97 34.36
CA VAL ZA 86 -56.30 -84.39 34.48
C VAL ZA 86 -55.00 -85.14 34.32
N PHE ZA 87 -54.87 -86.28 35.02
CA PHE ZA 87 -53.64 -87.08 34.95
C PHE ZA 87 -53.34 -87.65 33.56
N ASP ZA 88 -54.35 -87.66 32.67
CA ASP ZA 88 -54.20 -88.09 31.27
C ASP ZA 88 -53.72 -89.53 31.19
N GLY ZA 89 -54.29 -90.37 32.06
CA GLY ZA 89 -53.99 -91.79 32.06
C GLY ZA 89 -55.28 -92.57 32.05
N TYR ZA 90 -55.14 -93.88 32.14
CA TYR ZA 90 -56.27 -94.80 32.12
C TYR ZA 90 -56.43 -95.38 33.52
N LEU ZA 91 -57.44 -94.89 34.25
CA LEU ZA 91 -57.55 -95.17 35.68
C LEU ZA 91 -57.84 -96.64 35.97
N SER ZA 92 -58.94 -97.14 35.49
CA SER ZA 92 -59.31 -98.52 35.82
C SER ZA 92 -59.15 -99.38 34.58
N PRO ZA 93 -58.21 -100.33 34.56
CA PRO ZA 93 -58.20 -101.28 33.45
C PRO ZA 93 -59.38 -102.24 33.51
N SER ZA 94 -59.95 -102.45 34.69
CA SER ZA 94 -61.08 -103.37 34.80
C SER ZA 94 -62.40 -102.68 34.50
N ASN ZA 95 -62.71 -101.60 35.21
CA ASN ZA 95 -63.98 -100.92 35.08
C ASN ZA 95 -64.01 -99.94 33.93
N ASN ZA 96 -62.89 -99.78 33.22
CA ASN ZA 96 -62.75 -98.95 32.03
C ASN ZA 96 -63.09 -97.48 32.32
N LEU ZA 97 -62.58 -96.97 33.43
CA LEU ZA 97 -62.67 -95.55 33.75
C LEU ZA 97 -61.37 -94.88 33.31
N LYS ZA 98 -61.49 -93.80 32.57
CA LYS ZA 98 -60.38 -92.90 32.43
C LYS ZA 98 -60.46 -91.84 33.53
N PHE ZA 99 -59.37 -91.10 33.71
CA PHE ZA 99 -59.40 -89.99 34.65
C PHE ZA 99 -60.26 -88.86 34.14
N SER ZA 100 -60.39 -88.73 32.82
CA SER ZA 100 -61.21 -87.67 32.25
C SER ZA 100 -62.68 -88.04 32.33
N ASP ZA 101 -63.00 -89.31 32.53
CA ASP ZA 101 -64.39 -89.74 32.57
C ASP ZA 101 -65.06 -89.42 33.89
N ILE ZA 102 -64.30 -89.15 34.93
CA ILE ZA 102 -64.87 -88.89 36.24
C ILE ZA 102 -65.42 -87.47 36.27
N PRO ZA 103 -66.64 -87.26 36.75
CA PRO ZA 103 -67.20 -85.90 36.82
C PRO ZA 103 -66.43 -85.04 37.82
N THR ZA 104 -66.49 -83.73 37.59
CA THR ZA 104 -65.68 -82.80 38.34
C THR ZA 104 -66.43 -82.14 39.48
N GLY ZA 105 -67.74 -82.30 39.55
CA GLY ZA 105 -68.50 -81.66 40.61
C GLY ZA 105 -68.55 -82.48 41.87
N VAL ZA 106 -69.75 -82.62 42.44
CA VAL ZA 106 -69.93 -83.42 43.65
C VAL ZA 106 -69.81 -84.92 43.33
N ASP ZA 107 -70.19 -85.32 42.13
CA ASP ZA 107 -70.30 -86.74 41.79
C ASP ZA 107 -68.98 -87.36 41.36
N GLY ZA 108 -67.85 -86.79 41.79
CA GLY ZA 108 -66.57 -87.37 41.43
C GLY ZA 108 -66.27 -88.64 42.21
N ILE ZA 109 -66.50 -88.62 43.53
CA ILE ZA 109 -66.20 -89.79 44.35
C ILE ZA 109 -67.19 -90.90 44.06
N ARG ZA 110 -68.42 -90.55 43.70
CA ARG ZA 110 -69.42 -91.56 43.38
C ARG ZA 110 -69.10 -92.31 42.09
N ALA ZA 111 -68.23 -91.76 41.25
CA ALA ZA 111 -67.74 -92.48 40.08
C ALA ZA 111 -66.56 -93.38 40.39
N ILE ZA 112 -65.86 -93.14 41.49
CA ILE ZA 112 -64.74 -93.98 41.90
C ILE ZA 112 -65.27 -95.35 42.33
N PRO ZA 113 -64.71 -96.45 41.82
CA PRO ZA 113 -65.19 -97.77 42.22
C PRO ZA 113 -64.82 -98.08 43.67
N THR ZA 114 -65.55 -99.04 44.24
CA THR ZA 114 -65.42 -99.34 45.66
C THR ZA 114 -64.11 -100.01 46.00
N ALA ZA 115 -63.43 -100.61 45.02
CA ALA ZA 115 -62.09 -101.12 45.27
C ALA ZA 115 -61.08 -99.99 45.41
N GLY ZA 116 -61.37 -98.84 44.81
CA GLY ZA 116 -60.51 -97.69 44.95
C GLY ZA 116 -60.84 -96.91 46.20
N LEU ZA 117 -62.11 -96.94 46.59
CA LEU ZA 117 -62.49 -96.33 47.86
C LEU ZA 117 -61.96 -97.15 49.03
N ALA ZA 118 -61.76 -98.45 48.84
CA ALA ZA 118 -61.14 -99.26 49.87
C ALA ZA 118 -59.65 -98.95 49.99
N GLN ZA 119 -59.00 -98.58 48.89
CA GLN ZA 119 -57.58 -98.24 48.96
C GLN ZA 119 -57.36 -96.91 49.66
N ILE ZA 120 -58.30 -95.97 49.51
CA ILE ZA 120 -58.17 -94.67 50.17
C ILE ZA 120 -58.40 -94.80 51.67
N LEU ZA 121 -59.46 -95.50 52.05
CA LEU ZA 121 -59.80 -95.63 53.47
C LEU ZA 121 -58.79 -96.48 54.22
N ALA ZA 122 -58.16 -97.43 53.56
CA ALA ZA 122 -57.12 -98.21 54.23
C ALA ZA 122 -55.85 -97.40 54.39
N PHE ZA 123 -55.64 -96.42 53.52
CA PHE ZA 123 -54.44 -95.61 53.59
C PHE ZA 123 -54.56 -94.52 54.66
N PHE ZA 124 -55.65 -93.76 54.64
CA PHE ZA 124 -55.77 -92.67 55.59
C PHE ZA 124 -56.17 -93.16 56.97
N ALA ZA 125 -56.54 -94.43 57.10
CA ALA ZA 125 -56.58 -95.00 58.44
C ALA ZA 125 -55.19 -95.13 59.01
N LEU ZA 126 -54.21 -95.40 58.16
CA LEU ZA 126 -52.84 -95.48 58.64
C LEU ZA 126 -52.25 -94.10 58.85
N VAL ZA 127 -52.75 -93.10 58.11
CA VAL ZA 127 -52.31 -91.74 58.34
C VAL ZA 127 -52.92 -91.17 59.61
N GLU ZA 128 -54.25 -91.22 59.71
CA GLU ZA 128 -54.92 -90.40 60.69
C GLU ZA 128 -54.94 -91.08 62.07
N LEU ZA 129 -54.56 -92.35 62.14
CA LEU ZA 129 -54.42 -93.01 63.43
C LEU ZA 129 -52.98 -93.17 63.85
N ALA ZA 130 -52.11 -93.59 62.93
CA ALA ZA 130 -50.77 -94.00 63.29
C ALA ZA 130 -49.74 -92.89 63.10
N TRP ZA 131 -49.57 -92.43 61.87
CA TRP ZA 131 -48.48 -91.53 61.55
C TRP ZA 131 -48.77 -90.10 61.97
N MET ZA 132 -49.92 -89.58 61.59
CA MET ZA 132 -50.37 -88.24 61.97
C MET ZA 132 -51.65 -88.43 62.77
N PRO ZA 133 -51.55 -88.80 64.05
CA PRO ZA 133 -52.75 -89.20 64.80
C PRO ZA 133 -53.63 -88.02 65.12
N ALA ZA 134 -54.91 -88.14 64.77
CA ALA ZA 134 -55.87 -87.06 65.01
C ALA ZA 134 -56.20 -86.88 66.47
N SER ZA 135 -55.88 -87.86 67.31
CA SER ZA 135 -56.04 -87.68 68.75
C SER ZA 135 -55.03 -86.71 69.33
N LYS ZA 136 -53.96 -86.40 68.61
CA LYS ZA 136 -52.99 -85.41 69.05
C LYS ZA 136 -53.60 -84.03 68.83
N TYR ZA 137 -54.10 -83.43 69.90
CA TYR ZA 137 -54.83 -82.18 69.79
C TYR ZA 137 -53.94 -80.97 69.59
N ASP ZA 138 -52.62 -81.13 69.59
CA ASP ZA 138 -51.76 -80.00 69.30
C ASP ZA 138 -51.71 -79.70 67.81
N GLY ZA 139 -51.79 -80.74 66.98
CA GLY ZA 139 -51.78 -80.58 65.54
C GLY ZA 139 -50.43 -80.34 64.93
N ASP ZA 140 -49.35 -80.40 65.72
CA ASP ZA 140 -48.01 -80.04 65.28
C ASP ZA 140 -47.16 -81.27 64.97
N TYR ZA 141 -47.78 -82.24 64.28
CA TYR ZA 141 -47.43 -83.64 64.20
C TYR ZA 141 -45.96 -83.97 64.02
N GLY ZA 142 -45.40 -83.67 62.86
CA GLY ZA 142 -43.96 -83.75 62.78
C GLY ZA 142 -43.29 -82.63 62.05
N VAL ZA 143 -44.03 -81.97 61.18
CA VAL ZA 143 -43.46 -81.21 60.08
C VAL ZA 143 -43.63 -79.73 60.37
N GLY ZA 144 -42.57 -78.96 60.18
CA GLY ZA 144 -42.66 -77.53 60.28
C GLY ZA 144 -43.33 -76.93 59.06
N TYR ZA 145 -43.32 -75.60 59.03
CA TYR ZA 145 -43.80 -74.89 57.86
C TYR ZA 145 -42.73 -75.07 56.79
N PHE ZA 146 -43.02 -76.00 55.86
CA PHE ZA 146 -42.06 -76.48 54.87
C PHE ZA 146 -40.81 -77.03 55.54
N GLY ZA 147 -41.00 -77.99 56.44
CA GLY ZA 147 -39.90 -78.72 57.02
C GLY ZA 147 -39.19 -78.07 58.18
N THR ZA 148 -39.26 -76.75 58.30
CA THR ZA 148 -38.58 -76.02 59.36
C THR ZA 148 -39.62 -75.35 60.25
N ASP ZA 149 -39.33 -75.31 61.55
CA ASP ZA 149 -40.19 -74.54 62.43
C ASP ZA 149 -39.88 -73.06 62.30
N ILE ZA 150 -40.68 -72.25 62.99
CA ILE ZA 150 -40.53 -70.80 62.95
C ILE ZA 150 -40.11 -70.38 64.35
N LYS ZA 151 -38.82 -70.10 64.52
CA LYS ZA 151 -38.27 -69.82 65.84
C LYS ZA 151 -38.69 -68.46 66.38
N ASP ZA 152 -39.03 -67.51 65.51
CA ASP ZA 152 -39.50 -66.20 65.93
C ASP ZA 152 -40.90 -66.34 66.51
N PRO ZA 153 -41.13 -66.00 67.79
CA PRO ZA 153 -42.42 -66.27 68.41
C PRO ZA 153 -43.56 -65.45 67.83
N GLU ZA 154 -43.26 -64.25 67.33
CA GLU ZA 154 -44.31 -63.45 66.70
C GLU ZA 154 -44.68 -63.99 65.34
N GLU ZA 155 -43.69 -64.47 64.58
CA GLU ZA 155 -43.98 -64.98 63.25
C GLU ZA 155 -44.57 -66.37 63.29
N LYS ZA 156 -44.21 -67.16 64.30
CA LYS ZA 156 -44.86 -68.45 64.48
C LYS ZA 156 -46.31 -68.26 64.92
N ALA ZA 157 -46.57 -67.25 65.74
CA ALA ZA 157 -47.93 -66.92 66.11
C ALA ZA 157 -48.60 -66.03 65.07
N ARG ZA 158 -47.88 -65.66 64.03
CA ARG ZA 158 -48.54 -65.06 62.88
C ARG ZA 158 -49.14 -66.11 61.98
N LYS ZA 159 -48.34 -67.04 61.47
CA LYS ZA 159 -48.79 -67.97 60.45
C LYS ZA 159 -49.76 -69.01 60.97
N LEU ZA 160 -49.83 -69.21 62.28
CA LEU ZA 160 -50.90 -70.02 62.83
C LEU ZA 160 -52.25 -69.35 62.73
N ASN ZA 161 -52.32 -68.01 62.84
CA ASN ZA 161 -53.53 -67.29 62.44
C ASN ZA 161 -53.82 -67.44 60.96
N VAL ZA 162 -52.78 -67.56 60.16
CA VAL ZA 162 -52.96 -67.63 58.72
C VAL ZA 162 -53.46 -69.01 58.30
N GLU ZA 163 -53.00 -70.05 58.98
CA GLU ZA 163 -53.58 -71.38 58.73
C GLU ZA 163 -55.03 -71.44 59.17
N LEU ZA 164 -55.38 -70.68 60.21
CA LEU ZA 164 -56.78 -70.65 60.61
C LEU ZA 164 -57.63 -69.81 59.66
N ASN ZA 165 -57.16 -68.62 59.28
CA ASN ZA 165 -58.03 -67.73 58.53
C ASN ZA 165 -58.19 -68.15 57.08
N ASN ZA 166 -57.12 -68.59 56.42
CA ASN ZA 166 -57.29 -69.31 55.15
C ASN ZA 166 -58.04 -70.62 55.37
N GLY ZA 167 -57.98 -71.19 56.55
CA GLY ZA 167 -58.75 -72.39 56.84
C GLY ZA 167 -60.21 -72.14 57.09
N ARG ZA 168 -60.53 -71.06 57.82
CA ARG ZA 168 -61.92 -70.70 58.04
C ARG ZA 168 -62.62 -70.28 56.76
N ALA ZA 169 -61.92 -69.54 55.91
CA ALA ZA 169 -62.48 -69.11 54.65
C ALA ZA 169 -62.66 -70.26 53.68
N ALA ZA 170 -61.87 -71.32 53.82
CA ALA ZA 170 -62.02 -72.46 52.93
C ALA ZA 170 -63.21 -73.33 53.31
N MET ZA 171 -63.60 -73.33 54.57
CA MET ZA 171 -64.80 -74.05 54.97
C MET ZA 171 -66.03 -73.39 54.38
N MET ZA 172 -66.05 -72.06 54.38
CA MET ZA 172 -67.13 -71.32 53.76
C MET ZA 172 -67.05 -71.33 52.25
N GLY ZA 173 -65.93 -71.77 51.68
CA GLY ZA 173 -65.80 -71.84 50.24
C GLY ZA 173 -66.29 -73.15 49.67
N ILE ZA 174 -66.06 -74.25 50.38
CA ILE ZA 174 -66.55 -75.55 49.92
C ILE ZA 174 -68.06 -75.62 50.03
N MET ZA 175 -68.63 -75.05 51.10
CA MET ZA 175 -70.07 -74.93 51.19
C MET ZA 175 -70.62 -74.01 50.12
N GLY ZA 176 -69.83 -73.04 49.65
CA GLY ZA 176 -70.22 -72.27 48.49
C GLY ZA 176 -70.18 -73.04 47.20
N ASN ZA 177 -69.36 -74.10 47.14
CA ASN ZA 177 -69.37 -74.98 45.98
C ASN ZA 177 -70.45 -76.04 46.06
N MET ZA 178 -70.48 -76.81 47.15
CA MET ZA 178 -71.32 -77.99 47.21
C MET ZA 178 -72.81 -77.66 47.24
N VAL ZA 179 -73.17 -76.43 47.61
CA VAL ZA 179 -74.55 -75.99 47.52
C VAL ZA 179 -74.85 -75.43 46.14
N ALA ZA 180 -73.97 -74.60 45.59
CA ALA ZA 180 -74.21 -74.03 44.27
C ALA ZA 180 -73.92 -75.01 43.14
N GLU ZA 181 -73.43 -76.22 43.43
CA GLU ZA 181 -73.34 -77.26 42.41
C GLU ZA 181 -74.52 -78.22 42.46
N VAL ZA 182 -75.32 -78.17 43.51
CA VAL ZA 182 -76.54 -78.96 43.59
C VAL ZA 182 -77.76 -78.13 43.20
N LEU ZA 183 -77.83 -76.88 43.65
CA LEU ZA 183 -78.97 -76.04 43.31
C LEU ZA 183 -78.94 -75.64 41.84
N THR ZA 184 -77.78 -75.27 41.32
CA THR ZA 184 -77.68 -75.03 39.88
C THR ZA 184 -77.61 -76.33 39.10
N GLY ZA 185 -77.29 -77.44 39.76
CA GLY ZA 185 -77.25 -78.73 39.09
C GLY ZA 185 -76.11 -78.91 38.12
N GLN ZA 186 -75.10 -78.05 38.17
CA GLN ZA 186 -74.00 -78.08 37.22
C GLN ZA 186 -72.69 -78.17 38.00
N THR ZA 187 -71.60 -78.37 37.27
CA THR ZA 187 -70.28 -78.26 37.87
C THR ZA 187 -69.92 -76.79 37.97
N MET ZA 188 -68.74 -76.50 38.54
CA MET ZA 188 -68.30 -75.12 38.56
C MET ZA 188 -67.88 -74.67 37.18
N TYR ZA 189 -67.32 -75.58 36.38
CA TYR ZA 189 -66.89 -75.23 35.03
C TYR ZA 189 -68.06 -74.90 34.13
N GLU ZA 190 -69.19 -75.56 34.32
CA GLU ZA 190 -70.35 -75.30 33.48
C GLU ZA 190 -71.06 -74.01 33.84
N GLN ZA 191 -70.91 -73.53 35.08
CA GLN ZA 191 -71.54 -72.27 35.45
C GLN ZA 191 -70.86 -71.09 34.80
N TYR ZA 192 -69.53 -71.08 34.81
CA TYR ZA 192 -68.80 -70.00 34.18
C TYR ZA 192 -68.82 -70.10 32.67
N ALA ZA 193 -68.99 -71.32 32.13
CA ALA ZA 193 -69.08 -71.47 30.68
C ALA ZA 193 -70.42 -70.98 30.17
N SER ZA 194 -71.51 -71.40 30.79
CA SER ZA 194 -72.84 -71.01 30.35
C SER ZA 194 -73.21 -69.59 30.79
N GLY ZA 195 -72.39 -68.95 31.61
CA GLY ZA 195 -72.73 -67.63 32.10
C GLY ZA 195 -73.86 -67.65 33.11
N HIS ZA 196 -73.91 -68.69 33.94
CA HIS ZA 196 -74.93 -68.81 34.97
C HIS ZA 196 -74.46 -68.24 36.30
N ILE ZA 197 -73.66 -67.18 36.24
CA ILE ZA 197 -73.15 -66.51 37.43
C ILE ZA 197 -74.29 -65.83 38.17
N SER ZA 198 -75.32 -65.40 37.45
CA SER ZA 198 -76.47 -64.77 38.08
C SER ZA 198 -77.27 -65.81 38.86
N PRO ZA 199 -77.76 -65.46 40.05
CA PRO ZA 199 -78.48 -66.45 40.86
C PRO ZA 199 -79.93 -66.64 40.43
N PHE ZA 200 -80.32 -67.89 40.23
CA PHE ZA 200 -81.71 -68.22 39.91
C PHE ZA 200 -82.58 -68.11 41.16
N GLY ZA 201 -82.06 -68.52 42.30
CA GLY ZA 201 -82.75 -68.37 43.57
C GLY ZA 201 -82.20 -67.19 44.34
N ASP ZA 202 -81.32 -67.47 45.30
CA ASP ZA 202 -80.60 -66.41 45.99
C ASP ZA 202 -79.16 -66.88 46.14
N GLY ZA 203 -78.26 -65.91 46.25
CA GLY ZA 203 -76.85 -66.23 46.43
C GLY ZA 203 -76.12 -65.12 47.14
N GLN ZA 204 -75.40 -65.49 48.19
CA GLN ZA 204 -74.66 -64.53 49.01
C GLN ZA 204 -73.19 -64.87 48.94
N GLY ZA 205 -72.41 -63.98 48.32
CA GLY ZA 205 -70.98 -64.17 48.20
C GLY ZA 205 -70.22 -62.92 48.62
N VAL ZA 206 -68.90 -62.97 48.54
CA VAL ZA 206 -68.08 -61.82 48.89
C VAL ZA 206 -67.53 -61.16 47.63
N SER AB 31 -132.09 -14.66 81.80
CA SER AB 31 -133.50 -14.37 81.74
C SER AB 31 -133.93 -13.99 80.33
N GLU AB 32 -135.23 -14.11 80.04
CA GLU AB 32 -135.73 -13.84 78.71
C GLU AB 32 -135.77 -12.36 78.37
N ILE AB 33 -135.60 -11.48 79.35
CA ILE AB 33 -135.53 -10.06 79.06
C ILE AB 33 -134.24 -9.72 78.33
N GLU AB 34 -133.16 -10.43 78.66
CA GLU AB 34 -131.85 -10.19 78.07
C GLU AB 34 -131.65 -10.88 76.74
N LEU AB 35 -132.68 -11.48 76.15
CA LEU AB 35 -132.46 -12.32 74.97
C LEU AB 35 -132.91 -11.67 73.68
N GLY AB 36 -133.78 -10.67 73.75
CA GLY AB 36 -134.11 -9.94 72.55
C GLY AB 36 -133.18 -8.79 72.23
N VAL AB 37 -132.28 -8.45 73.13
CA VAL AB 37 -131.49 -7.23 73.02
C VAL AB 37 -130.34 -7.46 72.04
N THR AB 38 -130.37 -6.74 70.92
CA THR AB 38 -129.32 -6.81 69.91
C THR AB 38 -128.78 -5.40 69.70
N GLU AB 39 -127.47 -5.31 69.49
CA GLU AB 39 -126.74 -4.04 69.45
C GLU AB 39 -127.28 -2.89 68.57
N PRO AB 40 -127.83 -3.11 67.35
CA PRO AB 40 -128.29 -1.93 66.59
C PRO AB 40 -129.46 -1.19 67.22
N LEU AB 41 -130.26 -1.84 68.04
CA LEU AB 41 -131.35 -1.16 68.73
C LEU AB 41 -131.27 -1.30 70.23
N GLY AB 42 -130.59 -2.31 70.76
CA GLY AB 42 -130.58 -2.56 72.19
C GLY AB 42 -131.94 -3.02 72.65
N VAL AB 43 -132.56 -2.24 73.52
CA VAL AB 43 -133.94 -2.46 73.94
C VAL AB 43 -134.82 -1.61 73.04
N TYR AB 44 -135.91 -2.19 72.54
CA TYR AB 44 -136.69 -1.50 71.53
C TYR AB 44 -138.16 -1.90 71.65
N ASP AB 45 -139.00 -0.93 71.99
CA ASP AB 45 -140.45 -1.06 71.82
C ASP AB 45 -141.07 0.31 71.52
N PRO AB 46 -141.71 0.46 70.35
CA PRO AB 46 -142.38 1.73 70.06
C PRO AB 46 -143.72 1.89 70.75
N LEU AB 47 -144.26 0.82 71.32
CA LEU AB 47 -145.59 0.86 71.94
C LEU AB 47 -145.54 0.91 73.46
N GLY AB 48 -144.55 0.28 74.09
CA GLY AB 48 -144.41 0.35 75.52
C GLY AB 48 -144.92 -0.83 76.30
N TRP AB 49 -144.96 -2.02 75.67
CA TRP AB 49 -145.44 -3.21 76.34
C TRP AB 49 -144.44 -3.83 77.29
N LEU AB 50 -143.18 -3.37 77.26
CA LEU AB 50 -142.18 -3.90 78.18
C LEU AB 50 -142.42 -3.44 79.60
N GLU AB 51 -143.04 -2.29 79.79
CA GLU AB 51 -143.33 -1.76 81.12
C GLU AB 51 -144.81 -1.80 81.46
N SER AB 52 -145.68 -1.55 80.48
CA SER AB 52 -147.11 -1.58 80.72
C SER AB 52 -147.64 -2.99 81.00
N GLU AB 53 -147.00 -4.02 80.44
CA GLU AB 53 -147.43 -5.39 80.71
C GLU AB 53 -146.23 -6.32 80.62
N PRO AB 54 -145.47 -6.47 81.71
CA PRO AB 54 -144.49 -7.57 81.76
C PRO AB 54 -145.13 -8.90 82.12
N GLU AB 55 -146.43 -8.92 82.42
CA GLU AB 55 -147.10 -10.17 82.76
C GLU AB 55 -147.27 -11.06 81.55
N ALA AB 56 -147.45 -10.47 80.38
CA ALA AB 56 -147.56 -11.25 79.15
C ALA AB 56 -146.21 -11.54 78.51
N PHE AB 57 -145.10 -11.19 79.17
CA PHE AB 57 -143.79 -11.25 78.54
C PHE AB 57 -143.38 -12.69 78.25
N GLU AB 58 -143.59 -13.60 79.22
CA GLU AB 58 -143.32 -15.00 78.98
C GLU AB 58 -144.31 -15.60 77.99
N ARG AB 59 -145.51 -15.05 77.90
CA ARG AB 59 -146.42 -15.42 76.82
C ARG AB 59 -145.91 -14.89 75.49
N ARG AB 60 -145.54 -13.60 75.43
CA ARG AB 60 -145.08 -13.03 74.18
C ARG AB 60 -143.72 -13.56 73.76
N ARG AB 61 -142.88 -13.99 74.71
CA ARG AB 61 -141.59 -14.55 74.33
C ARG AB 61 -141.76 -15.90 73.65
N ALA AB 62 -142.66 -16.73 74.15
CA ALA AB 62 -142.95 -18.02 73.54
C ALA AB 62 -143.85 -17.89 72.33
N VAL AB 63 -144.11 -16.68 71.86
CA VAL AB 63 -144.85 -16.45 70.63
C VAL AB 63 -143.97 -15.85 69.54
N GLU AB 64 -143.11 -14.89 69.91
CA GLU AB 64 -142.09 -14.42 68.97
C GLU AB 64 -141.07 -15.51 68.67
N ARG AB 65 -140.78 -16.39 69.63
CA ARG AB 65 -140.05 -17.61 69.30
C ARG AB 65 -140.89 -18.53 68.42
N LYS AB 66 -142.19 -18.58 68.66
CA LYS AB 66 -143.00 -19.56 67.96
C LYS AB 66 -143.32 -19.12 66.53
N HIS AB 67 -143.68 -17.85 66.33
CA HIS AB 67 -143.84 -17.33 64.97
C HIS AB 67 -142.52 -17.30 64.21
N GLY AB 68 -141.40 -17.19 64.91
CA GLY AB 68 -140.10 -17.20 64.25
C GLY AB 68 -139.75 -18.56 63.71
N ARG AB 69 -139.86 -19.59 64.56
CA ARG AB 69 -139.50 -20.95 64.18
C ARG AB 69 -140.38 -21.49 63.06
N VAL AB 70 -141.58 -20.95 62.89
CA VAL AB 70 -142.37 -21.24 61.71
C VAL AB 70 -141.70 -20.66 60.48
N ALA AB 71 -141.34 -19.38 60.53
CA ALA AB 71 -140.90 -18.66 59.35
C ALA AB 71 -139.52 -19.11 58.88
N MET AB 72 -138.66 -19.53 59.81
CA MET AB 72 -137.33 -19.99 59.45
C MET AB 72 -137.39 -21.26 58.61
N ALA AB 73 -138.26 -22.20 59.00
CA ALA AB 73 -138.50 -23.37 58.17
C ALA AB 73 -139.28 -22.99 56.92
N ALA AB 74 -140.05 -21.91 56.97
CA ALA AB 74 -140.82 -21.50 55.81
C ALA AB 74 -139.94 -20.83 54.76
N VAL AB 75 -138.82 -20.23 55.17
CA VAL AB 75 -137.87 -19.66 54.23
C VAL AB 75 -137.26 -20.74 53.36
N VAL AB 76 -136.82 -21.84 53.99
CA VAL AB 76 -136.26 -22.96 53.26
C VAL AB 76 -137.35 -23.63 52.41
N GLY AB 77 -138.57 -23.67 52.93
CA GLY AB 77 -139.69 -24.14 52.14
C GLY AB 77 -140.07 -23.22 51.01
N THR AB 78 -139.62 -21.97 51.04
CA THR AB 78 -139.78 -21.12 49.87
C THR AB 78 -138.68 -21.36 48.86
N ILE AB 79 -137.44 -21.49 49.34
CA ILE AB 79 -136.29 -21.56 48.46
C ILE AB 79 -136.22 -22.89 47.74
N VAL AB 80 -136.31 -23.99 48.49
CA VAL AB 80 -136.13 -25.33 47.96
C VAL AB 80 -137.25 -25.70 46.98
N HIS AB 81 -138.47 -25.22 47.25
CA HIS AB 81 -139.55 -25.40 46.28
C HIS AB 81 -139.29 -24.61 45.00
N ASN AB 82 -138.69 -23.42 45.14
CA ASN AB 82 -138.45 -22.59 43.97
C ASN AB 82 -137.17 -22.95 43.23
N ASN AB 83 -136.34 -23.83 43.76
CA ASN AB 83 -135.21 -24.35 42.99
C ASN AB 83 -135.59 -25.59 42.20
N HIS AB 84 -136.87 -25.96 42.20
CA HIS AB 84 -137.40 -27.16 41.54
C HIS AB 84 -136.70 -28.43 42.02
N ILE AB 85 -136.43 -28.51 43.31
CA ILE AB 85 -135.98 -29.75 43.92
C ILE AB 85 -137.22 -30.61 44.19
N VAL AB 86 -137.24 -31.79 43.61
CA VAL AB 86 -138.42 -32.64 43.56
C VAL AB 86 -138.13 -33.92 44.32
N PHE AB 87 -139.13 -34.41 45.07
CA PHE AB 87 -139.02 -35.69 45.75
C PHE AB 87 -138.88 -36.87 44.80
N ASP AB 88 -139.26 -36.69 43.53
CA ASP AB 88 -138.97 -37.62 42.43
C ASP AB 88 -139.66 -38.97 42.60
N GLY AB 89 -140.74 -39.00 43.35
CA GLY AB 89 -141.55 -40.19 43.47
C GLY AB 89 -142.84 -40.04 42.70
N TYR AB 90 -143.96 -40.32 43.37
CA TYR AB 90 -145.28 -40.16 42.78
C TYR AB 90 -146.25 -39.98 43.93
N LEU AB 91 -146.73 -38.75 44.11
CA LEU AB 91 -147.39 -38.36 45.34
C LEU AB 91 -148.75 -39.03 45.49
N SER AB 92 -149.68 -38.73 44.61
CA SER AB 92 -151.04 -39.22 44.78
C SER AB 92 -151.30 -40.34 43.80
N PRO AB 93 -151.45 -41.58 44.26
CA PRO AB 93 -151.95 -42.62 43.34
C PRO AB 93 -153.40 -42.39 42.97
N SER AB 94 -154.17 -41.73 43.83
CA SER AB 94 -155.56 -41.44 43.54
C SER AB 94 -155.69 -40.20 42.65
N ASN AB 95 -155.24 -39.05 43.14
CA ASN AB 95 -155.46 -37.79 42.45
C ASN AB 95 -154.55 -37.58 41.26
N ASN AB 96 -153.57 -38.47 41.06
CA ASN AB 96 -152.58 -38.40 39.98
C ASN AB 96 -151.80 -37.10 40.00
N LEU AB 97 -151.39 -36.69 41.20
CA LEU AB 97 -150.50 -35.56 41.37
C LEU AB 97 -149.07 -36.09 41.49
N LYS AB 98 -148.20 -35.61 40.62
CA LYS AB 98 -146.78 -35.77 40.85
C LYS AB 98 -146.30 -34.60 41.70
N PHE AB 99 -145.08 -34.69 42.22
CA PHE AB 99 -144.54 -33.56 42.97
C PHE AB 99 -144.20 -32.37 42.08
N SER AB 100 -144.02 -32.59 40.78
CA SER AB 100 -143.82 -31.50 39.85
C SER AB 100 -145.11 -30.72 39.56
N ASP AB 101 -146.26 -31.36 39.70
CA ASP AB 101 -147.54 -30.72 39.39
C ASP AB 101 -147.93 -29.67 40.43
N ILE AB 102 -147.47 -29.82 41.67
CA ILE AB 102 -147.88 -28.92 42.75
C ILE AB 102 -147.19 -27.57 42.55
N PRO AB 103 -147.92 -26.45 42.65
CA PRO AB 103 -147.29 -25.14 42.45
C PRO AB 103 -146.30 -24.80 43.55
N THR AB 104 -145.19 -24.18 43.16
CA THR AB 104 -144.11 -23.86 44.09
C THR AB 104 -144.27 -22.50 44.74
N GLY AB 105 -145.39 -21.81 44.51
CA GLY AB 105 -145.61 -20.51 45.10
C GLY AB 105 -146.53 -20.55 46.29
N VAL AB 106 -147.68 -19.89 46.18
CA VAL AB 106 -148.63 -19.85 47.28
C VAL AB 106 -149.61 -21.03 47.19
N ASP AB 107 -150.00 -21.40 45.98
CA ASP AB 107 -151.09 -22.35 45.77
C ASP AB 107 -150.67 -23.81 45.91
N GLY AB 108 -149.55 -24.09 46.57
CA GLY AB 108 -149.14 -25.48 46.75
C GLY AB 108 -150.00 -26.22 47.75
N ILE AB 109 -150.38 -25.56 48.85
CA ILE AB 109 -151.25 -26.19 49.84
C ILE AB 109 -152.65 -26.37 49.27
N ARG AB 110 -153.10 -25.43 48.43
CA ARG AB 110 -154.40 -25.57 47.81
C ARG AB 110 -154.43 -26.66 46.74
N ALA AB 111 -153.27 -27.16 46.33
CA ALA AB 111 -153.20 -28.36 45.49
C ALA AB 111 -153.16 -29.64 46.32
N ILE AB 112 -152.91 -29.54 47.61
CA ILE AB 112 -152.86 -30.73 48.47
C ILE AB 112 -154.29 -31.19 48.80
N PRO AB 113 -154.61 -32.47 48.63
CA PRO AB 113 -155.95 -32.94 48.97
C PRO AB 113 -156.19 -32.94 50.47
N THR AB 114 -157.47 -32.86 50.83
CA THR AB 114 -157.85 -32.80 52.24
C THR AB 114 -157.60 -34.11 52.97
N ALA AB 115 -157.59 -35.23 52.25
CA ALA AB 115 -157.23 -36.51 52.87
C ALA AB 115 -155.77 -36.53 53.29
N GLY AB 116 -154.90 -35.85 52.54
CA GLY AB 116 -153.54 -35.65 53.00
C GLY AB 116 -153.46 -34.58 54.06
N LEU AB 117 -154.30 -33.55 53.97
CA LEU AB 117 -154.39 -32.55 55.02
C LEU AB 117 -154.97 -33.13 56.30
N ALA AB 118 -155.79 -34.17 56.19
CA ALA AB 118 -156.24 -34.90 57.37
C ALA AB 118 -155.08 -35.61 58.05
N GLN AB 119 -154.14 -36.12 57.25
CA GLN AB 119 -152.95 -36.77 57.81
C GLN AB 119 -152.05 -35.76 58.52
N ILE AB 120 -152.08 -34.51 58.07
CA ILE AB 120 -151.16 -33.50 58.60
C ILE AB 120 -151.55 -33.10 60.01
N LEU AB 121 -152.74 -32.53 60.17
CA LEU AB 121 -153.10 -31.89 61.44
C LEU AB 121 -153.35 -32.90 62.54
N ALA AB 122 -153.70 -34.14 62.20
CA ALA AB 122 -153.76 -35.17 63.23
C ALA AB 122 -152.38 -35.55 63.74
N PHE AB 123 -151.35 -35.38 62.91
CA PHE AB 123 -149.99 -35.64 63.36
C PHE AB 123 -149.45 -34.48 64.18
N PHE AB 124 -149.60 -33.25 63.69
CA PHE AB 124 -149.03 -32.09 64.35
C PHE AB 124 -149.80 -31.67 65.59
N ALA AB 125 -151.03 -32.17 65.78
CA ALA AB 125 -151.67 -32.03 67.08
C ALA AB 125 -150.92 -32.82 68.13
N LEU AB 126 -150.45 -34.02 67.77
CA LEU AB 126 -149.59 -34.78 68.67
C LEU AB 126 -148.22 -34.11 68.83
N VAL AB 127 -147.78 -33.34 67.85
CA VAL AB 127 -146.50 -32.65 67.95
C VAL AB 127 -146.62 -31.43 68.83
N GLU AB 128 -147.69 -30.64 68.61
CA GLU AB 128 -147.87 -29.41 69.37
C GLU AB 128 -148.20 -29.70 70.84
N LEU AB 129 -148.97 -30.75 71.12
CA LEU AB 129 -149.54 -30.96 72.44
C LEU AB 129 -148.82 -32.01 73.26
N ALA AB 130 -148.62 -33.20 72.70
CA ALA AB 130 -148.12 -34.33 73.49
C ALA AB 130 -146.62 -34.24 73.72
N TRP AB 131 -145.85 -34.11 72.65
CA TRP AB 131 -144.40 -34.25 72.74
C TRP AB 131 -143.70 -32.93 72.96
N MET AB 132 -144.12 -31.88 72.25
CA MET AB 132 -143.44 -30.58 72.29
C MET AB 132 -144.45 -29.52 72.71
N PRO AB 133 -144.77 -29.45 74.01
CA PRO AB 133 -145.95 -28.69 74.45
C PRO AB 133 -145.75 -27.18 74.35
N ALA AB 134 -146.77 -26.51 73.82
CA ALA AB 134 -146.77 -25.06 73.74
C ALA AB 134 -146.99 -24.39 75.08
N SER AB 135 -147.51 -25.10 76.07
CA SER AB 135 -147.61 -24.56 77.41
C SER AB 135 -146.27 -24.53 78.12
N LYS AB 136 -145.25 -25.20 77.57
CA LYS AB 136 -143.88 -25.06 78.06
C LYS AB 136 -143.30 -23.83 77.38
N TYR AB 137 -143.39 -22.69 78.09
CA TYR AB 137 -143.10 -21.41 77.48
C TYR AB 137 -141.61 -21.15 77.27
N ASP AB 138 -140.73 -21.97 77.84
CA ASP AB 138 -139.32 -21.67 77.70
C ASP AB 138 -138.76 -22.14 76.37
N GLY AB 139 -139.47 -22.99 75.64
CA GLY AB 139 -139.03 -23.45 74.34
C GLY AB 139 -137.85 -24.39 74.37
N ASP AB 140 -137.47 -24.90 75.54
CA ASP AB 140 -136.28 -25.71 75.75
C ASP AB 140 -136.62 -27.18 75.84
N TYR AB 141 -137.53 -27.64 74.96
CA TYR AB 141 -138.39 -28.80 75.15
C TYR AB 141 -137.66 -30.09 75.49
N GLY AB 142 -136.94 -30.66 74.54
CA GLY AB 142 -136.19 -31.84 74.87
C GLY AB 142 -134.75 -31.84 74.40
N VAL AB 143 -134.46 -31.00 73.43
CA VAL AB 143 -133.19 -31.02 72.72
C VAL AB 143 -132.46 -29.73 73.04
N GLY AB 144 -131.14 -29.82 73.24
CA GLY AB 144 -130.36 -28.61 73.32
C GLY AB 144 -130.03 -28.08 71.94
N TYR AB 145 -128.76 -27.77 71.72
CA TYR AB 145 -128.30 -27.28 70.43
C TYR AB 145 -127.57 -28.43 69.75
N PHE AB 146 -128.19 -28.99 68.71
CA PHE AB 146 -127.79 -30.25 68.07
C PHE AB 146 -127.63 -31.36 69.10
N GLY AB 147 -128.71 -31.59 69.84
CA GLY AB 147 -128.70 -32.60 70.87
C GLY AB 147 -128.18 -32.10 72.20
N THR AB 148 -126.89 -31.80 72.26
CA THR AB 148 -126.27 -31.36 73.49
C THR AB 148 -126.63 -29.91 73.77
N ASP AB 149 -126.34 -29.48 75.00
CA ASP AB 149 -126.55 -28.10 75.38
C ASP AB 149 -125.27 -27.29 75.21
N ILE AB 150 -125.40 -25.98 75.34
CA ILE AB 150 -124.27 -25.06 75.28
C ILE AB 150 -123.87 -24.76 76.72
N LYS AB 151 -122.81 -25.40 77.19
CA LYS AB 151 -122.47 -25.36 78.60
C LYS AB 151 -121.82 -24.05 79.02
N ASP AB 152 -121.38 -23.22 78.08
CA ASP AB 152 -120.90 -21.89 78.41
C ASP AB 152 -122.10 -20.95 78.41
N PRO AB 153 -122.46 -20.36 79.55
CA PRO AB 153 -123.62 -19.43 79.55
C PRO AB 153 -123.35 -18.14 78.81
N GLU AB 154 -122.10 -17.78 78.58
CA GLU AB 154 -121.78 -16.64 77.74
C GLU AB 154 -122.16 -16.92 76.29
N GLU AB 155 -121.77 -18.09 75.78
CA GLU AB 155 -122.11 -18.45 74.41
C GLU AB 155 -123.53 -18.97 74.29
N LYS AB 156 -124.14 -19.42 75.38
CA LYS AB 156 -125.53 -19.87 75.32
C LYS AB 156 -126.46 -18.69 75.10
N ALA AB 157 -126.32 -17.66 75.94
CA ALA AB 157 -127.18 -16.49 75.81
C ALA AB 157 -126.85 -15.70 74.56
N ARG AB 158 -125.62 -15.80 74.06
CA ARG AB 158 -125.28 -15.16 72.80
C ARG AB 158 -125.98 -15.84 71.63
N LYS AB 159 -126.07 -17.17 71.66
CA LYS AB 159 -126.73 -17.89 70.58
C LYS AB 159 -128.24 -17.89 70.72
N LEU AB 160 -128.77 -17.59 71.90
CA LEU AB 160 -130.22 -17.42 72.03
C LEU AB 160 -130.71 -16.20 71.27
N ASN AB 161 -129.87 -15.16 71.17
CA ASN AB 161 -130.18 -14.03 70.30
C ASN AB 161 -130.23 -14.47 68.84
N VAL AB 162 -129.41 -15.45 68.47
CA VAL AB 162 -129.23 -15.78 67.07
C VAL AB 162 -130.44 -16.53 66.53
N GLU AB 163 -131.05 -17.39 67.36
CA GLU AB 163 -132.31 -18.01 66.98
C GLU AB 163 -133.43 -16.97 66.87
N LEU AB 164 -133.31 -15.88 67.62
CA LEU AB 164 -134.31 -14.82 67.51
C LEU AB 164 -134.06 -13.94 66.30
N ASN AB 165 -132.80 -13.56 66.03
CA ASN AB 165 -132.56 -12.57 65.00
C ASN AB 165 -132.61 -13.18 63.59
N ASN AB 166 -132.08 -14.39 63.41
CA ASN AB 166 -132.43 -15.16 62.22
C ASN AB 166 -133.92 -15.47 62.20
N GLY AB 167 -134.55 -15.58 63.36
CA GLY AB 167 -135.99 -15.79 63.39
C GLY AB 167 -136.77 -14.55 62.98
N ARG AB 168 -136.34 -13.37 63.47
CA ARG AB 168 -137.05 -12.14 63.14
C ARG AB 168 -136.87 -11.77 61.67
N ALA AB 169 -135.69 -12.06 61.12
CA ALA AB 169 -135.46 -11.76 59.70
C ALA AB 169 -136.24 -12.71 58.81
N ALA AB 170 -136.54 -13.91 59.30
CA ALA AB 170 -137.36 -14.83 58.53
C ALA AB 170 -138.82 -14.39 58.52
N MET AB 171 -139.26 -13.70 59.57
CA MET AB 171 -140.64 -13.23 59.65
C MET AB 171 -140.94 -12.22 58.56
N MET AB 172 -140.11 -11.18 58.46
CA MET AB 172 -140.25 -10.23 57.37
C MET AB 172 -139.74 -10.79 56.06
N GLY AB 173 -139.00 -11.90 56.11
CA GLY AB 173 -138.54 -12.53 54.88
C GLY AB 173 -139.64 -13.26 54.15
N ILE AB 174 -140.51 -13.95 54.90
CA ILE AB 174 -141.66 -14.62 54.30
C ILE AB 174 -142.67 -13.62 53.78
N MET AB 175 -142.81 -12.48 54.47
CA MET AB 175 -143.62 -11.38 53.96
C MET AB 175 -143.04 -10.81 52.68
N GLY AB 176 -141.72 -10.92 52.49
CA GLY AB 176 -141.13 -10.61 51.21
C GLY AB 176 -141.44 -11.62 50.12
N ASN AB 177 -141.89 -12.83 50.49
CA ASN AB 177 -142.19 -13.85 49.50
C ASN AB 177 -143.64 -13.80 49.03
N MET AB 178 -144.57 -14.01 49.96
CA MET AB 178 -145.97 -14.23 49.58
C MET AB 178 -146.60 -12.96 49.03
N VAL AB 179 -146.18 -11.80 49.55
CA VAL AB 179 -146.71 -10.54 49.05
C VAL AB 179 -146.13 -10.24 47.66
N ALA AB 180 -144.89 -10.61 47.42
CA ALA AB 180 -144.32 -10.47 46.09
C ALA AB 180 -144.71 -11.61 45.16
N GLU AB 181 -145.45 -12.61 45.64
CA GLU AB 181 -146.03 -13.61 44.75
C GLU AB 181 -147.51 -13.37 44.48
N VAL AB 182 -148.21 -12.66 45.35
CA VAL AB 182 -149.60 -12.32 45.13
C VAL AB 182 -149.74 -11.01 44.37
N LEU AB 183 -148.98 -9.98 44.76
CA LEU AB 183 -149.05 -8.72 44.06
C LEU AB 183 -148.33 -8.73 42.71
N THR AB 184 -147.59 -9.80 42.41
CA THR AB 184 -146.99 -9.94 41.09
C THR AB 184 -147.57 -11.11 40.30
N GLY AB 185 -148.19 -12.08 40.97
CA GLY AB 185 -148.81 -13.20 40.31
C GLY AB 185 -147.87 -14.32 39.91
N GLN AB 186 -146.57 -14.14 40.07
CA GLN AB 186 -145.59 -15.12 39.64
C GLN AB 186 -144.85 -15.69 40.84
N THR AB 187 -144.26 -16.87 40.65
CA THR AB 187 -143.44 -17.46 41.69
C THR AB 187 -142.11 -16.72 41.76
N MET AB 188 -141.35 -17.00 42.83
CA MET AB 188 -140.04 -16.39 42.99
C MET AB 188 -139.08 -16.85 41.92
N TYR AB 189 -139.19 -18.11 41.49
CA TYR AB 189 -138.37 -18.62 40.41
C TYR AB 189 -138.68 -17.93 39.09
N GLU AB 190 -139.96 -17.65 38.84
CA GLU AB 190 -140.33 -17.05 37.57
C GLU AB 190 -140.06 -15.57 37.50
N GLN AB 191 -139.82 -14.91 38.64
CA GLN AB 191 -139.47 -13.50 38.60
C GLN AB 191 -138.03 -13.31 38.13
N TYR AB 192 -137.13 -14.17 38.54
CA TYR AB 192 -135.73 -14.03 38.16
C TYR AB 192 -135.41 -14.73 36.85
N ALA AB 193 -136.27 -15.64 36.40
CA ALA AB 193 -136.08 -16.20 35.07
C ALA AB 193 -136.53 -15.21 34.00
N SER AB 194 -137.40 -14.27 34.35
CA SER AB 194 -138.03 -13.40 33.38
C SER AB 194 -137.57 -11.96 33.46
N GLY AB 195 -136.68 -11.61 34.37
CA GLY AB 195 -136.29 -10.22 34.51
C GLY AB 195 -137.35 -9.35 35.16
N HIS AB 196 -138.01 -9.87 36.19
CA HIS AB 196 -139.02 -9.15 36.95
C HIS AB 196 -138.43 -8.52 38.22
N ILE AB 197 -137.23 -7.97 38.10
CA ILE AB 197 -136.49 -7.53 39.28
C ILE AB 197 -136.97 -6.15 39.74
N SER AB 198 -136.82 -5.14 38.90
CA SER AB 198 -137.07 -3.77 39.34
C SER AB 198 -138.56 -3.48 39.30
N PRO AB 199 -139.17 -3.05 40.40
CA PRO AB 199 -140.58 -2.64 40.34
C PRO AB 199 -140.78 -1.33 39.61
N PHE AB 200 -139.73 -0.50 39.50
CA PHE AB 200 -139.83 0.71 38.70
C PHE AB 200 -139.73 0.42 37.21
N GLY AB 201 -139.24 -0.76 36.83
CA GLY AB 201 -139.10 -1.12 35.43
C GLY AB 201 -140.40 -1.53 34.77
N ASP AB 202 -141.11 -2.47 35.39
CA ASP AB 202 -142.38 -2.93 34.87
C ASP AB 202 -143.51 -1.98 35.31
N GLY AB 203 -144.72 -2.25 34.84
CA GLY AB 203 -145.87 -1.40 35.12
C GLY AB 203 -146.79 -2.00 36.15
N GLN AB 204 -147.01 -1.24 37.23
CA GLN AB 204 -147.92 -1.64 38.30
C GLN AB 204 -148.46 -0.36 38.96
N GLY AB 205 -149.23 -0.53 40.02
CA GLY AB 205 -149.57 0.59 40.88
C GLY AB 205 -148.33 1.11 41.59
N VAL AB 206 -148.03 2.39 41.38
CA VAL AB 206 -146.80 3.10 41.80
C VAL AB 206 -145.55 2.40 41.24
N SER BB 31 -101.49 -12.81 77.96
CA SER BB 31 -101.74 -11.71 77.03
C SER BB 31 -101.91 -12.23 75.61
N GLU BB 32 -101.58 -11.37 74.65
CA GLU BB 32 -101.62 -11.73 73.24
C GLU BB 32 -100.24 -11.98 72.67
N ILE BB 33 -99.20 -12.00 73.50
CA ILE BB 33 -97.84 -12.16 73.03
C ILE BB 33 -97.49 -13.62 72.80
N GLU BB 34 -98.14 -14.55 73.50
CA GLU BB 34 -97.78 -15.96 73.48
C GLU BB 34 -98.40 -16.73 72.32
N LEU BB 35 -98.97 -16.04 71.32
CA LEU BB 35 -99.80 -16.71 70.33
C LEU BB 35 -99.00 -17.21 69.14
N GLY BB 36 -98.31 -16.33 68.43
CA GLY BB 36 -97.65 -16.73 67.20
C GLY BB 36 -96.39 -17.56 67.35
N VAL BB 37 -95.99 -17.91 68.57
CA VAL BB 37 -94.78 -18.68 68.80
C VAL BB 37 -95.01 -20.12 68.35
N THR BB 38 -94.11 -20.63 67.50
CA THR BB 38 -94.20 -21.98 66.99
C THR BB 38 -92.80 -22.57 66.97
N GLU BB 39 -92.72 -23.89 67.16
CA GLU BB 39 -91.54 -24.73 67.27
C GLU BB 39 -90.34 -24.46 66.35
N PRO BB 40 -90.48 -24.08 65.06
CA PRO BB 40 -89.26 -23.78 64.30
C PRO BB 40 -88.52 -22.54 64.77
N LEU BB 41 -89.23 -21.46 65.04
CA LEU BB 41 -88.58 -20.17 65.23
C LEU BB 41 -88.78 -19.57 66.62
N GLY BB 42 -90.02 -19.46 67.09
CA GLY BB 42 -90.26 -18.74 68.33
C GLY BB 42 -90.67 -17.30 68.05
N VAL BB 43 -90.34 -16.41 68.98
CA VAL BB 43 -90.57 -14.98 68.78
C VAL BB 43 -89.61 -14.51 67.70
N TYR BB 44 -90.16 -14.20 66.53
CA TYR BB 44 -89.35 -14.10 65.33
C TYR BB 44 -89.28 -12.64 64.87
N ASP BB 45 -88.36 -11.89 65.49
CA ASP BB 45 -87.98 -10.56 65.03
C ASP BB 45 -86.56 -10.59 64.47
N PRO BB 46 -86.39 -10.86 63.17
CA PRO BB 46 -85.06 -10.66 62.61
C PRO BB 46 -84.73 -9.19 62.44
N LEU BB 47 -85.67 -8.41 61.96
CA LEU BB 47 -85.45 -6.99 61.75
C LEU BB 47 -86.01 -6.14 62.88
N GLY BB 48 -86.68 -6.75 63.84
CA GLY BB 48 -86.87 -6.18 65.17
C GLY BB 48 -87.73 -4.95 65.31
N TRP BB 49 -89.03 -5.07 65.07
CA TRP BB 49 -89.96 -4.08 65.57
C TRP BB 49 -91.27 -4.65 66.09
N LEU BB 50 -91.48 -5.97 66.05
CA LEU BB 50 -92.68 -6.52 66.68
C LEU BB 50 -92.60 -6.38 68.19
N GLU BB 51 -91.39 -6.33 68.75
CA GLU BB 51 -91.18 -6.19 70.18
C GLU BB 51 -91.04 -4.73 70.61
N SER BB 52 -90.48 -3.88 69.75
CA SER BB 52 -90.30 -2.48 70.10
C SER BB 52 -91.60 -1.69 70.06
N GLU BB 53 -92.69 -2.31 69.62
CA GLU BB 53 -94.02 -1.72 69.64
C GLU BB 53 -94.96 -2.55 70.48
N PRO BB 54 -94.80 -2.60 71.81
CA PRO BB 54 -95.64 -3.52 72.61
C PRO BB 54 -97.10 -3.10 72.71
N GLU BB 55 -97.43 -1.87 72.32
CA GLU BB 55 -98.81 -1.42 72.18
C GLU BB 55 -99.28 -1.58 70.75
N ALA BB 56 -98.43 -1.28 69.78
CA ALA BB 56 -98.75 -1.48 68.38
C ALA BB 56 -98.50 -2.90 67.92
N PHE BB 57 -98.00 -3.78 68.79
CA PHE BB 57 -98.06 -5.22 68.56
C PHE BB 57 -99.50 -5.65 68.29
N GLU BB 58 -100.42 -5.18 69.13
CA GLU BB 58 -101.84 -5.46 68.93
C GLU BB 58 -102.40 -4.73 67.72
N ARG BB 59 -101.78 -3.64 67.29
CA ARG BB 59 -102.15 -3.08 65.99
C ARG BB 59 -101.73 -4.01 64.87
N ARG BB 60 -100.51 -4.52 64.93
CA ARG BB 60 -100.06 -5.47 63.93
C ARG BB 60 -100.71 -6.84 64.11
N ARG BB 61 -101.21 -7.14 65.30
CA ARG BB 61 -101.79 -8.46 65.54
C ARG BB 61 -103.11 -8.62 64.80
N ALA BB 62 -103.98 -7.63 64.89
CA ALA BB 62 -105.26 -7.70 64.20
C ALA BB 62 -105.07 -7.65 62.70
N VAL BB 63 -104.05 -6.96 62.23
CA VAL BB 63 -103.80 -6.89 60.80
C VAL BB 63 -103.27 -8.22 60.25
N GLU BB 64 -102.35 -8.87 60.99
CA GLU BB 64 -101.84 -10.15 60.52
C GLU BB 64 -102.93 -11.22 60.52
N ARG BB 65 -103.85 -11.15 61.48
CA ARG BB 65 -105.03 -12.01 61.43
C ARG BB 65 -105.92 -11.66 60.25
N LYS BB 66 -106.14 -10.37 60.00
CA LYS BB 66 -107.10 -9.97 58.99
C LYS BB 66 -106.58 -10.21 57.59
N HIS BB 67 -105.31 -9.86 57.32
CA HIS BB 67 -104.70 -10.23 56.05
C HIS BB 67 -104.55 -11.74 55.90
N GLY BB 68 -104.49 -12.47 57.01
CA GLY BB 68 -104.46 -13.92 56.91
C GLY BB 68 -105.79 -14.48 56.43
N ARG BB 69 -106.88 -14.03 57.03
CA ARG BB 69 -108.21 -14.53 56.70
C ARG BB 69 -108.65 -14.16 55.30
N VAL BB 70 -107.98 -13.23 54.62
CA VAL BB 70 -108.25 -13.00 53.22
C VAL BB 70 -107.61 -14.08 52.37
N ALA BB 71 -106.34 -14.38 52.63
CA ALA BB 71 -105.61 -15.34 51.81
C ALA BB 71 -106.12 -16.76 52.02
N MET BB 72 -106.68 -17.04 53.20
CA MET BB 72 -107.20 -18.36 53.48
C MET BB 72 -108.40 -18.67 52.61
N ALA BB 73 -109.33 -17.73 52.48
CA ALA BB 73 -110.44 -17.90 51.59
C ALA BB 73 -110.08 -17.55 50.14
N ALA BB 74 -108.80 -17.30 49.86
CA ALA BB 74 -108.36 -17.02 48.50
C ALA BB 74 -107.48 -18.11 47.92
N VAL BB 75 -106.78 -18.89 48.74
CA VAL BB 75 -106.07 -20.06 48.21
C VAL BB 75 -107.08 -21.12 47.81
N VAL BB 76 -108.11 -21.33 48.64
CA VAL BB 76 -109.21 -22.22 48.26
C VAL BB 76 -109.93 -21.67 47.04
N GLY BB 77 -110.06 -20.35 46.97
CA GLY BB 77 -110.54 -19.74 45.75
C GLY BB 77 -109.59 -19.91 44.58
N THR BB 78 -108.29 -20.08 44.85
CA THR BB 78 -107.38 -20.32 43.75
C THR BB 78 -107.40 -21.78 43.35
N ILE BB 79 -107.55 -22.67 44.34
CA ILE BB 79 -107.52 -24.10 44.07
C ILE BB 79 -108.79 -24.57 43.38
N VAL BB 80 -109.95 -24.16 43.90
CA VAL BB 80 -111.23 -24.68 43.40
C VAL BB 80 -111.54 -24.13 42.02
N HIS BB 81 -111.19 -22.87 41.75
CA HIS BB 81 -111.39 -22.31 40.42
C HIS BB 81 -110.50 -22.99 39.39
N ASN BB 82 -109.30 -23.37 39.78
CA ASN BB 82 -108.38 -24.01 38.84
C ASN BB 82 -108.62 -25.50 38.70
N ASN BB 83 -109.32 -26.14 39.64
CA ASN BB 83 -109.77 -27.51 39.40
C ASN BB 83 -110.94 -27.58 38.44
N HIS BB 84 -111.50 -26.42 38.07
CA HIS BB 84 -112.65 -26.29 37.18
C HIS BB 84 -113.88 -27.00 37.73
N ILE BB 85 -113.98 -27.09 39.05
CA ILE BB 85 -115.26 -27.35 39.68
C ILE BB 85 -116.07 -26.06 39.56
N VAL BB 86 -117.14 -26.09 38.79
CA VAL BB 86 -117.87 -24.89 38.40
C VAL BB 86 -119.29 -25.04 38.93
N PHE BB 87 -119.93 -23.89 39.24
CA PHE BB 87 -121.35 -23.86 39.57
C PHE BB 87 -122.23 -24.46 38.48
N ASP BB 88 -121.78 -24.40 37.22
CA ASP BB 88 -122.44 -25.03 36.07
C ASP BB 88 -123.85 -24.50 35.85
N GLY BB 89 -124.01 -23.20 36.09
CA GLY BB 89 -125.28 -22.54 35.87
C GLY BB 89 -125.19 -21.47 34.81
N TYR BB 90 -125.53 -20.24 35.18
CA TYR BB 90 -125.57 -19.14 34.22
C TYR BB 90 -125.42 -17.84 35.01
N LEU BB 91 -124.32 -17.13 34.79
CA LEU BB 91 -123.92 -16.08 35.72
C LEU BB 91 -124.73 -14.80 35.51
N SER BB 92 -124.61 -14.19 34.35
CA SER BB 92 -125.25 -12.91 34.12
C SER BB 92 -126.36 -13.08 33.11
N PRO BB 93 -127.61 -12.79 33.45
CA PRO BB 93 -128.65 -12.80 32.41
C PRO BB 93 -128.49 -11.65 31.44
N SER BB 94 -128.07 -10.48 31.92
CA SER BB 94 -127.99 -9.30 31.07
C SER BB 94 -126.78 -9.35 30.14
N ASN BB 95 -125.59 -9.53 30.70
CA ASN BB 95 -124.36 -9.55 29.93
C ASN BB 95 -124.03 -10.94 29.39
N ASN BB 96 -124.92 -11.91 29.60
CA ASN BB 96 -124.89 -13.22 28.95
C ASN BB 96 -123.66 -14.03 29.30
N LEU BB 97 -123.31 -14.11 30.58
CA LEU BB 97 -122.20 -14.94 31.03
C LEU BB 97 -122.73 -16.21 31.68
N LYS BB 98 -122.06 -17.32 31.39
CA LYS BB 98 -122.11 -18.49 32.24
C LYS BB 98 -121.01 -18.36 33.27
N PHE BB 99 -121.02 -19.26 34.26
CA PHE BB 99 -119.92 -19.28 35.21
C PHE BB 99 -118.64 -19.79 34.58
N SER BB 100 -118.76 -20.69 33.60
CA SER BB 100 -117.61 -21.25 32.91
C SER BB 100 -116.94 -20.26 31.97
N ASP BB 101 -117.59 -19.15 31.65
CA ASP BB 101 -117.02 -18.19 30.72
C ASP BB 101 -115.88 -17.40 31.34
N ILE BB 102 -115.87 -17.30 32.66
CA ILE BB 102 -114.90 -16.45 33.36
C ILE BB 102 -113.57 -17.20 33.48
N PRO BB 103 -112.44 -16.56 33.22
CA PRO BB 103 -111.14 -17.21 33.42
C PRO BB 103 -110.87 -17.50 34.88
N THR BB 104 -109.90 -18.38 35.12
CA THR BB 104 -109.61 -18.87 36.45
C THR BB 104 -108.37 -18.26 37.05
N GLY BB 105 -107.62 -17.48 36.29
CA GLY BB 105 -106.39 -16.89 36.78
C GLY BB 105 -106.63 -15.59 37.53
N VAL BB 106 -105.78 -14.61 37.25
CA VAL BB 106 -105.96 -13.28 37.83
C VAL BB 106 -107.16 -12.59 37.20
N ASP BB 107 -107.48 -12.94 35.96
CA ASP BB 107 -108.51 -12.26 35.17
C ASP BB 107 -109.95 -12.58 35.59
N GLY BB 108 -110.17 -13.21 36.74
CA GLY BB 108 -111.49 -13.62 37.17
C GLY BB 108 -112.42 -12.49 37.52
N ILE BB 109 -112.06 -11.69 38.52
CA ILE BB 109 -112.83 -10.49 38.85
C ILE BB 109 -112.72 -9.47 37.73
N ARG BB 110 -111.58 -9.45 37.04
CA ARG BB 110 -111.37 -8.58 35.89
C ARG BB 110 -112.36 -8.84 34.77
N ALA BB 111 -112.91 -10.06 34.67
CA ALA BB 111 -113.93 -10.38 33.68
C ALA BB 111 -115.35 -10.34 34.25
N ILE BB 112 -115.52 -9.84 35.47
CA ILE BB 112 -116.83 -9.78 36.12
C ILE BB 112 -117.46 -8.41 35.89
N PRO BB 113 -118.74 -8.34 35.53
CA PRO BB 113 -119.39 -7.04 35.32
C PRO BB 113 -119.56 -6.28 36.63
N THR BB 114 -119.58 -4.95 36.51
CA THR BB 114 -119.60 -4.09 37.68
C THR BB 114 -120.96 -4.08 38.38
N ALA BB 115 -122.01 -4.53 37.71
CA ALA BB 115 -123.32 -4.62 38.33
C ALA BB 115 -123.38 -5.70 39.41
N GLY BB 116 -122.42 -6.61 39.42
CA GLY BB 116 -122.32 -7.58 40.48
C GLY BB 116 -121.25 -7.20 41.48
N LEU BB 117 -120.24 -6.43 41.03
CA LEU BB 117 -119.23 -5.96 41.96
C LEU BB 117 -119.79 -4.92 42.91
N ALA BB 118 -120.81 -4.18 42.49
CA ALA BB 118 -121.51 -3.30 43.41
C ALA BB 118 -122.31 -4.11 44.42
N GLN BB 119 -122.83 -5.27 44.02
CA GLN BB 119 -123.53 -6.13 44.96
C GLN BB 119 -122.56 -6.78 45.94
N ILE BB 120 -121.29 -6.93 45.54
CA ILE BB 120 -120.31 -7.55 46.43
C ILE BB 120 -119.88 -6.58 47.52
N LEU BB 121 -119.42 -5.40 47.13
CA LEU BB 121 -118.84 -4.49 48.11
C LEU BB 121 -119.89 -3.82 48.99
N ALA BB 122 -121.14 -3.74 48.53
CA ALA BB 122 -122.20 -3.30 49.42
C ALA BB 122 -122.46 -4.33 50.51
N PHE BB 123 -122.17 -5.60 50.24
CA PHE BB 123 -122.29 -6.61 51.26
C PHE BB 123 -121.12 -6.52 52.25
N PHE BB 124 -119.89 -6.57 51.75
CA PHE BB 124 -118.75 -6.63 52.65
C PHE BB 124 -118.37 -5.29 53.25
N ALA BB 125 -119.05 -4.20 52.89
CA ALA BB 125 -119.03 -3.03 53.74
C ALA BB 125 -119.78 -3.30 55.03
N LEU BB 126 -120.98 -3.88 54.92
CA LEU BB 126 -121.77 -4.20 56.09
C LEU BB 126 -121.13 -5.29 56.94
N VAL BB 127 -120.33 -6.16 56.34
CA VAL BB 127 -119.66 -7.18 57.13
C VAL BB 127 -118.44 -6.62 57.83
N GLU BB 128 -117.70 -5.76 57.11
CA GLU BB 128 -116.52 -5.15 57.71
C GLU BB 128 -116.90 -4.17 58.80
N LEU BB 129 -117.89 -3.32 58.55
CA LEU BB 129 -118.24 -2.26 59.50
C LEU BB 129 -119.21 -2.74 60.56
N ALA BB 130 -120.38 -3.22 60.17
CA ALA BB 130 -121.45 -3.45 61.13
C ALA BB 130 -121.25 -4.76 61.90
N TRP BB 131 -121.27 -5.89 61.19
CA TRP BB 131 -121.40 -7.18 61.88
C TRP BB 131 -120.10 -7.66 62.50
N MET BB 132 -118.98 -7.48 61.80
CA MET BB 132 -117.66 -7.85 62.33
C MET BB 132 -116.74 -6.65 62.28
N PRO BB 133 -116.88 -5.69 63.19
CA PRO BB 133 -116.04 -4.48 63.13
C PRO BB 133 -114.58 -4.78 63.43
N ALA BB 134 -113.75 -4.60 62.41
CA ALA BB 134 -112.32 -4.83 62.51
C ALA BB 134 -111.59 -3.73 63.28
N SER BB 135 -112.31 -2.72 63.77
CA SER BB 135 -111.78 -1.85 64.81
C SER BB 135 -111.48 -2.63 66.09
N LYS BB 136 -112.17 -3.73 66.33
CA LYS BB 136 -111.81 -4.65 67.40
C LYS BB 136 -110.53 -5.37 67.00
N TYR BB 137 -109.65 -5.58 67.98
CA TYR BB 137 -108.34 -6.16 67.68
C TYR BB 137 -108.33 -7.67 67.87
N ASP BB 138 -109.10 -8.18 68.82
CA ASP BB 138 -109.28 -9.63 68.91
C ASP BB 138 -110.13 -10.12 67.75
N GLY BB 139 -111.31 -9.54 67.58
CA GLY BB 139 -112.15 -9.91 66.46
C GLY BB 139 -112.91 -11.19 66.62
N ASP BB 140 -113.11 -11.67 67.85
CA ASP BB 140 -113.89 -12.87 68.08
C ASP BB 140 -115.37 -12.52 68.09
N TYR BB 141 -116.09 -12.98 67.08
CA TYR BB 141 -117.54 -12.85 67.00
C TYR BB 141 -118.24 -14.19 66.90
N GLY BB 142 -117.74 -15.08 66.05
CA GLY BB 142 -118.36 -16.36 65.77
C GLY BB 142 -117.64 -17.51 66.43
N VAL BB 143 -117.36 -17.37 67.72
CA VAL BB 143 -116.50 -18.26 68.52
C VAL BB 143 -116.95 -19.71 68.42
N GLY BB 144 -118.25 -19.92 68.38
CA GLY BB 144 -118.83 -21.09 67.73
C GLY BB 144 -118.65 -22.38 68.52
N TYR BB 145 -118.97 -23.47 67.84
CA TYR BB 145 -119.19 -24.76 68.45
C TYR BB 145 -117.87 -25.52 68.59
N PHE BB 146 -117.59 -25.96 69.82
CA PHE BB 146 -116.36 -26.70 70.20
C PHE BB 146 -115.11 -25.93 69.82
N GLY BB 147 -115.07 -24.67 70.22
CA GLY BB 147 -114.01 -23.79 69.79
C GLY BB 147 -112.80 -23.81 70.70
N THR BB 148 -112.52 -22.67 71.34
CA THR BB 148 -111.38 -22.56 72.23
C THR BB 148 -111.54 -23.41 73.50
N ASP BB 149 -112.78 -23.78 73.86
CA ASP BB 149 -113.08 -24.87 74.78
C ASP BB 149 -112.49 -24.70 76.19
N ILE BB 150 -113.16 -23.89 77.02
CA ILE BB 150 -112.81 -23.56 78.40
C ILE BB 150 -112.28 -24.74 79.21
N LYS BB 151 -112.93 -25.90 79.12
CA LYS BB 151 -112.36 -27.09 79.77
C LYS BB 151 -111.44 -27.87 78.84
N ASP BB 152 -110.57 -27.16 78.13
CA ASP BB 152 -109.45 -27.60 77.30
C ASP BB 152 -108.54 -26.39 77.10
N PRO BB 153 -107.74 -25.97 78.09
CA PRO BB 153 -106.79 -24.89 77.82
C PRO BB 153 -105.65 -25.33 76.92
N GLU BB 154 -105.42 -26.64 76.84
CA GLU BB 154 -104.44 -27.20 75.92
C GLU BB 154 -104.84 -27.03 74.46
N GLU BB 155 -106.12 -26.83 74.17
CA GLU BB 155 -106.56 -26.76 72.78
C GLU BB 155 -106.58 -25.32 72.27
N LYS BB 156 -107.00 -24.38 73.12
CA LYS BB 156 -107.03 -22.96 72.76
C LYS BB 156 -105.66 -22.44 72.37
N ALA BB 157 -104.61 -22.92 73.04
CA ALA BB 157 -103.25 -22.59 72.63
C ALA BB 157 -102.97 -23.09 71.22
N ARG BB 158 -103.31 -24.34 70.93
CA ARG BB 158 -103.12 -24.85 69.58
C ARG BB 158 -104.33 -24.66 68.68
N LYS BB 159 -105.25 -23.77 69.04
CA LYS BB 159 -106.27 -23.37 68.08
C LYS BB 159 -106.02 -21.95 67.60
N LEU BB 160 -105.57 -21.09 68.51
CA LEU BB 160 -105.23 -19.72 68.15
C LEU BB 160 -103.99 -19.64 67.29
N ASN BB 161 -103.09 -20.62 67.37
CA ASN BB 161 -102.00 -20.67 66.40
C ASN BB 161 -102.54 -20.93 65.00
N VAL BB 162 -103.40 -21.92 64.86
CA VAL BB 162 -103.49 -22.63 63.61
C VAL BB 162 -104.49 -21.99 62.65
N GLU BB 163 -105.41 -21.16 63.16
CA GLU BB 163 -106.06 -20.18 62.30
C GLU BB 163 -105.03 -19.26 61.69
N LEU BB 164 -104.23 -18.62 62.54
CA LEU BB 164 -103.16 -17.75 62.09
C LEU BB 164 -102.14 -18.51 61.25
N ASN BB 165 -101.80 -19.74 61.65
CA ASN BB 165 -100.59 -20.33 61.10
C ASN BB 165 -100.83 -20.99 59.75
N ASN BB 166 -102.03 -21.52 59.50
CA ASN BB 166 -102.43 -21.81 58.12
C ASN BB 166 -102.46 -20.52 57.31
N GLY BB 167 -102.94 -19.43 57.92
CA GLY BB 167 -103.02 -18.15 57.23
C GLY BB 167 -101.70 -17.45 57.09
N ARG BB 168 -100.74 -17.79 57.96
CA ARG BB 168 -99.35 -17.42 57.77
C ARG BB 168 -98.85 -17.82 56.38
N ALA BB 169 -98.84 -19.11 56.11
CA ALA BB 169 -98.38 -19.63 54.83
C ALA BB 169 -99.49 -19.71 53.80
N ALA BB 170 -100.57 -18.98 54.00
CA ALA BB 170 -101.53 -18.80 52.92
C ALA BB 170 -101.26 -17.51 52.16
N MET BB 171 -100.69 -16.52 52.85
CA MET BB 171 -100.31 -15.28 52.19
C MET BB 171 -99.20 -15.54 51.18
N MET BB 172 -98.19 -16.31 51.57
CA MET BB 172 -97.09 -16.64 50.68
C MET BB 172 -97.50 -17.62 49.58
N GLY BB 173 -98.68 -18.23 49.69
CA GLY BB 173 -99.21 -19.02 48.62
C GLY BB 173 -99.90 -18.16 47.58
N ILE BB 174 -100.64 -17.16 48.04
CA ILE BB 174 -101.28 -16.22 47.12
C ILE BB 174 -100.23 -15.40 46.39
N MET BB 175 -99.24 -14.90 47.11
CA MET BB 175 -98.13 -14.17 46.50
C MET BB 175 -97.35 -15.07 45.55
N GLY BB 176 -97.26 -16.36 45.87
CA GLY BB 176 -96.66 -17.32 44.98
C GLY BB 176 -97.58 -17.87 43.93
N ASN BB 177 -98.86 -17.51 43.94
CA ASN BB 177 -99.77 -17.83 42.85
C ASN BB 177 -99.99 -16.66 41.91
N MET BB 178 -99.95 -15.45 42.43
CA MET BB 178 -100.12 -14.29 41.58
C MET BB 178 -98.86 -14.07 40.74
N VAL BB 179 -97.70 -14.17 41.38
CA VAL BB 179 -96.45 -13.86 40.68
C VAL BB 179 -96.02 -14.99 39.77
N ALA BB 180 -96.25 -16.24 40.19
CA ALA BB 180 -95.98 -17.36 39.29
C ALA BB 180 -96.95 -17.42 38.11
N GLU BB 181 -98.06 -16.68 38.15
CA GLU BB 181 -98.89 -16.49 36.96
C GLU BB 181 -98.44 -15.30 36.12
N VAL BB 182 -98.11 -14.18 36.78
CA VAL BB 182 -97.74 -12.94 36.09
C VAL BB 182 -96.48 -13.14 35.26
N LEU BB 183 -95.46 -13.75 35.82
CA LEU BB 183 -94.20 -13.91 35.08
C LEU BB 183 -94.26 -15.01 34.04
N THR BB 184 -95.34 -15.77 33.97
CA THR BB 184 -95.51 -16.74 32.90
C THR BB 184 -96.62 -16.36 31.93
N GLY BB 185 -97.57 -15.53 32.37
CA GLY BB 185 -98.73 -15.20 31.56
C GLY BB 185 -99.83 -16.24 31.58
N GLN BB 186 -99.50 -17.51 31.77
CA GLN BB 186 -100.45 -18.59 31.85
C GLN BB 186 -100.96 -18.74 33.27
N THR BB 187 -102.18 -19.23 33.40
CA THR BB 187 -102.76 -19.48 34.71
C THR BB 187 -102.08 -20.69 35.36
N MET BB 188 -102.49 -20.98 36.60
CA MET BB 188 -101.91 -22.12 37.29
C MET BB 188 -102.35 -23.42 36.64
N TYR BB 189 -103.58 -23.47 36.15
CA TYR BB 189 -104.06 -24.65 35.43
C TYR BB 189 -103.30 -24.84 34.12
N GLU BB 190 -102.86 -23.75 33.48
CA GLU BB 190 -102.18 -23.87 32.21
C GLU BB 190 -100.69 -24.16 32.36
N GLN BB 191 -100.12 -23.95 33.54
CA GLN BB 191 -98.71 -24.29 33.73
C GLN BB 191 -98.51 -25.78 33.86
N TYR BB 192 -99.32 -26.44 34.69
CA TYR BB 192 -99.16 -27.87 34.89
C TYR BB 192 -99.51 -28.66 33.63
N ALA BB 193 -100.39 -28.12 32.80
CA ALA BB 193 -100.64 -28.72 31.49
C ALA BB 193 -99.42 -28.58 30.61
N SER BB 194 -98.78 -27.42 30.64
CA SER BB 194 -97.62 -27.18 29.79
C SER BB 194 -96.32 -27.67 30.40
N GLY BB 195 -96.24 -27.85 31.71
CA GLY BB 195 -94.99 -28.21 32.33
C GLY BB 195 -94.00 -27.06 32.33
N HIS BB 196 -94.45 -25.88 32.72
CA HIS BB 196 -93.67 -24.65 32.67
C HIS BB 196 -93.20 -24.25 34.06
N ILE BB 197 -92.72 -25.24 34.82
CA ILE BB 197 -92.47 -25.02 36.23
C ILE BB 197 -90.99 -24.75 36.52
N SER BB 198 -90.08 -25.23 35.68
CA SER BB 198 -88.70 -24.79 35.80
C SER BB 198 -88.54 -23.43 35.11
N PRO BB 199 -87.82 -22.50 35.72
CA PRO BB 199 -87.72 -21.13 35.16
C PRO BB 199 -86.56 -20.88 34.22
N PHE BB 200 -85.83 -21.89 33.76
CA PHE BB 200 -84.58 -21.66 33.06
C PHE BB 200 -84.61 -22.00 31.58
N GLY BB 201 -85.13 -23.17 31.20
CA GLY BB 201 -85.12 -23.55 29.80
C GLY BB 201 -86.08 -22.76 28.93
N ASP BB 202 -87.03 -22.08 29.55
CA ASP BB 202 -88.06 -21.31 28.86
C ASP BB 202 -87.52 -19.95 28.44
N GLY BB 203 -88.40 -19.05 28.03
CA GLY BB 203 -87.98 -17.71 27.69
C GLY BB 203 -88.46 -16.61 28.62
N GLN BB 204 -87.54 -16.05 29.40
CA GLN BB 204 -87.75 -14.79 30.11
C GLN BB 204 -86.37 -14.17 30.34
N GLY BB 205 -86.34 -13.05 31.06
CA GLY BB 205 -85.08 -12.53 31.57
C GLY BB 205 -84.48 -13.53 32.54
N VAL BB 206 -83.32 -14.06 32.17
CA VAL BB 206 -82.69 -15.27 32.74
C VAL BB 206 -83.65 -16.46 32.66
N SER CB 31 -99.94 -44.59 82.75
CA SER CB 31 -99.10 -45.77 82.90
C SER CB 31 -98.95 -46.48 81.57
N GLU CB 32 -97.73 -46.43 81.01
CA GLU CB 32 -97.51 -46.92 79.65
C GLU CB 32 -97.40 -48.44 79.58
N ILE CB 33 -97.07 -49.10 80.69
CA ILE CB 33 -97.02 -50.55 80.68
C ILE CB 33 -98.43 -51.14 80.60
N GLU CB 34 -99.40 -50.48 81.24
CA GLU CB 34 -100.75 -51.00 81.37
C GLU CB 34 -101.64 -50.70 80.17
N LEU CB 35 -101.09 -50.44 78.98
CA LEU CB 35 -101.91 -49.98 77.87
C LEU CB 35 -102.19 -51.05 76.82
N GLY CB 36 -101.52 -52.19 76.87
CA GLY CB 36 -101.81 -53.26 75.94
C GLY CB 36 -102.48 -54.46 76.54
N VAL CB 37 -102.74 -54.45 77.83
CA VAL CB 37 -103.37 -55.56 78.52
C VAL CB 37 -104.84 -55.60 78.15
N THR CB 38 -105.28 -56.68 77.53
CA THR CB 38 -106.66 -56.87 77.14
C THR CB 38 -107.06 -58.30 77.47
N GLU CB 39 -108.31 -58.46 77.91
CA GLU CB 39 -108.98 -59.67 78.38
C GLU CB 39 -108.70 -60.96 77.59
N PRO CB 40 -108.51 -60.97 76.25
CA PRO CB 40 -108.01 -62.21 75.63
C PRO CB 40 -106.65 -62.66 76.11
N LEU CB 41 -105.71 -61.76 76.30
CA LEU CB 41 -104.37 -62.24 76.60
C LEU CB 41 -103.77 -61.67 77.88
N GLY CB 42 -104.02 -60.40 78.19
CA GLY CB 42 -103.42 -59.83 79.37
C GLY CB 42 -101.98 -59.45 79.14
N VAL CB 43 -101.17 -59.56 80.19
CA VAL CB 43 -99.72 -59.38 80.05
C VAL CB 43 -99.16 -60.54 79.24
N TYR CB 44 -98.42 -60.22 78.19
CA TYR CB 44 -98.15 -61.25 77.18
C TYR CB 44 -96.75 -61.03 76.62
N ASP CB 45 -95.78 -61.75 77.17
CA ASP CB 45 -94.42 -61.77 76.63
C ASP CB 45 -93.96 -63.22 76.51
N PRO CB 46 -94.12 -63.83 75.33
CA PRO CB 46 -93.56 -65.19 75.13
C PRO CB 46 -92.04 -65.20 75.14
N LEU CB 47 -91.39 -64.10 74.80
CA LEU CB 47 -89.95 -64.01 74.90
C LEU CB 47 -89.49 -63.39 76.21
N GLY CB 48 -90.41 -62.80 76.98
CA GLY CB 48 -90.09 -62.31 78.29
C GLY CB 48 -89.20 -61.08 78.31
N TRP CB 49 -89.44 -60.15 77.40
CA TRP CB 49 -88.67 -58.91 77.36
C TRP CB 49 -89.12 -57.91 78.42
N LEU CB 50 -90.30 -58.09 79.00
CA LEU CB 50 -90.81 -57.13 79.97
C LEU CB 50 -90.01 -57.15 81.26
N GLU CB 51 -89.62 -58.34 81.73
CA GLU CB 51 -88.80 -58.40 82.92
C GLU CB 51 -87.32 -58.33 82.60
N SER CB 52 -86.92 -58.86 81.44
CA SER CB 52 -85.49 -58.92 81.12
C SER CB 52 -84.95 -57.59 80.62
N GLU CB 53 -85.79 -56.75 80.02
CA GLU CB 53 -85.33 -55.47 79.49
C GLU CB 53 -86.46 -54.45 79.65
N PRO CB 54 -86.54 -53.80 80.81
CA PRO CB 54 -87.65 -52.87 81.04
C PRO CB 54 -87.39 -51.47 80.51
N GLU CB 55 -86.13 -51.07 80.33
CA GLU CB 55 -85.83 -49.70 79.95
C GLU CB 55 -86.15 -49.44 78.49
N ALA CB 56 -85.98 -50.44 77.65
CA ALA CB 56 -86.29 -50.29 76.24
C ALA CB 56 -87.77 -50.44 75.93
N PHE CB 57 -88.62 -50.58 76.95
CA PHE CB 57 -90.05 -50.69 76.71
C PHE CB 57 -90.61 -49.41 76.11
N GLU CB 58 -90.10 -48.25 76.55
CA GLU CB 58 -90.56 -46.97 76.01
C GLU CB 58 -90.20 -46.84 74.54
N ARG CB 59 -89.05 -47.39 74.14
CA ARG CB 59 -88.75 -47.54 72.73
C ARG CB 59 -89.77 -48.43 72.03
N ARG CB 60 -89.95 -49.65 72.54
CA ARG CB 60 -90.77 -50.65 71.87
C ARG CB 60 -92.24 -50.29 71.86
N ARG CB 61 -92.69 -49.52 72.85
CA ARG CB 61 -94.09 -49.13 72.91
C ARG CB 61 -94.43 -48.21 71.75
N ALA CB 62 -93.55 -47.28 71.45
CA ALA CB 62 -93.75 -46.41 70.30
C ALA CB 62 -93.63 -47.18 69.00
N VAL CB 63 -92.80 -48.21 68.97
CA VAL CB 63 -92.61 -48.96 67.73
C VAL CB 63 -93.83 -49.84 67.43
N GLU CB 64 -94.39 -50.48 68.47
CA GLU CB 64 -95.63 -51.24 68.27
C GLU CB 64 -96.78 -50.30 67.93
N ARG CB 65 -96.74 -49.06 68.41
CA ARG CB 65 -97.61 -48.03 67.86
C ARG CB 65 -97.26 -47.74 66.41
N LYS CB 66 -95.97 -47.48 66.14
CA LYS CB 66 -95.58 -46.89 64.85
C LYS CB 66 -95.86 -47.82 63.69
N HIS CB 67 -95.56 -49.11 63.83
CA HIS CB 67 -95.93 -50.06 62.80
C HIS CB 67 -97.44 -50.21 62.70
N GLY CB 68 -98.17 -49.94 63.79
CA GLY CB 68 -99.62 -49.92 63.72
C GLY CB 68 -100.13 -48.75 62.90
N ARG CB 69 -99.73 -47.52 63.28
CA ARG CB 69 -100.17 -46.29 62.62
C ARG CB 69 -99.87 -46.29 61.13
N VAL CB 70 -98.80 -46.96 60.71
CA VAL CB 70 -98.59 -47.23 59.28
C VAL CB 70 -99.69 -48.16 58.78
N ALA CB 71 -99.81 -49.33 59.41
CA ALA CB 71 -100.57 -50.42 58.85
C ALA CB 71 -102.07 -50.20 58.90
N MET CB 72 -102.56 -49.31 59.77
CA MET CB 72 -103.95 -48.90 59.68
C MET CB 72 -104.20 -48.18 58.36
N ALA CB 73 -103.32 -47.23 58.03
CA ALA CB 73 -103.39 -46.46 56.80
C ALA CB 73 -102.94 -47.23 55.58
N ALA CB 74 -102.58 -48.50 55.72
CA ALA CB 74 -102.21 -49.31 54.58
C ALA CB 74 -103.27 -50.34 54.21
N VAL CB 75 -104.13 -50.71 55.16
CA VAL CB 75 -105.25 -51.59 54.84
C VAL CB 75 -106.24 -50.88 53.93
N VAL CB 76 -106.52 -49.61 54.24
CA VAL CB 76 -107.42 -48.83 53.40
C VAL CB 76 -106.78 -48.57 52.04
N GLY CB 77 -105.46 -48.45 52.00
CA GLY CB 77 -104.75 -48.43 50.73
C GLY CB 77 -104.73 -49.75 49.99
N THR CB 78 -105.18 -50.83 50.62
CA THR CB 78 -105.43 -52.06 49.87
C THR CB 78 -106.87 -52.11 49.41
N ILE CB 79 -107.80 -51.68 50.28
CA ILE CB 79 -109.22 -51.77 49.98
C ILE CB 79 -109.60 -50.80 48.87
N VAL CB 80 -109.30 -49.52 49.06
CA VAL CB 80 -109.74 -48.47 48.16
C VAL CB 80 -109.07 -48.59 46.80
N HIS CB 81 -107.82 -49.05 46.77
CA HIS CB 81 -107.15 -49.29 45.51
C HIS CB 81 -107.77 -50.48 44.77
N ASN CB 82 -108.34 -51.43 45.50
CA ASN CB 82 -108.96 -52.58 44.89
C ASN CB 82 -110.48 -52.47 44.76
N ASN CB 83 -111.06 -51.36 45.21
CA ASN CB 83 -112.41 -51.03 44.75
C ASN CB 83 -112.40 -50.30 43.44
N HIS CB 84 -111.21 -50.10 42.85
CA HIS CB 84 -110.97 -49.30 41.65
C HIS CB 84 -111.51 -47.88 41.80
N ILE CB 85 -111.38 -47.33 43.00
CA ILE CB 85 -111.60 -45.90 43.22
C ILE CB 85 -110.36 -45.18 42.71
N VAL CB 86 -110.50 -44.52 41.57
CA VAL CB 86 -109.38 -43.93 40.86
C VAL CB 86 -109.61 -42.42 40.84
N PHE CB 87 -108.50 -41.66 40.90
CA PHE CB 87 -108.56 -40.20 40.79
C PHE CB 87 -109.10 -39.71 39.45
N ASP CB 88 -109.17 -40.57 38.44
CA ASP CB 88 -109.77 -40.30 37.13
C ASP CB 88 -109.05 -39.18 36.39
N GLY CB 89 -107.77 -38.96 36.70
CA GLY CB 89 -106.99 -37.94 36.05
C GLY CB 89 -105.88 -38.53 35.21
N TYR CB 90 -104.94 -37.65 34.85
CA TYR CB 90 -103.82 -37.99 33.98
C TYR CB 90 -102.56 -37.72 34.77
N LEU CB 91 -101.92 -38.79 35.22
CA LEU CB 91 -100.92 -38.71 36.29
C LEU CB 91 -99.65 -37.99 35.84
N SER CB 92 -98.96 -38.53 34.84
CA SER CB 92 -97.71 -37.92 34.42
C SER CB 92 -97.85 -37.46 32.98
N PRO CB 93 -97.63 -36.18 32.69
CA PRO CB 93 -97.57 -35.76 31.28
C PRO CB 93 -96.37 -36.33 30.56
N SER CB 94 -95.24 -36.51 31.24
CA SER CB 94 -94.05 -37.02 30.57
C SER CB 94 -94.17 -38.52 30.32
N ASN CB 95 -94.34 -39.30 31.39
CA ASN CB 95 -94.33 -40.75 31.26
C ASN CB 95 -95.68 -41.32 30.84
N ASN CB 96 -96.67 -40.45 30.59
CA ASN CB 96 -97.95 -40.81 29.97
C ASN CB 96 -98.75 -41.79 30.82
N LEU CB 97 -98.54 -41.77 32.13
CA LEU CB 97 -99.27 -42.65 33.02
C LEU CB 97 -100.57 -41.99 33.44
N LYS CB 98 -101.55 -42.83 33.72
CA LYS CB 98 -102.73 -42.42 34.44
C LYS CB 98 -102.74 -43.13 35.79
N PHE CB 99 -103.69 -42.73 36.64
CA PHE CB 99 -103.81 -43.42 37.93
C PHE CB 99 -104.36 -44.82 37.75
N SER CB 100 -105.20 -45.03 36.73
CA SER CB 100 -105.66 -46.38 36.41
C SER CB 100 -104.55 -47.24 35.84
N ASP CB 101 -103.54 -46.61 35.23
CA ASP CB 101 -102.43 -47.35 34.66
C ASP CB 101 -101.56 -48.01 35.73
N ILE CB 102 -101.53 -47.48 36.93
CA ILE CB 102 -100.75 -48.06 38.01
C ILE CB 102 -101.45 -49.34 38.48
N PRO CB 103 -100.73 -50.45 38.66
CA PRO CB 103 -101.36 -51.66 39.20
C PRO CB 103 -101.78 -51.45 40.64
N THR CB 104 -102.75 -52.27 41.06
CA THR CB 104 -103.39 -52.11 42.34
C THR CB 104 -102.89 -53.08 43.39
N GLY CB 105 -102.04 -54.03 43.01
CA GLY CB 105 -101.53 -54.99 43.97
C GLY CB 105 -100.28 -54.51 44.68
N VAL CB 106 -99.26 -55.37 44.72
CA VAL CB 106 -97.99 -54.99 45.34
C VAL CB 106 -97.24 -54.00 44.46
N ASP CB 107 -97.51 -54.01 43.16
CA ASP CB 107 -96.73 -53.24 42.20
C ASP CB 107 -97.26 -51.82 42.01
N GLY CB 108 -97.90 -51.25 43.03
CA GLY CB 108 -98.34 -49.88 42.95
C GLY CB 108 -97.20 -48.89 43.03
N ILE CB 109 -96.37 -49.04 44.07
CA ILE CB 109 -95.23 -48.15 44.24
C ILE CB 109 -94.14 -48.45 43.21
N ARG CB 110 -93.97 -49.73 42.86
CA ARG CB 110 -92.93 -50.12 41.91
C ARG CB 110 -93.19 -49.60 40.50
N ALA CB 111 -94.40 -49.14 40.19
CA ALA CB 111 -94.71 -48.57 38.89
C ALA CB 111 -94.73 -47.05 38.88
N ILE CB 112 -94.65 -46.42 40.04
CA ILE CB 112 -94.50 -44.96 40.13
C ILE CB 112 -93.13 -44.57 39.57
N PRO CB 113 -93.03 -43.51 38.76
CA PRO CB 113 -91.71 -43.05 38.31
C PRO CB 113 -90.85 -42.58 39.48
N THR CB 114 -89.53 -42.70 39.29
CA THR CB 114 -88.62 -42.51 40.41
C THR CB 114 -88.49 -41.04 40.82
N ALA CB 115 -88.89 -40.13 39.95
CA ALA CB 115 -89.06 -38.75 40.41
C ALA CB 115 -90.29 -38.62 41.28
N GLY CB 116 -91.31 -39.43 41.02
CA GLY CB 116 -92.53 -39.35 41.82
C GLY CB 116 -92.35 -39.93 43.20
N LEU CB 117 -91.55 -40.97 43.33
CA LEU CB 117 -91.22 -41.46 44.67
C LEU CB 117 -90.29 -40.51 45.39
N ALA CB 118 -89.53 -39.71 44.64
CA ALA CB 118 -88.66 -38.73 45.28
C ALA CB 118 -89.48 -37.60 45.89
N GLN CB 119 -90.60 -37.25 45.29
CA GLN CB 119 -91.44 -36.21 45.86
C GLN CB 119 -92.16 -36.69 47.10
N ILE CB 120 -92.43 -37.99 47.20
CA ILE CB 120 -93.13 -38.51 48.37
C ILE CB 120 -92.19 -38.58 49.56
N LEU CB 121 -91.02 -39.18 49.37
CA LEU CB 121 -90.07 -39.33 50.47
C LEU CB 121 -89.51 -38.01 50.93
N ALA CB 122 -89.44 -37.01 50.04
CA ALA CB 122 -89.12 -35.67 50.48
C ALA CB 122 -90.23 -35.07 51.32
N PHE CB 123 -91.48 -35.49 51.09
CA PHE CB 123 -92.55 -34.96 51.92
C PHE CB 123 -92.60 -35.63 53.28
N PHE CB 124 -92.37 -36.93 53.33
CA PHE CB 124 -92.38 -37.63 54.61
C PHE CB 124 -91.02 -37.66 55.27
N ALA CB 125 -90.06 -36.91 54.72
CA ALA CB 125 -88.96 -36.46 55.57
C ALA CB 125 -89.39 -35.25 56.38
N LEU CB 126 -90.29 -34.44 55.84
CA LEU CB 126 -90.77 -33.30 56.62
C LEU CB 126 -91.71 -33.76 57.72
N VAL CB 127 -92.58 -34.71 57.42
CA VAL CB 127 -93.61 -35.07 58.40
C VAL CB 127 -93.03 -35.88 59.53
N GLU CB 128 -92.14 -36.81 59.24
CA GLU CB 128 -91.69 -37.70 60.29
C GLU CB 128 -90.48 -37.11 61.04
N LEU CB 129 -89.98 -35.96 60.64
CA LEU CB 129 -88.92 -35.30 61.39
C LEU CB 129 -89.35 -33.98 61.98
N ALA CB 130 -90.06 -33.15 61.23
CA ALA CB 130 -90.37 -31.80 61.66
C ALA CB 130 -91.73 -31.72 62.35
N TRP CB 131 -92.80 -32.04 61.63
CA TRP CB 131 -94.13 -31.83 62.18
C TRP CB 131 -94.49 -32.88 63.21
N MET CB 132 -94.28 -34.15 62.89
CA MET CB 132 -94.67 -35.27 63.75
C MET CB 132 -93.42 -36.13 63.96
N PRO CB 133 -92.53 -35.71 64.85
CA PRO CB 133 -91.20 -36.33 64.91
C PRO CB 133 -91.25 -37.70 65.57
N ALA CB 134 -90.80 -38.72 64.84
CA ALA CB 134 -90.91 -40.07 65.35
C ALA CB 134 -89.90 -40.40 66.45
N SER CB 135 -89.00 -39.48 66.77
CA SER CB 135 -88.17 -39.69 67.96
C SER CB 135 -88.86 -39.22 69.23
N LYS CB 136 -90.11 -38.80 69.16
CA LYS CB 136 -90.92 -38.61 70.36
C LYS CB 136 -91.70 -39.88 70.60
N TYR CB 137 -91.46 -40.53 71.73
CA TYR CB 137 -91.98 -41.87 71.95
C TYR CB 137 -93.38 -41.88 72.55
N ASP CB 138 -93.86 -40.75 73.06
CA ASP CB 138 -95.21 -40.75 73.59
C ASP CB 138 -96.24 -40.74 72.47
N GLY CB 139 -95.92 -40.09 71.36
CA GLY CB 139 -96.84 -40.03 70.24
C GLY CB 139 -98.09 -39.25 70.53
N ASP CB 140 -98.00 -38.25 71.41
CA ASP CB 140 -99.16 -37.54 71.92
C ASP CB 140 -99.17 -36.09 71.45
N TYR CB 141 -98.98 -35.92 70.15
CA TYR CB 141 -98.94 -34.65 69.45
C TYR CB 141 -100.24 -33.86 69.66
N GLY CB 142 -100.20 -32.58 69.30
CA GLY CB 142 -101.23 -31.62 69.68
C GLY CB 142 -102.61 -31.88 69.12
N VAL CB 143 -102.75 -32.84 68.21
CA VAL CB 143 -104.06 -33.27 67.76
C VAL CB 143 -104.51 -34.39 68.70
N GLY CB 144 -105.68 -34.22 69.30
CA GLY CB 144 -106.29 -35.26 70.10
C GLY CB 144 -107.07 -36.22 69.23
N TYR CB 145 -108.04 -36.87 69.84
CA TYR CB 145 -108.88 -37.80 69.11
C TYR CB 145 -109.96 -37.00 68.40
N PHE CB 146 -109.78 -36.80 67.10
CA PHE CB 146 -110.56 -35.88 66.27
C PHE CB 146 -110.51 -34.47 66.86
N GLY CB 147 -109.30 -33.92 66.89
CA GLY CB 147 -109.13 -32.54 67.28
C GLY CB 147 -109.17 -32.34 68.79
N THR CB 148 -110.32 -32.61 69.39
CA THR CB 148 -110.41 -32.62 70.84
C THR CB 148 -109.62 -33.80 71.39
N ASP CB 149 -109.06 -33.61 72.56
CA ASP CB 149 -108.54 -34.75 73.28
C ASP CB 149 -109.65 -35.33 74.14
N ILE CB 150 -109.28 -36.20 75.07
CA ILE CB 150 -110.19 -36.73 76.05
C ILE CB 150 -109.92 -36.02 77.36
N LYS CB 151 -110.98 -35.68 78.09
CA LYS CB 151 -110.82 -35.25 79.47
C LYS CB 151 -110.91 -36.43 80.41
N ASP CB 152 -111.85 -37.32 80.12
CA ASP CB 152 -112.24 -38.52 80.83
C ASP CB 152 -111.03 -39.45 81.02
N PRO CB 153 -110.51 -39.57 82.24
CA PRO CB 153 -109.33 -40.44 82.44
C PRO CB 153 -109.67 -41.90 82.39
N GLU CB 154 -110.94 -42.26 82.52
CA GLU CB 154 -111.38 -43.62 82.27
C GLU CB 154 -111.19 -44.01 80.81
N GLU CB 155 -111.67 -43.18 79.89
CA GLU CB 155 -111.65 -43.52 78.48
C GLU CB 155 -110.31 -43.28 77.81
N LYS CB 156 -109.28 -42.84 78.55
CA LYS CB 156 -107.96 -42.65 77.96
C LYS CB 156 -107.38 -43.96 77.45
N ALA CB 157 -107.18 -44.91 78.37
CA ALA CB 157 -106.65 -46.21 77.98
C ALA CB 157 -107.61 -46.98 77.11
N ARG CB 158 -108.92 -46.76 77.30
CA ARG CB 158 -109.93 -47.52 76.57
C ARG CB 158 -109.88 -47.22 75.08
N LYS CB 159 -109.65 -45.96 74.72
CA LYS CB 159 -109.39 -45.64 73.32
C LYS CB 159 -107.97 -46.02 72.92
N LEU CB 160 -107.03 -45.94 73.85
CA LEU CB 160 -105.67 -46.29 73.51
C LEU CB 160 -105.49 -47.79 73.41
N ASN CB 161 -106.28 -48.57 74.16
CA ASN CB 161 -106.31 -50.02 73.92
C ASN CB 161 -106.86 -50.34 72.55
N VAL CB 162 -107.72 -49.48 72.00
CA VAL CB 162 -108.23 -49.73 70.66
C VAL CB 162 -107.13 -49.49 69.64
N GLU CB 163 -106.49 -48.31 69.69
CA GLU CB 163 -105.47 -47.92 68.68
C GLU CB 163 -104.30 -48.90 68.65
N LEU CB 164 -103.99 -49.53 69.76
CA LEU CB 164 -103.09 -50.67 69.71
C LEU CB 164 -103.77 -51.85 69.02
N ASN CB 165 -104.87 -52.36 69.61
CA ASN CB 165 -105.47 -53.62 69.16
C ASN CB 165 -106.06 -53.49 67.76
N ASN CB 166 -106.75 -52.41 67.48
CA ASN CB 166 -107.28 -52.16 66.14
C ASN CB 166 -106.19 -51.68 65.18
N GLY CB 167 -104.93 -51.67 65.60
CA GLY CB 167 -103.80 -51.42 64.72
C GLY CB 167 -102.81 -52.57 64.76
N ARG CB 168 -102.80 -53.31 65.87
CA ARG CB 168 -102.06 -54.57 65.90
C ARG CB 168 -102.62 -55.55 64.88
N ALA CB 169 -103.94 -55.60 64.75
CA ALA CB 169 -104.57 -56.48 63.76
C ALA CB 169 -104.46 -55.94 62.35
N ALA CB 170 -103.99 -54.70 62.17
CA ALA CB 170 -103.80 -54.18 60.83
C ALA CB 170 -102.60 -54.79 60.17
N MET CB 171 -101.49 -54.88 60.89
CA MET CB 171 -100.25 -55.35 60.28
C MET CB 171 -100.25 -56.85 60.05
N MET CB 172 -101.17 -57.59 60.66
CA MET CB 172 -101.40 -58.95 60.22
C MET CB 172 -102.10 -58.99 58.88
N GLY CB 173 -103.01 -58.05 58.62
CA GLY CB 173 -103.73 -58.02 57.37
C GLY CB 173 -102.90 -57.55 56.21
N ILE CB 174 -101.88 -56.73 56.50
CA ILE CB 174 -101.00 -56.25 55.44
C ILE CB 174 -100.09 -57.36 54.95
N MET CB 175 -99.60 -58.20 55.87
CA MET CB 175 -98.95 -59.43 55.43
C MET CB 175 -99.97 -60.40 54.84
N GLY CB 176 -101.24 -60.27 55.22
CA GLY CB 176 -102.29 -61.05 54.62
C GLY CB 176 -102.64 -60.65 53.20
N ASN CB 177 -102.07 -59.56 52.69
CA ASN CB 177 -102.20 -59.22 51.28
C ASN CB 177 -100.94 -59.52 50.49
N MET CB 178 -99.78 -59.03 50.98
CA MET CB 178 -98.56 -59.11 50.20
C MET CB 178 -98.10 -60.55 50.02
N VAL CB 179 -98.26 -61.38 51.03
CA VAL CB 179 -97.95 -62.80 50.88
C VAL CB 179 -99.04 -63.49 50.07
N ALA CB 180 -100.29 -63.11 50.26
CA ALA CB 180 -101.38 -63.71 49.52
C ALA CB 180 -101.53 -63.16 48.10
N GLU CB 181 -100.65 -62.28 47.66
CA GLU CB 181 -100.60 -61.89 46.27
C GLU CB 181 -99.32 -62.34 45.58
N VAL CB 182 -98.36 -62.87 46.33
CA VAL CB 182 -97.16 -63.47 45.75
C VAL CB 182 -97.27 -64.99 45.69
N LEU CB 183 -97.77 -65.61 46.75
CA LEU CB 183 -97.99 -67.05 46.70
C LEU CB 183 -99.19 -67.42 45.84
N THR CB 184 -100.05 -66.45 45.52
CA THR CB 184 -101.14 -66.70 44.60
C THR CB 184 -100.92 -66.07 43.24
N GLY CB 185 -100.05 -65.06 43.15
CA GLY CB 185 -99.73 -64.44 41.88
C GLY CB 185 -100.79 -63.52 41.32
N GLN CB 186 -101.93 -63.38 41.98
CA GLN CB 186 -103.01 -62.52 41.52
C GLN CB 186 -103.16 -61.36 42.48
N THR CB 187 -103.78 -60.28 42.01
CA THR CB 187 -104.13 -59.21 42.92
C THR CB 187 -105.33 -59.61 43.75
N MET CB 188 -105.65 -58.79 44.75
CA MET CB 188 -106.81 -59.08 45.60
C MET CB 188 -108.11 -58.94 44.83
N TYR CB 189 -108.15 -58.06 43.84
CA TYR CB 189 -109.32 -57.98 42.97
C TYR CB 189 -109.45 -59.23 42.11
N GLU CB 190 -108.33 -59.80 41.66
CA GLU CB 190 -108.39 -60.97 40.81
C GLU CB 190 -108.76 -62.22 41.58
N GLN CB 191 -108.48 -62.26 42.87
CA GLN CB 191 -108.85 -63.43 43.65
C GLN CB 191 -110.35 -63.48 43.88
N TYR CB 192 -110.94 -62.36 44.30
CA TYR CB 192 -112.37 -62.33 44.53
C TYR CB 192 -113.18 -62.25 43.25
N ALA CB 193 -112.56 -61.91 42.12
CA ALA CB 193 -113.27 -62.01 40.86
C ALA CB 193 -113.38 -63.46 40.42
N SER CB 194 -112.25 -64.14 40.35
CA SER CB 194 -112.21 -65.52 39.87
C SER CB 194 -112.71 -66.52 40.90
N GLY CB 195 -112.77 -66.15 42.17
CA GLY CB 195 -113.14 -67.11 43.19
C GLY CB 195 -111.98 -68.04 43.49
N HIS CB 196 -110.84 -67.46 43.85
CA HIS CB 196 -109.64 -68.19 44.24
C HIS CB 196 -109.53 -68.27 45.75
N ILE CB 197 -110.68 -68.43 46.41
CA ILE CB 197 -110.73 -68.27 47.85
C ILE CB 197 -110.49 -69.60 48.59
N SER CB 198 -110.88 -70.73 48.01
CA SER CB 198 -110.64 -72.02 48.63
C SER CB 198 -109.17 -72.40 48.44
N PRO CB 199 -108.42 -72.57 49.53
CA PRO CB 199 -107.00 -72.93 49.39
C PRO CB 199 -106.77 -74.41 49.15
N PHE CB 200 -107.82 -75.22 49.08
CA PHE CB 200 -107.64 -76.65 48.90
C PHE CB 200 -108.25 -77.18 47.60
N GLY CB 201 -109.07 -76.38 46.93
CA GLY CB 201 -109.57 -76.77 45.62
C GLY CB 201 -108.52 -76.58 44.55
N ASP CB 202 -107.80 -75.46 44.63
CA ASP CB 202 -106.78 -75.11 43.65
C ASP CB 202 -105.54 -75.98 43.83
N GLY CB 203 -104.63 -75.89 42.86
CA GLY CB 203 -103.41 -76.68 42.92
C GLY CB 203 -102.20 -75.90 43.40
N GLN CB 204 -101.67 -76.27 44.56
CA GLN CB 204 -100.44 -75.72 45.07
C GLN CB 204 -99.78 -76.78 45.95
N GLY CB 205 -98.69 -76.40 46.62
CA GLY CB 205 -98.12 -77.23 47.66
C GLY CB 205 -99.11 -77.43 48.80
N VAL CB 206 -99.48 -78.69 49.01
CA VAL CB 206 -100.54 -79.15 49.93
C VAL CB 206 -101.88 -78.51 49.59
N SER DB 31 -129.59 -45.01 87.94
CA SER DB 31 -130.06 -46.37 88.16
C SER DB 31 -130.83 -46.89 86.95
N GLU DB 32 -131.35 -48.10 87.07
CA GLU DB 32 -132.18 -48.67 86.03
C GLU DB 32 -133.66 -48.40 86.22
N ILE DB 33 -134.10 -48.21 87.47
CA ILE DB 33 -135.52 -48.07 87.76
C ILE DB 33 -136.04 -46.71 87.33
N GLU DB 34 -135.19 -45.69 87.36
CA GLU DB 34 -135.60 -44.31 87.09
C GLU DB 34 -135.72 -43.99 85.60
N LEU DB 35 -135.80 -44.99 84.71
CA LEU DB 35 -135.61 -44.78 83.29
C LEU DB 35 -136.89 -44.86 82.47
N GLY DB 36 -137.63 -45.97 82.55
CA GLY DB 36 -138.78 -46.19 81.69
C GLY DB 36 -140.01 -45.35 81.99
N VAL DB 37 -139.94 -44.46 82.97
CA VAL DB 37 -141.06 -43.58 83.27
C VAL DB 37 -141.24 -42.56 82.15
N THR DB 38 -142.40 -42.56 81.54
CA THR DB 38 -142.73 -41.64 80.47
C THR DB 38 -144.21 -41.27 80.59
N GLU DB 39 -144.47 -39.97 80.45
CA GLU DB 39 -145.72 -39.26 80.70
C GLU DB 39 -147.04 -39.93 80.26
N PRO DB 40 -147.13 -40.65 79.13
CA PRO DB 40 -148.39 -41.40 78.89
C PRO DB 40 -148.62 -42.53 79.86
N LEU DB 41 -147.58 -43.17 80.36
CA LEU DB 41 -147.82 -44.27 81.29
C LEU DB 41 -147.12 -44.08 82.63
N GLY DB 42 -145.87 -43.60 82.63
CA GLY DB 42 -145.11 -43.65 83.86
C GLY DB 42 -144.77 -45.08 84.21
N VAL DB 43 -144.75 -45.38 85.52
CA VAL DB 43 -144.60 -46.75 85.97
C VAL DB 43 -145.86 -47.52 85.60
N TYR DB 44 -145.69 -48.65 84.91
CA TYR DB 44 -146.81 -49.31 84.26
C TYR DB 44 -146.56 -50.81 84.26
N ASP DB 45 -147.13 -51.51 85.24
CA ASP DB 45 -147.08 -52.97 85.27
C ASP DB 45 -148.47 -53.53 85.56
N PRO DB 46 -149.23 -53.85 84.51
CA PRO DB 46 -150.48 -54.58 84.73
C PRO DB 46 -150.27 -56.00 85.22
N LEU DB 47 -149.11 -56.60 84.95
CA LEU DB 47 -148.79 -57.88 85.55
C LEU DB 47 -148.16 -57.74 86.92
N GLY DB 48 -147.48 -56.62 87.18
CA GLY DB 48 -146.90 -56.39 88.49
C GLY DB 48 -145.75 -57.29 88.85
N TRP DB 49 -144.66 -57.20 88.07
CA TRP DB 49 -143.45 -57.97 88.35
C TRP DB 49 -142.42 -57.17 89.14
N LEU DB 50 -142.69 -55.89 89.39
CA LEU DB 50 -141.74 -55.07 90.13
C LEU DB 50 -141.66 -55.49 91.59
N GLU DB 51 -142.77 -55.93 92.16
CA GLU DB 51 -142.80 -56.38 93.54
C GLU DB 51 -142.78 -57.89 93.67
N SER DB 52 -143.37 -58.61 92.71
CA SER DB 52 -143.31 -60.07 92.73
C SER DB 52 -141.97 -60.59 92.26
N GLU DB 53 -141.16 -59.77 91.61
CA GLU DB 53 -139.81 -60.18 91.24
C GLU DB 53 -138.90 -58.94 91.14
N PRO DB 54 -138.43 -58.41 92.27
CA PRO DB 54 -137.54 -57.23 92.19
C PRO DB 54 -136.08 -57.60 92.00
N GLU DB 55 -135.70 -58.84 92.25
CA GLU DB 55 -134.29 -59.22 92.22
C GLU DB 55 -133.79 -59.36 90.79
N ALA DB 56 -134.62 -59.90 89.90
CA ALA DB 56 -134.23 -60.09 88.51
C ALA DB 56 -134.69 -58.96 87.61
N PHE DB 57 -134.75 -57.73 88.13
CA PHE DB 57 -135.17 -56.59 87.31
C PHE DB 57 -134.10 -56.23 86.29
N GLU DB 58 -132.83 -56.31 86.66
CA GLU DB 58 -131.75 -56.00 85.73
C GLU DB 58 -131.66 -57.04 84.62
N ARG DB 59 -132.02 -58.28 84.93
CA ARG DB 59 -132.25 -59.28 83.89
C ARG DB 59 -133.39 -58.84 82.98
N ARG DB 60 -134.44 -58.25 83.55
CA ARG DB 60 -135.53 -57.77 82.72
C ARG DB 60 -135.21 -56.45 82.03
N ARG DB 61 -134.39 -55.60 82.66
CA ARG DB 61 -134.16 -54.26 82.13
C ARG DB 61 -133.30 -54.29 80.88
N ALA DB 62 -132.14 -54.94 80.97
CA ALA DB 62 -131.21 -55.01 79.84
C ALA DB 62 -131.75 -55.83 78.68
N VAL DB 63 -132.74 -56.68 78.91
CA VAL DB 63 -133.30 -57.49 77.85
C VAL DB 63 -134.42 -56.76 77.09
N GLU DB 64 -135.22 -55.91 77.77
CA GLU DB 64 -136.03 -54.95 77.02
C GLU DB 64 -135.16 -53.98 76.24
N ARG DB 65 -134.01 -53.59 76.81
CA ARG DB 65 -133.01 -52.88 76.04
C ARG DB 65 -132.45 -53.73 74.90
N LYS DB 66 -132.26 -55.03 75.14
CA LYS DB 66 -131.67 -55.89 74.11
C LYS DB 66 -132.66 -56.17 73.00
N HIS DB 67 -133.89 -56.57 73.33
CA HIS DB 67 -134.92 -56.76 72.33
C HIS DB 67 -135.29 -55.46 71.62
N GLY DB 68 -135.05 -54.31 72.26
CA GLY DB 68 -135.25 -53.04 71.59
C GLY DB 68 -134.26 -52.85 70.46
N ARG DB 69 -132.97 -52.93 70.79
CA ARG DB 69 -131.90 -52.62 69.83
C ARG DB 69 -131.88 -53.56 68.64
N VAL DB 70 -132.34 -54.80 68.81
CA VAL DB 70 -132.53 -55.67 67.66
C VAL DB 70 -133.71 -55.17 66.82
N ALA DB 71 -134.82 -54.84 67.49
CA ALA DB 71 -136.01 -54.40 66.78
C ALA DB 71 -135.84 -53.01 66.18
N MET DB 72 -134.95 -52.19 66.75
CA MET DB 72 -134.72 -50.88 66.17
C MET DB 72 -133.98 -50.98 64.84
N ALA DB 73 -132.95 -51.83 64.78
CA ALA DB 73 -132.17 -51.97 63.55
C ALA DB 73 -132.96 -52.62 62.44
N ALA DB 74 -134.00 -53.37 62.77
CA ALA DB 74 -134.72 -54.11 61.75
C ALA DB 74 -135.89 -53.34 61.16
N VAL DB 75 -136.29 -52.22 61.77
CA VAL DB 75 -137.28 -51.34 61.15
C VAL DB 75 -136.70 -50.72 59.89
N VAL DB 76 -135.47 -50.21 60.00
CA VAL DB 76 -134.77 -49.68 58.83
C VAL DB 76 -134.46 -50.78 57.82
N GLY DB 77 -134.15 -51.98 58.32
CA GLY DB 77 -134.02 -53.14 57.45
C GLY DB 77 -135.32 -53.58 56.83
N THR DB 78 -136.46 -53.14 57.36
CA THR DB 78 -137.70 -53.33 56.65
C THR DB 78 -137.89 -52.24 55.59
N ILE DB 79 -137.55 -51.00 55.94
CA ILE DB 79 -137.81 -49.86 55.05
C ILE DB 79 -136.90 -49.90 53.83
N VAL DB 80 -135.59 -49.97 54.06
CA VAL DB 80 -134.59 -49.78 53.01
C VAL DB 80 -134.62 -50.95 52.03
N HIS DB 81 -134.90 -52.15 52.53
CA HIS DB 81 -135.13 -53.28 51.62
C HIS DB 81 -136.37 -53.05 50.77
N ASN DB 82 -137.41 -52.47 51.37
CA ASN DB 82 -138.65 -52.21 50.65
C ASN DB 82 -138.61 -50.94 49.81
N ASN DB 83 -137.57 -50.11 49.96
CA ASN DB 83 -137.35 -49.03 49.01
C ASN DB 83 -136.72 -49.51 47.72
N HIS DB 84 -136.38 -50.80 47.64
CA HIS DB 84 -135.56 -51.39 46.59
C HIS DB 84 -134.22 -50.69 46.45
N ILE DB 85 -133.69 -50.23 47.59
CA ILE DB 85 -132.30 -49.81 47.67
C ILE DB 85 -131.46 -51.08 47.75
N VAL DB 86 -130.58 -51.26 46.77
CA VAL DB 86 -129.86 -52.51 46.57
C VAL DB 86 -128.38 -52.22 46.69
N PHE DB 87 -127.61 -53.19 47.20
CA PHE DB 87 -126.15 -53.10 47.22
C PHE DB 87 -125.54 -53.01 45.83
N ASP DB 88 -126.28 -53.39 44.78
CA ASP DB 88 -125.96 -53.11 43.38
C ASP DB 88 -124.69 -53.81 42.93
N GLY DB 89 -124.54 -55.06 43.34
CA GLY DB 89 -123.41 -55.86 42.91
C GLY DB 89 -123.83 -57.23 42.42
N TYR DB 90 -123.20 -58.26 42.98
CA TYR DB 90 -123.47 -59.64 42.59
C TYR DB 90 -123.12 -60.51 43.77
N LEU DB 91 -124.12 -61.16 44.36
CA LEU DB 91 -123.95 -61.73 45.69
C LEU DB 91 -123.16 -63.04 45.64
N SER DB 92 -123.71 -64.06 45.00
CA SER DB 92 -123.12 -65.38 45.07
C SER DB 92 -122.51 -65.76 43.75
N PRO DB 93 -121.24 -66.14 43.69
CA PRO DB 93 -120.69 -66.69 42.45
C PRO DB 93 -121.25 -68.07 42.12
N SER DB 94 -121.47 -68.92 43.11
CA SER DB 94 -121.96 -70.26 42.88
C SER DB 94 -123.47 -70.26 42.62
N ASN DB 95 -124.24 -69.74 43.58
CA ASN DB 95 -125.69 -69.83 43.53
C ASN DB 95 -126.32 -68.82 42.56
N ASN DB 96 -125.50 -67.94 41.96
CA ASN DB 96 -125.93 -66.92 41.00
C ASN DB 96 -126.95 -65.96 41.59
N LEU DB 97 -126.89 -65.74 42.89
CA LEU DB 97 -127.75 -64.75 43.52
C LEU DB 97 -127.19 -63.37 43.27
N LYS DB 98 -128.06 -62.44 42.91
CA LYS DB 98 -127.72 -61.04 42.94
C LYS DB 98 -128.29 -60.46 44.22
N PHE DB 99 -127.89 -59.23 44.54
CA PHE DB 99 -128.46 -58.56 45.70
C PHE DB 99 -129.91 -58.16 45.47
N SER DB 100 -130.30 -57.94 44.22
CA SER DB 100 -131.70 -57.66 43.89
C SER DB 100 -132.59 -58.88 43.96
N ASP DB 101 -132.02 -60.08 43.83
CA ASP DB 101 -132.86 -61.28 43.71
C ASP DB 101 -133.41 -61.74 45.04
N ILE DB 102 -132.94 -61.20 46.15
CA ILE DB 102 -133.45 -61.64 47.46
C ILE DB 102 -134.78 -60.95 47.72
N PRO DB 103 -135.81 -61.68 48.16
CA PRO DB 103 -137.09 -61.05 48.49
C PRO DB 103 -136.98 -60.15 49.72
N THR DB 104 -137.84 -59.13 49.76
CA THR DB 104 -137.80 -58.13 50.80
C THR DB 104 -138.84 -58.35 51.88
N GLY DB 105 -139.61 -59.44 51.81
CA GLY DB 105 -140.55 -59.77 52.86
C GLY DB 105 -139.90 -60.53 53.98
N VAL DB 106 -140.60 -61.53 54.52
CA VAL DB 106 -140.03 -62.36 55.58
C VAL DB 106 -138.97 -63.29 55.02
N ASP DB 107 -139.08 -63.67 53.75
CA ASP DB 107 -138.27 -64.71 53.16
C ASP DB 107 -136.91 -64.24 52.67
N GLY DB 108 -136.38 -63.14 53.21
CA GLY DB 108 -135.05 -62.69 52.87
C GLY DB 108 -133.95 -63.57 53.42
N ILE DB 109 -134.06 -63.89 54.72
CA ILE DB 109 -133.11 -64.81 55.36
C ILE DB 109 -133.25 -66.21 54.77
N ARG DB 110 -134.49 -66.61 54.46
CA ARG DB 110 -134.75 -67.91 53.88
C ARG DB 110 -134.31 -68.02 52.42
N ALA DB 111 -133.85 -66.93 51.81
CA ALA DB 111 -133.23 -66.96 50.49
C ALA DB 111 -131.73 -66.76 50.55
N ILE DB 112 -131.13 -66.83 51.73
CA ILE DB 112 -129.69 -66.68 51.91
C ILE DB 112 -129.08 -68.07 52.02
N PRO DB 113 -127.99 -68.36 51.30
CA PRO DB 113 -127.31 -69.64 51.46
C PRO DB 113 -126.67 -69.77 52.83
N THR DB 114 -126.60 -71.03 53.30
CA THR DB 114 -126.10 -71.30 54.65
C THR DB 114 -124.60 -71.10 54.77
N ALA DB 115 -123.87 -71.05 53.66
CA ALA DB 115 -122.46 -70.69 53.71
C ALA DB 115 -122.28 -69.27 54.19
N GLY DB 116 -123.18 -68.37 53.79
CA GLY DB 116 -123.21 -67.04 54.36
C GLY DB 116 -123.79 -67.00 55.76
N LEU DB 117 -124.78 -67.86 56.04
CA LEU DB 117 -125.32 -67.95 57.38
C LEU DB 117 -124.33 -68.59 58.33
N ALA DB 118 -123.41 -69.41 57.81
CA ALA DB 118 -122.27 -69.83 58.60
C ALA DB 118 -121.35 -68.66 58.90
N GLN DB 119 -121.22 -67.72 57.96
CA GLN DB 119 -120.39 -66.56 58.19
C GLN DB 119 -121.02 -65.60 59.20
N ILE DB 120 -122.35 -65.51 59.22
CA ILE DB 120 -123.02 -64.58 60.13
C ILE DB 120 -122.93 -65.10 61.56
N LEU DB 121 -123.40 -66.31 61.81
CA LEU DB 121 -123.51 -66.83 63.16
C LEU DB 121 -122.16 -67.07 63.81
N ALA DB 122 -121.11 -67.30 63.02
CA ALA DB 122 -119.77 -67.37 63.59
C ALA DB 122 -119.25 -65.98 63.94
N PHE DB 123 -119.72 -64.95 63.24
CA PHE DB 123 -119.26 -63.59 63.53
C PHE DB 123 -119.89 -63.05 64.79
N PHE DB 124 -121.19 -63.22 64.94
CA PHE DB 124 -121.86 -62.69 66.11
C PHE DB 124 -121.72 -63.58 67.33
N ALA DB 125 -121.22 -64.81 67.16
CA ALA DB 125 -120.74 -65.56 68.30
C ALA DB 125 -119.50 -64.91 68.88
N LEU DB 126 -118.72 -64.24 68.04
CA LEU DB 126 -117.60 -63.46 68.54
C LEU DB 126 -118.03 -62.10 69.03
N VAL DB 127 -119.20 -61.61 68.60
CA VAL DB 127 -119.66 -60.31 69.05
C VAL DB 127 -120.27 -60.40 70.44
N GLU DB 128 -121.33 -61.21 70.56
CA GLU DB 128 -122.16 -61.21 71.75
C GLU DB 128 -121.54 -61.98 72.91
N LEU DB 129 -120.46 -62.70 72.66
CA LEU DB 129 -119.74 -63.40 73.71
C LEU DB 129 -118.41 -62.75 74.06
N ALA DB 130 -117.60 -62.42 73.05
CA ALA DB 130 -116.22 -62.02 73.30
C ALA DB 130 -116.08 -60.51 73.46
N TRP DB 131 -116.47 -59.76 72.43
CA TRP DB 131 -116.25 -58.33 72.44
C TRP DB 131 -117.31 -57.59 73.22
N MET DB 132 -118.58 -57.96 73.02
CA MET DB 132 -119.69 -57.35 73.74
C MET DB 132 -120.39 -58.44 74.55
N PRO DB 133 -119.82 -58.84 75.69
CA PRO DB 133 -120.36 -60.00 76.41
C PRO DB 133 -121.66 -59.65 77.10
N ALA DB 134 -122.77 -60.09 76.51
CA ALA DB 134 -124.10 -59.69 76.95
C ALA DB 134 -124.53 -60.35 78.25
N SER DB 135 -123.67 -61.14 78.89
CA SER DB 135 -123.93 -61.63 80.23
C SER DB 135 -124.00 -60.49 81.24
N LYS DB 136 -123.24 -59.41 81.02
CA LYS DB 136 -123.33 -58.24 81.87
C LYS DB 136 -124.50 -57.38 81.45
N TYR DB 137 -125.26 -56.87 82.43
CA TYR DB 137 -126.54 -56.26 82.13
C TYR DB 137 -126.50 -54.74 82.16
N ASP DB 138 -125.33 -54.14 81.94
CA ASP DB 138 -125.25 -52.70 81.75
C ASP DB 138 -125.36 -52.32 80.28
N GLY DB 139 -124.65 -53.02 79.40
CA GLY DB 139 -124.91 -52.97 77.97
C GLY DB 139 -123.94 -52.12 77.17
N ASP DB 140 -123.14 -51.27 77.81
CA ASP DB 140 -122.33 -50.33 77.05
C ASP DB 140 -121.07 -50.97 76.49
N TYR DB 141 -120.20 -51.46 77.38
CA TYR DB 141 -119.03 -52.32 77.18
C TYR DB 141 -117.84 -51.64 76.51
N GLY DB 142 -118.06 -50.58 75.74
CA GLY DB 142 -117.00 -49.61 75.59
C GLY DB 142 -117.46 -48.22 75.20
N VAL DB 143 -118.69 -48.07 74.72
CA VAL DB 143 -119.01 -47.06 73.72
C VAL DB 143 -119.93 -46.02 74.31
N GLY DB 144 -119.62 -44.74 74.11
CA GLY DB 144 -120.51 -43.66 74.45
C GLY DB 144 -121.43 -43.30 73.30
N TYR DB 145 -122.22 -42.26 73.52
CA TYR DB 145 -123.16 -41.79 72.51
C TYR DB 145 -122.36 -41.08 71.42
N PHE DB 146 -122.32 -41.71 70.24
CA PHE DB 146 -121.40 -41.37 69.16
C PHE DB 146 -119.97 -41.28 69.68
N GLY DB 147 -119.55 -42.31 70.42
CA GLY DB 147 -118.23 -42.36 71.00
C GLY DB 147 -117.99 -41.43 72.17
N THR DB 148 -118.95 -40.59 72.53
CA THR DB 148 -118.81 -39.61 73.60
C THR DB 148 -119.79 -39.92 74.71
N ASP DB 149 -119.32 -39.88 75.95
CA ASP DB 149 -120.23 -39.94 77.07
C ASP DB 149 -120.98 -38.63 77.20
N ILE DB 150 -122.12 -38.68 77.87
CA ILE DB 150 -122.94 -37.51 78.12
C ILE DB 150 -122.91 -37.28 79.63
N LYS DB 151 -122.04 -36.36 80.06
CA LYS DB 151 -121.78 -36.19 81.48
C LYS DB 151 -122.82 -35.32 82.18
N ASP DB 152 -123.81 -34.82 81.47
CA ASP DB 152 -124.95 -34.19 82.13
C ASP DB 152 -125.90 -35.28 82.56
N PRO DB 153 -126.02 -35.58 83.86
CA PRO DB 153 -126.84 -36.73 84.28
C PRO DB 153 -128.32 -36.50 84.09
N GLU DB 154 -128.76 -35.25 84.01
CA GLU DB 154 -130.13 -34.96 83.64
C GLU DB 154 -130.37 -35.33 82.18
N GLU DB 155 -129.47 -34.92 81.30
CA GLU DB 155 -129.59 -35.28 79.89
C GLU DB 155 -129.16 -36.72 79.63
N LYS DB 156 -128.26 -37.28 80.44
CA LYS DB 156 -127.91 -38.69 80.28
C LYS DB 156 -129.11 -39.58 80.57
N ALA DB 157 -129.98 -39.16 81.51
CA ALA DB 157 -131.27 -39.83 81.63
C ALA DB 157 -132.13 -39.56 80.41
N ARG DB 158 -132.06 -38.35 79.86
CA ARG DB 158 -132.95 -37.97 78.77
C ARG DB 158 -132.55 -38.67 77.47
N LYS DB 159 -131.25 -38.75 77.18
CA LYS DB 159 -130.84 -39.44 75.96
C LYS DB 159 -130.94 -40.96 76.12
N LEU DB 160 -130.92 -41.47 77.34
CA LEU DB 160 -131.02 -42.91 77.49
C LEU DB 160 -132.44 -43.40 77.27
N ASN DB 161 -133.44 -42.61 77.67
CA ASN DB 161 -134.80 -43.09 77.65
C ASN DB 161 -135.37 -43.15 76.25
N VAL DB 162 -134.71 -42.50 75.29
CA VAL DB 162 -135.20 -42.55 73.92
C VAL DB 162 -134.96 -43.92 73.32
N GLU DB 163 -133.76 -44.49 73.53
CA GLU DB 163 -133.52 -45.84 73.03
C GLU DB 163 -134.26 -46.89 73.83
N LEU DB 164 -134.82 -46.52 74.98
CA LEU DB 164 -135.93 -47.29 75.51
C LEU DB 164 -137.22 -46.95 74.76
N ASN DB 165 -137.52 -45.67 74.61
CA ASN DB 165 -138.83 -45.28 74.05
C ASN DB 165 -138.92 -45.56 72.55
N ASN DB 166 -137.92 -45.12 71.77
CA ASN DB 166 -137.85 -45.59 70.39
C ASN DB 166 -137.45 -47.05 70.29
N GLY DB 167 -136.95 -47.66 71.38
CA GLY DB 167 -136.88 -49.11 71.41
C GLY DB 167 -138.25 -49.74 71.50
N ARG DB 168 -139.15 -49.14 72.28
CA ARG DB 168 -140.48 -49.71 72.47
C ARG DB 168 -141.33 -49.59 71.23
N ALA DB 169 -141.26 -48.46 70.53
CA ALA DB 169 -142.05 -48.28 69.31
C ALA DB 169 -141.53 -49.15 68.17
N ALA DB 170 -140.27 -49.58 68.25
CA ALA DB 170 -139.72 -50.42 67.21
C ALA DB 170 -140.13 -51.88 67.38
N MET DB 171 -140.35 -52.32 68.62
CA MET DB 171 -140.80 -53.69 68.84
C MET DB 171 -142.19 -53.91 68.25
N MET DB 172 -143.07 -52.93 68.41
CA MET DB 172 -144.41 -53.01 67.86
C MET DB 172 -144.45 -52.74 66.36
N GLY DB 173 -143.31 -52.40 65.75
CA GLY DB 173 -143.24 -52.19 64.32
C GLY DB 173 -142.77 -53.42 63.58
N ILE DB 174 -141.89 -54.19 64.21
CA ILE DB 174 -141.46 -55.46 63.62
C ILE DB 174 -142.61 -56.46 63.66
N MET DB 175 -143.38 -56.46 64.75
CA MET DB 175 -144.64 -57.17 64.76
C MET DB 175 -145.67 -56.51 63.84
N GLY DB 176 -145.53 -55.20 63.61
CA GLY DB 176 -146.38 -54.54 62.65
C GLY DB 176 -146.11 -54.88 61.20
N ASN DB 177 -144.99 -55.55 60.91
CA ASN DB 177 -144.68 -56.02 59.57
C ASN DB 177 -144.82 -57.53 59.43
N MET DB 178 -144.26 -58.30 60.37
CA MET DB 178 -144.29 -59.77 60.25
C MET DB 178 -145.70 -60.31 60.31
N VAL DB 179 -146.58 -59.69 61.08
CA VAL DB 179 -148.00 -60.03 61.02
C VAL DB 179 -148.61 -59.54 59.71
N ALA DB 180 -148.25 -58.33 59.27
CA ALA DB 180 -148.83 -57.74 58.08
C ALA DB 180 -148.10 -58.13 56.79
N GLU DB 181 -147.33 -59.21 56.81
CA GLU DB 181 -146.79 -59.77 55.58
C GLU DB 181 -147.20 -61.22 55.48
N VAL DB 182 -147.41 -61.87 56.62
CA VAL DB 182 -147.93 -63.23 56.63
C VAL DB 182 -149.42 -63.22 56.35
N LEU DB 183 -150.18 -62.42 57.10
CA LEU DB 183 -151.63 -62.36 56.89
C LEU DB 183 -151.98 -61.66 55.59
N THR DB 184 -151.11 -60.78 55.11
CA THR DB 184 -151.41 -60.03 53.90
C THR DB 184 -150.81 -60.66 52.65
N GLY DB 185 -149.82 -61.54 52.82
CA GLY DB 185 -149.21 -62.24 51.70
C GLY DB 185 -148.38 -61.38 50.79
N GLN DB 186 -148.04 -60.16 51.19
CA GLN DB 186 -147.29 -59.24 50.35
C GLN DB 186 -146.16 -58.64 51.18
N THR DB 187 -145.24 -57.96 50.49
CA THR DB 187 -144.25 -57.16 51.19
C THR DB 187 -144.85 -55.82 51.54
N MET DB 188 -144.07 -54.99 52.26
CA MET DB 188 -144.55 -53.65 52.59
C MET DB 188 -144.61 -52.78 51.34
N TYR DB 189 -143.71 -53.01 50.39
CA TYR DB 189 -143.75 -52.28 49.13
C TYR DB 189 -144.98 -52.62 48.31
N GLU DB 190 -145.36 -53.90 48.28
CA GLU DB 190 -146.54 -54.31 47.53
C GLU DB 190 -147.83 -53.86 48.18
N GLN DB 191 -147.82 -53.52 49.47
CA GLN DB 191 -149.03 -53.00 50.11
C GLN DB 191 -149.37 -51.62 49.59
N TYR DB 192 -148.40 -50.71 49.57
CA TYR DB 192 -148.66 -49.36 49.10
C TYR DB 192 -148.83 -49.34 47.58
N ALA DB 193 -148.15 -50.22 46.86
CA ALA DB 193 -148.22 -50.23 45.41
C ALA DB 193 -149.51 -50.82 44.87
N SER DB 194 -150.31 -51.48 45.72
CA SER DB 194 -151.55 -52.12 45.28
C SER DB 194 -152.79 -51.51 45.91
N GLY DB 195 -152.66 -50.49 46.73
CA GLY DB 195 -153.81 -49.99 47.45
C GLY DB 195 -154.22 -50.88 48.61
N HIS DB 196 -153.24 -51.55 49.25
CA HIS DB 196 -153.48 -52.32 50.46
C HIS DB 196 -153.22 -51.49 51.71
N ILE DB 197 -153.55 -50.21 51.64
CA ILE DB 197 -153.48 -49.34 52.81
C ILE DB 197 -154.59 -49.68 53.79
N SER DB 198 -155.83 -49.69 53.33
CA SER DB 198 -156.98 -49.95 54.18
C SER DB 198 -157.14 -51.45 54.40
N PRO DB 199 -157.14 -51.92 55.65
CA PRO DB 199 -157.40 -53.35 55.91
C PRO DB 199 -158.87 -53.73 55.93
N PHE DB 200 -159.79 -52.79 55.68
CA PHE DB 200 -161.21 -53.06 55.75
C PHE DB 200 -161.85 -53.26 54.38
N GLY DB 201 -161.31 -52.64 53.34
CA GLY DB 201 -161.92 -52.77 52.02
C GLY DB 201 -161.69 -54.13 51.41
N ASP DB 202 -160.51 -54.70 51.63
CA ASP DB 202 -160.16 -56.00 51.08
C ASP DB 202 -160.80 -57.13 51.88
N GLY DB 203 -160.78 -58.33 51.32
CA GLY DB 203 -161.40 -59.48 51.97
C GLY DB 203 -160.44 -60.45 52.62
N GLN DB 204 -160.40 -60.43 53.95
CA GLN DB 204 -159.59 -61.37 54.73
C GLN DB 204 -160.36 -61.67 56.02
N GLY DB 205 -159.69 -62.32 56.97
CA GLY DB 205 -160.23 -62.42 58.31
C GLY DB 205 -160.28 -61.06 58.97
N VAL DB 206 -161.49 -60.51 59.13
CA VAL DB 206 -161.79 -59.15 59.59
C VAL DB 206 -161.11 -58.09 58.71
N UNK EB 1 -87.95 -9.63 71.10
CA UNK EB 1 -86.97 -10.28 71.94
C UNK EB 1 -85.61 -10.11 71.31
N UNK EB 2 -85.63 -9.57 70.09
CA UNK EB 2 -84.41 -9.33 69.33
C UNK EB 2 -84.32 -7.91 68.78
N UNK EB 3 -85.26 -7.05 69.17
CA UNK EB 3 -85.11 -5.63 68.86
C UNK EB 3 -83.98 -5.00 69.64
N UNK EB 4 -83.61 -5.59 70.79
CA UNK EB 4 -82.42 -5.14 71.49
C UNK EB 4 -81.16 -5.67 70.85
N UNK EB 5 -81.22 -6.87 70.26
CA UNK EB 5 -80.04 -7.46 69.63
C UNK EB 5 -79.68 -6.76 68.34
N UNK EB 6 -80.67 -6.19 67.66
CA UNK EB 6 -80.39 -5.34 66.51
C UNK EB 6 -80.04 -3.92 66.94
N UNK EB 7 -80.28 -3.59 68.21
CA UNK EB 7 -79.91 -2.27 68.71
C UNK EB 7 -78.54 -2.23 69.36
N UNK EB 8 -77.85 -3.38 69.48
CA UNK EB 8 -76.45 -3.36 69.88
C UNK EB 8 -75.55 -3.25 68.65
N UNK EB 9 -75.68 -4.19 67.72
CA UNK EB 9 -75.28 -4.06 66.31
C UNK EB 9 -73.78 -3.79 66.13
N UNK EB 10 -72.98 -4.80 66.45
CA UNK EB 10 -71.56 -4.74 66.18
C UNK EB 10 -71.31 -4.69 64.67
N UNK EB 11 -70.18 -4.07 64.30
CA UNK EB 11 -69.89 -3.84 62.88
C UNK EB 11 -69.45 -5.13 62.21
N UNK EB 12 -69.90 -5.30 60.97
CA UNK EB 12 -69.73 -6.55 60.22
C UNK EB 12 -68.50 -6.45 59.34
N UNK EB 13 -67.74 -7.54 59.25
CA UNK EB 13 -66.62 -7.61 58.34
C UNK EB 13 -66.99 -8.17 56.98
N UNK EB 14 -68.23 -8.63 56.82
CA UNK EB 14 -68.69 -9.26 55.59
C UNK EB 14 -69.73 -8.44 54.87
N UNK EB 15 -70.15 -7.33 55.46
CA UNK EB 15 -71.02 -6.37 54.77
C UNK EB 15 -70.74 -5.04 55.46
N UNK EB 16 -69.92 -4.21 54.84
CA UNK EB 16 -69.44 -3.01 55.50
C UNK EB 16 -70.51 -1.94 55.64
N UNK EB 17 -71.58 -2.01 54.85
CA UNK EB 17 -72.67 -1.05 54.93
C UNK EB 17 -73.80 -1.52 55.83
N UNK EB 18 -73.54 -2.42 56.78
CA UNK EB 18 -74.61 -3.12 57.49
C UNK EB 18 -74.63 -2.91 58.99
N UNK EB 19 -73.50 -3.15 59.66
CA UNK EB 19 -73.40 -3.21 61.14
C UNK EB 19 -74.38 -4.26 61.68
N UNK EB 20 -74.03 -5.52 61.39
CA UNK EB 20 -74.90 -6.68 61.54
C UNK EB 20 -75.30 -6.93 62.99
N UNK EB 21 -76.24 -7.87 63.15
CA UNK EB 21 -76.88 -8.12 64.43
C UNK EB 21 -75.90 -8.71 65.43
N UNK EB 22 -76.18 -8.51 66.72
CA UNK EB 22 -75.18 -8.75 67.74
C UNK EB 22 -75.21 -10.18 68.24
N UNK EB 23 -76.14 -10.99 67.75
CA UNK EB 23 -76.26 -12.37 68.22
C UNK EB 23 -75.17 -13.26 67.63
N UNK EB 24 -74.62 -12.86 66.49
CA UNK EB 24 -73.63 -13.68 65.79
C UNK EB 24 -72.23 -13.19 66.08
N UNK EB 25 -71.95 -12.86 67.34
CA UNK EB 25 -70.86 -11.95 67.77
C UNK EB 25 -69.48 -12.44 67.32
N UNK EB 26 -68.93 -13.51 67.90
CA UNK EB 26 -67.57 -13.89 67.53
C UNK EB 26 -67.28 -15.37 67.39
N UNK EB 27 -67.98 -16.26 68.11
CA UNK EB 27 -67.34 -17.50 68.51
C UNK EB 27 -67.60 -18.64 67.52
N UNK EB 28 -68.45 -18.42 66.52
CA UNK EB 28 -68.93 -19.56 65.74
C UNK EB 28 -68.03 -19.86 64.54
N UNK EB 29 -66.77 -19.40 64.57
CA UNK EB 29 -65.75 -19.61 63.53
C UNK EB 29 -66.19 -19.16 62.15
N UNK EB 30 -66.74 -17.95 62.04
CA UNK EB 30 -67.10 -17.35 60.75
C UNK EB 30 -67.23 -15.83 60.90
N UNK EB 31 -66.89 -15.12 59.83
CA UNK EB 31 -67.08 -13.68 59.77
C UNK EB 31 -68.56 -13.36 59.75
N UNK EB 32 -68.90 -12.15 60.20
CA UNK EB 32 -70.28 -11.81 60.54
C UNK EB 32 -70.99 -11.19 59.35
N UNK EB 33 -72.03 -11.87 58.83
CA UNK EB 33 -72.82 -11.30 57.76
C UNK EB 33 -74.23 -11.05 58.26
N UNK EB 34 -74.99 -12.09 58.64
CA UNK EB 34 -76.35 -12.05 59.23
C UNK EB 34 -77.26 -11.01 58.61
N UNK EB 35 -77.43 -11.07 57.29
CA UNK EB 35 -77.98 -9.95 56.54
C UNK EB 35 -79.46 -9.71 56.85
N UNK EB 36 -80.30 -10.71 56.61
CA UNK EB 36 -81.70 -10.63 57.00
C UNK EB 36 -81.90 -11.02 58.46
N UNK EB 37 -80.80 -11.31 59.18
CA UNK EB 37 -80.76 -11.45 60.63
C UNK EB 37 -81.64 -12.60 61.14
N UNK EB 38 -81.51 -13.76 60.51
CA UNK EB 38 -82.15 -14.95 61.05
C UNK EB 38 -81.42 -15.48 62.27
N UNK EB 39 -80.22 -14.97 62.54
CA UNK EB 39 -79.50 -15.36 63.74
C UNK EB 39 -79.99 -14.61 64.97
N UNK EB 40 -80.92 -13.67 64.78
CA UNK EB 40 -81.55 -13.01 65.92
C UNK EB 40 -82.38 -14.01 66.72
N UNK EB 41 -83.30 -14.68 66.06
CA UNK EB 41 -83.89 -15.89 66.63
C UNK EB 41 -82.87 -17.02 66.56
N UNK EB 42 -83.09 -18.04 67.36
CA UNK EB 42 -82.21 -19.21 67.37
C UNK EB 42 -83.09 -20.43 67.17
N UNK EB 43 -82.93 -21.10 66.03
CA UNK EB 43 -83.63 -22.35 65.80
C UNK EB 43 -82.93 -23.48 66.56
N UNK EB 44 -83.72 -24.42 67.06
CA UNK EB 44 -83.17 -25.45 67.93
C UNK EB 44 -83.48 -26.81 67.35
N UNK EB 45 -83.26 -27.83 68.19
CA UNK EB 45 -83.05 -29.26 67.88
C UNK EB 45 -84.12 -29.77 66.92
N UNK EB 46 -85.42 -29.71 67.26
CA UNK EB 46 -86.56 -30.07 66.42
C UNK EB 46 -86.58 -31.53 65.98
N UNK EB 47 -85.66 -32.35 66.48
CA UNK EB 47 -85.66 -33.77 66.19
C UNK EB 47 -86.73 -34.47 67.01
N UNK EB 48 -86.79 -34.18 68.30
CA UNK EB 48 -87.85 -34.66 69.17
C UNK EB 48 -88.70 -33.49 69.59
N UNK EB 49 -90.01 -33.71 69.72
CA UNK EB 49 -90.86 -32.66 70.27
C UNK EB 49 -90.61 -32.54 71.76
N UNK EB 50 -90.90 -31.35 72.30
CA UNK EB 50 -90.53 -30.75 73.60
C UNK EB 50 -89.05 -30.33 73.62
N UNK EB 51 -88.27 -30.68 72.59
CA UNK EB 51 -87.10 -29.92 72.21
C UNK EB 51 -87.46 -28.87 71.16
N UNK EB 52 -88.75 -28.67 70.96
CA UNK EB 52 -89.30 -27.48 70.30
C UNK EB 52 -88.68 -26.19 70.80
N UNK EB 53 -88.60 -26.02 72.12
CA UNK EB 53 -88.10 -24.79 72.72
C UNK EB 53 -86.61 -24.62 72.42
N UNK EB 54 -86.16 -23.37 72.48
CA UNK EB 54 -84.89 -22.97 71.90
C UNK EB 54 -84.02 -22.26 72.92
N UNK EB 55 -82.76 -22.68 72.98
CA UNK EB 55 -81.81 -22.02 73.87
C UNK EB 55 -81.37 -20.69 73.26
N UNK EB 56 -81.19 -19.69 74.12
CA UNK EB 56 -80.75 -18.38 73.66
C UNK EB 56 -79.27 -18.44 73.28
N UNK EB 57 -78.95 -17.85 72.13
CA UNK EB 57 -77.62 -17.73 71.52
C UNK EB 57 -76.97 -19.08 71.20
N UNK EB 58 -77.73 -20.17 71.17
CA UNK EB 58 -77.17 -21.47 70.77
C UNK EB 58 -77.41 -21.61 69.27
N UNK EB 59 -76.54 -21.00 68.49
CA UNK EB 59 -76.60 -21.09 67.04
C UNK EB 59 -75.94 -22.35 66.50
N UNK EB 60 -75.56 -23.29 67.38
CA UNK EB 60 -74.89 -24.51 66.93
C UNK EB 60 -75.85 -25.43 66.20
N UNK EB 61 -77.15 -25.25 66.40
CA UNK EB 61 -78.13 -26.05 65.66
C UNK EB 61 -78.20 -25.59 64.22
N UNK EB 62 -78.05 -24.29 63.98
CA UNK EB 62 -78.08 -23.79 62.61
C UNK EB 62 -76.71 -23.91 61.96
N UNK EB 63 -75.67 -24.19 62.75
CA UNK EB 63 -74.36 -24.46 62.16
C UNK EB 63 -74.22 -25.91 61.77
N UNK EB 64 -75.02 -26.78 62.39
CA UNK EB 64 -75.05 -28.16 61.95
C UNK EB 64 -75.77 -28.28 60.61
N UNK EB 65 -76.66 -27.34 60.32
CA UNK EB 65 -77.38 -27.39 59.05
C UNK EB 65 -76.52 -26.92 57.90
N UNK EB 66 -75.66 -25.93 58.13
CA UNK EB 66 -74.78 -25.44 57.06
C UNK EB 66 -73.76 -26.48 56.67
N UNK EB 67 -73.15 -27.13 57.66
CA UNK EB 67 -72.10 -28.10 57.36
C UNK EB 67 -72.69 -29.46 57.01
N UNK EB 68 -74.02 -29.57 56.95
CA UNK EB 68 -74.63 -30.78 56.41
C UNK EB 68 -75.30 -30.51 55.08
N UNK EB 69 -75.82 -29.30 54.87
CA UNK EB 69 -76.46 -29.01 53.59
C UNK EB 69 -75.44 -28.62 52.54
N UNK EB 70 -74.24 -28.22 52.96
CA UNK EB 70 -73.24 -27.85 51.96
C UNK EB 70 -72.20 -28.94 51.79
N UNK EB 71 -72.01 -29.79 52.80
CA UNK EB 71 -71.15 -30.95 52.62
C UNK EB 71 -71.77 -31.94 51.66
N UNK EB 72 -73.10 -31.97 51.59
CA UNK EB 72 -73.77 -32.70 50.52
C UNK EB 72 -73.55 -32.00 49.19
N UNK EB 73 -73.42 -30.67 49.20
CA UNK EB 73 -73.26 -29.93 47.96
C UNK EB 73 -71.84 -30.03 47.43
N UNK EB 74 -70.84 -30.05 48.31
CA UNK EB 74 -69.46 -30.15 47.88
C UNK EB 74 -69.15 -31.52 47.28
N UNK EB 75 -69.88 -32.55 47.65
CA UNK EB 75 -69.79 -33.84 46.98
C UNK EB 75 -70.76 -33.96 45.83
N UNK EB 76 -71.52 -32.91 45.53
CA UNK EB 76 -72.40 -32.91 44.37
C UNK EB 76 -71.90 -32.02 43.26
N UNK EB 77 -71.01 -31.07 43.56
CA UNK EB 77 -70.38 -30.30 42.50
C UNK EB 77 -69.40 -31.14 41.71
N UNK EB 78 -68.85 -32.18 42.32
CA UNK EB 78 -68.10 -33.16 41.54
C UNK EB 78 -69.01 -34.06 40.74
N UNK EB 79 -70.26 -34.22 41.18
CA UNK EB 79 -71.16 -35.15 40.53
C UNK EB 79 -71.68 -34.61 39.22
N UNK EB 80 -72.05 -33.33 39.19
CA UNK EB 80 -72.56 -32.74 37.96
C UNK EB 80 -71.49 -32.54 36.90
N UNK EB 81 -70.22 -32.66 37.27
CA UNK EB 81 -69.12 -32.62 36.32
C UNK EB 81 -68.60 -34.00 35.93
N UNK EB 82 -68.22 -34.83 36.90
CA UNK EB 82 -67.53 -36.08 36.61
C UNK EB 82 -68.43 -37.18 36.07
N UNK EB 83 -69.74 -36.97 35.99
CA UNK EB 83 -70.57 -37.93 35.30
C UNK EB 83 -70.47 -37.77 33.80
N UNK EB 84 -69.93 -36.65 33.34
CA UNK EB 84 -69.80 -36.37 31.91
C UNK EB 84 -68.35 -36.32 31.46
N UNK EB 85 -67.46 -35.74 32.27
CA UNK EB 85 -66.06 -35.63 31.88
C UNK EB 85 -65.37 -36.98 31.92
N UNK EB 86 -65.50 -37.70 33.04
CA UNK EB 86 -64.87 -39.00 33.17
C UNK EB 86 -65.43 -40.04 32.21
N UNK EB 87 -66.69 -40.45 32.42
CA UNK EB 87 -67.28 -41.57 31.70
C UNK EB 87 -68.75 -41.70 32.08
N UNK EB 88 -69.45 -42.58 31.36
CA UNK EB 88 -70.71 -43.14 31.82
C UNK EB 88 -70.41 -44.46 32.54
N UNK EB 89 -71.44 -45.26 32.80
CA UNK EB 89 -71.26 -46.46 33.61
C UNK EB 89 -71.54 -47.77 32.89
N UNK EB 90 -72.14 -47.73 31.69
CA UNK EB 90 -72.31 -48.87 30.79
C UNK EB 90 -73.08 -50.04 31.40
N UNK EB 91 -74.39 -49.88 31.61
CA UNK EB 91 -75.20 -50.86 32.32
C UNK EB 91 -75.57 -52.03 31.43
N UNK EB 92 -76.29 -52.99 32.03
CA UNK EB 92 -76.57 -54.30 31.47
C UNK EB 92 -77.93 -54.36 30.77
N UNK EB 93 -78.38 -55.58 30.52
CA UNK EB 93 -79.61 -55.79 29.75
C UNK EB 93 -80.85 -55.60 30.60
N UNK EB 94 -80.87 -56.20 31.80
CA UNK EB 94 -82.01 -56.02 32.69
C UNK EB 94 -82.11 -54.59 33.19
N UNK EB 95 -80.97 -53.89 33.28
CA UNK EB 95 -80.98 -52.48 33.63
C UNK EB 95 -81.08 -51.61 32.38
N UNK EB 96 -81.44 -52.22 31.24
CA UNK EB 96 -81.81 -51.53 30.00
C UNK EB 96 -80.69 -50.64 29.47
N UNK EB 97 -79.62 -51.27 28.95
CA UNK EB 97 -78.34 -50.63 28.60
C UNK EB 97 -78.50 -49.33 27.82
N UNK EB 98 -77.59 -48.39 28.11
CA UNK EB 98 -77.64 -46.94 27.91
C UNK EB 98 -78.69 -46.29 28.81
N UNK EB 99 -78.99 -46.87 29.96
CA UNK EB 99 -79.81 -46.17 30.95
C UNK EB 99 -78.97 -45.19 31.74
N UNK EB 100 -77.70 -45.50 31.94
CA UNK EB 100 -76.83 -44.59 32.68
C UNK EB 100 -76.18 -43.58 31.75
N UNK EB 101 -76.58 -43.57 30.48
CA UNK EB 101 -75.87 -42.82 29.45
C UNK EB 101 -76.26 -41.35 29.37
N UNK EB 102 -77.43 -41.00 29.91
CA UNK EB 102 -77.97 -39.65 29.76
C UNK EB 102 -77.13 -38.61 30.49
N UNK EB 103 -76.43 -37.76 29.72
CA UNK EB 103 -75.47 -36.83 30.30
C UNK EB 103 -76.13 -35.60 30.90
N UNK EB 104 -77.35 -35.26 30.50
CA UNK EB 104 -78.10 -34.15 31.09
C UNK EB 104 -78.42 -34.52 32.53
N UNK EB 105 -77.71 -33.88 33.46
CA UNK EB 105 -77.62 -34.38 34.82
C UNK EB 105 -78.94 -34.32 35.58
N UNK EB 106 -79.88 -33.48 35.16
CA UNK EB 106 -81.19 -33.51 35.77
C UNK EB 106 -82.08 -34.60 35.19
N UNK EB 107 -81.73 -35.14 34.03
CA UNK EB 107 -82.52 -36.19 33.41
C UNK EB 107 -82.08 -37.59 33.78
N UNK EB 108 -80.89 -37.73 34.36
CA UNK EB 108 -80.43 -39.05 34.76
C UNK EB 108 -81.14 -39.58 35.99
N UNK EB 109 -81.76 -38.70 36.79
CA UNK EB 109 -82.53 -39.19 37.93
C UNK EB 109 -83.82 -39.87 37.50
N UNK EB 110 -84.32 -39.55 36.31
CA UNK EB 110 -85.50 -40.23 35.79
C UNK EB 110 -85.17 -41.42 34.90
N UNK EB 111 -84.07 -41.36 34.15
CA UNK EB 111 -83.75 -42.40 33.19
C UNK EB 111 -82.91 -43.52 33.78
N UNK EB 112 -82.50 -43.43 35.04
CA UNK EB 112 -81.73 -44.51 35.63
C UNK EB 112 -82.63 -45.65 36.05
N UNK EB 113 -82.01 -46.70 36.58
CA UNK EB 113 -82.76 -47.84 37.08
C UNK EB 113 -83.48 -47.48 38.38
N UNK EB 114 -84.65 -48.09 38.59
CA UNK EB 114 -85.48 -47.72 39.73
C UNK EB 114 -84.89 -48.20 41.03
N UNK EB 115 -84.27 -49.38 41.03
CA UNK EB 115 -83.62 -49.90 42.24
C UNK EB 115 -82.27 -49.27 42.49
N UNK EB 116 -81.83 -48.34 41.66
CA UNK EB 116 -80.58 -47.66 41.92
C UNK EB 116 -80.79 -46.44 42.82
N UNK EB 117 -81.86 -45.68 42.60
CA UNK EB 117 -82.13 -44.53 43.46
C UNK EB 117 -82.57 -44.97 44.84
N UNK EB 118 -83.26 -46.10 44.95
CA UNK EB 118 -83.65 -46.61 46.27
C UNK EB 118 -82.45 -47.14 47.03
N UNK EB 119 -81.45 -47.66 46.33
CA UNK EB 119 -80.26 -48.16 46.99
C UNK EB 119 -79.32 -47.02 47.40
N UNK EB 120 -79.41 -45.87 46.74
CA UNK EB 120 -78.60 -44.73 47.13
C UNK EB 120 -79.27 -43.90 48.22
N UNK EB 121 -80.61 -43.89 48.28
CA UNK EB 121 -81.27 -43.22 49.38
C UNK EB 121 -81.10 -43.99 50.69
N UNK EB 122 -80.98 -45.31 50.60
CA UNK EB 122 -80.71 -46.09 51.80
C UNK EB 122 -79.25 -46.07 52.17
N UNK EB 123 -78.36 -45.90 51.19
CA UNK EB 123 -76.93 -45.76 51.49
C UNK EB 123 -76.63 -44.44 52.16
N UNK EB 124 -77.49 -43.44 51.97
CA UNK EB 124 -77.40 -42.18 52.69
C UNK EB 124 -78.22 -42.19 53.97
N UNK EB 125 -79.21 -43.07 54.06
CA UNK EB 125 -79.99 -43.18 55.29
C UNK EB 125 -79.20 -43.88 56.38
N UNK EB 126 -78.33 -44.81 56.02
CA UNK EB 126 -77.54 -45.53 57.01
C UNK EB 126 -76.41 -44.69 57.59
N UNK EB 127 -76.22 -43.47 57.10
CA UNK EB 127 -75.29 -42.52 57.69
C UNK EB 127 -75.97 -41.39 58.42
N UNK EB 128 -77.16 -40.96 57.97
CA UNK EB 128 -77.90 -39.97 58.71
C UNK EB 128 -78.55 -40.57 59.95
N UNK EB 129 -78.89 -41.86 59.92
CA UNK EB 129 -79.32 -42.52 61.15
C UNK EB 129 -78.15 -42.80 62.07
N UNK EB 130 -76.91 -42.73 61.56
CA UNK EB 130 -75.76 -42.68 62.45
C UNK EB 130 -75.54 -41.27 62.98
N UNK EB 131 -76.16 -40.27 62.36
CA UNK EB 131 -76.06 -38.91 62.87
C UNK EB 131 -77.15 -38.62 63.90
N UNK EB 132 -78.37 -39.10 63.65
CA UNK EB 132 -79.45 -38.90 64.60
C UNK EB 132 -79.21 -39.68 65.88
N UNK EB 133 -78.58 -40.85 65.77
CA UNK EB 133 -78.21 -41.61 66.96
C UNK EB 133 -77.10 -40.90 67.72
N UNK EB 134 -76.07 -40.43 67.01
CA UNK EB 134 -74.95 -39.78 67.67
C UNK EB 134 -75.28 -38.37 68.14
N UNK EB 135 -76.43 -37.82 67.74
CA UNK EB 135 -76.85 -36.54 68.29
C UNK EB 135 -77.60 -36.74 69.61
N UNK EB 136 -78.44 -37.78 69.67
CA UNK EB 136 -79.20 -38.02 70.89
C UNK EB 136 -78.32 -38.65 71.96
N UNK EB 137 -77.41 -39.53 71.57
CA UNK EB 137 -76.73 -40.34 72.56
C UNK EB 137 -75.52 -39.63 73.15
N UNK EB 138 -74.92 -38.70 72.40
CA UNK EB 138 -73.73 -38.02 72.91
C UNK EB 138 -74.05 -37.12 74.08
N UNK EB 139 -74.71 -35.98 73.83
CA UNK EB 139 -74.94 -34.93 74.81
C UNK EB 139 -75.77 -33.79 74.24
N UNK EB 140 -76.06 -32.81 75.08
CA UNK EB 140 -76.35 -31.46 74.57
C UNK EB 140 -75.05 -30.75 74.20
N UNK EB 141 -73.97 -31.08 74.90
CA UNK EB 141 -72.62 -30.64 74.52
C UNK EB 141 -72.11 -31.53 73.37
N UNK EB 142 -72.60 -31.24 72.18
CA UNK EB 142 -72.19 -31.93 70.96
C UNK EB 142 -71.64 -30.88 70.00
N UNK EB 143 -70.45 -31.14 69.46
CA UNK EB 143 -69.87 -30.24 68.49
C UNK EB 143 -70.66 -30.30 67.19
N UNK EB 144 -70.62 -29.21 66.44
CA UNK EB 144 -71.38 -29.15 65.20
C UNK EB 144 -70.72 -30.00 64.13
N UNK EB 145 -71.53 -30.87 63.52
CA UNK EB 145 -71.17 -31.69 62.36
C UNK EB 145 -70.02 -32.65 62.64
N UNK EB 146 -70.19 -33.49 63.65
CA UNK EB 146 -69.28 -34.59 63.91
C UNK EB 146 -70.06 -35.89 63.70
N UNK EB 147 -69.97 -36.45 62.49
CA UNK EB 147 -70.62 -37.72 62.25
C UNK EB 147 -69.91 -38.84 62.97
N UNK EB 148 -68.57 -38.82 62.97
CA UNK EB 148 -67.77 -39.78 63.70
C UNK EB 148 -66.39 -39.19 63.94
N UNK EB 149 -66.14 -38.82 65.19
CA UNK EB 149 -64.85 -38.25 65.58
C UNK EB 149 -63.93 -39.27 66.23
N UNK EB 150 -64.21 -40.56 66.10
CA UNK EB 150 -63.36 -41.60 66.65
C UNK EB 150 -62.82 -42.56 65.61
N UNK EB 151 -63.61 -42.93 64.60
CA UNK EB 151 -63.14 -43.82 63.55
C UNK EB 151 -62.24 -43.02 62.62
N UNK EB 152 -60.93 -43.13 62.82
CA UNK EB 152 -59.95 -42.45 61.99
C UNK EB 152 -59.00 -43.48 61.43
N UNK EB 153 -59.14 -43.78 60.14
CA UNK EB 153 -58.19 -44.68 59.49
C UNK EB 153 -56.81 -44.07 59.35
N UNK EB 154 -56.72 -42.74 59.29
CA UNK EB 154 -55.46 -42.03 59.10
C UNK EB 154 -55.60 -40.64 59.73
N UNK EB 155 -54.76 -39.71 59.30
CA UNK EB 155 -54.97 -38.26 59.39
C UNK EB 155 -55.00 -37.76 60.84
N UNK EB 156 -53.85 -37.90 61.50
CA UNK EB 156 -53.61 -37.29 62.80
C UNK EB 156 -52.97 -35.92 62.58
N UNK EB 157 -53.74 -34.86 62.86
CA UNK EB 157 -53.31 -33.49 62.62
C UNK EB 157 -53.21 -32.76 63.94
N UNK EB 158 -52.41 -31.68 63.97
CA UNK EB 158 -52.14 -30.93 65.19
C UNK EB 158 -53.36 -30.14 65.67
N UNK EB 159 -53.30 -29.65 66.91
CA UNK EB 159 -54.44 -28.99 67.51
C UNK EB 159 -54.59 -27.56 66.98
N UNK EB 160 -53.50 -26.97 66.48
CA UNK EB 160 -53.59 -25.66 65.87
C UNK EB 160 -53.93 -25.77 64.39
N UNK EB 161 -53.61 -26.91 63.78
CA UNK EB 161 -53.89 -27.10 62.36
C UNK EB 161 -55.34 -27.54 62.15
N UNK EB 162 -55.90 -28.28 63.11
CA UNK EB 162 -57.26 -28.76 63.00
C UNK EB 162 -58.24 -27.60 63.07
N UNK EB 163 -57.88 -26.55 63.81
CA UNK EB 163 -58.68 -25.34 63.78
C UNK EB 163 -58.55 -24.63 62.44
N UNK EB 164 -57.37 -24.73 61.82
CA UNK EB 164 -57.19 -24.13 60.51
C UNK EB 164 -57.80 -24.98 59.42
N UNK EB 165 -57.87 -26.30 59.64
CA UNK EB 165 -58.51 -27.17 58.67
C UNK EB 165 -60.03 -27.08 58.77
N UNK EB 166 -60.52 -26.71 59.95
CA UNK EB 166 -61.96 -26.55 60.14
C UNK EB 166 -62.46 -25.34 59.38
N UNK EB 167 -61.68 -24.26 59.35
CA UNK EB 167 -62.08 -23.08 58.59
C UNK EB 167 -61.93 -23.29 57.10
N UNK EB 168 -61.08 -24.22 56.68
CA UNK EB 168 -61.01 -24.54 55.27
C UNK EB 168 -62.21 -25.35 54.82
N UNK EB 169 -62.81 -26.12 55.71
CA UNK EB 169 -64.02 -26.87 55.35
C UNK EB 169 -65.21 -25.95 55.23
N UNK EB 170 -65.41 -25.06 56.20
CA UNK EB 170 -66.56 -24.16 56.18
C UNK EB 170 -66.46 -23.11 55.08
N UNK EB 171 -65.25 -22.79 54.63
CA UNK EB 171 -65.11 -21.88 53.51
C UNK EB 171 -65.34 -22.57 52.17
N UNK EB 172 -64.87 -23.80 52.03
CA UNK EB 172 -65.12 -24.54 50.80
C UNK EB 172 -66.48 -25.20 50.80
N UNK EB 173 -67.27 -25.05 51.87
CA UNK EB 173 -68.65 -25.49 51.84
C UNK EB 173 -69.57 -24.37 51.41
N UNK EB 174 -69.38 -23.19 52.00
CA UNK EB 174 -70.21 -22.04 51.66
C UNK EB 174 -69.97 -21.55 50.25
N UNK EB 175 -68.80 -21.84 49.69
CA UNK EB 175 -68.56 -21.53 48.28
C UNK EB 175 -69.13 -22.61 47.38
N UNK EB 176 -69.26 -23.84 47.88
CA UNK EB 176 -69.78 -24.91 47.06
C UNK EB 176 -71.29 -24.91 46.99
N UNK EB 177 -71.96 -24.44 48.05
CA UNK EB 177 -73.41 -24.35 48.05
C UNK EB 177 -73.89 -23.34 47.01
N UNK EB 178 -73.16 -22.25 46.81
CA UNK EB 178 -73.49 -21.28 45.77
C UNK EB 178 -73.01 -21.70 44.40
N UNK EB 179 -72.75 -22.99 44.20
CA UNK EB 179 -72.34 -23.57 42.93
C UNK EB 179 -73.22 -24.72 42.49
N UNK EB 180 -73.68 -25.54 43.42
CA UNK EB 180 -74.64 -26.58 43.05
C UNK EB 180 -75.99 -26.00 42.71
N UNK EB 181 -76.28 -24.77 43.16
CA UNK EB 181 -77.46 -24.06 42.68
C UNK EB 181 -77.23 -23.42 41.33
N UNK EB 182 -76.01 -23.54 40.79
CA UNK EB 182 -75.69 -23.01 39.47
C UNK EB 182 -75.66 -24.10 38.42
N UNK EB 183 -75.00 -25.22 38.72
CA UNK EB 183 -75.01 -26.37 37.84
C UNK EB 183 -76.38 -27.01 37.76
N UNK EB 184 -77.27 -26.76 38.72
CA UNK EB 184 -78.67 -27.06 38.54
C UNK EB 184 -79.34 -26.07 37.61
N UNK EB 185 -78.94 -24.80 37.69
CA UNK EB 185 -79.59 -23.78 36.88
C UNK EB 185 -79.12 -23.82 35.44
N UNK EB 186 -77.82 -24.03 35.22
CA UNK EB 186 -77.30 -24.04 33.87
C UNK EB 186 -77.76 -25.29 33.11
N UNK EB 187 -77.80 -26.44 33.79
CA UNK EB 187 -78.22 -27.67 33.14
C UNK EB 187 -79.71 -27.68 32.83
N UNK EB 188 -80.52 -26.99 33.62
CA UNK EB 188 -81.93 -26.87 33.29
C UNK EB 188 -82.15 -25.95 32.11
N UNK EB 189 -81.20 -25.05 31.83
CA UNK EB 189 -81.27 -24.17 30.67
C UNK EB 189 -80.76 -24.85 29.41
N UNK EB 190 -79.50 -25.31 29.43
CA UNK EB 190 -78.94 -26.07 28.33
C UNK EB 190 -78.34 -27.34 28.90
N UNK EB 191 -78.63 -28.48 28.29
CA UNK EB 191 -78.23 -29.77 28.83
C UNK EB 191 -76.71 -29.96 28.75
N UNK EB 192 -76.24 -30.99 29.46
CA UNK EB 192 -74.86 -31.47 29.41
C UNK EB 192 -73.82 -30.43 29.80
N UNK EB 193 -73.72 -30.13 31.11
CA UNK EB 193 -72.86 -29.08 31.65
C UNK EB 193 -71.39 -29.17 31.25
N UNK EB 194 -70.88 -30.35 30.91
CA UNK EB 194 -69.55 -30.42 30.33
C UNK EB 194 -69.57 -29.94 28.87
N UNK EB 195 -70.55 -30.39 28.10
CA UNK EB 195 -70.71 -29.93 26.73
C UNK EB 195 -71.26 -28.51 26.65
N UNK EB 196 -71.74 -27.94 27.75
CA UNK EB 196 -72.08 -26.53 27.76
C UNK EB 196 -70.87 -25.65 28.00
N UNK EB 197 -69.88 -26.14 28.75
CA UNK EB 197 -68.64 -25.40 28.97
C UNK EB 197 -67.51 -25.90 28.08
N UNK EB 198 -67.83 -26.59 26.99
CA UNK EB 198 -66.85 -26.96 25.99
C UNK EB 198 -67.28 -26.67 24.57
N UNK EB 199 -68.58 -26.68 24.27
CA UNK EB 199 -69.02 -26.21 22.96
C UNK EB 199 -68.97 -24.69 22.90
N UNK EB 200 -68.98 -24.03 24.05
CA UNK EB 200 -68.63 -22.62 24.14
C UNK EB 200 -67.13 -22.39 24.19
N UNK EB 201 -66.34 -23.45 24.06
CA UNK EB 201 -64.90 -23.32 23.93
C UNK EB 201 -64.32 -24.31 22.92
N UNK EB 202 -65.12 -24.79 21.97
CA UNK EB 202 -64.54 -25.66 20.95
C UNK EB 202 -63.61 -24.90 20.02
N UNK EB 203 -64.16 -24.27 18.96
CA UNK EB 203 -63.68 -22.97 18.51
C UNK EB 203 -64.82 -22.13 17.95
N UNK EB 204 -65.53 -22.74 17.00
CA UNK EB 204 -66.64 -22.19 16.21
C UNK EB 204 -67.04 -23.27 15.20
N UNK EB 205 -68.09 -23.02 14.43
CA UNK EB 205 -68.36 -23.82 13.25
C UNK EB 205 -68.06 -23.09 11.95
N UNK EB 206 -68.34 -21.79 11.89
CA UNK EB 206 -68.08 -21.00 10.70
C UNK EB 206 -66.66 -20.49 10.61
N UNK EB 207 -65.91 -20.48 11.72
CA UNK EB 207 -64.61 -19.85 11.75
C UNK EB 207 -63.49 -20.81 12.14
N UNK EB 208 -63.52 -22.05 11.65
CA UNK EB 208 -62.47 -23.00 11.99
C UNK EB 208 -61.17 -22.71 11.24
N UNK EB 209 -61.27 -21.90 10.19
CA UNK EB 209 -60.27 -21.10 9.49
C UNK EB 209 -59.32 -21.83 8.53
N UNK EB 210 -59.15 -23.17 8.61
CA UNK EB 210 -59.05 -24.16 7.54
C UNK EB 210 -58.44 -25.44 8.10
N UNK EB 211 -58.22 -26.42 7.23
CA UNK EB 211 -57.11 -27.33 7.40
C UNK EB 211 -55.86 -26.68 6.82
N UNK EB 212 -54.77 -26.72 7.58
CA UNK EB 212 -53.52 -26.08 7.17
C UNK EB 212 -52.87 -26.89 6.05
N UNK EB 213 -52.73 -26.28 4.88
CA UNK EB 213 -52.23 -27.00 3.71
C UNK EB 213 -51.19 -26.15 2.99
N UNK EB 214 -50.23 -25.61 3.73
CA UNK EB 214 -49.19 -24.78 3.12
C UNK EB 214 -48.24 -25.63 2.28
N UNK EB 215 -47.90 -26.83 2.78
CA UNK EB 215 -47.04 -27.82 2.11
C UNK EB 215 -45.72 -27.30 1.54
N UNK FB 1 -116.34 34.59 53.20
CA UNK FB 1 -116.13 33.25 53.71
C UNK FB 1 -117.29 32.35 53.35
N UNK FB 2 -117.25 31.10 53.82
CA UNK FB 2 -118.39 30.21 53.69
C UNK FB 2 -119.59 30.71 54.48
N UNK FB 3 -119.44 30.77 55.81
CA UNK FB 3 -120.42 31.31 56.75
C UNK FB 3 -121.78 30.64 56.65
N UNK FB 4 -121.79 29.35 56.32
CA UNK FB 4 -123.03 28.61 56.15
C UNK FB 4 -123.40 27.95 57.49
N UNK FB 5 -124.39 27.07 57.44
CA UNK FB 5 -124.83 26.37 58.65
C UNK FB 5 -123.93 25.16 58.90
N UNK FB 6 -123.33 25.13 60.08
CA UNK FB 6 -122.59 23.96 60.54
C UNK FB 6 -123.60 22.86 60.86
N UNK FB 7 -123.68 21.86 59.98
CA UNK FB 7 -124.65 20.80 60.14
C UNK FB 7 -124.23 19.84 61.25
N UNK FB 8 -125.22 19.12 61.79
CA UNK FB 8 -125.02 18.16 62.87
C UNK FB 8 -125.23 16.73 62.40
N UNK FB 9 -124.69 16.39 61.22
CA UNK FB 9 -124.88 15.06 60.64
C UNK FB 9 -124.17 14.00 61.45
N UNK FB 10 -122.95 14.28 61.89
CA UNK FB 10 -122.18 13.31 62.64
C UNK FB 10 -121.21 14.05 63.56
N UNK FB 11 -120.76 13.34 64.59
CA UNK FB 11 -119.78 13.93 65.50
C UNK FB 11 -118.38 13.92 64.90
N UNK FB 12 -117.86 12.72 64.64
CA UNK FB 12 -116.47 12.56 64.22
C UNK FB 12 -116.30 12.64 62.71
N UNK FB 13 -117.34 13.01 61.98
CA UNK FB 13 -117.23 13.17 60.54
C UNK FB 13 -117.53 14.59 60.08
N UNK FB 14 -117.57 15.56 60.99
CA UNK FB 14 -117.92 16.90 60.52
C UNK FB 14 -117.13 18.03 61.16
N UNK FB 15 -116.52 17.82 62.34
CA UNK FB 15 -116.36 18.91 63.31
C UNK FB 15 -115.46 20.09 62.94
N UNK FB 16 -114.14 19.95 62.97
CA UNK FB 16 -113.33 21.14 62.75
C UNK FB 16 -112.13 20.94 61.83
N UNK FB 17 -111.43 19.82 61.98
CA UNK FB 17 -110.17 19.61 61.28
C UNK FB 17 -110.29 18.64 60.14
N UNK FB 18 -111.14 17.62 60.27
CA UNK FB 18 -111.46 16.78 59.12
C UNK FB 18 -112.25 17.56 58.08
N UNK FB 19 -112.96 18.61 58.50
CA UNK FB 19 -113.52 19.55 57.54
C UNK FB 19 -112.42 20.32 56.82
N UNK FB 20 -111.29 20.56 57.49
CA UNK FB 20 -110.19 21.27 56.84
C UNK FB 20 -109.38 20.33 55.96
N UNK FB 21 -109.22 19.08 56.37
CA UNK FB 21 -108.46 18.12 55.58
C UNK FB 21 -109.22 17.74 54.32
N UNK FB 22 -110.55 17.62 54.41
CA UNK FB 22 -111.35 17.33 53.23
C UNK FB 22 -111.37 18.47 52.24
N UNK FB 23 -111.09 19.71 52.69
CA UNK FB 23 -110.86 20.79 51.76
C UNK FB 23 -109.57 20.58 50.98
N UNK FB 24 -108.46 20.40 51.69
CA UNK FB 24 -107.15 20.30 51.06
C UNK FB 24 -106.96 19.01 50.29
N UNK FB 25 -107.63 17.93 50.69
CA UNK FB 25 -107.52 16.68 49.93
C UNK FB 25 -108.34 16.75 48.64
N UNK FB 26 -109.55 17.30 48.71
CA UNK FB 26 -110.31 17.51 47.50
C UNK FB 26 -109.78 18.70 46.69
N UNK FB 27 -108.93 19.53 47.27
CA UNK FB 27 -108.21 20.54 46.50
C UNK FB 27 -107.19 19.88 45.60
N UNK FB 28 -106.24 19.15 46.20
CA UNK FB 28 -105.08 18.65 45.48
C UNK FB 28 -105.47 17.55 44.49
N UNK FB 29 -106.52 16.79 44.77
CA UNK FB 29 -107.01 15.84 43.79
C UNK FB 29 -107.64 16.55 42.60
N UNK FB 30 -108.31 17.68 42.84
CA UNK FB 30 -108.86 18.44 41.74
C UNK FB 30 -107.78 19.23 41.02
N UNK FB 31 -106.69 19.55 41.72
CA UNK FB 31 -105.61 20.31 41.11
C UNK FB 31 -104.87 19.46 40.07
N UNK FB 32 -104.62 18.19 40.39
CA UNK FB 32 -104.02 17.27 39.44
C UNK FB 32 -105.02 16.71 38.45
N UNK FB 33 -106.26 17.21 38.45
CA UNK FB 33 -107.25 16.86 37.46
C UNK FB 33 -107.40 17.91 36.36
N UNK FB 34 -107.01 19.16 36.64
CA UNK FB 34 -107.01 20.17 35.59
C UNK FB 34 -105.92 19.92 34.57
N UNK FB 35 -104.75 19.48 35.02
CA UNK FB 35 -103.70 19.09 34.09
C UNK FB 35 -104.04 17.77 33.40
N UNK FB 36 -104.95 17.00 33.97
CA UNK FB 36 -105.38 15.76 33.33
C UNK FB 36 -106.21 16.05 32.09
N UNK FB 37 -107.20 16.94 32.21
CA UNK FB 37 -108.03 17.28 31.07
C UNK FB 37 -107.28 18.13 30.06
N UNK FB 38 -106.18 18.75 30.47
CA UNK FB 38 -105.31 19.43 29.51
C UNK FB 38 -104.55 18.42 28.66
N UNK FB 39 -103.73 17.59 29.31
CA UNK FB 39 -102.81 16.72 28.57
C UNK FB 39 -103.49 15.54 27.90
N UNK FB 40 -104.74 15.25 28.25
CA UNK FB 40 -105.45 14.18 27.56
C UNK FB 40 -106.24 14.71 26.37
N UNK FB 41 -106.89 15.87 26.52
CA UNK FB 41 -107.65 16.42 25.41
C UNK FB 41 -106.76 17.05 24.36
N UNK FB 42 -105.52 17.36 24.69
CA UNK FB 42 -104.56 17.87 23.71
C UNK FB 42 -103.83 16.78 22.96
N UNK FB 43 -104.36 15.56 22.98
CA UNK FB 43 -103.90 14.41 22.19
C UNK FB 43 -102.45 14.04 22.48
N UNK FB 44 -102.00 14.26 23.72
CA UNK FB 44 -100.68 13.82 24.15
C UNK FB 44 -100.83 12.41 24.71
N UNK FB 45 -100.57 11.41 23.88
CA UNK FB 45 -100.65 10.03 24.28
C UNK FB 45 -99.26 9.47 24.54
N UNK FB 46 -99.21 8.37 25.30
CA UNK FB 46 -97.94 7.78 25.69
C UNK FB 46 -97.31 6.94 24.59
N UNK FB 47 -97.99 6.77 23.45
CA UNK FB 47 -97.48 6.19 22.22
C UNK FB 47 -96.99 4.75 22.42
N UNK FB 48 -97.95 3.90 22.76
CA UNK FB 48 -97.71 2.47 22.89
C UNK FB 48 -99.04 1.73 22.79
N UNK FB 49 -98.98 0.41 22.95
CA UNK FB 49 -100.17 -0.42 23.10
C UNK FB 49 -100.39 -0.65 24.58
N UNK FB 50 -101.50 -0.11 25.11
CA UNK FB 50 -101.72 -0.10 26.55
C UNK FB 50 -102.03 -1.49 27.09
N UNK FB 51 -102.95 -2.20 26.44
CA UNK FB 51 -103.23 -3.59 26.78
C UNK FB 51 -102.85 -4.44 25.57
N UNK FB 52 -102.12 -5.52 25.81
CA UNK FB 52 -101.77 -6.41 24.71
C UNK FB 52 -102.90 -7.37 24.40
N UNK FB 53 -103.62 -7.82 25.43
CA UNK FB 53 -104.70 -8.79 25.23
C UNK FB 53 -105.90 -8.17 24.54
N UNK FB 54 -106.45 -7.11 25.12
CA UNK FB 54 -107.59 -6.40 24.54
C UNK FB 54 -107.18 -5.46 23.41
N UNK FB 55 -105.88 -5.39 23.10
CA UNK FB 55 -105.33 -4.67 21.95
C UNK FB 55 -105.60 -3.16 22.01
N UNK FB 56 -105.90 -2.63 23.18
CA UNK FB 56 -106.14 -1.21 23.34
C UNK FB 56 -104.81 -0.48 23.32
N UNK FB 57 -104.63 0.40 22.34
CA UNK FB 57 -103.47 1.27 22.31
C UNK FB 57 -103.76 2.51 23.14
N UNK FB 58 -102.73 3.31 23.39
CA UNK FB 58 -102.92 4.54 24.14
C UNK FB 58 -103.66 5.59 23.31
N UNK FB 59 -103.71 5.43 22.00
CA UNK FB 59 -104.49 6.30 21.13
C UNK FB 59 -105.92 5.81 20.95
N UNK FB 60 -106.30 4.72 21.60
CA UNK FB 60 -107.63 4.17 21.38
C UNK FB 60 -108.67 4.83 22.28
N UNK FB 61 -108.33 5.10 23.53
CA UNK FB 61 -109.30 5.62 24.48
C UNK FB 61 -109.62 7.08 24.20
N UNK FB 62 -110.83 7.49 24.57
CA UNK FB 62 -111.25 8.86 24.38
C UNK FB 62 -110.60 9.76 25.43
N UNK FB 63 -110.76 11.07 25.24
CA UNK FB 63 -110.24 12.06 26.18
C UNK FB 63 -111.34 12.71 27.01
N UNK FB 64 -112.59 12.35 26.79
CA UNK FB 64 -113.73 12.95 27.46
C UNK FB 64 -113.94 12.38 28.86
N UNK FB 65 -115.12 12.62 29.44
CA UNK FB 65 -115.48 12.06 30.72
C UNK FB 65 -115.67 10.54 30.68
N UNK FB 66 -115.76 9.95 29.49
CA UNK FB 66 -115.80 8.50 29.34
C UNK FB 66 -114.43 7.89 29.12
N UNK FB 67 -113.37 8.50 29.68
CA UNK FB 67 -112.03 7.97 29.54
C UNK FB 67 -111.68 6.97 30.62
N UNK FB 68 -112.19 7.16 31.85
CA UNK FB 68 -111.95 6.20 32.91
C UNK FB 68 -112.68 4.89 32.64
N UNK FB 69 -113.86 4.96 32.02
CA UNK FB 69 -114.56 3.73 31.64
C UNK FB 69 -113.93 3.08 30.42
N UNK FB 70 -113.23 3.85 29.59
CA UNK FB 70 -112.66 3.32 28.36
C UNK FB 70 -111.49 2.37 28.60
N UNK FB 71 -110.82 2.48 29.75
CA UNK FB 71 -109.80 1.52 30.10
C UNK FB 71 -110.42 0.20 30.47
N UNK FB 72 -109.59 -0.84 30.56
CA UNK FB 72 -110.07 -2.14 30.95
C UNK FB 72 -110.39 -2.14 32.45
N UNK FB 73 -111.14 -3.16 32.89
CA UNK FB 73 -111.44 -3.28 34.31
C UNK FB 73 -110.23 -3.70 35.11
N UNK FB 74 -109.21 -4.27 34.46
CA UNK FB 74 -107.93 -4.52 35.11
C UNK FB 74 -107.25 -3.23 35.50
N UNK FB 75 -107.44 -2.17 34.71
CA UNK FB 75 -106.80 -0.90 34.97
C UNK FB 75 -107.30 -0.27 36.26
N UNK FB 76 -108.62 -0.10 36.37
CA UNK FB 76 -109.20 0.44 37.59
C UNK FB 76 -109.05 -0.53 38.75
N UNK FB 77 -108.84 -1.81 38.49
CA UNK FB 77 -108.39 -2.69 39.55
C UNK FB 77 -106.96 -2.36 39.97
N UNK FB 78 -106.07 -2.17 39.01
CA UNK FB 78 -104.67 -1.96 39.35
C UNK FB 78 -104.38 -0.52 39.76
N UNK FB 79 -105.03 0.46 39.12
CA UNK FB 79 -104.71 1.85 39.42
C UNK FB 79 -105.34 2.30 40.73
N UNK FB 80 -106.54 1.81 41.06
CA UNK FB 80 -107.13 2.21 42.33
C UNK FB 80 -106.49 1.49 43.49
N UNK FB 81 -105.80 0.38 43.24
CA UNK FB 81 -104.99 -0.22 44.29
C UNK FB 81 -103.77 0.62 44.58
N UNK FB 82 -103.14 1.14 43.53
CA UNK FB 82 -101.99 2.02 43.72
C UNK FB 82 -102.40 3.37 44.27
N UNK FB 83 -103.58 3.85 43.89
CA UNK FB 83 -104.04 5.15 44.39
C UNK FB 83 -104.51 5.04 45.84
N UNK FB 84 -104.75 3.83 46.33
CA UNK FB 84 -105.14 3.66 47.71
C UNK FB 84 -104.05 3.01 48.56
N UNK FB 85 -103.03 2.42 47.94
CA UNK FB 85 -101.86 2.01 48.73
C UNK FB 85 -101.14 3.21 49.29
N UNK FB 86 -101.08 4.30 48.52
CA UNK FB 86 -100.56 5.55 49.07
C UNK FB 86 -101.55 6.19 50.00
N UNK FB 87 -102.85 6.03 49.73
CA UNK FB 87 -103.87 6.70 50.51
C UNK FB 87 -104.15 6.04 51.85
N UNK FB 88 -103.55 4.89 52.13
CA UNK FB 88 -103.68 4.28 53.43
C UNK FB 88 -102.35 4.00 54.11
N UNK FB 89 -101.27 3.85 53.35
CA UNK FB 89 -99.97 3.53 53.93
C UNK FB 89 -98.91 4.60 53.69
N UNK FB 90 -98.69 4.98 52.44
CA UNK FB 90 -97.50 5.77 52.14
C UNK FB 90 -97.69 7.24 52.49
N UNK FB 91 -98.56 7.94 51.76
CA UNK FB 91 -98.94 9.30 52.09
C UNK FB 91 -100.25 9.19 52.85
N UNK FB 92 -100.14 8.87 54.14
CA UNK FB 92 -101.24 8.36 54.93
C UNK FB 92 -102.32 9.41 55.12
N UNK FB 93 -103.52 9.11 54.61
CA UNK FB 93 -104.60 10.08 54.64
C UNK FB 93 -105.24 10.20 56.02
N UNK FB 94 -104.91 9.29 56.95
CA UNK FB 94 -105.35 9.48 58.33
C UNK FB 94 -104.67 10.67 58.97
N UNK FB 95 -103.49 11.05 58.51
CA UNK FB 95 -102.85 12.28 58.95
C UNK FB 95 -103.62 13.47 58.41
N UNK FB 96 -104.45 14.08 59.25
CA UNK FB 96 -105.26 15.21 58.83
C UNK FB 96 -104.45 16.48 58.66
N UNK FB 97 -103.20 16.50 59.11
CA UNK FB 97 -102.35 17.69 59.02
C UNK FB 97 -101.89 17.99 57.61
N UNK FB 98 -102.01 17.03 56.68
CA UNK FB 98 -101.62 17.15 55.27
C UNK FB 98 -100.15 17.51 55.08
N UNK FB 99 -99.30 17.14 56.02
CA UNK FB 99 -97.87 17.45 56.00
C UNK FB 99 -97.04 16.18 55.90
N UNK FB 100 -97.43 15.29 55.00
CA UNK FB 100 -97.02 13.88 55.03
C UNK FB 100 -95.52 13.65 54.89
N UNK FB 101 -94.95 13.89 53.73
CA UNK FB 101 -93.53 13.60 53.65
C UNK FB 101 -92.71 14.70 52.99
N UNK FB 102 -93.19 15.30 51.91
CA UNK FB 102 -92.40 16.17 51.07
C UNK FB 102 -93.07 17.53 50.99
N UNK FB 103 -92.32 18.57 51.35
CA UNK FB 103 -92.90 19.89 51.53
C UNK FB 103 -93.21 20.56 50.20
N UNK FB 104 -92.19 20.80 49.41
CA UNK FB 104 -92.30 21.48 48.13
C UNK FB 104 -91.76 20.51 47.11
N UNK FB 105 -91.25 21.02 46.00
CA UNK FB 105 -90.72 20.19 44.92
C UNK FB 105 -89.40 19.51 45.30
N UNK FB 106 -88.59 19.12 44.31
CA UNK FB 106 -87.90 17.83 44.17
C UNK FB 106 -87.42 17.06 45.38
N UNK FB 107 -87.29 15.75 45.17
CA UNK FB 107 -87.53 14.70 46.16
C UNK FB 107 -86.48 14.54 47.25
N UNK FB 108 -85.65 15.55 47.52
CA UNK FB 108 -84.83 15.47 48.73
C UNK FB 108 -85.53 16.15 49.91
N UNK FB 109 -85.54 17.49 49.94
CA UNK FB 109 -86.37 18.15 50.93
C UNK FB 109 -87.21 19.29 50.37
N UNK FB 110 -86.53 20.33 49.88
CA UNK FB 110 -87.05 21.68 49.60
C UNK FB 110 -88.05 22.15 50.66
N UNK FB 111 -87.58 22.21 51.90
CA UNK FB 111 -88.44 22.68 52.98
C UNK FB 111 -88.53 24.20 52.97
N UNK FB 112 -89.76 24.71 53.00
CA UNK FB 112 -90.02 26.15 52.96
C UNK FB 112 -90.09 26.64 54.40
N UNK FB 113 -88.93 27.03 54.93
CA UNK FB 113 -88.85 27.43 56.34
C UNK FB 113 -89.34 28.85 56.58
N UNK FB 114 -89.57 29.63 55.53
CA UNK FB 114 -90.07 30.98 55.70
C UNK FB 114 -91.52 30.93 56.13
N UNK FB 115 -91.81 31.41 57.34
CA UNK FB 115 -93.14 31.30 57.93
C UNK FB 115 -94.19 32.12 57.20
N UNK FB 116 -93.81 33.27 56.62
CA UNK FB 116 -94.75 34.07 55.86
C UNK FB 116 -94.93 33.53 54.45
N UNK FB 117 -93.84 33.09 53.82
CA UNK FB 117 -93.92 32.57 52.46
C UNK FB 117 -94.63 31.21 52.43
N UNK FB 118 -94.48 30.42 53.50
CA UNK FB 118 -95.27 29.20 53.60
C UNK FB 118 -96.75 29.54 53.79
N UNK FB 119 -97.04 30.51 54.65
CA UNK FB 119 -98.42 30.97 54.81
C UNK FB 119 -98.92 31.69 53.58
N UNK FB 120 -98.02 32.28 52.79
CA UNK FB 120 -98.41 32.76 51.47
C UNK FB 120 -98.67 31.60 50.52
N UNK FB 121 -97.91 30.51 50.64
CA UNK FB 121 -98.05 29.40 49.71
C UNK FB 121 -99.18 28.46 50.14
N UNK FB 122 -99.44 28.33 51.44
CA UNK FB 122 -100.54 27.50 51.89
C UNK FB 122 -101.88 28.11 51.51
N UNK FB 123 -102.00 29.43 51.58
CA UNK FB 123 -103.17 30.10 51.02
C UNK FB 123 -103.17 29.96 49.51
N UNK FB 124 -102.00 29.97 48.88
CA UNK FB 124 -101.93 29.69 47.46
C UNK FB 124 -102.08 28.20 47.16
N UNK FB 125 -101.96 27.34 48.17
CA UNK FB 125 -102.25 25.93 47.95
C UNK FB 125 -103.75 25.68 47.87
N UNK FB 126 -104.52 26.36 48.72
CA UNK FB 126 -105.96 26.13 48.82
C UNK FB 126 -106.77 27.03 47.91
N UNK FB 127 -106.48 28.34 47.88
CA UNK FB 127 -107.33 29.26 47.14
C UNK FB 127 -107.11 29.14 45.64
N UNK FB 128 -105.92 28.74 45.20
CA UNK FB 128 -105.74 28.46 43.78
C UNK FB 128 -106.49 27.21 43.37
N UNK FB 129 -106.46 26.18 44.22
CA UNK FB 129 -107.22 24.98 43.94
C UNK FB 129 -108.69 25.12 44.31
N UNK FB 130 -109.06 26.20 45.00
CA UNK FB 130 -110.48 26.46 45.26
C UNK FB 130 -111.21 26.80 43.96
N UNK FB 131 -110.51 27.34 42.97
CA UNK FB 131 -111.08 27.45 41.64
C UNK FB 131 -110.98 26.14 40.87
N UNK FB 132 -110.06 25.27 41.25
CA UNK FB 132 -109.91 24.00 40.55
C UNK FB 132 -111.03 23.02 40.88
N UNK FB 133 -111.57 23.09 42.10
CA UNK FB 133 -112.73 22.26 42.42
C UNK FB 133 -113.97 22.76 41.68
N UNK FB 134 -114.07 24.06 41.47
CA UNK FB 134 -115.14 24.60 40.63
C UNK FB 134 -114.85 24.41 39.15
N UNK FB 135 -113.60 24.12 38.80
CA UNK FB 135 -113.23 23.96 37.39
C UNK FB 135 -113.75 22.64 36.83
N UNK FB 136 -113.50 21.54 37.55
CA UNK FB 136 -113.89 20.23 37.07
C UNK FB 136 -115.40 20.06 37.09
N UNK FB 137 -116.09 20.73 38.00
CA UNK FB 137 -117.55 20.71 37.99
C UNK FB 137 -118.08 21.48 36.79
N UNK FB 138 -117.40 22.57 36.42
CA UNK FB 138 -117.81 23.32 35.24
C UNK FB 138 -117.46 22.58 33.96
N UNK FB 139 -116.34 21.85 33.96
CA UNK FB 139 -115.93 21.15 32.76
C UNK FB 139 -116.76 19.89 32.52
N UNK FB 140 -117.07 19.14 33.59
CA UNK FB 140 -117.86 17.92 33.44
C UNK FB 140 -119.31 18.23 33.12
N UNK FB 141 -119.82 19.41 33.50
CA UNK FB 141 -121.14 19.81 33.03
C UNK FB 141 -121.10 20.20 31.55
N UNK FB 142 -119.94 20.63 31.06
CA UNK FB 142 -119.75 20.94 29.65
C UNK FB 142 -119.15 19.79 28.86
N UNK FB 143 -119.00 18.62 29.47
CA UNK FB 143 -118.49 17.44 28.76
C UNK FB 143 -119.57 16.38 28.60
N UNK GB 1 -96.19 -82.06 89.72
CA UNK GB 1 -95.89 -80.76 89.11
C UNK GB 1 -95.87 -80.86 87.59
N UNK GB 2 -95.45 -79.77 86.96
CA UNK GB 2 -95.24 -79.73 85.51
C UNK GB 2 -93.78 -79.90 85.12
N UNK GB 3 -92.88 -79.97 86.09
CA UNK GB 3 -91.47 -80.23 85.80
C UNK GB 3 -91.21 -81.73 85.68
N UNK GB 4 -91.90 -82.53 86.49
CA UNK GB 4 -91.78 -83.98 86.44
C UNK GB 4 -92.88 -84.63 85.61
N UNK GB 5 -93.46 -83.91 84.67
CA UNK GB 5 -94.55 -84.47 83.87
C UNK GB 5 -94.04 -85.25 82.68
N UNK GB 6 -92.99 -84.76 82.01
CA UNK GB 6 -92.42 -85.42 80.84
C UNK GB 6 -91.25 -86.33 81.21
N UNK GB 7 -91.14 -86.74 82.48
CA UNK GB 7 -90.03 -87.56 82.92
C UNK GB 7 -90.49 -89.01 83.00
N UNK GB 8 -90.11 -89.81 82.01
CA UNK GB 8 -90.42 -91.23 81.97
C UNK GB 8 -89.21 -92.02 82.43
N UNK GB 9 -89.39 -93.34 82.56
CA UNK GB 9 -88.34 -94.19 83.09
C UNK GB 9 -87.19 -94.40 82.11
N UNK GB 10 -87.38 -94.09 80.83
CA UNK GB 10 -86.31 -94.30 79.85
C UNK GB 10 -85.20 -93.28 80.03
N UNK GB 11 -85.51 -91.99 79.93
CA UNK GB 11 -84.51 -90.93 79.97
C UNK GB 11 -84.73 -89.94 81.09
N UNK GB 12 -85.96 -89.44 81.25
CA UNK GB 12 -86.47 -88.52 82.27
C UNK GB 12 -85.91 -87.09 82.18
N UNK GB 13 -84.91 -86.87 81.33
CA UNK GB 13 -84.49 -85.53 80.94
C UNK GB 13 -83.81 -85.67 79.58
N UNK GB 14 -84.56 -85.40 78.52
CA UNK GB 14 -84.06 -85.49 77.16
C UNK GB 14 -83.99 -84.07 76.62
N UNK GB 15 -82.90 -83.37 76.92
CA UNK GB 15 -82.72 -81.98 76.55
C UNK GB 15 -81.38 -81.85 75.81
N UNK GB 16 -81.41 -82.10 74.51
CA UNK GB 16 -80.24 -81.82 73.69
C UNK GB 16 -80.14 -80.33 73.39
N UNK GB 17 -81.28 -79.65 73.30
CA UNK GB 17 -81.30 -78.20 73.14
C UNK GB 17 -81.18 -77.45 74.47
N UNK GB 18 -81.47 -78.13 75.59
CA UNK GB 18 -81.36 -77.61 76.96
C UNK GB 18 -82.20 -76.35 77.15
N UNK GB 19 -83.50 -76.49 76.93
CA UNK GB 19 -84.43 -75.37 77.07
C UNK GB 19 -84.91 -75.17 78.50
N UNK GB 20 -84.85 -76.21 79.34
CA UNK GB 20 -85.35 -76.08 80.71
C UNK GB 20 -84.38 -75.31 81.59
N UNK GB 21 -83.08 -75.60 81.50
CA UNK GB 21 -82.09 -74.89 82.29
C UNK GB 21 -81.84 -73.47 81.79
N UNK GB 22 -82.18 -73.19 80.53
CA UNK GB 22 -82.00 -71.85 79.99
C UNK GB 22 -83.26 -71.01 80.12
N UNK GB 23 -84.44 -71.65 80.05
CA UNK GB 23 -85.71 -70.93 80.12
C UNK GB 23 -86.58 -71.61 81.19
N UNK GB 24 -86.40 -71.20 82.44
CA UNK GB 24 -87.13 -71.80 83.56
C UNK GB 24 -88.55 -71.29 83.67
N UNK GB 25 -88.82 -70.06 83.27
CA UNK GB 25 -90.18 -69.55 83.29
C UNK GB 25 -90.95 -69.97 82.05
N UNK GB 26 -90.25 -70.27 80.96
CA UNK GB 26 -90.89 -70.69 79.72
C UNK GB 26 -91.16 -72.19 79.67
N UNK GB 27 -91.00 -72.90 80.79
CA UNK GB 27 -91.40 -74.29 80.83
C UNK GB 27 -92.91 -74.43 80.77
N UNK GB 28 -93.64 -73.45 81.30
CA UNK GB 28 -95.10 -73.49 81.22
C UNK GB 28 -95.58 -73.30 79.80
N UNK GB 29 -94.98 -72.36 79.06
CA UNK GB 29 -95.33 -72.14 77.67
C UNK GB 29 -94.87 -73.27 76.76
N UNK GB 30 -93.92 -74.09 77.21
CA UNK GB 30 -93.45 -75.23 76.44
C UNK GB 30 -94.31 -76.47 76.65
N UNK GB 31 -94.71 -76.75 77.88
CA UNK GB 31 -95.49 -77.95 78.14
C UNK GB 31 -96.95 -77.76 77.73
N UNK GB 32 -97.43 -76.51 77.73
CA UNK GB 32 -98.80 -76.26 77.31
C UNK GB 32 -98.99 -76.50 75.83
N UNK GB 33 -97.99 -76.13 75.03
CA UNK GB 33 -98.02 -76.46 73.61
C UNK GB 33 -97.61 -77.90 73.34
N UNK GB 34 -96.94 -78.54 74.30
CA UNK GB 34 -96.60 -79.95 74.15
C UNK GB 34 -97.85 -80.81 74.24
N UNK GB 35 -98.67 -80.58 75.27
CA UNK GB 35 -99.91 -81.33 75.40
C UNK GB 35 -100.96 -80.86 74.41
N UNK GB 36 -100.82 -79.66 73.85
CA UNK GB 36 -101.74 -79.22 72.81
C UNK GB 36 -101.51 -79.97 71.51
N UNK GB 37 -100.24 -80.18 71.15
CA UNK GB 37 -99.91 -80.94 69.95
C UNK GB 37 -99.92 -82.44 70.19
N UNK GB 38 -100.16 -82.89 71.41
CA UNK GB 38 -100.30 -84.31 71.70
C UNK GB 38 -101.77 -84.73 71.74
N UNK GB 39 -102.61 -83.92 72.40
CA UNK GB 39 -104.03 -84.24 72.51
C UNK GB 39 -104.72 -84.16 71.15
N UNK GB 40 -104.29 -83.23 70.29
CA UNK GB 40 -104.83 -83.18 68.95
C UNK GB 40 -104.31 -84.31 68.07
N UNK GB 41 -103.13 -84.84 68.38
CA UNK GB 41 -102.54 -85.90 67.57
C UNK GB 41 -103.01 -87.29 67.98
N UNK GB 42 -103.40 -87.47 69.23
CA UNK GB 42 -103.98 -88.74 69.64
C UNK GB 42 -105.33 -88.96 68.99
N UNK GB 43 -106.08 -87.89 68.72
CA UNK GB 43 -107.29 -87.95 67.93
C UNK GB 43 -107.01 -87.90 66.43
N UNK GB 44 -105.75 -87.86 66.04
CA UNK GB 44 -105.38 -87.90 64.61
C UNK GB 44 -105.02 -89.29 64.15
N UNK GB 45 -104.53 -90.15 65.04
CA UNK GB 45 -104.28 -91.54 64.67
C UNK GB 45 -105.59 -92.28 64.46
N UNK GB 46 -106.60 -91.99 65.28
CA UNK GB 46 -107.94 -92.52 65.03
C UNK GB 46 -108.57 -91.86 63.81
N UNK GB 47 -108.12 -90.65 63.46
CA UNK GB 47 -108.58 -90.01 62.24
C UNK GB 47 -108.01 -90.67 61.00
N UNK GB 48 -106.71 -90.99 61.02
CA UNK GB 48 -106.09 -91.63 59.87
C UNK GB 48 -106.51 -93.08 59.72
N UNK GB 49 -106.81 -93.76 60.84
CA UNK GB 49 -107.20 -95.16 60.77
C UNK GB 49 -108.63 -95.30 60.26
N UNK GB 50 -109.58 -94.64 60.92
CA UNK GB 50 -110.99 -94.81 60.60
C UNK GB 50 -111.37 -94.27 59.24
N UNK GB 51 -110.63 -93.30 58.72
CA UNK GB 51 -110.82 -92.90 57.33
C UNK GB 51 -110.29 -93.96 56.38
N UNK GB 52 -109.11 -94.51 56.69
CA UNK GB 52 -108.55 -95.56 55.86
C UNK GB 52 -109.28 -96.89 56.02
N UNK GB 53 -110.01 -97.07 57.12
CA UNK GB 53 -110.84 -98.26 57.32
C UNK GB 53 -112.20 -98.14 56.66
N UNK GB 54 -112.39 -97.10 55.83
CA UNK GB 54 -113.61 -96.88 55.02
C UNK GB 54 -114.86 -96.75 55.86
N UNK GB 55 -114.72 -96.25 57.09
CA UNK GB 55 -115.87 -96.04 57.96
C UNK GB 55 -116.62 -94.81 57.44
N UNK GB 56 -117.75 -95.04 56.81
CA UNK GB 56 -118.59 -93.95 56.32
C UNK GB 56 -119.58 -93.52 57.40
N UNK GB 57 -120.11 -92.32 57.25
CA UNK GB 57 -121.03 -91.75 58.22
C UNK GB 57 -122.47 -92.22 58.02
N UNK GB 58 -122.70 -93.18 57.13
CA UNK GB 58 -124.00 -93.76 56.79
C UNK GB 58 -125.02 -92.73 56.32
N UNK GB 59 -124.57 -91.64 55.72
CA UNK GB 59 -125.43 -90.57 55.26
C UNK GB 59 -124.72 -89.77 54.18
N UNK GB 60 -125.51 -88.97 53.45
CA UNK GB 60 -124.96 -88.09 52.45
C UNK GB 60 -124.16 -86.97 53.11
N UNK GB 61 -123.04 -86.61 52.48
CA UNK GB 61 -122.18 -85.56 53.01
C UNK GB 61 -122.78 -84.18 52.81
N UNK GB 62 -123.73 -84.03 51.90
CA UNK GB 62 -124.29 -82.72 51.59
C UNK GB 62 -125.76 -82.87 51.25
N UNK GB 63 -126.61 -82.21 52.04
CA UNK GB 63 -128.04 -82.25 51.76
C UNK GB 63 -128.39 -81.44 50.52
N UNK GB 64 -127.63 -80.37 50.26
CA UNK GB 64 -127.87 -79.52 49.10
C UNK GB 64 -126.93 -79.83 47.94
N UNK GB 65 -125.62 -79.87 48.19
CA UNK GB 65 -124.65 -80.09 47.14
C UNK GB 65 -124.57 -81.53 46.67
N UNK GB 66 -125.23 -82.46 47.39
CA UNK GB 66 -125.40 -83.86 47.01
C UNK GB 66 -124.05 -84.58 46.86
N UNK GB 67 -123.37 -84.70 48.00
CA UNK GB 67 -122.17 -85.50 48.12
C UNK GB 67 -122.46 -86.72 48.99
N UNK GB 68 -121.44 -87.53 49.23
CA UNK GB 68 -121.61 -88.76 50.01
C UNK GB 68 -120.45 -88.90 50.99
N UNK GB 69 -120.66 -89.74 52.01
CA UNK GB 69 -119.65 -89.99 53.01
C UNK GB 69 -118.53 -90.90 52.51
N UNK GB 70 -118.74 -91.57 51.38
CA UNK GB 70 -117.70 -92.40 50.78
C UNK GB 70 -117.04 -91.74 49.59
N UNK GB 71 -117.57 -90.61 49.10
CA UNK GB 71 -117.03 -89.99 47.91
C UNK GB 71 -115.70 -89.30 48.18
N UNK GB 72 -115.42 -88.95 49.42
CA UNK GB 72 -114.14 -88.34 49.76
C UNK GB 72 -113.08 -89.42 49.94
N UNK GB 73 -111.83 -89.06 49.68
CA UNK GB 73 -110.73 -89.99 49.80
C UNK GB 73 -110.33 -90.16 51.27
N UNK GB 74 -109.29 -90.96 51.51
CA UNK GB 74 -108.83 -91.26 52.86
C UNK GB 74 -107.40 -90.79 53.10
N UNK GB 75 -106.77 -90.17 52.12
CA UNK GB 75 -105.41 -89.66 52.24
C UNK GB 75 -105.46 -88.20 52.70
N UNK GB 76 -104.34 -87.47 52.52
CA UNK GB 76 -104.30 -86.05 52.85
C UNK GB 76 -105.20 -85.20 51.97
N UNK GB 77 -105.62 -85.72 50.81
CA UNK GB 77 -106.54 -85.03 49.92
C UNK GB 77 -108.00 -85.24 50.31
N UNK GB 78 -108.27 -85.74 51.52
CA UNK GB 78 -109.65 -85.88 51.99
C UNK GB 78 -110.29 -84.52 52.20
N UNK GB 79 -109.57 -83.60 52.85
CA UNK GB 79 -110.06 -82.25 53.04
C UNK GB 79 -110.14 -81.48 51.71
N UNK GB 80 -109.29 -81.84 50.74
CA UNK GB 80 -109.36 -81.23 49.43
C UNK GB 80 -110.63 -81.61 48.68
N UNK GB 81 -111.23 -82.74 49.02
CA UNK GB 81 -112.49 -83.14 48.41
C UNK GB 81 -113.71 -82.67 49.20
N UNK GB 82 -113.52 -82.19 50.43
CA UNK GB 82 -114.62 -81.64 51.20
C UNK GB 82 -115.07 -80.30 50.62
N UNK GB 83 -116.35 -79.99 50.80
CA UNK GB 83 -116.93 -78.80 50.19
C UNK GB 83 -116.42 -77.54 50.85
N UNK GB 84 -116.38 -76.45 50.07
CA UNK GB 84 -115.89 -75.18 50.59
C UNK GB 84 -116.86 -74.55 51.58
N UNK GB 85 -118.16 -74.80 51.45
CA UNK GB 85 -119.11 -74.34 52.44
C UNK GB 85 -119.00 -75.09 53.76
N UNK GB 86 -118.41 -76.29 53.73
CA UNK GB 86 -118.21 -77.06 54.95
C UNK GB 86 -117.14 -76.43 55.81
N UNK GB 87 -115.97 -76.16 55.23
CA UNK GB 87 -114.81 -75.71 55.99
C UNK GB 87 -115.01 -74.32 56.56
N UNK GB 88 -115.85 -73.49 55.93
CA UNK GB 88 -116.21 -72.20 56.51
C UNK GB 88 -117.11 -72.38 57.72
N UNK GB 89 -117.77 -73.53 57.85
CA UNK GB 89 -118.51 -73.90 59.04
C UNK GB 89 -117.74 -74.86 59.93
N UNK GB 90 -116.95 -75.76 59.35
CA UNK GB 90 -116.24 -76.76 60.16
C UNK GB 90 -115.10 -76.14 60.93
N UNK GB 91 -114.27 -75.34 60.26
CA UNK GB 91 -113.17 -74.68 60.95
C UNK GB 91 -113.66 -73.55 61.85
N UNK GB 92 -114.86 -73.03 61.62
CA UNK GB 92 -115.41 -71.99 62.48
C UNK GB 92 -115.68 -72.50 63.88
N UNK GB 93 -116.13 -73.75 64.00
CA UNK GB 93 -116.23 -74.36 65.32
C UNK GB 93 -114.86 -74.74 65.86
N UNK GB 94 -113.91 -75.06 64.98
CA UNK GB 94 -112.57 -75.38 65.42
C UNK GB 94 -111.76 -74.14 65.78
N UNK GB 95 -112.02 -73.01 65.11
CA UNK GB 95 -111.64 -71.70 65.63
C UNK GB 95 -112.17 -71.51 67.05
N UNK GB 96 -113.50 -71.59 67.19
CA UNK GB 96 -114.20 -71.19 68.40
C UNK GB 96 -113.97 -72.13 69.57
N UNK GB 97 -113.60 -73.38 69.32
CA UNK GB 97 -113.23 -74.27 70.41
C UNK GB 97 -111.94 -73.82 71.06
N UNK GB 98 -110.94 -73.44 70.27
CA UNK GB 98 -109.69 -72.94 70.79
C UNK GB 98 -109.76 -71.49 71.24
N UNK GB 99 -110.76 -70.74 70.77
CA UNK GB 99 -110.84 -69.32 71.09
C UNK GB 99 -111.53 -69.08 72.42
N UNK GB 100 -112.80 -69.48 72.53
CA UNK GB 100 -113.62 -69.16 73.69
C UNK GB 100 -113.98 -70.37 74.53
N UNK GB 101 -114.27 -71.52 73.90
CA UNK GB 101 -114.80 -72.67 74.61
C UNK GB 101 -113.74 -73.35 75.46
N UNK GB 102 -112.74 -73.95 74.84
CA UNK GB 102 -111.60 -74.52 75.55
C UNK GB 102 -110.55 -73.43 75.60
N UNK GB 103 -110.17 -73.04 76.81
CA UNK GB 103 -109.24 -71.93 76.99
C UNK GB 103 -107.85 -72.38 76.58
N UNK GB 104 -107.48 -72.11 75.33
CA UNK GB 104 -106.12 -72.38 74.86
C UNK GB 104 -105.11 -71.40 75.45
N UNK GB 105 -105.54 -70.20 75.84
CA UNK GB 105 -104.68 -69.28 76.56
C UNK GB 105 -104.38 -69.75 77.98
N UNK GB 106 -105.21 -70.65 78.53
CA UNK GB 106 -104.88 -71.34 79.76
C UNK GB 106 -103.84 -72.42 79.47
N UNK GB 107 -102.90 -72.61 80.40
CA UNK GB 107 -101.75 -73.47 80.17
C UNK GB 107 -101.88 -74.85 80.81
N UNK GB 108 -102.58 -74.97 81.93
CA UNK GB 108 -102.70 -76.27 82.58
C UNK GB 108 -103.78 -77.15 81.93
N UNK GB 109 -104.62 -76.56 81.08
CA UNK GB 109 -105.68 -77.21 80.30
C UNK GB 109 -106.70 -77.95 81.15
N UNK GB 110 -106.88 -77.56 82.41
CA UNK GB 110 -107.79 -78.23 83.33
C UNK GB 110 -109.12 -77.51 83.45
N UNK GB 111 -109.62 -76.95 82.34
CA UNK GB 111 -110.75 -76.02 82.34
C UNK GB 111 -112.07 -76.63 82.79
N UNK GB 112 -112.59 -77.56 82.02
CA UNK GB 112 -113.97 -78.02 82.21
C UNK GB 112 -114.14 -79.52 82.27
N UNK GB 113 -113.23 -80.29 81.68
CA UNK GB 113 -113.35 -81.74 81.62
C UNK GB 113 -112.50 -82.39 82.70
N UNK GB 114 -112.86 -83.62 83.05
CA UNK GB 114 -112.12 -84.45 83.97
C UNK GB 114 -111.95 -85.84 83.35
N UNK GB 115 -111.48 -86.79 84.16
CA UNK GB 115 -111.41 -88.18 83.73
C UNK GB 115 -112.83 -88.74 83.72
N UNK GB 116 -113.48 -88.65 82.55
CA UNK GB 116 -114.90 -88.96 82.36
C UNK GB 116 -115.77 -88.18 83.35
N UNK GB 117 -115.54 -86.86 83.40
CA UNK GB 117 -116.23 -85.87 84.23
C UNK GB 117 -116.15 -86.18 85.72
N UNK GB 118 -115.13 -86.93 86.14
CA UNK GB 118 -114.96 -87.29 87.54
C UNK GB 118 -113.49 -87.28 87.87
N UNK GB 119 -113.10 -86.47 88.85
CA UNK GB 119 -111.69 -86.33 89.19
C UNK GB 119 -111.17 -87.57 89.91
N UNK GB 120 -109.95 -87.97 89.54
CA UNK GB 120 -109.24 -89.05 90.21
C UNK GB 120 -108.60 -88.45 91.45
N UNK GB 121 -109.21 -88.71 92.61
CA UNK GB 121 -108.79 -88.10 93.86
C UNK GB 121 -107.54 -88.75 94.45
N UNK GB 122 -107.06 -89.84 93.88
CA UNK GB 122 -105.82 -90.46 94.33
C UNK GB 122 -104.63 -89.67 93.78
N UNK GB 123 -103.77 -89.19 94.68
CA UNK GB 123 -102.60 -88.42 94.26
C UNK GB 123 -101.60 -89.28 93.51
N UNK GB 124 -101.53 -90.57 93.82
CA UNK GB 124 -100.67 -91.47 93.06
C UNK GB 124 -101.23 -91.72 91.68
N UNK GB 125 -102.54 -91.77 91.53
CA UNK GB 125 -103.16 -92.02 90.24
C UNK GB 125 -103.35 -90.76 89.41
N UNK GB 126 -103.34 -89.59 90.04
CA UNK GB 126 -103.47 -88.35 89.29
C UNK GB 126 -102.21 -88.07 88.48
N UNK GB 127 -101.04 -88.26 89.10
CA UNK GB 127 -99.79 -88.07 88.37
C UNK GB 127 -99.56 -89.17 87.34
N UNK GB 128 -100.09 -90.36 87.60
CA UNK GB 128 -99.95 -91.47 86.66
C UNK GB 128 -100.91 -91.37 85.48
N UNK GB 129 -102.02 -90.65 85.63
CA UNK GB 129 -102.93 -90.46 84.51
C UNK GB 129 -102.45 -89.36 83.57
N UNK GB 130 -101.61 -88.45 84.08
CA UNK GB 130 -101.11 -87.36 83.25
C UNK GB 130 -99.97 -87.81 82.36
N UNK GB 131 -99.06 -88.64 82.90
CA UNK GB 131 -98.00 -89.20 82.07
C UNK GB 131 -98.53 -90.22 81.10
N UNK GB 132 -99.64 -90.88 81.45
CA UNK GB 132 -100.32 -91.75 80.49
C UNK GB 132 -101.06 -90.93 79.44
N UNK GB 133 -101.27 -89.64 79.69
CA UNK GB 133 -101.80 -88.76 78.65
C UNK GB 133 -100.69 -88.24 77.76
N UNK GB 134 -99.53 -87.92 78.33
CA UNK GB 134 -98.44 -87.35 77.56
C UNK GB 134 -97.71 -88.41 76.75
N UNK GB 135 -97.22 -89.46 77.42
CA UNK GB 135 -96.35 -90.41 76.76
C UNK GB 135 -97.09 -91.29 75.76
N UNK GB 136 -98.38 -91.54 75.98
CA UNK GB 136 -99.15 -92.30 75.01
C UNK GB 136 -99.50 -91.47 73.79
N UNK GB 137 -99.58 -90.14 73.94
CA UNK GB 137 -99.91 -89.30 72.81
C UNK GB 137 -98.69 -88.68 72.15
N UNK GB 138 -97.56 -88.59 72.87
CA UNK GB 138 -96.33 -88.14 72.23
C UNK GB 138 -95.82 -89.14 71.22
N UNK GB 139 -96.11 -90.43 71.41
CA UNK GB 139 -95.89 -91.40 70.35
C UNK GB 139 -96.89 -91.22 69.22
N UNK GB 140 -98.12 -90.80 69.54
CA UNK GB 140 -99.11 -90.54 68.50
C UNK GB 140 -98.80 -89.28 67.70
N UNK GB 141 -98.00 -88.36 68.27
CA UNK GB 141 -97.56 -87.20 67.50
C UNK GB 141 -96.60 -87.61 66.40
N UNK GB 142 -95.62 -88.46 66.73
CA UNK GB 142 -94.71 -88.96 65.71
C UNK GB 142 -95.38 -89.99 64.81
N UNK GB 143 -96.52 -90.53 65.22
CA UNK GB 143 -97.24 -91.48 64.37
C UNK GB 143 -97.95 -90.79 63.22
N UNK GB 144 -98.49 -89.59 63.46
CA UNK GB 144 -99.23 -88.89 62.41
C UNK GB 144 -98.31 -88.35 61.33
N UNK GB 145 -97.09 -87.93 61.71
CA UNK GB 145 -96.12 -87.51 60.70
C UNK GB 145 -95.55 -88.70 59.96
N UNK GB 146 -95.47 -89.87 60.61
CA UNK GB 146 -95.01 -91.08 59.93
C UNK GB 146 -96.07 -91.57 58.96
N UNK GB 147 -97.34 -91.34 59.25
CA UNK GB 147 -98.40 -91.70 58.31
C UNK GB 147 -98.42 -90.74 57.13
N UNK GB 148 -98.32 -89.43 57.41
CA UNK GB 148 -98.47 -88.43 56.36
C UNK GB 148 -97.29 -88.41 55.41
N UNK GB 149 -96.08 -88.66 55.91
CA UNK GB 149 -94.92 -88.74 55.03
C UNK GB 149 -94.99 -89.99 54.15
N UNK GB 150 -95.44 -91.11 54.72
CA UNK GB 150 -95.66 -92.31 53.94
C UNK GB 150 -96.87 -92.19 53.03
N UNK GB 151 -97.81 -91.30 53.34
CA UNK GB 151 -98.93 -91.04 52.43
C UNK GB 151 -98.57 -90.09 51.31
N UNK GB 152 -97.36 -89.54 51.31
CA UNK GB 152 -96.88 -88.72 50.21
C UNK GB 152 -95.66 -89.31 49.52
N UNK GB 153 -94.89 -90.17 50.21
CA UNK GB 153 -93.75 -90.80 49.58
C UNK GB 153 -94.13 -92.09 48.85
N UNK GB 154 -95.16 -92.80 49.33
CA UNK GB 154 -95.63 -94.01 48.68
C UNK GB 154 -96.87 -93.76 47.83
N UNK GB 155 -96.93 -92.60 47.17
CA UNK GB 155 -98.01 -92.18 46.25
C UNK GB 155 -99.41 -92.23 46.87
N SER HB 31 54.50 64.84 -0.59
CA SER HB 31 54.92 63.48 -0.28
C SER HB 31 54.43 62.52 -1.35
N GLU HB 32 55.35 61.70 -1.88
CA GLU HB 32 54.98 60.83 -3.00
C GLU HB 32 54.18 59.63 -2.55
N ILE HB 33 54.16 59.36 -1.24
CA ILE HB 33 53.38 58.24 -0.73
C ILE HB 33 51.89 58.56 -0.85
N GLU HB 34 51.51 59.81 -0.61
CA GLU HB 34 50.10 60.17 -0.61
C GLU HB 34 49.55 60.45 -2.00
N LEU HB 35 50.36 60.31 -3.05
CA LEU HB 35 49.91 60.74 -4.37
C LEU HB 35 49.10 59.67 -5.07
N GLY HB 36 49.26 58.42 -4.67
CA GLY HB 36 48.52 57.36 -5.34
C GLY HB 36 47.13 57.17 -4.78
N VAL HB 37 46.89 57.70 -3.58
CA VAL HB 37 45.67 57.40 -2.85
C VAL HB 37 44.53 58.25 -3.39
N THR HB 38 43.44 57.58 -3.76
CA THR HB 38 42.22 58.28 -4.16
C THR HB 38 41.12 57.73 -3.24
N GLU HB 39 39.87 58.16 -3.42
CA GLU HB 39 38.78 57.87 -2.50
C GLU HB 39 38.31 56.42 -2.39
N PRO HB 40 37.90 55.71 -3.50
CA PRO HB 40 37.13 54.47 -3.29
C PRO HB 40 37.96 53.32 -2.73
N LEU HB 41 39.26 53.33 -2.95
CA LEU HB 41 40.09 52.25 -2.43
C LEU HB 41 41.00 52.73 -1.32
N GLY HB 42 41.45 53.97 -1.38
CA GLY HB 42 42.40 54.41 -0.39
C GLY HB 42 43.78 53.84 -0.67
N VAL HB 43 44.52 53.58 0.41
CA VAL HB 43 45.80 52.91 0.31
C VAL HB 43 45.52 51.45 -0.03
N TYR HB 44 45.83 51.05 -1.26
CA TYR HB 44 45.43 49.74 -1.74
C TYR HB 44 46.67 48.95 -2.15
N ASP HB 45 47.00 47.93 -1.38
CA ASP HB 45 47.99 46.95 -1.78
C ASP HB 45 47.67 45.58 -1.21
N PRO HB 46 47.22 44.65 -2.05
CA PRO HB 46 47.03 43.27 -1.56
C PRO HB 46 48.33 42.56 -1.29
N LEU HB 47 49.38 42.88 -2.06
CA LEU HB 47 50.66 42.22 -1.86
C LEU HB 47 51.39 42.82 -0.67
N GLY HB 48 51.10 44.07 -0.35
CA GLY HB 48 51.69 44.71 0.80
C GLY HB 48 53.16 45.07 0.65
N TRP HB 49 53.57 45.55 -0.52
CA TRP HB 49 54.97 45.93 -0.70
C TRP HB 49 55.29 47.26 -0.03
N LEU HB 50 54.26 48.01 0.40
CA LEU HB 50 54.51 49.28 1.07
C LEU HB 50 55.16 49.07 2.43
N GLU HB 51 54.83 47.98 3.11
CA GLU HB 51 55.42 47.71 4.41
C GLU HB 51 56.60 46.76 4.30
N SER HB 52 56.54 45.82 3.34
CA SER HB 52 57.59 44.82 3.24
C SER HB 52 58.86 45.40 2.64
N GLU HB 53 58.76 46.01 1.46
CA GLU HB 53 59.91 46.59 0.77
C GLU HB 53 59.63 48.07 0.50
N PRO HB 54 59.86 48.94 1.49
CA PRO HB 54 59.57 50.36 1.28
C PRO HB 54 60.66 51.07 0.51
N GLU HB 55 61.80 50.42 0.32
CA GLU HB 55 62.90 51.04 -0.41
C GLU HB 55 62.64 51.05 -1.91
N ALA HB 56 61.85 50.09 -2.38
CA ALA HB 56 61.60 49.99 -3.82
C ALA HB 56 60.60 51.03 -4.29
N PHE HB 57 59.82 51.59 -3.36
CA PHE HB 57 58.68 52.46 -3.63
C PHE HB 57 59.03 53.69 -4.45
N GLU HB 58 60.24 54.21 -4.26
CA GLU HB 58 60.66 55.37 -5.05
C GLU HB 58 60.86 55.00 -6.51
N ARG HB 59 61.22 53.75 -6.79
CA ARG HB 59 61.25 53.30 -8.16
C ARG HB 59 59.88 52.88 -8.63
N ARG HB 60 59.13 52.16 -7.79
CA ARG HB 60 57.84 51.61 -8.17
C ARG HB 60 56.83 52.70 -8.50
N ARG HB 61 56.88 53.83 -7.79
CA ARG HB 61 56.05 54.96 -8.15
C ARG HB 61 56.50 55.56 -9.46
N ALA HB 62 57.81 55.63 -9.68
CA ALA HB 62 58.32 56.20 -10.92
C ALA HB 62 58.19 55.23 -12.08
N VAL HB 63 57.68 54.02 -11.82
CA VAL HB 63 57.32 53.14 -12.92
C VAL HB 63 55.81 53.18 -13.16
N GLU HB 64 55.02 53.30 -12.10
CA GLU HB 64 53.57 53.42 -12.26
C GLU HB 64 53.21 54.74 -12.96
N ARG HB 65 53.99 55.79 -12.74
CA ARG HB 65 53.86 56.97 -13.59
C ARG HB 65 54.32 56.68 -15.00
N LYS HB 66 55.39 55.90 -15.16
CA LYS HB 66 56.03 55.78 -16.45
C LYS HB 66 55.23 54.89 -17.39
N HIS HB 67 54.79 53.72 -16.92
CA HIS HB 67 53.86 52.92 -17.69
C HIS HB 67 52.52 53.64 -17.87
N GLY HB 68 52.21 54.55 -16.94
CA GLY HB 68 51.00 55.34 -17.10
C GLY HB 68 51.10 56.29 -18.27
N ARG HB 69 52.16 57.09 -18.32
CA ARG HB 69 52.30 58.13 -19.33
C ARG HB 69 52.44 57.54 -20.72
N VAL HB 70 52.98 56.33 -20.83
CA VAL HB 70 53.04 55.68 -22.13
C VAL HB 70 51.66 55.15 -22.52
N ALA HB 71 50.90 54.66 -21.54
CA ALA HB 71 49.58 54.11 -21.85
C ALA HB 71 48.60 55.21 -22.21
N MET HB 72 48.70 56.37 -21.56
CA MET HB 72 47.79 57.47 -21.86
C MET HB 72 48.02 58.02 -23.25
N ALA HB 73 49.26 58.04 -23.71
CA ALA HB 73 49.55 58.45 -25.07
C ALA HB 73 49.34 57.33 -26.08
N ALA HB 74 48.92 56.16 -25.63
CA ALA HB 74 48.62 55.06 -26.54
C ALA HB 74 47.12 54.87 -26.74
N VAL HB 75 46.31 55.17 -25.73
CA VAL HB 75 44.86 55.12 -25.91
C VAL HB 75 44.43 56.17 -26.90
N VAL HB 76 44.97 57.38 -26.76
CA VAL HB 76 44.74 58.44 -27.74
C VAL HB 76 45.33 58.03 -29.08
N GLY HB 77 46.45 57.31 -29.07
CA GLY HB 77 46.97 56.77 -30.30
C GLY HB 77 46.11 55.67 -30.88
N THR HB 78 45.32 55.00 -30.03
CA THR HB 78 44.40 54.00 -30.56
C THR HB 78 43.20 54.66 -31.20
N ILE HB 79 42.72 55.74 -30.61
CA ILE HB 79 41.49 56.38 -31.06
C ILE HB 79 41.73 57.15 -32.35
N VAL HB 80 42.83 57.91 -32.39
CA VAL HB 80 43.13 58.75 -33.55
C VAL HB 80 43.45 57.89 -34.77
N HIS HB 81 44.11 56.75 -34.56
CA HIS HB 81 44.37 55.85 -35.66
C HIS HB 81 43.11 55.17 -36.16
N ASN HB 82 42.10 55.02 -35.31
CA ASN HB 82 40.88 54.34 -35.69
C ASN HB 82 39.77 55.26 -36.14
N ASN HB 83 39.88 56.56 -35.93
CA ASN HB 83 38.99 57.51 -36.59
C ASN HB 83 39.44 57.85 -38.00
N HIS HB 84 40.49 57.17 -38.48
CA HIS HB 84 41.11 57.41 -39.78
C HIS HB 84 41.59 58.85 -39.92
N ILE HB 85 42.04 59.43 -38.80
CA ILE HB 85 42.73 60.71 -38.84
C ILE HB 85 44.16 60.41 -39.29
N VAL HB 86 44.41 60.61 -40.56
CA VAL HB 86 45.64 60.19 -41.22
C VAL HB 86 46.32 61.45 -41.73
N PHE HB 87 47.66 61.45 -41.77
CA PHE HB 87 48.42 62.61 -42.21
C PHE HB 87 48.19 62.96 -43.68
N ASP HB 88 47.64 62.05 -44.47
CA ASP HB 88 47.27 62.26 -45.87
C ASP HB 88 48.49 62.64 -46.70
N GLY HB 89 49.59 61.95 -46.42
CA GLY HB 89 50.81 62.16 -47.17
C GLY HB 89 51.31 60.83 -47.68
N TYR HB 90 52.50 60.88 -48.28
CA TYR HB 90 53.13 59.70 -48.83
C TYR HB 90 54.34 59.39 -47.97
N LEU HB 91 54.21 58.37 -47.11
CA LEU HB 91 55.19 58.11 -46.04
C LEU HB 91 56.55 57.71 -46.59
N SER HB 92 56.61 56.60 -47.29
CA SER HB 92 57.89 56.12 -47.76
C SER HB 92 57.96 56.31 -49.26
N PRO HB 93 58.82 57.20 -49.75
CA PRO HB 93 59.03 57.25 -51.20
C PRO HB 93 59.77 56.03 -51.73
N SER HB 94 60.55 55.36 -50.89
CA SER HB 94 61.27 54.19 -51.35
C SER HB 94 60.39 52.95 -51.28
N ASN HB 95 59.85 52.64 -50.11
CA ASN HB 95 59.10 51.40 -49.90
C ASN HB 95 57.65 51.52 -50.33
N ASN HB 96 57.23 52.70 -50.79
CA ASN HB 96 55.89 52.97 -51.32
C ASN HB 96 54.79 52.68 -50.30
N LEU HB 97 54.97 53.22 -49.10
CA LEU HB 97 53.93 53.19 -48.08
C LEU HB 97 53.27 54.55 -48.05
N LYS HB 98 51.96 54.58 -48.16
CA LYS HB 98 51.24 55.75 -47.73
C LYS HB 98 50.97 55.64 -46.24
N PHE HB 99 50.56 56.77 -45.65
CA PHE HB 99 50.15 56.73 -44.25
C PHE HB 99 48.85 55.97 -44.09
N SER HB 100 48.00 55.98 -45.12
CA SER HB 100 46.73 55.28 -45.03
C SER HB 100 46.92 53.77 -45.23
N ASP HB 101 48.06 53.37 -45.75
CA ASP HB 101 48.30 51.96 -46.01
C ASP HB 101 48.64 51.19 -44.74
N ILE HB 102 49.06 51.89 -43.68
CA ILE HB 102 49.48 51.22 -42.45
C ILE HB 102 48.24 50.77 -41.69
N PRO HB 103 48.20 49.52 -41.21
CA PRO HB 103 47.05 49.06 -40.44
C PRO HB 103 46.92 49.80 -39.12
N THR HB 104 45.71 49.85 -38.60
CA THR HB 104 45.39 50.66 -37.44
C THR HB 104 45.38 49.87 -36.15
N GLY HB 105 45.42 48.54 -36.21
CA GLY HB 105 45.37 47.75 -35.00
C GLY HB 105 46.72 47.54 -34.37
N VAL HB 106 47.03 46.30 -34.03
CA VAL HB 106 48.32 45.97 -33.45
C VAL HB 106 49.42 46.00 -34.50
N ASP HB 107 49.08 45.70 -35.75
CA ASP HB 107 50.08 45.52 -36.81
C ASP HB 107 50.51 46.83 -37.45
N GLY HB 108 50.38 47.95 -36.75
CA GLY HB 108 50.81 49.22 -37.32
C GLY HB 108 52.31 49.37 -37.34
N ILE HB 109 52.97 49.02 -36.23
CA ILE HB 109 54.42 49.18 -36.15
C ILE HB 109 55.11 48.14 -37.02
N ARG HB 110 54.50 46.98 -37.20
CA ARG HB 110 55.09 45.95 -38.04
C ARG HB 110 55.05 46.33 -39.51
N ALA HB 111 54.23 47.30 -39.90
CA ALA HB 111 54.26 47.83 -41.25
C ALA HB 111 55.31 48.92 -41.43
N ILE HB 112 55.79 49.52 -40.35
CA ILE HB 112 56.82 50.55 -40.43
C ILE HB 112 58.14 49.90 -40.83
N PRO HB 113 58.84 50.43 -41.84
CA PRO HB 113 60.12 49.85 -42.23
C PRO HB 113 61.18 50.07 -41.18
N THR HB 114 62.21 49.23 -41.22
CA THR HB 114 63.22 49.22 -40.18
C THR HB 114 64.12 50.44 -40.21
N ALA HB 115 64.17 51.16 -41.33
CA ALA HB 115 64.86 52.44 -41.34
C ALA HB 115 64.08 53.50 -40.59
N GLY HB 116 62.76 53.33 -40.48
CA GLY HB 116 61.95 54.24 -39.71
C GLY HB 116 61.94 53.87 -38.24
N LEU HB 117 62.06 52.57 -37.97
CA LEU HB 117 62.20 52.14 -36.59
C LEU HB 117 63.55 52.53 -36.03
N ALA HB 118 64.56 52.65 -36.89
CA ALA HB 118 65.85 53.15 -36.45
C ALA HB 118 65.80 54.63 -36.13
N GLN HB 119 64.96 55.39 -36.85
CA GLN HB 119 64.84 56.81 -36.55
C GLN HB 119 64.11 57.06 -35.24
N ILE HB 120 63.17 56.19 -34.89
CA ILE HB 120 62.43 56.37 -33.65
C ILE HB 120 63.31 56.01 -32.46
N LEU HB 121 64.01 54.87 -32.54
CA LEU HB 121 64.83 54.42 -31.43
C LEU HB 121 66.03 55.32 -31.20
N ALA HB 122 66.57 55.93 -32.26
CA ALA HB 122 67.68 56.85 -32.08
C ALA HB 122 67.20 58.16 -31.46
N PHE HB 123 65.93 58.50 -31.67
CA PHE HB 123 65.42 59.74 -31.12
C PHE HB 123 65.08 59.61 -29.65
N PHE HB 124 64.31 58.58 -29.29
CA PHE HB 124 63.88 58.45 -27.91
C PHE HB 124 64.99 57.89 -27.02
N ALA HB 125 66.09 57.43 -27.61
CA ALA HB 125 67.28 57.23 -26.80
C ALA HB 125 67.83 58.56 -26.33
N LEU HB 126 67.70 59.59 -27.15
CA LEU HB 126 68.16 60.91 -26.75
C LEU HB 126 67.16 61.55 -25.79
N VAL HB 127 65.89 61.21 -25.92
CA VAL HB 127 64.91 61.72 -24.98
C VAL HB 127 65.03 61.03 -23.63
N GLU HB 128 65.04 59.71 -23.62
CA GLU HB 128 64.82 59.02 -22.36
C GLU HB 128 66.11 58.85 -21.57
N LEU HB 129 67.24 59.17 -22.18
CA LEU HB 129 68.50 59.15 -21.45
C LEU HB 129 69.03 60.54 -21.14
N ALA HB 130 68.96 61.45 -22.11
CA ALA HB 130 69.62 62.74 -21.98
C ALA HB 130 68.67 63.83 -21.52
N TRP HB 131 67.65 64.12 -22.31
CA TRP HB 131 66.82 65.30 -22.05
C TRP HB 131 65.82 65.05 -20.94
N MET HB 132 65.07 63.96 -21.02
CA MET HB 132 64.10 63.58 -20.01
C MET HB 132 64.54 62.23 -19.46
N PRO HB 133 65.54 62.21 -18.58
CA PRO HB 133 66.17 60.93 -18.21
C PRO HB 133 65.25 60.11 -17.33
N ALA HB 134 65.05 58.84 -17.72
CA ALA HB 134 64.18 57.96 -16.98
C ALA HB 134 64.77 57.55 -15.64
N SER HB 135 66.08 57.72 -15.45
CA SER HB 135 66.68 57.45 -14.15
C SER HB 135 66.28 58.49 -13.12
N LYS HB 136 65.74 59.63 -13.53
CA LYS HB 136 65.24 60.63 -12.59
C LYS HB 136 63.91 60.14 -12.04
N TYR HB 137 63.94 59.58 -10.83
CA TYR HB 137 62.76 58.94 -10.26
C TYR HB 137 61.73 59.92 -9.75
N ASP HB 138 61.98 61.23 -9.82
CA ASP HB 138 60.95 62.18 -9.44
C ASP HB 138 59.93 62.35 -10.55
N GLY HB 139 60.37 62.30 -11.80
CA GLY HB 139 59.49 62.43 -12.94
C GLY HB 139 59.08 63.84 -13.28
N ASP HB 140 59.63 64.85 -12.60
CA ASP HB 140 59.21 66.24 -12.75
C ASP HB 140 60.17 67.03 -13.61
N TYR HB 141 60.56 66.41 -14.73
CA TYR HB 141 61.75 66.68 -15.52
C TYR HB 141 62.05 68.14 -15.79
N GLY HB 142 61.25 68.81 -16.59
CA GLY HB 142 61.40 70.25 -16.66
C GLY HB 142 60.12 71.04 -16.65
N VAL HB 143 59.04 70.41 -17.08
CA VAL HB 143 57.88 71.10 -17.58
C VAL HB 143 56.77 71.02 -16.55
N GLY HB 144 56.14 72.14 -16.25
CA GLY HB 144 54.98 72.15 -15.39
C GLY HB 144 53.76 71.61 -16.10
N TYR HB 145 52.63 71.74 -15.42
CA TYR HB 145 51.36 71.40 -16.03
C TYR HB 145 51.05 72.51 -17.01
N PHE HB 146 51.30 72.25 -18.29
CA PHE HB 146 51.29 73.24 -19.36
C PHE HB 146 52.22 74.39 -19.04
N GLY HB 147 53.49 74.07 -18.82
CA GLY HB 147 54.53 75.06 -18.70
C GLY HB 147 54.67 75.72 -17.34
N THR HB 148 53.63 75.71 -16.52
CA THR HB 148 53.66 76.36 -15.22
C THR HB 148 53.47 75.31 -14.14
N ASP HB 149 54.16 75.49 -13.02
CA ASP HB 149 53.89 74.61 -11.89
C ASP HB 149 52.60 75.03 -11.19
N ILE HB 150 52.20 74.24 -10.22
CA ILE HB 150 50.99 74.48 -9.46
C ILE HB 150 51.43 74.82 -8.05
N LYS HB 151 51.41 76.10 -7.71
CA LYS HB 151 51.93 76.55 -6.44
C LYS HB 151 51.04 76.19 -5.26
N ASP HB 152 49.74 76.01 -5.49
CA ASP HB 152 48.81 75.60 -4.45
C ASP HB 152 49.10 74.15 -4.08
N PRO HB 153 49.47 73.84 -2.83
CA PRO HB 153 49.89 72.47 -2.50
C PRO HB 153 48.79 71.45 -2.58
N GLU HB 154 47.54 71.86 -2.34
CA GLU HB 154 46.44 70.93 -2.47
C GLU HB 154 46.14 70.63 -3.93
N GLU HB 155 46.21 71.65 -4.79
CA GLU HB 155 45.89 71.44 -6.19
C GLU HB 155 47.03 70.75 -6.92
N LYS HB 156 48.27 70.99 -6.48
CA LYS HB 156 49.38 70.24 -7.04
C LYS HB 156 49.30 68.78 -6.62
N ALA HB 157 48.87 68.51 -5.40
CA ALA HB 157 48.65 67.16 -4.95
C ALA HB 157 47.32 66.60 -5.42
N ARG HB 158 46.48 67.44 -6.01
CA ARG HB 158 45.31 66.93 -6.68
C ARG HB 158 45.65 66.34 -8.02
N LYS HB 159 46.24 67.12 -8.93
CA LYS HB 159 46.43 66.69 -10.30
C LYS HB 159 47.49 65.62 -10.44
N LEU HB 160 48.35 65.43 -9.46
CA LEU HB 160 49.22 64.27 -9.46
C LEU HB 160 48.46 62.98 -9.24
N ASN HB 161 47.41 62.98 -8.43
CA ASN HB 161 46.47 61.86 -8.42
C ASN HB 161 45.80 61.68 -9.76
N VAL HB 162 45.54 62.77 -10.46
CA VAL HB 162 44.80 62.69 -11.71
C VAL HB 162 45.69 62.14 -12.82
N GLU HB 163 46.98 62.47 -12.79
CA GLU HB 163 47.91 61.84 -13.73
C GLU HB 163 48.05 60.35 -13.44
N LEU HB 164 47.94 59.96 -12.19
CA LEU HB 164 47.98 58.54 -11.88
C LEU HB 164 46.67 57.84 -12.24
N ASN HB 165 45.53 58.42 -11.90
CA ASN HB 165 44.28 57.68 -12.06
C ASN HB 165 43.85 57.60 -13.52
N ASN HB 166 43.97 58.70 -14.29
CA ASN HB 166 43.88 58.59 -15.74
C ASN HB 166 45.00 57.72 -16.29
N GLY HB 167 46.13 57.65 -15.59
CA GLY HB 167 47.21 56.78 -16.03
C GLY HB 167 46.98 55.32 -15.71
N ARG HB 168 46.43 55.02 -14.55
CA ARG HB 168 46.13 53.64 -14.19
C ARG HB 168 45.02 53.08 -15.07
N ALA HB 169 44.02 53.89 -15.37
CA ALA HB 169 42.93 53.45 -16.22
C ALA HB 169 43.37 53.27 -17.66
N ALA HB 170 44.40 53.99 -18.09
CA ALA HB 170 44.86 53.84 -19.47
C ALA HB 170 45.66 52.57 -19.66
N MET HB 171 46.31 52.06 -18.61
CA MET HB 171 47.00 50.78 -18.71
C MET HB 171 46.00 49.66 -18.90
N MET HB 172 44.89 49.72 -18.18
CA MET HB 172 43.83 48.74 -18.34
C MET HB 172 43.04 48.96 -19.62
N GLY HB 173 43.21 50.09 -20.28
CA GLY HB 173 42.53 50.34 -21.53
C GLY HB 173 43.27 49.80 -22.73
N ILE HB 174 44.59 49.90 -22.71
CA ILE HB 174 45.39 49.35 -23.81
C ILE HB 174 45.36 47.84 -23.81
N MET HB 175 45.40 47.23 -22.62
CA MET HB 175 45.20 45.79 -22.54
C MET HB 175 43.79 45.39 -22.96
N GLY HB 176 42.83 46.29 -22.80
CA GLY HB 176 41.52 46.05 -23.38
C GLY HB 176 41.49 46.15 -24.88
N ASN HB 177 42.43 46.89 -25.47
CA ASN HB 177 42.55 46.91 -26.92
C ASN HB 177 43.37 45.74 -27.45
N MET HB 178 44.60 45.58 -26.96
CA MET HB 178 45.53 44.65 -27.58
C MET HB 178 45.12 43.20 -27.41
N VAL HB 179 44.25 42.90 -26.46
CA VAL HB 179 43.69 41.57 -26.33
C VAL HB 179 42.45 41.41 -27.20
N ALA HB 180 41.54 42.39 -27.18
CA ALA HB 180 40.35 42.30 -27.99
C ALA HB 180 40.58 42.64 -29.45
N GLU HB 181 41.80 43.01 -29.84
CA GLU HB 181 42.14 43.10 -31.26
C GLU HB 181 42.84 41.86 -31.78
N VAL HB 182 43.28 40.97 -30.89
CA VAL HB 182 43.87 39.70 -31.29
C VAL HB 182 42.85 38.58 -31.24
N LEU HB 183 42.03 38.55 -30.18
CA LEU HB 183 41.03 37.50 -30.05
C LEU HB 183 39.91 37.67 -31.07
N THR HB 184 39.46 38.91 -31.28
CA THR HB 184 38.50 39.14 -32.35
C THR HB 184 39.17 39.19 -33.71
N GLY HB 185 40.49 39.38 -33.75
CA GLY HB 185 41.23 39.39 -34.99
C GLY HB 185 40.97 40.60 -35.86
N GLN HB 186 40.38 41.64 -35.33
CA GLN HB 186 40.01 42.82 -36.11
C GLN HB 186 40.64 44.05 -35.46
N THR HB 187 40.53 45.17 -36.16
CA THR HB 187 40.88 46.44 -35.56
C THR HB 187 39.74 46.90 -34.66
N MET HB 188 39.93 48.02 -33.98
CA MET HB 188 38.83 48.57 -33.19
C MET HB 188 37.75 49.12 -34.11
N TYR HB 189 38.15 49.69 -35.25
CA TYR HB 189 37.18 50.25 -36.19
C TYR HB 189 36.29 49.18 -36.80
N GLU HB 190 36.83 47.99 -37.05
CA GLU HB 190 36.04 46.94 -37.64
C GLU HB 190 35.08 46.30 -36.65
N GLN HB 191 35.36 46.37 -35.36
CA GLN HB 191 34.45 45.79 -34.39
C GLN HB 191 33.18 46.61 -34.27
N TYR HB 192 33.32 47.93 -34.22
CA TYR HB 192 32.14 48.79 -34.14
C TYR HB 192 31.42 48.86 -35.47
N ALA HB 193 32.14 48.67 -36.58
CA ALA HB 193 31.49 48.68 -37.89
C ALA HB 193 30.64 47.43 -38.08
N SER HB 194 31.22 46.27 -37.82
CA SER HB 194 30.50 45.01 -38.01
C SER HB 194 29.49 44.73 -36.91
N GLY HB 195 29.49 45.51 -35.84
CA GLY HB 195 28.60 45.21 -34.73
C GLY HB 195 29.04 44.01 -33.94
N HIS HB 196 30.35 43.80 -33.82
CA HIS HB 196 30.91 42.68 -33.07
C HIS HB 196 31.20 43.07 -31.63
N ILE HB 197 30.37 43.95 -31.06
CA ILE HB 197 30.53 44.40 -29.70
C ILE HB 197 30.24 43.27 -28.72
N SER HB 198 29.37 42.34 -29.12
CA SER HB 198 29.06 41.18 -28.29
C SER HB 198 30.26 40.25 -28.22
N PRO HB 199 30.56 39.69 -27.04
CA PRO HB 199 31.74 38.83 -26.91
C PRO HB 199 31.52 37.42 -27.43
N PHE HB 200 32.42 36.97 -28.30
CA PHE HB 200 32.38 35.60 -28.78
C PHE HB 200 32.86 34.62 -27.72
N GLY HB 201 33.88 35.01 -26.96
CA GLY HB 201 34.36 34.23 -25.84
C GLY HB 201 33.84 34.80 -24.54
N ASP HB 202 34.66 35.57 -23.84
CA ASP HB 202 34.21 36.31 -22.67
C ASP HB 202 34.81 37.71 -22.77
N GLY HB 203 34.16 38.66 -22.12
CA GLY HB 203 34.66 40.01 -22.10
C GLY HB 203 34.20 40.76 -20.88
N GLN HB 204 35.15 41.35 -20.17
CA GLN HB 204 34.86 42.07 -18.94
C GLN HB 204 35.26 43.52 -19.12
N GLY HB 205 34.27 44.40 -19.13
CA GLY HB 205 34.51 45.83 -19.27
C GLY HB 205 33.77 46.63 -18.23
N VAL HB 206 33.84 47.96 -18.32
CA VAL HB 206 33.14 48.82 -17.39
C VAL HB 206 31.96 49.48 -18.09
N SER IB 31 31.59 83.21 2.29
CA SER IB 31 30.30 82.92 2.89
C SER IB 31 29.27 82.64 1.82
N GLU IB 32 28.54 81.53 1.95
CA GLU IB 32 27.62 81.13 0.89
C GLU IB 32 26.33 81.95 0.93
N ILE IB 33 26.09 82.66 2.03
CA ILE IB 33 24.90 83.51 2.12
C ILE IB 33 25.04 84.71 1.18
N GLU IB 34 26.25 85.25 1.06
CA GLU IB 34 26.44 86.44 0.26
C GLU IB 34 26.61 86.16 -1.22
N LEU IB 35 26.54 84.90 -1.64
CA LEU IB 35 26.89 84.57 -3.01
C LEU IB 35 25.71 84.77 -3.96
N GLY IB 36 24.49 84.75 -3.43
CA GLY IB 36 23.34 84.90 -4.30
C GLY IB 36 23.01 86.36 -4.57
N VAL IB 37 23.54 87.26 -3.76
CA VAL IB 37 23.12 88.65 -3.80
C VAL IB 37 23.82 89.37 -4.93
N THR IB 38 23.02 90.02 -5.78
CA THR IB 38 23.55 90.86 -6.85
C THR IB 38 22.91 92.23 -6.65
N GLU IB 39 23.19 93.20 -7.51
CA GLU IB 39 22.80 94.59 -7.32
C GLU IB 39 21.31 94.92 -7.36
N PRO IB 40 20.53 94.59 -8.44
CA PRO IB 40 19.20 95.22 -8.59
C PRO IB 40 18.17 94.77 -7.57
N LEU IB 41 18.33 93.55 -7.04
CA LEU IB 41 17.36 93.09 -6.06
C LEU IB 41 17.97 92.98 -4.67
N GLY IB 42 19.27 92.68 -4.58
CA GLY IB 42 19.83 92.47 -3.28
C GLY IB 42 19.42 91.13 -2.70
N VAL IB 43 19.28 91.09 -1.38
CA VAL IB 43 18.75 89.91 -0.71
C VAL IB 43 17.27 89.84 -1.02
N TYR IB 44 16.87 88.88 -1.84
CA TYR IB 44 15.52 88.82 -2.36
C TYR IB 44 14.87 87.50 -1.95
N ASP IB 45 13.91 87.58 -1.04
CA ASP IB 45 13.05 86.44 -0.74
C ASP IB 45 11.66 86.91 -0.32
N PRO IB 46 10.65 86.74 -1.18
CA PRO IB 46 9.28 87.07 -0.77
C PRO IB 46 8.73 86.06 0.23
N LEU IB 47 9.15 84.81 0.14
CA LEU IB 47 8.66 83.80 1.05
C LEU IB 47 9.36 83.90 2.39
N GLY IB 48 10.57 84.43 2.40
CA GLY IB 48 11.31 84.63 3.63
C GLY IB 48 11.84 83.37 4.27
N TRP IB 49 12.34 82.41 3.48
CA TRP IB 49 12.87 81.19 4.07
C TRP IB 49 14.25 81.40 4.69
N LEU IB 50 14.87 82.55 4.42
CA LEU IB 50 16.18 82.83 5.00
C LEU IB 50 16.09 83.01 6.50
N GLU IB 51 14.98 83.58 6.98
CA GLU IB 51 14.82 83.79 8.41
C GLU IB 51 14.01 82.67 9.05
N SER IB 52 13.05 82.11 8.30
CA SER IB 52 12.17 81.11 8.88
C SER IB 52 12.89 79.77 9.03
N GLU IB 53 13.45 79.24 7.94
CA GLU IB 53 14.14 77.96 7.95
C GLU IB 53 15.56 78.16 7.44
N PRO IB 54 16.48 78.59 8.31
CA PRO IB 54 17.85 78.83 7.86
C PRO IB 54 18.67 77.56 7.75
N GLU IB 55 18.14 76.46 8.28
CA GLU IB 55 18.87 75.20 8.22
C GLU IB 55 18.81 74.59 6.84
N ALA IB 56 17.75 74.90 6.08
CA ALA IB 56 17.60 74.30 4.76
C ALA IB 56 18.50 74.96 3.73
N PHE IB 57 18.98 76.16 4.03
CA PHE IB 57 19.70 77.03 3.09
C PHE IB 57 20.95 76.39 2.51
N GLU IB 58 21.62 75.52 3.28
CA GLU IB 58 22.79 74.84 2.76
C GLU IB 58 22.41 73.84 1.69
N ARG IB 59 21.21 73.28 1.76
CA ARG IB 59 20.73 72.45 0.67
C ARG IB 59 20.15 73.30 -0.45
N ARG IB 60 19.36 74.33 -0.09
CA ARG IB 60 18.65 75.14 -1.07
C ARG IB 60 19.61 75.89 -1.98
N ARG IB 61 20.75 76.33 -1.45
CA ARG IB 61 21.77 76.91 -2.31
C ARG IB 61 22.39 75.86 -3.21
N ALA IB 62 22.61 74.66 -2.67
CA ALA IB 62 23.20 73.59 -3.48
C ALA IB 62 22.19 72.99 -4.43
N VAL IB 63 20.94 73.45 -4.39
CA VAL IB 63 20.00 73.07 -5.43
C VAL IB 63 19.86 74.19 -6.46
N GLU IB 64 19.91 75.45 -6.01
CA GLU IB 64 19.85 76.56 -6.97
C GLU IB 64 21.09 76.58 -7.85
N ARG IB 65 22.24 76.14 -7.33
CA ARG IB 65 23.37 75.88 -8.21
C ARG IB 65 23.11 74.69 -9.12
N LYS IB 66 22.45 73.66 -8.58
CA LYS IB 66 22.37 72.40 -9.30
C LYS IB 66 21.38 72.48 -10.45
N HIS IB 67 20.18 72.99 -10.19
CA HIS IB 67 19.25 73.27 -11.28
C HIS IB 67 19.80 74.34 -12.21
N GLY IB 68 20.68 75.20 -11.71
CA GLY IB 68 21.34 76.17 -12.56
C GLY IB 68 22.26 75.53 -13.56
N ARG IB 69 23.18 74.68 -13.09
CA ARG IB 69 24.19 74.09 -13.94
C ARG IB 69 23.60 73.15 -14.97
N VAL IB 70 22.46 72.55 -14.66
CA VAL IB 70 21.78 71.72 -15.65
C VAL IB 70 21.09 72.61 -16.68
N ALA IB 71 20.53 73.73 -16.25
CA ALA IB 71 19.83 74.62 -17.18
C ALA IB 71 20.80 75.32 -18.12
N MET IB 72 21.97 75.69 -17.62
CA MET IB 72 22.96 76.37 -18.45
C MET IB 72 23.49 75.45 -19.54
N ALA IB 73 23.64 74.17 -19.25
CA ALA IB 73 24.05 73.21 -20.26
C ALA IB 73 22.89 72.74 -21.11
N ALA IB 74 21.69 73.24 -20.87
CA ALA IB 74 20.54 72.89 -21.69
C ALA IB 74 20.16 74.00 -22.66
N VAL IB 75 20.40 75.26 -22.29
CA VAL IB 75 20.18 76.35 -23.23
C VAL IB 75 21.15 76.25 -24.39
N VAL IB 76 22.42 75.98 -24.08
CA VAL IB 76 23.41 75.72 -25.11
C VAL IB 76 23.05 74.46 -25.88
N GLY IB 77 22.47 73.48 -25.18
CA GLY IB 77 21.95 72.31 -25.88
C GLY IB 77 20.75 72.63 -26.73
N THR IB 78 20.02 73.69 -26.40
CA THR IB 78 18.90 74.06 -27.26
C THR IB 78 19.39 74.76 -28.51
N ILE IB 79 20.43 75.59 -28.36
CA ILE IB 79 20.91 76.41 -29.47
C ILE IB 79 21.68 75.56 -30.47
N VAL IB 80 22.56 74.69 -29.99
CA VAL IB 80 23.39 73.86 -30.85
C VAL IB 80 22.54 72.86 -31.61
N HIS IB 81 21.49 72.34 -30.98
CA HIS IB 81 20.60 71.42 -31.68
C HIS IB 81 19.76 72.14 -32.72
N ASN IB 82 19.52 73.44 -32.56
CA ASN IB 82 18.69 74.17 -33.49
C ASN IB 82 19.46 74.93 -34.55
N ASN IB 83 20.78 75.05 -34.42
CA ASN IB 83 21.60 75.50 -35.54
C ASN IB 83 21.95 74.38 -36.50
N HIS IB 84 21.39 73.20 -36.27
CA HIS IB 84 21.67 71.97 -37.04
C HIS IB 84 23.15 71.63 -37.00
N ILE IB 85 23.80 71.92 -35.88
CA ILE IB 85 25.15 71.43 -35.64
C ILE IB 85 25.01 69.98 -35.21
N VAL IB 86 25.22 69.08 -36.15
CA VAL IB 86 24.92 67.66 -35.99
C VAL IB 86 26.24 66.92 -36.15
N PHE IB 87 26.39 65.79 -35.43
CA PHE IB 87 27.61 65.01 -35.50
C PHE IB 87 27.90 64.41 -36.86
N ASP IB 88 26.91 64.36 -37.76
CA ASP IB 88 27.05 63.91 -39.14
C ASP IB 88 27.54 62.47 -39.19
N GLY IB 89 27.00 61.65 -38.30
CA GLY IB 89 27.33 60.25 -38.27
C GLY IB 89 26.05 59.43 -38.31
N TYR IB 90 26.23 58.13 -38.17
CA TYR IB 90 25.11 57.20 -38.17
C TYR IB 90 24.96 56.64 -36.77
N LEU IB 91 23.96 57.15 -36.04
CA LEU IB 91 23.85 56.91 -34.60
C LEU IB 91 23.59 55.45 -34.27
N SER IB 92 22.48 54.91 -34.72
CA SER IB 92 22.14 53.55 -34.37
C SER IB 92 22.30 52.67 -35.60
N PRO IB 93 23.27 51.77 -35.60
CA PRO IB 93 23.31 50.80 -36.71
C PRO IB 93 22.18 49.80 -36.64
N SER IB 94 21.62 49.55 -35.45
CA SER IB 94 20.52 48.60 -35.34
C SER IB 94 19.19 49.27 -35.66
N ASN IB 95 18.85 50.34 -34.95
CA ASN IB 95 17.54 50.97 -35.09
C ASN IB 95 17.48 51.95 -36.24
N ASN IB 96 18.59 52.13 -36.96
CA ASN IB 96 18.68 52.98 -38.16
C ASN IB 96 18.30 54.42 -37.88
N LEU IB 97 18.89 54.98 -36.84
CA LEU IB 97 18.76 56.41 -36.55
C LEU IB 97 20.04 57.08 -37.00
N LYS IB 98 19.91 58.12 -37.82
CA LYS IB 98 21.00 59.05 -37.96
C LYS IB 98 20.90 60.09 -36.86
N PHE IB 99 21.98 60.85 -36.68
CA PHE IB 99 21.94 61.96 -35.74
C PHE IB 99 21.03 63.07 -36.25
N SER IB 100 20.92 63.20 -37.57
CA SER IB 100 20.06 64.24 -38.14
C SER IB 100 18.60 63.85 -38.07
N ASP IB 101 18.31 62.57 -37.85
CA ASP IB 101 16.92 62.12 -37.80
C ASP IB 101 16.24 62.48 -36.49
N ILE IB 102 17.01 62.77 -35.46
CA ILE IB 102 16.42 63.04 -34.14
C ILE IB 102 15.85 64.45 -34.14
N PRO IB 103 14.62 64.65 -33.66
CA PRO IB 103 14.05 66.00 -33.60
C PRO IB 103 14.81 66.90 -32.64
N THR IB 104 14.72 68.20 -32.89
CA THR IB 104 15.53 69.16 -32.16
C THR IB 104 14.76 69.83 -31.02
N GLY IB 105 13.46 69.65 -30.93
CA GLY IB 105 12.69 70.29 -29.90
C GLY IB 105 12.66 69.50 -28.62
N VAL IB 106 11.47 69.33 -28.05
CA VAL IB 106 11.30 68.56 -26.83
C VAL IB 106 11.44 67.07 -27.11
N ASP IB 107 11.08 66.63 -28.32
CA ASP IB 107 10.98 65.21 -28.63
C ASP IB 107 12.31 64.60 -29.04
N GLY IB 108 13.44 65.19 -28.62
CA GLY IB 108 14.73 64.62 -28.97
C GLY IB 108 15.04 63.38 -28.18
N ILE IB 109 14.81 63.42 -26.86
CA ILE IB 109 15.13 62.28 -26.01
C ILE IB 109 14.17 61.13 -26.27
N ARG IB 110 12.93 61.45 -26.65
CA ARG IB 110 11.96 60.41 -26.95
C ARG IB 110 12.29 59.65 -28.22
N ALA IB 111 13.16 60.20 -29.08
CA ALA IB 111 13.66 59.48 -30.23
C ALA IB 111 14.85 58.60 -29.90
N ILE IB 112 15.53 58.85 -28.79
CA ILE IB 112 16.67 58.03 -28.37
C ILE IB 112 16.17 56.66 -27.94
N PRO IB 113 16.75 55.57 -28.45
CA PRO IB 113 16.31 54.24 -28.01
C PRO IB 113 16.69 53.96 -26.57
N THR IB 114 15.96 53.02 -25.97
CA THR IB 114 16.09 52.75 -24.55
C THR IB 114 17.42 52.10 -24.19
N ALA IB 115 18.12 51.51 -25.16
CA ALA IB 115 19.46 51.02 -24.89
C ALA IB 115 20.43 52.18 -24.78
N GLY IB 116 20.12 53.31 -25.40
CA GLY IB 116 20.95 54.48 -25.28
C GLY IB 116 20.62 55.27 -24.04
N LEU IB 117 19.35 55.22 -23.64
CA LEU IB 117 18.97 55.84 -22.37
C LEU IB 117 19.52 55.05 -21.20
N ALA IB 118 19.75 53.75 -21.38
CA ALA IB 118 20.40 52.97 -20.33
C ALA IB 118 21.87 53.31 -20.23
N GLN IB 119 22.51 53.67 -21.35
CA GLN IB 119 23.91 54.05 -21.29
C GLN IB 119 24.11 55.40 -20.63
N ILE IB 120 23.14 56.31 -20.78
CA ILE IB 120 23.26 57.63 -20.15
C ILE IB 120 23.04 57.52 -18.65
N LEU IB 121 22.00 56.80 -18.25
CA LEU IB 121 21.68 56.71 -16.83
C LEU IB 121 22.70 55.91 -16.06
N ALA IB 122 23.35 54.93 -16.70
CA ALA IB 122 24.39 54.18 -16.02
C ALA IB 122 25.66 55.03 -15.88
N PHE IB 123 25.84 56.00 -16.78
CA PHE IB 123 27.04 56.83 -16.71
C PHE IB 123 26.89 57.92 -15.65
N PHE IB 124 25.79 58.66 -15.69
CA PHE IB 124 25.64 59.77 -14.76
C PHE IB 124 25.25 59.30 -13.37
N ALA IB 125 24.90 58.03 -13.21
CA ALA IB 125 24.86 57.47 -11.87
C ALA IB 125 26.26 57.39 -11.30
N LEU IB 126 27.26 57.13 -12.14
CA LEU IB 126 28.62 57.07 -11.66
C LEU IB 126 29.17 58.48 -11.47
N VAL IB 127 28.66 59.44 -12.24
CA VAL IB 127 29.09 60.81 -12.05
C VAL IB 127 28.46 61.40 -10.80
N GLU IB 128 27.15 61.29 -10.67
CA GLU IB 128 26.47 62.12 -9.68
C GLU IB 128 26.47 61.46 -8.30
N LEU IB 129 26.91 60.21 -8.21
CA LEU IB 129 27.05 59.58 -6.92
C LEU IB 129 28.50 59.43 -6.49
N ALA IB 130 29.36 59.02 -7.41
CA ALA IB 130 30.72 58.66 -7.05
C ALA IB 130 31.71 59.79 -7.28
N TRP IB 131 31.86 60.22 -8.52
CA TRP IB 131 32.93 61.15 -8.86
C TRP IB 131 32.61 62.58 -8.47
N MET IB 132 31.43 63.06 -8.86
CA MET IB 132 30.97 64.40 -8.51
C MET IB 132 29.69 64.22 -7.69
N PRO IB 133 29.81 63.88 -6.41
CA PRO IB 133 28.62 63.46 -5.65
C PRO IB 133 27.72 64.63 -5.34
N ALA IB 134 26.44 64.47 -5.68
CA ALA IB 134 25.47 65.54 -5.46
C ALA IB 134 25.16 65.75 -3.99
N SER IB 135 25.49 64.79 -3.13
CA SER IB 135 25.33 64.99 -1.70
C SER IB 135 26.34 65.97 -1.14
N LYS IB 136 27.40 66.29 -1.87
CA LYS IB 136 28.36 67.31 -1.46
C LYS IB 136 27.73 68.67 -1.68
N TYR IB 137 27.22 69.27 -0.62
CA TYR IB 137 26.46 70.50 -0.74
C TYR IB 137 27.33 71.73 -0.96
N ASP IB 138 28.65 71.60 -0.98
CA ASP IB 138 29.48 72.74 -1.32
C ASP IB 138 29.50 72.99 -2.82
N GLY IB 139 29.47 71.91 -3.61
CA GLY IB 139 29.47 72.03 -5.05
C GLY IB 139 30.82 72.30 -5.68
N ASP IB 140 31.89 72.30 -4.90
CA ASP IB 140 33.22 72.69 -5.36
C ASP IB 140 34.10 71.48 -5.63
N TYR IB 141 33.50 70.48 -6.30
CA TYR IB 141 33.89 69.08 -6.33
C TYR IB 141 35.37 68.80 -6.51
N GLY IB 142 35.92 69.08 -7.68
CA GLY IB 142 37.35 69.04 -7.77
C GLY IB 142 37.99 70.16 -8.53
N VAL IB 143 37.23 70.78 -9.42
CA VAL IB 143 37.78 71.52 -10.53
C VAL IB 143 37.58 73.01 -10.27
N GLY IB 144 38.64 73.78 -10.47
CA GLY IB 144 38.53 75.21 -10.39
C GLY IB 144 37.84 75.79 -11.60
N TYR IB 145 37.85 77.11 -11.67
CA TYR IB 145 37.35 77.79 -12.84
C TYR IB 145 38.40 77.61 -13.92
N PHE IB 146 38.13 76.67 -14.83
CA PHE IB 146 39.09 76.17 -15.82
C PHE IB 146 40.35 75.67 -15.13
N GLY IB 147 40.17 74.71 -14.22
CA GLY IB 147 41.29 74.00 -13.64
C GLY IB 147 41.99 74.69 -12.49
N THR IB 148 41.89 76.00 -12.38
CA THR IB 148 42.56 76.75 -11.32
C THR IB 148 41.53 77.42 -10.44
N ASP IB 149 41.81 77.49 -9.15
CA ASP IB 149 40.94 78.26 -8.29
C ASP IB 149 41.22 79.75 -8.44
N ILE IB 150 40.41 80.55 -7.78
CA ILE IB 150 40.53 82.00 -7.84
C ILE IB 150 40.94 82.45 -6.46
N LYS IB 151 42.23 82.75 -6.29
CA LYS IB 151 42.77 83.08 -4.99
C LYS IB 151 42.34 84.43 -4.46
N ASP IB 152 42.01 85.37 -5.35
CA ASP IB 152 41.52 86.67 -4.95
C ASP IB 152 40.12 86.51 -4.37
N PRO IB 153 39.89 86.88 -3.10
CA PRO IB 153 38.59 86.59 -2.47
C PRO IB 153 37.44 87.38 -3.07
N GLU IB 154 37.71 88.57 -3.58
CA GLU IB 154 36.65 89.34 -4.22
C GLU IB 154 36.29 88.76 -5.57
N GLU IB 155 37.28 88.32 -6.33
CA GLU IB 155 37.00 87.78 -7.66
C GLU IB 155 36.43 86.37 -7.57
N LYS IB 156 36.81 85.62 -6.55
CA LYS IB 156 36.18 84.32 -6.34
C LYS IB 156 34.74 84.50 -5.91
N ALA IB 157 34.46 85.52 -5.11
CA ALA IB 157 33.10 85.83 -4.74
C ALA IB 157 32.38 86.63 -5.82
N ARG IB 158 33.11 87.07 -6.84
CA ARG IB 158 32.45 87.62 -8.00
C ARG IB 158 31.86 86.54 -8.87
N LYS IB 159 32.67 85.62 -9.37
CA LYS IB 159 32.24 84.67 -10.37
C LYS IB 159 31.29 83.62 -9.82
N LEU IB 160 31.24 83.44 -8.51
CA LEU IB 160 30.20 82.62 -7.94
C LEU IB 160 28.82 83.26 -8.05
N ASN IB 161 28.72 84.59 -7.96
CA ASN IB 161 27.50 85.27 -8.37
C ASN IB 161 27.21 85.07 -9.83
N VAL IB 162 28.24 84.99 -10.66
CA VAL IB 162 28.05 84.90 -12.09
C VAL IB 162 27.57 83.51 -12.48
N GLU IB 163 28.04 82.47 -11.78
CA GLU IB 163 27.51 81.14 -12.00
C GLU IB 163 26.06 81.06 -11.57
N LEU IB 164 25.68 81.82 -10.55
CA LEU IB 164 24.28 81.83 -10.14
C LEU IB 164 23.43 82.65 -11.10
N ASN IB 165 23.89 83.83 -11.49
CA ASN IB 165 23.00 84.72 -12.25
C ASN IB 165 22.84 84.27 -13.69
N ASN IB 166 23.93 83.84 -14.35
CA ASN IB 166 23.76 83.10 -15.60
C ASN IB 166 23.02 81.78 -15.37
N GLY IB 167 23.10 81.22 -14.17
CA GLY IB 167 22.35 80.02 -13.87
C GLY IB 167 20.88 80.26 -13.60
N ARG IB 168 20.55 81.34 -12.91
CA ARG IB 168 19.15 81.68 -12.66
C ARG IB 168 18.45 82.06 -13.95
N ALA IB 169 19.13 82.80 -14.82
CA ALA IB 169 18.54 83.19 -16.09
C ALA IB 169 18.37 82.01 -17.02
N ALA IB 170 19.20 80.98 -16.88
CA ALA IB 170 19.08 79.82 -17.76
C ALA IB 170 17.89 78.94 -17.38
N MET IB 171 17.50 78.96 -16.10
CA MET IB 171 16.31 78.21 -15.70
C MET IB 171 15.06 78.85 -16.31
N MET IB 172 15.01 80.17 -16.32
CA MET IB 172 13.91 80.87 -16.96
C MET IB 172 14.00 80.83 -18.47
N GLY IB 173 15.13 80.43 -19.02
CA GLY IB 173 15.27 80.32 -20.46
C GLY IB 173 14.79 79.00 -21.01
N ILE IB 174 15.04 77.92 -20.27
CA ILE IB 174 14.58 76.60 -20.70
C ILE IB 174 13.06 76.50 -20.59
N MET IB 175 12.49 77.08 -19.53
CA MET IB 175 11.04 77.18 -19.44
C MET IB 175 10.47 78.07 -20.53
N GLY IB 176 11.24 79.04 -21.01
CA GLY IB 176 10.85 79.79 -22.19
C GLY IB 176 10.91 78.98 -23.46
N ASN IB 177 11.73 77.94 -23.50
CA ASN IB 177 11.73 77.02 -24.63
C ASN IB 177 10.66 75.97 -24.53
N MET IB 178 10.65 75.21 -23.44
CA MET IB 178 9.81 74.02 -23.36
C MET IB 178 8.33 74.32 -23.32
N VAL IB 179 7.96 75.55 -22.98
CA VAL IB 179 6.57 75.97 -23.07
C VAL IB 179 6.26 76.52 -24.46
N ALA IB 180 7.12 77.36 -25.02
CA ALA IB 180 6.87 77.89 -26.35
C ALA IB 180 7.20 76.91 -27.47
N GLU IB 181 7.69 75.72 -27.16
CA GLU IB 181 7.80 74.66 -28.14
C GLU IB 181 6.63 73.69 -28.10
N VAL IB 182 5.83 73.72 -27.04
CA VAL IB 182 4.62 72.92 -26.95
C VAL IB 182 3.39 73.71 -27.36
N LEU IB 183 3.29 74.97 -26.93
CA LEU IB 183 2.13 75.78 -27.27
C LEU IB 183 2.15 76.16 -28.75
N THR IB 184 3.32 76.53 -29.28
CA THR IB 184 3.41 76.74 -30.71
C THR IB 184 3.52 75.43 -31.48
N GLY IB 185 3.84 74.34 -30.80
CA GLY IB 185 3.91 73.04 -31.44
C GLY IB 185 5.04 72.86 -32.41
N GLN IB 186 6.05 73.74 -32.38
CA GLN IB 186 7.15 73.72 -33.32
C GLN IB 186 8.46 73.65 -32.56
N THR IB 187 9.54 73.45 -33.29
CA THR IB 187 10.85 73.60 -32.70
C THR IB 187 11.20 75.08 -32.62
N MET IB 188 12.36 75.39 -32.04
CA MET IB 188 12.78 76.78 -32.05
C MET IB 188 13.19 77.21 -33.44
N TYR IB 189 13.77 76.31 -34.23
CA TYR IB 189 14.19 76.63 -35.57
C TYR IB 189 13.01 76.94 -36.49
N GLU IB 190 11.89 76.25 -36.30
CA GLU IB 190 10.73 76.49 -37.14
C GLU IB 190 10.01 77.78 -36.79
N GLN IB 191 10.15 78.27 -35.55
CA GLN IB 191 9.49 79.52 -35.19
C GLN IB 191 10.16 80.70 -35.86
N TYR IB 192 11.49 80.74 -35.86
CA TYR IB 192 12.20 81.81 -36.52
C TYR IB 192 12.16 81.68 -38.02
N ALA IB 193 12.02 80.46 -38.54
CA ALA IB 193 11.92 80.27 -39.97
C ALA IB 193 10.58 80.76 -40.50
N SER IB 194 9.50 80.34 -39.87
CA SER IB 194 8.16 80.72 -40.31
C SER IB 194 7.80 82.14 -39.93
N GLY IB 195 8.60 82.80 -39.10
CA GLY IB 195 8.23 84.12 -38.64
C GLY IB 195 7.10 84.10 -37.63
N HIS IB 196 7.05 83.06 -36.80
CA HIS IB 196 6.02 82.93 -35.78
C HIS IB 196 6.49 83.51 -34.45
N ILE IB 197 7.27 84.59 -34.51
CA ILE IB 197 7.78 85.25 -33.32
C ILE IB 197 6.63 85.94 -32.58
N SER IB 198 5.60 86.36 -33.31
CA SER IB 198 4.45 86.98 -32.69
C SER IB 198 3.66 85.95 -31.88
N PRO IB 199 3.17 86.31 -30.70
CA PRO IB 199 2.45 85.32 -29.87
C PRO IB 199 1.01 85.11 -30.30
N PHE IB 200 0.65 83.85 -30.49
CA PHE IB 200 -0.73 83.49 -30.79
C PHE IB 200 -1.61 83.60 -29.56
N GLY IB 201 -1.08 83.21 -28.41
CA GLY IB 201 -1.77 83.37 -27.14
C GLY IB 201 -1.25 84.57 -26.39
N ASP IB 202 -0.37 84.34 -25.43
CA ASP IB 202 0.35 85.42 -24.77
C ASP IB 202 1.80 84.99 -24.63
N GLY IB 203 2.68 85.96 -24.53
CA GLY IB 203 4.10 85.66 -24.36
C GLY IB 203 4.80 86.79 -23.66
N GLN IB 204 5.52 86.44 -22.60
CA GLN IB 204 6.24 87.43 -21.79
C GLN IB 204 7.72 87.11 -21.85
N GLY IB 205 8.48 88.00 -22.48
CA GLY IB 205 9.92 87.84 -22.59
C GLY IB 205 10.65 89.10 -22.18
N VAL IB 206 11.97 89.09 -22.34
CA VAL IB 206 12.78 90.27 -22.03
C VAL IB 206 13.28 90.91 -23.32
N SER JB 31 48.02 104.90 -9.87
CA SER JB 31 47.63 106.30 -10.07
C SER JB 31 47.22 106.53 -11.51
N GLU JB 32 46.05 107.13 -11.71
CA GLU JB 32 45.52 107.27 -13.06
C GLU JB 32 46.21 108.40 -13.82
N ILE JB 33 46.94 109.26 -13.11
CA ILE JB 33 47.67 110.33 -13.77
C ILE JB 33 48.84 109.75 -14.59
N GLU JB 34 49.49 108.72 -14.05
CA GLU JB 34 50.66 108.18 -14.71
C GLU JB 34 50.32 107.19 -15.81
N LEU JB 35 49.05 106.93 -16.09
CA LEU JB 35 48.70 105.86 -16.99
C LEU JB 35 48.74 106.31 -18.45
N GLY JB 36 48.64 107.61 -18.69
CA GLY JB 36 48.63 108.07 -20.07
C GLY JB 36 50.04 108.27 -20.61
N VAL JB 37 51.02 108.35 -19.72
CA VAL JB 37 52.36 108.74 -20.11
C VAL JB 37 53.10 107.57 -20.72
N THR JB 38 53.63 107.78 -21.93
CA THR JB 38 54.47 106.79 -22.58
C THR JB 38 55.78 107.51 -22.89
N GLU JB 39 56.73 106.85 -23.54
CA GLU JB 39 58.09 107.35 -23.72
C GLU JB 39 58.27 108.58 -24.63
N PRO JB 40 57.82 108.60 -25.92
CA PRO JB 40 58.33 109.64 -26.83
C PRO JB 40 57.81 111.03 -26.53
N LEU JB 41 56.64 111.13 -25.90
CA LEU JB 41 56.12 112.46 -25.59
C LEU JB 41 56.14 112.74 -24.10
N GLY JB 42 55.97 111.70 -23.28
CA GLY JB 42 55.87 111.96 -21.86
C GLY JB 42 54.52 112.55 -21.50
N VAL JB 43 54.53 113.42 -20.48
CA VAL JB 43 53.34 114.16 -20.12
C VAL JB 43 53.10 115.20 -21.20
N TYR JB 44 52.07 115.00 -22.01
CA TYR JB 44 51.86 115.85 -23.18
C TYR JB 44 50.51 116.53 -23.10
N ASP JB 45 50.53 117.84 -22.89
CA ASP JB 45 49.34 118.65 -23.03
C ASP JB 45 49.69 120.05 -23.49
N PRO JB 46 49.39 120.38 -24.74
CA PRO JB 46 49.59 121.77 -25.20
C PRO JB 46 48.59 122.73 -24.60
N LEU JB 47 47.37 122.26 -24.33
CA LEU JB 47 46.36 123.13 -23.75
C LEU JB 47 46.59 123.32 -22.27
N GLY JB 48 47.23 122.34 -21.62
CA GLY JB 48 47.55 122.45 -20.22
C GLY JB 48 46.37 122.30 -19.29
N TRP JB 49 45.43 121.39 -19.57
CA TRP JB 49 44.30 121.21 -18.68
C TRP JB 49 44.67 120.44 -17.43
N LEU JB 50 45.85 119.84 -17.40
CA LEU JB 50 46.29 119.11 -16.21
C LEU JB 50 46.53 120.04 -15.04
N GLU JB 51 47.00 121.25 -15.32
CA GLU JB 51 47.25 122.21 -14.24
C GLU JB 51 46.08 123.17 -14.08
N SER JB 52 45.41 123.51 -15.18
CA SER JB 52 44.35 124.50 -15.10
C SER JB 52 43.09 123.93 -14.46
N GLU JB 53 42.59 122.82 -15.00
CA GLU JB 53 41.37 122.18 -14.49
C GLU JB 53 41.68 120.73 -14.13
N PRO JB 54 42.23 120.49 -12.94
CA PRO JB 54 42.59 119.12 -12.57
C PRO JB 54 41.40 118.31 -12.08
N GLU JB 55 40.28 118.99 -11.84
CA GLU JB 55 39.09 118.28 -11.37
C GLU JB 55 38.42 117.52 -12.50
N ALA JB 56 38.59 117.98 -13.74
CA ALA JB 56 37.92 117.34 -14.86
C ALA JB 56 38.62 116.05 -15.26
N PHE JB 57 39.89 115.89 -14.85
CA PHE JB 57 40.77 114.81 -15.29
C PHE JB 57 40.23 113.42 -15.03
N GLU JB 58 39.47 113.26 -13.95
CA GLU JB 58 38.88 111.96 -13.65
C GLU JB 58 37.79 111.61 -14.66
N ARG JB 59 37.13 112.62 -15.22
CA ARG JB 59 36.21 112.35 -16.32
C ARG JB 59 36.96 112.24 -17.64
N ARG JB 60 37.92 113.15 -17.87
CA ARG JB 60 38.61 113.23 -19.15
C ARG JB 60 39.40 111.96 -19.44
N ARG JB 61 39.98 111.35 -18.41
CA ARG JB 61 40.62 110.06 -18.59
C ARG JB 61 39.60 108.98 -18.89
N ALA JB 62 38.45 109.03 -18.23
CA ALA JB 62 37.41 108.04 -18.46
C ALA JB 62 36.67 108.29 -19.76
N VAL JB 63 37.01 109.36 -20.46
CA VAL JB 63 36.49 109.54 -21.82
C VAL JB 63 37.56 109.14 -22.84
N GLU JB 64 38.83 109.41 -22.56
CA GLU JB 64 39.89 108.99 -23.47
C GLU JB 64 40.00 107.47 -23.51
N ARG JB 65 39.69 106.80 -22.40
CA ARG JB 65 39.50 105.35 -22.47
C ARG JB 65 38.25 105.00 -23.26
N LYS JB 66 37.19 105.78 -23.10
CA LYS JB 66 35.90 105.37 -23.63
C LYS JB 66 35.82 105.54 -25.13
N HIS JB 67 36.24 106.70 -25.63
CA HIS JB 67 36.39 106.87 -27.07
C HIS JB 67 37.46 105.95 -27.63
N GLY JB 68 38.41 105.55 -26.79
CA GLY JB 68 39.41 104.59 -27.22
C GLY JB 68 38.81 103.22 -27.47
N ARG JB 69 38.08 102.69 -26.50
CA ARG JB 69 37.56 101.33 -26.58
C ARG JB 69 36.52 101.20 -27.68
N VAL JB 70 35.82 102.28 -28.01
CA VAL JB 70 34.90 102.23 -29.14
C VAL JB 70 35.66 102.27 -30.45
N ALA JB 71 36.75 103.04 -30.50
CA ALA JB 71 37.52 103.14 -31.73
C ALA JB 71 38.28 101.85 -32.03
N MET JB 72 38.78 101.18 -30.99
CA MET JB 72 39.51 99.94 -31.19
C MET JB 72 38.61 98.84 -31.71
N ALA JB 73 37.35 98.81 -31.28
CA ALA JB 73 36.39 97.85 -31.79
C ALA JB 73 35.78 98.29 -33.10
N ALA JB 74 36.17 99.45 -33.62
CA ALA JB 74 35.69 99.91 -34.90
C ALA JB 74 36.71 99.74 -36.02
N VAL JB 75 38.00 99.82 -35.69
CA VAL JB 75 39.03 99.54 -36.69
C VAL JB 75 38.96 98.07 -37.09
N VAL JB 76 38.84 97.19 -36.10
CA VAL JB 76 38.63 95.78 -36.37
C VAL JB 76 37.30 95.57 -37.09
N GLY JB 77 36.30 96.39 -36.76
CA GLY JB 77 35.06 96.36 -37.52
C GLY JB 77 35.22 96.88 -38.92
N THR JB 78 36.22 97.73 -39.16
CA THR JB 78 36.46 98.20 -40.52
C THR JB 78 37.14 97.11 -41.33
N ILE JB 79 38.07 96.40 -40.72
CA ILE JB 79 38.88 95.42 -41.43
C ILE JB 79 38.07 94.17 -41.75
N VAL JB 80 37.31 93.68 -40.78
CA VAL JB 80 36.53 92.45 -40.96
C VAL JB 80 35.42 92.67 -41.98
N HIS JB 81 34.83 93.86 -41.99
CA HIS JB 81 33.80 94.14 -42.98
C HIS JB 81 34.40 94.29 -44.37
N ASN JB 82 35.66 94.65 -44.48
CA ASN JB 82 36.29 94.86 -45.78
C ASN JB 82 37.06 93.66 -46.29
N ASN JB 83 37.31 92.65 -45.47
CA ASN JB 83 37.79 91.37 -45.96
C ASN JB 83 36.67 90.48 -46.46
N HIS JB 84 35.45 91.01 -46.48
CA HIS JB 84 34.23 90.28 -46.85
C HIS JB 84 34.03 89.06 -45.97
N ILE JB 85 34.42 89.17 -44.70
CA ILE JB 85 34.08 88.16 -43.70
C ILE JB 85 32.64 88.45 -43.30
N VAL JB 86 31.72 87.71 -43.88
CA VAL JB 86 30.29 87.96 -43.78
C VAL JB 86 29.67 86.73 -43.11
N PHE JB 87 28.59 86.96 -42.35
CA PHE JB 87 27.93 85.87 -41.64
C PHE JB 87 27.31 84.82 -42.55
N ASP JB 88 27.12 85.14 -43.84
CA ASP JB 88 26.63 84.21 -44.86
C ASP JB 88 25.24 83.70 -44.49
N GLY JB 89 24.41 84.61 -44.00
CA GLY JB 89 23.05 84.27 -43.66
C GLY JB 89 22.11 85.26 -44.33
N TYR JB 90 20.84 85.12 -44.01
CA TYR JB 90 19.80 85.99 -44.55
C TYR JB 90 19.30 86.88 -43.42
N LEU JB 91 19.74 88.13 -43.43
CA LEU JB 91 19.55 89.03 -42.28
C LEU JB 91 18.09 89.35 -42.03
N SER JB 92 17.43 89.97 -42.97
CA SER JB 92 16.06 90.38 -42.76
C SER JB 92 15.15 89.51 -43.58
N PRO JB 93 14.34 88.65 -42.97
CA PRO JB 93 13.33 87.94 -43.77
C PRO JB 93 12.23 88.86 -44.26
N SER JB 94 11.98 89.98 -43.57
CA SER JB 94 10.94 90.89 -44.01
C SER JB 94 11.46 91.85 -45.08
N ASN JB 95 12.52 92.58 -44.77
CA ASN JB 95 13.02 93.62 -45.67
C ASN JB 95 13.94 93.08 -46.76
N ASN JB 96 14.20 91.76 -46.74
CA ASN JB 96 14.99 91.06 -47.75
C ASN JB 96 16.41 91.61 -47.86
N LEU JB 97 17.07 91.76 -46.73
CA LEU JB 97 18.48 92.09 -46.68
C LEU JB 97 19.26 90.82 -46.40
N LYS JB 98 20.24 90.52 -47.25
CA LYS JB 98 21.27 89.60 -46.83
C LYS JB 98 22.34 90.36 -46.07
N PHE JB 99 23.20 89.61 -45.39
CA PHE JB 99 24.34 90.24 -44.74
C PHE JB 99 25.34 90.75 -45.77
N SER JB 100 25.41 90.11 -46.93
CA SER JB 100 26.33 90.55 -47.96
C SER JB 100 25.81 91.78 -48.69
N ASP JB 101 24.51 92.07 -48.55
CA ASP JB 101 23.94 93.21 -49.25
C ASP JB 101 24.28 94.54 -48.59
N ILE JB 102 24.69 94.50 -47.33
CA ILE JB 102 24.97 95.74 -46.60
C ILE JB 102 26.32 96.29 -47.04
N PRO JB 103 26.41 97.59 -47.36
CA PRO JB 103 27.71 98.16 -47.74
C PRO JB 103 28.70 98.13 -46.60
N THR JB 104 29.97 98.14 -46.97
CA THR JB 104 31.05 97.94 -46.00
C THR JB 104 31.69 99.24 -45.55
N GLY JB 105 31.38 100.36 -46.19
CA GLY JB 105 32.00 101.61 -45.82
C GLY JB 105 31.26 102.32 -44.71
N VAL JB 106 31.00 103.61 -44.91
CA VAL JB 106 30.28 104.38 -43.91
C VAL JB 106 28.79 104.03 -43.93
N ASP JB 107 28.26 103.63 -45.09
CA ASP JB 107 26.83 103.46 -45.27
C ASP JB 107 26.34 102.09 -44.82
N GLY JB 108 27.05 101.44 -43.91
CA GLY JB 108 26.60 100.15 -43.42
C GLY JB 108 25.42 100.27 -42.47
N ILE JB 109 25.49 101.20 -41.52
CA ILE JB 109 24.42 101.35 -40.55
C ILE JB 109 23.18 101.94 -41.19
N ARG JB 110 23.36 102.77 -42.22
CA ARG JB 110 22.22 103.34 -42.92
C ARG JB 110 21.45 102.30 -43.73
N ALA JB 111 22.04 101.14 -43.99
CA ALA JB 111 21.32 100.03 -44.60
C ALA JB 111 20.58 99.18 -43.58
N ILE JB 112 20.94 99.26 -42.31
CA ILE JB 112 20.25 98.51 -41.26
C ILE JB 112 18.85 99.09 -41.06
N PRO JB 113 17.81 98.28 -41.05
CA PRO JB 113 16.46 98.81 -40.83
C PRO JB 113 16.27 99.29 -39.40
N THR JB 114 15.29 100.18 -39.22
CA THR JB 114 15.11 100.85 -37.95
C THR JB 114 14.60 99.92 -36.86
N ALA JB 115 14.03 98.78 -37.22
CA ALA JB 115 13.69 97.79 -36.20
C ALA JB 115 14.95 97.11 -35.67
N GLY JB 116 16.01 97.09 -36.45
CA GLY JB 116 17.26 96.54 -36.00
C GLY JB 116 18.06 97.56 -35.23
N LEU JB 117 17.92 98.82 -35.60
CA LEU JB 117 18.54 99.88 -34.82
C LEU JB 117 17.86 100.04 -33.47
N ALA JB 118 16.58 99.69 -33.39
CA ALA JB 118 15.91 99.70 -32.10
C ALA JB 118 16.41 98.56 -31.21
N GLN JB 119 16.77 97.43 -31.81
CA GLN JB 119 17.28 96.31 -31.01
C GLN JB 119 18.67 96.61 -30.48
N ILE JB 120 19.49 97.36 -31.22
CA ILE JB 120 20.82 97.70 -30.75
C ILE JB 120 20.77 98.71 -29.63
N LEU JB 121 19.97 99.76 -29.82
CA LEU JB 121 19.90 100.83 -28.82
C LEU JB 121 19.23 100.36 -27.54
N ALA JB 122 18.30 99.42 -27.62
CA ALA JB 122 17.69 98.90 -26.40
C ALA JB 122 18.66 98.00 -25.66
N PHE JB 123 19.59 97.38 -26.38
CA PHE JB 123 20.54 96.49 -25.74
C PHE JB 123 21.66 97.26 -25.05
N PHE JB 124 22.29 98.19 -25.76
CA PHE JB 124 23.42 98.89 -25.16
C PHE JB 124 22.97 99.97 -24.20
N ALA JB 125 21.68 100.28 -24.16
CA ALA JB 125 21.18 101.04 -23.03
C ALA JB 125 21.25 100.20 -21.76
N LEU JB 126 21.05 98.89 -21.88
CA LEU JB 126 21.15 98.04 -20.71
C LEU JB 126 22.61 97.77 -20.37
N VAL JB 127 23.49 97.81 -21.37
CA VAL JB 127 24.90 97.64 -21.10
C VAL JB 127 25.48 98.90 -20.48
N GLU JB 128 25.24 100.05 -21.09
CA GLU JB 128 26.05 101.21 -20.73
C GLU JB 128 25.45 101.95 -19.53
N LEU JB 129 24.26 101.57 -19.11
CA LEU JB 129 23.69 102.15 -17.90
C LEU JB 129 23.71 101.18 -16.72
N ALA JB 130 23.34 99.94 -16.97
CA ALA JB 130 23.11 98.99 -15.87
C ALA JB 130 24.33 98.11 -15.61
N TRP JB 131 24.73 97.32 -16.60
CA TRP JB 131 25.73 96.29 -16.35
C TRP JB 131 27.14 96.86 -16.34
N MET JB 132 27.49 97.63 -17.36
CA MET JB 132 28.79 98.29 -17.45
C MET JB 132 28.53 99.78 -17.48
N PRO JB 133 28.25 100.40 -16.33
CA PRO JB 133 27.76 101.78 -16.32
C PRO JB 133 28.86 102.76 -16.69
N ALA JB 134 28.55 103.61 -17.66
CA ALA JB 134 29.53 104.60 -18.11
C ALA JB 134 29.78 105.69 -17.09
N SER JB 135 28.89 105.86 -16.11
CA SER JB 135 29.12 106.80 -15.04
C SER JB 135 30.23 106.34 -14.10
N LYS JB 136 30.62 105.07 -14.14
CA LYS JB 136 31.73 104.57 -13.36
C LYS JB 136 33.02 105.04 -14.01
N TYR JB 137 33.62 106.10 -13.48
CA TYR JB 137 34.77 106.73 -14.11
C TYR JB 137 36.06 105.95 -13.91
N ASP JB 138 36.05 104.84 -13.19
CA ASP JB 138 37.26 104.03 -13.10
C ASP JB 138 37.44 103.18 -14.35
N GLY JB 139 36.33 102.69 -14.91
CA GLY JB 139 36.39 101.90 -16.12
C GLY JB 139 36.76 100.45 -15.91
N ASP JB 140 36.89 100.00 -14.66
CA ASP JB 140 37.39 98.67 -14.35
C ASP JB 140 36.26 97.72 -13.97
N TYR JB 141 35.18 97.78 -14.76
CA TYR JB 141 33.82 97.37 -14.44
C TYR JB 141 33.68 96.03 -13.73
N GLY JB 142 33.96 94.94 -14.42
CA GLY JB 142 34.05 93.70 -13.68
C GLY JB 142 35.20 92.80 -14.06
N VAL JB 143 35.69 92.96 -15.28
CA VAL JB 143 36.45 91.92 -15.96
C VAL JB 143 37.91 92.31 -15.98
N GLY JB 144 38.78 91.38 -15.63
CA GLY JB 144 40.19 91.59 -15.75
C GLY JB 144 40.66 91.51 -17.18
N TYR JB 145 41.96 91.54 -17.34
CA TYR JB 145 42.54 91.32 -18.66
C TYR JB 145 42.41 89.84 -18.94
N PHE JB 146 41.41 89.50 -19.76
CA PHE JB 146 40.97 88.12 -20.00
C PHE JB 146 40.62 87.44 -18.68
N GLY JB 147 39.68 88.05 -17.94
CA GLY JB 147 39.11 87.42 -16.78
C GLY JB 147 39.91 87.53 -15.50
N THR JB 148 41.22 87.75 -15.58
CA THR JB 148 42.07 87.83 -14.40
C THR JB 148 42.67 89.22 -14.31
N ASP JB 149 42.82 89.72 -13.09
CA ASP JB 149 43.54 90.96 -12.94
C ASP JB 149 45.05 90.72 -13.04
N ILE JB 150 45.80 91.81 -13.02
CA ILE JB 150 47.25 91.75 -13.13
C ILE JB 150 47.79 92.22 -11.79
N LYS JB 151 48.22 91.28 -10.97
CA LYS JB 151 48.64 91.58 -9.62
C LYS JB 151 49.98 92.31 -9.56
N ASP JB 152 50.84 92.13 -10.56
CA ASP JB 152 52.11 92.84 -10.62
C ASP JB 152 51.85 94.31 -10.90
N PRO JB 153 52.23 95.23 -10.02
CA PRO JB 153 51.85 96.64 -10.20
C PRO JB 153 52.50 97.30 -11.40
N GLU JB 154 53.69 96.85 -11.78
CA GLU JB 154 54.33 97.40 -12.96
C GLU JB 154 53.67 96.90 -14.23
N GLU JB 155 53.28 95.63 -14.26
CA GLU JB 155 52.66 95.09 -15.46
C GLU JB 155 51.21 95.53 -15.59
N LYS JB 156 50.54 95.74 -14.46
CA LYS JB 156 49.20 96.31 -14.53
C LYS JB 156 49.26 97.75 -15.00
N ALA JB 157 50.27 98.49 -14.58
CA ALA JB 157 50.47 99.84 -15.06
C ALA JB 157 51.14 99.87 -16.42
N ARG JB 158 51.61 98.72 -16.90
CA ARG JB 158 52.05 98.65 -18.27
C ARG JB 158 50.89 98.57 -19.23
N LYS JB 159 50.03 97.56 -19.10
CA LYS JB 159 48.99 97.31 -20.09
C LYS JB 159 47.89 98.35 -20.07
N LEU JB 160 47.76 99.11 -19.00
CA LEU JB 160 46.86 100.26 -19.04
C LEU JB 160 47.36 101.35 -19.96
N ASN JB 161 48.68 101.57 -20.05
CA ASN JB 161 49.23 102.38 -21.14
C ASN JB 161 48.94 101.78 -22.50
N VAL JB 162 48.92 100.46 -22.58
CA VAL JB 162 48.75 99.80 -23.87
C VAL JB 162 47.31 99.91 -24.33
N GLU JB 163 46.35 99.84 -23.39
CA GLU JB 163 44.97 100.09 -23.76
C GLU JB 163 44.76 101.53 -24.19
N LEU JB 164 45.52 102.45 -23.63
CA LEU JB 164 45.42 103.84 -24.09
C LEU JB 164 46.12 104.04 -25.42
N ASN JB 165 47.32 103.52 -25.60
CA ASN JB 165 48.07 103.87 -26.80
C ASN JB 165 47.56 103.15 -28.04
N ASN JB 166 47.21 101.87 -27.94
CA ASN JB 166 46.40 101.25 -28.99
C ASN JB 166 45.03 101.93 -29.10
N GLY JB 167 44.53 102.52 -28.01
CA GLY JB 167 43.28 103.24 -28.07
C GLY JB 167 43.39 104.60 -28.71
N ARG JB 168 44.46 105.32 -28.41
CA ARG JB 168 44.67 106.63 -29.02
C ARG JB 168 44.92 106.51 -30.51
N ALA JB 169 45.69 105.50 -30.91
CA ALA JB 169 45.97 105.29 -32.32
C ALA JB 169 44.74 104.84 -33.08
N ALA JB 170 43.79 104.18 -32.41
CA ALA JB 170 42.60 103.73 -33.10
C ALA JB 170 41.64 104.86 -33.37
N MET JB 171 41.65 105.91 -32.53
CA MET JB 171 40.82 107.07 -32.81
C MET JB 171 41.30 107.79 -34.05
N MET JB 172 42.62 107.89 -34.22
CA MET JB 172 43.19 108.49 -35.41
C MET JB 172 43.09 107.56 -36.61
N GLY JB 173 42.77 106.29 -36.40
CA GLY JB 173 42.62 105.36 -37.49
C GLY JB 173 41.23 105.38 -38.10
N ILE JB 174 40.21 105.52 -37.25
CA ILE JB 174 38.84 105.59 -37.75
C ILE JB 174 38.61 106.89 -38.50
N MET JB 175 39.17 108.00 -37.99
CA MET JB 175 39.12 109.24 -38.74
C MET JB 175 39.91 109.15 -40.03
N GLY JB 176 40.93 108.29 -40.08
CA GLY JB 176 41.59 108.00 -41.34
C GLY JB 176 40.74 107.19 -42.28
N ASN JB 177 39.77 106.43 -41.76
CA ASN JB 177 38.83 105.74 -42.62
C ASN JB 177 37.67 106.63 -43.04
N MET JB 178 36.96 107.21 -42.08
CA MET JB 178 35.69 107.87 -42.37
C MET JB 178 35.87 109.13 -43.20
N VAL JB 179 37.07 109.70 -43.23
CA VAL JB 179 37.35 110.81 -44.12
C VAL JB 179 37.80 110.32 -45.49
N ALA JB 180 38.69 109.35 -45.54
CA ALA JB 180 39.15 108.82 -46.82
C ALA JB 180 38.15 107.87 -47.47
N GLU JB 181 37.02 107.57 -46.84
CA GLU JB 181 35.94 106.87 -47.50
C GLU JB 181 34.87 107.81 -48.03
N VAL JB 182 34.88 109.07 -47.61
CA VAL JB 182 33.96 110.07 -48.13
C VAL JB 182 34.61 110.89 -49.23
N LEU JB 183 35.87 111.29 -49.04
CA LEU JB 183 36.55 112.09 -50.05
C LEU JB 183 36.87 111.27 -51.29
N THR JB 184 37.32 110.03 -51.11
CA THR JB 184 37.48 109.15 -52.26
C THR JB 184 36.16 108.56 -52.72
N GLY JB 185 35.13 108.61 -51.88
CA GLY JB 185 33.81 108.13 -52.24
C GLY JB 185 33.71 106.63 -52.40
N GLN JB 186 34.68 105.87 -51.89
CA GLN JB 186 34.72 104.43 -52.05
C GLN JB 186 34.82 103.79 -50.68
N THR JB 187 34.69 102.46 -50.66
CA THR JB 187 34.99 101.72 -49.46
C THR JB 187 36.50 101.58 -49.33
N MET JB 188 36.94 100.96 -48.24
CA MET JB 188 38.37 100.68 -48.12
C MET JB 188 38.78 99.58 -49.08
N TYR JB 189 37.90 98.62 -49.33
CA TYR JB 189 38.20 97.52 -50.24
C TYR JB 189 38.35 98.00 -51.67
N GLU JB 190 37.57 98.99 -52.09
CA GLU JB 190 37.67 99.49 -53.44
C GLU JB 190 38.90 100.35 -53.68
N GLN JB 191 39.45 100.95 -52.62
CA GLN JB 191 40.64 101.77 -52.80
C GLN JB 191 41.85 100.91 -53.09
N TYR JB 192 42.01 99.82 -52.34
CA TYR JB 192 43.13 98.92 -52.59
C TYR JB 192 42.93 98.09 -53.83
N ALA JB 193 41.67 97.85 -54.23
CA ALA JB 193 41.42 97.11 -55.46
C ALA JB 193 41.75 97.95 -56.68
N SER JB 194 41.25 99.18 -56.73
CA SER JB 194 41.48 100.04 -57.87
C SER JB 194 42.89 100.65 -57.89
N GLY JB 195 43.65 100.48 -56.81
CA GLY JB 195 44.96 101.12 -56.76
C GLY JB 195 44.86 102.62 -56.57
N HIS JB 196 43.86 103.06 -55.80
CA HIS JB 196 43.67 104.49 -55.52
C HIS JB 196 44.35 104.89 -54.22
N ILE JB 197 45.49 104.26 -53.93
CA ILE JB 197 46.25 104.55 -52.73
C ILE JB 197 46.86 105.95 -52.81
N SER JB 198 47.14 106.42 -54.03
CA SER JB 198 47.69 107.76 -54.22
C SER JB 198 46.61 108.80 -53.90
N PRO JB 199 46.97 109.89 -53.22
CA PRO JB 199 45.96 110.89 -52.86
C PRO JB 199 45.60 111.82 -54.00
N PHE JB 200 44.29 111.95 -54.25
CA PHE JB 200 43.80 112.90 -55.24
C PHE JB 200 43.87 114.32 -54.72
N GLY JB 201 43.58 114.52 -53.44
CA GLY JB 201 43.73 115.81 -52.80
C GLY JB 201 45.01 115.86 -51.99
N ASP JB 202 44.90 115.66 -50.68
CA ASP JB 202 46.08 115.51 -49.83
C ASP JB 202 45.79 114.37 -48.88
N GLY JB 203 46.84 113.74 -48.39
CA GLY JB 203 46.69 112.66 -47.43
C GLY JB 203 47.91 112.54 -46.56
N GLN JB 204 47.68 112.52 -45.25
CA GLN JB 204 48.75 112.44 -44.28
C GLN JB 204 48.58 111.18 -43.46
N GLY JB 205 49.52 110.24 -43.63
CA GLY JB 205 49.49 109.00 -42.91
C GLY JB 205 50.83 108.67 -42.29
N VAL JB 206 50.95 107.50 -41.66
CA VAL JB 206 52.21 107.08 -41.07
C VAL JB 206 52.84 105.97 -41.90
N SER KB 31 71.10 86.34 -12.70
CA SER KB 31 72.43 86.65 -13.20
C SER KB 31 72.57 86.18 -14.65
N GLU KB 32 73.04 87.07 -15.52
CA GLU KB 32 73.09 86.75 -16.94
C GLU KB 32 74.25 85.83 -17.27
N ILE KB 33 75.22 85.69 -16.35
CA ILE KB 33 76.34 84.79 -16.57
C ILE KB 33 75.87 83.34 -16.53
N GLU KB 34 74.93 83.04 -15.64
CA GLU KB 34 74.50 81.66 -15.47
C GLU KB 34 73.45 81.23 -16.48
N LEU KB 35 73.05 82.11 -17.40
CA LEU KB 35 71.91 81.79 -18.25
C LEU KB 35 72.31 80.97 -19.46
N GLY KB 36 73.58 81.01 -19.84
CA GLY KB 36 74.00 80.25 -21.00
C GLY KB 36 74.34 78.82 -20.67
N VAL KB 37 74.55 78.53 -19.40
CA VAL KB 37 75.08 77.23 -19.00
C VAL KB 37 73.98 76.19 -18.99
N THR KB 38 74.21 75.09 -19.70
CA THR KB 38 73.29 73.95 -19.67
C THR KB 38 74.14 72.76 -19.25
N GLU KB 39 73.56 71.56 -19.19
CA GLU KB 39 74.21 70.38 -18.61
C GLU KB 39 75.41 69.81 -19.36
N PRO KB 40 75.34 69.44 -20.68
CA PRO KB 40 76.40 68.59 -21.23
C PRO KB 40 77.75 69.28 -21.40
N LEU KB 41 77.75 70.60 -21.54
CA LEU KB 41 79.01 71.30 -21.70
C LEU KB 41 79.33 72.16 -20.49
N GLY KB 42 78.32 72.69 -19.82
CA GLY KB 42 78.60 73.59 -18.73
C GLY KB 42 79.06 74.95 -19.25
N VAL KB 43 79.94 75.58 -18.49
CA VAL KB 43 80.56 76.83 -18.92
C VAL KB 43 81.54 76.47 -20.03
N TYR KB 44 81.21 76.84 -21.27
CA TYR KB 44 81.99 76.40 -22.42
C TYR KB 44 82.52 77.61 -23.16
N ASP KB 45 83.83 77.80 -23.10
CA ASP KB 45 84.51 78.76 -23.96
C ASP KB 45 85.93 78.30 -24.26
N PRO KB 46 86.19 77.87 -25.49
CA PRO KB 46 87.56 77.54 -25.87
C PRO KB 46 88.43 78.78 -26.02
N LEU KB 47 87.83 79.89 -26.45
CA LEU KB 47 88.61 81.11 -26.62
C LEU KB 47 88.87 81.78 -25.29
N GLY KB 48 88.00 81.55 -24.31
CA GLY KB 48 88.17 82.10 -22.99
C GLY KB 48 87.92 83.59 -22.87
N TRP KB 49 86.92 84.12 -23.56
CA TRP KB 49 86.64 85.55 -23.45
C TRP KB 49 85.95 85.90 -22.15
N LEU KB 50 85.48 84.90 -21.40
CA LEU KB 50 84.83 85.18 -20.11
C LEU KB 50 85.82 85.71 -19.10
N GLU KB 51 87.08 85.25 -19.16
CA GLU KB 51 88.08 85.72 -18.22
C GLU KB 51 88.92 86.85 -18.83
N SER KB 52 89.14 86.79 -20.14
CA SER KB 52 90.02 87.78 -20.76
C SER KB 52 89.33 89.12 -20.90
N GLU KB 53 88.15 89.16 -21.53
CA GLU KB 53 87.41 90.40 -21.74
C GLU KB 53 86.02 90.24 -21.14
N PRO KB 54 85.88 90.46 -19.83
CA PRO KB 54 84.56 90.27 -19.21
C PRO KB 54 83.64 91.47 -19.41
N GLU KB 55 84.20 92.57 -19.91
CA GLU KB 55 83.39 93.77 -20.13
C GLU KB 55 82.52 93.61 -21.37
N ALA KB 56 82.95 92.81 -22.33
CA ALA KB 56 82.21 92.67 -23.56
C ALA KB 56 80.99 91.77 -23.39
N PHE KB 57 80.98 90.95 -22.33
CA PHE KB 57 80.00 89.90 -22.10
C PHE KB 57 78.56 90.40 -22.06
N GLU KB 58 78.35 91.63 -21.59
CA GLU KB 58 77.00 92.18 -21.58
C GLU KB 58 76.51 92.46 -22.98
N ARG KB 59 77.42 92.77 -23.90
CA ARG KB 59 77.02 92.87 -25.30
C ARG KB 59 76.97 91.50 -25.96
N ARG KB 60 77.96 90.66 -25.68
CA ARG KB 60 78.07 89.35 -26.35
C ARG KB 60 76.89 88.45 -26.03
N ARG KB 61 76.38 88.53 -24.81
CA ARG KB 61 75.15 87.80 -24.48
C ARG KB 61 73.97 88.39 -25.21
N ALA KB 62 73.91 89.72 -25.32
CA ALA KB 62 72.80 90.36 -26.01
C ALA KB 62 72.93 90.25 -27.51
N VAL KB 63 74.02 89.64 -28.00
CA VAL KB 63 74.10 89.31 -29.41
C VAL KB 63 73.78 87.83 -29.63
N GLU KB 64 74.20 86.97 -28.69
CA GLU KB 64 73.87 85.55 -28.81
C GLU KB 64 72.37 85.33 -28.66
N ARG KB 65 71.70 86.16 -27.86
CA ARG KB 65 70.23 86.18 -27.89
C ARG KB 65 69.73 86.72 -29.21
N LYS KB 66 70.39 87.74 -29.75
CA LYS KB 66 69.83 88.47 -30.87
C LYS KB 66 69.94 87.68 -32.16
N HIS KB 67 71.14 87.14 -32.44
CA HIS KB 67 71.28 86.22 -33.57
C HIS KB 67 70.45 84.95 -33.33
N GLY KB 68 70.18 84.62 -32.07
CA GLY KB 68 69.32 83.48 -31.78
C GLY KB 68 67.90 83.73 -32.21
N ARG KB 69 67.32 84.85 -31.77
CA ARG KB 69 65.92 85.14 -32.02
C ARG KB 69 65.63 85.35 -33.50
N VAL KB 70 66.62 85.81 -34.25
CA VAL KB 70 66.44 85.93 -35.69
C VAL KB 70 66.52 84.55 -36.34
N ALA KB 71 67.39 83.69 -35.84
CA ALA KB 71 67.54 82.36 -36.42
C ALA KB 71 66.35 81.48 -36.14
N MET KB 72 65.76 81.62 -34.94
CA MET KB 72 64.60 80.81 -34.58
C MET KB 72 63.39 81.17 -35.42
N ALA KB 73 63.24 82.45 -35.77
CA ALA KB 73 62.16 82.87 -36.64
C ALA KB 73 62.50 82.66 -38.10
N ALA KB 74 63.67 82.13 -38.41
CA ALA KB 74 64.05 81.83 -39.78
C ALA KB 74 63.94 80.34 -40.10
N VAL KB 75 64.17 79.48 -39.11
CA VAL KB 75 63.98 78.06 -39.33
C VAL KB 75 62.51 77.76 -39.57
N VAL KB 76 61.65 78.37 -38.76
CA VAL KB 76 60.22 78.29 -38.97
C VAL KB 76 59.85 78.94 -40.29
N GLY KB 77 60.55 80.02 -40.65
CA GLY KB 77 60.36 80.59 -41.97
C GLY KB 77 60.86 79.69 -43.08
N THR KB 78 61.81 78.81 -42.78
CA THR KB 78 62.25 77.88 -43.81
C THR KB 78 61.23 76.77 -44.01
N ILE KB 79 60.62 76.31 -42.91
CA ILE KB 79 59.72 75.17 -42.96
C ILE KB 79 58.39 75.56 -43.57
N VAL KB 80 57.85 76.71 -43.16
CA VAL KB 80 56.54 77.15 -43.63
C VAL KB 80 56.60 77.50 -45.12
N HIS KB 81 57.72 78.06 -45.56
CA HIS KB 81 57.86 78.36 -46.98
C HIS KB 81 58.03 77.09 -47.81
N ASN KB 82 58.52 76.01 -47.20
CA ASN KB 82 58.75 74.78 -47.95
C ASN KB 82 57.63 73.76 -47.83
N ASN KB 83 56.68 73.96 -46.92
CA ASN KB 83 55.45 73.18 -46.95
C ASN KB 83 54.44 73.77 -47.90
N HIS KB 84 54.82 74.79 -48.66
CA HIS KB 84 53.95 75.53 -49.58
C HIS KB 84 52.74 76.11 -48.87
N ILE KB 85 52.93 76.52 -47.61
CA ILE KB 85 51.93 77.29 -46.90
C ILE KB 85 52.07 78.72 -47.41
N VAL KB 86 51.21 79.08 -48.34
CA VAL KB 86 51.31 80.32 -49.09
C VAL KB 86 50.05 81.13 -48.78
N PHE KB 87 50.18 82.47 -48.77
CA PHE KB 87 49.04 83.33 -48.47
C PHE KB 87 47.91 83.25 -49.49
N ASP KB 88 48.16 82.69 -50.67
CA ASP KB 88 47.16 82.44 -51.71
C ASP KB 88 46.50 83.75 -52.14
N GLY KB 89 47.33 84.78 -52.28
CA GLY KB 89 46.87 86.07 -52.75
C GLY KB 89 47.73 86.51 -53.91
N TYR KB 90 47.46 87.73 -54.35
CA TYR KB 90 48.19 88.34 -55.45
C TYR KB 90 49.05 89.45 -54.89
N LEU KB 91 50.35 89.19 -54.75
CA LEU KB 91 51.25 90.05 -53.99
C LEU KB 91 51.42 91.42 -54.64
N SER KB 92 51.95 91.47 -55.84
CA SER KB 92 52.21 92.74 -56.47
C SER KB 92 51.21 92.94 -57.59
N PRO KB 93 50.30 93.91 -57.47
CA PRO KB 93 49.46 94.23 -58.63
C PRO KB 93 50.24 94.91 -59.73
N SER KB 94 51.34 95.58 -59.40
CA SER KB 94 52.13 96.25 -60.43
C SER KB 94 53.09 95.28 -61.10
N ASN KB 95 53.96 94.64 -60.32
CA ASN KB 95 55.00 93.81 -60.86
C ASN KB 95 54.54 92.40 -61.18
N ASN KB 96 53.26 92.09 -60.91
CA ASN KB 96 52.61 90.82 -61.24
C ASN KB 96 53.30 89.64 -60.58
N LEU KB 97 53.56 89.75 -59.28
CA LEU KB 97 54.05 88.64 -58.48
C LEU KB 97 52.88 88.07 -57.69
N LYS KB 98 52.66 86.78 -57.82
CA LYS KB 98 51.86 86.11 -56.82
C LYS KB 98 52.76 85.70 -55.65
N PHE KB 99 52.13 85.34 -54.54
CA PHE KB 99 52.91 84.82 -53.42
C PHE KB 99 53.50 83.46 -53.75
N SER KB 100 52.83 82.69 -54.60
CA SER KB 100 53.33 81.38 -54.97
C SER KB 100 54.47 81.47 -55.98
N ASP KB 101 54.63 82.64 -56.61
CA ASP KB 101 55.68 82.80 -57.61
C ASP KB 101 57.04 83.00 -56.98
N ILE KB 102 57.10 83.36 -55.72
CA ILE KB 102 58.38 83.64 -55.07
C ILE KB 102 59.06 82.33 -54.72
N PRO KB 103 60.35 82.16 -55.04
CA PRO KB 103 61.05 80.93 -54.67
C PRO KB 103 61.16 80.76 -53.18
N THR KB 104 61.29 79.50 -52.75
CA THR KB 104 61.24 79.17 -51.35
C THR KB 104 62.62 78.99 -50.73
N GLY KB 105 63.68 78.95 -51.53
CA GLY KB 105 65.00 78.75 -50.98
C GLY KB 105 65.66 80.04 -50.54
N VAL KB 106 66.91 80.23 -50.95
CA VAL KB 106 67.63 81.45 -50.62
C VAL KB 106 67.12 82.63 -51.45
N ASP KB 107 66.62 82.37 -52.66
CA ASP KB 107 66.28 83.43 -53.60
C ASP KB 107 64.89 83.99 -53.39
N GLY KB 108 64.34 83.88 -52.18
CA GLY KB 108 63.03 84.44 -51.93
C GLY KB 108 63.05 85.96 -51.82
N ILE KB 109 64.02 86.50 -51.08
CA ILE KB 109 64.08 87.94 -50.89
C ILE KB 109 64.50 88.63 -52.18
N ARG KB 110 65.32 87.96 -52.99
CA ARG KB 110 65.74 88.53 -54.25
C ARG KB 110 64.60 88.63 -55.26
N ALA KB 111 63.50 87.92 -55.04
CA ALA KB 111 62.31 88.08 -55.85
C ALA KB 111 61.41 89.21 -55.36
N ILE KB 112 61.58 89.64 -54.13
CA ILE KB 112 60.79 90.74 -53.58
C ILE KB 112 61.22 92.04 -54.26
N PRO KB 113 60.29 92.85 -54.77
CA PRO KB 113 60.68 94.12 -55.40
C PRO KB 113 61.19 95.12 -54.36
N THR KB 114 61.96 96.08 -54.85
CA THR KB 114 62.66 97.01 -53.97
C THR KB 114 61.72 97.98 -53.28
N ALA KB 115 60.50 98.16 -53.79
CA ALA KB 115 59.52 98.94 -53.07
C ALA KB 115 58.99 98.17 -51.87
N GLY KB 116 59.06 96.85 -51.90
CA GLY KB 116 58.66 96.05 -50.77
C GLY KB 116 59.78 95.90 -49.78
N LEU KB 117 61.01 95.90 -50.27
CA LEU KB 117 62.15 95.91 -49.38
C LEU KB 117 62.28 97.24 -48.67
N ALA KB 118 61.80 98.31 -49.29
CA ALA KB 118 61.78 99.60 -48.60
C ALA KB 118 60.73 99.62 -47.51
N GLN KB 119 59.61 98.90 -47.69
CA GLN KB 119 58.59 98.85 -46.65
C GLN KB 119 59.06 98.04 -45.45
N ILE KB 120 59.87 97.01 -45.67
CA ILE KB 120 60.35 96.20 -44.56
C ILE KB 120 61.40 96.96 -43.76
N LEU KB 121 62.35 97.58 -44.45
CA LEU KB 121 63.43 98.29 -43.76
C LEU KB 121 62.94 99.53 -43.04
N ALA KB 122 61.90 100.18 -43.55
CA ALA KB 122 61.35 101.34 -42.86
C ALA KB 122 60.57 100.89 -41.63
N PHE KB 123 60.05 99.67 -41.63
CA PHE KB 123 59.28 99.20 -40.49
C PHE KB 123 60.19 98.74 -39.37
N PHE KB 124 61.16 97.88 -39.68
CA PHE KB 124 61.99 97.34 -38.61
C PHE KB 124 63.06 98.34 -38.16
N ALA KB 125 63.22 99.45 -38.89
CA ALA KB 125 63.95 100.56 -38.30
C ALA KB 125 63.17 101.15 -37.15
N LEU KB 126 61.84 101.16 -37.25
CA LEU KB 126 61.04 101.68 -36.16
C LEU KB 126 60.94 100.66 -35.03
N VAL KB 127 61.04 99.37 -35.37
CA VAL KB 127 61.03 98.36 -34.32
C VAL KB 127 62.36 98.33 -33.60
N GLU KB 128 63.47 98.25 -34.34
CA GLU KB 128 64.72 97.88 -33.69
C GLU KB 128 65.42 99.10 -33.10
N LEU KB 129 64.93 100.30 -33.39
CA LEU KB 129 65.48 101.49 -32.77
C LEU KB 129 64.56 102.08 -31.71
N ALA KB 130 63.27 102.16 -32.02
CA ALA KB 130 62.35 102.88 -31.16
C ALA KB 130 61.61 101.98 -30.18
N TRP KB 131 60.83 101.04 -30.70
CA TRP KB 131 59.93 100.28 -29.84
C TRP KB 131 60.65 99.18 -29.09
N MET KB 132 61.42 98.36 -29.79
CA MET KB 132 62.21 97.29 -29.19
C MET KB 132 63.67 97.60 -29.49
N PRO KB 133 64.28 98.53 -28.75
CA PRO KB 133 65.60 99.03 -29.15
C PRO KB 133 66.69 98.01 -28.91
N ALA KB 134 67.48 97.75 -29.96
CA ALA KB 134 68.55 96.77 -29.87
C ALA KB 134 69.69 97.23 -28.98
N SER KB 135 69.78 98.52 -28.69
CA SER KB 135 70.79 99.00 -27.75
C SER KB 135 70.48 98.60 -26.32
N LYS KB 136 69.25 98.17 -26.04
CA LYS KB 136 68.91 97.67 -24.72
C LYS KB 136 69.49 96.28 -24.57
N TYR KB 137 70.62 96.17 -23.89
CA TYR KB 137 71.35 94.91 -23.81
C TYR KB 137 70.73 93.90 -22.85
N ASP KB 138 69.64 94.26 -22.17
CA ASP KB 138 68.97 93.26 -21.34
C ASP KB 138 68.11 92.33 -22.20
N GLY KB 139 67.49 92.88 -23.23
CA GLY KB 139 66.67 92.09 -24.13
C GLY KB 139 65.28 91.81 -23.62
N ASP KB 140 64.88 92.37 -22.49
CA ASP KB 140 63.61 92.05 -21.83
C ASP KB 140 62.57 93.12 -22.07
N TYR KB 141 62.49 93.56 -23.33
CA TYR KB 141 61.93 94.83 -23.81
C TYR KB 141 60.61 95.25 -23.20
N GLY KB 142 59.53 94.55 -23.50
CA GLY KB 142 58.34 94.81 -22.74
C GLY KB 142 57.56 93.58 -22.33
N VAL KB 143 57.75 92.50 -23.06
CA VAL KB 143 56.77 91.42 -23.10
C VAL KB 143 57.32 90.24 -22.33
N GLY KB 144 56.49 89.66 -21.46
CA GLY KB 144 56.85 88.45 -20.79
C GLY KB 144 56.77 87.25 -21.70
N TYR KB 145 56.94 86.08 -21.10
CA TYR KB 145 56.75 84.85 -21.83
C TYR KB 145 55.26 84.68 -22.01
N PHE KB 146 54.78 85.01 -23.22
CA PHE KB 146 53.36 85.14 -23.54
C PHE KB 146 52.68 86.14 -22.60
N GLY KB 147 53.20 87.35 -22.57
CA GLY KB 147 52.56 88.45 -21.88
C GLY KB 147 52.79 88.52 -20.39
N THR KB 148 53.15 87.43 -19.73
CA THR KB 148 53.35 87.40 -18.30
C THR KB 148 54.81 87.06 -18.00
N ASP KB 149 55.35 87.67 -16.96
CA ASP KB 149 56.67 87.25 -16.54
C ASP KB 149 56.59 85.96 -15.76
N ILE KB 150 57.75 85.43 -15.41
CA ILE KB 150 57.86 84.18 -14.67
C ILE KB 150 58.42 84.52 -13.31
N LYS KB 151 57.54 84.56 -12.31
CA LYS KB 151 57.94 85.02 -10.99
C LYS KB 151 58.81 84.02 -10.24
N ASP KB 152 58.69 82.73 -10.57
CA ASP KB 152 59.54 81.70 -9.96
C ASP KB 152 60.95 81.86 -10.47
N PRO KB 153 61.94 82.12 -9.60
CA PRO KB 153 63.30 82.43 -10.09
C PRO KB 153 63.98 81.25 -10.77
N GLU KB 154 63.65 80.03 -10.38
CA GLU KB 154 64.24 78.88 -11.03
C GLU KB 154 63.63 78.66 -12.41
N GLU KB 155 62.32 78.87 -12.54
CA GLU KB 155 61.68 78.65 -13.82
C GLU KB 155 61.96 79.79 -14.78
N LYS KB 156 62.14 81.00 -14.26
CA LYS KB 156 62.55 82.11 -15.12
C LYS KB 156 63.97 81.90 -15.60
N ALA KB 157 64.84 81.35 -14.74
CA ALA KB 157 66.18 81.01 -15.15
C ALA KB 157 66.23 79.69 -15.88
N ARG KB 158 65.13 78.95 -15.92
CA ARG KB 158 65.06 77.80 -16.79
C ARG KB 158 64.83 78.21 -18.23
N LYS KB 159 63.74 78.92 -18.51
CA LYS KB 159 63.36 79.18 -19.88
C LYS KB 159 64.26 80.17 -20.58
N LEU KB 160 65.04 80.95 -19.84
CA LEU KB 160 66.08 81.73 -20.49
C LEU KB 160 67.20 80.88 -21.05
N ASN KB 161 67.55 79.76 -20.40
CA ASN KB 161 68.39 78.75 -21.06
C ASN KB 161 67.72 78.18 -22.28
N VAL KB 162 66.40 78.04 -22.25
CA VAL KB 162 65.68 77.41 -23.35
C VAL KB 162 65.62 78.33 -24.55
N GLU KB 163 65.48 79.64 -24.31
CA GLU KB 163 65.57 80.59 -25.41
C GLU KB 163 66.96 80.62 -26.01
N LEU KB 164 67.98 80.37 -25.20
CA LEU KB 164 69.32 80.30 -25.74
C LEU KB 164 69.57 78.98 -26.47
N ASN KB 165 69.17 77.86 -25.89
CA ASN KB 165 69.56 76.58 -26.49
C ASN KB 165 68.77 76.25 -27.74
N ASN KB 166 67.45 76.50 -27.74
CA ASN KB 166 66.71 76.52 -29.00
C ASN KB 166 67.24 77.63 -29.92
N GLY KB 167 67.79 78.69 -29.36
CA GLY KB 167 68.37 79.73 -30.18
C GLY KB 167 69.73 79.39 -30.75
N ARG KB 168 70.58 78.73 -29.97
CA ARG KB 168 71.87 78.31 -30.47
C ARG KB 168 71.73 77.24 -31.53
N ALA KB 169 70.80 76.31 -31.35
CA ALA KB 169 70.58 75.27 -32.33
C ALA KB 169 69.97 75.80 -33.61
N ALA KB 170 69.24 76.91 -33.54
CA ALA KB 170 68.64 77.47 -34.74
C ALA KB 170 69.65 78.19 -35.59
N MET KB 171 70.72 78.72 -35.00
CA MET KB 171 71.79 79.33 -35.78
C MET KB 171 72.51 78.28 -36.60
N MET KB 172 72.75 77.11 -36.01
CA MET KB 172 73.36 76.01 -36.72
C MET KB 172 72.39 75.34 -37.67
N GLY KB 173 71.10 75.63 -37.57
CA GLY KB 173 70.13 75.07 -38.47
C GLY KB 173 69.98 75.86 -39.75
N ILE KB 174 70.04 77.19 -39.65
CA ILE KB 174 69.94 78.03 -40.83
C ILE KB 174 71.19 77.89 -41.70
N MET KB 175 72.35 77.79 -41.06
CA MET KB 175 73.57 77.49 -41.81
C MET KB 175 73.53 76.11 -42.42
N GLY KB 176 72.78 75.19 -41.80
CA GLY KB 176 72.52 73.91 -42.44
C GLY KB 176 71.60 74.02 -43.63
N ASN KB 177 70.75 75.04 -43.68
CA ASN KB 177 69.94 75.29 -44.85
C ASN KB 177 70.68 76.05 -45.93
N MET KB 178 71.22 77.22 -45.59
CA MET KB 178 71.72 78.14 -46.60
C MET KB 178 72.98 77.62 -47.29
N VAL KB 179 73.67 76.66 -46.70
CA VAL KB 179 74.77 76.00 -47.36
C VAL KB 179 74.29 74.82 -48.19
N ALA KB 180 73.42 73.98 -47.65
CA ALA KB 180 72.91 72.85 -48.39
C ALA KB 180 71.84 73.22 -49.41
N GLU KB 181 71.44 74.49 -49.49
CA GLU KB 181 70.60 74.94 -50.59
C GLU KB 181 71.40 75.59 -51.71
N VAL KB 182 72.67 75.91 -51.47
CA VAL KB 182 73.54 76.43 -52.51
C VAL KB 182 74.40 75.34 -53.11
N LEU KB 183 74.94 74.45 -52.28
CA LEU KB 183 75.78 73.37 -52.79
C LEU KB 183 74.96 72.35 -53.56
N THR KB 184 73.78 71.99 -53.05
CA THR KB 184 72.89 71.14 -53.82
C THR KB 184 72.15 71.91 -54.90
N GLY KB 185 72.12 73.24 -54.80
CA GLY KB 185 71.48 74.07 -55.79
C GLY KB 185 69.97 73.97 -55.85
N GLN KB 186 69.34 73.41 -54.82
CA GLN KB 186 67.92 73.18 -54.80
C GLN KB 186 67.33 73.83 -53.57
N THR KB 187 66.00 73.86 -53.51
CA THR KB 187 65.32 74.24 -52.29
C THR KB 187 65.35 73.07 -51.32
N MET KB 188 64.82 73.29 -50.12
CA MET KB 188 64.70 72.16 -49.20
C MET KB 188 63.62 71.20 -49.67
N TYR KB 189 62.55 71.71 -50.27
CA TYR KB 189 61.47 70.86 -50.75
C TYR KB 189 61.92 69.96 -51.89
N GLU KB 190 62.81 70.43 -52.75
CA GLU KB 190 63.28 69.62 -53.86
C GLU KB 190 64.25 68.54 -53.43
N GLN KB 191 64.95 68.73 -52.31
CA GLN KB 191 65.88 67.71 -51.85
C GLN KB 191 65.15 66.49 -51.33
N TYR KB 192 64.10 66.71 -50.54
CA TYR KB 192 63.33 65.59 -50.02
C TYR KB 192 62.44 64.98 -51.10
N ALA KB 193 62.06 65.77 -52.10
CA ALA KB 193 61.25 65.24 -53.19
C ALA KB 193 62.08 64.31 -54.08
N SER KB 194 63.26 64.79 -54.51
CA SER KB 194 64.11 64.01 -55.39
C SER KB 194 64.85 62.90 -54.66
N GLY KB 195 64.81 62.87 -53.34
CA GLY KB 195 65.58 61.87 -52.61
C GLY KB 195 67.06 62.18 -52.64
N HIS KB 196 67.43 63.46 -52.62
CA HIS KB 196 68.82 63.88 -52.61
C HIS KB 196 69.33 64.08 -51.20
N ILE KB 197 68.85 63.27 -50.25
CA ILE KB 197 69.26 63.36 -48.87
C ILE KB 197 70.71 62.91 -48.72
N SER KB 198 71.17 62.02 -49.59
CA SER KB 198 72.56 61.57 -49.56
C SER KB 198 73.49 62.70 -50.01
N PRO KB 199 74.62 62.87 -49.34
CA PRO KB 199 75.51 63.97 -49.69
C PRO KB 199 76.37 63.69 -50.92
N PHE KB 200 76.35 64.63 -51.87
CA PHE KB 200 77.20 64.53 -53.04
C PHE KB 200 78.65 64.87 -52.69
N GLY KB 201 78.86 65.86 -51.82
CA GLY KB 201 80.17 66.19 -51.33
C GLY KB 201 80.38 65.60 -49.95
N ASP KB 202 80.21 66.42 -48.92
CA ASP KB 202 80.22 65.94 -47.55
C ASP KB 202 79.07 66.63 -46.82
N GLY KB 203 78.59 66.00 -45.76
CA GLY KB 203 77.52 66.59 -44.98
C GLY KB 203 77.56 66.09 -43.56
N GLN KB 204 77.56 67.02 -42.61
CA GLN KB 204 77.63 66.68 -41.20
C GLN KB 204 76.37 67.20 -40.52
N GLY KB 205 75.54 66.27 -40.06
CA GLY KB 205 74.32 66.61 -39.37
C GLY KB 205 74.17 65.85 -38.06
N VAL KB 206 73.03 66.02 -37.40
CA VAL KB 206 72.77 65.30 -36.15
C VAL KB 206 71.71 64.23 -36.39
N SER LB 31 150.47 28.81 -30.25
CA SER LB 31 151.61 28.29 -30.99
C SER LB 31 151.15 27.24 -32.01
N GLU LB 32 152.00 27.00 -33.01
CA GLU LB 32 151.65 26.06 -34.08
C GLU LB 32 151.73 24.61 -33.65
N ILE LB 33 152.30 24.32 -32.48
CA ILE LB 33 152.32 22.96 -31.98
C ILE LB 33 150.92 22.54 -31.54
N GLU LB 34 150.15 23.49 -31.02
CA GLU LB 34 148.80 23.22 -30.52
C GLU LB 34 147.74 23.25 -31.61
N LEU LB 35 148.11 23.33 -32.89
CA LEU LB 35 147.10 23.56 -33.91
C LEU LB 35 146.80 22.31 -34.75
N GLY LB 36 147.70 21.34 -34.75
CA GLY LB 36 147.37 20.09 -35.41
C GLY LB 36 146.63 19.09 -34.55
N VAL LB 37 146.51 19.36 -33.25
CA VAL LB 37 146.01 18.38 -32.30
C VAL LB 37 144.50 18.32 -32.38
N THR LB 38 143.97 17.16 -32.81
CA THR LB 38 142.53 16.93 -32.88
C THR LB 38 142.22 15.70 -32.06
N GLU LB 39 141.06 15.74 -31.40
CA GLU LB 39 140.67 14.73 -30.40
C GLU LB 39 140.75 13.24 -30.77
N PRO LB 40 140.45 12.77 -32.00
CA PRO LB 40 140.55 11.31 -32.24
C PRO LB 40 141.96 10.77 -32.17
N LEU LB 41 142.97 11.59 -32.40
CA LEU LB 41 144.35 11.14 -32.27
C LEU LB 41 145.16 11.95 -31.29
N GLY LB 42 144.76 13.19 -30.99
CA GLY LB 42 145.56 14.06 -30.16
C GLY LB 42 146.84 14.47 -30.87
N VAL LB 43 147.96 14.08 -30.29
CA VAL LB 43 149.26 14.24 -30.94
C VAL LB 43 149.58 12.93 -31.65
N TYR LB 44 150.04 13.04 -32.90
CA TYR LB 44 150.17 11.83 -33.72
C TYR LB 44 151.35 11.99 -34.68
N ASP LB 45 152.37 11.17 -34.50
CA ASP LB 45 153.39 10.96 -35.54
C ASP LB 45 153.93 9.53 -35.48
N PRO LB 46 153.77 8.76 -36.55
CA PRO LB 46 154.33 7.41 -36.56
C PRO LB 46 155.82 7.37 -36.81
N LEU LB 47 156.42 8.47 -37.24
CA LEU LB 47 157.83 8.51 -37.60
C LEU LB 47 158.70 9.17 -36.54
N GLY LB 48 158.19 10.17 -35.82
CA GLY LB 48 158.94 10.78 -34.76
C GLY LB 48 159.60 12.10 -35.10
N TRP LB 49 159.08 12.83 -36.07
CA TRP LB 49 159.66 14.10 -36.48
C TRP LB 49 159.33 15.25 -35.53
N LEU LB 50 158.38 15.04 -34.60
CA LEU LB 50 158.05 16.09 -33.65
C LEU LB 50 159.15 16.31 -32.63
N GLU LB 51 159.94 15.28 -32.34
CA GLU LB 51 161.05 15.38 -31.39
C GLU LB 51 162.41 15.34 -32.06
N SER LB 52 162.56 14.52 -33.10
CA SER LB 52 163.83 14.42 -33.81
C SER LB 52 164.17 15.68 -34.56
N GLU LB 53 163.18 16.44 -35.05
CA GLU LB 53 163.45 17.69 -35.75
C GLU LB 53 162.30 18.66 -35.53
N PRO LB 54 162.32 19.41 -34.43
CA PRO LB 54 161.40 20.56 -34.32
C PRO LB 54 161.90 21.78 -35.07
N GLU LB 55 163.10 21.72 -35.65
CA GLU LB 55 163.63 22.85 -36.39
C GLU LB 55 162.90 23.05 -37.71
N ALA LB 56 162.45 21.96 -38.32
CA ALA LB 56 161.69 22.05 -39.56
C ALA LB 56 160.20 22.24 -39.33
N PHE LB 57 159.77 22.42 -38.07
CA PHE LB 57 158.35 22.40 -37.75
C PHE LB 57 157.62 23.60 -38.36
N GLU LB 58 158.21 24.79 -38.25
CA GLU LB 58 157.63 25.95 -38.90
C GLU LB 58 157.73 25.86 -40.43
N ARG LB 59 158.72 25.14 -40.93
CA ARG LB 59 158.74 24.82 -42.35
C ARG LB 59 157.64 23.82 -42.69
N ARG LB 60 157.51 22.74 -41.92
CA ARG LB 60 156.50 21.73 -42.22
C ARG LB 60 155.10 22.23 -41.94
N ARG LB 61 154.92 23.17 -41.01
CA ARG LB 61 153.58 23.70 -40.76
C ARG LB 61 153.10 24.53 -41.93
N ALA LB 62 153.98 25.35 -42.51
CA ALA LB 62 153.63 26.14 -43.68
C ALA LB 62 153.65 25.33 -44.96
N VAL LB 63 153.78 24.01 -44.87
CA VAL LB 63 153.68 23.12 -46.01
C VAL LB 63 152.43 22.25 -45.94
N GLU LB 64 152.12 21.71 -44.74
CA GLU LB 64 150.84 21.03 -44.56
C GLU LB 64 149.68 22.02 -44.65
N ARG LB 65 149.88 23.28 -44.25
CA ARG LB 65 148.90 24.31 -44.60
C ARG LB 65 148.89 24.57 -46.09
N LYS LB 66 150.06 24.51 -46.73
CA LYS LB 66 150.12 24.91 -48.14
C LYS LB 66 149.61 23.81 -49.06
N HIS LB 67 149.99 22.56 -48.82
CA HIS LB 67 149.39 21.46 -49.57
C HIS LB 67 147.91 21.30 -49.28
N GLY LB 68 147.45 21.71 -48.11
CA GLY LB 68 146.03 21.62 -47.79
C GLY LB 68 145.21 22.62 -48.56
N ARG LB 69 145.65 23.89 -48.55
CA ARG LB 69 144.91 24.96 -49.21
C ARG LB 69 144.84 24.77 -50.72
N VAL LB 70 145.79 24.03 -51.29
CA VAL LB 70 145.67 23.60 -52.68
C VAL LB 70 144.51 22.63 -52.83
N ALA LB 71 144.46 21.61 -51.98
CA ALA LB 71 143.53 20.50 -52.18
C ALA LB 71 142.09 20.91 -51.90
N MET LB 72 141.90 21.85 -50.97
CA MET LB 72 140.55 22.29 -50.63
C MET LB 72 139.90 23.02 -51.80
N ALA LB 73 140.67 23.86 -52.49
CA ALA LB 73 140.17 24.47 -53.72
C ALA LB 73 140.12 23.44 -54.84
N ALA LB 74 140.93 22.38 -54.76
CA ALA LB 74 140.92 21.37 -55.79
C ALA LB 74 139.71 20.46 -55.67
N VAL LB 75 139.17 20.29 -54.45
CA VAL LB 75 137.96 19.52 -54.25
C VAL LB 75 136.78 20.17 -54.98
N VAL LB 76 136.63 21.48 -54.80
CA VAL LB 76 135.56 22.21 -55.48
C VAL LB 76 135.82 22.24 -56.98
N GLY LB 77 137.09 22.30 -57.37
CA GLY LB 77 137.44 22.17 -58.77
C GLY LB 77 137.22 20.78 -59.33
N THR LB 78 137.07 19.78 -58.47
CA THR LB 78 136.66 18.47 -58.95
C THR LB 78 135.15 18.41 -59.08
N ILE LB 79 134.43 18.94 -58.09
CA ILE LB 79 132.98 18.78 -58.02
C ILE LB 79 132.29 19.63 -59.08
N VAL LB 80 132.64 20.92 -59.14
CA VAL LB 80 131.95 21.86 -60.01
C VAL LB 80 132.21 21.55 -61.48
N HIS LB 81 133.41 21.05 -61.81
CA HIS LB 81 133.66 20.60 -63.16
C HIS LB 81 132.83 19.36 -63.49
N ASN LB 82 132.64 18.49 -62.51
CA ASN LB 82 131.88 17.25 -62.75
C ASN LB 82 130.37 17.44 -62.66
N ASN LB 83 129.89 18.60 -62.22
CA ASN LB 83 128.46 18.88 -62.30
C ASN LB 83 128.09 19.53 -63.62
N HIS LB 84 129.04 19.66 -64.55
CA HIS LB 84 128.88 20.30 -65.85
C HIS LB 84 128.40 21.75 -65.72
N ILE LB 85 128.94 22.45 -64.73
CA ILE LB 85 128.74 23.89 -64.63
C ILE LB 85 129.73 24.56 -65.57
N VAL LB 86 129.22 25.32 -66.52
CA VAL LB 86 129.98 25.84 -67.65
C VAL LB 86 130.00 27.36 -67.55
N PHE LB 87 131.15 27.97 -67.87
CA PHE LB 87 131.26 29.42 -67.94
C PHE LB 87 130.40 30.04 -69.05
N ASP LB 88 129.98 29.23 -70.04
CA ASP LB 88 128.95 29.58 -71.02
C ASP LB 88 129.36 30.71 -71.93
N GLY LB 89 130.67 30.91 -72.08
CA GLY LB 89 131.18 31.88 -73.03
C GLY LB 89 131.78 31.18 -74.23
N TYR LB 90 133.01 31.55 -74.57
CA TYR LB 90 133.73 30.92 -75.68
C TYR LB 90 135.20 31.12 -75.40
N LEU LB 91 135.88 30.05 -74.99
CA LEU LB 91 137.21 30.18 -74.38
C LEU LB 91 138.26 30.62 -75.40
N SER LB 92 138.52 29.79 -76.39
CA SER LB 92 139.63 30.07 -77.30
C SER LB 92 139.07 30.54 -78.63
N PRO LB 93 139.25 31.82 -78.99
CA PRO LB 93 138.95 32.22 -80.36
C PRO LB 93 139.91 31.62 -81.37
N SER LB 94 141.12 31.31 -80.94
CA SER LB 94 142.10 30.68 -81.82
C SER LB 94 141.88 29.18 -81.92
N ASN LB 95 141.99 28.48 -80.79
CA ASN LB 95 141.98 27.03 -80.80
C ASN LB 95 140.59 26.44 -80.96
N ASN LB 96 139.55 27.29 -80.92
CA ASN LB 96 138.14 26.90 -81.03
C ASN LB 96 137.75 25.90 -79.95
N LEU LB 97 138.20 26.16 -78.72
CA LEU LB 97 137.77 25.40 -77.56
C LEU LB 97 136.63 26.14 -76.88
N LYS LB 98 135.50 25.47 -76.72
CA LYS LB 98 134.49 25.95 -75.81
C LYS LB 98 134.80 25.40 -74.43
N PHE LB 99 134.14 25.91 -73.40
CA PHE LB 99 134.34 25.36 -72.07
C PHE LB 99 133.73 23.98 -71.91
N SER LB 100 132.79 23.60 -72.77
CA SER LB 100 132.26 22.25 -72.77
C SER LB 100 133.23 21.23 -73.34
N ASP LB 101 134.12 21.66 -74.24
CA ASP LB 101 135.06 20.74 -74.89
C ASP LB 101 136.14 20.25 -73.95
N ILE LB 102 136.49 21.03 -72.94
CA ILE LB 102 137.59 20.67 -72.03
C ILE LB 102 137.15 19.52 -71.15
N PRO LB 103 137.96 18.46 -70.99
CA PRO LB 103 137.56 17.33 -70.15
C PRO LB 103 137.49 17.71 -68.67
N THR LB 104 136.48 17.17 -67.99
CA THR LB 104 136.22 17.49 -66.61
C THR LB 104 136.96 16.58 -65.63
N GLY LB 105 137.81 15.69 -66.13
CA GLY LB 105 138.55 14.79 -65.26
C GLY LB 105 139.98 15.22 -65.03
N VAL LB 106 140.93 14.40 -65.48
CA VAL LB 106 142.34 14.72 -65.31
C VAL LB 106 142.86 15.55 -66.47
N ASP LB 107 142.39 15.25 -67.68
CA ASP LB 107 142.98 15.80 -68.90
C ASP LB 107 142.50 17.20 -69.23
N GLY LB 108 141.95 17.94 -68.27
CA GLY LB 108 141.51 19.30 -68.54
C GLY LB 108 142.66 20.26 -68.73
N ILE LB 109 143.71 20.13 -67.92
CA ILE LB 109 144.88 20.99 -68.06
C ILE LB 109 145.63 20.65 -69.35
N ARG LB 110 145.63 19.38 -69.73
CA ARG LB 110 146.28 19.00 -70.98
C ARG LB 110 145.49 19.45 -72.21
N ALA LB 111 144.25 19.89 -72.03
CA ALA LB 111 143.51 20.56 -73.09
C ALA LB 111 143.76 22.07 -73.12
N ILE LB 112 144.35 22.62 -72.08
CA ILE LB 112 144.61 24.06 -72.02
C ILE LB 112 145.86 24.38 -72.85
N PRO LB 113 145.81 25.36 -73.74
CA PRO LB 113 146.99 25.71 -74.53
C PRO LB 113 148.06 26.37 -73.67
N THR LB 114 149.31 26.25 -74.14
CA THR LB 114 150.45 26.79 -73.41
C THR LB 114 150.47 28.30 -73.38
N ALA LB 115 149.85 28.95 -74.37
CA ALA LB 115 149.73 30.40 -74.34
C ALA LB 115 148.82 30.86 -73.21
N GLY LB 116 147.81 30.06 -72.88
CA GLY LB 116 147.03 30.33 -71.69
C GLY LB 116 147.76 29.90 -70.43
N LEU LB 117 148.54 28.82 -70.52
CA LEU LB 117 149.39 28.41 -69.41
C LEU LB 117 150.51 29.42 -69.17
N ALA LB 118 150.93 30.14 -70.22
CA ALA LB 118 151.86 31.24 -70.03
C ALA LB 118 151.24 32.36 -69.23
N GLN LB 119 149.94 32.60 -69.43
CA GLN LB 119 149.22 33.62 -68.66
C GLN LB 119 149.08 33.22 -67.20
N ILE LB 120 149.06 31.91 -66.93
CA ILE LB 120 148.80 31.43 -65.58
C ILE LB 120 150.01 31.66 -64.68
N LEU LB 121 151.14 31.03 -65.01
CA LEU LB 121 152.27 31.01 -64.10
C LEU LB 121 152.96 32.35 -63.97
N ALA LB 122 152.82 33.22 -64.96
CA ALA LB 122 153.31 34.59 -64.81
C ALA LB 122 152.46 35.37 -63.83
N PHE LB 123 151.18 35.01 -63.69
CA PHE LB 123 150.34 35.67 -62.71
C PHE LB 123 150.59 35.13 -61.31
N PHE LB 124 150.61 33.80 -61.17
CA PHE LB 124 150.74 33.19 -59.85
C PHE LB 124 152.15 33.27 -59.29
N ALA LB 125 153.15 33.59 -60.13
CA ALA LB 125 154.45 33.96 -59.57
C ALA LB 125 154.34 35.26 -58.80
N LEU LB 126 153.57 36.22 -59.30
CA LEU LB 126 153.29 37.43 -58.55
C LEU LB 126 152.41 37.15 -57.34
N VAL LB 127 151.61 36.10 -57.38
CA VAL LB 127 150.76 35.75 -56.23
C VAL LB 127 151.58 35.07 -55.16
N GLU LB 128 152.43 34.11 -55.56
CA GLU LB 128 153.22 33.35 -54.61
C GLU LB 128 154.30 34.22 -53.97
N LEU LB 129 154.90 35.14 -54.72
CA LEU LB 129 156.10 35.84 -54.26
C LEU LB 129 155.84 37.25 -53.78
N ALA LB 130 155.15 38.07 -54.58
CA ALA LB 130 155.05 39.50 -54.30
C ALA LB 130 154.01 39.77 -53.21
N TRP LB 131 152.79 39.29 -53.41
CA TRP LB 131 151.68 39.71 -52.56
C TRP LB 131 151.47 38.76 -51.38
N MET LB 132 151.55 37.45 -51.62
CA MET LB 132 151.24 36.44 -50.60
C MET LB 132 152.46 35.55 -50.42
N PRO LB 133 153.50 36.02 -49.73
CA PRO LB 133 154.81 35.38 -49.77
C PRO LB 133 154.85 34.05 -49.02
N ALA LB 134 155.44 33.05 -49.67
CA ALA LB 134 155.62 31.75 -49.04
C ALA LB 134 156.70 31.75 -47.98
N SER LB 135 157.59 32.74 -47.97
CA SER LB 135 158.55 32.87 -46.89
C SER LB 135 157.90 33.38 -45.61
N LYS LB 136 156.67 33.89 -45.67
CA LYS LB 136 155.89 34.22 -44.49
C LYS LB 136 155.23 32.92 -44.02
N TYR LB 137 155.91 32.24 -43.09
CA TYR LB 137 155.53 30.88 -42.73
C TYR LB 137 154.28 30.81 -41.86
N ASP LB 138 153.78 31.93 -41.35
CA ASP LB 138 152.62 31.85 -40.47
C ASP LB 138 151.31 31.72 -41.24
N GLY LB 139 151.31 32.03 -42.54
CA GLY LB 139 150.12 31.89 -43.34
C GLY LB 139 149.05 32.92 -43.07
N ASP LB 140 149.37 33.97 -42.31
CA ASP LB 140 148.42 34.97 -41.84
C ASP LB 140 148.51 36.24 -42.65
N TYR LB 141 148.62 36.09 -43.98
CA TYR LB 141 149.24 37.04 -44.90
C TYR LB 141 148.65 38.44 -44.83
N GLY LB 142 147.43 38.61 -45.30
CA GLY LB 142 146.83 39.92 -45.19
C GLY LB 142 145.42 39.95 -44.65
N VAL LB 143 144.74 38.81 -44.74
CA VAL LB 143 143.32 38.72 -44.47
C VAL LB 143 143.14 37.86 -43.23
N GLY LB 144 142.21 38.24 -42.37
CA GLY LB 144 141.83 37.35 -41.30
C GLY LB 144 140.84 36.32 -41.78
N TYR LB 145 139.75 36.15 -41.03
CA TYR LB 145 138.70 35.20 -41.38
C TYR LB 145 137.54 36.01 -41.93
N PHE LB 146 137.34 35.92 -43.25
CA PHE LB 146 136.43 36.78 -44.01
C PHE LB 146 136.74 38.26 -43.75
N GLY LB 147 137.99 38.62 -44.01
CA GLY LB 147 138.43 39.98 -43.78
C GLY LB 147 138.88 40.24 -42.37
N THR LB 148 137.94 40.22 -41.42
CA THR LB 148 138.25 40.50 -40.03
C THR LB 148 138.94 39.31 -39.39
N ASP LB 149 139.50 39.54 -38.22
CA ASP LB 149 140.12 38.48 -37.44
C ASP LB 149 139.13 37.91 -36.43
N ILE LB 150 139.53 36.81 -35.81
CA ILE LB 150 138.74 36.17 -34.76
C ILE LB 150 139.34 36.63 -33.43
N LYS LB 151 138.66 37.58 -32.80
CA LYS LB 151 139.23 38.25 -31.64
C LYS LB 151 139.18 37.41 -30.37
N ASP LB 152 138.42 36.32 -30.36
CA ASP LB 152 138.44 35.39 -29.24
C ASP LB 152 139.54 34.38 -29.52
N PRO LB 153 140.60 34.32 -28.71
CA PRO LB 153 141.66 33.32 -28.96
C PRO LB 153 141.23 31.90 -28.70
N GLU LB 154 140.15 31.69 -27.94
CA GLU LB 154 139.58 30.36 -27.79
C GLU LB 154 138.99 29.87 -29.10
N GLU LB 155 138.19 30.71 -29.74
CA GLU LB 155 137.60 30.36 -31.02
C GLU LB 155 138.56 30.51 -32.18
N LYS LB 156 139.61 31.31 -32.02
CA LYS LB 156 140.60 31.44 -33.09
C LYS LB 156 141.40 30.17 -33.24
N ALA LB 157 141.96 29.67 -32.13
CA ALA LB 157 142.75 28.45 -32.18
C ALA LB 157 141.88 27.23 -32.45
N ARG LB 158 140.59 27.30 -32.11
CA ARG LB 158 139.70 26.22 -32.44
C ARG LB 158 139.45 26.16 -33.95
N LYS LB 159 139.30 27.32 -34.59
CA LYS LB 159 139.09 27.34 -36.02
C LYS LB 159 140.36 27.15 -36.83
N LEU LB 160 141.53 27.35 -36.22
CA LEU LB 160 142.77 27.03 -36.91
C LEU LB 160 142.91 25.53 -37.14
N ASN LB 161 142.35 24.71 -36.23
CA ASN LB 161 142.27 23.27 -36.48
C ASN LB 161 141.39 22.98 -37.67
N VAL LB 162 140.36 23.79 -37.88
CA VAL LB 162 139.33 23.47 -38.86
C VAL LB 162 139.84 23.69 -40.28
N GLU LB 163 140.68 24.70 -40.48
CA GLU LB 163 141.36 24.86 -41.77
C GLU LB 163 142.34 23.73 -42.01
N LEU LB 164 142.86 23.14 -40.95
CA LEU LB 164 143.75 22.00 -41.12
C LEU LB 164 142.98 20.71 -41.37
N ASN LB 165 141.91 20.47 -40.63
CA ASN LB 165 141.25 19.16 -40.72
C ASN LB 165 140.37 19.04 -41.95
N ASN LB 166 139.64 20.10 -42.32
CA ASN LB 166 139.10 20.17 -43.67
C ASN LB 166 140.21 20.18 -44.72
N GLY LB 167 141.38 20.71 -44.37
CA GLY LB 167 142.51 20.67 -45.28
C GLY LB 167 143.08 19.28 -45.44
N ARG LB 168 143.21 18.55 -44.33
CA ARG LB 168 143.78 17.20 -44.39
C ARG LB 168 142.84 16.24 -45.10
N ALA LB 169 141.53 16.41 -44.90
CA ALA LB 169 140.56 15.55 -45.57
C ALA LB 169 140.49 15.83 -47.06
N ALA LB 170 140.82 17.06 -47.46
CA ALA LB 170 140.87 17.36 -48.87
C ALA LB 170 142.09 16.74 -49.54
N MET LB 171 143.17 16.55 -48.79
CA MET LB 171 144.39 15.95 -49.33
C MET LB 171 144.14 14.52 -49.76
N MET LB 172 143.60 13.71 -48.87
CA MET LB 172 143.22 12.34 -49.22
C MET LB 172 141.95 12.32 -50.06
N GLY LB 173 141.20 13.44 -50.10
CA GLY LB 173 140.02 13.48 -50.93
C GLY LB 173 140.35 13.62 -52.40
N ILE LB 174 141.37 14.41 -52.73
CA ILE LB 174 141.81 14.54 -54.12
C ILE LB 174 142.46 13.25 -54.59
N MET LB 175 143.17 12.56 -53.70
CA MET LB 175 143.69 11.23 -54.01
C MET LB 175 142.56 10.25 -54.25
N GLY LB 176 141.39 10.47 -53.65
CA GLY LB 176 140.22 9.70 -54.01
C GLY LB 176 139.67 10.03 -55.38
N ASN LB 177 140.04 11.18 -55.95
CA ASN LB 177 139.51 11.56 -57.26
C ASN LB 177 140.40 11.06 -58.40
N MET LB 178 141.66 11.53 -58.44
CA MET LB 178 142.50 11.31 -59.61
C MET LB 178 142.88 9.85 -59.76
N VAL LB 179 143.03 9.15 -58.64
CA VAL LB 179 143.36 7.73 -58.71
C VAL LB 179 142.14 6.92 -59.14
N ALA LB 180 140.95 7.34 -58.73
CA ALA LB 180 139.74 6.70 -59.22
C ALA LB 180 139.31 7.20 -60.59
N GLU LB 181 140.02 8.16 -61.17
CA GLU LB 181 139.79 8.54 -62.55
C GLU LB 181 140.84 7.96 -63.50
N VAL LB 182 142.03 7.63 -63.01
CA VAL LB 182 143.06 7.00 -63.82
C VAL LB 182 142.92 5.48 -63.79
N LEU LB 183 142.71 4.90 -62.62
CA LEU LB 183 142.57 3.45 -62.55
C LEU LB 183 141.20 2.97 -63.03
N THR LB 184 140.26 3.88 -63.28
CA THR LB 184 138.99 3.50 -63.87
C THR LB 184 138.80 4.05 -65.27
N GLY LB 185 139.52 5.11 -65.64
CA GLY LB 185 139.44 5.68 -66.96
C GLY LB 185 138.28 6.62 -67.19
N GLN LB 186 137.37 6.76 -66.23
CA GLN LB 186 136.18 7.57 -66.39
C GLN LB 186 136.23 8.75 -65.42
N THR LB 187 135.46 9.78 -65.75
CA THR LB 187 135.31 10.91 -64.84
C THR LB 187 134.42 10.53 -63.67
N MET LB 188 134.42 11.38 -62.65
CA MET LB 188 133.58 11.14 -61.48
C MET LB 188 132.10 11.21 -61.84
N TYR LB 189 131.74 12.09 -62.77
CA TYR LB 189 130.36 12.18 -63.23
C TYR LB 189 129.94 10.91 -63.98
N GLU LB 190 130.85 10.35 -64.77
CA GLU LB 190 130.50 9.18 -65.56
C GLU LB 190 130.48 7.89 -64.75
N GLN LB 191 131.07 7.89 -63.56
CA GLN LB 191 130.99 6.69 -62.74
C GLN LB 191 129.61 6.54 -62.10
N TYR LB 192 129.00 7.63 -61.69
CA TYR LB 192 127.70 7.57 -61.05
C TYR LB 192 126.56 7.62 -62.06
N ALA LB 193 126.81 8.07 -63.28
CA ALA LB 193 125.80 7.98 -64.32
C ALA LB 193 125.68 6.55 -64.82
N SER LB 194 126.73 5.76 -64.68
CA SER LB 194 126.80 4.44 -65.30
C SER LB 194 126.71 3.29 -64.31
N GLY LB 195 126.60 3.55 -63.01
CA GLY LB 195 126.60 2.46 -62.05
C GLY LB 195 127.96 1.83 -61.85
N HIS LB 196 129.01 2.66 -61.79
CA HIS LB 196 130.37 2.22 -61.55
C HIS LB 196 130.75 2.34 -60.08
N ILE LB 197 129.82 2.01 -59.19
CA ILE LB 197 130.01 2.28 -57.76
C ILE LB 197 130.88 1.22 -57.11
N SER LB 198 130.43 -0.03 -57.11
CA SER LB 198 131.11 -1.05 -56.33
C SER LB 198 132.32 -1.58 -57.11
N PRO LB 199 133.52 -1.54 -56.54
CA PRO LB 199 134.66 -2.16 -57.22
C PRO LB 199 134.59 -3.68 -57.21
N PHE LB 200 133.84 -4.28 -56.28
CA PHE LB 200 133.64 -5.72 -56.32
C PHE LB 200 132.63 -6.14 -57.38
N GLY LB 201 131.83 -5.20 -57.89
CA GLY LB 201 130.84 -5.51 -58.90
C GLY LB 201 131.42 -5.67 -60.29
N ASP LB 202 132.18 -4.68 -60.73
CA ASP LB 202 132.82 -4.73 -62.04
C ASP LB 202 134.11 -5.54 -61.98
N GLY LB 203 134.75 -5.72 -63.13
CA GLY LB 203 135.96 -6.52 -63.23
C GLY LB 203 137.20 -5.67 -63.36
N GLN LB 204 138.14 -5.87 -62.42
CA GLN LB 204 139.43 -5.19 -62.43
C GLN LB 204 140.44 -6.09 -61.73
N GLY LB 205 141.66 -5.58 -61.56
CA GLY LB 205 142.61 -6.21 -60.67
C GLY LB 205 142.14 -6.13 -59.23
N VAL LB 206 141.98 -7.30 -58.60
CA VAL LB 206 141.37 -7.52 -57.27
C VAL LB 206 139.94 -6.97 -57.21
N SER MB 31 124.31 30.45 -13.92
CA SER MB 31 124.13 29.03 -14.17
C SER MB 31 123.34 28.80 -15.45
N GLU MB 32 122.65 27.67 -15.50
CA GLU MB 32 121.79 27.32 -16.62
C GLU MB 32 120.32 27.50 -16.30
N ILE MB 33 120.00 28.07 -15.14
CA ILE MB 33 118.61 28.22 -14.73
C ILE MB 33 117.95 29.45 -15.35
N GLU MB 34 118.74 30.47 -15.69
CA GLU MB 34 118.21 31.75 -16.16
C GLU MB 34 117.89 31.78 -17.64
N LEU MB 35 117.87 30.63 -18.31
CA LEU MB 35 117.83 30.63 -19.77
C LEU MB 35 116.41 30.65 -20.32
N GLY MB 36 115.60 29.66 -19.98
CA GLY MB 36 114.28 29.56 -20.59
C GLY MB 36 113.24 30.55 -20.13
N VAL MB 37 113.59 31.48 -19.25
CA VAL MB 37 112.63 32.47 -18.73
C VAL MB 37 112.32 33.48 -19.84
N THR MB 38 111.04 33.67 -20.10
CA THR MB 38 110.58 34.59 -21.12
C THR MB 38 109.36 35.33 -20.58
N GLU MB 39 109.20 36.59 -21.02
CA GLU MB 39 108.18 37.59 -20.64
C GLU MB 39 106.73 37.11 -20.41
N PRO MB 40 106.15 36.16 -21.17
CA PRO MB 40 104.78 35.75 -20.83
C PRO MB 40 104.68 35.01 -19.50
N LEU MB 41 105.58 34.08 -19.24
CA LEU MB 41 105.38 33.15 -18.14
C LEU MB 41 106.46 33.23 -17.06
N GLY MB 42 107.74 33.14 -17.43
CA GLY MB 42 108.77 33.04 -16.42
C GLY MB 42 109.16 31.59 -16.18
N VAL MB 43 109.59 31.31 -14.95
CA VAL MB 43 109.90 29.93 -14.57
C VAL MB 43 108.58 29.17 -14.50
N TYR MB 44 108.37 28.27 -15.45
CA TYR MB 44 107.03 27.76 -15.73
C TYR MB 44 106.94 26.29 -15.31
N ASP MB 45 106.71 26.07 -14.02
CA ASP MB 45 106.35 24.76 -13.48
C ASP MB 45 104.90 24.77 -13.04
N PRO MB 46 103.95 24.42 -13.91
CA PRO MB 46 102.59 24.23 -13.41
C PRO MB 46 102.47 22.92 -12.66
N LEU MB 47 103.05 21.85 -13.17
CA LEU MB 47 102.99 20.55 -12.53
C LEU MB 47 104.24 20.25 -11.71
N GLY MB 48 105.24 21.12 -11.75
CA GLY MB 48 106.26 21.18 -10.72
C GLY MB 48 107.22 20.04 -10.57
N TRP MB 49 108.09 19.82 -11.56
CA TRP MB 49 109.29 19.04 -11.31
C TRP MB 49 110.54 19.55 -12.00
N LEU MB 50 110.47 20.65 -12.77
CA LEU MB 50 111.69 21.23 -13.30
C LEU MB 50 112.55 21.81 -12.18
N GLU MB 51 111.93 22.23 -11.08
CA GLU MB 51 112.64 22.80 -9.94
C GLU MB 51 113.01 21.74 -8.91
N SER MB 52 112.19 20.69 -8.75
CA SER MB 52 112.49 19.66 -7.76
C SER MB 52 113.62 18.75 -8.20
N GLU MB 53 114.12 18.90 -9.41
CA GLU MB 53 115.27 18.17 -9.92
C GLU MB 53 116.38 19.13 -10.30
N PRO MB 54 117.04 19.82 -9.34
CA PRO MB 54 118.03 20.85 -9.72
C PRO MB 54 119.30 20.29 -10.33
N GLU MB 55 119.53 18.99 -10.21
CA GLU MB 55 120.61 18.30 -10.92
C GLU MB 55 120.11 17.70 -12.22
N ALA MB 56 118.92 17.14 -12.21
CA ALA MB 56 118.31 16.61 -13.42
C ALA MB 56 117.61 17.68 -14.24
N PHE MB 57 117.59 18.93 -13.77
CA PHE MB 57 117.28 20.08 -14.63
C PHE MB 57 118.18 20.08 -15.85
N GLU MB 58 119.48 19.91 -15.62
CA GLU MB 58 120.43 19.82 -16.71
C GLU MB 58 120.29 18.54 -17.51
N ARG MB 59 119.71 17.50 -16.93
CA ARG MB 59 119.33 16.35 -17.75
C ARG MB 59 118.19 16.70 -18.68
N ARG MB 60 117.18 17.39 -18.15
CA ARG MB 60 116.08 17.82 -19.00
C ARG MB 60 116.47 19.00 -19.88
N ARG MB 61 117.52 19.73 -19.53
CA ARG MB 61 117.90 20.89 -20.32
C ARG MB 61 118.49 20.49 -21.66
N ALA MB 62 119.40 19.51 -21.65
CA ALA MB 62 119.98 19.04 -22.90
C ALA MB 62 118.96 18.34 -23.76
N VAL MB 63 117.99 17.69 -23.15
CA VAL MB 63 116.96 17.01 -23.92
C VAL MB 63 116.00 18.01 -24.59
N GLU MB 64 115.60 19.06 -23.87
CA GLU MB 64 114.71 20.06 -24.45
C GLU MB 64 115.41 20.81 -25.60
N ARG MB 65 116.71 21.04 -25.48
CA ARG MB 65 117.47 21.57 -26.59
C ARG MB 65 117.54 20.56 -27.74
N LYS MB 66 117.78 19.29 -27.43
CA LYS MB 66 118.00 18.32 -28.49
C LYS MB 66 116.72 17.98 -29.23
N HIS MB 67 115.62 17.76 -28.49
CA HIS MB 67 114.32 17.59 -29.15
C HIS MB 67 113.88 18.86 -29.86
N GLY MB 68 114.36 20.02 -29.42
CA GLY MB 68 114.05 21.25 -30.14
C GLY MB 68 114.72 21.30 -31.50
N ARG MB 69 116.01 20.99 -31.54
CA ARG MB 69 116.78 21.07 -32.78
C ARG MB 69 116.37 20.03 -33.80
N VAL MB 70 115.60 19.02 -33.41
CA VAL MB 70 115.02 18.12 -34.40
C VAL MB 70 113.84 18.78 -35.08
N ALA MB 71 112.94 19.37 -34.30
CA ALA MB 71 111.71 19.95 -34.85
C ALA MB 71 112.01 21.21 -35.66
N MET MB 72 113.10 21.90 -35.34
CA MET MB 72 113.47 23.10 -36.08
C MET MB 72 113.85 22.77 -37.50
N ALA MB 73 114.67 21.74 -37.69
CA ALA MB 73 114.99 21.27 -39.03
C ALA MB 73 113.91 20.38 -39.61
N ALA MB 74 112.77 20.23 -38.93
CA ALA MB 74 111.66 19.45 -39.44
C ALA MB 74 110.44 20.27 -39.81
N VAL MB 75 110.25 21.45 -39.22
CA VAL MB 75 109.20 22.33 -39.69
C VAL MB 75 109.58 22.91 -41.04
N VAL MB 76 110.85 23.31 -41.19
CA VAL MB 76 111.35 23.73 -42.49
C VAL MB 76 111.28 22.57 -43.48
N GLY MB 77 111.57 21.36 -43.00
CA GLY MB 77 111.32 20.19 -43.81
C GLY MB 77 109.85 19.96 -44.10
N THR MB 78 108.97 20.44 -43.23
CA THR MB 78 107.55 20.29 -43.54
C THR MB 78 107.10 21.39 -44.48
N ILE MB 79 107.65 22.59 -44.33
CA ILE MB 79 107.24 23.72 -45.15
C ILE MB 79 107.76 23.60 -46.57
N VAL MB 80 109.05 23.29 -46.72
CA VAL MB 80 109.68 23.30 -48.04
C VAL MB 80 109.19 22.13 -48.89
N HIS MB 81 108.97 20.97 -48.29
CA HIS MB 81 108.44 19.83 -49.03
C HIS MB 81 107.01 20.10 -49.50
N ASN MB 82 106.22 20.82 -48.71
CA ASN MB 82 104.85 21.10 -49.08
C ASN MB 82 104.71 22.28 -50.00
N ASN MB 83 105.72 23.16 -50.09
CA ASN MB 83 105.70 24.17 -51.15
C ASN MB 83 106.06 23.60 -52.50
N HIS MB 84 106.46 22.32 -52.55
CA HIS MB 84 106.88 21.60 -53.75
C HIS MB 84 108.05 22.28 -54.44
N ILE MB 85 108.90 22.94 -53.66
CA ILE MB 85 110.24 23.26 -54.13
C ILE MB 85 111.02 21.95 -54.08
N VAL MB 86 111.39 21.44 -55.24
CA VAL MB 86 111.95 20.10 -55.38
C VAL MB 86 113.36 20.23 -55.93
N PHE MB 87 114.23 19.27 -55.58
CA PHE MB 87 115.56 19.16 -56.18
C PHE MB 87 115.51 19.04 -57.70
N ASP MB 88 114.43 18.47 -58.24
CA ASP MB 88 114.15 18.39 -59.68
C ASP MB 88 115.22 17.58 -60.41
N GLY MB 89 115.71 16.54 -59.75
CA GLY MB 89 116.69 15.65 -60.34
C GLY MB 89 116.17 14.25 -60.50
N TYR MB 90 116.85 13.28 -59.89
CA TYR MB 90 116.50 11.88 -60.03
C TYR MB 90 117.07 11.15 -58.83
N LEU MB 91 116.18 10.60 -58.00
CA LEU MB 91 116.59 10.17 -56.66
C LEU MB 91 117.31 8.83 -56.68
N SER MB 92 116.62 7.77 -57.10
CA SER MB 92 117.20 6.45 -57.04
C SER MB 92 117.45 5.96 -58.45
N PRO MB 93 118.69 5.66 -58.82
CA PRO MB 93 118.89 5.02 -60.13
C PRO MB 93 118.39 3.58 -60.15
N SER MB 94 118.53 2.85 -59.04
CA SER MB 94 118.15 1.45 -59.02
C SER MB 94 116.64 1.27 -58.94
N ASN MB 95 116.00 1.88 -57.94
CA ASN MB 95 114.57 1.74 -57.75
C ASN MB 95 113.76 2.76 -58.55
N ASN MB 96 114.44 3.55 -59.39
CA ASN MB 96 113.82 4.41 -60.40
C ASN MB 96 112.91 5.48 -59.81
N LEU MB 97 113.39 6.19 -58.80
CA LEU MB 97 112.64 7.31 -58.24
C LEU MB 97 113.23 8.63 -58.70
N LYS MB 98 112.35 9.58 -59.00
CA LYS MB 98 112.71 10.97 -59.02
C LYS MB 98 112.47 11.52 -57.62
N PHE MB 99 112.91 12.76 -57.39
CA PHE MB 99 112.60 13.39 -56.11
C PHE MB 99 111.12 13.76 -56.02
N SER MB 100 110.50 14.08 -57.14
CA SER MB 100 109.09 14.43 -57.19
C SER MB 100 108.16 13.25 -56.95
N ASP MB 101 108.67 12.03 -57.04
CA ASP MB 101 107.83 10.85 -56.87
C ASP MB 101 107.42 10.64 -55.42
N ILE MB 102 108.21 11.16 -54.50
CA ILE MB 102 107.99 10.89 -53.08
C ILE MB 102 106.89 11.82 -52.57
N PRO MB 103 105.95 11.32 -51.77
CA PRO MB 103 104.93 12.21 -51.18
C PRO MB 103 105.54 13.18 -50.18
N THR MB 104 104.76 14.21 -49.86
CA THR MB 104 105.24 15.30 -49.03
C THR MB 104 104.72 15.25 -47.60
N GLY MB 105 103.80 14.34 -47.31
CA GLY MB 105 103.21 14.26 -46.00
C GLY MB 105 104.05 13.43 -45.05
N VAL MB 106 103.37 12.58 -44.28
CA VAL MB 106 104.08 11.66 -43.38
C VAL MB 106 104.77 10.58 -44.19
N ASP MB 107 104.23 10.25 -45.37
CA ASP MB 107 104.68 9.13 -46.18
C ASP MB 107 106.02 9.36 -46.90
N GLY MB 108 106.77 10.40 -46.56
CA GLY MB 108 108.01 10.74 -47.23
C GLY MB 108 109.13 9.77 -47.03
N ILE MB 109 109.57 9.58 -45.78
CA ILE MB 109 110.57 8.56 -45.47
C ILE MB 109 109.98 7.18 -45.67
N ARG MB 110 108.67 7.04 -45.45
CA ARG MB 110 107.96 5.78 -45.69
C ARG MB 110 108.05 5.33 -47.14
N ALA MB 111 108.23 6.25 -48.09
CA ALA MB 111 108.40 5.91 -49.49
C ALA MB 111 109.87 5.90 -49.93
N ILE MB 112 110.80 6.00 -48.99
CA ILE MB 112 112.23 6.02 -49.30
C ILE MB 112 112.82 4.63 -49.20
N PRO MB 113 113.62 4.19 -50.17
CA PRO MB 113 114.23 2.85 -50.08
C PRO MB 113 115.27 2.76 -48.97
N THR MB 114 115.41 1.55 -48.45
CA THR MB 114 116.26 1.33 -47.28
C THR MB 114 117.75 1.41 -47.61
N ALA MB 115 118.11 1.33 -48.89
CA ALA MB 115 119.51 1.48 -49.29
C ALA MB 115 120.02 2.91 -49.10
N GLY MB 116 119.11 3.86 -48.96
CA GLY MB 116 119.50 5.21 -48.63
C GLY MB 116 119.31 5.51 -47.16
N LEU MB 117 118.37 4.81 -46.52
CA LEU MB 117 118.18 4.99 -45.08
C LEU MB 117 119.37 4.43 -44.31
N ALA MB 118 120.04 3.42 -44.85
CA ALA MB 118 121.29 2.97 -44.25
C ALA MB 118 122.38 4.00 -44.42
N GLN MB 119 122.36 4.74 -45.53
CA GLN MB 119 123.33 5.82 -45.71
C GLN MB 119 123.03 6.99 -44.80
N ILE MB 120 121.78 7.15 -44.38
CA ILE MB 120 121.43 8.26 -43.49
C ILE MB 120 121.89 7.99 -42.07
N LEU MB 121 121.49 6.85 -41.51
CA LEU MB 121 121.75 6.60 -40.10
C LEU MB 121 123.20 6.24 -39.83
N ALA MB 122 123.93 5.77 -40.83
CA ALA MB 122 125.38 5.62 -40.67
C ALA MB 122 126.06 6.97 -40.57
N PHE MB 123 125.46 8.00 -41.17
CA PHE MB 123 125.99 9.34 -41.01
C PHE MB 123 125.67 9.90 -39.64
N PHE MB 124 124.40 9.92 -39.26
CA PHE MB 124 124.00 10.57 -38.03
C PHE MB 124 124.29 9.74 -36.78
N ALA MB 125 124.79 8.52 -36.93
CA ALA MB 125 125.46 7.89 -35.80
C ALA MB 125 126.77 8.60 -35.52
N LEU MB 126 127.55 8.86 -36.57
CA LEU MB 126 128.83 9.54 -36.40
C LEU MB 126 128.65 10.99 -35.97
N VAL MB 127 127.52 11.60 -36.29
CA VAL MB 127 127.29 12.97 -35.84
C VAL MB 127 126.82 13.00 -34.40
N GLU MB 128 125.96 12.04 -34.04
CA GLU MB 128 125.46 11.98 -32.67
C GLU MB 128 126.58 11.57 -31.72
N LEU MB 129 127.35 10.54 -32.08
CA LEU MB 129 128.36 10.00 -31.17
C LEU MB 129 129.68 10.74 -31.25
N ALA MB 130 130.29 10.79 -32.43
CA ALA MB 130 131.67 11.27 -32.53
C ALA MB 130 131.75 12.79 -32.50
N TRP MB 131 131.17 13.45 -33.51
CA TRP MB 131 131.47 14.86 -33.72
C TRP MB 131 130.72 15.77 -32.76
N MET MB 132 129.45 15.49 -32.49
CA MET MB 132 128.67 16.27 -31.53
C MET MB 132 128.10 15.35 -30.46
N PRO MB 133 128.91 14.90 -29.49
CA PRO MB 133 128.40 13.97 -28.49
C PRO MB 133 127.38 14.61 -27.57
N ALA MB 134 126.15 14.12 -27.67
CA ALA MB 134 125.04 14.61 -26.86
C ALA MB 134 125.09 14.11 -25.43
N SER MB 135 126.12 13.34 -25.05
CA SER MB 135 126.45 13.15 -23.65
C SER MB 135 126.84 14.46 -22.97
N LYS MB 136 127.36 15.43 -23.73
CA LYS MB 136 127.54 16.77 -23.23
C LYS MB 136 126.18 17.43 -23.08
N TYR MB 137 126.03 18.22 -22.01
CA TYR MB 137 124.73 18.79 -21.71
C TYR MB 137 124.59 20.20 -22.27
N ASP MB 138 125.68 20.95 -22.33
CA ASP MB 138 125.64 22.23 -23.04
C ASP MB 138 125.54 21.99 -24.54
N GLY MB 139 126.47 21.22 -25.08
CA GLY MB 139 126.42 20.88 -26.48
C GLY MB 139 126.90 21.95 -27.42
N ASP MB 140 127.70 22.90 -26.94
CA ASP MB 140 128.26 23.92 -27.81
C ASP MB 140 129.51 23.38 -28.50
N TYR MB 141 129.40 23.20 -29.82
CA TYR MB 141 130.51 22.80 -30.66
C TYR MB 141 130.80 23.82 -31.75
N GLY MB 142 129.76 24.28 -32.44
CA GLY MB 142 129.86 25.17 -33.58
C GLY MB 142 129.50 26.59 -33.26
N VAL MB 143 130.07 27.11 -32.16
CA VAL MB 143 129.71 28.39 -31.53
C VAL MB 143 129.78 29.54 -32.53
N GLY MB 144 130.75 29.49 -33.43
CA GLY MB 144 130.63 30.12 -34.74
C GLY MB 144 130.75 31.64 -34.69
N TYR MB 145 130.41 32.21 -35.84
CA TYR MB 145 130.74 33.59 -36.17
C TYR MB 145 129.66 34.54 -35.65
N PHE MB 146 130.09 35.53 -34.86
CA PHE MB 146 129.23 36.55 -34.24
C PHE MB 146 128.14 35.92 -33.38
N GLY MB 147 128.54 35.01 -32.52
CA GLY MB 147 127.59 34.21 -31.78
C GLY MB 147 127.18 34.85 -30.47
N THR MB 148 127.52 34.19 -29.35
CA THR MB 148 127.16 34.70 -28.03
C THR MB 148 127.89 36.00 -27.68
N ASP MB 149 129.03 36.28 -28.34
CA ASP MB 149 129.63 37.61 -28.40
C ASP MB 149 130.02 38.20 -27.06
N ILE MB 150 131.17 37.76 -26.52
CA ILE MB 150 131.78 38.18 -25.25
C ILE MB 150 131.63 39.66 -24.94
N LYS MB 151 131.90 40.53 -25.92
CA LYS MB 151 131.64 41.96 -25.71
C LYS MB 151 130.24 42.36 -26.15
N ASP MB 152 129.25 41.56 -25.76
CA ASP MB 152 127.81 41.74 -25.86
C ASP MB 152 127.16 40.75 -24.90
N PRO MB 153 127.18 40.97 -23.58
CA PRO MB 153 126.45 40.06 -22.69
C PRO MB 153 124.95 40.21 -22.83
N GLU MB 154 124.50 41.35 -23.36
CA GLU MB 154 123.10 41.58 -23.64
C GLU MB 154 122.57 40.71 -24.76
N GLU MB 155 123.45 40.18 -25.62
CA GLU MB 155 123.00 39.41 -26.77
C GLU MB 155 122.94 37.92 -26.45
N LYS MB 156 123.93 37.41 -25.69
CA LYS MB 156 123.97 36.01 -25.31
C LYS MB 156 122.74 35.60 -24.51
N ALA MB 157 122.22 36.49 -23.69
CA ALA MB 157 120.96 36.24 -23.00
C ALA MB 157 119.82 36.08 -24.00
N ARG MB 158 119.72 36.98 -24.97
CA ARG MB 158 118.69 36.83 -25.98
C ARG MB 158 119.15 36.05 -27.20
N LYS MB 159 120.23 35.28 -27.10
CA LYS MB 159 120.54 34.33 -28.15
C LYS MB 159 120.28 32.92 -27.67
N LEU MB 160 120.60 32.65 -26.40
CA LEU MB 160 120.36 31.36 -25.81
C LEU MB 160 118.87 31.09 -25.61
N ASN MB 161 118.05 32.12 -25.47
CA ASN MB 161 116.60 31.91 -25.51
C ASN MB 161 116.16 31.40 -26.87
N VAL MB 162 116.60 32.07 -27.93
CA VAL MB 162 115.81 32.09 -29.15
C VAL MB 162 116.15 30.92 -30.07
N GLU MB 163 117.31 30.29 -29.89
CA GLU MB 163 117.48 28.92 -30.39
C GLU MB 163 116.45 28.01 -29.77
N LEU MB 164 116.43 27.97 -28.44
CA LEU MB 164 115.45 27.18 -27.70
C LEU MB 164 114.02 27.64 -28.01
N ASN MB 165 113.79 28.95 -28.10
CA ASN MB 165 112.41 29.41 -28.03
C ASN MB 165 111.71 29.32 -29.37
N ASN MB 166 112.41 29.47 -30.49
CA ASN MB 166 111.87 29.02 -31.77
C ASN MB 166 111.63 27.52 -31.73
N GLY MB 167 112.54 26.77 -31.10
CA GLY MB 167 112.40 25.32 -31.03
C GLY MB 167 111.40 24.86 -30.02
N ARG MB 168 111.09 25.72 -29.04
CA ARG MB 168 109.94 25.53 -28.18
C ARG MB 168 108.67 25.33 -28.97
N ALA MB 169 108.28 26.34 -29.75
CA ALA MB 169 107.08 26.26 -30.57
C ALA MB 169 107.34 25.68 -31.93
N ALA MB 170 108.43 24.96 -32.11
CA ALA MB 170 108.59 24.15 -33.30
C ALA MB 170 108.13 22.73 -33.05
N MET MB 171 108.25 22.27 -31.81
CA MET MB 171 107.75 20.95 -31.44
C MET MB 171 106.25 20.89 -31.58
N MET MB 172 105.55 21.90 -31.08
CA MET MB 172 104.10 21.97 -31.18
C MET MB 172 103.63 22.24 -32.60
N GLY MB 173 104.52 22.64 -33.50
CA GLY MB 173 104.18 22.75 -34.89
C GLY MB 173 104.25 21.41 -35.59
N ILE MB 174 105.27 20.62 -35.27
CA ILE MB 174 105.38 19.26 -35.80
C ILE MB 174 104.25 18.39 -35.32
N MET MB 175 103.97 18.45 -34.01
CA MET MB 175 102.85 17.72 -33.43
C MET MB 175 101.53 18.20 -34.02
N GLY MB 176 101.45 19.48 -34.34
CA GLY MB 176 100.29 20.00 -35.02
C GLY MB 176 100.30 19.85 -36.52
N ASN MB 177 101.38 19.33 -37.09
CA ASN MB 177 101.41 18.96 -38.50
C ASN MB 177 101.22 17.47 -38.71
N MET MB 178 101.69 16.66 -37.79
CA MET MB 178 101.50 15.23 -37.91
C MET MB 178 100.06 14.85 -37.62
N VAL MB 179 99.48 15.42 -36.57
CA VAL MB 179 98.14 15.04 -36.14
C VAL MB 179 97.09 15.69 -37.02
N ALA MB 180 97.31 16.92 -37.47
CA ALA MB 180 96.39 17.53 -38.41
C ALA MB 180 96.44 16.88 -39.79
N GLU MB 181 97.46 16.08 -40.09
CA GLU MB 181 97.44 15.23 -41.28
C GLU MB 181 96.80 13.87 -41.01
N VAL MB 182 97.10 13.26 -39.87
CA VAL MB 182 96.61 11.92 -39.54
C VAL MB 182 95.08 11.90 -39.44
N LEU MB 183 94.51 12.88 -38.73
CA LEU MB 183 93.06 12.88 -38.56
C LEU MB 183 92.31 13.35 -39.80
N THR MB 184 93.00 13.81 -40.84
CA THR MB 184 92.34 14.13 -42.09
C THR MB 184 92.72 13.17 -43.20
N GLY MB 185 93.86 12.49 -43.10
CA GLY MB 185 94.34 11.65 -44.17
C GLY MB 185 95.06 12.37 -45.28
N GLN MB 186 94.70 13.63 -45.54
CA GLN MB 186 95.33 14.45 -46.56
C GLN MB 186 96.54 15.15 -45.98
N THR MB 187 97.51 15.43 -46.83
CA THR MB 187 98.70 16.16 -46.42
C THR MB 187 98.35 17.62 -46.15
N MET MB 188 99.35 18.38 -45.70
CA MET MB 188 99.11 19.79 -45.43
C MET MB 188 98.87 20.56 -46.71
N TYR MB 189 99.55 20.16 -47.79
CA TYR MB 189 99.30 20.78 -49.10
C TYR MB 189 97.91 20.47 -49.60
N GLU MB 190 97.36 19.31 -49.27
CA GLU MB 190 96.05 18.94 -49.76
C GLU MB 190 94.92 19.50 -48.93
N GLN MB 191 95.19 19.95 -47.70
CA GLN MB 191 94.14 20.56 -46.90
C GLN MB 191 93.81 21.97 -47.38
N TYR MB 192 94.83 22.79 -47.62
CA TYR MB 192 94.59 24.16 -48.06
C TYR MB 192 94.00 24.21 -49.45
N ALA MB 193 94.30 23.21 -50.27
CA ALA MB 193 93.62 23.09 -51.56
C ALA MB 193 92.15 22.75 -51.38
N SER MB 194 91.86 21.86 -50.43
CA SER MB 194 90.49 21.46 -50.20
C SER MB 194 89.73 22.38 -49.26
N GLY MB 195 90.42 23.16 -48.43
CA GLY MB 195 89.73 23.97 -47.44
C GLY MB 195 89.14 23.13 -46.33
N HIS MB 196 89.91 22.19 -45.80
CA HIS MB 196 89.47 21.22 -44.80
C HIS MB 196 89.98 21.60 -43.42
N ILE MB 197 89.89 22.88 -43.09
CA ILE MB 197 90.56 23.40 -41.91
C ILE MB 197 89.60 23.53 -40.72
N SER MB 198 88.32 23.70 -40.96
CA SER MB 198 87.36 23.59 -39.86
C SER MB 198 87.05 22.13 -39.60
N PRO MB 199 86.99 21.71 -38.33
CA PRO MB 199 86.80 20.29 -38.02
C PRO MB 199 85.37 19.82 -37.84
N PHE MB 200 84.36 20.61 -38.18
CA PHE MB 200 83.00 20.29 -37.80
C PHE MB 200 82.10 19.90 -38.96
N GLY MB 201 82.08 20.67 -40.06
CA GLY MB 201 81.19 20.35 -41.15
C GLY MB 201 81.56 19.10 -41.93
N ASP MB 202 82.79 18.64 -41.77
CA ASP MB 202 83.32 17.49 -42.49
C ASP MB 202 82.86 16.19 -41.81
N GLY MB 203 83.47 15.07 -42.19
CA GLY MB 203 83.16 13.81 -41.54
C GLY MB 203 84.26 13.21 -40.71
N GLN MB 204 84.09 13.23 -39.38
CA GLN MB 204 84.87 12.42 -38.46
C GLN MB 204 84.01 12.21 -37.21
N GLY MB 205 84.60 11.57 -36.20
CA GLY MB 205 83.99 11.56 -34.89
C GLY MB 205 83.92 12.98 -34.34
N VAL MB 206 82.70 13.47 -34.15
CA VAL MB 206 82.35 14.88 -33.95
C VAL MB 206 82.86 15.73 -35.11
N SER NB 31 120.75 60.64 -24.47
CA SER NB 31 119.98 61.87 -24.42
C SER NB 31 118.96 61.92 -25.55
N GLU NB 32 117.68 61.80 -25.19
CA GLU NB 32 116.62 61.65 -26.17
C GLU NB 32 116.25 62.95 -26.86
N ILE NB 33 116.53 64.10 -26.23
CA ILE NB 33 116.25 65.37 -26.88
C ILE NB 33 117.23 65.61 -28.03
N GLU NB 34 118.47 65.17 -27.88
CA GLU NB 34 119.54 65.46 -28.83
C GLU NB 34 119.58 64.51 -30.02
N LEU NB 35 118.48 63.82 -30.35
CA LEU NB 35 118.55 62.77 -31.36
C LEU NB 35 117.98 63.18 -32.71
N GLY NB 36 117.29 64.30 -32.81
CA GLY NB 36 116.80 64.76 -34.10
C GLY NB 36 117.49 65.97 -34.64
N VAL NB 37 118.46 66.52 -33.92
CA VAL NB 37 119.19 67.70 -34.36
C VAL NB 37 120.12 67.31 -35.50
N THR NB 38 119.93 67.92 -36.67
CA THR NB 38 120.76 67.66 -37.82
C THR NB 38 121.04 68.99 -38.50
N GLU NB 39 122.26 69.13 -39.01
CA GLU NB 39 122.86 70.30 -39.66
C GLU NB 39 121.97 71.11 -40.61
N PRO NB 40 121.03 70.52 -41.38
CA PRO NB 40 120.07 71.40 -42.08
C PRO NB 40 119.21 72.24 -41.17
N LEU NB 41 118.72 71.70 -40.08
CA LEU NB 41 117.75 72.48 -39.30
C LEU NB 41 118.14 72.66 -37.84
N GLY NB 42 118.71 71.65 -37.20
CA GLY NB 42 119.04 71.80 -35.79
C GLY NB 42 117.81 71.60 -34.92
N VAL NB 43 117.77 72.33 -33.80
CA VAL NB 43 116.59 72.33 -32.95
C VAL NB 43 115.48 73.07 -33.70
N TYR NB 44 114.32 72.43 -33.81
CA TYR NB 44 113.34 72.91 -34.79
C TYR NB 44 111.94 72.67 -34.24
N ASP NB 45 111.38 73.73 -33.64
CA ASP NB 45 109.98 73.72 -33.20
C ASP NB 45 109.31 75.00 -33.69
N PRO NB 46 108.64 74.97 -34.83
CA PRO NB 46 107.87 76.15 -35.26
C PRO NB 46 106.67 76.42 -34.37
N LEU NB 47 106.14 75.40 -33.71
CA LEU NB 47 105.07 75.62 -32.74
C LEU NB 47 105.58 75.75 -31.32
N GLY NB 48 106.85 75.44 -31.09
CA GLY NB 48 107.46 75.66 -29.78
C GLY NB 48 106.96 74.75 -28.69
N TRP NB 49 106.76 73.48 -29.01
CA TRP NB 49 106.33 72.51 -28.01
C TRP NB 49 107.47 72.05 -27.11
N LEU NB 50 108.72 72.27 -27.50
CA LEU NB 50 109.85 71.80 -26.72
C LEU NB 50 109.98 72.55 -25.40
N GLU NB 51 109.76 73.86 -25.41
CA GLU NB 51 109.80 74.60 -24.16
C GLU NB 51 108.44 74.64 -23.47
N SER NB 52 107.36 74.62 -24.25
CA SER NB 52 106.04 74.77 -23.64
C SER NB 52 105.54 73.47 -23.04
N GLU NB 53 105.97 72.32 -23.56
CA GLU NB 53 105.51 71.04 -23.04
C GLU NB 53 106.65 70.04 -23.13
N PRO NB 54 107.51 69.98 -22.11
CA PRO NB 54 108.67 69.09 -22.18
C PRO NB 54 108.39 67.68 -21.73
N GLU NB 55 107.35 67.45 -20.93
CA GLU NB 55 107.11 66.13 -20.37
C GLU NB 55 106.54 65.19 -21.41
N ALA NB 56 105.74 65.70 -22.33
CA ALA NB 56 105.18 64.86 -23.37
C ALA NB 56 106.15 64.61 -24.52
N PHE NB 57 107.41 65.06 -24.41
CA PHE NB 57 108.37 64.80 -25.46
C PHE NB 57 108.67 63.32 -25.60
N GLU NB 58 108.72 62.60 -24.48
CA GLU NB 58 108.96 61.16 -24.52
C GLU NB 58 107.83 60.42 -25.21
N ARG NB 59 106.61 60.91 -25.06
CA ARG NB 59 105.50 60.45 -25.88
C ARG NB 59 105.76 60.73 -27.36
N ARG NB 60 105.99 62.00 -27.69
CA ARG NB 60 106.09 62.43 -29.08
C ARG NB 60 107.31 61.87 -29.79
N ARG NB 61 108.38 61.57 -29.03
CA ARG NB 61 109.58 61.03 -29.65
C ARG NB 61 109.32 59.65 -30.20
N ALA NB 62 108.58 58.84 -29.45
CA ALA NB 62 108.21 57.51 -29.92
C ALA NB 62 107.22 57.60 -31.07
N VAL NB 63 106.37 58.63 -31.07
CA VAL NB 63 105.38 58.74 -32.13
C VAL NB 63 106.03 59.17 -33.45
N GLU NB 64 106.98 60.11 -33.40
CA GLU NB 64 107.72 60.48 -34.60
C GLU NB 64 108.57 59.32 -35.08
N ARG NB 65 109.02 58.47 -34.16
CA ARG NB 65 109.56 57.18 -34.56
C ARG NB 65 108.48 56.31 -35.18
N LYS NB 66 107.33 56.17 -34.48
CA LYS NB 66 106.37 55.12 -34.84
C LYS NB 66 105.75 55.36 -36.21
N HIS NB 67 105.38 56.60 -36.52
CA HIS NB 67 104.92 56.89 -37.87
C HIS NB 67 106.03 56.72 -38.90
N GLY NB 68 107.28 56.87 -38.47
CA GLY NB 68 108.39 56.58 -39.37
C GLY NB 68 108.51 55.10 -39.67
N ARG NB 69 108.62 54.27 -38.62
CA ARG NB 69 108.77 52.82 -38.74
C ARG NB 69 107.66 52.18 -39.56
N VAL NB 70 106.45 52.75 -39.52
CA VAL NB 70 105.41 52.37 -40.47
C VAL NB 70 105.82 52.76 -41.87
N ALA NB 71 106.10 54.05 -42.06
CA ALA NB 71 106.20 54.62 -43.40
C ALA NB 71 107.45 54.20 -44.14
N MET NB 72 108.49 53.74 -43.44
CA MET NB 72 109.60 53.12 -44.13
C MET NB 72 109.13 51.85 -44.81
N ALA NB 73 108.41 51.01 -44.08
CA ALA NB 73 107.86 49.76 -44.57
C ALA NB 73 106.65 49.94 -45.48
N ALA NB 74 106.26 51.18 -45.76
CA ALA NB 74 105.15 51.42 -46.67
C ALA NB 74 105.60 51.97 -48.01
N VAL NB 75 106.78 52.60 -48.07
CA VAL NB 75 107.34 53.04 -49.35
C VAL NB 75 107.70 51.83 -50.20
N VAL NB 76 108.32 50.81 -49.59
CA VAL NB 76 108.65 49.59 -50.30
C VAL NB 76 107.38 48.85 -50.71
N GLY NB 77 106.33 48.95 -49.91
CA GLY NB 77 105.04 48.46 -50.32
C GLY NB 77 104.37 49.27 -51.40
N THR NB 78 104.92 50.44 -51.76
CA THR NB 78 104.48 51.11 -52.96
C THR NB 78 105.33 50.72 -54.15
N ILE NB 79 106.64 50.59 -53.92
CA ILE NB 79 107.58 50.30 -54.98
C ILE NB 79 107.38 48.88 -55.51
N VAL NB 80 107.46 47.89 -54.61
CA VAL NB 80 107.45 46.49 -54.98
C VAL NB 80 106.10 46.08 -55.54
N HIS NB 81 105.02 46.68 -55.03
CA HIS NB 81 103.71 46.41 -55.60
C HIS NB 81 103.57 47.01 -56.99
N ASN NB 82 104.29 48.08 -57.28
CA ASN NB 82 104.24 48.70 -58.60
C ASN NB 82 105.38 48.30 -59.52
N ASN NB 83 106.29 47.44 -59.06
CA ASN NB 83 107.14 46.73 -60.00
C ASN NB 83 106.47 45.48 -60.53
N HIS NB 84 105.22 45.23 -60.13
CA HIS NB 84 104.46 44.02 -60.41
C HIS NB 84 105.19 42.76 -59.97
N ILE NB 85 105.89 42.85 -58.84
CA ILE NB 85 106.42 41.67 -58.17
C ILE NB 85 105.27 41.01 -57.46
N VAL NB 86 104.81 39.89 -57.98
CA VAL NB 86 103.60 39.23 -57.52
C VAL NB 86 104.01 37.87 -56.96
N PHE NB 87 103.29 37.41 -55.93
CA PHE NB 87 103.51 36.09 -55.37
C PHE NB 87 103.24 34.94 -56.34
N ASP NB 88 102.55 35.22 -57.45
CA ASP NB 88 102.29 34.29 -58.55
C ASP NB 88 101.47 33.09 -58.10
N GLY NB 89 100.68 33.25 -57.05
CA GLY NB 89 99.84 32.19 -56.53
C GLY NB 89 98.37 32.49 -56.71
N TYR NB 90 97.56 31.72 -55.99
CA TYR NB 90 96.11 31.80 -56.07
C TYR NB 90 95.62 32.13 -54.66
N LEU NB 91 95.20 33.38 -54.49
CA LEU NB 91 95.06 33.96 -53.16
C LEU NB 91 93.91 33.34 -52.38
N SER NB 92 92.68 33.47 -52.87
CA SER NB 92 91.54 32.95 -52.15
C SER NB 92 90.89 31.86 -52.97
N PRO NB 93 90.74 30.65 -52.44
CA PRO NB 93 89.93 29.64 -53.15
C PRO NB 93 88.46 29.99 -53.18
N SER NB 94 87.94 30.65 -52.15
CA SER NB 94 86.53 30.99 -52.13
C SER NB 94 86.23 32.17 -53.05
N ASN NB 95 86.86 33.31 -52.80
CA ASN NB 95 86.54 34.52 -53.55
C ASN NB 95 87.27 34.60 -54.88
N ASN NB 96 88.04 33.56 -55.24
CA ASN NB 96 88.64 33.38 -56.57
C ASN NB 96 89.62 34.50 -56.93
N LEU NB 97 90.21 35.11 -55.93
CA LEU NB 97 91.18 36.16 -56.16
C LEU NB 97 92.56 35.58 -56.36
N LYS NB 98 93.37 36.28 -57.14
CA LYS NB 98 94.80 36.05 -57.15
C LYS NB 98 95.49 37.29 -56.60
N PHE NB 99 96.80 37.19 -56.41
CA PHE NB 99 97.54 38.35 -55.95
C PHE NB 99 97.65 39.40 -57.04
N SER NB 100 97.68 38.98 -58.30
CA SER NB 100 97.64 39.92 -59.41
C SER NB 100 96.28 40.60 -59.52
N ASP NB 101 95.22 39.94 -59.05
CA ASP NB 101 93.88 40.51 -59.11
C ASP NB 101 93.72 41.72 -58.20
N ILE NB 102 94.50 41.81 -57.13
CA ILE NB 102 94.42 42.95 -56.23
C ILE NB 102 95.05 44.16 -56.91
N PRO NB 103 94.40 45.32 -56.89
CA PRO NB 103 95.01 46.53 -57.45
C PRO NB 103 96.24 46.95 -56.65
N THR NB 104 97.11 47.68 -57.33
CA THR NB 104 98.41 48.03 -56.78
C THR NB 104 98.47 49.45 -56.24
N GLY NB 105 97.42 50.25 -56.43
CA GLY NB 105 97.44 51.61 -55.93
C GLY NB 105 96.94 51.73 -54.50
N VAL NB 106 96.01 52.65 -54.27
CA VAL NB 106 95.44 52.82 -52.94
C VAL NB 106 94.49 51.67 -52.62
N ASP NB 107 93.92 51.04 -53.65
CA ASP NB 107 92.87 50.04 -53.46
C ASP NB 107 93.42 48.64 -53.25
N GLY NB 108 94.60 48.50 -52.69
CA GLY NB 108 95.14 47.19 -52.37
C GLY NB 108 94.45 46.56 -51.19
N ILE NB 109 94.38 47.30 -50.08
CA ILE NB 109 93.71 46.79 -48.89
C ILE NB 109 92.21 46.77 -49.06
N ARG NB 110 91.64 47.74 -49.78
CA ARG NB 110 90.21 47.81 -49.98
C ARG NB 110 89.66 46.68 -50.83
N ALA NB 111 90.51 45.93 -51.54
CA ALA NB 111 90.07 44.78 -52.32
C ALA NB 111 90.34 43.45 -51.64
N ILE NB 112 91.06 43.45 -50.53
CA ILE NB 112 91.23 42.24 -49.70
C ILE NB 112 89.89 41.87 -49.09
N PRO NB 113 89.50 40.59 -49.08
CA PRO NB 113 88.26 40.20 -48.39
C PRO NB 113 88.36 40.47 -46.89
N THR NB 114 87.19 40.70 -46.29
CA THR NB 114 87.14 41.20 -44.92
C THR NB 114 87.52 40.14 -43.91
N ALA NB 115 87.47 38.86 -44.30
CA ALA NB 115 88.09 37.85 -43.46
C ALA NB 115 89.61 37.93 -43.54
N GLY NB 116 90.13 38.36 -44.68
CA GLY NB 116 91.58 38.44 -44.83
C GLY NB 116 92.17 39.62 -44.08
N LEU NB 117 91.43 40.72 -44.00
CA LEU NB 117 91.88 41.82 -43.15
C LEU NB 117 91.73 41.47 -41.69
N ALA NB 118 90.81 40.56 -41.36
CA ALA NB 118 90.66 40.13 -39.98
C ALA NB 118 91.85 39.30 -39.53
N GLN NB 119 92.44 38.54 -40.44
CA GLN NB 119 93.61 37.75 -40.06
C GLN NB 119 94.84 38.62 -39.89
N ILE NB 120 94.90 39.76 -40.59
CA ILE NB 120 96.06 40.63 -40.47
C ILE NB 120 96.01 41.40 -39.15
N LEU NB 121 94.87 42.03 -38.85
CA LEU NB 121 94.75 42.82 -37.65
C LEU NB 121 94.78 41.97 -36.39
N ALA NB 122 94.37 40.70 -36.49
CA ALA NB 122 94.60 39.79 -35.39
C ALA NB 122 96.07 39.47 -35.22
N PHE NB 123 96.85 39.52 -36.29
CA PHE NB 123 98.27 39.27 -36.13
C PHE NB 123 98.99 40.47 -35.56
N PHE NB 124 98.63 41.67 -35.99
CA PHE NB 124 99.29 42.86 -35.47
C PHE NB 124 98.59 43.40 -34.25
N ALA NB 125 97.64 42.66 -33.70
CA ALA NB 125 97.34 42.84 -32.29
C ALA NB 125 98.35 42.10 -31.43
N LEU NB 126 98.88 40.99 -31.95
CA LEU NB 126 99.90 40.27 -31.20
C LEU NB 126 101.22 41.03 -31.23
N VAL NB 127 101.58 41.58 -32.38
CA VAL NB 127 102.91 42.16 -32.51
C VAL NB 127 102.99 43.50 -31.79
N GLU NB 128 101.96 44.32 -31.89
CA GLU NB 128 102.08 45.65 -31.32
C GLU NB 128 101.67 45.69 -29.85
N LEU NB 129 101.22 44.58 -29.29
CA LEU NB 129 100.93 44.53 -27.86
C LEU NB 129 101.83 43.57 -27.11
N ALA NB 130 102.08 42.38 -27.66
CA ALA NB 130 102.81 41.36 -26.93
C ALA NB 130 104.30 41.37 -27.23
N TRP NB 131 104.67 41.14 -28.49
CA TRP NB 131 106.08 40.99 -28.80
C TRP NB 131 106.81 42.33 -28.83
N MET NB 132 106.24 43.33 -29.50
CA MET NB 132 106.87 44.64 -29.67
C MET NB 132 105.88 45.67 -29.19
N PRO NB 133 105.77 45.88 -27.88
CA PRO NB 133 104.65 46.66 -27.35
C PRO NB 133 104.86 48.16 -27.56
N ALA NB 134 103.91 48.78 -28.25
CA ALA NB 134 104.07 50.18 -28.62
C ALA NB 134 103.87 51.12 -27.44
N SER NB 135 103.49 50.63 -26.26
CA SER NB 135 103.50 51.49 -25.08
C SER NB 135 104.87 51.55 -24.44
N LYS NB 136 105.90 50.95 -25.03
CA LYS NB 136 107.26 51.20 -24.62
C LYS NB 136 107.83 52.30 -25.52
N TYR NB 137 108.20 53.43 -24.91
CA TYR NB 137 108.52 54.60 -25.69
C TYR NB 137 109.97 54.65 -26.13
N ASP NB 138 110.84 53.84 -25.55
CA ASP NB 138 112.22 53.85 -25.98
C ASP NB 138 112.38 53.16 -27.33
N GLY NB 139 111.58 52.13 -27.58
CA GLY NB 139 111.64 51.42 -28.85
C GLY NB 139 112.94 50.66 -29.03
N ASP NB 140 113.55 50.21 -27.94
CA ASP NB 140 114.89 49.62 -27.95
C ASP NB 140 114.85 48.15 -27.59
N TYR NB 141 113.96 47.43 -28.27
CA TYR NB 141 113.72 46.01 -28.12
C TYR NB 141 115.01 45.21 -28.39
N GLY NB 142 114.96 43.93 -28.01
CA GLY NB 142 116.15 43.09 -27.93
C GLY NB 142 116.88 42.84 -29.23
N VAL NB 143 116.29 43.22 -30.36
CA VAL NB 143 117.00 43.19 -31.62
C VAL NB 143 117.73 44.52 -31.78
N GLY NB 144 119.03 44.46 -32.00
CA GLY NB 144 119.81 45.63 -32.30
C GLY NB 144 119.77 45.94 -33.79
N TYR NB 145 120.79 46.63 -34.25
CA TYR NB 145 120.86 46.97 -35.66
C TYR NB 145 121.43 45.76 -36.40
N PHE NB 146 120.55 45.02 -37.07
CA PHE NB 146 120.83 43.71 -37.65
C PHE NB 146 121.36 42.77 -36.58
N GLY NB 147 120.52 42.49 -35.60
CA GLY NB 147 120.85 41.49 -34.60
C GLY NB 147 121.79 42.01 -33.54
N THR NB 148 123.02 42.33 -33.93
CA THR NB 148 123.94 42.99 -33.03
C THR NB 148 123.44 44.40 -32.74
N ASP NB 149 123.73 44.87 -31.55
CA ASP NB 149 123.55 46.29 -31.28
C ASP NB 149 124.84 47.00 -31.63
N ILE NB 150 124.95 48.24 -31.20
CA ILE NB 150 126.18 49.02 -31.34
C ILE NB 150 126.85 49.04 -29.98
N LYS NB 151 128.17 48.90 -29.97
CA LYS NB 151 128.93 49.19 -28.76
C LYS NB 151 129.36 50.64 -28.73
N ASP NB 152 129.79 51.13 -29.88
CA ASP NB 152 130.32 52.44 -30.20
C ASP NB 152 129.34 53.54 -29.80
N PRO NB 153 129.62 54.29 -28.73
CA PRO NB 153 128.67 55.33 -28.30
C PRO NB 153 128.65 56.53 -29.21
N GLU NB 154 129.69 56.69 -30.05
CA GLU NB 154 129.67 57.70 -31.10
C GLU NB 154 128.59 57.39 -32.13
N GLU NB 155 128.57 56.16 -32.63
CA GLU NB 155 127.66 55.81 -33.71
C GLU NB 155 126.24 55.52 -33.26
N LYS NB 156 125.93 55.64 -31.97
CA LYS NB 156 124.57 55.43 -31.48
C LYS NB 156 123.60 56.42 -32.08
N ALA NB 157 123.83 57.71 -31.81
CA ALA NB 157 122.97 58.76 -32.34
C ALA NB 157 123.10 58.86 -33.85
N ARG NB 158 124.28 58.55 -34.39
CA ARG NB 158 124.53 58.71 -35.81
C ARG NB 158 123.65 57.77 -36.63
N LYS NB 159 123.46 56.54 -36.15
CA LYS NB 159 122.48 55.66 -36.78
C LYS NB 159 121.07 56.03 -36.39
N LEU NB 160 120.89 56.56 -35.18
CA LEU NB 160 119.54 56.92 -34.76
C LEU NB 160 119.11 58.22 -35.41
N ASN NB 161 120.05 59.11 -35.75
CA ASN NB 161 119.69 60.25 -36.59
C ASN NB 161 119.26 59.82 -37.97
N VAL NB 162 119.77 58.68 -38.45
CA VAL NB 162 119.34 58.20 -39.74
C VAL NB 162 117.90 57.69 -39.68
N GLU NB 163 117.61 56.79 -38.72
CA GLU NB 163 116.29 56.16 -38.60
C GLU NB 163 115.18 57.18 -38.40
N LEU NB 164 115.49 58.31 -37.75
CA LEU NB 164 114.56 59.43 -37.79
C LEU NB 164 114.50 60.03 -39.19
N ASN NB 165 115.63 60.56 -39.68
CA ASN NB 165 115.63 61.35 -40.91
C ASN NB 165 115.29 60.51 -42.13
N ASN NB 166 115.86 59.31 -42.22
CA ASN NB 166 115.51 58.40 -43.30
C ASN NB 166 114.16 57.71 -43.08
N GLY NB 167 113.42 58.11 -42.05
CA GLY NB 167 112.06 57.67 -41.86
C GLY NB 167 111.11 58.84 -41.78
N ARG NB 168 111.63 60.01 -41.38
CA ARG NB 168 110.86 61.24 -41.51
C ARG NB 168 110.54 61.54 -42.96
N ALA NB 169 111.50 61.30 -43.85
CA ALA NB 169 111.28 61.51 -45.28
C ALA NB 169 110.45 60.40 -45.91
N ALA NB 170 110.16 59.33 -45.18
CA ALA NB 170 109.32 58.28 -45.72
C ALA NB 170 107.86 58.71 -45.73
N MET NB 171 107.40 59.30 -44.63
CA MET NB 171 105.99 59.64 -44.52
C MET NB 171 105.60 60.83 -45.37
N MET NB 172 106.57 61.62 -45.84
CA MET NB 172 106.28 62.56 -46.91
C MET NB 172 106.03 61.85 -48.23
N GLY NB 173 106.75 60.78 -48.49
CA GLY NB 173 106.59 60.05 -49.74
C GLY NB 173 105.32 59.24 -49.79
N ILE NB 174 104.82 58.84 -48.62
CA ILE NB 174 103.58 58.07 -48.58
C ILE NB 174 102.39 58.97 -48.89
N MET NB 175 102.40 60.19 -48.38
CA MET NB 175 101.44 61.17 -48.86
C MET NB 175 101.74 61.58 -50.29
N GLY NB 176 102.98 61.44 -50.73
CA GLY NB 176 103.33 61.67 -52.11
C GLY NB 176 102.83 60.61 -53.07
N ASN NB 177 102.26 59.52 -52.57
CA ASN NB 177 101.59 58.55 -53.43
C ASN NB 177 100.08 58.66 -53.34
N MET NB 178 99.54 58.63 -52.12
CA MET NB 178 98.09 58.55 -51.94
C MET NB 178 97.38 59.80 -52.45
N VAL NB 179 97.98 60.97 -52.26
CA VAL NB 179 97.41 62.18 -52.84
C VAL NB 179 97.67 62.23 -54.34
N ALA NB 180 98.85 61.78 -54.77
CA ALA NB 180 99.18 61.79 -56.19
C ALA NB 180 98.55 60.64 -56.96
N GLU NB 181 97.73 59.80 -56.32
CA GLU NB 181 96.93 58.83 -57.04
C GLU NB 181 95.45 59.13 -56.95
N VAL NB 182 95.03 60.08 -56.13
CA VAL NB 182 93.65 60.53 -56.08
C VAL NB 182 93.46 61.82 -56.89
N LEU NB 183 94.38 62.77 -56.76
CA LEU NB 183 94.29 63.97 -57.60
C LEU NB 183 94.67 63.68 -59.04
N THR NB 184 95.31 62.55 -59.31
CA THR NB 184 95.60 62.17 -60.69
C THR NB 184 94.72 61.03 -61.16
N GLY NB 185 94.14 60.26 -60.25
CA GLY NB 185 93.25 59.18 -60.61
C GLY NB 185 93.90 57.94 -61.19
N GLN NB 186 95.21 57.94 -61.36
CA GLN NB 186 95.94 56.81 -61.90
C GLN NB 186 96.82 56.22 -60.82
N THR NB 187 97.19 54.95 -60.99
CA THR NB 187 98.18 54.37 -60.10
C THR NB 187 99.56 54.91 -60.45
N MET NB 188 100.54 54.59 -59.59
CA MET NB 188 101.90 55.05 -59.84
C MET NB 188 102.49 54.36 -61.06
N TYR NB 189 102.09 53.12 -61.34
CA TYR NB 189 102.51 52.47 -62.56
C TYR NB 189 101.91 53.14 -63.78
N GLU NB 190 100.67 53.61 -63.69
CA GLU NB 190 100.02 54.24 -64.83
C GLU NB 190 100.56 55.62 -65.11
N GLN NB 191 101.10 56.30 -64.11
CA GLN NB 191 101.67 57.62 -64.35
C GLN NB 191 102.98 57.51 -65.11
N TYR NB 192 103.87 56.64 -64.66
CA TYR NB 192 105.14 56.48 -65.34
C TYR NB 192 105.04 55.69 -66.63
N ALA NB 193 103.94 54.97 -66.85
CA ALA NB 193 103.74 54.36 -68.16
C ALA NB 193 103.33 55.40 -69.18
N SER NB 194 102.29 56.16 -68.88
CA SER NB 194 101.75 57.15 -69.79
C SER NB 194 102.59 58.41 -69.87
N GLY NB 195 103.45 58.66 -68.89
CA GLY NB 195 104.18 59.90 -68.87
C GLY NB 195 103.30 61.05 -68.42
N HIS NB 196 102.69 60.89 -67.25
CA HIS NB 196 101.86 61.91 -66.62
C HIS NB 196 102.66 62.69 -65.58
N ILE NB 197 103.93 62.95 -65.89
CA ILE NB 197 104.85 63.47 -64.90
C ILE NB 197 104.87 64.99 -64.88
N SER NB 198 104.65 65.65 -66.03
CA SER NB 198 104.62 67.11 -66.06
C SER NB 198 103.29 67.60 -65.50
N PRO NB 199 103.31 68.37 -64.42
CA PRO NB 199 102.05 68.86 -63.83
C PRO NB 199 101.48 70.07 -64.52
N PHE NB 200 102.13 70.58 -65.57
CA PHE NB 200 101.66 71.77 -66.26
C PHE NB 200 101.29 71.52 -67.71
N GLY NB 201 101.67 70.38 -68.28
CA GLY NB 201 101.23 70.05 -69.61
C GLY NB 201 99.80 69.55 -69.61
N ASP NB 202 99.46 68.74 -68.62
CA ASP NB 202 98.13 68.15 -68.52
C ASP NB 202 97.11 69.19 -68.06
N GLY NB 203 95.84 68.82 -68.12
CA GLY NB 203 94.78 69.73 -67.73
C GLY NB 203 94.23 69.48 -66.35
N GLN NB 204 94.45 70.42 -65.44
CA GLN NB 204 93.85 70.37 -64.11
C GLN NB 204 93.69 71.81 -63.63
N GLY NB 205 93.29 71.97 -62.37
CA GLY NB 205 93.31 73.26 -61.72
C GLY NB 205 94.72 73.80 -61.65
N VAL NB 206 94.94 74.94 -62.30
CA VAL NB 206 96.24 75.59 -62.52
C VAL NB 206 97.22 74.65 -63.26
N SER OB 31 147.19 58.52 -38.71
CA SER OB 31 147.47 59.73 -39.46
C SER OB 31 147.29 59.49 -40.95
N GLU OB 32 147.57 60.52 -41.74
CA GLU OB 32 147.51 60.41 -43.19
C GLU OB 32 148.85 60.01 -43.81
N ILE OB 33 149.97 60.35 -43.15
CA ILE OB 33 151.28 60.13 -43.74
C ILE OB 33 151.65 58.65 -43.70
N GLU OB 34 151.17 57.91 -42.71
CA GLU OB 34 151.55 56.52 -42.50
C GLU OB 34 150.82 55.54 -43.40
N LEU OB 35 150.20 55.99 -44.49
CA LEU OB 35 149.24 55.19 -45.23
C LEU OB 35 149.76 54.66 -46.57
N GLY OB 36 150.22 55.55 -47.46
CA GLY OB 36 150.58 55.15 -48.81
C GLY OB 36 151.86 54.35 -48.96
N VAL OB 37 152.53 54.03 -47.86
CA VAL OB 37 153.74 53.23 -47.90
C VAL OB 37 153.38 51.80 -48.29
N THR OB 38 153.95 51.32 -49.38
CA THR OB 38 153.72 49.97 -49.85
C THR OB 38 155.02 49.47 -50.47
N GLU OB 39 155.36 48.23 -50.13
CA GLU OB 39 156.61 47.51 -50.36
C GLU OB 39 157.28 47.68 -51.73
N PRO OB 40 156.57 47.78 -52.88
CA PRO OB 40 157.30 48.10 -54.12
C PRO OB 40 157.88 49.51 -54.14
N LEU OB 41 157.24 50.46 -53.49
CA LEU OB 41 157.80 51.80 -53.51
C LEU OB 41 158.07 52.37 -52.13
N GLY OB 42 157.17 52.17 -51.18
CA GLY OB 42 157.27 52.90 -49.93
C GLY OB 42 156.98 54.36 -50.16
N VAL OB 43 157.69 55.22 -49.43
CA VAL OB 43 157.61 56.66 -49.67
C VAL OB 43 158.27 56.95 -51.01
N TYR OB 44 157.55 57.63 -51.88
CA TYR OB 44 157.94 57.74 -53.28
C TYR OB 44 157.50 59.09 -53.84
N ASP OB 45 158.41 60.05 -53.83
CA ASP OB 45 158.16 61.35 -54.45
C ASP OB 45 159.34 61.74 -55.34
N PRO OB 46 159.27 61.42 -56.63
CA PRO OB 46 160.27 61.95 -57.56
C PRO OB 46 160.16 63.45 -57.76
N LEU OB 47 158.98 64.04 -57.53
CA LEU OB 47 158.87 65.48 -57.55
C LEU OB 47 159.22 66.10 -56.20
N GLY OB 48 159.00 65.36 -55.11
CA GLY OB 48 159.36 65.85 -53.79
C GLY OB 48 158.50 66.99 -53.29
N TRP OB 49 157.21 66.74 -53.12
CA TRP OB 49 156.30 67.73 -52.58
C TRP OB 49 156.08 67.56 -51.09
N LEU OB 50 156.63 66.52 -50.48
CA LEU OB 50 156.46 66.31 -49.05
C LEU OB 50 157.19 67.36 -48.22
N GLU OB 51 158.34 67.81 -48.71
CA GLU OB 51 159.10 68.84 -48.02
C GLU OB 51 158.92 70.22 -48.63
N SER OB 52 158.69 70.30 -49.94
CA SER OB 52 158.42 71.59 -50.56
C SER OB 52 157.00 72.06 -50.32
N GLU OB 53 156.10 71.18 -49.90
CA GLU OB 53 154.76 71.58 -49.54
C GLU OB 53 154.19 70.61 -48.50
N PRO OB 54 154.56 70.74 -47.22
CA PRO OB 54 154.00 69.83 -46.21
C PRO OB 54 152.68 70.30 -45.65
N GLU OB 55 152.32 71.56 -45.83
CA GLU OB 55 151.13 72.11 -45.19
C GLU OB 55 149.86 71.66 -45.91
N ALA OB 56 149.91 71.58 -47.24
CA ALA OB 56 148.75 71.17 -48.02
C ALA OB 56 148.77 69.69 -48.36
N PHE OB 57 149.33 68.85 -47.49
CA PHE OB 57 149.35 67.42 -47.76
C PHE OB 57 147.96 66.80 -47.63
N GLU OB 58 147.16 67.26 -46.67
CA GLU OB 58 145.81 66.73 -46.52
C GLU OB 58 144.92 67.13 -47.68
N ARG OB 59 145.18 68.32 -48.25
CA ARG OB 59 144.58 68.66 -49.54
C ARG OB 59 145.03 67.67 -50.61
N ARG OB 60 146.28 67.24 -50.58
CA ARG OB 60 146.74 66.26 -51.56
C ARG OB 60 146.29 64.86 -51.21
N ARG OB 61 146.15 64.54 -49.92
CA ARG OB 61 145.88 63.16 -49.52
C ARG OB 61 144.45 62.76 -49.84
N ALA OB 62 143.48 63.54 -49.41
CA ALA OB 62 142.07 63.24 -49.64
C ALA OB 62 141.68 63.33 -51.10
N VAL OB 63 142.45 64.02 -51.93
CA VAL OB 63 142.15 64.15 -53.34
C VAL OB 63 142.71 62.98 -54.17
N GLU OB 64 143.86 62.41 -53.79
CA GLU OB 64 144.24 61.10 -54.33
C GLU OB 64 143.23 60.04 -53.88
N ARG OB 65 142.72 60.16 -52.66
CA ARG OB 65 141.59 59.34 -52.24
C ARG OB 65 140.35 59.66 -53.06
N LYS OB 66 140.13 60.93 -53.39
CA LYS OB 66 138.91 61.31 -54.12
C LYS OB 66 138.98 60.87 -55.57
N HIS OB 67 140.10 61.17 -56.25
CA HIS OB 67 140.29 60.69 -57.62
C HIS OB 67 140.37 59.18 -57.71
N GLY OB 68 140.74 58.51 -56.62
CA GLY OB 68 140.71 57.07 -56.59
C GLY OB 68 139.30 56.54 -56.68
N ARG OB 69 138.45 56.97 -55.73
CA ARG OB 69 137.10 56.44 -55.59
C ARG OB 69 136.22 56.72 -56.80
N VAL OB 70 136.49 57.80 -57.53
CA VAL OB 70 135.83 58.00 -58.81
C VAL OB 70 136.33 56.99 -59.83
N ALA OB 71 137.66 56.82 -59.89
CA ALA OB 71 138.26 55.90 -60.86
C ALA OB 71 138.00 54.45 -60.51
N MET OB 72 137.76 54.14 -59.24
CA MET OB 72 137.45 52.76 -58.87
C MET OB 72 136.06 52.37 -59.36
N ALA OB 73 135.08 53.26 -59.20
CA ALA OB 73 133.71 52.93 -59.60
C ALA OB 73 133.56 52.86 -61.12
N ALA OB 74 134.46 53.51 -61.85
CA ALA OB 74 134.31 53.56 -63.30
C ALA OB 74 135.01 52.42 -64.02
N VAL OB 75 135.88 51.67 -63.34
CA VAL OB 75 136.43 50.45 -63.92
C VAL OB 75 135.33 49.42 -64.14
N VAL OB 76 134.49 49.22 -63.11
CA VAL OB 76 133.35 48.34 -63.21
C VAL OB 76 132.34 48.88 -64.21
N GLY OB 77 132.18 50.21 -64.25
CA GLY OB 77 131.38 50.85 -65.28
C GLY OB 77 131.97 50.73 -66.67
N THR OB 78 133.25 50.41 -66.78
CA THR OB 78 133.79 50.04 -68.08
C THR OB 78 133.49 48.57 -68.38
N ILE OB 79 133.62 47.70 -67.38
CA ILE OB 79 133.50 46.26 -67.60
C ILE OB 79 132.05 45.88 -67.90
N VAL OB 80 131.13 46.26 -67.00
CA VAL OB 80 129.76 45.78 -67.03
C VAL OB 80 129.00 46.34 -68.23
N HIS OB 81 129.33 47.57 -68.62
CA HIS OB 81 128.80 48.10 -69.87
C HIS OB 81 129.31 47.31 -71.06
N ASN OB 82 130.59 46.91 -71.02
CA ASN OB 82 131.18 46.14 -72.11
C ASN OB 82 130.86 44.65 -72.05
N ASN OB 83 130.26 44.18 -70.96
CA ASN OB 83 129.71 42.83 -70.96
C ASN OB 83 128.36 42.76 -71.66
N HIS OB 84 127.84 43.90 -72.10
CA HIS OB 84 126.47 44.07 -72.60
C HIS OB 84 125.44 43.62 -71.57
N ILE OB 85 125.77 43.82 -70.30
CA ILE OB 85 124.79 43.73 -69.23
C ILE OB 85 123.97 45.00 -69.27
N VAL OB 86 122.66 44.86 -69.48
CA VAL OB 86 121.78 45.97 -69.77
C VAL OB 86 120.71 46.02 -68.68
N PHE OB 87 120.26 47.22 -68.32
CA PHE OB 87 119.12 47.39 -67.41
C PHE OB 87 117.83 46.78 -67.93
N ASP OB 88 117.74 46.50 -69.24
CA ASP OB 88 116.70 45.66 -69.86
C ASP OB 88 115.32 46.29 -69.72
N GLY OB 89 115.25 47.59 -69.95
CA GLY OB 89 113.97 48.28 -69.93
C GLY OB 89 113.78 49.18 -71.13
N TYR OB 90 113.45 50.44 -70.87
CA TYR OB 90 113.22 51.41 -71.93
C TYR OB 90 113.49 52.78 -71.33
N LEU OB 91 114.54 53.44 -71.83
CA LEU OB 91 115.08 54.58 -71.11
C LEU OB 91 114.23 55.84 -71.28
N SER OB 92 114.10 56.33 -72.50
CA SER OB 92 113.46 57.63 -72.71
C SER OB 92 112.14 57.44 -73.42
N PRO OB 93 111.04 57.96 -72.88
CA PRO OB 93 109.79 57.96 -73.63
C PRO OB 93 109.80 58.91 -74.81
N SER OB 94 110.44 60.08 -74.67
CA SER OB 94 110.47 61.07 -75.74
C SER OB 94 111.51 60.69 -76.80
N ASN OB 95 112.77 60.56 -76.38
CA ASN OB 95 113.87 60.36 -77.30
C ASN OB 95 113.95 58.95 -77.85
N ASN OB 96 113.10 58.04 -77.36
CA ASN OB 96 113.04 56.63 -77.78
C ASN OB 96 114.35 55.90 -77.56
N LEU OB 97 115.12 56.32 -76.55
CA LEU OB 97 116.32 55.60 -76.19
C LEU OB 97 115.95 54.37 -75.38
N LYS OB 98 116.58 53.26 -75.71
CA LYS OB 98 116.54 52.10 -74.84
C LYS OB 98 117.85 52.09 -74.05
N PHE OB 99 117.93 51.23 -73.04
CA PHE OB 99 119.17 51.08 -72.31
C PHE OB 99 120.25 50.38 -73.12
N SER OB 100 119.86 49.56 -74.09
CA SER OB 100 120.80 48.93 -74.99
C SER OB 100 121.36 49.88 -76.03
N ASP OB 101 120.64 50.96 -76.35
CA ASP OB 101 121.03 51.81 -77.47
C ASP OB 101 122.19 52.74 -77.13
N ILE OB 102 122.55 52.87 -75.86
CA ILE OB 102 123.66 53.76 -75.49
C ILE OB 102 124.98 53.07 -75.79
N PRO OB 103 125.94 53.74 -76.44
CA PRO OB 103 127.24 53.11 -76.69
C PRO OB 103 128.02 52.92 -75.40
N THR OB 104 128.88 51.90 -75.41
CA THR OB 104 129.63 51.52 -74.22
C THR OB 104 131.07 52.04 -74.22
N GLY OB 105 131.45 52.82 -75.23
CA GLY OB 105 132.76 53.43 -75.24
C GLY OB 105 132.79 54.73 -74.47
N VAL OB 106 133.49 55.73 -74.98
CA VAL OB 106 133.54 57.03 -74.33
C VAL OB 106 132.21 57.77 -74.50
N ASP OB 107 131.50 57.49 -75.58
CA ASP OB 107 130.33 58.28 -75.98
C ASP OB 107 129.04 57.85 -75.28
N GLY OB 108 129.13 57.24 -74.10
CA GLY OB 108 127.94 56.90 -73.34
C GLY OB 108 127.26 58.11 -72.73
N ILE OB 109 128.05 58.96 -72.07
CA ILE OB 109 127.54 60.21 -71.52
C ILE OB 109 127.07 61.13 -72.64
N ARG OB 110 127.80 61.14 -73.76
CA ARG OB 110 127.45 61.97 -74.90
C ARG OB 110 126.22 61.47 -75.66
N ALA OB 111 125.68 60.31 -75.28
CA ALA OB 111 124.41 59.83 -75.81
C ALA OB 111 123.28 59.93 -74.79
N ILE OB 112 123.50 60.63 -73.70
CA ILE OB 112 122.50 60.83 -72.65
C ILE OB 112 121.85 62.19 -72.85
N PRO OB 113 120.52 62.29 -72.82
CA PRO OB 113 119.87 63.59 -72.92
C PRO OB 113 120.15 64.45 -71.69
N THR OB 114 120.17 65.76 -71.91
CA THR OB 114 120.51 66.70 -70.86
C THR OB 114 119.44 66.83 -69.79
N ALA OB 115 118.21 66.40 -70.08
CA ALA OB 115 117.18 66.34 -69.05
C ALA OB 115 117.56 65.35 -67.96
N GLY OB 116 118.19 64.23 -68.34
CA GLY OB 116 118.75 63.34 -67.37
C GLY OB 116 120.05 63.85 -66.78
N LEU OB 117 120.84 64.56 -67.57
CA LEU OB 117 122.06 65.17 -67.03
C LEU OB 117 121.73 66.33 -66.11
N ALA OB 118 120.57 66.95 -66.30
CA ALA OB 118 120.06 67.88 -65.29
C ALA OB 118 119.69 67.14 -64.01
N GLN OB 119 119.20 65.90 -64.13
CA GLN OB 119 118.86 65.14 -62.95
C GLN OB 119 120.11 64.67 -62.21
N ILE OB 120 121.19 64.38 -62.94
CA ILE OB 120 122.40 63.88 -62.31
C ILE OB 120 123.09 64.99 -61.53
N LEU OB 121 123.41 66.10 -62.21
CA LEU OB 121 124.22 67.15 -61.62
C LEU OB 121 123.49 67.89 -60.50
N ALA OB 122 122.17 67.90 -60.51
CA ALA OB 122 121.43 68.43 -59.38
C ALA OB 122 121.46 67.46 -58.20
N PHE OB 123 121.57 66.17 -58.47
CA PHE OB 123 121.59 65.19 -57.38
C PHE OB 123 122.93 65.20 -56.65
N PHE OB 124 124.02 65.20 -57.40
CA PHE OB 124 125.33 65.17 -56.77
C PHE OB 124 125.79 66.52 -56.29
N ALA OB 125 125.10 67.60 -56.69
CA ALA OB 125 125.26 68.87 -55.99
C ALA OB 125 124.74 68.76 -54.58
N LEU OB 126 123.73 67.93 -54.36
CA LEU OB 126 123.26 67.67 -53.01
C LEU OB 126 124.12 66.62 -52.32
N VAL OB 127 124.86 65.81 -53.06
CA VAL OB 127 125.71 64.80 -52.43
C VAL OB 127 127.00 65.42 -51.92
N GLU OB 128 127.77 66.00 -52.82
CA GLU OB 128 129.13 66.42 -52.53
C GLU OB 128 129.19 67.73 -51.76
N LEU OB 129 128.07 68.42 -51.60
CA LEU OB 129 128.02 69.63 -50.81
C LEU OB 129 127.28 69.44 -49.50
N ALA OB 130 126.10 68.84 -49.54
CA ALA OB 130 125.21 68.83 -48.38
C ALA OB 130 125.44 67.60 -47.50
N TRP OB 131 125.27 66.41 -48.06
CA TRP OB 131 125.33 65.19 -47.27
C TRP OB 131 126.75 64.73 -47.04
N MET OB 132 127.58 64.75 -48.08
CA MET OB 132 128.98 64.37 -47.98
C MET OB 132 129.83 65.58 -48.35
N PRO OB 133 129.98 66.55 -47.45
CA PRO OB 133 130.66 67.80 -47.82
C PRO OB 133 132.15 67.61 -47.97
N ALA OB 134 132.60 67.54 -49.23
CA ALA OB 134 133.98 67.17 -49.52
C ALA OB 134 134.98 68.28 -49.22
N SER OB 135 134.55 69.40 -48.65
CA SER OB 135 135.47 70.40 -48.14
C SER OB 135 136.31 69.86 -46.99
N LYS OB 136 135.75 68.95 -46.19
CA LYS OB 136 136.51 68.30 -45.13
C LYS OB 136 137.33 67.15 -45.71
N TYR OB 137 138.58 67.04 -45.28
CA TYR OB 137 139.53 66.16 -45.95
C TYR OB 137 139.77 64.85 -45.20
N ASP OB 138 138.80 64.43 -44.38
CA ASP OB 138 138.85 63.09 -43.80
C ASP OB 138 138.14 62.06 -44.67
N GLY OB 139 136.94 62.38 -45.15
CA GLY OB 139 136.31 61.65 -46.22
C GLY OB 139 135.21 60.70 -45.80
N ASP OB 140 135.10 60.37 -44.51
CA ASP OB 140 134.16 59.34 -44.11
C ASP OB 140 132.72 59.86 -44.03
N TYR OB 141 132.48 60.82 -43.14
CA TYR OB 141 131.30 61.68 -42.99
C TYR OB 141 130.07 60.97 -42.42
N GLY OB 142 129.96 59.66 -42.57
CA GLY OB 142 129.20 58.91 -41.60
C GLY OB 142 129.56 57.45 -41.49
N VAL OB 143 130.27 56.90 -42.47
CA VAL OB 143 130.10 55.50 -42.84
C VAL OB 143 131.35 54.72 -42.52
N GLY OB 144 131.18 53.57 -41.88
CA GLY OB 144 132.26 52.62 -41.67
C GLY OB 144 132.38 51.63 -42.81
N TYR OB 145 133.30 50.69 -42.66
CA TYR OB 145 133.52 49.66 -43.67
C TYR OB 145 132.36 48.67 -43.59
N PHE OB 146 131.53 48.69 -44.64
CA PHE OB 146 130.21 48.05 -44.65
C PHE OB 146 129.41 48.44 -43.42
N GLY OB 147 129.35 49.74 -43.16
CA GLY OB 147 128.64 50.28 -42.03
C GLY OB 147 129.29 50.05 -40.68
N THR OB 148 130.40 49.32 -40.62
CA THR OB 148 131.08 48.99 -39.37
C THR OB 148 132.46 49.60 -39.36
N ASP OB 149 132.82 50.21 -38.23
CA ASP OB 149 134.19 50.63 -38.06
C ASP OB 149 135.08 49.41 -37.81
N ILE OB 150 136.37 49.59 -38.06
CA ILE OB 150 137.35 48.55 -37.84
C ILE OB 150 138.25 49.05 -36.71
N LYS OB 151 137.97 48.58 -35.50
CA LYS OB 151 138.63 49.13 -34.32
C LYS OB 151 140.00 48.53 -34.07
N ASP OB 152 140.46 47.60 -34.89
CA ASP OB 152 141.84 47.16 -34.83
C ASP OB 152 142.67 48.16 -35.61
N PRO OB 153 143.49 49.00 -34.96
CA PRO OB 153 144.19 50.06 -35.70
C PRO OB 153 145.29 49.54 -36.59
N GLU OB 154 145.80 48.34 -36.32
CA GLU OB 154 146.71 47.69 -37.25
C GLU OB 154 145.98 47.29 -38.53
N GLU OB 155 144.81 46.67 -38.39
CA GLU OB 155 144.02 46.33 -39.56
C GLU OB 155 143.29 47.52 -40.15
N LYS OB 156 142.96 48.54 -39.33
CA LYS OB 156 142.38 49.75 -39.88
C LYS OB 156 143.35 50.47 -40.81
N ALA OB 157 144.64 50.40 -40.51
CA ALA OB 157 145.64 50.81 -41.49
C ALA OB 157 145.64 49.87 -42.68
N ARG OB 158 145.46 48.58 -42.45
CA ARG OB 158 145.57 47.60 -43.53
C ARG OB 158 144.38 47.68 -44.47
N LYS OB 159 143.16 47.82 -43.93
CA LYS OB 159 142.01 47.94 -44.82
C LYS OB 159 141.94 49.31 -45.48
N LEU OB 160 142.56 50.33 -44.88
CA LEU OB 160 142.49 51.64 -45.52
C LEU OB 160 143.41 51.73 -46.72
N ASN OB 161 144.56 51.07 -46.67
CA ASN OB 161 145.55 51.25 -47.72
C ASN OB 161 145.16 50.56 -49.01
N VAL OB 162 144.19 49.66 -48.96
CA VAL OB 162 143.75 48.99 -50.17
C VAL OB 162 142.98 49.96 -51.06
N GLU OB 163 142.07 50.74 -50.48
CA GLU OB 163 141.36 51.73 -51.30
C GLU OB 163 142.25 52.89 -51.68
N LEU OB 164 143.43 53.02 -51.08
CA LEU OB 164 144.49 53.74 -51.74
C LEU OB 164 145.13 52.90 -52.83
N ASN OB 165 145.49 51.64 -52.53
CA ASN OB 165 146.26 50.85 -53.49
C ASN OB 165 145.40 50.37 -54.66
N ASN OB 166 144.22 49.80 -54.39
CA ASN OB 166 143.28 49.58 -55.49
C ASN OB 166 142.66 50.88 -55.98
N GLY OB 167 142.81 51.99 -55.25
CA GLY OB 167 142.53 53.29 -55.85
C GLY OB 167 143.57 53.65 -56.90
N ARG OB 168 144.84 53.35 -56.63
CA ARG OB 168 145.91 53.70 -57.55
C ARG OB 168 145.87 52.89 -58.83
N ALA OB 169 145.58 51.59 -58.73
CA ALA OB 169 145.52 50.75 -59.91
C ALA OB 169 144.30 51.07 -60.76
N ALA OB 170 143.28 51.68 -60.16
CA ALA OB 170 142.08 52.04 -60.91
C ALA OB 170 142.28 53.31 -61.73
N MET OB 171 143.12 54.23 -61.24
CA MET OB 171 143.38 55.45 -61.98
C MET OB 171 144.09 55.15 -63.29
N MET OB 172 145.03 54.22 -63.26
CA MET OB 172 145.75 53.81 -64.46
C MET OB 172 144.95 52.88 -65.34
N GLY OB 173 143.75 52.50 -64.92
CA GLY OB 173 142.89 51.67 -65.73
C GLY OB 173 141.88 52.47 -66.51
N ILE OB 174 141.42 53.58 -65.93
CA ILE OB 174 140.53 54.48 -66.65
C ILE OB 174 141.30 55.18 -67.77
N MET OB 175 142.55 55.55 -67.50
CA MET OB 175 143.44 55.98 -68.57
C MET OB 175 143.82 54.81 -69.46
N GLY OB 176 143.77 53.59 -68.94
CA GLY OB 176 143.99 52.43 -69.77
C GLY OB 176 142.87 52.11 -70.73
N ASN OB 177 141.71 52.74 -70.56
CA ASN OB 177 140.61 52.58 -71.50
C ASN OB 177 140.38 53.81 -72.36
N MET OB 178 140.37 55.01 -71.77
CA MET OB 178 140.08 56.22 -72.54
C MET OB 178 141.15 56.50 -73.58
N VAL OB 179 142.40 56.17 -73.30
CA VAL OB 179 143.42 56.19 -74.34
C VAL OB 179 143.21 55.07 -75.34
N ALA OB 180 142.86 53.88 -74.86
CA ALA OB 180 142.72 52.71 -75.71
C ALA OB 180 141.32 52.58 -76.31
N GLU OB 181 140.55 53.65 -76.36
CA GLU OB 181 139.30 53.67 -77.11
C GLU OB 181 139.32 54.82 -78.10
N VAL OB 182 140.06 55.88 -77.75
CA VAL OB 182 140.26 56.99 -78.69
C VAL OB 182 141.28 56.60 -79.75
N LEU OB 183 142.45 56.12 -79.33
CA LEU OB 183 143.48 55.73 -80.29
C LEU OB 183 143.11 54.47 -81.04
N THR OB 184 142.27 53.62 -80.44
CA THR OB 184 141.92 52.36 -81.07
C THR OB 184 140.61 52.43 -81.83
N GLY OB 185 139.78 53.45 -81.55
CA GLY OB 185 138.53 53.64 -82.25
C GLY OB 185 137.46 52.61 -81.97
N GLN OB 186 137.63 51.78 -80.94
CA GLN OB 186 136.70 50.72 -80.63
C GLN OB 186 136.39 50.76 -79.14
N THR OB 187 135.37 49.99 -78.74
CA THR OB 187 135.11 49.79 -77.33
C THR OB 187 136.02 48.68 -76.82
N MET OB 188 135.97 48.42 -75.51
CA MET OB 188 136.76 47.32 -74.96
C MET OB 188 136.21 45.98 -75.42
N TYR OB 189 134.90 45.89 -75.63
CA TYR OB 189 134.31 44.67 -76.14
C TYR OB 189 134.74 44.39 -77.58
N GLU OB 190 134.81 45.42 -78.40
CA GLU OB 190 135.24 45.25 -79.79
C GLU OB 190 136.72 44.93 -79.91
N GLN OB 191 137.52 45.24 -78.89
CA GLN OB 191 138.94 44.88 -78.94
C GLN OB 191 139.13 43.38 -78.85
N TYR OB 192 138.50 42.74 -77.86
CA TYR OB 192 138.64 41.30 -77.72
C TYR OB 192 137.90 40.54 -78.81
N ALA OB 193 136.79 41.10 -79.30
CA ALA OB 193 135.98 40.42 -80.31
C ALA OB 193 136.59 40.49 -81.70
N SER OB 194 137.61 41.32 -81.91
CA SER OB 194 138.22 41.47 -83.22
C SER OB 194 139.69 41.03 -83.26
N GLY OB 195 140.23 40.54 -82.15
CA GLY OB 195 141.65 40.25 -82.13
C GLY OB 195 142.50 41.49 -82.01
N HIS OB 196 142.00 42.52 -81.32
CA HIS OB 196 142.77 43.71 -81.03
C HIS OB 196 143.45 43.61 -79.66
N ILE OB 197 143.87 42.40 -79.30
CA ILE OB 197 144.66 42.19 -78.08
C ILE OB 197 146.05 42.76 -78.24
N SER OB 198 146.75 42.34 -79.29
CA SER OB 198 148.12 42.78 -79.52
C SER OB 198 148.13 44.17 -80.16
N PRO OB 199 148.81 45.15 -79.56
CA PRO OB 199 148.93 46.47 -80.19
C PRO OB 199 150.05 46.58 -81.21
N PHE OB 200 150.77 45.49 -81.48
CA PHE OB 200 151.90 45.52 -82.41
C PHE OB 200 151.56 44.96 -83.78
N GLY OB 201 150.61 44.02 -83.87
CA GLY OB 201 150.31 43.43 -85.16
C GLY OB 201 149.53 44.37 -86.07
N ASP OB 202 148.65 45.17 -85.48
CA ASP OB 202 147.82 46.11 -86.25
C ASP OB 202 148.63 47.36 -86.60
N GLY OB 203 148.08 48.16 -87.52
CA GLY OB 203 148.78 49.34 -87.99
C GLY OB 203 148.25 50.66 -87.44
N GLN OB 204 148.99 51.26 -86.53
CA GLN OB 204 148.66 52.56 -85.95
C GLN OB 204 149.98 53.29 -85.69
N GLY OB 205 149.91 54.41 -84.98
CA GLY OB 205 151.11 55.02 -84.45
C GLY OB 205 151.76 54.14 -83.41
N VAL OB 206 152.89 53.53 -83.77
CA VAL OB 206 153.63 52.51 -83.01
C VAL OB 206 152.74 51.29 -82.71
N UNK PB 1 109.87 26.82 -8.96
CA UNK PB 1 109.49 27.93 -8.13
C UNK PB 1 108.07 27.71 -7.67
N UNK PB 2 107.45 26.68 -8.24
CA UNK PB 2 106.08 26.31 -7.92
C UNK PB 2 105.92 24.85 -7.57
N UNK PB 3 107.03 24.11 -7.47
CA UNK PB 3 106.96 22.75 -6.93
C UNK PB 3 106.62 22.75 -5.45
N UNK PB 4 106.91 23.84 -4.75
CA UNK PB 4 106.46 23.98 -3.38
C UNK PB 4 104.99 24.36 -3.30
N UNK PB 5 104.50 25.12 -4.28
CA UNK PB 5 103.10 25.54 -4.27
C UNK PB 5 102.18 24.39 -4.60
N UNK PB 6 102.64 23.43 -5.38
CA UNK PB 6 101.88 22.20 -5.57
C UNK PB 6 102.09 21.22 -4.42
N UNK PB 7 103.08 21.46 -3.57
CA UNK PB 7 103.31 20.61 -2.41
C UNK PB 7 102.60 21.10 -1.16
N UNK PB 8 101.94 22.26 -1.21
CA UNK PB 8 101.07 22.67 -0.11
C UNK PB 8 99.66 22.15 -0.33
N UNK PB 9 99.05 22.53 -1.47
CA UNK PB 9 97.94 21.82 -2.10
C UNK PB 9 96.69 21.76 -1.21
N UNK PB 10 96.08 22.92 -0.99
CA UNK PB 10 94.79 22.97 -0.32
C UNK PB 10 93.71 22.28 -1.14
N UNK PB 11 92.71 21.75 -0.44
CA UNK PB 11 91.69 20.95 -1.09
C UNK PB 11 90.73 21.84 -1.89
N UNK PB 12 90.33 21.34 -3.05
CA UNK PB 12 89.54 22.11 -4.02
C UNK PB 12 88.06 21.82 -3.83
N UNK PB 13 87.24 22.86 -3.95
CA UNK PB 13 85.79 22.68 -3.92
C UNK PB 13 85.21 22.49 -5.31
N UNK PB 14 86.01 22.61 -6.35
CA UNK PB 14 85.54 22.52 -7.73
C UNK PB 14 86.07 21.29 -8.44
N UNK PB 15 86.94 20.52 -7.79
CA UNK PB 15 87.38 19.24 -8.31
C UNK PB 15 87.78 18.44 -7.07
N UNK PB 16 86.89 17.56 -6.63
CA UNK PB 16 87.10 16.89 -5.35
C UNK PB 16 88.21 15.85 -5.40
N UNK PB 17 88.57 15.37 -6.58
CA UNK PB 17 89.64 14.40 -6.72
C UNK PB 17 90.99 15.03 -7.02
N UNK PB 18 91.20 16.30 -6.64
CA UNK PB 18 92.34 17.06 -7.14
C UNK PB 18 93.28 17.57 -6.05
N UNK PB 19 92.75 18.27 -5.04
CA UNK PB 19 93.52 19.02 -4.04
C UNK PB 19 94.45 20.02 -4.73
N UNK PB 20 93.81 21.04 -5.30
CA UNK PB 20 94.39 21.98 -6.25
C UNK PB 20 95.52 22.80 -5.65
N UNK PB 21 96.20 23.54 -6.52
CA UNK PB 21 97.43 24.24 -6.16
C UNK PB 21 97.14 25.38 -5.20
N UNK PB 22 98.17 25.75 -4.43
CA UNK PB 22 97.93 26.59 -3.26
C UNK PB 22 98.02 28.08 -3.60
N UNK PB 23 98.32 28.40 -4.85
CA UNK PB 23 98.48 29.79 -5.24
C UNK PB 23 97.13 30.48 -5.41
N UNK PB 24 96.08 29.69 -5.65
CA UNK PB 24 94.76 30.25 -5.92
C UNK PB 24 93.89 30.20 -4.67
N UNK PB 25 94.48 30.53 -3.52
CA UNK PB 25 94.02 30.12 -2.18
C UNK PB 25 92.58 30.57 -1.88
N UNK PB 26 92.31 31.85 -1.67
CA UNK PB 26 90.96 32.23 -1.28
C UNK PB 26 90.41 33.51 -1.89
N UNK PB 27 91.23 34.50 -2.23
CA UNK PB 27 90.76 35.88 -2.17
C UNK PB 27 90.21 36.37 -3.50
N UNK PB 28 90.33 35.57 -4.56
CA UNK PB 28 90.05 36.13 -5.89
C UNK PB 28 88.59 35.99 -6.29
N UNK PB 29 87.69 35.81 -5.32
CA UNK PB 29 86.24 35.69 -5.50
C UNK PB 29 85.84 34.58 -6.47
N UNK PB 30 86.40 33.38 -6.31
CA UNK PB 30 86.02 32.21 -7.09
C UNK PB 30 86.46 30.94 -6.37
N UNK PB 31 85.68 29.87 -6.56
CA UNK PB 31 86.02 28.56 -6.04
C UNK PB 31 87.25 28.02 -6.78
N UNK PB 32 87.97 27.13 -6.13
CA UNK PB 32 89.32 26.76 -6.56
C UNK PB 32 89.27 25.55 -7.48
N UNK PB 33 89.67 25.73 -8.75
CA UNK PB 33 89.76 24.62 -9.67
C UNK PB 33 91.22 24.40 -10.04
N UNK PB 34 91.87 25.36 -10.73
CA UNK PB 34 93.30 25.37 -11.11
C UNK PB 34 93.83 24.01 -11.59
N UNK PB 35 93.16 23.44 -12.58
CA UNK PB 35 93.35 22.02 -12.90
C UNK PB 35 94.73 21.72 -13.44
N UNK PB 36 95.10 22.33 -14.56
CA UNK PB 36 96.45 22.23 -15.09
C UNK PB 36 97.40 23.19 -14.42
N UNK PB 37 96.92 23.96 -13.43
CA UNK PB 37 97.72 24.75 -12.51
C UNK PB 37 98.52 25.85 -13.22
N UNK PB 38 97.85 26.61 -14.09
CA UNK PB 38 98.49 27.78 -14.67
C UNK PB 38 98.55 28.92 -13.67
N UNK PB 39 97.84 28.80 -12.54
CA UNK PB 39 97.91 29.81 -11.51
C UNK PB 39 99.15 29.65 -10.64
N UNK PB 40 99.92 28.58 -10.87
CA UNK PB 40 101.20 28.43 -10.19
C UNK PB 40 102.17 29.53 -10.60
N UNK PB 41 102.41 29.66 -11.91
CA UNK PB 41 103.00 30.88 -12.42
C UNK PB 41 101.98 32.00 -12.39
N UNK PB 42 102.46 33.23 -12.46
CA UNK PB 42 101.58 34.39 -12.48
C UNK PB 42 101.96 35.22 -13.70
N UNK PB 43 101.04 35.31 -14.65
CA UNK PB 43 101.27 36.19 -15.79
C UNK PB 43 100.98 37.62 -15.40
N UNK PB 44 101.74 38.55 -15.96
CA UNK PB 44 101.67 39.94 -15.54
C UNK PB 44 101.34 40.81 -16.74
N UNK PB 45 101.49 42.12 -16.52
CA UNK PB 45 100.91 43.25 -17.27
C UNK PB 45 101.11 43.09 -18.78
N UNK PB 46 102.35 42.97 -19.27
CA UNK PB 46 102.70 42.71 -20.67
C UNK PB 46 102.22 43.79 -21.65
N UNK PB 47 101.65 44.88 -21.15
CA UNK PB 47 101.25 45.97 -22.01
C UNK PB 47 102.46 46.80 -22.41
N UNK PB 48 103.32 47.12 -21.46
CA UNK PB 48 104.59 47.77 -21.73
C UNK PB 48 105.71 46.80 -21.40
N UNK PB 49 106.78 46.84 -22.19
CA UNK PB 49 107.95 46.04 -21.85
C UNK PB 49 108.66 46.66 -20.66
N UNK PB 50 109.39 45.83 -19.92
CA UNK PB 50 109.96 45.95 -18.57
C UNK PB 50 108.88 45.84 -17.50
N UNK PB 51 107.60 45.81 -17.87
CA UNK PB 51 106.57 45.15 -17.08
C UNK PB 51 106.40 43.71 -17.51
N UNK PB 52 107.34 43.22 -18.31
CA UNK PB 52 107.58 41.79 -18.53
C UNK PB 52 107.58 40.99 -17.23
N UNK PB 53 108.33 41.46 -16.24
CA UNK PB 53 108.49 40.76 -14.98
C UNK PB 53 107.16 40.70 -14.21
N UNK PB 54 107.05 39.73 -13.33
CA UNK PB 54 105.76 39.32 -12.79
C UNK PB 54 105.79 39.31 -11.27
N UNK PB 55 104.76 39.90 -10.66
CA UNK PB 55 104.64 39.90 -9.22
C UNK PB 55 104.15 38.53 -8.75
N UNK PB 56 104.68 38.09 -7.61
CA UNK PB 56 104.27 36.81 -7.05
C UNK PB 56 102.87 36.93 -6.47
N UNK PB 57 102.03 35.93 -6.76
CA UNK PB 57 100.64 35.77 -6.33
C UNK PB 57 99.72 36.91 -6.78
N UNK PB 58 100.12 37.73 -7.75
CA UNK PB 58 99.23 38.75 -8.29
C UNK PB 58 98.52 38.16 -9.49
N UNK PB 59 97.47 37.40 -9.21
CA UNK PB 59 96.65 36.81 -10.26
C UNK PB 59 95.60 37.77 -10.80
N UNK PB 60 95.67 39.05 -10.43
CA UNK PB 60 94.68 40.02 -10.89
C UNK PB 60 94.85 40.32 -12.37
N UNK PB 61 96.03 40.06 -12.92
CA UNK PB 61 96.23 40.26 -14.35
C UNK PB 61 95.51 39.17 -15.14
N UNK PB 62 95.47 37.95 -14.61
CA UNK PB 62 94.76 36.88 -15.31
C UNK PB 62 93.27 36.91 -14.99
N UNK PB 63 92.88 37.69 -13.99
CA UNK PB 63 91.45 37.86 -13.72
C UNK PB 63 90.87 38.97 -14.56
N UNK PB 64 91.72 39.88 -15.03
CA UNK PB 64 91.27 40.89 -15.98
C UNK PB 64 91.02 40.26 -17.34
N UNK PB 65 91.70 39.15 -17.63
CA UNK PB 65 91.53 38.50 -18.91
C UNK PB 65 90.23 37.70 -18.95
N UNK PB 66 89.85 37.08 -17.84
CA UNK PB 66 88.61 36.30 -17.81
C UNK PB 66 87.40 37.20 -17.95
N UNK PB 67 87.40 38.32 -17.22
CA UNK PB 67 86.24 39.21 -17.25
C UNK PB 67 86.27 40.13 -18.46
N UNK PB 68 87.28 39.99 -19.34
CA UNK PB 68 87.24 40.69 -20.60
C UNK PB 68 87.03 39.74 -21.77
N UNK PB 69 87.51 38.50 -21.65
CA UNK PB 69 87.31 37.55 -22.74
C UNK PB 69 85.94 36.89 -22.65
N UNK PB 70 85.31 36.94 -21.48
CA UNK PB 70 83.99 36.32 -21.39
C UNK PB 70 82.89 37.36 -21.39
N UNK PB 71 83.21 38.60 -21.00
CA UNK PB 71 82.22 39.67 -21.14
C UNK PB 71 81.99 39.99 -22.62
N UNK PB 72 83.00 39.76 -23.45
CA UNK PB 72 82.77 39.79 -24.89
C UNK PB 72 81.92 38.61 -25.33
N UNK PB 73 82.04 37.48 -24.62
CA UNK PB 73 81.30 36.29 -25.01
C UNK PB 73 79.85 36.37 -24.58
N UNK PB 74 79.58 36.95 -23.42
CA UNK PB 74 78.21 37.07 -22.93
C UNK PB 74 77.39 38.03 -23.77
N UNK PB 75 78.04 38.99 -24.44
CA UNK PB 75 77.36 39.82 -25.42
C UNK PB 75 77.42 39.24 -26.81
N UNK PB 76 78.02 38.06 -26.97
CA UNK PB 76 78.02 37.37 -28.25
C UNK PB 76 77.12 36.17 -28.29
N UNK PB 77 76.74 35.62 -27.13
CA UNK PB 77 75.75 34.56 -27.10
C UNK PB 77 74.36 35.10 -27.45
N UNK PB 78 74.13 36.38 -27.20
CA UNK PB 78 72.92 37.00 -27.71
C UNK PB 78 73.03 37.27 -29.21
N UNK PB 79 74.24 37.41 -29.72
CA UNK PB 79 74.42 37.77 -31.12
C UNK PB 79 74.14 36.60 -32.04
N UNK PB 80 74.62 35.42 -31.68
CA UNK PB 80 74.41 34.25 -32.52
C UNK PB 80 72.96 33.77 -32.52
N UNK PB 81 72.14 34.24 -31.57
CA UNK PB 81 70.72 33.96 -31.53
C UNK PB 81 69.86 35.07 -32.13
N UNK PB 82 70.00 36.30 -31.64
CA UNK PB 82 69.08 37.37 -32.00
C UNK PB 82 69.29 37.94 -33.40
N UNK PB 83 70.32 37.50 -34.12
CA UNK PB 83 70.42 37.89 -35.51
C UNK PB 83 69.48 37.07 -36.38
N UNK PB 84 68.96 35.97 -35.85
CA UNK PB 84 68.06 35.09 -36.58
C UNK PB 84 66.65 35.08 -36.01
N UNK PB 85 66.52 35.09 -34.68
CA UNK PB 85 65.20 35.03 -34.06
C UNK PB 85 64.46 36.35 -34.25
N UNK PB 86 65.10 37.47 -33.92
CA UNK PB 86 64.47 38.77 -34.05
C UNK PB 86 64.18 39.14 -35.50
N UNK PB 87 65.23 39.39 -36.29
CA UNK PB 87 65.10 39.94 -37.65
C UNK PB 87 66.46 39.99 -38.31
N UNK PB 88 66.46 40.31 -39.61
CA UNK PB 88 67.62 40.80 -40.31
C UNK PB 88 67.60 42.34 -40.26
N UNK PB 89 68.44 42.98 -41.07
CA UNK PB 89 68.57 44.43 -40.97
C UNK PB 89 68.15 45.19 -42.23
N UNK PB 90 67.93 44.51 -43.35
CA UNK PB 90 67.35 45.07 -44.58
C UNK PB 90 68.13 46.24 -45.17
N UNK PB 91 69.31 45.98 -45.72
CA UNK PB 91 70.21 47.03 -46.18
C UNK PB 91 69.80 47.58 -47.53
N UNK PB 92 70.56 48.57 -47.99
CA UNK PB 92 70.24 49.42 -49.14
C UNK PB 92 70.90 48.91 -50.43
N UNK PB 93 70.90 49.79 -51.44
CA UNK PB 93 71.39 49.42 -52.76
C UNK PB 93 72.90 49.45 -52.84
N UNK PB 94 73.53 50.51 -52.34
CA UNK PB 94 75.00 50.57 -52.34
C UNK PB 94 75.59 49.54 -51.40
N UNK PB 95 74.85 49.17 -50.35
CA UNK PB 95 75.29 48.10 -49.47
C UNK PB 95 74.78 46.75 -49.96
N UNK PB 96 74.30 46.69 -51.21
CA UNK PB 96 73.96 45.46 -51.92
C UNK PB 96 72.91 44.62 -51.22
N UNK PB 97 71.66 45.11 -51.20
CA UNK PB 97 70.55 44.60 -50.40
C UNK PB 97 70.42 43.08 -50.40
N UNK PB 98 70.02 42.54 -49.24
CA UNK PB 98 70.18 41.18 -48.73
C UNK PB 98 71.64 40.85 -48.47
N UNK PB 99 72.47 41.85 -48.14
CA UNK PB 99 73.81 41.54 -47.65
C UNK PB 99 73.78 41.19 -46.17
N UNK PB 100 72.84 41.77 -45.44
CA UNK PB 100 72.73 41.47 -44.02
C UNK PB 100 71.84 40.25 -43.78
N UNK PB 101 71.41 39.60 -44.85
CA UNK PB 101 70.36 38.58 -44.77
C UNK PB 101 70.86 37.20 -44.38
N UNK PB 102 72.17 36.95 -44.54
CA UNK PB 102 72.71 35.61 -44.34
C UNK PB 102 72.64 35.18 -42.89
N UNK PB 103 71.79 34.20 -42.59
CA UNK PB 103 71.52 33.81 -41.21
C UNK PB 103 72.60 32.90 -40.63
N UNK PB 104 73.37 32.22 -41.46
CA UNK PB 104 74.49 31.41 -41.00
C UNK PB 104 75.54 32.34 -40.41
N UNK PB 105 75.63 32.33 -39.08
CA UNK PB 105 76.28 33.40 -38.34
C UNK PB 105 77.78 33.49 -38.60
N UNK PB 106 78.41 32.41 -39.05
CA UNK PB 106 79.81 32.49 -39.42
C UNK PB 106 79.99 33.03 -40.83
N UNK PB 107 78.94 33.03 -41.64
CA UNK PB 107 79.02 33.52 -43.01
C UNK PB 107 78.67 34.98 -43.14
N UNK PB 108 78.05 35.58 -42.12
CA UNK PB 108 77.70 36.99 -42.20
C UNK PB 108 78.92 37.90 -42.05
N UNK PB 109 80.01 37.40 -41.47
CA UNK PB 109 81.22 38.22 -41.40
C UNK PB 109 81.87 38.41 -42.76
N UNK PB 110 81.62 37.50 -43.70
CA UNK PB 110 82.14 37.65 -45.05
C UNK PB 110 81.16 38.34 -45.99
N UNK PB 111 79.85 38.12 -45.82
CA UNK PB 111 78.86 38.64 -46.74
C UNK PB 111 78.38 40.04 -46.38
N UNK PB 112 78.80 40.60 -45.26
CA UNK PB 112 78.36 41.93 -44.91
C UNK PB 112 79.14 42.98 -45.69
N UNK PB 113 78.80 44.24 -45.45
CA UNK PB 113 79.50 45.34 -46.09
C UNK PB 113 80.89 45.49 -45.48
N UNK PB 114 81.83 45.93 -46.31
CA UNK PB 114 83.23 46.00 -45.88
C UNK PB 114 83.45 47.13 -44.89
N UNK PB 115 82.77 48.26 -45.07
CA UNK PB 115 82.90 49.37 -44.14
C UNK PB 115 82.07 49.16 -42.87
N UNK PB 116 81.39 48.03 -42.73
CA UNK PB 116 80.66 47.77 -41.50
C UNK PB 116 81.55 47.08 -40.47
N UNK PB 117 82.39 46.14 -40.91
CA UNK PB 117 83.30 45.49 -39.96
C UNK PB 117 84.40 46.45 -39.50
N UNK PB 118 84.82 47.36 -40.36
CA UNK PB 118 85.82 48.35 -39.95
C UNK PB 118 85.23 49.35 -38.97
N UNK PB 119 83.94 49.66 -39.10
CA UNK PB 119 83.31 50.59 -38.18
C UNK PB 119 83.00 49.95 -36.84
N UNK PB 120 82.86 48.62 -36.79
CA UNK PB 120 82.65 47.93 -35.53
C UNK PB 120 83.95 47.61 -34.83
N UNK PB 121 85.05 47.40 -35.56
CA UNK PB 121 86.33 47.21 -34.92
C UNK PB 121 86.84 48.51 -34.31
N UNK PB 122 86.47 49.65 -34.90
CA UNK PB 122 86.85 50.92 -34.31
C UNK PB 122 85.90 51.32 -33.19
N UNK PB 123 84.65 50.87 -33.24
CA UNK PB 123 83.74 51.12 -32.14
C UNK PB 123 84.10 50.32 -30.89
N UNK PB 124 84.83 49.22 -31.07
CA UNK PB 124 85.38 48.47 -29.96
C UNK PB 124 86.79 48.94 -29.61
N UNK PB 125 87.49 49.57 -30.54
CA UNK PB 125 88.80 50.11 -30.23
C UNK PB 125 88.72 51.36 -29.36
N UNK PB 126 87.65 52.14 -29.52
CA UNK PB 126 87.50 53.35 -28.73
C UNK PB 126 87.09 53.08 -27.29
N UNK PB 127 86.85 51.81 -26.94
CA UNK PB 127 86.61 51.42 -25.56
C UNK PB 127 87.78 50.66 -24.97
N UNK PB 128 88.50 49.87 -25.76
CA UNK PB 128 89.71 49.23 -25.25
C UNK PB 128 90.85 50.21 -25.09
N UNK PB 129 90.89 51.27 -25.90
CA UNK PB 129 91.83 52.35 -25.65
C UNK PB 129 91.40 53.22 -24.48
N UNK PB 130 90.15 53.11 -24.05
CA UNK PB 130 89.77 53.67 -22.75
C UNK PB 130 90.14 52.72 -21.63
N UNK PB 131 90.42 51.46 -21.95
CA UNK PB 131 90.87 50.53 -20.92
C UNK PB 131 92.38 50.57 -20.74
N UNK PB 132 93.12 50.66 -21.85
CA UNK PB 132 94.58 50.75 -21.76
C UNK PB 132 95.01 52.06 -21.13
N UNK PB 133 94.26 53.14 -21.37
CA UNK PB 133 94.54 54.40 -20.71
C UNK PB 133 94.23 54.32 -19.23
N UNK PB 134 93.07 53.76 -18.88
CA UNK PB 134 92.67 53.67 -17.48
C UNK PB 134 93.45 52.61 -16.72
N UNK PB 135 94.20 51.75 -17.40
CA UNK PB 135 95.08 50.82 -16.69
C UNK PB 135 96.41 51.48 -16.36
N UNK PB 136 96.94 52.26 -17.29
CA UNK PB 136 98.22 52.92 -17.03
C UNK PB 136 98.06 54.11 -16.10
N UNK PB 137 96.97 54.85 -16.23
CA UNK PB 137 96.88 56.13 -15.54
C UNK PB 137 96.39 55.97 -14.11
N UNK PB 138 95.62 54.91 -13.82
CA UNK PB 138 95.09 54.74 -12.47
C UNK PB 138 96.20 54.45 -11.47
N UNK PB 139 96.74 53.23 -11.51
CA UNK PB 139 97.67 52.74 -10.50
C UNK PB 139 98.18 51.33 -10.84
N UNK PB 140 99.06 50.81 -10.00
CA UNK PB 140 99.20 49.37 -9.88
C UNK PB 140 98.08 48.79 -9.04
N UNK PB 141 97.57 49.56 -8.09
CA UNK PB 141 96.35 49.23 -7.36
C UNK PB 141 95.13 49.57 -8.21
N UNK PB 142 94.88 48.68 -9.17
CA UNK PB 142 93.72 48.78 -10.05
C UNK PB 142 92.88 47.53 -9.88
N UNK PB 143 91.58 47.70 -9.66
CA UNK PB 143 90.69 46.56 -9.55
C UNK PB 143 90.54 45.89 -10.90
N UNK PB 144 90.25 44.59 -10.87
CA UNK PB 144 90.13 43.84 -12.10
C UNK PB 144 88.84 44.21 -12.82
N UNK PB 145 88.97 44.55 -14.11
CA UNK PB 145 87.87 44.79 -15.04
C UNK PB 145 86.97 45.95 -14.61
N UNK PB 146 87.57 47.12 -14.44
CA UNK PB 146 86.82 48.35 -14.24
C UNK PB 146 87.10 49.25 -15.44
N UNK PB 147 86.23 49.20 -16.44
CA UNK PB 147 86.39 50.09 -17.58
C UNK PB 147 86.07 51.53 -17.19
N UNK PB 148 85.01 51.72 -16.40
CA UNK PB 148 84.67 53.03 -15.87
C UNK PB 148 83.81 52.85 -14.64
N UNK PB 149 84.40 53.14 -13.48
CA UNK PB 149 83.69 53.04 -12.21
C UNK PB 149 83.19 54.38 -11.70
N UNK PB 150 83.12 55.39 -12.55
CA UNK PB 150 82.61 56.70 -12.17
C UNK PB 150 81.42 57.15 -12.98
N UNK PB 151 81.39 56.88 -14.28
CA UNK PB 151 80.26 57.24 -15.11
C UNK PB 151 79.12 56.27 -14.83
N UNK PB 152 78.18 56.67 -13.98
CA UNK PB 152 77.03 55.86 -13.63
C UNK PB 152 75.77 56.65 -13.92
N UNK PB 153 75.08 56.31 -14.99
CA UNK PB 153 73.81 56.95 -15.29
C UNK PB 153 72.72 56.57 -14.28
N UNK PB 154 72.83 55.40 -13.66
CA UNK PB 154 71.84 54.90 -12.71
C UNK PB 154 72.55 53.96 -11.74
N UNK PB 155 71.78 53.07 -11.10
CA UNK PB 155 72.24 51.82 -10.49
C UNK PB 155 73.19 52.05 -9.31
N UNK PB 156 72.65 52.66 -8.26
CA UNK PB 156 73.34 52.77 -6.98
C UNK PB 156 72.92 51.58 -6.12
N UNK PB 157 73.85 50.66 -5.90
CA UNK PB 157 73.59 49.42 -5.17
C UNK PB 157 74.43 49.40 -3.89
N UNK PB 158 73.99 48.61 -2.92
CA UNK PB 158 74.62 48.56 -1.60
C UNK PB 158 75.98 47.90 -1.63
N UNK PB 159 76.75 48.06 -0.54
CA UNK PB 159 78.12 47.55 -0.52
C UNK PB 159 78.15 46.05 -0.30
N UNK PB 160 77.09 45.49 0.28
CA UNK PB 160 77.02 44.04 0.43
C UNK PB 160 76.39 43.40 -0.81
N UNK PB 161 75.60 44.17 -1.55
CA UNK PB 161 74.95 43.64 -2.74
C UNK PB 161 75.89 43.69 -3.94
N UNK PB 162 76.78 44.68 -3.97
CA UNK PB 162 77.73 44.82 -5.07
C UNK PB 162 78.74 43.68 -5.06
N UNK PB 163 79.05 43.16 -3.87
CA UNK PB 163 79.86 41.96 -3.81
C UNK PB 163 79.07 40.75 -4.29
N UNK PB 164 77.76 40.75 -4.06
CA UNK PB 164 76.94 39.64 -4.53
C UNK PB 164 76.65 39.79 -6.02
N UNK PB 165 76.61 41.02 -6.52
CA UNK PB 165 76.41 41.24 -7.94
C UNK PB 165 77.68 40.96 -8.72
N UNK PB 166 78.84 41.09 -8.06
CA UNK PB 166 80.11 40.80 -8.71
C UNK PB 166 80.24 39.31 -8.96
N UNK PB 167 79.78 38.50 -8.02
CA UNK PB 167 79.85 37.05 -8.21
C UNK PB 167 78.82 36.57 -9.21
N UNK PB 168 77.75 37.33 -9.42
CA UNK PB 168 76.81 36.96 -10.47
C UNK PB 168 77.36 37.26 -11.84
N UNK PB 169 78.24 38.25 -11.96
CA UNK PB 169 78.85 38.54 -13.25
C UNK PB 169 79.89 37.49 -13.61
N UNK PB 170 80.76 37.12 -12.68
CA UNK PB 170 81.79 36.14 -12.95
C UNK PB 170 81.24 34.74 -13.14
N UNK PB 171 80.07 34.45 -12.58
CA UNK PB 171 79.45 33.16 -12.82
C UNK PB 171 78.73 33.11 -14.15
N UNK PB 172 78.07 34.19 -14.55
CA UNK PB 172 77.42 34.23 -15.84
C UNK PB 172 78.39 34.58 -16.96
N UNK PB 173 79.67 34.81 -16.64
CA UNK PB 173 80.68 34.96 -17.68
C UNK PB 173 81.33 33.62 -17.99
N UNK PB 174 81.72 32.90 -16.94
CA UNK PB 174 82.37 31.60 -17.12
C UNK PB 174 81.41 30.57 -17.69
N UNK PB 175 80.10 30.76 -17.51
CA UNK PB 175 79.14 29.88 -18.15
C UNK PB 175 78.89 30.32 -19.59
N UNK PB 176 79.09 31.59 -19.90
CA UNK PB 176 78.84 32.07 -21.25
C UNK PB 176 79.99 31.78 -22.18
N UNK PB 177 81.21 31.75 -21.65
CA UNK PB 177 82.38 31.43 -22.47
C UNK PB 177 82.32 30.00 -22.97
N UNK PB 178 81.80 29.07 -22.17
CA UNK PB 178 81.60 27.70 -22.61
C UNK PB 178 80.34 27.51 -23.43
N UNK PB 179 79.81 28.59 -24.01
CA UNK PB 179 78.65 28.57 -24.87
C UNK PB 179 78.89 29.23 -26.22
N UNK PB 180 79.68 30.31 -26.26
CA UNK PB 180 80.04 30.88 -27.54
C UNK PB 180 81.01 29.99 -28.29
N UNK PB 181 81.70 29.08 -27.60
CA UNK PB 181 82.46 28.05 -28.27
C UNK PB 181 81.59 26.91 -28.75
N UNK PB 182 80.29 26.95 -28.45
CA UNK PB 182 79.34 25.94 -28.89
C UNK PB 182 78.52 26.42 -30.07
N UNK PB 183 78.00 27.64 -29.99
CA UNK PB 183 77.29 28.23 -31.12
C UNK PB 183 78.24 28.52 -32.28
N UNK PB 184 79.55 28.61 -32.03
CA UNK PB 184 80.50 28.56 -33.13
C UNK PB 184 80.63 27.15 -33.68
N UNK PB 185 80.58 26.16 -32.80
CA UNK PB 185 80.77 24.78 -33.25
C UNK PB 185 79.54 24.23 -33.95
N UNK PB 186 78.35 24.53 -33.43
CA UNK PB 186 77.13 24.00 -34.03
C UNK PB 186 76.86 24.67 -35.37
N UNK PB 187 77.11 25.97 -35.47
CA UNK PB 187 76.85 26.67 -36.72
C UNK PB 187 77.84 26.31 -37.81
N UNK PB 188 79.06 25.93 -37.44
CA UNK PB 188 79.99 25.45 -38.44
C UNK PB 188 79.63 24.06 -38.93
N UNK PB 189 78.86 23.31 -38.14
CA UNK PB 189 78.37 21.99 -38.55
C UNK PB 189 77.11 22.08 -39.40
N UNK PB 190 76.06 22.69 -38.85
CA UNK PB 190 74.83 22.95 -39.61
C UNK PB 190 74.51 24.42 -39.45
N UNK PB 191 74.18 25.08 -40.56
CA UNK PB 191 73.98 26.52 -40.55
C UNK PB 191 72.70 26.90 -39.81
N UNK PB 192 72.57 28.21 -39.52
CA UNK PB 192 71.37 28.83 -38.97
C UNK PB 192 70.95 28.27 -37.61
N UNK PB 193 71.69 28.63 -36.56
CA UNK PB 193 71.51 28.10 -35.20
C UNK PB 193 70.09 28.24 -34.65
N UNK PB 194 69.29 29.21 -35.12
CA UNK PB 194 67.88 29.20 -34.74
C UNK PB 194 67.12 28.12 -35.50
N UNK PB 195 67.36 28.00 -36.80
CA UNK PB 195 66.76 26.94 -37.59
C UNK PB 195 67.38 25.57 -37.32
N UNK PB 196 68.50 25.50 -36.60
CA UNK PB 196 69.00 24.22 -36.15
C UNK PB 196 68.33 23.76 -34.87
N UNK PB 197 67.91 24.69 -34.02
CA UNK PB 197 67.19 24.36 -32.80
C UNK PB 197 65.68 24.56 -32.95
N UNK PB 198 65.19 24.62 -34.18
CA UNK PB 198 63.75 24.63 -34.43
C UNK PB 198 63.31 23.66 -35.50
N UNK PB 199 64.15 23.33 -36.47
CA UNK PB 199 63.81 22.23 -37.37
C UNK PB 199 63.98 20.88 -36.69
N UNK PB 200 64.77 20.84 -35.62
CA UNK PB 200 64.78 19.71 -34.72
C UNK PB 200 63.65 19.79 -33.70
N UNK PB 201 62.77 20.77 -33.80
CA UNK PB 201 61.57 20.83 -32.97
C UNK PB 201 60.37 21.34 -33.76
N UNK PB 202 60.36 21.17 -35.09
CA UNK PB 202 59.16 21.56 -35.82
C UNK PB 202 58.00 20.62 -35.54
N UNK PB 203 57.91 19.50 -36.26
CA UNK PB 203 57.48 18.24 -35.69
C UNK PB 203 58.19 17.06 -36.35
N UNK PB 204 58.09 17.04 -37.69
CA UNK PB 204 58.59 16.02 -38.60
C UNK PB 204 58.13 16.41 -40.00
N UNK PB 205 58.55 15.68 -41.01
CA UNK PB 205 57.94 15.79 -42.33
C UNK PB 205 57.06 14.60 -42.68
N UNK PB 206 57.45 13.40 -42.28
CA UNK PB 206 56.67 12.20 -42.56
C UNK PB 206 55.57 11.95 -41.54
N UNK PB 207 55.65 12.56 -40.37
CA UNK PB 207 54.73 12.25 -39.28
C UNK PB 207 53.92 13.45 -38.80
N UNK PB 208 53.45 14.31 -39.72
CA UNK PB 208 52.66 15.47 -39.32
C UNK PB 208 51.24 15.07 -38.92
N UNK PB 209 50.85 13.86 -39.29
CA UNK PB 209 49.76 13.02 -38.80
C UNK PB 209 48.33 13.37 -39.22
N UNK PB 210 48.03 14.60 -39.68
CA UNK PB 210 47.15 14.99 -40.79
C UNK PB 210 46.80 16.46 -40.64
N UNK PB 211 45.95 16.95 -41.54
CA UNK PB 211 45.02 18.02 -41.19
C UNK PB 211 43.80 17.38 -40.55
N UNK PB 212 43.37 17.95 -39.41
CA UNK PB 212 42.24 17.41 -38.66
C UNK PB 212 40.94 17.71 -39.39
N UNK PB 213 40.24 16.66 -39.80
CA UNK PB 213 39.03 16.82 -40.60
C UNK PB 213 37.93 15.92 -40.08
N UNK PB 214 37.69 15.95 -38.78
CA UNK PB 214 36.64 15.11 -38.20
C UNK PB 214 35.26 15.63 -38.58
N UNK PB 215 35.09 16.95 -38.61
CA UNK PB 215 33.86 17.66 -38.99
C UNK PB 215 32.56 17.16 -38.35
N UNK QB 1 129.12 -24.74 -17.24
CA UNK QB 1 129.04 -23.29 -17.39
C UNK QB 1 129.60 -22.87 -18.73
N UNK QB 2 129.64 -21.56 -18.95
CA UNK QB 2 130.31 -21.03 -20.14
C UNK QB 2 131.80 -21.30 -20.09
N UNK QB 3 132.49 -20.71 -19.09
CA UNK QB 3 133.91 -20.92 -18.79
C UNK QB 3 134.82 -20.58 -19.97
N UNK QB 4 134.41 -19.63 -20.79
CA UNK QB 4 135.18 -19.27 -21.97
C UNK QB 4 136.15 -18.14 -21.62
N UNK QB 5 136.76 -17.54 -22.64
CA UNK QB 5 137.70 -16.46 -22.42
C UNK QB 5 136.96 -15.13 -22.28
N UNK QB 6 137.17 -14.46 -21.16
CA UNK QB 6 136.67 -13.11 -20.96
C UNK QB 6 137.48 -12.17 -21.84
N UNK QB 7 136.87 -11.72 -22.93
CA UNK QB 7 137.56 -10.88 -23.89
C UNK QB 7 137.73 -9.46 -23.35
N UNK QB 8 138.70 -8.75 -23.91
CA UNK QB 8 139.02 -7.38 -23.51
C UNK QB 8 138.67 -6.38 -24.60
N UNK QB 9 137.50 -6.55 -25.23
CA UNK QB 9 137.10 -5.68 -26.33
C UNK QB 9 136.84 -4.26 -25.87
N UNK QB 10 136.18 -4.11 -24.73
CA UNK QB 10 135.86 -2.79 -24.22
C UNK QB 10 135.75 -2.85 -22.70
N UNK QB 11 135.89 -1.68 -22.07
CA UNK QB 11 135.75 -1.62 -20.63
C UNK QB 11 134.29 -1.65 -20.23
N UNK QB 12 133.52 -0.64 -20.62
CA UNK QB 12 132.15 -0.47 -20.16
C UNK QB 12 131.13 -1.20 -21.02
N UNK QB 13 131.59 -2.03 -21.96
CA UNK QB 13 130.68 -2.81 -22.77
C UNK QB 13 130.88 -4.32 -22.60
N UNK QB 14 131.59 -4.76 -21.57
CA UNK QB 14 131.83 -6.20 -21.46
C UNK QB 14 131.74 -6.76 -20.05
N UNK QB 15 131.93 -5.93 -19.02
CA UNK QB 15 132.55 -6.40 -17.78
C UNK QB 15 131.83 -7.46 -16.94
N UNK QB 16 130.77 -7.10 -16.21
CA UNK QB 16 130.18 -8.11 -15.33
C UNK QB 16 128.67 -8.16 -15.32
N UNK QB 17 128.02 -6.99 -15.34
CA UNK QB 17 126.58 -6.93 -15.14
C UNK QB 17 125.84 -6.63 -16.43
N UNK QB 18 126.42 -5.82 -17.31
CA UNK QB 18 125.86 -5.67 -18.64
C UNK QB 18 125.99 -6.96 -19.44
N UNK QB 19 126.97 -7.80 -19.10
CA UNK QB 19 127.01 -9.16 -19.62
C UNK QB 19 125.84 -9.98 -19.10
N UNK QB 20 125.37 -9.69 -17.88
CA UNK QB 20 124.24 -10.42 -17.34
C UNK QB 20 122.93 -9.88 -17.88
N UNK QB 21 122.84 -8.57 -18.08
CA UNK QB 21 121.62 -7.98 -18.61
C UNK QB 21 121.41 -8.35 -20.07
N UNK QB 22 122.50 -8.42 -20.84
CA UNK QB 22 122.40 -8.84 -22.23
C UNK QB 22 122.00 -10.30 -22.36
N UNK QB 23 122.25 -11.12 -21.33
CA UNK QB 23 121.69 -12.46 -21.32
C UNK QB 23 120.18 -12.42 -21.17
N UNK QB 24 119.69 -11.76 -20.13
CA UNK QB 24 118.27 -11.74 -19.82
C UNK QB 24 117.46 -10.93 -20.82
N UNK QB 25 118.05 -9.92 -21.46
CA UNK QB 25 117.31 -9.18 -22.46
C UNK QB 25 117.21 -9.96 -23.76
N UNK QB 26 118.30 -10.60 -24.17
CA UNK QB 26 118.22 -11.48 -25.33
C UNK QB 26 117.51 -12.79 -25.01
N UNK QB 27 117.33 -13.11 -23.73
CA UNK QB 27 116.46 -14.22 -23.37
C UNK QB 27 115.01 -13.90 -23.66
N UNK QB 28 114.50 -12.83 -23.04
CA UNK QB 28 113.08 -12.54 -23.07
C UNK QB 28 112.61 -12.09 -24.46
N UNK QB 29 113.50 -11.48 -25.25
CA UNK QB 29 113.15 -11.17 -26.62
C UNK QB 29 113.06 -12.44 -27.46
N UNK QB 30 113.92 -13.42 -27.17
CA UNK QB 30 113.82 -14.69 -27.87
C UNK QB 30 112.66 -15.53 -27.34
N UNK QB 31 112.28 -15.32 -26.09
CA UNK QB 31 111.17 -16.07 -25.52
C UNK QB 31 109.84 -15.69 -26.16
N UNK QB 32 109.63 -14.40 -26.38
CA UNK QB 32 108.43 -13.93 -27.09
C UNK QB 32 108.56 -14.07 -28.59
N UNK QB 33 109.62 -14.71 -29.09
CA UNK QB 33 109.76 -15.02 -30.50
C UNK QB 33 109.40 -16.46 -30.82
N UNK QB 34 109.45 -17.36 -29.83
CA UNK QB 34 109.02 -18.73 -30.06
C UNK QB 34 107.51 -18.80 -30.21
N UNK QB 35 106.77 -18.02 -29.42
CA UNK QB 35 105.32 -17.92 -29.61
C UNK QB 35 104.97 -17.15 -30.86
N UNK QB 36 105.91 -16.37 -31.39
CA UNK QB 36 105.68 -15.65 -32.64
C UNK QB 36 105.65 -16.62 -33.81
N UNK QB 37 106.65 -17.49 -33.90
CA UNK QB 37 106.68 -18.45 -35.00
C UNK QB 37 105.63 -19.53 -34.83
N UNK QB 38 105.10 -19.71 -33.62
CA UNK QB 38 103.96 -20.60 -33.44
C UNK QB 38 102.68 -19.98 -34.02
N UNK QB 39 102.28 -18.82 -33.49
CA UNK QB 39 100.98 -18.26 -33.82
C UNK QB 39 100.94 -17.64 -35.22
N UNK QB 40 102.09 -17.43 -35.87
CA UNK QB 40 102.06 -16.94 -37.23
C UNK QB 40 102.07 -18.08 -38.25
N UNK QB 41 102.87 -19.13 -38.00
CA UNK QB 41 102.90 -20.25 -38.93
C UNK QB 41 101.68 -21.14 -38.80
N UNK QB 42 100.93 -21.05 -37.70
CA UNK QB 42 99.70 -21.79 -37.55
C UNK QB 42 98.49 -21.06 -38.13
N UNK QB 43 98.73 -20.06 -38.99
CA UNK QB 43 97.69 -19.36 -39.77
C UNK QB 43 96.67 -18.66 -38.89
N UNK QB 44 97.08 -18.22 -37.71
CA UNK QB 44 96.22 -17.41 -36.85
C UNK QB 44 96.44 -15.95 -37.21
N UNK QB 45 95.58 -15.42 -38.07
CA UNK QB 45 95.65 -14.03 -38.49
C UNK QB 45 94.62 -13.20 -37.75
N UNK QB 46 94.85 -11.89 -37.73
CA UNK QB 46 93.98 -10.97 -36.99
C UNK QB 46 92.69 -10.65 -37.74
N UNK QB 47 92.55 -11.14 -38.97
CA UNK QB 47 91.30 -11.12 -39.75
C UNK QB 47 90.81 -9.68 -40.01
N UNK QB 48 91.63 -8.94 -40.73
CA UNK QB 48 91.29 -7.59 -41.17
C UNK QB 48 92.17 -7.22 -42.35
N UNK QB 49 91.99 -5.98 -42.83
CA UNK QB 49 92.88 -5.38 -43.81
C UNK QB 49 93.90 -4.54 -43.07
N UNK QB 50 95.18 -4.95 -43.12
CA UNK QB 50 96.21 -4.34 -42.29
C UNK QB 50 96.54 -2.92 -42.76
N UNK QB 51 96.77 -2.75 -44.05
CA UNK QB 51 96.96 -1.44 -44.64
C UNK QB 51 95.81 -1.18 -45.61
N UNK QB 52 95.20 -0.01 -45.51
CA UNK QB 52 94.13 0.31 -46.44
C UNK QB 52 94.69 0.83 -47.76
N UNK QB 53 95.80 1.57 -47.71
CA UNK QB 53 96.37 2.16 -48.92
C UNK QB 53 97.01 1.10 -49.80
N UNK QB 54 97.97 0.34 -49.25
CA UNK QB 54 98.63 -0.73 -49.98
C UNK QB 54 97.80 -1.99 -50.06
N UNK QB 55 96.60 -1.99 -49.47
CA UNK QB 55 95.60 -3.06 -49.57
C UNK QB 55 96.10 -4.40 -49.00
N UNK QB 56 97.11 -4.36 -48.16
CA UNK QB 56 97.63 -5.57 -47.53
C UNK QB 56 96.67 -5.99 -46.42
N UNK QB 57 96.11 -7.18 -46.56
CA UNK QB 57 95.32 -7.77 -45.50
C UNK QB 57 96.24 -8.50 -44.54
N UNK QB 58 95.69 -8.92 -43.40
CA UNK QB 58 96.48 -9.69 -42.45
C UNK QB 58 96.75 -11.10 -42.96
N UNK QB 59 95.98 -11.58 -43.92
CA UNK QB 59 96.22 -12.86 -44.56
C UNK QB 59 97.18 -12.76 -45.75
N UNK QB 60 97.69 -11.56 -46.04
CA UNK QB 60 98.52 -11.41 -47.22
C UNK QB 60 99.98 -11.75 -46.95
N UNK QB 61 100.49 -11.34 -45.79
CA UNK QB 61 101.90 -11.53 -45.49
C UNK QB 61 102.22 -12.98 -45.20
N UNK QB 62 103.47 -13.37 -45.48
CA UNK QB 62 103.92 -14.72 -45.21
C UNK QB 62 104.17 -14.92 -43.72
N UNK QB 63 104.39 -16.16 -43.33
CA UNK QB 63 104.70 -16.51 -41.95
C UNK QB 63 106.15 -16.87 -41.74
N UNK QB 64 106.95 -16.86 -42.80
CA UNK QB 64 108.35 -17.28 -42.74
C UNK QB 64 109.25 -16.17 -42.20
N UNK QB 65 110.56 -16.31 -42.41
CA UNK QB 65 111.52 -15.28 -42.03
C UNK QB 65 111.39 -14.01 -42.87
N UNK QB 66 110.67 -14.04 -43.98
CA UNK QB 66 110.38 -12.87 -44.77
C UNK QB 66 109.06 -12.21 -44.39
N UNK QB 67 108.66 -12.31 -43.11
CA UNK QB 67 107.43 -11.69 -42.66
C UNK QB 67 107.63 -10.26 -42.19
N UNK QB 68 108.79 -9.96 -41.60
CA UNK QB 68 109.06 -8.58 -41.20
C UNK QB 68 109.28 -7.69 -42.41
N UNK QB 69 109.85 -8.23 -43.48
CA UNK QB 69 109.98 -7.44 -44.71
C UNK QB 69 108.66 -7.33 -45.45
N UNK QB 70 107.74 -8.27 -45.24
CA UNK QB 70 106.48 -8.27 -45.96
C UNK QB 70 105.54 -7.15 -45.54
N UNK QB 71 105.70 -6.62 -44.34
CA UNK QB 71 104.95 -5.45 -43.94
C UNK QB 71 105.45 -4.22 -44.69
N UNK QB 72 104.66 -3.15 -44.61
CA UNK QB 72 105.08 -1.91 -45.23
C UNK QB 72 106.21 -1.27 -44.43
N UNK QB 73 106.88 -0.30 -45.05
CA UNK QB 73 107.95 0.40 -44.34
C UNK QB 73 107.40 1.35 -43.29
N UNK QB 74 106.12 1.71 -43.38
CA UNK QB 74 105.45 2.44 -42.31
C UNK QB 74 105.35 1.61 -41.04
N UNK QB 75 105.21 0.29 -41.20
CA UNK QB 75 105.06 -0.61 -40.06
C UNK QB 75 106.32 -0.63 -39.21
N UNK QB 76 107.45 -0.95 -39.84
CA UNK QB 76 108.72 -0.96 -39.13
C UNK QB 76 109.13 0.44 -38.71
N UNK QB 77 108.60 1.48 -39.35
CA UNK QB 77 108.73 2.81 -38.79
C UNK QB 77 107.90 2.96 -37.52
N UNK QB 78 106.66 2.49 -37.54
CA UNK QB 78 105.78 2.70 -36.40
C UNK QB 78 106.04 1.68 -35.29
N UNK QB 79 106.33 0.42 -35.65
CA UNK QB 79 106.48 -0.60 -34.62
C UNK QB 79 107.82 -0.49 -33.91
N UNK QB 80 108.89 -0.12 -34.62
CA UNK QB 80 110.17 0.02 -33.95
C UNK QB 80 110.23 1.30 -33.13
N UNK QB 81 109.35 2.27 -33.40
CA UNK QB 81 109.24 3.40 -32.50
C UNK QB 81 108.59 3.00 -31.20
N UNK QB 82 107.54 2.16 -31.27
CA UNK QB 82 106.89 1.67 -30.08
C UNK QB 82 107.76 0.68 -29.33
N UNK QB 83 108.55 -0.11 -30.06
CA UNK QB 83 109.42 -1.08 -29.40
C UNK QB 83 110.63 -0.40 -28.77
N UNK QB 84 110.91 0.85 -29.14
CA UNK QB 84 112.01 1.58 -28.53
C UNK QB 84 111.54 2.70 -27.63
N UNK QB 85 110.27 3.11 -27.70
CA UNK QB 85 109.74 4.02 -26.69
C UNK QB 85 109.70 3.34 -25.33
N UNK QB 86 109.37 2.04 -25.30
CA UNK QB 86 109.48 1.30 -24.06
C UNK QB 86 110.93 1.00 -23.74
N UNK QB 87 111.77 0.80 -24.76
CA UNK QB 87 113.15 0.40 -24.53
C UNK QB 87 114.05 1.55 -24.10
N UNK QB 88 113.55 2.78 -24.10
CA UNK QB 88 114.33 3.90 -23.59
C UNK QB 88 113.62 4.67 -22.49
N UNK QB 89 112.30 4.63 -22.43
CA UNK QB 89 111.58 5.39 -21.42
C UNK QB 89 110.76 4.52 -20.47
N UNK QB 90 109.90 3.64 -20.99
CA UNK QB 90 108.92 3.01 -20.11
C UNK QB 90 109.52 1.86 -19.32
N UNK QB 91 109.89 0.78 -20.00
CA UNK QB 91 110.60 -0.33 -19.36
C UNK QB 91 112.07 -0.09 -19.69
N UNK QB 92 112.69 0.80 -18.92
CA UNK QB 92 113.94 1.44 -19.28
C UNK QB 92 115.07 0.43 -19.31
N UNK QB 93 115.68 0.26 -20.49
CA UNK QB 93 116.71 -0.76 -20.66
C UNK QB 93 118.05 -0.33 -20.07
N UNK QB 94 118.19 0.94 -19.68
CA UNK QB 94 119.37 1.35 -18.94
C UNK QB 94 119.42 0.71 -17.55
N UNK QB 95 118.27 0.36 -16.99
CA UNK QB 95 118.22 -0.40 -15.76
C UNK QB 95 118.71 -1.81 -16.02
N UNK QB 96 119.97 -2.10 -15.67
CA UNK QB 96 120.53 -3.41 -15.91
C UNK QB 96 120.01 -4.47 -14.95
N UNK QB 97 119.28 -4.08 -13.90
CA UNK QB 97 118.76 -5.01 -12.92
C UNK QB 97 117.60 -5.85 -13.44
N UNK QB 98 116.99 -5.45 -14.56
CA UNK QB 98 115.87 -6.14 -15.23
C UNK QB 98 114.66 -6.31 -14.31
N UNK QB 99 114.48 -5.41 -13.36
CA UNK QB 99 113.39 -5.45 -12.39
C UNK QB 99 112.47 -4.25 -12.55
N UNK QB 100 112.09 -3.95 -13.79
CA UNK QB 100 111.57 -2.65 -14.19
C UNK QB 100 110.26 -2.26 -13.50
N UNK QB 101 109.15 -2.91 -13.83
CA UNK QB 101 107.94 -2.46 -13.16
C UNK QB 101 107.08 -3.59 -12.61
N UNK QB 102 106.93 -4.69 -13.34
CA UNK QB 102 105.94 -5.71 -13.02
C UNK QB 102 106.64 -7.04 -12.84
N UNK QB 103 106.44 -7.66 -11.69
CA UNK QB 103 107.21 -8.83 -11.30
C UNK QB 103 106.78 -10.07 -12.07
N UNK QB 104 105.54 -10.47 -11.88
CA UNK QB 104 104.99 -11.68 -12.47
C UNK QB 104 103.80 -11.20 -13.28
N UNK QB 105 102.82 -12.08 -13.48
CA UNK QB 105 101.63 -11.76 -14.26
C UNK QB 105 100.70 -10.78 -13.54
N UNK QB 106 99.41 -10.77 -13.90
CA UNK QB 106 98.57 -9.60 -14.18
C UNK QB 106 98.79 -8.27 -13.45
N UNK QB 107 98.36 -7.22 -14.12
CA UNK QB 107 98.95 -5.88 -14.09
C UNK QB 107 98.73 -5.07 -12.82
N UNK QB 108 98.40 -5.69 -11.69
CA UNK QB 108 98.46 -4.92 -10.44
C UNK QB 108 99.81 -5.10 -9.74
N UNK QB 109 100.05 -6.25 -9.13
CA UNK QB 109 101.41 -6.51 -8.65
C UNK QB 109 101.94 -7.91 -8.99
N UNK QB 110 101.27 -8.92 -8.44
CA UNK QB 110 101.73 -10.31 -8.31
C UNK QB 110 103.23 -10.40 -7.98
N UNK QB 111 103.60 -9.80 -6.85
CA UNK QB 111 104.99 -9.86 -6.43
C UNK QB 111 105.30 -11.20 -5.78
N UNK QB 112 106.38 -11.83 -6.25
CA UNK QB 112 106.78 -13.15 -5.77
C UNK QB 112 107.77 -12.93 -4.63
N UNK QB 113 107.24 -12.83 -3.41
CA UNK QB 113 108.07 -12.52 -2.25
C UNK QB 113 108.83 -13.73 -1.72
N UNK QB 114 108.52 -14.93 -2.19
CA UNK QB 114 109.23 -16.12 -1.75
C UNK QB 114 110.63 -16.11 -2.35
N UNK QB 115 111.65 -16.02 -1.49
CA UNK QB 115 113.02 -15.87 -1.94
C UNK QB 115 113.55 -17.10 -2.66
N UNK QB 116 113.10 -18.30 -2.28
CA UNK QB 116 113.53 -19.50 -2.98
C UNK QB 116 112.75 -19.72 -4.27
N UNK QB 117 111.45 -19.44 -4.24
CA UNK QB 117 110.63 -19.62 -5.44
C UNK QB 117 110.94 -18.57 -6.50
N UNK QB 118 111.33 -17.36 -6.08
CA UNK QB 118 111.82 -16.39 -7.05
C UNK QB 118 113.15 -16.83 -7.63
N UNK QB 119 114.05 -17.34 -6.78
CA UNK QB 119 115.31 -17.89 -7.26
C UNK QB 119 115.09 -19.17 -8.05
N UNK QB 120 114.01 -19.89 -7.77
CA UNK QB 120 113.62 -20.99 -8.66
C UNK QB 120 113.08 -20.45 -9.98
N UNK QB 121 112.36 -19.33 -9.94
CA UNK QB 121 111.76 -18.80 -11.16
C UNK QB 121 112.74 -17.97 -11.97
N UNK QB 122 113.69 -17.31 -11.31
CA UNK QB 122 114.70 -16.55 -12.07
C UNK QB 122 115.63 -17.48 -12.82
N UNK QB 123 115.98 -18.62 -12.22
CA UNK QB 123 116.68 -19.65 -12.99
C UNK QB 123 115.77 -20.23 -14.06
N UNK QB 124 114.48 -20.34 -13.77
CA UNK QB 124 113.53 -20.73 -14.81
C UNK QB 124 113.23 -19.60 -15.78
N UNK QB 125 113.61 -18.36 -15.44
CA UNK QB 125 113.47 -17.28 -16.41
C UNK QB 125 114.57 -17.35 -17.46
N UNK QB 126 115.80 -17.66 -17.04
CA UNK QB 126 116.95 -17.67 -17.92
C UNK QB 126 117.20 -19.00 -18.59
N UNK QB 127 117.17 -20.10 -17.83
CA UNK QB 127 117.55 -21.39 -18.40
C UNK QB 127 116.47 -21.95 -19.33
N UNK QB 128 115.21 -21.60 -19.09
CA UNK QB 128 114.18 -21.98 -20.06
C UNK QB 128 114.33 -21.20 -21.35
N UNK QB 129 114.64 -19.91 -21.24
CA UNK QB 129 114.88 -19.12 -22.44
C UNK QB 129 116.29 -19.30 -22.98
N UNK QB 130 117.17 -19.99 -22.25
CA UNK QB 130 118.47 -20.34 -22.79
C UNK QB 130 118.35 -21.34 -23.93
N UNK QB 131 117.30 -22.16 -23.92
CA UNK QB 131 116.98 -22.96 -25.08
C UNK QB 131 116.23 -22.16 -26.14
N UNK QB 132 115.58 -21.07 -25.75
CA UNK QB 132 114.85 -20.26 -26.71
C UNK QB 132 115.77 -19.44 -27.60
N UNK QB 133 116.92 -19.02 -27.09
CA UNK QB 133 117.90 -18.35 -27.94
C UNK QB 133 118.52 -19.32 -28.93
N UNK QB 134 118.70 -20.58 -28.54
CA UNK QB 134 119.12 -21.62 -29.46
C UNK QB 134 118.00 -22.08 -30.36
N UNK QB 135 116.75 -21.78 -29.99
CA UNK QB 135 115.61 -22.22 -30.79
C UNK QB 135 115.47 -21.41 -32.07
N UNK QB 136 115.52 -20.09 -31.95
CA UNK QB 136 115.33 -19.23 -33.12
C UNK QB 136 116.50 -19.31 -34.07
N UNK QB 137 117.70 -19.59 -33.55
CA UNK QB 137 118.84 -19.83 -34.43
C UNK QB 137 118.68 -21.14 -35.18
N UNK QB 138 118.10 -22.15 -34.53
CA UNK QB 138 117.86 -23.41 -35.21
C UNK QB 138 116.70 -23.30 -36.20
N UNK QB 139 115.70 -22.48 -35.87
CA UNK QB 139 114.54 -22.34 -36.75
C UNK QB 139 114.87 -21.49 -37.98
N UNK QB 140 115.61 -20.40 -37.80
CA UNK QB 140 115.96 -19.54 -38.92
C UNK QB 140 116.96 -20.20 -39.85
N UNK QB 141 117.77 -21.13 -39.36
CA UNK QB 141 118.61 -21.92 -40.26
C UNK QB 141 117.77 -22.93 -41.03
N UNK QB 142 116.63 -23.34 -40.48
CA UNK QB 142 115.70 -24.23 -41.16
C UNK QB 142 114.57 -23.49 -41.86
N UNK QB 143 114.62 -22.16 -41.90
CA UNK QB 143 113.62 -21.37 -42.61
C UNK QB 143 114.20 -20.71 -43.85
N UNK RB 1 115.82 97.15 -34.93
CA UNK RB 1 115.44 95.79 -34.54
C UNK RB 1 114.51 95.17 -35.59
N UNK RB 2 113.96 94.00 -35.26
CA UNK RB 2 112.96 93.34 -36.08
C UNK RB 2 111.54 93.55 -35.55
N UNK RB 3 111.40 94.20 -34.41
CA UNK RB 3 110.07 94.53 -33.89
C UNK RB 3 109.54 95.83 -34.51
N UNK RB 4 110.44 96.78 -34.76
CA UNK RB 4 110.07 98.04 -35.38
C UNK RB 4 110.35 98.05 -36.88
N UNK RB 5 110.38 96.90 -37.52
CA UNK RB 5 110.69 96.84 -38.95
C UNK RB 5 109.44 97.05 -39.80
N UNK RB 6 108.31 96.48 -39.39
CA UNK RB 6 107.06 96.62 -40.13
C UNK RB 6 106.20 97.77 -39.62
N UNK RB 7 106.79 98.72 -38.91
CA UNK RB 7 106.05 99.84 -38.33
C UNK RB 7 106.22 101.07 -39.22
N UNK RB 8 105.19 101.36 -40.03
CA UNK RB 8 105.19 102.53 -40.88
C UNK RB 8 104.38 103.64 -40.24
N UNK RB 9 104.39 104.82 -40.86
CA UNK RB 9 103.72 105.98 -40.29
C UNK RB 9 102.21 105.90 -40.36
N UNK RB 10 101.65 105.00 -41.18
CA UNK RB 10 100.20 104.91 -41.28
C UNK RB 10 99.59 104.30 -40.03
N UNK RB 11 99.98 103.06 -39.70
CA UNK RB 11 99.39 102.34 -38.59
C UNK RB 11 100.38 101.94 -37.52
N UNK RB 12 101.54 101.38 -37.92
CA UNK RB 12 102.68 100.96 -37.11
C UNK RB 12 102.43 99.77 -36.19
N UNK RB 13 101.16 99.34 -36.06
CA UNK RB 13 100.82 98.06 -35.44
C UNK RB 13 99.45 97.67 -36.01
N UNK RB 14 99.47 96.83 -37.03
CA UNK RB 14 98.26 96.36 -37.68
C UNK RB 14 98.11 94.89 -37.34
N UNK RB 15 97.54 94.60 -36.17
CA UNK RB 15 97.40 93.24 -35.67
C UNK RB 15 95.94 93.01 -35.31
N UNK RB 16 95.15 92.62 -36.32
CA UNK RB 16 93.78 92.19 -36.03
C UNK RB 16 93.76 90.77 -35.49
N UNK RB 17 94.73 89.95 -35.90
CA UNK RB 17 94.89 88.61 -35.35
C UNK RB 17 95.69 88.59 -34.06
N UNK RB 18 96.48 89.65 -33.81
CA UNK RB 18 97.28 89.83 -32.59
C UNK RB 18 98.27 88.69 -32.37
N UNK RB 19 99.14 88.49 -33.36
CA UNK RB 19 100.14 87.43 -33.28
C UNK RB 19 101.40 87.85 -32.53
N UNK RB 20 101.67 89.14 -32.42
CA UNK RB 20 102.90 89.57 -31.74
C UNK RB 20 102.77 89.46 -30.23
N UNK RB 21 101.64 89.89 -29.67
CA UNK RB 21 101.44 89.79 -28.23
C UNK RB 21 101.18 88.37 -27.77
N UNK RB 22 100.75 87.49 -28.67
CA UNK RB 22 100.51 86.11 -28.30
C UNK RB 22 101.73 85.22 -28.57
N UNK RB 23 102.51 85.55 -29.60
CA UNK RB 23 103.68 84.75 -29.98
C UNK RB 23 104.87 85.69 -30.10
N UNK RB 24 105.54 85.94 -28.97
CA UNK RB 24 106.68 86.86 -28.93
C UNK RB 24 107.95 86.24 -29.47
N UNK RB 25 108.13 84.92 -29.31
CA UNK RB 25 109.30 84.26 -29.87
C UNK RB 25 109.11 83.94 -31.35
N UNK RB 26 107.86 83.82 -31.79
CA UNK RB 26 107.56 83.51 -33.18
C UNK RB 26 107.50 84.74 -34.07
N UNK RB 27 107.93 85.90 -33.55
CA UNK RB 27 108.05 87.08 -34.40
C UNK RB 27 109.18 86.92 -35.40
N UNK RB 28 110.23 86.18 -35.04
CA UNK RB 28 111.33 85.95 -35.95
C UNK RB 28 110.90 85.04 -37.10
N UNK RB 29 110.14 83.99 -36.80
CA UNK RB 29 109.64 83.10 -37.84
C UNK RB 29 108.55 83.74 -38.68
N UNK RB 30 107.94 84.82 -38.20
CA UNK RB 30 106.93 85.53 -38.96
C UNK RB 30 107.52 86.57 -39.90
N UNK RB 31 108.52 87.32 -39.45
CA UNK RB 31 109.11 88.36 -40.29
C UNK RB 31 110.04 87.76 -41.33
N UNK RB 32 110.62 86.59 -41.04
CA UNK RB 32 111.51 85.96 -42.01
C UNK RB 32 110.73 85.44 -43.22
N UNK RB 33 109.52 84.92 -42.99
CA UNK RB 33 108.66 84.55 -44.11
C UNK RB 33 107.95 85.76 -44.70
N UNK RB 34 107.88 86.86 -43.96
CA UNK RB 34 107.30 88.08 -44.52
C UNK RB 34 108.20 88.67 -45.59
N UNK RB 35 109.49 88.80 -45.29
CA UNK RB 35 110.43 89.31 -46.27
C UNK RB 35 110.76 88.27 -47.33
N UNK RB 36 110.49 86.99 -47.07
CA UNK RB 36 110.68 85.98 -48.10
C UNK RB 36 109.61 86.08 -49.17
N UNK RB 37 108.37 86.30 -48.76
CA UNK RB 37 107.28 86.46 -49.70
C UNK RB 37 107.17 87.88 -50.25
N UNK RB 38 108.02 88.79 -49.78
CA UNK RB 38 108.07 90.14 -50.34
C UNK RB 38 109.19 90.29 -51.36
N UNK RB 39 110.37 89.75 -51.05
CA UNK RB 39 111.50 89.84 -51.96
C UNK RB 39 111.27 89.03 -53.23
N UNK RB 40 110.57 87.90 -53.12
CA UNK RB 40 110.21 87.15 -54.31
C UNK RB 40 109.10 87.81 -55.10
N UNK RB 41 108.26 88.62 -54.44
CA UNK RB 41 107.14 89.26 -55.11
C UNK RB 41 107.52 90.58 -55.77
N UNK RB 42 108.55 91.26 -55.25
CA UNK RB 42 109.04 92.46 -55.91
C UNK RB 42 109.69 92.13 -57.25
N UNK RB 43 110.30 90.95 -57.36
CA UNK RB 43 110.78 90.44 -58.63
C UNK RB 43 109.68 89.76 -59.44
N UNK RB 44 108.45 89.74 -58.94
CA UNK RB 44 107.33 89.18 -59.69
C UNK RB 44 106.53 90.24 -60.42
N UNK RB 45 106.55 91.49 -59.93
CA UNK RB 45 105.90 92.57 -60.67
C UNK RB 45 106.69 92.90 -61.93
N UNK RB 46 108.02 92.85 -61.84
CA UNK RB 46 108.83 92.98 -63.04
C UNK RB 46 108.72 91.74 -63.92
N UNK RB 47 108.36 90.60 -63.33
CA UNK RB 47 108.11 89.40 -64.11
C UNK RB 47 106.81 89.51 -64.90
N UNK RB 48 105.75 90.01 -64.28
CA UNK RB 48 104.47 90.13 -64.96
C UNK RB 48 104.48 91.27 -65.97
N UNK RB 49 105.27 92.32 -65.73
CA UNK RB 49 105.31 93.44 -66.66
C UNK RB 49 106.12 93.11 -67.90
N UNK RB 50 107.37 92.67 -67.71
CA UNK RB 50 108.28 92.45 -68.84
C UNK RB 50 107.85 91.28 -69.71
N UNK RB 51 107.11 90.32 -69.17
CA UNK RB 51 106.52 89.29 -70.03
C UNK RB 51 105.36 89.86 -70.83
N UNK RB 52 104.52 90.69 -70.19
CA UNK RB 52 103.41 91.31 -70.89
C UNK RB 52 103.88 92.42 -71.82
N UNK RB 53 105.07 92.97 -71.60
CA UNK RB 53 105.65 93.96 -72.51
C UNK RB 53 106.36 93.34 -73.70
N UNK RB 54 106.20 92.02 -73.89
CA UNK RB 54 106.70 91.25 -75.03
C UNK RB 54 108.22 91.32 -75.16
N UNK RB 55 108.92 91.47 -74.03
CA UNK RB 55 110.37 91.48 -74.03
C UNK RB 55 110.85 90.06 -74.24
N UNK RB 56 111.35 89.78 -75.43
CA UNK RB 56 111.90 88.47 -75.75
C UNK RB 56 113.38 88.43 -75.42
N UNK RB 57 113.91 87.22 -75.29
CA UNK RB 57 115.31 87.02 -74.92
C UNK RB 57 116.25 87.10 -76.11
N UNK RB 58 115.75 87.51 -77.28
CA UNK RB 58 116.47 87.63 -78.55
C UNK RB 58 117.17 86.35 -78.98
N UNK RB 59 116.64 85.20 -78.62
CA UNK RB 59 117.22 83.90 -78.93
C UNK RB 59 116.15 82.82 -78.87
N UNK RB 60 116.48 81.68 -79.44
CA UNK RB 60 115.60 80.53 -79.37
C UNK RB 60 115.53 79.98 -77.96
N UNK RB 61 114.33 79.57 -77.54
CA UNK RB 61 114.15 79.04 -76.20
C UNK RB 61 114.72 77.63 -76.04
N UNK RB 62 114.95 76.93 -77.14
CA UNK RB 62 115.42 75.55 -77.08
C UNK RB 62 116.37 75.29 -78.24
N UNK RB 63 117.61 74.94 -77.91
CA UNK RB 63 118.58 74.61 -78.96
C UNK RB 63 118.26 73.28 -79.61
N UNK RB 64 117.67 72.35 -78.86
CA UNK RB 64 117.31 71.03 -79.37
C UNK RB 64 115.84 70.92 -79.73
N UNK RB 65 114.94 71.29 -78.80
CA UNK RB 65 113.51 71.15 -79.02
C UNK RB 65 112.95 72.22 -79.96
N UNK RB 66 113.73 73.24 -80.31
CA UNK RB 66 113.41 74.26 -81.30
C UNK RB 66 112.15 75.05 -80.93
N UNK RB 67 112.26 75.79 -79.83
CA UNK RB 67 111.25 76.73 -79.41
C UNK RB 67 111.80 78.15 -79.57
N UNK RB 68 111.01 79.14 -79.19
CA UNK RB 68 111.39 80.54 -79.32
C UNK RB 68 111.04 81.30 -78.06
N UNK RB 69 111.67 82.47 -77.90
CA UNK RB 69 111.41 83.32 -76.74
C UNK RB 69 110.09 84.06 -76.84
N UNK RB 70 109.48 84.10 -78.03
CA UNK RB 70 108.17 84.71 -78.18
C UNK RB 70 107.04 83.70 -78.28
N UNK RB 71 107.37 82.41 -78.41
CA UNK RB 71 106.34 81.40 -78.60
C UNK RB 71 105.55 81.14 -77.31
N UNK RB 72 106.13 81.46 -76.16
CA UNK RB 72 105.42 81.29 -74.90
C UNK RB 72 104.50 82.49 -74.66
N UNK RB 73 103.41 82.25 -73.92
CA UNK RB 73 102.47 83.32 -73.62
C UNK RB 73 103.00 84.19 -72.49
N UNK RB 74 102.19 85.17 -72.09
CA UNK RB 74 102.57 86.14 -71.06
C UNK RB 74 101.66 86.08 -69.84
N UNK RB 75 100.68 85.18 -69.83
CA UNK RB 75 99.76 85.01 -68.71
C UNK RB 75 100.30 83.95 -67.77
N UNK RB 76 99.44 83.41 -66.89
CA UNK RB 76 99.82 82.33 -65.99
C UNK RB 76 100.15 81.04 -66.72
N UNK RB 77 99.71 80.89 -67.98
CA UNK RB 77 100.04 79.73 -68.79
C UNK RB 77 101.39 79.84 -69.49
N UNK RB 78 102.23 80.80 -69.08
CA UNK RB 78 103.57 80.91 -69.64
C UNK RB 78 104.42 79.71 -69.24
N UNK RB 79 104.39 79.34 -67.97
CA UNK RB 79 105.10 78.14 -67.51
C UNK RB 79 104.50 76.87 -68.08
N UNK RB 80 103.21 76.87 -68.39
CA UNK RB 80 102.58 75.72 -69.02
C UNK RB 80 103.09 75.49 -70.44
N UNK RB 81 103.59 76.54 -71.10
CA UNK RB 81 104.16 76.41 -72.42
C UNK RB 81 105.66 76.15 -72.40
N UNK RB 82 106.31 76.33 -71.26
CA UNK RB 82 107.73 76.02 -71.14
C UNK RB 82 107.95 74.52 -71.17
N UNK RB 83 109.12 74.12 -71.66
CA UNK RB 83 109.42 72.71 -71.87
C UNK RB 83 109.61 71.99 -70.53
N UNK RB 84 109.30 70.68 -70.53
CA UNK RB 84 109.42 69.90 -69.31
C UNK RB 84 110.87 69.65 -68.94
N UNK RB 85 111.78 69.60 -69.91
CA UNK RB 85 113.21 69.48 -69.60
C UNK RB 85 113.76 70.77 -69.01
N UNK RB 86 113.09 71.89 -69.23
CA UNK RB 86 113.53 73.16 -68.65
C UNK RB 86 113.28 73.20 -67.16
N UNK RB 87 112.06 72.88 -66.74
CA UNK RB 87 111.66 73.02 -65.35
C UNK RB 87 112.40 72.04 -64.44
N UNK RB 88 112.81 70.89 -64.97
CA UNK RB 88 113.65 69.98 -64.19
C UNK RB 88 115.05 70.53 -64.01
N UNK RB 89 115.45 71.49 -64.85
CA UNK RB 89 116.69 72.24 -64.66
C UNK RB 89 116.45 73.61 -64.06
N UNK RB 90 115.34 74.26 -64.39
CA UNK RB 90 115.08 75.62 -63.91
C UNK RB 90 114.74 75.63 -62.43
N UNK RB 91 113.82 74.76 -62.02
CA UNK RB 91 113.48 74.69 -60.60
C UNK RB 91 114.56 74.02 -59.78
N UNK RB 92 115.47 73.27 -60.41
CA UNK RB 92 116.57 72.67 -59.66
C UNK RB 92 117.54 73.72 -59.15
N UNK RB 93 117.76 74.79 -59.90
CA UNK RB 93 118.52 75.91 -59.36
C UNK RB 93 117.69 76.72 -58.37
N UNK RB 94 116.38 76.74 -58.55
CA UNK RB 94 115.51 77.45 -57.61
C UNK RB 94 115.29 76.67 -56.32
N UNK RB 95 115.28 75.34 -56.40
CA UNK RB 95 115.50 74.48 -55.23
C UNK RB 95 116.78 74.89 -54.52
N UNK RB 96 117.90 74.80 -55.24
CA UNK RB 96 119.24 74.89 -54.66
C UNK RB 96 119.60 76.29 -54.18
N UNK RB 97 118.95 77.33 -54.72
CA UNK RB 97 119.16 78.67 -54.18
C UNK RB 97 118.59 78.79 -52.77
N UNK RB 98 117.40 78.25 -52.54
CA UNK RB 98 116.80 78.27 -51.23
C UNK RB 98 117.36 77.20 -50.30
N UNK RB 99 117.99 76.16 -50.86
CA UNK RB 99 118.48 75.05 -50.04
C UNK RB 99 119.85 75.35 -49.45
N UNK RB 100 120.85 75.52 -50.31
CA UNK RB 100 122.24 75.65 -49.89
C UNK RB 100 122.82 77.04 -50.09
N UNK RB 101 122.48 77.70 -51.21
CA UNK RB 101 123.13 78.95 -51.58
C UNK RB 101 122.70 80.11 -50.70
N UNK RB 102 121.43 80.50 -50.81
CA UNK RB 102 120.86 81.52 -49.93
C UNK RB 102 120.24 80.76 -48.77
N UNK RB 103 120.72 81.04 -47.57
CA UNK RB 103 120.27 80.31 -46.40
C UNK RB 103 118.86 80.75 -46.04
N UNK RB 104 117.86 79.99 -46.52
CA UNK RB 104 116.47 80.23 -46.16
C UNK RB 104 116.17 79.82 -44.73
N UNK RB 105 116.94 78.88 -44.17
CA UNK RB 105 116.83 78.55 -42.76
C UNK RB 105 117.36 79.67 -41.86
N UNK RB 106 118.18 80.56 -42.40
CA UNK RB 106 118.56 81.80 -41.70
C UNK RB 106 117.39 82.77 -41.78
N UNK RB 107 117.16 83.51 -40.70
CA UNK RB 107 115.97 84.35 -40.58
C UNK RB 107 116.23 85.83 -40.86
N UNK RB 108 117.42 86.34 -40.59
CA UNK RB 108 117.70 87.75 -40.83
C UNK RB 108 118.02 88.04 -42.29
N UNK RB 109 118.28 86.99 -43.09
CA UNK RB 109 118.54 87.02 -44.53
C UNK RB 109 119.74 87.89 -44.90
N UNK RB 110 120.69 88.10 -43.99
CA UNK RB 110 121.84 88.97 -44.23
C UNK RB 110 123.09 88.16 -44.60
N UNK RB 111 122.92 87.09 -45.37
CA UNK RB 111 123.95 86.09 -45.60
C UNK RB 111 125.17 86.62 -46.36
N UNK RB 112 124.98 86.99 -47.63
CA UNK RB 112 126.10 87.24 -48.51
C UNK RB 112 126.03 88.56 -49.27
N UNK RB 113 124.84 89.11 -49.48
CA UNK RB 113 124.66 90.32 -50.26
C UNK RB 113 124.53 91.53 -49.35
N UNK RB 114 124.82 92.70 -49.89
CA UNK RB 114 124.63 93.97 -49.22
C UNK RB 114 123.90 94.93 -50.17
N UNK RB 115 123.86 96.20 -49.81
CA UNK RB 115 123.32 97.23 -50.69
C UNK RB 115 124.35 97.49 -51.79
N UNK RB 116 124.19 96.76 -52.90
CA UNK RB 116 125.15 96.70 -54.01
C UNK RB 116 126.55 96.33 -53.51
N UNK RB 117 126.60 95.25 -52.72
CA UNK RB 117 127.81 94.66 -52.13
C UNK RB 117 128.57 95.62 -51.23
N UNK RB 118 127.89 96.64 -50.69
CA UNK RB 118 128.53 97.63 -49.84
C UNK RB 118 127.56 98.02 -48.74
N UNK RB 119 127.96 97.82 -47.49
CA UNK RB 119 127.08 98.07 -46.37
C UNK RB 119 126.89 99.58 -46.16
N UNK RB 120 125.64 99.95 -45.88
CA UNK RB 120 125.30 101.33 -45.51
C UNK RB 120 125.62 101.48 -44.04
N UNK RB 121 126.74 102.14 -43.75
CA UNK RB 121 127.24 102.25 -42.39
C UNK RB 121 126.50 103.29 -41.56
N UNK RB 122 125.60 104.07 -42.16
CA UNK RB 122 124.79 105.01 -41.40
C UNK RB 122 123.66 104.28 -40.71
N UNK RB 123 123.58 104.41 -39.39
CA UNK RB 123 122.54 103.75 -38.61
C UNK RB 123 121.16 104.31 -38.92
N UNK RB 124 121.08 105.60 -39.28
CA UNK RB 124 119.81 106.16 -39.69
C UNK RB 124 119.38 105.66 -41.05
N UNK RB 125 120.34 105.41 -41.94
CA UNK RB 125 120.03 104.94 -43.28
C UNK RB 125 119.88 103.43 -43.36
N UNK RB 126 120.44 102.69 -42.39
CA UNK RB 126 120.30 101.25 -42.40
C UNK RB 126 118.88 100.83 -42.05
N UNK RB 127 118.28 101.48 -41.05
CA UNK RB 127 116.90 101.18 -40.71
C UNK RB 127 115.93 101.71 -41.76
N UNK RB 128 116.30 102.78 -42.45
CA UNK RB 128 115.47 103.33 -43.51
C UNK RB 128 115.54 102.55 -44.80
N UNK RB 129 116.62 101.80 -45.02
CA UNK RB 129 116.70 100.98 -46.22
C UNK RB 129 115.96 99.66 -46.04
N UNK RB 130 115.74 99.25 -44.80
CA UNK RB 130 115.04 97.99 -44.55
C UNK RB 130 113.52 98.17 -44.68
N UNK RB 131 113.00 99.28 -44.17
CA UNK RB 131 111.58 99.56 -44.34
C UNK RB 131 111.26 99.93 -45.78
N UNK RB 132 112.24 100.47 -46.50
CA UNK RB 132 112.06 100.68 -47.94
C UNK RB 132 112.17 99.36 -48.70
N UNK RB 133 112.69 98.31 -48.07
CA UNK RB 133 112.64 96.98 -48.66
C UNK RB 133 111.31 96.30 -48.35
N UNK RB 134 110.79 96.48 -47.14
CA UNK RB 134 109.56 95.80 -46.75
C UNK RB 134 108.34 96.47 -47.35
N UNK RB 135 108.17 97.77 -47.10
CA UNK RB 135 106.93 98.45 -47.46
C UNK RB 135 106.80 98.63 -48.96
N UNK RB 136 107.91 98.74 -49.69
CA UNK RB 136 107.82 98.83 -51.14
C UNK RB 136 107.51 97.48 -51.78
N UNK RB 137 107.88 96.40 -51.12
CA UNK RB 137 107.60 95.07 -51.67
C UNK RB 137 106.35 94.43 -51.10
N UNK RB 138 105.90 94.87 -49.92
CA UNK RB 138 104.62 94.38 -49.41
C UNK RB 138 103.45 94.88 -50.25
N UNK RB 139 103.60 96.04 -50.88
CA UNK RB 139 102.63 96.44 -51.90
C UNK RB 139 102.78 95.59 -53.16
N UNK RB 140 104.01 95.17 -53.47
CA UNK RB 140 104.23 94.31 -54.62
C UNK RB 140 103.72 92.89 -54.39
N UNK RB 141 103.57 92.49 -53.13
CA UNK RB 141 102.96 91.19 -52.83
C UNK RB 141 101.48 91.20 -53.18
N UNK RB 142 100.76 92.24 -52.78
CA UNK RB 142 99.35 92.37 -53.16
C UNK RB 142 99.19 92.74 -54.63
N UNK RB 143 100.25 93.21 -55.28
CA UNK RB 143 100.15 93.54 -56.69
C UNK RB 143 100.16 92.29 -57.56
N UNK RB 144 100.91 91.26 -57.17
CA UNK RB 144 100.99 90.05 -57.98
C UNK RB 144 99.72 89.23 -57.89
N UNK RB 145 99.05 89.24 -56.74
CA UNK RB 145 97.76 88.57 -56.63
C UNK RB 145 96.68 89.36 -57.35
N UNK RB 146 96.80 90.69 -57.39
CA UNK RB 146 95.85 91.50 -58.13
C UNK RB 146 96.02 91.32 -59.63
N UNK RB 147 97.24 91.04 -60.08
CA UNK RB 147 97.46 90.75 -61.49
C UNK RB 147 96.94 89.36 -61.85
N UNK RB 148 97.24 88.37 -61.01
CA UNK RB 148 96.90 86.98 -61.33
C UNK RB 148 95.41 86.72 -61.25
N UNK RB 149 94.71 87.37 -60.32
CA UNK RB 149 93.26 87.23 -60.27
C UNK RB 149 92.59 87.90 -61.46
N UNK RB 150 93.10 89.07 -61.85
CA UNK RB 150 92.62 89.72 -63.07
C UNK RB 150 93.06 88.99 -64.33
N UNK RB 151 94.13 88.20 -64.27
CA UNK RB 151 94.52 87.38 -65.41
C UNK RB 151 93.73 86.09 -65.51
N UNK RB 152 92.86 85.81 -64.53
CA UNK RB 152 91.96 84.66 -64.60
C UNK RB 152 90.50 85.06 -64.60
N UNK RB 153 90.17 86.26 -64.10
CA UNK RB 153 88.79 86.71 -64.13
C UNK RB 153 88.45 87.43 -65.43
N UNK RB 154 89.43 88.10 -66.05
CA UNK RB 154 89.22 88.78 -67.31
C UNK RB 154 89.73 87.97 -68.50
N UNK RB 155 89.59 86.64 -68.43
CA UNK RB 155 89.95 85.69 -69.49
C UNK RB 155 91.42 85.77 -69.93
FE FE2 SB . -22.08 23.58 30.19
MG CLA TB . -34.49 16.88 6.76
CHA CLA TB . -35.43 14.37 8.89
CHB CLA TB . -32.90 18.46 9.29
CHC CLA TB . -33.23 19.09 4.50
CHD CLA TB . -36.14 15.19 4.14
NA CLA TB . -34.26 16.48 8.78
C1A CLA TB . -34.73 15.38 9.47
C2A CLA TB . -34.31 15.47 10.92
C3A CLA TB . -33.79 16.90 11.06
C4A CLA TB . -33.60 17.33 9.62
CMA CLA TB . -34.80 17.76 11.76
CAA CLA TB . -33.13 14.56 11.08
CBA CLA TB . -32.84 14.35 12.55
CGA CLA TB . -32.87 12.89 12.84
O1A CLA TB . -33.36 11.99 12.18
O2A CLA TB . -32.24 12.57 14.01
NB CLA TB . -33.37 18.54 6.89
C1B CLA TB . -32.70 18.93 7.99
C2B CLA TB . -31.72 19.98 7.63
C3B CLA TB . -31.81 20.16 6.26
C4B CLA TB . -32.85 19.23 5.79
CMB CLA TB . -30.87 20.60 8.64
CAB CLA TB . -31.10 20.98 5.33
CBB CLA TB . -30.52 22.16 5.52
NC CLA TB . -34.72 17.12 4.71
C1C CLA TB . -34.12 18.11 4.00
C2C CLA TB . -34.47 17.97 2.60
C3C CLA TB . -35.29 16.87 2.49
C4C CLA TB . -35.45 16.35 3.83
CMC CLA TB . -33.97 18.85 1.56
CAC CLA TB . -35.90 16.34 1.27
CBC CLA TB . -34.99 15.38 0.56
ND CLA TB . -35.56 15.20 6.50
C1D CLA TB . -36.18 14.63 5.37
C2D CLA TB . -36.80 13.36 5.75
C3D CLA TB . -36.53 13.21 7.08
C4D CLA TB . -35.78 14.39 7.51
CMD CLA TB . -37.50 12.47 4.84
CAD CLA TB . -36.67 12.37 8.24
OBD CLA TB . -37.16 11.26 8.32
CBD CLA TB . -36.04 13.12 9.43
CGD CLA TB . -37.16 13.48 10.32
O1D CLA TB . -38.13 14.14 10.01
O2D CLA TB . -37.07 12.96 11.56
CED CLA TB . -37.41 11.59 11.66
C1 CLA TB . -32.97 11.77 14.94
C2 CLA TB . -32.07 10.65 15.28
C3 CLA TB . -32.19 9.42 14.75
C4 CLA TB . -33.24 9.07 13.79
C5 CLA TB . -31.25 8.36 15.13
C6 CLA TB . -31.75 7.39 16.18
C7 CLA TB . -30.57 6.55 16.55
C8 CLA TB . -30.83 5.62 17.71
C9 CLA TB . -31.32 6.42 18.88
C10 CLA TB . -29.59 4.90 18.16
C11 CLA TB . -28.75 4.38 17.03
C12 CLA TB . -27.45 3.89 17.60
C13 CLA TB . -26.50 3.44 16.51
C14 CLA TB . -27.11 2.32 15.75
C15 CLA TB . -25.20 2.96 17.12
C16 CLA TB . -24.60 4.01 18.02
C17 CLA TB . -23.09 3.98 17.94
C18 CLA TB . -22.55 2.65 18.42
C19 CLA TB . -22.78 2.51 19.90
C20 CLA TB . -21.09 2.56 18.11
CHA PHO UB . -27.98 8.86 22.60
CHB PHO UB . -26.82 8.20 17.96
CHC PHO UB . -29.14 12.27 16.69
CHD PHO UB . -30.16 13.14 21.38
NA PHO UB . -27.51 8.81 20.23
C1A PHO UB . -27.45 8.24 21.53
C2A PHO UB . -26.70 6.95 21.47
C3A PHO UB . -26.15 6.91 20.04
C4A PHO UB . -26.90 8.05 19.37
CMA PHO UB . -24.68 7.19 20.02
CAA PHO UB . -27.61 5.78 21.62
CBA PHO UB . -26.75 4.56 21.75
CGA PHO UB . -27.60 3.43 21.34
O1A PHO UB . -28.81 3.39 21.13
O2A PHO UB . -26.87 2.30 21.19
NB PHO UB . -28.08 10.27 17.68
C1B PHO UB . -27.40 9.17 17.22
C2B PHO UB . -27.42 9.25 15.73
C3B PHO UB . -28.07 10.38 15.37
C4B PHO UB . -28.50 11.08 16.62
CMB PHO UB . -26.78 8.24 14.91
CAB PHO UB . -28.32 10.95 14.08
CBB PHO UB . -29.02 10.39 13.10
NC PHO UB . -29.52 12.42 19.11
C1C PHO UB . -29.62 12.90 17.88
C2C PHO UB . -30.30 14.20 17.93
C3C PHO UB . -30.59 14.46 19.24
C4C PHO UB . -30.10 13.31 20.03
CMC PHO UB . -30.58 15.01 16.75
CAC PHO UB . -31.25 15.63 19.80
CBC PHO UB . -32.68 15.34 20.18
ND PHO UB . -28.91 11.03 21.60
C1D PHO UB . -29.63 12.09 22.15
C2D PHO UB . -29.68 11.87 23.56
C3D PHO UB . -29.07 10.62 23.80
C4D PHO UB . -28.63 10.13 22.54
CMD PHO UB . -30.28 12.76 24.54
CAD PHO UB . -28.68 9.68 24.81
OBD PHO UB . -28.77 9.75 26.01
CBD PHO UB . -28.04 8.48 24.05
CGD PHO UB . -26.68 8.27 24.61
O1D PHO UB . -26.24 7.32 25.25
O2D PHO UB . -25.85 9.31 24.34
CED PHO UB . -24.48 9.10 24.63
C1 PHO UB . -27.62 1.10 21.04
C2 PHO UB . -26.91 0.30 20.02
C3 PHO UB . -25.79 -0.39 20.28
C4 PHO UB . -25.15 -0.43 21.61
C5 PHO UB . -25.13 -1.17 19.21
C6 PHO UB . -26.20 -1.81 18.35
C7 PHO UB . -26.04 -1.48 16.89
C8 PHO UB . -27.35 -1.38 16.14
C9 PHO UB . -28.27 -2.53 16.49
C10 PHO UB . -26.99 -1.22 14.66
C11 PHO UB . -27.69 -2.13 13.67
C12 PHO UB . -28.95 -1.54 13.04
C13 PHO UB . -28.97 -0.03 12.89
C14 PHO UB . -30.41 0.43 12.92
C15 PHO UB . -28.27 0.36 11.59
C16 PHO UB . -28.55 1.78 11.16
C17 PHO UB . -27.36 2.35 10.42
C18 PHO UB . -27.67 2.63 8.97
C19 PHO UB . -28.76 3.65 8.83
C20 PHO UB . -26.41 3.11 8.29
MG CLA VB . -36.07 -12.50 18.82
CHA CLA VB . -37.97 -12.95 16.02
CHB CLA VB . -38.48 -10.47 20.12
CHC CLA VB . -34.30 -12.33 21.72
CHD CLA VB . -33.70 -14.72 17.50
NA CLA VB . -37.90 -11.82 18.15
C1A CLA VB . -38.54 -12.16 16.97
C2A CLA VB . -39.89 -11.48 16.89
C3A CLA VB . -39.89 -10.54 18.09
C4A CLA VB . -38.69 -10.98 18.86
CMA CLA VB . -39.74 -9.11 17.67
CAA CLA VB . -41.01 -12.49 17.13
CBA CLA VB . -40.67 -13.67 18.01
CGA CLA VB . -41.86 -14.21 18.74
O1A CLA VB . -42.74 -14.94 18.31
O2A CLA VB . -41.93 -13.81 20.05
NB CLA VB . -36.33 -11.54 20.56
C1B CLA VB . -37.39 -10.79 20.90
C2B CLA VB . -37.21 -10.27 22.27
C3B CLA VB . -36.04 -10.77 22.71
C4B CLA VB . -35.45 -11.61 21.65
CMB CLA VB . -38.16 -9.42 22.96
CAB CLA VB . -35.45 -10.58 23.98
CBB CLA VB . -35.41 -11.53 24.86
NC CLA VB . -34.30 -13.35 19.48
C1C CLA VB . -33.77 -13.15 20.70
C2C CLA VB . -32.55 -13.91 20.83
C3C CLA VB . -32.38 -14.60 19.66
C4C CLA VB . -33.49 -14.25 18.80
CMC CLA VB . -31.70 -13.92 22.01
CAC CLA VB . -31.28 -15.50 19.32
CBC CLA VB . -31.66 -16.95 19.47
ND CLA VB . -35.82 -13.59 17.16
C1D CLA VB . -34.77 -14.41 16.74
C2D CLA VB . -35.05 -14.87 15.37
C3D CLA VB . -36.28 -14.34 15.04
C4D CLA VB . -36.71 -13.57 16.19
CMD CLA VB . -34.15 -15.71 14.64
CAD CLA VB . -37.30 -14.22 14.03
OBD CLA VB . -37.37 -14.71 12.92
CBD CLA VB . -38.40 -13.30 14.62
CGD CLA VB . -38.50 -12.04 13.84
O1D CLA VB . -38.30 -10.90 14.21
O2D CLA VB . -38.83 -12.21 12.55
CED CLA VB . -39.27 -11.06 11.84
C1 CLA VB . -42.68 -14.65 20.96
C2 CLA VB . -43.52 -13.77 21.81
C3 CLA VB . -44.59 -14.12 22.55
C4 CLA VB . -45.16 -15.46 22.69
C5 CLA VB . -45.31 -13.09 23.33
C6 CLA VB . -44.75 -12.95 24.72
C7 CLA VB . -45.33 -11.70 25.34
C8 CLA VB . -45.81 -11.99 26.74
C9 CLA VB . -46.91 -13.04 26.69
C10 CLA VB . -46.24 -10.71 27.45
C11 CLA VB . -47.68 -10.33 27.22
C12 CLA VB . -48.44 -10.09 28.51
C13 CLA VB . -49.92 -10.39 28.34
C14 CLA VB . -50.52 -9.54 27.25
C15 CLA VB . -50.69 -10.24 29.65
C16 CLA VB . -52.12 -10.70 29.46
C17 CLA VB . -52.94 -10.66 30.74
C18 CLA VB . -54.32 -11.26 30.54
C19 CLA VB . -55.13 -11.26 31.81
C20 CLA VB . -55.08 -10.52 29.46
C1 BCR WB . -28.17 -11.15 30.24
C2 BCR WB . -28.49 -11.33 31.69
C3 BCR WB . -29.58 -12.35 31.83
C4 BCR WB . -29.12 -13.69 31.34
C5 BCR WB . -28.37 -13.59 30.07
C6 BCR WB . -27.94 -12.44 29.54
C7 BCR WB . -27.17 -12.41 28.30
C8 BCR WB . -27.74 -12.24 27.11
C9 BCR WB . -26.97 -12.13 25.89
C10 BCR WB . -27.51 -12.62 24.76
C11 BCR WB . -26.76 -12.82 23.56
C33 BCR WB . -28.15 -14.89 29.42
C31 BCR WB . -26.95 -10.26 30.15
C32 BCR WB . -29.33 -10.40 29.63
C34 BCR WB . -25.54 -11.84 25.99
C12 BCR WB . -27.42 -13.07 22.42
C13 BCR WB . -26.77 -13.11 21.14
C14 BCR WB . -27.33 -13.85 20.18
C15 BCR WB . -26.95 -13.74 18.80
C16 BCR WB . -27.66 -14.38 17.87
C17 BCR WB . -27.86 -13.67 16.64
C18 BCR WB . -28.70 -14.02 15.66
C19 BCR WB . -28.14 -14.16 14.34
C20 BCR WB . -28.88 -14.49 13.30
C21 BCR WB . -28.54 -13.93 12.02
C22 BCR WB . -29.06 -14.32 10.86
C23 BCR WB . -28.22 -14.23 9.69
C24 BCR WB . -28.63 -14.69 8.51
C25 BCR WB . -27.84 -14.74 7.28
C26 BCR WB . -27.74 -13.70 6.47
C27 BCR WB . -27.01 -13.68 5.19
C28 BCR WB . -26.02 -14.80 5.10
C29 BCR WB . -26.70 -16.07 5.50
C30 BCR WB . -27.20 -16.05 6.93
C35 BCR WB . -25.36 -12.71 21.02
C36 BCR WB . -30.15 -13.83 15.78
C37 BCR WB . -30.22 -15.22 10.82
C38 BCR WB . -28.36 -12.39 6.72
C39 BCR WB . -26.08 -16.41 7.88
C40 BCR WB . -28.22 -17.17 7.00
O6 SQD XB . -37.30 30.28 34.20
C44 SQD XB . -38.05 29.10 34.19
C45 SQD XB . -37.56 28.22 33.05
C46 SQD XB . -38.66 27.24 32.69
O47 SQD XB . -37.17 29.00 31.95
C7 SQD XB . -35.91 28.78 31.33
O49 SQD XB . -35.11 28.02 31.83
C8 SQD XB . -35.67 29.28 29.91
C9 SQD XB . -36.47 28.41 28.94
C10 SQD XB . -37.80 29.09 28.63
C11 SQD XB . -38.62 28.20 27.70
C12 SQD XB . -39.84 28.96 27.21
C13 SQD XB . -39.69 29.21 25.72
C14 SQD XB . -40.75 28.42 24.96
C15 SQD XB . -40.12 27.14 24.44
C16 SQD XB . -39.18 27.48 23.30
C17 SQD XB . -39.92 27.25 21.98
C18 SQD XB . -40.02 25.75 21.69
C19 SQD XB . -38.63 25.18 21.50
C20 SQD XB . -38.59 24.33 20.25
C21 SQD XB . -38.75 25.24 19.04
C22 SQD XB . -38.39 24.47 17.80
O48 SQD XB . -39.89 27.94 32.67
C23 SQD XB . -40.78 27.69 31.61
O10 SQD XB . -40.38 27.01 30.69
C24 SQD XB . -42.03 28.53 31.40
C25 SQD XB . -42.95 27.78 30.44
C26 SQD XB . -44.06 28.72 29.98
C27 SQD XB . -44.82 28.06 28.82
C28 SQD XB . -45.49 29.17 28.00
C29 SQD XB . -46.37 28.56 26.89
C30 SQD XB . -47.04 29.69 26.11
C31 SQD XB . -48.46 29.25 25.72
C32 SQD XB . -49.14 30.29 24.82
C33 SQD XB . -49.10 31.68 25.46
C34 SQD XB . -49.87 32.67 24.60
C35 SQD XB . -48.91 33.52 23.80
C36 SQD XB . -49.62 34.72 23.21
C37 SQD XB . -50.69 34.28 22.25
C38 SQD XB . -50.88 35.33 21.20
C1 SQD XB . -36.56 30.50 35.37
C2 SQD XB . -35.55 31.59 35.25
O2 SQD XB . -34.75 31.41 34.15
C3 SQD XB . -34.73 31.50 36.50
O3 SQD XB . -33.72 32.43 36.44
C4 SQD XB . -35.54 31.74 37.74
O4 SQD XB . -34.83 31.32 38.83
C5 SQD XB . -36.86 31.02 37.72
C6 SQD XB . -37.84 31.87 38.47
O5 SQD XB . -37.41 30.76 36.45
S SQD XB . -39.38 30.98 38.54
O7 SQD XB . -39.12 29.56 38.51
O8 SQD XB . -40.16 31.36 39.72
O9 SQD XB . -40.13 31.15 37.33
C BCT YB . -21.63 23.94 32.44
O1 BCT YB . -20.88 24.44 33.29
O2 BCT YB . -22.81 24.04 32.26
O3 BCT YB . -21.13 22.69 31.97
O1 LHG ZB . -41.06 21.91 39.56
C1 LHG ZB . -41.77 20.85 38.96
C2 LHG ZB . -40.81 19.98 38.22
O2 LHG ZB . -40.07 19.18 39.11
C3 LHG ZB . -39.82 20.76 37.44
O3 LHG ZB . -39.02 21.25 38.48
P LHG ZB . -37.45 20.95 38.51
O4 LHG ZB . -36.75 22.16 38.97
O5 LHG ZB . -37.41 19.53 38.92
O6 LHG ZB . -37.28 21.03 36.87
C4 LHG ZB . -36.21 20.42 36.25
C5 LHG ZB . -36.70 20.18 34.83
C6 LHG ZB . -37.42 21.39 34.30
O7 LHG ZB . -35.59 19.99 34.01
C7 LHG ZB . -35.54 18.76 33.50
O9 LHG ZB . -35.58 17.83 34.22
C8 LHG ZB . -34.87 18.73 32.22
C9 LHG ZB . -34.72 17.29 31.82
C10 LHG ZB . -35.76 16.90 30.81
O8 LHG ZB . -38.73 20.92 34.02
C23 LHG ZB . -39.58 21.81 33.45
O10 LHG ZB . -39.22 22.94 33.32
C24 LHG ZB . -40.71 21.36 32.61
C11 LHG ZB . -35.28 17.61 29.58
C12 LHG ZB . -36.34 17.54 28.53
C13 LHG ZB . -37.50 18.43 28.92
C14 LHG ZB . -38.53 18.54 27.82
C15 LHG ZB . -39.91 18.59 28.46
C16 LHG ZB . -40.72 19.69 27.81
C17 LHG ZB . -42.10 19.19 27.37
C18 LHG ZB . -43.02 20.00 28.24
C19 LHG ZB . -44.40 20.24 27.69
C20 LHG ZB . -45.18 20.56 28.95
C21 LHG ZB . -44.96 21.96 29.37
C22 LHG ZB . -45.38 22.11 30.82
C25 LHG ZB . -40.83 22.15 31.34
C26 LHG ZB . -41.89 23.24 31.31
C27 LHG ZB . -41.55 24.05 30.08
C28 LHG ZB . -41.45 23.31 28.77
C29 LHG ZB . -41.43 24.38 27.72
C30 LHG ZB . -42.69 25.17 27.56
C31 LHG ZB . -43.29 25.14 26.19
C32 LHG ZB . -43.25 23.80 25.49
C33 LHG ZB . -42.89 24.06 24.05
C34 LHG ZB . -43.70 25.12 23.33
C35 LHG ZB . -44.77 24.51 22.46
C1 BCR AC . -20.30 -4.33 20.19
C2 BCR AC . -19.42 -3.85 19.05
C3 BCR AC . -18.88 -2.49 19.39
C4 BCR AC . -18.00 -2.55 20.60
C5 BCR AC . -18.59 -3.39 21.68
C6 BCR AC . -19.65 -4.19 21.52
C7 BCR AC . -20.16 -5.01 22.62
C8 BCR AC . -21.16 -4.62 23.41
C9 BCR AC . -21.29 -5.05 24.78
C10 BCR AC . -21.66 -6.30 25.07
C11 BCR AC . -22.19 -6.69 26.35
C33 BCR AC . -17.89 -3.23 22.97
C31 BCR AC . -20.64 -5.78 19.88
C32 BCR AC . -21.56 -3.50 20.11
C34 BCR AC . -21.19 -4.03 25.83
C12 BCR AC . -22.21 -7.98 26.69
C13 BCR AC . -22.67 -8.48 27.96
C14 BCR AC . -22.76 -9.81 28.13
C15 BCR AC . -23.11 -10.43 29.37
C16 BCR AC . -23.28 -11.75 29.42
C17 BCR AC . -23.70 -12.33 30.66
C18 BCR AC . -23.99 -13.62 30.87
C19 BCR AC . -24.67 -13.97 32.09
C20 BCR AC . -25.38 -15.09 32.22
C21 BCR AC . -26.33 -15.20 33.30
C22 BCR AC . -27.18 -16.21 33.47
C23 BCR AC . -27.86 -16.34 34.75
C24 BCR AC . -28.45 -17.46 35.16
C25 BCR AC . -29.35 -17.59 36.30
C26 BCR AC . -28.90 -17.76 37.56
C27 BCR AC . -29.74 -17.92 38.75
C28 BCR AC . -31.15 -17.44 38.51
C29 BCR AC . -31.63 -18.02 37.21
C30 BCR AC . -30.81 -17.61 36.01
C35 BCR AC . -22.82 -7.57 29.11
C36 BCR AC . -23.92 -14.59 29.77
C37 BCR AC . -27.30 -17.31 32.49
C38 BCR AC . -27.47 -17.78 37.92
C39 BCR AC . -31.32 -16.28 35.48
C40 BCR AC . -31.14 -18.63 34.94
MG CLA BC . -1.69 55.37 -14.58
CHA CLA BC . -0.80 57.22 -17.33
CHB CLA BC . 1.53 55.40 -13.51
CHC CLA BC . -2.64 53.71 -11.75
CHD CLA BC . -5.03 55.44 -15.66
NA CLA BC . 0.08 56.16 -15.34
C1A CLA BC . 0.24 56.93 -16.49
C2A CLA BC . 1.70 57.32 -16.64
C3A CLA BC . 2.41 56.60 -15.49
C4A CLA BC . 1.26 56.01 -14.71
CMA CLA BC . 3.31 55.51 -15.99
CAA CLA BC . 1.91 58.83 -16.48
CBA CLA BC . 1.96 59.34 -15.05
CGA CLA BC . 0.81 60.26 -14.77
O1A CLA BC . 0.70 61.06 -13.84
O2A CLA BC . -0.21 60.16 -15.68
NB CLA BC . -0.75 54.73 -12.94
C1B CLA BC . 0.58 54.79 -12.70
C2B CLA BC . 0.91 54.09 -11.45
C3B CLA BC . -0.26 53.62 -10.95
C4B CLA BC . -1.33 54.00 -11.88
CMB CLA BC . 2.26 53.98 -10.94
CAB CLA BC . -0.51 52.85 -9.78
CBB CLA BC . -0.72 53.39 -8.59
NC CLA BC . -3.50 54.68 -13.86
C1C CLA BC . -3.65 54.02 -12.69
C2C CLA BC . -5.04 53.68 -12.48
C3C CLA BC . -5.73 54.18 -13.57
C4C CLA BC . -4.76 54.81 -14.44
CMC CLA BC . -5.56 52.97 -11.33
CAC CLA BC . -7.16 54.10 -13.81
CBC CLA BC . -7.49 52.90 -14.67
ND CLA BC . -2.72 56.01 -16.18
C1D CLA BC . -4.09 56.02 -16.47
C2D CLA BC . -4.31 56.69 -17.75
C3D CLA BC . -3.07 57.14 -18.15
C4D CLA BC . -2.12 56.74 -17.10
CMD CLA BC . -5.60 56.81 -18.40
CAD CLA BC . -2.32 57.84 -19.16
OBD CLA BC . -2.71 58.27 -20.24
CBD CLA BC . -0.88 57.98 -18.63
CGD CLA BC . 0.10 57.41 -19.59
O1D CLA BC . 1.31 57.64 -19.67
O2D CLA BC . -0.44 56.50 -20.45
CED CLA BC . 0.37 56.07 -21.55
C1 CLA BC . -1.05 61.32 -15.83
C2 CLA BC . -2.06 61.04 -16.90
C3 CLA BC . -3.34 60.72 -16.67
C4 CLA BC . -4.29 60.47 -17.77
C5 CLA BC . -3.87 60.61 -15.28
C6 CLA BC . -4.05 59.19 -14.84
C7 CLA BC . -2.87 58.75 -14.02
C8 CLA BC . -3.26 58.17 -12.67
C9 CLA BC . -4.07 59.18 -11.88
C10 CLA BC . -2.01 57.67 -11.94
C11 CLA BC . -1.59 58.41 -10.69
C12 CLA BC . -1.68 57.50 -9.49
C13 CLA BC . -0.52 57.70 -8.53
C14 CLA BC . 0.78 57.37 -9.22
C15 CLA BC . -0.67 56.81 -7.30
C16 CLA BC . -0.15 57.45 -6.03
C17 CLA BC . -0.24 56.45 -4.89
C18 CLA BC . 0.03 57.01 -3.49
C19 CLA BC . 1.41 57.63 -3.41
C20 CLA BC . -1.03 58.00 -3.07
MG CLA CC . -0.93 46.46 -9.98
CHA CLA CC . -3.13 43.84 -9.62
CHB CLA CC . -1.27 46.26 -13.33
CHC CLA CC . 0.88 49.32 -10.28
CHD CLA CC . -0.62 46.61 -6.47
NA CLA CC . -2.01 45.23 -11.25
C1A CLA CC . -2.88 44.21 -10.90
C2A CLA CC . -3.48 43.59 -12.15
C3A CLA CC . -2.57 44.13 -13.26
C4A CLA CC . -1.93 45.32 -12.59
CMA CLA CC . -1.54 43.11 -13.65
CAA CLA CC . -4.83 44.22 -12.33
CBA CLA CC . -5.68 43.43 -13.27
CGA CLA CC . -6.10 42.19 -12.55
O1A CLA CC . -6.04 41.02 -12.92
O2A CLA CC . -6.58 42.49 -11.31
NB CLA CC . -0.18 47.50 -11.53
C1B CLA CC . -0.62 47.37 -12.79
C2B CLA CC . -0.33 48.58 -13.57
C3B CLA CC . 0.27 49.46 -12.71
C4B CLA CC . 0.37 48.77 -11.40
CMB CLA CC . -0.71 48.73 -14.96
CAB CLA CC . 0.74 50.79 -12.91
CBB CLA CC . 1.70 51.12 -13.76
NC CLA CC . 0.02 47.69 -8.61
C1C CLA CC . 0.72 48.80 -8.96
C2C CLA CC . 1.24 49.42 -7.77
C3C CLA CC . 0.79 48.68 -6.71
C4C CLA CC . 0.02 47.59 -7.24
CMC CLA CC . 2.03 50.63 -7.76
CAC CLA CC . 1.08 48.92 -5.29
CBC CLA CC . 2.23 48.10 -4.81
ND CLA CC . -1.72 45.54 -8.37
C1D CLA CC . -1.46 45.66 -6.98
C2D CLA CC . -2.19 44.60 -6.27
C3D CLA CC . -2.88 43.91 -7.24
C4D CLA CC . -2.53 44.51 -8.52
CMD CLA CC . -2.16 44.42 -4.82
CAD CLA CC . -3.77 42.82 -7.52
OBD CLA CC . -4.32 42.06 -6.75
CBD CLA CC . -3.90 42.70 -9.04
CGD CLA CC . -3.27 41.40 -9.40
O1D CLA CC . -2.09 41.13 -9.35
O2D CLA CC . -4.13 40.43 -9.80
CED CLA CC . -3.69 39.57 -10.84
C1 CLA CC . -7.71 41.73 -10.83
C2 CLA CC . -8.25 42.51 -9.70
C3 CLA CC . -8.33 42.05 -8.46
C4 CLA CC . -7.84 40.70 -8.12
C5 CLA CC . -8.90 42.89 -7.37
C6 CLA CC . -8.44 42.55 -5.97
C7 CLA CC . -9.60 42.65 -5.00
C8 CLA CC . -9.79 41.43 -4.11
C9 CLA CC . -9.57 40.14 -4.86
C10 CLA CC . -11.18 41.45 -3.50
C11 CLA CC . -11.52 40.20 -2.69
C12 CLA CC . -10.77 40.10 -1.39
C13 CLA CC . -11.29 38.97 -0.52
C14 CLA CC . -10.35 38.69 0.63
C15 CLA CC . -11.50 37.70 -1.31
C16 CLA CC . -12.47 36.78 -0.59
C17 CLA CC . -13.90 37.23 -0.74
C18 CLA CC . -14.67 36.28 -1.63
C19 CLA CC . -16.04 36.02 -1.07
C20 CLA CC . -14.80 36.91 -3.00
MG CLA DC . 4.12 38.95 -9.07
CHA CLA DC . 3.26 36.61 -11.44
CHB CLA DC . 0.98 40.17 -9.13
CHC CLA DC . 4.90 40.96 -6.42
CHD CLA DC . 7.34 37.55 -8.92
NA CLA DC . 2.43 38.50 -10.18
C1A CLA DC . 2.27 37.47 -11.10
C2A CLA DC . 0.84 37.48 -11.64
C3A CLA DC . 0.29 38.82 -11.13
C4A CLA DC . 1.29 39.20 -10.05
CMA CLA DC . 0.27 39.81 -12.24
CAA CLA DC . 0.05 36.30 -11.10
CBA CLA DC . 0.30 35.95 -9.64
CGA CLA DC . -0.75 36.65 -8.84
O1A CLA DC . -1.82 37.09 -9.26
O2A CLA DC . -0.49 36.81 -7.51
NB CLA DC . 3.16 40.36 -8.04
C1B CLA DC . 1.84 40.62 -8.13
C2B CLA DC . 1.44 41.52 -7.04
C3B CLA DC . 2.53 41.75 -6.28
C4B CLA DC . 3.64 41.02 -6.91
CMB CLA DC . 0.06 41.96 -6.88
CAB CLA DC . 2.71 42.51 -5.08
CBB CLA DC . 2.35 43.78 -4.86
NC CLA DC . 5.83 39.24 -7.95
C1C CLA DC . 5.91 40.12 -6.91
C2C CLA DC . 7.22 40.03 -6.31
C3C CLA DC . 7.92 39.07 -7.02
C4C CLA DC . 7.04 38.58 -8.05
CMC CLA DC . 7.61 40.81 -5.15
CAC CLA DC . 9.28 38.63 -6.79
CBC CLA DC . 9.34 37.43 -5.88
ND CLA DC . 5.13 37.48 -9.98
C1D CLA DC . 6.46 37.01 -9.82
C2D CLA DC . 6.65 35.88 -10.73
C3D CLA DC . 5.47 35.70 -11.38
C4D CLA DC . 4.55 36.71 -10.87
CMD CLA DC . 7.88 35.12 -10.85
CAD CLA DC . 4.75 34.89 -12.33
OBD CLA DC . 5.13 33.90 -12.91
CBD CLA DC . 3.34 35.49 -12.44
CGD CLA DC . 3.10 36.03 -13.82
O1D CLA DC . 2.17 36.71 -14.23
O2D CLA DC . 4.03 35.72 -14.74
CED CLA DC . 3.53 35.36 -16.01
C1 CLA DC . -1.44 37.62 -6.79
C2 CLA DC . -0.73 38.21 -5.62
C3 CLA DC . -1.23 39.16 -4.84
C4 CLA DC . -2.57 39.76 -5.08
C5 CLA DC . -0.42 39.66 -3.70
C6 CLA DC . -1.15 40.57 -2.73
C7 CLA DC . -0.20 41.01 -1.64
C8 CLA DC . -0.69 42.31 -1.03
C9 CLA DC . 0.43 42.97 -0.27
C10 CLA DC . -1.83 42.01 -0.08
C11 CLA DC . -2.37 43.26 0.55
C12 CLA DC . -2.98 42.93 1.88
C13 CLA DC . -3.85 44.07 2.37
C14 CLA DC . -4.31 43.77 3.78
C15 CLA DC . -5.02 44.29 1.42
C16 CLA DC . -6.09 45.20 1.96
C17 CLA DC . -5.68 46.66 1.94
C18 CLA DC . -6.74 47.54 2.59
C19 CLA DC . -7.78 47.96 1.58
C20 CLA DC . -6.11 48.76 3.22
MG CLA EC . 0.39 27.40 -4.04
CHA CLA EC . 1.22 29.53 -6.55
CHB CLA EC . 1.68 24.81 -5.82
CHC CLA EC . -0.19 25.36 -1.42
CHD CLA EC . -0.77 30.14 -2.11
NA CLA EC . 1.24 27.22 -5.93
C1A CLA EC . 1.54 28.24 -6.83
C2A CLA EC . 2.19 27.67 -8.08
C3A CLA EC . 2.23 26.16 -7.82
C4A CLA EC . 1.67 26.04 -6.43
CMA CLA EC . 1.41 25.43 -8.83
CAA CLA EC . 3.64 28.09 -8.26
CBA CLA EC . 4.41 28.20 -6.96
CGA CLA EC . 5.78 28.66 -7.34
O1A CLA EC . 6.21 28.65 -8.48
O2A CLA EC . 6.58 29.13 -6.36
NB CLA EC . 0.74 25.48 -3.68
C1B CLA EC . 1.19 24.56 -4.54
C2B CLA EC . 1.12 23.22 -3.93
C3B CLA EC . 0.59 23.38 -2.70
C4B CLA EC . 0.33 24.81 -2.53
CMB CLA EC . 1.54 22.04 -4.66
CAB CLA EC . 0.23 22.47 -1.65
CBB CLA EC . 0.85 21.37 -1.26
NC CLA EC . -0.38 27.70 -2.15
C1C CLA EC . -0.51 26.71 -1.25
C2C CLA EC . -1.03 27.21 -0.01
C3C CLA EC . -1.21 28.55 -0.19
C4C CLA EC . -0.79 28.87 -1.54
CMC CLA EC . -1.29 26.37 1.16
CAC CLA EC . -1.69 29.49 0.78
CBC CLA EC . -3.14 29.82 0.63
ND CLA EC . 0.06 29.36 -4.29
C1D CLA EC . -0.37 30.38 -3.41
C2D CLA EC . -0.29 31.65 -4.11
C3D CLA EC . 0.29 31.38 -5.31
C4D CLA EC . 0.55 29.94 -5.36
CMD CLA EC . -0.73 32.92 -3.54
CAD CLA EC . 0.73 31.93 -6.55
OBD CLA EC . 0.62 33.05 -6.96
CBD CLA EC . 1.44 30.79 -7.34
CGD CLA EC . 0.97 30.68 -8.74
O1D CLA EC . 1.58 30.22 -9.71
O2D CLA EC . -0.28 31.16 -8.96
CED CLA EC . -0.46 31.90 -10.16
C1 CLA EC . 7.52 30.11 -6.84
C2 CLA EC . 8.80 30.04 -6.10
C3 CLA EC . 9.09 30.93 -5.15
C4 CLA EC . 8.16 32.02 -4.76
C5 CLA EC . 10.39 30.87 -4.42
C6 CLA EC . 11.02 32.23 -4.21
C7 CLA EC . 11.73 32.67 -5.46
C8 CLA EC . 12.73 33.78 -5.20
C9 CLA EC . 13.49 34.01 -6.48
C10 CLA EC . 13.62 33.40 -4.02
C11 CLA EC . 15.01 33.99 -4.08
C12 CLA EC . 15.26 35.01 -2.99
C13 CLA EC . 16.70 35.52 -3.00
C14 CLA EC . 16.80 36.76 -2.14
C15 CLA EC . 17.19 35.79 -4.42
C16 CLA EC . 18.70 35.67 -4.54
C17 CLA EC . 19.11 35.01 -5.83
C18 CLA EC . 20.63 34.93 -5.92
C19 CLA EC . 21.06 34.39 -7.27
C20 CLA EC . 21.20 34.06 -4.82
MG CLA FC . 11.06 27.79 -8.06
CHA CLA FC . 8.31 26.75 -9.85
CHB CLA FC . 12.33 29.22 -10.85
CHC CLA FC . 13.64 29.01 -6.21
CHD CLA FC . 9.65 26.37 -5.16
NA CLA FC . 10.41 27.94 -10.02
C1A CLA FC . 9.23 27.45 -10.58
C2A CLA FC . 9.14 27.81 -12.06
C3A CLA FC . 10.49 28.47 -12.34
C4A CLA FC . 11.13 28.56 -10.98
CMA CLA FC . 11.31 27.64 -13.26
CAA CLA FC . 8.05 28.82 -12.32
CBA CLA FC . 8.02 29.93 -11.31
CGA CLA FC . 6.65 30.45 -11.10
O1A CLA FC . 5.68 30.41 -11.84
O2A CLA FC . 6.55 31.06 -9.89
NB CLA FC . 12.75 28.77 -8.48
C1B CLA FC . 12.99 29.40 -9.65
C2B CLA FC . 14.09 30.38 -9.50
C3B CLA FC . 14.47 30.32 -8.20
C4B CLA FC . 13.62 29.32 -7.53
CMB CLA FC . 14.57 31.20 -10.59
CAB CLA FC . 15.44 31.10 -7.52
CBB CLA FC . 16.64 30.65 -7.16
NC CLA FC . 11.57 27.67 -6.05
C1C CLA FC . 12.68 28.23 -5.53
C2C CLA FC . 12.73 27.96 -4.11
C3C CLA FC . 11.60 27.24 -3.81
C4C CLA FC . 10.87 27.04 -5.04
CMC CLA FC . 13.77 28.43 -3.20
CAC CLA FC . 11.22 26.77 -2.49
CBC CLA FC . 10.37 27.79 -1.81
ND CLA FC . 9.34 26.88 -7.52
C1D CLA FC . 8.91 26.29 -6.31
C2D CLA FC . 7.62 25.63 -6.55
C3D CLA FC . 7.36 25.76 -7.88
C4D CLA FC . 8.45 26.54 -8.45
CMD CLA FC . 6.85 24.97 -5.51
CAD CLA FC . 6.41 25.52 -8.94
OBD CLA FC . 5.29 25.04 -8.90
CBD CLA FC . 7.06 26.02 -10.25
CGD CLA FC . 7.41 24.86 -11.11
O1D CLA FC . 7.02 24.61 -12.23
O2D CLA FC . 8.27 24.02 -10.51
CED CLA FC . 9.00 23.14 -11.37
C1 CLA FC . 5.50 32.04 -9.75
C2 CLA FC . 5.85 32.79 -8.52
C3 CLA FC . 4.96 33.54 -7.88
C4 CLA FC . 3.56 33.66 -8.35
C5 CLA FC . 5.35 34.29 -6.66
C6 CLA FC . 4.50 35.51 -6.43
C7 CLA FC . 4.99 36.26 -5.22
C8 CLA FC . 3.88 36.85 -4.36
C9 CLA FC . 2.70 37.32 -5.18
C10 CLA FC . 4.49 37.99 -3.55
C11 CLA FC . 3.49 38.95 -2.96
C12 CLA FC . 4.01 39.49 -1.66
C13 CLA FC . 5.04 40.58 -1.85
C14 CLA FC . 6.34 40.16 -1.21
C15 CLA FC . 4.56 41.86 -1.24
C16 CLA FC . 5.56 42.98 -1.44
C17 CLA FC . 5.46 43.55 -2.82
C18 CLA FC . 6.29 44.80 -2.94
C19 CLA FC . 5.40 46.01 -3.05
C20 CLA FC . 7.15 44.72 -4.17
MG CLA GC . 14.43 34.43 -14.94
CHA CLA GC . 15.54 32.07 -17.15
CHB CLA GC . 12.29 32.20 -13.61
CHC CLA GC . 13.78 36.60 -12.38
CHD CLA GC . 16.87 36.64 -16.18
NA CLA GC . 13.93 32.47 -15.39
C1A CLA GC . 14.55 31.62 -16.31
C2A CLA GC . 13.90 30.26 -16.30
C3A CLA GC . 12.73 30.43 -15.33
C4A CLA GC . 12.98 31.79 -14.71
CMA CLA GC . 11.43 30.36 -16.05
CAA CLA GC . 14.81 29.19 -15.78
CBA CLA GC . 15.70 29.67 -14.65
CGA CLA GC . 15.46 28.74 -13.54
O1A CLA GC . 14.63 27.84 -13.50
O2A CLA GC . 16.27 28.93 -12.48
NB CLA GC . 13.19 34.44 -13.35
C1B CLA GC . 12.45 33.41 -12.95
C2B CLA GC . 11.78 33.72 -11.66
C3B CLA GC . 12.18 34.97 -11.28
C4B CLA GC . 13.09 35.45 -12.35
CMB CLA GC . 10.92 32.77 -10.99
CAB CLA GC . 11.85 35.66 -10.07
CBB CLA GC . 11.60 36.94 -9.85
NC CLA GC . 15.14 36.30 -14.44
C1C CLA GC . 14.74 36.99 -13.34
C2C CLA GC . 15.48 38.20 -13.23
C3C CLA GC . 16.35 38.22 -14.30
C4C CLA GC . 16.13 37.02 -15.06
CMC CLA GC . 15.34 39.13 -12.12
CAC CLA GC . 17.37 39.21 -14.59
CBC CLA GC . 18.63 38.93 -13.84
ND CLA GC . 15.79 34.48 -16.41
C1D CLA GC . 16.73 35.44 -16.82
C2D CLA GC . 17.46 34.93 -17.98
C3D CLA GC . 17.03 33.65 -18.14
C4D CLA GC . 16.03 33.40 -17.12
CMD CLA GC . 18.44 35.61 -18.79
CAD CLA GC . 17.14 32.48 -18.94
OBD CLA GC . 17.77 32.28 -19.97
CBD CLA GC . 16.28 31.40 -18.27
CGD CLA GC . 15.38 30.81 -19.28
O1D CLA GC . 14.24 31.16 -19.56
O2D CLA GC . 15.91 29.75 -19.95
CED CLA GC . 15.01 28.98 -20.73
C1 CLA GC . 16.12 27.96 -11.44
C2 CLA GC . 17.19 28.22 -10.46
C3 CLA GC . 17.26 27.53 -9.33
C4 CLA GC . 16.30 26.48 -8.96
C5 CLA GC . 18.32 27.79 -8.37
C6 CLA GC . 19.27 26.63 -8.32
C7 CLA GC . 20.29 26.84 -7.24
C8 CLA GC . 21.33 25.76 -7.33
C9 CLA GC . 22.18 25.77 -6.07
C10 CLA GC . 22.17 26.00 -8.57
C11 CLA GC . 22.18 24.80 -9.48
C12 CLA GC . 23.49 24.67 -10.22
C13 CLA GC . 23.28 24.65 -11.72
C14 CLA GC . 22.90 26.02 -12.22
C15 CLA GC . 22.22 23.64 -12.15
C16 CLA GC . 22.75 22.22 -12.10
C17 CLA GC . 23.35 21.78 -13.41
C18 CLA GC . 22.32 21.77 -14.54
C19 CLA GC . 22.97 21.40 -15.85
C20 CLA GC . 21.23 20.78 -14.23
MG CLA HC . -0.86 16.63 -8.06
CHA CLA HC . -1.63 14.38 -10.54
CHB CLA HC . -3.13 18.80 -9.31
CHC CLA HC . -0.36 18.64 -5.36
CHD CLA HC . 1.33 14.26 -6.67
NA CLA HC . -2.11 16.61 -9.71
C1A CLA HC . -2.34 15.55 -10.60
C2A CLA HC . -3.39 15.95 -11.62
C3A CLA HC . -3.67 17.43 -11.31
C4A CLA HC . -2.93 17.65 -10.01
CMA CLA HC . -3.25 18.34 -12.43
CAA CLA HC . -4.68 15.18 -11.35
CBA CLA HC . -4.97 14.95 -9.86
CGA CLA HC . -6.34 14.43 -9.60
O1A CLA HC . -7.09 13.88 -10.39
O2A CLA HC . -6.76 14.61 -8.32
NB CLA HC . -1.53 18.42 -7.49
C1B CLA HC . -2.52 19.10 -8.10
C2B CLA HC . -2.91 20.25 -7.27
C3B CLA HC . -2.13 20.22 -6.14
C4B CLA HC . -1.25 19.05 -6.27
CMB CLA HC . -3.99 21.14 -7.69
CAB CLA HC . -2.09 21.03 -4.96
CBB CLA HC . -2.34 22.33 -4.84
NC CLA HC . 0.34 16.50 -6.38
C1C CLA HC . 0.40 17.45 -5.41
C2C CLA HC . 1.31 17.03 -4.37
C3C CLA HC . 1.77 15.79 -4.72
C4C CLA HC . 1.15 15.46 -5.98
CMC CLA HC . 1.61 17.83 -3.18
CAC CLA HC . 2.72 14.94 -3.99
CBC CLA HC . 2.05 13.88 -3.17
ND CLA HC . -0.17 14.79 -8.51
C1D CLA HC . 0.71 13.92 -7.83
C2D CLA HC . 0.84 12.69 -8.62
C3D CLA HC . -0.01 12.83 -9.67
C4D CLA HC . -0.65 14.14 -9.54
CMD CLA HC . 1.71 11.58 -8.27
CAD CLA HC . -0.51 12.23 -10.87
OBD CLA HC . -0.13 11.22 -11.44
CBD CLA HC . -1.65 13.14 -11.40
CGD CLA HC . -1.38 13.45 -12.83
O1D CLA HC . -2.16 13.42 -13.76
O2D CLA HC . -0.09 13.77 -13.08
CED CLA HC . 0.44 13.42 -14.35
C1 CLA HC . -7.33 13.47 -7.66
C2 CLA HC . -8.28 13.95 -6.61
C3 CLA HC . -8.04 13.85 -5.30
C4 CLA HC . -6.82 13.23 -4.76
C5 CLA HC . -9.01 14.36 -4.30
C6 CLA HC . -8.47 15.59 -3.60
C7 CLA HC . -8.28 15.37 -2.12
C8 CLA HC . -9.61 15.06 -1.47
C9 CLA HC . -10.44 16.30 -1.38
C10 CLA HC . -9.41 14.45 -0.09
C11 CLA HC . -8.64 15.37 0.82
C12 CLA HC . -7.85 14.57 1.84
C13 CLA HC . -8.74 14.05 2.95
C14 CLA HC . -9.38 15.21 3.68
C15 CLA HC . -7.92 13.22 3.93
C16 CLA HC . -8.36 11.77 3.97
C17 CLA HC . -7.48 10.98 4.90
C18 CLA HC . -7.91 9.53 5.02
C19 CLA HC . -7.60 8.73 3.77
C20 CLA HC . -7.23 8.89 6.21
MG CLA IC . -8.24 40.71 9.78
CHA CLA IC . -5.74 42.06 11.73
CHB CLA IC . -9.98 39.92 12.58
CHC CLA IC . -10.85 39.75 7.81
CHD CLA IC . -6.44 41.67 6.92
NA CLA IC . -7.88 40.94 11.80
C1A CLA IC . -6.79 41.54 12.43
C2A CLA IC . -6.95 41.52 13.93
C3A CLA IC . -8.14 40.57 14.13
C4A CLA IC . -8.75 40.48 12.74
CMA CLA IC . -7.68 39.19 14.52
CAA CLA IC . -7.24 42.92 14.47
CBA CLA IC . -8.54 43.60 14.06
CGA CLA IC . -8.44 44.29 12.74
O1A CLA IC . -7.66 45.17 12.38
O2A CLA IC . -9.34 43.82 11.83
NB CLA IC . -10.01 39.83 10.12
C1B CLA IC . -10.61 39.80 11.34
C2B CLA IC . -12.05 39.59 11.21
C3B CLA IC . -12.32 39.54 9.88
C4B CLA IC . -11.03 39.71 9.16
CMB CLA IC . -12.96 39.52 12.33
CAB CLA IC . -13.62 39.41 9.29
CBB CLA IC . -13.99 38.54 8.37
NC CLA IC . -8.54 40.63 7.73
C1C CLA IC . -9.67 40.16 7.14
C2C CLA IC . -9.52 40.23 5.70
C3C CLA IC . -8.31 40.85 5.46
C4C CLA IC . -7.70 41.10 6.74
CMC CLA IC . -10.51 39.78 4.72
CAC CLA IC . -7.71 41.18 4.17
CBC CLA IC . -6.98 40.02 3.55
ND CLA IC . -6.52 41.67 9.36
C1D CLA IC . -5.88 41.94 8.14
C2D CLA IC . -4.56 42.51 8.41
C3D CLA IC . -4.45 42.59 9.77
C4D CLA IC . -5.71 42.06 10.31
CMD CLA IC . -3.60 42.88 7.39
CAD CLA IC . -3.62 42.91 10.89
OBD CLA IC . -2.46 43.29 10.93
CBD CLA IC . -4.42 42.62 12.18
CGD CLA IC . -3.66 41.63 13.00
O1D CLA IC . -2.96 40.71 12.59
O2D CLA IC . -3.74 41.80 14.33
CED CLA IC . -2.74 41.19 15.13
C1 CLA IC . -9.10 44.13 10.44
C2 CLA IC . -10.14 45.12 10.04
C3 CLA IC . -11.17 44.83 9.26
C4 CLA IC . -11.39 43.46 8.71
C5 CLA IC . -12.17 45.87 8.89
C6 CLA IC . -12.60 45.82 7.44
C7 CLA IC . -13.42 47.03 7.00
C8 CLA IC . -13.21 47.30 5.52
C9 CLA IC . -11.88 47.98 5.30
C10 CLA IC . -14.34 48.11 4.90
C11 CLA IC . -14.11 48.36 3.43
C12 CLA IC . -15.34 48.07 2.58
C13 CLA IC . -15.18 48.52 1.14
C14 CLA IC . -14.96 50.02 1.07
C15 CLA IC . -16.41 48.18 0.32
C16 CLA IC . -16.08 48.00 -1.14
C17 CLA IC . -15.76 46.56 -1.45
C18 CLA IC . -16.69 45.99 -2.51
C19 CLA IC . -16.29 46.45 -3.90
C20 CLA IC . -16.69 44.48 -2.47
MG CLA JC . 4.07 50.68 5.37
CHA CLA JC . 3.62 51.57 8.67
CHB CLA JC . 3.75 47.41 6.20
CHC CLA JC . 4.26 49.87 2.05
CHD CLA JC . 4.18 54.08 4.52
NA CLA JC . 3.78 49.67 7.18
C1A CLA JC . 3.59 50.22 8.45
C2A CLA JC . 3.44 49.10 9.48
C3A CLA JC . 3.67 47.83 8.66
C4A CLA JC . 3.74 48.32 7.23
CMA CLA JC . 4.97 47.19 9.04
CAA CLA JC . 2.08 49.06 10.14
CBA CLA JC . 0.97 48.63 9.22
CGA CLA JC . -0.33 49.09 9.79
O1A CLA JC . -0.51 49.87 10.71
O2A CLA JC . -1.42 48.54 9.19
NB CLA JC . 4.17 48.96 4.35
C1B CLA JC . 3.82 47.75 4.85
C2B CLA JC . 3.52 46.80 3.74
C3B CLA JC . 3.66 47.50 2.59
C4B CLA JC . 4.07 48.88 2.95
CMB CLA JC . 3.09 45.43 3.95
CAB CLA JC . 3.44 47.12 1.23
CBB CLA JC . 4.08 46.14 0.60
NC CLA JC . 4.23 51.78 3.62
C1C CLA JC . 4.32 51.24 2.38
C2C CLA JC . 4.45 52.29 1.39
C3C CLA JC . 4.39 53.49 2.08
C4C CLA JC . 4.26 53.15 3.48
CMC CLA JC . 4.55 52.09 -0.04
CAC CLA JC . 4.49 54.84 1.54
CBC CLA JC . 5.89 55.39 1.65
ND CLA JC . 3.87 52.45 6.29
C1D CLA JC . 3.97 53.77 5.82
C2D CLA JC . 3.90 54.69 6.95
C3D CLA JC . 3.79 53.91 8.07
C4D CLA JC . 3.76 52.52 7.61
CMD CLA JC . 3.96 56.14 6.82
CAD CLA JC . 3.66 53.88 9.49
OBD CLA JC . 3.64 54.82 10.26
CBD CLA JC . 3.60 52.39 9.92
CGD CLA JC . 4.84 52.07 10.67
O1D CLA JC . 5.00 51.28 11.60
O2D CLA JC . 5.92 52.75 10.21
CED CLA JC . 7.16 52.05 10.20
C1 CLA JC . -2.69 48.77 9.84
C2 CLA JC . -3.60 47.74 9.31
C3 CLA JC . -4.71 47.35 9.96
C4 CLA JC . -5.13 47.93 11.25
C5 CLA JC . -5.59 46.30 9.37
C6 CLA JC . -5.73 46.42 7.88
C7 CLA JC . -6.62 45.32 7.39
C8 CLA JC . -7.52 45.73 6.24
C9 CLA JC . -8.24 47.02 6.55
C10 CLA JC . -8.53 44.62 6.01
C11 CLA JC . -9.49 44.94 4.89
C12 CLA JC . -10.60 43.92 4.84
C13 CLA JC . -11.56 44.20 3.71
C14 CLA JC . -12.74 43.25 3.77
C15 CLA JC . -10.85 44.10 2.36
C16 CLA JC . -11.80 44.37 1.21
C17 CLA JC . -11.03 44.43 -0.10
C18 CLA JC . -11.91 44.92 -1.25
C19 CLA JC . -13.07 43.98 -1.47
C20 CLA JC . -11.10 45.03 -2.52
MG CLA KC . 4.13 42.13 7.54
CHA CLA KC . 6.38 40.19 5.83
CHB CLA KC . 1.92 41.82 5.02
CHC CLA KC . 2.04 44.20 9.22
CHD CLA KC . 6.57 42.61 10.05
NA CLA KC . 4.14 41.11 5.75
C1A CLA KC . 5.17 40.35 5.20
C2A CLA KC . 4.74 39.77 3.86
C3A CLA KC . 3.34 40.34 3.64
C4A CLA KC . 3.09 41.14 4.90
CMA CLA KC . 3.31 41.27 2.47
CAA CLA KC . 4.56 38.28 3.98
CBA CLA KC . 4.13 37.67 2.68
CGA CLA KC . 5.17 36.68 2.29
O1A CLA KC . 5.70 35.82 2.97
O2A CLA KC . 5.56 36.81 0.98
NB CLA KC . 2.27 42.78 7.25
C1B CLA KC . 1.59 42.64 6.10
C2B CLA KC . 0.43 43.54 6.09
C3B CLA KC . 0.45 44.21 7.25
C4B CLA KC . 1.63 43.75 8.01
CMB CLA KC . -0.48 43.63 4.96
CAB CLA KC . -0.44 45.25 7.69
CBB CLA KC . -1.18 45.25 8.78
NC CLA KC . 4.25 43.14 9.35
C1C CLA KC . 3.26 43.89 9.85
C2C CLA KC . 3.66 44.43 11.12
C3C CLA KC . 4.97 44.05 11.33
C4C CLA KC . 5.34 43.23 10.21
CMC CLA KC . 2.82 45.26 11.95
CAC CLA KC . 5.84 44.35 12.45
CBC CLA KC . 5.76 43.30 13.51
ND CLA KC . 6.01 41.55 7.94
C1D CLA KC . 6.89 41.83 8.99
C2D CLA KC . 8.16 41.14 8.76
C3D CLA KC . 8.01 40.50 7.56
C4D CLA KC . 6.66 40.79 7.08
CMD CLA KC . 9.30 41.18 9.65
CAD CLA KC . 8.64 39.65 6.60
OBD CLA KC . 9.75 39.15 6.61
CBD CLA KC . 7.64 39.47 5.44
CGD CLA KC . 8.26 40.02 4.21
O1D CLA KC . 9.22 39.56 3.60
O2D CLA KC . 7.72 41.16 3.73
CED CLA KC . 7.87 41.38 2.33
C1 CLA KC . 6.60 35.94 0.53
C2 CLA KC . 7.67 36.81 0.00
C3 CLA KC . 8.33 36.55 -1.14
C4 CLA KC . 8.04 35.38 -2.00
C5 CLA KC . 9.40 37.46 -1.62
C6 CLA KC . 10.74 36.76 -1.66
C7 CLA KC . 11.24 36.49 -0.25
C8 CLA KC . 11.46 37.77 0.53
C9 CLA KC . 12.73 38.43 0.07
C10 CLA KC . 11.57 37.52 2.02
C11 CLA KC . 10.57 36.53 2.54
C12 CLA KC . 10.69 36.46 4.06
C13 CLA KC . 9.93 35.31 4.71
C14 CLA KC . 8.70 34.90 3.94
C15 CLA KC . 9.48 35.75 6.08
C16 CLA KC . 10.32 35.09 7.14
C17 CLA KC . 9.61 35.18 8.46
C18 CLA KC . 10.40 36.00 9.46
C19 CLA KC . 10.30 35.35 10.81
C20 CLA KC . 9.83 37.38 9.55
MG CLA LC . -1.01 27.69 12.99
CHA CLA LC . -0.77 26.61 16.22
CHB CLA LC . 2.32 28.28 12.92
CHC CLA LC . -1.24 28.37 9.67
CHD CLA LC . -4.46 26.91 13.07
NA CLA LC . 0.52 27.49 14.38
C1A CLA LC . 0.42 26.99 15.67
C2A CLA LC . 1.78 26.99 16.34
C3A CLA LC . 2.68 27.70 15.33
C4A CLA LC . 1.81 27.83 14.11
CMA CLA LC . 3.05 29.06 15.86
CAA CLA LC . 2.29 25.56 16.50
CBA CLA LC . 1.95 24.62 15.37
CGA CLA LC . 1.82 23.25 15.90
O1A CLA LC . 2.10 22.85 17.02
O2A CLA LC . 1.34 22.35 15.02
NB CLA LC . 0.27 28.27 11.58
C1B CLA LC . 1.59 28.43 11.75
C2B CLA LC . 2.19 28.84 10.47
C3B CLA LC . 1.21 28.87 9.54
C4B CLA LC . -0.04 28.49 10.24
CMB CLA LC . 3.59 29.09 10.35
CAB CLA LC . 1.27 29.14 8.14
CBB CLA LC . 1.72 30.26 7.58
NC CLA LC . -2.58 27.70 11.64
C1C CLA LC . -2.43 28.00 10.32
C2C CLA LC . -3.70 27.86 9.66
C3C CLA LC . -4.60 27.44 10.61
C4C CLA LC . -3.90 27.33 11.86
CMC CLA LC . -3.94 28.07 8.26
CAC CLA LC . -5.99 27.12 10.37
CBC CLA LC . -6.14 25.64 10.12
ND CLA LC . -2.37 26.97 14.30
C1D CLA LC . -3.74 26.74 14.22
C2D CLA LC . -4.24 26.30 15.52
C3D CLA LC . -3.14 26.24 16.34
C4D CLA LC . -1.99 26.65 15.52
CMD CLA LC . -5.63 25.98 15.80
CAD CLA LC . -2.64 25.93 17.64
OBD CLA LC . -3.22 25.58 18.63
CBD CLA LC . -1.12 26.20 17.61
CGD CLA LC . -0.90 27.39 18.44
O1D CLA LC . -1.64 28.35 18.58
O2D CLA LC . 0.27 27.41 19.10
CED CLA LC . 0.12 27.53 20.51
C1 CLA LC . 1.84 21.01 15.17
C2 CLA LC . 1.16 20.16 14.17
C3 CLA LC . 1.36 18.84 14.10
C4 CLA LC . 2.27 18.13 15.02
C5 CLA LC . 0.69 17.97 13.10
C6 CLA LC . -0.41 18.66 12.33
C7 CLA LC . -0.90 17.67 11.30
C8 CLA LC . -1.68 18.37 10.21
C9 CLA LC . -3.04 18.76 10.72
C10 CLA LC . -1.80 17.45 9.02
C11 CLA LC . -0.45 17.25 8.36
C12 CLA LC . 0.01 18.51 7.70
C13 CLA LC . 0.15 18.37 6.19
C14 CLA LC . 1.23 17.38 5.84
C15 CLA LC . 0.46 19.72 5.58
C16 CLA LC . 0.31 19.76 4.09
C17 CLA LC . 0.76 21.10 3.56
C18 CLA LC . -0.37 22.11 3.44
C19 CLA LC . -0.30 22.80 2.11
C20 CLA LC . -0.31 23.14 4.53
MG CLA MC . 6.91 29.81 10.10
CHA CLA MC . 6.34 31.99 7.51
CHB CLA MC . 7.19 27.24 7.95
CHC CLA MC . 7.12 27.68 12.76
CHD CLA MC . 6.56 32.47 12.34
NA CLA MC . 6.77 29.67 8.04
C1A CLA MC . 6.55 30.69 7.12
C2A CLA MC . 6.55 30.14 5.72
C3A CLA MC . 6.74 28.64 5.93
C4A CLA MC . 6.91 28.47 7.41
CMA CLA MC . 5.46 28.01 5.59
CAA CLA MC . 7.73 30.67 4.91
CBA CLA MC . 8.95 29.78 4.89
CGA CLA MC . 10.16 30.59 4.61
O1A CLA MC . 10.53 31.62 5.17
O2A CLA MC . 10.90 30.06 3.60
NB CLA MC . 7.20 27.85 10.31
C1B CLA MC . 7.29 26.96 9.30
C2B CLA MC . 7.41 25.59 9.85
C3B CLA MC . 7.36 25.72 11.21
C4B CLA MC . 7.22 27.15 11.51
CMB CLA MC . 7.52 24.44 8.97
CAB CLA MC . 7.36 24.80 12.32
CBB CLA MC . 7.81 23.56 12.36
NC CLA MC . 6.88 30.05 12.16
C1C CLA MC . 6.97 29.05 13.06
C2C CLA MC . 6.86 29.57 14.40
C3C CLA MC . 6.73 30.93 14.29
C4C CLA MC . 6.74 31.22 12.88
CMC CLA MC . 6.91 28.78 15.61
CAC CLA MC . 6.61 31.90 15.39
CBC CLA MC . 5.18 32.35 15.60
ND CLA MC . 6.50 31.74 10.02
C1D CLA MC . 6.42 32.70 11.02
C2D CLA MC . 6.17 33.99 10.43
C3D CLA MC . 6.07 33.78 9.08
C4D CLA MC . 6.31 32.35 8.87
CMD CLA MC . 6.03 35.15 11.24
CAD CLA MC . 5.87 34.37 7.82
OBD CLA MC . 5.59 35.53 7.56
CBD CLA MC . 6.07 33.26 6.76
CGD CLA MC . 4.91 33.16 5.83
O1D CLA MC . 4.94 32.94 4.61
O2D CLA MC . 3.71 33.35 6.41
CED CLA MC . 2.56 33.14 5.60
C1 CLA MC . 11.42 30.96 2.60
C2 CLA MC . 10.29 31.73 2.05
C3 CLA MC . 9.99 31.82 0.75
C4 CLA MC . 10.80 31.18 -0.31
C5 CLA MC . 8.83 32.62 0.34
C6 CLA MC . 7.72 31.78 -0.24
C7 CLA MC . 6.87 31.21 0.87
C8 CLA MC . 6.27 29.85 0.55
C9 CLA MC . 5.98 29.15 1.85
C10 CLA MC . 7.19 28.95 -0.26
C11 CLA MC . 6.45 28.29 -1.38
C12 CLA MC . 5.96 29.30 -2.39
C13 CLA MC . 4.49 29.13 -2.74
C14 CLA MC . 4.24 27.72 -3.22
C15 CLA MC . 4.06 30.10 -3.84
C16 CLA MC . 4.28 31.54 -3.43
C17 CLA MC . 3.34 31.92 -2.32
C18 CLA MC . 3.18 33.43 -2.18
C19 CLA MC . 4.53 34.04 -1.91
C20 CLA MC . 2.28 33.78 -1.03
MG CLA NC . 3.64 24.06 3.59
CHA CLA NC . 3.94 22.45 6.60
CHB CLA NC . 2.24 26.71 5.13
CHC CLA NC . 3.37 25.61 0.57
CHD CLA NC . 4.82 21.17 1.98
NA CLA NC . 3.20 24.49 5.57
C1A CLA NC . 3.40 23.70 6.69
C2A CLA NC . 2.88 24.40 7.92
C3A CLA NC . 2.24 25.68 7.39
C4A CLA NC . 2.60 25.65 5.92
CMA CLA NC . 0.75 25.61 7.48
CAA CLA NC . 3.97 24.83 8.84
CBA CLA NC . 3.42 25.48 10.07
CGA CLA NC . 2.95 24.48 11.06
O1A CLA NC . 3.55 23.55 11.58
O2A CLA NC . 1.65 24.70 11.39
NB CLA NC . 2.96 25.83 2.97
C1B CLA NC . 2.49 26.80 3.77
C2B CLA NC . 2.25 28.04 2.98
C3B CLA NC . 2.57 27.72 1.69
C4B CLA NC . 3.01 26.31 1.67
CMB CLA NC . 1.72 29.22 3.64
CAB CLA NC . 2.53 28.44 0.44
CBB CLA NC . 2.07 29.66 0.19
NC CLA NC . 4.02 23.48 1.63
C1C CLA NC . 3.82 24.27 0.55
C2C CLA NC . 4.19 23.55 -0.64
C3C CLA NC . 4.60 22.29 -0.25
C4C CLA NC . 4.48 22.26 1.18
CMC CLA NC . 4.15 24.10 -1.99
CAC CLA NC . 5.11 21.20 -1.09
CBC CLA NC . 4.15 20.09 -1.38
ND CLA NC . 4.24 22.22 4.09
C1D CLA NC . 4.72 21.14 3.33
C2D CLA NC . 5.08 20.05 4.22
C3D CLA NC . 4.82 20.50 5.48
C4D CLA NC . 4.28 21.86 5.35
CMD CLA NC . 5.60 18.77 3.76
CAD CLA NC . 4.82 20.19 6.87
OBD CLA NC . 5.14 19.16 7.42
CBD CLA NC . 4.30 21.42 7.63
CGD CLA NC . 3.16 21.04 8.49
O1D CLA NC . 1.97 21.23 8.31
O2D CLA NC . 3.56 20.39 9.61
CED CLA NC . 2.66 20.36 10.70
C1 CLA NC . 0.93 23.63 11.98
C2 CLA NC . 0.17 22.98 10.89
C3 CLA NC . -1.09 23.28 10.60
C4 CLA NC . -1.85 24.29 11.36
C5 CLA NC . -1.75 22.56 9.49
C6 CLA NC . -2.84 23.35 8.81
C7 CLA NC . -3.74 22.42 8.04
C8 CLA NC . -3.52 22.52 6.55
C9 CLA NC . -3.70 23.96 6.09
C10 CLA NC . -4.49 21.63 5.80
C11 CLA NC . -4.13 20.18 5.97
C12 CLA NC . -4.41 19.39 4.71
C13 CLA NC . -5.37 18.23 4.97
C14 CLA NC . -6.77 18.75 5.17
C15 CLA NC . -4.96 17.37 6.16
C16 CLA NC . -3.82 16.43 5.82
C17 CLA NC . -4.18 15.49 4.70
C18 CLA NC . -3.09 14.45 4.44
C19 CLA NC . -1.81 15.11 3.97
C20 CLA NC . -3.58 13.47 3.40
MG CLA OC . 16.57 37.65 6.51
CHA CLA OC . 14.67 34.81 6.11
CHB CLA OC . 17.47 37.52 3.26
CHC CLA OC . 18.71 40.26 7.03
CHD CLA OC . 15.96 37.51 9.97
NA CLA OC . 16.04 36.42 4.92
C1A CLA OC . 15.24 35.28 4.95
C2A CLA OC . 15.17 34.67 3.56
C3A CLA OC . 16.07 35.56 2.70
C4A CLA OC . 16.55 36.60 3.68
CMA CLA OC . 17.28 34.80 2.23
CAA CLA OC . 13.78 34.71 2.96
CBA CLA OC . 13.74 34.32 1.50
CGA CLA OC . 14.26 32.93 1.30
O1A CLA OC . 14.45 32.06 2.14
O2A CLA OC . 14.54 32.60 0.01
NB CLA OC . 17.79 38.73 5.34
C1B CLA OC . 18.05 38.51 4.05
C2B CLA OC . 19.11 39.44 3.58
C3B CLA OC . 19.46 40.21 4.64
C4B CLA OC . 18.61 39.78 5.77
CMB CLA OC . 19.63 39.40 2.22
CAB CLA OC . 20.42 41.27 4.80
CBB CLA OC . 21.68 41.26 4.42
NC CLA OC . 17.15 38.74 8.18
C1C CLA OC . 18.03 39.77 8.15
C2C CLA OC . 18.25 40.27 9.48
C3C CLA OC . 17.51 39.49 10.34
C4C CLA OC . 16.82 38.51 9.51
CMC CLA OC . 19.14 41.37 9.80
CAC CLA OC . 17.47 39.60 11.79
CBC CLA OC . 18.57 38.79 12.45
ND CLA OC . 15.44 36.57 7.78
C1D CLA OC . 15.31 36.61 9.18
C2D CLA OC . 14.44 35.51 9.60
C3D CLA OC . 14.17 34.79 8.47
C4D CLA OC . 14.85 35.46 7.36
CMD CLA OC . 14.03 35.28 10.97
CAD CLA OC . 13.51 33.66 7.92
OBD CLA OC . 12.82 32.83 8.48
CBD CLA OC . 13.86 33.59 6.42
CGD CLA OC . 14.66 32.36 6.23
O1D CLA OC . 15.34 31.81 7.08
O2D CLA OC . 14.62 31.80 5.01
CED CLA OC . 14.63 30.38 5.00
C1 CLA OC . 14.95 31.25 -0.26
C2 CLA OC . 16.43 31.22 -0.18
C3 CLA OC . 17.22 31.13 -1.26
C4 CLA OC . 16.70 31.01 -2.63
C5 CLA OC . 18.70 31.12 -1.11
C6 CLA OC . 19.25 32.47 -1.52
C7 CLA OC . 20.76 32.46 -1.44
C8 CLA OC . 21.23 32.48 -0.02
C9 CLA OC . 20.74 33.72 0.69
C10 CLA OC . 22.75 32.46 0.02
C11 CLA OC . 23.22 31.41 0.98
C12 CLA OC . 24.65 31.66 1.43
C13 CLA OC . 24.70 32.88 2.33
C14 CLA OC . 26.12 33.15 2.77
C15 CLA OC . 23.83 32.68 3.55
C16 CLA OC . 23.73 33.98 4.31
C17 CLA OC . 22.66 34.83 3.71
C18 CLA OC . 21.87 35.48 4.83
C19 CLA OC . 20.68 36.22 4.27
C20 CLA OC . 22.75 36.44 5.59
MG CLA PC . 22.82 31.26 7.08
CHA CLA PC . 26.05 30.62 8.06
CHB CLA PC . 23.10 28.96 4.68
CHC CLA PC . 19.72 32.13 5.92
CHD CLA PC . 22.64 33.88 9.44
NA CLA PC . 24.32 29.93 6.56
C1A CLA PC . 25.60 29.80 7.07
C2A CLA PC . 26.38 28.69 6.33
C3A CLA PC . 25.37 28.21 5.30
C4A CLA PC . 24.17 29.06 5.53
CMA CLA PC . 25.87 28.55 3.93
CAA CLA PC . 26.88 27.53 7.17
CBA CLA PC . 27.81 26.63 6.37
CGA CLA PC . 29.25 26.88 6.67
O1A CLA PC . 29.78 27.00 7.76
O2A CLA PC . 30.04 26.97 5.56
NB CLA PC . 21.58 30.58 5.67
C1B CLA PC . 21.94 29.71 4.72
C2B CLA PC . 20.95 29.65 3.65
C3B CLA PC . 19.99 30.53 3.95
C4B CLA PC . 20.37 31.16 5.25
CMB CLA PC . 21.10 28.78 2.50
CAB CLA PC . 18.86 30.83 3.12
CBB CLA PC . 17.64 31.24 3.42
NC CLA PC . 21.41 32.67 7.65
C1C CLA PC . 20.21 32.82 7.05
C2C CLA PC . 19.48 33.88 7.72
C3C CLA PC . 20.32 34.40 8.67
C4C CLA PC . 21.53 33.64 8.62
CMC CLA PC . 18.14 34.30 7.36
CAC CLA PC . 20.03 35.49 9.60
CBC CLA PC . 20.30 36.83 9.01
ND CLA PC . 23.99 32.07 8.51
C1D CLA PC . 23.81 33.17 9.37
C2D CLA PC . 25.03 33.36 10.15
C3D CLA PC . 25.91 32.43 9.68
C4D CLA PC . 25.23 31.65 8.64
CMD CLA PC . 25.15 34.38 11.16
CAD CLA PC . 27.22 31.88 9.79
OBD CLA PC . 28.12 32.22 10.53
CBD CLA PC . 27.39 30.76 8.74
CGD CLA PC . 28.51 31.17 7.84
O1D CLA PC . 29.65 31.48 8.19
O2D CLA PC . 28.19 31.22 6.52
CED CLA PC . 29.21 31.46 5.55
C1 CLA PC . 30.21 25.78 4.77
C2 CLA PC . 31.67 25.54 4.59
C3 CLA PC . 32.22 25.15 3.43
C4 CLA PC . 33.68 24.93 3.29
C5 CLA PC . 31.40 24.94 2.21
C6 CLA PC . 31.54 26.08 1.25
C7 CLA PC . 31.53 25.60 -0.18
C8 CLA PC . 30.12 25.43 -0.71
C9 CLA PC . 30.02 24.15 -1.52
C10 CLA PC . 29.76 26.62 -1.58
C11 CLA PC . 28.28 26.73 -1.79
C12 CLA PC . 27.94 26.69 -3.27
C13 CLA PC . 26.55 26.13 -3.50
C14 CLA PC . 26.39 24.78 -2.81
C15 CLA PC . 26.20 26.06 -4.98
C16 CLA PC . 26.71 24.81 -5.67
C17 CLA PC . 25.59 24.05 -6.33
C18 CLA PC . 26.07 22.79 -7.02
C19 CLA PC . 26.97 23.13 -8.19
C20 CLA PC . 26.78 21.88 -6.04
C1 BCR QC . -0.35 9.58 -3.95
C2 BCR QC . -1.35 8.74 -4.70
C3 BCR QC . -1.99 7.70 -3.82
C4 BCR QC . -0.99 6.86 -3.05
C5 BCR QC . 0.31 7.51 -2.81
C6 BCR QC . 0.62 8.75 -3.19
C7 BCR QC . 1.95 9.33 -2.94
C8 BCR QC . 2.23 10.10 -1.89
C9 BCR QC . 3.57 10.57 -1.63
C10 BCR QC . 3.86 11.09 -0.43
C11 BCR QC . 5.17 11.57 -0.07
C33 BCR QC . 1.25 6.66 -2.08
C31 BCR QC . -1.12 10.52 -3.05
C32 BCR QC . 0.37 10.40 -4.99
C34 BCR QC . 4.56 10.53 -2.73
C12 BCR QC . 5.25 12.39 0.98
C13 BCR QC . 6.47 12.91 1.53
C14 BCR QC . 6.36 13.69 2.60
C15 BCR QC . 7.48 14.17 3.36
C16 BCR QC . 7.27 14.97 4.41
C17 BCR QC . 8.38 15.09 5.32
C18 BCR QC . 8.44 15.86 6.40
C19 BCR QC . 9.73 15.97 7.04
C20 BCR QC . 9.97 16.74 8.09
C21 BCR QC . 11.35 17.00 8.40
C22 BCR QC . 11.82 17.35 9.59
C23 BCR QC . 13.16 17.89 9.66
C24 BCR QC . 13.92 17.77 10.74
C25 BCR QC . 15.20 18.43 10.96
C26 BCR QC . 16.35 17.89 10.57
C27 BCR QC . 17.70 18.46 10.77
C28 BCR QC . 17.68 19.80 11.47
C29 BCR QC . 16.50 19.92 12.39
C30 BCR QC . 15.19 19.72 11.68
C35 BCR QC . 7.76 12.28 1.18
C36 BCR QC . 7.24 16.32 7.10
C37 BCR QC . 11.17 16.88 10.83
C38 BCR QC . 16.46 16.59 9.87
C39 BCR QC . 14.89 20.89 10.75
C40 BCR QC . 14.13 19.77 12.75
C1 BCR RC . -2.30 17.31 0.22
C2 BCR RC . -3.72 16.88 -0.01
C3 BCR RC . -3.78 16.01 -1.23
C4 BCR RC . -2.98 14.74 -1.02
C5 BCR RC . -1.70 15.00 -0.33
C6 BCR RC . -1.35 16.16 0.22
C7 BCR RC . -0.08 16.34 0.92
C8 BCR RC . 1.02 16.79 0.31
C9 BCR RC . 2.35 16.56 0.81
C10 BCR RC . 3.35 16.45 -0.07
C11 BCR RC . 4.71 16.18 0.31
C33 BCR RC . -0.81 13.82 -0.32
C31 BCR RC . -2.28 18.04 1.55
C32 BCR RC . -1.96 18.29 -0.88
C34 BCR RC . 2.51 16.11 2.20
C12 BCR RC . 5.65 16.13 -0.63
C13 BCR RC . 7.03 16.41 -0.39
C14 BCR RC . 7.96 15.96 -1.24
C15 BCR RC . 9.36 16.13 -1.03
C16 BCR RC . 10.22 15.56 -1.87
C17 BCR RC . 11.63 15.67 -1.59
C18 BCR RC . 12.59 15.14 -2.34
C19 BCR RC . 13.94 15.60 -2.14
C20 BCR RC . 14.99 15.04 -2.74
C21 BCR RC . 16.27 15.68 -2.61
C22 BCR RC . 17.45 15.10 -2.78
C23 BCR RC . 18.63 15.80 -2.26
C24 BCR RC . 19.86 15.29 -2.36
C25 BCR RC . 21.12 15.98 -2.08
C26 BCR RC . 21.61 16.11 -0.84
C27 BCR RC . 22.88 16.76 -0.46
C28 BCR RC . 23.78 17.02 -1.64
C29 BCR RC . 22.97 17.48 -2.82
C30 BCR RC . 21.92 16.49 -3.25
C35 BCR RC . 7.41 17.24 0.77
C36 BCR RC . 12.30 14.29 -3.50
C37 BCR RC . 17.64 14.05 -3.80
C38 BCR RC . 20.93 15.63 0.37
C39 BCR RC . 22.55 15.29 -3.94
C40 BCR RC . 21.10 17.21 -4.30
C1 BCR SC . 21.50 31.01 -10.00
C2 BCR SC . 21.88 31.50 -11.38
C3 BCR SC . 23.25 32.11 -11.49
C4 BCR SC . 23.57 32.97 -10.31
C5 BCR SC . 23.41 32.19 -9.07
C6 BCR SC . 22.47 31.28 -8.90
C7 BCR SC . 22.34 30.48 -7.67
C8 BCR SC . 21.65 30.90 -6.60
C9 BCR SC . 21.21 30.07 -5.50
C10 BCR SC . 22.13 29.53 -4.69
C11 BCR SC . 21.82 28.93 -3.42
C33 BCR SC . 24.43 32.50 -8.05
C31 BCR SC . 21.26 29.53 -10.14
C32 BCR SC . 20.17 31.68 -9.70
C34 BCR SC . 19.83 30.24 -5.06
C12 BCR SC . 22.83 28.44 -2.69
C13 BCR SC . 22.69 27.78 -1.41
C14 BCR SC . 23.79 27.49 -0.72
C15 BCR SC . 23.79 26.74 0.50
C16 BCR SC . 24.96 26.28 0.98
C17 BCR SC . 24.95 25.45 2.14
C18 BCR SC . 26.03 25.02 2.79
C19 BCR SC . 25.89 24.47 4.11
C20 BCR SC . 26.79 23.67 4.65
C21 BCR SC . 26.47 23.00 5.89
C22 BCR SC . 27.30 22.26 6.61
C23 BCR SC . 26.79 21.66 7.83
C24 BCR SC . 27.53 20.79 8.52
C25 BCR SC . 27.08 19.79 9.48
C26 BCR SC . 26.60 18.60 9.10
C27 BCR SC . 26.15 17.53 10.00
C28 BCR SC . 26.74 17.67 11.37
C29 BCR SC . 26.57 19.09 11.83
C30 BCR SC . 27.24 20.10 10.93
C35 BCR SC . 21.36 27.32 -0.96
C36 BCR SC . 27.33 24.89 2.11
C37 BCR SC . 28.75 22.28 6.36
C38 BCR SC . 26.44 18.19 7.69
C39 BCR SC . 28.71 20.23 11.25
C40 BCR SC . 26.61 21.43 11.34
C1 LMG TC . -2.98 7.91 -12.59
O1 LMG TC . -3.62 8.89 -11.84
C2 LMG TC . -4.06 7.35 -13.52
O2 LMG TC . -4.96 6.71 -12.67
C3 LMG TC . -3.33 6.29 -14.37
O3 LMG TC . -4.30 5.79 -15.22
C4 LMG TC . -2.22 6.98 -15.20
O4 LMG TC . -2.80 7.87 -16.06
C5 LMG TC . -1.30 7.78 -14.22
O5 LMG TC . -0.28 9.85 -14.33
C6 LMG TC . -0.37 8.66 -15.04
O6 LMG TC . -2.05 8.62 -13.37
C7 LMG TC . -2.83 9.42 -10.83
C8 LMG TC . -3.77 9.58 -9.63
C9 LMG TC . -4.04 8.21 -9.07
O7 LMG TC . -3.04 10.24 -8.62
C10 LMG TC . -3.55 11.38 -8.13
O9 LMG TC . -4.52 11.91 -8.67
C11 LMG TC . -2.83 11.87 -6.93
C12 LMG TC . -3.29 13.25 -6.63
C13 LMG TC . -2.78 13.68 -5.30
C14 LMG TC . -2.68 15.17 -5.35
C15 LMG TC . -4.00 15.73 -4.98
C16 LMG TC . -4.26 16.92 -5.84
C17 LMG TC . -5.50 17.56 -5.30
C18 LMG TC . -5.12 18.20 -4.00
C19 LMG TC . -6.00 19.39 -3.84
C20 LMG TC . -5.71 19.90 -2.48
C21 LMG TC . -6.96 20.50 -1.96
C22 LMG TC . -6.91 20.24 -0.49
C23 LMG TC . -7.66 21.35 0.16
C24 LMG TC . -7.83 20.90 1.58
C25 LMG TC . -8.92 19.87 1.62
O8 LMG TC . -5.05 8.37 -8.11
C28 LMG TC . -5.40 7.25 -7.44
O10 LMG TC . -5.11 6.16 -7.91
C29 LMG TC . -5.69 7.50 -6.01
C30 LMG TC . -6.60 8.68 -5.86
C31 LMG TC . -5.80 9.75 -5.21
C32 LMG TC . -6.11 9.71 -3.74
C33 LMG TC . -4.81 9.90 -3.04
C34 LMG TC . -4.80 11.24 -2.35
C35 LMG TC . -5.65 11.08 -1.11
C36 LMG TC . -4.92 10.18 -0.15
C37 LMG TC . -3.92 11.02 0.57
C38 LMG TC . -3.24 10.05 1.47
C39 LMG TC . -1.78 10.39 1.54
C40 LMG TC . -1.16 9.08 1.90
C41 LMG TC . 0.02 9.34 2.80
C42 LMG TC . -0.61 9.66 4.13
C43 LMG TC . 0.47 10.02 5.11
C1 LMG UC . 21.56 30.65 -20.10
O1 LMG UC . 21.37 31.15 -18.81
C2 LMG UC . 21.83 29.15 -19.90
O2 LMG UC . 23.15 29.09 -19.52
C3 LMG UC . 21.76 28.50 -21.29
O3 LMG UC . 21.83 27.15 -21.02
C4 LMG UC . 20.42 28.78 -21.98
O4 LMG UC . 19.42 28.24 -21.22
C5 LMG UC . 20.24 30.29 -21.99
O5 LMG UC . 17.99 30.08 -21.66
C6 LMG UC . 18.87 30.58 -22.58
O6 LMG UC . 20.28 30.80 -20.68
C7 LMG UC . 21.79 32.49 -18.62
C8 LMG UC . 21.03 33.03 -17.36
C9 LMG UC . 20.69 31.85 -16.49
O7 LMG UC . 21.92 33.82 -16.62
C10 LMG UC . 21.49 34.95 -16.00
O9 LMG UC . 20.34 35.30 -16.18
C11 LMG UC . 22.18 35.12 -14.70
C12 LMG UC . 21.72 36.39 -14.07
C13 LMG UC . 20.84 36.12 -12.90
C14 LMG UC . 21.30 37.00 -11.79
C15 LMG UC . 22.64 36.50 -11.30
C16 LMG UC . 22.69 36.57 -9.80
C17 LMG UC . 22.60 38.01 -9.40
C18 LMG UC . 23.04 38.12 -7.97
C19 LMG UC . 23.39 39.56 -7.72
C20 LMG UC . 22.99 39.86 -6.31
C21 LMG UC . 24.24 39.78 -5.49
C22 LMG UC . 24.83 41.16 -5.52
C23 LMG UC . 24.06 41.99 -4.54
C24 LMG UC . 25.11 42.85 -3.89
C25 LMG UC . 25.67 42.10 -2.71
O8 LMG UC . 20.44 32.28 -15.21
C28 LMG UC . 19.24 32.00 -14.73
O10 LMG UC . 18.64 31.03 -15.16
C29 LMG UC . 18.64 33.13 -14.04
C30 LMG UC . 18.15 32.70 -12.73
C31 LMG UC . 16.91 33.44 -12.45
C32 LMG UC . 17.29 34.83 -12.10
C33 LMG UC . 17.81 34.76 -10.73
C34 LMG UC . 16.69 35.04 -9.80
C35 LMG UC . 16.61 36.54 -9.71
C36 LMG UC . 17.79 37.00 -8.94
C37 LMG UC . 18.31 38.24 -9.63
C38 LMG UC . 19.12 38.90 -8.57
C39 LMG UC . 18.25 39.69 -7.65
C40 LMG UC . 17.80 40.86 -8.50
C41 LMG UC . 18.93 41.83 -8.66
C42 LMG UC . 19.03 42.46 -7.31
C43 LMG UC . 20.21 43.40 -7.32
O6 SQD VC . 23.19 17.13 -21.11
C44 SQD VC . 22.85 17.34 -19.77
C45 SQD VC . 24.06 17.86 -19.02
C46 SQD VC . 24.41 19.23 -19.59
O47 SQD VC . 23.78 17.96 -17.64
C7 SQD VC . 24.50 17.18 -16.71
O49 SQD VC . 25.18 16.26 -17.09
C8 SQD VC . 24.30 17.42 -15.22
C9 SQD VC . 24.86 16.24 -14.43
C10 SQD VC . 24.37 16.34 -13.00
C11 SQD VC . 25.46 16.95 -12.11
C12 SQD VC . 25.15 16.66 -10.66
C13 SQD VC . 25.90 17.64 -9.77
C14 SQD VC . 25.99 17.10 -8.35
C15 SQD VC . 26.07 18.25 -7.37
C16 SQD VC . 26.23 17.71 -5.96
O48 SQD VC . 24.74 20.09 -18.52
C23 SQD VC . 25.03 21.45 -18.84
O10 SQD VC . 24.52 21.90 -19.86
C24 SQD VC . 26.32 22.05 -18.33
C25 SQD VC . 26.57 21.62 -16.90
C26 SQD VC . 27.57 22.57 -16.24
C27 SQD VC . 26.85 23.84 -15.76
C1 SQD VC . 22.22 17.42 -22.08
C2 SQD VC . 22.77 18.43 -23.04
O2 SQD VC . 22.80 19.67 -22.44
C3 SQD VC . 21.93 18.53 -24.28
O3 SQD VC . 22.68 19.21 -25.20
C4 SQD VC . 21.56 17.22 -24.88
O4 SQD VC . 20.64 17.42 -25.88
C5 SQD VC . 20.99 16.33 -23.85
C6 SQD VC . 20.84 14.99 -24.53
O5 SQD VC . 21.79 16.23 -22.71
S SQD VC . 20.33 13.73 -23.37
O7 SQD VC . 20.02 12.49 -24.04
O8 SQD VC . 19.19 14.18 -22.56
O9 SQD VC . 21.43 13.32 -22.54
O1 LHG WC . -7.68 20.61 23.82
C1 LHG WC . -8.10 21.91 23.50
C2 LHG WC . -7.84 22.76 24.68
O2 LHG WC . -8.84 22.56 25.66
C3 LHG WC . -7.85 24.23 24.37
O3 LHG WC . -6.83 24.25 23.40
P LHG WC . -6.68 25.51 22.45
O4 LHG WC . -7.73 26.45 22.88
O5 LHG WC . -5.23 25.65 22.22
O6 LHG WC . -7.37 24.78 21.16
C4 LHG WC . -6.87 25.00 19.91
C5 LHG WC . -7.92 24.37 19.03
C6 LHG WC . -8.69 25.42 18.28
O7 LHG WC . -7.21 23.62 18.09
C7 LHG WC . -6.96 22.37 18.48
O9 LHG WC . -7.56 21.81 19.37
C8 LHG WC . -6.03 21.72 17.58
C9 LHG WC . -6.64 21.67 16.24
C10 LHG WC . -7.75 20.68 16.25
O8 LHG WC . -9.57 24.68 17.42
C23 LHG WC . -10.69 25.32 17.02
O10 LHG WC . -10.96 26.39 17.50
C24 LHG WC . -11.80 24.58 16.29
C11 LHG WC . -7.23 19.64 15.32
C12 LHG WC . -8.29 19.35 14.32
C13 LHG WC . -8.09 17.96 13.80
C14 LHG WC . -9.38 17.38 13.28
C15 LHG WC . -9.73 18.19 12.04
C16 LHG WC . -11.15 17.90 11.66
C17 LHG WC . -11.25 16.63 10.87
C18 LHG WC . -10.75 17.03 9.52
C19 LHG WC . -10.92 15.96 8.46
C20 LHG WC . -10.28 16.58 7.22
C21 LHG WC . -11.13 17.71 6.71
C22 LHG WC . -10.47 18.28 5.48
C25 LHG WC . -11.50 24.16 14.86
C26 LHG WC . -12.65 24.29 13.88
C27 LHG WC . -11.98 24.30 12.53
C28 LHG WC . -11.30 23.03 12.12
C29 LHG WC . -10.83 23.26 10.71
C30 LHG WC . -10.99 22.11 9.74
C31 LHG WC . -9.86 21.11 9.74
C32 LHG WC . -8.47 21.69 9.63
C33 LHG WC . -7.66 21.18 10.81
C34 LHG WC . -6.34 21.86 11.03
C35 LHG WC . -6.03 22.05 12.49
C36 LHG WC . -4.58 21.67 12.70
C37 LHG WC . -4.04 22.56 13.75
C38 LHG WC . -2.69 22.12 14.27
MG CLA XC . 17.90 56.92 -5.12
CHA CLA XC . 17.48 59.35 -2.72
CHB CLA XC . 18.17 54.58 -2.72
CHC CLA XC . 18.18 54.58 -7.57
CHD CLA XC . 17.55 59.42 -7.60
NA CLA XC . 17.84 56.99 -3.04
C1A CLA XC . 17.67 58.09 -2.21
C2A CLA XC . 17.69 57.69 -0.72
C3A CLA XC . 18.04 56.19 -0.81
C4A CLA XC . 18.00 55.88 -2.29
CMA CLA XC . 19.38 55.90 -0.23
CAA CLA XC . 16.43 57.71 0.13
CBA CLA XC . 15.24 58.62 -0.06
CGA CLA XC . 14.56 58.31 -1.36
O1A CLA XC . 14.35 57.21 -1.85
O2A CLA XC . 14.16 59.41 -2.05
NB CLA XC . 18.22 54.96 -5.15
C1B CLA XC . 18.17 54.16 -4.05
C2B CLA XC . 18.16 52.75 -4.47
C3B CLA XC . 18.17 52.73 -5.84
C4B CLA XC . 18.19 54.14 -6.29
CMB CLA XC . 18.13 51.65 -3.54
CAB CLA XC . 18.10 51.60 -6.72
CBB CLA XC . 19.03 51.22 -7.59
NC CLA XC . 17.91 57.01 -7.19
C1C CLA XC . 18.06 55.93 -8.00
C2C CLA XC . 18.02 56.34 -9.39
C3C CLA XC . 17.81 57.72 -9.39
C4C CLA XC . 17.75 58.11 -8.01
CMC CLA XC . 18.14 55.46 -10.54
CAC CLA XC . 17.66 58.62 -10.53
CBC CLA XC . 16.22 58.84 -10.90
ND CLA XC . 17.55 58.89 -5.21
C1D CLA XC . 17.47 59.79 -6.29
C2D CLA XC . 17.21 61.11 -5.78
C3D CLA XC . 17.21 61.02 -4.42
C4D CLA XC . 17.45 59.61 -4.12
CMD CLA XC . 16.98 62.21 -6.69
CAD CLA XC . 16.99 61.68 -3.17
OBD CLA XC . 16.57 62.79 -2.94
CBD CLA XC . 17.34 60.68 -2.06
CGD CLA XC . 18.65 60.97 -1.41
O1D CLA XC . 19.75 60.56 -1.75
O2D CLA XC . 18.54 61.75 -0.32
CED CLA XC . 19.57 61.57 0.66
C1 CLA XC . 13.07 59.23 -2.98
C2 CLA XC . 13.63 59.16 -4.35
C3 CLA XC . 12.85 58.92 -5.42
C4 CLA XC . 11.39 58.71 -5.31
C5 CLA XC . 13.44 58.85 -6.79
C6 CLA XC . 13.69 57.45 -7.29
C7 CLA XC . 12.65 56.99 -8.30
C8 CLA XC . 13.25 56.71 -9.67
C9 CLA XC . 12.55 57.56 -10.70
C10 CLA XC . 13.08 55.24 -10.03
C11 CLA XC . 14.38 54.47 -10.14
C12 CLA XC . 14.21 53.29 -11.07
C13 CLA XC . 15.11 52.09 -10.76
C14 CLA XC . 15.32 51.88 -9.28
C15 CLA XC . 16.45 52.21 -11.49
C16 CLA XC . 16.34 51.80 -12.95
C17 CLA XC . 17.32 50.67 -13.27
C18 CLA XC . 17.47 50.39 -14.76
C19 CLA XC . 18.34 49.18 -14.97
C20 CLA XC . 16.14 50.16 -15.44
C1 BCR YC . 1.20 62.14 -19.93
C2 BCR YC . 0.20 62.25 -21.06
C3 BCR YC . -1.07 62.88 -20.56
C4 BCR YC . -0.83 64.26 -20.02
C5 BCR YC . 0.47 64.39 -19.31
C6 BCR YC . 1.40 63.45 -19.23
C7 BCR YC . 2.68 63.66 -18.56
C8 BCR YC . 2.93 63.29 -17.30
C9 BCR YC . 4.24 62.86 -16.89
C10 BCR YC . 4.76 63.26 -15.73
C11 BCR YC . 5.97 62.72 -15.17
C33 BCR YC . 0.64 65.69 -18.65
C31 BCR YC . 2.48 61.60 -20.52
C32 BCR YC . 0.70 61.09 -18.98
C34 BCR YC . 4.88 61.78 -17.67
C12 BCR YC . 6.37 63.12 -13.97
C13 BCR YC . 6.51 62.25 -12.82
C14 BCR YC . 7.29 62.63 -11.81
C15 BCR YC . 7.17 62.13 -10.47
C16 BCR YC . 8.25 61.91 -9.71
C17 BCR YC . 8.11 61.25 -8.45
C18 BCR YC . 8.24 61.82 -7.25
C19 BCR YC . 8.57 61.00 -6.11
C20 BCR YC . 8.80 61.50 -4.90
C21 BCR YC . 8.78 60.62 -3.75
C22 BCR YC . 9.09 60.99 -2.50
C23 BCR YC . 9.77 60.03 -1.66
C24 BCR YC . 9.26 59.54 -0.52
C25 BCR YC . 9.97 58.76 0.49
C26 BCR YC . 10.20 57.44 0.34
C27 BCR YC . 10.90 56.58 1.30
C28 BCR YC . 11.80 57.40 2.20
C29 BCR YC . 10.98 58.53 2.78
C30 BCR YC . 10.42 59.48 1.72
C35 BCR YC . 5.57 61.12 -12.65
C36 BCR YC . 7.81 63.21 -7.00
C37 BCR YC . 8.65 62.28 -1.95
C38 BCR YC . 9.78 56.63 -0.81
C39 BCR YC . 11.43 60.57 1.41
C40 BCR YC . 9.26 60.16 2.41
O1 OEX ZC . -45.31 5.49 -3.02
CA1 OEX ZC . -44.37 4.44 -1.10
MN1 OEX ZC . -44.13 5.38 -4.39
O2 OEX ZC . -45.18 2.55 -2.44
MN2 OEX ZC . -46.25 3.83 -3.73
O3 OEX ZC . -44.52 3.76 -4.89
MN3 OEX ZC . -43.80 2.26 -3.67
O4 OEX ZC . -43.03 0.83 -2.32
MN4 OEX ZC . -41.50 2.16 -1.80
O5 OEX ZC . -42.58 4.16 -2.89
MG CLA AD . -66.18 0.61 22.48
CHA CLA AD . -67.64 1.91 19.68
CHB CLA AD . -63.84 -0.93 20.58
CHC CLA AD . -64.63 -0.44 25.33
CHD CLA AD . -68.49 2.42 24.44
NA CLA AD . -65.84 0.49 20.44
C1A CLA AD . -66.56 1.12 19.43
C2A CLA AD . -65.94 0.81 18.08
C3A CLA AD . -64.83 -0.21 18.40
C4A CLA AD . -64.81 -0.22 19.92
CMA CLA AD . -65.15 -1.54 17.82
CAA CLA AD . -65.21 2.00 17.46
CBA CLA AD . -64.77 3.08 18.43
CGA CLA AD . -63.30 3.10 18.64
O1A CLA AD . -62.47 3.76 18.05
O2A CLA AD . -62.88 2.28 19.65
NB CLA AD . -64.57 -0.49 22.87
C1B CLA AD . -63.72 -1.03 21.97
C2B CLA AD . -62.65 -1.77 22.67
C3B CLA AD . -62.88 -1.61 24.01
C4B CLA AD . -64.10 -0.81 24.15
CMB CLA AD . -61.60 -2.45 21.92
CAB CLA AD . -62.23 -2.03 25.21
CBB CLA AD . -61.39 -3.06 25.39
NC CLA AD . -66.54 0.89 24.50
C1C CLA AD . -65.77 0.36 25.49
C2C CLA AD . -66.28 0.77 26.77
C3C CLA AD . -67.35 1.60 26.52
C4C CLA AD . -67.51 1.68 25.09
CMC CLA AD . -65.71 0.36 28.05
CAC CLA AD . -68.18 2.28 27.50
CBC CLA AD . -67.69 3.70 27.68
ND CLA AD . -67.78 1.79 22.20
C1D CLA AD . -68.63 2.49 23.09
C2D CLA AD . -69.62 3.24 22.31
C3D CLA AD . -69.31 3.03 21.00
C4D CLA AD . -68.13 2.16 20.99
CMD CLA AD . -70.69 4.01 22.89
CAD CLA AD . -69.65 3.29 19.62
OBD CLA AD . -70.61 3.89 19.17
CBD CLA AD . -68.55 2.66 18.75
CGD CLA AD . -69.11 1.77 17.69
O1D CLA AD . -69.02 0.55 17.60
O2D CLA AD . -69.79 2.43 16.72
CED CLA AD . -70.88 1.72 16.11
C1 CLA AD . -61.79 2.78 20.42
C2 CLA AD . -61.51 1.85 21.54
C3 CLA AD . -60.28 1.63 22.00
C4 CLA AD . -59.11 2.29 21.43
C5 CLA AD . -60.05 0.70 23.13
C6 CLA AD . -58.73 -0.05 23.10
C7 CLA AD . -58.46 -0.55 24.49
C8 CLA AD . -57.24 -1.44 24.59
C9 CLA AD . -57.30 -2.56 23.57
C10 CLA AD . -57.14 -2.04 25.97
C11 CLA AD . -57.07 -0.95 27.01
C12 CLA AD . -57.17 -1.53 28.40
C13 CLA AD . -56.16 -0.84 29.29
C14 CLA AD . -54.76 -1.22 28.89
C15 CLA AD . -56.44 -1.12 30.77
C16 CLA AD . -55.81 -2.37 31.31
C17 CLA AD . -55.72 -2.32 32.81
C18 CLA AD . -54.99 -3.51 33.36
C19 CLA AD . -54.99 -3.49 34.87
C20 CLA AD . -53.56 -3.48 32.90
MG CLA BD . -60.17 11.90 21.25
CHA CLA BD . -62.20 9.57 19.80
CHB CLA BD . -61.90 14.37 19.72
CHC CLA BD . -58.11 14.17 22.69
CHD CLA BD . -58.30 9.29 22.78
NA CLA BD . -61.82 11.94 19.97
C1A CLA BD . -62.54 10.86 19.48
C2A CLA BD . -63.65 11.34 18.55
C3A CLA BD . -63.46 12.86 18.50
C4A CLA BD . -62.33 13.09 19.48
CMA CLA BD . -63.07 13.34 17.15
CAA CLA BD . -65.05 11.05 19.05
CBA CLA BD . -65.27 11.47 20.49
CGA CLA BD . -65.73 10.28 21.26
O1A CLA BD . -65.51 9.10 21.02
O2A CLA BD . -66.47 10.56 22.38
NB CLA BD . -59.98 13.88 21.16
C1B CLA BD . -60.86 14.73 20.58
C2B CLA BD . -60.55 16.11 21.00
C3B CLA BD . -59.49 16.05 21.83
C4B CLA BD . -59.11 14.63 21.95
CMB CLA BD . -61.28 17.27 20.55
CAB CLA BD . -58.80 17.09 22.52
CBB CLA BD . -57.86 17.83 21.97
NC CLA BD . -58.52 11.75 22.48
C1C CLA BD . -57.83 12.82 22.93
C2C CLA BD . -56.72 12.41 23.72
C3C CLA BD . -56.75 11.03 23.77
C4C CLA BD . -57.88 10.61 23.00
CMC CLA BD . -55.79 13.35 24.31
CAC CLA BD . -55.79 10.17 24.44
CBC CLA BD . -54.65 9.82 23.53
ND CLA BD . -60.25 9.91 21.39
C1D CLA BD . -59.42 8.98 22.06
C2D CLA BD . -59.93 7.64 21.78
C3D CLA BD . -60.96 7.80 20.89
C4D CLA BD . -61.12 9.25 20.67
CMD CLA BD . -59.35 6.45 22.36
CAD CLA BD . -61.96 7.16 20.11
OBD CLA BD . -62.18 5.98 19.96
CBD CLA BD . -62.77 8.25 19.39
CGD CLA BD . -62.69 8.02 17.93
O1D CLA BD . -63.54 8.23 17.07
O2D CLA BD . -61.50 7.49 17.58
CED CLA BD . -61.03 7.70 16.25
C1 CLA BD . -66.34 9.58 23.43
C2 CLA BD . -67.33 9.89 24.49
C3 CLA BD . -67.38 9.27 25.68
C4 CLA BD . -66.43 8.22 26.09
C5 CLA BD . -68.39 9.64 26.70
C6 CLA BD . -69.32 8.49 27.02
C7 CLA BD . -70.16 8.16 25.82
C8 CLA BD . -71.24 7.15 26.13
C9 CLA BD . -70.64 5.85 26.60
C10 CLA BD . -71.99 6.90 24.84
C11 CLA BD . -73.21 6.03 24.99
C12 CLA BD . -73.85 5.96 23.64
C13 CLA BD . -75.19 5.29 23.64
C14 CLA BD . -75.25 4.28 22.51
C15 CLA BD . -76.30 6.31 23.46
C16 CLA BD . -77.64 5.62 23.58
C17 CLA BD . -78.61 6.47 24.36
C18 CLA BD . -79.94 5.75 24.49
C19 CLA BD . -81.03 6.69 24.97
C20 CLA BD . -79.80 4.58 25.43
MG CLA CD . -71.32 11.83 25.56
CHA CLA CD . -70.31 12.03 22.30
CHB CLA CD . -73.97 9.91 24.66
CHC CLA CD . -72.02 11.30 28.87
CHD CLA CD . -68.35 13.45 26.51
NA CLA CD . -72.07 11.17 23.74
C1A CLA CD . -71.48 11.32 22.48
C2A CLA CD . -72.35 10.64 21.42
C3A CLA CD . -73.53 10.06 22.22
C4A CLA CD . -73.18 10.40 23.65
CMA CLA CD . -74.87 10.62 21.85
CAA CLA CD . -71.71 9.48 20.69
CBA CLA CD . -70.65 8.72 21.46
CGA CLA CD . -69.91 7.94 20.44
O1A CLA CD . -70.35 7.47 19.39
O2A CLA CD . -68.60 7.72 20.71
NB CLA CD . -72.71 10.79 26.57
C1B CLA CD . -73.75 10.13 26.03
C2B CLA CD . -74.63 9.60 27.10
C3B CLA CD . -74.08 9.99 28.28
C4B CLA CD . -72.86 10.77 27.97
CMB CLA CD . -75.84 8.84 26.85
CAB CLA CD . -74.52 9.78 29.63
CBB CLA CD . -75.10 10.72 30.37
NC CLA CD . -70.41 12.39 27.34
C1C CLA CD . -70.87 12.09 28.58
C2C CLA CD . -69.97 12.58 29.59
C3C CLA CD . -68.90 13.13 28.92
C4C CLA CD . -69.18 13.01 27.51
CMC CLA CD . -70.13 12.42 31.03
CAC CLA CD . -67.68 13.68 29.51
CBC CLA CD . -66.59 12.64 29.51
ND CLA CD . -69.84 12.84 24.67
C1D CLA CD . -68.64 13.38 25.19
C2D CLA CD . -67.78 13.79 24.09
C3D CLA CD . -68.39 13.32 22.96
C4D CLA CD . -69.63 12.66 23.38
CMD CLA CD . -66.55 14.52 24.28
CAD CLA CD . -68.33 13.25 21.54
OBD CLA CD . -67.62 13.83 20.74
CBD CLA CD . -69.42 12.25 21.10
CGD CLA CD . -70.08 12.88 19.94
O1D CLA CD . -70.23 12.40 18.83
O2D CLA CD . -70.51 14.14 20.19
CED CLA CD . -71.91 14.37 20.03
C1 CLA CD . -68.15 6.39 20.36
C2 CLA CD . -66.78 6.12 20.86
C3 CLA CD . -66.47 5.92 22.15
C4 CLA CD . -67.48 5.98 23.22
C5 CLA CD . -65.08 5.63 22.55
C6 CLA CD . -65.01 4.60 23.66
C7 CLA CD . -63.71 3.85 23.69
C8 CLA CD . -62.81 4.16 24.87
C9 CLA CD . -62.11 2.91 25.35
C10 CLA CD . -63.51 4.80 26.06
C11 CLA CD . -62.52 5.45 26.99
C12 CLA CD . -62.40 6.94 26.78
C13 CLA CD . -61.15 7.31 25.99
C14 CLA CD . -60.10 7.93 26.87
C15 CLA CD . -61.52 8.23 24.85
C16 CLA CD . -62.07 9.53 25.37
C17 CLA CD . -62.79 10.28 24.29
C18 CLA CD . -62.90 11.74 24.66
C19 CLA CD . -61.55 12.34 24.57
C20 CLA CD . -63.65 12.48 23.60
MG CLA DD . -61.35 20.48 14.25
CHA CLA DD . -62.29 21.94 11.29
CHB CLA DD . -60.36 17.72 12.58
CHC CLA DD . -60.15 19.17 17.16
CHD CLA DD . -62.33 23.38 15.94
NA CLA DD . -61.35 19.93 12.26
C1A CLA DD . -61.73 20.70 11.16
C2A CLA DD . -61.50 19.94 9.88
C3A CLA DD . -61.03 18.56 10.35
C4A CLA DD . -60.88 18.74 11.85
CMA CLA DD . -62.00 17.48 10.04
CAA CLA DD . -60.35 20.57 9.10
CBA CLA DD . -59.12 20.90 9.93
CGA CLA DD . -58.16 21.84 9.27
O1A CLA DD . -58.37 22.68 8.40
O2A CLA DD . -56.90 21.72 9.76
NB CLA DD . -60.41 18.80 14.77
C1B CLA DD . -60.19 17.75 13.96
C2B CLA DD . -59.75 16.58 14.74
C3B CLA DD . -59.69 16.99 16.03
C4B CLA DD . -60.10 18.40 16.06
CMB CLA DD . -59.43 15.30 14.15
CAB CLA DD . -59.30 16.29 17.22
CBB CLA DD . -58.08 15.87 17.49
NC CLA DD . -61.27 21.15 16.19
C1C CLA DD . -60.69 20.47 17.20
C2C CLA DD . -60.71 21.25 18.41
C3C CLA DD . -61.36 22.41 18.08
C4C CLA DD . -61.71 22.37 16.68
CMC CLA DD . -60.16 20.83 19.69
CAC CLA DD . -61.57 23.51 18.99
CBC CLA DD . -60.56 24.60 18.75
ND CLA DD . -62.22 22.24 13.81
C1D CLA DD . -62.57 23.34 14.60
C2D CLA DD . -63.21 24.36 13.75
C3D CLA DD . -63.13 23.87 12.46
C4D CLA DD . -62.48 22.56 12.56
CMD CLA DD . -63.75 25.60 14.23
CAD CLA DD . -63.42 24.09 11.08
OBD CLA DD . -63.99 25.03 10.55
CBD CLA DD . -62.88 22.89 10.28
CGD CLA DD . -63.96 22.23 9.49
O1D CLA DD . -63.84 21.57 8.47
O2D CLA DD . -65.21 22.40 10.00
CED CLA DD . -66.21 21.45 9.63
C1 CLA DD . -56.32 22.91 10.33
C2 CLA DD . -55.07 22.49 11.00
C3 CLA DD . -54.45 23.20 11.97
C4 CLA DD . -54.94 24.49 12.49
C5 CLA DD . -53.19 22.65 12.56
C6 CLA DD . -53.27 22.50 14.05
C7 CLA DD . -52.15 23.30 14.67
C8 CLA DD . -51.70 22.68 15.97
C9 CLA DD . -51.48 23.76 17.00
C10 CLA DD . -50.43 21.87 15.74
C11 CLA DD . -49.86 21.33 17.02
C12 CLA DD . -48.38 21.61 17.17
C13 CLA DD . -48.04 21.98 18.60
C14 CLA DD . -47.57 23.42 18.64
C15 CLA DD . -46.99 21.03 19.17
C16 CLA DD . -46.37 21.51 20.46
C17 CLA DD . -46.84 20.75 21.67
C18 CLA DD . -45.73 19.90 22.28
C19 CLA DD . -46.22 19.20 23.53
C20 CLA DD . -44.50 20.71 22.61
MG CLA ED . -44.07 2.07 31.62
CHA CLA ED . -43.70 1.88 35.02
CHB CLA ED . -40.88 3.20 31.35
CHC CLA ED . -44.32 1.85 28.24
CHD CLA ED . -47.36 0.81 31.92
NA CLA ED . -42.58 2.55 32.99
C1A CLA ED . -42.61 2.38 34.36
C2A CLA ED . -41.29 2.82 34.98
C3A CLA ED . -40.55 3.47 33.80
C4A CLA ED . -41.38 3.06 32.61
CMA CLA ED . -40.49 4.96 33.92
CAA CLA ED . -40.49 1.64 35.51
CBA CLA ED . -40.43 0.45 34.59
CGA CLA ED . -41.46 -0.60 34.82
O1A CLA ED . -41.59 -1.36 35.77
O2A CLA ED . -42.33 -0.70 33.78
NB CLA ED . -42.90 2.59 30.08
C1B CLA ED . -41.57 2.83 30.20
C2B CLA ED . -40.89 2.64 28.90
C3B CLA ED . -41.85 2.26 28.02
C4B CLA ED . -43.14 2.22 28.75
CMB CLA ED . -39.46 2.81 28.72
CAB CLA ED . -41.68 1.90 26.64
CBB CLA ED . -42.24 2.50 25.60
NC CLA ED . -45.60 1.50 30.33
C1C CLA ED . -45.48 1.52 28.99
C2C CLA ED . -46.69 1.11 28.36
C3C CLA ED . -47.57 0.75 29.38
C4C CLA ED . -46.86 1.01 30.63
CMC CLA ED . -46.83 1.07 26.91
CAC CLA ED . -48.95 0.30 29.23
CBC CLA ED . -49.05 -1.16 28.88
ND CLA ED . -45.30 1.48 33.08
C1D CLA ED . -46.65 1.04 33.08
C2D CLA ED . -47.05 0.81 34.47
C3D CLA ED . -45.94 1.03 35.24
C4D CLA ED . -44.89 1.48 34.34
CMD CLA ED . -48.36 0.35 34.85
CAD CLA ED . -45.38 1.04 36.57
OBD CLA ED . -45.84 0.63 37.62
CBD CLA ED . -43.96 1.64 36.48
CGD CLA ED . -43.73 2.87 37.30
O1D CLA ED . -42.68 3.24 37.78
O2D CLA ED . -44.82 3.64 37.49
CED CLA ED . -44.70 4.66 38.48
C1 CLA ED . -42.33 -1.99 33.15
C2 CLA ED . -42.41 -1.78 31.70
C3 CLA ED . -43.56 -1.69 31.03
C4 CLA ED . -44.86 -1.79 31.69
C5 CLA ED . -43.56 -1.50 29.57
C6 CLA ED . -42.57 -2.37 28.85
C7 CLA ED . -42.27 -1.75 27.52
C8 CLA ED . -41.37 -2.62 26.66
C9 CLA ED . -40.00 -2.70 27.31
C10 CLA ED . -41.24 -2.06 25.25
C11 CLA ED . -42.59 -1.82 24.62
C12 CLA ED . -43.28 -3.12 24.25
C13 CLA ED . -44.82 -3.09 24.28
C14 CLA ED . -45.42 -1.91 25.03
C15 CLA ED . -45.35 -4.37 24.89
C16 CLA ED . -46.19 -5.14 23.89
C17 CLA ED . -46.37 -6.58 24.32
C18 CLA ED . -47.18 -7.37 23.32
C19 CLA ED . -46.54 -7.34 21.94
C20 CLA ED . -47.29 -8.80 23.80
MG CLA FD . -57.74 -5.16 38.23
CHA CLA FD . -55.39 -6.65 40.25
CHB CLA FD . -56.10 -2.23 38.51
CHC CLA FD . -59.82 -3.84 35.85
CHD CLA FD . -59.30 -8.28 37.81
NA CLA FD . -56.05 -4.55 39.28
C1A CLA FD . -55.17 -5.31 40.04
C2A CLA FD . -54.03 -4.44 40.56
C3A CLA FD . -54.57 -3.03 40.35
C4A CLA FD . -55.62 -3.27 39.28
CMA CLA FD . -55.15 -2.51 41.63
CAA CLA FD . -52.87 -4.39 39.59
CBA CLA FD . -52.40 -5.67 38.93
CGA CLA FD . -52.06 -5.47 37.48
O1A CLA FD . -52.31 -4.53 36.75
O2A CLA FD . -51.37 -6.53 36.96
NB CLA FD . -58.00 -3.35 37.44
C1B CLA FD . -57.11 -2.36 37.55
C2B CLA FD . -57.38 -1.33 36.55
C3B CLA FD . -58.42 -1.76 35.78
C4B CLA FD . -58.83 -3.06 36.34
CMB CLA FD . -56.58 -0.16 36.47
CAB CLA FD . -59.04 -1.18 34.62
CBB CLA FD . -59.52 0.05 34.52
NC CLA FD . -59.33 -5.90 37.12
C1C CLA FD . -60.05 -5.18 36.23
C2C CLA FD . -61.07 -6.00 35.62
C3C CLA FD . -60.90 -7.28 36.13
C4C CLA FD . -59.81 -7.21 37.07
CMC CLA FD . -62.02 -5.51 34.63
CAC CLA FD . -61.70 -8.47 35.82
CBC CLA FD . -61.03 -9.40 34.84
ND CLA FD . -57.51 -7.04 38.88
C1D CLA FD . -58.23 -8.21 38.65
C2D CLA FD . -57.62 -9.30 39.41
C3D CLA FD . -56.52 -8.76 40.04
C4D CLA FD . -56.49 -7.35 39.68
CMD CLA FD . -58.12 -10.66 39.40
CAD CLA FD . -55.40 -9.00 40.89
OBD CLA FD . -55.02 -10.05 41.41
CBD CLA FD . -54.66 -7.66 41.09
CGD CLA FD . -54.81 -7.34 42.53
O1D CLA FD . -53.99 -6.86 43.30
O2D CLA FD . -56.03 -7.66 43.02
CED CLA FD . -56.61 -6.78 43.98
C1 CLA FD . -51.34 -6.64 35.52
C2 CLA FD . -51.19 -8.10 35.23
C3 CLA FD . -51.54 -8.69 34.08
C4 CLA FD . -52.11 -7.93 32.95
C5 CLA FD . -51.37 -10.15 33.88
C6 CLA FD . -51.53 -10.94 35.17
C7 CLA FD . -51.41 -12.43 34.93
C8 CLA FD . -51.99 -13.24 36.07
C9 CLA FD . -51.44 -12.77 37.40
C10 CLA FD . -51.70 -14.73 35.89
C11 CLA FD . -52.42 -15.59 36.91
C12 CLA FD . -53.73 -16.15 36.41
C13 CLA FD . -54.93 -15.39 36.98
C14 CLA FD . -55.79 -16.29 37.85
C15 CLA FD . -55.78 -14.72 35.89
C16 CLA FD . -56.13 -15.68 34.76
C17 CLA FD . -56.02 -15.02 33.40
C18 CLA FD . -54.80 -15.44 32.59
C19 CLA FD . -53.64 -14.48 32.80
C20 CLA FD . -54.36 -16.87 32.81
MG CLA GD . -55.64 3.12 37.23
CHA CLA GD . -58.45 4.79 36.20
CHB CLA GD . -54.90 2.35 34.05
CHC CLA GD . -53.01 1.25 38.33
CHD CLA GD . -56.37 3.98 40.56
NA CLA GD . -56.55 3.54 35.41
C1A CLA GD . -57.73 4.25 35.17
C2A CLA GD . -58.02 4.28 33.67
C3A CLA GD . -56.82 3.55 33.05
C4A CLA GD . -56.03 3.11 34.25
CMA CLA GD . -57.20 2.32 32.26
CAA CLA GD . -58.04 5.66 33.03
CBA CLA GD . -58.53 5.67 31.60
CGA CLA GD . -59.99 5.40 31.51
O1A CLA GD . -60.92 6.19 31.40
O2A CLA GD . -60.29 4.07 31.58
NB CLA GD . -54.15 2.12 36.36
C1B CLA GD . -54.08 1.84 35.05
C2B CLA GD . -53.03 0.84 34.80
C3B CLA GD . -52.49 0.53 36.02
C4B CLA GD . -53.23 1.31 37.01
CMB CLA GD . -52.74 0.35 33.46
CAB CLA GD . -51.50 -0.40 36.47
CBB CLA GD . -51.20 -1.59 35.96
NC CLA GD . -54.84 2.73 39.09
C1C CLA GD . -53.76 1.93 39.31
C2C CLA GD . -53.47 1.82 40.70
C3C CLA GD . -54.40 2.61 41.35
C4C CLA GD . -55.26 3.17 40.33
CMC CLA GD . -52.37 1.03 41.22
CAC CLA GD . -54.52 2.80 42.79
CBC CLA GD . -55.38 1.69 43.31
ND CLA GD . -57.09 4.06 38.23
C1D CLA GD . -57.22 4.41 39.58
C2D CLA GD . -58.44 5.20 39.74
C3D CLA GD . -58.98 5.32 38.49
C4D CLA GD . -58.07 4.64 37.57
CMD CLA GD . -58.94 5.68 41.02
CAD CLA GD . -60.06 5.83 37.70
OBD CLA GD . -61.12 6.31 38.04
CBD CLA GD . -59.70 5.63 36.23
CGD CLA GD . -60.84 4.98 35.54
O1D CLA GD . -61.34 5.21 34.45
O2D CLA GD . -61.36 3.98 36.27
CED CLA GD . -61.55 2.81 35.51
C1 CLA GD . -60.72 3.39 30.40
C2 CLA GD . -60.99 2.00 30.82
C3 CLA GD . -61.19 0.95 30.01
C4 CLA GD . -61.15 1.07 28.54
C5 CLA GD . -61.47 -0.40 30.58
C6 CLA GD . -60.70 -1.50 29.90
C7 CLA GD . -60.64 -2.72 30.78
C8 CLA GD . -60.66 -3.99 29.95
C9 CLA GD . -61.98 -4.10 29.24
C10 CLA GD . -60.46 -5.22 30.82
C11 CLA GD . -59.01 -5.63 30.86
C12 CLA GD . -58.51 -5.67 32.29
C13 CLA GD . -57.76 -6.95 32.59
C14 CLA GD . -58.58 -8.16 32.20
C15 CLA GD . -57.45 -7.04 34.08
C16 CLA GD . -56.01 -7.42 34.33
C17 CLA GD . -55.90 -8.89 34.65
C18 CLA GD . -55.70 -9.15 36.14
C19 CLA GD . -55.48 -10.62 36.39
C20 CLA GD . -54.53 -8.36 36.68
MG CLA HD . -48.30 16.80 33.23
CHA CLA HD . -46.48 18.88 35.24
CHB CLA HD . -50.90 17.01 35.38
CHC CLA HD . -50.18 14.99 31.04
CHD CLA HD . -45.64 16.73 30.95
NA CLA HD . -48.60 17.76 35.03
C1A CLA HD . -47.73 18.62 35.69
C2A CLA HD . -48.37 19.16 36.95
C3A CLA HD . -49.67 18.37 37.05
C4A CLA HD . -49.77 17.67 35.73
CMA CLA HD . -49.56 17.34 38.12
CAA CLA HD . -48.71 20.64 36.77
CBA CLA HD . -49.20 21.00 35.37
CGA CLA HD . -49.24 22.46 35.08
O1A CLA HD . -49.28 23.40 35.88
O2A CLA HD . -49.25 22.73 33.75
NB CLA HD . -50.18 16.12 33.20
C1B CLA HD . -51.07 16.30 34.18
C2B CLA HD . -52.28 15.54 33.87
C3B CLA HD . -52.10 14.95 32.65
C4B CLA HD . -50.75 15.34 32.21
CMB CLA HD . -53.39 15.54 34.79
CAB CLA HD . -52.94 14.14 31.85
CBB CLA HD . -54.25 14.18 31.68
NC CLA HD . -47.96 15.98 31.36
C1C CLA HD . -48.88 15.30 30.65
C2C CLA HD . -48.32 14.92 29.38
C3C CLA HD . -47.02 15.38 29.37
C4C CLA HD . -46.80 16.05 30.61
CMC CLA HD . -49.04 14.19 28.36
CAC CLA HD . -46.04 15.25 28.29
CBC CLA HD . -46.06 16.44 27.36
ND CLA HD . -46.45 17.53 33.10
C1D CLA HD . -45.46 17.44 32.10
C2D CLA HD . -44.29 18.20 32.51
C3D CLA HD . -44.60 18.74 33.73
C4D CLA HD . -45.98 18.32 34.04
CMD CLA HD . -43.11 18.30 31.68
CAD CLA HD . -44.20 19.60 34.82
OBD CLA HD . -43.16 20.19 35.00
CBD CLA HD . -45.35 19.64 35.84
CGD CLA HD . -44.83 18.82 36.96
O1D CLA HD . -43.92 18.02 36.90
O2D CLA HD . -45.47 18.99 38.13
CED CLA HD . -45.23 18.01 39.14
C1 CLA HD . -49.86 23.98 33.38
C2 CLA HD . -49.95 24.08 31.90
C3 CLA HD . -49.21 24.89 31.14
C4 CLA HD . -48.17 25.79 31.69
C5 CLA HD . -49.38 24.91 29.67
C6 CLA HD . -48.25 24.19 29.00
C7 CLA HD . -48.06 24.71 27.60
C8 CLA HD . -48.80 23.86 26.60
C9 CLA HD . -47.87 22.84 25.96
C10 CLA HD . -49.39 24.77 25.54
C11 CLA HD . -50.47 24.08 24.74
C12 CLA HD . -50.09 24.07 23.28
C13 CLA HD . -51.29 24.14 22.36
C14 CLA HD . -51.98 25.48 22.42
C15 CLA HD . -52.27 23.02 22.67
C16 CLA HD . -51.66 21.70 22.26
C17 CLA HD . -51.98 21.40 20.82
C18 CLA HD . -51.95 19.90 20.59
C19 CLA HD . -53.01 19.25 21.44
C20 CLA HD . -52.25 19.56 19.14
MG CLA ID . -56.13 14.85 36.61
CHA CLA ID . -57.31 11.97 35.20
CHB CLA ID . -57.70 16.69 34.25
CHC CLA ID . -54.83 17.67 38.01
CHD CLA ID . -54.42 12.91 38.99
NA CLA ID . -57.33 14.38 34.99
C1A CLA ID . -57.71 13.11 34.58
C2A CLA ID . -58.58 13.22 33.34
C3A CLA ID . -58.58 14.71 33.02
C4A CLA ID . -57.83 15.33 34.16
CMA CLA ID . -57.83 14.90 31.76
CAA CLA ID . -60.02 12.86 33.62
CBA CLA ID . -60.85 12.86 32.36
CGA CLA ID . -60.47 11.65 31.57
O1A CLA ID . -59.59 10.82 31.80
O2A CLA ID . -61.22 11.48 30.46
NB CLA ID . -56.26 16.80 36.22
C1B CLA ID . -56.99 17.36 35.25
C2B CLA ID . -56.94 18.83 35.38
C3B CLA ID . -56.14 19.11 36.44
C4B CLA ID . -55.67 17.82 36.97
CMB CLA ID . -57.65 19.67 34.44
CAB CLA ID . -55.65 20.31 37.03
CBB CLA ID . -56.14 21.55 36.97
NC CLA ID . -54.86 15.22 38.20
C1C CLA ID . -54.43 16.45 38.58
C2C CLA ID . -53.53 16.32 39.68
C3C CLA ID . -53.44 14.98 39.98
C4C CLA ID . -54.28 14.29 39.04
CMC CLA ID . -52.87 17.43 40.35
CAC CLA ID . -52.62 14.35 41.03
CBC CLA ID . -51.35 13.77 40.49
ND CLA ID . -55.86 12.91 37.03
C1D CLA ID . -55.17 12.25 38.07
C2D CLA ID . -55.32 10.81 37.91
C3D CLA ID . -56.07 10.65 36.80
C4D CLA ID . -56.41 11.99 36.30
CMD CLA ID . -54.73 9.81 38.79
CAD CLA ID . -56.64 9.70 35.92
OBD CLA ID . -56.45 8.51 35.86
CBD CLA ID . -57.54 10.51 34.95
CGD CLA ID . -57.21 10.05 33.58
O1D CLA ID . -57.54 8.98 33.10
O2D CLA ID . -56.50 10.91 32.81
CED CLA ID . -55.07 10.82 32.85
C1 CLA ID . -60.88 10.35 29.63
C2 CLA ID . -61.72 9.21 30.09
C3 CLA ID . -63.01 9.07 29.77
C4 CLA ID . -63.75 10.03 28.93
C5 CLA ID . -63.77 7.89 30.26
C6 CLA ID . -64.48 8.17 31.55
C7 CLA ID . -63.64 7.70 32.73
C8 CLA ID . -63.75 8.55 33.98
C9 CLA ID . -64.15 9.98 33.70
C10 CLA ID . -62.40 8.52 34.64
C11 CLA ID . -62.26 9.46 35.79
C12 CLA ID . -60.90 9.23 36.37
C13 CLA ID . -60.70 10.09 37.57
C14 CLA ID . -60.66 11.53 37.14
C15 CLA ID . -59.41 9.71 38.24
C16 CLA ID . -59.64 9.59 39.71
C17 CLA ID . -59.04 10.80 40.40
C18 CLA ID . -59.48 10.81 41.84
C19 CLA ID . -59.21 12.18 42.42
C20 CLA ID . -58.75 9.74 42.60
MG CLA JD . -57.76 18.58 28.00
CHA CLA JD . -55.95 20.92 29.75
CHB CLA JD . -55.77 16.18 29.23
CHC CLA JD . -59.55 16.28 26.23
CHD CLA JD . -59.67 21.16 26.58
NA CLA JD . -56.16 18.59 29.31
C1A CLA JD . -55.54 19.65 29.94
C2A CLA JD . -54.39 19.17 30.80
C3A CLA JD . -54.30 17.67 30.51
C4A CLA JD . -55.51 17.45 29.64
CMA CLA JD . -53.11 17.30 29.69
CAA CLA JD . -54.76 19.31 32.24
CBA CLA JD . -53.65 18.76 33.09
CGA CLA JD . -52.73 19.87 33.45
O1A CLA JD . -52.90 20.85 34.16
O2A CLA JD . -51.53 19.73 32.83
NB CLA JD . -57.68 16.61 27.77
C1B CLA JD . -56.82 15.81 28.41
C2B CLA JD . -57.12 14.40 28.13
C3B CLA JD . -58.20 14.42 27.28
C4B CLA JD . -58.55 15.83 27.02
CMB CLA JD . -56.29 13.36 28.73
CAB CLA JD . -58.93 13.38 26.65
CBB CLA JD . -58.60 12.10 26.49
NC CLA JD . -59.35 18.71 26.66
C1C CLA JD . -59.92 17.64 26.06
C2C CLA JD . -60.99 18.10 25.20
C3C CLA JD . -61.02 19.48 25.29
C4C CLA JD . -59.97 19.85 26.21
CMC CLA JD . -61.86 17.26 24.39
CAC CLA JD . -61.90 20.39 24.60
CBC CLA JD . -61.28 20.93 23.36
ND CLA JD . -57.89 20.57 28.15
C1D CLA JD . -58.69 21.50 27.47
C2D CLA JD . -58.29 22.83 27.90
C3D CLA JD . -57.28 22.66 28.80
C4D CLA JD . -57.04 21.24 28.88
CMD CLA JD . -58.91 24.06 27.48
CAD CLA JD . -56.37 23.33 29.67
OBD CLA JD . -56.30 24.50 29.96
CBD CLA JD . -55.42 22.24 30.24
CGD CLA JD . -54.05 22.43 29.72
O1D CLA JD . -53.11 23.00 30.27
O2D CLA JD . -53.88 21.92 28.49
CED CLA JD . -52.57 21.98 27.91
C1 CLA JD . -51.24 20.76 31.90
C2 CLA JD . -50.67 20.12 30.70
C3 CLA JD . -49.39 19.76 30.63
C4 CLA JD . -48.45 19.97 31.74
C5 CLA JD . -48.83 19.12 29.43
C6 CLA JD . -49.65 19.40 28.19
C7 CLA JD . -49.06 18.65 27.03
C8 CLA JD . -50.14 18.08 26.13
C9 CLA JD . -49.51 17.47 24.89
C10 CLA JD . -51.11 19.16 25.73
C11 CLA JD . -52.33 18.57 25.08
C12 CLA JD . -53.58 19.03 25.79
C13 CLA JD . -54.86 18.41 25.28
C14 CLA JD . -54.68 17.00 24.73
C15 CLA JD . -55.47 19.24 24.18
C16 CLA JD . -55.61 20.70 24.55
C17 CLA JD . -56.56 21.33 23.56
C18 CLA JD . -56.39 22.82 23.42
C19 CLA JD . -57.57 23.36 22.67
C20 CLA JD . -56.33 23.49 24.77
MG CLA KD . -55.08 26.10 37.32
CHA CLA KD . -54.81 26.96 40.65
CHB CLA KD . -58.13 24.79 37.87
CHC CLA KD . -55.25 25.25 34.01
CHD CLA KD . -51.91 27.57 36.74
NA CLA KD . -56.26 25.92 39.01
C1A CLA KD . -56.00 26.35 40.32
C2A CLA KD . -57.17 25.97 41.22
C3A CLA KD . -58.22 25.40 40.26
C4A CLA KD . -57.49 25.35 38.95
CMA CLA KD . -58.65 24.03 40.63
CAA CLA KD . -57.83 27.07 42.01
CBA CLA KD . -57.91 28.40 41.31
CGA CLA KD . -58.30 29.36 42.38
O1A CLA KD . -58.80 29.12 43.47
O2A CLA KD . -58.02 30.67 42.08
NB CLA KD . -56.40 25.13 36.18
C1B CLA KD . -57.61 24.71 36.58
C2B CLA KD . -58.37 24.15 35.45
C3B CLA KD . -57.57 24.27 34.35
C4B CLA KD . -56.30 24.92 34.79
CMB CLA KD . -59.72 23.63 35.60
CAB CLA KD . -57.82 23.92 33.00
CBB CLA KD . -58.10 22.69 32.59
NC CLA KD . -53.80 26.37 35.68
C1C CLA KD . -54.09 25.95 34.42
C2C CLA KD . -52.99 26.29 33.54
C3C CLA KD . -52.04 26.95 34.32
C4C CLA KD . -52.56 26.99 35.66
CMC CLA KD . -52.97 25.99 32.12
CAC CLA KD . -50.75 27.50 33.89
CBC CLA KD . -50.83 28.97 33.63
ND CLA KD . -53.69 27.10 38.36
C1D CLA KD . -52.43 27.64 38.00
C2D CLA KD . -51.79 28.19 39.20
C3D CLA KD . -52.65 27.89 40.22
C4D CLA KD . -53.82 27.23 39.66
CMD CLA KD . -50.50 28.85 39.26
CAD CLA KD . -52.83 28.00 41.61
OBD CLA KD . -52.00 28.37 42.42
CBD CLA KD . -54.23 27.44 41.94
CGD CLA KD . -54.05 26.32 42.90
O1D CLA KD . -53.22 25.44 42.84
O2D CLA KD . -54.92 26.32 43.94
CED CLA KD . -54.48 25.75 45.17
C1 CLA KD . -59.14 31.55 41.87
C2 CLA KD . -59.40 31.56 40.41
C3 CLA KD . -59.89 32.63 39.76
C4 CLA KD . -60.21 33.91 40.45
C5 CLA KD . -60.13 32.58 38.31
C6 CLA KD . -61.48 33.11 37.93
C7 CLA KD . -61.78 32.68 36.52
C8 CLA KD . -63.19 32.16 36.37
C9 CLA KD . -63.41 30.98 37.28
C10 CLA KD . -63.45 31.78 34.92
C11 CLA KD . -64.83 31.24 34.72
C12 CLA KD . -65.27 31.42 33.29
C13 CLA KD . -66.40 30.48 32.96
C14 CLA KD . -66.82 30.61 31.53
C15 CLA KD . -67.59 30.76 33.85
C16 CLA KD . -68.58 29.62 33.86
C17 CLA KD . -69.57 29.86 34.98
C18 CLA KD . -70.72 28.87 35.01
C19 CLA KD . -71.76 29.36 35.98
C20 CLA KD . -71.35 28.75 33.64
MG CLA LD . -66.89 9.87 40.57
CHA CLA LD . -66.01 11.33 37.59
CHB CLA LD . -69.78 8.82 39.20
CHC CLA LD . -67.75 8.53 43.57
CHD CLA LD . -63.97 11.19 42.01
NA CLA LD . -67.71 10.02 38.66
C1A CLA LD . -67.19 10.65 37.55
C2A CLA LD . -68.11 10.48 36.35
C3A CLA LD . -69.34 9.80 36.96
C4A CLA LD . -68.92 9.48 38.37
CMA CLA LD . -70.46 10.78 37.06
CAA CLA LD . -67.48 9.52 35.38
CBA CLA LD . -68.47 8.66 34.61
CGA CLA LD . -68.39 8.95 33.15
O1A CLA LD . -68.12 10.01 32.59
O2A CLA LD . -68.65 7.86 32.37
NB CLA LD . -68.39 8.71 41.21
C1B CLA LD . -69.54 8.52 40.54
C2B CLA LD . -70.58 7.96 41.43
C3B CLA LD . -70.01 7.87 42.67
C4B CLA LD . -68.62 8.37 42.55
CMB CLA LD . -71.93 7.67 40.98
CAB CLA LD . -70.62 7.48 43.91
CBB CLA LD . -70.25 6.48 44.70
NC CLA LD . -66.01 9.86 42.44
C1C CLA LD . -66.53 9.23 43.52
C2C CLA LD . -65.64 9.41 44.65
C3C CLA LD . -64.57 10.18 44.22
C4C CLA LD . -64.81 10.44 42.82
CMC CLA LD . -65.94 8.87 45.98
CAC CLA LD . -63.40 10.63 44.99
CBC CLA LD . -63.46 12.07 45.43
ND CLA LD . -65.38 11.08 40.03
C1D CLA LD . -64.23 11.51 40.71
C2D CLA LD . -63.40 12.32 39.81
C3D CLA LD . -64.04 12.30 38.61
C4D CLA LD . -65.26 11.50 38.79
CMD CLA LD . -62.17 12.97 40.22
CAD CLA LD . -64.04 12.76 37.25
OBD CLA LD . -63.29 13.54 36.69
CBD CLA LD . -65.24 12.10 36.54
CGD CLA LD . -66.10 13.14 35.93
O1D CLA LD . -66.33 13.32 34.73
O2D CLA LD . -66.69 13.94 36.83
CED CLA LD . -67.88 14.59 36.40
C1 CLA LD . -69.91 7.87 31.64
C2 CLA LD . -70.85 7.05 32.43
C3 CLA LD . -72.00 6.58 31.93
C4 CLA LD . -72.43 6.84 30.53
C5 CLA LD . -72.92 5.76 32.77
C6 CLA LD . -74.21 6.48 33.08
C7 CLA LD . -75.40 5.71 32.55
C8 CLA LD . -76.61 6.62 32.36
C9 CLA LD . -77.31 6.85 33.67
C10 CLA LD . -77.58 6.04 31.34
C11 CLA LD . -77.69 6.93 30.11
C12 CLA LD . -79.12 7.32 29.79
C13 CLA LD . -79.15 8.72 29.18
C14 CLA LD . -78.94 9.76 30.27
C15 CLA LD . -80.44 9.00 28.42
C16 CLA LD . -80.38 10.34 27.72
C17 CLA LD . -81.70 11.07 27.74
C18 CLA LD . -81.55 12.59 27.75
C19 CLA LD . -82.87 13.26 27.51
C20 CLA LD . -80.96 13.09 29.04
MG CLA MD . -70.68 18.27 44.10
CHA CLA MD . -71.51 19.22 47.30
CHB CLA MD . -68.98 15.63 45.30
CHC CLA MD . -70.14 17.20 40.91
CHD CLA MD . -72.59 20.97 42.87
NA CLA MD . -70.30 17.57 46.01
C1A CLA MD . -70.76 18.08 47.23
C2A CLA MD . -70.26 17.22 48.38
C3A CLA MD . -69.43 16.13 47.68
C4A CLA MD . -69.58 16.45 46.22
CMA CLA MD . -68.00 16.14 48.08
CAA CLA MD . -71.41 16.50 49.05
CBA CLA MD . -72.45 15.97 48.07
CGA CLA MD . -73.59 15.32 48.77
O1A CLA MD . -74.40 15.80 49.55
O2A CLA MD . -73.68 13.99 48.46
NB CLA MD . -69.70 16.74 43.27
C1B CLA MD . -69.04 15.77 43.92
C2B CLA MD . -68.41 14.83 42.98
C3B CLA MD . -68.73 15.27 41.72
C4B CLA MD . -69.58 16.49 41.90
CMB CLA MD . -67.64 13.69 43.48
CAB CLA MD . -68.46 14.77 40.40
CBB CLA MD . -67.98 13.59 40.01
NC CLA MD . -71.25 18.98 42.24
C1C CLA MD . -70.94 18.37 41.08
C2C CLA MD . -71.56 19.07 39.98
C3C CLA MD . -72.22 20.15 40.54
C4C CLA MD . -72.04 20.08 41.96
CMC CLA MD . -71.46 18.68 38.58
CAC CLA MD . -73.04 21.13 39.83
CBC CLA MD . -74.48 20.70 39.82
ND CLA MD . -71.76 19.80 44.84
C1D CLA MD . -72.47 20.84 44.22
C2D CLA MD . -73.03 21.72 45.25
C3D CLA MD . -72.68 21.15 46.46
C4D CLA MD . -71.91 19.94 46.15
CMD CLA MD . -73.79 22.92 44.98
CAD CLA MD . -72.76 21.25 47.88
OBD CLA MD . -73.29 22.10 48.57
CBD CLA MD . -72.04 20.01 48.46
CGD CLA MD . -70.93 20.38 49.38
O1D CLA MD . -69.73 20.17 49.27
O2D CLA MD . -71.38 21.03 50.49
CED CLA MD . -70.82 22.31 50.78
C1 CLA MD . -74.98 13.37 48.49
C2 CLA MD . -75.76 13.88 47.33
C3 CLA MD . -76.62 13.14 46.61
C4 CLA MD . -76.87 11.71 46.93
C5 CLA MD . -77.37 13.70 45.46
C6 CLA MD . -77.03 13.05 44.14
C7 CLA MD . -77.96 13.52 43.05
C8 CLA MD . -77.34 13.37 41.66
C9 CLA MD . -78.17 14.06 40.61
C10 CLA MD . -77.15 11.90 41.30
C11 CLA MD . -76.26 11.76 40.08
C12 CLA MD . -76.89 10.98 38.94
C13 CLA MD . -75.87 10.19 38.12
C14 CLA MD . -74.95 9.37 39.01
C15 CLA MD . -75.04 11.09 37.20
C16 CLA MD . -75.14 10.59 35.78
C17 CLA MD . -74.51 11.54 34.77
C18 CLA MD . -73.09 11.12 34.45
C19 CLA MD . -72.22 12.31 34.13
C20 CLA MD . -73.05 10.11 33.33
C1 BCR ND . -46.03 -4.06 36.14
C2 BCR ND . -44.76 -4.19 36.94
C3 BCR ND . -44.23 -5.58 36.79
C4 BCR ND . -43.84 -5.84 35.36
C5 BCR ND . -44.85 -5.33 34.41
C6 BCR ND . -45.87 -4.53 34.74
C7 BCR ND . -46.82 -4.04 33.76
C8 BCR ND . -47.95 -4.68 33.45
C9 BCR ND . -48.93 -4.13 32.54
C10 BCR ND . -49.83 -4.92 31.98
C11 BCR ND . -50.69 -4.50 30.91
C33 BCR ND . -44.63 -5.81 33.03
C31 BCR ND . -46.41 -2.60 36.18
C32 BCR ND . -47.09 -4.85 36.87
C34 BCR ND . -48.92 -2.68 32.30
C12 BCR ND . -51.60 -5.36 30.46
C13 BCR ND . -52.56 -5.06 29.44
C14 BCR ND . -53.60 -5.89 29.28
C15 BCR ND . -54.71 -5.60 28.42
C16 BCR ND . -55.66 -6.52 28.26
C17 BCR ND . -56.83 -6.12 27.52
C18 BCR ND . -57.94 -6.85 27.40
C19 BCR ND . -59.00 -6.34 26.57
C20 BCR ND . -59.95 -7.11 26.05
C21 BCR ND . -60.88 -6.48 25.15
C22 BCR ND . -61.90 -7.06 24.52
C23 BCR ND . -62.66 -6.24 23.60
C24 BCR ND . -63.63 -6.73 22.82
C25 BCR ND . -64.03 -6.27 21.48
C26 BCR ND . -64.80 -5.20 21.30
C27 BCR ND . -65.26 -4.69 20.00
C28 BCR ND . -64.21 -4.99 18.97
C29 BCR ND . -63.94 -6.47 18.96
C30 BCR ND . -63.61 -7.08 20.31
C35 BCR ND . -52.30 -4.00 28.47
C36 BCR ND . -58.03 -8.22 27.91
C37 BCR ND . -62.52 -8.28 25.06
C38 BCR ND . -65.30 -4.34 22.39
C39 BCR ND . -62.16 -7.49 20.37
C40 BCR ND . -64.35 -8.40 20.28
C1A DGD OD . -49.08 -2.63 13.72
C2A DGD OD . -48.44 -2.41 15.03
C3A DGD OD . -47.33 -3.42 15.25
C4A DGD OD . -46.63 -3.14 16.56
C5A DGD OD . -45.22 -3.63 16.45
C6A DGD OD . -44.89 -4.61 17.56
C7A DGD OD . -43.46 -5.03 17.27
C8A DGD OD . -42.69 -5.19 18.55
C9A DGD OD . -42.51 -3.81 19.15
CAA DGD OD . -41.54 -3.04 18.32
CBA DGD OD . -41.92 -1.59 18.44
CCA DGD OD . -41.19 -1.05 19.63
CDA DGD OD . -41.87 0.26 20.01
CEA DGD OD . -42.04 0.29 21.51
CFA DGD OD . -43.47 0.57 21.87
CGA DGD OD . -44.26 -0.67 21.52
O1A DGD OD . -48.61 -3.07 12.69
C1B DGD OD . -52.91 -2.63 15.56
C2B DGD OD . -53.45 -1.71 16.59
C3B DGD OD . -52.50 -0.56 16.83
C4B DGD OD . -51.28 -1.01 17.60
C5B DGD OD . -50.65 0.26 18.11
C6B DGD OD . -49.57 0.66 17.11
C7B DGD OD . -48.69 1.64 17.85
C8B DGD OD . -47.49 1.87 16.98
C9B DGD OD . -46.34 2.05 17.90
CAB DGD OD . -45.71 3.33 17.45
CBB DGD OD . -45.08 3.88 18.69
CCB DGD OD . -44.32 5.11 18.26
CDB DGD OD . -43.68 5.56 19.55
CEB DGD OD . -42.53 4.66 19.84
CFB DGD OD . -42.12 5.08 21.22
CGB DGD OD . -41.29 3.96 21.78
O1B DGD OD . -52.29 -3.64 15.78
O1G DGD OD . -50.39 -2.27 13.80
C1G DGD OD . -51.19 -2.40 12.68
C2G DGD OD . -52.54 -2.86 13.20
O2G DGD OD . -52.90 -2.07 14.31
C3G DGD OD . -53.53 -2.59 12.06
O3G DGD OD . -53.62 -3.88 11.52
C1D DGD OD . -54.03 -3.90 10.22
C2D DGD OD . -53.15 -4.91 9.52
O2D DGD OD . -51.91 -4.31 9.47
C3D DGD OD . -53.73 -4.98 8.08
O3D DGD OD . -53.09 -5.96 7.37
C4D DGD OD . -55.21 -5.43 8.10
O4D DGD OD . -55.31 -6.71 8.61
C5D DGD OD . -55.97 -4.54 9.10
O5D DGD OD . -58.08 -4.85 8.35
C6D DGD OD . -57.27 -5.16 9.45
O6D DGD OD . -55.31 -4.46 10.32
C1E DGD OD . -58.96 -5.83 7.93
C2E DGD OD . -59.34 -5.51 6.47
O2E DGD OD . -58.17 -5.62 5.74
C3E DGD OD . -59.82 -4.07 6.45
O3E DGD OD . -60.19 -3.81 5.14
C4E DGD OD . -61.08 -4.00 7.29
O4E DGD OD . -61.99 -4.89 6.76
C5E DGD OD . -60.80 -4.49 8.70
O6E DGD OD . -60.08 -5.69 8.74
C6E DGD OD . -62.08 -4.91 9.34
O5E DGD OD . -62.89 -3.81 9.19
C1A DGD PD . -56.62 28.09 10.26
C2A DGD PD . -56.54 29.50 10.74
C3A DGD PD . -56.23 29.55 12.22
C4A DGD PD . -54.72 29.54 12.45
C5A DGD PD . -54.33 28.31 13.25
C6A DGD PD . -52.82 28.15 13.30
C7A DGD PD . -52.52 27.66 14.70
C8A DGD PD . -51.26 28.30 15.20
C9A DGD PD . -50.67 27.39 16.28
CAA DGD PD . -49.42 28.02 16.84
CBA DGD PD . -48.30 27.83 15.82
CCA DGD PD . -47.08 28.56 16.35
CDA DGD PD . -46.99 29.90 15.63
CEA DGD PD . -46.50 29.66 14.22
CFA DGD PD . -46.97 30.80 13.32
CGA DGD PD . -48.47 30.66 13.17
O1A DGD PD . -56.06 27.12 10.72
C1B DGD PD . -59.21 24.94 11.29
C2B DGD PD . -59.03 25.15 12.73
C3B DGD PD . -58.94 23.83 13.39
C4B DGD PD . -58.13 23.94 14.66
C5B DGD PD . -58.11 22.54 15.19
C6B DGD PD . -57.21 21.75 14.30
C7B DGD PD . -56.99 20.47 15.03
C8B DGD PD . -56.77 19.48 13.96
C9B DGD PD . -55.82 18.51 14.52
CAB DGD PD . -55.06 18.06 13.33
CBB DGD PD . -53.76 17.70 13.95
CCB DGD PD . -52.92 17.09 12.89
CDB DGD PD . -51.61 17.14 13.57
CEB DGD PD . -50.55 17.34 12.54
CFB DGD PD . -50.60 18.83 12.30
CGB DGD PD . -49.62 19.15 11.21
O1B DGD PD . -59.92 24.10 10.81
O1G DGD PD . -57.71 27.96 9.49
C1G DGD PD . -57.81 26.83 8.69
C2G DGD PD . -58.98 26.00 9.22
O2G DGD PD . -58.91 26.04 10.60
C3G DGD PD . -60.24 26.78 8.84
O3G DGD PD . -60.10 26.95 7.48
C1D DGD PD . -61.10 26.36 6.78
C2D DGD PD . -61.28 27.20 5.53
O2D DGD PD . -62.06 28.26 5.95
C3D DGD PD . -62.11 26.35 4.53
O3D DGD PD . -62.09 26.96 3.30
C4D DGD PD . -61.49 24.93 4.33
O4D DGD PD . -60.23 25.02 3.85
C5D DGD PD . -61.34 24.32 5.74
O5D DGD PD . -61.27 22.18 4.91
C6D DGD PD . -60.61 23.01 5.80
O6D DGD PD . -60.51 25.15 6.45
C1E DGD PD . -62.32 21.45 5.43
C2E DGD PD . -62.06 19.95 5.16
O2E DGD PD . -60.81 19.69 5.66
C3E DGD PD . -62.05 19.69 3.66
O3E DGD PD . -62.10 18.31 3.55
C4E DGD PD . -63.31 20.30 2.99
O4E DGD PD . -64.42 19.73 3.51
C5E DGD PD . -63.40 21.76 3.35
O6E DGD PD . -63.44 21.90 4.74
C6E DGD PD . -64.73 22.35 2.93
O5E DGD PD . -65.58 21.94 3.94
C1 BCR QD . -77.65 27.89 21.26
C2 BCR QD . -78.54 27.71 20.06
C3 BCR QD . -79.19 26.37 20.11
C4 BCR QD . -80.12 26.31 21.30
C5 BCR QD . -79.49 26.87 22.52
C6 BCR QD . -78.36 27.58 22.54
C7 BCR QD . -77.79 28.13 23.78
C8 BCR QD . -76.92 27.44 24.52
C9 BCR QD . -76.46 27.87 25.82
C10 BCR QD . -75.68 27.05 26.53
C11 BCR QD . -74.89 27.46 27.66
C33 BCR QD . -80.24 26.55 23.74
C31 BCR QD . -77.17 29.33 21.24
C32 BCR QD . -76.46 26.98 21.06
C34 BCR QD . -76.58 29.30 26.16
C12 BCR QD . -73.75 26.82 27.90
C13 BCR QD . -72.78 27.25 28.88
C14 BCR QD . -71.67 26.51 29.02
C15 BCR QD . -70.61 26.84 29.92
C16 BCR QD . -69.68 25.93 30.21
C17 BCR QD . -68.60 26.37 31.04
C18 BCR QD . -67.62 25.61 31.53
C19 BCR QD . -66.57 26.29 32.26
C20 BCR QD . -65.49 25.65 32.70
C21 BCR QD . -64.59 26.41 33.54
C22 BCR QD . -63.27 26.22 33.58
C23 BCR QD . -62.45 27.11 34.37
C24 BCR QD . -61.33 26.68 34.92
C25 BCR QD . -60.40 27.45 35.74
C26 BCR QD . -60.48 27.43 37.07
C27 BCR QD . -59.60 28.14 38.01
C28 BCR QD . -58.55 28.97 37.33
C29 BCR QD . -58.16 28.46 35.97
C30 BCR QD . -59.33 28.19 35.05
C35 BCR QD . -73.01 28.43 29.71
C36 BCR QD . -67.37 24.24 31.06
C37 BCR QD . -62.65 25.05 32.92
C38 BCR QD . -61.53 26.69 37.80
C39 BCR QD . -58.86 27.45 33.81
C40 BCR QD . -59.79 29.56 34.58
MG CLA RD . -89.14 16.43 23.72
CHA CLA RD . -88.58 14.78 20.77
CHB CLA RD . -85.97 15.76 24.70
CHC CLA RD . -89.81 17.97 26.69
CHD CLA RD . -92.53 16.83 22.82
NA CLA RD . -87.52 15.50 22.81
C1A CLA RD . -87.48 14.87 21.57
C2A CLA RD . -86.08 14.29 21.31
C3A CLA RD . -85.27 14.70 22.55
C4A CLA RD . -86.30 15.40 23.43
CMA CLA RD . -84.72 13.51 23.27
CAA CLA RD . -85.39 14.87 20.09
CBA CLA RD . -84.40 13.84 19.58
CGA CLA RD . -84.97 12.92 18.55
O1A CLA RD . -85.33 13.19 17.40
O2A CLA RD . -85.08 11.63 18.99
NB CLA RD . -88.08 16.83 25.36
C1B CLA RD . -86.82 16.40 25.60
C2B CLA RD . -86.47 16.72 27.01
C3B CLA RD . -87.55 17.35 27.57
C4B CLA RD . -88.58 17.44 26.52
CMB CLA RD . -85.17 16.38 27.59
CAB CLA RD . -87.75 17.89 28.87
CBB CLA RD . -87.75 19.19 29.14
NC CLA RD . -90.83 17.31 24.54
C1C CLA RD . -90.87 17.92 25.75
C2C CLA RD . -92.18 18.46 26.01
C3C CLA RD . -92.98 18.09 24.94
C4C CLA RD . -92.12 17.37 24.02
CMC CLA RD . -92.52 19.18 27.23
CAC CLA RD . -94.39 18.39 24.71
CBC CLA RD . -95.31 17.44 25.45
ND CLA RD . -90.30 16.09 22.12
C1D CLA RD . -91.70 16.20 21.94
C2D CLA RD . -92.05 15.62 20.64
C3D CLA RD . -90.89 15.11 20.13
C4D CLA RD . -89.83 15.37 21.12
CMD CLA RD . -93.40 15.62 20.08
CAD CLA RD . -90.29 14.42 19.02
OBD CLA RD . -90.75 14.14 17.93
CBD CLA RD . -88.85 14.05 19.47
CGD CLA RD . -88.72 12.58 19.69
O1D CLA RD . -88.61 11.98 20.77
O2D CLA RD . -88.74 11.85 18.55
CED CLA RD . -88.21 10.53 18.58
C1 CLA RD . -84.09 10.66 18.60
C2 CLA RD . -83.23 10.46 19.79
C3 CLA RD . -82.00 11.01 19.91
C4 CLA RD . -81.38 11.86 18.89
C5 CLA RD . -81.16 10.79 21.12
C6 CLA RD . -80.77 12.11 21.74
C7 CLA RD . -80.23 11.92 23.14
C8 CLA RD . -78.76 11.54 23.08
C9 CLA RD . -78.53 10.18 23.68
C10 CLA RD . -77.93 12.63 23.76
C11 CLA RD . -77.84 12.52 25.26
C12 CLA RD . -76.39 12.39 25.70
C13 CLA RD . -76.09 12.78 27.14
C14 CLA RD . -77.30 12.78 28.06
C15 CLA RD . -75.39 14.12 27.18
C16 CLA RD . -74.14 14.07 28.01
C17 CLA RD . -74.45 14.76 29.32
C18 CLA RD . -73.52 14.31 30.41
C19 CLA RD . -72.42 15.31 30.55
C20 CLA RD . -74.30 14.20 31.70
MG CLA SD . -59.55 -16.97 49.94
CHA CLA SD . -58.51 -19.63 51.86
CHB CLA SD . -57.10 -15.06 51.27
CHC CLA SD . -60.49 -14.42 47.87
CHD CLA SD . -62.14 -18.97 48.63
NA CLA SD . -58.08 -17.31 51.37
C1A CLA SD . -57.78 -18.49 52.05
C2A CLA SD . -56.62 -18.27 53.02
C3A CLA SD . -56.31 -16.77 52.88
C4A CLA SD . -57.22 -16.33 51.76
CMA CLA SD . -56.60 -16.04 54.16
CAA CLA SD . -55.37 -19.08 52.72
CBA CLA SD . -54.76 -18.74 51.39
CGA CLA SD . -53.88 -19.87 50.95
O1A CLA SD . -53.01 -20.46 51.59
O2A CLA SD . -54.12 -20.25 49.66
NB CLA SD . -58.93 -15.10 49.65
C1B CLA SD . -57.87 -14.52 50.24
C2B CLA SD . -57.61 -13.18 49.64
C3B CLA SD . -58.56 -13.01 48.68
C4B CLA SD . -59.42 -14.21 48.67
CMB CLA SD . -56.52 -12.32 50.07
CAB CLA SD . -58.82 -11.92 47.80
CBB CLA SD . -59.16 -10.71 48.22
NC CLA SD . -61.06 -16.73 48.54
C1C CLA SD . -61.27 -15.58 47.82
C2C CLA SD . -62.42 -15.75 46.95
C3C CLA SD . -62.88 -17.04 47.14
C4C CLA SD . -62.03 -17.66 48.14
CMC CLA SD . -62.93 -14.70 46.07
CAC CLA SD . -64.04 -17.64 46.49
CBC CLA SD . -63.75 -18.17 45.11
ND CLA SD . -60.25 -18.84 50.17
C1D CLA SD . -61.31 -19.53 49.56
C2D CLA SD . -61.34 -20.90 50.10
C3D CLA SD . -60.30 -20.98 50.99
C4D CLA SD . -59.64 -19.67 50.99
CMD CLA SD . -62.31 -21.92 49.73
CAD CLA SD . -59.59 -21.83 51.92
OBD CLA SD . -59.81 -22.98 52.26
CBD CLA SD . -58.43 -20.99 52.49
CGD CLA SD . -58.54 -20.89 53.98
O1D CLA SD . -59.44 -20.38 54.63
O2D CLA SD . -57.49 -21.43 54.64
CED CLA SD . -57.14 -20.85 55.89
C1 CLA SD . -53.05 -20.85 48.93
C2 CLA SD . -53.67 -21.38 47.69
C3 CLA SD . -53.00 -21.91 46.66
C4 CLA SD . -51.52 -22.02 46.66
C5 CLA SD . -53.73 -22.42 45.47
C6 CLA SD . -54.22 -23.84 45.69
C7 CLA SD . -55.21 -24.23 44.61
C8 CLA SD . -56.08 -25.39 45.05
C9 CLA SD . -55.40 -26.72 44.82
C10 CLA SD . -57.46 -25.28 44.40
C11 CLA SD . -57.78 -26.27 43.31
C12 CLA SD . -58.49 -25.62 42.15
C13 CLA SD . -57.92 -26.20 40.86
C14 CLA SD . -56.56 -25.60 40.57
C15 CLA SD . -58.87 -26.02 39.69
C16 CLA SD . -58.88 -27.24 38.78
C17 CLA SD . -58.04 -27.05 37.52
C18 CLA SD . -58.59 -27.87 36.36
C19 CLA SD . -59.03 -26.97 35.22
C20 CLA SD . -57.55 -28.87 35.89
MG CLA TD . -68.71 -8.38 51.22
CHA CLA TD . -71.16 -10.81 51.04
CHB CLA TD . -66.46 -10.69 52.29
CHC CLA TD . -66.37 -5.92 51.50
CHD CLA TD . -71.03 -6.00 50.02
NA CLA TD . -68.81 -10.43 51.59
C1A CLA TD . -69.93 -11.26 51.46
C2A CLA TD . -69.51 -12.70 51.82
C3A CLA TD . -68.03 -12.59 52.18
C4A CLA TD . -67.72 -11.12 52.02
CMA CLA TD . -67.67 -13.07 53.55
CAA CLA TD . -69.57 -13.60 50.60
CBA CLA TD . -68.76 -13.08 49.41
CGA CLA TD . -67.73 -14.08 48.95
O1A CLA TD . -67.88 -14.99 48.14
O2A CLA TD . -66.50 -13.92 49.52
NB CLA TD . -66.76 -8.34 51.70
C1B CLA TD . -66.06 -9.37 52.20
C2B CLA TD . -64.75 -8.90 52.70
C3B CLA TD . -64.71 -7.55 52.49
C4B CLA TD . -66.00 -7.17 51.87
CMB CLA TD . -63.79 -9.82 53.31
CAB CLA TD . -63.70 -6.58 52.81
CBB CLA TD . -62.41 -6.64 52.46
NC CLA TD . -68.70 -6.35 50.81
C1C CLA TD . -67.63 -5.53 51.01
C2C CLA TD . -67.98 -4.18 50.63
C3C CLA TD . -69.30 -4.20 50.20
C4C CLA TD . -69.75 -5.57 50.33
CMC CLA TD . -67.07 -3.04 50.69
CAC CLA TD . -70.10 -3.08 49.70
CBC CLA TD . -70.96 -2.47 50.78
ND CLA TD . -70.64 -8.32 50.71
C1D CLA TD . -71.47 -7.29 50.20
C2D CLA TD . -72.80 -7.83 49.91
C3D CLA TD . -72.74 -9.14 50.26
C4D CLA TD . -71.38 -9.42 50.72
CMD CLA TD . -73.91 -7.05 49.40
CAD CLA TD . -73.48 -10.37 50.30
OBD CLA TD . -74.64 -10.54 49.96
CBD CLA TD . -72.49 -11.47 50.83
CGD CLA TD . -72.98 -12.07 52.14
O1D CLA TD . -72.31 -12.42 53.11
O2D CLA TD . -74.33 -12.23 52.26
CED CLA TD . -74.91 -11.95 53.52
C1 CLA TD . -65.57 -15.01 49.35
C2 CLA TD . -64.67 -15.09 50.54
C3 CLA TD . -63.63 -14.27 50.72
C4 CLA TD . -63.29 -13.19 49.76
C5 CLA TD . -62.76 -14.39 51.91
C6 CLA TD . -62.10 -15.74 51.93
C7 CLA TD . -60.96 -15.77 52.92
C8 CLA TD . -61.14 -16.82 54.00
C9 CLA TD . -61.61 -18.15 53.48
C10 CLA TD . -62.14 -16.35 55.05
C11 CLA TD . -61.57 -16.37 56.46
C12 CLA TD . -60.30 -15.56 56.58
C13 CLA TD . -60.45 -14.33 57.46
C14 CLA TD . -61.04 -14.68 58.80
C15 CLA TD . -61.27 -13.20 56.81
C16 CLA TD . -60.86 -12.88 55.38
C17 CLA TD . -59.51 -12.18 55.32
C18 CLA TD . -59.07 -11.72 53.92
C19 CLA TD . -57.66 -12.21 53.64
C20 CLA TD . -60.01 -12.06 52.78
MG CLA UD . -28.41 8.71 9.31
CHA CLA UD . -25.67 10.30 8.06
CHB CLA UD . -26.39 6.66 11.12
CHC CLA UD . -31.17 7.44 10.85
CHD CLA UD . -30.45 10.99 7.58
NA CLA UD . -26.37 8.47 9.48
C1A CLA UD . -25.39 9.28 8.92
C2A CLA UD . -24.02 8.81 9.38
C3A CLA UD . -24.29 7.48 10.08
C4A CLA UD . -25.79 7.53 10.27
CMA CLA UD . -23.88 6.32 9.24
CAA CLA UD . -23.47 9.76 10.42
CBA CLA UD . -24.50 10.52 11.24
CGA CLA UD . -23.84 11.20 12.39
O1A CLA UD . -22.63 11.35 12.53
O2A CLA UD . -24.72 11.67 13.32
NB CLA UD . -28.73 7.30 10.69
C1B CLA UD . -27.77 6.62 11.34
C2B CLA UD . -28.39 5.76 12.36
C3B CLA UD . -29.72 5.97 12.29
C4B CLA UD . -29.97 6.94 11.21
CMB CLA UD . -27.59 4.91 13.21
CAB CLA UD . -30.78 5.39 13.03
CBB CLA UD . -31.26 4.19 12.75
NC CLA UD . -30.44 9.09 9.16
C1C CLA UD . -31.39 8.44 9.88
C2C CLA UD . -32.68 8.99 9.56
C3C CLA UD . -32.47 10.00 8.65
C4C CLA UD . -31.06 10.06 8.42
CMC CLA UD . -33.92 8.54 10.16
CAC CLA UD . -33.45 10.87 8.03
CBC CLA UD . -34.11 10.21 6.85
ND CLA UD . -28.20 10.17 7.97
C1D CLA UD . -29.11 11.04 7.35
C2D CLA UD . -28.38 11.99 6.51
C3D CLA UD . -27.05 11.72 6.72
C4D CLA UD . -27.00 10.61 7.68
CMD CLA UD . -28.99 12.99 5.68
CAD CLA UD . -25.71 12.07 6.38
OBD CLA UD . -25.32 12.86 5.54
CBD CLA UD . -24.79 11.22 7.29
CGD CLA UD . -24.00 10.37 6.37
O1D CLA UD . -24.35 9.97 5.28
O2D CLA UD . -22.77 10.04 6.83
CED CLA UD . -22.14 8.93 6.20
C1 CLA UD . -24.24 11.94 14.66
C2 CLA UD . -23.85 10.64 15.26
C3 CLA UD . -23.13 10.52 16.36
C4 CLA UD . -22.68 11.70 17.09
C5 CLA UD . -22.76 9.20 16.92
C6 CLA UD . -22.06 8.31 15.91
C7 CLA UD . -22.99 7.22 15.42
C8 CLA UD . -22.31 6.21 14.52
C9 CLA UD . -21.46 6.88 13.47
C10 CLA UD . -23.35 5.35 13.84
C11 CLA UD . -22.69 4.28 13.01
C12 CLA UD . -23.72 3.32 12.47
C13 CLA UD . -23.20 1.91 12.39
C14 CLA UD . -24.29 0.96 11.98
C15 CLA UD . -22.62 1.48 13.73
C16 CLA UD . -21.99 0.11 13.59
C17 CLA UD . -22.42 -0.78 14.71
C18 CLA UD . -21.86 -2.17 14.47
C19 CLA UD . -21.55 -2.85 15.78
C20 CLA UD . -22.82 -2.98 13.64
MG CLA VD . -32.26 28.98 6.68
CHA CLA VD . -35.06 27.54 8.05
CHB CLA VD . -32.86 31.82 8.44
CHC CLA VD . -29.33 30.26 5.52
CHD CLA VD . -31.58 25.94 5.04
NA CLA VD . -33.76 29.58 7.99
C1A CLA VD . -34.80 28.81 8.48
C2A CLA VD . -35.62 29.62 9.47
C3A CLA VD . -35.04 31.04 9.34
C4A CLA VD . -33.78 30.81 8.55
CMA CLA VD . -35.99 31.88 8.57
CAA CLA VD . -35.39 29.14 10.89
CBA CLA VD . -34.01 28.58 11.16
CGA CLA VD . -33.69 28.69 12.60
O1A CLA VD . -34.46 29.04 13.50
O2A CLA VD . -32.40 28.37 12.91
NB CLA VD . -31.28 30.69 6.94
C1B CLA VD . -31.70 31.74 7.68
C2B CLA VD . -30.75 32.87 7.54
C3B CLA VD . -29.76 32.43 6.72
C4B CLA VD . -30.09 31.05 6.31
CMB CLA VD . -30.93 34.14 8.22
CAB CLA VD . -28.60 33.11 6.25
CBB CLA VD . -28.52 33.65 5.03
NC CLA VD . -30.76 28.24 5.46
C1C CLA VD . -29.65 28.93 5.12
C2C CLA VD . -28.79 28.10 4.30
C3C CLA VD . -29.42 26.86 4.17
C4C CLA VD . -30.65 26.97 4.93
CMC CLA VD . -27.51 28.57 3.77
CAC CLA VD . -28.97 25.65 3.50
CBC CLA VD . -28.92 25.72 2.00
ND CLA VD . -33.15 27.20 6.42
C1D CLA VD . -32.76 26.03 5.73
C2D CLA VD . -33.81 25.01 5.89
C3D CLA VD . -34.73 25.57 6.73
C4D CLA VD . -34.25 26.90 7.09
CMD CLA VD . -33.82 23.72 5.23
CAD CLA VD . -35.98 25.38 7.41
OBD CLA VD . -36.78 24.48 7.28
CBD CLA VD . -36.18 26.58 8.35
CGD CLA VD . -37.45 27.18 7.90
O1D CLA VD . -37.94 27.07 6.78
O2D CLA VD . -38.13 27.91 8.83
CED CLA VD . -39.25 28.65 8.35
C1 CLA VD . -32.07 28.24 14.31
C2 CLA VD . -31.56 29.54 14.79
C3 CLA VD . -32.12 30.26 15.77
C4 CLA VD . -33.33 29.83 16.49
C5 CLA VD . -31.57 31.57 16.20
C6 CLA VD . -32.57 32.68 15.97
C7 CLA VD . -32.73 32.99 14.50
C8 CLA VD . -33.73 34.11 14.24
C9 CLA VD . -34.24 34.06 12.81
C10 CLA VD . -33.13 35.47 14.55
C11 CLA VD . -33.99 36.26 15.51
C12 CLA VD . -33.76 37.75 15.40
C13 CLA VD . -35.08 38.51 15.30
C14 CLA VD . -35.79 38.15 14.02
C15 CLA VD . -34.88 40.03 15.38
C16 CLA VD . -35.70 40.66 16.50
C17 CLA VD . -34.94 40.64 17.82
C18 CLA VD . -34.58 42.05 18.28
C19 CLA VD . -33.23 42.06 18.98
C20 CLA VD . -35.66 42.57 19.22
CHA PHO WD . -24.68 34.10 16.61
CHB PHO WD . -28.45 33.22 13.76
CHC PHO WD . -26.68 28.81 12.58
CHD PHO WD . -22.96 29.51 15.63
NA PHO WD . -26.44 33.42 15.13
C1A PHO WD . -25.85 34.38 15.98
C2A PHO WD . -26.74 35.59 16.10
C3A PHO WD . -27.99 35.18 15.29
C4A PHO WD . -27.59 33.86 14.68
CMA PHO WD . -29.17 35.01 16.21
CAA PHO WD . -26.16 36.87 15.54
CBA PHO WD . -25.52 36.61 14.20
CGA PHO WD . -25.44 37.87 13.41
O1A PHO WD . -24.69 38.12 12.46
O2A PHO WD . -26.33 38.82 13.84
NB PHO WD . -27.21 31.11 13.34
C1B PHO WD . -28.25 32.01 13.16
C2B PHO WD . -29.15 31.42 12.14
C3B PHO WD . -28.65 30.18 11.81
C4B PHO WD . -27.41 29.95 12.58
CMB PHO WD . -30.36 32.11 11.74
CAB PHO WD . -29.13 29.13 10.97
CBB PHO WD . -29.78 29.25 9.81
NC PHO WD . -24.92 29.45 14.13
C1C PHO WD . -25.49 28.56 13.34
C2C PHO WD . -24.73 27.29 13.38
C3C PHO WD . -23.68 27.49 14.25
C4C PHO WD . -23.78 28.87 14.75
CMC PHO WD . -25.11 26.10 12.64
CAC PHO WD . -22.65 26.53 14.67
CBC PHO WD . -21.28 26.78 14.12
ND PHO WD . -24.09 31.74 15.74
C1D PHO WD . -23.07 30.84 16.10
C2D PHO WD . -22.23 31.49 17.05
C3D PHO WD . -22.79 32.76 17.26
C4D PHO WD . -23.96 32.86 16.45
CMD PHO WD . -21.05 30.91 17.65
CAD PHO WD . -22.67 33.98 18.00
OBD PHO WD . -21.84 34.30 18.83
CBD PHO WD . -23.87 34.88 17.61
CGD PHO WD . -24.64 35.14 18.86
O1D PHO WD . -24.60 36.08 19.63
O2D PHO WD . -25.51 34.13 19.10
CED PHO WD . -26.59 34.41 20.00
C1 PHO WD . -26.18 40.17 13.35
C2 PHO WD . -26.96 40.26 12.09
C3 PHO WD . -26.41 40.62 10.93
C4 PHO WD . -24.96 40.96 10.82
C5 PHO WD . -27.19 40.71 9.67
C6 PHO WD . -26.53 39.89 8.58
C7 PHO WD . -27.50 39.50 7.49
C8 PHO WD . -27.32 38.09 6.92
C9 PHO WD . -25.90 37.60 6.97
C10 PHO WD . -27.79 38.07 5.47
C11 PHO WD . -29.20 38.60 5.29
C12 PHO WD . -30.21 37.56 5.70
C13 PHO WD . -31.59 38.15 5.94
C14 PHO WD . -31.50 39.17 7.05
C15 PHO WD . -32.60 37.07 6.28
C16 PHO WD . -32.54 35.88 5.36
C17 PHO WD . -33.74 34.97 5.48
C18 PHO WD . -33.53 33.56 4.97
C19 PHO WD . -34.83 32.90 4.57
C20 PHO WD . -32.56 33.46 3.81
C2 PL9 XD . -25.32 32.51 27.71
C3 PL9 XD . -24.58 31.43 27.31
C4 PL9 XD . -23.56 30.90 28.17
C5 PL9 XD . -23.36 31.51 29.44
C6 PL9 XD . -24.11 32.59 29.84
C1 PL9 XD . -25.12 33.13 28.97
C7 PL9 XD . -24.84 30.85 26.01
C8 PL9 XD . -26.12 31.22 25.37
C9 PL9 XD . -27.08 30.34 25.15
C10 PL9 XD . -26.86 28.89 25.23
C11 PL9 XD . -28.52 30.80 25.26
C12 PL9 XD . -28.64 32.33 25.29
C13 PL9 XD . -28.97 32.76 23.90
C14 PL9 XD . -30.18 33.15 23.52
C15 PL9 XD . -31.35 33.13 24.45
C16 PL9 XD . -30.48 33.67 22.17
C17 PL9 XD . -30.84 35.16 22.12
C18 PL9 XD . -30.77 35.66 20.71
C19 PL9 XD . -31.30 36.79 20.22
C20 PL9 XD . -32.17 37.64 21.04
C21 PL9 XD . -31.00 37.19 18.81
C22 PL9 XD . -30.53 38.65 18.68
C23 PL9 XD . -30.99 39.16 17.34
C24 PL9 XD . -30.34 40.13 16.68
C25 PL9 XD . -29.01 40.63 17.08
C26 PL9 XD . -30.73 40.37 15.26
C27 PL9 XD . -31.49 41.71 15.11
C28 PL9 XD . -30.56 42.75 14.57
C29 PL9 XD . -30.65 43.21 13.32
C30 PL9 XD . -31.44 42.53 12.28
C31 PL9 XD . -30.05 44.49 12.88
C32 PL9 XD . -28.94 44.99 13.79
C33 PL9 XD . -29.18 46.45 13.94
C34 PL9 XD . -29.64 47.01 15.04
C35 PL9 XD . -30.26 46.29 16.15
C36 PL9 XD . -29.24 48.39 15.28
C37 PL9 XD . -30.39 49.30 14.94
C38 PL9 XD . -29.79 50.42 14.17
C39 PL9 XD . -30.33 50.90 13.08
C40 PL9 XD . -30.91 49.99 12.05
C41 PL9 XD . -30.78 52.29 13.17
C42 PL9 XD . -30.24 53.06 11.99
C43 PL9 XD . -31.31 53.97 11.52
C44 PL9 XD . -31.20 55.29 11.56
C45 PL9 XD . -30.10 55.97 12.28
C46 PL9 XD . -32.20 56.20 10.95
C47 PL9 XD . -31.68 56.89 9.69
C48 PL9 XD . -31.59 58.33 10.00
C49 PL9 XD . -30.44 58.94 10.28
C50 PL9 XD . -30.34 59.65 11.56
C51 PL9 XD . -29.39 59.22 9.28
C52 PL9 XD . -22.31 30.93 30.30
C53 PL9 XD . -23.95 33.26 31.11
O1 PL9 XD . -22.92 29.92 27.78
O2 PL9 XD . -25.84 34.09 29.25
MG CLA YD . -27.69 19.66 4.10
CHA CLA YD . -25.93 22.58 3.76
CHB CLA YD . -26.86 19.55 7.36
CHC CLA YD . -29.81 17.03 4.48
CHD CLA YD . -28.75 19.98 0.77
NA CLA YD . -26.51 20.84 5.31
C1A CLA YD . -25.87 22.03 4.99
C2A CLA YD . -25.16 22.59 6.19
C3A CLA YD . -25.20 21.43 7.18
C4A CLA YD . -26.27 20.54 6.60
CMA CLA YD . -23.87 20.76 7.14
CAA CLA YD . -26.08 23.60 6.79
CBA CLA YD . -25.53 24.98 6.59
CGA CLA YD . -25.90 25.71 7.83
O1A CLA YD . -25.65 25.42 8.98
O2A CLA YD . -26.60 26.84 7.56
NB CLA YD . -28.15 18.44 5.61
C1B CLA YD . -27.84 18.67 6.89
C2B CLA YD . -28.64 17.80 7.78
C3B CLA YD . -29.49 17.09 6.97
C4B CLA YD . -29.18 17.48 5.58
CMB CLA YD . -28.47 17.86 9.23
CAB CLA YD . -30.52 16.13 7.23
CBB CLA YD . -30.50 15.17 8.13
NC CLA YD . -28.96 18.64 2.81
C1C CLA YD . -29.69 17.56 3.17
C2C CLA YD . -30.43 17.07 2.05
C3C CLA YD . -30.21 17.95 1.02
C4C CLA YD . -29.27 18.94 1.51
CMC CLA YD . -31.32 15.93 2.06
CAC CLA YD . -30.81 17.88 -0.32
CBC CLA YD . -29.88 17.42 -1.39
ND CLA YD . -27.38 20.90 2.55
C1D CLA YD . -27.88 20.92 1.25
C2D CLA YD . -27.32 22.07 0.54
C3D CLA YD . -26.57 22.73 1.45
C4D CLA YD . -26.65 21.99 2.70
CMD CLA YD . -27.58 22.39 -0.83
CAD CLA YD . -25.73 23.86 1.69
OBD CLA YD . -25.38 24.73 0.92
CBD CLA YD . -25.30 23.81 3.16
CGD CLA YD . -23.82 23.71 3.16
O1D CLA YD . -23.14 22.71 2.97
O2D CLA YD . -23.20 24.90 3.37
CED CLA YD . -21.81 24.85 3.68
C1 CLA YD . -26.74 27.75 8.65
C2 CLA YD . -26.75 29.11 8.06
C3 CLA YD . -25.69 29.92 8.13
C4 CLA YD . -24.44 29.52 8.80
C5 CLA YD . -25.72 31.27 7.52
C6 CLA YD . -25.28 32.32 8.52
C7 CLA YD . -26.42 32.66 9.43
C8 CLA YD . -26.49 34.16 9.67
C9 CLA YD . -25.36 34.57 10.58
C10 CLA YD . -27.82 34.48 10.32
C11 CLA YD . -27.97 35.96 10.59
C12 CLA YD . -29.41 36.26 10.88
C13 CLA YD . -29.50 37.59 11.59
C14 CLA YD . -29.75 37.38 13.07
C15 CLA YD . -30.60 38.45 11.00
C16 CLA YD . -31.95 37.77 11.08
C17 CLA YD . -33.05 38.77 11.29
C18 CLA YD . -33.81 39.08 10.00
C19 CLA YD . -34.90 40.10 10.26
C20 CLA YD . -34.43 37.81 9.44
MG CLA ZD . -23.37 50.77 1.04
CHA CLA ZD . -23.43 49.73 -2.23
CHB CLA ZD . -20.54 48.99 1.58
CHC CLA ZD . -23.25 52.05 4.21
CHD CLA ZD . -26.29 52.63 0.43
NA CLA ZD . -22.20 49.55 -0.15
C1A CLA ZD . -22.36 49.27 -1.51
C2A CLA ZD . -21.25 48.33 -1.98
C3A CLA ZD . -20.44 48.04 -0.72
C4A CLA ZD . -21.08 48.93 0.32
CMA CLA ZD . -20.51 46.60 -0.36
CAA CLA ZD . -20.33 48.96 -3.01
CBA CLA ZD . -20.01 50.39 -2.68
CGA CLA ZD . -18.74 50.76 -3.36
O1A CLA ZD . -18.30 50.38 -4.44
O2A CLA ZD . -17.99 51.65 -2.63
NB CLA ZD . -22.15 50.54 2.60
C1B CLA ZD . -21.04 49.77 2.63
C2B CLA ZD . -20.41 49.87 3.96
C3B CLA ZD . -21.17 50.73 4.70
C4B CLA ZD . -22.29 51.17 3.85
CMB CLA ZD . -19.18 49.17 4.29
CAB CLA ZD . -21.01 51.20 6.04
CBB CLA ZD . -19.97 51.89 6.49
NC CLA ZD . -24.56 52.09 2.12
C1C CLA ZD . -24.31 52.48 3.39
C2C CLA ZD . -25.32 53.43 3.82
C3C CLA ZD . -26.19 53.58 2.76
C4C CLA ZD . -25.70 52.75 1.68
CMC CLA ZD . -25.37 54.04 5.13
CAC CLA ZD . -27.39 54.42 2.70
CBC CLA ZD . -27.15 55.74 2.02
ND CLA ZD . -24.61 51.13 -0.49
C1D CLA ZD . -25.79 51.89 -0.59
C2D CLA ZD . -26.35 51.72 -1.92
C3D CLA ZD . -25.49 50.91 -2.60
C4D CLA ZD . -24.41 50.58 -1.67
CMD CLA ZD . -27.60 52.34 -2.36
CAD CLA ZD . -25.20 50.24 -3.83
OBD CLA ZD . -25.85 50.24 -4.86
CBD CLA ZD . -23.89 49.47 -3.65
CGD CLA ZD . -24.15 48.02 -3.79
O1D CLA ZD . -24.00 47.15 -2.94
O2D CLA ZD . -24.64 47.63 -4.98
CED CLA ZD . -25.24 46.33 -5.03
C1 CLA ZD . -17.47 52.80 -3.31
C2 CLA ZD . -17.06 53.71 -2.21
C3 CLA ZD . -15.89 53.62 -1.57
C4 CLA ZD . -14.86 52.61 -1.92
C5 CLA ZD . -15.58 54.58 -0.48
C6 CLA ZD . -14.12 54.98 -0.41
C7 CLA ZD . -13.96 56.29 0.31
C8 CLA ZD . -12.55 56.81 0.10
C9 CLA ZD . -11.55 55.99 0.89
C10 CLA ZD . -12.46 58.27 0.49
C11 CLA ZD . -13.03 59.13 -0.60
C12 CLA ZD . -12.54 60.54 -0.50
C13 CLA ZD . -12.95 61.33 -1.73
C14 CLA ZD . -12.05 61.00 -2.90
C15 CLA ZD . -12.95 62.83 -1.45
C16 CLA ZD . -14.22 63.23 -0.74
C17 CLA ZD . -14.20 64.70 -0.37
C18 CLA ZD . -15.36 65.07 0.56
C19 CLA ZD . -15.30 66.54 0.92
C20 CLA ZD . -15.34 64.23 1.81
C2 PL9 AE . -22.00 14.40 29.20
C3 PL9 AE . -21.16 13.38 29.43
C4 PL9 AE . -20.45 13.32 30.62
C5 PL9 AE . -20.62 14.32 31.53
C6 PL9 AE . -21.45 15.36 31.30
C1 PL9 AE . -22.15 15.42 30.13
C7 PL9 AE . -20.98 12.32 28.48
C8 PL9 AE . -21.58 12.53 27.18
C9 PL9 AE . -21.38 11.68 26.20
C10 PL9 AE . -21.13 10.27 26.42
C11 PL9 AE . -20.81 12.24 24.98
C12 PL9 AE . -21.87 12.32 23.91
C13 PL9 AE . -21.17 12.74 22.69
C14 PL9 AE . -21.01 11.98 21.62
C15 PL9 AE . -21.26 10.55 21.66
C16 PL9 AE . -21.02 12.52 20.26
C17 PL9 AE . -19.69 12.91 19.72
C18 PL9 AE . -19.85 13.50 18.38
C19 PL9 AE . -19.25 13.07 17.27
C20 PL9 AE . -18.19 12.05 17.32
C21 PL9 AE . -19.37 13.90 16.05
C22 PL9 AE . -18.01 14.40 15.58
C23 PL9 AE . -18.22 15.10 14.31
C24 PL9 AE . -17.24 15.75 13.72
C25 PL9 AE . -15.98 16.09 14.36
C26 PL9 AE . -17.49 16.35 12.42
C27 PL9 AE . -16.49 15.79 11.42
C28 PL9 AE . -16.76 14.35 11.24
C29 PL9 AE . -15.80 13.46 10.98
C30 PL9 AE . -14.38 13.85 10.91
C31 PL9 AE . -16.06 12.17 10.38
C32 PL9 AE . -17.53 11.80 10.34
C33 PL9 AE . -17.60 10.79 9.28
C34 PL9 AE . -18.71 10.22 8.88
C35 PL9 AE . -20.04 10.74 9.16
C36 PL9 AE . -18.60 8.87 8.40
C37 PL9 AE . -19.18 7.95 9.42
C38 PL9 AE . -19.34 6.65 8.72
C39 PL9 AE . -19.36 5.51 9.35
C40 PL9 AE . -19.27 5.41 10.80
C41 PL9 AE . -19.53 4.30 8.55
C42 PL9 AE . -20.91 3.78 8.79
C43 PL9 AE . -21.26 2.92 7.64
C44 PL9 AE . -21.89 1.79 7.80
C45 PL9 AE . -23.04 1.41 6.97
C46 PL9 AE . -21.71 0.97 8.99
C47 PL9 AE . -21.23 -0.40 8.63
C48 PL9 AE . -20.63 -0.93 9.85
C49 PL9 AE . -20.58 -2.23 10.14
C50 PL9 AE . -19.70 -2.62 11.24
C51 PL9 AE . -21.05 -3.28 9.24
C52 PL9 AE . -19.87 14.21 32.74
C53 PL9 AE . -21.68 16.43 32.22
O1 PL9 AE . -19.70 12.37 30.79
O2 PL9 AE . -22.93 16.32 29.87
C1 LMG BE . -49.55 37.09 3.17
O1 LMG BE . -49.32 37.41 4.49
C2 LMG BE . -50.67 36.05 3.13
O2 LMG BE . -50.15 34.93 3.76
C3 LMG BE . -50.80 35.73 1.64
O3 LMG BE . -51.81 34.81 1.55
C4 LMG BE . -51.23 37.01 0.85
O4 LMG BE . -52.46 37.39 1.28
C5 LMG BE . -50.23 38.14 1.22
O5 LMG BE . -50.85 39.26 -0.68
C6 LMG BE . -50.81 39.43 0.70
O6 LMG BE . -50.09 38.26 2.61
C7 LMG BE . -48.24 38.25 4.65
C8 LMG BE . -47.27 37.45 5.50
C9 LMG BE . -46.55 38.38 6.46
O7 LMG BE . -48.04 36.61 6.30
C10 LMG BE . -47.77 35.30 6.29
O9 LMG BE . -47.06 34.85 5.40
C11 LMG BE . -48.65 34.53 7.20
C12 LMG BE . -47.81 33.78 8.19
C13 LMG BE . -46.92 34.70 8.95
C14 LMG BE . -45.89 33.84 9.64
C15 LMG BE . -44.85 34.75 10.24
C16 LMG BE . -44.16 34.00 11.34
C17 LMG BE . -43.26 32.99 10.68
C18 LMG BE . -42.13 32.73 11.64
C19 LMG BE . -41.13 33.86 11.47
C20 LMG BE . -40.81 34.35 12.86
C21 LMG BE . -39.88 35.53 12.72
C22 LMG BE . -39.55 35.91 14.14
C23 LMG BE . -39.48 37.41 14.19
C24 LMG BE . -39.12 37.73 15.62
C25 LMG BE . -39.12 39.23 15.76
O8 LMG BE . -45.42 37.68 6.90
C28 LMG BE . -44.44 38.41 7.49
O10 LMG BE . -44.59 39.62 7.62
C29 LMG BE . -43.48 37.57 8.26
C30 LMG BE . -42.10 38.19 8.28
C31 LMG BE . -41.37 37.66 9.50
C32 LMG BE . -40.14 38.52 9.71
C33 LMG BE . -40.40 39.44 10.90
C34 LMG BE . -39.06 39.91 11.47
C35 LMG BE . -39.32 41.11 12.38
C36 LMG BE . -37.97 41.69 12.72
C37 LMG BE . -38.09 43.20 12.78
C38 LMG BE . -37.88 43.50 14.23
C39 LMG BE . -39.08 44.21 14.79
C40 LMG BE . -38.57 44.71 16.12
C41 LMG BE . -39.72 45.24 16.92
C42 LMG BE . -39.09 46.40 17.68
C43 LMG BE . -40.06 46.89 18.72
CHA HEM CE . -40.24 56.91 23.43
CHB HEM CE . -42.26 59.51 19.95
CHC HEM CE . -43.02 55.64 17.26
CHD HEM CE . -42.23 53.15 21.25
C1A HEM CE . -40.65 57.98 22.69
C2A HEM CE . -40.40 59.38 22.95
C3A HEM CE . -40.97 60.08 21.98
C4A HEM CE . -41.58 59.15 21.07
CMA HEM CE . -40.98 61.60 21.82
CAA HEM CE . -39.63 60.03 24.13
CBA HEM CE . -40.07 59.66 25.54
CGA HEM CE . -41.56 59.69 25.78
O1A HEM CE . -42.31 58.83 25.25
O2A HEM CE . -42.01 60.57 26.55
C1B HEM CE . -42.50 58.70 18.90
C2B HEM CE . -42.70 59.14 17.56
C3B HEM CE . -42.91 58.05 16.79
C4B HEM CE . -42.85 56.92 17.66
CMB HEM CE . -42.65 60.64 17.20
CAB HEM CE . -43.18 57.85 15.29
CBB HEM CE . -43.18 58.78 14.33
C1C HEM CE . -42.87 54.60 18.13
C2C HEM CE . -43.03 53.21 17.83
C3C HEM CE . -42.78 52.53 18.95
C4C HEM CE . -42.50 53.48 19.97
CMC HEM CE . -43.36 52.73 16.40
CAC HEM CE . -42.79 51.02 19.30
CBC HEM CE . -43.45 50.06 18.65
C1D HEM CE . -41.47 53.91 22.08
C2D HEM CE . -40.56 53.39 23.06
C3D HEM CE . -39.99 54.42 23.67
C4D HEM CE . -40.55 55.63 23.10
CMD HEM CE . -40.28 51.90 23.34
CAD HEM CE . -38.94 54.31 24.80
CBD HEM CE . -37.57 54.75 24.29
CGD HEM CE . -36.58 54.82 25.42
O1D HEM CE . -35.97 55.89 25.62
O2D HEM CE . -36.39 53.79 26.11
NA HEM CE . -41.37 57.87 21.52
NB HEM CE . -42.60 57.33 18.95
NC HEM CE . -42.56 54.74 19.46
ND HEM CE . -41.44 55.28 22.12
FE HEM CE . -41.70 56.30 20.40
C1 BCR DE . -32.49 52.10 1.46
C2 BCR DE . -32.23 52.29 -0.01
C3 BCR DE . -31.55 51.07 -0.55
C4 BCR DE . -32.47 49.88 -0.46
C5 BCR DE . -33.22 49.85 0.83
C6 BCR DE . -33.23 50.84 1.72
C7 BCR DE . -34.02 50.75 2.94
C8 BCR DE . -33.55 50.32 4.11
C9 BCR DE . -34.32 50.36 5.33
C10 BCR DE . -35.23 49.42 5.53
C11 BCR DE . -35.80 49.11 6.81
C33 BCR DE . -33.96 48.59 1.03
C31 BCR DE . -33.27 53.31 1.93
C32 BCR DE . -31.15 52.09 2.16
C34 BCR DE . -34.39 51.63 6.06
C12 BCR DE . -36.79 48.21 6.86
C13 BCR DE . -37.18 47.45 8.02
C14 BCR DE . -38.18 46.57 7.87
C15 BCR DE . -38.90 45.98 8.96
C16 BCR DE . -39.95 45.19 8.67
C17 BCR DE . -40.64 44.54 9.75
C18 BCR DE . -41.70 43.74 9.64
C19 BCR DE . -42.03 42.92 10.79
C20 BCR DE . -43.11 42.14 10.81
C21 BCR DE . -43.33 41.31 11.97
C22 BCR DE . -44.15 40.27 12.02
C23 BCR DE . -43.93 39.26 13.04
C24 BCR DE . -44.92 38.57 13.61
C25 BCR DE . -45.00 38.16 15.00
C26 BCR DE . -45.48 38.96 15.96
C27 BCR DE . -45.61 38.63 17.39
C28 BCR DE . -45.68 37.14 17.61
C29 BCR DE . -44.56 36.48 16.84
C30 BCR DE . -44.56 36.76 15.36
C35 BCR DE . -36.24 47.31 9.14
C36 BCR DE . -42.73 43.92 8.61
C37 BCR DE . -45.15 40.02 10.96
C38 BCR DE . -45.94 40.34 15.71
C39 BCR DE . -45.45 35.77 14.62
C40 BCR DE . -43.14 36.44 14.93
C1 BCR EE . -9.01 59.91 -15.26
C2 BCR EE . -9.54 60.36 -16.59
C3 BCR EE . -8.87 59.59 -17.68
C4 BCR EE . -9.18 58.12 -17.56
C5 BCR EE . -9.16 57.65 -16.16
C6 BCR EE . -9.06 58.44 -15.09
C7 BCR EE . -9.07 57.93 -13.72
C8 BCR EE . -7.97 57.60 -13.05
C9 BCR EE . -7.95 57.39 -11.61
C10 BCR EE . -6.88 56.80 -11.05
C11 BCR EE . -6.74 56.61 -9.63
C33 BCR EE . -9.24 56.18 -16.05
C31 BCR EE . -9.83 60.61 -14.19
C32 BCR EE . -7.58 60.41 -15.16
C34 BCR EE . -9.04 57.95 -10.80
C12 BCR EE . -5.68 55.92 -9.19
C13 BCR EE . -5.41 55.64 -7.81
C14 BCR EE . -4.27 55.05 -7.48
C15 BCR EE . -3.86 54.77 -6.13
C16 BCR EE . -2.79 54.01 -5.90
C17 BCR EE . -2.46 53.61 -4.56
C18 BCR EE . -1.44 52.82 -4.22
C19 BCR EE . -1.19 52.56 -2.82
C20 BCR EE . -0.25 51.70 -2.41
C21 BCR EE . -0.21 51.29 -1.04
C22 BCR EE . 0.59 50.32 -0.57
C23 BCR EE . 0.74 50.19 0.87
C24 BCR EE . -0.30 50.07 1.69
C25 BCR EE . -0.31 49.59 3.08
C26 BCR EE . -0.01 50.38 4.10
C27 BCR EE . -0.01 49.98 5.53
C28 BCR EE . -0.89 48.79 5.75
C29 BCR EE . -0.53 47.73 4.74
C30 BCR EE . -0.73 48.17 3.31
C35 BCR EE . -6.35 56.08 -6.77
C36 BCR EE . -0.52 52.27 -5.20
C37 BCR EE . 0.91 49.17 -1.42
C38 BCR EE . 0.39 51.79 3.98
C39 BCR EE . -2.18 48.03 2.91
C40 BCR EE . 0.03 47.15 2.49
C1A DGD FE . -16.91 39.11 -8.89
C2A DGD FE . -17.44 40.30 -8.23
C3A DGD FE . -16.67 40.60 -6.95
C4A DGD FE . -17.36 39.95 -5.77
C5A DGD FE . -16.39 39.85 -4.63
C6A DGD FE . -16.66 40.91 -3.62
C7A DGD FE . -16.23 40.32 -2.31
C8A DGD FE . -17.19 40.72 -1.22
C9A DGD FE . -16.36 40.92 0.04
CAA DGD FE . -16.71 39.83 0.99
CBA DGD FE . -15.55 39.66 1.94
CCA DGD FE . -15.91 38.55 2.88
CDA DGD FE . -14.68 38.26 3.74
CEA DGD FE . -13.89 37.19 3.06
CFA DGD FE . -13.18 36.35 4.10
CGA DGD FE . -12.37 35.34 3.34
O1A DGD FE . -16.09 38.32 -8.44
C1B DGD FE . -14.03 40.05 -10.30
C2B DGD FE . -12.89 39.78 -9.37
C3B DGD FE . -12.39 38.38 -9.50
C4B DGD FE . -10.90 38.34 -9.34
C5B DGD FE . -10.72 38.30 -7.86
C6B DGD FE . -10.77 36.87 -7.50
C7B DGD FE . -11.23 36.82 -6.06
C8B DGD FE . -12.73 36.87 -6.09
C9B DGD FE . -13.25 35.66 -6.80
CAB DGD FE . -13.04 34.52 -5.86
CBB DGD FE . -13.76 33.41 -6.53
CCB DGD FE . -12.85 32.84 -7.56
CDB DGD FE . -13.70 31.74 -8.07
CEB DGD FE . -13.36 30.55 -7.30
CFB DGD FE . -14.67 29.87 -7.10
CGB DGD FE . -14.57 29.12 -5.81
O1B DGD FE . -14.74 41.03 -10.25
O1G DGD FE . -17.03 39.27 -10.23
C1G DGD FE . -16.45 38.31 -11.08
C2G DGD FE . -15.42 39.02 -11.97
O2G DGD FE . -14.19 39.09 -11.26
C3G DGD FE . -15.18 38.09 -13.16
O3G DGD FE . -16.17 38.48 -14.08
C1D DGD FE . -16.64 37.41 -14.82
C2D DGD FE . -17.89 37.84 -15.59
O2D DGD FE . -18.86 38.13 -14.66
C3D DGD FE . -18.29 36.53 -16.31
O3D DGD FE . -19.44 36.78 -17.03
C4D DGD FE . -17.20 36.17 -17.35
O4D DGD FE . -17.05 37.21 -18.23
C5D DGD FE . -15.85 36.05 -16.59
O5D DGD FE . -14.97 36.52 -18.73
C6D DGD FE . -14.60 35.95 -17.50
O6D DGD FE . -15.61 37.19 -15.77
C1E DGD FE . -13.93 36.68 -19.65
C2E DGD FE . -14.21 37.90 -20.60
O2E DGD FE . -14.48 38.99 -19.81
C3E DGD FE . -15.47 37.59 -21.47
O3E DGD FE . -15.54 38.61 -22.40
C4E DGD FE . -15.25 36.25 -22.22
O4E DGD FE . -14.11 36.34 -23.00
C5E DGD FE . -14.99 35.17 -21.19
O6E DGD FE . -13.88 35.48 -20.36
C6E DGD FE . -14.55 33.89 -21.88
O5E DGD FE . -13.16 33.91 -21.84
C1A DGD GE . -50.18 30.22 5.73
C2A DGD GE . -48.79 29.74 5.92
C3A DGD GE . -48.51 29.46 7.38
C4A DGD GE . -47.06 29.04 7.53
C5A DGD GE . -46.73 28.86 8.98
C6A DGD GE . -45.62 27.84 9.16
C7A DGD GE . -44.81 28.31 10.34
C8A DGD GE . -43.45 27.68 10.31
C9A DGD GE . -43.17 27.19 11.70
CAA DGD GE . -41.68 27.00 11.84
CBA DGD GE . -41.23 27.76 13.07
CCA DGD GE . -39.71 27.77 13.09
CDA DGD GE . -39.21 28.63 11.93
CEA DGD GE . -39.64 30.07 12.14
CFA DGD GE . -38.71 30.74 13.12
CGA DGD GE . -38.14 31.96 12.44
O1A DGD GE . -50.55 31.32 5.39
C1B DGD GE . -53.49 26.95 6.46
C2B DGD GE . -53.78 27.18 7.89
C3B DGD GE . -53.84 25.87 8.61
C4B DGD GE . -52.49 25.21 8.66
C5B DGD GE . -51.75 25.96 9.73
C6B DGD GE . -50.76 24.97 10.28
C7B DGD GE . -49.85 25.81 11.13
C8B DGD GE . -49.07 24.83 11.93
C9B DGD GE . -47.97 25.61 12.56
CAB DGD GE . -47.45 24.67 13.57
CBB DGD GE . -46.17 25.28 13.99
CCB DGD GE . -45.45 24.23 14.77
CDB DGD GE . -44.47 25.06 15.52
CEB DGD GE . -43.90 24.23 16.61
CFB DGD GE . -43.20 25.24 17.50
CGB DGD GE . -43.41 24.78 18.93
O1B DGD GE . -53.93 26.02 5.83
O1G DGD GE . -50.95 29.15 5.45
C1G DGD GE . -51.81 29.23 4.37
C2G DGD GE . -52.80 28.09 4.52
O2G DGD GE . -53.22 28.11 5.83
C3G DGD GE . -54.00 28.48 3.67
O3G DGD GE . -53.52 28.26 2.38
C1D DGD GE . -54.44 28.63 1.42
C2D DGD GE . -53.59 29.21 0.30
O2D DGD GE . -53.52 30.55 0.63
C3D DGD GE . -54.38 29.14 -1.02
O3D DGD GE . -53.45 29.25 -2.03
C4D DGD GE . -55.04 27.77 -1.27
O4D DGD GE . -54.08 26.77 -1.33
C5D DGD GE . -55.85 27.47 -0.03
O5D DGD GE . -57.46 26.22 -1.07
C6D DGD GE . -56.48 26.09 -0.09
O6D DGD GE . -54.96 27.38 1.04
C1E DGD GE . -58.48 25.32 -1.00
C2E DGD GE . -58.66 24.71 -2.41
O2E DGD GE . -57.43 24.18 -2.73
C3E DGD GE . -59.00 25.83 -3.41
O3E DGD GE . -59.36 25.16 -4.56
C4E DGD GE . -60.21 26.64 -2.92
O4E DGD GE . -61.30 25.80 -2.85
C5E DGD GE . -59.94 27.13 -1.49
O6E DGD GE . -59.61 26.07 -0.65
C6E DGD GE . -61.20 27.65 -0.84
O5E DGD GE . -60.81 28.00 0.45
O1 LHG HE . -7.91 14.18 26.64
C1 LHG HE . -8.97 14.82 27.33
C2 LHG HE . -8.69 14.69 28.80
O2 LHG HE . -7.77 13.67 29.05
C3 LHG HE . -9.91 14.37 29.63
O3 LHG HE . -10.52 13.37 28.85
P LHG HE . -11.70 12.48 29.48
O4 LHG HE . -11.08 11.24 29.98
O5 LHG HE . -12.59 13.48 30.09
O6 LHG HE . -12.35 11.97 28.05
C4 LHG HE . -12.84 10.68 27.98
C5 LHG HE . -13.24 10.49 26.54
C6 LHG HE . -12.61 9.24 25.98
O7 LHG HE . -14.57 10.24 26.57
C7 LHG HE . -15.26 11.02 25.76
O9 LHG HE . -15.06 12.20 25.68
C8 LHG HE . -16.09 10.23 24.85
C9 LHG HE . -17.39 10.92 24.64
C10 LHG HE . -17.76 10.99 23.18
O8 LHG HE . -12.91 9.30 24.60
C23 LHG HE . -12.69 8.20 23.86
O10 LHG HE . -12.17 7.24 24.36
C24 LHG HE . -13.42 8.03 22.56
C11 LHG HE . -17.85 9.55 22.73
C12 LHG HE . -17.55 9.48 21.27
C13 LHG HE . -18.29 8.31 20.70
C14 LHG HE . -18.56 8.48 19.25
C15 LHG HE . -19.41 7.32 18.87
C16 LHG HE . -18.54 6.30 18.23
C17 LHG HE . -18.21 6.72 16.82
C18 LHG HE . -17.64 5.47 16.23
C19 LHG HE . -18.67 4.46 15.79
C20 LHG HE . -18.01 3.86 14.57
C21 LHG HE . -18.71 2.61 14.17
C22 LHG HE . -18.34 2.30 12.75
C25 LHG HE . -13.44 6.63 22.04
C26 LHG HE . -14.60 6.26 21.12
C27 LHG HE . -15.25 5.09 21.79
C28 LHG HE . -16.71 5.27 22.11
C29 LHG HE . -17.23 3.92 22.50
C30 LHG HE . -18.61 3.58 22.01
C31 LHG HE . -19.53 2.94 23.02
C32 LHG HE . -20.23 1.68 22.56
C33 LHG HE . -20.47 0.84 23.80
C34 LHG HE . -21.89 0.32 23.98
C35 LHG HE . -22.35 0.47 25.41
C36 LHG HE . -22.99 -0.82 25.84
C37 LHG HE . -24.37 -0.83 25.28
C38 LHG HE . -24.88 -2.20 24.89
O1 LHG IE . -3.27 16.04 23.29
C1 LHG IE . -2.77 15.32 24.39
C2 LHG IE . -2.66 16.26 25.54
O2 LHG IE . -2.12 15.57 26.65
C3 LHG IE . -3.97 16.80 26.04
O3 LHG IE . -4.65 17.07 24.84
P LHG IE . -6.06 17.81 24.91
O4 LHG IE . -6.87 17.15 25.95
O5 LHG IE . -5.74 19.23 24.65
O6 LHG IE . -6.69 17.15 23.52
C4 LHG IE . -6.63 17.88 22.33
C5 LHG IE . -6.90 16.89 21.20
C6 LHG IE . -7.03 15.46 21.64
O7 LHG IE . -8.13 17.27 20.67
C7 LHG IE . -8.05 18.00 19.55
O9 LHG IE . -7.02 18.48 19.13
C8 LHG IE . -9.39 18.37 19.09
C9 LHG IE . -10.27 17.18 19.18
C10 LHG IE . -10.10 16.34 17.96
O8 LHG IE . -7.49 14.79 20.47
C23 LHG IE . -6.56 14.20 19.66
O10 LHG IE . -5.61 13.66 20.16
C24 LHG IE . -6.92 13.82 18.25
C11 LHG IE . -10.50 14.98 18.45
C12 LHG IE . -11.22 14.28 17.38
C13 LHG IE . -12.68 14.65 17.50
C14 LHG IE . -13.47 14.02 16.42
C15 LHG IE . -13.80 12.65 16.92
C16 LHG IE . -13.67 11.66 15.82
C17 LHG IE . -14.85 11.80 14.89
C18 LHG IE . -14.92 10.46 14.24
C19 LHG IE . -16.09 9.65 14.67
C20 LHG IE . -17.18 10.26 13.83
C21 LHG IE . -18.46 9.55 14.09
C22 LHG IE . -19.49 10.06 13.11
C25 LHG IE . -5.77 13.61 17.31
C26 LHG IE . -6.00 14.05 15.86
C27 LHG IE . -4.71 13.69 15.17
C28 LHG IE . -4.43 14.42 13.89
C29 LHG IE . -3.02 14.03 13.51
C30 LHG IE . -2.88 12.76 12.71
C31 LHG IE . -2.15 12.86 11.39
C32 LHG IE . -0.85 13.63 11.44
C33 LHG IE . 0.12 12.92 10.52
C34 LHG IE . -0.11 13.10 9.04
C35 LHG IE . 1.11 13.73 8.40
C36 LHG IE . 1.29 13.20 6.99
C37 LHG IE . 2.70 13.53 6.58
C38 LHG IE . 2.85 13.95 5.14
O6 SQD JE . -4.11 -2.37 30.33
C44 SQD JE . -3.31 -3.37 29.70
C45 SQD JE . -3.33 -3.25 28.18
C46 SQD JE . -2.49 -2.05 27.72
O47 SQD JE . -2.91 -4.44 27.55
C7 SQD JE . -1.98 -4.46 26.46
O49 SQD JE . -0.80 -4.68 26.67
C8 SQD JE . -2.50 -4.51 25.03
C9 SQD JE . -1.47 -3.87 24.12
C10 SQD JE . -1.50 -4.58 22.79
C11 SQD JE . -2.71 -4.09 22.01
C12 SQD JE . -2.39 -4.26 20.54
C13 SQD JE . -3.69 -4.29 19.76
C14 SQD JE . -3.48 -5.12 18.51
C15 SQD JE . -3.94 -6.54 18.79
C16 SQD JE . -5.45 -6.57 18.90
C17 SQD JE . -6.02 -7.08 17.59
C18 SQD JE . -6.57 -8.50 17.79
C19 SQD JE . -7.25 -8.96 16.51
C20 SQD JE . -8.59 -9.58 16.85
C21 SQD JE . -8.36 -10.90 17.57
C22 SQD JE . -9.49 -11.82 17.23
O48 SQD JE . -3.38 -1.00 27.41
C23 SQD JE . -2.84 0.24 27.03
O10 SQD JE . -1.65 0.43 27.21
C24 SQD JE . -3.58 1.04 25.98
C25 SQD JE . -3.98 0.09 24.85
C26 SQD JE . -4.27 0.95 23.61
C27 SQD JE . -3.96 0.15 22.34
C28 SQD JE . -4.99 0.52 21.28
C29 SQD JE . -4.69 -0.30 20.03
C30 SQD JE . -5.93 -0.32 19.12
C31 SQD JE . -5.62 -1.25 17.95
C32 SQD JE . -6.89 -1.41 17.12
C33 SQD JE . -6.56 -2.13 15.80
C34 SQD JE . -6.43 -1.09 14.69
C35 SQD JE . -4.98 -0.94 14.30
C36 SQD JE . -4.41 0.36 14.84
C37 SQD JE . -3.11 0.68 14.15
C38 SQD JE . -3.36 0.93 12.68
C1 SQD JE . -3.48 -1.41 31.14
C2 SQD JE . -4.29 -0.86 32.28
O2 SQD JE . -5.44 -0.28 31.81
C3 SQD JE . -3.47 0.19 32.98
O3 SQD JE . -4.09 0.47 34.17
C4 SQD JE . -2.03 -0.13 33.27
O4 SQD JE . -1.28 1.03 33.19
C5 SQD JE . -1.39 -1.15 32.37
C6 SQD JE . -0.55 -2.06 33.25
O5 SQD JE . -2.26 -1.95 31.61
S SQD JE . -0.23 -3.66 32.52
O7 SQD JE . 0.05 -3.59 31.11
O8 SQD JE . 0.89 -4.30 33.23
O9 SQD JE . -1.40 -4.50 32.55
MG CLA KE . 4.79 -8.60 21.90
CHA CLA KE . 5.52 -6.62 24.61
CHB CLA KE . 2.68 -10.41 23.84
CHC CLA KE . 3.76 -10.27 19.12
CHD CLA KE . 6.86 -6.56 19.92
NA CLA KE . 4.28 -8.56 23.91
C1A CLA KE . 4.67 -7.65 24.87
C2A CLA KE . 4.02 -7.95 26.21
C3A CLA KE . 3.41 -9.32 25.96
C4A CLA KE . 3.43 -9.47 24.46
CMA CLA KE . 4.27 -10.37 26.59
CAA CLA KE . 2.93 -6.95 26.58
CBA CLA KE . 2.10 -6.45 25.42
CGA CLA KE . 2.56 -5.11 24.96
O1A CLA KE . 3.02 -4.21 25.64
O2A CLA KE . 2.41 -4.92 23.60
NB CLA KE . 3.51 -10.10 21.55
C1B CLA KE . 2.68 -10.64 22.45
C2B CLA KE . 1.76 -11.58 21.80
C3B CLA KE . 2.06 -11.56 20.46
C4B CLA KE . 3.18 -10.61 20.30
CMB CLA KE . 0.75 -12.32 22.53
CAB CLA KE . 1.45 -12.25 19.36
CBB CLA KE . 1.25 -13.55 19.26
NC CLA KE . 5.30 -8.49 19.89
C1C CLA KE . 4.77 -9.29 18.93
C2C CLA KE . 5.33 -8.93 17.63
C3C CLA KE . 6.17 -7.87 17.85
C4C CLA KE . 6.15 -7.59 19.28
CMC CLA KE . 5.00 -9.58 16.37
CAC CLA KE . 6.95 -7.16 16.84
CBC CLA KE . 6.12 -6.06 16.24
ND CLA KE . 6.04 -7.04 22.16
C1D CLA KE . 6.82 -6.30 21.26
C2D CLA KE . 7.46 -5.20 21.99
C3D CLA KE . 6.98 -5.26 23.27
C4D CLA KE . 6.10 -6.42 23.32
CMD CLA KE . 8.35 -4.24 21.38
CAD CLA KE . 6.95 -4.66 24.58
OBD CLA KE . 7.43 -3.62 24.96
CBD CLA KE . 6.06 -5.53 25.48
CGD CLA KE . 6.83 -6.06 26.64
O1D CLA KE . 6.39 -6.55 27.67
O2D CLA KE . 8.17 -5.98 26.50
CED CLA KE . 8.93 -5.90 27.70
C1 CLA KE . 3.43 -4.26 22.83
C2 CLA KE . 3.51 -5.02 21.55
C3 CLA KE . 2.65 -4.89 20.55
C4 CLA KE . 1.52 -3.94 20.64
C5 CLA KE . 2.75 -5.70 19.30
C6 CLA KE . 2.16 -5.05 18.06
C7 CLA KE . 0.94 -5.79 17.54
C8 CLA KE . 0.82 -5.95 16.03
C9 CLA KE . 2.13 -5.77 15.30
C10 CLA KE . -0.25 -5.05 15.42
C11 CLA KE . -0.43 -5.29 13.93
C12 CLA KE . -1.87 -5.48 13.54
C13 CLA KE . -2.23 -4.83 12.21
C14 CLA KE . -3.73 -4.67 12.08
C15 CLA KE . -1.67 -5.57 11.00
C16 CLA KE . -1.55 -4.70 9.77
C17 CLA KE . -2.43 -5.18 8.63
C18 CLA KE . -2.13 -4.44 7.31
C19 CLA KE . -2.29 -2.94 7.44
C20 CLA KE . -3.01 -4.98 6.19
C1 LMG LE . 11.00 14.44 21.48
O1 LMG LE . 9.90 13.68 21.14
C2 LMG LE . 10.48 15.77 22.04
O2 LMG LE . 9.98 16.42 20.93
C3 LMG LE . 11.74 16.56 22.50
O3 LMG LE . 11.24 17.69 23.11
C4 LMG LE . 12.54 15.74 23.53
O4 LMG LE . 11.76 15.56 24.64
C5 LMG LE . 12.81 14.34 22.91
O5 LMG LE . 12.90 13.66 25.12
C6 LMG LE . 13.52 13.44 23.92
O6 LMG LE . 11.59 13.73 22.56
C7 LMG LE . 10.25 12.48 20.51
C8 LMG LE . 9.46 12.45 19.19
C9 LMG LE . 8.00 12.68 19.55
O7 LMG LE . 9.88 13.55 18.39
C10 LMG LE . 10.36 13.33 17.11
O9 LMG LE . 9.91 13.98 16.18
C11 LMG LE . 11.52 12.38 17.08
C12 LMG LE . 12.63 12.84 16.14
C13 LMG LE . 13.69 11.78 15.92
C14 LMG LE . 13.01 10.59 15.24
C15 LMG LE . 12.68 10.95 13.83
C16 LMG LE . 12.33 9.69 13.07
C17 LMG LE . 10.95 9.87 12.51
C18 LMG LE . 11.11 10.04 11.02
C19 LMG LE . 10.20 9.07 10.34
O8 LMG LE . 7.29 12.66 18.34
C28 LMG LE . 7.13 11.46 17.74
O10 LMG LE . 6.75 10.50 18.40
C29 LMG LE . 7.10 11.56 16.27
C30 LMG LE . 6.89 10.20 15.66
C31 LMG LE . 7.28 10.31 14.22
C32 LMG LE . 7.06 8.97 13.60
C33 LMG LE . 6.89 9.21 12.14
C34 LMG LE . 5.57 8.64 11.74
C35 LMG LE . 5.38 9.05 10.31
C36 LMG LE . 4.18 9.90 10.30
C37 LMG LE . 3.67 9.90 8.91
C38 LMG LE . 2.23 10.19 9.13
CHA HEM ME . -66.84 12.39 -19.21
CHB HEM ME . -68.01 16.63 -17.36
CHC HEM ME . -68.72 14.54 -13.16
CHD HEM ME . -66.23 10.78 -14.72
C1A HEM ME . -67.19 13.70 -19.08
C2A HEM ME . -67.40 14.61 -20.16
C3A HEM ME . -67.73 15.78 -19.66
C4A HEM ME . -67.72 15.64 -18.24
CMA HEM ME . -68.07 17.07 -20.43
CAA HEM ME . -67.28 14.27 -21.65
CBA HEM ME . -65.89 14.60 -22.14
CGA HEM ME . -65.75 14.16 -23.57
O1A HEM ME . -66.60 13.37 -24.06
O2A HEM ME . -64.78 14.62 -24.22
C1B HEM ME . -68.48 16.34 -16.13
C2B HEM ME . -69.52 17.05 -15.46
C3B HEM ME . -69.71 16.47 -14.28
C4B HEM ME . -68.81 15.37 -14.22
CMB HEM ME . -70.20 18.28 -16.08
CAB HEM ME . -70.68 16.70 -13.10
CBB HEM ME . -71.78 17.47 -13.11
C1C HEM ME . -68.00 13.41 -13.19
C2C HEM ME . -67.63 12.69 -12.03
C3C HEM ME . -66.93 11.63 -12.40
C4C HEM ME . -66.85 11.66 -13.87
CMC HEM ME . -67.99 13.11 -10.61
CAC HEM ME . -66.38 10.65 -11.35
CBC HEM ME . -65.56 9.64 -11.63
C1D HEM ME . -66.25 10.87 -16.07
C2D HEM ME . -65.77 9.87 -16.98
C3D HEM ME . -65.94 10.30 -18.20
C4D HEM ME . -66.53 11.61 -18.14
CMD HEM ME . -65.18 8.50 -16.62
CAD HEM ME . -65.56 9.50 -19.46
CBD HEM ME . -66.81 8.96 -20.11
CGD HEM ME . -66.41 7.93 -21.13
O1D HEM ME . -65.21 7.56 -21.15
O2D HEM ME . -67.27 7.48 -21.92
NA HEM ME . -67.40 14.35 -17.90
NB HEM ME . -68.06 15.30 -15.36
NC HEM ME . -67.52 12.78 -14.31
ND HEM ME . -66.71 11.94 -16.82
FE HEM ME . -67.58 13.55 -16.13
C1 BCR NE . -72.70 32.38 25.30
C2 BCR NE . -73.99 31.88 24.68
C3 BCR NE . -73.71 30.75 23.76
C4 BCR NE . -73.19 29.59 24.55
C5 BCR NE . -72.08 30.02 25.43
C6 BCR NE . -71.82 31.28 25.77
C7 BCR NE . -70.71 31.64 26.66
C8 BCR NE . -69.46 31.85 26.24
C9 BCR NE . -68.36 32.05 27.15
C10 BCR NE . -67.11 32.03 26.69
C11 BCR NE . -65.95 32.27 27.52
C33 BCR NE . -71.26 28.89 25.90
C31 BCR NE . -73.08 33.26 26.46
C32 BCR NE . -72.02 33.19 24.22
C34 BCR NE . -68.65 32.80 28.37
C12 BCR NE . -64.81 32.60 26.92
C13 BCR NE . -63.67 33.17 27.59
C14 BCR NE . -62.84 33.94 26.89
C15 BCR NE . -61.48 34.23 27.24
C16 BCR NE . -60.80 35.06 26.45
C17 BCR NE . -59.46 35.40 26.80
C18 BCR NE . -58.60 36.02 25.99
C19 BCR NE . -57.29 36.34 26.47
C20 BCR NE . -56.21 36.30 25.69
C21 BCR NE . -55.14 37.25 25.92
C22 BCR NE . -53.89 37.07 25.54
C23 BCR NE . -52.85 37.67 26.37
C24 BCR NE . -52.17 36.97 27.28
C25 BCR NE . -50.93 37.35 27.94
C26 BCR NE . -50.91 38.11 29.03
C27 BCR NE . -49.69 38.51 29.76
C28 BCR NE . -48.66 37.43 29.63
C29 BCR NE . -48.43 37.16 28.18
C30 BCR NE . -49.66 36.79 27.37
C35 BCR NE . -63.28 32.64 28.91
C36 BCR NE . -58.86 36.09 24.54
C37 BCR NE . -53.51 35.90 24.73
C38 BCR NE . -52.10 38.69 29.67
C39 BCR NE . -49.80 35.29 27.24
C40 BCR NE . -49.38 37.33 25.98
C1 BCR OE . -83.79 19.73 22.85
C2 BCR OE . -84.30 20.20 21.51
C3 BCR OE . -83.54 21.41 21.07
C4 BCR OE . -83.63 22.55 22.03
C5 BCR OE . -83.62 22.10 23.45
C6 BCR OE . -83.66 20.83 23.84
C7 BCR OE . -83.67 20.48 25.26
C8 BCR OE . -82.58 20.16 25.94
C9 BCR OE . -82.64 19.59 27.26
C10 BCR OE . -81.50 19.34 27.92
C11 BCR OE . -81.47 18.67 29.19
C33 BCR OE . -83.51 23.21 24.41
C31 BCR OE . -82.49 19.03 22.57
C32 BCR OE . -84.79 18.72 23.33
C34 BCR OE . -83.91 19.65 27.99
C12 BCR OE . -80.29 18.52 29.77
C13 BCR OE . -80.10 18.32 31.18
C14 BCR OE . -79.06 17.55 31.55
C15 BCR OE . -78.43 17.61 32.83
C16 BCR OE . -77.29 16.95 33.03
C17 BCR OE . -76.89 16.77 34.39
C18 BCR OE . -75.66 16.49 34.80
C19 BCR OE . -75.50 15.85 36.08
C20 BCR OE . -74.31 15.55 36.59
C21 BCR OE . -74.22 15.26 37.99
C22 BCR OE . -73.30 14.49 38.56
C23 BCR OE . -73.51 14.08 39.93
C24 BCR OE . -72.52 14.08 40.82
C25 BCR OE . -72.55 13.50 42.15
C26 BCR OE . -72.98 14.18 43.22
C27 BCR OE . -73.02 13.68 44.61
C28 BCR OE . -72.61 12.23 44.73
C29 BCR OE . -71.57 11.87 43.71
C30 BCR OE . -72.04 12.11 42.30
C35 BCR OE . -80.81 19.17 32.16
C36 BCR OE . -74.47 17.09 34.17
C37 BCR OE . -71.95 14.37 37.98
C38 BCR OE . -73.50 15.55 43.15
C39 BCR OE . -73.10 11.12 41.90
C40 BCR OE . -70.84 11.84 41.41
MG CLA PE . -88.81 21.94 40.97
CHA CLA PE . -87.80 24.35 43.20
CHB CLA PE . -85.71 20.59 41.02
CHC CLA PE . -90.03 19.21 39.28
CHD CLA PE . -92.06 23.26 41.10
NA CLA PE . -87.03 22.47 41.88
C1A CLA PE . -86.82 23.49 42.82
C2A CLA PE . -85.36 23.48 43.26
C3A CLA PE . -84.68 22.49 42.29
C4A CLA PE . -85.88 21.78 41.68
CMA CLA PE . -83.86 23.18 41.25
CAA CLA PE . -85.29 22.89 44.64
CBA CLA PE . -83.88 23.05 45.18
CGA CLA PE . -83.58 24.51 45.18
O1A CLA PE . -84.09 25.38 45.88
O2A CLA PE . -82.59 24.87 44.30
NB CLA PE . -88.02 20.21 40.30
C1B CLA PE . -86.74 19.84 40.42
C2B CLA PE . -86.55 18.49 39.85
C3B CLA PE . -87.77 18.09 39.36
C4B CLA PE . -88.72 19.19 39.64
CMB CLA PE . -85.26 17.80 39.83
CAB CLA PE . -88.16 16.88 38.68
CBB CLA PE . -88.44 16.79 37.38
NC CLA PE . -90.66 21.42 40.19
C1C CLA PE . -90.93 20.28 39.49
C2C CLA PE . -92.33 20.24 39.11
C3C CLA PE . -92.93 21.37 39.68
C4C CLA PE . -91.87 22.09 40.37
CMC CLA PE . -92.95 19.18 38.32
CAC CLA PE . -94.33 21.78 39.58
CBC CLA PE . -94.59 22.60 38.33
ND CLA PE . -89.69 23.62 41.64
C1D CLA PE . -91.06 23.98 41.71
C2D CLA PE . -91.22 25.18 42.53
C3D CLA PE . -89.98 25.37 43.11
C4D CLA PE . -89.10 24.33 42.58
CMD CLA PE . -92.45 25.93 42.70
CAD CLA PE . -89.19 26.23 43.96
OBD CLA PE . -89.44 27.34 44.40
CBD CLA PE . -87.88 25.45 44.24
CGD CLA PE . -86.68 26.35 44.34
O1D CLA PE . -85.87 26.62 43.45
O2D CLA PE . -86.53 26.86 45.59
CED CLA PE . -85.95 28.16 45.74
C1 CLA PE . -81.66 25.87 44.78
C2 CLA PE . -80.56 25.12 45.43
C3 CLA PE . -80.42 24.97 46.76
C4 CLA PE . -81.35 25.55 47.76
C5 CLA PE . -79.27 24.19 47.30
C6 CLA PE . -77.97 24.92 47.06
C7 CLA PE . -77.66 25.89 48.18
C8 CLA PE . -77.24 25.21 49.47
C9 CLA PE . -78.21 25.51 50.60
C10 CLA PE . -75.85 25.63 49.90
C11 CLA PE . -74.81 25.30 48.84
C12 CLA PE . -73.44 25.66 49.34
C13 CLA PE . -72.40 24.55 49.18
C14 CLA PE . -72.96 23.14 49.35
C15 CLA PE . -71.15 24.75 50.07
C16 CLA PE . -71.13 26.03 50.91
C17 CLA PE . -69.75 26.66 50.98
C18 CLA PE . -69.70 27.78 52.00
C19 CLA PE . -68.31 28.36 52.13
C20 CLA PE . -70.68 28.88 51.64
C1 LMG QE . -65.17 26.98 7.33
O1 LMG QE . -65.25 27.57 8.57
C2 LMG QE . -65.51 25.51 7.54
O2 LMG QE . -64.38 24.99 8.13
C3 LMG QE . -65.60 24.90 6.11
O3 LMG QE . -66.01 23.60 6.31
C4 LMG QE . -66.66 25.63 5.28
O4 LMG QE . -67.87 25.54 5.92
C5 LMG QE . -66.26 27.12 5.29
O5 LMG QE . -67.33 29.17 5.11
C6 LMG QE . -67.31 27.91 4.51
O6 LMG QE . -66.22 27.59 6.61
C7 LMG QE . -64.32 28.58 8.70
C8 LMG QE . -64.23 28.90 10.18
C9 LMG QE . -62.77 28.96 10.51
O7 LMG QE . -64.66 30.22 10.32
C10 LMG QE . -65.91 30.46 10.75
O9 LMG QE . -66.84 29.75 10.38
C11 LMG QE . -66.01 31.74 11.50
C12 LMG QE . -65.48 31.57 12.89
C13 LMG QE . -64.05 32.00 13.02
C14 LMG QE . -64.05 33.51 12.95
C15 LMG QE . -62.69 34.00 13.34
C16 LMG QE . -62.44 33.66 14.79
C17 LMG QE . -61.05 34.14 15.10
C18 LMG QE . -60.86 34.02 16.57
C19 LMG QE . -59.39 33.85 16.80
C20 LMG QE . -59.15 32.38 16.89
C21 LMG QE . -58.40 32.14 18.15
C22 LMG QE . -56.98 32.00 17.72
C23 LMG QE . -56.19 31.64 18.93
C24 LMG QE . -54.77 31.70 18.46
C25 LMG QE . -53.90 31.25 19.58
O8 LMG QE . -62.65 29.21 11.87
C28 LMG QE . -61.52 28.79 12.45
O10 LMG QE . -60.76 28.06 11.83
C29 LMG QE . -61.13 29.54 13.65
C30 LMG QE . -59.72 29.18 14.02
C31 LMG QE . -59.77 28.02 14.96
C32 LMG QE . -58.69 28.25 15.97
C33 LMG QE . -57.43 27.64 15.41
C34 LMG QE . -56.39 27.67 16.48
C35 LMG QE . -56.12 26.21 16.82
C36 LMG QE . -55.82 26.18 18.28
C37 LMG QE . -54.98 24.96 18.56
C38 LMG QE . -56.01 23.89 18.64
C39 LMG QE . -55.42 22.70 19.34
C40 LMG QE . -55.95 21.57 18.52
C41 LMG QE . -55.92 20.35 19.38
C42 LMG QE . -55.85 19.24 18.37
C43 LMG QE . -55.64 17.96 19.10
C1 LMG RE . -46.57 -14.86 14.89
O1 LMG RE . -46.49 -14.37 16.20
C2 LMG RE . -45.80 -16.17 14.92
O2 LMG RE . -44.50 -15.80 15.18
C3 LMG RE . -45.86 -16.69 13.48
O3 LMG RE . -45.18 -17.90 13.53
C4 LMG RE . -47.32 -16.95 13.04
O4 LMG RE . -47.82 -18.03 13.76
C5 LMG RE . -48.19 -15.69 13.39
O5 LMG RE . -50.25 -15.31 12.42
C6 LMG RE . -49.65 -16.13 13.37
O6 LMG RE . -47.93 -15.20 14.67
C7 LMG RE . -47.63 -13.70 16.66
C8 LMG RE . -47.16 -12.56 17.56
C9 LMG RE . -47.60 -12.88 18.97
O7 LMG RE . -45.76 -12.56 17.61
C10 LMG RE . -45.15 -11.40 17.98
O9 LMG RE . -45.63 -10.33 17.63
C11 LMG RE . -44.15 -11.61 19.06
C12 LMG RE . -43.94 -10.37 19.91
C13 LMG RE . -42.68 -10.48 20.75
C14 LMG RE . -42.54 -9.20 21.53
C15 LMG RE . -42.36 -9.52 22.97
C16 LMG RE . -41.67 -8.36 23.62
C17 LMG RE . -42.53 -7.88 24.75
C18 LMG RE . -41.60 -7.55 25.89
C19 LMG RE . -42.20 -6.40 26.63
C20 LMG RE . -42.03 -6.72 28.09
C21 LMG RE . -43.29 -7.38 28.57
C22 LMG RE . -44.01 -6.34 29.36
C23 LMG RE . -45.28 -6.08 28.65
C24 LMG RE . -46.21 -7.15 29.14
C25 LMG RE . -46.95 -6.57 30.32
O8 LMG RE . -47.83 -11.65 19.58
C28 LMG RE . -49.03 -11.49 20.14
O10 LMG RE . -49.96 -12.17 19.75
C29 LMG RE . -48.92 -10.89 21.49
C30 LMG RE . -50.26 -10.85 22.18
C31 LMG RE . -51.04 -9.70 21.65
C32 LMG RE . -50.37 -8.41 22.05
C33 LMG RE . -50.42 -7.53 20.83
C34 LMG RE . -49.78 -6.23 21.16
C35 LMG RE . -50.56 -5.17 20.45
C36 LMG RE . -49.68 -3.99 20.41
C37 LMG RE . -49.84 -3.29 21.72
C38 LMG RE . -49.36 -1.92 21.39
C39 LMG RE . -47.86 -1.86 21.50
C40 LMG RE . -47.65 -0.65 22.38
C41 LMG RE . -47.65 0.58 21.51
C42 LMG RE . -46.83 1.59 22.28
C43 LMG RE . -47.60 2.08 23.45
MG CLA SE . -48.11 -14.46 34.98
CHA CLA SE . -49.33 -16.93 32.93
CHB CLA SE . -47.84 -12.41 32.28
CHC CLA SE . -47.51 -11.86 37.08
CHD CLA SE . -48.75 -16.52 37.74
NA CLA SE . -48.43 -14.69 32.94
C1A CLA SE . -49.01 -15.77 32.29
C2A CLA SE . -49.10 -15.49 30.81
C3A CLA SE . -48.22 -14.24 30.63
C4A CLA SE . -48.17 -13.70 32.04
CMA CLA SE . -46.86 -14.62 30.15
CAA CLA SE . -50.52 -15.06 30.57
CBA CLA SE . -51.14 -15.71 29.36
CGA CLA SE . -52.51 -15.13 29.21
O1A CLA SE . -52.85 -13.96 29.39
O2A CLA SE . -53.45 -16.02 28.84
NB CLA SE . -47.71 -12.51 34.73
C1B CLA SE . -47.74 -11.85 33.55
C2B CLA SE . -47.62 -10.40 33.79
C3B CLA SE . -47.52 -10.22 35.14
C4B CLA SE . -47.57 -11.58 35.76
CMB CLA SE . -47.62 -9.42 32.72
CAB CLA SE . -47.37 -8.99 35.88
CBB CLA SE . -48.13 -8.54 36.87
NC CLA SE . -48.00 -14.27 37.03
C1C CLA SE . -47.70 -13.12 37.68
C2C CLA SE . -47.70 -13.33 39.11
C3C CLA SE . -48.14 -14.63 39.31
C4C CLA SE . -48.35 -15.21 37.99
CMC CLA SE . -47.36 -12.32 40.10
CAC CLA SE . -48.31 -15.30 40.59
CBC CLA SE . -47.04 -15.94 41.08
ND CLA SE . -48.62 -16.38 35.31
C1D CLA SE . -48.87 -17.08 36.50
C2D CLA SE . -49.27 -18.45 36.16
C3D CLA SE . -49.45 -18.45 34.80
C4D CLA SE . -49.12 -17.11 34.33
CMD CLA SE . -49.44 -19.53 37.13
CAD CLA SE . -49.75 -19.22 33.62
OBD CLA SE . -49.86 -20.42 33.49
CBD CLA SE . -49.88 -18.23 32.44
CGD CLA SE . -49.12 -18.74 31.28
O1D CLA SE . -49.57 -19.28 30.26
O2D CLA SE . -47.79 -18.59 31.37
CED CLA SE . -47.09 -18.60 30.12
C1 CLA SE . -54.81 -15.55 28.79
C2 CLA SE . -55.66 -16.71 29.15
C3 CLA SE . -56.99 -16.64 29.24
C4 CLA SE . -57.76 -15.40 28.98
C5 CLA SE . -57.77 -17.85 29.61
C6 CLA SE . -57.47 -18.31 31.02
C7 CLA SE . -58.29 -17.51 32.01
C8 CLA SE . -58.83 -18.42 33.11
C9 CLA SE . -59.88 -19.36 32.55
C10 CLA SE . -59.39 -17.61 34.26
C11 CLA SE . -59.62 -18.48 35.47
C12 CLA SE . -58.62 -18.22 36.58
C13 CLA SE . -57.67 -19.39 36.85
C14 CLA SE . -56.48 -19.36 35.90
C15 CLA SE . -58.36 -20.76 36.78
C16 CLA SE . -58.63 -21.30 38.16
C17 CLA SE . -57.36 -21.44 38.98
C18 CLA SE . -57.54 -21.08 40.45
C19 CLA SE . -56.20 -21.03 41.15
C20 CLA SE . -58.25 -19.75 40.61
MG CLA TE . -40.29 -26.11 42.29
CHA CLA TE . -39.19 -25.17 45.42
CHB CLA TE . -37.70 -24.42 40.88
CHC CLA TE . -41.61 -26.81 39.21
CHD CLA TE . -43.03 -27.73 43.81
NA CLA TE . -38.67 -25.04 43.05
C1A CLA TE . -38.39 -24.74 44.39
C2A CLA TE . -37.11 -23.91 44.50
C3A CLA TE . -36.64 -23.75 43.05
C4A CLA TE . -37.73 -24.46 42.25
CMA CLA TE . -36.52 -22.30 42.69
CAA CLA TE . -35.99 -24.60 45.28
CBA CLA TE . -35.43 -23.73 46.40
CGA CLA TE . -33.97 -23.44 46.19
O1A CLA TE . -33.45 -22.59 45.49
O2A CLA TE . -33.17 -24.28 46.92
NB CLA TE . -39.83 -25.58 40.40
C1B CLA TE . -38.66 -25.02 40.03
C2B CLA TE . -38.51 -25.06 38.56
C3B CLA TE . -39.61 -25.73 38.08
C4B CLA TE . -40.46 -26.09 39.25
CMB CLA TE . -37.33 -24.53 37.88
CAB CLA TE . -39.94 -26.12 36.74
CBB CLA TE . -41.00 -25.69 36.04
NC CLA TE . -41.97 -27.16 41.64
C1C CLA TE . -42.30 -27.35 40.33
C2C CLA TE . -43.54 -28.12 40.23
C3C CLA TE . -43.96 -28.36 41.54
C4C CLA TE . -42.97 -27.75 42.41
CMC CLA TE . -44.16 -28.53 38.98
CAC CLA TE . -45.16 -29.09 41.97
CBC CLA TE . -46.31 -28.17 42.27
ND CLA TE . -40.83 -26.68 44.15
C1D CLA TE . -42.05 -27.23 44.62
C2D CLA TE . -42.08 -27.17 46.09
C3D CLA TE . -40.99 -26.40 46.45
C4D CLA TE . -40.28 -26.06 45.20
CMD CLA TE . -43.12 -27.75 46.90
CAD CLA TE . -40.24 -25.83 47.54
OBD CLA TE . -40.34 -26.02 48.75
CBD CLA TE . -39.22 -24.86 46.90
CGD CLA TE . -39.66 -23.44 47.13
O1D CLA TE . -40.24 -22.69 46.34
O2D CLA TE . -39.39 -22.97 48.37
CED CLA TE . -40.52 -22.61 49.18
C1 CLA TE . -32.07 -24.88 46.22
C2 CLA TE . -32.67 -25.80 45.22
C3 CLA TE . -31.98 -26.59 44.38
C4 CLA TE . -32.65 -27.47 43.40
C5 CLA TE . -30.49 -26.61 44.39
C6 CLA TE . -29.88 -25.71 43.33
C7 CLA TE . -28.39 -25.59 43.56
C8 CLA TE . -27.69 -24.85 42.44
C9 CLA TE . -26.43 -25.56 42.02
C10 CLA TE . -27.37 -23.41 42.84
C11 CLA TE . -26.73 -23.30 44.20
C12 CLA TE . -26.19 -21.90 44.45
C13 CLA TE . -24.67 -21.89 44.53
C14 CLA TE . -24.20 -21.13 45.77
C15 CLA TE . -23.94 -21.36 43.29
C16 CLA TE . -24.84 -20.78 42.20
C17 CLA TE . -24.71 -21.56 40.91
C18 CLA TE . -25.48 -20.90 39.79
C19 CLA TE . -25.21 -21.57 38.45
C20 CLA TE . -26.96 -20.91 40.07
FE FE2 UE . 39.14 -10.26 17.81
MG CLA VE . 34.04 -17.25 -8.13
CHA CLA VE . 35.64 -14.23 -8.44
CHB CLA VE . 34.54 -17.19 -4.79
CHC CLA VE . 32.07 -19.99 -7.88
CHD CLA VE . 33.52 -17.24 -11.64
NA CLA VE . 35.00 -15.93 -6.84
C1A CLA VE . 35.59 -14.73 -7.16
C2A CLA VE . 36.13 -14.07 -5.91
C3A CLA VE . 36.04 -15.17 -4.85
C4A CLA VE . 35.11 -16.17 -5.51
CMA CLA VE . 37.38 -15.76 -4.60
CAA CLA VE . 35.15 -13.00 -5.53
CBA CLA VE . 35.75 -12.09 -4.49
CGA CLA VE . 35.70 -10.70 -4.98
O1A CLA VE . 35.56 -10.29 -6.13
O2A CLA VE . 35.84 -9.78 -3.99
NB CLA VE . 33.50 -18.44 -6.63
C1B CLA VE . 33.68 -18.17 -5.32
C2B CLA VE . 32.87 -19.09 -4.49
C3B CLA VE . 32.16 -19.88 -5.36
C4B CLA VE . 32.56 -19.47 -6.72
CMB CLA VE . 32.89 -19.02 -3.04
CAB CLA VE . 31.18 -20.92 -5.20
CBB CLA VE . 31.03 -21.77 -4.18
NC CLA VE . 33.06 -18.44 -9.51
C1C CLA VE . 32.33 -19.52 -9.18
C2C CLA VE . 31.75 -20.11 -10.37
C3C CLA VE . 32.15 -19.33 -11.44
C4C CLA VE . 32.99 -18.28 -10.89
CMC CLA VE . 30.89 -21.26 -10.37
CAC CLA VE . 31.83 -19.53 -12.86
CBC CLA VE . 30.53 -18.86 -13.23
ND CLA VE . 34.47 -16.08 -9.72
C1D CLA VE . 34.20 -16.19 -11.09
C2D CLA VE . 34.71 -15.01 -11.80
C3D CLA VE . 35.26 -14.23 -10.81
C4D CLA VE . 35.09 -14.94 -9.54
CMD CLA VE . 34.57 -14.77 -13.21
CAD CLA VE . 35.91 -12.99 -10.52
OBD CLA VE . 36.18 -12.06 -11.26
CBD CLA VE . 36.23 -12.98 -9.01
CGD CLA VE . 37.70 -13.07 -8.91
O1D CLA VE . 38.39 -13.96 -9.39
O2D CLA VE . 38.28 -12.04 -8.27
CED CLA VE . 38.39 -10.85 -9.04
C1 CLA VE . 36.84 -8.76 -4.17
C2 CLA VE . 36.14 -7.48 -3.93
C3 CLA VE . 35.74 -6.68 -4.92
C4 CLA VE . 35.94 -6.99 -6.34
C5 CLA VE . 35.03 -5.42 -4.60
C6 CLA VE . 35.89 -4.18 -4.65
C7 CLA VE . 35.04 -3.07 -4.09
C8 CLA VE . 35.79 -1.77 -3.91
C9 CLA VE . 37.00 -2.02 -3.05
C10 CLA VE . 34.95 -0.73 -3.21
C11 CLA VE . 33.54 -0.66 -3.71
C12 CLA VE . 32.77 0.24 -2.78
C13 CLA VE . 31.31 0.29 -3.15
C14 CLA VE . 31.16 0.81 -4.54
C15 CLA VE . 30.54 1.19 -2.20
C16 CLA VE . 30.78 0.80 -0.77
C17 CLA VE . 29.55 1.03 0.06
C18 CLA VE . 29.18 2.50 0.08
C19 CLA VE . 30.21 3.28 0.86
C20 CLA VE . 27.81 2.68 0.69
MG CLA WE . 37.65 13.68 -14.62
CHA CLA WE . 37.42 12.47 -17.80
CHB CLA WE . 40.65 12.11 -14.24
CHC CLA WE . 37.99 15.15 -11.57
CHD CLA WE . 34.63 15.40 -15.11
NA CLA WE . 38.81 12.47 -15.82
C1A CLA WE . 38.56 12.12 -17.14
C2A CLA WE . 39.69 11.27 -17.68
C3A CLA WE . 40.56 11.00 -16.45
C4A CLA WE . 39.99 11.94 -15.43
CMA CLA WE . 40.42 9.59 -15.97
CAA CLA WE . 40.55 12.08 -18.64
CBA CLA WE . 40.61 13.58 -18.39
CGA CLA WE . 41.90 14.18 -18.86
O1A CLA WE . 42.22 14.46 -20.01
O2A CLA WE . 42.79 14.42 -17.86
NB CLA WE . 39.03 13.61 -13.17
C1B CLA WE . 40.19 12.92 -13.21
C2B CLA WE . 40.94 13.13 -11.97
C3B CLA WE . 40.20 13.98 -11.22
C4B CLA WE . 38.97 14.31 -11.96
CMB CLA WE . 42.24 12.55 -11.68
CAB CLA WE . 40.50 14.48 -9.94
CBB CLA WE . 40.84 15.73 -9.77
NC CLA WE . 36.50 15.02 -13.53
C1C CLA WE . 36.83 15.49 -12.31
C2C CLA WE . 35.82 16.41 -11.85
C3C CLA WE . 34.87 16.50 -12.85
C4C CLA WE . 35.31 15.63 -13.91
CMC CLA WE . 35.84 17.11 -10.57
CAC CLA WE . 33.66 17.32 -12.85
CBC CLA WE . 33.82 18.59 -13.63
ND CLA WE . 36.30 13.91 -16.07
C1D CLA WE . 35.08 14.60 -16.11
C2D CLA WE . 34.42 14.32 -17.39
C3D CLA WE . 35.27 13.51 -18.09
C4D CLA WE . 36.42 13.30 -17.22
CMD CLA WE . 33.13 14.88 -17.73
CAD CLA WE . 35.52 12.77 -19.31
OBD CLA WE . 34.83 12.68 -20.32
CBD CLA WE . 36.88 12.07 -19.14
CGD CLA WE . 36.70 10.59 -19.14
O1D CLA WE . 36.95 9.79 -18.25
O2D CLA WE . 36.18 10.09 -20.26
CED CLA WE . 36.29 8.68 -20.46
C1 CLA WE . 43.79 15.45 -18.08
C2 CLA WE . 45.10 14.94 -17.61
C3 CLA WE . 46.33 15.40 -17.90
C4 CLA WE . 46.63 16.55 -18.78
C5 CLA WE . 47.52 14.75 -17.33
C6 CLA WE . 47.92 15.37 -16.02
C7 CLA WE . 48.94 14.46 -15.38
C8 CLA WE . 50.11 15.28 -14.87
C9 CLA WE . 50.78 15.98 -16.02
C10 CLA WE . 51.07 14.42 -14.06
C11 CLA WE . 52.14 13.74 -14.89
C12 CLA WE . 53.53 13.99 -14.36
C13 CLA WE . 54.55 13.94 -15.49
C14 CLA WE . 54.53 12.60 -16.17
C15 CLA WE . 55.96 14.28 -15.01
C16 CLA WE . 56.92 14.37 -16.18
C17 CLA WE . 58.32 14.79 -15.81
C18 CLA WE . 59.20 14.99 -17.04
C19 CLA WE . 60.58 15.44 -16.67
C20 CLA WE . 59.27 13.72 -17.84
C1 BCR XE . 38.35 19.06 -1.76
C2 BCR XE . 39.43 19.84 -1.07
C3 BCR XE . 40.22 20.60 -2.08
C4 BCR XE . 39.35 21.62 -2.77
C5 BCR XE . 38.02 21.07 -3.12
C6 BCR XE . 37.55 19.90 -2.68
C7 BCR XE . 36.21 19.42 -3.04
C8 BCR XE . 35.98 18.64 -4.08
C9 BCR XE . 34.68 18.11 -4.40
C10 BCR XE . 34.36 17.92 -5.68
C11 BCR XE . 33.03 17.67 -6.14
C33 BCR XE . 37.25 21.95 -4.02
C31 BCR XE . 37.48 18.44 -0.69
C32 BCR XE . 39.04 17.94 -2.50
C34 BCR XE . 33.65 18.14 -3.35
C12 BCR XE . 32.84 17.25 -7.38
C13 BCR XE . 31.56 16.81 -7.87
C14 BCR XE . 31.32 16.93 -9.18
C15 BCR XE . 30.22 16.26 -9.82
C16 BCR XE . 30.14 16.26 -11.15
C17 BCR XE . 29.68 15.06 -11.76
C18 BCR XE . 29.70 14.77 -13.06
C19 BCR XE . 28.46 14.38 -13.67
C20 BCR XE . 28.38 14.06 -14.96
C21 BCR XE . 27.44 13.04 -15.34
C22 BCR XE . 27.10 12.76 -16.60
C23 BCR XE . 25.77 12.27 -16.84
C24 BCR XE . 25.31 12.07 -18.07
C25 BCR XE . 23.97 11.68 -18.45
C26 BCR XE . 23.57 10.41 -18.46
C27 BCR XE . 22.24 9.93 -18.85
C28 BCR XE . 21.22 11.03 -18.85
C29 BCR XE . 21.80 12.21 -19.57
C30 BCR XE . 23.04 12.77 -18.91
C35 BCR XE . 30.45 16.64 -6.93
C36 BCR XE . 30.96 14.42 -13.75
C37 BCR XE . 27.85 13.34 -17.73
C38 BCR XE . 24.43 9.28 -18.04
C39 BCR XE . 22.66 13.70 -17.78
C40 BCR XE . 23.70 13.61 -19.98
O6 SQD YE . 54.63 -16.76 14.58
C44 SQD YE . 55.04 -15.86 13.59
C45 SQD YE . 53.83 -15.54 12.72
C46 SQD YE . 54.33 -15.04 11.38
O47 SQD YE . 52.99 -16.66 12.58
C7 SQD YE . 51.59 -16.55 12.81
O49 SQD YE . 51.14 -15.52 13.27
C8 SQD YE . 50.66 -17.60 12.24
C9 SQD YE . 50.57 -17.42 10.72
C10 SQD YE . 51.55 -18.38 10.06
C11 SQD YE . 51.51 -18.16 8.55
C12 SQD YE . 52.30 -19.25 7.85
C13 SQD YE . 51.34 -20.13 7.05
C14 SQD YE . 51.61 -19.96 5.57
C15 SQD YE . 50.59 -18.98 5.00
C16 SQD YE . 49.23 -19.65 4.95
C17 SQD YE . 49.01 -20.18 3.54
C18 SQD YE . 48.67 -19.02 2.60
C19 SQD YE . 47.36 -18.37 3.02
C20 SQD YE . 46.45 -18.21 1.83
C21 SQD YE . 46.01 -19.58 1.36
C22 SQD YE . 44.88 -19.43 0.38
O48 SQD YE . 55.40 -15.85 10.97
C23 SQD YE . 55.43 -16.27 9.63
O10 SQD YE . 54.47 -16.04 8.94
C24 SQD YE . 56.43 -17.30 9.14
C25 SQD YE . 56.48 -17.24 7.62
C26 SQD YE . 57.23 -18.45 7.08
C27 SQD YE . 57.03 -18.54 5.57
C28 SQD YE . 57.27 -20.00 5.14
C29 SQD YE . 57.21 -20.12 3.60
C30 SQD YE . 57.47 -21.58 3.20
C31 SQD YE . 58.29 -21.60 1.91
C32 SQD YE . 58.47 -23.03 1.40
C33 SQD YE . 59.03 -23.95 2.49
C34 SQD YE . 59.29 -25.34 1.91
C35 SQD YE . 58.20 -26.29 2.34
C36 SQD YE . 58.61 -27.72 2.08
C37 SQD YE . 58.82 -27.95 0.61
C38 SQD YE . 58.52 -29.39 0.28
C1 SQD YE . 54.77 -16.30 15.90
C2 SQD YE . 54.07 -17.15 16.91
O2 SQD YE . 52.76 -17.35 16.58
C3 SQD YE . 54.15 -16.36 18.18
O3 SQD YE . 53.47 -17.02 19.18
C4 SQD YE . 55.56 -16.12 18.64
O4 SQD YE . 55.57 -15.14 19.59
C5 SQD YE . 56.48 -15.71 17.52
C6 SQD YE . 57.84 -16.27 17.83
O5 SQD YE . 56.13 -16.17 16.22
S SQD YE . 58.94 -15.71 16.56
O7 SQD YE . 58.49 -14.45 16.05
O8 SQD YE . 60.32 -15.63 17.06
O9 SQD YE . 58.86 -16.55 15.40
C BCT ZE . 40.08 -9.31 19.71
O1 BCT ZE . 40.07 -9.23 20.93
O2 BCT ZE . 40.93 -9.67 18.92
O3 BCT ZE . 39.21 -8.36 19.11
O1 LHG AF . 59.31 -7.46 12.01
C1 LHG AF . 59.36 -6.92 10.70
C2 LHG AF . 58.02 -6.36 10.37
O2 LHG AF . 57.82 -5.13 11.02
C3 LHG AF . 56.89 -7.23 10.81
O3 LHG AF . 56.96 -7.04 12.20
P LHG AF . 55.68 -6.51 13.00
O4 LHG AF . 55.61 -7.23 14.27
O5 LHG AF . 55.66 -5.07 12.64
O6 LHG AF . 54.60 -7.31 12.06
C4 LHG AF . 53.28 -6.89 11.99
C5 LHG AF . 52.80 -7.41 10.65
C6 LHG AF . 53.25 -8.82 10.44
O7 LHG AF . 51.40 -7.44 10.68
C7 LHG AF . 50.87 -6.59 9.80
O9 LHG AF . 51.16 -5.46 9.83
C8 LHG AF . 49.58 -7.04 9.33
C9 LHG AF . 48.98 -5.95 8.48
C10 LHG AF . 49.14 -6.25 7.03
O8 LHG AF . 54.04 -8.77 9.26
C23 LHG AF . 54.53 -9.94 8.80
O10 LHG AF . 54.34 -10.93 9.44
C24 LHG AF . 54.84 -10.13 7.36
C11 LHG AF . 48.15 -7.35 6.82
C12 LHG AF . 48.35 -7.95 5.47
C13 LHG AF . 49.65 -8.74 5.45
C14 LHG AF . 49.83 -9.52 4.17
C15 LHG AF . 51.31 -9.49 3.80
C16 LHG AF . 51.75 -10.87 3.40
C17 LHG AF . 52.49 -10.89 2.07
C18 LHG AF . 53.86 -11.34 2.48
C19 LHG AF . 54.66 -12.01 1.40
C20 LHG AF . 56.09 -11.84 1.93
C21 LHG AF . 56.39 -12.84 2.98
C22 LHG AF . 57.60 -12.37 3.75
C25 LHG AF . 54.31 -11.42 6.80
C26 LHG AF . 55.31 -12.55 6.67
C27 LHG AF . 54.45 -13.77 6.43
C28 LHG AF . 53.48 -13.72 5.29
C29 LHG AF . 53.01 -15.14 5.09
C30 LHG AF . 54.04 -16.10 4.60
C31 LHG AF . 53.70 -16.80 3.33
C32 LHG AF . 53.04 -15.95 2.26
C33 LHG AF . 51.95 -16.78 1.65
C34 LHG AF . 52.33 -18.17 1.19
C35 LHG AF . 52.56 -18.22 -0.31
C1 BCR BF . 27.26 9.90 -0.65
C2 BCR BF . 25.97 9.10 -0.65
C3 BCR BF . 25.98 8.14 0.50
C4 BCR BF . 25.99 8.89 1.80
C5 BCR BF . 26.95 10.02 1.79
C6 BCR BF . 27.54 10.49 0.69
C7 BCR BF . 28.46 11.63 0.74
C8 BCR BF . 29.78 11.50 0.86
C9 BCR BF . 30.62 12.49 1.49
C10 BCR BF . 30.87 13.67 0.90
C11 BCR BF . 31.98 14.51 1.26
C33 BCR BF . 27.18 10.58 3.13
C31 BCR BF . 27.10 10.98 -1.70
C32 BCR BF . 28.35 8.95 -1.08
C34 BCR BF . 31.33 12.09 2.71
C12 BCR BF . 31.97 15.78 0.89
C13 BCR BF . 33.00 16.73 1.22
C14 BCR BF . 32.94 17.96 0.69
C15 BCR BF . 33.85 19.02 1.02
C16 BCR BF . 33.79 20.17 0.36
C17 BCR BF . 34.75 21.19 0.67
C18 BCR BF . 34.87 22.37 0.06
C19 BCR BF . 36.08 23.13 0.31
C20 BCR BF . 36.53 24.06 -0.54
C21 BCR BF . 37.88 24.51 -0.43
C22 BCR BF . 38.49 25.34 -1.29
C23 BCR BF . 39.75 25.94 -0.90
C24 BCR BF . 40.26 27.02 -1.48
C25 BCR BF . 41.62 27.52 -1.32
C26 BCR BF . 41.99 28.30 -0.29
C27 BCR BF . 43.34 28.87 -0.06
C28 BCR BF . 44.38 28.12 -0.85
C29 BCR BF . 43.89 27.96 -2.26
C30 BCR BF . 42.61 27.18 -2.38
C35 BCR BF . 33.95 16.45 2.31
C36 BCR BF . 34.01 22.73 -1.07
C37 BCR BF . 37.81 25.84 -2.50
C38 BCR BF . 41.07 28.72 0.80
C39 BCR BF . 42.92 25.70 -2.44
C40 BCR BF . 42.06 27.54 -3.76
MG CLA CF . 1.53 -55.19 14.49
CHA CLA CF . -0.49 -57.94 14.05
CHB CLA CF . -0.36 -54.20 17.10
CHC CLA CF . 3.70 -52.61 15.03
CHD CLA CF . 3.56 -56.31 11.83
NA CLA CF . -0.18 -55.94 15.38
C1A CLA CF . -0.86 -57.13 15.08
C2A CLA CF . -2.04 -57.29 16.03
C3A CLA CF . -2.04 -56.01 16.87
C4A CLA CF . -0.77 -55.32 16.44
CMA CLA CF . -3.23 -55.14 16.57
CAA CLA CF . -1.86 -58.50 16.95
CBA CLA CF . -0.97 -58.27 18.16
CGA CLA CF . 0.25 -59.14 18.10
O1A CLA CF . 1.02 -59.42 19.01
O2A CLA CF . 0.50 -59.64 16.84
NB CLA CF . 1.66 -53.72 15.84
C1B CLA CF . 0.76 -53.46 16.80
C2B CLA CF . 1.13 -52.21 17.51
C3B CLA CF . 2.27 -51.76 16.93
C4B CLA CF . 2.63 -52.71 15.85
CMB CLA CF . 0.35 -51.66 18.60
CAB CLA CF . 3.03 -50.59 17.19
CBB CLA CF . 3.99 -50.56 18.10
NC CLA CF . 3.28 -54.56 13.57
C1C CLA CF . 3.99 -53.47 13.96
C2C CLA CF . 5.15 -53.32 13.12
C3C CLA CF . 5.14 -54.36 12.22
C4C CLA CF . 3.95 -55.15 12.51
CMC CLA CF . 6.13 -52.24 13.25
CAC CLA CF . 6.11 -54.64 11.17
CBC CLA CF . 5.66 -54.05 9.87
ND CLA CF . 1.51 -56.66 13.12
C1D CLA CF . 2.43 -57.03 12.11
C2D CLA CF . 1.95 -58.24 11.46
C3D CLA CF . 0.81 -58.61 12.13
C4D CLA CF . 0.61 -57.63 13.19
CMD CLA CF . 2.61 -58.86 10.31
CAD CLA CF . -0.26 -59.56 12.22
OBD CLA CF . -0.52 -60.50 11.48
CBD CLA CF . -1.07 -59.21 13.49
CGD CLA CF . -2.50 -58.98 13.16
O1D CLA CF . -3.47 -59.03 13.93
O2D CLA CF . -2.73 -58.69 11.86
CED CLA CF . -4.09 -58.67 11.41
C1 CLA CF . 1.28 -60.86 16.78
C2 CLA CF . 1.39 -61.27 15.35
C3 CLA CF . 2.48 -61.09 14.60
C4 CLA CF . 2.54 -61.56 13.20
C5 CLA CF . 3.69 -60.46 15.15
C6 CLA CF . 3.87 -59.03 14.68
C7 CLA CF . 3.36 -58.07 15.72
C8 CLA CF . 4.37 -57.02 16.12
C9 CLA CF . 5.64 -57.66 16.62
C10 CLA CF . 3.73 -56.04 17.11
C11 CLA CF . 4.25 -56.04 18.52
C12 CLA CF . 4.88 -54.71 18.85
C13 CLA CF . 4.57 -54.24 20.26
C14 CLA CF . 3.08 -54.07 20.42
C15 CLA CF . 5.26 -52.93 20.57
C16 CLA CF . 5.71 -52.81 22.01
C17 CLA CF . 6.30 -51.44 22.26
C18 CLA CF . 6.99 -51.23 23.59
C19 CLA CF . 6.05 -51.50 24.75
C20 CLA CF . 8.24 -52.07 23.71
MG CLA DF . 2.20 -45.18 13.86
CHA CLA DF . 3.73 -43.09 11.60
CHB CLA DF . 0.45 -46.61 11.36
CHC CLA DF . 1.07 -47.51 16.07
CHD CLA DF . 4.05 -43.63 16.44
NA CLA DF . 2.11 -44.87 11.83
C1A CLA DF . 2.84 -43.96 11.06
C2A CLA DF . 2.47 -44.10 9.60
C3A CLA DF . 1.18 -44.93 9.65
C4A CLA DF . 1.26 -45.56 11.02
CMA CLA DF . -0.02 -44.05 9.53
CAA CLA DF . 3.53 -44.96 8.98
CBA CLA DF . 3.53 -44.84 7.48
CGA CLA DF . 4.07 -43.50 7.15
O1A CLA DF . 3.63 -42.63 6.40
O2A CLA DF . 5.24 -43.26 7.82
NB CLA DF . 0.87 -46.67 13.77
C1B CLA DF . 0.45 -47.23 12.60
C2B CLA DF . -0.04 -48.59 12.82
C3B CLA DF . 0.13 -48.85 14.15
C4B CLA DF . 0.72 -47.64 14.76
CMB CLA DF . -0.54 -49.43 11.74
CAB CLA DF . -0.14 -50.04 14.90
CBB CLA DF . -1.35 -50.55 15.07
NC CLA DF . 2.46 -45.47 15.90
C1C CLA DF . 1.88 -46.48 16.59
C2C CLA DF . 2.28 -46.39 17.97
C3C CLA DF . 3.14 -45.32 18.09
C4C CLA DF . 3.25 -44.74 16.77
CMC CLA DF . 1.86 -47.31 19.02
CAC CLA DF . 3.79 -44.85 19.29
CBC CLA DF . 3.04 -43.70 19.91
ND CLA DF . 3.63 -43.77 14.04
C1D CLA DF . 4.26 -43.18 15.17
C2D CLA DF . 5.10 -42.07 14.72
C3D CLA DF . 4.95 -42.01 13.35
C4D CLA DF . 4.02 -43.07 12.99
CMD CLA DF . 5.89 -41.23 15.61
CAD CLA DF . 5.31 -41.34 12.14
OBD CLA DF . 6.08 -40.42 11.98
CBD CLA DF . 4.49 -41.96 10.99
CGD CLA DF . 3.57 -40.89 10.53
O1D CLA DF . 2.62 -40.44 11.15
O2D CLA DF . 3.86 -40.37 9.32
CED CLA DF . 2.76 -40.02 8.49
C1 CLA DF . 6.28 -42.56 7.12
C2 CLA DF . 7.51 -42.82 7.90
C3 CLA DF . 8.23 -41.85 8.48
C4 CLA DF . 7.83 -40.45 8.35
C5 CLA DF . 9.46 -42.18 9.24
C6 CLA DF . 9.87 -41.16 10.28
C7 CLA DF . 11.38 -40.99 10.28
C8 CLA DF . 11.86 -39.55 10.21
C9 CLA DF . 11.03 -38.73 9.23
C10 CLA DF . 13.32 -39.51 9.79
C11 CLA DF . 13.85 -38.12 9.54
C12 CLA DF . 14.02 -37.30 10.82
C13 CLA DF . 14.76 -36.00 10.56
C14 CLA DF . 14.66 -35.07 11.74
C15 CLA DF . 14.26 -35.29 9.32
C16 CLA DF . 15.29 -34.32 8.80
C17 CLA DF . 16.42 -35.02 8.08
C18 CLA DF . 16.33 -34.73 6.59
C19 CLA DF . 17.71 -34.46 6.03
C20 CLA DF . 15.74 -35.92 5.89
MG CLA EF . -2.47 -37.38 13.98
CHA CLA EF . -3.57 -36.58 10.82
CHB CLA EF . 0.18 -38.99 12.65
CHC CLA EF . -1.19 -37.79 17.12
CHD CLA EF . -5.15 -35.56 15.34
NA CLA EF . -1.87 -37.78 12.05
C1A CLA EF . -2.44 -37.33 10.86
C2A CLA EF . -1.64 -37.83 9.68
C3A CLA EF . -0.67 -38.84 10.29
C4A CLA EF . -0.77 -38.53 11.78
CMA CLA EF . -1.16 -40.23 10.02
CAA CLA EF . -0.88 -36.68 9.02
CBA CLA EF . -0.28 -35.66 9.97
CGA CLA EF . 1.14 -36.07 10.20
O1A CLA EF . 1.81 -36.83 9.50
O2A CLA EF . 1.74 -35.56 11.32
NB CLA EF . -0.87 -38.30 14.75
C1B CLA EF . 0.15 -38.78 14.03
C2B CLA EF . 1.27 -39.13 14.93
C3B CLA EF . 0.89 -38.80 16.20
C4B CLA EF . -0.48 -38.27 16.08
CMB CLA EF . 2.51 -39.68 14.43
CAB CLA EF . 1.58 -38.88 17.44
CBB CLA EF . 2.20 -39.94 17.94
NC CLA EF . -3.11 -36.83 15.87
C1C CLA EF . -2.42 -37.11 17.01
C2C CLA EF . -3.11 -36.54 18.14
C3C CLA EF . -4.24 -35.92 17.65
C4C CLA EF . -4.23 -36.12 16.22
CMC CLA EF . -2.62 -36.62 19.50
CAC CLA EF . -5.26 -35.20 18.40
CBC CLA EF . -4.97 -33.72 18.47
ND CLA EF . -4.05 -36.34 13.31
C1D CLA EF . -5.07 -35.65 13.97
C2D CLA EF . -5.96 -35.06 12.96
C3D CLA EF . -5.43 -35.39 11.75
C4D CLA EF . -4.24 -36.19 12.01
CMD CLA EF . -7.13 -34.25 13.26
CAD CLA EF . -5.56 -35.23 10.33
OBD CLA EF . -6.37 -34.58 9.71
CBD CLA EF . -4.40 -36.05 9.69
CGD CLA EF . -4.95 -37.18 8.89
O1D CLA EF . -4.35 -38.13 8.38
O2D CLA EF . -6.28 -37.19 8.69
CED CLA EF . -6.69 -37.55 7.38
C1 CLA EF . 3.05 -36.09 11.60
C2 CLA EF . 3.28 -35.94 13.06
C3 CLA EF . 4.30 -36.51 13.72
C4 CLA EF . 5.30 -37.35 13.05
C5 CLA EF . 4.41 -36.28 15.19
C6 CLA EF . 5.70 -36.74 15.82
C7 CLA EF . 5.67 -36.46 17.30
C8 CLA EF . 6.62 -37.39 18.02
C9 CLA EF . 6.29 -37.44 19.49
C10 CLA EF . 8.04 -36.89 17.83
C11 CLA EF . 9.05 -37.77 18.52
C12 CLA EF . 10.27 -36.97 18.88
C13 CLA EF . 11.43 -37.89 19.22
C14 CLA EF . 12.57 -37.05 19.74
C15 CLA EF . 11.81 -38.71 17.99
C16 CLA EF . 13.14 -39.43 18.15
C17 CLA EF . 13.04 -40.64 19.05
C18 CLA EF . 14.40 -41.29 19.26
C19 CLA EF . 14.69 -42.31 18.17
C20 CLA EF . 14.47 -41.96 20.61
MG CLA FF . 1.56 -25.62 9.78
CHA CLA FF . -0.23 -28.50 9.59
CHB CLA FF . -0.93 -23.96 8.17
CHC CLA FF . 3.24 -22.71 10.23
CHD CLA FF . 4.07 -27.30 11.64
NA CLA FF . -0.26 -26.19 8.95
C1A CLA FF . -0.86 -27.43 9.01
C2A CLA FF . -2.20 -27.41 8.30
C3A CLA FF . -2.33 -25.97 7.79
C4A CLA FF . -1.08 -25.31 8.32
CMA CLA FF . -2.40 -25.93 6.31
CAA CLA FF . -3.37 -27.61 9.22
CBA CLA FF . -3.20 -26.99 10.58
CGA CLA FF . -4.43 -27.33 11.35
O1A CLA FF . -5.45 -27.78 10.85
O2A CLA FF . -4.41 -27.16 12.69
NB CLA FF . 1.19 -23.71 9.34
C1B CLA FF . 0.17 -23.24 8.62
C2B CLA FF . 0.37 -21.79 8.35
C3B CLA FF . 1.55 -21.45 8.93
C4B CLA FF . 2.09 -22.66 9.55
CMB CLA FF . -0.57 -21.02 7.58
CAB CLA FF . 2.30 -20.24 9.00
CBB CLA FF . 1.87 -18.99 9.12
NC CLA FF . 3.34 -25.11 10.72
C1C CLA FF . 3.81 -23.86 10.78
C2C CLA FF . 5.04 -23.81 11.52
C3C CLA FF . 5.29 -25.10 11.91
C4C CLA FF . 4.21 -25.93 11.42
CMC CLA FF . 5.80 -22.59 11.77
CAC CLA FF . 6.41 -25.55 12.71
CBC CLA FF . 7.52 -26.15 11.91
ND CLA FF . 2.00 -27.49 10.33
C1D CLA FF . 3.03 -28.04 11.13
C2D CLA FF . 2.76 -29.46 11.30
C3D CLA FF . 1.55 -29.68 10.72
C4D CLA FF . 1.07 -28.42 10.17
CMD CLA FF . 3.64 -30.36 12.00
CAD CLA FF . 0.55 -30.65 10.41
OBD CLA FF . 0.59 -31.85 10.59
CBD CLA FF . -0.65 -29.91 9.79
CGD CLA FF . -1.14 -30.54 8.52
O1D CLA FF . -2.26 -30.49 8.03
O2D CLA FF . -0.20 -31.27 7.86
CED CLA FF . -0.65 -32.50 7.30
C1 CLA FF . -5.29 -28.08 13.39
C2 CLA FF . -5.86 -27.47 14.61
C3 CLA FF . -5.39 -27.77 15.82
C4 CLA FF . -4.24 -28.68 16.02
C5 CLA FF . -5.99 -27.16 17.02
C6 CLA FF . -6.14 -28.15 18.17
C7 CLA FF . -7.37 -28.99 17.96
C8 CLA FF . -7.82 -29.66 19.24
C9 CLA FF . -9.15 -30.33 18.94
C10 CLA FF . -7.90 -28.65 20.38
C11 CLA FF . -8.94 -28.96 21.43
C12 CLA FF . -8.32 -29.31 22.76
C13 CLA FF . -9.37 -29.52 23.85
C14 CLA FF . -8.75 -30.19 25.05
C15 CLA FF . -10.57 -30.33 23.33
C16 CLA FF . -11.84 -30.03 24.08
C17 CLA FF . -13.04 -29.99 23.17
C18 CLA FF . -14.32 -29.70 23.96
C19 CLA FF . -15.54 -29.77 23.08
C20 CLA FF . -14.25 -28.34 24.63
MG CLA GF . -9.17 -26.04 13.60
CHA CLA GF . -8.23 -26.41 10.31
CHB CLA GF . -11.59 -28.37 13.16
CHC CLA GF . -9.92 -25.83 16.91
CHD CLA GF . -6.58 -23.69 14.03
NA CLA GF . -9.80 -27.19 11.98
C1A CLA GF . -9.27 -27.21 10.69
C2A CLA GF . -10.01 -28.21 9.83
C3A CLA GF . -11.15 -28.69 10.74
C4A CLA GF . -10.83 -28.05 12.07
CMA CLA GF . -12.47 -28.27 10.23
CAA CLA GF . -9.15 -29.40 9.46
CBA CLA GF . -8.35 -29.91 10.65
CGA CLA GF . -7.05 -30.49 10.22
O1A CLA GF . -6.74 -30.96 9.13
O2A CLA GF . -6.15 -30.48 11.23
NB CLA GF . -10.60 -26.82 14.77
C1B CLA GF . -11.38 -27.86 14.43
C2B CLA GF . -12.00 -28.45 15.63
C3B CLA GF . -11.55 -27.76 16.69
C4B CLA GF . -10.63 -26.71 16.16
CMB CLA GF . -12.88 -29.61 15.58
CAB CLA GF . -11.78 -27.95 18.08
CBB CLA GF . -12.59 -27.20 18.81
NC CLA GF . -8.41 -24.92 15.17
C1C CLA GF . -8.89 -24.99 16.44
C2C CLA GF . -8.14 -24.10 17.28
C3C CLA GF . -7.18 -23.51 16.48
C4C CLA GF . -7.35 -24.02 15.14
CMC CLA GF . -8.34 -23.91 18.71
CAC CLA GF . -6.18 -22.55 16.90
CBC CLA GF . -4.94 -23.28 17.32
ND CLA GF . -7.65 -25.29 12.51
C1D CLA GF . -6.69 -24.28 12.80
C2D CLA GF . -5.93 -24.02 11.57
C3D CLA GF . -6.47 -24.80 10.59
C4D CLA GF . -7.55 -25.56 11.22
CMD CLA GF . -4.81 -23.09 11.49
CAD CLA GF . -6.39 -25.23 9.22
OBD CLA GF . -5.56 -24.97 8.37
CBD CLA GF . -7.59 -26.17 8.96
CGD CLA GF . -8.57 -25.50 8.07
O1D CLA GF . -8.97 -25.86 6.98
O2D CLA GF . -9.04 -24.34 8.59
CED CLA GF . -10.26 -23.85 8.05
C1 CLA GF . -5.09 -31.43 11.16
C2 CLA GF . -4.52 -31.47 12.52
C3 CLA GF . -3.31 -31.98 12.78
C4 CLA GF . -2.46 -32.53 11.69
C5 CLA GF . -2.78 -32.00 14.15
C6 CLA GF . -1.76 -33.09 14.38
C7 CLA GF . -1.32 -33.12 15.81
C8 CLA GF . 0.16 -33.42 15.99
C9 CLA GF . 0.68 -34.40 14.97
C10 CLA GF . 0.34 -33.94 17.41
C11 CLA GF . 1.63 -34.67 17.66
C12 CLA GF . 2.09 -34.45 19.08
C13 CLA GF . 1.32 -35.31 20.06
C14 CLA GF . 0.62 -34.45 21.06
C15 CLA GF . 2.28 -36.24 20.77
C16 CLA GF . 1.57 -37.14 21.75
C17 CLA GF . 0.92 -38.30 21.03
C18 CLA GF . 0.39 -39.31 22.03
C19 CLA GF . 1.23 -40.56 21.99
C20 CLA GF . -1.04 -39.65 21.68
MG CLA HF . -14.81 -34.44 14.11
CHA CLA HF . -17.39 -33.22 12.19
CHB CLA HF . -12.70 -32.23 12.69
CHC CLA HF . -12.44 -35.27 16.42
CHD CLA HF . -17.12 -36.55 15.74
NA CLA HF . -15.01 -33.03 12.59
C1A CLA HF . -16.18 -32.61 11.97
C2A CLA HF . -15.88 -31.53 10.95
C3A CLA HF . -14.36 -31.41 11.00
C4A CLA HF . -13.98 -32.28 12.18
CMA CLA HF . -13.78 -31.90 9.71
CAA CLA HF . -16.48 -30.20 11.36
CBA CLA HF . -16.43 -29.95 12.83
CGA CLA HF . -15.74 -28.67 13.00
O1A CLA HF . -15.20 -28.00 12.13
O2A CLA HF . -15.71 -28.21 14.28
NB CLA HF . -12.89 -33.93 14.43
C1B CLA HF . -12.24 -32.96 13.78
C2B CLA HF . -10.91 -32.75 14.38
C3B CLA HF . -10.80 -33.60 15.44
C4B CLA HF . -12.07 -34.37 15.49
CMB CLA HF . -9.98 -31.75 13.88
CAB CLA HF . -9.70 -33.70 16.37
CBB CLA HF . -9.17 -34.76 16.96
NC CLA HF . -14.77 -35.74 15.71
C1C CLA HF . -13.71 -35.89 16.52
C2C CLA HF . -14.03 -36.77 17.60
C3C CLA HF . -15.34 -37.14 17.41
C4C CLA HF . -15.82 -36.48 16.22
CMC CLA HF . -13.10 -37.08 18.67
CAC CLA HF . -16.16 -37.97 18.27
CBC CLA HF . -16.76 -37.16 19.38
ND CLA HF . -16.75 -34.94 13.96
C1D CLA HF . -17.58 -35.82 14.68
C2D CLA HF . -18.93 -35.79 14.11
C3D CLA HF . -18.90 -34.82 13.16
C4D CLA HF . -17.54 -34.29 13.12
CMD CLA HF . -20.07 -36.59 14.47
CAD CLA HF . -19.65 -34.14 12.15
OBD CLA HF . -20.78 -34.34 11.75
CBD CLA HF . -18.75 -33.03 11.59
CGD CLA HF . -18.73 -33.14 10.10
O1D CLA HF . -17.94 -33.76 9.43
O2D CLA HF . -19.72 -32.44 9.49
CED CLA HF . -19.59 -32.27 8.09
C1 CLA HF . -15.14 -26.91 14.43
C2 CLA HF . -15.36 -26.51 15.82
C3 CLA HF . -14.86 -25.38 16.30
C4 CLA HF . -14.06 -24.44 15.49
C5 CLA HF . -15.10 -24.98 17.69
C6 CLA HF . -16.00 -23.79 17.74
C7 CLA HF . -16.14 -23.31 19.16
C8 CLA HF . -17.19 -22.24 19.21
C9 CLA HF . -17.12 -21.53 20.55
C10 CLA HF . -18.55 -22.88 18.99
C11 CLA HF . -19.29 -22.25 17.85
C12 CLA HF . -20.78 -22.26 18.06
C13 CLA HF . -21.51 -22.98 16.93
C14 CLA HF . -21.27 -24.47 17.02
C15 CLA HF . -21.09 -22.46 15.57
C16 CLA HF . -21.71 -21.12 15.26
C17 CLA HF . -23.04 -21.24 14.54
C18 CLA HF . -22.88 -21.92 13.18
C19 CLA HF . -24.23 -22.10 12.53
C20 CLA HF . -22.00 -21.09 12.28
MG CLA IF . -1.58 -18.27 1.41
CHA CLA IF . -2.80 -17.59 -1.73
CHB CLA IF . -0.16 -21.12 0.25
CHC CLA IF . -0.05 -18.69 4.43
CHD CLA IF . -2.88 -15.20 2.53
NA CLA IF . -1.57 -19.22 -0.43
C1A CLA IF . -2.09 -18.75 -1.64
C2A CLA IF . -1.79 -19.73 -2.76
C3A CLA IF . -1.14 -20.93 -2.04
C4A CLA IF . -0.93 -20.41 -0.63
CMA CLA IF . -1.98 -22.17 -2.10
CAA CLA IF . -0.73 -19.16 -3.69
CBA CLA IF . 0.33 -18.32 -3.00
CGA CLA IF . 1.48 -17.97 -3.86
O1A CLA IF . 1.52 -17.98 -5.08
O2A CLA IF . 2.61 -17.60 -3.18
NB CLA IF . -0.42 -19.69 2.22
C1B CLA IF . 0.12 -20.72 1.55
C2B CLA IF . 1.11 -21.40 2.40
C3B CLA IF . 1.15 -20.73 3.58
C4B CLA IF . 0.17 -19.62 3.48
CMB CLA IF . 1.85 -22.55 1.89
CAB CLA IF . 1.95 -20.89 4.77
CBB CLA IF . 2.42 -22.01 5.30
NC CLA IF . -1.55 -17.19 3.18
C1C CLA IF . -0.87 -17.55 4.28
C2C CLA IF . -1.04 -16.57 5.32
C3C CLA IF . -1.82 -15.57 4.79
C4C CLA IF . -2.12 -15.96 3.42
CMC CLA IF . -0.45 -16.66 6.65
CAC CLA IF . -2.28 -14.34 5.44
CBC CLA IF . -1.43 -13.14 5.10
ND CLA IF . -2.69 -16.76 0.68
C1D CLA IF . -3.13 -15.55 1.23
C2D CLA IF . -3.89 -14.81 0.23
C3D CLA IF . -3.82 -15.56 -0.91
C4D CLA IF . -3.02 -16.75 -0.60
CMD CLA IF . -4.55 -13.54 0.46
CAD CLA IF . -4.23 -15.67 -2.28
OBD CLA IF . -5.03 -14.99 -2.90
CBD CLA IF . -3.50 -16.90 -2.87
CGD CLA IF . -4.51 -17.78 -3.52
O1D CLA IF . -4.44 -18.32 -4.62
O2D CLA IF . -5.62 -17.97 -2.78
CED CLA IF . -6.84 -18.16 -3.48
C1 CLA IF . 3.26 -16.39 -3.60
C2 CLA IF . 4.70 -16.50 -3.24
C3 CLA IF . 5.28 -15.76 -2.29
C4 CLA IF . 4.53 -14.77 -1.50
C5 CLA IF . 6.71 -15.90 -1.95
C6 CLA IF . 6.91 -16.57 -0.61
C7 CLA IF . 7.60 -15.66 0.38
C8 CLA IF . 8.97 -15.30 -0.11
C9 CLA IF . 9.89 -16.49 0.03
C10 CLA IF . 9.53 -14.11 0.63
C11 CLA IF . 9.61 -14.36 2.12
C12 CLA IF . 9.45 -13.07 2.88
C13 CLA IF . 10.72 -12.25 2.86
C14 CLA IF . 11.87 -13.03 3.50
C15 CLA IF . 10.53 -10.94 3.60
C16 CLA IF . 10.67 -9.74 2.70
C17 CLA IF . 10.39 -8.47 3.47
C18 CLA IF . 10.57 -7.21 2.62
C19 CLA IF . 9.45 -7.05 1.62
C20 CLA IF . 10.61 -6.00 3.52
MG CLA JF . 18.72 -32.26 19.98
CHA CLA JF . 18.12 -32.13 23.37
CHB CLA JF . 21.62 -30.58 20.44
CHC CLA JF . 19.46 -32.76 16.69
CHD CLA JF . 15.77 -34.12 19.59
NA CLA JF . 19.67 -31.47 21.64
C1A CLA JF . 19.27 -31.53 22.96
C2A CLA JF . 20.29 -30.84 23.86
C3A CLA JF . 21.19 -30.12 22.85
C4A CLA JF . 20.84 -30.78 21.53
CMA CLA JF . 20.83 -28.66 22.75
CAA CLA JF . 21.06 -31.86 24.69
CBA CLA JF . 21.96 -32.85 23.97
CGA CLA JF . 21.21 -34.06 23.47
O1A CLA JF . 20.54 -34.86 24.10
O2A CLA JF . 21.31 -34.22 22.11
NB CLA JF . 20.18 -31.64 18.76
C1B CLA JF . 21.36 -31.14 19.19
C2B CLA JF . 22.39 -31.27 18.16
C3B CLA JF . 21.81 -31.87 17.10
C4B CLA JF . 20.40 -32.14 17.46
CMB CLA JF . 23.76 -30.82 18.33
CAB CLA JF . 22.47 -32.24 15.89
CBB CLA JF . 22.08 -31.98 14.65
NC CLA JF . 17.73 -33.18 18.41
C1C CLA JF . 18.20 -33.23 17.14
C2C CLA JF . 17.25 -33.94 16.30
C3C CLA JF . 16.24 -34.39 17.14
C4C CLA JF . 16.56 -33.92 18.47
CMC CLA JF . 17.38 -34.16 14.87
CAC CLA JF . 15.06 -35.17 16.80
CBC CLA JF . 13.93 -34.33 16.29
ND CLA JF . 17.27 -33.02 21.16
C1D CLA JF . 16.08 -33.71 20.86
C2D CLA JF . 15.30 -33.86 22.07
C3D CLA JF . 16.03 -33.28 23.08
C4D CLA JF . 17.25 -32.78 22.45
CMD CLA JF . 14.00 -34.50 22.14
CAD CLA JF . 16.08 -32.90 24.47
OBD CLA JF . 15.25 -33.03 25.34
CBD CLA JF . 17.43 -32.20 24.71
CGD CLA JF . 17.15 -30.83 25.24
O1D CLA JF . 16.21 -30.10 24.96
O2D CLA JF . 18.04 -30.38 26.16
CED CLA JF . 17.61 -29.32 27.00
C1 CLA JF . 20.35 -35.09 21.49
C2 CLA JF . 21.09 -36.30 21.07
C3 CLA JF . 21.40 -36.58 19.80
C4 CLA JF . 21.03 -35.68 18.68
C5 CLA JF . 22.14 -37.83 19.45
C6 CLA JF . 21.61 -38.53 18.21
C7 CLA JF . 22.20 -39.90 18.00
C8 CLA JF . 21.21 -40.79 17.26
C9 CLA JF . 20.13 -41.26 18.22
C10 CLA JF . 21.86 -41.98 16.56
C11 CLA JF . 20.84 -42.83 15.83
C12 CLA JF . 21.28 -43.17 14.42
C13 CLA JF . 20.38 -44.20 13.77
C14 CLA JF . 20.40 -45.50 14.54
C15 CLA JF . 20.80 -44.48 12.34
C16 CLA JF . 19.65 -44.95 11.48
C17 CLA JF . 18.97 -43.78 10.80
C18 CLA JF . 18.99 -43.92 9.28
C19 CLA JF . 17.93 -44.91 8.82
C20 CLA JF . 18.76 -42.58 8.62
MG CLA KF . 8.01 -40.96 28.92
CHA CLA KF . 10.46 -40.30 31.26
CHB CLA KF . 8.23 -37.79 27.77
CHC CLA KF . 5.77 -41.76 26.46
CHD CLA KF . 7.98 -44.30 29.99
NA CLA KF . 9.14 -39.30 29.49
C1A CLA KF . 10.14 -39.22 30.48
C2A CLA KF . 10.68 -37.80 30.55
C3A CLA KF . 9.81 -37.02 29.55
C4A CLA KF . 8.98 -38.10 28.88
CMA CLA KF . 8.90 -36.08 30.28
CAA CLA KF . 12.14 -37.68 30.17
CBA CLA KF . 12.40 -37.92 28.69
CGA CLA KF . 13.84 -38.27 28.52
O1A CLA KF . 14.66 -38.55 29.39
O2A CLA KF . 14.26 -38.25 27.23
NB CLA KF . 7.05 -39.91 27.52
C1B CLA KF . 7.43 -38.69 27.08
C2B CLA KF . 6.86 -38.42 25.74
C3B CLA KF . 6.17 -39.54 25.38
C4B CLA KF . 6.29 -40.50 26.49
CMB CLA KF . 7.09 -37.20 24.99
CAB CLA KF . 5.48 -39.87 24.18
CBB CLA KF . 4.45 -39.20 23.67
NC CLA KF . 7.03 -42.69 28.37
C1C CLA KF . 6.14 -42.80 27.35
C2C CLA KF . 5.63 -44.14 27.26
C3C CLA KF . 6.27 -44.87 28.24
C4C CLA KF . 7.15 -43.95 28.93
CMC CLA KF . 4.66 -44.60 26.27
CAC CLA KF . 6.10 -46.28 28.56
CBC CLA KF . 5.15 -46.49 29.72
ND CLA KF . 9.02 -42.11 30.24
C1D CLA KF . 8.86 -43.47 30.60
C2D CLA KF . 9.74 -43.76 31.72
C3D CLA KF . 10.36 -42.58 32.04
C4D CLA KF . 9.88 -41.58 31.08
CMD CLA KF . 9.85 -45.06 32.34
CAD CLA KF . 11.29 -41.92 32.90
OBD CLA KF . 11.92 -42.39 33.82
CBD CLA KF . 11.35 -40.43 32.46
CGD CLA KF . 10.76 -39.60 33.53
O1D CLA KF . 11.05 -38.46 33.88
O2D CLA KF . 9.75 -40.23 34.17
CED CLA KF . 8.65 -39.42 34.59
C1 CLA KF . 15.68 -38.36 27.01
C2 CLA KF . 15.93 -37.84 25.65
C3 CLA KF . 17.12 -37.39 25.24
C4 CLA KF . 18.30 -37.37 26.12
C5 CLA KF . 17.30 -36.89 23.86
C6 CLA KF . 16.54 -37.71 22.85
C7 CLA KF . 16.77 -37.11 21.48
C8 CLA KF . 16.88 -38.15 20.37
C9 CLA KF . 17.84 -39.26 20.76
C10 CLA KF . 17.36 -37.46 19.12
C11 CLA KF . 17.51 -38.42 17.96
C12 CLA KF . 18.20 -37.73 16.80
C13 CLA KF . 18.33 -38.66 15.61
C14 CLA KF . 19.13 -37.99 14.52
C15 CLA KF . 16.96 -39.08 15.09
C16 CLA KF . 17.06 -40.01 13.89
C17 CLA KF . 15.70 -40.53 13.51
C18 CLA KF . 15.79 -41.62 12.46
C19 CLA KF . 16.42 -41.09 11.19
C20 CLA KF . 14.41 -42.17 12.14
MG CLA LF . 7.86 -32.49 26.46
CHA CLA LF . 4.75 -31.22 25.75
CHB CLA LF . 8.07 -33.76 23.35
CHC CLA LF . 10.83 -33.87 27.29
CHD CLA LF . 7.49 -31.36 29.78
NA CLA LF . 6.62 -32.43 24.80
C1A CLA LF . 5.36 -31.85 24.70
C2A CLA LF . 4.82 -32.04 23.29
C3A CLA LF . 5.89 -32.86 22.58
C4A CLA LF . 6.95 -33.02 23.64
CMA CLA LF . 5.36 -34.22 22.22
CAA CLA LF . 4.79 -30.71 22.58
CBA CLA LF . 4.26 -30.85 21.18
CGA CLA LF . 3.03 -30.00 21.08
O1A CLA LF . 2.89 -28.84 21.44
O2A CLA LF . 1.99 -30.65 20.51
NB CLA LF . 9.26 -33.50 25.46
C1B CLA LF . 9.09 -34.02 24.24
C2B CLA LF . 10.15 -35.00 23.96
C3B CLA LF . 10.94 -35.05 25.06
C4B CLA LF . 10.37 -34.11 26.05
CMB CLA LF . 10.21 -35.75 22.72
CAB CLA LF . 12.06 -35.90 25.30
CBB CLA LF . 13.29 -35.51 25.58
NC CLA LF . 8.99 -32.51 28.19
C1C CLA LF . 10.19 -33.10 28.29
C2C CLA LF . 10.71 -32.92 29.61
C3C CLA LF . 9.74 -32.28 30.35
C4C CLA LF . 8.65 -32.03 29.45
CMC CLA LF . 12.01 -33.41 30.04
CAC CLA LF . 9.77 -31.89 31.74
CBC CLA LF . 10.29 -30.50 31.92
ND CLA LF . 6.52 -31.49 27.56
C1D CLA LF . 6.48 -31.10 28.91
C2D CLA LF . 5.23 -30.41 29.18
C3D CLA LF . 4.53 -30.42 28.01
C4D CLA LF . 5.36 -31.12 27.03
CMD CLA LF . 4.86 -29.84 30.46
CAD CLA LF . 3.33 -30.03 27.35
OBD CLA LF . 2.39 -29.40 27.77
CBD CLA LF . 3.41 -30.56 25.91
CGD CLA LF . 2.28 -31.52 25.72
O1D CLA LF . 1.09 -31.23 25.67
O2D CLA LF . 2.60 -32.82 25.60
CED CLA LF . 1.70 -33.63 24.86
C1 CLA LF . 0.75 -29.92 20.42
C2 CLA LF . -0.27 -30.75 21.10
C3 CLA LF . -1.51 -30.94 20.61
C4 CLA LF . -1.98 -30.36 19.33
C5 CLA LF . -2.48 -31.77 21.35
C6 CLA LF . -3.68 -30.96 21.80
C7 CLA LF . -3.28 -30.00 22.89
C8 CLA LF . -2.79 -30.72 24.13
C9 CLA LF . -3.96 -31.29 24.88
C10 CLA LF . -2.03 -29.81 25.06
C11 CLA LF . -1.10 -28.85 24.37
C12 CLA LF . -0.31 -28.08 25.40
C13 CLA LF . 0.49 -26.91 24.86
C14 CLA LF . 0.94 -27.10 23.43
C15 CLA LF . 1.73 -26.73 25.71
C16 CLA LF . 1.57 -25.52 26.60
C17 CLA LF . 2.94 -25.11 27.10
C18 CLA LF . 3.03 -25.23 28.60
C19 CLA LF . 3.81 -24.06 29.14
C20 CLA LF . 3.77 -26.48 28.96
MG CLA MF . 12.79 -18.23 20.37
CHA CLA MF . 14.33 -15.76 22.15
CHB CLA MF . 10.20 -18.23 22.56
CHC CLA MF . 11.11 -20.41 18.34
CHD CLA MF . 15.43 -18.10 18.02
NA CLA MF . 12.37 -17.18 22.10
C1A CLA MF . 13.12 -16.15 22.65
C2A CLA MF . 12.45 -15.61 23.90
C3A CLA MF . 11.26 -16.56 24.11
C4A CLA MF . 11.24 -17.38 22.83
CMA CLA MF . 11.50 -17.44 25.30
CAA CLA MF . 11.91 -14.23 23.65
CBA CLA MF . 11.35 -13.98 22.27
CGA CLA MF . 11.54 -12.55 21.91
O1A CLA MF . 11.92 -11.64 22.64
O2A CLA MF . 11.25 -12.25 20.62
NB CLA MF . 11.04 -19.18 20.46
C1B CLA MF . 10.12 -19.03 21.42
C2B CLA MF . 8.96 -19.87 21.12
C3B CLA MF . 9.18 -20.49 19.94
C4B CLA MF . 10.51 -20.05 19.49
CMB CLA MF . 7.81 -19.92 21.99
CAB CLA MF . 8.35 -21.36 19.17
CBB CLA MF . 7.85 -22.52 19.58
NC CLA MF . 13.22 -19.12 18.55
C1C CLA MF . 12.39 -19.98 17.90
C2C CLA MF . 12.97 -20.36 16.65
C3C CLA MF . 14.18 -19.71 16.55
C4C CLA MF . 14.33 -18.92 17.75
CMC CLA MF . 12.36 -21.25 15.68
CAC CLA MF . 15.08 -19.77 15.42
CBC CLA MF . 14.80 -18.62 14.49
ND CLA MF . 14.51 -17.24 20.11
C1D CLA MF . 15.51 -17.30 19.12
C2D CLA MF . 16.61 -16.39 19.49
C3D CLA MF . 16.21 -15.79 20.65
C4D CLA MF . 14.90 -16.33 20.98
CMD CLA MF . 17.81 -16.21 18.71
CAD CLA MF . 16.53 -14.84 21.68
OBD CLA MF . 17.53 -14.16 21.82
CBD CLA MF . 15.36 -14.83 22.67
CGD CLA MF . 15.87 -15.45 23.90
O1D CLA MF . 16.70 -16.34 23.99
O2D CLA MF . 15.33 -14.96 25.03
CED CLA MF . 16.31 -14.45 25.94
C1 CLA MF . 10.73 -10.94 20.41
C2 CLA MF . 10.53 -10.77 18.95
C3 CLA MF . 10.12 -9.62 18.41
C4 CLA MF . 9.84 -8.42 19.23
C5 CLA MF . 9.92 -9.44 16.96
C6 CLA MF . 10.44 -10.57 16.11
C7 CLA MF . 10.07 -10.27 14.69
C8 CLA MF . 10.15 -11.50 13.83
C9 CLA MF . 11.59 -11.83 13.54
C10 CLA MF . 9.39 -11.28 12.54
C11 CLA MF . 7.91 -11.17 12.81
C12 CLA MF . 7.35 -12.51 13.23
C13 CLA MF . 6.34 -13.06 12.24
C14 CLA MF . 5.11 -12.18 12.18
C15 CLA MF . 5.95 -14.46 12.66
C16 CLA MF . 5.19 -15.22 11.59
C17 CLA MF . 4.73 -16.54 12.13
C18 CLA MF . 5.72 -17.66 11.85
C19 CLA MF . 4.99 -18.87 11.32
C20 CLA MF . 6.49 -18.06 13.08
MG CLA NF . 5.17 -20.11 24.09
CHA CLA NF . 4.44 -23.30 23.05
CHB CLA NF . 3.24 -18.83 21.66
CHC CLA NF . 6.22 -17.00 25.00
CHD CLA NF . 7.20 -21.46 26.60
NA CLA NF . 4.03 -20.97 22.60
C1A CLA NF . 3.83 -22.32 22.33
C2A CLA NF . 2.90 -22.48 21.14
C3A CLA NF . 2.64 -21.04 20.71
C4A CLA NF . 3.36 -20.19 21.71
CMA CLA NF . 3.36 -20.86 19.43
CAA CLA NF . 1.59 -23.12 21.55
CBA CLA NF . 0.47 -22.15 21.85
CGA CLA NF . -0.52 -22.79 22.75
O1A CLA NF . -0.31 -23.37 23.82
O2A CLA NF . -1.79 -22.67 22.27
NB CLA NF . 4.73 -18.26 23.50
C1B CLA NF . 3.93 -17.94 22.49
C2B CLA NF . 3.94 -16.48 22.28
C3B CLA NF . 4.80 -15.96 23.22
C4B CLA NF . 5.32 -17.10 24.00
CMB CLA NF . 3.14 -15.85 21.24
CAB CLA NF . 5.30 -14.66 23.52
CBB CLA NF . 4.77 -13.47 23.25
NC CLA NF . 6.45 -19.38 25.56
C1C CLA NF . 6.75 -18.07 25.75
C2C CLA NF . 7.71 -17.93 26.82
C3C CLA NF . 7.97 -19.19 27.29
C4C CLA NF . 7.17 -20.08 26.49
CMC CLA NF . 8.25 -16.67 27.28
CAC CLA NF . 8.86 -19.55 28.39
CBC CLA NF . 10.19 -20.08 27.90
ND CLA NF . 5.75 -21.91 24.69
C1D CLA NF . 6.57 -22.31 25.76
C2D CLA NF . 6.62 -23.73 25.81
C3D CLA NF . 5.88 -24.18 24.77
C4D CLA NF . 5.33 -23.00 24.11
CMD CLA NF . 7.41 -24.39 26.81
CAD CLA NF . 5.38 -25.32 24.07
OBD CLA NF . 5.63 -26.49 24.28
CBD CLA NF . 4.42 -24.81 22.99
CGD CLA NF . 4.75 -25.34 21.64
O1D CLA NF . 3.99 -25.71 20.75
O2D CLA NF . 6.09 -25.43 21.41
CED CLA NF . 6.48 -25.81 20.09
C1 CLA NF . -2.64 -23.83 22.34
C2 CLA NF . -1.95 -24.95 21.66
C3 CLA NF . -2.48 -25.67 20.67
C4 CLA NF . -3.83 -25.46 20.13
C5 CLA NF . -1.66 -26.75 20.07
C6 CLA NF . -1.26 -26.46 18.64
C7 CLA NF . -0.03 -25.60 18.61
C8 CLA NF . 0.03 -24.65 17.42
C9 CLA NF . 0.91 -23.49 17.79
C10 CLA NF . -1.33 -24.10 17.02
C11 CLA NF . -1.50 -24.15 15.53
C12 CLA NF . -1.55 -25.58 15.04
C13 CLA NF . -0.63 -25.84 13.85
C14 CLA NF . -0.95 -24.87 12.74
C15 CLA NF . -0.77 -27.26 13.34
C16 CLA NF . -0.47 -28.29 14.39
C17 CLA NF . 0.99 -28.27 14.75
C18 CLA NF . 1.44 -29.55 15.45
C19 CLA NF . 0.64 -29.74 16.70
C20 CLA NF . 2.89 -29.46 15.83
MG CLA OF . 2.96 -18.64 15.21
CHA CLA OF . 4.24 -15.81 16.64
CHB CLA OF . 5.41 -20.47 16.62
CHC CLA OF . 1.65 -21.43 13.77
CHD CLA OF . 0.60 -16.68 13.50
NA CLA OF . 4.55 -18.18 16.46
C1A CLA OF . 4.92 -16.94 16.95
C2A CLA OF . 6.18 -17.07 17.79
C3A CLA OF . 6.58 -18.53 17.64
C4A CLA OF . 5.43 -19.13 16.88
CMA CLA OF . 7.80 -18.68 16.79
CAA CLA OF . 5.93 -16.84 19.24
CBA CLA OF . 7.19 -16.93 20.04
CGA CLA OF . 7.99 -15.68 19.94
O1A CLA OF . 7.67 -14.53 20.21
O2A CLA OF . 9.25 -15.94 19.50
NB CLA OF . 3.42 -20.58 15.22
C1B CLA OF . 4.42 -21.15 15.91
C2B CLA OF . 4.35 -22.61 15.82
C3B CLA OF . 3.28 -22.88 15.01
C4B CLA OF . 2.70 -21.60 14.61
CMB CLA OF . 5.34 -23.44 16.49
CAB CLA OF . 2.69 -24.09 14.49
CBB CLA OF . 3.11 -25.35 14.62
NC CLA OF . 1.42 -18.98 13.86
C1C CLA OF . 1.06 -20.20 13.41
C2C CLA OF . -0.06 -20.07 12.50
C3C CLA OF . -0.36 -18.71 12.41
C4C CLA OF . 0.59 -18.05 13.28
CMC CLA OF . -0.73 -21.16 11.83
CAC CLA OF . -1.42 -18.07 11.66
CBC CLA OF . -1.02 -17.39 10.39
ND CLA OF . 2.49 -16.71 15.05
C1D CLA OF . 1.48 -16.04 14.33
C2D CLA OF . 1.56 -14.62 14.62
C3D CLA OF . 2.57 -14.47 15.52
C4D CLA OF . 3.14 -15.80 15.74
CMD CLA OF . 0.66 -13.62 14.04
CAD CLA OF . 3.34 -13.55 16.29
OBD CLA OF . 3.24 -12.35 16.37
CBD CLA OF . 4.40 -14.38 17.05
CGD CLA OF . 5.74 -13.82 16.79
O1D CLA OF . 6.61 -14.27 16.04
O2D CLA OF . 5.97 -12.68 17.45
CED CLA OF . 7.33 -12.30 17.63
C1 CLA OF . 9.99 -14.85 18.96
C2 CLA OF . 9.85 -14.91 17.50
C3 CLA OF . 10.72 -15.51 16.69
C4 CLA OF . 11.92 -16.16 17.22
C5 CLA OF . 10.47 -15.50 15.23
C6 CLA OF . 11.05 -16.69 14.52
C7 CLA OF . 11.15 -16.38 13.05
C8 CLA OF . 10.11 -17.12 12.24
C9 CLA OF . 10.22 -18.61 12.48
C10 CLA OF . 10.30 -16.84 10.76
C11 CLA OF . 9.88 -15.44 10.41
C12 CLA OF . 9.23 -15.38 9.04
C13 CLA OF . 9.94 -14.42 8.11
C14 CLA OF . 11.26 -15.00 7.66
C15 CLA OF . 10.20 -13.04 8.74
C16 CLA OF . 8.94 -12.19 8.76
C17 CLA OF . 8.40 -11.94 7.37
C18 CLA OF . 7.22 -10.99 7.36
C19 CLA OF . 6.03 -11.56 8.11
C20 CLA OF . 6.83 -10.67 5.93
MG CLA PF . -3.31 -27.01 31.05
CHA CLA PF . -2.52 -25.04 28.35
CHB CLA PF . -5.96 -28.26 29.36
CHC CLA PF . -4.28 -28.70 33.86
CHD CLA PF . -0.81 -25.40 32.92
NA CLA PF . -4.03 -26.76 29.12
C1A CLA PF . -3.57 -25.87 28.14
C2A CLA PF . -4.44 -26.00 26.88
C3A CLA PF . -5.51 -27.02 27.27
C4A CLA PF . -5.13 -27.41 28.68
CMA CLA PF . -6.87 -26.38 27.32
CAA CLA PF . -3.68 -26.54 25.70
CBA CLA PF . -4.58 -26.88 24.52
CGA CLA PF . -5.34 -25.68 24.06
O1A CLA PF . -5.13 -24.50 24.33
O2A CLA PF . -6.37 -25.95 23.21
NB CLA PF . -4.78 -28.30 31.50
C1B CLA PF . -5.79 -28.66 30.69
C2B CLA PF . -6.76 -29.50 31.42
C3B CLA PF . -6.27 -29.63 32.70
C4B CLA PF . -5.02 -28.87 32.76
CMB CLA PF . -7.98 -30.01 30.82
CAB CLA PF . -6.78 -30.32 33.86
CBB CLA PF . -8.01 -30.29 34.35
NC CLA PF . -2.60 -27.10 33.00
C1C CLA PF . -3.15 -27.86 33.98
C2C CLA PF . -2.46 -27.66 35.22
C3C CLA PF . -1.49 -26.69 34.99
C4C CLA PF . -1.60 -26.34 33.58
CMC CLA PF . -2.79 -28.33 36.47
CAC CLA PF . -0.58 -26.13 35.98
CBC CLA PF . -1.19 -24.95 36.69
ND CLA PF . -1.85 -25.68 30.72
C1D CLA PF . -0.91 -25.09 31.59
C2D CLA PF . -0.16 -24.08 30.85
C3D CLA PF . -0.73 -24.01 29.61
C4D CLA PF . -1.80 -25.00 29.59
CMD CLA PF . 0.94 -23.31 31.40
CAD CLA PF . -0.71 -23.39 28.33
OBD CLA PF . 0.03 -22.52 27.92
CBD CLA PF . -1.88 -23.96 27.52
CGD CLA PF . -2.83 -22.85 27.30
O1D CLA PF . -2.96 -21.87 28.00
O2D CLA PF . -3.60 -22.93 26.20
CED CLA PF . -3.86 -21.69 25.53
C1 CLA PF . -7.08 -24.81 22.66
C2 CLA PF . -8.20 -24.52 23.57
C3 CLA PF . -9.48 -24.79 23.28
C4 CLA PF . -9.89 -25.42 22.01
C5 CLA PF . -10.56 -24.48 24.25
C6 CLA PF . -11.03 -25.76 24.92
C7 CLA PF . -12.17 -25.47 25.86
C8 CLA PF . -11.69 -24.74 27.10
C9 CLA PF . -10.69 -25.59 27.84
C10 CLA PF . -12.88 -24.46 28.00
C11 CLA PF . -12.86 -23.02 28.44
C12 CLA PF . -13.66 -22.80 29.69
C13 CLA PF . -12.99 -23.45 30.88
C14 CLA PF . -13.81 -23.24 32.14
C15 CLA PF . -11.61 -22.86 31.09
C16 CLA PF . -10.87 -23.64 32.13
C17 CLA PF . -10.23 -24.84 31.49
C18 CLA PF . -8.84 -25.02 32.06
C19 CLA PF . -8.13 -26.12 31.33
C20 CLA PF . -8.93 -25.37 33.53
MG CLA QF . -8.95 -20.14 32.17
CHA CLA QF . -11.04 -18.62 34.43
CHB CLA QF . -10.98 -19.20 29.68
CHC CLA QF . -7.04 -21.96 29.97
CHD CLA QF . -6.99 -21.38 34.83
NA CLA QF . -10.67 -18.99 32.09
C1A CLA QF . -11.40 -18.43 33.12
C2A CLA QF . -12.63 -17.67 32.59
C3A CLA QF . -12.53 -17.89 31.08
C4A CLA QF . -11.29 -18.72 30.93
CMA CLA QF . -13.67 -18.73 30.62
CAA CLA QF . -12.72 -16.18 32.91
CBA CLA QF . -14.07 -15.62 32.51
CGA CLA QF . -14.98 -15.46 33.67
O1A CLA QF . -14.74 -14.97 34.77
O2A CLA QF . -16.26 -15.91 33.45
NB CLA QF . -8.92 -20.41 30.19
C1B CLA QF . -9.91 -20.03 29.38
C2B CLA QF . -9.78 -20.63 28.05
C3B CLA QF . -8.68 -21.43 28.09
C4B CLA QF . -8.12 -21.31 29.46
CMB CLA QF . -10.71 -20.38 26.97
CAB CLA QF . -8.24 -22.25 27.01
CBB CLA QF . -7.03 -22.68 26.68
NC CLA QF . -7.28 -21.35 32.36
C1C CLA QF . -6.65 -21.95 31.33
C2C CLA QF . -5.52 -22.70 31.82
C3C CLA QF . -5.53 -22.57 33.20
C4C CLA QF . -6.64 -21.72 33.53
CMC CLA QF . -4.60 -23.44 30.99
CAC CLA QF . -4.57 -23.13 34.14
CBC CLA QF . -4.92 -24.54 34.53
ND CLA QF . -8.90 -20.01 34.16
C1D CLA QF . -8.07 -20.59 35.15
C2D CLA QF . -8.54 -20.20 36.47
C3D CLA QF . -9.68 -19.45 36.25
C4D CLA QF . -9.88 -19.37 34.80
CMD CLA QF . -7.89 -20.61 37.69
CAD CLA QF . -10.74 -18.72 36.85
OBD CLA QF . -10.96 -18.52 38.02
CBD CLA QF . -11.66 -18.19 35.73
CGD CLA QF . -13.01 -18.78 35.98
O1D CLA QF . -13.67 -18.70 37.03
O2D CLA QF . -13.54 -19.48 34.94
CED CLA QF . -14.88 -19.97 35.02
C1 CLA QF . -17.06 -15.21 32.47
C2 CLA QF . -18.35 -14.85 33.11
C3 CLA QF . -19.54 -14.96 32.48
C4 CLA QF . -20.80 -14.59 33.16
C5 CLA QF . -19.65 -15.47 31.09
C6 CLA QF . -20.15 -16.89 31.06
C7 CLA QF . -21.05 -17.12 29.88
C8 CLA QF . -20.28 -17.45 28.62
C9 CLA QF . -20.89 -16.72 27.44
C10 CLA QF . -20.32 -18.94 28.39
C11 CLA QF . -19.25 -19.39 27.42
C12 CLA QF . -19.86 -20.09 26.23
C13 CLA QF . -18.98 -19.93 25.00
C14 CLA QF . -18.68 -18.47 24.74
C15 CLA QF . -19.60 -20.62 23.77
C16 CLA QF . -20.62 -19.76 23.04
C17 CLA QF . -20.25 -19.59 21.59
C18 CLA QF . -21.24 -18.73 20.83
C19 CLA QF . -22.59 -19.41 20.75
C20 CLA QF . -21.36 -17.37 21.49
C1 BCR RF . 4.57 -15.29 6.36
C2 BCR RF . 5.48 -15.25 5.16
C3 BCR RF . 4.66 -15.07 3.92
C4 BCR RF . 3.96 -13.74 3.95
C5 BCR RF . 3.39 -13.43 5.28
C6 BCR RF . 3.64 -14.13 6.39
C7 BCR RF . 3.06 -13.76 7.69
C8 BCR RF . 1.92 -14.25 8.13
C9 BCR RF . 1.12 -13.59 9.14
C10 BCR RF . -0.21 -13.74 9.10
C11 BCR RF . -1.11 -13.11 10.04
C33 BCR RF . 2.50 -12.25 5.27
C31 BCR RF . 5.45 -15.32 7.58
C32 BCR RF . 3.80 -16.59 6.28
C34 BCR RF . 1.75 -12.54 9.96
C12 BCR RF . -2.40 -13.34 9.94
C13 BCR RF . -3.31 -13.24 11.05
C14 BCR RF . -4.61 -13.08 10.82
C15 BCR RF . -5.57 -12.91 11.87
C16 BCR RF . -6.85 -12.66 11.55
C17 BCR RF . -7.78 -12.40 12.62
C18 BCR RF . -9.06 -12.11 12.45
C19 BCR RF . -9.95 -12.20 13.59
C20 BCR RF . -11.21 -11.82 13.55
C21 BCR RF . -12.05 -12.12 14.69
C22 BCR RF . -13.18 -11.48 15.02
C23 BCR RF . -13.68 -11.66 16.36
C24 BCR RF . -14.80 -11.07 16.80
C25 BCR RF . -15.52 -11.33 18.05
C26 BCR RF . -15.15 -10.79 19.22
C27 BCR RF . -15.83 -10.97 20.51
C28 BCR RF . -17.19 -11.60 20.38
C29 BCR RF . -17.16 -12.68 19.34
C30 BCR RF . -16.75 -12.17 17.98
C35 BCR RF . -2.80 -13.36 12.42
C36 BCR RF . -9.66 -11.95 11.13
C37 BCR RF . -14.09 -11.01 13.97
C38 BCR RF . -13.97 -9.92 19.39
C39 BCR RF . -17.85 -11.36 17.33
C40 BCR RF . -16.61 -13.42 17.14
C1 BCR SF . -18.03 -28.02 19.97
C2 BCR SF . -19.08 -29.02 19.50
C3 BCR SF . -20.12 -29.37 20.52
C4 BCR SF . -19.54 -29.53 21.89
C5 BCR SF . -18.82 -28.31 22.25
C6 BCR SF . -18.11 -27.59 21.39
C7 BCR SF . -17.42 -26.35 21.75
C8 BCR SF . -16.18 -26.34 22.25
C9 BCR SF . -15.31 -25.17 22.34
C10 BCR SF . -15.65 -24.17 23.16
C11 BCR SF . -14.76 -23.11 23.55
C33 BCR SF . -18.97 -27.94 23.67
C31 BCR SF . -18.17 -26.83 19.05
C32 BCR SF . -16.71 -28.69 19.68
C34 BCR SF . -13.92 -25.35 21.89
C12 BCR SF . -15.19 -22.19 24.40
C13 BCR SF . -14.43 -21.06 24.86
C14 BCR SF . -14.95 -20.29 25.84
C15 BCR SF . -14.35 -19.08 26.30
C16 BCR SF . -15.06 -18.26 27.09
C17 BCR SF . -14.50 -17.00 27.47
C18 BCR SF . -15.05 -16.16 28.34
C19 BCR SF . -14.24 -15.09 28.87
C20 BCR SF . -14.76 -13.99 29.41
C21 BCR SF . -13.88 -12.90 29.72
C22 BCR SF . -14.24 -11.78 30.35
C23 BCR SF . -13.21 -10.77 30.58
C24 BCR SF . -13.54 -9.57 31.07
C25 BCR SF . -12.77 -8.34 30.98
C26 BCR SF . -12.81 -7.55 29.90
C27 BCR SF . -12.09 -6.29 29.73
C28 BCR SF . -11.73 -5.67 31.05
C29 BCR SF . -11.09 -6.73 31.90
C30 BCR SF . -11.99 -7.92 32.18
C35 BCR SF . -13.20 -20.66 24.17
C36 BCR SF . -16.50 -16.14 28.60
C37 BCR SF . -15.53 -11.68 31.05
C38 BCR SF . -13.58 -7.87 28.68
C39 BCR SF . -12.95 -7.64 33.31
C40 BCR SF . -11.04 -8.98 32.68
C1 LMG TF . -4.00 -13.11 -6.87
O1 LMG TF . -2.89 -13.72 -6.30
C2 LMG TF . -3.78 -13.23 -8.37
O2 LMG TF . -2.68 -12.42 -8.64
C3 LMG TF . -5.04 -12.57 -8.99
O3 LMG TF . -4.85 -12.70 -10.37
C4 LMG TF . -6.30 -13.37 -8.58
O4 LMG TF . -6.20 -14.65 -9.07
C5 LMG TF . -6.31 -13.47 -7.01
O5 LMG TF . -6.84 -15.15 -5.53
C6 LMG TF . -7.38 -14.46 -6.61
O6 LMG TF . -5.08 -13.94 -6.51
C7 LMG TF . -2.83 -13.59 -4.91
C8 LMG TF . -1.36 -13.33 -4.59
C9 LMG TF . -1.03 -11.92 -5.02
O7 LMG TF . -1.22 -13.33 -3.21
C10 LMG TF . -0.34 -14.18 -2.65
O9 LMG TF . 0.19 -15.04 -3.34
C11 LMG TF . -0.13 -13.93 -1.20
C12 LMG TF . 0.65 -15.06 -0.63
C13 LMG TF . 1.09 -14.75 0.75
C14 LMG TF . 1.23 -16.05 1.45
C15 LMG TF . 2.57 -16.58 1.19
C16 LMG TF . 2.47 -18.06 1.01
C17 LMG TF . 3.87 -18.57 0.93
C18 LMG TF . 4.45 -18.47 2.30
C19 LMG TF . 5.43 -19.59 2.44
C20 LMG TF . 6.09 -19.34 3.75
C21 LMG TF . 7.48 -19.83 3.63
C22 LMG TF . 8.27 -18.93 4.52
C23 LMG TF . 9.42 -19.73 5.01
C24 LMG TF . 10.33 -18.71 5.65
C25 LMG TF . 11.03 -17.97 4.55
O8 LMG TF . 0.35 -11.78 -4.90
C28 LMG TF . 0.84 -10.56 -5.19
O10 LMG TF . 0.16 -9.78 -5.83
C29 LMG TF . 1.97 -10.16 -4.30
C30 LMG TF . 2.97 -11.27 -4.19
C31 LMG TF . 2.90 -11.77 -2.80
C32 LMG TF . 4.00 -11.12 -2.03
C33 LMG TF . 3.41 -10.74 -0.70
C34 LMG TF . 4.04 -11.59 0.38
C35 LMG TF . 5.42 -11.02 0.62
C36 LMG TF . 5.25 -9.67 1.27
C37 LMG TF . 5.02 -9.91 2.73
C38 LMG TF . 4.87 -8.53 3.28
C39 LMG TF . 3.81 -8.56 4.34
C40 LMG TF . 3.31 -7.15 4.34
C41 LMG TF . 2.96 -6.76 5.75
C42 LMG TF . 4.30 -6.54 6.41
C43 LMG TF . 4.08 -6.23 7.86
C1 LMG UF . -24.12 -32.36 13.14
O1 LMG UF . -23.12 -32.23 14.12
C2 LMG UF . -24.46 -30.91 12.74
O2 LMG UF . -25.28 -30.46 13.74
C3 LMG UF . -25.33 -30.98 11.49
O3 LMG UF . -25.44 -29.68 11.08
C4 LMG UF . -24.63 -31.77 10.37
O4 LMG UF . -23.49 -31.13 10.03
C5 LMG UF . -24.24 -33.13 10.95
O5 LMG UF . -22.32 -33.15 9.74
C6 LMG UF . -23.48 -33.88 9.89
O6 LMG UF . -23.43 -32.97 12.07
C7 LMG UF . -23.12 -33.23 15.11
C8 LMG UF . -21.68 -33.26 15.74
C9 LMG UF . -21.11 -31.87 15.57
O7 LMG UF . -21.83 -33.44 17.13
C10 LMG UF . -20.95 -34.22 17.81
O9 LMG UF . -20.09 -34.80 17.16
C11 LMG UF . -20.69 -33.66 19.14
C12 LMG UF . -19.75 -34.55 19.89
C13 LMG UF . -18.41 -33.92 20.00
C14 LMG UF . -17.98 -34.09 21.43
C15 LMG UF . -18.82 -33.21 22.31
C16 LMG UF . -17.95 -32.57 23.36
C17 LMG UF . -17.42 -33.66 24.24
C18 LMG UF . -16.91 -33.03 25.51
C19 LMG UF . -16.79 -34.11 26.53
C20 LMG UF . -15.59 -33.79 27.37
C21 LMG UF . -16.12 -33.13 28.61
C22 LMG UF . -16.38 -34.25 29.57
C23 LMG UF . -15.06 -34.66 30.17
C24 LMG UF . -15.35 -34.93 31.61
C25 LMG UF . -15.23 -33.65 32.36
O8 LMG UF . -20.08 -31.70 16.48
C28 LMG UF . -18.89 -31.44 15.95
O10 LMG UF . -18.83 -30.88 14.87
C29 LMG UF . -17.82 -32.21 16.57
C30 LMG UF . -16.74 -31.30 16.96
C31 LMG UF . -15.47 -32.02 16.75
C32 LMG UF . -15.34 -33.01 17.85
C33 LMG UF . -14.95 -32.23 19.03
C34 LMG UF . -13.47 -32.23 19.12
C35 LMG UF . -13.12 -33.51 19.82
C36 LMG UF . -13.52 -33.37 21.25
C37 LMG UF . -14.13 -34.67 21.66
C38 LMG UF . -14.04 -34.63 23.15
C39 LMG UF . -12.67 -35.04 23.61
C40 LMG UF . -12.63 -36.53 23.32
C41 LMG UF . -13.46 -37.26 24.33
C42 LMG UF . -12.64 -37.17 25.58
C43 LMG UF . -13.43 -37.80 26.70
O6 SQD VF . -28.20 -20.76 7.20
C44 SQD VF . -27.12 -20.39 7.99
C45 SQD VF . -27.54 -20.29 9.43
C46 SQD VF . -27.93 -21.68 9.90
O47 SQD VF . -26.50 -19.79 10.23
C7 SQD VF . -26.64 -18.57 10.91
O49 SQD VF . -27.55 -17.81 10.63
C8 SQD VF . -25.55 -18.12 11.89
C9 SQD VF . -25.72 -16.64 12.20
C10 SQD VF . -24.48 -16.14 12.90
C11 SQD VF . -24.72 -16.08 14.41
C12 SQD VF . -23.66 -15.21 15.05
C13 SQD VF . -23.57 -15.53 16.54
C14 SQD VF . -22.90 -14.38 17.28
C15 SQD VF . -22.18 -14.93 18.52
C16 SQD VF . -21.56 -13.78 19.30
O48 SQD VF . -27.42 -21.90 11.19
C23 SQD VF . -27.61 -23.17 11.77
O10 SQD VF . -27.74 -24.12 11.02
C24 SQD VF . -28.24 -23.26 13.16
C25 SQD VF . -27.66 -22.17 14.06
C26 SQD VF . -27.91 -22.55 15.52
C27 SQD VF . -26.85 -23.54 16.00
C1 SQD VF . -27.96 -21.62 6.11
C2 SQD VF . -28.80 -22.86 6.28
O2 SQD VF . -28.28 -23.66 7.26
C3 SQD VF . -28.86 -23.65 5.01
O3 SQD VF . -29.88 -24.55 5.15
C4 SQD VF . -29.14 -22.85 3.78
O4 SQD VF . -28.97 -23.63 2.67
C5 SQD VF . -28.22 -21.69 3.71
C6 SQD VF . -28.72 -20.86 2.56
O5 SQD VF . -28.20 -20.94 4.91
S SQD VF . -27.84 -19.32 2.44
O7 SQD VF . -28.18 -18.59 1.24
O8 SQD VF . -26.38 -19.51 2.51
O9 SQD VF . -28.30 -18.40 3.45
O1 LHG WF . 23.43 -8.08 20.69
C1 LHG WF . 23.79 -9.42 20.83
C2 LHG WF . 24.43 -9.57 22.17
O2 LHG WF . 25.75 -9.12 22.13
C3 LHG WF . 24.47 -11.00 22.63
O3 LHG WF . 23.10 -11.30 22.60
P LHG WF . 22.62 -12.81 22.64
O4 LHG WF . 23.86 -13.60 22.73
O5 LHG WF . 21.36 -12.80 23.41
O6 LHG WF . 22.29 -12.88 21.05
C4 LHG WF . 21.19 -13.57 20.61
C5 LHG WF . 21.40 -13.60 19.11
C6 LHG WF . 21.74 -14.98 18.65
O7 LHG WF . 20.16 -13.26 18.56
C7 LHG WF . 20.00 -11.94 18.40
O9 LHG WF . 20.91 -11.16 18.37
C8 LHG WF . 18.62 -11.65 18.05
C9 LHG WF . 18.31 -12.32 16.77
C10 LHG WF . 19.02 -11.64 15.67
O8 LHG WF . 21.80 -14.88 17.22
C23 LHG WF . 22.56 -15.81 16.58
O10 LHG WF . 23.23 -16.57 17.24
C24 LHG WF . 22.88 -15.68 15.10
C11 LHG WF . 17.89 -11.07 14.88
C12 LHG WF . 18.09 -11.46 13.46
C13 LHG WF . 17.40 -10.45 12.59
C14 LHG WF . 18.02 -10.40 11.23
C15 LHG WF . 17.70 -11.72 10.57
C16 LHG WF . 18.54 -11.89 9.35
C17 LHG WF . 17.94 -11.16 8.17
C18 LHG WF . 16.82 -12.06 7.75
C19 LHG WF . 16.15 -11.64 6.46
C20 LHG WF . 15.02 -12.64 6.32
C21 LHG WF . 15.57 -14.00 5.99
C22 LHG WF . 14.42 -14.96 5.83
C25 LHG WF . 21.73 -15.92 14.15
C26 LHG WF . 22.09 -16.69 12.88
C27 LHG WF . 20.76 -17.21 12.38
C28 LHG WF . 19.77 -16.18 11.93
C29 LHG WF . 18.60 -16.95 11.38
C30 LHG WF . 17.98 -16.42 10.12
C31 LHG WF . 16.92 -15.36 10.31
C32 LHG WF . 15.84 -15.68 11.33
C33 LHG WF . 15.82 -14.57 12.35
C34 LHG WF . 15.01 -14.84 13.59
C35 LHG WF . 15.66 -14.28 14.83
C36 LHG WF . 14.58 -13.62 15.64
C37 LHG WF . 14.92 -13.82 17.08
C38 LHG WF . 14.10 -12.97 18.00
MG CLA XF . -8.13 -49.25 33.08
CHA CLA XF . -6.02 -50.35 35.55
CHB CLA XF . -7.25 -46.07 33.72
CHC CLA XF . -10.17 -48.26 30.53
CHD CLA XF . -8.97 -52.61 32.41
NA CLA XF . -6.84 -48.38 34.44
C1A CLA XF . -6.04 -48.99 35.41
C2A CLA XF . -5.23 -47.97 36.21
C3A CLA XF . -5.77 -46.63 35.65
C4A CLA XF . -6.68 -47.04 34.52
CMA CLA XF . -6.52 -45.86 36.70
CAA CLA XF . -3.72 -47.81 36.04
CBA CLA XF . -2.75 -48.92 35.65
CGA CLA XF . -3.04 -49.37 34.27
O1A CLA XF . -3.38 -48.69 33.32
O2A CLA XF . -2.93 -50.72 34.09
NB CLA XF . -8.69 -47.48 32.33
C1B CLA XF . -8.11 -46.32 32.65
C2B CLA XF . -8.55 -45.28 31.69
C3B CLA XF . -9.38 -45.88 30.79
C4B CLA XF . -9.47 -47.30 31.17
CMB CLA XF . -8.12 -43.90 31.77
CAB CLA XF . -10.01 -45.31 29.63
CBB CLA XF . -11.32 -45.21 29.41
NC CLA XF . -9.37 -50.26 31.76
C1C CLA XF . -10.13 -49.66 30.81
C2C CLA XF . -10.89 -50.66 30.07
C3C CLA XF . -10.51 -51.89 30.58
C4C CLA XF . -9.58 -51.62 31.64
CMC CLA XF . -11.80 -50.39 28.97
CAC CLA XF . -10.97 -53.23 30.17
CBC CLA XF . -10.03 -53.86 29.18
ND CLA XF . -7.62 -51.08 33.72
C1D CLA XF . -8.06 -52.35 33.37
C2D CLA XF . -7.36 -53.33 34.17
C3D CLA XF . -6.56 -52.63 35.03
C4D CLA XF . -6.79 -51.22 34.73
CMD CLA XF . -7.55 -54.73 33.91
CAD CLA XF . -5.54 -52.68 36.05
OBD CLA XF . -4.92 -53.63 36.47
CBD CLA XF . -5.31 -51.23 36.51
CGD CLA XF . -5.89 -50.96 37.84
O1D CLA XF . -7.03 -50.55 38.09
O2D CLA XF . -5.04 -51.18 38.87
CED CLA XF . -5.28 -50.39 40.03
C1 CLA XF . -2.68 -51.18 32.74
C2 CLA XF . -3.95 -51.67 32.14
C3 CLA XF . -4.03 -52.08 30.87
C4 CLA XF . -2.84 -52.12 29.99
C5 CLA XF . -5.31 -52.57 30.30
C6 CLA XF . -6.03 -51.51 29.47
C7 CLA XF . -5.89 -51.75 27.98
C8 CLA XF . -7.21 -52.04 27.28
C9 CLA XF . -7.15 -53.40 26.63
C10 CLA XF . -7.51 -50.99 26.23
C11 CLA XF . -8.70 -50.11 26.56
C12 CLA XF . -9.28 -49.53 25.28
C13 CLA XF . -9.99 -48.19 25.43
C14 CLA XF . -9.29 -47.29 26.43
C15 CLA XF . -11.46 -48.36 25.79
C16 CLA XF . -12.31 -48.68 24.58
C17 CLA XF . -13.43 -47.67 24.41
C18 CLA XF . -14.50 -48.09 23.42
C19 CLA XF . -15.49 -46.97 23.23
C20 CLA XF . -13.92 -48.44 22.07
C1 BCR YF . -3.09 -63.82 16.04
C2 BCR YF . -2.92 -64.59 14.76
C3 BCR YF . -1.52 -65.13 14.66
C4 BCR YF . -1.22 -66.06 15.81
C5 BCR YF . -1.80 -65.61 17.09
C6 BCR YF . -2.64 -64.59 17.23
C7 BCR YF . -3.22 -64.23 18.52
C8 BCR YF . -2.72 -63.29 19.33
C9 BCR YF . -3.59 -62.46 20.15
C10 BCR YF . -3.23 -62.14 21.39
C11 BCR YF . -3.88 -61.11 22.16
C33 BCR YF . -1.35 -66.42 18.24
C31 BCR YF . -4.55 -63.42 16.13
C32 BCR YF . -2.29 -62.53 15.90
C34 BCR YF . -4.69 -61.77 19.46
C12 BCR YF . -3.46 -60.85 23.40
C13 BCR YF . -2.99 -59.56 23.83
C14 BCR YF . -2.94 -59.28 25.14
C15 BCR YF . -2.11 -58.26 25.72
C16 BCR YF . -2.54 -57.53 26.75
C17 BCR YF . -1.77 -56.40 27.18
C18 BCR YF . -1.08 -56.32 28.33
C19 BCR YF . -0.78 -55.02 28.88
C20 BCR YF . -0.17 -54.86 30.05
C21 BCR YF . 0.42 -53.59 30.38
C22 BCR YF . 0.98 -53.27 31.55
C23 BCR YF . 0.81 -51.92 32.06
C24 BCR YF . 1.82 -51.07 32.27
C25 BCR YF . 1.74 -49.79 32.98
C26 BCR YF . 1.28 -48.67 32.40
C27 BCR YF . 1.17 -47.35 33.04
C28 BCR YF . 1.13 -47.49 34.54
C29 BCR YF . 2.29 -48.36 34.96
C30 BCR YF . 2.23 -49.76 34.40
C35 BCR YF . -2.29 -58.68 22.87
C36 BCR YF . -0.42 -57.50 28.92
C37 BCR YF . 1.85 -54.22 32.27
C38 BCR YF . 0.80 -48.60 31.01
C39 BCR YF . 1.42 -50.67 35.30
C40 BCR YF . 3.67 -50.26 34.49
O1 OEX ZF . 34.99 -13.59 -26.25
CA1 OEX ZF . 35.20 -11.63 -24.91
MN1 OEX ZF . 33.22 -13.93 -26.51
O2 OEX ZF . 34.74 -10.74 -27.15
MN2 OEX ZF . 35.04 -12.62 -28.05
O3 OEX ZF . 32.98 -12.81 -27.82
MN3 OEX ZF . 32.88 -10.82 -27.28
O4 OEX ZF . 32.84 -8.82 -26.60
MN4 OEX ZF . 32.16 -9.49 -24.73
O5 OEX ZF . 32.68 -11.92 -25.17
MG CLA AG . 65.68 -0.99 -23.53
CHA CLA AG . 65.39 -3.64 -25.66
CHB CLA AG . 62.46 -0.13 -24.13
CHC CLA AG . 65.95 1.49 -21.21
CHD CLA AG . 68.95 -2.05 -22.75
NA CLA AG . 64.19 -1.77 -24.74
C1A CLA AG . 64.26 -2.91 -25.54
C2A CLA AG . 62.92 -3.15 -26.21
C3A CLA AG . 62.08 -1.93 -25.83
C4A CLA AG . 62.95 -1.22 -24.81
CMA CLA AG . 61.76 -1.08 -27.02
CAA CLA AG . 62.17 -4.35 -25.66
CBA CLA AG . 62.56 -4.77 -24.25
CGA CLA AG . 61.53 -4.45 -23.24
O1A CLA AG . 60.63 -5.17 -22.83
O2A CLA AG . 61.66 -3.20 -22.70
NB CLA AG . 64.45 0.41 -22.83
C1B CLA AG . 63.17 0.60 -23.18
C2B CLA AG . 62.60 1.75 -22.43
C3B CLA AG . 63.61 2.20 -21.61
C4B CLA AG . 64.78 1.36 -21.86
CMB CLA AG . 61.23 2.18 -22.62
CAB CLA AG . 63.73 3.23 -20.61
CBB CLA AG . 63.01 4.34 -20.48
NC CLA AG . 67.19 -0.36 -22.27
C1C CLA AG . 67.08 0.69 -21.41
C2C CLA AG . 68.31 0.84 -20.67
C3C CLA AG . 69.14 -0.18 -21.08
C4C CLA AG . 68.43 -0.94 -22.09
CMC CLA AG . 68.55 1.86 -19.67
CAC CLA AG . 70.48 -0.47 -20.60
CBC CLA AG . 70.44 -1.54 -19.54
ND CLA AG . 66.97 -2.42 -24.11
C1D CLA AG . 68.27 -2.76 -23.70
C2D CLA AG . 68.72 -3.93 -24.46
C3D CLA AG . 67.67 -4.29 -25.24
C4D CLA AG . 66.59 -3.35 -24.96
CMD CLA AG . 70.03 -4.52 -24.34
CAD CLA AG . 67.17 -5.21 -26.24
OBD CLA AG . 67.76 -6.11 -26.81
CBD CLA AG . 65.68 -4.88 -26.46
CGD CLA AG . 65.35 -4.69 -27.90
O1D CLA AG . 65.03 -3.65 -28.46
O2D CLA AG . 65.43 -5.82 -28.64
CED CLA AG . 65.82 -5.66 -30.01
C1 CLA AG . 61.33 -3.10 -21.31
C2 CLA AG . 61.63 -1.73 -20.84
C3 CLA AG . 60.89 -1.12 -19.91
C4 CLA AG . 59.72 -1.77 -19.30
C5 CLA AG . 61.21 0.25 -19.45
C6 CLA AG . 60.04 1.09 -19.05
C7 CLA AG . 60.56 2.22 -18.20
C8 CLA AG . 59.50 3.25 -17.82
C9 CLA AG . 58.78 3.75 -19.05
C10 CLA AG . 60.15 4.42 -17.12
C11 CLA AG . 60.88 3.97 -15.89
C12 CLA AG . 61.68 5.09 -15.29
C13 CLA AG . 61.53 5.07 -13.79
C14 CLA AG . 60.12 5.46 -13.41
C15 CLA AG . 62.57 5.93 -13.09
C16 CLA AG . 62.18 7.39 -12.94
C17 CLA AG . 63.01 8.04 -11.87
C18 CLA AG . 62.56 9.47 -11.62
C19 CLA AG . 63.46 10.13 -10.62
C20 CLA AG . 61.16 9.46 -11.07
MG CLA BG . 62.01 -10.41 -15.61
CHA CLA BG . 62.39 -9.39 -18.84
CHB CLA BG . 62.87 -13.56 -16.49
CHC CLA BG . 61.57 -11.39 -12.39
CHD CLA BG . 61.00 -7.12 -14.69
NA CLA BG . 62.56 -11.30 -17.40
C1A CLA BG . 62.66 -10.71 -18.65
C2A CLA BG . 63.08 -11.74 -19.70
C3A CLA BG . 63.15 -13.06 -18.91
C4A CLA BG . 62.85 -12.63 -17.49
CMA CLA BG . 62.11 -14.03 -19.36
CAA CLA BG . 64.43 -11.49 -20.33
CBA CLA BG . 65.52 -11.22 -19.31
CGA CLA BG . 66.15 -9.91 -19.62
O1A CLA BG . 65.64 -8.97 -20.19
O2A CLA BG . 67.43 -9.77 -19.18
NB CLA BG . 62.12 -12.15 -14.63
C1B CLA BG . 62.61 -13.30 -15.15
C2B CLA BG . 62.83 -14.26 -14.05
C3B CLA BG . 62.47 -13.65 -12.90
C4B CLA BG . 62.02 -12.30 -13.25
CMB CLA BG . 63.33 -15.60 -14.25
CAB CLA BG . 62.50 -14.12 -11.56
CBB CLA BG . 61.55 -14.87 -11.03
NC CLA BG . 61.39 -9.44 -13.88
C1C CLA BG . 61.27 -10.06 -12.69
C2C CLA BG . 60.79 -9.15 -11.69
C3C CLA BG . 60.64 -7.93 -12.32
C4C CLA BG . 61.02 -8.11 -13.69
CMC CLA BG . 60.57 -9.54 -10.32
CAC CLA BG . 60.13 -6.72 -11.71
CBC CLA BG . 58.64 -6.64 -11.80
ND CLA BG . 61.83 -8.62 -16.47
C1D CLA BG . 61.42 -7.36 -15.98
C2D CLA BG . 61.44 -6.41 -17.08
C3D CLA BG . 61.76 -7.13 -18.20
C4D CLA BG . 61.99 -8.52 -17.77
CMD CLA BG . 61.13 -5.01 -16.90
CAD CLA BG . 61.99 -7.10 -19.60
OBD CLA BG . 61.88 -6.18 -20.37
CBD CLA BG . 62.38 -8.52 -20.06
CGD CLA BG . 61.42 -8.96 -21.07
O1D CLA BG . 61.62 -9.68 -22.05
O2D CLA BG . 60.17 -8.47 -20.85
CED CLA BG . 59.06 -9.18 -21.36
C1 CLA BG . 67.80 -8.40 -18.85
C2 CLA BG . 69.26 -8.36 -18.58
C3 CLA BG . 69.90 -7.27 -18.10
C4 CLA BG . 69.22 -6.01 -17.77
C5 CLA BG . 71.35 -7.29 -17.86
C6 CLA BG . 72.10 -6.29 -18.72
C7 CLA BG . 72.01 -6.70 -20.16
C8 CLA BG . 72.88 -5.86 -21.07
C9 CLA BG . 72.47 -4.41 -20.99
C10 CLA BG . 72.67 -6.35 -22.48
C11 CLA BG . 73.59 -5.72 -23.49
C12 CLA BG . 73.28 -6.40 -24.80
C13 CLA BG . 74.24 -6.02 -25.90
C14 CLA BG . 73.46 -5.68 -27.14
C15 CLA BG . 75.17 -7.18 -26.20
C16 CLA BG . 76.21 -6.75 -27.23
C17 CLA BG . 77.57 -7.29 -26.89
C18 CLA BG . 78.58 -6.83 -27.91
C19 CLA BG . 79.87 -7.61 -27.81
C20 CLA BG . 78.84 -5.35 -27.76
MG CLA CG . 73.37 -10.21 -19.33
CHA CLA CG . 70.67 -11.72 -20.81
CHB CLA CG . 74.62 -9.39 -22.36
CHC CLA CG . 75.78 -8.34 -17.78
CHD CLA CG . 71.81 -10.70 -16.20
NA CLA CG . 72.78 -10.60 -21.28
C1A CLA CG . 71.59 -11.21 -21.70
C2A CLA CG . 71.55 -11.24 -23.23
C3A CLA CG . 72.86 -10.57 -23.66
C4A CLA CG . 73.48 -10.15 -22.35
CMA CLA CG . 73.78 -11.46 -24.44
CAA CLA CG . 70.42 -10.46 -23.88
CBA CLA CG . 69.92 -9.28 -23.10
CGA CLA CG . 68.59 -8.94 -23.70
O1A CLA CG . 68.26 -9.08 -24.87
O2A CLA CG . 67.68 -8.40 -22.84
NB CLA CG . 74.88 -9.07 -19.95
C1B CLA CG . 75.28 -8.92 -21.23
C2B CLA CG . 76.52 -8.11 -21.28
C3B CLA CG . 76.85 -7.82 -19.98
C4B CLA CG . 75.83 -8.43 -19.12
CMB CLA CG . 77.20 -7.76 -22.51
CAB CLA CG . 77.95 -7.09 -19.45
CBB CLA CG . 79.01 -7.65 -18.86
NC CLA CG . 73.78 -9.73 -17.35
C1C CLA CG . 74.83 -8.97 -16.94
C2C CLA CG . 74.78 -8.78 -15.51
C3C CLA CG . 73.63 -9.40 -15.07
C4C CLA CG . 73.01 -9.99 -16.23
CMC CLA CG . 75.74 -8.02 -14.72
CAC CLA CG . 73.10 -9.41 -13.71
CBC CLA CG . 72.07 -8.32 -13.55
ND CLA CG . 71.83 -11.26 -18.58
C1D CLA CG . 71.27 -11.29 -17.29
C2D CLA CG . 70.01 -12.02 -17.32
C3D CLA CG . 69.74 -12.23 -18.64
C4D CLA CG . 70.86 -11.66 -19.40
CMD CLA CG . 69.26 -12.35 -16.13
CAD CLA CG . 68.85 -12.81 -19.59
OBD CLA CG . 67.92 -13.57 -19.42
CBD CLA CG . 69.29 -12.31 -20.97
CGD CLA CG . 69.23 -13.50 -21.84
O1D CLA CG . 68.61 -13.63 -22.89
O2D CLA CG . 69.92 -14.56 -21.36
CED CLA CG . 70.96 -15.07 -22.17
C1 CLA CG . 66.91 -7.34 -23.42
C2 CLA CG . 66.08 -6.64 -22.41
C3 CLA CG . 66.56 -5.83 -21.47
C4 CLA CG . 68.01 -5.54 -21.33
C5 CLA CG . 65.64 -5.15 -20.52
C6 CLA CG . 66.08 -3.74 -20.22
C7 CLA CG . 64.94 -2.86 -19.77
C8 CLA CG . 64.99 -2.43 -18.32
C9 CLA CG . 64.51 -1.00 -18.17
C10 CLA CG . 66.35 -2.56 -17.65
C11 CLA CG . 66.21 -2.52 -16.15
C12 CLA CG . 66.24 -3.91 -15.53
C13 CLA CG . 64.84 -4.38 -15.15
C14 CLA CG . 64.62 -4.35 -13.66
C15 CLA CG . 64.60 -5.78 -15.70
C16 CLA CG . 65.55 -6.76 -15.08
C17 CLA CG . 65.60 -8.04 -15.87
C18 CLA CG . 66.15 -9.15 -15.02
C19 CLA CG . 65.13 -9.50 -14.00
C20 CLA CG . 66.23 -10.40 -15.82
MG CLA DG . 60.19 -21.31 -17.00
CHA CLA DG . 59.42 -24.10 -18.83
CHB CLA DG . 57.98 -19.49 -18.78
CHC CLA DG . 60.75 -18.63 -14.95
CHD CLA DG . 62.43 -23.23 -15.10
NA CLA DG . 58.93 -21.75 -18.56
C1A CLA DG . 58.71 -22.99 -19.15
C2A CLA DG . 57.64 -22.87 -20.23
C3A CLA DG . 57.32 -21.37 -20.27
C4A CLA DG . 58.12 -20.81 -19.11
CMA CLA DG . 57.75 -20.74 -21.56
CAA CLA DG . 56.38 -23.59 -19.78
CBA CLA DG . 55.95 -23.29 -18.36
CGA CLA DG . 54.95 -24.25 -17.79
O1A CLA DG . 54.73 -25.42 -18.10
O2A CLA DG . 54.21 -23.72 -16.78
NB CLA DG . 59.47 -19.45 -16.86
C1B CLA DG . 58.66 -18.86 -17.75
C2B CLA DG . 58.58 -17.41 -17.51
C3B CLA DG . 59.36 -17.17 -16.43
C4B CLA DG . 59.93 -18.46 -16.00
CMB CLA DG . 57.78 -16.52 -18.32
CAB CLA DG . 59.65 -15.95 -15.75
CBB CLA DG . 58.76 -15.26 -15.03
NC CLA DG . 61.38 -20.99 -15.33
C1C CLA DG . 61.41 -19.82 -14.63
C2C CLA DG . 62.25 -19.96 -13.49
C3C CLA DG . 62.77 -21.23 -13.55
C4C CLA DG . 62.21 -21.90 -14.71
CMC CLA DG . 62.50 -18.92 -12.51
CAC CLA DG . 63.64 -21.81 -12.57
CBC CLA DG . 62.88 -22.71 -11.63
ND CLA DG . 60.89 -23.19 -16.97
C1D CLA DG . 61.83 -23.85 -16.15
C2D CLA DG . 61.98 -25.22 -16.63
C3D CLA DG . 61.08 -25.38 -17.65
C4D CLA DG . 60.42 -24.09 -17.81
CMD CLA DG . 62.90 -26.19 -16.04
CAD CLA DG . 60.54 -26.27 -18.65
OBD CLA DG . 60.82 -27.42 -18.90
CBD CLA DG . 59.44 -25.49 -19.40
CGD CLA DG . 59.73 -25.46 -20.87
O1D CLA DG . 58.93 -25.33 -21.79
O2D CLA DG . 61.04 -25.58 -21.18
CED CLA DG . 61.46 -25.09 -22.45
C1 CLA DG . 54.28 -24.40 -15.51
C2 CLA DG . 53.62 -23.52 -14.51
C3 CLA DG . 53.82 -23.59 -13.19
C4 CLA DG . 54.71 -24.55 -12.53
C5 CLA DG . 53.08 -22.64 -12.31
C6 CLA DG . 54.00 -21.83 -11.43
C7 CLA DG . 53.60 -22.05 -10.00
C8 CLA DG . 53.91 -20.84 -9.16
C9 CLA DG . 54.52 -21.28 -7.84
C10 CLA DG . 52.64 -20.03 -8.94
C11 CLA DG . 52.86 -18.87 -7.99
C12 CLA DG . 51.82 -18.81 -6.90
C13 CLA DG . 52.45 -18.42 -5.57
C14 CLA DG . 52.33 -19.58 -4.61
C15 CLA DG . 51.80 -17.15 -5.02
C16 CLA DG . 52.14 -16.88 -3.57
C17 CLA DG . 53.11 -15.72 -3.39
C18 CLA DG . 52.46 -14.52 -2.74
C19 CLA DG . 53.47 -13.41 -2.51
C20 CLA DG . 51.80 -14.88 -1.42
MG CLA EG . 53.79 5.60 -3.80
CHA CLA EG . 55.47 7.39 -1.40
CHB CLA EG . 51.28 5.01 -1.58
CHC CLA EG . 51.95 4.20 -6.28
CHD CLA EG . 56.37 6.29 -6.10
NA CLA EG . 53.48 6.05 -1.79
C1A CLA EG . 54.29 6.84 -0.97
C2A CLA EG . 53.69 6.95 0.42
C3A CLA EG . 52.51 5.96 0.38
C4A CLA EG . 52.40 5.64 -1.09
CMA CLA EG . 52.77 4.72 1.17
CAA CLA EG . 53.19 8.36 0.69
CBA CLA EG . 52.39 8.99 -0.42
CGA CLA EG . 53.17 9.83 -1.36
O1A CLA EG . 53.73 10.91 -1.16
O2A CLA EG . 53.24 9.30 -2.61
NB CLA EG . 52.03 4.63 -3.88
C1B CLA EG . 51.09 4.69 -2.91
C2B CLA EG . 49.77 4.38 -3.47
C3B CLA EG . 49.93 4.14 -4.78
C4B CLA EG . 51.37 4.31 -5.08
CMB CLA EG . 48.55 4.38 -2.66
CAB CLA EG . 48.94 3.86 -5.77
CBB CLA EG . 48.86 2.76 -6.51
NC CLA EG . 54.14 5.25 -5.80
C1C CLA EG . 53.26 4.63 -6.62
C2C CLA EG . 53.79 4.51 -7.94
C3C CLA EG . 55.02 5.14 -7.94
C4C CLA EG . 55.24 5.61 -6.58
CMC CLA EG . 53.04 3.86 -8.99
CAC CLA EG . 55.96 5.23 -9.06
CBC CLA EG . 55.60 6.34 -10.02
ND CLA EG . 55.53 6.58 -3.81
C1D CLA EG . 56.52 6.74 -4.81
C2D CLA EG . 57.62 7.52 -4.23
C3D CLA EG . 57.24 7.87 -2.96
C4D CLA EG . 55.94 7.23 -2.73
CMD CLA EG . 58.82 7.87 -4.96
CAD CLA EG . 57.58 8.56 -1.74
OBD CLA EG . 58.49 9.32 -1.52
CBD CLA EG . 56.49 8.23 -0.69
CGD CLA EG . 56.99 7.57 0.54
O1D CLA EG . 56.50 7.65 1.67
O2D CLA EG . 58.09 6.80 0.39
CED CLA EG . 58.75 6.40 1.60
C1 CLA EG . 52.66 10.13 -3.62
C2 CLA EG . 51.89 9.27 -4.54
C3 CLA EG . 52.43 8.69 -5.62
C4 CLA EG . 53.84 8.87 -6.00
C5 CLA EG . 51.61 7.84 -6.51
C6 CLA EG . 50.25 8.45 -6.80
C7 CLA EG . 49.34 7.34 -7.22
C8 CLA EG . 47.97 7.85 -7.66
C9 CLA EG . 47.25 8.45 -6.47
C10 CLA EG . 47.13 6.74 -8.26
C11 CLA EG . 47.87 6.01 -9.36
C12 CLA EG . 48.00 6.86 -10.61
C13 CLA EG . 49.23 6.60 -11.48
C14 CLA EG . 50.33 5.82 -10.80
C15 CLA EG . 49.81 7.91 -11.98
C16 CLA EG . 49.76 7.99 -13.50
C17 CLA EG . 49.91 9.41 -13.98
C18 CLA EG . 49.83 9.50 -15.49
C19 CLA EG . 48.53 8.95 -16.02
C20 CLA EG . 49.98 10.95 -15.90
MG CLA FG . 67.35 12.68 -10.76
CHA CLA FG . 66.44 15.31 -8.74
CHB CLA FG . 66.69 10.53 -8.27
CHC CLA FG . 67.79 10.09 -12.97
CHD CLA FG . 67.83 14.95 -13.41
NA CLA FG . 66.72 12.91 -8.80
C1A CLA FG . 66.35 14.08 -8.13
C2A CLA FG . 65.91 13.74 -6.72
C3A CLA FG . 66.42 12.33 -6.52
C4A CLA FG . 66.59 11.87 -7.95
CMA CLA FG . 67.72 12.36 -5.77
CAA CLA FG . 64.42 13.44 -6.65
CBA CLA FG . 63.45 14.33 -7.40
CGA CLA FG . 62.35 13.55 -8.07
O1A CLA FG . 62.27 12.35 -8.27
O2A CLA FG . 61.33 14.34 -8.51
NB CLA FG . 67.38 10.70 -10.62
C1B CLA FG . 66.90 10.03 -9.55
C2B CLA FG . 66.69 8.63 -9.91
C3B CLA FG . 66.99 8.48 -11.23
C4B CLA FG . 67.44 9.80 -11.70
CMB CLA FG . 66.19 7.70 -8.94
CAB CLA FG . 66.89 7.34 -12.10
CBB CLA FG . 67.40 6.13 -11.88
NC CLA FG . 67.83 12.56 -12.78
C1C CLA FG . 67.99 11.39 -13.47
C2C CLA FG . 68.32 11.66 -14.85
C3C CLA FG . 68.28 13.04 -15.00
C4C CLA FG . 67.97 13.59 -13.70
CMC CLA FG . 68.57 10.63 -15.83
CAC CLA FG . 68.53 13.81 -16.22
CBC CLA FG . 67.28 14.28 -16.91
ND CLA FG . 67.24 14.66 -11.06
C1D CLA FG . 67.49 15.46 -12.19
C2D CLA FG . 67.28 16.86 -11.82
C3D CLA FG . 66.87 16.86 -10.52
C4D CLA FG . 66.86 15.46 -10.08
CMD CLA FG . 67.45 17.96 -12.76
CAD CLA FG . 66.45 17.66 -9.40
OBD CLA FG . 66.28 18.86 -9.31
CBD CLA FG . 66.19 16.70 -8.22
CGD CLA FG . 67.21 17.06 -7.20
O1D CLA FG . 67.10 17.12 -5.98
O2D CLA FG . 68.41 17.36 -7.74
CED CLA FG . 69.57 16.93 -7.04
C1 CLA FG . 60.43 13.80 -9.50
C2 CLA FG . 59.93 14.95 -10.27
C3 CLA FG . 59.42 14.88 -11.51
C4 CLA FG . 59.34 13.60 -12.25
C5 CLA FG . 58.94 16.09 -12.22
C6 CLA FG . 59.69 17.34 -11.82
C7 CLA FG . 59.23 18.55 -12.61
C8 CLA FG . 60.23 19.69 -12.56
C9 CLA FG . 60.65 19.98 -11.14
C10 CLA FG . 59.65 20.95 -13.19
C11 CLA FG . 60.69 22.06 -13.33
C12 CLA FG . 61.34 22.10 -14.70
C13 CLA FG . 62.75 21.51 -14.68
C14 CLA FG . 63.79 22.54 -15.02
C15 CLA FG . 62.87 20.27 -15.59
C16 CLA FG . 62.34 20.54 -16.98
C17 CLA FG . 61.56 19.36 -17.52
C18 CLA FG . 60.04 19.55 -17.53
C19 CLA FG . 59.40 19.00 -16.28
C20 CLA FG . 59.60 20.97 -17.79
MG CLA GG . 66.42 5.35 -6.37
CHA CLA GG . 68.31 2.96 -7.95
CHB CLA GG . 63.84 4.68 -8.42
CHC CLA GG . 64.69 7.93 -4.96
CHD CLA GG . 69.10 6.02 -4.19
NA CLA GG . 66.15 4.00 -7.92
C1A CLA GG . 67.04 3.08 -8.45
C2A CLA GG . 66.39 2.30 -9.61
C3A CLA GG . 64.96 2.86 -9.65
C4A CLA GG . 64.97 3.93 -8.59
CMA CLA GG . 64.61 3.50 -10.96
CAA CLA GG . 66.26 0.80 -9.40
CBA CLA GG . 65.80 0.06 -10.63
CGA CLA GG . 66.87 0.01 -11.68
O1A CLA GG . 67.67 -0.89 -11.93
O2A CLA GG . 66.93 1.16 -12.42
NB CLA GG . 64.57 6.06 -6.55
C1B CLA GG . 63.70 5.72 -7.51
C2B CLA GG . 62.55 6.66 -7.50
C3B CLA GG . 62.81 7.58 -6.53
C4B CLA GG . 64.10 7.23 -5.94
CMB CLA GG . 61.46 6.52 -8.46
CAB CLA GG . 62.13 8.76 -6.07
CBB CLA GG . 61.41 9.61 -6.78
NC CLA GG . 66.82 6.69 -4.85
C1C CLA GG . 65.96 7.65 -4.44
C2C CLA GG . 66.54 8.44 -3.40
C3C CLA GG . 67.79 7.90 -3.15
C4C CLA GG . 67.96 6.80 -4.07
CMC CLA GG . 65.85 9.55 -2.77
CAC CLA GG . 68.76 8.36 -2.18
CBC CLA GG . 69.56 9.44 -2.85
ND CLA GG . 68.31 4.75 -6.13
C1D CLA GG . 69.27 5.05 -5.15
C2D CLA GG . 70.45 4.22 -5.39
C3D CLA GG . 70.16 3.45 -6.48
C4D CLA GG . 68.79 3.78 -6.88
CMD CLA GG . 71.68 4.30 -4.62
CAD CLA GG . 70.64 2.47 -7.41
OBD CLA GG . 71.75 2.03 -7.59
CBD CLA GG . 69.45 2.03 -8.27
CGD CLA GG . 69.84 2.09 -9.69
O1D CLA GG . 69.63 1.30 -10.61
O2D CLA GG . 70.52 3.21 -9.97
CED CLA GG . 70.03 3.86 -11.14
C1 CLA GG . 66.46 1.13 -13.78
C2 CLA GG . 66.70 2.50 -14.30
C3 CLA GG . 66.22 3.00 -15.44
C4 CLA GG . 65.34 2.23 -16.34
C5 CLA GG . 66.55 4.39 -15.85
C6 CLA GG . 65.36 5.17 -16.36
C7 CLA GG . 65.65 6.65 -16.30
C8 CLA GG . 64.97 7.38 -17.45
C9 CLA GG . 65.57 6.92 -18.75
C10 CLA GG . 65.13 8.88 -17.31
C11 CLA GG . 63.94 9.49 -16.63
C12 CLA GG . 64.37 10.26 -15.41
C13 CLA GG . 63.76 11.65 -15.36
C14 CLA GG . 63.97 12.39 -16.65
C15 CLA GG . 64.37 12.46 -14.23
C16 CLA GG . 63.32 13.15 -13.40
C17 CLA GG . 63.18 14.60 -13.78
C18 CLA GG . 63.87 15.54 -12.80
C19 CLA GG . 63.60 16.97 -13.18
C20 CLA GG . 63.37 15.30 -11.40
MG CLA HG . 60.45 -7.21 1.59
CHA CLA HG . 60.52 -7.80 4.96
CHB CLA HG . 63.80 -6.84 1.59
CHC CLA HG . 60.36 -6.94 -1.80
CHD CLA HG . 56.98 -7.75 1.62
NA CLA HG . 61.91 -7.27 3.06
C1A CLA HG . 61.74 -7.56 4.41
C2A CLA HG . 63.07 -7.57 5.12
C3A CLA HG . 64.05 -7.05 4.06
C4A CLA HG . 63.22 -7.07 2.79
CMA CLA HG . 64.42 -5.64 4.35
CAA CLA HG . 63.47 -9.00 5.48
CBA CLA HG . 63.09 -10.04 4.43
CGA CLA HG . 63.20 -11.45 4.89
O1A CLA HG . 63.84 -11.91 5.82
O2A CLA HG . 62.46 -12.30 4.12
NB CLA HG . 61.81 -6.95 0.16
C1B CLA HG . 63.12 -6.79 0.37
C2B CLA HG . 63.77 -6.47 -0.90
C3B CLA HG . 62.82 -6.50 -1.88
C4B CLA HG . 61.55 -6.80 -1.20
CMB CLA HG . 65.18 -6.25 -0.94
CAB CLA HG . 62.88 -6.29 -3.28
CBB CLA HG . 63.83 -6.63 -4.14
NC CLA HG . 58.94 -7.30 0.18
C1C CLA HG . 59.14 -7.18 -1.15
C2C CLA HG . 57.88 -7.35 -1.84
C3C CLA HG . 56.93 -7.54 -0.88
C4C CLA HG . 57.60 -7.52 0.40
CMC CLA HG . 57.74 -7.29 -3.28
CAC CLA HG . 55.49 -7.76 -1.07
CBC CLA HG . 55.16 -9.22 -1.15
ND CLA HG . 59.02 -7.61 2.93
C1D CLA HG . 57.64 -7.81 2.81
C2D CLA HG . 57.07 -8.10 4.12
C3D CLA HG . 58.13 -8.06 5.00
C4D CLA HG . 59.33 -7.77 4.20
CMD CLA HG . 55.67 -8.37 4.31
CAD CLA HG . 58.58 -8.24 6.35
OBD CLA HG . 57.96 -8.51 7.36
CBD CLA HG . 60.09 -8.00 6.38
CGD CLA HG . 60.22 -6.69 7.05
O1D CLA HG . 59.34 -5.86 7.17
O2D CLA HG . 61.45 -6.39 7.54
CED CLA HG . 61.69 -5.04 7.89
C1 CLA HG . 62.92 -13.66 4.10
C2 CLA HG . 62.15 -14.44 3.11
C3 CLA HG . 61.22 -15.38 3.41
C4 CLA HG . 60.87 -15.74 4.79
C5 CLA HG . 60.51 -16.10 2.34
C6 CLA HG . 59.10 -15.59 2.24
C7 CLA HG . 58.20 -16.65 1.65
C8 CLA HG . 58.07 -16.50 0.15
C9 CLA HG . 56.79 -15.75 -0.18
C10 CLA HG . 58.06 -17.88 -0.47
C11 CLA HG . 58.32 -17.82 -1.95
C12 CLA HG . 57.16 -18.43 -2.71
C13 CLA HG . 57.58 -19.11 -4.00
C14 CLA HG . 58.37 -20.36 -3.74
C15 CLA HG . 58.36 -18.14 -4.88
C16 CLA HG . 57.43 -17.08 -5.41
C17 CLA HG . 56.78 -17.54 -6.69
C18 CLA HG . 56.39 -16.34 -7.52
C19 CLA HG . 57.61 -15.55 -7.87
C20 CLA HG . 55.71 -16.75 -8.81
MG CLA IG . 68.33 -5.25 -1.66
CHA CLA IG . 67.97 -3.59 -4.62
CHB CLA IG . 68.48 -8.19 -3.30
CHC CLA IG . 68.57 -6.86 1.34
CHD CLA IG . 68.07 -2.19 0.02
NA CLA IG . 68.24 -5.78 -3.66
C1A CLA IG . 68.10 -4.93 -4.75
C2A CLA IG . 68.08 -5.74 -6.03
C3A CLA IG . 68.13 -7.18 -5.56
C4A CLA IG . 68.31 -7.07 -4.07
CMA CLA IG . 66.82 -7.81 -5.87
CAA CLA IG . 69.33 -5.52 -6.86
CBA CLA IG . 69.24 -6.24 -8.19
CGA CLA IG . 68.28 -5.49 -9.04
O1A CLA IG . 67.58 -4.51 -8.76
O2A CLA IG . 68.20 -5.98 -10.30
NB CLA IG . 68.51 -7.16 -1.10
C1B CLA IG . 68.62 -8.21 -1.92
C2B CLA IG . 68.88 -9.42 -1.12
C3B CLA IG . 68.91 -9.04 0.19
C4B CLA IG . 68.64 -7.60 0.21
CMB CLA IG . 69.03 -10.70 -1.77
CAB CLA IG . 69.07 -9.74 1.42
CBB CLA IG . 69.62 -10.93 1.66
NC CLA IG . 68.31 -4.62 0.31
C1C CLA IG . 68.40 -5.45 1.38
C2C CLA IG . 68.31 -4.69 2.59
C3C CLA IG . 68.19 -3.36 2.22
C4C CLA IG . 68.21 -3.33 0.78
CMC CLA IG . 68.35 -5.24 3.93
CAC CLA IG . 68.07 -2.20 3.09
CBC CLA IG . 66.65 -1.73 3.24
ND CLA IG . 68.05 -3.32 -2.12
C1D CLA IG . 68.00 -2.16 -1.33
C2D CLA IG . 67.81 -0.99 -2.18
C3D CLA IG . 67.73 -1.49 -3.45
C4D CLA IG . 67.90 -2.95 -3.36
CMD CLA IG . 67.70 0.38 -1.72
CAD CLA IG . 67.50 -1.16 -4.81
OBD CLA IG . 67.12 -0.12 -5.28
CBD CLA IG . 67.77 -2.46 -5.60
CGD CLA IG . 66.63 -2.64 -6.53
O1D CLA IG . 66.43 -1.98 -7.53
O2D CLA IG . 65.75 -3.61 -6.22
CED CLA IG . 64.62 -3.29 -5.39
C1 CLA IG . 67.26 -5.32 -11.17
C2 CLA IG . 67.99 -4.26 -11.89
C3 CLA IG . 68.81 -4.49 -12.92
C4 CLA IG . 69.06 -5.84 -13.47
C5 CLA IG . 69.52 -3.37 -13.59
C6 CLA IG . 70.89 -3.13 -13.01
C7 CLA IG . 70.84 -2.05 -11.96
C8 CLA IG . 71.81 -2.22 -10.80
C9 CLA IG . 72.18 -3.67 -10.56
C10 CLA IG . 71.11 -1.67 -9.58
C11 CLA IG . 71.83 -1.94 -8.29
C12 CLA IG . 71.06 -1.24 -7.23
C13 CLA IG . 71.75 -1.42 -5.90
C14 CLA IG . 71.69 -2.87 -5.50
C15 CLA IG . 71.05 -0.56 -4.88
C16 CLA IG . 72.10 0.18 -4.08
C17 CLA IG . 72.21 -0.45 -2.73
C18 CLA IG . 73.42 0.11 -2.02
C19 CLA IG . 73.76 -0.76 -0.84
C20 CLA IG . 73.12 1.53 -1.59
MG CLA JG . 65.15 -12.74 -6.62
CHA CLA JG . 65.12 -13.68 -3.31
CHB CLA JG . 63.90 -9.75 -5.74
CHC CLA JG . 65.15 -11.84 -9.91
CHD CLA JG . 66.23 -15.95 -7.49
NA CLA JG . 64.65 -11.86 -4.80
C1A CLA JG . 64.70 -12.41 -3.53
C2A CLA JG . 64.21 -11.41 -2.50
C3A CLA JG . 63.73 -10.22 -3.34
C4A CLA JG . 64.14 -10.62 -4.73
CMA CLA JG . 62.25 -10.07 -3.36
CAA CLA JG . 65.37 -10.92 -1.70
CBA CLA JG . 64.92 -9.88 -0.73
CGA CLA JG . 64.57 -10.53 0.56
O1A CLA JG . 65.29 -11.08 1.37
O2A CLA JG . 63.24 -10.48 0.78
NB CLA JG . 64.62 -11.11 -7.63
C1B CLA JG . 64.19 -9.97 -7.08
C2B CLA JG . 64.05 -8.92 -8.09
C3B CLA JG . 64.39 -9.50 -9.28
C4B CLA JG . 64.75 -10.90 -9.00
CMB CLA JG . 63.58 -7.60 -7.68
CAB CLA JG . 64.44 -9.01 -10.60
CBB CLA JG . 63.89 -7.92 -11.11
NC CLA JG . 65.63 -13.72 -8.37
C1C CLA JG . 65.57 -13.16 -9.61
C2C CLA JG . 65.97 -14.15 -10.60
C3C CLA JG . 66.26 -15.31 -9.92
C4C CLA JG . 66.04 -15.03 -8.52
CMC CLA JG . 66.05 -13.92 -12.03
CAC CLA JG . 66.72 -16.57 -10.47
CBC CLA JG . 65.57 -17.50 -10.69
ND CLA JG . 65.65 -14.43 -5.69
C1D CLA JG . 66.03 -15.68 -6.17
C2D CLA JG . 66.19 -16.57 -5.03
C3D CLA JG . 65.89 -15.86 -3.92
C4D CLA JG . 65.51 -14.52 -4.38
CMD CLA JG . 66.61 -17.94 -5.11
CAD CLA JG . 65.78 -15.87 -2.50
OBD CLA JG . 66.09 -16.75 -1.73
CBD CLA JG . 65.20 -14.51 -2.06
CGD CLA JG . 63.84 -14.70 -1.51
O1D CLA JG . 63.51 -14.78 -0.33
O2D CLA JG . 62.89 -14.79 -2.47
CED CLA JG . 61.52 -14.89 -2.06
C1 CLA JG . 62.62 -11.77 0.81
C2 CLA JG . 61.36 -11.67 0.06
C3 CLA JG . 60.26 -11.17 0.59
C4 CLA JG . 60.20 -10.68 1.98
C5 CLA JG . 59.00 -11.07 -0.17
C6 CLA JG . 58.96 -12.02 -1.34
C7 CLA JG . 57.69 -11.80 -2.12
C8 CLA JG . 57.92 -11.89 -3.61
C9 CLA JG . 56.61 -11.82 -4.34
C10 CLA JG . 58.63 -13.19 -3.95
C11 CLA JG . 59.12 -13.17 -5.37
C12 CLA JG . 60.60 -13.46 -5.42
C13 CLA JG . 61.21 -13.36 -6.80
C14 CLA JG . 60.53 -12.36 -7.71
C15 CLA JG . 61.18 -14.70 -7.50
C16 CLA JG . 61.75 -15.81 -6.66
C17 CLA JG . 62.03 -16.98 -7.59
C18 CLA JG . 62.04 -18.31 -6.89
C19 CLA JG . 62.62 -19.33 -7.84
C20 CLA JG . 62.90 -18.27 -5.66
MG CLA KG . 69.70 -14.58 4.62
CHA CLA KG . 71.60 -13.73 7.38
CHB CLA KG . 72.25 -13.68 2.60
CHC CLA KG . 67.76 -15.38 1.93
CHD CLA KG . 67.11 -15.58 6.78
NA CLA KG . 71.62 -13.83 4.96
C1A CLA KG . 72.25 -13.56 6.18
C2A CLA KG . 73.66 -13.00 5.92
C3A CLA KG . 73.83 -13.12 4.41
C4A CLA KG . 72.46 -13.57 3.94
CMA CLA KG . 74.17 -11.83 3.76
CAA CLA KG . 74.82 -13.72 6.56
CBA CLA KG . 74.67 -15.21 6.67
CGA CLA KG . 75.77 -15.62 7.60
O1A CLA KG . 76.77 -14.99 7.91
O2A CLA KG . 75.58 -16.84 8.16
NB CLA KG . 69.94 -14.47 2.64
C1B CLA KG . 71.07 -14.11 2.01
C2B CLA KG . 70.90 -14.26 0.54
C3B CLA KG . 69.65 -14.75 0.35
C4B CLA KG . 69.01 -14.89 1.67
CMB CLA KG . 71.97 -13.97 -0.39
CAB CLA KG . 68.98 -15.10 -0.86
CBB CLA KG . 68.77 -14.26 -1.88
NC CLA KG . 67.79 -15.34 4.40
C1C CLA KG . 67.19 -15.60 3.21
C2C CLA KG . 65.87 -16.13 3.43
C3C CLA KG . 65.67 -16.19 4.81
C4C CLA KG . 66.90 -15.70 5.41
CMC CLA KG . 64.96 -16.52 2.37
CAC CLA KG . 64.49 -16.64 5.54
CBC CLA KG . 64.63 -18.07 6.00
ND CLA KG . 69.39 -14.73 6.60
C1D CLA KG . 68.27 -15.16 7.34
C2D CLA KG . 68.55 -14.98 8.77
C3D CLA KG . 69.79 -14.39 8.81
C4D CLA KG . 70.28 -14.26 7.45
CMD CLA KG . 67.68 -15.31 9.87
CAD CLA KG . 70.76 -13.87 9.68
OBD CLA KG . 70.65 -13.69 10.86
CBD CLA KG . 71.99 -13.47 8.81
CGD CLA KG . 72.24 -12.02 9.03
O1D CLA KG . 71.39 -11.14 9.07
O2D CLA KG . 73.53 -11.69 9.21
CED CLA KG . 73.81 -10.55 10.03
C1 CLA KG . 76.48 -17.90 7.78
C2 CLA KG . 75.85 -18.63 6.65
C3 CLA KG . 76.01 -19.94 6.43
C4 CLA KG . 76.87 -20.78 7.28
C5 CLA KG . 75.33 -20.60 5.30
C6 CLA KG . 76.28 -21.46 4.49
C7 CLA KG . 75.60 -21.79 3.19
C8 CLA KG . 76.55 -21.63 2.02
C9 CLA KG . 77.07 -20.22 1.95
C10 CLA KG . 75.84 -22.01 0.73
C11 CLA KG . 76.73 -21.85 -0.47
C12 CLA KG . 76.26 -22.75 -1.59
C13 CLA KG . 76.81 -22.26 -2.91
C14 CLA KG . 76.32 -23.12 -4.04
C15 CLA KG . 78.33 -22.29 -2.89
C16 CLA KG . 78.94 -21.46 -3.98
C17 CLA KG . 80.42 -21.32 -3.71
C18 CLA KG . 81.19 -20.64 -4.83
C19 CLA KG . 82.66 -20.78 -4.57
C20 CLA KG . 80.85 -21.26 -6.16
MG CLA LG . 78.39 -0.87 -7.66
CHA CLA LG . 76.15 -3.38 -8.44
CHB CLA LG . 79.69 -1.06 -10.75
CHC CLA LG . 80.62 1.54 -6.79
CHD CLA LG . 77.13 -0.87 -4.37
NA CLA LG . 77.93 -2.00 -9.34
C1A CLA LG . 76.96 -2.99 -9.48
C2A CLA LG . 76.97 -3.54 -10.89
C3A CLA LG . 78.18 -2.87 -11.53
C4A CLA LG . 78.62 -1.87 -10.49
CMA CLA LG . 79.29 -3.87 -11.67
CAA CLA LG . 75.73 -3.05 -11.62
CBA CLA LG . 75.93 -2.81 -13.10
CGA CLA LG . 75.05 -3.73 -13.90
O1A CLA LG . 74.68 -4.87 -13.61
O2A CLA LG . 74.62 -3.17 -15.07
NB CLA LG . 79.76 0.19 -8.64
C1B CLA LG . 80.25 -0.14 -9.86
C2B CLA LG . 81.50 0.58 -10.13
C3B CLA LG . 81.78 1.32 -9.02
C4B CLA LG . 80.68 1.07 -8.05
CMB CLA LG . 82.26 0.40 -11.36
CAB CLA LG . 82.92 2.13 -8.73
CBB CLA LG . 82.93 3.44 -8.45
NC CLA LG . 78.78 0.15 -5.89
C1C CLA LG . 79.73 1.10 -5.78
C2C CLA LG . 79.74 1.62 -4.42
C3C CLA LG . 78.75 0.94 -3.72
C4C CLA LG . 78.15 0.02 -4.67
CMC CLA LG . 80.66 2.65 -3.97
CAC CLA LG . 78.35 1.09 -2.32
CBC CLA LG . 78.89 0.02 -1.39
ND CLA LG . 77.07 -1.92 -6.57
C1D CLA LG . 76.61 -1.79 -5.24
C2D CLA LG . 75.56 -2.77 -4.98
C3D CLA LG . 75.36 -3.41 -6.17
C4D CLA LG . 76.30 -2.83 -7.13
CMD CLA LG . 74.94 -2.95 -3.69
CAD CLA LG . 74.63 -4.45 -6.84
OBD CLA LG . 73.84 -5.26 -6.41
CBD CLA LG . 75.06 -4.39 -8.32
CGD CLA LG . 75.55 -5.72 -8.78
O1D CLA LG . 75.05 -6.46 -9.61
O2D CLA LG . 76.67 -6.10 -8.15
CED CLA LG . 77.47 -7.07 -8.83
C1 CLA LG . 75.18 -3.73 -16.29
C2 CLA LG . 76.27 -2.81 -16.71
C3 CLA LG . 76.81 -2.81 -17.93
C4 CLA LG . 76.37 -3.75 -18.97
C5 CLA LG . 77.89 -1.86 -18.29
C6 CLA LG . 79.22 -2.57 -18.50
C7 CLA LG . 79.73 -2.33 -19.91
C8 CLA LG . 80.71 -3.41 -20.33
C9 CLA LG . 82.08 -3.13 -19.76
C10 CLA LG . 80.79 -3.54 -21.84
C11 CLA LG . 80.30 -4.89 -22.30
C12 CLA LG . 81.30 -5.63 -23.18
C13 CLA LG . 81.20 -7.13 -22.96
C14 CLA LG . 81.83 -7.51 -21.63
C15 CLA LG . 81.81 -7.93 -24.09
C16 CLA LG . 81.57 -9.43 -23.90
C17 CLA LG . 82.75 -10.27 -24.33
C18 CLA LG . 82.87 -11.56 -23.53
C19 CLA LG . 83.89 -12.47 -24.16
C20 CLA LG . 83.25 -11.31 -22.09
MG CLA MG . 84.81 -7.20 -3.66
CHA CLA MG . 87.50 -6.69 -1.58
CHB CLA MG . 83.75 -4.06 -3.08
CHC CLA MG . 82.34 -7.64 -5.96
CHD CLA MG . 86.04 -10.44 -4.36
NA CLA MG . 85.53 -5.65 -2.49
C1A CLA MG . 86.68 -5.61 -1.72
C2A CLA MG . 86.82 -4.25 -1.06
C3A CLA MG . 85.58 -3.47 -1.54
C4A CLA MG . 84.89 -4.45 -2.45
CMA CLA MG . 84.68 -3.06 -0.42
CAA CLA MG . 88.02 -3.50 -1.63
CBA CLA MG . 88.18 -3.67 -3.13
CGA CLA MG . 89.39 -2.95 -3.63
O1A CLA MG . 90.58 -3.16 -3.36
O2A CLA MG . 89.06 -1.95 -4.50
NB CLA MG . 83.30 -6.08 -4.35
C1B CLA MG . 83.01 -4.84 -3.97
C2B CLA MG . 81.80 -4.34 -4.65
C3B CLA MG . 81.39 -5.35 -5.49
C4B CLA MG . 82.35 -6.47 -5.30
CMB CLA MG . 81.31 -2.99 -4.41
CAB CLA MG . 80.31 -5.49 -6.43
CBB CLA MG . 79.51 -4.55 -6.95
NC CLA MG . 84.28 -8.76 -4.90
C1C CLA MG . 83.25 -8.71 -5.78
C2C CLA MG . 83.20 -9.94 -6.54
C3C CLA MG . 84.23 -10.73 -6.07
C4C CLA MG . 84.92 -9.99 -5.05
CMC CLA MG . 82.24 -10.22 -7.58
CAC CLA MG . 84.62 -12.06 -6.57
CBC CLA MG . 85.69 -11.91 -7.62
ND CLA MG . 86.35 -8.37 -3.10
C1D CLA MG . 86.72 -9.69 -3.44
C2D CLA MG . 87.90 -10.06 -2.68
C3D CLA MG . 88.24 -8.95 -1.94
C4D CLA MG . 87.26 -7.92 -2.26
CMD CLA MG . 88.54 -11.37 -2.75
CAD CLA MG . 89.17 -8.40 -1.00
OBD CLA MG . 90.13 -8.92 -0.46
CBD CLA MG . 88.73 -6.93 -0.76
CGD CLA MG . 88.47 -6.64 0.68
O1D CLA MG . 87.41 -6.33 1.21
O2D CLA MG . 89.57 -6.77 1.45
CED CLA MG . 89.50 -7.67 2.55
C1 CLA MG . 90.01 -1.62 -5.54
C2 CLA MG . 90.03 -2.73 -6.53
C3 CLA MG . 90.17 -2.54 -7.86
C4 CLA MG . 90.31 -1.19 -8.46
C5 CLA MG . 90.18 -3.70 -8.80
C6 CLA MG . 89.03 -3.67 -9.78
C7 CLA MG . 89.19 -4.75 -10.84
C8 CLA MG . 87.85 -5.14 -11.46
C9 CLA MG . 88.01 -6.37 -12.32
C10 CLA MG . 87.25 -4.00 -12.26
C11 CLA MG . 85.81 -4.29 -12.62
C12 CLA MG . 85.51 -4.24 -14.10
C13 CLA MG . 84.10 -3.76 -14.41
C14 CLA MG . 83.76 -2.49 -13.66
C15 CLA MG . 83.05 -4.83 -14.12
C16 CLA MG . 82.20 -5.06 -15.36
C17 CLA MG . 81.27 -6.25 -15.22
C18 CLA MG . 79.89 -5.79 -14.79
C19 CLA MG . 79.20 -6.84 -13.95
C20 CLA MG . 79.03 -5.43 -15.98
C1 BCR NG . 82.91 -20.43 -24.81
C2 BCR NG . 82.60 -21.53 -25.78
C3 BCR NG . 81.92 -22.67 -25.08
C4 BCR NG . 82.76 -23.22 -23.95
C5 BCR NG . 83.50 -22.18 -23.22
C6 BCR NG . 83.56 -20.90 -23.57
C7 BCR NG . 84.35 -19.94 -22.80
C8 BCR NG . 83.84 -19.16 -21.85
C9 BCR NG . 84.57 -18.06 -21.27
C10 BCR NG . 84.01 -17.37 -20.28
C11 BCR NG . 84.63 -16.20 -19.72
C33 BCR NG . 84.16 -22.69 -22.01
C31 BCR NG . 81.59 -19.72 -24.56
C32 BCR NG . 83.82 -19.48 -25.55
C34 BCR NG . 86.01 -17.99 -21.51
C12 BCR NG . 84.01 -15.60 -18.70
C13 BCR NG . 84.66 -14.74 -17.76
C14 BCR NG . 83.94 -13.74 -17.26
C15 BCR NG . 84.20 -13.09 -16.01
C16 BCR NG . 83.31 -12.24 -15.52
C17 BCR NG . 83.76 -11.39 -14.45
C18 BCR NG . 82.98 -10.74 -13.58
C19 BCR NG . 83.51 -9.58 -12.93
C20 BCR NG . 82.81 -8.88 -12.04
C21 BCR NG . 83.54 -7.97 -11.19
C22 BCR NG . 83.02 -6.88 -10.63
C23 BCR NG . 83.92 -5.94 -10.03
C24 BCR NG . 83.67 -5.36 -8.86
C25 BCR NG . 84.38 -4.24 -8.25
C26 BCR NG . 85.46 -4.41 -7.50
C27 BCR NG . 86.23 -3.34 -6.82
C28 BCR NG . 85.74 -1.96 -7.17
C29 BCR NG . 84.26 -1.94 -7.40
C30 BCR NG . 83.83 -2.88 -8.50
C35 BCR NG . 85.94 -15.14 -17.13
C36 BCR NG . 81.77 -11.37 -13.03
C37 BCR NG . 81.59 -6.82 -10.27
C38 BCR NG . 86.05 -5.73 -7.20
C39 BCR NG . 84.28 -2.37 -9.85
C40 BCR NG . 82.32 -2.85 -8.52
C1 BCR OG . 57.01 12.70 -4.76
C2 BCR OG . 56.46 13.39 -3.55
C3 BCR OG . 55.73 14.62 -3.97
C4 BCR OG . 54.54 14.25 -4.82
C5 BCR OG . 54.86 13.21 -5.81
C6 BCR OG . 55.98 12.50 -5.82
C7 BCR OG . 56.25 11.46 -6.80
C8 BCR OG . 56.85 11.69 -7.97
C9 BCR OG . 57.18 10.62 -8.90
C10 BCR OG . 57.44 10.91 -10.16
C11 BCR OG . 57.56 9.91 -11.19
C33 BCR OG . 53.80 13.03 -6.82
C31 BCR OG . 57.57 11.38 -4.29
C32 BCR OG . 58.16 13.55 -5.27
C34 BCR OG . 57.27 9.25 -8.38
C12 BCR OG . 57.87 10.31 -12.42
C13 BCR OG . 58.09 9.41 -13.52
C14 BCR OG . 58.68 9.90 -14.62
C15 BCR OG . 59.10 9.06 -15.71
C16 BCR OG . 59.62 9.62 -16.80
C17 BCR OG . 60.16 8.75 -17.80
C18 BCR OG . 60.86 9.15 -18.87
C19 BCR OG . 61.29 8.14 -19.80
C20 BCR OG . 61.61 8.41 -21.06
C21 BCR OG . 61.92 7.30 -21.91
C22 BCR OG . 62.26 7.35 -23.20
C23 BCR OG . 62.44 6.08 -23.88
C24 BCR OG . 62.68 5.98 -25.19
C25 BCR OG . 62.28 4.91 -26.11
C26 BCR OG . 62.96 3.77 -26.18
C27 BCR OG . 62.62 2.65 -27.08
C28 BCR OG . 61.14 2.61 -27.29
C29 BCR OG . 60.69 3.94 -27.82
C30 BCR OG . 61.12 5.15 -27.01
C35 BCR OG . 57.47 8.09 -13.52
C36 BCR OG . 61.01 10.57 -19.21
C37 BCR OG . 62.87 8.56 -23.78
C38 BCR OG . 64.13 3.43 -25.36
C39 BCR OG . 59.95 5.77 -26.30
C40 BCR OG . 61.48 6.16 -28.08
C1A DGD PG . 46.45 0.63 -20.80
C2A DGD PG . 46.75 1.16 -19.44
C3A DGD PG . 45.84 2.32 -19.12
C4A DGD PG . 46.10 2.80 -17.71
C5A DGD PG . 44.84 3.41 -17.17
C6A DGD PG . 45.08 4.82 -16.69
C7A DGD PG . 43.71 5.30 -16.24
C8A DGD PG . 43.82 6.16 -15.00
C9A DGD PG . 44.26 5.25 -13.87
CAA DGD PG . 43.13 4.37 -13.50
CBA DGD PG . 43.72 3.09 -12.97
CCA DGD PG . 43.95 3.29 -11.50
CDA DGD PG . 44.92 2.20 -11.04
CEA DGD PG . 45.93 2.84 -10.12
CFA DGD PG . 47.34 2.52 -10.61
CGA DGD PG . 47.55 3.32 -11.88
O1A DGD PG . 45.40 0.63 -21.40
C1B DGD PG . 50.57 0.85 -21.83
C2B DGD PG . 51.75 0.43 -21.03
C3B DGD PG . 51.32 -0.30 -19.79
C4B DGD PG . 50.73 0.65 -18.76
C5B DGD PG . 50.75 -0.13 -17.46
C6B DGD PG . 49.36 -0.76 -17.32
C7B DGD PG . 49.27 -1.12 -15.85
C8B DGD PG . 47.84 -1.53 -15.62
C9B DGD PG . 47.50 -1.07 -14.24
CAB DGD PG . 46.93 -2.28 -13.58
CBB DGD PG . 47.25 -2.09 -12.14
CCB DGD PG . 46.60 -3.24 -11.40
CDB DGD PG . 46.93 -2.93 -9.97
CEB DGD PG . 46.04 -1.82 -9.51
CFB DGD PG . 46.59 -1.48 -8.15
CGB DGD PG . 46.09 -0.11 -7.82
O1B DGD PG . 50.05 1.94 -21.78
O1G DGD PG . 47.59 0.14 -21.34
C1G DGD PG . 47.55 -0.39 -22.62
C2G DGD PG . 48.85 0.04 -23.27
O2G DGD PG . 49.91 -0.21 -22.39
C3G DGD PG . 49.01 -0.90 -24.48
O3G DGD PG . 48.55 -0.03 -25.50
C1D DGD PG . 48.11 -0.68 -26.62
C2D DGD PG . 46.83 0.02 -27.04
O2D DGD PG . 45.92 -0.32 -26.05
C3D DGD PG . 46.43 -0.68 -28.36
O3D DGD PG . 45.35 -0.04 -28.89
C4D DGD PG . 47.55 -0.51 -29.42
O4D DGD PG . 47.72 0.81 -29.74
C5D DGD PG . 48.88 -0.96 -28.79
O5D DGD PG . 50.06 -1.37 -30.67
C6D DGD PG . 50.02 -0.47 -29.62
O6D DGD PG . 49.09 -0.36 -27.56
C1E DGD PG . 50.35 -0.87 -31.93
C2E DGD PG . 49.83 -1.88 -32.97
O2E DGD PG . 48.47 -1.93 -32.82
C3E DGD PG . 50.45 -3.23 -32.59
O3E DGD PG . 50.00 -4.12 -33.56
C4E DGD PG . 51.95 -3.11 -32.75
O4E DGD PG . 52.21 -2.72 -34.05
C5E DGD PG . 52.48 -1.99 -31.87
O6E DGD PG . 51.74 -0.80 -31.99
C6E DGD PG . 53.80 -1.54 -32.39
O5E DGD PG . 54.52 -2.70 -32.46
C1A DGD QG . 55.31 -29.00 -13.33
C2A DGD QG . 55.77 -30.00 -12.33
C3A DGD QG . 56.39 -29.31 -11.13
C4A DGD QG . 55.33 -28.95 -10.10
C5A DGD QG . 55.29 -27.44 -9.90
C6A DGD QG . 54.11 -27.03 -9.07
C7A DGD QG . 54.61 -25.90 -8.18
C8A DGD QG . 54.01 -26.03 -6.81
C9A DGD QG . 54.04 -24.63 -6.17
CAA DGD QG . 53.48 -24.72 -4.77
CBA DGD QG . 51.96 -24.84 -4.88
CCA DGD QG . 51.42 -25.03 -3.47
CDA DGD QG . 51.15 -26.52 -3.28
CEA DGD QG . 49.89 -26.88 -4.04
CFA DGD QG . 49.91 -28.36 -4.39
CGA DGD QG . 50.99 -28.56 -5.42
O1A DGD QG . 54.98 -27.85 -13.16
C1B DGD QG . 57.46 -26.21 -15.63
C2B DGD QG . 58.20 -25.70 -14.48
C3B DGD QG . 58.31 -24.23 -14.59
C4B DGD QG . 58.44 -23.61 -13.23
C5B DGD QG . 58.51 -22.13 -13.50
C6B DGD QG . 57.14 -21.70 -13.94
C7B DGD QG . 57.19 -20.23 -13.91
C8B DGD QG . 56.23 -19.82 -14.94
C9B DGD QG . 55.65 -18.55 -14.46
CAB DGD QG . 54.28 -18.57 -15.01
CBB DGD QG . 53.55 -17.76 -14.01
CCB DGD QG . 52.17 -17.58 -14.50
CDB DGD QG . 51.53 -17.09 -13.25
CEB DGD QG . 50.12 -17.57 -13.22
CFB DGD QG . 50.26 -18.98 -12.72
CGB DGD QG . 48.89 -19.60 -12.72
O1B DGD QG . 57.60 -25.81 -16.76
O1G DGD QG . 55.70 -29.41 -14.55
C1G DGD QG . 55.12 -28.82 -15.67
C2G DGD QG . 56.23 -28.06 -16.37
O2G DGD QG . 57.01 -27.44 -15.41
C3G DGD QG . 57.14 -29.10 -17.02
O3G DGD QG . 56.25 -29.86 -17.76
C1D DGD QG . 56.53 -29.84 -19.08
C2D DGD QG . 56.06 -31.18 -19.63
O2D DGD QG . 57.10 -32.03 -19.32
C3D DGD QG . 56.01 -31.02 -21.18
O3D DGD QG . 55.36 -32.13 -21.71
C4D DGD QG . 55.17 -29.78 -21.61
O4D DGD QG . 53.89 -29.87 -21.14
C5D DGD QG . 55.79 -28.59 -20.86
O5D DGD QG . 54.90 -27.07 -22.36
C6D DGD QG . 55.02 -27.28 -20.99
O6D DGD QG . 55.66 -28.84 -19.52
C1E DGD QG . 55.91 -26.38 -22.96
C2E DGD QG . 55.32 -25.14 -23.68
O2E DGD QG . 54.56 -24.49 -22.73
C3E DGD QG . 54.38 -25.61 -24.80
O3E DGD QG . 54.13 -24.46 -25.54
C4E DGD QG . 55.06 -26.66 -25.71
O4E DGD QG . 56.17 -26.10 -26.27
C5E DGD QG . 55.59 -27.79 -24.84
O6E DGD QG . 56.46 -27.27 -23.87
C6E DGD QG . 56.49 -28.70 -25.63
O5E DGD QG . 57.70 -28.03 -25.65
C1 LMG RG . 60.17 -30.80 -20.83
O1 LMG RG . 61.07 -30.76 -19.77
C2 LMG RG . 60.33 -29.47 -21.57
O2 LMG RG . 59.70 -28.57 -20.75
C3 LMG RG . 59.47 -29.61 -22.85
O3 LMG RG . 59.70 -28.45 -23.57
C4 LMG RG . 59.93 -30.81 -23.69
O4 LMG RG . 61.26 -30.63 -24.01
C5 LMG RG . 59.86 -32.04 -22.76
O5 LMG RG . 60.94 -34.09 -22.56
C6 LMG RG . 60.36 -33.26 -23.52
O6 LMG RG . 60.69 -31.83 -21.65
C7 LMG RG . 60.56 -31.43 -18.68
C8 LMG RG . 61.42 -31.01 -17.50
C9 LMG RG . 60.46 -30.66 -16.39
O7 LMG RG . 62.05 -32.16 -17.04
C10 LMG RG . 63.34 -32.38 -17.38
O9 LMG RG . 63.74 -32.08 -18.50
C11 LMG RG . 64.06 -33.18 -16.35
C12 LMG RG . 64.43 -32.29 -15.20
C13 LMG RG . 63.45 -32.38 -14.07
C14 LMG RG . 63.65 -33.72 -13.43
C15 LMG RG . 62.88 -33.74 -12.14
C16 LMG RG . 63.48 -32.73 -11.18
C17 LMG RG . 62.64 -32.79 -9.94
C18 LMG RG . 63.33 -31.97 -8.90
C19 LMG RG . 62.28 -31.48 -7.96
C20 LMG RG . 61.91 -30.11 -8.45
C21 LMG RG . 62.02 -29.19 -7.27
C22 LMG RG . 60.62 -29.04 -6.79
C23 LMG RG . 60.65 -28.04 -5.69
C24 LMG RG . 59.25 -28.08 -5.14
C25 LMG RG . 59.16 -27.02 -4.09
O8 LMG RG . 61.22 -30.24 -15.30
C28 LMG RG . 60.59 -29.41 -14.44
O10 LMG RG . 59.51 -28.94 -14.75
C29 LMG RG . 61.11 -29.45 -13.07
C30 LMG RG . 60.16 -28.74 -12.15
C31 LMG RG . 60.56 -27.30 -12.10
C32 LMG RG . 60.34 -26.85 -10.69
C33 LMG RG . 58.92 -26.37 -10.60
C34 LMG RG . 58.72 -25.72 -9.26
C35 LMG RG . 58.48 -24.27 -9.54
C36 LMG RG . 59.10 -23.51 -8.43
C37 LMG RG . 58.41 -22.18 -8.32
C38 LMG RG . 59.10 -21.38 -9.37
C39 LMG RG . 58.85 -19.93 -9.10
C40 LMG RG . 58.60 -19.40 -10.46
C41 LMG RG . 58.89 -17.94 -10.45
C42 LMG RG . 58.06 -17.43 -11.58
C43 LMG RG . 58.12 -15.93 -11.57
C1 BCR SG . 77.73 -28.55 -10.99
C2 BCR SG . 78.31 -28.62 -12.38
C3 BCR SG . 77.36 -28.01 -13.37
C4 BCR SG . 77.26 -26.55 -13.05
C5 BCR SG . 76.95 -26.33 -11.63
C6 BCR SG . 77.14 -27.23 -10.66
C7 BCR SG . 76.85 -26.96 -9.26
C8 BCR SG . 75.64 -27.12 -8.70
C9 BCR SG . 75.34 -26.70 -7.36
C10 BCR SG . 74.07 -26.68 -6.94
C11 BCR SG . 73.69 -26.32 -5.59
C33 BCR SG . 76.41 -24.99 -11.35
C31 BCR SG . 78.86 -28.87 -10.04
C32 BCR SG . 76.69 -29.65 -10.93
C34 BCR SG . 76.42 -26.85 -6.37
C12 BCR SG . 72.48 -26.69 -5.16
C13 BCR SG . 72.08 -26.69 -3.78
C14 BCR SG . 71.12 -27.54 -3.42
C15 BCR SG . 70.30 -27.39 -2.26
C16 BCR SG . 69.43 -28.38 -1.98
C17 BCR SG . 68.62 -28.29 -0.81
C18 BCR SG . 67.56 -29.06 -0.57
C19 BCR SG . 66.86 -28.90 0.68
C20 BCR SG . 65.54 -29.04 0.77
C21 BCR SG . 64.98 -29.59 1.99
C22 BCR SG . 63.72 -29.38 2.39
C23 BCR SG . 63.50 -29.36 3.83
C24 BCR SG . 63.39 -28.22 4.50
C25 BCR SG . 62.86 -28.04 5.86
C26 BCR SG . 63.61 -28.21 6.95
C27 BCR SG . 63.14 -28.02 8.33
C28 BCR SG . 62.07 -26.95 8.36
C29 BCR SG . 60.98 -27.35 7.40
C30 BCR SG . 61.43 -27.60 5.97
C35 BCR SG . 72.46 -25.56 -2.93
C36 BCR SG . 66.92 -29.83 -1.65
C37 BCR SG . 62.77 -28.67 1.54
C38 BCR SG . 65.02 -28.62 6.93
C39 BCR SG . 61.23 -26.37 5.11
C40 BCR SG . 60.46 -28.66 5.47
C1 BCR TG . 78.56 -27.31 -18.65
C2 BCR TG . 78.51 -27.85 -20.05
C3 BCR TG . 78.85 -26.77 -21.02
C4 BCR TG . 80.28 -26.33 -20.80
C5 BCR TG . 80.60 -26.15 -19.37
C6 BCR TG . 79.83 -26.57 -18.36
C7 BCR TG . 80.20 -26.38 -16.96
C8 BCR TG . 79.84 -25.30 -16.26
C9 BCR TG . 80.31 -25.00 -14.93
C10 BCR TG . 79.98 -23.84 -14.38
C11 BCR TG . 80.10 -23.56 -12.98
C33 BCR TG . 81.87 -25.44 -19.15
C31 BCR TG . 78.40 -28.49 -17.72
C32 BCR TG . 77.35 -26.41 -18.51
C34 BCR TG . 80.83 -26.11 -14.12
C12 BCR TG . 79.24 -22.70 -12.44
C13 BCR TG . 79.10 -22.46 -11.02
C14 BCR TG . 78.20 -21.56 -10.62
C15 BCR TG . 77.95 -21.25 -9.24
C16 BCR TG . 77.24 -20.17 -8.91
C17 BCR TG . 76.94 -19.99 -7.53
C18 BCR TG . 76.34 -18.95 -6.97
C19 BCR TG . 76.04 -19.03 -5.57
C20 BCR TG . 75.35 -18.10 -4.92
C21 BCR TG . 75.26 -18.21 -3.49
C22 BCR TG . 74.21 -17.82 -2.78
C23 BCR TG . 74.17 -18.10 -1.36
C24 BCR TG . 73.54 -17.27 -0.53
C25 BCR TG . 73.41 -17.42 0.92
C26 BCR TG . 74.26 -16.81 1.74
C27 BCR TG . 74.22 -16.85 3.21
C28 BCR TG . 73.12 -17.72 3.77
C29 BCR TG . 71.93 -17.82 2.86
C30 BCR TG . 72.26 -18.20 1.43
C35 BCR TG . 79.98 -23.15 -10.07
C36 BCR TG . 75.64 -17.92 -7.77
C37 BCR TG . 73.15 -16.99 -3.38
C38 BCR TG . 75.39 -16.01 1.27
C39 BCR TG . 71.04 -18.05 0.54
C40 BCR TG . 72.56 -19.68 1.48
MG CLA UG . 73.73 28.14 -9.64
CHA CLA UG . 73.63 31.52 -8.98
CHB CLA UG . 72.89 27.49 -6.44
CHC CLA UG . 73.67 24.80 -10.39
CHD CLA UG . 74.69 28.85 -12.96
NA CLA UG . 73.36 29.34 -7.98
C1A CLA UG . 73.33 30.73 -7.90
C2A CLA UG . 73.02 31.19 -6.47
C3A CLA UG . 72.94 29.87 -5.69
C4A CLA UG . 73.07 28.81 -6.76
CMA CLA UG . 74.04 29.76 -4.68
CAA CLA UG . 71.73 31.95 -6.31
CBA CLA UG . 70.51 31.14 -6.68
CGA CLA UG . 69.37 32.07 -6.96
O1A CLA UG . 68.97 33.03 -6.30
O2A CLA UG . 68.75 31.77 -8.13
NB CLA UG . 73.38 26.47 -8.61
C1B CLA UG . 72.99 26.42 -7.33
C2B CLA UG . 72.64 25.03 -6.96
C3B CLA UG . 72.86 24.27 -8.08
C4B CLA UG . 73.33 25.18 -9.13
CMB CLA UG . 72.17 24.65 -5.63
CAB CLA UG . 72.71 22.87 -8.31
CBB CLA UG . 73.43 21.95 -7.66
NC CLA UG . 74.14 27.04 -11.36
C1C CLA UG . 74.08 25.68 -11.42
C2C CLA UG . 74.44 25.23 -12.75
C3C CLA UG . 74.71 26.37 -13.50
C4C CLA UG . 74.52 27.51 -12.61
CMC CLA UG . 74.49 23.83 -13.16
CAC CLA UG . 75.14 26.40 -14.89
CBC CLA UG . 74.01 26.28 -15.87
ND CLA UG . 74.12 29.77 -10.76
C1D CLA UG . 74.49 29.92 -12.11
C2D CLA UG . 74.62 31.35 -12.40
C3D CLA UG . 74.29 32.01 -11.24
C4D CLA UG . 74.00 30.98 -10.24
CMD CLA UG . 74.99 31.91 -13.69
CAD CLA UG . 74.15 33.28 -10.60
OBD CLA UG . 74.34 34.41 -11.03
CBD CLA UG . 73.71 33.01 -9.15
CGD CLA UG . 74.68 33.59 -8.17
O1D CLA UG . 75.86 33.30 -8.04
O2D CLA UG . 74.15 34.55 -7.36
CED CLA UG . 74.72 34.67 -6.06
C1 CLA UG . 67.37 32.14 -8.27
C2 CLA UG . 67.05 31.92 -9.70
C3 CLA UG . 65.82 32.03 -10.23
C4 CLA UG . 64.64 32.38 -9.41
C5 CLA UG . 65.61 31.80 -11.68
C6 CLA UG . 65.89 33.05 -12.49
C7 CLA UG . 65.97 32.74 -13.96
C8 CLA UG . 66.74 33.82 -14.73
C9 CLA UG . 65.84 34.98 -15.09
C10 CLA UG . 67.47 33.18 -15.91
C11 CLA UG . 66.91 33.50 -17.28
C12 CLA UG . 66.89 32.28 -18.17
C13 CLA UG . 65.59 32.30 -18.96
C14 CLA UG . 64.44 31.85 -18.08
C15 CLA UG . 65.68 31.43 -20.22
C16 CLA UG . 64.95 32.08 -21.38
C17 CLA UG . 63.58 31.48 -21.64
C18 CLA UG . 63.19 31.57 -23.10
C19 CLA UG . 63.01 30.18 -23.71
C20 CLA UG . 61.93 32.39 -23.27
MG CLA VG . 83.13 19.73 -10.22
CHA CLA VG . 84.56 21.36 -12.91
CHB CLA VG . 81.60 22.62 -9.26
CHC CLA VG . 81.84 18.11 -7.53
CHD CLA VG . 84.64 16.73 -11.30
NA CLA VG . 83.10 21.67 -10.99
C1A CLA VG . 83.76 22.17 -12.12
C2A CLA VG . 83.42 23.64 -12.30
C3A CLA VG . 82.46 23.96 -11.14
C4A CLA VG . 82.38 22.66 -10.38
CMA CLA VG . 82.92 25.08 -10.24
CAA CLA VG . 82.60 23.86 -13.56
CBA CLA VG . 81.33 23.00 -13.62
CGA CLA VG . 80.10 23.83 -13.79
O1A CLA VG . 79.58 24.23 -14.83
O2A CLA VG . 79.48 24.16 -12.61
NB CLA VG . 81.88 20.24 -8.74
C1B CLA VG . 81.45 21.48 -8.47
C2B CLA VG . 80.79 21.52 -7.15
C3B CLA VG . 80.85 20.26 -6.65
C4B CLA VG . 81.57 19.42 -7.65
CMB CLA VG . 80.25 22.76 -6.61
CAB CLA VG . 80.40 19.72 -5.39
CBB CLA VG . 79.16 19.82 -4.90
NC CLA VG . 83.21 17.78 -9.56
C1C CLA VG . 82.62 17.33 -8.43
C2C CLA VG . 82.89 15.91 -8.25
C3C CLA VG . 83.67 15.52 -9.33
C4C CLA VG . 83.89 16.71 -10.13
CMC CLA VG . 82.39 15.10 -7.15
CAC CLA VG . 84.19 14.18 -9.62
CBC CLA VG . 85.60 14.00 -9.12
ND CLA VG . 84.36 19.13 -11.69
C1D CLA VG . 84.89 17.85 -12.03
C2D CLA VG . 85.68 17.97 -13.25
C3D CLA VG . 85.63 19.30 -13.59
C4D CLA VG . 84.77 19.97 -12.61
CMD CLA VG . 86.38 16.88 -13.90
CAD CLA VG . 86.03 20.27 -14.57
OBD CLA VG . 86.71 20.06 -15.56
CBD CLA VG . 85.39 21.63 -14.15
CGD CLA VG . 86.44 22.67 -13.84
O1D CLA VG . 86.43 23.53 -12.96
O2D CLA VG . 87.55 22.64 -14.63
CED CLA VG . 88.81 22.89 -14.00
C1 CLA VG . 78.47 25.18 -12.67
C2 CLA VG . 78.44 25.93 -11.40
C3 CLA VG . 77.86 25.48 -10.28
C4 CLA VG . 77.19 24.16 -10.22
C5 CLA VG . 77.86 26.27 -9.03
C6 CLA VG . 77.13 27.57 -9.25
C7 CLA VG . 76.80 28.24 -7.95
C8 CLA VG . 77.42 29.62 -7.82
C9 CLA VG . 77.26 30.46 -9.06
C10 CLA VG . 78.90 29.52 -7.49
C11 CLA VG . 79.27 30.29 -6.24
C12 CLA VG . 78.47 29.85 -5.03
C13 CLA VG . 79.31 29.15 -3.96
C14 CLA VG . 80.52 29.99 -3.58
C15 CLA VG . 79.76 27.73 -4.37
C16 CLA VG . 78.64 26.87 -4.91
C17 CLA VG . 77.65 26.45 -3.85
C18 CLA VG . 76.56 25.48 -4.29
C19 CLA VG . 75.20 26.00 -3.89
C20 CLA VG . 76.57 25.10 -5.75
MG CLA WG . 98.07 -14.80 -14.95
CHA CLA WG . 98.98 -15.71 -11.76
CHB CLA WG . 95.43 -13.08 -13.71
CHC CLA WG . 97.60 -13.40 -18.05
CHD CLA WG . 100.93 -16.43 -16.18
NA CLA WG . 97.29 -14.55 -13.05
C1A CLA WG . 97.84 -14.97 -11.84
C2A CLA WG . 96.96 -14.53 -10.69
C3A CLA WG . 95.69 -13.99 -11.38
C4A CLA WG . 96.15 -13.84 -12.82
CMA CLA WG . 94.52 -14.94 -11.27
CAA CLA WG . 97.61 -13.36 -9.99
CBA CLA WG . 96.84 -13.02 -8.74
CGA CLA WG . 96.84 -14.24 -7.88
O1A CLA WG . 97.80 -14.77 -7.32
O2A CLA WG . 95.60 -14.80 -7.72
NB CLA WG . 96.79 -13.47 -15.73
C1B CLA WG . 95.78 -12.88 -15.06
C2B CLA WG . 95.07 -11.93 -15.96
C3B CLA WG . 95.68 -12.01 -17.18
C4B CLA WG . 96.78 -13.00 -17.06
CMB CLA WG . 93.92 -11.13 -15.53
CAB CLA WG . 95.39 -11.34 -18.42
CBB CLA WG . 94.83 -11.89 -19.49
NC CLA WG . 99.00 -15.01 -16.79
C1C CLA WG . 98.61 -14.38 -17.94
C2C CLA WG . 99.49 -14.75 -19.04
C3C CLA WG . 100.48 -15.57 -18.49
C4C CLA WG . 100.16 -15.71 -17.09
CMC CLA WG . 99.33 -14.29 -20.41
CAC CLA WG . 101.59 -16.21 -19.20
CBC CLA WG . 101.19 -17.54 -19.80
ND CLA WG . 99.44 -16.11 -14.25
C1D CLA WG . 100.62 -16.60 -14.85
C2D CLA WG . 101.43 -17.30 -13.83
C3D CLA WG . 100.82 -17.00 -12.64
C4D CLA WG . 99.64 -16.19 -12.94
CMD CLA WG . 102.63 -18.07 -14.11
CAD CLA WG . 100.84 -17.23 -11.21
OBD CLA WG . 101.48 -18.04 -10.56
CBD CLA WG . 99.84 -16.20 -10.62
CGD CLA WG . 99.09 -16.74 -9.43
O1D CLA WG . 97.97 -17.27 -9.41
O2D CLA WG . 99.80 -16.59 -8.27
CED CLA WG . 99.64 -17.56 -7.22
C1 CLA WG . 95.31 -15.30 -6.40
C2 CLA WG . 94.70 -14.15 -5.66
C3 CLA WG . 95.36 -13.40 -4.77
C4 CLA WG . 96.77 -13.59 -4.39
C5 CLA WG . 94.63 -12.28 -4.09
C6 CLA WG . 93.58 -12.81 -3.14
C7 CLA WG . 94.16 -13.10 -1.78
C8 CLA WG . 94.48 -11.83 -0.98
C9 CLA WG . 95.96 -11.74 -0.66
C10 CLA WG . 93.69 -11.78 0.32
C11 CLA WG . 92.20 -11.81 0.07
C12 CLA WG . 91.46 -11.67 1.38
C13 CLA WG . 90.36 -10.60 1.37
C14 CLA WG . 90.68 -9.39 0.51
C15 CLA WG . 89.94 -10.16 2.80
C16 CLA WG . 90.62 -10.88 3.95
C17 CLA WG . 89.67 -11.16 5.11
C18 CLA WG . 90.43 -11.67 6.33
C19 CLA WG . 89.49 -11.89 7.50
C20 CLA WG . 91.17 -12.95 6.01
MG CLA XG . 29.41 -7.94 -6.63
CHA CLA XG . 26.77 -9.45 -5.10
CHB CLA XG . 28.56 -4.98 -5.18
CHC CLA XG . 32.30 -6.56 -7.82
CHD CLA XG . 30.38 -11.06 -7.93
NA CLA XG . 27.87 -7.31 -5.42
C1A CLA XG . 26.89 -8.11 -4.84
C2A CLA XG . 26.00 -7.27 -3.95
C3A CLA XG . 26.41 -5.83 -4.25
C4A CLA XG . 27.72 -6.04 -4.99
CMA CLA XG . 25.41 -5.15 -5.11
CAA CLA XG . 26.34 -7.53 -2.49
CBA CLA XG . 27.76 -8.00 -2.19
CGA CLA XG . 28.02 -7.94 -0.74
O1A CLA XG . 27.17 -7.81 0.13
O2A CLA XG . 29.35 -8.07 -0.43
NB CLA XG . 30.25 -6.13 -6.55
C1B CLA XG . 29.77 -5.07 -5.87
C2B CLA XG . 30.72 -3.95 -5.95
C3B CLA XG . 31.77 -4.39 -6.70
C4B CLA XG . 31.48 -5.77 -7.10
CMB CLA XG . 30.46 -2.69 -5.31
CAB CLA XG . 32.95 -3.72 -7.08
CBB CLA XG . 32.97 -2.88 -8.10
NC CLA XG . 31.00 -8.66 -7.75
C1C CLA XG . 32.06 -7.93 -8.12
C2C CLA XG . 32.99 -8.77 -8.84
C3C CLA XG . 32.45 -10.03 -8.86
C4C CLA XG . 31.20 -9.96 -8.16
CMC CLA XG . 34.25 -8.30 -9.38
CAC CLA XG . 33.00 -11.24 -9.45
CBC CLA XG . 32.72 -11.32 -10.92
ND CLA XG . 28.69 -9.80 -6.72
C1D CLA XG . 29.19 -10.99 -7.26
C2D CLA XG . 28.26 -12.07 -6.96
C3D CLA XG . 27.30 -11.54 -6.16
C4D CLA XG . 27.64 -10.13 -6.00
CMD CLA XG . 28.43 -13.44 -7.40
CAD CLA XG . 26.09 -11.77 -5.43
OBD CLA XG . 25.41 -12.78 -5.39
CBD CLA XG . 25.76 -10.46 -4.67
CGD CLA XG . 24.45 -10.01 -5.20
O1D CLA XG . 24.03 -10.22 -6.33
O2D CLA XG . 23.70 -9.31 -4.33
CED CLA XG . 22.66 -8.52 -4.89
C1 CLA XG . 29.79 -7.61 0.86
C2 CLA XG . 29.64 -6.13 0.89
C3 CLA XG . 29.70 -5.40 2.00
C4 CLA XG . 29.96 -6.03 3.29
C5 CLA XG . 29.52 -3.92 1.98
C6 CLA XG . 28.23 -3.50 1.31
C7 CLA XG . 28.49 -2.93 -0.07
C8 CLA XG . 27.26 -2.36 -0.73
C9 CLA XG . 26.08 -3.29 -0.61
C10 CLA XG . 27.54 -2.08 -2.19
C11 CLA XG . 26.37 -1.43 -2.85
C12 CLA XG . 26.71 -1.02 -4.25
C13 CLA XG . 26.01 0.27 -4.64
C14 CLA XG . 26.47 0.73 -6.01
C15 CLA XG . 26.27 1.36 -3.62
C16 CLA XG . 25.47 2.58 -3.96
C17 CLA XG . 26.33 3.81 -3.90
C18 CLA XG . 25.51 5.00 -4.36
C19 CLA XG . 25.93 6.25 -3.62
C20 CLA XG . 25.66 5.17 -5.86
MG CLA YG . 34.20 -27.47 -1.30
CHA CLA YG . 36.99 -26.04 -2.70
CHB CLA YG . 36.17 -29.24 0.83
CHC CLA YG . 31.40 -28.64 0.25
CHD CLA YG . 32.20 -25.45 -3.38
NA CLA YG . 36.24 -27.64 -1.04
C1A CLA YG . 37.25 -26.91 -1.68
C2A CLA YG . 38.60 -27.31 -1.13
C3A CLA YG . 38.30 -28.49 -0.22
C4A CLA YG . 36.80 -28.46 -0.10
CMA CLA YG . 38.74 -29.75 -0.90
CAA CLA YG . 39.18 -26.19 -0.27
CBA CLA YG . 38.15 -25.35 0.46
CGA CLA YG . 38.77 -24.72 1.66
O1A CLA YG . 39.96 -24.74 1.96
O2A CLA YG . 37.89 -24.08 2.48
NB CLA YG . 33.85 -28.68 0.25
C1B CLA YG . 34.78 -29.32 0.98
C2B CLA YG . 34.14 -30.21 1.96
C3B CLA YG . 32.79 -30.05 1.80
C4B CLA YG . 32.59 -29.09 0.70
CMB CLA YG . 34.88 -31.04 2.89
CAB CLA YG . 31.72 -30.68 2.48
CBB CLA YG . 31.02 -31.68 1.97
NC CLA YG . 32.17 -27.13 -1.56
C1C CLA YG . 31.21 -27.72 -0.81
C2C CLA YG . 29.91 -27.23 -1.22
C3C CLA YG . 30.13 -26.31 -2.26
C4C CLA YG . 31.57 -26.25 -2.43
CMC CLA YG . 28.66 -27.67 -0.61
CAC CLA YG . 29.17 -25.49 -3.00
CBC CLA YG . 28.26 -26.22 -3.93
ND CLA YG . 34.46 -26.18 -2.82
C1D CLA YG . 33.55 -25.41 -3.58
C2D CLA YG . 34.31 -24.63 -4.56
C3D CLA YG . 35.63 -24.87 -4.28
C4D CLA YG . 35.67 -25.79 -3.16
CMD CLA YG . 33.73 -23.80 -5.60
CAD CLA YG . 36.98 -24.60 -4.66
OBD CLA YG . 37.39 -24.01 -5.64
CBD CLA YG . 37.89 -25.26 -3.61
CGD CLA YG . 38.74 -26.19 -4.37
O1D CLA YG . 38.45 -26.69 -5.46
O2D CLA YG . 39.93 -26.51 -3.82
CED CLA YG . 40.66 -27.56 -4.46
C1 CLA YG . 38.43 -23.27 3.54
C2 CLA YG . 38.51 -24.11 4.76
C3 CLA YG . 39.66 -24.38 5.40
C4 CLA YG . 40.98 -23.87 4.97
C5 CLA YG . 39.69 -25.23 6.61
C6 CLA YG . 40.53 -26.48 6.40
C7 CLA YG . 39.83 -27.45 5.46
C8 CLA YG . 40.65 -28.71 5.21
C9 CLA YG . 40.20 -29.40 3.94
C10 CLA YG . 40.58 -29.66 6.40
C11 CLA YG . 41.96 -30.05 6.90
C12 CLA YG . 41.95 -31.36 7.65
C13 CLA YG . 43.05 -32.28 7.16
C14 CLA YG . 42.80 -32.68 5.72
C15 CLA YG . 43.19 -33.53 8.03
C16 CLA YG . 44.60 -33.69 8.58
C17 CLA YG . 44.79 -32.96 9.89
C18 CLA YG . 45.00 -33.91 11.05
C19 CLA YG . 44.35 -33.38 12.32
C20 CLA YG . 46.48 -34.11 11.28
CHA PHO ZG . 36.95 -1.88 2.51
CHB PHO ZG . 33.18 -3.24 -0.19
CHC PHO ZG . 34.93 -7.77 -0.52
CHD PHO ZG . 38.64 -6.54 2.39
NA PHO ZG . 35.17 -2.85 1.20
C1A PHO ZG . 35.79 -1.75 1.83
C2A PHO ZG . 34.95 -0.53 1.63
C3A PHO ZG . 33.66 -1.06 0.99
C4A PHO ZG . 34.05 -2.48 0.64
CMA PHO ZG . 32.54 -1.06 1.97
CAA PHO ZG . 35.58 0.42 0.67
CBA PHO ZG . 34.78 1.68 0.69
CGA PHO ZG . 35.02 2.34 -0.61
O1A PHO ZG . 35.84 2.07 -1.47
O2A PHO ZG . 34.17 3.37 -0.79
NB PHO ZG . 34.34 -5.40 -0.16
C1B PHO ZG . 33.36 -4.53 -0.58
C2B PHO ZG . 32.52 -5.29 -1.53
C3B PHO ZG . 33.00 -6.55 -1.63
C4B PHO ZG . 34.19 -6.66 -0.74
CMB PHO ZG . 31.35 -4.68 -2.16
CAB PHO ZG . 32.52 -7.68 -2.37
CBB PHO ZG . 32.42 -7.76 -3.70
NC PHO ZG . 36.67 -6.84 0.92
C1C PHO ZG . 36.11 -7.85 0.28
C2C PHO ZG . 36.89 -9.08 0.51
C3C PHO ZG . 37.93 -8.74 1.33
C4C PHO ZG . 37.82 -7.30 1.62
CMC PHO ZG . 36.54 -10.37 -0.05
CAC PHO ZG . 38.97 -9.61 1.85
CBC PHO ZG . 40.27 -9.43 1.13
ND PHO ZG . 37.44 -4.39 2.30
C1D PHO ZG . 38.51 -5.17 2.73
C2D PHO ZG . 39.34 -4.35 3.53
C3D PHO ZG . 38.81 -3.05 3.47
C4D PHO ZG . 37.63 -3.13 2.67
CMD PHO ZG . 40.54 -4.77 4.24
CAD PHO ZG . 38.93 -1.70 3.95
OBD PHO ZG . 39.73 -1.21 4.72
CBD PHO ZG . 37.79 -0.90 3.27
CGD PHO ZG . 37.01 -0.23 4.34
O1D PHO ZG . 36.88 0.96 4.58
O2D PHO ZG . 36.36 -1.13 5.12
CED PHO ZG . 35.40 -0.58 6.03
C1 PHO ZG . 34.48 4.23 -1.89
C2 PHO ZG . 33.19 4.57 -2.52
C3 PHO ZG . 32.34 5.47 -2.00
C4 PHO ZG . 32.61 6.24 -0.76
C5 PHO ZG . 31.07 5.77 -2.69
C6 PHO ZG . 31.29 5.77 -4.18
C7 PHO ZG . 30.36 4.83 -4.89
C8 PHO ZG . 30.97 4.18 -6.13
C9 PHO ZG . 31.72 5.20 -6.97
C10 PHO ZG . 29.84 3.43 -6.82
C11 PHO ZG . 29.67 3.64 -8.31
C12 PHO ZG . 30.38 2.63 -9.20
C13 PHO ZG . 30.56 1.24 -8.61
C14 PHO ZG . 31.78 0.61 -9.22
C15 PHO ZG . 29.30 0.42 -8.88
C16 PHO ZG . 29.49 -1.06 -8.68
C17 PHO ZG . 28.21 -1.70 -8.20
C18 PHO ZG . 27.64 -2.66 -9.21
C19 PHO ZG . 28.59 -3.81 -9.48
C20 PHO ZG . 26.32 -3.19 -8.71
CHA PHO AH . 34.89 -26.11 12.12
CHB PHO AH . 36.05 -27.28 7.60
CHC PHO AH . 33.23 -23.68 5.83
CHD PHO AH . 32.21 -22.28 10.36
NA PHO AH . 35.31 -26.50 9.79
C1A PHO AH . 35.49 -26.84 11.15
C2A PHO AH . 36.46 -28.00 11.26
C3A PHO AH . 36.91 -28.21 9.80
C4A PHO AH . 36.02 -27.26 9.02
CMA PHO AH . 38.35 -27.83 9.63
CAA PHO AH . 35.88 -29.27 11.81
CBA PHO AH . 34.55 -29.55 11.18
CGA PHO AH . 34.21 -31.01 11.30
O1A PHO AH . 33.10 -31.53 11.22
O2A PHO AH . 35.32 -31.78 11.49
NB PHO AH . 34.49 -25.44 7.08
C1B PHO AH . 35.34 -26.47 6.76
C2B PHO AH . 35.35 -26.56 5.28
C3B PHO AH . 34.56 -25.56 4.79
C4B PHO AH . 34.00 -24.80 5.93
CMB PHO AH . 36.19 -27.56 4.62
CAB PHO AH . 34.28 -25.12 3.46
CBB PHO AH . 34.13 -25.85 2.37
NC PHO AH . 32.87 -23.23 8.19
C1C PHO AH . 32.71 -22.92 6.92
C2C PHO AH . 31.92 -21.67 6.81
C3C PHO AH . 31.64 -21.27 8.09
C4C PHO AH . 32.24 -22.27 9.00
CMC PHO AH . 31.58 -21.04 5.54
CAC PHO AH . 30.92 -20.07 8.55
CBC PHO AH . 29.55 -20.32 9.10
ND PHO AH . 33.52 -24.35 10.81
C1D PHO AH . 32.80 -23.24 11.23
C2D PHO AH . 32.79 -23.24 12.65
C3D PHO AH . 33.55 -24.35 13.04
C4D PHO AH . 34.02 -24.99 11.87
CMD PHO AH . 32.12 -22.26 13.48
CAD PHO AH . 34.11 -25.04 14.17
OBD PHO AH . 33.98 -24.81 15.35
CBD PHO AH . 34.98 -26.20 13.62
CGD PHO AH . 36.36 -25.98 14.11
O1D PHO AH . 36.93 -26.44 15.09
O2D PHO AH . 37.02 -25.13 13.29
CED PHO AH . 38.45 -25.15 13.39
C1 PHO AH . 35.14 -33.16 11.88
C2 PHO AH . 35.03 -33.95 10.62
C3 PHO AH . 33.96 -34.70 10.35
C4 PHO AH . 32.81 -34.82 11.27
C5 PHO AH . 33.86 -35.49 9.09
C6 PHO AH . 32.55 -35.17 8.37
C7 PHO AH . 32.61 -35.49 6.90
C8 PHO AH . 31.91 -34.50 5.98
C9 PHO AH . 30.73 -33.79 6.62
C10 PHO AH . 31.43 -35.22 4.73
C11 PHO AH . 32.51 -36.00 4.03
C12 PHO AH . 33.39 -35.07 3.23
C13 PHO AH . 34.71 -35.70 2.84
C14 PHO AH . 35.47 -36.05 4.09
C15 PHO AH . 35.54 -34.77 1.97
C16 PHO AH . 34.75 -34.14 0.85
C17 PHO AH . 35.63 -33.49 -0.20
C18 PHO AH . 34.92 -32.46 -1.06
C19 PHO AH . 35.61 -32.28 -2.40
C20 PHO AH . 33.47 -32.76 -1.31
C2 PL9 BH . 41.69 -19.73 18.37
C3 PL9 BH . 40.69 -18.85 18.06
C4 PL9 BH . 40.32 -17.81 18.97
C5 PL9 BH . 41.00 -17.73 20.23
C6 PL9 BH . 42.01 -18.61 20.54
C1 PL9 BH . 42.37 -19.64 19.61
C7 PL9 BH . 40.04 -18.98 16.77
C8 PL9 BH . 40.73 -19.82 15.76
C9 PL9 BH . 41.23 -19.30 14.63
C10 PL9 BH . 40.86 -17.96 14.16
C11 PL9 BH . 42.50 -19.87 14.07
C12 PL9 BH . 42.86 -21.23 14.72
C13 PL9 BH . 42.36 -22.30 13.82
C14 PL9 BH . 43.17 -23.02 13.03
C15 PL9 BH . 44.63 -22.76 12.94
C16 PL9 BH . 42.70 -24.14 12.19
C17 PL9 BH . 43.19 -25.52 12.63
C18 PL9 BH . 42.37 -26.59 11.97
C19 PL9 BH . 42.70 -27.89 11.85
C20 PL9 BH . 44.01 -28.40 12.27
C21 PL9 BH . 41.70 -28.83 11.28
C22 PL9 BH . 41.47 -30.09 12.14
C23 PL9 BH . 41.13 -31.23 11.23
C24 PL9 BH . 40.38 -32.27 11.61
C25 PL9 BH . 39.66 -32.32 12.89
C26 PL9 BH . 39.90 -33.20 10.55
C27 PL9 BH . 40.62 -34.56 10.62
C28 PL9 BH . 39.75 -35.57 11.28
C29 PL9 BH . 39.16 -36.57 10.62
C30 PL9 BH . 39.05 -36.58 9.16
C31 PL9 BH . 38.63 -37.78 11.27
C32 PL9 BH . 38.37 -37.61 12.76
C33 PL9 BH . 38.87 -38.86 13.39
C34 PL9 BH . 39.98 -38.92 14.11
C35 PL9 BH . 41.01 -37.87 14.14
C36 PL9 BH . 40.03 -39.95 15.15
C37 PL9 BH . 40.89 -41.09 14.65
C38 PL9 BH . 40.14 -42.32 15.02
C39 PL9 BH . 40.00 -43.32 14.20
C40 PL9 BH . 39.71 -43.10 12.75
C41 PL9 BH . 40.64 -44.57 14.62
C42 PL9 BH . 39.64 -45.69 14.52
C43 PL9 BH . 40.35 -46.89 14.00
C44 PL9 BH . 40.50 -48.00 14.70
C45 PL9 BH . 40.16 -48.08 16.14
C46 PL9 BH . 41.08 -49.23 14.12
C47 PL9 BH . 40.03 -50.34 13.91
C48 PL9 BH . 40.38 -51.44 14.84
C49 PL9 BH . 39.74 -51.65 15.98
C50 PL9 BH . 40.53 -51.66 17.22
C51 PL9 BH . 38.37 -52.18 16.07
C52 PL9 BH . 40.59 -16.66 21.14
C53 PL9 BH . 42.73 -18.59 21.79
O1 PL9 BH . 39.40 -17.05 18.63
O2 PL9 BH . 43.26 -20.48 19.82
MG CLA CH . 27.44 -19.64 -4.62
CHA CLA CH . 26.31 -22.06 -2.46
CHB CLA CH . 28.68 -17.90 -2.02
CHC CLA CH . 28.91 -17.51 -6.84
CHD CLA CH . 26.36 -21.63 -7.30
NA CLA CH . 27.41 -19.91 -2.58
C1A CLA CH . 26.91 -20.99 -1.87
C2A CLA CH . 27.14 -20.80 -0.40
C3A CLA CH . 27.57 -19.35 -0.29
C4A CLA CH . 27.94 -19.02 -1.72
CMA CLA CH . 26.39 -18.56 0.16
CAA CLA CH . 28.39 -21.56 -0.08
CBA CLA CH . 28.07 -22.77 0.77
CGA CLA CH . 29.20 -22.91 1.70
O1A CLA CH . 29.64 -22.07 2.48
O2A CLA CH . 29.79 -24.13 1.63
NB CLA CH . 28.49 -17.95 -4.45
C1B CLA CH . 29.04 -17.51 -3.31
C2B CLA CH . 30.06 -16.47 -3.59
C3B CLA CH . 30.12 -16.36 -4.96
C4B CLA CH . 29.12 -17.30 -5.52
CMB CLA CH . 30.79 -15.82 -2.52
CAB CLA CH . 30.94 -15.58 -5.85
CBB CLA CH . 31.30 -14.31 -5.68
NC CLA CH . 27.51 -19.54 -6.69
C1C CLA CH . 28.12 -18.56 -7.38
C2C CLA CH . 27.97 -18.77 -8.79
C3C CLA CH . 27.33 -19.98 -8.94
C4C CLA CH . 27.03 -20.46 -7.61
CMC CLA CH . 28.49 -17.91 -9.83
CAC CLA CH . 27.00 -20.63 -10.20
CBC CLA CH . 25.56 -20.57 -10.58
ND CLA CH . 26.48 -21.38 -4.89
C1D CLA CH . 26.10 -22.08 -6.04
C2D CLA CH . 25.43 -23.31 -5.64
C3D CLA CH . 25.47 -23.35 -4.28
C4D CLA CH . 26.15 -22.14 -3.86
CMD CLA CH . 24.87 -24.28 -6.55
CAD CLA CH . 25.14 -24.08 -3.12
OBD CLA CH . 24.55 -25.13 -3.02
CBD CLA CH . 25.67 -23.30 -1.91
CGD CLA CH . 24.48 -22.96 -1.08
O1D CLA CH . 23.67 -22.06 -1.27
O2D CLA CH . 24.30 -23.80 -0.03
CED CLA CH . 23.38 -23.39 0.97
C1 CLA CH . 30.70 -24.43 2.69
C2 CLA CH . 30.56 -25.89 2.92
C3 CLA CH . 29.90 -26.40 3.97
C4 CLA CH . 29.25 -25.53 4.96
C5 CLA CH . 29.79 -27.86 4.18
C6 CLA CH . 30.20 -28.24 5.57
C7 CLA CH . 31.69 -28.31 5.67
C8 CLA CH . 32.14 -29.51 6.47
C9 CLA CH . 31.86 -29.27 7.94
C10 CLA CH . 33.62 -29.72 6.27
C11 CLA CH . 34.14 -30.90 7.04
C12 CLA CH . 35.50 -31.26 6.52
C13 CLA CH . 36.22 -32.11 7.56
C14 CLA CH . 37.25 -31.29 8.29
C15 CLA CH . 36.87 -33.31 6.90
C16 CLA CH . 37.87 -32.90 5.85
C17 CLA CH . 39.03 -33.87 5.80
C18 CLA CH . 38.92 -34.85 4.64
C19 CLA CH . 40.10 -35.81 4.64
C20 CLA CH . 38.87 -34.11 3.32
MG CLA DH . 27.28 -47.45 10.27
CHA CLA DH . 25.21 -48.07 7.59
CHB CLA DH . 25.07 -45.20 11.48
CHC CLA DH . 29.26 -47.09 13.02
CHD CLA DH . 29.53 -49.84 9.00
NA CLA DH . 25.45 -46.75 9.61
C1A CLA DH . 24.73 -47.16 8.48
C2A CLA DH . 23.42 -46.38 8.38
C3A CLA DH . 23.47 -45.42 9.58
C4A CLA DH . 24.75 -45.80 10.30
CMA CLA DH . 23.52 -43.99 9.11
CAA CLA DH . 22.19 -47.25 8.54
CBA CLA DH . 22.37 -48.29 9.62
CGA CLA DH . 21.02 -48.72 10.10
O1A CLA DH . 19.97 -48.81 9.45
O2A CLA DH . 21.00 -49.03 11.42
NB CLA DH . 27.20 -46.34 11.91
C1B CLA DH . 26.21 -45.48 12.23
C2B CLA DH . 26.51 -44.85 13.53
C3B CLA DH . 27.69 -45.38 13.97
C4B CLA DH . 28.14 -46.35 12.95
CMB CLA DH . 25.63 -43.87 14.15
CAB CLA DH . 28.44 -45.14 15.17
CBB CLA DH . 28.00 -45.37 16.40
NC CLA DH . 29.06 -48.31 10.88
C1C CLA DH . 29.69 -48.03 12.05
C2C CLA DH . 30.89 -48.81 12.18
C3C CLA DH . 30.98 -49.59 11.04
C4C CLA DH . 29.83 -49.27 10.23
CMC CLA DH . 31.81 -48.75 13.31
CAC CLA DH . 32.03 -50.54 10.68
CBC CLA DH . 31.64 -51.96 10.98
ND CLA DH . 27.42 -48.69 8.69
C1D CLA DH . 28.41 -49.58 8.27
C2D CLA DH . 28.04 -50.15 6.98
C3D CLA DH . 26.82 -49.61 6.68
C4D CLA DH . 26.47 -48.72 7.77
CMD CLA DH . 28.87 -51.09 6.25
CAD CLA DH . 25.76 -49.55 5.72
OBD CLA DH . 25.66 -50.12 4.65
CBD CLA DH . 24.70 -48.57 6.26
CGD CLA DH . 24.59 -47.41 5.34
O1D CLA DH . 24.84 -46.23 5.58
O2D CLA DH . 24.21 -47.70 4.07
CED CLA DH . 24.45 -46.70 3.10
C1 CLA DH . 20.38 -50.26 11.81
C2 CLA DH . 20.85 -50.48 13.20
C3 CLA DH . 20.28 -49.92 14.27
C4 CLA DH . 19.10 -49.03 14.18
C5 CLA DH . 20.85 -50.20 15.63
C6 CLA DH . 19.81 -50.27 16.71
C7 CLA DH . 20.32 -51.05 17.89
C8 CLA DH . 19.16 -51.38 18.83
C9 CLA DH . 18.71 -50.13 19.56
C10 CLA DH . 19.55 -52.45 19.81
C11 CLA DH . 19.50 -53.80 19.14
C12 CLA DH . 19.40 -54.91 20.16
C13 CLA DH . 19.13 -56.23 19.45
C14 CLA DH . 17.68 -56.33 19.06
C15 CLA DH . 19.54 -57.40 20.34
C16 CLA DH . 21.03 -57.64 20.24
C17 CLA DH . 21.47 -58.75 21.18
C18 CLA DH . 22.99 -58.83 21.27
C19 CLA DH . 23.40 -59.93 22.23
C20 CLA DH . 23.58 -57.51 21.73
C2 PL9 EH . 36.91 -2.55 12.93
C3 PL9 EH . 36.22 -1.39 13.12
C4 PL9 EH . 36.35 -0.69 14.29
C5 PL9 EH . 37.18 -1.17 15.26
C6 PL9 EH . 37.87 -2.32 15.09
C1 PL9 EH . 37.75 -3.02 13.93
C7 PL9 EH . 35.34 -0.90 12.09
C8 PL9 EH . 35.09 -1.77 10.98
C9 PL9 EH . 34.20 -1.45 10.06
C10 PL9 EH . 33.90 -0.08 9.70
C11 PL9 EH . 33.12 -2.40 9.84
C12 PL9 EH . 33.34 -3.14 8.54
C13 PL9 EH . 32.13 -3.96 8.35
C14 PL9 EH . 31.25 -3.76 7.38
C15 PL9 EH . 31.24 -2.54 6.60
C16 PL9 EH . 30.55 -4.86 6.72
C17 PL9 EH . 29.24 -5.22 7.34
C18 PL9 EH . 28.66 -6.39 6.62
C19 PL9 EH . 27.47 -6.43 6.04
C20 PL9 EH . 26.49 -5.34 6.24
C21 PL9 EH . 26.98 -7.73 5.55
C22 PL9 EH . 25.72 -8.16 6.27
C23 PL9 EH . 25.24 -9.39 5.63
C24 PL9 EH . 24.22 -10.07 6.12
C25 PL9 EH . 23.65 -9.86 7.44
C26 PL9 EH . 23.75 -11.22 5.38
C27 PL9 EH . 22.27 -11.03 5.06
C28 PL9 EH . 22.15 -9.91 4.11
C29 PL9 EH . 21.09 -9.10 4.10
C30 PL9 EH . 20.00 -9.24 5.07
C31 PL9 EH . 20.73 -8.29 2.94
C32 PL9 EH . 21.81 -8.23 1.89
C33 PL9 EH . 21.07 -7.84 0.67
C34 PL9 EH . 21.63 -7.71 -0.51
C35 PL9 EH . 22.93 -8.27 -0.87
C36 PL9 EH . 21.03 -6.74 -1.39
C37 PL9 EH . 21.94 -5.56 -1.47
C38 PL9 EH . 21.44 -4.79 -2.63
C39 PL9 EH . 21.64 -3.50 -2.76
C40 PL9 EH . 22.41 -2.73 -1.78
C41 PL9 EH . 21.10 -2.84 -3.94
C42 PL9 EH . 22.25 -2.51 -4.84
C43 PL9 EH . 21.72 -2.35 -6.20
C44 PL9 EH . 22.12 -1.39 -6.99
C45 PL9 EH . 22.48 -1.64 -8.39
C46 PL9 EH . 22.54 -0.10 -6.48
C47 PL9 EH . 21.73 1.02 -7.07
C48 PL9 EH . 21.90 2.14 -6.14
C49 PL9 EH . 21.81 3.40 -6.53
C50 PL9 EH . 21.71 4.40 -5.45
C51 PL9 EH . 21.49 3.84 -7.88
C52 PL9 EH . 37.29 -0.39 16.45
C53 PL9 EH . 38.77 -2.87 16.06
O1 PL9 EH . 35.71 0.34 14.41
O2 PL9 EH . 38.35 -4.06 13.71
O1 LHG FH . 24.23 -1.20 19.45
C1 LHG FH . 25.57 -1.61 19.58
C2 LHG FH . 26.21 -0.79 20.66
O2 LHG FH . 25.46 0.38 20.90
C3 LHG FH . 27.60 -0.32 20.33
O3 LHG FH . 27.47 0.09 18.99
P LHG FH . 28.62 0.96 18.31
O4 LHG FH . 28.23 2.38 18.45
O5 LHG FH . 29.85 0.22 18.65
O6 LHG FH . 28.21 0.63 16.75
C4 LHG FH . 28.35 1.65 15.82
C5 LHG FH . 27.78 1.09 14.54
C6 LHG FH . 26.75 2.02 13.96
O7 LHG FH . 28.82 1.10 13.66
C7 LHG FH . 29.00 -0.07 13.08
O9 LHG FH . 28.98 -1.10 13.69
C8 LHG FH . 28.99 0.07 11.62
C9 LHG FH . 30.02 -0.85 11.03
C10 LHG FH . 29.45 -1.65 9.87
O8 LHG FH . 26.19 1.29 12.90
C23 LHG FH . 25.38 1.94 12.03
O10 LHG FH . 25.12 3.10 12.22
C24 LHG FH . 25.17 1.38 10.66
C11 LHG FH . 29.02 -0.60 8.86
C12 LHG FH . 27.91 -1.17 8.04
C13 LHG FH . 27.97 -0.54 6.68
C14 LHG FH . 27.34 -1.41 5.64
C15 LHG FH . 27.60 -0.71 4.35
C16 LHG FH . 26.36 0.04 3.97
C17 LHG FH . 25.34 -0.92 3.42
C18 LHG FH . 24.34 -0.01 2.80
C19 LHG FH . 24.73 0.49 1.45
C20 LHG FH . 23.41 0.56 0.74
C21 LHG FH . 23.51 1.36 -0.52
C22 LHG FH . 22.32 1.03 -1.38
C25 LHG FH . 24.64 2.35 9.66
C26 LHG FH . 24.96 2.05 8.21
C27 LHG FH . 25.69 3.28 7.71
C28 LHG FH . 27.05 3.02 7.16
C29 LHG FH . 27.48 4.30 6.47
C30 LHG FH . 28.22 4.15 5.18
C31 LHG FH . 29.44 5.02 5.01
C32 LHG FH . 29.51 5.79 3.71
C33 LHG FH . 30.30 7.05 4.00
C34 LHG FH . 31.45 7.35 3.05
C35 LHG FH . 32.68 7.80 3.79
C36 LHG FH . 33.22 9.02 3.10
C37 LHG FH . 33.99 8.55 1.90
C38 LHG FH . 33.94 9.49 0.72
C1 LMG GH . 46.99 -38.87 -10.10
O1 LMG GH . 47.65 -38.50 -8.94
C2 LMG GH . 47.69 -38.16 -11.26
O2 LMG GH . 47.47 -36.80 -11.05
C3 LMG GH . 46.85 -38.60 -12.47
O3 LMG GH . 47.44 -37.99 -13.56
C4 LMG GH . 46.94 -40.14 -12.65
O4 LMG GH . 48.23 -40.47 -12.91
C5 LMG GH . 46.55 -40.79 -11.30
O5 LMG GH . 46.10 -42.74 -12.41
C6 LMG GH . 46.91 -42.25 -11.40
O6 LMG GH . 47.28 -40.23 -10.24
C7 LMG GH . 47.01 -38.97 -7.81
C8 LMG GH . 46.63 -37.73 -7.04
C9 LMG GH . 46.77 -37.98 -5.56
O7 LMG GH . 47.57 -36.76 -7.35
C10 LMG GH . 47.14 -35.57 -7.80
O9 LMG GH . 45.98 -35.47 -8.18
C11 LMG GH . 48.25 -34.63 -8.07
C12 LMG GH . 48.05 -33.38 -7.28
C13 LMG GH . 47.94 -33.68 -5.81
C14 LMG GH . 47.39 -32.45 -5.15
C15 LMG GH . 47.08 -32.79 -3.73
C16 LMG GH . 47.06 -31.51 -2.92
C17 LMG GH . 45.80 -30.78 -3.30
C18 LMG GH . 45.42 -29.94 -2.11
C19 LMG GH . 44.72 -30.84 -1.12
C20 LMG GH . 45.37 -30.57 0.22
C21 LMG GH . 44.74 -31.50 1.22
C22 LMG GH . 45.38 -31.13 2.53
C23 LMG GH . 45.61 -32.41 3.29
C24 LMG GH . 46.21 -31.97 4.60
C25 LMG GH . 46.54 -33.21 5.39
O8 LMG GH . 46.02 -36.98 -4.91
C28 LMG GH . 45.72 -37.18 -3.60
O10 LMG GH . 46.11 -38.20 -3.05
C29 LMG GH . 45.28 -35.93 -2.92
C30 LMG GH . 44.30 -36.24 -1.80
C31 LMG GH . 44.37 -35.10 -0.81
C32 LMG GH . 43.65 -35.55 0.46
C33 LMG GH . 44.71 -35.84 1.51
C34 LMG GH . 44.07 -35.77 2.89
C35 LMG GH . 45.01 -36.44 3.90
C36 LMG GH . 44.24 -36.56 5.19
C37 LMG GH . 44.61 -37.88 5.86
C38 LMG GH . 45.35 -37.43 7.08
C39 LMG GH . 46.74 -37.99 7.07
C40 LMG GH . 47.21 -37.73 8.48
C41 LMG GH . 48.69 -38.01 8.58
C42 LMG GH . 48.83 -38.58 9.98
C43 LMG GH . 50.28 -38.68 10.33
CHA HEM HH . 54.68 -45.77 18.16
CHB HEM HH . 54.50 -50.00 15.89
CHC HEM HH . 52.98 -47.95 11.85
CHD HEM HH . 54.45 -43.85 13.79
C1A HEM HH . 54.68 -47.12 17.93
C2A HEM HH . 54.82 -48.17 18.90
C3A HEM HH . 54.77 -49.33 18.25
C4A HEM HH . 54.60 -49.05 16.86
CMA HEM HH . 54.87 -50.74 18.87
CAA HEM HH . 55.01 -48.07 20.44
CBA HEM HH . 56.17 -47.20 20.94
CGA HEM HH . 57.49 -47.43 20.24
O1A HEM HH . 57.64 -47.05 19.05
O2A HEM HH . 58.41 -47.95 20.91
C1B HEM HH . 53.95 -49.79 14.67
C2B HEM HH . 53.35 -50.83 13.88
C3B HEM HH . 52.92 -50.26 12.74
C4B HEM HH . 53.25 -48.86 12.82
CMB HEM HH . 53.29 -52.28 14.38
CAB HEM HH . 52.20 -50.80 11.48
CBB HEM HH . 51.74 -52.03 11.28
C1C HEM HH . 53.26 -46.63 12.04
C2C HEM HH . 53.01 -45.58 11.08
C3C HEM HH . 53.42 -44.44 11.64
C4C HEM HH . 53.93 -44.76 12.94
CMC HEM HH . 52.36 -45.86 9.72
CAC HEM HH . 53.45 -42.98 11.17
CBC HEM HH . 53.45 -42.56 9.90
C1D HEM HH . 54.45 -43.99 15.14
C2D HEM HH . 54.25 -42.93 16.08
C3D HEM HH . 54.31 -43.44 17.30
C4D HEM HH . 54.56 -44.86 17.16
CMD HEM HH . 54.01 -41.45 15.74
CAD HEM HH . 54.15 -42.64 18.60
CBD HEM HH . 52.82 -42.97 19.27
CGD HEM HH . 52.72 -42.34 20.62
O1D HEM HH . 52.50 -43.08 21.62
O2D HEM HH . 52.87 -41.10 20.71
NA HEM HH . 54.54 -47.69 16.69
NB HEM HH . 53.88 -48.60 14.01
NC HEM HH . 53.82 -46.11 13.16
ND HEM HH . 54.62 -45.17 15.82
FE HEM HH . 53.91 -46.87 15.01
C1 BCR IH . 34.95 -49.93 5.77
C2 BCR IH . 33.90 -50.73 5.05
C3 BCR IH . 32.85 -49.80 4.52
C4 BCR IH . 33.45 -48.87 3.49
C5 BCR IH . 34.78 -48.38 3.88
C6 BCR IH . 35.49 -48.83 4.93
C7 BCR IH . 36.82 -48.32 5.24
C8 BCR IH . 37.06 -47.33 6.08
C9 BCR IH . 38.39 -46.93 6.46
C10 BCR IH . 39.08 -46.16 5.61
C11 BCR IH . 40.24 -45.40 5.98
C33 BCR IH . 35.28 -47.31 3.00
C31 BCR IH . 36.04 -50.90 6.18
C32 BCR IH . 34.30 -49.39 7.02
C34 BCR IH . 39.09 -47.71 7.49
C12 BCR IH . 40.91 -44.77 5.02
C13 BCR IH . 41.78 -43.63 5.20
C14 BCR IH . 42.34 -43.10 4.11
C15 BCR IH . 43.45 -42.19 4.13
C16 BCR IH . 43.98 -41.81 2.96
C17 BCR IH . 45.06 -40.86 2.97
C18 BCR IH . 45.69 -40.38 1.90
C19 BCR IH . 46.51 -39.19 2.08
C20 BCR IH . 47.24 -38.69 1.10
C21 BCR IH . 47.96 -37.47 1.36
C22 BCR IH . 48.47 -36.67 0.42
C23 BCR IH . 48.74 -35.29 0.76
C24 BCR IH . 49.75 -34.58 0.24
C25 BCR IH . 50.56 -33.58 0.92
C26 BCR IH . 51.64 -33.93 1.64
C27 BCR IH . 52.54 -33.00 2.36
C28 BCR IH . 52.47 -31.62 1.78
C29 BCR IH . 51.03 -31.21 1.63
C30 BCR IH . 50.20 -32.14 0.76
C35 BCR IH . 41.67 -42.83 6.43
C36 BCR IH . 45.93 -41.18 0.69
C37 BCR IH . 48.60 -37.10 -0.99
C38 BCR IH . 52.09 -35.33 1.84
C39 BCR IH . 50.31 -31.77 -0.70
C40 BCR IH . 48.77 -31.82 1.17
C1 BCR JH . 7.66 -60.68 11.82
C2 BCR JH . 7.36 -61.78 10.82
C3 BCR JH . 6.06 -61.50 10.13
C4 BCR JH . 6.14 -60.21 9.36
C5 BCR JH . 6.88 -59.15 10.08
C6 BCR JH . 7.56 -59.32 11.22
C7 BCR JH . 8.29 -58.25 11.88
C8 BCR JH . 7.77 -57.49 12.83
C9 BCR JH . 8.56 -56.62 13.68
C10 BCR JH . 7.96 -55.68 14.41
C11 BCR JH . 8.65 -54.83 15.35
C33 BCR JH . 6.77 -57.84 9.43
C31 BCR JH . 9.05 -60.94 12.36
C32 BCR JH . 6.67 -60.83 12.95
C34 BCR JH . 9.99 -56.92 13.84
C12 BCR JH . 7.96 -53.86 15.95
C13 BCR JH . 8.52 -52.92 16.89
C14 BCR JH . 7.71 -52.07 17.52
C15 BCR JH . 8.15 -51.15 18.53
C16 BCR JH . 7.31 -50.20 18.96
C17 BCR JH . 7.78 -49.18 19.86
C18 BCR JH . 7.06 -48.16 20.32
C19 BCR JH . 7.64 -47.25 21.28
C20 BCR JH . 7.00 -46.16 21.70
C21 BCR JH . 7.71 -45.16 22.44
C22 BCR JH . 7.20 -43.97 22.77
C23 BCR JH . 7.91 -43.17 23.75
C24 BCR JH . 9.20 -42.85 23.63
C25 BCR JH . 9.94 -41.79 24.32
C26 BCR JH . 10.44 -41.96 25.55
C27 BCR JH . 11.23 -40.97 26.31
C28 BCR JH . 11.85 -39.96 25.39
C29 BCR JH . 10.81 -39.45 24.44
C30 BCR JH . 10.19 -40.53 23.57
C35 BCR JH . 9.95 -52.99 17.23
C36 BCR JH . 5.64 -47.99 19.95
C37 BCR JH . 6.26 -43.31 21.87
C38 BCR JH . 10.28 -43.18 26.35
C39 BCR JH . 11.07 -40.82 22.39
C40 BCR JH . 8.93 -39.88 23.01
C1A DGD KH . 14.27 -40.90 1.77
C2A DGD KH . 15.29 -41.75 2.44
C3A DGD KH . 15.48 -41.28 3.87
C4A DGD KH . 16.62 -40.28 3.94
C5A DGD KH . 16.51 -39.51 5.23
C6A DGD KH . 17.49 -40.02 6.23
C7A DGD KH . 17.83 -38.82 7.08
C8A DGD KH . 19.30 -38.83 7.42
C9A DGD KH . 19.42 -38.29 8.83
CAA DGD KH . 20.09 -36.95 8.75
CBA DGD KH . 19.69 -36.17 9.99
CCA DGD KH . 20.35 -34.83 9.88
CDA DGD KH . 19.84 -33.99 11.04
CEA DGD KH . 18.64 -33.22 10.58
CFA DGD KH . 18.56 -31.91 11.30
CGA DGD KH . 17.30 -31.24 10.80
O1A DGD KH . 13.77 -39.88 2.18
C1B DGD KH . 11.32 -41.91 2.97
C2B DGD KH . 10.92 -41.05 4.12
C3B DGD KH . 10.23 -39.82 3.69
C4B DGD KH . 9.14 -39.45 4.66
C5B DGD KH . 9.87 -38.71 5.73
C6B DGD KH . 9.89 -37.30 5.27
C7B DGD KH . 11.10 -36.67 5.93
C8B DGD KH . 12.27 -36.97 5.04
C9B DGD KH . 12.06 -36.33 3.71
CAB DGD KH . 12.27 -34.87 3.93
CBB DGD KH . 12.26 -34.33 2.56
CCB DGD KH . 10.84 -34.16 2.15
CDB DGD KH . 11.03 -33.58 0.80
CEB DGD KH . 11.02 -32.12 0.96
CFB DGD KH . 12.06 -31.65 0.00
CGB DGD KH . 12.63 -30.39 0.57
O1B DGD KH . 12.07 -42.86 3.03
O1G DGD KH . 13.60 -41.68 0.87
C1G DGD KH . 12.48 -41.15 0.21
C2G DGD KH . 11.27 -42.01 0.56
O2G DGD KH . 10.73 -41.54 1.79
C3G DGD KH . 10.23 -41.70 -0.52
O3G DGD KH . 10.53 -42.64 -1.53
C1D DGD KH . 10.29 -42.11 -2.79
C2D DGD KH . 10.89 -43.05 -3.84
O2D DGD KH . 12.26 -43.04 -3.66
C3D DGD KH . 10.56 -42.31 -5.16
O3D DGD KH . 11.09 -43.04 -6.19
C4D DGD KH . 9.03 -42.28 -5.37
O4D DGD KH . 8.57 -43.57 -5.38
C5D DGD KH . 8.40 -41.61 -4.12
O5D DGD KH . 6.51 -42.86 -4.81
C6D DGD KH . 6.86 -41.74 -4.03
O6D DGD KH . 8.87 -42.19 -2.91
C1E DGD KH . 5.17 -43.25 -4.73
C2E DGD KH . 5.03 -44.80 -4.97
O2E DGD KH . 5.89 -45.44 -4.09
C3E DGD KH . 5.46 -45.14 -6.42
O3E DGD KH . 5.14 -46.47 -6.60
C4E DGD KH . 4.63 -44.29 -7.40
O4E DGD KH . 3.28 -44.54 -7.19
C5E DGD KH . 4.85 -42.82 -7.07
O6E DGD KH . 4.51 -42.53 -5.73
C6E DGD KH . 3.89 -41.95 -7.86
O5E DGD KH . 2.81 -41.72 -7.00
C1A DGD LH . 47.89 -31.87 -11.58
C2A DGD LH . 46.82 -31.15 -10.85
C3A DGD LH . 47.41 -30.18 -9.86
C4A DGD LH . 46.28 -29.50 -9.10
C5A DGD LH . 46.85 -28.63 -8.01
C6A DGD LH . 45.91 -27.47 -7.73
C7A DGD LH . 46.05 -27.20 -6.25
C8A DGD LH . 44.85 -26.45 -5.75
C9A DGD LH . 45.37 -25.33 -4.89
CAA DGD LH . 44.24 -24.85 -4.02
CBA DGD LH . 44.73 -24.87 -2.57
CCA DGD LH . 43.54 -24.62 -1.67
CDA DGD LH . 42.59 -25.83 -1.75
CEA DGD LH . 43.29 -27.06 -1.18
CFA DGD LH . 43.25 -27.03 0.31
CGA DGD LH . 42.58 -28.31 0.76
O1A DGD LH . 48.16 -33.05 -11.52
C1B DGD LH . 50.40 -29.23 -14.56
C2B DGD LH . 51.51 -28.83 -13.67
C3B DGD LH . 51.78 -27.37 -13.83
C4B DGD LH . 50.63 -26.53 -13.31
C5B DGD LH . 50.80 -26.58 -11.83
C6B DGD LH . 50.18 -25.29 -11.32
C7B DGD LH . 50.09 -25.49 -9.84
C8B DGD LH . 49.79 -24.14 -9.29
C9B DGD LH . 49.41 -24.34 -7.87
CAB DGD LH . 49.46 -22.96 -7.33
CBB DGD LH . 48.78 -23.10 -6.02
CCB DGD LH . 48.50 -21.71 -5.56
CDB DGD LH . 48.31 -21.94 -4.10
CEB DGD LH . 48.36 -20.61 -3.42
CFB DGD LH . 48.51 -20.97 -1.96
CGB DGD LH . 49.43 -19.95 -1.35
O1B DGD LH . 50.24 -28.80 -15.66
O1G DGD LH . 48.15 -31.20 -12.70
C1G DGD LH . 48.21 -31.91 -13.90
C2G DGD LH . 48.90 -31.00 -14.91
O2G DGD LH . 50.03 -30.49 -14.27
C3G DGD LH . 49.41 -31.94 -15.99
O3G DGD LH . 48.24 -32.26 -16.67
C1D DGD LH . 48.46 -33.18 -17.68
C2D DGD LH . 47.22 -34.06 -17.66
O2D DGD LH . 47.58 -35.05 -16.77
C3D DGD LH . 47.05 -34.73 -19.04
O3D DGD LH . 45.74 -35.15 -19.10
C4D DGD LH . 47.21 -33.76 -20.21
O4D DGD LH . 46.26 -32.77 -20.15
C5D DGD LH . 48.53 -33.06 -20.01
O5D DGD LH . 48.99 -32.72 -22.22
C6D DGD LH . 48.78 -31.99 -21.06
O6D DGD LH . 48.43 -32.35 -18.82
C1E DGD LH . 49.71 -32.07 -23.20
C2E DGD LH . 48.92 -32.21 -24.51
O2E DGD LH . 47.67 -31.70 -24.24
C3E DGD LH . 48.78 -33.70 -24.86
O3E DGD LH . 48.28 -33.71 -26.15
C4E DGD LH . 50.15 -34.39 -24.87
O4E DGD LH . 50.92 -33.80 -25.86
C5E DGD LH . 50.86 -34.11 -23.54
O6E DGD LH . 50.92 -32.74 -23.27
C6E DGD LH . 52.33 -34.48 -23.61
O5E DGD LH . 52.83 -34.13 -22.36
O6 SQD MH . 20.84 15.70 16.92
C44 SQD MH . 19.68 16.41 16.52
C45 SQD MH . 18.80 15.60 15.56
C46 SQD MH . 18.08 14.48 16.30
O47 SQD MH . 17.91 16.42 14.83
C7 SQD MH . 16.53 16.08 14.65
O49 SQD MH . 15.68 16.56 15.38
C8 SQD MH . 16.08 15.38 13.37
C9 SQD MH . 14.84 14.57 13.69
C10 SQD MH . 13.96 14.57 12.45
C11 SQD MH . 14.54 13.58 11.44
C12 SQD MH . 13.39 13.10 10.58
C13 SQD MH . 13.95 12.56 9.28
C14 SQD MH . 12.90 12.74 8.19
C15 SQD MH . 13.20 14.04 7.45
C16 SQD MH . 14.46 13.87 6.63
C17 SQD MH . 14.05 13.61 5.19
C18 SQD MH . 14.37 14.85 4.34
C19 SQD MH . 14.07 14.56 2.87
C20 SQD MH . 15.23 15.03 2.03
C21 SQD MH . 15.26 16.55 2.04
C22 SQD MH . 15.80 17.02 0.72
O48 SQD MH . 18.76 13.28 16.05
C23 SQD MH . 18.32 12.11 16.70
O10 SQD MH . 17.52 12.22 17.61
C24 SQD MH . 18.41 10.81 15.91
C25 SQD MH . 17.91 11.05 14.50
C26 SQD MH . 17.55 9.68 13.91
C27 SQD MH . 16.41 9.84 12.89
C28 SQD MH . 16.67 8.86 11.74
C29 SQD MH . 15.56 9.03 10.70
C30 SQD MH . 16.00 8.44 9.37
C31 SQD MH . 14.91 8.76 8.34
C32 SQD MH . 15.39 8.31 6.96
C33 SQD MH . 14.24 8.38 5.97
C34 SQD MH . 13.66 6.98 5.79
C35 SQD MH . 12.30 6.91 6.46
C36 SQD MH . 12.39 6.12 7.74
C37 SQD MH . 11.00 5.73 8.20
C38 SQD MH . 10.38 4.80 7.20
C1 SQD MH . 20.98 15.34 18.28
C2 SQD MH . 22.38 15.26 18.80
O2 SQD MH . 23.10 14.34 18.08
C3 SQD MH . 22.32 14.79 20.23
O3 SQD MH . 23.56 14.99 20.79
C4 SQD MH . 21.29 15.44 21.13
O4 SQD MH . 20.86 14.52 22.05
C5 SQD MH . 20.10 16.03 20.44
C6 SQD MH . 19.80 17.36 21.10
O5 SQD MH . 20.21 16.23 19.05
S SQD MH . 18.85 18.46 20.07
O7 SQD MH . 17.80 17.80 19.33
O8 SQD MH . 18.28 19.54 20.91
O9 SQD MH . 19.66 19.02 19.01
O1 LHG NH . 18.83 -3.77 20.80
C1 LHG NH . 18.98 -2.56 21.50
C2 LHG NH . 19.70 -2.82 22.77
O2 LHG NH . 19.83 -1.63 23.50
C3 LHG NH . 21.12 -3.29 22.59
O3 LHG NH . 21.00 -4.20 21.53
P LHG NH . 22.27 -5.06 21.08
O4 LHG NH . 23.42 -4.14 21.01
O5 LHG NH . 22.07 -6.35 21.77
O6 LHG NH . 21.85 -5.23 19.50
C4 LHG NH . 21.22 -6.39 19.08
C5 LHG NH . 20.61 -6.10 17.70
C6 LHG NH . 20.77 -4.68 17.25
O7 LHG NH . 21.33 -6.89 16.81
C7 LHG NH . 20.72 -8.03 16.45
O9 LHG NH . 19.73 -8.45 17.00
C8 LHG NH . 21.57 -8.79 15.54
C9 LHG NH . 22.16 -7.86 14.54
C10 LHG NH . 21.17 -7.65 13.43
O8 LHG NH . 20.34 -4.70 15.90
C23 LHG NH . 19.04 -4.41 15.62
O10 LHG NH . 18.49 -3.54 16.26
C24 LHG NH . 18.44 -4.76 14.30
C11 LHG NH . 21.58 -6.32 12.89
C12 LHG NH . 21.41 -6.33 11.42
C13 LHG NH . 22.69 -6.85 10.84
C14 LHG NH . 22.60 -6.93 9.36
C15 LHG NH . 22.95 -5.56 8.87
C16 LHG NH . 22.05 -5.18 7.75
C17 LHG NH . 22.45 -5.93 6.50
C18 LHG NH . 21.93 -5.08 5.40
C19 LHG NH . 23.00 -4.38 4.63
C20 LHG NH . 23.46 -5.48 3.72
C21 LHG NH . 24.52 -4.97 2.82
C22 LHG NH . 24.84 -6.04 1.81
C25 LHG NH . 16.94 -4.82 14.24
C26 LHG NH . 16.34 -5.90 13.34
C27 LHG NH . 14.85 -5.68 13.47
C28 LHG NH . 13.98 -6.85 13.11
C29 LHG NH . 12.58 -6.45 13.50
C30 LHG NH . 11.81 -5.68 12.45
C31 LHG NH . 10.47 -6.25 12.05
C32 LHG NH . 9.58 -6.68 13.20
C33 LHG NH . 8.16 -6.31 12.82
C34 LHG NH . 7.49 -7.17 11.77
C35 LHG NH . 6.25 -7.80 12.35
C36 LHG NH . 5.19 -7.95 11.27
C37 LHG NH . 3.88 -8.19 11.97
C38 LHG NH . 2.98 -9.18 11.28
MG CLA OH . 7.79 18.69 13.73
CHA CLA OH . 9.15 18.34 16.87
CHB CLA OH . 10.31 20.83 12.93
CHC CLA OH . 6.69 18.70 10.51
CHD CLA OH . 5.33 16.33 14.57
NA CLA OH . 9.39 19.50 14.77
C1A CLA OH . 9.81 19.21 16.06
C2A CLA OH . 11.06 19.99 16.42
C3A CLA OH . 11.18 20.97 15.27
C4A CLA OH . 10.25 20.41 14.23
CMA CLA OH . 10.69 22.32 15.71
CAA CLA OH . 12.30 19.11 16.48
CBA CLA OH . 12.36 18.00 15.45
CGA CLA OH . 11.94 16.70 16.04
O1A CLA OH . 12.14 16.29 17.19
O2A CLA OH . 11.29 15.88 15.14
NB CLA OH . 8.36 19.64 12.05
C1B CLA OH . 9.46 20.38 11.91
C2B CLA OH . 9.64 20.75 10.49
C3B CLA OH . 8.62 20.16 9.80
C4B CLA OH . 7.79 19.44 10.78
CMB CLA OH . 10.76 21.57 10.04
CAB CLA OH . 8.33 20.15 8.40
CBB CLA OH . 8.22 21.21 7.60
NC CLA OH . 6.23 17.75 12.75
C1C CLA OH . 5.95 17.91 11.43
C2C CLA OH . 4.81 17.10 11.07
C3C CLA OH . 4.44 16.40 12.20
C4C CLA OH . 5.35 16.82 13.26
CMC CLA OH . 4.21 17.02 9.74
CAC CLA OH . 3.35 15.45 12.31
CBC CLA OH . 3.83 14.07 11.93
ND CLA OH . 7.23 17.66 15.35
C1D CLA OH . 6.19 16.72 15.56
C2D CLA OH . 6.31 16.20 16.92
C3D CLA OH . 7.44 16.77 17.46
C4D CLA OH . 7.97 17.66 16.44
CMD CLA OH . 5.40 15.23 17.49
CAD CLA OH . 8.32 16.83 18.59
OBD CLA OH . 8.35 16.19 19.61
CBD CLA OH . 9.41 17.87 18.26
CGD CLA OH . 9.40 18.99 19.23
O1D CLA OH . 10.28 19.83 19.44
O2D CLA OH . 8.27 19.08 19.98
CED CLA OH . 8.40 19.70 21.26
C1 CLA OH . 10.13 15.10 15.54
C2 CLA OH . 9.19 15.20 14.39
C3 CLA OH . 9.31 14.48 13.28
C4 CLA OH . 10.42 13.51 13.11
C5 CLA OH . 8.35 14.63 12.14
C6 CLA OH . 8.20 13.39 11.26
C7 CLA OH . 8.74 13.60 9.87
C8 CLA OH . 7.91 13.02 8.71
C9 CLA OH . 6.47 12.74 9.09
C10 CLA OH . 8.55 11.78 8.10
C11 CLA OH . 7.77 11.28 6.89
C12 CLA OH . 8.65 11.03 5.68
C13 CLA OH . 8.25 9.78 4.91
C14 CLA OH . 9.38 9.34 4.00
C15 CLA OH . 6.97 9.97 4.09
C16 CLA OH . 6.29 8.65 3.74
C17 CLA OH . 6.24 8.39 2.26
C18 CLA OH . 5.35 7.21 1.89
C19 CLA OH . 5.79 5.93 2.58
C20 CLA OH . 5.29 7.01 0.39
C1 LMG PH . 6.17 -0.75 27.59
O1 LMG PH . 6.73 -0.44 26.35
C2 LMG PH . 7.10 -1.75 28.28
O2 LMG PH . 6.93 -2.91 27.55
C3 LMG PH . 6.49 -2.01 29.67
O3 LMG PH . 7.41 -2.81 30.32
C4 LMG PH . 6.34 -0.67 30.46
O4 LMG PH . 7.60 -0.16 30.66
C5 LMG PH . 5.56 0.32 29.55
O5 LMG PH . 6.72 1.93 30.75
C6 LMG PH . 5.47 1.68 30.21
O6 LMG PH . 6.23 0.47 28.32
C7 LMG PH . 5.90 0.39 25.59
C8 LMG PH . 5.73 -0.32 24.24
C9 LMG PH . 7.13 -0.63 23.73
O7 LMG PH . 5.08 -1.57 24.45
C10 LMG PH . 3.92 -1.87 23.78
O9 LMG PH . 3.82 -2.95 23.21
C11 LMG PH . 2.85 -0.86 24.00
C12 LMG PH . 1.48 -1.47 24.24
C13 LMG PH . 0.36 -0.45 24.21
C14 LMG PH . 0.31 0.16 22.82
C15 LMG PH . -0.21 -0.86 21.85
C16 LMG PH . -0.57 -0.16 20.56
C17 LMG PH . 0.22 -0.82 19.46
C18 LMG PH . -0.77 -1.62 18.66
C19 LMG PH . -0.59 -1.24 17.20
O8 LMG PH . 6.99 -1.28 22.50
C28 LMG PH . 6.58 -0.53 21.45
O10 LMG PH . 7.13 0.53 21.22
C29 LMG PH . 5.74 -1.28 20.50
C30 LMG PH . 5.35 -0.41 19.35
C31 LMG PH . 4.21 -1.10 18.67
C32 LMG PH . 3.82 -0.24 17.49
C33 LMG PH . 3.12 -1.16 16.54
C34 LMG PH . 3.84 -1.07 15.24
C35 LMG PH . 3.20 -2.11 14.37
C36 LMG PH . 4.27 -3.07 14.05
C37 LMG PH . 3.85 -3.80 12.83
C38 LMG PH . 5.15 -4.20 12.27
C1 BCR QH . -0.69 -10.14 1.18
C2 BCR QH . -0.49 -9.91 -0.30
C3 BCR QH . 0.36 -8.72 -0.57
C4 BCR QH . -0.10 -7.47 0.14
C5 BCR QH . -0.88 -7.71 1.37
C6 BCR QH . -1.16 -8.91 1.87
C7 BCR QH . -1.96 -9.07 3.09
C8 BCR QH . -1.44 -9.22 4.31
C9 BCR QH . -2.27 -9.29 5.48
C10 BCR QH . -1.70 -9.14 6.69
C11 BCR QH . -2.44 -9.19 7.92
C33 BCR QH . -1.34 -6.47 2.02
C31 BCR QH . 0.59 -10.69 1.76
C32 BCR QH . -1.75 -11.22 1.29
C34 BCR QH . -3.69 -9.60 5.33
C12 BCR QH . -1.75 -9.40 9.04
C13 BCR QH . -2.31 -9.40 10.37
C14 BCR QH . -1.45 -9.60 11.38
C15 BCR QH . -1.82 -9.48 12.76
C16 BCR QH . -0.91 -9.74 13.70
C17 BCR QH . -1.22 -9.24 15.01
C18 BCR QH . -0.51 -9.41 16.12
C19 BCR QH . -1.12 -8.98 17.35
C20 BCR QH . -0.57 -9.14 18.54
C21 BCR QH . -1.44 -9.00 19.69
C22 BCR QH . -1.04 -8.67 20.91
C23 BCR QH . -1.97 -8.89 22.00
C24 BCR QH . -1.95 -8.17 23.12
C25 BCR QH . -2.74 -8.42 24.32
C26 BCR QH . -3.97 -7.94 24.49
C27 BCR QH . -4.81 -8.12 25.68
C28 BCR QH . -4.16 -8.98 26.74
C29 BCR QH . -2.67 -8.85 26.71
C30 BCR QH . -2.09 -9.23 25.38
C35 BCR QH . -3.64 -8.80 10.61
C36 BCR QH . 0.94 -9.68 16.09
C37 BCR QH . 0.13 -7.80 21.13
C38 BCR QH . -4.67 -7.12 23.48
C39 BCR QH . -2.20 -10.72 25.13
C40 BCR QH . -0.61 -8.95 25.49
CHA HEM RH . 43.43 -30.72 -46.30
CHB HEM RH . 46.13 -33.76 -43.81
CHC HEM RH . 48.84 -30.12 -42.42
CHD HEM RH . 45.34 -27.15 -43.71
C1A HEM RH . 44.00 -31.86 -45.83
C2A HEM RH . 43.66 -33.19 -46.24
C3A HEM RH . 44.41 -34.03 -45.57
C4A HEM RH . 45.23 -33.25 -44.69
CMA HEM RH . 44.43 -35.57 -45.68
CAA HEM RH . 42.64 -33.56 -47.32
CBA HEM RH . 41.30 -33.83 -46.66
CGA HEM RH . 40.28 -34.10 -47.73
O1A HEM RH . 40.53 -33.78 -48.91
O2A HEM RH . 39.20 -34.63 -47.39
C1B HEM RH . 47.18 -33.01 -43.41
C2B HEM RH . 48.52 -33.51 -43.26
C3B HEM RH . 49.27 -32.48 -42.86
C4B HEM RH . 48.41 -31.34 -42.79
CMB HEM RH . 48.89 -34.97 -43.50
CAB HEM RH . 50.78 -32.30 -42.54
CBB HEM RH . 51.76 -33.15 -42.84
C1C HEM RH . 48.06 -29.03 -42.53
C2C HEM RH . 48.33 -27.80 -41.88
C3C HEM RH . 47.39 -26.94 -42.19
C4C HEM RH . 46.47 -27.63 -43.10
CMC HEM RH . 49.53 -27.57 -40.95
CAC HEM RH . 47.42 -25.51 -41.63
CBC HEM RH . 46.45 -24.61 -41.80
C1D HEM RH . 44.56 -27.86 -44.58
C2D HEM RH . 43.49 -27.31 -45.37
C3D HEM RH . 42.97 -28.29 -46.09
C4D HEM RH . 43.68 -29.49 -45.77
CMD HEM RH . 43.01 -25.86 -45.40
CAD HEM RH . 41.79 -28.11 -47.04
CBD HEM RH . 42.31 -28.13 -48.47
CGD HEM RH . 41.21 -27.64 -49.38
O1D HEM RH . 40.20 -27.14 -48.85
O2D HEM RH . 41.36 -27.75 -50.62
NA HEM RH . 44.95 -31.92 -44.86
NB HEM RH . 47.13 -31.68 -43.13
NC HEM RH . 46.92 -28.91 -43.28
ND HEM RH . 44.66 -29.21 -44.85
FE HEM RH . 46.03 -30.43 -44.17
MG CLA SH . 87.32 -17.70 -29.09
CHA CLA SH . 84.88 -17.54 -31.48
CHB CLA SH . 85.27 -16.17 -26.87
CHC CLA SH . 89.86 -17.76 -26.80
CHD CLA SH . 89.56 -18.99 -31.50
NA CLA SH . 85.35 -17.05 -29.16
C1A CLA SH . 84.48 -17.08 -30.25
C2A CLA SH . 83.12 -16.48 -29.86
C3A CLA SH . 83.29 -16.13 -28.38
C4A CLA SH . 84.73 -16.49 -28.09
CMA CLA SH . 83.06 -14.67 -28.12
CAA CLA SH . 81.96 -17.44 -30.01
CBA CLA SH . 80.70 -16.63 -30.23
CGA CLA SH . 80.39 -16.39 -31.67
O1A CLA SH . 80.05 -17.21 -32.53
O2A CLA SH . 80.53 -15.08 -32.04
NB CLA SH . 87.52 -17.11 -27.19
C1B CLA SH . 86.59 -16.43 -26.48
C2B CLA SH . 87.17 -16.01 -25.19
C3B CLA SH . 88.47 -16.45 -25.17
C4B CLA SH . 88.69 -17.18 -26.43
CMB CLA SH . 86.44 -15.23 -24.20
CAB CLA SH . 89.49 -16.35 -24.18
CBB CLA SH . 89.88 -17.35 -23.40
NC CLA SH . 89.29 -18.35 -29.13
C1C CLA SH . 90.13 -18.31 -28.07
C2C CLA SH . 91.42 -18.87 -28.43
C3C CLA SH . 91.36 -19.17 -29.78
C4C CLA SH . 90.02 -18.83 -30.21
CMC CLA SH . 92.53 -18.99 -27.48
CAC CLA SH . 92.40 -19.76 -30.62
CBC CLA SH . 93.40 -18.73 -31.11
ND CLA SH . 87.26 -18.32 -30.99
C1D CLA SH . 88.27 -18.73 -31.89
C2D CLA SH . 87.70 -18.87 -33.22
C3D CLA SH . 86.39 -18.49 -33.11
C4D CLA SH . 86.17 -18.09 -31.71
CMD CLA SH . 88.43 -19.35 -34.39
CAD CLA SH . 85.14 -18.30 -33.80
OBD CLA SH . 84.82 -18.65 -34.93
CBD CLA SH . 84.20 -17.56 -32.83
CGD CLA SH . 83.98 -16.15 -33.28
O1D CLA SH . 84.42 -15.11 -32.78
O2D CLA SH . 83.19 -16.05 -34.39
CED CLA SH . 82.57 -14.80 -34.66
C1 CLA SH . 79.34 -14.27 -32.16
C2 CLA SH . 79.31 -13.40 -30.96
C3 CLA SH . 78.51 -13.63 -29.90
C4 CLA SH . 77.56 -14.75 -29.82
C5 CLA SH . 78.52 -12.74 -28.71
C6 CLA SH . 78.80 -13.54 -27.45
C7 CLA SH . 79.16 -12.64 -26.31
C8 CLA SH . 77.90 -12.12 -25.63
C9 CLA SH . 77.84 -10.61 -25.74
C10 CLA SH . 77.81 -12.62 -24.20
C11 CLA SH . 78.60 -11.81 -23.20
C12 CLA SH . 77.69 -11.27 -22.12
C13 CLA SH . 78.36 -10.89 -20.80
C14 CLA SH . 79.85 -10.65 -20.90
C15 CLA SH . 78.05 -11.93 -19.74
C16 CLA SH . 77.55 -11.31 -18.48
C17 CLA SH . 78.67 -11.35 -17.48
C18 CLA SH . 78.50 -10.29 -16.43
C19 CLA SH . 77.87 -10.93 -15.21
C20 CLA SH . 79.85 -9.73 -16.07
C1 LMG TH . 43.25 12.21 -24.50
O1 LMG TH . 44.04 12.40 -23.36
C2 LMG TH . 42.44 13.49 -24.64
O2 LMG TH . 41.64 13.50 -23.51
C3 LMG TH . 41.55 13.27 -25.86
O3 LMG TH . 40.85 14.46 -26.00
C4 LMG TH . 42.42 13.06 -27.14
O4 LMG TH . 43.05 14.24 -27.45
C5 LMG TH . 43.51 11.97 -26.84
O5 LMG TH . 44.63 10.85 -28.52
C6 LMG TH . 44.57 12.11 -27.90
O6 LMG TH . 44.15 12.17 -25.60
C7 LMG TH . 45.32 11.83 -23.41
C8 LMG TH . 45.67 11.33 -22.00
C9 LMG TH . 46.79 12.19 -21.49
O7 LMG TH . 44.59 11.57 -21.15
C10 LMG TH . 44.51 10.83 -20.01
O9 LMG TH . 44.85 9.66 -20.04
C11 LMG TH . 44.33 11.68 -18.81
C12 LMG TH . 44.86 11.03 -17.55
C13 LMG TH . 44.35 11.73 -16.30
C14 LMG TH . 44.90 10.98 -15.11
C15 LMG TH . 45.55 11.96 -14.20
C16 LMG TH . 45.58 11.36 -12.82
C17 LMG TH . 47.01 11.31 -12.36
C18 LMG TH . 46.99 11.70 -10.90
C19 LMG TH . 48.10 10.94 -10.23
C20 LMG TH . 48.77 11.92 -9.31
C21 LMG TH . 49.94 12.51 -10.05
C22 LMG TH . 51.14 11.85 -9.46
C23 LMG TH . 51.78 11.09 -10.57
C24 LMG TH . 52.63 12.09 -11.27
C25 LMG TH . 53.99 12.00 -10.67
O8 LMG TH . 47.53 11.35 -20.65
C28 LMG TH . 48.84 11.28 -20.90
O10 LMG TH . 49.23 11.54 -22.03
C29 LMG TH . 49.65 11.39 -19.68
C30 LMG TH . 51.12 11.46 -19.99
C31 LMG TH . 51.61 10.07 -20.28
C32 LMG TH . 51.52 9.25 -19.02
C33 LMG TH . 50.98 7.91 -19.45
C34 LMG TH . 50.88 7.03 -18.25
C35 LMG TH . 51.26 5.65 -18.70
C36 LMG TH . 50.73 4.75 -17.65
C37 LMG TH . 51.74 4.72 -16.56
C38 LMG TH . 51.39 3.45 -15.86
C39 LMG TH . 50.28 3.70 -14.87
C40 LMG TH . 50.83 3.07 -13.62
C41 LMG TH . 50.52 1.60 -13.62
C42 LMG TH . 50.48 1.21 -12.17
C43 LMG TH . 51.86 1.19 -11.62
MG CLA UH . 56.20 20.94 -12.00
CHA CLA UH . 55.59 21.92 -15.22
CHB CLA UH . 54.70 17.95 -12.67
CHC CLA UH . 57.36 19.73 -9.04
CHD CLA UH . 58.06 23.87 -11.51
NA CLA UH . 55.21 20.14 -13.64
C1A CLA UH . 55.12 20.68 -14.92
C2A CLA UH . 54.35 19.75 -15.82
C3A CLA UH . 53.74 18.74 -14.85
C4A CLA UH . 54.62 18.93 -13.63
CMA CLA UH . 52.32 19.10 -14.54
CAA CLA UH . 55.39 19.01 -16.62
CBA CLA UH . 55.07 18.91 -18.09
CGA CLA UH . 56.16 18.09 -18.70
O1A CLA UH . 56.71 17.09 -18.24
O2A CLA UH . 56.55 18.54 -19.93
NB CLA UH . 56.02 19.19 -11.02
C1B CLA UH . 55.45 18.07 -11.51
C2B CLA UH . 55.71 16.94 -10.60
C3B CLA UH . 56.47 17.41 -9.56
C4B CLA UH . 56.66 18.87 -9.81
CMB CLA UH . 55.21 15.60 -10.85
CAB CLA UH . 56.95 16.71 -8.41
CBB CLA UH . 58.22 16.62 -7.99
NC CLA UH . 57.37 21.73 -10.48
C1C CLA UH . 57.68 21.07 -9.33
C2C CLA UH . 58.50 21.91 -8.49
C3C CLA UH . 58.78 23.04 -9.22
C4C CLA UH . 58.08 22.91 -10.48
CMC CLA UH . 58.97 21.54 -7.17
CAC CLA UH . 59.58 24.18 -8.78
CBC CLA UH . 58.77 25.19 -8.03
ND CLA UH . 56.53 22.66 -12.97
C1D CLA UH . 57.33 23.77 -12.66
C2D CLA UH . 57.24 24.73 -13.76
C3D CLA UH . 56.57 24.08 -14.77
C4D CLA UH . 56.23 22.76 -14.26
CMD CLA UH . 57.80 26.08 -13.73
CAD CLA UH . 55.99 24.17 -16.08
OBD CLA UH . 55.83 25.13 -16.80
CBD CLA UH . 55.55 22.75 -16.48
CGD CLA UH . 54.17 22.80 -17.05
O1D CLA UH . 53.85 22.72 -18.23
O2D CLA UH . 53.20 22.94 -16.13
CED CLA UH . 51.90 22.51 -16.55
C1 CLA UH . 57.66 17.85 -20.53
C2 CLA UH . 58.38 18.87 -21.33
C3 CLA UH . 59.49 18.61 -22.02
C4 CLA UH . 60.13 17.28 -22.06
C5 CLA UH . 60.15 19.70 -22.79
C6 CLA UH . 60.68 20.79 -21.89
C7 CLA UH . 62.04 20.41 -21.35
C8 CLA UH . 62.98 21.60 -21.36
C9 CLA UH . 63.34 21.96 -22.78
C10 CLA UH . 64.23 21.31 -20.54
C11 CLA UH . 65.01 22.58 -20.29
C12 CLA UH . 64.91 23.03 -18.85
C13 CLA UH . 64.14 24.35 -18.66
C14 CLA UH . 62.65 24.11 -18.57
C15 CLA UH . 64.45 25.38 -19.75
C16 CLA UH . 65.42 26.44 -19.24
C17 CLA UH . 64.88 27.16 -18.02
C18 CLA UH . 65.95 27.49 -16.99
C19 CLA UH . 65.32 28.01 -15.72
C20 CLA UH . 66.79 26.26 -16.67
MG CLA VH . 52.68 35.82 -8.01
CHA CLA VH . 53.80 36.64 -4.86
CHB CLA VH . 50.02 34.18 -6.65
CHC CLA VH . 51.78 34.80 -11.16
CHD CLA VH . 55.50 37.44 -9.38
NA CLA VH . 52.00 35.54 -6.06
C1A CLA VH . 52.62 35.94 -4.88
C2A CLA VH . 51.78 35.50 -3.66
C3A CLA VH . 50.57 34.78 -4.28
C4A CLA VH . 50.86 34.84 -5.77
CMA CLA VH . 50.49 33.37 -3.78
CAA CLA VH . 51.27 36.65 -2.81
CBA CLA VH . 51.63 36.50 -1.34
CGA CLA VH . 50.39 36.43 -0.49
O1A CLA VH . 49.68 35.45 -0.25
O2A CLA VH . 50.06 37.63 0.08
NB CLA VH . 51.26 34.60 -8.75
C1B CLA VH . 50.20 34.14 -8.05
C2B CLA VH . 49.21 33.54 -8.96
C3B CLA VH . 49.68 33.71 -10.24
C4B CLA VH . 50.99 34.40 -10.13
CMB CLA VH . 47.95 32.98 -8.47
CAB CLA VH . 49.09 33.37 -11.50
CBB CLA VH . 49.57 32.48 -12.38
NC CLA VH . 53.45 36.16 -9.92
C1C CLA VH . 52.91 35.65 -11.07
C2C CLA VH . 53.71 36.06 -12.23
C3C CLA VH . 54.79 36.79 -11.72
C4C CLA VH . 54.62 36.82 -10.27
CMC CLA VH . 53.40 35.73 -13.61
CAC CLA VH . 55.88 37.41 -12.47
CBC CLA VH . 57.11 36.52 -12.52
ND CLA VH . 54.11 37.08 -7.36
C1D CLA VH . 55.28 37.56 -8.02
C2D CLA VH . 56.18 38.16 -7.04
C3D CLA VH . 55.65 37.85 -5.81
C4D CLA VH . 54.41 37.11 -6.07
CMD CLA VH . 57.40 38.86 -7.39
CAD CLA VH . 55.79 37.99 -4.38
OBD CLA VH . 56.57 38.68 -3.72
CBD CLA VH . 54.74 37.03 -3.75
CGD CLA VH . 55.44 35.81 -3.19
O1D CLA VH . 55.53 34.70 -3.70
O2D CLA VH . 56.05 36.02 -1.99
CED CLA VH . 57.46 35.87 -1.95
C1 CLA VH . 48.69 38.04 -0.03
C2 CLA VH . 48.43 38.27 -1.47
C3 CLA VH . 47.26 38.69 -1.99
C4 CLA VH . 47.10 38.90 -3.44
C5 CLA VH . 46.10 38.99 -1.11
C6 CLA VH . 45.11 37.84 -1.06
C7 CLA VH . 44.10 38.11 0.03
C8 CLA VH . 42.98 37.07 0.04
C9 CLA VH . 41.62 37.74 0.17
C10 CLA VH . 43.18 36.06 1.17
C11 CLA VH . 43.50 36.69 2.51
C12 CLA VH . 43.43 35.69 3.64
C13 CLA VH . 42.28 35.99 4.59
C14 CLA VH . 42.75 35.98 6.03
C15 CLA VH . 41.03 35.10 4.43
C16 CLA VH . 41.17 33.94 3.46
C17 CLA VH . 40.20 34.06 2.32
C18 CLA VH . 40.24 32.82 1.43
C19 CLA VH . 39.14 32.85 0.38
C20 CLA VH . 41.58 32.71 0.74
MG CLA WH . -36.23 -40.04 46.74
CHA CLA WH . -33.93 -39.44 49.19
CHB CLA WH . -38.77 -39.08 48.81
CHC CLA WH . -38.43 -40.66 44.21
CHD CLA WH . -33.55 -40.71 44.51
NA CLA WH . -36.31 -39.40 48.71
C1A CLA WH . -35.23 -39.20 49.57
C2A CLA WH . -35.72 -38.69 50.93
C3A CLA WH . -37.25 -38.71 50.77
C4A CLA WH . -37.49 -39.08 49.33
CMA CLA WH . -37.83 -39.76 51.67
CAA CLA WH . -35.23 -37.30 51.26
CBA CLA WH . -36.30 -36.31 51.67
CGA CLA WH . -36.22 -35.15 50.74
O1A CLA WH . -35.28 -34.38 50.55
O2A CLA WH . -37.36 -34.98 50.02
NB CLA WH . -38.23 -39.90 46.56
C1B CLA WH . -39.09 -39.47 47.50
C2B CLA WH . -40.47 -39.55 46.96
C3B CLA WH . -40.37 -39.99 45.67
C4B CLA WH . -38.94 -40.23 45.39
CMB CLA WH . -41.64 -39.17 47.75
CAB CLA WH . -41.37 -40.24 44.67
CBB CLA WH . -42.41 -41.05 44.81
NC CLA WH . -36.02 -40.62 44.75
C1C CLA WH . -37.06 -40.83 43.90
C2C CLA WH . -36.53 -41.26 42.60
C3C CLA WH . -35.16 -41.23 42.68
C4C CLA WH . -34.85 -40.81 44.02
CMC CLA WH . -37.31 -41.61 41.43
CAC CLA WH . -34.21 -41.57 41.63
CBC CLA WH . -33.73 -40.36 40.87
ND CLA WH . -34.23 -40.16 46.78
C1D CLA WH . -33.24 -40.43 45.81
C2D CLA WH . -31.91 -40.38 46.41
C3D CLA WH . -32.12 -40.08 47.72
C4D CLA WH . -33.57 -39.89 47.90
CMD CLA WH . -30.67 -40.68 45.71
CAD CLA WH . -31.50 -39.82 48.99
OBD CLA WH . -30.33 -39.92 49.31
CBD CLA WH . -32.63 -39.38 49.94
CGD CLA WH . -32.73 -40.30 51.11
O1D CLA WH . -33.09 -41.48 51.10
O2D CLA WH . -32.39 -39.72 52.28
CED CLA WH . -31.58 -40.50 53.15
C1 CLA WH . -37.33 -35.61 48.73
C2 CLA WH . -38.64 -35.38 48.07
C3 CLA WH . -38.85 -35.82 46.82
C4 CLA WH . -37.79 -36.53 46.07
C5 CLA WH . -40.13 -35.59 46.12
C6 CLA WH . -39.90 -34.75 44.90
C7 CLA WH . -41.05 -34.89 43.93
C8 CLA WH . -41.31 -33.59 43.18
C9 CLA WH . -41.72 -32.50 44.13
C10 CLA WH . -42.39 -33.78 42.14
C11 CLA WH . -41.87 -33.41 40.76
C12 CLA WH . -41.02 -34.53 40.19
C13 CLA WH . -40.45 -34.17 38.83
C14 CLA WH . -41.53 -33.72 37.87
C15 CLA WH . -39.69 -35.36 38.25
C16 CLA WH . -38.95 -34.98 36.98
C17 CLA WH . -38.54 -36.20 36.20
C18 CLA WH . -39.75 -36.97 35.69
C19 CLA WH . -39.34 -38.31 35.13
C20 CLA WH . -40.47 -36.16 34.64
MG CLA XH . -47.52 -40.00 43.08
CHA CLA XH . -48.18 -38.83 46.27
CHB CLA XH . -44.78 -38.04 42.91
CHC CLA XH . -47.07 -40.97 39.82
CHD CLA XH . -50.48 -41.90 43.22
NA CLA XH . -46.61 -38.71 44.43
C1A CLA XH . -47.02 -38.33 45.72
C2A CLA XH . -46.03 -37.31 46.30
C3A CLA XH . -44.89 -37.28 45.28
C4A CLA XH . -45.46 -38.06 44.11
CMA CLA XH . -44.50 -35.91 44.84
CAA CLA XH . -45.40 -37.66 47.65
CBA CLA XH . -45.00 -36.44 48.43
CGA CLA XH . -46.06 -36.07 49.40
O1A CLA XH . -46.33 -34.97 49.87
O2A CLA XH . -46.79 -37.15 49.82
NB CLA XH . -46.12 -39.67 41.68
C1B CLA XH . -45.18 -38.71 41.74
C2B CLA XH . -44.61 -38.44 40.41
C3B CLA XH . -45.26 -39.27 39.54
C4B CLA XH . -46.23 -40.06 40.34
CMB CLA XH . -43.57 -37.44 40.20
CAB CLA XH . -45.16 -39.45 38.12
CBB CLA XH . -44.03 -39.60 37.41
NC CLA XH . -48.55 -41.27 41.80
C1C CLA XH . -48.17 -41.55 40.52
C2C CLA XH . -49.08 -42.49 39.91
C3C CLA XH . -50.08 -42.70 40.85
C4C CLA XH . -49.74 -41.93 42.03
CMC CLA XH . -48.97 -43.02 38.56
CAC CLA XH . -51.25 -43.56 40.68
CBC CLA XH . -50.96 -44.92 41.25
ND CLA XH . -48.99 -40.37 44.40
C1D CLA XH . -50.14 -41.18 44.32
C2D CLA XH . -50.88 -41.08 45.59
C3D CLA XH . -50.19 -40.19 46.37
C4D CLA XH . -49.02 -39.76 45.58
CMD CLA XH . -52.11 -41.81 45.86
CAD CLA XH . -50.13 -39.51 47.64
OBD CLA XH . -50.88 -39.56 48.60
CBD CLA XH . -48.87 -38.61 47.60
CGD CLA XH . -49.22 -37.16 47.75
O1D CLA XH . -49.13 -36.28 46.90
O2D CLA XH . -49.67 -36.85 48.99
CED CLA XH . -49.66 -35.47 49.37
MG CLA YH . -50.52 -57.65 33.20
CHA CLA YH . -52.60 -59.03 30.81
CHB CLA YH . -52.35 -54.80 33.15
CHC CLA YH . -48.51 -56.39 35.66
CHD CLA YH . -48.75 -60.69 33.34
NA CLA YH . -52.20 -57.04 32.14
C1A CLA YH . -52.93 -57.76 31.18
C2A CLA YH . -54.11 -56.91 30.66
C3A CLA YH . -53.87 -55.54 31.33
C4A CLA YH . -52.74 -55.80 32.29
CMA CLA YH . -53.47 -54.51 30.32
CAA CLA YH . -55.53 -57.31 31.09
CBA CLA YH . -55.83 -58.55 31.89
CGA CLA YH . -55.25 -58.53 33.26
O1A CLA YH . -55.52 -57.80 34.20
O2A CLA YH . -54.27 -59.48 33.39
NB CLA YH . -50.42 -55.91 34.18
C1B CLA YH . -51.30 -54.89 34.08
C2B CLA YH . -50.98 -53.84 35.08
C3B CLA YH . -49.89 -54.29 35.78
C4B CLA YH . -49.53 -55.60 35.22
CMB CLA YH . -51.76 -52.61 35.19
CAB CLA YH . -49.17 -53.72 36.87
CBB CLA YH . -48.60 -52.52 36.85
NC CLA YH . -48.89 -58.38 34.25
C1C CLA YH . -48.21 -57.69 35.20
C2C CLA YH . -47.12 -58.49 35.72
C3C CLA YH . -47.22 -59.73 35.09
C4C CLA YH . -48.34 -59.65 34.18
CMC CLA YH . -46.17 -58.05 36.73
CAC CLA YH . -46.34 -60.88 35.30
CBC CLA YH . -46.87 -61.79 36.37
ND CLA YH . -50.58 -59.45 32.31
C1D CLA YH . -49.80 -60.61 32.47
C2D CLA YH . -50.29 -61.65 31.55
C3D CLA YH . -51.33 -61.08 30.85
C4D CLA YH . -51.50 -59.72 31.39
CMD CLA YH . -49.71 -62.97 31.43
CAD CLA YH . -52.34 -61.27 29.85
OBD CLA YH . -52.55 -62.24 29.14
CBD CLA YH . -53.19 -59.97 29.81
CGD CLA YH . -53.10 -59.34 28.46
O1D CLA YH . -53.97 -58.73 27.85
O2D CLA YH . -51.88 -59.46 27.88
CED CLA YH . -51.43 -58.37 27.08
C1 CLA YH . -54.12 -60.11 34.66
C2 CLA YH . -53.02 -59.41 35.34
C3 CLA YH . -52.08 -60.02 36.09
C4 CLA YH . -52.07 -61.48 36.31
C5 CLA YH . -51.01 -59.23 36.72
C6 CLA YH . -51.07 -59.29 38.22
C7 CLA YH . -50.13 -58.27 38.81
C8 CLA YH . -49.86 -58.58 40.27
C9 CLA YH . -51.12 -58.56 41.09
C10 CLA YH . -48.87 -57.58 40.85
C11 CLA YH . -48.28 -58.11 42.14
C12 CLA YH . -47.57 -59.44 41.94
C13 CLA YH . -46.37 -59.56 42.85
C14 CLA YH . -45.09 -59.47 42.04
C15 CLA YH . -46.41 -60.87 43.64
C16 CLA YH . -47.65 -61.02 44.48
C17 CLA YH . -47.71 -62.40 45.10
C18 CLA YH . -48.95 -62.65 45.94
C19 CLA YH . -48.75 -63.86 46.83
C20 CLA YH . -50.15 -62.84 45.05
MG CLA ZH . -63.49 -60.57 36.12
CHA CLA ZH . -63.30 -62.16 39.18
CHB CLA ZH . -60.74 -58.75 36.88
CHC CLA ZH . -63.73 -59.00 33.09
CHD CLA ZH . -66.29 -62.54 35.27
NA CLA ZH . -62.25 -60.46 37.79
C1A CLA ZH . -62.32 -61.21 38.97
C2A CLA ZH . -61.21 -60.74 39.92
C3A CLA ZH . -60.37 -59.74 39.11
C4A CLA ZH . -61.19 -59.62 37.84
CMA CLA ZH . -60.09 -58.41 39.76
CAA CLA ZH . -60.27 -61.81 40.42
CBA CLA ZH . -60.49 -61.92 41.90
CGA CLA ZH . -60.58 -60.56 42.50
O1A CLA ZH . -61.57 -59.95 42.90
O2A CLA ZH . -59.35 -59.96 42.57
NB CLA ZH . -62.54 -59.05 35.23
C1B CLA ZH . -61.34 -58.59 35.63
C2B CLA ZH . -60.63 -57.92 34.54
C3B CLA ZH . -61.46 -57.97 33.45
C4B CLA ZH . -62.68 -58.71 33.87
CMB CLA ZH . -59.29 -57.37 34.77
CAB CLA ZH . -61.29 -57.51 32.09
CBB CLA ZH . -60.14 -57.39 31.40
NC CLA ZH . -64.80 -60.73 34.50
C1C CLA ZH . -64.74 -59.94 33.40
C2C CLA ZH . -65.83 -60.26 32.49
C3C CLA ZH . -66.51 -61.34 33.05
C4C CLA ZH . -65.85 -61.61 34.33
CMC CLA ZH . -66.04 -59.56 31.23
CAC CLA ZH . -67.67 -62.08 32.53
CBC CLA ZH . -68.99 -61.35 32.47
ND CLA ZH . -64.52 -62.08 36.92
C1D CLA ZH . -65.69 -62.75 36.48
C2D CLA ZH . -66.09 -63.70 37.52
C3D CLA ZH . -65.19 -63.56 38.56
C4D CLA ZH . -64.24 -62.50 38.15
CMD CLA ZH . -67.23 -64.57 37.40
CAD CLA ZH . -64.80 -64.02 39.86
OBD CLA ZH . -65.26 -64.94 40.53
CBD CLA ZH . -63.63 -63.11 40.31
CGD CLA ZH . -64.00 -62.45 41.61
O1D CLA ZH . -64.33 -63.03 42.64
O2D CLA ZH . -63.96 -61.08 41.60
CED CLA ZH . -65.19 -60.36 41.62
MG CLA AI . -54.29 -43.46 31.51
CHA CLA AI . -53.82 -41.18 28.96
CHB CLA AI . -51.02 -43.19 32.36
CHC CLA AI . -54.85 -45.55 34.17
CHD CLA AI . -57.69 -43.69 30.64
NA CLA AI . -52.68 -42.39 30.73
C1A CLA AI . -52.69 -41.46 29.68
C2A CLA AI . -51.28 -40.90 29.46
C3A CLA AI . -50.41 -41.66 30.48
C4A CLA AI . -51.43 -42.48 31.26
CMA CLA AI . -49.36 -42.51 29.82
CAA CLA AI . -51.19 -39.41 29.75
CBA CLA AI . -50.81 -39.05 31.17
CGA CLA AI . -51.43 -37.76 31.56
O1A CLA AI . -51.75 -36.81 30.83
O2A CLA AI . -51.66 -37.65 32.89
NB CLA AI . -53.15 -44.22 32.99
C1B CLA AI . -51.83 -43.98 33.17
C2B CLA AI . -51.36 -44.69 34.37
C3B CLA AI . -52.43 -45.37 34.90
C4B CLA AI . -53.59 -45.07 34.01
CMB CLA AI . -49.97 -44.62 34.81
CAB CLA AI . -52.55 -46.23 36.03
CBB CLA AI . -52.17 -45.94 37.28
NC CLA AI . -55.96 -44.47 32.24
C1C CLA AI . -55.96 -45.27 33.34
C2C CLA AI . -57.29 -45.80 33.57
C3C CLA AI . -58.11 -45.27 32.56
C4C CLA AI . -57.25 -44.44 31.73
CMC CLA AI . -57.67 -46.68 34.67
CAC CLA AI . -59.53 -45.50 32.38
CBC CLA AI . -59.78 -46.71 31.50
ND CLA AI . -55.50 -42.74 30.09
C1D CLA AI . -56.90 -42.88 29.87
C2D CLA AI . -57.29 -42.05 28.72
C3D CLA AI . -56.15 -41.39 28.32
C4D CLA AI . -55.07 -41.84 29.22
CMD CLA AI . -58.65 -41.97 28.19
CAD CLA AI . -55.58 -40.47 27.37
OBD CLA AI . -56.09 -39.93 26.40
CBD CLA AI . -54.10 -40.25 27.80
CGD CLA AI . -53.17 -40.50 26.67
O1D CLA AI . -52.08 -39.94 26.44
O2D CLA AI . -53.59 -41.46 25.82
CED CLA AI . -52.94 -42.73 25.87
MG CLA BI . -53.63 -46.45 46.76
CHA CLA BI . -51.41 -44.40 48.47
CHB CLA BI . -55.94 -46.02 49.17
CHC CLA BI . -55.76 -48.56 45.01
CHD CLA BI . -51.19 -46.95 44.27
NA CLA BI . -53.65 -45.37 48.54
C1A CLA BI . -52.63 -44.58 49.10
C2A CLA BI . -53.08 -44.01 50.45
C3A CLA BI . -54.53 -44.53 50.59
C4A CLA BI . -54.74 -45.38 49.35
CMA CLA BI . -54.79 -45.28 51.87
CAA CLA BI . -53.12 -42.50 50.56
CBA CLA BI . -52.14 -41.94 51.56
CGA CLA BI . -52.03 -42.83 52.77
O1A CLA BI . -51.27 -43.76 52.95
O2A CLA BI . -52.90 -42.48 53.75
NB CLA BI . -55.44 -47.24 47.09
C1B CLA BI . -56.28 -46.83 48.06
C2B CLA BI . -57.65 -47.32 47.80
C3B CLA BI . -57.59 -48.05 46.63
C4B CLA BI . -56.20 -47.98 46.15
CMB CLA BI . -58.78 -47.03 48.66
CAB CLA BI . -58.61 -48.73 45.88
CBB CLA BI . -59.72 -48.20 45.38
NC CLA BI . -53.49 -47.55 44.98
C1C CLA BI . -54.47 -48.35 44.48
C2C CLA BI . -54.02 -48.99 43.26
C3C CLA BI . -52.73 -48.53 43.02
C4C CLA BI . -52.41 -47.63 44.12
CMC CLA BI . -54.85 -49.94 42.49
CAC CLA BI . -51.81 -48.88 41.94
CBC CLA BI . -52.17 -48.31 40.58
ND CLA BI . -51.79 -45.75 46.32
C1D CLA BI . -50.89 -46.07 45.28
C2D CLA BI . -49.64 -45.33 45.50
C3D CLA BI . -49.81 -44.64 46.67
C4D CLA BI . -51.15 -44.97 47.18
CMD CLA BI . -48.50 -45.35 44.59
CAD CLA BI . -49.19 -43.73 47.61
OBD CLA BI . -48.12 -43.17 47.56
CBD CLA BI . -50.18 -43.59 48.79
CGD CLA BI . -49.53 -43.91 50.10
O1D CLA BI . -49.13 -43.13 50.95
O2D CLA BI . -49.37 -45.24 50.32
CED CLA BI . -48.33 -45.60 51.23
MG CLA CI . -39.83 -56.07 49.39
CHA CLA CI . -40.52 -56.33 52.76
CHB CLA CI . -36.54 -56.57 50.03
CHC CLA CI . -39.19 -55.70 46.06
CHD CLA CI . -43.28 -55.65 48.75
NA CLA CI . -38.74 -56.40 51.14
C1A CLA CI . -39.20 -56.47 52.46
C2A CLA CI . -38.03 -56.72 53.43
C3A CLA CI . -36.83 -56.91 52.47
C4A CLA CI . -37.40 -56.60 51.11
CMA CLA CI . -35.67 -56.02 52.74
CAA CLA CI . -38.12 -57.97 54.28
CBA CLA CI . -37.19 -57.90 55.48
CGA CLA CI . -37.90 -58.22 56.76
O1A CLA CI . -37.44 -58.23 57.89
O2A CLA CI . -39.21 -58.52 56.60
NB CLA CI . -38.18 -56.02 48.28
C1B CLA CI . -36.94 -56.34 48.72
C2B CLA CI . -36.01 -56.42 47.58
C3B CLA CI . -36.75 -56.18 46.46
C4B CLA CI . -38.14 -55.94 46.88
CMB CLA CI . -34.61 -56.76 47.76
CAB CLA CI . -36.36 -56.19 45.07
CBB CLA CI . -35.36 -55.50 44.55
NC CLA CI . -41.03 -55.75 47.72
C1C CLA CI . -40.56 -55.63 46.46
C2C CLA CI . -41.66 -55.39 45.53
C3C CLA CI . -42.82 -55.39 46.29
C4C CLA CI . -42.42 -55.61 47.67
CMC CLA CI . -41.53 -55.22 44.09
CAC CLA CI . -44.18 -55.21 45.80
CBC CLA CI . -44.86 -56.53 45.54
ND CLA CI . -41.56 -56.12 50.43
C1D CLA CI . -42.89 -55.87 50.05
C2D CLA CI . -43.74 -55.91 51.25
C3D CLA CI . -42.89 -56.08 52.31
C4D CLA CI . -41.52 -56.18 51.75
CMD CLA CI . -45.18 -55.76 51.24
CAD CLA CI . -42.77 -56.26 53.73
OBD CLA CI . -43.65 -56.42 54.54
CBD CLA CI . -41.26 -56.29 54.06
CGD CLA CI . -40.78 -55.08 54.77
O1D CLA CI . -40.11 -55.01 55.79
O2D CLA CI . -41.14 -53.91 54.17
CED CLA CI . -40.47 -52.73 54.59
C1 CLA CI . -40.13 -57.79 57.42
C2 CLA CI . -40.52 -58.64 58.56
C3 CLA CI . -40.68 -58.13 59.78
C4 CLA CI . -40.50 -56.69 60.09
C5 CLA CI . -41.07 -59.01 60.91
C6 CLA CI . -39.99 -59.03 61.97
C7 CLA CI . -40.39 -59.92 63.13
C8 CLA CI . -40.99 -59.16 64.30
C9 CLA CI . -40.47 -59.73 65.61
C10 CLA CI . -42.51 -59.22 64.28
C11 CLA CI . -43.12 -58.28 65.30
C12 CLA CI . -43.95 -57.20 64.64
C13 CLA CI . -44.95 -56.57 65.62
C14 CLA CI . -44.22 -55.97 66.81
C15 CLA CI . -46.00 -57.57 66.07
C16 CLA CI . -47.39 -56.98 66.01
C17 CLA CI . -48.46 -58.04 65.92
C18 CLA CI . -49.02 -58.40 67.30
C19 CLA CI . -49.95 -59.60 67.21
C20 CLA CI . -49.73 -57.23 67.91
MG CLA DI . -32.24 -55.56 40.22
CHA CLA DI . -30.38 -56.66 42.93
CHB CLA DI . -34.64 -57.82 40.97
CHC CLA DI . -33.72 -54.95 37.20
CHD CLA DI . -29.58 -53.47 39.29
NA CLA DI . -32.49 -56.92 41.78
C1A CLA DI . -31.61 -57.26 42.81
C2A CLA DI . -32.26 -58.38 43.65
C3A CLA DI . -33.74 -58.33 43.23
C4A CLA DI . -33.63 -57.66 41.88
CMA CLA DI . -34.35 -59.70 43.14
CAA CLA DI . -32.17 -58.42 45.17
CBA CLA DI . -31.23 -59.54 45.55
CGA CLA DI . -30.98 -59.58 47.03
O1A CLA DI . -29.91 -59.46 47.63
O2A CLA DI . -32.12 -59.75 47.74
NB CLA DI . -33.91 -56.21 39.31
C1B CLA DI . -34.67 -57.24 39.71
C2B CLA DI . -35.60 -57.66 38.63
C3B CLA DI . -35.33 -56.84 37.57
C4B CLA DI . -34.27 -55.90 37.98
CMB CLA DI . -36.55 -58.75 38.78
CAB CLA DI . -35.93 -56.80 36.27
CBB CLA DI . -37.18 -56.47 36.04
NC CLA DI . -31.81 -54.30 38.63
C1C CLA DI . -32.58 -54.18 37.51
C2C CLA DI . -32.00 -53.24 36.60
C3C CLA DI . -30.79 -52.85 37.15
C4C CLA DI . -30.67 -53.53 38.42
CMC CLA DI . -32.59 -52.87 35.32
CAC CLA DI . -29.84 -51.92 36.55
CBC CLA DI . -30.14 -50.50 36.97
ND CLA DI . -30.49 -54.96 41.01
C1D CLA DI . -29.47 -54.15 40.47
C2D CLA DI . -28.33 -54.16 41.39
C3D CLA DI . -28.64 -55.07 42.37
C4D CLA DI . -29.98 -55.59 42.05
CMD CLA DI . -27.12 -53.38 41.22
CAD CLA DI . -28.20 -55.70 43.57
OBD CLA DI . -27.22 -55.48 44.26
CBD CLA DI . -29.23 -56.80 43.89
CGD CLA DI . -28.57 -58.13 43.76
O1D CLA DI . -27.82 -58.67 44.58
O2D CLA DI . -28.84 -58.76 42.59
CED CLA DI . -28.27 -60.05 42.39
MG CLA EI . -35.64 -43.10 27.39
CHA CLA EI . -35.57 -42.73 23.95
CHB CLA EI . -33.72 -45.88 27.11
CHC CLA EI . -35.42 -43.20 30.80
CHD CLA EI . -37.52 -40.12 27.62
NA CLA EI . -34.84 -44.14 25.78
C1A CLA EI . -34.89 -43.81 24.42
C2A CLA EI . -34.12 -44.83 23.61
C3A CLA EI . -33.88 -45.97 24.60
C4A CLA EI . -34.13 -45.29 25.93
CMA CLA EI . -34.82 -47.12 24.36
CAA CLA EI . -32.75 -44.25 23.42
CBA CLA EI . -32.46 -43.64 22.07
CGA CLA EI . -31.11 -43.00 22.12
O1A CLA EI . -30.26 -42.92 21.22
O2A CLA EI . -30.83 -42.43 23.33
NB CLA EI . -34.77 -44.32 28.71
C1B CLA EI . -33.95 -45.36 28.40
C2B CLA EI . -33.34 -45.92 29.63
C3B CLA EI . -33.83 -45.17 30.68
C4B CLA EI . -34.74 -44.16 30.10
CMB CLA EI . -32.43 -47.05 29.63
CAB CLA EI . -33.56 -45.28 32.09
CBB CLA EI . -34.44 -45.70 32.99
NC CLA EI . -36.40 -41.92 28.92
C1C CLA EI . -36.20 -42.16 30.25
C2C CLA EI . -36.87 -41.14 31.05
C3C CLA EI . -37.43 -40.24 30.15
C4C CLA EI . -37.13 -40.73 28.82
CMC CLA EI . -36.85 -41.11 32.51
CAC CLA EI . -38.17 -39.01 30.44
CBC CLA EI . -39.59 -39.26 30.85
ND CLA EI . -36.51 -41.79 26.13
C1D CLA EI . -37.23 -40.59 26.36
C2D CLA EI . -37.60 -40.00 25.07
C3D CLA EI . -37.03 -40.80 24.10
C4D CLA EI . -36.32 -41.87 24.82
CMD CLA EI . -38.42 -38.80 24.93
CAD CLA EI . -36.84 -41.04 22.69
OBD CLA EI . -37.36 -40.47 21.73
CBD CLA EI . -35.83 -42.21 22.55
CGD CLA EI . -36.37 -43.28 21.65
O1D CLA EI . -36.15 -43.42 20.44
O2D CLA EI . -37.19 -44.16 22.27
CED CLA EI . -37.17 -45.50 21.78
C A86 FI . -39.89 -56.66 40.23
O A86 FI . -34.99 -48.04 31.06
C1 A86 FI . -38.62 -56.49 41.10
C10 A86 FI . -35.77 -50.01 33.90
C11 A86 FI . -34.87 -49.43 32.93
C12 A86 FI . -33.39 -49.43 33.13
C13 A86 FI . -35.51 -48.87 31.72
C14 A86 FI . -37.02 -49.48 31.33
C15 A86 FI . -37.11 -50.14 29.92
C16 A86 FI . -36.21 -51.33 29.61
C17 A86 FI . -34.90 -50.97 28.90
C18 A86 FI . -35.18 -50.26 27.65
C19 A86 FI . -35.89 -48.89 27.97
C2 A86 FI . -37.61 -55.58 40.74
C20 A86 FI . -37.25 -49.18 28.78
C21 A86 FI . -37.71 -47.72 29.19
C22 A86 FI . -37.01 -52.31 28.69
C23 A86 FI . -35.89 -52.15 30.84
C24 A86 FI . -38.43 -57.32 42.33
C25 A86 FI . -39.16 -58.52 42.49
C26 A86 FI . -38.88 -59.40 43.84
C27 A86 FI . -39.85 -59.49 44.86
C28 A86 FI . -41.14 -58.78 44.75
C29 A86 FI . -39.49 -60.38 46.14
C3 A86 FI . -37.75 -54.77 39.53
C30 A86 FI . -40.53 -60.75 47.08
C31 A86 FI . -41.55 -61.12 48.02
C32 A86 FI . -42.79 -61.93 47.57
C33 A86 FI . -43.91 -62.11 48.61
C34 A86 FI . -44.14 -60.91 49.53
C35 A86 FI . -42.85 -60.40 50.21
C36 A86 FI . -41.64 -60.25 49.28
C37 A86 FI . -41.61 -58.81 48.75
C38 A86 FI . -46.19 -59.93 48.95
C39 A86 FI . -46.88 -59.47 50.26
C4 A86 FI . -36.77 -53.83 39.22
C40 A86 FI . -43.37 -61.31 46.28
C41 A86 FI . -42.29 -63.34 47.20
C5 A86 FI . -36.97 -52.96 37.82
C6 A86 FI . -36.05 -51.97 37.44
C7 A86 FI . -34.80 -51.62 38.35
C8 A86 FI . -36.35 -51.22 36.06
C9 A86 FI . -35.30 -50.67 35.21
O1 A86 FI . -38.40 -50.00 29.22
O2 A86 FI . -33.96 -49.98 26.98
O3 A86 FI . -40.48 -60.45 50.04
O4 A86 FI . -44.76 -59.86 48.85
O5 A86 FI . -46.83 -60.33 48.04
C A86 GI . -40.34 -40.77 38.23
O A86 GI . -50.14 -49.72 35.18
C1 A86 GI . -40.81 -40.75 39.72
C10 A86 GI . -47.65 -47.55 36.50
C11 A86 GI . -48.71 -48.53 36.58
C12 A86 GI . -49.41 -48.83 37.87
C13 A86 GI . -49.09 -49.21 35.32
C14 A86 GI . -47.93 -49.22 34.12
C15 A86 GI . -48.39 -49.63 32.67
C16 A86 GI . -49.39 -48.76 31.93
C17 A86 GI . -50.80 -49.32 31.79
C18 A86 GI . -50.77 -50.63 31.18
C19 A86 GI . -50.05 -51.61 32.17
C2 A86 GI . -41.92 -41.50 40.12
C20 A86 GI . -48.55 -51.09 32.38
C21 A86 GI . -48.00 -52.03 33.51
C22 A86 GI . -48.76 -48.61 30.51
C23 A86 GI . -49.50 -47.35 32.47
C24 A86 GI . -40.04 -39.92 40.70
C25 A86 GI . -39.07 -38.99 40.24
C26 A86 GI . -38.20 -38.10 41.31
C27 A86 GI . -38.76 -36.94 41.91
C28 A86 GI . -40.13 -36.51 41.58
C29 A86 GI . -37.93 -36.08 42.96
C3 A86 GI . -42.62 -42.32 39.13
C30 A86 GI . -36.56 -35.64 42.73
C31 A86 GI . -35.22 -35.17 42.54
C32 A86 GI . -34.96 -33.82 41.84
C33 A86 GI . -33.68 -33.72 41.00
C34 A86 GI . -32.49 -34.54 41.53
C35 A86 GI . -32.90 -35.98 41.90
C36 A86 GI . -33.98 -35.95 42.99
C37 A86 GI . -34.41 -37.39 43.32
C38 A86 GI . -30.63 -33.46 40.55
C39 A86 GI . -30.29 -32.68 39.26
C4 A86 GI . -43.76 -43.03 39.48
C40 A86 GI . -34.94 -32.71 42.93
C41 A86 GI . -36.17 -33.54 40.91
C5 A86 GI . -44.48 -43.95 38.30
C6 A86 GI . -45.37 -44.97 38.67
C7 A86 GI . -45.71 -45.23 40.20
C8 A86 GI . -46.03 -45.85 37.50
C9 A86 GI . -47.15 -46.77 37.73
O1 A86 GI . -47.34 -50.36 31.94
O2 A86 GI . -52.08 -51.08 30.92
O3 A86 GI . -33.45 -35.38 44.16
O4 A86 GI . -31.53 -34.58 40.51
O5 A86 GI . -30.16 -33.13 41.57
C A86 HI . -35.70 -35.66 32.01
O A86 HI . -30.48 -46.01 39.17
C1 A86 HI . -35.32 -36.53 30.77
C10 A86 HI . -30.93 -43.27 36.96
C11 A86 HI . -31.24 -44.59 37.47
C12 A86 HI . -31.97 -45.58 36.61
C13 A86 HI . -30.86 -44.94 38.87
C14 A86 HI . -31.04 -43.73 40.02
C15 A86 HI . -29.96 -43.58 41.16
C16 A86 HI . -28.54 -43.14 40.81
C17 A86 HI . -27.43 -44.16 41.05
C18 A86 HI . -27.48 -44.72 42.39
C19 A86 HI . -28.81 -45.54 42.50
C2 A86 HI . -34.48 -37.66 30.87
C20 A86 HI . -30.03 -44.50 42.33
C21 A86 HI . -31.28 -45.46 42.31
C22 A86 HI . -28.27 -41.94 41.75
C23 A86 HI . -28.39 -42.58 39.42
C24 A86 HI . -35.86 -36.22 29.39
C25 A86 HI . -36.37 -34.97 28.95
C26 A86 HI . -36.90 -35.03 27.39
C27 A86 HI . -36.04 -34.81 26.29
C28 A86 HI . -34.60 -34.50 26.50
C29 A86 HI . -36.63 -34.93 24.81
C3 A86 HI . -33.92 -38.11 32.14
C30 A86 HI . -37.25 -33.79 24.14
C31 A86 HI . -37.88 -32.70 23.45
C32 A86 HI . -37.28 -31.27 23.51
C33 A86 HI . -37.99 -30.17 22.68
C34 A86 HI . -39.49 -30.35 22.35
C35 A86 HI . -40.13 -31.64 22.91
C36 A86 HI . -39.21 -32.85 22.70
C37 A86 HI . -39.93 -34.12 23.21
C38 A86 HI . -40.75 -29.13 24.10
C39 A86 HI . -42.27 -28.97 24.34
C4 A86 HI . -32.93 -39.09 32.16
C40 A86 HI . -37.16 -30.82 24.99
C41 A86 HI . -35.83 -31.38 22.95
C5 A86 HI . -32.35 -39.61 33.62
C6 A86 HI . -31.96 -40.95 33.76
C7 A86 HI . -32.06 -41.93 32.51
C8 A86 HI . -31.45 -41.46 35.20
C9 A86 HI . -31.38 -42.89 35.53
O1 A86 HI . -30.60 -43.15 42.42
O2 A86 HI . -26.39 -45.58 42.63
O3 A86 HI . -38.95 -33.01 21.33
O4 A86 HI . -40.22 -29.20 22.75
O5 A86 HI . -40.03 -29.16 25.04
C A86 II . -45.92 -33.85 39.41
O A86 II . -47.70 -38.37 27.23
C1 A86 II . -46.69 -35.01 40.12
C10 A86 II . -47.49 -37.99 30.62
C11 A86 II . -47.05 -38.68 29.43
C12 A86 II . -46.55 -40.09 29.49
C13 A86 II . -47.11 -37.94 28.14
C14 A86 II . -46.35 -36.44 28.06
C15 A86 II . -46.85 -35.48 26.92
C16 A86 II . -48.29 -34.99 26.93
C17 A86 II . -49.24 -35.75 26.01
C18 A86 II . -48.76 -35.75 24.63
C19 A86 II . -47.37 -36.48 24.55
C2 A86 II . -47.33 -36.02 39.37
C20 A86 II . -46.32 -35.77 25.55
C21 A86 II . -45.08 -36.74 25.51
C22 A86 II . -48.27 -33.48 26.49
C23 A86 II . -48.88 -34.98 28.33
C24 A86 II . -46.78 -35.10 41.62
C25 A86 II . -47.75 -34.28 42.27
C26 A86 II . -47.89 -34.37 43.90
C27 A86 II . -47.11 -33.54 44.74
C28 A86 II . -46.16 -32.57 44.18
C29 A86 II . -47.30 -33.70 46.33
C3 A86 II . -47.29 -35.98 37.91
C30 A86 II . -46.80 -32.67 47.21
C31 A86 II . -46.30 -31.65 48.09
C32 A86 II . -47.28 -30.68 48.80
C33 A86 II . -46.74 -29.27 49.10
C34 A86 II . -45.25 -29.22 49.47
C35 A86 II . -44.36 -30.02 48.49
C36 A86 II . -44.81 -31.49 48.42
C37 A86 II . -44.01 -32.19 47.31
C38 A86 II . -44.45 -27.33 50.71
C39 A86 II . -43.33 -26.24 50.79
C4 A86 II . -47.74 -37.08 37.18
C40 A86 II . -47.74 -31.34 50.13
C41 A86 II . -48.51 -30.54 47.87
C5 A86 II . -47.68 -36.94 35.53
C6 A86 II . -47.66 -38.05 34.68
C7 A86 II . -47.70 -39.55 35.21
C8 A86 II . -47.62 -37.69 33.11
C9 A86 II . -47.48 -38.65 32.02
O1 A86 II . -45.79 -34.64 26.33
O2 A86 II . -49.70 -36.40 23.81
O3 A86 II . -44.53 -32.12 49.65
O4 A86 II . -44.83 -27.87 49.42
O5 A86 II . -44.98 -27.71 51.68
C A86 JI . -56.20 -62.28 37.63
O A86 JI . -49.70 -51.73 42.52
C1 A86 JI . -57.09 -61.46 36.64
C10 A86 JI . -51.83 -53.94 40.67
C11 A86 JI . -50.99 -52.77 40.87
C12 A86 JI . -50.77 -51.76 39.79
C13 A86 JI . -50.36 -52.66 42.20
C14 A86 JI . -50.62 -53.94 43.25
C15 A86 JI . -49.90 -53.92 44.65
C16 A86 JI . -50.36 -52.90 45.70
C17 A86 JI . -49.41 -51.76 45.99
C18 A86 JI . -48.07 -52.28 46.29
C19 A86 JI . -47.53 -52.89 44.97
C2 A86 JI . -57.11 -60.06 36.68
C20 A86 JI . -48.43 -54.17 44.66
C21 A86 JI . -47.82 -54.70 43.30
C22 A86 JI . -50.53 -53.72 47.02
C23 A86 JI . -51.73 -52.34 45.40
C24 A86 JI . -57.96 -62.13 35.61
C25 A86 JI . -59.24 -61.56 35.43
C26 A86 JI . -60.32 -62.12 34.34
C27 A86 JI . -61.01 -63.35 34.44
C28 A86 JI . -60.82 -64.29 35.56
C29 A86 JI . -62.03 -63.67 33.26
C3 A86 JI . -56.28 -59.36 37.66
C30 A86 JI . -62.38 -65.05 32.95
C31 A86 JI . -62.74 -66.38 32.62
C32 A86 JI . -64.14 -66.90 32.98
C33 A86 JI . -64.30 -68.43 32.88
C34 A86 JI . -63.71 -69.01 31.60
C35 A86 JI . -62.24 -68.62 31.43
C36 A86 JI . -62.03 -67.10 31.47
C37 A86 JI . -60.52 -66.81 31.61
C38 A86 JI . -64.55 -71.08 30.71
C39 A86 JI . -66.00 -70.64 30.44
C4 A86 JI . -55.74 -58.11 37.34
C40 A86 JI . -65.20 -66.24 32.05
C41 A86 JI . -64.45 -66.47 34.43
C5 A86 JI . -54.80 -57.34 38.46
C6 A86 JI . -53.98 -56.26 38.13
C7 A86 JI . -53.91 -55.68 36.65
C8 A86 JI . -53.13 -55.62 39.33
C9 A86 JI . -52.59 -54.27 39.37
O1 A86 JI . -49.39 -55.24 45.05
O2 A86 JI . -47.19 -51.29 46.73
O3 A86 JI . -62.47 -66.56 30.24
O4 A86 JI . -63.77 -70.41 31.72
O5 A86 JI . -64.07 -71.96 30.10
MG CLA KI . -58.63 -59.91 56.86
CHA CLA KI . -55.81 -61.87 57.33
CHB CLA KI . -57.15 -57.36 58.51
CHC CLA KI . -61.47 -58.07 56.45
CHD CLA KI . -60.27 -62.70 55.42
NA CLA KI . -56.76 -59.67 57.74
C1A CLA KI . -55.71 -60.59 57.83
C2A CLA KI . -54.52 -59.98 58.56
C3A CLA KI . -54.95 -58.53 58.81
C4A CLA KI . -56.40 -58.50 58.34
CMA CLA KI . -54.81 -58.17 60.26
CAA CLA KI . -53.24 -59.87 57.76
CBA CLA KI . -53.50 -59.20 56.45
CGA CLA KI . -52.34 -59.45 55.55
O1A CLA KI . -51.15 -59.26 55.76
O2A CLA KI . -52.75 -59.96 54.36
NB CLA KI . -59.19 -58.04 57.35
C1B CLA KI . -58.48 -57.19 58.11
C2B CLA KI . -59.29 -56.00 58.44
C3B CLA KI . -60.52 -56.19 57.88
C4B CLA KI . -60.47 -57.49 57.16
CMB CLA KI . -58.80 -54.90 59.25
CAB CLA KI . -61.66 -55.30 57.90
CBB CLA KI . -62.93 -55.57 58.24
NC CLA KI . -60.50 -60.30 56.03
C1C CLA KI . -61.49 -59.37 55.92
C2C CLA KI . -62.62 -59.94 55.23
C3C CLA KI . -62.32 -61.27 55.02
C4C CLA KI . -60.98 -61.50 55.53
CMC CLA KI . -63.83 -59.21 54.88
CAC CLA KI . -63.16 -62.25 54.34
CBC CLA KI . -62.91 -62.27 52.86
ND CLA KI . -58.19 -61.82 56.41
C1D CLA KI . -58.95 -62.85 55.80
C2D CLA KI . -58.12 -64.05 55.69
C3D CLA KI . -56.91 -63.73 56.26
C4D CLA KI . -57.02 -62.33 56.71
CMD CLA KI . -58.55 -65.28 55.06
CAD CLA KI . -55.60 -64.21 56.58
OBD CLA KI . -55.11 -65.30 56.40
CBD CLA KI . -54.86 -63.04 57.28
CGD CLA KI . -54.36 -63.46 58.62
O1D CLA KI . -54.94 -64.19 59.42
O2D CLA KI . -53.13 -62.98 58.93
CED CLA KI . -52.76 -62.98 60.31
C1 CLA KI . -51.97 -59.58 53.20
C2 CLA KI . -52.84 -59.88 52.04
C3 CLA KI . -52.35 -60.23 50.84
C4 CLA KI . -50.91 -60.37 50.57
C5 CLA KI . -53.26 -60.53 49.72
C6 CLA KI . -53.01 -61.93 49.23
C7 CLA KI . -54.26 -62.50 48.59
C8 CLA KI . -54.29 -64.01 48.70
C9 CLA KI . -53.01 -64.63 48.18
C10 CLA KI . -55.48 -64.58 47.94
C11 CLA KI . -55.44 -64.19 46.48
C12 CLA KI . -56.84 -64.04 45.94
C13 CLA KI . -56.85 -64.10 44.42
C14 CLA KI . -55.89 -63.10 43.83
C15 CLA KI . -58.26 -63.84 43.90
C16 CLA KI . -58.73 -64.92 42.95
C17 CLA KI . -58.27 -64.69 41.53
C18 CLA KI . -59.00 -65.59 40.53
C19 CLA KI . -60.50 -65.38 40.57
C20 CLA KI . -58.49 -65.32 39.14
C A86 LI . -52.02 -69.68 44.67
O A86 LI . -62.70 -71.93 38.85
C1 A86 LI . -52.65 -68.48 45.43
C10 A86 LI . -61.05 -69.40 40.15
C11 A86 LI . -60.89 -70.57 39.33
C12 A86 LI . -59.59 -71.32 39.36
C13 A86 LI . -62.00 -71.06 38.48
C14 A86 LI . -62.27 -70.39 36.96
C15 A86 LI . -61.26 -71.08 35.98
C16 A86 LI . -60.35 -70.18 35.16
C17 A86 LI . -59.94 -70.54 33.72
C18 A86 LI . -60.31 -71.88 33.25
C19 A86 LI . -61.79 -72.19 33.68
C2 A86 LI . -53.96 -68.04 45.14
C20 A86 LI . -61.72 -72.32 35.27
C21 A86 LI . -63.17 -72.77 35.65
C22 A86 LI . -60.93 -68.74 35.08
C23 A86 LI . -59.04 -70.04 35.92
C24 A86 LI . -51.87 -67.76 46.51
C25 A86 LI . -50.47 -67.92 46.64
C26 A86 LI . -49.70 -67.09 47.84
C27 A86 LI . -48.56 -67.66 48.44
C28 A86 LI . -48.06 -68.98 47.99
C29 A86 LI . -47.80 -66.85 49.61
C3 A86 LI . -54.79 -68.68 44.11
C30 A86 LI . -46.40 -67.18 49.92
C31 A86 LI . -45.04 -67.49 50.23
C32 A86 LI . -44.69 -68.83 50.91
C33 A86 LI . -43.27 -69.02 51.44
C34 A86 LI . -42.21 -68.27 50.63
C35 A86 LI . -42.55 -66.77 50.41
C36 A86 LI . -44.03 -66.35 50.40
C37 A86 LI . -44.35 -65.54 51.68
C38 A86 LI . -39.85 -67.79 50.79
C39 A86 LI . -39.26 -68.37 49.48
C4 A86 LI . -56.10 -68.18 43.98
C40 A86 LI . -45.65 -69.01 52.11
C41 A86 LI . -44.97 -69.97 49.91
C5 A86 LI . -57.20 -68.77 42.88
C6 A86 LI . -58.52 -68.87 43.35
C7 A86 LI . -58.83 -68.41 44.84
C8 A86 LI . -59.72 -69.40 42.42
C9 A86 LI . -59.89 -68.91 41.04
O1 A86 LI . -60.91 -72.42 36.50
O2 A86 LI . -60.19 -71.93 31.85
O3 A86 LI . -44.23 -65.48 49.32
O4 A86 LI . -41.04 -68.37 51.38
O5 A86 LI . -39.34 -66.86 51.32
C1 LMG MI . -26.82 -50.22 16.07
O1 LMG MI . -26.62 -50.88 17.33
C2 LMG MI . -26.26 -51.10 14.93
O2 LMG MI . -24.89 -50.98 15.02
C3 LMG MI . -26.63 -50.37 13.63
O3 LMG MI . -26.17 -51.20 12.62
C4 LMG MI . -28.17 -50.21 13.51
O4 LMG MI . -28.74 -51.44 13.49
C5 LMG MI . -28.66 -49.47 14.77
O5 LMG MI . -30.50 -49.69 16.17
C6 LMG MI . -30.19 -49.51 14.82
O6 LMG MI . -28.23 -50.11 15.92
C7 LMG MI . -27.69 -50.63 18.25
C8 LMG MI . -27.25 -50.42 19.68
C9 LMG MI . -25.85 -49.79 19.81
O7 LMG MI . -28.15 -49.49 20.23
C10 LMG MI . -28.91 -49.87 21.27
O9 LMG MI . -28.73 -50.96 21.77
C11 LMG MI . -29.55 -48.72 21.94
C12 LMG MI . -29.97 -49.14 23.32
C13 LMG MI . -29.65 -48.09 24.36
C14 LMG MI . -29.31 -48.84 25.62
C15 LMG MI . -27.85 -48.61 25.96
C16 LMG MI . -27.25 -49.85 26.60
C17 LMG MI . -26.45 -49.46 27.79
C18 LMG MI . -25.35 -50.49 27.96
C19 LMG MI . -25.01 -50.58 29.43
O8 LMG MI . -25.81 -49.10 21.07
C28 LMG MI . -24.63 -49.11 21.75
O10 LMG MI . -23.63 -49.58 21.23
C29 LMG MI . -24.74 -48.68 23.16
C30 LMG MI . -23.37 -48.69 23.82
C31 LMG MI . -23.57 -48.66 25.30
C32 LMG MI . -24.16 -47.32 25.68
C33 LMG MI . -23.64 -46.97 27.04
C34 LMG MI . -24.63 -46.08 27.72
C35 LMG MI . -23.85 -44.93 28.32
C36 LMG MI . -24.86 -44.03 28.93
C37 LMG MI . -24.16 -42.80 29.44
C1B LMU NI . 0.21 -55.15 41.61
C2B LMU NI . -0.28 -54.17 42.67
C3B LMU NI . 0.86 -53.54 43.36
C4B LMU NI . 1.66 -54.54 44.12
C5B LMU NI . 2.15 -55.69 43.21
C6B LMU NI . 1.84 -57.00 43.86
O1B LMU NI . 0.19 -54.51 40.40
O2B LMU NI . -1.10 -53.15 42.04
O3B LMU NI . 0.36 -52.52 44.28
O4' LMU NI . 2.80 -53.90 44.69
O5B LMU NI . 1.61 -55.68 41.83
O6B LMU NI . 2.93 -57.38 44.65
C1' LMU NI . -1.48 -54.54 36.89
C2' LMU NI . -2.15 -53.99 38.14
C3' LMU NI . -1.92 -54.87 39.32
C4' LMU NI . -0.47 -55.35 39.46
C5' LMU NI . 0.42 -55.34 38.20
C6' LMU NI . 0.46 -56.72 37.64
O1' LMU NI . -1.88 -53.95 35.72
O2' LMU NI . -1.57 -52.70 38.43
O3' LMU NI . -2.90 -55.99 39.36
O5' LMU NI . 0.00 -54.45 37.09
O6' LMU NI . 1.13 -56.66 36.41
C1 LMU NI . -1.88 -54.89 34.66
C2 LMU NI . -3.22 -54.84 33.89
C3 LMU NI . -3.35 -56.13 33.03
C4 LMU NI . -3.89 -55.75 31.60
C5 LMU NI . -5.08 -56.69 31.25
C6 LMU NI . -5.45 -56.56 29.74
C7 LMU NI . -5.65 -57.96 29.17
C8 LMU NI . -7.13 -58.15 28.79
C9 LMU NI . -7.48 -57.20 27.64
MG CLA OI . -25.05 -48.69 41.91
CHA CLA OI . -26.67 -50.90 44.02
CHB CLA OI . -22.26 -48.90 43.81
CHC CLA OI . -23.54 -46.44 39.83
CHD CLA OI . -28.07 -48.26 40.11
NA CLA OI . -24.57 -49.77 43.62
C1A CLA OI . -25.37 -50.65 44.36
C2A CLA OI . -24.59 -51.20 45.55
C3A CLA OI . -23.18 -50.63 45.36
C4A CLA OI . -23.33 -49.69 44.18
CMA CLA OI . -22.71 -49.95 46.61
CAA CLA OI . -24.41 -52.71 45.56
CBA CLA OI . -23.85 -53.17 44.24
CGA CLA OI . -24.04 -54.64 44.14
O1A CLA OI . -23.72 -55.51 44.94
O2A CLA OI . -24.67 -55.00 42.98
NB CLA OI . -23.23 -47.87 41.80
C1B CLA OI . -22.26 -48.00 42.74
C2B CLA OI . -21.14 -47.08 42.44
C3B CLA OI . -21.49 -46.36 41.33
C4B CLA OI . -22.82 -46.87 40.89
CMB CLA OI . -19.94 -47.00 43.26
CAB CLA OI . -20.72 -45.36 40.64
CBB CLA OI . -21.08 -44.13 40.27
NC CLA OI . -25.68 -47.61 40.24
C1C CLA OI . -24.88 -46.79 39.52
C2C CLA OI . -25.59 -46.25 38.39
C3C CLA OI . -26.91 -46.68 38.52
C4C CLA OI . -26.96 -47.53 39.70
CMC CLA OI . -25.01 -45.38 37.37
CAC CLA OI . -28.00 -46.39 37.60
CBC CLA OI . -28.08 -47.42 36.50
ND CLA OI . -26.93 -49.40 41.97
C1D CLA OI . -28.06 -49.15 41.16
C2D CLA OI . -29.18 -49.97 41.64
C3D CLA OI . -28.71 -50.66 42.73
C4D CLA OI . -27.31 -50.26 42.91
CMD CLA OI . -30.49 -50.02 41.02
CAD CLA OI . -29.02 -51.60 43.76
OBD CLA OI . -30.07 -52.18 44.00
CBD CLA OI . -27.75 -51.78 44.61
CGD CLA OI . -28.04 -51.49 46.05
O1D CLA OI . -28.76 -50.61 46.50
O2D CLA OI . -27.41 -52.32 46.93
CED CLA OI . -27.28 -51.88 48.28
C1 CLA OI . -24.28 -56.24 42.40
C2 CLA OI . -24.73 -56.18 40.99
C3 CLA OI . -25.11 -57.25 40.29
C4 CLA OI . -25.11 -58.61 40.86
C5 CLA OI . -25.57 -57.12 38.89
C6 CLA OI . -26.96 -57.66 38.77
C7 CLA OI . -27.69 -57.00 37.62
C8 CLA OI . -29.19 -56.99 37.87
C9 CLA OI . -29.71 -58.38 38.18
C10 CLA OI . -29.92 -56.44 36.65
C11 CLA OI . -29.63 -57.25 35.41
C12 CLA OI . -29.66 -56.36 34.19
C13 CLA OI . -29.81 -57.19 32.91
C14 CLA OI . -28.75 -58.27 32.84
C15 CLA OI . -29.73 -56.28 31.69
C16 CLA OI . -30.90 -56.46 30.75
C17 CLA OI . -30.73 -57.62 29.80
C18 CLA OI . -31.76 -57.59 28.67
C19 CLA OI . -31.70 -56.31 27.88
C20 CLA OI . -31.52 -58.77 27.75
C A86 PI . -34.78 -61.10 36.13
O A86 PI . -38.36 -55.37 25.77
C1 A86 PI . -33.60 -60.10 36.32
C10 A86 PI . -35.61 -55.94 27.49
C11 A86 PI . -36.81 -56.58 27.00
C12 A86 PI . -37.43 -57.68 27.79
C13 A86 PI . -37.45 -56.12 25.73
C14 A86 PI . -36.90 -56.68 24.26
C15 A86 PI . -37.55 -58.09 24.05
C16 A86 PI . -36.62 -59.26 23.75
C17 A86 PI . -37.03 -60.39 22.80
C18 A86 PI . -38.41 -60.41 22.33
C19 A86 PI . -38.84 -58.95 21.94
C2 A86 PI . -33.30 -59.14 35.32
C20 A86 PI . -38.86 -58.16 23.33
C21 A86 PI . -39.43 -56.74 22.91
C22 A86 PI . -35.24 -58.74 23.22
C23 A86 PI . -36.31 -59.93 25.07
C24 A86 PI . -32.74 -60.14 37.56
C25 A86 PI . -32.76 -61.25 38.43
C26 A86 PI . -31.80 -61.20 39.76
C27 A86 PI . -32.21 -61.87 40.94
C28 A86 PI . -33.50 -62.59 40.97
C29 A86 PI . -31.28 -61.84 42.24
C3 A86 PI . -34.07 -59.02 34.08
C30 A86 PI . -31.45 -62.86 43.27
C31 A86 PI . -31.60 -63.85 44.30
C32 A86 PI . -32.86 -63.84 45.20
C33 A86 PI . -32.88 -64.77 46.41
C34 A86 PI . -32.08 -66.05 46.22
C35 A86 PI . -30.64 -65.82 45.71
C36 A86 PI . -30.36 -64.56 44.87
C37 A86 PI . -29.51 -63.55 45.70
C38 A86 PI . -31.37 -67.93 47.57
C39 A86 PI . -31.98 -69.16 46.84
C4 A86 PI . -33.72 -57.98 33.23
C40 A86 PI . -33.06 -62.41 45.72
C41 A86 PI . -34.08 -64.20 44.32
C5 A86 PI . -34.47 -57.67 31.78
C6 A86 PI . -34.65 -56.32 31.47
C7 A86 PI . -34.15 -55.22 32.51
C8 A86 PI . -35.35 -55.84 30.09
C9 A86 PI . -34.97 -56.41 28.81
O1 A86 PI . -38.82 -58.18 24.80
O2 A86 PI . -38.54 -61.26 21.22
O3 A86 PI . -29.58 -64.94 43.78
O4 A86 PI . -32.03 -66.65 47.50
O5 A86 PI . -30.36 -68.03 48.20
MG CLA QI . -3.20 -70.86 43.25
CHA CLA QI . -2.20 -71.39 46.49
CHB CLA QI . -2.45 -67.54 43.51
CHC CLA QI . -4.21 -70.47 40.03
CHD CLA QI . -3.66 -74.37 42.92
NA CLA QI . -2.47 -69.68 44.79
C1A CLA QI . -2.10 -70.08 46.07
C2A CLA QI . -1.60 -68.89 46.88
C3A CLA QI . -1.80 -67.70 45.92
C4A CLA QI . -2.28 -68.33 44.63
CMA CLA QI . -2.87 -66.81 46.47
CAA CLA QI . -0.13 -69.02 47.27
CBA CLA QI . 0.74 -67.84 46.92
CGA CLA QI . 1.85 -68.33 46.07
O1A CLA QI . 2.71 -69.16 46.34
O2A CLA QI . 1.85 -67.76 44.83
NB CLA QI . -3.31 -69.30 42.01
C1B CLA QI . -2.95 -68.02 42.28
C2B CLA QI . -3.22 -67.17 41.10
C3B CLA QI . -3.71 -67.99 40.12
C4B CLA QI . -3.78 -69.36 40.69
CMB CLA QI . -2.94 -65.74 41.08
CAB CLA QI . -4.11 -67.73 38.78
CBB CLA QI . -5.05 -66.86 38.42
NC CLA QI . -3.86 -72.18 41.78
C1C CLA QI . -4.24 -71.79 40.52
C2C CLA QI . -4.66 -72.97 39.77
C3C CLA QI . -4.45 -74.07 40.58
C4C CLA QI . -3.93 -73.56 41.82
CMC CLA QI . -5.16 -72.98 38.42
CAC CLA QI . -4.74 -75.47 40.25
CBC CLA QI . -3.52 -76.19 39.75
ND CLA QI . -3.08 -72.52 44.39
C1D CLA QI . -3.28 -73.89 44.13
C2D CLA QI . -3.04 -74.66 45.35
C3D CLA QI . -2.70 -73.74 46.30
C4D CLA QI . -2.68 -72.44 45.64
CMD CLA QI . -3.22 -76.11 45.46
CAD CLA QI . -2.30 -73.55 47.67
OBD CLA QI . -2.23 -74.36 48.58
CBD CLA QI . -1.95 -72.06 47.81
CGD CLA QI . -2.81 -71.40 48.82
O1D CLA QI . -4.02 -71.19 48.75
O2D CLA QI . -2.14 -71.00 49.92
CED CLA QI . -2.77 -71.26 51.17
C1 CLA QI . 1.15 -68.53 43.84
C2 CLA QI . 1.20 -67.79 42.56
C3 CLA QI . 0.67 -68.33 41.46
C4 CLA QI . 0.05 -69.68 41.47
C5 CLA QI . 0.71 -67.62 40.15
C6 CLA QI . 1.51 -68.43 39.16
C7 CLA QI . 1.19 -68.03 37.74
C8 CLA QI . 2.40 -68.13 36.84
C9 CLA QI . 3.49 -67.18 37.30
C10 CLA QI . 2.04 -67.82 35.41
C11 CLA QI . 2.38 -68.97 34.51
C12 CLA QI . 1.35 -70.07 34.61
C13 CLA QI . 1.71 -71.27 33.74
C14 CLA QI . 1.97 -70.86 32.30
C15 CLA QI . 0.59 -72.30 33.79
C16 CLA QI . 0.98 -73.59 33.10
C17 CLA QI . -0.22 -74.44 32.81
C18 CLA QI . -1.14 -73.78 31.80
C19 CLA QI . -2.46 -74.52 31.69
C20 CLA QI . -0.48 -73.69 30.44
MG CLA RI . -4.71 -63.47 34.10
CHA CLA RI . -3.46 -61.08 36.28
CHB CLA RI . -2.44 -65.70 35.22
CHC CLA RI . -5.78 -65.70 31.73
CHD CLA RI . -6.93 -61.07 32.81
NA CLA RI . -3.24 -63.39 35.57
C1A CLA RI . -2.85 -62.31 36.38
C2A CLA RI . -1.70 -62.74 37.30
C3A CLA RI . -1.59 -64.27 37.05
C4A CLA RI . -2.48 -64.49 35.86
CMA CLA RI . -0.19 -64.72 36.75
CAA CLA RI . -1.90 -62.55 38.79
CBA CLA RI . -0.60 -62.38 39.53
CGA CLA RI . -0.31 -60.92 39.74
O1A CLA RI . 0.78 -60.37 39.86
O2A CLA RI . -1.45 -60.18 39.81
NB CLA RI . -4.28 -65.38 33.64
C1B CLA RI . -3.22 -66.05 34.11
C2B CLA RI . -2.95 -67.25 33.28
C3B CLA RI . -3.90 -67.24 32.29
C4B CLA RI . -4.75 -66.06 32.52
CMB CLA RI . -1.84 -68.16 33.54
CAB CLA RI . -4.13 -68.12 31.18
CBB CLA RI . -4.18 -69.45 31.21
NC CLA RI . -6.16 -63.41 32.61
C1C CLA RI . -6.45 -64.45 31.78
C2C CLA RI . -7.52 -64.08 30.88
C3C CLA RI . -7.80 -62.75 31.14
C4C CLA RI . -6.95 -62.34 32.23
CMC CLA RI . -8.11 -64.96 29.87
CAC CLA RI . -8.80 -61.94 30.46
CBC CLA RI . -10.09 -61.97 31.24
ND CLA RI . -5.19 -61.55 34.45
C1D CLA RI . -6.13 -60.69 33.85
C2D CLA RI . -6.05 -59.38 34.49
C3D CLA RI . -5.05 -59.46 35.41
C4D CLA RI . -4.52 -60.84 35.36
CMD CLA RI . -6.90 -58.25 34.13
CAD CLA RI . -4.30 -58.76 36.44
OBD CLA RI . -4.39 -57.61 36.83
CBD CLA RI . -3.26 -59.78 36.98
CGD CLA RI . -1.86 -59.29 36.77
O1D CLA RI . -1.02 -59.77 36.01
O2D CLA RI . -1.53 -58.20 37.52
CED CLA RI . -0.15 -57.90 37.69
MG CLA SI . -23.07 -67.66 26.15
CHA CLA SI . -24.81 -67.35 23.18
CHB CLA SI . -20.47 -65.96 24.81
CHC CLA SI . -21.45 -67.90 29.15
CHD CLA SI . -25.86 -69.30 27.55
NA CLA SI . -22.72 -66.81 24.28
C1A CLA SI . -23.57 -66.79 23.18
C2A CLA SI . -22.90 -66.03 22.02
C3A CLA SI . -21.48 -65.75 22.55
C4A CLA SI . -21.55 -66.18 23.99
CMA CLA SI . -20.46 -66.57 21.81
CAA CLA SI . -23.43 -64.64 21.65
CBA CLA SI . -24.67 -64.04 22.28
CGA CLA SI . -24.51 -63.76 23.74
O1A CLA SI . -23.76 -62.97 24.30
O2A CLA SI . -25.32 -64.57 24.47
NB CLA SI . -21.28 -67.09 26.84
C1B CLA SI . -20.38 -66.34 26.16
C2B CLA SI . -19.25 -65.99 27.05
C3B CLA SI . -19.53 -66.54 28.28
C4B CLA SI . -20.82 -67.24 28.15
CMB CLA SI . -18.13 -65.18 26.60
CAB CLA SI . -18.82 -66.50 29.51
CBB CLA SI . -17.56 -66.89 29.68
NC CLA SI . -23.55 -68.50 27.98
C1C CLA SI . -22.73 -68.51 29.07
C2C CLA SI . -23.37 -69.18 30.18
C3C CLA SI . -24.63 -69.54 29.74
C4C CLA SI . -24.74 -69.11 28.36
CMC CLA SI . -22.77 -69.39 31.48
CAC CLA SI . -25.67 -70.24 30.50
CBC CLA SI . -26.57 -69.28 31.22
ND CLA SI . -24.92 -68.24 25.57
C1D CLA SI . -25.96 -68.89 26.25
C2D CLA SI . -27.09 -69.06 25.33
C3D CLA SI . -26.69 -68.53 24.13
C4D CLA SI . -25.34 -68.01 24.34
CMD CLA SI . -28.34 -69.71 25.69
CAD CLA SI . -27.05 -68.25 22.75
OBD CLA SI . -28.07 -68.55 22.15
CBD CLA SI . -25.86 -67.48 22.12
CGD CLA SI . -25.29 -68.25 20.98
O1D CLA SI . -24.82 -67.81 19.94
O2D CLA SI . -25.30 -69.59 21.18
CED CLA SI . -24.21 -70.32 20.63
C1 CLA SI . -25.88 -64.04 25.69
C2 CLA SI . -25.01 -64.55 26.77
C3 CLA SI . -25.46 -64.96 27.97
C4 CLA SI . -26.89 -64.95 28.32
C5 CLA SI . -24.51 -65.45 28.99
C6 CLA SI . -24.52 -64.58 30.23
C7 CLA SI . -23.36 -64.96 31.11
C8 CLA SI . -23.56 -64.41 32.51
C9 CLA SI . -23.64 -62.91 32.50
C10 CLA SI . -22.42 -64.84 33.41
C11 CLA SI . -22.81 -64.67 34.86
C12 CLA SI . -24.03 -65.46 35.22
C13 CLA SI . -23.97 -65.96 36.65
C14 CLA SI . -23.76 -67.46 36.66
C15 CLA SI . -25.23 -65.60 37.42
C16 CLA SI . -25.49 -64.11 37.48
C17 CLA SI . -26.84 -63.83 38.12
C18 CLA SI . -27.18 -62.35 38.17
C19 CLA SI . -28.31 -62.11 39.14
C20 CLA SI . -27.57 -61.84 36.80
MG CLA TI . -27.37 -55.49 21.89
CHA CLA TI . -28.78 -54.08 24.72
CHB CLA TI . -25.20 -57.23 23.82
CHC CLA TI . -25.99 -56.83 19.05
CHD CLA TI . -29.70 -53.76 19.88
NA CLA TI . -27.03 -55.60 23.94
C1A CLA TI . -27.72 -54.94 24.97
C2A CLA TI . -27.07 -55.32 26.32
C3A CLA TI . -26.02 -56.38 25.98
C4A CLA TI . -26.07 -56.40 24.46
CMA CLA TI . -24.64 -56.16 26.53
CAA CLA TI . -28.00 -55.89 27.35
CBA CLA TI . -28.06 -54.89 28.48
CGA CLA TI . -26.68 -54.41 28.78
O1A CLA TI . -26.18 -53.32 28.52
O2A CLA TI . -25.94 -55.35 29.44
NB CLA TI . -25.79 -56.66 21.50
C1B CLA TI . -25.18 -57.40 22.44
C2B CLA TI . -24.48 -58.54 21.83
C3B CLA TI . -24.70 -58.46 20.48
C4B CLA TI . -25.54 -57.26 20.26
CMB CLA TI . -23.76 -59.48 22.69
CAB CLA TI . -24.28 -59.30 19.38
CBB CLA TI . -24.06 -60.62 19.42
NC CLA TI . -27.76 -55.30 19.85
C1C CLA TI . -27.04 -55.89 18.87
C2C CLA TI . -27.53 -55.50 17.57
C3C CLA TI . -28.65 -54.70 17.79
C4C CLA TI . -28.78 -54.57 19.23
CMC CLA TI . -26.93 -55.98 16.32
CAC CLA TI . -29.55 -54.08 16.79
CBC CLA TI . -28.99 -52.96 15.96
ND CLA TI . -28.95 -54.29 22.16
C1D CLA TI . -29.77 -53.61 21.25
C2D CLA TI . -30.71 -52.78 22.00
C3D CLA TI . -30.41 -52.94 23.33
C4D CLA TI . -29.27 -53.88 23.38
CMD CLA TI . -31.72 -51.96 21.37
CAD CLA TI . -30.76 -52.59 24.68
OBD CLA TI . -31.69 -51.91 25.08
CBD CLA TI . -29.69 -53.24 25.59
CGD CLA TI . -29.01 -52.19 26.39
O1D CLA TI . -29.57 -51.38 27.15
O2D CLA TI . -27.65 -52.13 26.27
CED CLA TI . -27.09 -51.03 25.54
MG CLA UI . -9.54 -64.44 21.17
CHA CLA UI . -7.36 -66.06 19.03
CHB CLA UI . -8.84 -66.68 23.61
CHC CLA UI . -11.55 -62.66 23.31
CHD CLA UI . -10.23 -62.09 18.62
NA CLA UI . -8.32 -66.12 21.26
C1A CLA UI . -7.46 -66.62 20.28
C2A CLA UI . -6.75 -67.88 20.80
C3A CLA UI . -7.35 -68.11 22.19
C4A CLA UI . -8.24 -66.89 22.39
CMA CLA UI . -8.10 -69.40 22.31
CAA CLA UI . -5.24 -67.69 20.93
CBA CLA UI . -4.77 -67.21 22.28
CGA CLA UI . -3.54 -66.38 22.12
O1A CLA UI . -2.69 -66.44 21.25
O2A CLA UI . -3.39 -65.44 23.10
NB CLA UI . -10.08 -64.62 23.09
C1B CLA UI . -9.68 -65.60 23.92
C2B CLA UI . -10.27 -65.39 25.27
C3B CLA UI . -11.03 -64.26 25.19
C4B CLA UI . -10.93 -63.76 23.80
CMB CLA UI . -10.00 -66.31 26.38
CAB CLA UI . -11.85 -63.60 26.17
CBB CLA UI . -11.45 -63.21 27.39
NC CLA UI . -10.70 -62.72 20.98
C1C CLA UI . -11.44 -62.17 21.97
C2C CLA UI . -12.11 -60.97 21.51
C3C CLA UI . -11.73 -60.80 20.18
C4C CLA UI . -10.85 -61.91 19.85
CMC CLA UI . -12.98 -60.13 22.32
CAC CLA UI . -12.15 -59.74 19.26
CBC CLA UI . -13.42 -60.10 18.53
ND CLA UI . -9.05 -64.15 19.24
C1D CLA UI . -9.36 -63.13 18.32
C2D CLA UI . -8.65 -63.36 17.06
C3D CLA UI . -7.88 -64.48 17.27
C4D CLA UI . -8.14 -64.92 18.65
CMD CLA UI . -8.75 -62.52 15.87
CAD CLA UI . -6.94 -65.41 16.68
OBD CLA UI . -6.51 -65.48 15.54
CBD CLA UI . -6.52 -66.39 17.81
CGD CLA UI . -6.71 -67.81 17.41
O1D CLA UI . -6.05 -68.80 17.74
O2D CLA UI . -7.77 -67.99 16.57
CED CLA UI . -8.95 -68.59 17.10
MG CLA VI . -11.65 -56.84 34.56
CHA CLA VI . -9.26 -57.58 36.96
CHB CLA VI . -11.38 -53.56 35.27
CHC CLA VI . -14.09 -56.17 32.18
CHD CLA VI . -11.97 -60.26 33.86
NA CLA VI . -10.48 -55.76 35.93
C1A CLA VI . -9.56 -56.25 36.86
C2A CLA VI . -8.97 -55.08 37.68
C3A CLA VI . -9.65 -53.83 37.07
C4A CLA VI . -10.58 -54.40 36.01
CMA CLA VI . -10.37 -52.97 38.06
CAA CLA VI . -7.48 -54.89 37.58
CBA CLA VI . -6.75 -55.12 38.89
CGA CLA VI . -7.55 -54.60 40.05
O1A CLA VI . -8.39 -55.20 40.72
O2A CLA VI . -7.26 -53.31 40.36
NB CLA VI . -12.63 -55.20 33.94
C1B CLA VI . -12.26 -53.94 34.26
C2B CLA VI . -12.95 -52.98 33.35
C3B CLA VI . -13.71 -53.72 32.48
C4B CLA VI . -13.50 -55.13 32.83
CMB CLA VI . -12.74 -51.54 33.44
CAB CLA VI . -14.55 -53.34 31.39
CBB CLA VI . -14.18 -52.65 30.31
NC CLA VI . -12.81 -57.99 33.28
C1C CLA VI . -13.75 -57.52 32.42
C2C CLA VI . -14.39 -58.61 31.70
C3C CLA VI . -13.78 -59.78 32.16
C4C CLA VI . -12.79 -59.38 33.15
CMC CLA VI . -15.46 -58.41 30.73
CAC CLA VI . -14.08 -61.16 31.78
CBC CLA VI . -13.63 -61.57 30.40
ND CLA VI . -10.76 -58.55 35.11
C1D CLA VI . -11.02 -59.90 34.78
C2D CLA VI . -10.12 -60.76 35.54
C3D CLA VI . -9.39 -59.93 36.36
C4D CLA VI . -9.86 -58.56 36.09
CMD CLA VI . -10.05 -62.21 35.41
CAD CLA VI . -8.38 -59.86 37.37
OBD CLA VI . -7.68 -60.74 37.86
CBD CLA VI . -8.29 -58.38 37.81
CGD CLA VI . -8.47 -58.22 39.29
O1D CLA VI . -7.59 -58.03 40.13
O2D CLA VI . -9.75 -58.33 39.71
CED CLA VI . -9.93 -58.72 41.07
MG CLA WI . -19.39 -67.57 45.27
CHA CLA WI . -19.56 -65.17 47.72
CHB CLA WI . -19.45 -69.99 47.63
CHC CLA WI . -19.12 -69.91 42.80
CHD CLA WI . -19.42 -65.01 42.82
NA CLA WI . -19.50 -67.55 47.34
C1A CLA WI . -19.56 -66.44 48.21
C2A CLA WI . -19.62 -66.91 49.68
C3A CLA WI . -19.71 -68.44 49.55
C4A CLA WI . -19.54 -68.69 48.07
CMA CLA WI . -18.67 -69.20 50.30
CAA CLA WI . -20.82 -66.45 50.49
CBA CLA WI . -20.58 -66.55 51.97
CGA CLA WI . -20.91 -65.29 52.69
O1A CLA WI . -20.81 -65.05 53.88
O2A CLA WI . -21.38 -64.31 51.87
NB CLA WI . -19.20 -69.56 45.23
C1B CLA WI . -19.35 -70.36 46.29
C2B CLA WI . -19.38 -71.77 45.85
C3B CLA WI . -19.28 -71.76 44.49
C4B CLA WI . -19.18 -70.34 44.07
CMB CLA WI . -19.53 -72.87 46.80
CAB CLA WI . -19.32 -72.84 43.55
CBB CLA WI . -18.54 -73.91 43.58
NC CLA WI . -19.30 -67.46 43.18
C1C CLA WI . -19.19 -68.55 42.37
C2C CLA WI . -19.15 -68.12 40.98
C3C CLA WI . -19.24 -66.74 40.99
C4C CLA WI . -19.34 -66.33 42.38
CMC CLA WI . -19.02 -69.00 39.84
CAC CLA WI . -19.25 -65.85 39.83
CBC CLA WI . -20.65 -65.52 39.39
ND CLA WI . -19.60 -65.57 45.20
C1D CLA WI . -19.54 -64.65 44.13
C2D CLA WI . -19.61 -63.28 44.68
C3D CLA WI . -19.62 -63.43 46.05
C4D CLA WI . -19.59 -64.87 46.33
CMD CLA WI . -19.64 -62.08 43.88
CAD CLA WI . -19.71 -62.75 47.30
OBD CLA WI . -19.92 -61.58 47.54
CBD CLA WI . -19.54 -63.84 48.41
CGD CLA WI . -18.24 -63.75 49.13
O1D CLA WI . -18.04 -63.75 50.33
O2D CLA WI . -17.17 -63.70 48.31
CED CLA WI . -15.89 -63.95 48.90
C1 CLA WI . -20.72 -63.04 51.99
C2 CLA WI . -21.56 -62.15 52.83
C3 CLA WI . -21.00 -61.31 53.69
C4 CLA WI . -19.54 -61.19 53.89
C5 CLA WI . -21.86 -60.44 54.53
C6 CLA WI . -21.70 -60.74 56.00
C7 CLA WI . -22.58 -59.84 56.83
C8 CLA WI . -21.83 -58.64 57.41
C9 CLA WI . -22.27 -58.40 58.84
C10 CLA WI . -22.07 -57.39 56.58
C11 CLA WI . -21.16 -56.26 56.99
C12 CLA WI . -20.22 -55.85 55.88
C13 CLA WI . -19.67 -54.45 56.09
C14 CLA WI . -18.92 -54.34 57.41
C15 CLA WI . -20.77 -53.39 56.01
C16 CLA WI . -20.35 -52.23 55.14
C17 CLA WI . -21.54 -51.45 54.61
C18 CLA WI . -21.89 -50.27 55.49
C19 CLA WI . -23.19 -49.62 55.04
C20 CLA WI . -20.77 -49.24 55.48
MG CLA XI . -10.69 -83.46 46.20
CHA CLA XI . -12.97 -81.10 47.33
CHB CLA XI . -10.46 -84.75 49.31
CHC CLA XI . -8.38 -85.69 45.05
CHD CLA XI . -10.71 -81.88 43.03
NA CLA XI . -11.62 -82.99 48.01
C1A CLA XI . -12.54 -81.99 48.29
C2A CLA XI . -12.94 -82.02 49.77
C3A CLA XI . -12.21 -83.25 50.31
C4A CLA XI . -11.35 -83.71 49.14
CMA CLA XI . -11.41 -82.90 51.53
CAA CLA XI . -14.40 -82.27 50.04
CBA CLA XI . -14.86 -83.50 49.29
CGA CLA XI . -16.35 -83.51 49.27
O1A CLA XI . -17.13 -83.39 50.20
O2A CLA XI . -16.83 -83.64 48.00
NB CLA XI . -9.65 -84.97 47.01
C1B CLA XI . -9.62 -85.27 48.33
C2B CLA XI . -8.58 -86.30 48.59
C3B CLA XI . -7.99 -86.57 47.39
C4B CLA XI . -8.67 -85.74 46.36
CMB CLA XI . -8.33 -86.85 49.92
CAB CLA XI . -6.93 -87.52 47.13
CBB CLA XI . -5.77 -87.33 46.49
NC CLA XI . -9.78 -83.76 44.36
C1C CLA XI . -8.90 -84.77 44.11
C2C CLA XI . -8.52 -84.76 42.72
C3C CLA XI . -9.09 -83.62 42.16
C4C CLA XI . -9.88 -83.00 43.20
CMC CLA XI . -7.64 -85.73 42.08
CAC CLA XI . -8.99 -83.19 40.77
CBC CLA XI . -10.08 -83.80 39.93
ND CLA XI . -11.61 -81.91 45.32
C1D CLA XI . -11.54 -81.39 44.00
C2D CLA XI . -12.47 -80.26 43.90
C3D CLA XI . -13.03 -80.10 45.13
C4D CLA XI . -12.45 -81.14 46.00
CMD CLA XI . -12.70 -79.50 42.67
CAD CLA XI . -13.95 -79.34 45.92
OBD CLA XI . -14.64 -78.37 45.61
CBD CLA XI . -13.94 -79.95 47.35
CGD CLA XI . -13.61 -78.90 48.35
O1D CLA XI . -12.79 -77.98 48.24
O2D CLA XI . -14.32 -79.00 49.52
CED CLA XI . -13.79 -78.33 50.66
C1 CLA XI . -18.05 -84.37 47.85
C2 CLA XI . -18.12 -84.76 46.43
C3 CLA XI . -19.26 -84.92 45.76
C4 CLA XI . -20.58 -84.69 46.38
C5 CLA XI . -19.25 -85.29 44.32
C6 CLA XI . -19.97 -84.23 43.53
C7 CLA XI . -19.46 -84.20 42.11
C8 CLA XI . -19.62 -82.83 41.49
C9 CLA XI . -21.03 -82.32 41.63
C10 CLA XI . -19.22 -82.84 40.03
C11 CLA XI . -20.04 -83.83 39.24
C12 CLA XI . -19.25 -84.42 38.11
C13 CLA XI . -20.14 -85.04 37.06
C14 CLA XI . -21.09 -86.04 37.68
C15 CLA XI . -19.30 -85.71 35.98
C16 CLA XI . -19.67 -85.26 34.58
C17 CLA XI . -20.84 -86.02 34.00
C18 CLA XI . -20.99 -85.78 32.51
C19 CLA XI . -19.75 -86.17 31.74
C20 CLA XI . -22.18 -86.56 31.98
MG CLA YI . -18.45 -78.90 41.66
CHA CLA YI . -19.16 -79.03 45.04
CHB CLA YI . -20.94 -76.65 41.23
CHC CLA YI . -18.18 -79.27 38.27
CHD CLA YI . -16.09 -81.47 42.09
NA CLA YI . -19.74 -77.92 42.96
C1A CLA YI . -19.92 -78.12 44.35
C2A CLA YI . -21.07 -77.19 44.81
C3A CLA YI . -21.22 -76.18 43.66
C4A CLA YI . -20.61 -76.97 42.52
CMA CLA YI . -22.65 -75.83 43.41
CAA CLA YI . -21.01 -76.45 46.14
CBA CLA YI . -22.00 -77.09 47.09
CGA CLA YI . -21.92 -76.49 48.45
O1A CLA YI . -21.65 -77.04 49.52
O2A CLA YI . -22.21 -75.17 48.45
NB CLA YI . -19.33 -78.05 40.07
C1B CLA YI . -20.43 -77.27 40.10
C2B CLA YI . -21.01 -77.12 38.74
C3B CLA YI . -20.23 -77.86 37.91
C4B CLA YI . -19.15 -78.45 38.74
CMB CLA YI . -22.20 -76.33 38.47
CAB CLA YI . -20.32 -78.08 36.51
CBB CLA YI . -20.15 -77.13 35.59
NC CLA YI . -17.23 -80.03 40.42
C1C CLA YI . -17.25 -79.98 39.07
C2C CLA YI . -16.30 -80.90 38.51
C3C CLA YI . -15.75 -81.58 39.58
C4C CLA YI . -16.34 -81.03 40.79
CMC CLA YI . -16.06 -81.09 37.09
CAC CLA YI . -14.73 -82.64 39.50
CBC CLA YI . -13.34 -82.06 39.53
ND CLA YI . -17.59 -79.87 43.19
C1D CLA YI . -16.70 -80.96 43.21
C2D CLA YI . -16.53 -81.40 44.60
C3D CLA YI . -17.41 -80.67 45.33
C4D CLA YI . -18.11 -79.78 44.41
CMD CLA YI . -15.61 -82.45 45.02
CAD CLA YI . -17.92 -80.42 46.65
OBD CLA YI . -17.56 -80.85 47.73
CBD CLA YI . -19.13 -79.47 46.48
CGD CLA YI . -20.36 -80.20 46.87
O1D CLA YI . -20.78 -80.40 48.02
O2D CLA YI . -21.08 -80.65 45.82
CED CLA YI . -22.30 -81.32 46.09
MG CLA ZI . -7.15 -82.20 27.76
CHA CLA ZI . -6.96 -84.11 24.89
CHB CLA ZI . -9.70 -84.16 28.88
CHC CLA ZI . -7.06 -80.53 30.74
CHD CLA ZI . -4.41 -80.29 26.62
NA CLA ZI . -8.18 -83.82 26.96
C1A CLA ZI . -7.92 -84.51 25.77
C2A CLA ZI . -8.89 -85.66 25.62
C3A CLA ZI . -9.93 -85.41 26.70
C4A CLA ZI . -9.22 -84.42 27.61
CMA CLA ZI . -11.19 -84.84 26.11
CAA CLA ZI . -8.15 -86.88 26.14
CBA CLA ZI . -7.59 -87.81 25.11
CGA CLA ZI . -6.79 -88.87 25.80
O1A CLA ZI . -6.65 -90.06 25.51
O2A CLA ZI . -6.12 -88.38 26.90
NB CLA ZI . -8.20 -82.30 29.47
C1B CLA ZI . -9.14 -83.22 29.76
C2B CLA ZI . -9.56 -83.09 31.17
C3B CLA ZI . -8.82 -82.06 31.71
C4B CLA ZI . -7.96 -81.53 30.63
CMB CLA ZI . -10.57 -83.93 31.80
CAB CLA ZI . -8.83 -81.52 33.04
CBB CLA ZI . -9.29 -80.31 33.37
NC CLA ZI . -6.00 -80.64 28.50
C1C CLA ZI . -6.15 -80.10 29.74
C2C CLA ZI . -5.17 -79.03 29.94
C3C CLA ZI . -4.39 -79.00 28.79
C4C CLA ZI . -4.92 -80.01 27.90
CMC CLA ZI . -5.07 -78.24 31.16
CAC CLA ZI . -3.25 -78.12 28.50
CBC CLA ZI . -3.64 -76.73 28.10
ND CLA ZI . -6.03 -82.07 26.10
C1D CLA ZI . -4.91 -81.26 25.78
C2D CLA ZI . -4.44 -81.62 24.43
C3D CLA ZI . -5.21 -82.68 24.02
C4D CLA ZI . -6.15 -82.96 25.12
CMD CLA ZI . -3.35 -80.93 23.75
CAD CLA ZI . -5.50 -83.63 22.97
OBD CLA ZI . -5.05 -83.69 21.84
CBD CLA ZI . -6.54 -84.63 23.53
CGD CLA ZI . -7.71 -84.76 22.60
O1D CLA ZI . -7.90 -85.61 21.72
O2D CLA ZI . -8.65 -83.80 22.78
CED CLA ZI . -10.01 -84.19 22.53
C A86 AJ . -20.33 -72.41 37.71
O A86 AJ . -11.59 -80.82 31.79
C1 A86 AJ . -19.96 -72.98 39.11
C10 A86 AJ . -13.52 -78.77 33.95
C11 A86 AJ . -12.87 -80.00 33.56
C12 A86 AJ . -12.67 -81.14 34.52
C13 A86 AJ . -12.44 -80.08 32.14
C14 A86 AJ . -13.25 -79.09 31.07
C15 A86 AJ . -13.98 -79.85 29.92
C16 A86 AJ . -15.06 -80.86 30.26
C17 A86 AJ . -14.57 -82.30 30.32
C18 A86 AJ . -13.95 -82.70 29.06
C19 A86 AJ . -12.68 -81.82 28.79
C2 A86 AJ . -18.96 -73.95 39.26
C20 A86 AJ . -13.09 -80.27 28.79
C21 A86 AJ . -11.69 -79.55 28.73
C22 A86 AJ . -16.17 -80.77 29.17
C23 A86 AJ . -15.79 -80.51 31.54
C24 A86 AJ . -20.72 -72.53 40.33
C25 A86 AJ . -21.99 -71.93 40.19
C26 A86 AJ . -22.77 -71.48 41.55
C27 A86 AJ . -22.92 -70.14 41.90
C28 A86 AJ . -22.38 -69.07 41.05
C29 A86 AJ . -23.71 -69.81 43.26
C3 A86 AJ . -18.23 -74.42 38.09
C30 A86 AJ . -24.17 -68.45 43.53
C31 A86 AJ . -24.61 -67.13 43.81
C32 A86 AJ . -25.58 -66.40 42.85
C33 A86 AJ . -25.85 -64.91 43.14
C34 A86 AJ . -24.65 -64.11 43.66
C35 A86 AJ . -23.95 -64.79 44.86
C36 A86 AJ . -23.70 -66.29 44.72
C37 A86 AJ . -22.29 -66.49 44.15
C38 A86 AJ . -23.95 -62.65 41.96
C39 A86 AJ . -23.53 -61.32 42.64
C4 A86 AJ . -17.18 -75.34 38.25
C40 A86 AJ . -25.10 -66.57 41.39
C41 A86 AJ . -26.94 -67.12 42.95
C5 A86 AJ . -16.41 -75.87 36.89
C6 A86 AJ . -15.34 -76.75 36.96
C7 A86 AJ . -14.79 -77.28 38.36
C8 A86 AJ . -14.69 -77.21 35.58
C9 A86 AJ . -14.05 -78.51 35.37
O1 A86 AJ . -14.03 -79.13 28.62
O2 A86 AJ . -13.57 -84.05 29.13
O3 A86 AJ . -23.73 -66.86 46.00
O4 A86 AJ . -23.71 -63.90 42.64
O5 A86 AJ . -24.47 -62.64 40.91
C A86 BJ . -4.71 -71.87 34.16
O A86 BJ . -14.92 -66.07 27.26
C1 A86 BJ . -4.69 -70.67 35.14
C10 A86 BJ . -12.40 -67.25 29.48
C11 A86 BJ . -13.50 -66.40 29.08
C12 A86 BJ . -13.83 -65.14 29.82
C13 A86 BJ . -14.29 -66.82 27.89
C14 A86 BJ . -14.20 -68.45 27.51
C15 A86 BJ . -14.73 -68.88 26.10
C16 A86 BJ . -14.02 -68.39 24.84
C17 A86 BJ . -14.76 -67.33 24.03
C18 A86 BJ . -16.09 -67.80 23.67
C19 A86 BJ . -16.92 -67.92 24.98
C2 A86 BJ . -5.55 -69.58 34.96
C20 A86 BJ . -16.21 -69.03 25.91
C21 A86 BJ . -17.03 -68.94 27.27
C22 A86 BJ . -13.86 -69.68 23.98
C23 A86 BJ . -12.61 -67.90 25.10
C24 A86 BJ . -3.73 -70.71 36.31
C25 A86 BJ . -2.70 -71.69 36.34
C26 A86 BJ . -1.67 -71.76 37.61
C27 A86 BJ . -0.57 -70.88 37.69
C28 A86 BJ . -0.32 -69.88 36.64
C29 A86 BJ . 0.44 -70.93 38.94
C3 A86 BJ . -6.49 -69.60 33.85
C30 A86 BJ . 1.03 -72.17 39.43
C31 A86 BJ . 1.65 -73.35 39.93
C32 A86 BJ . 2.99 -73.83 39.35
C33 A86 BJ . 3.21 -75.36 39.32
C34 A86 BJ . 2.57 -76.12 40.48
C35 A86 BJ . 1.11 -75.69 40.74
C36 A86 BJ . 1.05 -74.20 41.06
C37 A86 BJ . -0.42 -73.77 41.25
C38 A86 BJ . 3.83 -78.12 40.56
C39 A86 BJ . 4.59 -79.06 39.58
C4 A86 BJ . -7.33 -68.51 33.60
C40 A86 BJ . 4.15 -73.19 40.16
C41 A86 BJ . 3.07 -73.32 37.90
C5 A86 BJ . -8.37 -68.63 32.32
C6 A86 BJ . -9.47 -67.77 32.26
C7 A86 BJ . -9.71 -66.67 33.38
C8 A86 BJ . -10.48 -67.92 31.01
C9 A86 BJ . -11.51 -66.93 30.70
O1 A86 BJ . -15.36 -70.22 26.13
O2 A86 BJ . -16.70 -66.88 22.80
O3 A86 BJ . 1.73 -73.96 42.26
O4 A86 BJ . 2.60 -77.49 40.16
O5 A86 BJ . 4.25 -77.94 41.63
C A86 CJ . 0.63 -78.74 30.92
O A86 CJ . -8.67 -80.00 40.79
C1 A86 CJ . -0.23 -79.80 30.18
C10 A86 CJ . -6.10 -80.61 38.41
C11 A86 CJ . -7.42 -80.17 38.82
C12 A86 CJ . -8.53 -80.12 37.80
C13 A86 CJ . -7.66 -79.76 40.23
C14 A86 CJ . -6.43 -78.89 40.96
C15 A86 CJ . -6.10 -79.14 42.47
C16 A86 CJ . -5.51 -80.49 42.91
C17 A86 CJ . -6.37 -81.37 43.81
C18 A86 CJ . -6.87 -80.63 44.97
C19 A86 CJ . -7.84 -79.54 44.43
C2 A86 CJ . -1.24 -80.54 30.83
C20 A86 CJ . -6.98 -78.53 43.51
C21 A86 CJ . -8.08 -77.57 42.93
C22 A86 CJ . -4.24 -80.12 43.72
C23 A86 CJ . -5.00 -81.33 41.77
C24 A86 CJ . -0.04 -80.07 28.69
C25 A86 CJ . 1.11 -79.80 27.92
C26 A86 CJ . 0.92 -80.20 26.34
C27 A86 CJ . 1.19 -81.51 25.87
C28 A86 CJ . 1.68 -82.57 26.78
C29 A86 CJ . 0.94 -81.83 24.31
C3 A86 CJ . -1.56 -80.34 32.24
C30 A86 CJ . 1.95 -81.59 23.30
C31 A86 CJ . 2.94 -81.35 22.28
C32 A86 CJ . 4.43 -81.72 22.49
C33 A86 CJ . 5.40 -81.49 21.32
C34 A86 CJ . 5.02 -80.43 20.25
C35 A86 CJ . 3.68 -79.69 20.51
C36 A86 CJ . 2.59 -80.68 20.95
C37 A86 CJ . 1.27 -79.89 21.12
C38 A86 CJ . 6.15 -78.33 20.91
C39 A86 CJ . 6.13 -76.91 20.27
C4 A86 CJ . -2.42 -81.24 32.89
C40 A86 CJ . 4.96 -80.96 23.75
C41 A86 CJ . 4.47 -83.24 22.82
C5 A86 CJ . -2.79 -80.96 34.48
C6 A86 CJ . -4.06 -81.32 34.93
C7 A86 CJ . -5.10 -82.00 33.94
C8 A86 CJ . -4.45 -81.00 36.46
C9 A86 CJ . -5.84 -80.99 36.93
O1 A86 CJ . -5.70 -77.89 43.15
O2 A86 CJ . -7.58 -81.49 45.83
O3 A86 CJ . 2.40 -81.65 19.95
O4 A86 CJ . 6.09 -79.51 20.08
O5 A86 CJ . 6.26 -78.42 22.08
C A86 DJ . 1.51 -66.02 31.43
O A86 DJ . -3.73 -71.55 20.75
C1 A86 DJ . 0.31 -65.09 31.73
C10 A86 DJ . -3.18 -69.85 23.66
C11 A86 DJ . -3.86 -70.92 22.96
C12 A86 DJ . -5.19 -71.42 23.43
C13 A86 DJ . -3.18 -71.50 21.78
C14 A86 DJ . -1.60 -72.07 21.97
C15 A86 DJ . -0.77 -72.20 20.64
C16 A86 DJ . -0.46 -70.96 19.83
C17 A86 DJ . -1.37 -70.72 18.63
C18 A86 DJ . -1.37 -71.87 17.73
C19 A86 DJ . -1.93 -73.13 18.48
C2 A86 DJ . -0.80 -65.04 30.86
C20 A86 DJ . -1.05 -73.41 19.82
C21 A86 DJ . -1.86 -74.55 20.55
C22 A86 DJ . 1.02 -71.09 19.31
C23 A86 DJ . -0.45 -69.70 20.69
C24 A86 DJ . 0.27 -64.20 32.94
C25 A86 DJ . 0.98 -62.98 32.89
C26 A86 DJ . 0.95 -61.98 34.19
C27 A86 DJ . 1.90 -62.09 35.22
C28 A86 DJ . 2.97 -63.12 35.15
C29 A86 DJ . 1.80 -61.09 36.45
C3 A86 DJ . -0.83 -65.86 29.66
C30 A86 DJ . 2.92 -60.95 37.37
C31 A86 DJ . 4.03 -60.80 38.26
C32 A86 DJ . 4.90 -59.53 38.22
C33 A86 DJ . 6.38 -59.70 38.62
C34 A86 DJ . 6.64 -60.74 39.73
C35 A86 DJ . 5.90 -62.07 39.46
C36 A86 DJ . 4.38 -61.85 39.32
C37 A86 DJ . 3.75 -63.18 38.90
C38 A86 DJ . 8.65 -60.58 40.99
C39 A86 DJ . 9.87 -61.37 41.56
C4 A86 DJ . -2.00 -65.98 28.91
C40 A86 DJ . 4.26 -58.46 39.15
C41 A86 DJ . 4.86 -58.99 36.77
C5 A86 DJ . -1.94 -66.92 27.55
C6 A86 DJ . -3.07 -67.49 26.96
C7 A86 DJ . -4.53 -67.28 27.55
C8 A86 DJ . -2.78 -68.35 25.63
C9 A86 DJ . -3.76 -69.15 24.91
O1 A86 DJ . 0.18 -73.34 20.63
O2 A86 DJ . -2.17 -71.59 16.61
O3 A86 DJ . 3.85 -61.47 40.56
O4 A86 DJ . 8.02 -61.00 39.77
O5 A86 DJ . 8.26 -59.63 41.57
C A86 EJ . -28.01 -60.65 27.35
O A86 EJ . -16.54 -62.59 33.85
C1 A86 EJ . -27.35 -60.39 25.97
C10 A86 EJ . -19.07 -61.99 31.39
C11 A86 EJ . -17.81 -62.49 31.88
C12 A86 EJ . -16.82 -63.19 31.00
C13 A86 EJ . -17.55 -62.28 33.33
C14 A86 EJ . -18.81 -61.59 34.20
C15 A86 EJ . -18.64 -61.42 35.74
C16 A86 EJ . -17.65 -60.39 36.27
C17 A86 EJ . -16.37 -60.93 36.91
C18 A86 EJ . -16.72 -61.92 37.93
C19 A86 EJ . -17.31 -63.16 37.19
C2 A86 EJ . -25.96 -60.25 25.84
C20 A86 EJ . -18.71 -62.67 36.58
C21 A86 EJ . -19.22 -63.95 35.83
C22 A86 EJ . -18.41 -59.60 37.38
C23 A86 EJ . -17.26 -59.37 35.23
C24 A86 EJ . -28.18 -60.29 24.72
C25 A86 EJ . -27.76 -59.28 23.81
C26 A86 EJ . -28.50 -59.01 22.37
C27 A86 EJ . -29.79 -58.47 22.21
C28 A86 EJ . -30.66 -58.09 23.34
C29 A86 EJ . -30.29 -58.29 20.71
C3 A86 EJ . -25.12 -60.35 27.04
C30 A86 EJ . -31.72 -58.27 20.41
C31 A86 EJ . -33.09 -58.26 20.07
C32 A86 EJ . -33.77 -56.93 19.66
C33 A86 EJ . -35.30 -56.98 19.66
C34 A86 EJ . -35.87 -58.21 18.97
C35 A86 EJ . -35.32 -59.51 19.58
C36 A86 EJ . -33.78 -59.54 19.55
C37 A86 EJ . -33.30 -60.70 20.46
C38 A86 EJ . -38.06 -58.17 18.00
C39 A86 EJ . -37.81 -57.07 16.92
C4 A86 EJ . -23.83 -60.88 26.92
C40 A86 EJ . -33.28 -56.51 18.26
C41 A86 EJ . -33.32 -55.85 20.68
C5 A86 EJ . -22.91 -60.98 28.29
C6 A86 EJ . -21.74 -61.76 28.35
C7 A86 EJ . -21.23 -62.58 27.09
C8 A86 EJ . -20.96 -61.76 29.75
C9 A86 EJ . -19.55 -62.10 29.92
O1 A86 EJ . -19.87 -61.74 36.50
O2 A86 EJ . -15.61 -62.35 38.68
O3 A86 EJ . -33.35 -59.81 18.25
O4 A86 EJ . -37.26 -58.21 19.18
O5 A86 EJ . -38.91 -58.97 17.81
C A86 FJ . -24.29 -79.26 37.50
O A86 FJ . -19.50 -81.47 26.31
C1 A86 FJ . -23.14 -80.06 38.18
C10 A86 FJ . -19.65 -82.88 29.28
C11 A86 FJ . -20.45 -82.18 28.29
C12 A86 FJ . -21.59 -81.33 28.74
C13 A86 FJ . -20.13 -82.31 26.84
C14 A86 FJ . -20.69 -83.62 25.95
C15 A86 FJ . -22.17 -83.30 25.58
C16 A86 FJ . -23.24 -84.34 25.97
C17 A86 FJ . -24.45 -84.60 25.06
C18 A86 FJ . -24.65 -83.70 23.93
C19 A86 FJ . -23.28 -83.44 23.22
C2 A86 FJ . -22.20 -80.77 37.41
C20 A86 FJ . -22.43 -82.60 24.28
C21 A86 FJ . -21.13 -82.24 23.48
C22 A86 FJ . -22.58 -85.73 26.20
C23 A86 FJ . -23.81 -83.92 27.31
C24 A86 FJ . -23.02 -80.10 39.69
C25 A86 FJ . -24.08 -79.70 40.52
C26 A86 FJ . -23.87 -79.77 42.15
C27 A86 FJ . -24.53 -78.83 42.98
C28 A86 FJ . -25.40 -77.80 42.38
C29 A86 FJ . -24.32 -78.90 44.57
C3 A86 FJ . -22.23 -80.80 35.95
C30 A86 FJ . -25.31 -78.28 45.45
C31 A86 FJ . -26.26 -77.66 46.32
C32 A86 FJ . -26.37 -76.12 46.40
C33 A86 FJ . -27.24 -75.51 47.51
C34 A86 FJ . -28.43 -76.39 47.90
C35 A86 FJ . -28.04 -77.85 48.23
C36 A86 FJ . -26.78 -78.44 47.54
C37 A86 FJ . -25.65 -78.62 48.58
C38 A86 FJ . -30.14 -76.39 49.61
C39 A86 FJ . -31.46 -76.38 48.81
C4 A86 FJ . -21.19 -81.49 35.31
C40 A86 FJ . -24.94 -75.57 46.58
C41 A86 FJ . -26.92 -75.61 45.05
C5 A86 FJ . -21.04 -81.63 33.66
C6 A86 FJ . -19.73 -81.53 33.17
C7 A86 FJ . -18.54 -81.29 34.20
C8 A86 FJ . -19.40 -81.66 31.59
C9 A86 FJ . -19.99 -82.73 30.79
O1 A86 FJ . -22.38 -81.84 25.55
O2 A86 FJ . -25.57 -84.27 23.03
O3 A86 FJ . -27.12 -79.72 47.08
O4 A86 FJ . -28.94 -75.79 49.07
O5 A86 FJ . -30.09 -76.90 50.69
MG CLA GJ . -31.32 -102.34 61.39
CHA CLA GJ . -31.58 -101.43 64.69
CHB CLA GJ . -27.92 -102.67 61.72
CHC CLA GJ . -31.17 -103.25 58.12
CHD CLA GJ . -34.86 -102.32 61.19
NA CLA GJ . -29.98 -102.04 62.96
C1A CLA GJ . -30.29 -101.68 64.27
C2A CLA GJ . -29.02 -101.60 65.12
C3A CLA GJ . -27.91 -101.89 64.10
C4A CLA GJ . -28.64 -102.24 62.82
CMA CLA GJ . -27.09 -100.65 63.90
CAA CLA GJ . -29.00 -102.62 66.25
CBA CLA GJ . -27.76 -103.46 66.33
CGA CLA GJ . -28.18 -104.89 66.26
O1A CLA GJ . -28.92 -105.51 67.03
O2A CLA GJ . -27.68 -105.54 65.17
NB CLA GJ . -29.83 -102.85 60.15
C1B CLA GJ . -28.51 -102.95 60.47
C2B CLA GJ . -27.74 -103.32 59.25
C3B CLA GJ . -28.66 -103.49 58.25
C4B CLA GJ . -29.99 -103.19 58.80
CMB CLA GJ . -26.30 -103.49 59.27
CAB CLA GJ . -28.50 -103.87 56.87
CBB CLA GJ . -27.73 -103.24 56.00
NC CLA GJ . -32.75 -102.67 59.93
C1C CLA GJ . -32.47 -103.02 58.64
C2C CLA GJ . -33.71 -103.14 57.90
C3C CLA GJ . -34.75 -102.92 58.78
C4C CLA GJ . -34.14 -102.65 60.05
CMC CLA GJ . -33.84 -103.46 56.49
CAC CLA GJ . -36.18 -102.94 58.48
CBC CLA GJ . -36.81 -104.27 58.78
ND CLA GJ . -32.89 -101.90 62.56
C1D CLA GJ . -34.29 -101.94 62.37
C2D CLA GJ . -34.97 -101.52 63.59
C3D CLA GJ . -33.98 -101.24 64.48
C4D CLA GJ . -32.71 -101.55 63.82
CMD CLA GJ . -36.42 -101.39 63.72
CAD CLA GJ . -33.68 -100.81 65.82
OBD CLA GJ . -34.44 -100.41 66.69
CBD CLA GJ . -32.16 -100.96 65.99
CGD CLA GJ . -31.54 -99.64 66.31
O1D CLA GJ . -31.45 -98.66 65.58
O2D CLA GJ . -31.02 -99.58 67.55
CED CLA GJ . -31.28 -98.39 68.28
C1 CLA GJ . -28.56 -105.54 64.04
C2 CLA GJ . -27.89 -106.24 62.92
C3 CLA GJ . -28.53 -106.43 61.76
C4 CLA GJ . -29.92 -105.97 61.56
C5 CLA GJ . -27.88 -107.14 60.63
C6 CLA GJ . -28.66 -108.40 60.31
C7 CLA GJ . -28.36 -108.87 58.91
C8 CLA GJ . -28.39 -110.39 58.83
C9 CLA GJ . -27.31 -111.00 59.71
C10 CLA GJ . -28.18 -110.86 57.40
C11 CLA GJ . -29.34 -111.70 56.95
C12 CLA GJ . -30.52 -110.84 56.57
C13 CLA GJ . -31.73 -111.67 56.14
C14 CLA GJ . -31.37 -112.66 55.05
C15 CLA GJ . -32.85 -110.76 55.68
C16 CLA GJ . -34.13 -111.54 55.43
C17 CLA GJ . -35.11 -110.73 54.61
C18 CLA GJ . -34.57 -110.47 53.21
C19 CLA GJ . -35.45 -109.48 52.48
C20 CLA GJ . -34.50 -111.77 52.43
MG CLA HJ . -24.54 -105.72 52.26
CHA CLA HJ . -21.95 -105.44 54.54
CHB CLA HJ . -26.50 -107.11 54.62
CHC CLA HJ . -26.97 -106.23 49.90
CHD CLA HJ . -22.42 -104.45 49.76
NA CLA HJ . -24.25 -106.14 54.28
C1A CLA HJ . -23.11 -105.96 55.07
C2A CLA HJ . -23.39 -106.45 56.51
C3A CLA HJ . -24.90 -106.75 56.49
C4A CLA HJ . -25.26 -106.67 55.03
CMA CLA HJ . -25.25 -108.10 57.04
CAA CLA HJ . -23.14 -105.45 57.62
CBA CLA HJ . -22.81 -106.13 58.93
CGA CLA HJ . -21.34 -106.17 59.12
O1A CLA HJ . -20.68 -106.99 59.77
O2A CLA HJ . -20.68 -105.16 58.49
NB CLA HJ . -26.42 -106.42 52.29
C1B CLA HJ . -26.97 -107.10 53.32
C2B CLA HJ . -28.18 -107.83 52.87
C3B CLA HJ . -28.31 -107.58 51.53
C4B CLA HJ . -27.20 -106.69 51.15
CMB CLA HJ . -28.97 -108.65 53.78
CAB CLA HJ . -29.26 -108.03 50.55
CBB CLA HJ . -30.58 -108.05 50.68
NC CLA HJ . -24.70 -105.33 50.23
C1C CLA HJ . -25.79 -105.59 49.47
C2C CLA HJ . -25.57 -105.16 48.10
C3C CLA HJ . -24.26 -104.73 48.04
C4C CLA HJ . -23.71 -104.81 49.39
CMC CLA HJ . -26.54 -105.27 47.02
CAC CLA HJ . -23.58 -104.21 46.86
CBC CLA HJ . -23.68 -102.72 46.81
ND CLA HJ . -22.66 -105.04 52.12
C1D CLA HJ . -21.92 -104.53 51.03
C2D CLA HJ . -20.57 -104.18 51.49
C3D CLA HJ . -20.52 -104.53 52.81
C4D CLA HJ . -21.85 -105.06 53.17
CMD CLA HJ . -19.55 -103.61 50.62
CAD CLA HJ . -19.72 -104.55 54.00
OBD CLA HJ . -18.55 -104.19 54.18
CBD CLA HJ . -20.59 -105.16 55.12
CGD CLA HJ . -20.00 -106.43 55.65
O1D CLA HJ . -20.43 -107.57 55.52
O2D CLA HJ . -18.85 -106.23 56.35
CED CLA HJ . -18.41 -107.28 57.22
MG CLA IJ . -30.80 -94.95 36.04
CHA CLA IJ . -30.79 -95.10 32.60
CHB CLA IJ . -28.93 -97.77 36.19
CHC CLA IJ . -30.73 -94.67 39.45
CHD CLA IJ . -32.61 -91.93 35.85
NA CLA IJ . -30.01 -96.22 34.60
C1A CLA IJ . -30.11 -96.12 33.21
C2A CLA IJ . -29.35 -97.26 32.54
C3A CLA IJ . -28.92 -98.15 33.72
C4A CLA IJ . -29.28 -97.32 34.93
CMA CLA IJ . -29.67 -99.45 33.74
CAA CLA IJ . -28.04 -96.96 31.82
CBA CLA IJ . -27.52 -95.54 31.62
CGA CLA IJ . -27.17 -94.87 32.89
O1A CLA IJ . -26.28 -95.14 33.70
O2A CLA IJ . -28.01 -93.83 33.15
NB CLA IJ . -30.03 -96.05 37.53
C1B CLA IJ . -29.23 -97.12 37.39
C2B CLA IJ . -28.74 -97.56 38.72
C3B CLA IJ . -29.25 -96.69 39.64
C4B CLA IJ . -30.06 -95.71 38.90
CMB CLA IJ . -27.85 -98.71 38.87
CAB CLA IJ . -29.09 -96.60 41.06
CBB CLA IJ . -29.35 -97.58 41.91
NC CLA IJ . -31.58 -93.59 37.39
C1C CLA IJ . -31.46 -93.68 38.74
C2C CLA IJ . -32.13 -92.57 39.39
C3C CLA IJ . -32.63 -91.77 38.37
C4C CLA IJ . -32.26 -92.41 37.12
CMC CLA IJ . -32.22 -92.36 40.82
CAC CLA IJ . -33.39 -90.53 38.51
CBC CLA IJ . -32.47 -89.32 38.53
ND CLA IJ . -31.56 -93.75 34.61
C1D CLA IJ . -32.27 -92.54 34.68
C2D CLA IJ . -32.60 -92.11 33.31
C3D CLA IJ . -32.09 -93.07 32.48
C4D CLA IJ . -31.43 -94.07 33.34
CMD CLA IJ . -33.33 -90.90 33.00
CAD CLA IJ . -31.91 -93.51 31.11
OBD CLA IJ . -32.32 -93.00 30.08
CBD CLA IJ . -31.07 -94.81 31.16
CGD CLA IJ . -31.84 -95.95 30.58
O1D CLA IJ . -31.41 -96.89 29.92
O2D CLA IJ . -33.17 -95.90 30.85
CED CLA IJ . -33.82 -97.15 31.06
C1 CLA IJ . -27.48 -92.67 33.81
C2 CLA IJ . -27.85 -92.84 35.24
C3 CLA IJ . -28.24 -91.83 36.02
C4 CLA IJ . -28.34 -90.44 35.54
C5 CLA IJ . -28.58 -92.08 37.44
C6 CLA IJ . -27.66 -91.35 38.39
C7 CLA IJ . -27.89 -91.86 39.80
C8 CLA IJ . -27.30 -90.89 40.81
C9 CLA IJ . -25.81 -90.75 40.61
C10 CLA IJ . -27.57 -91.37 42.21
C11 CLA IJ . -27.36 -90.25 43.20
C12 CLA IJ . -28.25 -89.06 42.90
C13 CLA IJ . -28.68 -88.36 44.18
C14 CLA IJ . -30.15 -88.61 44.44
C15 CLA IJ . -28.39 -86.87 44.11
C16 CLA IJ . -26.93 -86.55 43.87
C17 CLA IJ . -26.74 -85.07 43.65
C18 CLA IJ . -25.30 -84.67 43.38
C19 CLA IJ . -25.12 -83.17 43.56
C20 CLA IJ . -24.90 -85.06 41.97
MG CLA JJ . -19.28 -93.07 29.05
CHA CLA JJ . -17.88 -90.28 30.53
CHB CLA JJ . -20.73 -93.92 31.99
CHC CLA JJ . -20.63 -95.84 27.55
CHD CLA JJ . -17.89 -92.13 25.95
NA CLA JJ . -19.26 -92.23 30.95
C1A CLA JJ . -18.61 -91.07 31.38
C2A CLA JJ . -18.86 -90.89 32.89
C3A CLA JJ . -19.85 -92.00 33.27
C4A CLA JJ . -19.94 -92.80 31.99
CMA CLA JJ . -19.47 -92.84 34.47
CAA CLA JJ . -19.49 -89.58 33.31
CBA CLA JJ . -18.44 -88.86 34.12
CGA CLA JJ . -17.82 -89.82 35.09
O1A CLA JJ . -16.70 -90.33 35.04
O2A CLA JJ . -18.65 -90.13 36.11
NB CLA JJ . -20.33 -94.66 29.68
C1B CLA JJ . -20.96 -94.70 30.87
C2B CLA JJ . -22.06 -95.67 30.85
C3B CLA JJ . -22.06 -96.23 29.59
C4B CLA JJ . -20.96 -95.58 28.84
CMB CLA JJ . -22.89 -95.85 32.04
CAB CLA JJ . -22.92 -97.23 28.97
CBB CLA JJ . -24.21 -97.45 29.24
NC CLA JJ . -19.23 -93.85 27.12
C1C CLA JJ . -19.81 -95.02 26.75
C2C CLA JJ . -19.53 -95.31 25.35
C3C CLA JJ . -18.82 -94.21 24.85
C4C CLA JJ . -18.63 -93.31 25.98
CMC CLA JJ . -20.00 -96.52 24.69
CAC CLA JJ . -18.34 -93.96 23.48
CBC CLA JJ . -17.21 -94.83 22.98
ND CLA JJ . -18.24 -91.54 28.31
C1D CLA JJ . -17.67 -91.32 27.03
C2D CLA JJ . -16.89 -90.09 27.09
C3D CLA JJ . -16.97 -89.61 28.36
C4D CLA JJ . -17.79 -90.58 29.12
CMD CLA JJ . -16.20 -89.55 25.94
CAD CLA JJ . -16.58 -88.58 29.28
OBD CLA JJ . -15.97 -87.54 29.06
CBD CLA JJ . -17.09 -88.99 30.68
CGD CLA JJ . -15.93 -89.07 31.62
O1D CLA JJ . -15.15 -88.15 31.87
O2D CLA JJ . -15.76 -90.27 32.25
CED CLA JJ . -14.66 -91.08 31.85
MG CLA KJ . -26.58 -108.82 38.92
CHA CLA KJ . -28.09 -111.89 38.48
CHB CLA KJ . -28.62 -108.17 41.55
CHC CLA KJ . -24.89 -105.87 39.46
CHD CLA KJ . -24.44 -109.52 36.21
NA CLA KJ . -28.14 -109.87 39.82
C1A CLA KJ . -28.61 -111.15 39.52
C2A CLA KJ . -29.77 -111.53 40.45
C3A CLA KJ . -29.97 -110.26 41.31
C4A CLA KJ . -28.84 -109.35 40.88
CMA CLA KJ . -31.33 -109.65 41.12
CAA CLA KJ . -29.43 -112.70 41.35
CBA CLA KJ . -28.84 -112.33 42.70
CGA CLA KJ . -27.91 -113.40 43.16
O1A CLA KJ . -27.94 -114.60 42.89
O2A CLA KJ . -26.92 -112.94 43.97
NB CLA KJ . -26.72 -107.32 40.26
C1B CLA KJ . -27.63 -107.24 41.26
C2B CLA KJ . -27.40 -106.01 42.05
C3B CLA KJ . -26.34 -105.35 41.47
C4B CLA KJ . -25.90 -106.17 40.31
CMB CLA KJ . -28.23 -105.67 43.20
CAB CLA KJ . -25.71 -104.10 41.79
CBB CLA KJ . -25.24 -103.75 42.98
NC CLA KJ . -24.99 -107.86 37.98
C1C CLA KJ . -24.46 -106.66 38.36
C2C CLA KJ . -23.36 -106.31 37.50
C3C CLA KJ . -23.22 -107.33 36.58
C4C CLA KJ . -24.25 -108.32 36.89
CMC CLA KJ . -22.56 -105.10 37.63
CAC CLA KJ . -22.24 -107.44 35.49
CBC CLA KJ . -22.75 -106.80 34.23
ND CLA KJ . -26.34 -110.27 37.55
C1D CLA KJ . -25.39 -110.45 36.52
C2D CLA KJ . -25.63 -111.76 35.88
C3D CLA KJ . -26.67 -112.33 36.57
C4D CLA KJ . -27.06 -111.39 37.62
CMD CLA KJ . -24.86 -112.27 34.75
CAD CLA KJ . -27.53 -113.49 36.68
OBD CLA KJ . -27.62 -114.48 35.96
CBD CLA KJ . -28.41 -113.27 37.94
CGD CLA KJ . -29.87 -113.41 37.63
O1D CLA KJ . -30.76 -113.83 38.35
O2D CLA KJ . -30.18 -112.99 36.36
CED CLA KJ . -30.86 -111.75 36.23
MG CLA LJ . -18.56 -99.33 48.28
CHA CLA LJ . -18.97 -100.05 51.65
CHB CLA LJ . -15.24 -99.01 48.72
CHC CLA LJ . -18.24 -98.56 44.91
CHD CLA LJ . -22.03 -99.62 47.83
NA CLA LJ . -17.32 -99.51 49.95
C1A CLA LJ . -17.67 -99.80 51.28
C2A CLA LJ . -16.42 -99.77 52.17
C3A CLA LJ . -15.27 -99.49 51.19
C4A CLA LJ . -15.98 -99.31 49.85
CMA CLA LJ . -14.43 -98.29 51.55
CAA CLA LJ . -16.09 -101.07 52.89
CBA CLA LJ . -16.18 -100.97 54.40
CGA CLA LJ . -15.70 -99.65 54.88
O1A CLA LJ . -16.33 -98.61 55.04
O2A CLA LJ . -14.37 -99.64 55.18
NB CLA LJ . -17.05 -98.78 47.08
C1B CLA LJ . -15.75 -98.83 47.43
C2B CLA LJ . -14.90 -98.73 46.21
C3B CLA LJ . -15.74 -98.60 45.15
C4B CLA LJ . -17.12 -98.65 45.67
CMB CLA LJ . -13.45 -98.77 46.26
CAB CLA LJ . -15.50 -98.47 43.73
CBB CLA LJ . -14.84 -99.34 42.97
NC CLA LJ . -19.89 -99.13 46.68
C1C CLA LJ . -19.54 -98.79 45.41
C2C CLA LJ . -20.72 -98.70 44.57
C3C CLA LJ . -21.80 -99.02 45.38
C4C CLA LJ . -21.27 -99.28 46.71
CMC CLA LJ . -20.67 -98.33 43.16
CAC CLA LJ . -23.23 -99.04 45.04
CBC CLA LJ . -23.66 -100.20 44.16
ND CLA LJ . -20.16 -99.86 49.38
C1D CLA LJ . -21.53 -99.91 49.07
C2D CLA LJ . -22.28 -100.27 50.28
C3D CLA LJ . -21.34 -100.39 51.29
C4D CLA LJ . -20.04 -100.08 50.69
CMD CLA LJ . -23.72 -100.48 50.34
CAD CLA LJ . -21.13 -100.68 52.68
OBD CLA LJ . -21.93 -101.03 53.54
CBD CLA LJ . -19.62 -100.44 52.96
CGD CLA LJ . -19.42 -99.47 54.08
O1D CLA LJ . -19.11 -99.74 55.24
O2D CLA LJ . -19.63 -98.19 53.74
CED CLA LJ . -19.97 -97.31 54.81
MG CLA MJ . -29.42 -87.55 54.00
CHA CLA MJ . -26.94 -85.94 55.74
CHB CLA MJ . -31.73 -86.32 56.16
CHC CLA MJ . -31.84 -89.25 52.29
CHD CLA MJ . -27.01 -88.73 51.71
NA CLA MJ . -29.31 -86.32 55.67
C1A CLA MJ . -28.18 -85.74 56.27
C2A CLA MJ . -28.58 -84.91 57.50
C3A CLA MJ . -30.12 -84.98 57.49
C4A CLA MJ . -30.42 -85.94 56.37
CMA CLA MJ . -30.74 -85.47 58.75
CAA CLA MJ . -28.19 -83.44 57.49
CBA CLA MJ . -28.20 -82.84 58.87
CGA CLA MJ . -26.94 -82.11 59.18
O1A CLA MJ . -26.64 -81.51 60.20
O2A CLA MJ . -26.04 -82.11 58.16
NB CLA MJ . -31.39 -87.83 54.25
C1B CLA MJ . -32.15 -87.17 55.14
C2B CLA MJ . -33.57 -87.46 54.89
C3B CLA MJ . -33.62 -88.28 53.80
C4B CLA MJ . -32.23 -88.51 53.37
CMB CLA MJ . -34.63 -86.86 55.69
CAB CLA MJ . -34.74 -88.81 53.09
CBB CLA MJ . -35.73 -89.50 53.64
NC CLA MJ . -29.42 -88.76 52.31
C1C CLA MJ . -30.52 -89.36 51.79
C2C CLA MJ . -30.15 -90.13 50.61
C3C CLA MJ . -28.79 -89.98 50.44
C4C CLA MJ . -28.34 -89.12 51.51
CMC CLA MJ . -31.09 -90.90 49.79
CAC CLA MJ . -27.98 -90.57 49.38
CBC CLA MJ . -27.80 -89.61 48.23
ND CLA MJ . -27.46 -87.30 53.66
C1D CLA MJ . -26.59 -87.91 52.71
C2D CLA MJ . -25.22 -87.47 53.01
C3D CLA MJ . -25.29 -86.73 54.16
C4D CLA MJ . -26.71 -86.67 54.53
CMD CLA MJ . -24.05 -87.82 52.21
CAD CLA MJ . -24.57 -85.92 55.10
OBD CLA MJ . -23.41 -85.56 55.06
CBD CLA MJ . -25.57 -85.52 56.20
CGD CLA MJ . -25.33 -86.20 57.50
O1D CLA MJ . -25.26 -85.71 58.62
O2D CLA MJ . -25.23 -87.55 57.39
CED CLA MJ . -25.33 -88.30 58.60
C1 CLA MJ . -24.71 -82.53 58.48
C2 CLA MJ . -23.87 -81.33 58.65
C3 CLA MJ . -22.93 -81.27 59.60
C4 CLA MJ . -22.67 -82.38 60.55
C5 CLA MJ . -22.11 -80.06 59.75
C6 CLA MJ . -22.33 -79.40 61.09
C7 CLA MJ . -21.47 -78.17 61.24
C8 CLA MJ . -20.19 -78.41 62.01
C9 CLA MJ . -19.91 -77.25 62.94
C10 CLA MJ . -19.00 -78.61 61.08
C11 CLA MJ . -17.77 -79.08 61.81
C12 CLA MJ . -17.33 -80.45 61.36
C13 CLA MJ . -15.87 -80.73 61.70
C14 CLA MJ . -15.63 -80.63 63.19
C15 CLA MJ . -14.93 -79.80 60.94
C16 CLA MJ . -13.77 -80.57 60.34
C17 CLA MJ . -13.14 -79.84 59.18
C18 CLA MJ . -11.95 -78.99 59.62
C19 CLA MJ . -11.45 -78.12 58.48
C20 CLA MJ . -10.83 -79.87 60.12
MG CLA NJ . -40.78 -90.88 52.54
CHA CLA NJ . -40.82 -88.44 54.98
CHB CLA NJ . -38.80 -88.92 50.62
CHC CLA NJ . -41.29 -92.98 49.88
CHD CLA NJ . -43.10 -92.74 54.40
NA CLA NJ . -39.87 -89.04 52.84
C1A CLA NJ . -40.01 -88.14 53.91
C2A CLA NJ . -39.18 -86.88 53.60
C3A CLA NJ . -38.24 -87.34 52.46
C4A CLA NJ . -39.03 -88.51 51.90
CMA CLA NJ . -38.04 -86.26 51.44
CAA CLA NJ . -38.36 -86.16 54.66
CBA CLA NJ . -39.05 -84.85 54.98
CGA CLA NJ . -38.38 -84.15 56.10
O1A CLA NJ . -38.85 -83.81 57.20
O2A CLA NJ . -37.08 -83.83 55.83
NB CLA NJ . -40.10 -90.98 50.65
C1B CLA NJ . -39.43 -90.00 50.01
C2B CLA NJ . -39.39 -90.25 48.55
C3B CLA NJ . -40.09 -91.40 48.35
C4B CLA NJ . -40.54 -91.87 49.67
CMB CLA NJ . -38.72 -89.37 47.60
CAB CLA NJ . -40.40 -92.10 47.14
CBB CLA NJ . -39.48 -92.69 46.38
NC CLA NJ . -41.86 -92.64 52.27
C1C CLA NJ . -41.88 -93.35 51.12
C2C CLA NJ . -42.74 -94.51 51.26
C3C CLA NJ . -43.31 -94.41 52.51
C4C CLA NJ . -42.76 -93.24 53.14
CMC CLA NJ . -42.97 -95.48 50.21
CAC CLA NJ . -44.27 -95.36 53.09
CBC CLA NJ . -43.56 -96.47 53.82
ND CLA NJ . -41.60 -90.81 54.37
C1D CLA NJ . -42.60 -91.60 54.97
C2D CLA NJ . -42.95 -91.01 56.26
C3D CLA NJ . -42.28 -89.82 56.33
C4D CLA NJ . -41.48 -89.70 55.09
CMD CLA NJ . -43.89 -91.58 57.20
CAD CLA NJ . -42.01 -88.66 57.13
OBD CLA NJ . -42.34 -88.40 58.27
CBD CLA NJ . -41.19 -87.70 56.25
CGD CLA NJ . -41.99 -86.49 55.97
O1D CLA NJ . -42.18 -85.53 56.72
O2D CLA NJ . -42.56 -86.49 54.74
CED CLA NJ . -43.34 -85.36 54.37
MG CLA OJ . -43.71 -108.09 47.35
CHA CLA OJ . -45.73 -109.93 45.23
CHB CLA OJ . -45.83 -105.46 47.08
CHC CLA OJ . -41.88 -106.46 49.74
CHD CLA OJ . -41.62 -110.91 47.71
NA CLA OJ . -45.45 -107.76 46.28
C1A CLA OJ . -46.17 -108.66 45.47
C2A CLA OJ . -47.42 -108.00 44.93
C3A CLA OJ . -47.20 -106.51 45.25
C4A CLA OJ . -46.11 -106.57 46.30
CMA CLA OJ . -46.78 -105.75 44.02
CAA CLA OJ . -48.53 -108.38 45.88
CBA CLA OJ . -49.46 -109.47 45.40
CGA CLA OJ . -50.39 -109.82 46.52
O1A CLA OJ . -51.58 -110.15 46.46
O2A CLA OJ . -49.80 -109.74 47.75
NB CLA OJ . -43.82 -106.29 48.22
C1B CLA OJ . -44.80 -105.39 48.04
C2B CLA OJ . -44.64 -104.26 48.98
C3B CLA OJ . -43.53 -104.52 49.73
C4B CLA OJ . -42.98 -105.83 49.25
CMB CLA OJ . -45.55 -103.12 49.02
CAB CLA OJ . -42.92 -103.77 50.79
CBB CLA OJ . -41.74 -103.14 50.69
NC CLA OJ . -42.01 -108.57 48.45
C1C CLA OJ . -41.42 -107.74 49.36
C2C CLA OJ . -40.27 -108.39 49.95
C3C CLA OJ . -40.21 -109.67 49.41
C4C CLA OJ . -41.32 -109.78 48.47
CMC CLA OJ . -39.41 -107.77 50.96
CAC CLA OJ . -39.25 -110.75 49.71
CBC CLA OJ . -37.92 -110.56 49.03
ND CLA OJ . -43.56 -109.94 46.57
C1D CLA OJ . -42.66 -111.00 46.82
C2D CLA OJ . -43.04 -112.15 45.99
C3D CLA OJ . -44.19 -111.79 45.32
C4D CLA OJ . -44.49 -110.41 45.76
CMD CLA OJ . -42.29 -113.40 45.94
CAD CLA OJ . -45.21 -112.18 44.37
OBD CLA OJ . -45.27 -113.17 43.67
CBD CLA OJ . -46.27 -111.04 44.36
CGD CLA OJ . -46.55 -110.58 42.96
O1D CLA OJ . -47.46 -110.94 42.22
O2D CLA OJ . -45.68 -109.65 42.52
CED CLA OJ . -46.20 -108.68 41.61
C A86 PJ . -34.32 -90.95 47.54
O A86 PJ . -42.15 -101.94 48.04
C1 A86 PJ . -34.81 -90.51 48.96
C10 A86 PJ . -40.20 -99.04 48.62
C11 A86 PJ . -41.38 -99.86 48.75
C12 A86 PJ . -42.46 -99.55 49.75
C13 A86 PJ . -41.48 -101.01 47.81
C14 A86 PJ . -40.60 -100.86 46.39
C15 A86 PJ . -41.46 -100.93 45.10
C16 A86 PJ . -42.55 -99.89 44.87
C17 A86 PJ . -43.94 -100.34 45.31
C18 A86 PJ . -44.33 -101.58 44.62
C19 A86 PJ . -43.35 -102.73 45.02
C2 A86 PJ . -35.68 -91.33 49.71
C20 A86 PJ . -41.84 -102.31 44.67
C21 A86 PJ . -41.00 -103.47 45.33
C22 A86 PJ . -42.60 -99.56 43.34
C23 A86 PJ . -42.22 -98.56 45.52
C24 A86 PJ . -34.39 -89.20 49.53
C25 A86 PJ . -33.90 -88.18 48.67
C26 A86 PJ . -33.49 -86.75 49.35
C27 A86 PJ . -32.14 -86.35 49.44
C28 A86 PJ . -31.07 -87.23 48.94
C29 A86 PJ . -31.83 -84.94 50.12
C3 A86 PJ . -36.13 -92.60 49.16
C30 A86 PJ . -30.51 -84.34 49.99
C31 A86 PJ . -29.22 -83.74 49.87
C32 A86 PJ . -28.62 -83.42 48.49
C33 A86 PJ . -27.16 -82.96 48.46
C34 A86 PJ . -26.23 -83.63 49.49
C35 A86 PJ . -26.79 -83.59 50.92
C36 A86 PJ . -28.28 -83.96 51.06
C37 A86 PJ . -28.37 -85.45 51.36
C38 A86 PJ . -24.78 -85.07 48.33
C39 A86 PJ . -23.40 -84.97 49.02
C4 A86 PJ . -36.94 -93.43 49.93
C40 A86 PJ . -28.80 -84.64 47.54
C41 A86 PJ . -29.46 -82.27 47.89
C5 A86 PJ . -37.46 -94.85 49.27
C6 A86 PJ . -38.24 -95.75 49.99
C7 A86 PJ . -38.66 -95.47 51.50
C8 A86 PJ . -38.69 -97.09 49.21
C9 A86 PJ . -39.93 -97.80 49.50
O1 A86 PJ . -40.80 -101.56 43.93
O2 A86 PJ . -45.64 -101.92 45.00
O3 A86 PJ . -28.80 -83.26 52.16
O4 A86 PJ . -25.97 -84.96 49.13
O5 A86 PJ . -24.86 -85.21 47.17
C A86 QJ . -32.54 -105.88 53.05
O A86 QJ . -27.93 -100.87 41.26
C1 A86 QJ . -31.30 -105.31 53.79
C10 A86 QJ . -28.80 -101.80 44.58
C11 A86 QJ . -28.07 -101.06 43.58
C12 A86 QJ . -26.82 -100.31 43.92
C13 A86 QJ . -28.60 -101.09 42.20
C14 A86 QJ . -30.23 -101.45 42.05
C15 A86 QJ . -30.76 -101.81 40.62
C16 A86 QJ . -30.25 -103.06 39.92
C17 A86 QJ . -29.29 -102.85 38.76
C18 A86 QJ . -29.88 -101.96 37.77
C19 A86 QJ . -30.04 -100.54 38.43
C2 A86 QJ . -30.30 -104.63 53.08
C20 A86 QJ . -31.04 -100.69 39.69
C21 A86 QJ . -30.98 -99.27 40.35
C22 A86 QJ . -31.55 -103.74 39.39
C23 A86 QJ . -29.62 -104.08 40.86
C24 A86 QJ . -31.22 -105.48 55.29
C25 A86 QJ . -32.11 -106.36 55.95
C26 A86 QJ . -32.04 -106.53 57.58
C27 A86 QJ . -31.06 -107.35 58.18
C28 A86 QJ . -30.08 -108.09 57.36
C29 A86 QJ . -30.97 -107.51 59.77
C3 A86 QJ . -30.46 -104.46 51.64
C30 A86 QJ . -32.13 -107.80 60.60
C31 A86 QJ . -33.23 -108.10 61.46
C32 A86 QJ . -33.63 -109.56 61.75
C33 A86 QJ . -35.12 -109.84 61.96
C34 A86 QJ . -35.90 -108.70 62.64
C35 A86 QJ . -35.59 -107.33 62.02
C36 A86 QJ . -34.09 -107.02 62.14
C37 A86 QJ . -33.79 -105.67 61.47
C38 A86 QJ . -37.78 -109.82 63.55
C39 A86 QJ . -38.67 -111.05 63.22
C4 A86 QJ . -29.45 -103.84 50.90
C40 A86 QJ . -32.84 -110.04 62.99
C41 A86 QJ . -33.15 -110.40 60.53
C5 A86 QJ . -29.71 -103.67 49.27
C6 A86 QJ . -28.95 -102.75 48.54
C7 A86 QJ . -27.83 -101.87 49.25
C8 A86 QJ . -29.24 -102.60 46.96
C9 A86 QJ . -28.36 -101.86 46.06
O1 A86 QJ . -32.14 -101.35 40.41
O2 A86 QJ . -29.06 -101.88 36.64
O3 A86 QJ . -33.76 -106.92 63.50
O4 A86 QJ . -37.27 -108.98 62.49
O5 A86 QJ . -37.51 -109.57 64.67
C A86 RJ . -39.03 -112.50 53.81
O A86 RJ . -40.73 -99.39 57.07
C1 A86 RJ . -40.19 -112.25 52.81
C10 A86 RJ . -41.21 -102.87 56.54
C11 A86 RJ . -40.88 -101.52 56.12
C12 A86 RJ . -40.96 -101.15 54.67
C13 A86 RJ . -40.44 -100.52 57.14
C14 A86 RJ . -39.43 -101.09 58.35
C15 A86 RJ . -39.60 -100.55 59.82
C16 A86 RJ . -40.86 -100.88 60.61
C17 A86 RJ . -41.79 -99.70 60.96
C18 A86 RJ . -41.05 -98.62 61.59
C19 A86 RJ . -40.07 -98.05 60.52
C2 A86 RJ . -40.98 -111.08 52.85
C20 A86 RJ . -39.03 -99.21 60.16
C21 A86 RJ . -38.19 -98.56 58.99
C22 A86 RJ . -40.36 -101.47 61.94
C23 A86 RJ . -41.70 -101.98 59.99
C24 A86 RJ . -40.50 -113.22 51.70
C25 A86 RJ . -40.15 -114.60 51.65
C26 A86 RJ . -40.64 -115.33 50.27
C27 A86 RJ . -41.93 -115.88 50.12
C28 A86 RJ . -42.90 -115.86 51.23
C29 A86 RJ . -42.33 -116.55 48.71
C3 A86 RJ . -40.77 -110.03 53.85
C30 A86 RJ . -42.02 -117.94 48.41
C31 A86 RJ . -41.75 -119.30 48.07
C32 A86 RJ . -41.97 -120.45 49.09
C33 A86 RJ . -41.70 -121.89 48.61
C34 A86 RJ . -40.71 -122.11 47.44
C35 A86 RJ . -40.09 -120.82 46.86
C36 A86 RJ . -41.15 -119.72 46.71
C37 A86 RJ . -40.48 -118.48 46.08
C38 A86 RJ . -38.50 -122.58 48.45
C39 A86 RJ . -37.12 -122.84 47.78
C4 A86 RJ . -41.71 -109.00 53.99
C40 A86 RJ . -41.13 -120.16 50.37
C41 A86 RJ . -43.46 -120.39 49.50
C5 A86 RJ . -41.41 -107.81 55.09
C6 A86 RJ . -41.87 -106.51 54.80
C7 A86 RJ . -42.67 -106.23 53.46
C8 A86 RJ . -41.52 -105.33 55.85
C9 A86 RJ . -41.61 -103.91 55.47
O1 A86 RJ . -38.29 -100.45 60.49
O2 A86 RJ . -41.94 -97.59 61.99
O3 A86 RJ . -42.17 -120.16 45.86
O4 A86 RJ . -39.71 -123.05 47.80
O5 A86 RJ . -38.54 -122.02 49.48
C A86 SJ . -26.27 -112.27 53.71
O A86 SJ . -32.64 -114.07 42.37
C1 A86 SJ . -25.44 -111.05 53.22
C10 A86 SJ . -30.78 -112.84 44.96
C11 A86 SJ . -31.94 -112.71 44.11
C12 A86 SJ . -32.53 -111.36 43.80
C13 A86 SJ . -32.51 -113.96 43.54
C14 A86 SJ . -32.92 -115.19 44.59
C15 A86 SJ . -33.03 -116.63 43.96
C16 A86 SJ . -31.79 -117.27 43.35
C17 A86 SJ . -31.68 -117.16 41.82
C18 A86 SJ . -32.86 -117.72 41.18
C19 A86 SJ . -34.14 -116.90 41.59
C2 A86 SJ . -25.52 -110.60 51.89
C20 A86 SJ . -34.29 -116.91 43.20
C21 A86 SJ . -35.46 -115.90 43.46
C22 A86 SJ . -31.81 -118.78 43.73
C23 A86 SJ . -30.50 -116.74 43.95
C24 A86 SJ . -24.51 -110.30 54.14
C25 A86 SJ . -23.23 -110.86 54.39
C26 A86 SJ . -22.19 -110.06 55.37
C27 A86 SJ . -22.19 -110.30 56.76
C28 A86 SJ . -23.13 -111.28 57.37
C29 A86 SJ . -21.15 -109.47 57.65
C3 A86 SJ . -26.40 -111.29 50.94
C30 A86 SJ . -20.87 -109.90 59.02
C31 A86 SJ . -20.59 -110.33 60.36
C32 A86 SJ . -19.25 -111.01 60.71
C33 A86 SJ . -19.28 -112.04 61.85
C34 A86 SJ . -20.25 -111.69 63.00
C35 A86 SJ . -21.64 -111.29 62.49
C36 A86 SJ . -21.57 -110.10 61.52
C37 A86 SJ . -22.97 -109.87 60.92
C38 A86 SJ . -19.86 -112.67 65.15
C39 A86 SJ . -20.53 -113.42 66.34
C4 A86 SJ . -26.64 -110.72 49.68
C40 A86 SJ . -18.22 -109.91 61.05
C41 A86 SJ . -18.78 -111.74 59.41
C5 A86 SJ . -27.61 -111.57 48.66
C6 A86 SJ . -28.31 -110.98 47.60
C7 A86 SJ . -28.21 -109.43 47.26
C8 A86 SJ . -29.19 -112.00 46.72
C9 A86 SJ . -30.09 -111.62 45.63
O1 A86 SJ . -34.08 -117.48 44.56
O2 A86 SJ . -32.70 -117.65 39.77
O3 A86 SJ . -21.19 -108.95 62.24
O4 A86 SJ . -20.39 -112.83 63.81
O5 A86 SJ . -18.94 -111.97 65.33
C A86 TJ . -23.70 -89.61 33.77
O A86 TJ . -24.36 -95.71 45.59
C1 A86 TJ . -23.42 -90.90 32.95
C10 A86 TJ . -24.08 -94.92 42.12
C11 A86 TJ . -24.45 -95.72 43.26
C12 A86 TJ . -25.09 -97.07 43.11
C13 A86 TJ . -24.16 -95.13 44.59
C14 A86 TJ . -23.56 -93.57 44.58
C15 A86 TJ . -23.31 -92.85 45.95
C16 A86 TJ . -22.19 -93.33 46.85
C17 A86 TJ . -22.59 -94.07 48.12
C18 A86 TJ . -23.57 -93.27 48.86
C19 A86 TJ . -24.87 -93.26 48.01
C2 A86 TJ . -23.16 -92.14 33.60
C20 A86 TJ . -24.53 -92.40 46.69
C21 A86 TJ . -25.90 -92.46 45.90
C22 A86 TJ . -21.42 -92.05 47.28
C23 A86 TJ . -21.17 -94.17 46.10
C24 A86 TJ . -23.45 -90.91 31.45
C25 A86 TJ . -22.44 -91.69 30.84
C26 A86 TJ . -22.29 -91.85 29.22
C27 A86 TJ . -21.87 -90.83 28.33
C28 A86 TJ . -21.53 -89.47 28.79
C29 A86 TJ . -21.79 -91.24 26.79
C3 A86 TJ . -23.15 -92.18 35.05
C30 A86 TJ . -21.92 -90.21 25.76
C31 A86 TJ . -22.03 -89.25 24.73
C32 A86 TJ . -20.78 -88.84 23.92
C33 A86 TJ . -20.97 -87.57 23.09
C34 A86 TJ . -22.27 -87.54 22.29
C35 A86 TJ . -23.49 -87.75 23.21
C36 A86 TJ . -23.39 -89.04 24.03
C37 A86 TJ . -24.46 -89.00 25.15
C38 A86 TJ . -22.46 -86.25 20.28
C39 A86 TJ . -21.39 -86.97 19.44
C4 A86 TJ . -23.57 -93.34 35.72
C40 A86 TJ . -20.38 -90.00 22.98
C41 A86 TJ . -19.63 -88.60 24.92
C5 A86 TJ . -23.54 -93.36 37.37
C6 A86 TJ . -24.21 -94.35 38.11
C7 A86 TJ . -25.03 -95.52 37.40
C8 A86 TJ . -24.09 -94.23 39.70
C9 A86 TJ . -24.28 -95.33 40.64
O1 A86 TJ . -23.71 -91.43 45.93
O2 A86 TJ . -23.86 -93.82 50.12
O3 A86 TJ . -23.66 -90.12 23.20
O4 A86 TJ . -22.38 -86.27 21.72
O5 A86 TJ . -23.34 -85.69 19.74
C A86 UJ . -41.50 -88.14 45.76
O A86 UJ . -43.70 -98.39 39.20
C1 A86 UJ . -42.18 -88.75 47.01
C10 A86 UJ . -45.00 -96.71 41.71
C11 A86 UJ . -44.42 -96.55 40.40
C12 A86 UJ . -43.65 -95.30 40.08
C13 A86 UJ . -44.57 -97.62 39.37
C14 A86 UJ . -45.96 -97.72 38.44
C15 A86 UJ . -45.78 -96.67 37.28
C16 A86 UJ . -46.90 -95.63 37.11
C17 A86 UJ . -47.30 -95.12 35.71
C18 A86 UJ . -46.47 -95.53 34.58
C19 A86 UJ . -46.12 -97.05 34.72
C2 A86 UJ . -42.83 -90.00 46.94
C20 A86 UJ . -45.17 -97.12 36.01
C21 A86 UJ . -44.72 -98.64 36.03
C22 A86 UJ . -48.22 -96.12 37.78
C23 A86 UJ . -46.48 -94.40 37.88
C24 A86 UJ . -42.16 -88.03 48.34
C25 A86 UJ . -41.81 -86.66 48.42
C26 A86 UJ . -41.80 -85.95 49.90
C27 A86 UJ . -40.90 -84.89 50.16
C28 A86 UJ . -39.97 -84.44 49.11
C29 A86 UJ . -40.89 -84.20 51.60
C3 A86 UJ . -42.91 -90.79 45.71
C30 A86 UJ . -40.32 -82.86 51.76
C31 A86 UJ . -39.77 -81.55 51.91
C32 A86 UJ . -38.24 -81.34 51.79
C33 A86 UJ . -37.67 -79.97 52.19
C34 A86 UJ . -38.63 -78.82 51.95
C35 A86 UJ . -40.04 -79.03 52.54
C36 A86 UJ . -40.55 -80.49 52.71
C37 A86 UJ . -40.58 -80.86 54.21
C38 A86 UJ . -38.72 -76.44 52.44
C39 A86 UJ . -38.85 -75.78 51.04
C4 A86 UJ . -43.53 -92.04 45.80
C40 A86 UJ . -37.55 -82.40 52.68
C41 A86 UJ . -37.83 -81.60 50.33
C5 A86 UJ . -43.72 -93.08 44.51
C6 A86 UJ . -43.53 -94.43 44.80
C7 A86 UJ . -43.14 -94.85 46.30
C8 A86 UJ . -43.68 -95.58 43.68
C9 A86 UJ . -44.83 -95.60 42.77
O1 A86 UJ . -44.35 -96.44 37.02
O2 A86 UJ . -47.14 -95.30 33.38
O3 A86 UJ . -41.86 -80.54 52.24
O4 A86 UJ . -38.03 -77.70 52.58
O5 A86 UJ . -39.18 -75.92 53.40
C A86 VJ . -52.27 -91.19 44.03
O A86 VJ . -57.91 -84.71 54.22
C1 A86 VJ . -53.56 -91.93 43.60
C10 A86 VJ . -57.24 -86.74 51.35
C11 A86 VJ . -58.03 -85.87 52.19
C12 A86 VJ . -59.43 -85.50 51.85
C13 A86 VJ . -57.35 -85.37 53.41
C14 A86 VJ . -55.74 -85.80 53.59
C15 A86 VJ . -54.95 -85.23 54.82
C16 A86 VJ . -55.28 -85.73 56.21
C17 A86 VJ . -56.00 -84.76 57.14
C18 A86 VJ . -55.28 -83.50 57.18
C19 A86 VJ . -55.41 -82.84 55.78
C2 A86 VJ . -54.73 -91.88 44.38
C20 A86 VJ . -54.59 -83.78 54.77
C21 A86 VJ . -54.81 -83.05 53.39
C22 A86 VJ . -53.92 -86.08 56.88
C23 A86 VJ . -56.06 -87.04 56.19
C24 A86 VJ . -53.63 -92.71 42.31
C25 A86 VJ . -54.33 -93.94 42.40
C26 A86 VJ . -54.55 -94.94 41.12
C27 A86 VJ . -53.53 -95.69 40.49
C28 A86 VJ . -52.12 -95.67 40.94
C29 A86 VJ . -53.98 -96.61 39.27
C3 A86 VJ . -54.72 -91.12 45.63
C30 A86 VJ . -53.02 -96.99 38.25
C31 A86 VJ . -52.12 -97.39 37.23
C32 A86 VJ . -51.62 -98.84 37.17
C33 A86 VJ . -50.41 -99.06 36.25
C34 A86 VJ . -50.55 -98.37 34.89
C35 A86 VJ . -50.82 -96.87 35.05
C36 A86 VJ . -52.06 -96.60 35.90
C37 A86 VJ . -52.09 -95.10 36.28
C38 A86 VJ . -49.35 -99.20 32.98
C39 A86 VJ . -50.02 -100.60 32.90
C4 A86 VJ . -55.88 -90.50 46.06
C40 A86 VJ . -52.78 -99.76 36.69
C41 A86 VJ . -51.24 -99.26 38.60
C5 A86 VJ . -55.84 -89.63 47.48
C6 A86 VJ . -56.85 -88.74 47.84
C7 A86 VJ . -58.12 -88.49 46.92
C8 A86 VJ . -56.65 -87.99 49.24
C9 A86 VJ . -57.73 -87.39 50.02
O1 A86 VJ . -53.57 -84.82 54.47
O2 A86 VJ . -55.79 -82.62 58.14
O3 A86 VJ . -53.21 -96.87 35.15
O4 A86 VJ . -49.31 -98.51 34.24
O5 A86 VJ . -48.90 -98.72 32.02
MG CLA WJ . -44.38 -95.11 60.96
CHA CLA WJ . -42.19 -92.47 60.44
CHB CLA WJ . -45.49 -93.65 63.80
CHC CLA WJ . -46.44 -97.78 61.44
CHD CLA WJ . -42.98 -96.74 58.15
NA CLA WJ . -43.92 -93.33 61.92
C1A CLA WJ . -42.99 -92.35 61.55
C2A CLA WJ . -42.99 -91.21 62.58
C3A CLA WJ . -44.12 -91.58 63.54
C4A CLA WJ . -44.54 -92.95 63.07
CMA CLA WJ . -43.64 -91.55 64.96
CAA CLA WJ . -43.36 -89.85 62.04
CBA CLA WJ . -44.66 -89.94 61.27
CGA CLA WJ . -44.79 -88.71 60.44
O1A CLA WJ . -44.72 -87.52 60.79
O2A CLA WJ . -45.04 -89.01 59.14
NB CLA WJ . -45.75 -95.60 62.33
C1B CLA WJ . -45.99 -94.92 63.47
C2B CLA WJ . -46.90 -95.70 64.34
C3B CLA WJ . -47.16 -96.88 63.70
C4B CLA WJ . -46.45 -96.82 62.39
CMB CLA WJ . -47.35 -95.22 65.64
CAB CLA WJ . -48.02 -97.95 64.13
CBB CLA WJ . -47.75 -99.25 64.21
NC CLA WJ . -44.70 -96.89 59.94
C1C CLA WJ . -45.63 -97.82 60.29
C2C CLA WJ . -45.65 -98.90 59.34
C3C CLA WJ . -44.60 -98.66 58.46
C4C CLA WJ . -44.00 -97.40 58.84
CMC CLA WJ . -46.56 -100.02 59.38
CAC CLA WJ . -44.23 -99.49 57.32
CBC CLA WJ . -44.98 -99.07 56.08
ND CLA WJ . -42.97 -94.74 59.56
C1D CLA WJ . -42.50 -95.50 58.47
C2D CLA WJ . -41.47 -94.73 57.77
C3D CLA WJ . -41.31 -93.56 58.48
C4D CLA WJ . -42.25 -93.63 59.61
CMD CLA WJ . -40.81 -95.17 56.55
CAD CLA WJ . -40.59 -92.32 58.57
OBD CLA WJ . -39.72 -91.88 57.86
CBD CLA WJ . -41.14 -91.59 59.82
CGD CLA WJ . -40.01 -91.26 60.76
O1D CLA WJ . -39.04 -91.96 61.01
O2D CLA WJ . -40.12 -90.04 61.35
CED CLA WJ . -39.35 -89.81 62.53
C1 CLA WJ . -45.90 -88.09 58.42
C2 CLA WJ . -46.35 -88.85 57.23
C3 CLA WJ . -46.65 -88.26 56.07
C4 CLA WJ . -46.51 -86.81 55.85
C5 CLA WJ . -47.09 -89.07 54.91
C6 CLA WJ . -46.15 -88.86 53.75
C7 CLA WJ . -46.13 -90.05 52.85
C8 CLA WJ . -44.80 -90.19 52.12
C9 CLA WJ . -44.42 -88.91 51.43
C10 CLA WJ . -44.86 -91.33 51.12
C11 CLA WJ . -45.95 -91.12 50.10
C12 CLA WJ . -46.52 -92.45 49.64
C13 CLA WJ . -47.28 -92.30 48.33
C14 CLA WJ . -48.33 -91.21 48.43
C15 CLA WJ . -47.92 -93.63 47.95
C16 CLA WJ . -47.57 -94.07 46.55
C17 CLA WJ . -48.46 -93.44 45.50
C18 CLA WJ . -48.31 -94.12 44.14
C19 CLA WJ . -48.62 -95.59 44.21
C20 CLA WJ . -49.23 -93.45 43.13
MG CLA XJ . -64.41 -71.09 64.92
CHA CLA XJ . -63.35 -69.04 67.45
CHB CLA XJ . -64.35 -73.79 67.02
CHC CLA XJ . -65.48 -73.03 62.33
CHD CLA XJ . -64.77 -68.21 62.86
NA CLA XJ . -63.89 -71.34 66.92
C1A CLA XJ . -63.48 -70.35 67.82
C2A CLA XJ . -63.22 -70.96 69.19
C3A CLA XJ . -63.45 -72.46 68.96
C4A CLA XJ . -63.94 -72.56 67.53
CMA CLA XJ . -62.15 -73.19 69.09
CAA CLA XJ . -64.17 -70.44 70.27
CBA CLA XJ . -64.88 -71.50 71.07
CGA CLA XJ . -66.34 -71.26 70.94
O1A CLA XJ . -66.99 -70.26 71.26
O2A CLA XJ . -66.99 -72.30 70.35
NB CLA XJ . -64.83 -73.04 64.71
C1B CLA XJ . -64.77 -73.98 65.69
C2B CLA XJ . -65.12 -75.30 65.11
C3B CLA XJ . -65.44 -75.09 63.80
C4B CLA XJ . -65.25 -73.64 63.53
CMB CLA XJ . -65.14 -76.52 65.91
CAB CLA XJ . -65.87 -75.97 62.77
CBB CLA XJ . -65.22 -77.06 62.38
NC CLA XJ . -64.97 -70.69 62.96
C1C CLA XJ . -65.35 -71.64 62.06
C2C CLA XJ . -65.64 -71.01 60.78
C3C CLA XJ . -65.49 -69.64 60.96
C4C CLA XJ . -65.08 -69.45 62.33
CMC CLA XJ . -66.06 -71.67 59.57
CAC CLA XJ . -65.67 -68.61 59.95
CBC CLA XJ . -67.04 -67.98 60.01
ND CLA XJ . -64.08 -69.11 65.02
C1D CLA XJ . -64.28 -68.04 64.12
C2D CLA XJ . -63.86 -66.78 64.73
C3D CLA XJ . -63.43 -67.12 65.98
C4D CLA XJ . -63.63 -68.56 66.14
CMD CLA XJ . -63.86 -65.48 64.07
CAD CLA XJ . -62.90 -66.62 67.22
OBD CLA XJ . -62.53 -65.49 67.52
CBD CLA XJ . -62.87 -67.82 68.20
CGD CLA XJ . -61.48 -68.09 68.66
O1D CLA XJ . -60.54 -68.52 67.99
O2D CLA XJ . -61.29 -67.86 69.97
CED CLA XJ . -60.09 -67.18 70.32
C1 CLA XJ . -67.15 -72.17 68.94
C2 CLA XJ . -67.83 -73.38 68.43
C3 CLA XJ . -68.16 -73.48 67.13
C4 CLA XJ . -67.86 -72.39 66.18
C5 CLA XJ . -68.85 -74.67 66.60
C6 CLA XJ . -70.19 -74.26 66.04
C7 CLA XJ . -70.72 -75.30 65.08
C8 CLA XJ . -72.24 -75.41 65.15
C9 CLA XJ . -72.68 -75.87 66.52
C10 CLA XJ . -72.75 -76.38 64.11
C11 CLA XJ . -73.74 -75.69 63.20
C12 CLA XJ . -73.03 -74.85 62.16
C13 CLA XJ . -74.01 -74.12 61.26
C14 CLA XJ . -75.01 -75.07 60.63
C15 CLA XJ . -73.25 -73.36 60.17
C16 CLA XJ . -74.17 -72.47 59.37
C17 CLA XJ . -73.52 -72.04 58.07
C18 CLA XJ . -73.28 -73.23 57.15
C19 CLA XJ . -72.42 -72.83 55.97
C20 CLA XJ . -74.60 -73.79 56.67
MG CLA YJ . -67.55 -81.90 61.19
CHA CLA YJ . -66.88 -82.83 64.45
CHB CLA YJ . -69.01 -79.06 62.28
CHC CLA YJ . -68.45 -81.15 57.96
CHD CLA YJ . -66.21 -84.95 60.07
NA CLA YJ . -67.83 -81.07 63.07
C1A CLA YJ . -67.49 -81.61 64.33
C2A CLA YJ . -67.92 -80.62 65.43
C3A CLA YJ . -68.38 -79.38 64.66
C4A CLA YJ . -68.42 -79.86 63.22
CMA CLA YJ . -69.74 -78.87 65.07
CAA CLA YJ . -66.84 -80.17 66.41
CBA CLA YJ . -67.41 -79.79 67.75
CGA CLA YJ . -67.29 -80.93 68.71
O1A CLA YJ . -67.99 -81.18 69.68
O2A CLA YJ . -66.24 -81.76 68.42
NB CLA YJ . -68.44 -80.34 60.28
C1B CLA YJ . -69.12 -79.37 60.92
C2B CLA YJ . -70.00 -78.64 59.98
C3B CLA YJ . -69.84 -79.23 58.76
C4B CLA YJ . -68.85 -80.31 58.94
CMB CLA YJ . -70.85 -77.53 60.41
CAB CLA YJ . -70.45 -78.99 57.48
CBB CLA YJ . -70.60 -77.80 56.89
NC CLA YJ . -67.29 -82.84 59.35
C1C CLA YJ . -67.70 -82.33 58.16
C2C CLA YJ . -67.34 -83.24 57.09
C3C CLA YJ . -66.77 -84.34 57.68
C4C CLA YJ . -66.73 -84.09 59.11
CMC CLA YJ . -67.61 -83.01 55.67
CAC CLA YJ . -66.26 -85.52 57.00
CBC CLA YJ . -64.79 -85.37 56.75
ND CLA YJ . -66.69 -83.52 61.99
C1D CLA YJ . -66.18 -84.69 61.41
C2D CLA YJ . -65.65 -85.56 62.47
C3D CLA YJ . -65.91 -84.91 63.66
C4D CLA YJ . -66.56 -83.64 63.31
CMD CLA YJ . -65.02 -86.84 62.23
CAD CLA YJ . -65.78 -84.95 65.10
OBD CLA YJ . -65.30 -85.81 65.82
CBD CLA YJ . -66.43 -83.65 65.63
CGD CLA YJ . -67.59 -83.94 66.53
O1D CLA YJ . -68.78 -83.71 66.30
O2D CLA YJ . -67.24 -84.51 67.70
CED CLA YJ . -68.19 -84.46 68.77
MG CLA ZJ . -58.42 -84.73 43.10
CHA CLA ZJ . -58.77 -86.59 40.23
CHB CLA ZJ . -61.02 -86.37 44.51
CHC CLA ZJ . -57.95 -82.92 45.98
CHD CLA ZJ . -55.63 -83.12 41.67
NA CLA ZJ . -59.68 -86.24 42.44
C1A CLA ZJ . -59.67 -86.89 41.21
C2A CLA ZJ . -60.77 -87.96 41.16
C3A CLA ZJ . -61.53 -87.74 42.48
C4A CLA ZJ . -60.68 -86.74 43.23
CMA CLA ZJ . -62.91 -87.17 42.23
CAA CLA ZJ . -60.36 -89.43 41.22
CBA CLA ZJ . -58.92 -89.89 41.18
CGA CLA ZJ . -58.13 -89.46 42.38
O1A CLA ZJ . -58.27 -89.79 43.55
O2A CLA ZJ . -57.18 -88.55 42.03
NB CLA ZJ . -59.35 -84.63 44.88
C1B CLA ZJ . -60.34 -85.44 45.30
C2B CLA ZJ . -60.65 -85.18 46.72
C3B CLA ZJ . -59.79 -84.19 47.13
C4B CLA ZJ . -58.94 -83.85 45.97
CMB CLA ZJ . -61.69 -85.90 47.44
CAB CLA ZJ . -59.60 -83.56 48.39
CBB CLA ZJ . -60.56 -82.93 49.09
NC CLA ZJ . -57.08 -83.25 43.69
C1C CLA ZJ . -57.08 -82.64 44.90
C2C CLA ZJ . -56.02 -81.66 44.96
C3C CLA ZJ . -55.33 -81.75 43.76
C4C CLA ZJ . -55.99 -82.75 42.97
CMC CLA ZJ . -55.75 -80.79 46.10
CAC CLA ZJ . -54.17 -80.96 43.36
CBC CLA ZJ . -52.88 -81.64 43.72
ND CLA ZJ . -57.40 -84.78 41.38
C1D CLA ZJ . -56.27 -84.08 40.92
C2D CLA ZJ . -55.95 -84.52 39.56
C3D CLA ZJ . -56.90 -85.45 39.22
C4D CLA ZJ . -57.76 -85.60 40.40
CMD CLA ZJ . -54.84 -83.99 38.78
CAD CLA ZJ . -57.38 -86.35 38.22
OBD CLA ZJ . -56.98 -86.53 37.07
CBD CLA ZJ . -58.59 -87.12 38.83
CGD CLA ZJ . -59.84 -86.85 38.06
O1D CLA ZJ . -60.76 -87.62 37.83
O2D CLA ZJ . -59.91 -85.58 37.59
CED CLA ZJ . -61.21 -84.99 37.54
C1 CLA ZJ . -55.94 -88.57 42.76
C2 CLA ZJ . -56.06 -87.51 43.78
C3 CLA ZJ . -55.05 -86.71 44.12
C4 CLA ZJ . -53.70 -86.79 43.52
C5 CLA ZJ . -55.26 -85.67 45.16
C6 CLA ZJ . -54.40 -85.88 46.37
C7 CLA ZJ . -54.84 -84.96 47.49
C8 CLA ZJ . -53.77 -84.86 48.55
C9 CLA ZJ . -53.47 -86.21 49.16
C10 CLA ZJ . -54.19 -83.90 49.64
C11 CLA ZJ . -53.00 -83.48 50.46
C12 CLA ZJ . -51.92 -82.83 49.62
C13 CLA ZJ . -51.21 -81.73 50.39
C14 CLA ZJ . -51.59 -80.37 49.85
C15 CLA ZJ . -49.69 -81.92 50.33
C16 CLA ZJ . -49.24 -83.27 50.87
C17 CLA ZJ . -47.76 -83.45 50.64
C18 CLA ZJ . -47.23 -84.79 51.13
C19 CLA ZJ . -45.71 -84.76 51.22
C20 CLA ZJ . -47.65 -85.90 50.20
MG CLA AK . -55.74 -98.05 43.13
CHA CLA AK . -52.73 -98.28 44.84
CHB CLA AK . -56.57 -95.32 44.94
CHC CLA AK . -58.71 -97.89 41.45
CHD CLA AK . -54.83 -100.84 41.18
NA CLA AK . -54.79 -97.00 44.67
C1A CLA AK . -53.55 -97.24 45.24
C2A CLA AK . -53.31 -96.21 46.37
C3A CLA AK . -54.50 -95.24 46.28
C4A CLA AK . -55.37 -95.91 45.24
CMA CLA AK . -55.23 -94.97 47.57
CAA CLA AK . -52.05 -95.39 46.27
CBA CLA AK . -51.18 -95.78 47.42
CGA CLA AK . -52.02 -95.85 48.66
O1A CLA AK . -52.40 -96.84 49.27
O2A CLA AK . -52.36 -94.61 49.12
NB CLA AK . -57.39 -96.93 43.29
C1B CLA AK . -57.43 -95.76 43.95
C2B CLA AK . -58.51 -94.91 43.45
C3B CLA AK . -59.14 -95.61 42.45
C4B CLA AK . -58.42 -96.91 42.34
CMB CLA AK . -58.71 -93.58 44.02
CAB CLA AK . -60.24 -95.28 41.58
CBB CLA AK . -60.60 -94.06 41.14
NC CLA AK . -56.61 -99.18 41.62
C1C CLA AK . -57.85 -98.97 41.13
C2C CLA AK . -58.19 -99.97 40.13
C3C CLA AK . -57.05 -100.77 39.97
C4C CLA AK . -56.08 -100.26 40.93
CMC CLA AK . -59.47 -100.00 39.44
CAC CLA AK . -56.83 -101.89 39.05
CBC CLA AK . -57.61 -103.16 39.32
ND CLA AK . -54.15 -99.25 42.92
C1D CLA AK . -53.94 -100.39 42.12
C2D CLA AK . -52.63 -100.95 42.45
C3D CLA AK . -52.10 -100.16 43.43
C4D CLA AK . -53.10 -99.12 43.73
CMD CLA AK . -52.08 -102.12 41.79
CAD CLA AK . -50.97 -99.94 44.30
OBD CLA AK . -49.89 -100.51 44.33
CBD CLA AK . -51.36 -98.79 45.25
CGD CLA AK . -51.26 -99.25 46.67
O1D CLA AK . -50.26 -99.72 47.20
O2D CLA AK . -52.40 -99.14 47.41
CED CLA AK . -53.12 -100.33 47.74
MG CLA BK . -71.58 -87.54 49.21
CHA CLA BK . -74.83 -86.69 48.34
CHB CLA BK . -71.02 -84.37 50.26
CHC CLA BK . -68.46 -88.49 50.25
CHD CLA BK . -72.21 -90.85 48.14
NA CLA BK . -72.75 -85.81 49.24
C1A CLA BK . -74.09 -85.66 48.86
C2A CLA BK . -74.53 -84.20 49.08
C3A CLA BK . -73.25 -83.49 49.56
C4A CLA BK . -72.25 -84.63 49.70
CMA CLA BK . -72.78 -82.41 48.61
CAA CLA BK . -75.61 -84.07 50.14
CBA CLA BK . -75.10 -83.82 51.54
CGA CLA BK . -76.05 -84.42 52.53
O1A CLA BK . -77.26 -84.60 52.42
O2A CLA BK . -75.43 -84.78 53.70
NB CLA BK . -70.04 -86.62 50.10
C1B CLA BK . -70.01 -85.31 50.46
C2B CLA BK . -68.71 -85.00 51.11
C3B CLA BK . -67.98 -86.16 51.10
C4B CLA BK . -68.82 -87.21 50.46
CMB CLA BK . -68.40 -83.67 51.59
CAB CLA BK . -66.66 -86.45 51.58
CBB CLA BK . -66.19 -86.19 52.80
NC CLA BK . -70.52 -89.33 49.16
C1C CLA BK . -69.26 -89.49 49.63
C2C CLA BK . -68.84 -90.87 49.46
C3C CLA BK . -69.90 -91.54 48.86
C4C CLA BK . -70.95 -90.56 48.68
CMC CLA BK . -67.54 -91.40 49.87
CAC CLA BK . -69.95 -92.96 48.48
CBC CLA BK . -69.44 -93.17 47.07
ND CLA BK . -73.08 -88.56 48.33
C1D CLA BK . -73.23 -89.93 47.98
C2D CLA BK . -74.57 -90.15 47.46
C3D CLA BK . -75.22 -88.95 47.55
C4D CLA BK . -74.26 -87.99 48.13
CMD CLA BK . -75.06 -91.43 46.96
CAD CLA BK . -76.45 -88.22 47.29
OBD CLA BK . -77.48 -88.60 46.75
CBD CLA BK . -76.25 -86.80 47.87
CGD CLA BK . -76.56 -85.76 46.84
O1D CLA BK . -77.03 -84.63 47.02
O2D CLA BK . -76.26 -86.14 45.58
CED CLA BK . -75.10 -85.57 44.96
MG CLA CK . -60.80 -88.69 60.35
CHA CLA CK . -61.38 -86.58 63.04
CHB CLA CK . -60.11 -91.22 62.45
CHC CLA CK . -60.20 -90.73 57.61
CHD CLA CK . -61.48 -86.03 58.16
NA CLA CK . -60.75 -88.85 62.43
C1A CLA CK . -61.01 -87.85 63.39
C2A CLA CK . -60.80 -88.42 64.80
C3A CLA CK . -60.45 -89.90 64.55
C4A CLA CK . -60.42 -90.01 63.03
CMA CLA CK . -59.16 -90.34 65.19
CAA CLA CK . -62.01 -88.39 65.72
CBA CLA CK . -61.84 -87.50 66.92
CGA CLA CK . -60.45 -87.56 67.45
O1A CLA CK . -59.47 -86.88 67.14
O2A CLA CK . -60.29 -88.51 68.41
NB CLA CK . -60.15 -90.57 60.08
C1B CLA CK . -60.07 -91.48 61.07
C2B CLA CK . -59.92 -92.84 60.49
C3B CLA CK . -59.95 -92.69 59.12
C4B CLA CK . -60.12 -91.26 58.86
CMB CLA CK . -59.83 -94.04 61.30
CAB CLA CK . -59.88 -93.65 58.06
CBB CLA CK . -60.71 -94.67 57.86
NC CLA CK . -60.83 -88.42 58.28
C1C CLA CK . -60.53 -89.38 57.35
C2C CLA CK . -60.61 -88.83 56.01
C3C CLA CK . -60.99 -87.51 56.16
C4C CLA CK . -61.12 -87.26 57.59
CMC CLA CK . -60.31 -89.61 54.82
CAC CLA CK . -61.19 -86.49 55.11
CBC CLA CK . -62.42 -86.67 54.26
ND CLA CK . -61.44 -86.78 60.48
C1D CLA CK . -61.64 -85.79 59.50
C2D CLA CK . -62.02 -84.53 60.16
C3D CLA CK . -61.98 -84.79 61.50
C4D CLA CK . -61.57 -86.20 61.67
CMD CLA CK . -62.37 -83.31 59.47
CAD CLA CK . -62.17 -84.24 62.83
OBD CLA CK . -62.56 -83.13 63.16
CBD CLA CK . -61.76 -85.33 63.83
CGD CLA CK . -60.71 -84.85 64.78
O1D CLA CK . -60.87 -84.51 65.95
O2D CLA CK . -59.47 -84.78 64.26
CED CLA CK . -58.57 -83.87 64.89
MG CLA DK . -49.93 -75.77 58.17
CHA CLA DK . -47.98 -76.84 60.79
CHB CLA DK . -48.83 -72.60 58.64
CHC CLA DK . -51.97 -74.76 55.63
CHD CLA DK . -50.98 -79.10 57.65
NA CLA DK . -48.60 -74.90 59.51
C1A CLA DK . -47.88 -75.50 60.54
C2A CLA DK . -47.03 -74.45 61.29
C3A CLA DK . -47.26 -73.17 60.46
C4A CLA DK . -48.31 -73.58 59.47
CMA CLA DK . -47.75 -71.99 61.25
CAA CLA DK . -45.53 -74.70 61.34
CBA CLA DK . -44.86 -73.91 62.42
CGA CLA DK . -43.98 -74.76 63.27
O1A CLA DK . -43.30 -74.42 64.24
O2A CLA DK . -43.94 -76.07 62.89
NB CLA DK . -50.41 -74.01 57.37
C1B CLA DK . -49.78 -72.85 57.64
C2B CLA DK . -50.24 -71.81 56.70
C3B CLA DK . -51.11 -72.39 55.85
C4B CLA DK . -51.23 -73.82 56.25
CMB CLA DK . -49.71 -70.45 56.76
CAB CLA DK . -51.80 -71.87 54.72
CBB CLA DK . -52.56 -70.78 54.72
NC CLA DK . -51.22 -76.77 56.87
C1C CLA DK . -51.96 -76.15 55.91
C2C CLA DK . -52.76 -77.13 55.20
C3C CLA DK . -52.48 -78.36 55.76
C4C CLA DK . -51.52 -78.13 56.81
CMC CLA DK . -53.67 -76.84 54.10
CAC CLA DK . -53.02 -79.66 55.37
CBC CLA DK . -52.13 -80.37 54.39
ND CLA DK . -49.51 -77.60 58.90
C1D CLA DK . -50.07 -78.88 58.63
C2D CLA DK . -49.46 -79.85 59.57
C3D CLA DK . -48.67 -79.12 60.41
C4D CLA DK . -48.75 -77.72 59.97
CMD CLA DK . -49.74 -81.27 59.55
CAD CLA DK . -47.74 -79.18 61.50
OBD CLA DK . -47.26 -80.14 62.06
CBD CLA DK . -47.38 -77.71 61.86
CGD CLA DK . -47.97 -77.24 63.14
O1D CLA DK . -47.41 -76.68 64.08
O2D CLA DK . -49.30 -77.48 63.26
CED CLA DK . -49.99 -76.79 64.30
C1 CLA DK . -44.21 -77.03 63.92
C2 CLA DK . -42.91 -77.58 64.39
C3 CLA DK . -42.70 -77.85 65.68
C4 CLA DK . -43.72 -77.62 66.73
C5 CLA DK . -41.40 -78.40 66.11
C6 CLA DK . -40.70 -77.44 67.06
C7 CLA DK . -39.38 -78.01 67.50
C8 CLA DK . -39.44 -78.69 68.87
C9 CLA DK . -38.21 -78.35 69.68
C10 CLA DK . -39.56 -80.20 68.73
C11 CLA DK . -39.86 -80.87 70.05
C12 CLA DK . -41.21 -81.57 70.04
C13 CLA DK . -41.30 -82.63 71.13
C14 CLA DK . -41.09 -82.01 72.50
C15 CLA DK . -40.32 -83.77 70.90
C16 CLA DK . -41.00 -85.11 71.08
C17 CLA DK . -40.27 -86.23 70.37
C18 CLA DK . -39.28 -86.94 71.29
C19 CLA DK . -38.43 -87.92 70.50
C20 CLA DK . -40.00 -87.67 72.39
MG CLA EK . -54.53 -67.21 51.25
CHA CLA EK . -51.97 -65.72 53.04
CHB CLA EK . -52.47 -69.80 50.49
CHC CLA EK . -56.81 -68.34 48.97
CHD CLA EK . -56.52 -64.36 51.79
NA CLA EK . -52.58 -67.71 51.80
C1A CLA EK . -51.65 -66.96 52.53
C2A CLA EK . -50.32 -67.76 52.59
C3A CLA EK . -50.74 -69.18 52.18
C4A CLA EK . -52.02 -68.88 51.41
CMA CLA EK . -49.71 -69.84 51.32
CAA CLA EK . -49.46 -67.83 53.84
CBA CLA EK . -48.22 -67.00 53.60
CGA CLA EK . -47.38 -66.91 54.84
O1A CLA EK . -47.03 -65.91 55.47
O2A CLA EK . -46.95 -68.13 55.26
NB CLA EK . -54.65 -68.80 50.05
C1B CLA EK . -53.65 -69.66 49.76
C2B CLA EK . -53.97 -70.49 48.57
C3B CLA EK . -55.20 -70.07 48.15
C4B CLA EK . -55.65 -69.01 49.08
CMB CLA EK . -53.08 -71.51 48.04
CAB CLA EK . -55.99 -70.51 47.05
CBB CLA EK . -56.53 -71.72 46.96
NC CLA EK . -56.39 -66.55 50.65
C1C CLA EK . -57.17 -67.20 49.74
C2C CLA EK . -58.40 -66.47 49.52
C3C CLA EK . -58.30 -65.31 50.26
C4C CLA EK . -57.03 -65.36 50.96
CMC CLA EK . -59.45 -66.90 48.61
CAC CLA EK . -59.30 -64.25 50.33
CBC CLA EK . -60.30 -64.52 51.44
ND CLA EK . -54.42 -65.54 52.35
C1D CLA EK . -55.30 -64.42 52.41
C2D CLA EK . -54.67 -63.39 53.24
C3D CLA EK . -53.41 -63.85 53.54
C4D CLA EK . -53.28 -65.17 52.91
CMD CLA EK . -55.29 -62.13 53.61
CAD CLA EK . -52.19 -63.58 54.24
OBD CLA EK . -51.90 -62.67 54.99
CBD CLA EK . -51.20 -64.69 53.83
CGD CLA EK . -50.10 -64.08 53.04
O1D CLA EK . -49.13 -63.46 53.48
O2D CLA EK . -50.23 -64.26 51.71
CED CLA EK . -49.21 -63.75 50.87
MG CLA FK . -72.21 -68.56 47.12
CHA CLA FK . -74.36 -68.11 44.45
CHB CLA FK . -69.84 -66.77 45.49
CHC CLA FK . -70.26 -68.71 49.94
CHD CLA FK . -74.76 -70.30 48.82
NA CLA FK . -72.12 -67.65 45.26
C1A CLA FK . -73.14 -67.54 44.31
C2A CLA FK . -72.64 -66.73 43.11
C3A CLA FK . -71.13 -66.66 43.33
C4A CLA FK . -71.00 -67.01 44.81
CMA CLA FK . -70.39 -67.63 42.45
CAA CLA FK . -73.09 -65.32 43.36
CBA CLA FK . -74.29 -64.85 42.57
CGA CLA FK . -74.67 -63.49 43.06
O1A CLA FK . -75.13 -62.54 42.41
O2A CLA FK . -74.46 -63.32 44.39
NB CLA FK . -70.38 -67.90 47.61
C1B CLA FK . -69.60 -67.11 46.84
C2B CLA FK . -68.41 -66.67 47.60
C3B CLA FK . -68.52 -67.22 48.86
C4B CLA FK . -69.77 -68.02 48.87
CMB CLA FK . -67.37 -65.82 47.04
CAB CLA FK . -67.64 -67.12 49.99
CBB CLA FK . -66.90 -68.12 50.47
NC CLA FK . -72.44 -69.42 49.00
C1C CLA FK . -71.51 -69.38 49.99
C2C CLA FK . -72.00 -70.07 51.17
C3C CLA FK . -73.29 -70.49 50.88
C4C CLA FK . -73.57 -70.07 49.51
CMC CLA FK . -71.23 -70.22 52.41
CAC CLA FK . -74.24 -71.20 51.75
CBC CLA FK . -73.96 -72.67 51.86
ND CLA FK . -74.08 -69.22 46.74
C1D CLA FK . -75.02 -69.90 47.53
C2D CLA FK . -76.25 -70.10 46.75
C3D CLA FK . -76.04 -69.47 45.55
C4D CLA FK . -74.68 -68.90 45.60
CMD CLA FK . -77.41 -70.82 47.24
CAD CLA FK . -76.58 -69.14 44.25
OBD CLA FK . -77.63 -69.53 43.73
CBD CLA FK . -75.57 -68.19 43.55
CGD CLA FK . -75.22 -68.67 42.18
O1D CLA FK . -75.73 -68.34 41.12
O2D CLA FK . -74.23 -69.60 42.17
CED CLA FK . -73.37 -69.59 41.03
C A86 GK . -54.05 -74.97 50.21
O A86 GK . -65.72 -68.76 47.46
C1 A86 GK . -53.60 -73.78 51.10
C10 A86 GK . -62.62 -69.91 48.73
C11 A86 GK . -63.54 -68.89 48.28
C12 A86 GK . -63.29 -67.44 48.53
C13 A86 GK . -64.73 -69.38 47.53
C14 A86 GK . -64.56 -70.88 46.78
C15 A86 GK . -64.76 -70.85 45.24
C16 A86 GK . -63.85 -69.98 44.39
C17 A86 GK . -64.41 -68.60 44.06
C18 A86 GK . -65.69 -68.70 43.39
C19 A86 GK . -66.75 -69.38 44.34
C2 A86 GK . -54.47 -72.70 51.35
C20 A86 GK . -66.19 -70.83 44.79
C21 A86 GK . -67.24 -71.26 45.90
C22 A86 GK . -63.59 -70.73 43.05
C23 A86 GK . -62.47 -69.83 44.99
C24 A86 GK . -52.22 -73.76 51.71
C25 A86 GK . -51.21 -74.56 51.14
C26 A86 GK . -49.72 -74.47 51.82
C27 A86 GK . -49.20 -75.53 52.57
C28 A86 GK . -49.98 -76.76 52.78
C29 A86 GK . -47.73 -75.35 53.19
C3 A86 GK . -55.80 -72.68 50.77
C30 A86 GK . -47.01 -76.50 53.72
C31 A86 GK . -46.30 -77.62 54.25
C32 A86 GK . -45.98 -78.84 53.36
C33 A86 GK . -45.38 -80.07 54.07
C34 A86 GK . -45.92 -80.34 55.48
C35 A86 GK . -45.87 -79.10 56.39
C36 A86 GK . -46.37 -77.79 55.77
C37 A86 GK . -47.86 -77.64 56.10
C38 A86 GK . -47.26 -82.26 55.40
C39 A86 GK . -47.00 -83.06 56.70
C4 A86 GK . -56.67 -71.63 51.07
C40 A86 GK . -47.24 -79.26 52.57
C41 A86 GK . -44.94 -78.38 52.31
C5 A86 GK . -58.16 -71.64 50.35
C6 A86 GK . -59.11 -70.65 50.63
C7 A86 GK . -58.80 -69.48 51.66
C8 A86 GK . -60.51 -70.75 49.85
C9 A86 GK . -61.32 -69.61 49.50
O1 A86 GK . -65.37 -72.05 44.66
O2 A86 GK . -66.16 -67.42 43.04
O3 A86 GK . -45.68 -76.73 56.36
O4 A86 GK . -47.23 -80.83 55.43
O5 A86 GK . -47.45 -82.83 54.38
C A86 HK . -68.51 -74.44 57.09
O A86 HK . -63.55 -84.31 49.11
C1 A86 HK . -67.78 -75.05 58.32
C10 A86 HK . -64.44 -81.86 51.54
C11 A86 HK . -63.68 -82.97 51.02
C12 A86 HK . -62.79 -83.80 51.90
C13 A86 HK . -63.80 -83.26 49.57
C14 A86 HK . -64.33 -81.98 48.63
C15 A86 HK . -64.81 -82.31 47.16
C16 A86 HK . -66.02 -83.19 46.95
C17 A86 HK . -65.77 -84.60 46.45
C18 A86 HK . -64.99 -84.57 45.22
C19 A86 HK . -63.56 -84.02 45.57
C2 A86 HK . -67.04 -76.24 58.18
C20 A86 HK . -63.74 -82.51 46.12
C21 A86 HK . -62.30 -82.12 46.60
C22 A86 HK . -66.85 -82.41 45.88
C23 A86 HK . -66.93 -83.28 48.15
C24 A86 HK . -67.88 -74.34 59.64
C25 A86 HK . -68.82 -73.29 59.81
C26 A86 HK . -68.91 -72.49 61.23
C27 A86 HK . -69.61 -73.05 62.33
C28 A86 HK . -70.28 -74.36 62.21
C29 A86 HK . -69.69 -72.29 63.73
C3 A86 HK . -66.95 -76.87 56.87
C30 A86 HK . -70.06 -70.89 63.86
C31 A86 HK . -70.42 -69.52 64.03
C32 A86 HK . -71.91 -69.12 64.19
C33 A86 HK . -72.32 -67.76 63.60
C34 A86 HK . -71.25 -66.68 63.68
C35 A86 HK . -69.87 -67.18 63.20
C36 A86 HK . -69.41 -68.37 64.07
C37 A86 HK . -68.07 -68.90 63.53
C38 A86 HK . -72.49 -64.67 63.56
C39 A86 HK . -73.82 -64.16 62.91
C4 A86 HK . -66.26 -78.08 56.71
C40 A86 HK . -72.26 -69.15 65.70
C41 A86 HK . -72.75 -70.21 63.48
C5 A86 HK . -66.19 -78.72 55.19
C6 A86 HK . -65.24 -79.69 54.89
C7 A86 HK . -64.22 -80.20 56.01
C8 A86 HK . -65.17 -80.27 53.39
C9 A86 HK . -64.39 -81.45 53.04
O1 A86 HK . -64.47 -81.23 46.21
O2 A86 HK . -64.87 -85.86 44.69
O3 A86 HK . -69.22 -67.93 65.38
O4 A86 HK . -71.66 -65.62 62.85
O5 A86 HK . -72.17 -64.29 64.62
C A86 IK . -75.68 -68.95 54.89
O A86 IK . -62.66 -64.99 55.62
C1 A86 IK . -75.58 -68.49 53.40
C10 A86 IK . -66.19 -65.08 55.22
C11 A86 IK . -64.83 -65.51 54.93
C12 A86 IK . -64.54 -66.19 53.62
C13 A86 IK . -63.76 -65.28 55.93
C14 A86 IK . -64.19 -65.52 57.54
C15 A86 IK . -63.61 -64.56 58.65
C16 A86 IK . -64.01 -63.09 58.67
C17 A86 IK . -62.93 -62.05 58.38
C18 A86 IK . -61.75 -62.27 59.21
C19 A86 IK . -61.13 -63.65 58.78
C2 A86 IK . -74.50 -67.72 52.93
C20 A86 IK . -62.20 -64.79 59.11
C21 A86 IK . -61.53 -66.08 58.51
C22 A86 IK . -64.50 -62.85 60.12
C23 A86 IK . -65.22 -62.77 57.80
C24 A86 IK . -76.63 -68.88 52.38
C25 A86 IK . -77.96 -69.27 52.65
C26 A86 IK . -78.79 -69.65 51.29
C27 A86 IK . -79.47 -68.67 50.53
C28 A86 IK . -79.50 -67.25 50.95
C29 A86 IK . -80.23 -69.12 49.19
C3 A86 IK . -73.38 -67.32 53.79
C30 A86 IK . -81.60 -69.62 49.20
C31 A86 IK . -82.95 -70.12 49.18
C32 A86 IK . -84.06 -69.45 50.03
C33 A86 IK . -85.49 -70.02 49.89
C34 A86 IK . -85.65 -71.49 49.43
C35 A86 IK . -84.34 -72.25 49.17
C36 A86 IK . -83.35 -71.37 48.39
C37 A86 IK . -82.09 -72.19 48.09
C38 A86 IK . -85.88 -72.86 51.49
C39 A86 IK . -86.02 -74.39 51.68
C4 A86 IK . -72.46 -66.38 53.33
C40 A86 IK . -83.63 -69.47 51.53
C41 A86 IK . -84.13 -67.96 49.59
C5 A86 IK . -71.18 -65.99 54.31
C6 A86 IK . -69.95 -65.67 53.72
C7 A86 IK . -69.80 -65.69 52.14
C8 A86 IK . -68.70 -65.34 54.68
C9 A86 IK . -67.32 -65.37 54.20
O1 A86 IK . -63.35 -65.30 59.89
O2 A86 IK . -60.80 -61.25 59.00
O3 A86 IK . -83.92 -70.99 47.16
O4 A86 IK . -86.48 -72.20 50.35
O5 A86 IK . -85.28 -72.24 52.31
C A86 JK . -74.27 -79.69 61.54
O A86 JK . -77.14 -80.45 48.76
C1 A86 JK . -73.00 -80.58 61.46
C10 A86 JK . -75.63 -80.56 51.82
C11 A86 JK . -75.64 -80.05 50.47
C12 A86 JK . -74.38 -79.62 49.79
C13 A86 JK . -76.97 -79.94 49.80
C14 A86 JK . -78.18 -79.10 50.58
C15 A86 JK . -79.65 -79.43 50.11
C16 A86 JK . -80.20 -80.83 50.30
C17 A86 JK . -80.14 -81.72 49.06
C18 A86 JK . -80.83 -81.11 47.93
C19 A86 JK . -80.12 -79.76 47.54
C2 A86 JK . -72.61 -81.20 60.25
C20 A86 JK . -80.09 -78.78 48.83
C21 A86 JK . -79.18 -77.59 48.35
C22 A86 JK . -81.70 -80.69 50.73
C23 A86 JK . -79.52 -81.56 51.46
C24 A86 JK . -72.13 -80.83 62.67
C25 A86 JK . -72.56 -81.82 63.60
C26 A86 JK . -71.62 -82.12 64.90
C27 A86 JK . -71.80 -81.40 66.10
C28 A86 JK . -72.83 -80.35 66.21
C29 A86 JK . -70.85 -81.75 67.34
C3 A86 JK . -73.42 -81.01 59.05
C30 A86 JK . -71.19 -81.29 68.67
C31 A86 JK . -71.53 -80.83 69.99
C32 A86 JK . -72.07 -81.83 71.05
C33 A86 JK . -73.03 -81.24 72.10
C34 A86 JK . -72.74 -79.79 72.53
C35 A86 JK . -72.49 -78.87 71.32
C36 A86 JK . -71.34 -79.38 70.44
C37 A86 JK . -71.27 -78.50 69.17
C38 A86 JK . -73.59 -79.04 74.62
C39 A86 JK . -74.35 -77.88 75.34
C4 A86 JK . -72.93 -81.43 57.81
C40 A86 JK . -70.85 -82.45 71.78
C41 A86 JK . -72.80 -82.95 70.27
C5 A86 JK . -73.91 -81.20 56.50
C6 A86 JK . -73.44 -81.16 55.18
C7 A86 JK . -71.90 -81.33 54.83
C8 A86 JK . -74.58 -80.93 54.07
C9 A86 JK . -74.33 -80.73 52.64
O1 A86 JK . -80.58 -78.27 50.13
O2 A86 JK . -80.81 -81.99 46.83
O3 A86 JK . -70.13 -79.26 71.15
O4 A86 JK . -73.85 -79.32 73.24
O5 A86 JK . -72.80 -79.68 75.21
MG CLA KK . -140.76 -8.66 68.75
CHA CLA KK . -139.00 -7.51 71.48
CHB CLA KK . -143.07 -10.10 70.82
CHC CLA KK . -142.47 -9.70 65.97
CHD CLA KK . -138.39 -7.07 66.66
NA CLA KK . -140.95 -8.79 70.82
C1A CLA KK . -140.12 -8.22 71.79
C2A CLA KK . -140.63 -8.57 73.18
C3A CLA KK . -141.81 -9.53 72.91
C4A CLA KK . -141.98 -9.48 71.40
CMA CLA KK . -141.43 -10.91 73.34
CAA CLA KK . -141.08 -7.37 74.01
CBA CLA KK . -142.57 -7.13 74.02
CGA CLA KK . -142.79 -5.73 73.53
O1A CLA KK . -142.25 -4.70 73.88
O2A CLA KK . -143.73 -5.69 72.54
NB CLA KK . -142.46 -9.67 68.46
C1B CLA KK . -143.28 -10.15 69.43
C2B CLA KK . -144.43 -10.84 68.80
C3B CLA KK . -144.27 -10.73 67.44
C4B CLA KK . -143.00 -10.00 67.19
CMB CLA KK . -145.48 -11.49 69.58
CAB CLA KK . -145.10 -11.24 66.39
CBB CLA KK . -145.24 -12.54 66.14
NC CLA KK . -140.47 -8.44 66.69
C1C CLA KK . -141.26 -8.97 65.72
C2C CLA KK . -140.72 -8.64 64.40
C3C CLA KK . -139.59 -7.86 64.62
C4C CLA KK . -139.44 -7.75 66.06
CMC CLA KK . -141.22 -9.02 63.09
CAC CLA KK . -138.69 -7.32 63.60
CBC CLA KK . -138.97 -5.87 63.28
ND CLA KK . -139.04 -7.63 68.94
C1D CLA KK . -138.18 -7.01 68.00
C2D CLA KK . -137.08 -6.33 68.70
C3D CLA KK . -137.32 -6.52 70.03
C4D CLA KK . -138.57 -7.30 70.13
CMD CLA KK . -135.99 -5.63 68.03
CAD CLA KK . -136.86 -6.26 71.37
OBD CLA KK . -135.84 -5.69 71.75
CBD CLA KK . -137.93 -6.84 72.33
CGD CLA KK . -137.30 -7.82 73.27
O1D CLA KK . -137.28 -9.04 73.16
O2D CLA KK . -136.71 -7.25 74.34
CED CLA KK . -136.81 -7.93 75.59
C1 CLA KK . -143.34 -6.28 71.30
C2 CLA KK . -144.57 -6.90 70.75
C3 CLA KK . -144.77 -7.04 69.44
C4 CLA KK . -143.77 -6.58 68.45
C5 CLA KK . -146.01 -7.66 68.90
C6 CLA KK . -146.72 -6.69 67.96
C7 CLA KK . -147.85 -7.38 67.24
C8 CLA KK . -148.84 -6.34 66.70
C9 CLA KK . -149.49 -5.59 67.85
C10 CLA KK . -149.91 -6.99 65.83
C11 CLA KK . -150.05 -6.24 64.53
C12 CLA KK . -148.81 -6.37 63.66
C13 CLA KK . -148.98 -5.77 62.27
C14 CLA KK . -150.31 -6.13 61.63
C15 CLA KK . -147.85 -6.22 61.36
C16 CLA KK . -147.55 -5.17 60.29
C17 CLA KK . -146.40 -5.61 59.41
C18 CLA KK . -146.68 -6.92 58.69
C19 CLA KK . -145.42 -7.49 58.09
C20 CLA KK . -147.72 -6.70 57.61
MG CLA LK . -149.85 -15.06 64.67
CHA CLA LK . -150.85 -15.29 68.01
CHB CLA LK . -149.16 -11.80 65.07
CHC CLA LK . -149.13 -14.85 61.32
CHD CLA LK . -150.77 -18.43 64.22
NA CLA LK . -149.94 -13.79 66.31
C1A CLA LK . -150.39 -14.04 67.62
C2A CLA LK . -150.30 -12.74 68.45
C3A CLA LK . -149.54 -11.76 67.52
C4A CLA LK . -149.54 -12.49 66.18
CMA CLA LK . -150.23 -10.44 67.35
CAA CLA LK . -149.56 -12.80 69.77
CBA CLA LK . -150.28 -11.96 70.81
CGA CLA LK . -151.11 -12.85 71.67
O1A CLA LK . -152.23 -12.65 72.12
O2A CLA LK . -150.49 -14.04 71.96
NB CLA LK . -149.16 -13.62 63.46
C1B CLA LK . -149.10 -12.31 63.78
C2B CLA LK . -148.96 -11.48 62.55
C3B CLA LK . -148.95 -12.34 61.48
C4B CLA LK . -149.07 -13.71 62.04
CMB CLA LK . -148.88 -10.02 62.60
CAB CLA LK . -148.86 -12.09 60.07
CBB CLA LK . -147.93 -11.37 59.44
NC CLA LK . -149.84 -16.42 63.10
C1C CLA LK . -149.47 -16.12 61.82
C2C CLA LK . -149.57 -17.30 60.98
C3C CLA LK . -150.09 -18.30 61.78
C4C CLA LK . -150.26 -17.74 63.11
CMC CLA LK . -149.24 -17.33 59.56
CAC CLA LK . -150.37 -19.69 61.39
CBC CLA LK . -149.24 -20.60 61.78
ND CLA LK . -150.57 -16.56 65.81
C1D CLA LK . -150.95 -17.89 65.47
C2D CLA LK . -151.46 -18.57 66.67
C3D CLA LK . -151.41 -17.63 67.68
C4D CLA LK . -150.88 -16.38 67.09
CMD CLA LK . -151.90 -19.95 66.71
CAD CLA LK . -151.63 -17.38 69.08
OBD CLA LK . -151.90 -18.18 69.97
CBD CLA LK . -151.40 -15.85 69.30
CGD CLA LK . -152.66 -15.15 69.72
O1D CLA LK . -153.00 -14.00 69.43
O2D CLA LK . -153.50 -15.89 70.50
CED CLA LK . -153.30 -15.85 71.92
MG CLA MK . -142.01 -28.49 51.13
CHA CLA MK . -142.77 -30.37 48.34
CHB CLA MK . -145.29 -27.68 51.50
CHC CLA MK . -141.24 -26.82 54.03
CHD CLA MK . -138.62 -29.31 50.71
NA CLA MK . -143.74 -28.97 50.07
C1A CLA MK . -143.85 -29.80 48.96
C2A CLA MK . -145.31 -29.91 48.53
C3A CLA MK . -146.05 -28.90 49.45
C4A CLA MK . -144.96 -28.49 50.43
CMA CLA MK . -146.56 -27.71 48.68
CAA CLA MK . -145.90 -31.28 48.81
CBA CLA MK . -145.21 -32.15 49.86
CGA CLA MK . -145.42 -31.66 51.27
O1A CLA MK . -146.45 -31.60 51.92
O2A CLA MK . -144.26 -31.22 51.86
NB CLA MK . -143.06 -27.45 52.49
C1B CLA MK . -144.39 -27.21 52.45
C2B CLA MK . -144.79 -26.33 53.58
C3B CLA MK . -143.66 -26.08 54.30
C4B CLA MK . -142.54 -26.81 53.62
CMB CLA MK . -146.17 -25.91 53.78
CAB CLA MK . -143.46 -25.32 55.50
CBB CLA MK . -143.77 -24.03 55.66
NC CLA MK . -140.25 -28.14 52.17
C1C CLA MK . -140.18 -27.45 53.35
C2C CLA MK . -138.79 -27.43 53.81
C3C CLA MK . -138.05 -28.11 52.86
C4C CLA MK . -138.97 -28.57 51.84
CMC CLA MK . -138.35 -26.77 55.03
CAC CLA MK . -136.60 -28.37 52.88
CBC CLA MK . -136.24 -29.64 53.62
ND CLA MK . -140.89 -29.56 49.85
C1D CLA MK . -139.49 -29.79 49.76
C2D CLA MK . -139.21 -30.58 48.55
C3D CLA MK . -140.43 -30.85 47.96
C4D CLA MK . -141.44 -30.20 48.82
CMD CLA MK . -137.88 -30.96 48.12
CAD CLA MK . -141.13 -31.46 46.87
OBD CLA MK . -140.70 -32.09 45.91
CBD CLA MK . -142.65 -31.19 47.08
CGD CLA MK . -143.26 -30.44 45.94
O1D CLA MK . -144.44 -30.46 45.56
O2D CLA MK . -142.39 -29.64 45.26
CED CLA MK . -142.49 -28.24 45.50
C1 CLA MK . -143.28 -32.22 52.18
C2 CLA MK . -142.13 -31.46 52.71
C3 CLA MK . -141.13 -32.01 53.43
C4 CLA MK . -141.08 -33.45 53.77
C5 CLA MK . -140.01 -31.16 53.92
C6 CLA MK . -139.72 -31.36 55.40
C7 CLA MK . -140.27 -30.22 56.23
C8 CLA MK . -139.90 -30.44 57.69
C9 CLA MK . -140.84 -31.43 58.33
C10 CLA MK . -139.91 -29.13 58.46
C11 CLA MK . -139.11 -29.26 59.74
C12 CLA MK . -137.67 -29.65 59.47
C13 CLA MK . -136.74 -29.15 60.57
C14 CLA MK . -136.10 -27.83 60.17
C15 CLA MK . -135.66 -30.18 60.90
C16 CLA MK . -136.24 -31.26 61.78
C17 CLA MK . -135.28 -32.41 61.96
C18 CLA MK . -136.05 -33.67 62.31
C19 CLA MK . -135.44 -34.35 63.54
C20 CLA MK . -136.07 -34.62 61.14
MG CLA NK . -150.15 -39.05 52.93
CHA CLA NK . -149.06 -40.73 55.74
CHB CLA NK . -149.14 -36.11 54.29
CHC CLA NK . -151.48 -37.41 50.22
CHD CLA NK . -151.37 -42.09 51.66
NA CLA NK . -149.18 -38.53 54.70
C1A CLA NK . -148.84 -39.38 55.77
C2A CLA NK . -148.16 -38.58 56.89
C3A CLA NK . -148.13 -37.13 56.34
C4A CLA NK . -148.86 -37.25 55.01
CMA CLA NK . -148.76 -36.11 57.26
CAA CLA NK . -146.73 -38.98 57.17
CBA CLA NK . -146.60 -39.56 58.56
CGA CLA NK . -147.73 -39.11 59.42
O1A CLA NK . -148.74 -39.71 59.76
O2A CLA NK . -147.56 -37.83 59.87
NB CLA NK . -150.44 -37.13 52.45
C1B CLA NK . -149.76 -36.11 53.03
C2B CLA NK . -149.70 -34.93 52.14
C3B CLA NK . -150.35 -35.29 50.98
C4B CLA NK . -150.81 -36.69 51.17
CMB CLA NK . -148.99 -33.72 52.55
CAB CLA NK . -150.60 -34.59 49.73
CBB CLA NK . -149.83 -33.67 49.15
NC CLA NK . -151.17 -39.66 51.23
C1C CLA NK . -151.64 -38.83 50.25
C2C CLA NK . -152.35 -39.58 49.23
C3C CLA NK . -152.32 -40.91 49.64
C4C CLA NK . -151.60 -40.95 50.90
CMC CLA NK . -152.94 -39.00 48.04
CAC CLA NK . -152.92 -42.07 48.96
CBC CLA NK . -154.36 -42.29 49.37
ND CLA NK . -149.92 -41.02 53.33
C1D CLA NK . -150.60 -42.14 52.79
C2D CLA NK . -150.33 -43.32 53.63
C3D CLA NK . -149.69 -42.84 54.74
C4D CLA NK . -149.55 -41.38 54.55
CMD CLA NK . -150.69 -44.69 53.32
CAD CLA NK . -149.02 -43.17 55.98
OBD CLA NK . -148.60 -44.24 56.39
CBD CLA NK . -148.92 -41.83 56.76
CGD CLA NK . -150.07 -41.75 57.73
O1D CLA NK . -150.11 -42.14 58.90
O2D CLA NK . -151.20 -41.21 57.18
CED CLA NK . -152.31 -42.09 57.00
MG CLA OK . -154.28 -19.82 52.26
CHA CLA OK . -155.55 -17.42 50.10
CHB CLA OK . -151.70 -17.75 53.05
CHC CLA OK . -153.09 -22.22 54.42
CHD CLA OK . -156.93 -21.97 51.33
NA CLA OK . -153.75 -17.89 51.67
C1A CLA OK . -154.39 -17.04 50.76
C2A CLA OK . -153.67 -15.70 50.64
C3A CLA OK . -152.43 -15.87 51.56
C4A CLA OK . -152.63 -17.26 52.15
CMA CLA OK . -151.13 -15.74 50.82
CAA CLA OK . -154.48 -14.52 51.16
CBA CLA OK . -154.57 -14.43 52.68
CGA CLA OK . -155.63 -15.34 53.23
O1A CLA OK . -156.85 -15.29 53.11
O2A CLA OK . -155.08 -16.38 53.95
NB CLA OK . -152.68 -19.97 53.46
C1B CLA OK . -151.75 -19.00 53.68
C2B CLA OK . -150.77 -19.45 54.71
C3B CLA OK . -151.15 -20.72 55.09
C4B CLA OK . -152.38 -21.05 54.32
CMB CLA OK . -149.66 -18.61 55.15
CAB CLA OK . -150.58 -21.61 56.06
CBB CLA OK . -150.39 -21.34 57.35
NC CLA OK . -154.91 -21.73 52.78
C1C CLA OK . -154.29 -22.53 53.70
C2C CLA OK . -155.01 -23.79 53.84
C3C CLA OK . -156.08 -23.72 52.94
C4C CLA OK . -156.00 -22.44 52.28
CMC CLA OK . -154.65 -24.87 54.74
CAC CLA OK . -157.10 -24.76 52.71
CBC CLA OK . -156.73 -25.66 51.56
ND CLA OK . -155.91 -19.75 51.09
C1D CLA OK . -156.90 -20.71 50.77
C2D CLA OK . -157.84 -20.16 49.78
C3D CLA OK . -157.38 -18.88 49.50
C4D CLA OK . -156.16 -18.69 50.31
CMD CLA OK . -159.01 -20.86 49.26
CAD CLA OK . -157.61 -17.66 48.75
OBD CLA OK . -158.54 -17.34 48.02
CBD CLA OK . -156.40 -16.73 49.05
CGD CLA OK . -155.57 -16.46 47.83
O1D CLA OK . -155.43 -15.38 47.22
O2D CLA OK . -154.89 -17.55 47.39
CED CLA OK . -153.65 -17.33 46.69
MG CLA PK . -150.33 -24.79 66.88
CHA CLA PK . -149.93 -22.06 68.98
CHB CLA PK . -152.45 -26.23 69.13
CHC CLA PK . -150.82 -27.36 64.70
CHD CLA PK . -148.42 -23.10 64.43
NA CLA PK . -151.01 -24.24 68.78
C1A CLA PK . -150.73 -23.06 69.49
C2A CLA PK . -151.45 -23.08 70.84
C3A CLA PK . -152.04 -24.49 70.90
C4A CLA PK . -151.84 -25.05 69.51
CMA CLA PK . -151.32 -25.36 71.90
CAA CLA PK . -152.60 -22.09 70.95
CBA CLA PK . -152.49 -21.30 72.24
CGA CLA PK . -151.76 -22.07 73.30
O1A CLA PK . -150.58 -21.97 73.65
O2A CLA PK . -152.55 -22.97 73.95
NB CLA PK . -151.33 -26.52 66.96
C1B CLA PK . -152.30 -26.82 67.87
C2B CLA PK . -153.19 -27.90 67.34
C3B CLA PK . -152.72 -28.22 66.09
C4B CLA PK . -151.54 -27.37 65.84
CMB CLA PK . -154.31 -28.45 68.09
CAB CLA PK . -153.21 -29.17 65.12
CBB CLA PK . -154.28 -29.01 64.33
NC CLA PK . -149.64 -25.20 64.98
C1C CLA PK . -149.90 -26.34 64.30
C2C CLA PK . -149.21 -26.34 63.02
C3C CLA PK . -148.62 -25.10 62.89
C4C CLA PK . -148.90 -24.38 64.13
CMC CLA PK . -149.23 -27.44 62.06
CAC CLA PK . -147.80 -24.63 61.77
CBC CLA PK . -148.58 -24.06 60.60
ND CLA PK . -149.33 -23.04 66.70
C1D CLA PK . -148.62 -22.46 65.62
C2D CLA PK . -148.14 -21.12 66.03
C3D CLA PK . -148.56 -20.94 67.33
C4D CLA PK . -149.33 -22.15 67.68
CMD CLA PK . -147.33 -20.23 65.19
CAD CLA PK . -148.60 -20.06 68.46
OBD CLA PK . -148.07 -18.96 68.62
CBD CLA PK . -149.50 -20.73 69.54
CGD CLA PK . -148.79 -20.87 70.86
O1D CLA PK . -149.02 -20.26 71.90
O2D CLA PK . -147.76 -21.75 70.88
CED CLA PK . -146.57 -21.31 71.53
MG CLA QK . -133.02 -23.50 68.10
CHA CLA QK . -133.08 -24.74 71.32
CHB CLA QK . -130.01 -22.02 68.68
CHC CLA QK . -133.09 -22.24 64.92
CHD CLA QK . -136.11 -25.12 67.49
NA CLA QK . -131.77 -23.39 69.76
C1A CLA QK . -131.97 -23.97 71.02
C2A CLA QK . -130.79 -23.58 71.94
C3A CLA QK . -129.81 -22.83 71.03
C4A CLA QK . -130.59 -22.71 69.72
CMA CLA QK . -129.45 -21.47 71.57
CAA CLA QK . -130.04 -24.67 72.70
CBA CLA QK . -129.87 -24.23 74.13
CGA CLA QK . -128.88 -25.11 74.81
O1A CLA QK . -127.66 -24.99 74.91
O2A CLA QK . -129.47 -26.18 75.40
NB CLA QK . -131.82 -22.31 67.04
C1B CLA QK . -130.61 -21.85 67.44
C2B CLA QK . -129.96 -21.11 66.33
C3B CLA QK . -130.81 -21.17 65.26
C4B CLA QK . -132.01 -21.93 65.69
CMB CLA QK . -128.64 -20.52 66.49
CAB CLA QK . -130.67 -20.66 63.93
CBB CLA QK . -130.36 -19.41 63.61
NC CLA QK . -134.35 -23.67 66.50
C1C CLA QK . -134.19 -23.06 65.29
C2C CLA QK . -135.32 -23.38 64.43
C3C CLA QK . -136.16 -24.21 65.16
C4C CLA QK . -135.55 -24.37 66.46
CMC CLA QK . -135.50 -22.95 63.05
CAC CLA QK . -137.42 -24.81 64.72
CBC CLA QK . -137.18 -26.18 64.13
ND CLA QK . -134.30 -24.70 69.08
C1D CLA QK . -135.54 -25.28 68.71
C2D CLA QK . -136.06 -26.06 69.84
C3D CLA QK . -135.16 -25.88 70.86
C4D CLA QK . -134.08 -25.02 70.34
CMD CLA QK . -137.30 -26.83 69.84
CAD CLA QK . -134.82 -26.24 72.20
OBD CLA QK . -135.39 -27.05 72.92
CBD CLA QK . -133.54 -25.46 72.55
CGD CLA QK . -133.74 -24.45 73.63
O1D CLA QK . -133.16 -24.39 74.73
O2D CLA QK . -134.67 -23.52 73.33
CED CLA QK . -134.34 -22.17 73.61
C1 CLA QK . -130.17 -25.88 76.63
C2 CLA QK . -131.12 -26.99 76.86
C3 CLA QK . -132.06 -26.92 77.81
C4 CLA QK . -132.23 -25.74 78.68
C5 CLA QK . -133.00 -28.06 78.01
C6 CLA QK . -132.96 -28.56 79.44
C7 CLA QK . -131.69 -29.35 79.72
C8 CLA QK . -131.84 -30.22 80.96
C9 CLA QK . -130.48 -30.49 81.60
C10 CLA QK . -132.54 -31.52 80.64
C11 CLA QK . -133.22 -32.12 81.84
C12 CLA QK . -134.71 -32.28 81.63
C13 CLA QK . -135.33 -33.16 82.71
C14 CLA QK . -135.18 -32.50 84.07
C15 CLA QK . -134.72 -34.56 82.67
C16 CLA QK . -134.92 -35.37 83.93
C17 CLA QK . -136.24 -36.12 83.95
C18 CLA QK . -136.36 -36.98 85.19
C19 CLA QK . -137.55 -37.92 85.10
C20 CLA QK . -136.45 -36.13 86.44
MG CLA RK . -128.31 -16.61 59.35
CHA CLA RK . -126.04 -16.86 61.96
CHB CLA RK . -128.80 -19.95 59.45
CHC CLA RK . -130.01 -16.40 56.37
CHD CLA RK . -127.61 -13.17 59.13
NA CLA RK . -127.61 -18.12 60.60
C1A CLA RK . -126.65 -18.05 61.62
C2A CLA RK . -126.45 -19.48 62.18
C3A CLA RK . -127.66 -20.26 61.65
C4A CLA RK . -128.05 -19.41 60.46
CMA CLA RK . -127.28 -21.67 61.26
CAA CLA RK . -126.32 -19.72 63.67
CBA CLA RK . -124.92 -20.25 63.90
CGA CLA RK . -124.57 -20.25 65.36
O1A CLA RK . -124.03 -19.37 66.02
O2A CLA RK . -124.91 -21.42 65.98
NB CLA RK . -129.33 -17.90 58.21
C1B CLA RK . -129.23 -19.24 58.33
C2B CLA RK . -129.68 -19.91 57.08
C3B CLA RK . -130.02 -18.91 56.21
C4B CLA RK . -129.81 -17.63 56.92
CMB CLA RK . -129.68 -21.36 56.90
CAB CLA RK . -130.49 -18.98 54.86
CBB CLA RK . -131.66 -19.53 54.51
NC CLA RK . -128.85 -15.05 58.08
C1C CLA RK . -129.57 -15.18 56.94
C2C CLA RK . -129.75 -13.89 56.30
C3C CLA RK . -129.02 -12.98 57.05
C4C CLA RK . -128.45 -13.72 58.16
CMC CLA RK . -130.50 -13.65 55.07
CAC CLA RK . -128.90 -11.54 56.80
CBC CLA RK . -129.85 -10.76 57.67
ND CLA RK . -127.23 -15.25 60.37
C1D CLA RK . -127.01 -13.87 60.14
C2D CLA RK . -126.06 -13.37 61.13
C3D CLA RK . -125.65 -14.46 61.85
C4D CLA RK . -126.40 -15.62 61.33
CMD CLA RK . -125.64 -11.98 61.20
CAD CLA RK . -124.83 -14.92 62.94
OBD CLA RK . -124.11 -14.29 63.71
CBD CLA RK . -124.99 -16.46 62.98
CGD CLA RK . -123.68 -17.13 62.70
O1D CLA RK . -122.74 -17.28 63.48
O2D CLA RK . -123.59 -17.60 61.43
CED CLA RK . -122.29 -17.96 60.94
MG CLA SK . -139.76 -7.00 49.02
CHA CLA SK . -140.09 -6.03 45.72
CHB CLA SK . -136.51 -7.79 48.46
CHC CLA SK . -139.36 -7.51 52.38
CHD CLA SK . -143.10 -6.03 49.60
NA CLA SK . -138.55 -6.98 47.34
C1A CLA SK . -138.86 -6.52 46.06
C2A CLA SK . -137.65 -6.64 45.14
C3A CLA SK . -136.69 -7.52 45.96
C4A CLA SK . -137.26 -7.42 47.36
CMA CLA SK . -136.70 -8.93 45.47
CAA CLA SK . -137.05 -5.26 45.04
CBA CLA SK . -136.15 -5.04 43.85
CGA CLA SK . -135.75 -3.60 43.82
O1A CLA SK . -135.34 -2.92 42.87
O2A CLA SK . -135.86 -2.97 45.04
NB CLA SK . -138.24 -7.56 50.19
C1B CLA SK . -136.96 -7.76 49.77
C2B CLA SK . -136.08 -8.01 50.95
C3B CLA SK . -136.88 -7.94 52.06
C4B CLA SK . -138.26 -7.66 51.60
CMB CLA SK . -134.66 -8.28 50.83
CAB CLA SK . -136.55 -8.11 53.45
CBB CLA SK . -136.84 -9.21 54.14
NC CLA SK . -141.04 -6.89 50.67
C1C CLA SK . -140.66 -7.18 51.94
C2C CLA SK . -141.78 -6.97 52.85
C3C CLA SK . -142.84 -6.51 52.08
C4C CLA SK . -142.36 -6.46 50.70
CMC CLA SK . -141.68 -7.18 54.29
CAC CLA SK . -144.18 -6.10 52.53
CBC CLA SK . -145.10 -7.23 52.93
ND CLA SK . -141.33 -6.37 47.94
C1D CLA SK . -142.64 -5.97 48.30
C2D CLA SK . -143.35 -5.49 47.10
C3D CLA SK . -142.42 -5.50 46.08
C4D CLA SK . -141.17 -6.02 46.66
CMD CLA SK . -144.74 -5.07 47.08
CAD CLA SK . -142.16 -5.23 44.68
OBD CLA SK . -142.95 -4.88 43.80
CBD CLA SK . -140.65 -5.48 44.43
CGD CLA SK . -140.44 -6.45 43.31
O1D CLA SK . -140.16 -6.20 42.13
O2D CLA SK . -140.58 -7.75 43.70
CED CLA SK . -139.71 -8.71 43.11
C A86 TK . -133.70 -22.48 58.61
O A86 TK . -136.13 -11.21 51.57
C1 A86 TK . -132.74 -21.72 59.55
C10 A86 TK . -135.24 -13.71 53.92
C11 A86 TK . -135.00 -12.53 53.12
C12 A86 TK . -133.83 -11.63 53.38
C13 A86 TK . -135.96 -12.28 52.02
C14 A86 TK . -136.79 -13.63 51.47
C15 A86 TK . -136.57 -13.92 49.94
C16 A86 TK . -135.16 -14.20 49.43
C17 A86 TK . -134.45 -12.97 48.87
C18 A86 TK . -135.22 -12.38 47.79
C19 A86 TK . -136.59 -11.86 48.33
C2 A86 TK . -132.55 -20.33 59.43
C20 A86 TK . -137.39 -13.07 49.02
C21 A86 TK . -138.62 -12.34 49.69
C22 A86 TK . -135.26 -15.27 48.32
C23 A86 TK . -134.29 -14.85 50.49
C24 A86 TK . -131.96 -22.44 60.60
C25 A86 TK . -131.76 -23.84 60.47
C26 A86 TK . -130.88 -24.58 61.63
C27 A86 TK . -131.47 -25.44 62.58
C28 A86 TK . -132.92 -25.68 62.55
C29 A86 TK . -130.52 -26.11 63.67
C3 A86 TK . -133.28 -19.58 58.40
C30 A86 TK . -131.00 -27.23 64.46
C31 A86 TK . -131.47 -28.31 65.27
C32 A86 TK . -131.97 -29.62 64.62
C33 A86 TK . -132.63 -30.65 65.54
C34 A86 TK . -133.48 -30.06 66.69
C35 A86 TK . -132.74 -28.98 67.50
C36 A86 TK . -131.97 -27.94 66.67
C37 A86 TK . -132.89 -26.73 66.44
C38 A86 TK . -135.74 -30.50 66.22
C39 A86 TK . -136.43 -30.82 67.56
C4 A86 TK . -133.14 -18.20 58.31
C40 A86 TK . -132.93 -29.29 63.44
C41 A86 TK . -130.75 -30.32 63.99
C5 A86 TK . -133.96 -17.41 57.11
C6 A86 TK . -133.90 -16.02 56.99
C7 A86 TK . -133.06 -15.12 58.00
C8 A86 TK . -134.72 -15.38 55.77
C9 A86 TK . -134.33 -14.15 55.09
O1 A86 TK . -137.74 -14.50 49.24
O2 A86 TK . -134.51 -11.30 47.24
O3 A86 TK . -130.87 -27.51 67.42
O4 A86 TK . -134.68 -29.52 66.19
O5 A86 TK . -136.06 -31.04 65.23
C A86 UK . -144.13 -10.38 59.83
O A86 UK . -146.47 -22.75 54.63
C1 A86 UK . -144.37 -10.92 61.26
C10 A86 UK . -145.76 -19.79 56.47
C11 A86 UK . -145.97 -21.21 56.31
C12 A86 UK . -146.19 -22.11 57.48
C13 A86 UK . -145.95 -21.73 54.91
C14 A86 UK . -145.16 -20.79 53.79
C15 A86 UK . -145.40 -21.13 52.27
C16 A86 UK . -146.78 -20.96 51.67
C17 A86 UK . -147.55 -22.25 51.37
C18 A86 UK . -146.76 -23.11 50.50
C19 A86 UK . -145.50 -23.59 51.31
C2 A86 UK . -144.73 -12.27 61.46
C20 A86 UK . -144.63 -22.28 51.69
C21 A86 UK . -143.52 -22.84 52.62
C22 A86 UK . -146.53 -20.20 50.34
C23 A86 UK . -147.69 -20.05 52.48
C24 A86 UK . -144.20 -10.00 62.43
C25 A86 UK . -144.07 -8.60 62.20
C26 A86 UK . -143.84 -7.58 63.47
C27 A86 UK . -144.94 -7.17 64.26
C28 A86 UK . -146.31 -7.64 63.98
C29 A86 UK . -144.74 -6.18 65.51
C3 A86 UK . -144.86 -13.15 60.30
C30 A86 UK . -143.97 -4.95 65.42
C31 A86 UK . -143.24 -3.71 65.38
C32 A86 UK . -143.95 -2.40 64.98
C33 A86 UK . -143.09 -1.37 64.23
C34 A86 UK . -141.61 -1.34 64.63
C35 A86 UK . -140.99 -2.75 64.70
C36 A86 UK . -141.74 -3.61 65.72
C37 A86 UK . -141.14 -5.02 65.73
C38 A86 UK . -140.93 0.83 63.97
C39 A86 UK . -141.27 1.88 62.87
C4 A86 UK . -145.26 -14.48 60.46
C40 A86 UK . -144.51 -1.74 66.27
C41 A86 UK . -145.14 -2.78 64.08
C5 A86 UK . -145.36 -15.40 59.08
C6 A86 UK . -145.39 -16.79 59.20
C7 A86 UK . -145.34 -17.49 60.63
C8 A86 UK . -145.47 -17.67 57.86
C9 A86 UK . -145.73 -19.10 57.86
O1 A86 UK . -144.20 -20.89 51.45
O2 A86 UK . -147.52 -24.22 50.10
O3 A86 UK . -141.57 -3.05 67.00
O4 A86 UK . -140.93 -0.57 63.67
O5 A86 UK . -140.67 1.19 65.06
C A86 VK . -144.29 -2.46 54.95
O A86 VK . -133.12 -8.32 60.11
C1 A86 VK . -143.58 -2.66 53.58
C10 A86 VK . -135.39 -6.13 58.48
C11 A86 VK . -134.76 -7.41 58.71
C12 A86 VK . -134.79 -8.46 57.63
C13 A86 VK . -134.10 -7.69 60.02
C14 A86 VK . -134.90 -7.10 61.38
C15 A86 VK . -134.05 -6.52 62.56
C16 A86 VK . -133.25 -5.24 62.37
C17 A86 VK . -131.73 -5.34 62.44
C18 A86 VK . -131.30 -6.05 63.65
C19 A86 VK . -131.80 -7.52 63.53
C2 A86 VK . -142.22 -3.01 53.49
C20 A86 VK . -133.41 -7.47 63.52
C21 A86 VK . -133.79 -8.98 63.26
C22 A86 VK . -133.69 -4.31 63.55
C23 A86 VK . -133.62 -4.46 61.13
C24 A86 VK . -144.32 -2.51 52.28
C25 A86 VK . -145.54 -1.81 52.07
C26 A86 VK . -146.06 -1.91 50.51
C27 A86 VK . -145.62 -1.00 49.52
C28 A86 VK . -144.69 0.11 49.85
C29 A86 VK . -146.16 -1.19 48.02
C3 A86 VK . -141.38 -3.22 54.68
C30 A86 VK . -147.42 -0.60 47.57
C31 A86 VK . -148.64 -0.03 47.09
C32 A86 VK . -149.07 1.42 47.45
C33 A86 VK . -150.38 1.94 46.84
C34 A86 VK . -151.46 0.92 46.42
C35 A86 VK . -151.10 -0.55 46.68
C36 A86 VK . -149.65 -0.85 46.27
C37 A86 VK . -149.38 -2.35 46.47
C38 A86 VK . -153.03 0.75 48.33
C39 A86 VK . -154.30 -0.14 48.52
C4 A86 VK . -139.99 -3.34 54.53
C40 A86 VK . -149.12 1.55 49.00
C41 A86 VK . -147.92 2.34 46.94
C5 A86 VK . -139.09 -3.64 55.89
C6 A86 VK . -137.94 -4.44 55.76
C7 A86 VK . -137.52 -5.01 54.33
C8 A86 VK . -137.09 -4.76 57.09
C9 A86 VK . -136.12 -5.86 57.13
O1 A86 VK . -134.69 -6.82 63.86
O2 A86 VK . -129.89 -6.05 63.74
O3 A86 VK . -149.48 -0.56 44.90
O4 A86 VK . -152.71 1.27 47.02
O5 A86 VK . -152.38 1.00 49.26
C A86 WK . -152.66 -8.87 62.15
O A86 WK . -152.38 -11.19 49.23
C1 A86 WK . -152.47 -10.36 62.57
C10 A86 WK . -152.13 -11.39 52.64
C11 A86 WK . -151.48 -11.41 51.35
C12 A86 WK . -150.21 -12.18 51.14
C13 A86 WK . -152.12 -10.65 50.24
C14 A86 WK . -152.45 -9.03 50.49
C15 A86 WK . -153.55 -8.41 49.54
C16 A86 WK . -154.98 -8.94 49.59
C17 A86 WK . -155.32 -9.95 48.50
C18 A86 WK . -155.09 -9.40 47.18
C19 A86 WK . -153.57 -9.07 47.00
C2 A86 WK . -152.43 -11.39 61.61
C20 A86 WK . -153.09 -8.05 48.16
C21 A86 WK . -151.52 -7.99 47.99
C22 A86 WK . -155.93 -7.72 49.46
C23 A86 WK . -155.31 -9.56 50.95
C24 A86 WK . -152.35 -10.75 64.01
C25 A86 WK . -153.54 -10.87 64.78
C26 A86 WK . -153.44 -11.32 66.34
C27 A86 WK . -153.28 -10.36 67.37
C28 A86 WK . -153.20 -8.91 67.05
C29 A86 WK . -153.17 -10.88 68.88
C3 A86 WK . -152.55 -11.07 60.19
C30 A86 WK . -153.35 -9.94 69.97
C31 A86 WK . -153.51 -9.03 71.06
C32 A86 WK . -154.80 -9.03 71.91
C33 A86 WK . -155.23 -7.68 72.51
C34 A86 WK . -154.07 -6.77 72.94
C35 A86 WK . -152.98 -6.65 71.87
C36 A86 WK . -152.42 -8.03 71.48
C37 A86 WK . -151.47 -7.85 70.28
C38 A86 WK . -154.51 -5.07 74.57
C39 A86 WK . -154.32 -3.56 74.92
C4 A86 WK . -152.29 -12.05 59.23
C40 A86 WK . -154.64 -10.06 73.05
C41 A86 WK . -155.94 -9.53 70.98
C5 A86 WK . -152.47 -11.61 57.64
C6 A86 WK . -151.85 -12.28 56.58
C7 A86 WK . -150.90 -13.53 56.80
C8 A86 WK . -152.19 -11.69 55.12
C9 A86 WK . -151.58 -12.13 53.87
O1 A86 WK . -153.31 -6.99 49.19
O2 A86 WK . -155.49 -10.33 46.20
O3 A86 WK . -151.70 -8.55 72.56
O4 A86 WK . -154.59 -5.48 73.19
O5 A86 WK . -154.60 -5.86 75.42
C A86 XK . -143.12 -36.50 54.25
O A86 XK . -144.18 -25.33 61.43
C1 A86 XK . -144.41 -36.26 53.42
C10 A86 XK . -144.63 -28.00 59.09
C11 A86 XK . -144.68 -26.63 59.55
C12 A86 XK . -145.24 -25.53 58.71
C13 A86 XK . -144.14 -26.39 60.91
C14 A86 XK . -143.44 -27.71 61.66
C15 A86 XK . -142.78 -27.50 63.07
C16 A86 XK . -143.65 -27.21 64.28
C17 A86 XK . -143.60 -25.79 64.83
C18 A86 XK . -142.21 -25.42 65.08
C19 A86 XK . -141.53 -25.29 63.69
C2 A86 XK . -145.30 -35.22 53.73
C20 A86 XK . -141.47 -26.77 63.09
C21 A86 XK . -140.79 -26.54 61.68
C22 A86 XK . -143.16 -28.18 65.40
C23 A86 XK . -145.10 -27.59 64.04
C24 A86 XK . -144.76 -37.13 52.24
C25 A86 XK . -146.12 -37.47 52.12
C26 A86 XK . -146.72 -38.37 50.89
C27 A86 XK . -146.49 -39.75 50.72
C28 A86 XK . -145.66 -40.55 51.63
C29 A86 XK . -147.20 -40.42 49.46
C3 A86 XK . -145.00 -34.35 54.86
C30 A86 XK . -146.64 -41.64 48.86
C31 A86 XK . -146.13 -42.80 48.24
C32 A86 XK . -146.85 -44.15 48.43
C33 A86 XK . -146.04 -45.37 48.03
C34 A86 XK . -145.33 -45.22 46.68
C35 A86 XK . -144.45 -43.97 46.66
C36 A86 XK . -145.23 -42.69 47.01
C37 A86 XK . -144.22 -41.55 47.27
C38 A86 XK . -144.76 -47.14 45.36
C39 A86 XK . -146.20 -47.68 45.12
C4 A86 XK . -145.39 -33.00 54.82
C40 A86 XK . -148.17 -44.13 47.62
C41 A86 XK . -147.22 -44.28 49.94
C5 A86 XK . -145.03 -32.04 56.12
C6 A86 XK . -145.09 -30.65 56.05
C7 A86 XK . -145.55 -29.89 54.72
C8 A86 XK . -144.71 -29.85 57.39
C9 A86 XK . -145.13 -28.50 57.71
O1 A86 XK . -141.51 -28.24 63.21
O2 A86 XK . -142.10 -24.19 65.75
O3 A86 XK . -146.02 -42.33 45.90
O4 A86 XK . -144.50 -46.34 46.53
O5 A86 XK . -143.91 -47.40 44.61
C A86 YK . -127.35 -21.88 53.92
O A86 YK . -134.68 -17.91 44.78
C1 A86 YK . -127.04 -20.41 54.35
C10 A86 YK . -132.04 -16.92 46.46
C11 A86 YK . -132.62 -18.07 45.80
C12 A86 YK . -132.32 -19.45 46.33
C13 A86 YK . -133.52 -17.90 44.63
C14 A86 YK . -132.88 -17.71 43.09
C15 A86 YK . -132.53 -19.15 42.59
C16 A86 YK . -131.09 -19.39 42.10
C17 A86 YK . -130.80 -20.34 40.92
C18 A86 YK . -131.92 -21.12 40.41
C19 A86 YK . -133.19 -20.23 40.29
C2 A86 YK . -127.50 -19.32 53.59
C20 A86 YK . -133.57 -19.88 41.81
C21 A86 YK . -134.93 -19.11 41.66
C22 A86 YK . -130.40 -18.04 41.74
C23 A86 YK . -130.31 -19.94 43.27
C24 A86 YK . -126.24 -20.13 55.59
C25 A86 YK . -125.48 -21.14 56.22
C26 A86 YK . -124.63 -20.75 57.58
C27 A86 YK . -124.42 -21.72 58.58
C28 A86 YK . -124.98 -23.08 58.40
C29 A86 YK . -123.59 -21.35 59.90
C3 A86 YK . -128.29 -19.49 52.36
C30 A86 YK . -123.00 -22.41 60.70
C31 A86 YK . -122.40 -23.45 61.49
C32 A86 YK . -123.30 -24.40 62.32
C33 A86 YK . -122.62 -25.33 63.33
C34 A86 YK . -121.22 -25.77 62.91
C35 A86 YK . -120.29 -24.60 62.52
C36 A86 YK . -120.94 -23.30 61.97
C37 A86 YK . -120.83 -22.17 63.01
C38 A86 YK . -119.37 -26.98 63.88
C39 A86 YK . -119.15 -28.16 62.90
C4 A86 YK . -128.75 -18.32 51.75
C40 A86 YK . -124.29 -23.53 63.11
C41 A86 YK . -124.10 -25.28 61.34
C5 A86 YK . -129.66 -18.30 50.36
C6 A86 YK . -130.67 -17.33 50.33
C7 A86 YK . -130.88 -16.38 51.58
C8 A86 YK . -131.65 -17.16 49.05
C9 A86 YK . -131.11 -17.12 47.68
O1 A86 YK . -133.39 -20.15 43.25
O2 A86 YK . -131.58 -21.65 39.15
O3 A86 YK . -120.20 -22.90 60.85
O4 A86 YK . -120.69 -26.41 64.05
O5 A86 YK . -118.47 -26.55 64.52
C A86 ZK . -134.82 -41.03 59.87
O A86 ZK . -142.32 -48.43 53.39
C1 A86 ZK . -135.98 -40.66 60.83
C10 A86 ZK . -142.49 -45.71 55.22
C11 A86 ZK . -141.71 -46.36 54.18
C12 A86 ZK . -140.24 -46.09 54.10
C13 A86 ZK . -142.37 -47.27 53.22
C14 A86 ZK . -143.16 -46.67 51.87
C15 A86 ZK . -142.05 -46.37 50.80
C16 A86 ZK . -141.99 -44.96 50.21
C17 A86 ZK . -141.60 -44.73 48.74
C18 A86 ZK . -141.11 -45.88 47.99
C19 A86 ZK . -142.00 -47.13 48.30
C2 A86 ZK . -137.30 -41.10 60.60
C20 A86 ZK . -141.70 -47.46 49.84
C21 A86 ZK . -142.51 -48.80 50.06
C22 A86 ZK . -143.36 -44.23 50.41
C23 A86 ZK . -140.99 -44.17 51.02
C24 A86 ZK . -135.72 -39.81 62.06
C25 A86 ZK . -134.52 -39.07 62.20
C26 A86 ZK . -134.31 -38.18 63.55
C27 A86 ZK . -133.01 -37.98 64.07
C28 A86 ZK . -131.85 -38.59 63.38
C29 A86 ZK . -132.79 -37.11 65.40
C3 A86 ZK . -137.66 -41.93 59.44
C30 A86 ZK . -131.48 -36.53 65.67
C31 A86 ZK . -130.20 -35.95 65.97
C32 A86 ZK . -129.02 -36.86 66.36
C33 A86 ZK . -127.74 -36.20 66.88
C34 A86 ZK . -127.49 -34.81 66.27
C35 A86 ZK . -128.69 -33.85 66.36
C36 A86 ZK . -130.11 -34.48 66.40
C37 A86 ZK . -130.72 -34.30 67.80
C38 A86 ZK . -125.93 -32.99 66.60
C39 A86 ZK . -125.25 -32.82 65.22
C4 A86 ZK . -138.99 -42.35 59.37
C40 A86 ZK . -129.52 -37.81 67.48
C41 A86 ZK . -128.63 -37.72 65.14
C5 A86 ZK . -139.60 -43.30 58.15
C6 A86 ZK . -140.51 -44.28 58.54
C7 A86 ZK . -140.88 -44.41 60.08
C8 A86 ZK . -141.21 -45.28 57.48
C9 A86 ZK . -141.79 -44.77 56.24
O1 A86 ZK . -140.88 -47.26 51.05
O2 A86 ZK . -141.14 -45.60 46.61
O3 A86 ZK . -130.92 -33.76 65.51
O4 A86 ZK . -126.42 -34.28 67.02
O5 A86 ZK . -126.06 -32.05 67.33
MG CLA AL . -126.89 -7.13 62.82
CHA CLA AL . -126.62 -10.21 64.36
CHB CLA AL . -124.41 -5.92 64.78
CHC CLA AL . -127.17 -4.13 61.22
CHD CLA AL . -129.59 -8.38 60.89
NA CLA AL . -125.72 -7.96 64.33
C1A CLA AL . -125.73 -9.28 64.83
C2A CLA AL . -124.69 -9.45 65.93
C3A CLA AL . -124.04 -8.05 66.04
C4A CLA AL . -124.77 -7.24 64.98
CMA CLA AL . -124.23 -7.48 67.41
CAA CLA AL . -123.58 -10.43 65.61
CBA CLA AL . -122.92 -10.15 64.29
CGA CLA AL . -122.21 -11.39 63.83
O1A CLA AL . -121.38 -12.06 64.44
O2A CLA AL . -122.59 -11.79 62.59
NB CLA AL . -125.91 -5.40 62.91
C1B CLA AL . -125.00 -5.06 63.85
C2B CLA AL . -124.69 -3.61 63.77
C3B CLA AL . -125.48 -3.10 62.77
C4B CLA AL . -126.26 -4.23 62.21
CMB CLA AL . -123.75 -2.94 64.66
CAB CLA AL . -125.61 -1.77 62.29
CBB CLA AL . -126.59 -0.94 62.69
NC CLA AL . -128.14 -6.42 61.33
C1C CLA AL . -128.06 -5.16 60.81
C2C CLA AL . -129.03 -4.99 59.75
C3C CLA AL . -129.75 -6.17 59.68
C4C CLA AL . -129.20 -7.06 60.68
CMC CLA AL . -129.19 -3.78 58.94
CAC CLA AL . -130.83 -6.48 58.75
CBC CLA AL . -130.28 -7.05 57.47
ND CLA AL . -127.96 -8.84 62.68
C1D CLA AL . -129.00 -9.23 61.81
C2D CLA AL . -129.33 -10.64 62.07
C3D CLA AL . -128.46 -11.06 63.05
C4D CLA AL . -127.62 -9.90 63.39
CMD CLA AL . -130.34 -11.40 61.36
CAD CLA AL . -128.05 -12.17 63.87
OBD CLA AL . -128.50 -13.30 63.95
CBD CLA AL . -126.84 -11.66 64.72
CGD CLA AL . -127.12 -11.76 66.18
O1D CLA AL . -127.99 -11.19 66.81
O2D CLA AL . -126.24 -12.58 66.83
CED CLA AL . -125.81 -12.18 68.12
C1 CLA AL . -121.64 -12.54 61.82
C2 CLA AL . -122.05 -12.44 60.41
C3 CLA AL . -121.78 -13.38 59.49
C4 CLA AL . -121.04 -14.61 59.82
C5 CLA AL . -122.24 -13.24 58.08
C6 CLA AL . -122.90 -14.51 57.60
C7 CLA AL . -123.98 -14.24 56.58
C8 CLA AL . -125.23 -15.08 56.82
C9 CLA AL . -124.90 -16.55 57.05
C10 CLA AL . -126.18 -14.95 55.64
C11 CLA AL . -125.57 -15.50 54.37
C12 CLA AL . -125.73 -14.52 53.23
C13 CLA AL . -125.66 -15.24 51.89
C14 CLA AL . -124.28 -15.80 51.64
C15 CLA AL . -126.07 -14.30 50.76
C16 CLA AL . -127.05 -14.99 49.83
C17 CLA AL . -126.38 -15.43 48.54
C18 CLA AL . -127.33 -16.24 47.67
C19 CLA AL . -128.31 -15.36 46.95
C20 CLA AL . -126.53 -17.05 46.67
MG CLA BL . -96.19 -11.75 61.01
CHA CLA BL . -95.00 -12.13 64.20
CHB CLA BL . -97.51 -8.70 61.81
CHC CLA BL . -97.32 -11.47 57.82
CHD CLA BL . -94.53 -14.76 60.13
NA CLA BL . -96.26 -10.65 62.76
C1A CLA BL . -95.70 -10.97 63.99
C2A CLA BL . -96.01 -9.86 65.00
C3A CLA BL . -96.89 -8.88 64.23
C4A CLA BL . -96.90 -9.43 62.82
CMA CLA BL . -98.23 -9.15 64.83
CAA CLA BL . -94.94 -9.03 65.71
CBA CLA BL . -93.74 -8.33 65.09
CGA CLA BL . -93.60 -8.55 63.61
O1A CLA BL . -93.14 -9.55 63.04
O2A CLA BL . -94.05 -7.52 62.83
NB CLA BL . -97.16 -10.34 59.99
C1B CLA BL . -97.63 -9.17 60.50
C2B CLA BL . -98.41 -8.48 59.45
C3B CLA BL . -98.37 -9.25 58.33
C4B CLA BL . -97.59 -10.45 58.66
CMB CLA BL . -99.09 -7.21 59.67
CAB CLA BL . -98.96 -9.06 57.04
CBB CLA BL . -98.42 -8.31 56.10
NC CLA BL . -96.00 -12.92 59.31
C1C CLA BL . -96.57 -12.63 58.11
C2C CLA BL . -96.29 -13.68 57.15
C3C CLA BL . -95.46 -14.57 57.79
C4C CLA BL . -95.26 -14.10 59.14
CMC CLA BL . -96.74 -13.76 55.78
CAC CLA BL . -94.93 -15.80 57.20
CBC CLA BL . -93.54 -15.64 56.68
ND CLA BL . -95.16 -13.23 61.91
C1D CLA BL . -94.48 -14.38 61.43
C2D CLA BL . -93.78 -15.04 62.54
C3D CLA BL . -94.00 -14.26 63.64
C4D CLA BL . -94.79 -13.09 63.18
CMD CLA BL . -93.06 -16.30 62.43
CAD CLA BL . -93.71 -14.06 65.02
OBD CLA BL . -93.06 -14.77 65.78
CBD CLA BL . -94.32 -12.69 65.41
CGD CLA BL . -95.33 -12.97 66.47
O1D CLA BL . -96.20 -13.84 66.44
O2D CLA BL . -95.23 -12.19 67.58
CED CLA BL . -94.50 -12.73 68.68
C1 CLA BL . -94.04 -7.82 61.43
C2 CLA BL . -94.26 -6.57 60.65
C3 CLA BL . -94.67 -6.60 59.37
C4 CLA BL . -94.96 -7.87 58.69
C5 CLA BL . -94.90 -5.37 58.58
C6 CLA BL . -93.68 -4.99 57.77
C7 CLA BL . -93.79 -5.35 56.29
C8 CLA BL . -92.49 -5.25 55.50
C9 CLA BL . -91.38 -4.45 56.17
C10 CLA BL . -92.73 -4.65 54.12
C11 CLA BL . -91.97 -5.42 53.08
C12 CLA BL . -92.74 -6.66 52.70
C13 CLA BL . -92.88 -6.76 51.19
C14 CLA BL . -93.66 -5.59 50.62
C15 CLA BL . -93.55 -8.06 50.80
C16 CLA BL . -92.62 -9.21 51.12
C17 CLA BL . -93.04 -10.44 50.34
C18 CLA BL . -91.87 -11.34 49.98
C19 CLA BL . -92.34 -12.39 48.99
C20 CLA BL . -90.72 -10.55 49.37
MG CLA CL . -102.28 -4.72 53.53
CHA CLA CL . -102.83 -2.43 56.06
CHB CLA CL . -99.17 -5.27 54.66
CHC CLA CL . -101.69 -6.76 50.82
CHD CLA CL . -105.60 -4.28 52.44
NA CLA CL . -101.20 -3.97 55.14
C1A CLA CL . -101.58 -3.01 56.09
C2A CLA CL . -100.38 -2.78 57.06
C3A CLA CL . -99.45 -3.97 56.76
C4A CLA CL . -99.95 -4.43 55.40
CMA CLA CL . -97.98 -3.63 56.71
CAA CLA CL . -100.60 -2.67 58.56
CBA CLA CL . -99.80 -1.51 59.13
CGA CLA CL . -100.51 -0.85 60.26
O1A CLA CL . -100.27 0.23 60.79
O2A CLA CL . -101.58 -1.57 60.75
NB CLA CL . -100.76 -5.89 52.93
C1B CLA CL . -99.51 -5.79 53.41
C2B CLA CL . -98.53 -6.37 52.46
C3B CLA CL . -99.24 -6.79 51.38
C4B CLA CL . -100.67 -6.49 51.67
CMB CLA CL . -97.10 -6.37 52.79
CAB CLA CL . -98.90 -7.40 50.12
CBB CLA CL . -97.75 -7.94 49.74
NC CLA CL . -103.45 -5.42 51.95
C1C CLA CL . -103.00 -6.26 50.97
C2C CLA CL . -104.06 -6.53 50.03
C3C CLA CL . -105.17 -5.83 50.47
C4C CLA CL . -104.79 -5.15 51.69
CMC CLA CL . -103.91 -7.36 48.85
CAC CLA CL . -106.48 -5.80 49.84
CBC CLA CL . -107.34 -6.83 50.50
ND CLA CL . -103.85 -3.59 54.04
C1D CLA CL . -105.18 -3.55 53.52
C2D CLA CL . -105.95 -2.60 54.32
C3D CLA CL . -105.09 -2.10 55.25
C4D CLA CL . -103.81 -2.77 55.08
CMD CLA CL . -107.35 -2.27 54.04
CAD CLA CL . -104.95 -1.20 56.37
OBD CLA CL . -105.77 -0.42 56.83
CBD CLA CL . -103.53 -1.44 56.96
CGD CLA CL . -102.73 -0.18 57.04
O1D CLA CL . -101.61 0.03 56.61
O2D CLA CL . -103.36 0.83 57.70
CED CLA CL . -103.49 0.67 59.11
MG CLA DL . -114.92 -18.32 43.62
CHA CLA DL . -116.58 -18.72 40.64
CHB CLA DL . -114.21 -15.11 42.81
CHC CLA DL . -113.46 -17.93 46.69
CHD CLA DL . -115.75 -21.64 44.46
NA CLA DL . -115.34 -17.13 41.97
C1A CLA DL . -116.07 -17.47 40.83
C2A CLA DL . -116.17 -16.27 39.89
C3A CLA DL . -115.25 -15.22 40.54
C4A CLA DL . -114.92 -15.84 41.89
CMA CLA DL . -114.02 -15.00 39.71
CAA CLA DL . -117.56 -15.63 39.84
CBA CLA DL . -118.59 -16.02 40.90
CGA CLA DL . -118.31 -15.45 42.25
O1A CLA DL . -118.45 -14.29 42.64
O2A CLA DL . -117.84 -16.36 43.14
NB CLA DL . -113.97 -16.82 44.56
C1B CLA DL . -113.82 -15.57 44.07
C2B CLA DL . -113.13 -14.73 45.09
C3B CLA DL . -112.92 -15.53 46.19
C4B CLA DL . -113.46 -16.87 45.86
CMB CLA DL . -112.82 -13.34 44.87
CAB CLA DL . -112.33 -15.24 47.45
CBB CLA DL . -111.08 -14.81 47.63
NC CLA DL . -114.63 -19.58 45.26
C1C CLA DL . -113.99 -19.21 46.40
C2C CLA DL . -113.97 -20.32 47.32
C3C CLA DL . -114.63 -21.37 46.71
C4C CLA DL . -115.04 -20.88 45.40
CMC CLA DL . -113.36 -20.27 48.65
CAC CLA DL . -114.88 -22.72 47.24
CBC CLA DL . -116.25 -22.83 47.85
ND CLA DL . -115.90 -19.87 42.79
C1D CLA DL . -116.17 -21.17 43.24
C2D CLA DL . -116.91 -21.90 42.19
C3D CLA DL . -117.07 -21.00 41.15
C4D CLA DL . -116.45 -19.75 41.59
CMD CLA DL . -117.34 -23.28 42.30
CAD CLA DL . -117.60 -20.79 39.82
OBD CLA DL . -118.13 -21.59 39.07
CBD CLA DL . -117.33 -19.30 39.47
CGD CLA DL . -116.48 -19.21 38.25
O1D CLA DL . -116.40 -18.27 37.46
O2D CLA DL . -115.71 -20.31 38.05
CED CLA DL . -114.59 -20.17 37.17
C1 CLA DL . -118.74 -17.01 44.05
C2 CLA DL . -117.87 -17.55 45.12
C3 CLA DL . -118.30 -18.26 46.17
C4 CLA DL . -119.72 -18.58 46.37
C5 CLA DL . -117.35 -18.76 47.19
C6 CLA DL . -117.72 -18.33 48.59
C7 CLA DL . -116.93 -17.13 49.06
C8 CLA DL . -117.37 -16.68 50.45
C9 CLA DL . -117.97 -15.29 50.43
C10 CLA DL . -116.23 -16.74 51.45
C11 CLA DL . -116.75 -16.93 52.86
C12 CLA DL . -117.65 -18.14 52.98
C13 CLA DL . -117.16 -19.17 53.99
C14 CLA DL . -116.04 -20.03 53.43
C15 CLA DL . -118.30 -20.08 54.42
C16 CLA DL . -119.23 -19.33 55.37
C17 CLA DL . -120.63 -19.89 55.36
C18 CLA DL . -121.69 -18.89 54.91
C19 CLA DL . -121.47 -17.51 55.49
C20 CLA DL . -121.74 -18.80 53.39
MG CLA EL . -126.50 -10.39 41.77
CHA CLA EL . -128.25 -10.23 44.73
CHB CLA EL . -123.65 -11.09 43.47
CHC CLA EL . -124.75 -10.29 38.81
CHD CLA EL . -129.42 -9.50 40.03
NA CLA EL . -126.06 -10.68 43.77
C1A CLA EL . -126.92 -10.55 44.87
C2A CLA EL . -126.15 -10.83 46.17
C3A CLA EL . -124.74 -11.20 45.70
C4A CLA EL . -124.81 -10.99 44.20
CMA CLA EL . -123.69 -10.32 46.33
CAA CLA EL . -126.70 -11.98 46.98
CBA CLA EL . -127.19 -11.47 48.32
CGA CLA EL . -126.50 -10.19 48.70
O1A CLA EL . -126.91 -9.03 48.61
O2A CLA EL . -125.26 -10.40 49.23
NB CLA EL . -124.57 -10.53 41.26
C1B CLA EL . -123.58 -10.93 42.09
C2B CLA EL . -122.36 -11.24 41.31
C3B CLA EL . -122.67 -11.01 39.98
C4B CLA EL . -124.07 -10.59 39.94
CMB CLA EL . -121.17 -11.72 42.00
CAB CLA EL . -121.96 -11.15 38.73
CBB CLA EL . -120.68 -11.49 38.54
NC CLA EL . -127.02 -10.03 39.78
C1C CLA EL . -126.14 -10.05 38.74
C2C CLA EL . -126.82 -9.74 37.50
C3C CLA EL . -128.15 -9.50 37.84
C4C CLA EL . -128.25 -9.68 39.27
CMC CLA EL . -126.16 -9.70 36.19
CAC CLA EL . -129.23 -9.12 36.92
CBC CLA EL . -129.31 -7.62 36.73
ND CLA EL . -128.46 -10.24 42.17
C1D CLA EL . -129.53 -9.74 41.37
C2D CLA EL . -130.70 -9.57 42.24
C3D CLA EL . -130.28 -9.78 43.52
C4D CLA EL . -128.85 -10.11 43.44
CMD CLA EL . -132.03 -9.21 41.78
CAD CLA EL . -130.68 -9.86 44.90
OBD CLA EL . -131.79 -9.88 45.39
CBD CLA EL . -129.36 -9.91 45.71
CGD CLA EL . -129.13 -8.56 46.31
O1D CLA EL . -129.44 -8.16 47.43
O2D CLA EL . -128.53 -7.67 45.46
CED CLA EL . -129.12 -6.38 45.33
MG CLA FL . -111.59 -3.58 55.01
CHA CLA FL . -108.96 -3.33 57.22
CHB CLA FL . -112.98 -0.78 56.33
CHC CLA FL . -114.04 -3.73 52.64
CHD CLA FL . -109.95 -6.28 53.44
NA CLA FL . -111.08 -2.34 56.60
C1A CLA FL . -109.94 -2.39 57.39
C2A CLA FL . -109.98 -1.29 58.45
C3A CLA FL . -111.41 -0.73 58.30
C4A CLA FL . -111.88 -1.32 56.97
CMA CLA FL . -112.30 -1.21 59.39
CAA CLA FL . -109.00 -0.16 58.21
CBA CLA FL . -108.21 0.15 59.47
CGA CLA FL . -109.00 -0.19 60.69
O1A CLA FL . -108.91 -1.19 61.41
O2A CLA FL . -109.92 0.74 61.01
NB CLA FL . -113.17 -2.44 54.54
C1B CLA FL . -113.53 -1.29 55.14
C2B CLA FL . -114.69 -0.70 54.42
C3B CLA FL . -114.99 -1.53 53.38
C4B CLA FL . -114.06 -2.68 53.47
CMB CLA FL . -115.37 0.51 54.86
CAB CLA FL . -116.04 -1.45 52.40
CBB CLA FL . -115.86 -1.22 51.10
NC CLA FL . -111.98 -4.86 53.43
C1C CLA FL . -113.08 -4.78 52.64
C2C CLA FL . -113.09 -5.86 51.68
C3C CLA FL . -111.87 -6.53 51.82
C4C CLA FL . -111.19 -5.89 52.92
CMC CLA FL . -114.16 -6.08 50.73
CAC CLA FL . -111.43 -7.72 51.08
CBC CLA FL . -110.90 -7.46 49.69
ND CLA FL . -110.00 -4.78 55.37
C1D CLA FL . -109.37 -5.76 54.56
C2D CLA FL . -108.06 -6.11 55.14
C3D CLA FL . -107.90 -5.24 56.21
C4D CLA FL . -109.09 -4.38 56.25
CMD CLA FL . -107.16 -7.15 54.67
CAD CLA FL . -107.05 -4.86 57.29
OBD CLA FL . -106.07 -5.43 57.76
CBD CLA FL . -107.60 -3.52 57.84
CGD CLA FL . -107.59 -3.55 59.33
O1D CLA FL . -106.94 -2.83 60.09
O2D CLA FL . -108.33 -4.54 59.87
CED CLA FL . -107.73 -5.26 60.94
MG CLA GL . -111.35 -18.69 62.55
CHA CLA GL . -112.87 -17.71 65.45
CHB CLA GL . -109.91 -21.28 64.23
CHC CLA GL . -109.96 -19.73 59.62
CHD CLA GL . -113.03 -16.09 60.86
NA CLA GL . -111.34 -19.31 64.52
C1A CLA GL . -112.05 -18.78 65.60
C2A CLA GL . -111.78 -19.54 66.87
C3A CLA GL . -110.60 -20.43 66.47
C4A CLA GL . -110.59 -20.35 64.95
CMA CLA GL . -109.34 -19.76 66.95
CAA CLA GL . -112.97 -20.38 67.34
CBA CLA GL . -112.96 -21.83 66.90
CGA CLA GL . -113.67 -21.96 65.59
O1A CLA GL . -114.84 -21.71 65.32
O2A CLA GL . -112.86 -22.43 64.60
NB CLA GL . -110.19 -20.22 62.02
C1B CLA GL . -109.80 -21.22 62.84
C2B CLA GL . -109.03 -22.21 62.09
C3B CLA GL . -109.02 -21.81 60.79
C4B CLA GL . -109.73 -20.50 60.72
CMB CLA GL . -108.45 -23.34 62.82
CAB CLA GL . -108.41 -22.43 59.65
CBB CLA GL . -107.18 -22.93 59.62
NC CLA GL . -111.46 -18.01 60.60
C1C CLA GL . -110.77 -18.56 59.56
C2C CLA GL . -111.05 -17.78 58.37
C3C CLA GL . -111.97 -16.80 58.71
C4C CLA GL . -112.20 -16.94 60.12
CMC CLA GL . -110.52 -18.01 57.05
CAC CLA GL . -112.54 -15.79 57.82
CBC CLA GL . -113.86 -16.26 57.24
ND CLA GL . -112.58 -17.16 62.99
C1D CLA GL . -113.19 -16.16 62.21
C2D CLA GL . -114.05 -15.34 63.07
C3D CLA GL . -113.96 -15.88 64.32
C4D CLA GL . -113.05 -17.03 64.22
CMD CLA GL . -114.81 -14.20 62.62
CAD CLA GL . -114.43 -15.85 65.68
OBD CLA GL . -115.30 -15.17 66.19
CBD CLA GL . -113.67 -16.94 66.46
CGD CLA GL . -112.68 -16.35 67.40
O1D CLA GL . -112.44 -16.69 68.56
O2D CLA GL . -111.97 -15.32 66.87
CED CLA GL . -110.66 -15.10 67.41
MG CLA HL . -104.08 -26.69 57.15
CHA CLA HL . -104.24 -27.75 60.45
CHB CLA HL . -107.42 -26.21 57.17
CHC CLA HL . -104.01 -26.46 53.74
CHD CLA HL . -100.66 -27.49 57.09
NA CLA HL . -105.54 -26.81 58.63
C1A CLA HL . -105.43 -27.30 59.95
C2A CLA HL . -106.81 -27.19 60.63
C3A CLA HL . -107.56 -26.23 59.69
C4A CLA HL . -106.81 -26.42 58.38
CMA CLA HL . -109.04 -26.50 59.56
CAA CLA HL . -106.83 -26.53 61.99
CBA CLA HL . -107.78 -27.19 62.95
CGA CLA HL . -107.06 -27.74 64.15
O1A CLA HL . -105.98 -28.32 64.23
O2A CLA HL . -107.73 -27.55 65.31
NB CLA HL . -105.43 -26.22 55.75
C1B CLA HL . -106.75 -26.38 55.95
C2B CLA HL . -107.44 -26.79 54.71
C3B CLA HL . -106.48 -26.85 53.74
C4B CLA HL . -105.20 -26.48 54.38
CMB CLA HL . -108.87 -27.03 54.62
CAB CLA HL . -106.63 -27.20 52.35
CBB CLA HL . -107.06 -26.24 51.54
NC CLA HL . -102.57 -26.74 55.72
C1C CLA HL . -102.76 -26.54 54.40
C2C CLA HL . -101.51 -26.62 53.68
C3C CLA HL . -100.57 -27.01 54.62
C4C CLA HL . -101.25 -27.08 55.90
CMC CLA HL . -101.37 -26.43 52.25
CAC CLA HL . -99.15 -27.23 54.37
CBC CLA HL . -98.38 -25.93 54.41
ND CLA HL . -102.67 -27.23 58.48
C1D CLA HL . -101.33 -27.61 58.29
C2D CLA HL . -100.78 -28.11 59.55
C3D CLA HL . -101.85 -28.17 60.42
C4D CLA HL . -103.01 -27.65 59.69
CMD CLA HL . -99.40 -28.52 59.77
CAD CLA HL . -102.27 -28.47 61.76
OBD CLA HL . -101.61 -28.74 62.75
CBD CLA HL . -103.80 -28.39 61.75
CGD CLA HL . -104.36 -29.76 61.92
O1D CLA HL . -104.35 -30.45 62.95
O2D CLA HL . -104.92 -30.29 60.81
CED CLA HL . -104.79 -31.69 60.61
MG CLA IL . -92.49 -19.32 43.49
CHA CLA IL . -90.93 -20.09 40.51
CHB CLA IL . -93.24 -22.58 43.91
CHC CLA IL . -93.71 -18.57 46.58
CHD CLA IL . -91.46 -15.97 43.11
NA CLA IL . -92.17 -21.02 42.35
C1A CLA IL . -91.48 -21.14 41.15
C2A CLA IL . -91.46 -22.59 40.69
C3A CLA IL . -92.53 -23.23 41.59
C4A CLA IL . -92.63 -22.23 42.72
CMA CLA IL . -93.84 -23.35 40.85
CAA CLA IL . -90.18 -23.19 41.24
CBA CLA IL . -88.99 -23.20 40.30
CGA CLA IL . -87.74 -23.36 41.12
O1A CLA IL . -87.12 -24.39 41.39
O2A CLA IL . -87.27 -22.18 41.62
NB CLA IL . -93.40 -20.36 44.92
C1B CLA IL . -93.43 -21.71 44.97
C2B CLA IL . -93.75 -22.17 46.35
C3B CLA IL . -93.89 -21.03 47.11
C4B CLA IL . -93.69 -19.87 46.20
CMB CLA IL . -93.86 -23.57 46.73
CAB CLA IL . -94.18 -20.87 48.48
CBB CLA IL . -95.42 -20.72 48.97
NC CLA IL . -92.66 -17.57 44.59
C1C CLA IL . -93.24 -17.48 45.81
C2C CLA IL . -93.20 -16.12 46.28
C3C CLA IL . -92.49 -15.39 45.35
C4C CLA IL . -92.15 -16.31 44.28
CMC CLA IL . -93.76 -15.66 47.55
CAC CLA IL . -92.13 -13.97 45.41
CBC CLA IL . -93.21 -13.08 44.86
ND CLA IL . -91.52 -18.21 42.12
C1D CLA IL . -91.15 -16.85 42.10
C2D CLA IL . -90.46 -16.58 40.84
C3D CLA IL . -90.40 -17.77 40.16
C4D CLA IL . -91.04 -18.76 41.02
CMD CLA IL . -89.96 -15.27 40.44
CAD CLA IL . -89.98 -18.45 38.96
OBD CLA IL . -89.55 -17.98 37.92
CBD CLA IL . -90.23 -19.96 39.18
CGD CLA IL . -91.06 -20.49 38.06
O1D CLA IL . -90.69 -21.19 37.12
O2D CLA IL . -92.36 -20.11 38.15
CED CLA IL . -93.28 -20.73 37.25
C A86 JL . -109.11 -22.03 53.36
O A86 JL . -97.67 -24.28 47.73
C1 A86 JL . -108.84 -22.87 54.65
C10 A86 JL . -100.38 -23.13 49.52
C11 A86 JL . -98.96 -23.24 49.32
C12 A86 JL . -98.03 -23.18 50.50
C13 A86 JL . -98.44 -23.42 47.95
C14 A86 JL . -98.95 -22.41 46.73
C15 A86 JL . -99.03 -23.20 45.37
C16 A86 JL . -99.52 -24.62 45.39
C17 A86 JL . -98.39 -25.65 45.52
C18 A86 JL . -97.53 -25.59 44.36
C19 A86 JL . -96.88 -24.16 44.23
C2 A86 JL . -107.72 -23.72 54.74
C20 A86 JL . -97.95 -22.96 44.38
C21 A86 JL . -97.05 -21.71 44.72
C22 A86 JL . -100.28 -24.87 44.06
C23 A86 JL . -100.48 -24.82 46.54
C24 A86 JL . -109.77 -22.79 55.83
C25 A86 JL . -110.73 -21.76 56.01
C26 A86 JL . -111.59 -21.90 57.40
C27 A86 JL . -112.81 -22.61 57.40
C28 A86 JL . -113.33 -23.20 56.15
C29 A86 JL . -113.62 -22.77 58.78
C3 A86 JL . -106.77 -23.82 53.62
C30 A86 JL . -114.58 -21.77 59.23
C31 A86 JL . -115.54 -20.84 59.73
C32 A86 JL . -117.04 -21.15 59.50
C33 A86 JL . -118.03 -20.32 60.33
C34 A86 JL . -117.49 -18.88 60.44
C35 A86 JL . -116.18 -18.83 61.25
C36 A86 JL . -115.27 -20.06 61.03
C37 A86 JL . -113.81 -19.55 61.00
C38 A86 JL . -118.31 -17.73 58.54
C39 A86 JL . -118.03 -16.41 57.76
C4 A86 JL . -105.68 -22.94 53.59
C40 A86 JL . -117.36 -20.90 58.00
C41 A86 JL . -117.26 -22.65 59.82
C5 A86 JL . -104.63 -23.04 52.32
C6 A86 JL . -103.23 -22.96 52.44
C7 A86 JL . -102.50 -22.74 53.82
C8 A86 JL . -102.41 -23.11 51.07
C9 A86 JL . -100.96 -22.94 50.95
O1 A86 JL . -99.28 -22.34 44.19
O2 A86 JL . -96.50 -26.54 44.49
O3 A86 JL . -115.43 -20.93 62.11
O4 A86 JL . -117.22 -18.46 59.14
O5 A86 JL . -119.41 -18.13 58.64
C A86 KL . -97.02 -12.00 51.67
O A86 KL . -109.05 -12.38 45.29
C1 A86 KL . -97.66 -11.23 52.85
C10 A86 KL . -106.21 -12.19 47.42
C11 A86 KL . -107.61 -12.11 47.10
C12 A86 KL . -108.60 -11.48 48.05
C13 A86 KL . -108.05 -12.70 45.81
C14 A86 KL . -107.02 -13.84 45.15
C15 A86 KL . -107.27 -14.23 43.64
C16 A86 KL . -107.07 -13.20 42.55
C17 A86 KL . -108.35 -12.66 41.90
C18 A86 KL . -109.15 -13.76 41.38
C19 A86 KL . -109.66 -14.61 42.59
C2 A86 KL . -99.02 -10.88 52.82
C20 A86 KL . -108.37 -15.20 43.35
C21 A86 KL . -108.99 -15.89 44.63
C22 A86 KL . -106.23 -13.94 41.48
C23 A86 KL . -106.24 -12.01 42.98
C24 A86 KL . -96.80 -10.90 54.05
C25 A86 KL . -95.39 -11.05 53.96
C26 A86 KL . -94.46 -10.72 55.26
C27 A86 KL . -94.11 -9.39 55.58
C28 A86 KL . -94.57 -8.26 54.74
C29 A86 KL . -93.21 -9.05 56.86
C3 A86 KL . -99.82 -11.25 51.66
C30 A86 KL . -91.96 -9.74 57.15
C31 A86 KL . -90.73 -10.38 57.47
C32 A86 KL . -89.40 -9.85 56.90
C33 A86 KL . -88.31 -10.89 56.61
C34 A86 KL . -88.29 -12.08 57.57
C35 A86 KL . -89.69 -12.68 57.80
C36 A86 KL . -90.62 -11.61 58.39
C37 A86 KL . -92.03 -12.21 58.56
C38 A86 KL . -86.07 -12.89 57.36
C39 A86 KL . -84.96 -12.98 56.27
C4 A86 KL . -101.16 -10.87 51.56
C40 A86 KL . -88.83 -8.79 57.90
C41 A86 KL . -89.73 -9.13 55.57
C5 A86 KL . -102.00 -11.35 50.22
C6 A86 KL . -103.39 -11.33 50.24
C7 A86 KL . -104.18 -10.84 51.52
C8 A86 KL . -104.18 -11.83 48.93
C9 A86 KL . -105.62 -11.63 48.73
O1 A86 KL . -106.96 -15.65 43.39
O2 A86 KL . -110.24 -13.26 40.65
O3 A86 KL . -90.15 -11.24 59.66
O4 A86 KL . -87.46 -13.07 57.00
O5 A86 KL . -85.79 -12.69 58.48
C A86 LL . -88.82 -13.52 47.58
O A86 LL . -94.87 -21.92 56.43
C1 A86 LL . -88.90 -14.73 46.60
C10 A86 LL . -92.60 -20.41 54.15
C11 A86 LL . -93.89 -20.94 54.54
C12 A86 LL . -94.86 -21.37 53.48
C13 A86 LL . -94.24 -21.03 55.99
C14 A86 LL . -93.75 -19.75 56.95
C15 A86 LL . -93.24 -20.02 58.41
C16 A86 LL . -91.94 -20.79 58.63
C17 A86 LL . -92.03 -22.16 59.30
C18 A86 LL . -92.82 -22.10 60.53
C19 A86 LL . -94.28 -21.74 60.13
C2 A86 LL . -89.23 -16.03 47.05
C20 A86 LL . -94.25 -20.26 59.49
C21 A86 LL . -95.73 -20.07 59.01
C22 A86 LL . -91.11 -19.89 59.58
C23 A86 LL . -91.09 -20.92 57.39
C24 A86 LL . -88.68 -14.55 45.12
C25 A86 LL . -87.98 -13.50 44.48
C26 A86 LL . -87.97 -13.64 42.84
C27 A86 LL . -87.01 -14.41 42.16
C28 A86 LL . -85.91 -15.10 42.89
C29 A86 LL . -87.10 -14.52 40.56
C3 A86 LL . -89.52 -16.33 48.45
C30 A86 LL . -86.50 -13.53 39.67
C31 A86 LL . -85.92 -12.57 38.78
C32 A86 LL . -84.50 -11.99 39.02
C33 A86 LL . -83.94 -11.01 37.97
C34 A86 LL . -84.94 -10.22 37.10
C35 A86 LL . -86.44 -10.51 37.39
C36 A86 LL . -86.68 -12.00 37.57
C37 A86 LL . -88.20 -12.22 37.81
C38 A86 LL . -85.26 -8.03 38.21
C39 A86 LL . -86.17 -6.82 37.83
C4 A86 LL . -89.61 -17.67 48.86
C40 A86 LL . -84.47 -11.33 40.43
C41 A86 LL . -83.53 -13.20 39.07
C5 A86 LL . -89.99 -17.96 50.45
C6 A86 LL . -90.76 -19.10 50.75
C7 A86 LL . -91.23 -20.06 49.58
C8 A86 LL . -91.16 -19.36 52.28
C9 A86 LL . -92.25 -20.27 52.65
O1 A86 LL . -93.64 -18.93 59.32
O2 A86 LL . -92.81 -23.36 61.18
O3 A86 LL . -86.30 -12.69 36.41
O4 A86 LL . -84.66 -8.83 37.17
O5 A86 LL . -85.07 -8.25 39.34
C A86 ML . -122.72 -16.08 45.51
O A86 ML . -112.05 -11.87 52.28
C1 A86 ML . -122.43 -15.23 44.25
C10 A86 ML . -114.56 -12.48 49.81
C11 A86 ML . -113.23 -12.19 50.29
C12 A86 ML . -112.08 -11.98 49.36
C13 A86 ML . -113.07 -12.14 51.76
C14 A86 ML . -114.43 -12.53 52.66
C15 A86 ML . -114.30 -12.58 54.23
C16 A86 ML . -114.10 -11.28 54.99
C17 A86 ML . -112.73 -11.05 55.60
C18 A86 ML . -112.35 -12.21 56.41
C19 A86 ML . -112.12 -13.39 55.41
C2 A86 ML . -121.42 -14.24 44.24
C20 A86 ML . -113.57 -13.74 54.80
C21 A86 ML . -113.23 -14.91 53.80
C22 A86 ML . -115.13 -11.32 56.17
C23 A86 ML . -114.48 -10.06 54.18
C24 A86 ML . -123.23 -15.40 42.99
C25 A86 ML . -123.56 -14.21 42.30
C26 A86 ML . -124.40 -14.18 40.90
C27 A86 ML . -125.76 -14.52 40.75
C28 A86 ML . -126.62 -14.95 41.88
C29 A86 ML . -126.36 -14.39 39.28
C3 A86 ML . -120.62 -14.04 45.45
C30 A86 ML . -127.51 -15.18 38.90
C31 A86 ML . -128.64 -15.94 38.47
C32 A86 ML . -130.00 -15.24 38.28
C33 A86 ML . -131.20 -16.20 38.17
C34 A86 ML . -130.94 -17.38 37.22
C35 A86 ML . -129.68 -18.16 37.62
C36 A86 ML . -128.44 -17.26 37.70
C37 A86 ML . -127.31 -18.03 38.40
C38 A86 ML . -132.77 -18.49 36.13
C39 A86 ML . -133.29 -17.28 35.31
C4 A86 ML . -119.29 -13.66 45.33
C40 A86 ML . -129.95 -14.36 37.01
C41 A86 ML . -130.23 -14.31 39.50
C5 A86 ML . -118.40 -13.44 46.71
C6 A86 ML . -117.01 -13.35 46.69
C7 A86 ML . -116.18 -13.44 45.34
C8 A86 ML . -116.30 -13.14 48.12
C9 A86 ML . -114.97 -12.57 48.32
O1 A86 ML . -115.04 -13.70 54.82
O2 A86 ML . -111.16 -12.01 57.12
O3 A86 ML . -128.02 -16.96 36.40
O4 A86 ML . -132.03 -18.25 37.35
O5 A86 ML . -132.97 -19.58 35.76
MG CLA NL . -94.68 -26.37 60.89
CHA CLA NL . -97.81 -26.28 62.35
CHB CLA NL . -93.39 -27.77 63.67
CHC CLA NL . -91.66 -26.47 59.32
CHD CLA NL . -96.05 -24.78 58.02
NA CLA NL . -95.50 -26.94 62.72
C1A CLA NL . -96.84 -26.85 63.13
C2A CLA NL . -97.01 -27.39 64.53
C3A CLA NL . -95.61 -27.82 64.93
C4A CLA NL . -94.75 -27.50 63.70
CMA CLA NL . -95.34 -27.04 66.17
CAA CLA NL . -97.87 -28.63 64.63
CBA CLA NL . -97.49 -29.67 63.61
CGA CLA NL . -98.49 -30.77 63.69
O1A CLA NL . -98.63 -31.63 64.57
O2A CLA NL . -99.34 -30.78 62.62
NB CLA NL . -92.87 -27.03 61.40
C1B CLA NL . -92.52 -27.52 62.61
C2B CLA NL . -91.06 -27.79 62.60
C3B CLA NL . -90.58 -27.42 61.38
C4B CLA NL . -91.73 -26.93 60.59
CMB CLA NL . -90.34 -28.35 63.74
CAB CLA NL . -89.26 -27.44 60.81
CBB CLA NL . -88.20 -26.79 61.30
NC CLA NL . -94.01 -25.76 59.02
C1C CLA NL . -92.73 -25.93 58.58
C2C CLA NL . -92.61 -25.45 57.22
C3C CLA NL . -93.84 -24.94 56.88
C4C CLA NL . -94.70 -25.13 58.01
CMC CLA NL . -91.38 -25.52 56.43
CAC CLA NL . -94.24 -24.36 55.60
CBC CLA NL . -94.69 -25.42 54.63
ND CLA NL . -96.46 -25.65 60.29
C1D CLA NL . -96.88 -25.04 59.08
C2D CLA NL . -98.30 -24.73 59.18
C3D CLA NL . -98.69 -25.16 60.41
C4D CLA NL . -97.52 -25.74 61.07
CMD CLA NL . -99.07 -24.10 58.12
CAD CLA NL . -99.78 -25.27 61.32
OBD CLA NL . -100.91 -24.85 61.18
CBD CLA NL . -99.27 -26.02 62.57
CGD CLA NL . -99.44 -25.19 63.80
O1D CLA NL . -99.34 -23.98 63.91
O2D CLA NL . -99.73 -25.91 64.91
CED CLA NL . -99.34 -25.38 66.18
C1 CLA NL . -99.79 -32.08 62.21
C2 CLA NL . -99.91 -32.02 60.73
C3 CLA NL . -100.65 -32.89 60.04
C4 CLA NL . -101.42 -33.99 60.68
C5 CLA NL . -100.74 -32.80 58.56
C6 CLA NL . -101.82 -31.85 58.11
C7 CLA NL . -101.63 -31.60 56.63
C8 CLA NL . -102.67 -30.65 56.08
C9 CLA NL . -104.04 -31.28 56.20
C10 CLA NL . -102.37 -30.26 54.64
C11 CLA NL . -101.97 -31.42 53.75
C12 CLA NL . -100.97 -31.00 52.69
C13 CLA NL . -100.95 -31.99 51.53
C14 CLA NL . -100.43 -33.34 51.97
C15 CLA NL . -100.12 -31.47 50.36
C16 CLA NL . -100.96 -31.29 49.11
C17 CLA NL . -101.22 -32.59 48.36
C18 CLA NL . -101.93 -32.35 47.03
C19 CLA NL . -100.96 -32.44 45.88
C20 CLA NL . -103.05 -33.35 46.83
C A86 OL . -108.73 -30.66 52.88
O A86 OL . -104.01 -26.91 42.28
C1 A86 OL . -107.54 -30.05 53.67
C10 A86 OL . -104.16 -27.42 44.98
C11 A86 OL . -103.94 -28.45 43.98
C12 A86 OL . -103.91 -29.90 44.36
C13 A86 OL . -103.75 -28.01 42.58
C14 A86 OL . -103.18 -29.06 41.42
C15 A86 OL . -104.34 -30.04 41.06
C16 A86 OL . -103.99 -31.49 40.84
C17 A86 OL . -103.78 -31.84 39.37
C18 A86 OL . -105.02 -31.64 38.64
C19 A86 OL . -105.34 -30.10 38.62
C2 A86 OL . -106.59 -29.23 53.04
C20 A86 OL . -105.39 -29.53 40.12
C21 A86 OL . -105.32 -27.98 39.88
C22 A86 OL . -102.69 -31.87 41.61
C23 A86 OL . -105.11 -32.33 41.40
C24 A86 OL . -107.36 -30.30 55.14
C25 A86 OL . -108.45 -30.32 56.06
C26 A86 OL . -108.04 -30.61 57.62
C27 A86 OL . -108.96 -30.45 58.68
C28 A86 OL . -110.36 -30.03 58.43
C29 A86 OL . -108.44 -30.75 60.17
C3 A86 OL . -106.68 -28.93 51.60
C30 A86 OL . -109.35 -31.00 61.28
C31 A86 OL . -110.18 -31.25 62.42
C32 A86 OL . -111.25 -30.23 62.85
C33 A86 OL . -112.01 -30.59 64.15
C34 A86 OL . -112.00 -32.10 64.44
C35 A86 OL . -110.57 -32.71 64.47
C36 A86 OL . -109.54 -31.92 63.64
C37 A86 OL . -108.93 -30.81 64.51
C38 A86 OL . -113.55 -33.43 65.65
C39 A86 OL . -114.56 -33.55 64.48
C4 A86 OL . -106.26 -29.91 50.69
C40 A86 OL . -110.56 -28.87 63.07
C41 A86 OL . -112.27 -30.10 61.69
C5 A86 OL . -106.33 -29.64 49.06
C6 A86 OL . -105.10 -29.37 48.45
C7 A86 OL . -103.78 -29.33 49.35
C8 A86 OL . -105.00 -29.07 46.87
C9 A86 OL . -104.34 -27.82 46.47
O1 A86 OL . -105.67 -29.64 41.57
O2 A86 OL . -104.90 -32.10 37.32
O3 A86 OL . -108.54 -32.78 63.19
O4 A86 OL . -112.61 -32.34 65.67
O5 A86 OL . -113.55 -34.22 66.51
MG CLA PL . -96.51 -56.34 70.67
CHA CLA PL . -97.00 -56.45 74.07
CHB CLA PL . -93.61 -54.58 71.12
CHC CLA PL . -96.08 -56.33 67.28
CHD CLA PL . -99.35 -58.39 70.27
NA CLA PL . -95.51 -55.60 72.34
C1A CLA PL . -95.87 -55.77 73.68
C2A CLA PL . -94.85 -55.09 74.58
C3A CLA PL . -93.88 -54.41 73.58
C4A CLA PL . -94.35 -54.89 72.24
CMA CLA PL . -94.04 -52.92 73.61
CAA CLA PL . -94.07 -56.05 75.47
CBA CLA PL . -92.61 -56.24 75.12
CGA CLA PL . -92.49 -57.52 74.39
O1A CLA PL . -91.74 -58.47 74.58
O2A CLA PL . -93.41 -57.58 73.38
NB CLA PL . -95.10 -55.62 69.45
C1B CLA PL . -94.01 -54.92 69.81
C2B CLA PL . -93.32 -54.42 68.59
C3B CLA PL . -94.02 -54.90 67.52
C4B CLA PL . -95.17 -55.67 68.04
CMB CLA PL . -92.12 -53.60 68.62
CAB CLA PL . -93.77 -54.73 66.12
CBB CLA PL . -93.13 -55.62 65.38
NC CLA PL . -97.54 -57.20 69.07
C1C CLA PL . -97.21 -57.04 67.77
C2C CLA PL . -98.14 -57.77 66.93
C3C CLA PL . -99.05 -58.38 67.77
C4C CLA PL . -98.66 -58.01 69.12
CMC CLA PL . -98.07 -57.82 65.47
CAC CLA PL . -100.16 -59.28 67.45
CBC CLA PL . -101.35 -58.67 66.76
ND CLA PL . -97.93 -57.16 71.83
C1D CLA PL . -99.03 -57.99 71.54
C2D CLA PL . -99.73 -58.34 72.79
C3D CLA PL . -99.02 -57.73 73.78
C4D CLA PL . -97.88 -57.05 73.14
CMD CLA PL . -100.93 -59.14 72.88
CAD CLA PL . -98.91 -57.52 75.20
OBD CLA PL . -99.67 -57.87 76.09
CBD CLA PL . -97.61 -56.71 75.43
CGD CLA PL . -97.96 -55.41 76.06
O1D CLA PL . -98.90 -54.67 75.75
O2D CLA PL . -97.13 -55.03 77.07
CED CLA PL . -97.72 -54.91 78.37
C1 CLA PL . -93.17 -58.47 72.29
C2 CLA PL . -92.04 -57.94 71.48
C3 CLA PL . -92.08 -57.93 70.14
C4 CLA PL . -93.25 -58.46 69.40
C5 CLA PL . -90.94 -57.41 69.34
C6 CLA PL . -90.68 -58.25 68.11
C7 CLA PL . -89.35 -58.97 68.19
C8 CLA PL . -89.36 -60.25 67.35
C9 CLA PL . -88.02 -60.96 67.44
C10 CLA PL . -89.70 -59.97 65.90
C11 CLA PL . -89.98 -61.25 65.16
C12 CLA PL . -91.07 -61.01 64.13
C13 CLA PL . -91.44 -62.23 63.31
C14 CLA PL . -90.25 -62.84 62.63
C15 CLA PL . -92.47 -61.81 62.27
C16 CLA PL . -93.27 -62.97 61.72
C17 CLA PL . -94.60 -62.49 61.18
C18 CLA PL . -94.87 -62.84 59.73
C19 CLA PL . -96.16 -62.18 59.28
C20 CLA PL . -93.74 -62.38 58.83
MG CLA QL . -90.21 -52.82 61.41
CHA CLA QL . -88.15 -51.55 63.88
CHB CLA QL . -90.55 -55.68 63.16
CHC CLA QL . -91.81 -54.26 58.72
CHD CLA QL . -89.47 -50.05 59.42
NA CLA QL . -89.56 -53.44 63.29
C1A CLA QL . -88.68 -52.79 64.18
C2A CLA QL . -88.45 -53.70 65.41
C3A CLA QL . -89.53 -54.77 65.25
C4A CLA QL . -89.91 -54.65 63.79
CMA CLA QL . -89.05 -56.17 65.54
CAA CLA QL . -88.53 -53.10 66.81
CBA CLA QL . -87.46 -53.69 67.71
CGA CLA QL . -86.62 -52.63 68.33
O1A CLA QL . -85.43 -52.68 68.65
O2A CLA QL . -87.30 -51.46 68.53
NB CLA QL . -91.08 -54.59 61.05
C1B CLA QL . -90.97 -55.68 61.83
C2B CLA QL . -91.39 -56.89 61.11
C3B CLA QL . -91.75 -56.49 59.84
C4B CLA QL . -91.59 -55.03 59.81
CMB CLA QL . -91.37 -58.21 61.74
CAB CLA QL . -92.22 -57.20 58.69
CBB CLA QL . -93.08 -58.22 58.64
NC CLA QL . -90.71 -52.19 59.50
C1C CLA QL . -91.43 -52.90 58.60
C2C CLA QL . -91.63 -52.15 57.38
C3C CLA QL . -90.87 -51.01 57.53
C4C CLA QL . -90.29 -51.03 58.86
CMC CLA QL . -92.40 -52.60 56.23
CAC CLA QL . -90.75 -49.93 56.56
CBC CLA QL . -91.79 -48.90 56.89
ND CLA QL . -89.30 -51.05 61.65
C1D CLA QL . -88.98 -50.05 60.69
C2D CLA QL . -88.11 -49.05 61.33
C3D CLA QL . -87.83 -49.54 62.57
C4D CLA QL . -88.51 -50.83 62.69
CMD CLA QL . -87.69 -47.82 60.68
CAD CLA QL . -87.17 -49.30 63.83
OBD CLA QL . -86.73 -48.25 64.30
CBD CLA QL . -87.15 -50.66 64.56
CGD CLA QL . -85.79 -51.27 64.45
O1D CLA QL . -85.52 -52.44 64.22
O2D CLA QL . -84.78 -50.38 64.59
CED CLA QL . -84.39 -50.07 65.93
MG CLA RL . -103.44 -44.80 47.73
CHA CLA RL . -103.77 -44.12 44.38
CHB CLA RL . -100.20 -45.67 47.27
CHC CLA RL . -103.11 -45.24 51.12
CHD CLA RL . -106.78 -43.83 48.20
NA CLA RL . -102.21 -44.89 46.06
C1A CLA RL . -102.52 -44.54 44.75
C2A CLA RL . -101.30 -44.73 43.86
C3A CLA RL . -100.23 -45.36 44.78
C4A CLA RL . -100.90 -45.29 46.15
CMA CLA RL . -99.90 -46.77 44.41
CAA CLA RL . -100.68 -43.44 43.33
CBA CLA RL . -101.04 -42.13 44.02
CGA CLA RL . -100.47 -42.03 45.40
O1A CLA RL . -99.29 -41.89 45.73
O2A CLA RL . -101.41 -42.08 46.38
NB CLA RL . -101.96 -45.40 48.95
C1B CLA RL . -100.69 -45.67 48.57
C2B CLA RL . -99.87 -45.98 49.77
C3B CLA RL . -100.69 -45.85 50.86
C4B CLA RL . -102.03 -45.48 50.35
CMB CLA RL . -98.45 -46.30 49.67
CAB CLA RL . -100.44 -46.00 52.25
CBB CLA RL . -99.96 -47.11 52.82
NC CLA RL . -104.72 -44.60 49.35
C1C CLA RL . -104.38 -44.83 50.64
C2C CLA RL . -105.51 -44.57 51.51
C3C CLA RL . -106.55 -44.16 50.69
C4C CLA RL . -106.04 -44.18 49.33
CMC CLA RL . -105.49 -44.70 52.96
CAC CLA RL . -107.90 -43.77 51.08
CBC CLA RL . -108.02 -42.28 51.23
ND CLA RL . -104.95 -44.12 46.62
C1D CLA RL . -106.29 -43.79 46.93
C2D CLA RL . -107.00 -43.42 45.70
C3D CLA RL . -106.07 -43.52 44.68
C4D CLA RL . -104.83 -43.96 45.31
CMD CLA RL . -108.39 -43.04 45.65
CAD CLA RL . -105.81 -43.37 43.27
OBD CLA RL . -106.56 -43.00 42.37
CBD CLA RL . -104.33 -43.77 43.03
CGD CLA RL . -104.26 -44.95 42.13
O1D CLA RL . -103.34 -45.29 41.38
O2D CLA RL . -105.37 -45.72 42.18
CED CLA RL . -105.22 -47.12 41.97
C1 CLA RL . -102.15 -40.89 46.71
C2 CLA RL . -102.62 -41.13 48.10
C3 CLA RL . -103.48 -40.35 48.75
C4 CLA RL . -104.08 -39.13 48.15
C5 CLA RL . -103.90 -40.68 50.13
C6 CLA RL . -102.88 -40.23 51.14
C7 CLA RL . -102.73 -41.26 52.23
C8 CLA RL . -102.32 -40.62 53.55
C9 CLA RL . -100.98 -39.93 53.42
C10 CLA RL . -102.26 -41.64 54.67
C11 CLA RL . -102.69 -41.04 55.98
C12 CLA RL . -104.05 -40.38 55.87
C13 CLA RL . -104.88 -40.58 57.14
C14 CLA RL . -105.74 -41.81 57.01
C15 CLA RL . -105.75 -39.37 57.45
C16 CLA RL . -105.04 -38.04 57.30
C17 CLA RL . -106.05 -36.91 57.24
C18 CLA RL . -105.44 -35.55 56.93
C19 CLA RL . -106.29 -34.46 57.52
C20 CLA RL . -105.31 -35.35 55.44
MG CLA SL . -95.42 -34.40 41.62
CHA CLA SL . -95.50 -31.87 43.97
CHB CLA SL . -96.11 -36.66 44.05
CHC CLA SL . -95.15 -36.91 39.30
CHD CLA SL . -94.68 -32.03 39.14
NA CLA SL . -95.79 -34.26 43.67
C1A CLA SL . -95.77 -33.12 44.47
C2A CLA SL . -96.10 -33.50 45.92
C3A CLA SL . -96.39 -35.01 45.86
C4A CLA SL . -96.08 -35.35 44.42
CMA CLA SL . -95.58 -35.82 46.83
CAA CLA SL . -97.37 -32.86 46.41
CBA CLA SL . -97.07 -31.94 47.57
CGA CLA SL . -95.91 -32.49 48.33
O1A CLA SL . -94.73 -32.12 48.32
O2A CLA SL . -96.26 -33.57 49.10
NB CLA SL . -95.50 -36.39 41.68
C1B CLA SL . -95.88 -37.11 42.75
C2B CLA SL . -96.04 -38.52 42.39
C3B CLA SL . -95.78 -38.62 41.04
C4B CLA SL . -95.45 -37.25 40.58
CMB CLA SL . -96.45 -39.48 43.42
CAB CLA SL . -95.81 -39.72 40.11
CBB CLA SL . -96.47 -40.87 40.24
NC CLA SL . -95.04 -34.45 39.58
C1C CLA SL . -94.98 -35.58 38.84
C2C CLA SL . -94.67 -35.26 37.45
C3C CLA SL . -94.55 -33.87 37.40
C4C CLA SL . -94.76 -33.37 38.75
CMC CLA SL . -94.55 -36.24 36.39
CAC CLA SL . -94.25 -33.05 36.21
CBC CLA SL . -92.77 -32.98 35.88
ND CLA SL . -95.34 -32.40 41.47
C1D CLA SL . -94.92 -31.57 40.40
C2D CLA SL . -94.83 -30.19 40.91
C3D CLA SL . -95.08 -30.25 42.25
C4D CLA SL . -95.33 -31.65 42.57
CMD CLA SL . -94.52 -29.01 40.14
CAD CLA SL . -95.23 -29.48 43.46
OBD CLA SL . -95.28 -28.28 43.62
CBD CLA SL . -95.31 -30.52 44.60
CGD CLA SL . -94.01 -30.51 45.34
O1D CLA SL . -93.79 -30.10 46.49
O2D CLA SL . -92.98 -31.02 44.63
CED CLA SL . -91.82 -30.21 44.38
MG CLA TL . -89.75 -43.35 59.27
CHA CLA TL . -89.16 -44.87 62.32
CHB CLA TL . -87.42 -41.01 59.99
CHC CLA TL . -90.25 -41.97 56.15
CHD CLA TL . -92.20 -45.77 58.55
NA CLA TL . -88.51 -43.00 60.92
C1A CLA TL . -88.40 -43.75 62.09
C2A CLA TL . -87.37 -43.12 63.03
C3A CLA TL . -86.94 -41.84 62.29
C4A CLA TL . -87.67 -41.94 60.96
CMA CLA TL . -87.27 -40.59 63.04
CAA CLA TL . -86.12 -43.95 63.24
CBA CLA TL . -85.93 -44.37 64.68
CGA CLA TL . -86.19 -43.26 65.64
O1A CLA TL . -87.27 -42.89 66.10
O2A CLA TL . -85.06 -42.61 66.03
NB CLA TL . -89.08 -41.72 58.32
C1B CLA TL . -88.01 -40.99 58.72
C2B CLA TL . -87.48 -40.20 57.59
C3B CLA TL . -88.26 -40.46 56.50
C4B CLA TL . -89.29 -41.44 56.95
CMB CLA TL . -86.31 -39.32 57.71
CAB CLA TL . -88.20 -40.00 55.17
CBB CLA TL . -87.33 -40.45 54.27
NC CLA TL . -91.01 -43.79 57.68
C1C CLA TL . -91.05 -43.08 56.51
C2C CLA TL . -92.05 -43.61 55.62
C3C CLA TL . -92.60 -44.72 56.27
C4C CLA TL . -91.95 -44.81 57.57
CMC CLA TL . -92.30 -43.02 54.31
CAC CLA TL . -93.68 -45.60 55.80
CBC CLA TL . -93.35 -46.51 54.62
ND CLA TL . -90.48 -45.03 60.12
C1D CLA TL . -91.52 -45.90 59.74
C2D CLA TL . -91.69 -46.90 60.80
C3D CLA TL . -90.79 -46.58 61.78
C4D CLA TL . -90.08 -45.37 61.34
CMD CLA TL . -92.62 -48.00 60.72
CAD CLA TL . -90.26 -46.94 63.07
OBD CLA TL . -90.49 -47.93 63.75
CBD CLA TL . -89.25 -45.84 63.48
CGD CLA TL . -89.61 -45.22 64.79
O1D CLA TL . -88.95 -45.28 65.83
O2D CLA TL . -90.80 -44.57 64.78
CED CLA TL . -91.36 -44.31 66.07
MG CLA UL . -104.90 -42.35 67.37
CHA CLA UL . -103.72 -39.82 69.36
CHB CLA UL . -107.19 -43.12 69.79
CHC CLA UL . -106.08 -44.82 65.40
CHD CLA UL . -102.65 -41.39 64.83
NA CLA UL . -105.33 -41.61 69.27
C1A CLA UL . -104.73 -40.53 69.92
C2A CLA UL . -105.35 -40.34 71.32
C3A CLA UL . -106.35 -41.49 71.44
C4A CLA UL . -106.30 -42.13 70.06
CMA CLA UL . -105.92 -42.46 72.49
CAA CLA UL . -106.18 -39.10 71.45
CBA CLA UL . -105.55 -38.08 72.36
CGA CLA UL . -105.64 -38.46 73.79
O1A CLA UL . -105.97 -39.53 74.28
O2A CLA UL . -105.30 -37.42 74.62
NB CLA UL . -106.34 -43.69 67.55
C1B CLA UL . -107.22 -43.79 68.57
C2B CLA UL . -108.24 -44.81 68.23
C3B CLA UL . -107.94 -45.29 67.00
C4B CLA UL . -106.72 -44.60 66.55
CMB CLA UL . -109.30 -45.16 69.13
CAB CLA UL . -108.57 -46.29 66.23
CBB CLA UL . -108.18 -47.55 66.33
NC CLA UL . -104.39 -43.02 65.47
C1C CLA UL . -104.96 -44.11 64.90
C2C CLA UL . -104.34 -44.40 63.62
C3C CLA UL . -103.45 -43.35 63.38
C4C CLA UL . -103.49 -42.49 64.56
CMC CLA UL . -104.70 -45.57 62.80
CAC CLA UL . -102.60 -43.19 62.19
CBC CLA UL . -103.11 -42.11 61.28
ND CLA UL . -103.42 -41.02 67.13
C1D CLA UL . -102.60 -40.70 66.02
C2D CLA UL . -101.73 -39.56 66.40
C3D CLA UL . -102.10 -39.21 67.68
C4D CLA UL . -103.18 -40.12 68.07
CMD CLA UL . -100.70 -38.98 65.57
CAD CLA UL . -101.87 -38.32 68.79
OBD CLA UL . -101.03 -37.45 68.95
CBD CLA UL . -102.93 -38.66 69.87
CGD CLA UL . -102.28 -39.08 71.13
O1D CLA UL . -102.28 -38.51 72.22
O2D CLA UL . -101.66 -40.29 71.02
CED CLA UL . -101.16 -40.90 72.21
C1 CLA UL . -103.93 -36.97 74.62
C2 CLA UL . -103.96 -35.56 74.16
C3 CLA UL . -102.94 -34.71 74.20
C4 CLA UL . -101.62 -35.12 74.74
C5 CLA UL . -103.15 -33.33 73.68
C6 CLA UL . -101.94 -32.41 73.75
C7 CLA UL . -102.06 -31.43 74.91
C8 CLA UL . -100.89 -31.55 75.87
C9 CLA UL . -101.36 -31.91 77.27
C10 CLA UL . -100.02 -30.29 75.86
C11 CLA UL . -100.51 -29.17 76.77
C12 CLA UL . -100.62 -27.85 76.03
C13 CLA UL . -99.83 -26.74 76.69
C14 CLA UL . -100.44 -26.35 78.02
C15 CLA UL . -99.72 -25.52 75.79
C16 CLA UL . -98.71 -24.53 76.33
C17 CLA UL . -99.15 -23.11 76.09
C18 CLA UL . -98.31 -22.12 76.89
C19 CLA UL . -97.13 -21.62 76.07
C20 CLA UL . -99.17 -20.96 77.34
MG CLA VL . -112.15 -51.12 64.49
CHA CLA VL . -113.35 -50.00 67.55
CHB CLA VL . -111.94 -47.95 63.41
CHC CLA VL . -111.56 -52.30 61.35
CHD CLA VL . -112.51 -54.45 65.62
NA CLA VL . -112.52 -49.29 65.39
C1A CLA VL . -113.04 -48.99 66.67
C2A CLA VL . -113.18 -47.45 66.71
C3A CLA VL . -112.13 -46.97 65.71
C4A CLA VL . -112.23 -48.14 64.72
CMA CLA VL . -112.48 -45.67 65.06
CAA CLA VL . -113.45 -46.56 67.94
CBA CLA VL . -112.64 -46.57 69.22
CGA CLA VL . -113.10 -45.40 70.04
O1A CLA VL . -114.13 -44.75 69.92
O2A CLA VL . -112.22 -44.99 71.02
NB CLA VL . -111.75 -50.28 62.72
C1B CLA VL . -111.92 -48.97 62.45
C2B CLA VL . -112.05 -48.74 61.00
C3B CLA VL . -111.94 -49.95 60.38
C4B CLA VL . -111.72 -50.96 61.47
CMB CLA VL . -112.21 -47.41 60.42
CAB CLA VL . -112.01 -50.20 58.96
CBB CLA VL . -111.36 -51.06 58.21
NC CLA VL . -111.93 -53.02 63.68
C1C CLA VL . -111.61 -53.25 62.38
C2C CLA VL . -111.50 -54.67 62.14
C3C CLA VL . -111.85 -55.31 63.32
C4C CLA VL . -112.12 -54.26 64.30
CMC CLA VL . -111.15 -55.23 60.85
CAC CLA VL . -111.89 -56.75 63.57
CBC CLA VL . -113.15 -57.37 63.01
ND CLA VL . -112.61 -52.07 66.21
C1D CLA VL . -112.77 -53.44 66.51
C2D CLA VL . -113.22 -53.57 67.89
C3D CLA VL . -113.43 -52.29 68.35
C4D CLA VL . -113.07 -51.38 67.25
CMD CLA VL . -113.43 -54.86 68.53
CAD CLA VL . -113.78 -51.47 69.48
OBD CLA VL . -113.94 -51.77 70.65
CBD CLA VL . -113.89 -50.01 68.96
CGD CLA VL . -115.30 -49.51 69.01
O1D CLA VL . -115.97 -49.25 70.01
O2D CLA VL . -115.87 -49.33 67.80
CED CLA VL . -116.91 -50.22 67.40
MG CLA WL . -104.62 -65.17 54.80
CHA CLA WL . -105.54 -67.53 52.43
CHB CLA WL . -107.80 -64.05 54.89
CHC CLA WL . -103.77 -63.20 57.44
CHD CLA WL . -101.30 -66.37 54.65
NA CLA WL . -106.35 -65.69 53.78
C1A CLA WL . -106.54 -66.71 52.86
C2A CLA WL . -108.00 -66.74 52.41
C3A CLA WL . -108.53 -65.37 52.87
C4A CLA WL . -107.52 -65.02 53.96
CMA CLA WL . -108.56 -64.34 51.77
CAA CLA WL . -108.74 -67.70 53.30
CBA CLA WL . -108.76 -69.15 52.85
CGA CLA WL . -108.91 -70.03 54.05
O1A CLA WL . -109.94 -70.42 54.59
O2A CLA WL . -107.71 -70.41 54.58
NB CLA WL . -105.56 -63.75 55.85
C1B CLA WL . -106.92 -63.64 55.90
C2B CLA WL . -107.35 -63.02 57.17
C3B CLA WL . -106.22 -62.78 57.89
C4B CLA WL . -105.07 -63.24 57.07
CMB CLA WL . -108.75 -62.77 57.50
CAB CLA WL . -106.05 -62.22 59.21
CBB CLA WL . -105.49 -61.05 59.50
NC CLA WL . -102.83 -64.79 55.79
C1C CLA WL . -102.71 -63.92 56.84
C2C CLA WL . -101.34 -63.90 57.31
C3C CLA WL . -100.65 -64.83 56.55
C4C CLA WL . -101.60 -65.38 55.60
CMC CLA WL . -100.85 -63.06 58.41
CAC CLA WL . -99.23 -65.18 56.65
CBC CLA WL . -98.34 -64.24 55.88
ND CLA WL . -103.60 -66.62 53.83
C1D CLA WL . -102.22 -66.97 53.82
C2D CLA WL . -102.01 -68.03 52.82
C3D CLA WL . -103.25 -68.32 52.30
C4D CLA WL . -104.20 -67.39 52.94
CMD CLA WL . -100.74 -68.66 52.54
CAD CLA WL . -103.98 -69.12 51.36
OBD CLA WL . -103.59 -70.03 50.64
CBD CLA WL . -105.45 -68.62 51.39
CGD CLA WL . -105.84 -68.14 50.02
O1D CLA WL . -106.19 -68.83 49.05
O2D CLA WL . -105.80 -66.80 49.87
CED CLA WL . -106.81 -66.22 49.05
C A86 XL . -107.59 -47.20 59.06
O A86 XL . -108.04 -59.39 56.61
C1 A86 XL . -107.97 -47.31 60.57
C10 A86 XL . -107.35 -56.91 58.57
C11 A86 XL . -108.01 -57.19 57.32
C12 A86 XL . -109.14 -56.30 56.88
C13 A86 XL . -107.58 -58.32 56.46
C14 A86 XL . -106.45 -58.09 55.25
C15 A86 XL . -107.22 -58.33 53.90
C16 A86 XL . -108.24 -57.31 53.53
C17 A86 XL . -109.53 -57.50 54.31
C18 A86 XL . -110.20 -58.71 53.89
C19 A86 XL . -109.25 -59.96 54.05
C2 A86 XL . -107.94 -48.56 61.23
C20 A86 XL . -107.70 -59.72 53.70
C21 A86 XL . -106.97 -60.81 54.57
C22 A86 XL . -108.51 -57.40 52.00
C23 A86 XL . -107.69 -55.93 53.84
C24 A86 XL . -108.39 -46.09 61.35
C25 A86 XL . -108.36 -44.78 60.81
C26 A86 XL . -108.87 -43.56 61.78
C27 A86 XL . -107.97 -42.77 62.54
C28 A86 XL . -106.50 -43.02 62.49
C29 A86 XL . -108.59 -41.62 63.47
C3 A86 XL . -107.55 -49.77 60.52
C30 A86 XL . -107.94 -40.31 63.60
C31 A86 XL . -107.32 -39.04 63.73
C32 A86 XL . -107.38 -38.04 62.56
C33 A86 XL . -107.07 -36.58 62.91
C34 A86 XL . -105.84 -36.50 63.81
C35 A86 XL . -106.16 -37.18 65.14
C36 A86 XL . -106.41 -38.69 64.93
C37 A86 XL . -105.05 -39.39 64.77
C38 A86 XL . -103.67 -36.34 62.82
C39 A86 XL . -103.08 -35.33 63.84
C4 A86 XL . -108.50 -50.78 60.37
C40 A86 XL . -106.38 -38.51 61.47
C41 A86 XL . -108.80 -38.11 61.97
C5 A86 XL . -108.09 -52.18 59.57
C6 A86 XL . -107.38 -53.17 60.25
C7 A86 XL . -106.97 -52.97 61.78
C8 A86 XL . -106.98 -54.51 59.45
C9 A86 XL . -107.84 -55.69 59.40
O1 A86 XL . -106.57 -59.19 52.89
O2 A86 XL . -111.35 -58.89 54.68
O3 A86 XL . -107.03 -39.19 66.09
O4 A86 XL . -104.78 -37.20 63.20
O5 A86 XL . -103.23 -36.42 61.74
C A86 YL . -96.54 -58.38 61.25
O A86 YL . -97.14 -49.28 51.14
C1 A86 YL . -95.84 -57.34 62.16
C10 A86 YL . -96.92 -51.21 54.12
C11 A86 YL . -96.88 -49.99 53.34
C12 A86 YL . -96.31 -48.73 53.90
C13 A86 YL . -97.44 -50.05 51.97
C14 A86 YL . -98.52 -51.29 51.67
C15 A86 YL . -98.88 -51.60 50.18
C16 A86 YL . -97.80 -52.10 49.23
C17 A86 YL . -97.28 -51.11 48.19
C18 A86 YL . -98.40 -50.59 47.40
C19 A86 YL . -99.30 -49.73 48.35
C2 A86 YL . -95.53 -56.07 61.68
C20 A86 YL . -99.87 -50.70 49.50
C21 A86 YL . -100.62 -49.72 50.48
C22 A86 YL . -98.48 -53.30 48.50
C23 A86 YL . -96.60 -52.69 49.94
C24 A86 YL . -95.51 -57.73 63.57
C25 A86 YL . -95.62 -59.09 63.98
C26 A86 YL . -95.29 -59.51 65.53
C27 A86 YL . -93.96 -59.66 65.97
C28 A86 YL . -92.82 -59.47 65.04
C29 A86 YL . -93.62 -60.06 67.48
C3 A86 YL . -95.89 -55.73 60.30
C30 A86 YL . -94.29 -61.17 68.18
C31 A86 YL . -94.89 -62.24 68.89
C32 A86 YL . -94.28 -63.66 68.82
C33 A86 YL . -95.28 -64.83 68.89
C34 A86 YL . -96.51 -64.58 69.78
C35 A86 YL . -97.15 -63.20 69.51
C36 A86 YL . -96.14 -62.08 69.76
C37 A86 YL . -96.78 -60.72 69.43
C38 A86 YL . -97.24 -66.76 70.34
C39 A86 YL . -97.25 -68.17 69.69
C4 A86 YL . -95.56 -54.48 59.76
C40 A86 YL . -93.25 -63.81 69.96
C41 A86 YL . -93.54 -63.77 67.47
C5 A86 YL . -96.02 -54.17 58.21
C6 A86 YL . -96.06 -52.86 57.74
C7 A86 YL . -95.62 -51.66 58.68
C8 A86 YL . -96.54 -52.60 56.23
C9 A86 YL . -96.38 -51.30 55.57
O1 A86 YL . -100.27 -52.03 50.01
O2 A86 YL . -97.92 -49.79 46.36
O3 A86 YL . -95.79 -62.08 71.12
O4 A86 YL . -97.44 -65.59 69.52
O5 A86 YL . -97.05 -66.63 71.48
C A86 ZL . -97.64 -67.55 60.20
O A86 ZL . -106.52 -59.22 66.29
C1 A86 ZL . -98.82 -67.86 59.22
C10 A86 ZL . -104.87 -62.06 64.96
C11 A86 ZL . -105.46 -60.73 64.87
C12 A86 ZL . -105.89 -60.20 63.54
C13 A86 ZL . -105.60 -59.91 66.10
C14 A86 ZL . -104.32 -59.99 67.20
C15 A86 ZL . -104.63 -59.99 68.74
C16 A86 ZL . -105.37 -61.16 69.38
C17 A86 ZL . -106.76 -60.90 69.94
C18 A86 ZL . -106.77 -59.75 70.84
C19 A86 ZL . -106.44 -58.49 69.98
C2 A86 ZL . -100.14 -67.45 59.50
C20 A86 ZL . -104.95 -58.68 69.40
C21 A86 ZL . -104.79 -57.43 68.45
C22 A86 ZL . -104.46 -61.58 70.57
C23 A86 ZL . -105.43 -62.39 68.49
C24 A86 ZL . -98.60 -68.56 57.91
C25 A86 ZL . -97.50 -69.39 57.56
C26 A86 ZL . -97.59 -69.95 56.03
C27 A86 ZL . -98.30 -71.14 55.71
C28 A86 ZL . -98.97 -71.95 56.75
C29 A86 ZL . -98.36 -71.60 54.17
C3 A86 ZL . -100.50 -66.72 60.72
C30 A86 ZL . -97.32 -72.42 53.56
C31 A86 ZL . -96.32 -73.23 52.93
C32 A86 ZL . -95.69 -74.45 53.66
C33 A86 ZL . -94.66 -75.29 52.88
C34 A86 ZL . -93.88 -74.61 51.73
C35 A86 ZL . -94.22 -73.12 51.49
C36 A86 ZL . -95.74 -72.90 51.55
C37 A86 ZL . -96.02 -71.40 51.24
C38 A86 ZL . -91.74 -73.84 52.70
C39 A86 ZL . -90.55 -73.06 52.05
C4 A86 ZL . -101.85 -66.54 61.05
C40 A86 ZL . -95.07 -73.98 55.00
C41 A86 ZL . -96.87 -75.39 54.01
C5 A86 ZL . -102.21 -65.65 62.41
C6 A86 ZL . -103.38 -64.89 62.40
C7 A86 ZL . -104.33 -64.88 61.13
C8 A86 ZL . -103.70 -63.99 63.71
C9 A86 ZL . -104.67 -62.89 63.66
O1 A86 ZL . -103.59 -59.25 69.48
O2 A86 ZL . -108.04 -59.59 71.43
O3 A86 ZL . -96.37 -73.68 50.58
O4 A86 ZL . -92.48 -74.80 51.91
O5 A86 ZL . -91.99 -73.65 53.83
C A86 AM . -87.67 -59.59 60.71
O A86 AM . -92.83 -62.49 48.99
C1 A86 AM . -87.80 -58.05 60.55
C10 A86 AM . -91.83 -60.97 51.88
C11 A86 AM . -92.91 -61.38 51.02
C12 A86 AM . -94.22 -60.65 51.01
C13 A86 AM . -92.67 -62.57 50.15
C14 A86 AM . -92.15 -63.98 50.88
C15 A86 AM . -91.43 -65.02 49.94
C16 A86 AM . -90.13 -64.63 49.25
C17 A86 AM . -90.28 -64.16 47.80
C18 A86 AM . -90.94 -65.17 46.99
C19 A86 AM . -92.40 -65.41 47.52
C2 A86 AM . -88.28 -57.48 59.36
C20 A86 AM . -92.34 -65.85 49.07
C21 A86 AM . -93.86 -65.83 49.52
C22 A86 AM . -89.21 -65.89 49.27
C23 A86 AM . -89.37 -63.57 50.02
C24 A86 AM . -87.42 -57.11 61.66
C25 A86 AM . -86.04 -56.81 61.83
C26 A86 AM . -85.59 -55.78 63.01
C27 A86 AM . -85.30 -56.24 64.31
C28 A86 AM . -85.39 -57.68 64.64
C29 A86 AM . -84.88 -55.16 65.42
C3 A86 AM . -88.65 -58.34 58.23
C30 A86 AM . -84.26 -55.61 66.66
C31 A86 AM . -83.64 -56.04 67.87
C32 A86 AM . -82.13 -55.82 68.11
C33 A86 AM . -81.42 -56.85 69.00
C34 A86 AM . -82.27 -57.43 70.15
C35 A86 AM . -83.67 -57.86 69.67
C36 A86 AM . -84.43 -56.70 69.01
C37 A86 AM . -85.74 -57.25 68.43
C38 A86 AM . -81.16 -58.39 72.03
C39 A86 AM . -81.11 -59.61 72.98
C4 A86 AM . -89.32 -57.79 57.14
C40 A86 AM . -81.94 -54.41 68.74
C41 A86 AM . -81.45 -55.82 66.72
C5 A86 AM . -89.69 -58.83 55.90
C6 A86 AM . -90.70 -58.57 54.97
C7 A86 AM . -91.59 -57.26 55.01
C8 A86 AM . -90.88 -59.71 53.84
C9 A86 AM . -91.93 -59.75 52.83
O1 A86 AM . -91.70 -66.43 50.28
O2 A86 AM . -91.00 -64.73 45.65
O3 A86 AM . -84.74 -55.74 69.99
O4 A86 AM . -81.61 -58.55 70.66
O5 A86 AM . -80.81 -57.33 72.41
C A86 BM . -100.90 -36.41 46.78
O A86 BM . -96.80 -44.07 55.89
C1 A86 BM . -100.15 -37.27 45.72
C10 A86 BM . -99.20 -42.33 53.84
C11 A86 BM . -97.94 -42.95 54.23
C12 A86 BM . -96.87 -43.26 53.22
C13 A86 BM . -97.66 -43.30 55.65
C14 A86 BM . -98.52 -42.61 56.92
C15 A86 BM . -97.75 -41.58 57.83
C16 A86 BM . -96.26 -41.65 58.07
C17 A86 BM . -95.88 -42.69 59.11
C18 A86 BM . -96.30 -42.28 60.44
C19 A86 BM . -97.85 -41.99 60.46
C2 A86 BM . -99.47 -38.44 46.10
C20 A86 BM . -98.43 -41.28 59.12
C21 A86 BM . -99.95 -41.70 59.20
C22 A86 BM . -95.80 -40.23 58.52
C23 A86 BM . -95.46 -41.91 56.82
C24 A86 BM . -100.12 -36.86 44.27
C25 A86 BM . -98.85 -36.98 43.66
C26 A86 BM . -98.55 -36.60 42.09
C27 A86 BM . -99.21 -35.53 41.44
C28 A86 BM . -100.22 -34.72 42.16
C29 A86 BM . -98.84 -35.23 39.91
C3 A86 BM . -99.44 -38.89 47.50
C30 A86 BM . -99.65 -34.34 39.07
C31 A86 BM . -100.40 -33.48 38.21
C32 A86 BM . -99.67 -32.43 37.35
C33 A86 BM . -100.59 -31.34 36.80
C34 A86 BM . -101.84 -31.89 36.09
C35 A86 BM . -102.58 -32.94 36.96
C36 A86 BM . -101.62 -34.03 37.47
C37 A86 BM . -102.39 -34.96 38.42
C38 A86 BM . -102.81 -30.32 34.54
C39 A86 BM . -103.48 -31.19 33.44
C4 A86 BM . -99.89 -40.16 47.89
C40 A86 BM . -98.99 -33.16 36.16
C41 A86 BM . -98.58 -31.77 38.23
C5 A86 BM . -99.77 -40.54 49.51
C6 A86 BM . -98.60 -41.16 49.93
C7 A86 BM . -97.47 -41.46 48.85
C8 A86 BM . -98.37 -41.57 51.47
C9 A86 BM . -99.47 -41.98 52.36
O1 A86 BM . -98.45 -40.29 58.02
O2 A86 BM . -96.00 -43.29 61.37
O3 A86 BM . -101.17 -34.76 36.36
O4 A86 BM . -102.73 -30.80 35.90
O5 A86 BM . -102.39 -29.26 34.29
C A86 CM . -121.66 -57.27 54.79
O A86 CM . -128.97 -57.77 65.91
C1 A86 CM . -122.25 -58.57 54.17
C10 A86 CM . -127.50 -58.37 62.71
C11 A86 CM . -128.56 -58.37 63.69
C12 A86 CM . -129.92 -58.91 63.39
C13 A86 CM . -128.22 -57.78 65.01
C14 A86 CM . -126.69 -57.11 65.14
C15 A86 CM . -126.30 -56.41 66.48
C16 A86 CM . -126.08 -57.25 67.73
C17 A86 CM . -127.15 -57.14 68.82
C18 A86 CM . -127.37 -55.73 69.15
C19 A86 CM . -128.04 -55.08 67.90
C2 A86 CM . -123.10 -59.42 54.91
C20 A86 CM . -126.93 -55.08 66.75
C21 A86 CM . -127.70 -54.42 65.53
C22 A86 CM . -124.74 -56.75 68.35
C23 A86 CM . -125.87 -58.71 67.41
C24 A86 CM . -121.96 -58.98 52.75
C25 A86 CM . -121.72 -60.36 52.56
C26 A86 CM . -121.41 -61.02 51.09
C27 A86 CM . -120.22 -60.83 50.36
C28 A86 CM . -119.10 -60.01 50.84
C29 A86 CM . -120.13 -61.59 48.96
C3 A86 CM . -123.43 -59.06 56.29
C30 A86 CM . -119.26 -61.09 47.91
C31 A86 CM . -118.43 -60.63 46.85
C32 A86 CM . -117.14 -61.40 46.51
C33 A86 CM . -116.16 -60.64 45.61
C34 A86 CM . -116.84 -59.96 44.41
C35 A86 CM . -117.98 -59.03 44.87
C36 A86 CM . -119.01 -59.76 45.73
C37 A86 CM . -119.93 -58.72 46.40
C38 A86 CM . -115.60 -59.50 42.41
C39 A86 CM . -115.26 -60.95 42.02
C4 A86 CM . -124.68 -59.40 56.81
C40 A86 CM . -117.52 -62.74 45.82
C41 A86 CM . -116.42 -61.74 47.84
C5 A86 CM . -125.02 -58.97 58.37
C6 A86 CM . -126.33 -59.00 58.88
C7 A86 CM . -127.56 -59.46 57.98
C8 A86 CM . -126.50 -58.56 60.40
C9 A86 CM . -127.62 -58.93 61.27
O1 A86 CM . -125.53 -55.17 66.27
O2 A86 CM . -128.22 -55.56 70.25
O3 A86 CM . -119.81 -60.57 44.90
O4 A86 CM . -115.87 -59.16 43.79
O5 A86 CM . -115.66 -58.66 41.58
MG CLA DM . -111.33 -58.54 71.32
CHA CLA DM . -111.24 -55.08 71.44
CHB CLA DM . -112.75 -58.60 74.39
CHC CLA DM . -111.52 -61.96 71.11
CHD CLA DM . -109.63 -58.45 68.24
NA CLA DM . -111.91 -57.06 72.67
C1A CLA DM . -111.81 -55.67 72.54
C2A CLA DM . -112.37 -54.96 73.78
C3A CLA DM . -112.81 -56.13 74.69
C4A CLA DM . -112.48 -57.36 73.86
CMA CLA DM . -112.06 -56.12 75.99
CAA CLA DM . -113.62 -54.15 73.49
CBA CLA DM . -114.60 -54.89 72.61
CGA CLA DM . -115.67 -53.97 72.12
O1A CLA DM . -116.42 -53.25 72.76
O2A CLA DM . -115.77 -53.99 70.76
NB CLA DM . -112.14 -59.98 72.45
C1B CLA DM . -112.47 -59.82 73.75
C2B CLA DM . -112.50 -61.13 74.45
C3B CLA DM . -112.16 -62.07 73.54
C4B CLA DM . -111.93 -61.36 72.25
CMB CLA DM . -112.83 -61.27 75.87
CAB CLA DM . -112.00 -63.49 73.67
CBB CLA DM . -110.83 -64.07 73.90
NC CLA DM . -110.73 -59.93 69.91
C1C CLA DM . -110.96 -61.27 70.01
C2C CLA DM . -110.49 -61.94 68.81
C3C CLA DM . -109.88 -60.98 68.04
C4C CLA DM . -110.02 -59.71 68.73
CMC CLA DM . -110.63 -63.37 68.56
CAC CLA DM . -109.29 -61.22 66.73
CBC CLA DM . -110.23 -60.83 65.61
ND CLA DM . -110.49 -57.16 70.14
C1D CLA DM . -109.87 -57.26 68.87
C2D CLA DM . -109.54 -55.91 68.39
C3D CLA DM . -110.04 -55.04 69.33
C4D CLA DM . -110.63 -55.87 70.40
CMD CLA DM . -108.88 -55.64 67.13
CAD CLA DM . -110.21 -53.66 69.72
OBD CLA DM . -109.82 -52.65 69.15
CBD CLA DM . -111.00 -53.65 71.05
CGD CLA DM . -110.27 -52.93 72.12
O1D CLA DM . -109.07 -52.98 72.38
O2D CLA DM . -111.08 -52.15 72.88
CED CLA DM . -110.63 -51.81 74.20
C1 CLA DM . -117.06 -53.70 70.18
C2 CLA DM . -116.93 -54.15 68.77
C3 CLA DM . -117.90 -54.06 67.85
C4 CLA DM . -119.23 -53.47 68.13
C5 CLA DM . -117.66 -54.55 66.47
C6 CLA DM . -117.26 -53.42 65.55
C7 CLA DM . -116.76 -53.97 64.23
C8 CLA DM . -115.64 -53.13 63.67
C9 CLA DM . -116.13 -51.74 63.33
C10 CLA DM . -115.06 -53.79 62.42
C11 CLA DM . -116.11 -54.05 61.37
C12 CLA DM . -115.76 -55.29 60.57
C13 CLA DM . -116.68 -55.47 59.37
C14 CLA DM . -118.13 -55.47 59.79
C15 CLA DM . -116.36 -56.77 58.63
C16 CLA DM . -116.03 -56.52 57.18
C17 CLA DM . -117.26 -56.42 56.30
C18 CLA DM . -116.90 -56.48 54.83
C19 CLA DM . -116.71 -57.91 54.38
C20 CLA DM . -117.98 -55.81 53.99
C A86 EM . -115.07 -48.71 57.82
O A86 EM . -111.35 -56.54 49.00
C1 A86 EM . -115.11 -49.86 58.86
C10 A86 EM . -113.13 -56.57 51.77
C11 A86 EM . -112.90 -55.82 50.56
C12 A86 EM . -113.07 -54.33 50.56
C13 A86 EM . -112.49 -56.52 49.30
C14 A86 EM . -113.62 -57.23 48.31
C15 A86 EM . -114.24 -56.09 47.45
C16 A86 EM . -115.75 -55.92 47.46
C17 A86 EM . -116.52 -55.50 46.20
C18 A86 EM . -115.73 -55.08 45.05
C19 A86 EM . -114.53 -56.05 44.84
C2 A86 EM . -114.89 -51.19 58.48
C20 A86 EM . -113.60 -55.80 46.12
C21 A86 EM . -112.34 -56.69 45.81
C22 A86 EM . -116.44 -57.24 47.93
C23 A86 EM . -116.09 -54.89 48.51
C24 A86 EM . -115.38 -49.56 60.32
C25 A86 EM . -115.92 -48.31 60.73
C26 A86 EM . -116.19 -48.07 62.34
C27 A86 EM . -116.08 -46.78 62.87
C28 A86 EM . -115.72 -45.64 61.98
C29 A86 EM . -116.34 -46.53 64.43
C3 A86 EM . -114.61 -51.58 57.10
C30 A86 EM . -116.67 -45.18 64.90
C31 A86 EM . -117.00 -43.87 65.39
C32 A86 EM . -115.93 -42.76 65.38
C33 A86 EM . -116.25 -41.45 66.11
C34 A86 EM . -117.74 -41.10 66.09
C35 A86 EM . -118.66 -42.25 66.56
C36 A86 EM . -118.17 -43.70 66.37
C37 A86 EM . -117.81 -44.32 67.74
C38 A86 EM . -119.18 -39.44 67.11
C39 A86 EM . -119.84 -38.73 65.89
C4 A86 EM . -114.33 -52.94 56.87
C40 A86 EM . -114.66 -43.34 66.03
C41 A86 EM . -115.60 -42.41 63.91
C5 A86 EM . -113.99 -53.58 55.38
C6 A86 EM . -112.99 -54.56 55.36
C7 A86 EM . -112.29 -54.96 56.73
C8 A86 EM . -112.55 -55.30 54.00
C9 A86 EM . -113.54 -55.83 53.06
O1 A86 EM . -113.26 -54.98 47.30
O2 A86 EM . -116.54 -55.05 43.89
O3 A86 EM . -119.25 -44.44 65.85
O4 A86 EM . -117.86 -40.02 66.99
O5 A86 EM . -119.75 -39.51 68.14
MG CLA FM . -141.40 -53.16 79.24
CHA CLA FM . -141.40 -51.58 82.29
CHB CLA FM . -139.43 -55.64 80.52
CHC CLA FM . -141.46 -54.68 76.18
CHD CLA FM . -143.49 -50.60 77.99
NA CLA FM . -140.56 -53.52 81.10
C1A CLA FM . -140.70 -52.75 82.26
C2A CLA FM . -139.94 -53.39 83.43
C3A CLA FM . -139.22 -54.56 82.77
C4A CLA FM . -139.78 -54.61 81.36
CMA CLA FM . -137.78 -54.19 82.68
CAA CLA FM . -140.86 -53.88 84.54
CBA CLA FM . -141.19 -55.36 84.49
CGA CLA FM . -142.60 -55.53 84.95
O1A CLA FM . -143.17 -54.96 85.87
O2A CLA FM . -143.30 -56.44 84.20
NB CLA FM . -140.57 -54.82 78.48
C1B CLA FM . -139.85 -55.74 79.18
C2B CLA FM . -139.49 -56.86 78.28
C3B CLA FM . -140.05 -56.58 77.06
C4B CLA FM . -140.75 -55.28 77.17
CMB CLA FM . -138.69 -58.00 78.70
CAB CLA FM . -140.05 -57.34 75.85
CBB CLA FM . -138.96 -57.59 75.13
NC CLA FM . -142.32 -52.72 77.43
C1C CLA FM . -142.21 -53.47 76.30
C2C CLA FM . -142.96 -52.86 75.22
C3C CLA FM . -143.55 -51.71 75.73
C4C CLA FM . -143.14 -51.64 77.12
CMC CLA FM . -143.09 -53.38 73.86
CAC CLA FM . -144.40 -50.76 75.02
CBC CLA FM . -145.87 -51.11 75.08
ND CLA FM . -142.30 -51.50 79.92
C1D CLA FM . -143.08 -50.50 79.30
C2D CLA FM . -143.37 -49.43 80.26
C3D CLA FM . -142.75 -49.78 81.42
C4D CLA FM . -142.09 -51.08 81.16
CMD CLA FM . -144.15 -48.23 79.96
CAD CLA FM . -142.48 -49.43 82.79
OBD CLA FM . -142.90 -48.49 83.45
CBD CLA FM . -141.55 -50.53 83.36
CGD CLA FM . -140.18 -49.98 83.60
O1D CLA FM . -139.37 -49.63 82.73
O2D CLA FM . -139.82 -49.88 84.90
CED CLA FM . -138.72 -49.04 85.22
C1 CLA FM . -143.60 -56.05 82.85
C2 CLA FM . -143.14 -57.15 81.97
C3 CLA FM . -143.12 -57.03 80.63
C4 CLA FM . -143.56 -55.79 79.95
C5 CLA FM . -142.64 -58.13 79.76
C6 CLA FM . -143.78 -58.77 78.97
C7 CLA FM . -143.25 -59.79 78.00
C8 CLA FM . -144.17 -61.01 77.90
C9 CLA FM . -143.83 -62.02 78.98
C10 CLA FM . -144.05 -61.67 76.53
C11 CLA FM . -145.41 -61.89 75.90
C12 CLA FM . -145.73 -60.76 74.93
C13 CLA FM . -146.57 -61.20 73.74
C14 CLA FM . -146.16 -62.55 73.18
C15 CLA FM . -146.48 -60.16 72.62
C16 CLA FM . -147.84 -59.54 72.40
C17 CLA FM . -147.77 -58.33 71.49
C18 CLA FM . -147.47 -58.70 70.05
C19 CLA FM . -147.40 -57.46 69.19
C20 CLA FM . -148.52 -59.65 69.51
MG CLA GM . -137.27 -62.78 73.28
CHA CLA GM . -135.88 -63.52 76.37
CHB CLA GM . -140.13 -61.77 74.77
CHC CLA GM . -138.62 -62.14 70.19
CHD CLA GM . -134.37 -64.03 71.73
NA CLA GM . -137.87 -62.65 75.27
C1A CLA GM . -137.16 -63.00 76.43
C2A CLA GM . -138.02 -62.74 77.68
C3A CLA GM . -139.35 -62.18 77.11
C4A CLA GM . -139.12 -62.19 75.60
CMA CLA GM . -140.53 -63.06 77.42
CAA CLA GM . -137.45 -61.72 78.65
CBA CLA GM . -138.30 -61.52 79.89
CGA CLA GM . -138.48 -62.79 80.65
O1A CLA GM . -139.29 -63.70 80.47
O2A CLA GM . -137.61 -62.88 81.71
NB CLA GM . -138.97 -61.95 72.62
C1B CLA GM . -140.08 -61.76 73.37
C2B CLA GM . -141.27 -61.58 72.51
C3B CLA GM . -140.84 -61.69 71.20
C4B CLA GM . -139.38 -61.93 71.28
CMB CLA GM . -142.60 -61.38 73.06
CAB CLA GM . -141.50 -61.66 69.93
CBB CLA GM . -142.56 -60.92 69.55
NC CLA GM . -136.60 -63.00 71.33
C1C CLA GM . -137.31 -62.65 70.22
C2C CLA GM . -136.55 -62.91 69.02
C3C CLA GM . -135.36 -63.50 69.44
C4C CLA GM . -135.40 -63.56 70.89
CMC CLA GM . -137.02 -62.63 67.66
CAC CLA GM . -134.26 -63.96 68.60
CBC CLA GM . -133.33 -62.82 68.29
ND CLA GM . -135.55 -63.66 73.84
C1D CLA GM . -134.42 -64.08 73.10
C2D CLA GM . -133.38 -64.56 74.01
C3D CLA GM . -133.89 -64.37 75.29
C4D CLA GM . -135.24 -63.79 75.12
CMD CLA GM . -132.11 -65.10 73.57
CAD CLA GM . -133.64 -64.51 76.70
OBD CLA GM . -132.66 -64.96 77.30
CBD CLA GM . -134.90 -63.95 77.44
CGD CLA GM . -135.51 -64.97 78.34
O1D CLA GM . -136.61 -65.50 78.23
O2D CLA GM . -134.71 -65.33 79.38
CED CLA GM . -134.91 -64.67 80.63
MG CLA HM . -130.38 -55.52 54.96
CHA CLA HM . -129.71 -56.53 51.74
CHB CLA HM . -130.88 -58.74 55.88
CHC CLA HM . -130.76 -54.48 58.19
CHD CLA HM . -129.88 -52.18 53.94
NA CLA HM . -130.34 -57.33 53.94
C1A CLA HM . -130.00 -57.54 52.61
C2A CLA HM . -130.07 -59.03 52.29
C3A CLA HM . -130.71 -59.64 53.55
C4A CLA HM . -130.62 -58.51 54.55
CMA CLA HM . -132.14 -60.04 53.30
CAA CLA HM . -128.70 -59.68 52.11
CBA CLA HM . -127.45 -58.92 52.54
CGA CLA HM . -127.33 -58.74 54.03
O1A CLA HM . -127.16 -59.58 54.91
O2A CLA HM . -127.49 -57.43 54.39
NB CLA HM . -130.88 -56.43 56.67
C1B CLA HM . -130.86 -57.77 56.87
C2B CLA HM . -130.80 -58.08 58.32
C3B CLA HM . -130.76 -56.88 58.98
C4B CLA HM . -130.81 -55.82 57.94
CMB CLA HM . -130.75 -59.44 58.84
CAB CLA HM . -130.67 -56.61 60.39
CBB CLA HM . -131.67 -56.11 61.12
NC CLA HM . -130.34 -53.66 55.89
C1C CLA HM . -130.53 -53.47 57.23
C2C CLA HM . -130.44 -52.06 57.53
C3C CLA HM . -130.17 -51.40 56.32
C4C CLA HM . -130.12 -52.42 55.30
CMC CLA HM . -130.59 -51.48 58.86
CAC CLA HM . -129.99 -49.96 56.10
CBC CLA HM . -128.54 -49.57 56.04
ND CLA HM . -129.83 -54.54 53.29
C1D CLA HM . -129.73 -53.16 52.99
C2D CLA HM . -129.45 -52.99 51.55
C3D CLA HM . -129.37 -54.26 51.03
C4D CLA HM . -129.65 -55.17 52.15
CMD CLA HM . -129.28 -51.70 50.90
CAD CLA HM . -129.16 -55.08 49.85
OBD CLA HM . -128.82 -54.75 48.73
CBD CLA HM . -129.44 -56.55 50.26
CGD CLA HM . -130.61 -57.12 49.55
O1D CLA HM . -130.83 -58.31 49.30
O2D CLA HM . -131.54 -56.20 49.19
CED CLA HM . -132.78 -56.18 49.90
C1 CLA HM . -126.39 -56.72 54.98
C2 CLA HM . -127.02 -55.54 55.64
C3 CLA HM . -126.33 -54.49 56.11
C4 CLA HM . -124.85 -54.39 56.01
C5 CLA HM . -127.04 -53.35 56.76
C6 CLA HM . -126.49 -52.99 58.13
C7 CLA HM . -126.81 -54.03 59.17
C8 CLA HM . -125.96 -53.81 60.41
C9 CLA HM . -125.15 -55.05 60.73
C10 CLA HM . -126.82 -53.43 61.60
C11 CLA HM . -126.06 -52.52 62.56
C12 CLA HM . -125.49 -51.31 61.86
C13 CLA HM . -125.58 -50.05 62.72
C14 CLA HM . -126.78 -49.21 62.34
C15 CLA HM . -124.31 -49.20 62.60
C16 CLA HM . -123.05 -50.01 62.86
C17 CLA HM . -121.85 -49.12 63.03
C18 CLA HM . -120.55 -49.89 62.81
C19 CLA HM . -119.52 -49.49 63.85
C20 CLA HM . -120.03 -49.66 61.42
MG CLA IM . -119.87 -63.99 52.66
CHA CLA IM . -117.30 -62.72 54.59
CHB CLA IM . -122.12 -62.93 54.95
CHC CLA IM . -122.39 -65.38 50.78
CHD CLA IM . -117.50 -65.23 50.38
NA CLA IM . -119.71 -62.95 54.46
C1A CLA IM . -118.55 -62.52 55.12
C2A CLA IM . -118.92 -61.82 56.43
C3A CLA IM . -120.46 -61.83 56.45
C4A CLA IM . -120.81 -62.63 55.20
CMA CLA IM . -121.07 -62.40 57.71
CAA CLA IM . -118.47 -60.38 56.53
CBA CLA IM . -117.46 -60.23 57.64
CGA CLA IM . -117.70 -61.28 58.69
O1A CLA IM . -117.10 -62.33 58.88
O2A CLA IM . -118.75 -60.96 59.51
NB CLA IM . -121.84 -64.26 52.90
C1B CLA IM . -122.58 -63.59 53.82
C2B CLA IM . -124.00 -63.59 53.46
C3B CLA IM . -124.10 -64.28 52.27
C4B CLA IM . -122.73 -64.69 51.89
CMB CLA IM . -124.97 -62.91 54.31
CAB CLA IM . -125.23 -64.58 51.41
CBB CLA IM . -126.30 -63.80 51.22
NC CLA IM . -119.93 -65.08 50.89
C1C CLA IM . -121.07 -65.57 50.31
C2C CLA IM . -120.73 -66.32 49.10
C3C CLA IM . -119.34 -66.26 48.98
C4C CLA IM . -118.85 -65.49 50.12
CMC CLA IM . -121.70 -66.98 48.24
CAC CLA IM . -118.50 -66.88 47.94
CBC CLA IM . -117.99 -68.24 48.37
ND CLA IM . -117.90 -63.80 52.34
C1D CLA IM . -117.04 -64.45 51.41
C2D CLA IM . -115.65 -64.15 51.75
C3D CLA IM . -115.69 -63.43 52.92
C4D CLA IM . -117.11 -63.31 53.30
CMD CLA IM . -114.50 -64.55 50.95
CAD CLA IM . -114.92 -62.74 53.93
OBD CLA IM . -113.74 -62.40 53.92
CBD CLA IM . -115.89 -62.45 55.10
CGD CLA IM . -115.57 -63.35 56.26
O1D CLA IM . -114.73 -63.18 57.15
O2D CLA IM . -116.32 -64.48 56.30
CED CLA IM . -115.66 -65.70 55.92
MG CLA JM . -138.28 -67.73 60.31
CHA CLA JM . -141.40 -68.71 59.20
CHB CLA JM . -139.70 -65.11 61.95
CHC CLA JM . -135.17 -66.82 61.42
CHD CLA JM . -136.87 -70.53 58.68
NA CLA JM . -140.24 -67.03 60.51
C1A CLA JM . -141.42 -67.58 59.97
C2A CLA JM . -142.64 -66.76 60.39
C3A CLA JM . -142.04 -65.61 61.23
C4A CLA JM . -140.55 -65.92 61.25
CMA CLA JM . -142.36 -64.25 60.66
CAA CLA JM . -143.59 -67.53 61.31
CBA CLA JM . -142.89 -68.25 62.44
CGA CLA JM . -142.72 -69.71 62.14
O1A CLA JM . -143.58 -70.57 61.92
O2A CLA JM . -141.40 -70.09 62.08
NB CLA JM . -137.57 -66.21 61.41
C1B CLA JM . -138.31 -65.28 62.05
C2B CLA JM . -137.44 -64.46 62.93
C3B CLA JM . -136.16 -64.94 62.80
C4B CLA JM . -136.22 -66.06 61.83
CMB CLA JM . -137.95 -63.37 63.77
CAB CLA JM . -134.94 -64.52 63.43
CBB CLA JM . -134.70 -64.63 64.74
NC CLA JM . -136.38 -68.51 60.06
C1C CLA JM . -135.24 -67.97 60.59
C2C CLA JM . -134.08 -68.76 60.20
C3C CLA JM . -134.56 -69.83 59.46
C4C CLA JM . -136.01 -69.67 59.38
CMC CLA JM . -132.70 -68.46 60.58
CAC CLA JM . -133.78 -70.91 58.85
CBC CLA JM . -133.41 -70.63 57.42
ND CLA JM . -138.92 -69.29 59.21
C1D CLA JM . -138.24 -70.37 58.60
C2D CLA JM . -139.20 -71.22 57.88
C3D CLA JM . -140.43 -70.61 58.05
C4D CLA JM . -140.20 -69.42 58.89
CMD CLA JM . -138.85 -72.44 57.16
CAD CLA JM . -141.84 -70.68 57.76
OBD CLA JM . -142.47 -71.49 57.10
CBD CLA JM . -142.50 -69.47 58.48
CGD CLA JM . -143.20 -68.53 57.54
O1D CLA JM . -144.34 -68.07 57.65
O2D CLA JM . -142.45 -68.18 56.45
CED CLA JM . -142.84 -66.98 55.77
MG CLA KM . -127.86 -63.56 71.29
CHA CLA KM . -129.40 -62.85 74.31
CHB CLA KM . -125.49 -65.36 72.91
CHC CLA KM . -126.43 -64.27 68.28
CHD CLA KM . -130.28 -61.59 69.64
NA CLA KM . -127.52 -64.00 73.30
C1A CLA KM . -128.27 -63.63 74.42
C2A CLA KM . -127.63 -64.15 75.71
C3A CLA KM . -126.34 -64.83 75.22
C4A CLA KM . -126.43 -64.73 73.70
CMA CLA KM . -125.12 -64.13 75.74
CAA CLA KM . -128.45 -65.15 76.49
CBA CLA KM . -128.79 -64.59 77.85
CGA CLA KM . -127.64 -63.82 78.44
O1A CLA KM . -127.42 -62.61 78.36
O2A CLA KM . -126.78 -64.60 79.13
NB CLA KM . -126.23 -64.58 70.71
C1B CLA KM . -125.46 -65.34 71.52
C2B CLA KM . -124.56 -66.19 70.69
C3B CLA KM . -124.83 -65.90 69.38
C4B CLA KM . -125.88 -64.85 69.37
CMB CLA KM . -123.60 -67.12 71.26
CAB CLA KM . -124.23 -66.41 68.16
CBB CLA KM . -124.82 -67.16 67.26
NC CLA KM . -128.28 -63.01 69.33
C1C CLA KM . -127.55 -63.40 68.26
C2C CLA KM . -128.06 -62.82 67.03
C3C CLA KM . -129.18 -62.08 67.40
C4C CLA KM . -129.30 -62.19 68.85
CMC CLA KM . -127.43 -63.05 65.72
CAC CLA KM . -130.05 -61.27 66.53
CBC CLA KM . -130.94 -62.06 65.60
ND CLA KM . -129.50 -62.50 71.78
C1D CLA KM . -130.39 -61.71 71.00
C2D CLA KM . -131.41 -61.12 71.89
C3D CLA KM . -131.09 -61.56 73.16
C4D CLA KM . -129.88 -62.38 73.04
CMD CLA KM . -132.53 -60.29 71.46
CAD CLA KM . -131.46 -61.50 74.55
OBD CLA KM . -132.41 -60.93 75.09
CBD CLA KM . -130.37 -62.30 75.32
CGD CLA KM . -129.73 -61.49 76.39
O1D CLA KM . -129.97 -61.51 77.60
O2D CLA KM . -128.79 -60.61 75.93
CED CLA KM . -128.68 -59.40 76.67
MG CLA LM . -127.78 -46.45 71.71
CHA CLA LM . -125.31 -46.59 74.11
CHB CLA LM . -128.80 -43.46 72.92
CHC CLA LM . -130.28 -46.42 69.36
CHD CLA LM . -126.75 -49.60 70.53
NA CLA LM . -127.13 -45.23 73.27
C1A CLA LM . -126.09 -45.46 74.19
C2A CLA LM . -126.00 -44.30 75.19
C3A CLA LM . -126.98 -43.26 74.63
C4A CLA LM . -127.72 -44.03 73.55
CMA CLA LM . -127.86 -42.68 75.69
CAA CLA LM . -124.66 -43.61 75.42
CBA CLA LM . -124.41 -43.50 76.90
CGA CLA LM . -123.54 -42.33 77.14
O1A CLA LM . -123.77 -41.14 76.97
O2A CLA LM . -122.31 -42.70 77.61
NB CLA LM . -129.31 -45.23 71.28
C1B CLA LM . -129.52 -44.04 71.86
C2B CLA LM . -130.64 -43.35 71.20
C3B CLA LM . -131.08 -44.17 70.18
C4B CLA LM . -130.20 -45.36 70.20
CMB CLA LM . -131.06 -42.03 71.64
CAB CLA LM . -132.11 -43.97 69.20
CBB CLA LM . -133.37 -43.61 69.42
NC CLA LM . -128.36 -47.75 70.21
C1C CLA LM . -129.40 -47.54 69.35
C2C CLA LM . -129.51 -48.65 68.43
C3C CLA LM . -128.53 -49.57 68.78
C4C CLA LM . -127.82 -49.00 69.91
CMC CLA LM . -130.48 -48.76 67.35
CAC CLA LM . -128.22 -50.84 68.14
CBC CLA LM . -127.18 -50.68 67.07
ND CLA LM . -126.31 -47.75 72.06
C1D CLA LM . -126.05 -49.04 71.56
C2D CLA LM . -124.87 -49.60 72.23
C3D CLA LM . -124.52 -48.67 73.17
C4D CLA LM . -125.48 -47.56 73.08
CMD CLA LM . -124.25 -50.88 71.90
CAD CLA LM . -123.56 -48.29 74.15
OBD CLA LM . -122.42 -48.73 74.28
CBD CLA LM . -124.15 -47.10 74.93
CGD CLA LM . -124.62 -47.45 76.30
O1D CLA LM . -124.45 -46.81 77.33
O2D CLA LM . -125.32 -48.61 76.34
CED CLA LM . -125.86 -49.02 77.59
C1 CLA LM . -122.31 -43.25 78.95
C2 CLA LM . -120.88 -43.44 79.26
C3 CLA LM . -120.19 -44.51 78.86
C4 CLA LM . -120.80 -45.62 78.11
C5 CLA LM . -118.75 -44.66 79.19
C6 CLA LM . -118.59 -45.65 80.32
C7 CLA LM . -118.39 -44.92 81.62
C8 CLA LM . -117.20 -45.43 82.42
C9 CLA LM . -116.87 -44.47 83.54
C10 CLA LM . -115.97 -45.64 81.55
C11 CLA LM . -115.41 -47.05 81.66
C12 CLA LM . -114.12 -47.18 80.90
C13 CLA LM . -113.07 -48.00 81.66
C14 CLA LM . -112.87 -47.45 83.06
C15 CLA LM . -111.76 -48.07 80.88
C16 CLA LM . -110.59 -48.54 81.71
C17 CLA LM . -109.27 -47.97 81.21
C18 CLA LM . -108.39 -47.44 82.34
C19 CLA LM . -109.09 -46.41 83.18
C20 CLA LM . -107.90 -48.57 83.22
MG CLA MM . -144.73 -39.65 73.67
CHA CLA MM . -141.28 -39.45 74.02
CHB CLA MM . -145.13 -37.16 75.92
CHC CLA MM . -148.13 -39.89 73.24
CHD CLA MM . -144.31 -42.51 71.62
NA CLA MM . -143.39 -38.47 74.75
C1A CLA MM . -141.98 -38.53 74.78
C2A CLA MM . -141.41 -37.47 75.73
C3A CLA MM . -142.67 -36.76 76.28
C4A CLA MM . -143.82 -37.51 75.62
CMA CLA MM . -142.76 -36.85 77.79
CAA CLA MM . -140.54 -36.42 75.06
CBA CLA MM . -141.20 -35.82 73.84
CGA CLA MM . -140.19 -35.15 72.96
O1A CLA MM . -139.28 -34.38 73.27
O2A CLA MM . -140.34 -35.48 71.63
NB CLA MM . -146.32 -38.66 74.37
C1B CLA MM . -146.29 -37.76 75.39
C2B CLA MM . -147.68 -37.48 75.86
C3B CLA MM . -148.51 -38.25 75.09
C4B CLA MM . -147.67 -38.99 74.13
CMB CLA MM . -148.02 -36.55 76.92
CAB CLA MM . -149.94 -38.38 75.13
CBB CLA MM . -150.61 -39.04 76.09
NC CLA MM . -145.98 -40.93 72.58
C1C CLA MM . -147.33 -40.80 72.51
C2C CLA MM . -147.88 -41.80 71.61
C3C CLA MM . -146.82 -42.61 71.22
C4C CLA MM . -145.63 -42.06 71.84
CMC CLA MM . -149.31 -41.92 71.27
CAC CLA MM . -146.88 -43.76 70.31
CBC CLA MM . -146.75 -43.32 68.87
ND CLA MM . -143.21 -40.72 72.91
C1D CLA MM . -143.19 -41.90 72.12
C2D CLA MM . -141.79 -42.27 71.88
C3D CLA MM . -141.02 -41.32 72.51
C4D CLA MM . -141.95 -40.41 73.20
CMD CLA MM . -141.39 -43.39 71.05
CAD CLA MM . -139.68 -40.85 72.78
OBD CLA MM . -138.61 -41.22 72.31
CBD CLA MM . -139.80 -39.74 73.86
CGD CLA MM . -139.12 -40.20 75.11
O1D CLA MM . -139.28 -41.26 75.72
O2D CLA MM . -138.20 -39.32 75.58
CED CLA MM . -137.92 -39.29 76.98
C1 CLA MM . -139.65 -34.71 70.63
C2 CLA MM . -140.10 -35.29 69.34
C3 CLA MM . -139.74 -34.86 68.12
C4 CLA MM . -138.84 -33.71 67.90
C5 CLA MM . -140.27 -35.54 66.90
C6 CLA MM . -139.31 -36.58 66.38
C7 CLA MM . -140.01 -37.44 65.35
C8 CLA MM . -139.20 -38.66 64.99
C9 CLA MM . -137.88 -38.25 64.37
C10 CLA MM . -139.96 -39.56 64.03
C11 CLA MM . -140.37 -38.91 62.74
C12 CLA MM . -141.36 -39.81 62.04
C13 CLA MM . -141.69 -39.32 60.64
C14 CLA MM . -142.32 -37.94 60.71
C15 CLA MM . -142.63 -40.29 59.93
C16 CLA MM . -142.01 -40.85 58.67
C17 CLA MM . -142.08 -39.87 57.50
C18 CLA MM . -143.07 -40.21 56.39
C19 CLA MM . -143.89 -41.47 56.58
C20 CLA MM . -142.36 -40.25 55.05
MG CLA NM . -137.09 -41.21 67.16
CHA CLA NM . -136.01 -38.89 69.53
CHB CLA NM . -133.89 -41.70 66.17
CHC CLA NM . -138.24 -43.10 64.53
CHD CLA NM . -140.43 -40.52 68.07
NA CLA NM . -135.25 -40.48 67.82
C1A CLA NM . -135.00 -39.48 68.81
C2A CLA NM . -133.46 -39.26 68.88
C3A CLA NM . -132.90 -40.48 68.12
C4A CLA NM . -134.09 -40.92 67.28
CMA CLA NM . -131.72 -40.11 67.27
CAA CLA NM . -132.76 -39.13 70.23
CBA CLA NM . -132.08 -37.78 70.29
CGA CLA NM . -131.36 -37.51 71.58
O1A CLA NM . -131.83 -37.30 72.70
O2A CLA NM . -130.00 -37.52 71.45
NB CLA NM . -136.22 -42.33 65.74
C1B CLA NM . -134.93 -42.17 65.35
C2B CLA NM . -134.75 -42.55 63.92
C3B CLA NM . -135.98 -42.93 63.46
C4B CLA NM . -136.92 -42.83 64.61
CMB CLA NM . -133.47 -42.47 63.21
CAB CLA NM . -136.39 -43.39 62.17
CBB CLA NM . -136.51 -44.65 61.78
NC CLA NM . -138.98 -41.79 66.50
C1C CLA NM . -139.22 -42.61 65.44
C2C CLA NM . -140.64 -42.84 65.28
C3C CLA NM . -141.27 -42.04 66.24
C4C CLA NM . -140.22 -41.40 67.01
CMC CLA NM . -141.25 -43.67 64.26
CAC CLA NM . -142.71 -41.92 66.48
CBC CLA NM . -143.19 -42.78 67.62
ND CLA NM . -138.05 -40.05 68.49
C1D CLA NM . -139.43 -39.87 68.75
C2D CLA NM . -139.59 -38.94 69.87
C3D CLA NM . -138.33 -38.54 70.21
C4D CLA NM . -137.39 -39.24 69.31
CMD CLA NM . -140.88 -38.56 70.41
CAD CLA NM . -137.55 -37.74 71.11
OBD CLA NM . -137.89 -37.07 72.07
CBD CLA NM . -136.06 -37.89 70.67
CGD CLA NM . -135.41 -36.57 70.39
O1D CLA NM . -135.26 -35.63 71.17
O2D CLA NM . -134.93 -36.43 69.12
CED CLA NM . -135.65 -35.60 68.22
MG CLA OM . -150.77 -52.92 61.81
CHA CLA OM . -153.01 -53.28 59.20
CHB CLA OM . -150.22 -49.70 60.87
CHC CLA OM . -148.93 -52.46 64.66
CHD CLA OM . -151.50 -56.21 62.82
NA CLA OM . -151.45 -51.74 60.23
C1A CLA OM . -152.41 -52.06 59.27
C2A CLA OM . -152.64 -50.87 58.34
C3A CLA OM . -151.48 -49.92 58.70
C4A CLA OM . -151.02 -50.46 60.04
CMA CLA OM . -150.39 -49.99 57.68
CAA CLA OM . -153.93 -50.22 58.80
CBA CLA OM . -154.59 -49.34 57.77
CGA CLA OM . -155.91 -48.89 58.32
O1A CLA OM . -156.91 -48.48 57.70
O2A CLA OM . -155.99 -48.96 59.68
NB CLA OM . -149.76 -51.39 62.59
C1B CLA OM . -149.71 -50.12 62.10
C2B CLA OM . -148.99 -49.23 63.04
C3B CLA OM . -148.62 -50.00 64.11
C4B CLA OM . -149.09 -51.38 63.84
CMB CLA OM . -148.76 -47.82 62.77
CAB CLA OM . -147.89 -49.66 65.29
CBB CLA OM . -146.60 -49.96 65.48
NC CLA OM . -150.23 -54.15 63.39
C1C CLA OM . -149.44 -53.76 64.43
C2C CLA OM . -149.29 -54.85 65.37
C3C CLA OM . -150.04 -55.91 64.89
C4C CLA OM . -150.64 -55.46 63.63
CMC CLA OM . -148.50 -54.75 66.59
CAC CLA OM . -150.27 -57.24 65.51
CBC CLA OM . -149.09 -58.18 65.45
ND CLA OM . -151.83 -54.48 61.11
C1D CLA OM . -152.07 -55.78 61.65
C2D CLA OM . -153.02 -56.49 60.78
C3D CLA OM . -153.41 -55.57 59.81
C4D CLA OM . -152.67 -54.34 60.10
CMD CLA OM . -153.44 -57.86 60.98
CAD CLA OM . -154.22 -55.34 58.63
OBD CLA OM . -154.91 -56.13 58.00
CBD CLA OM . -154.06 -53.84 58.26
CGD CLA OM . -153.63 -53.69 56.84
O1D CLA OM . -154.32 -53.42 55.86
O2D CLA OM . -152.29 -53.86 56.66
CED CLA OM . -151.62 -53.04 55.71
C A86 PM . -132.50 -47.28 64.12
O A86 PM . -145.71 -49.49 62.36
C1 A86 PM . -132.81 -46.26 65.25
C10 A86 PM . -142.45 -48.63 63.46
C11 A86 PM . -143.85 -48.36 63.21
C12 A86 PM . -144.54 -47.15 63.77
C13 A86 PM . -144.54 -49.35 62.33
C14 A86 PM . -143.56 -50.23 61.31
C15 A86 PM . -143.91 -50.06 59.79
C16 A86 PM . -143.83 -48.68 59.17
C17 A86 PM . -145.16 -47.94 59.12
C18 A86 PM . -146.16 -48.71 58.39
C19 A86 PM . -146.44 -50.05 59.16
C2 A86 PM . -134.12 -46.04 65.70
C20 A86 PM . -145.07 -50.88 59.31
C21 A86 PM . -145.49 -52.06 60.27
C22 A86 PM . -143.30 -48.84 57.71
C23 A86 PM . -142.79 -47.80 59.83
C24 A86 PM . -131.69 -45.48 65.89
C25 A86 PM . -130.46 -45.34 65.21
C26 A86 PM . -129.30 -44.46 65.92
C27 A86 PM . -128.15 -45.06 66.46
C28 A86 PM . -127.95 -46.52 66.39
C29 A86 PM . -127.06 -44.10 67.15
C3 A86 PM . -135.23 -46.76 65.09
C30 A86 PM . -125.72 -44.61 67.45
C31 A86 PM . -124.42 -45.09 67.76
C32 A86 PM . -123.50 -45.65 66.65
C33 A86 PM . -122.20 -46.33 67.10
C34 A86 PM . -122.29 -47.12 68.41
C35 A86 PM . -122.92 -46.32 69.56
C36 A86 PM . -124.20 -45.54 69.21
C37 A86 PM . -125.41 -46.43 69.52
C38 A86 PM . -122.14 -49.40 67.90
C39 A86 PM . -121.30 -50.07 69.01
C4 A86 PM . -136.52 -46.57 65.58
C40 A86 PM . -124.30 -46.63 65.75
C41 A86 PM . -123.10 -44.46 65.75
C5 A86 PM . -137.75 -47.40 64.83
C6 A86 PM . -139.07 -47.30 65.28
C7 A86 PM . -139.45 -46.41 66.53
C8 A86 PM . -140.16 -48.13 64.45
C9 A86 PM . -141.56 -47.71 64.32
O1 A86 PM . -143.69 -51.26 58.95
O2 A86 PM . -147.36 -47.97 58.31
O3 A86 PM . -124.27 -44.41 70.03
O4 A86 PM . -123.01 -48.31 68.23
O5 A86 PM . -122.04 -49.77 66.78
C A86 QM . -143.28 -57.26 70.52
O A86 QM . -134.15 -60.14 60.84
C1 A86 QM . -142.21 -57.48 71.62
C10 A86 QM . -136.09 -59.28 63.69
C11 A86 QM . -134.86 -59.54 62.98
C12 A86 QM . -133.57 -59.76 63.69
C13 A86 QM . -134.95 -59.58 61.50
C14 A86 QM . -136.25 -58.78 60.82
C15 A86 QM . -136.57 -59.07 59.31
C16 A86 QM . -137.00 -60.46 58.87
C17 A86 QM . -135.95 -61.28 58.10
C18 A86 QM . -135.50 -60.54 56.94
C19 A86 QM . -134.71 -59.28 57.43
C2 A86 QM . -140.90 -57.88 71.28
C20 A86 QM . -135.74 -58.37 58.27
C21 A86 QM . -134.81 -57.23 58.86
C22 A86 QM . -138.22 -60.21 57.96
C23 A86 QM . -137.51 -61.33 60.01
C24 A86 QM . -142.58 -57.24 73.06
C25 A86 QM . -143.94 -57.08 73.42
C26 A86 QM . -144.35 -56.79 74.97
C27 A86 QM . -144.43 -57.84 75.90
C28 A86 QM . -144.15 -59.24 75.50
C29 A86 QM . -144.82 -57.58 77.44
C3 A86 QM . -140.58 -58.07 69.86
C30 A86 QM . -145.96 -56.77 77.84
C31 A86 QM . -147.09 -56.01 78.27
C32 A86 QM . -148.46 -56.67 78.47
C33 A86 QM . -149.69 -55.80 78.17
C34 A86 QM . -149.53 -54.32 78.49
C35 A86 QM . -148.20 -53.74 77.96
C36 A86 QM . -147.01 -54.50 78.57
C37 A86 QM . -145.69 -53.95 77.98
C38 A86 QM . -151.76 -53.58 78.75
C39 A86 QM . -153.17 -53.91 78.18
C4 A86 QM . -139.31 -58.51 69.48
C40 A86 QM . -148.55 -57.18 79.93
C41 A86 QM . -148.51 -57.90 77.52
C5 A86 QM . -139.02 -58.67 67.85
C6 A86 QM . -137.71 -58.74 67.39
C7 A86 QM . -136.48 -58.69 68.41
C8 A86 QM . -137.46 -58.88 65.81
C9 A86 QM . -136.15 -59.21 65.24
O1 A86 QM . -137.10 -57.89 58.61
O2 A86 QM . -134.66 -61.35 56.15
O3 A86 QM . -147.00 -54.28 79.96
O4 A86 QM . -150.60 -53.63 77.89
O5 A86 QM . -151.63 -53.28 79.88
C A86 RM . -143.90 -65.67 73.56
O A86 RM . -147.03 -65.78 60.82
C1 A86 RM . -142.36 -65.53 73.33
C10 A86 RM . -145.45 -65.46 63.83
C11 A86 RM . -145.95 -64.84 62.62
C12 A86 RM . -145.31 -63.60 62.08
C13 A86 RM . -147.10 -65.47 61.94
C14 A86 RM . -148.49 -65.75 62.85
C15 A86 RM . -149.47 -66.85 62.27
C16 A86 RM . -148.99 -68.29 62.16
C17 A86 RM . -148.52 -68.70 60.76
C18 A86 RM . -149.56 -68.48 59.76
C19 A86 RM . -149.90 -66.95 59.68
C2 A86 RM . -141.82 -65.53 72.04
C20 A86 RM . -150.35 -66.41 61.15
C21 A86 RM . -150.44 -64.85 60.95
C22 A86 RM . -150.19 -69.21 62.56
C23 A86 RM . -147.88 -68.61 63.15
C24 A86 RM . -141.41 -65.38 74.49
C25 A86 RM . -141.02 -66.56 75.18
C26 A86 RM . -139.97 -66.43 76.43
C27 A86 RM . -140.43 -66.22 77.74
C28 A86 RM . -141.87 -66.10 78.04
C29 A86 RM . -139.33 -66.10 78.90
C3 A86 RM . -142.69 -65.68 70.87
C30 A86 RM . -139.74 -66.20 80.30
C31 A86 RM . -140.14 -66.31 81.66
C32 A86 RM . -139.82 -67.59 82.48
C33 A86 RM . -140.82 -67.95 83.59
C34 A86 RM . -141.45 -66.75 84.32
C35 A86 RM . -141.97 -65.69 83.34
C36 A86 RM . -140.86 -65.18 82.42
C37 A86 RM . -141.49 -64.25 81.35
C38 A86 RM . -142.35 -67.10 86.51
C39 A86 RM . -143.58 -66.84 87.43
C4 A86 RM . -142.18 -65.47 69.59
C40 A86 RM . -138.41 -67.42 83.11
C41 A86 RM . -139.78 -68.76 81.47
C5 A86 RM . -143.23 -65.68 68.33
C6 A86 RM . -143.04 -65.12 67.07
C7 A86 RM . -141.78 -64.19 66.73
C8 A86 RM . -144.17 -65.46 65.99
C9 A86 RM . -144.27 -64.91 64.64
O1 A86 RM . -150.90 -66.57 62.52
O2 A86 RM . -149.12 -68.93 58.50
O3 A86 RM . -139.93 -64.45 83.17
O4 A86 RM . -142.53 -67.23 85.09
O5 A86 RM . -141.28 -67.19 86.98
MG CLA SM . -74.40 -19.40 56.55
CHA CLA SM . -73.60 -17.32 59.15
CHB CLA SM . -76.28 -21.25 58.65
CHC CLA SM . -75.36 -21.30 53.89
CHD CLA SM . -72.22 -17.57 54.47
NA CLA SM . -74.86 -19.28 58.57
C1A CLA SM . -74.43 -18.32 59.50
C2A CLA SM . -74.99 -18.59 60.88
C3A CLA SM . -75.63 -19.97 60.70
C4A CLA SM . -75.63 -20.18 59.20
CMA CLA SM . -74.74 -20.95 61.37
CAA CLA SM . -76.01 -17.55 61.34
CBA CLA SM . -77.45 -17.98 61.20
CGA CLA SM . -77.85 -17.69 59.81
O1A CLA SM . -77.17 -17.18 58.94
O2A CLA SM . -79.12 -18.07 59.50
NB CLA SM . -75.50 -21.05 56.34
C1B CLA SM . -76.32 -21.55 57.28
C2B CLA SM . -77.26 -22.51 56.68
C3B CLA SM . -77.01 -22.53 55.34
C4B CLA SM . -75.89 -21.59 55.11
CMB CLA SM . -78.27 -23.21 57.46
CAB CLA SM . -77.65 -23.24 54.29
CBB CLA SM . -78.93 -23.08 53.96
NC CLA SM . -73.91 -19.39 54.53
C1C CLA SM . -74.44 -20.25 53.63
C2C CLA SM . -73.91 -19.94 52.32
C3C CLA SM . -72.99 -18.92 52.48
C4C CLA SM . -72.98 -18.59 53.89
CMC CLA SM . -74.29 -20.61 51.08
CAC CLA SM . -72.22 -18.27 51.42
CBC CLA SM . -72.98 -17.06 50.91
ND CLA SM . -73.32 -17.71 56.64
C1D CLA SM . -72.34 -17.17 55.77
C2D CLA SM . -71.66 -16.06 56.45
C3D CLA SM . -72.22 -15.99 57.70
C4D CLA SM . -73.15 -17.11 57.80
CMD CLA SM . -70.69 -15.20 55.81
CAD CLA SM . -72.33 -15.31 58.95
OBD CLA SM . -72.16 -14.15 59.23
CBD CLA SM . -72.92 -16.29 59.98
CGD CLA SM . -71.82 -16.91 60.78
O1D CLA SM . -71.70 -18.09 61.08
O2D CLA SM . -70.90 -16.02 61.20
CED CLA SM . -70.84 -15.80 62.60
C1 CLA SM . -79.15 -19.13 58.53
C2 CLA SM . -80.55 -19.27 58.05
C3 CLA SM . -80.81 -19.74 56.83
C4 CLA SM . -79.75 -20.15 55.90
C5 CLA SM . -82.19 -19.88 56.34
C6 CLA SM . -82.51 -18.79 55.35
C7 CLA SM . -82.81 -19.36 53.98
C8 CLA SM . -83.15 -18.23 53.03
C9 CLA SM . -84.52 -17.67 53.37
C10 CLA SM . -83.15 -18.71 51.59
C11 CLA SM . -82.12 -17.95 50.79
C12 CLA SM . -82.02 -18.50 49.39
C13 CLA SM . -80.96 -17.79 48.55
C14 CLA SM . -81.21 -16.30 48.55
C15 CLA SM . -80.99 -18.36 47.15
C16 CLA SM . -80.14 -17.59 46.18
C17 CLA SM . -78.69 -18.05 46.21
C18 CLA SM . -78.17 -18.32 44.82
C19 CLA SM . -76.70 -18.68 44.88
C20 CLA SM . -78.94 -19.45 44.17
MG CLA TM . -82.64 -27.27 52.33
CHA CLA TM . -83.61 -27.72 55.60
CHB CLA TM . -82.60 -23.92 52.81
CHC CLA TM . -81.75 -26.87 49.07
CHD CLA TM . -82.79 -30.77 51.85
NA CLA TM . -83.00 -26.05 53.97
C1A CLA TM . -83.40 -26.41 55.26
C2A CLA TM . -83.56 -25.18 56.15
C3A CLA TM . -83.30 -24.01 55.17
C4A CLA TM . -82.91 -24.69 53.89
CMA CLA TM . -84.54 -23.22 54.90
CAA CLA TM . -82.49 -25.12 57.22
CBA CLA TM . -82.52 -23.80 57.94
CGA CLA TM . -83.84 -23.57 58.63
O1A CLA TM . -84.91 -23.17 58.17
O2A CLA TM . -83.80 -23.88 59.95
NB CLA TM . -82.19 -25.71 51.18
C1B CLA TM . -82.28 -24.42 51.54
C2B CLA TM . -82.02 -23.54 50.38
C3B CLA TM . -81.76 -24.37 49.30
C4B CLA TM . -81.89 -25.76 49.82
CMB CLA TM . -82.05 -22.09 50.53
CAB CLA TM . -81.47 -24.16 47.91
CBB CLA TM . -81.50 -23.02 47.21
NC CLA TM . -82.30 -28.59 50.77
C1C CLA TM . -81.94 -28.19 49.52
C2C CLA TM . -81.79 -29.35 48.66
C3C CLA TM . -82.09 -30.46 49.44
C4C CLA TM . -82.40 -29.97 50.77
CMC CLA TM . -81.42 -29.27 47.25
CAC CLA TM . -82.08 -31.85 49.01
CBC CLA TM . -80.68 -32.41 49.04
ND CLA TM . -83.06 -28.91 53.42
C1D CLA TM . -83.11 -30.28 53.09
C2D CLA TM . -83.55 -31.02 54.28
C3D CLA TM . -83.76 -30.10 55.26
C4D CLA TM . -83.45 -28.79 54.68
CMD CLA TM . -83.71 -32.47 54.33
CAD CLA TM . -84.14 -29.88 56.64
OBD CLA TM . -84.44 -30.69 57.49
CBD CLA TM . -84.11 -28.35 56.85
CGD CLA TM . -85.50 -27.84 57.03
O1D CLA TM . -86.28 -27.50 56.15
O2D CLA TM . -85.92 -27.78 58.32
CED CLA TM . -85.28 -26.82 59.16
MG CLA UM . -73.01 -39.96 40.46
CHA CLA UM . -73.95 -41.79 37.67
CHB CLA UM . -76.21 -39.99 41.58
CHC CLA UM . -71.97 -38.39 43.31
CHD CLA UM . -69.68 -40.02 39.30
NA CLA UM . -74.78 -40.77 39.72
C1A CLA UM . -74.97 -41.49 38.53
C2A CLA UM . -76.42 -41.93 38.43
C3A CLA UM . -77.12 -41.25 39.62
C4A CLA UM . -75.96 -40.63 40.39
CMA CLA UM . -78.11 -40.22 39.16
CAA CLA UM . -76.48 -43.45 38.61
CBA CLA UM . -76.25 -44.06 39.99
CGA CLA UM . -74.95 -43.86 40.72
O1A CLA UM . -74.84 -43.70 41.93
O2A CLA UM . -73.79 -43.84 39.96
NB CLA UM . -73.92 -39.25 42.09
C1B CLA UM . -75.23 -39.40 42.39
C2B CLA UM . -75.51 -38.88 43.74
C3B CLA UM . -74.33 -38.42 44.25
C4B CLA UM . -73.29 -38.67 43.21
CMB CLA UM . -76.83 -38.92 44.36
CAB CLA UM . -74.05 -37.86 45.54
CBB CLA UM . -73.59 -36.64 45.79
NC CLA UM . -71.17 -39.27 41.13
C1C CLA UM . -70.98 -38.64 42.33
C2C CLA UM . -69.58 -38.31 42.49
C3C CLA UM . -68.93 -38.79 41.37
C4C CLA UM . -69.94 -39.39 40.52
CMC CLA UM . -69.02 -37.63 43.65
CAC CLA UM . -67.50 -38.71 41.06
CBC CLA UM . -66.78 -39.95 41.53
ND CLA UM . -71.99 -40.70 38.89
C1D CLA UM . -70.62 -40.65 38.53
C2D CLA UM . -70.43 -41.35 37.26
C3D CLA UM . -71.67 -41.81 36.89
C4D CLA UM . -72.61 -41.38 37.93
CMD CLA UM . -69.15 -41.51 36.57
CAD CLA UM . -72.42 -42.53 35.89
OBD CLA UM . -72.03 -43.04 34.85
CBD CLA UM . -73.88 -42.55 36.37
CGD CLA UM . -74.82 -41.96 35.37
O1D CLA UM . -75.94 -42.36 35.06
O2D CLA UM . -74.35 -40.84 34.79
CED CLA UM . -75.30 -39.97 34.16
C1 CLA UM . -72.48 -44.20 40.48
C2 CLA UM . -71.86 -43.13 41.31
C3 CLA UM . -70.62 -43.20 41.86
C4 CLA UM . -69.73 -44.35 41.64
C5 CLA UM . -70.09 -42.10 42.70
C6 CLA UM . -69.46 -42.54 44.02
C7 CLA UM . -69.54 -41.44 45.07
C8 CLA UM . -68.76 -41.72 46.36
C9 CLA UM . -68.97 -43.15 46.83
C10 CLA UM . -69.15 -40.76 47.47
C11 CLA UM . -68.24 -40.85 48.68
C12 CLA UM . -66.79 -40.52 48.32
C13 CLA UM . -65.91 -40.22 49.54
C14 CLA UM . -65.18 -38.90 49.36
C15 CLA UM . -64.89 -41.34 49.79
C16 CLA UM . -65.11 -41.98 51.15
C17 CLA UM . -63.96 -42.88 51.55
C18 CLA UM . -64.35 -43.79 52.70
C19 CLA UM . -63.15 -44.49 53.28
C20 CLA UM . -65.36 -44.81 52.24
MG CLA VM . -77.17 -51.95 43.20
CHA CLA VM . -76.07 -53.32 46.19
CHB CLA VM . -75.98 -48.94 44.14
CHC CLA VM . -78.38 -50.63 40.31
CHD CLA VM . -78.26 -55.14 42.18
NA CLA VM . -76.21 -51.26 44.92
C1A CLA VM . -75.83 -51.97 46.06
C2A CLA VM . -75.15 -51.01 47.06
C3A CLA VM . -75.08 -49.66 46.31
C4A CLA VM . -75.83 -49.96 45.04
CMA CLA VM . -75.73 -48.51 47.02
CAA CLA VM . -73.72 -51.36 47.45
CBA CLA VM . -73.67 -51.56 48.95
CGA CLA VM . -74.53 -50.54 49.61
O1A CLA VM . -75.65 -50.64 50.10
O2A CLA VM . -73.94 -49.31 49.62
NB CLA VM . -77.04 -50.18 42.31
C1B CLA VM . -76.67 -49.05 42.94
C2B CLA VM . -77.12 -47.85 42.21
C3B CLA VM . -77.81 -48.30 41.11
C4B CLA VM . -77.78 -49.79 41.18
CMB CLA VM . -76.87 -46.51 42.70
CAB CLA VM . -78.54 -47.57 40.10
CBB CLA VM . -78.19 -47.52 38.81
NC CLA VM . -78.15 -52.75 41.55
C1C CLA VM . -78.57 -52.01 40.49
C2C CLA VM . -79.23 -52.85 39.52
C3C CLA VM . -79.19 -54.15 40.02
C4C CLA VM . -78.49 -54.07 41.30
CMC CLA VM . -79.82 -52.34 38.27
CAC CLA VM . -79.73 -55.38 39.40
CBC CLA VM . -81.23 -55.56 39.50
ND CLA VM . -77.37 -53.79 44.02
C1D CLA VM . -77.74 -55.02 43.44
C2D CLA VM . -77.48 -56.09 44.41
C3D CLA VM . -76.89 -55.50 45.50
C4D CLA VM . -76.78 -54.07 45.18
CMD CLA VM . -77.83 -57.49 44.20
CAD CLA VM . -76.31 -55.71 46.81
OBD CLA VM . -76.28 -56.71 47.50
CBD CLA VM . -75.70 -54.36 47.24
CGD CLA VM . -76.21 -54.01 48.59
O1D CLA VM . -75.75 -54.36 49.68
O2D CLA VM . -77.30 -53.20 48.56
CED CLA VM . -78.56 -53.79 48.82
MG CLA WM . -81.42 -35.81 56.75
CHA CLA WM . -81.41 -32.71 58.28
CHB CLA WM . -82.50 -37.22 59.63
CHC CLA WM . -81.75 -38.79 55.11
CHD CLA WM . -80.27 -34.31 53.79
NA CLA WM . -81.83 -35.06 58.65
C1A CLA WM . -81.80 -33.74 59.09
C2A CLA WM . -82.17 -33.66 60.55
C3A CLA WM . -82.28 -35.13 60.98
C4A CLA WM . -82.21 -35.87 59.67
CMA CLA WM . -81.12 -35.51 61.86
CAA CLA WM . -83.51 -32.99 60.78
CBA CLA WM . -83.44 -32.08 61.98
CGA CLA WM . -83.26 -32.87 63.24
O1A CLA WM . -82.52 -32.67 64.20
O2A CLA WM . -84.05 -33.99 63.24
NB CLA WM . -82.00 -37.65 57.27
C1B CLA WM . -82.47 -38.01 58.49
C2B CLA WM . -82.94 -39.41 58.45
C3B CLA WM . -82.74 -39.86 57.18
C4B CLA WM . -82.13 -38.76 56.41
CMB CLA WM . -83.50 -40.08 59.61
CAB CLA WM . -83.01 -41.15 56.63
CBB CLA WM . -83.93 -41.42 55.69
NC CLA WM . -81.02 -36.44 54.82
C1C CLA WM . -81.22 -37.70 54.37
C2C CLA WM . -80.86 -37.80 52.98
C3C CLA WM . -80.45 -36.53 52.58
C4C CLA WM . -80.56 -35.68 53.76
CMC CLA WM . -80.95 -39.02 52.19
CAC CLA WM . -79.99 -36.13 51.26
CBC CLA WM . -81.16 -35.81 50.38
ND CLA WM . -80.84 -33.98 56.14
C1D CLA WM . -80.41 -33.51 54.89
C2D CLA WM . -80.16 -32.06 55.00
C3D CLA WM . -80.54 -31.70 56.27
C4D CLA WM . -80.97 -32.94 56.94
CMD CLA WM . -79.66 -31.23 53.92
CAD CLA WM . -80.65 -30.64 57.23
OBD CLA WM . -80.31 -29.48 57.13
CBD CLA WM . -81.25 -31.23 58.52
CGD CLA WM . -80.30 -31.02 59.63
O1D CLA WM . -80.37 -30.20 60.54
O2D CLA WM . -79.25 -31.89 59.56
CED CLA WM . -78.70 -32.44 60.76
MG CLA XM . -64.66 -32.74 56.40
CHA CLA XM . -64.51 -34.14 59.55
CHB CLA XM . -61.89 -30.95 57.07
CHC CLA XM . -64.74 -31.53 53.21
CHD CLA XM . -67.52 -34.67 55.72
NA CLA XM . -63.42 -32.58 58.07
C1A CLA XM . -63.52 -33.24 59.29
C2A CLA XM . -62.39 -32.82 60.22
C3A CLA XM . -61.73 -31.66 59.47
C4A CLA XM . -62.37 -31.73 58.10
CMA CLA XM . -62.03 -30.35 60.12
CAA CLA XM . -61.35 -33.91 60.39
CBA CLA XM . -61.18 -34.31 61.84
CGA CLA XM . -60.63 -33.20 62.70
O1A CLA XM . -59.53 -32.64 62.65
O2A CLA XM . -61.50 -32.78 63.67
NB CLA XM . -63.61 -31.37 55.39
C1B CLA XM . -62.41 -30.92 55.78
C2B CLA XM . -61.69 -30.34 54.62
C3B CLA XM . -62.49 -30.50 53.53
C4B CLA XM . -63.71 -31.16 54.01
CMB CLA XM . -60.35 -29.77 54.71
CAB CLA XM . -62.28 -30.17 52.16
CBB CLA XM . -62.24 -28.92 51.71
NC CLA XM . -65.92 -33.04 54.79
C1C CLA XM . -65.76 -32.42 53.58
C2C CLA XM . -66.81 -32.85 52.67
C3C CLA XM . -67.58 -33.76 53.37
C4C CLA XM . -67.02 -33.86 54.69
CMC CLA XM . -66.93 -32.38 51.29
CAC CLA XM . -68.73 -34.48 52.85
CBC CLA XM . -68.22 -35.75 52.20
ND CLA XM . -65.74 -34.16 57.32
C1D CLA XM . -66.93 -34.81 56.96
C2D CLA XM . -67.38 -35.65 58.07
C3D CLA XM . -66.46 -35.46 59.09
C4D CLA XM . -65.48 -34.49 58.57
CMD CLA XM . -68.55 -36.51 58.03
CAD CLA XM . -66.05 -35.82 60.41
OBD CLA XM . -66.48 -36.70 61.16
CBD CLA XM . -64.87 -34.90 60.79
CGD CLA XM . -65.30 -33.94 61.85
O1D CLA XM . -65.18 -34.07 63.07
O2D CLA XM . -65.87 -32.82 61.37
CED CLA XM . -65.81 -31.65 62.19
MG CLA YM . -59.76 -25.84 47.04
CHA CLA YM . -57.42 -25.36 49.52
CHB CLA YM . -59.63 -29.18 47.53
CHC CLA YM . -62.15 -26.23 44.64
CHD CLA YM . -59.81 -22.35 46.48
NA CLA YM . -58.69 -27.05 48.33
C1A CLA YM . -57.78 -26.66 49.31
C2A CLA YM . -57.24 -27.88 50.04
C3A CLA YM . -57.87 -29.08 49.31
C4A CLA YM . -58.82 -28.40 48.32
CMA CLA YM . -56.85 -29.88 48.58
CAA CLA YM . -57.75 -27.93 51.46
CBA CLA YM . -57.24 -29.14 52.20
CGA CLA YM . -55.79 -28.97 52.48
O1A CLA YM . -54.84 -28.98 51.70
O2A CLA YM . -55.53 -28.80 53.81
NB CLA YM . -60.80 -27.39 46.33
C1B CLA YM . -60.50 -28.69 46.55
C2B CLA YM . -61.19 -29.56 45.58
C3B CLA YM . -61.91 -28.72 44.75
C4B CLA YM . -61.65 -27.34 45.22
CMB CLA YM . -61.02 -31.01 45.59
CAB CLA YM . -62.74 -28.94 43.60
CBB CLA YM . -63.54 -29.98 43.34
NC CLA YM . -60.81 -24.53 45.81
C1C CLA YM . -61.75 -24.91 44.92
C2C CLA YM . -62.31 -23.73 44.27
C3C CLA YM . -61.62 -22.65 44.75
C4C CLA YM . -60.67 -23.15 45.73
CMC CLA YM . -63.37 -23.78 43.26
CAC CLA YM . -61.81 -21.24 44.41
CBC CLA YM . -60.88 -20.74 43.35
ND CLA YM . -58.78 -24.22 47.70
C1D CLA YM . -58.91 -22.84 47.39
C2D CLA YM . -57.99 -22.08 48.23
C3D CLA YM . -57.40 -22.99 49.08
C4D CLA YM . -57.94 -24.30 48.71
CMD CLA YM . -57.79 -20.64 48.15
CAD CLA YM . -56.46 -23.18 50.14
OBD CLA YM . -55.76 -22.37 50.71
CBD CLA YM . -56.47 -24.68 50.48
CGD CLA YM . -55.11 -25.24 50.31
O1D CLA YM . -54.31 -25.57 51.18
O2D CLA YM . -54.77 -25.37 49.00
CED CLA YM . -53.55 -26.05 48.69
MG CLA ZM . -73.82 -19.26 35.41
CHA CLA ZM . -74.54 -18.93 32.08
CHB CLA ZM . -70.48 -19.30 34.67
CHC CLA ZM . -73.12 -18.99 38.73
CHD CLA ZM . -77.25 -18.96 36.13
NA CLA ZM . -72.73 -19.23 33.66
C1A CLA ZM . -73.21 -19.03 32.37
C2A CLA ZM . -72.06 -18.99 31.38
C3A CLA ZM . -70.87 -19.50 32.20
C4A CLA ZM . -71.37 -19.31 33.62
CMA CLA ZM . -70.61 -20.95 31.90
CAA CLA ZM . -71.83 -17.50 31.14
CBA CLA ZM . -71.45 -17.12 29.71
CGA CLA ZM . -70.71 -15.81 29.71
O1A CLA ZM . -70.57 -15.00 28.79
O2A CLA ZM . -70.13 -15.52 30.92
NB CLA ZM . -72.13 -19.14 36.48
C1B CLA ZM . -70.87 -19.17 36.00
C2B CLA ZM . -69.90 -19.09 37.10
C3B CLA ZM . -70.64 -19.00 38.27
C4B CLA ZM . -72.07 -19.06 37.89
CMB CLA ZM . -68.46 -19.11 36.87
CAB CLA ZM . -70.21 -18.91 39.64
CBB CLA ZM . -70.38 -19.84 40.58
NC CLA ZM . -74.99 -19.14 37.12
C1C CLA ZM . -74.49 -19.05 38.38
C2C CLA ZM . -75.55 -18.91 39.35
C3C CLA ZM . -76.74 -18.86 38.62
C4C CLA ZM . -76.36 -18.99 37.22
CMC CLA ZM . -75.29 -18.81 40.79
CAC CLA ZM . -78.13 -18.66 39.10
CBC CLA ZM . -78.75 -19.72 39.98
ND CLA ZM . -75.55 -19.30 34.39
C1D CLA ZM . -76.89 -19.09 34.82
C2D CLA ZM . -77.75 -19.05 33.64
C3D CLA ZM . -76.91 -19.03 32.55
C4D CLA ZM . -75.54 -19.10 33.09
CMD CLA ZM . -79.20 -18.99 33.67
CAD CLA ZM . -76.80 -19.03 31.12
OBD CLA ZM . -77.66 -19.22 30.27
CBD CLA ZM . -75.30 -18.75 30.79
CGD CLA ZM . -74.76 -19.65 29.73
O1D CLA ZM . -74.59 -19.38 28.53
O2D CLA ZM . -74.42 -20.89 30.18
CED CLA ZM . -73.41 -21.62 29.47
C A86 AN . -64.96 -33.16 46.73
O A86 AN . -68.00 -21.89 40.28
C1 A86 AN . -64.33 -32.43 47.95
C10 A86 AN . -67.34 -24.64 42.51
C11 A86 AN . -67.24 -23.30 41.96
C12 A86 AN . -66.28 -22.30 42.53
C13 A86 AN . -68.11 -22.93 40.82
C14 A86 AN . -69.25 -24.02 40.28
C15 A86 AN . -68.91 -24.55 38.85
C16 A86 AN . -67.48 -24.90 38.52
C17 A86 AN . -66.74 -23.83 37.74
C18 A86 AN . -67.37 -23.66 36.44
C19 A86 AN . -68.79 -23.05 36.66
C2 A86 AN . -64.43 -31.03 48.07
C20 A86 AN . -69.64 -23.94 37.70
C21 A86 AN . -70.78 -22.96 38.13
C22 A86 AN . -67.48 -26.22 37.69
C23 A86 AN . -66.69 -25.18 39.78
C24 A86 AN . -63.59 -33.20 49.01
C25 A86 AN . -62.25 -32.79 49.27
C26 A86 AN . -61.31 -33.52 50.38
C27 A86 AN . -61.82 -34.48 51.29
C28 A86 AN . -63.23 -34.90 51.28
C29 A86 AN . -60.80 -35.12 52.35
C3 A86 AN . -65.16 -30.31 47.03
C30 A86 AN . -61.23 -36.17 53.25
C31 A86 AN . -61.61 -37.21 54.14
C32 A86 AN . -60.79 -38.50 54.35
C33 A86 AN . -60.14 -38.56 55.73
C34 A86 AN . -61.18 -38.36 56.84
C35 A86 AN . -61.95 -37.03 56.66
C36 A86 AN . -62.61 -36.96 55.28
C37 A86 AN . -63.73 -38.01 55.20
C38 A86 AN . -61.56 -40.64 57.37
C39 A86 AN . -60.03 -40.91 57.35
C4 A86 AN . -64.56 -29.23 46.37
C40 A86 AN . -61.71 -39.74 54.16
C41 A86 AN . -59.65 -38.54 53.29
C5 A86 AN . -65.41 -28.45 45.19
C6 A86 AN . -65.75 -27.10 45.31
C7 A86 AN . -65.34 -26.24 46.57
C8 A86 AN . -66.59 -26.46 44.10
C9 A86 AN . -66.46 -25.06 43.69
O1 A86 AN . -70.06 -25.24 38.24
O2 A86 AN . -66.61 -22.77 35.67
O3 A86 AN . -63.15 -35.68 55.09
O4 A86 AN . -62.09 -39.43 56.81
O5 A86 AN . -62.29 -41.43 57.84
C A86 BN . -77.87 -27.74 46.54
O A86 BN . -76.63 -16.63 50.76
C1 A86 BN . -77.38 -28.50 47.80
C10 A86 BN . -77.81 -19.28 50.36
C11 A86 BN . -77.53 -18.54 51.58
C12 A86 BN . -77.27 -19.29 52.85
C13 A86 BN . -77.42 -17.05 51.51
C14 A86 BN . -78.31 -15.91 52.37
C15 A86 BN . -78.54 -16.05 53.91
C16 A86 BN . -79.34 -14.90 54.50
C17 A86 BN . -79.51 -14.93 56.03
C18 A86 BN . -78.23 -14.99 56.78
C19 A86 BN . -76.98 -15.53 55.98
C2 A86 BN . -76.91 -27.77 48.90
C20 A86 BN . -77.49 -16.55 54.84
C21 A86 BN . -76.18 -16.96 54.09
C22 A86 BN . -80.73 -14.84 53.83
C23 A86 BN . -78.60 -13.64 54.14
C24 A86 BN . -77.44 -30.01 47.86
C25 A86 BN . -77.49 -30.82 46.69
C26 A86 BN . -77.57 -32.44 46.93
C27 A86 BN . -77.39 -33.43 45.93
C28 A86 BN . -77.51 -34.85 46.32
C29 A86 BN . -77.04 -33.11 44.41
C3 A86 BN . -76.88 -26.30 48.83
C30 A86 BN . -77.29 -34.19 43.45
C31 A86 BN . -77.56 -35.27 42.52
C32 A86 BN . -76.48 -36.18 41.93
C33 A86 BN . -76.08 -35.74 40.51
C34 A86 BN . -77.31 -35.83 39.60
C35 A86 BN . -78.39 -34.85 40.11
C36 A86 BN . -78.77 -35.18 41.57
C37 A86 BN . -79.76 -34.09 42.02
C38 A86 BN . -75.85 -36.28 37.71
C39 A86 BN . -75.29 -35.91 36.32
C4 A86 BN . -78.01 -25.60 48.42
C40 A86 BN . -77.07 -37.61 41.82
C41 A86 BN . -75.23 -36.21 42.86
C5 A86 BN . -78.03 -23.93 48.34
C6 A86 BN . -77.32 -23.21 49.32
C7 A86 BN . -76.51 -23.98 50.45
C8 A86 BN . -77.31 -21.60 49.30
C9 A86 BN . -77.87 -20.83 50.42
O1 A86 BN . -78.55 -17.45 54.35
O2 A86 BN . -77.95 -13.71 57.29
O3 A86 BN . -79.46 -36.39 41.55
O4 A86 BN . -76.99 -35.57 38.25
O5 A86 BN . -75.33 -37.15 38.33
C A86 CN . -71.14 -47.87 44.16
O A86 CN . -72.76 -38.38 52.63
C1 A86 CN . -72.19 -47.15 43.26
C10 A86 CN . -72.34 -39.26 49.82
C11 A86 CN . -73.56 -39.01 50.54
C12 A86 CN . -74.85 -39.55 49.98
C13 A86 CN . -73.58 -38.24 51.81
C14 A86 CN . -74.83 -37.14 52.03
C15 A86 CN . -74.83 -36.61 53.49
C16 A86 CN . -73.87 -35.50 53.83
C17 A86 CN . -72.55 -36.03 54.39
C18 A86 CN . -72.80 -36.68 55.67
C19 A86 CN . -73.70 -37.94 55.43
C2 A86 CN . -72.94 -46.06 43.74
C20 A86 CN . -75.02 -37.59 54.57
C21 A86 CN . -75.49 -39.01 54.08
C22 A86 CN . -74.58 -34.59 54.88
C23 A86 CN . -73.58 -34.65 52.61
C24 A86 CN . -72.42 -47.61 41.84
C25 A86 CN . -71.90 -48.84 41.34
C26 A86 CN . -72.22 -49.23 39.79
C27 A86 CN . -73.42 -49.91 39.48
C28 A86 CN . -74.35 -50.26 40.58
C29 A86 CN . -73.77 -50.29 37.97
C3 A86 CN . -72.79 -45.54 45.10
C30 A86 CN . -73.46 -51.62 37.43
C31 A86 CN . -73.17 -52.90 36.88
C32 A86 CN . -74.25 -54.01 36.88
C33 A86 CN . -73.67 -55.42 36.66
C34 A86 CN . -72.81 -55.49 35.40
C35 A86 CN . -71.70 -54.42 35.46
C36 A86 CN . -72.29 -53.02 35.63
C37 A86 CN . -71.15 -51.98 35.73
C38 A86 CN . -71.95 -57.24 33.96
C39 A86 CN . -70.93 -58.39 33.73
C4 A86 CN . -72.84 -44.15 45.32
C40 A86 CN . -75.27 -53.68 35.76
C41 A86 CN . -74.97 -53.98 38.26
C5 A86 CN . -72.70 -43.53 46.85
C6 A86 CN . -72.99 -42.18 47.01
C7 A86 CN . -73.43 -41.33 45.73
C8 A86 CN . -72.89 -41.45 48.45
C9 A86 CN . -72.44 -40.06 48.50
O1 A86 CN . -76.13 -36.71 54.16
O2 A86 CN . -71.58 -37.08 56.23
O3 A86 CN . -73.08 -52.73 34.50
O4 A86 CN . -72.22 -56.78 35.30
O5 A86 CN . -72.49 -56.76 33.03
C A86 DN . -101.38 -2.12 49.27
O A86 DN . -111.65 -2.51 44.84
C1 A86 DN . -101.51 -1.87 50.79
C10 A86 DN . -109.21 -1.50 45.38
C11 A86 DN . -109.72 -1.56 44.01
C12 A86 DN . -108.89 -1.44 42.76
C13 A86 DN . -111.18 -1.80 44.02
C14 A86 DN . -112.13 -1.10 42.89
C15 A86 DN . -112.50 -2.28 41.94
C16 A86 DN . -112.49 -1.94 40.45
C17 A86 DN . -113.41 -2.75 39.53
C18 A86 DN . -114.80 -2.58 39.95
C19 A86 DN . -115.02 -2.67 41.52
C2 A86 DN . -102.76 -1.47 51.31
C20 A86 DN . -113.69 -3.07 42.35
C21 A86 DN . -114.14 -2.90 43.85
C22 A86 DN . -111.02 -2.14 39.95
C23 A86 DN . -112.84 -0.48 40.20
C24 A86 DN . -100.30 -2.06 51.69
C25 A86 DN . -99.90 -1.11 52.66
C26 A86 DN . -98.57 -1.44 53.57
C27 A86 DN . -97.39 -0.68 53.46
C28 A86 DN . -97.31 0.46 52.53
C29 A86 DN . -96.12 -1.06 54.37
C3 A86 DN . -103.92 -1.31 50.43
C30 A86 DN . -95.50 -0.05 55.23
C31 A86 DN . -94.90 0.92 56.09
C32 A86 DN . -95.70 2.19 56.47
C33 A86 DN . -96.58 1.96 57.72
C34 A86 DN . -95.74 1.46 58.90
C35 A86 DN . -94.98 0.17 58.52
C36 A86 DN . -94.10 0.39 57.29
C37 A86 DN . -92.94 1.35 57.62
C38 A86 DN . -94.04 2.10 60.43
C39 A86 DN . -92.50 1.99 60.37
C4 A86 DN . -104.52 -2.46 49.89
C40 A86 DN . -96.66 2.57 55.30
C41 A86 DN . -94.73 3.38 56.71
C5 A86 DN . -105.84 -2.46 48.88
C6 A86 DN . -106.42 -1.30 48.37
C7 A86 DN . -105.81 0.12 48.77
C8 A86 DN . -107.72 -1.43 47.42
C9 A86 DN . -107.78 -1.29 45.94
O1 A86 DN . -112.35 -3.67 42.44
O2 A86 DN . -115.30 -1.35 39.50
O3 A86 DN . -93.58 -0.87 56.95
O4 A86 DN . -94.80 2.43 59.25
O5 A86 DN . -94.61 1.91 61.44
MG CLA EN . -114.12 25.94 51.57
CHA CLA EN . -113.63 28.23 54.13
CHB CLA EN . -114.10 23.41 53.82
CHC CLA EN . -114.53 23.72 49.00
CHD CLA EN . -113.99 28.61 49.25
NA CLA EN . -113.95 25.87 53.65
C1A CLA EN . -113.76 26.92 54.54
C2A CLA EN . -113.69 26.41 55.99
C3A CLA EN . -113.81 24.87 55.83
C4A CLA EN . -114.00 24.69 54.33
CMA CLA EN . -112.56 24.17 56.29
CAA CLA EN . -114.83 26.94 56.85
CBA CLA EN . -115.51 25.91 57.72
CGA CLA EN . -116.89 25.65 57.20
O1A CLA EN . -117.94 26.21 57.47
O2A CLA EN . -116.91 24.64 56.28
NB CLA EN . -114.23 23.95 51.43
C1B CLA EN . -114.26 23.09 52.48
C2B CLA EN . -114.49 21.71 52.00
C3B CLA EN . -114.62 21.78 50.62
C4B CLA EN . -114.47 23.21 50.26
CMB CLA EN . -114.58 20.58 52.92
CAB CLA EN . -114.89 20.78 49.63
CBB CLA EN . -114.32 19.58 49.54
NC CLA EN . -114.28 26.15 49.51
C1C CLA EN . -114.45 25.11 48.65
C2C CLA EN . -114.52 25.60 47.28
C3C CLA EN . -114.36 26.98 47.35
C4C CLA EN . -114.21 27.31 48.75
CMC CLA EN . -114.70 24.78 46.08
CAC CLA EN . -114.36 27.92 46.23
CBC CLA EN . -115.76 28.40 45.90
ND CLA EN . -114.03 27.96 51.61
C1D CLA EN . -113.91 28.92 50.58
C2D CLA EN . -113.64 30.24 51.18
C3D CLA EN . -113.53 30.03 52.53
C4D CLA EN . -113.74 28.59 52.75
CMD CLA EN . -113.52 31.49 50.43
CAD CLA EN . -113.30 30.64 53.81
OBD CLA EN . -113.14 31.83 54.09
CBD CLA EN . -113.26 29.49 54.84
CGD CLA EN . -111.88 29.33 55.39
O1D CLA EN . -110.82 29.49 54.78
O2D CLA EN . -111.83 28.92 56.69
CED CLA EN . -110.65 28.29 57.14
C1 CLA EN . -117.45 24.98 54.99
C2 CLA EN . -118.05 23.75 54.43
C3 CLA EN . -118.09 23.51 53.11
C4 CLA EN . -117.52 24.46 52.12
C5 CLA EN . -118.71 22.27 52.56
C6 CLA EN . -120.01 22.58 51.85
C7 CLA EN . -120.38 21.51 50.84
C8 CLA EN . -121.88 21.44 50.62
C9 CLA EN . -122.56 20.92 51.87
C10 CLA EN . -122.22 20.54 49.45
C11 CLA EN . -123.10 21.23 48.42
C12 CLA EN . -122.29 21.79 47.28
C13 CLA EN . -123.07 21.79 45.97
C14 CLA EN . -123.46 20.39 45.56
C15 CLA EN . -122.27 22.46 44.85
C16 CLA EN . -123.09 23.52 44.14
C17 CLA EN . -122.29 24.20 43.05
C18 CLA EN . -122.09 23.29 41.84
C19 CLA EN . -120.84 23.65 41.08
C20 CLA EN . -123.29 23.35 40.93
MG CLA FN . -116.79 14.73 48.31
CHA CLA FN . -116.23 14.24 51.69
CHB CLA FN . -118.61 17.49 49.01
CHC CLA FN . -117.24 15.22 44.95
CHD CLA FN . -114.94 11.81 47.63
NA CLA FN . -117.32 15.69 50.09
C1A CLA FN . -116.96 15.37 51.40
C2A CLA FN . -117.57 16.36 52.38
C3A CLA FN . -118.36 17.34 51.49
C4A CLA FN . -118.08 16.83 50.09
CMA CLA FN . -119.83 17.28 51.81
CAA CLA FN . -116.56 17.17 53.15
CBA CLA FN . -117.15 17.70 54.44
CGA CLA FN . -117.64 16.58 55.29
O1A CLA FN . -118.72 15.99 55.24
O2A CLA FN . -116.74 16.20 56.23
NB CLA FN . -117.59 16.19 47.20
C1B CLA FN . -118.47 17.09 47.67
C2B CLA FN . -119.32 17.61 46.58
C3B CLA FN . -118.94 16.98 45.44
C4B CLA FN . -117.85 16.06 45.81
CMB CLA FN . -120.38 18.58 46.80
CAB CLA FN . -119.46 17.06 44.10
CBB CLA FN . -118.86 17.67 43.08
NC CLA FN . -116.19 13.71 46.61
C1C CLA FN . -116.47 14.10 45.34
C2C CLA FN . -115.86 13.19 44.39
C3C CLA FN . -115.25 12.20 45.14
C4C CLA FN . -115.44 12.54 46.54
CMC CLA FN . -115.95 13.31 42.94
CAC CLA FN . -114.48 11.08 44.63
CBC CLA FN . -113.05 11.54 44.51
ND CLA FN . -115.95 13.24 49.36
C1D CLA FN . -115.18 12.12 48.94
C2D CLA FN . -114.69 11.41 50.13
C3D CLA FN . -115.07 12.17 51.21
C4D CLA FN . -115.81 13.32 50.68
CMD CLA FN . -113.96 10.15 50.09
CAD CLA FN . -115.08 12.28 52.66
OBD CLA FN . -114.69 11.49 53.50
CBD CLA FN . -115.70 13.66 52.98
CGD CLA FN . -116.79 13.54 54.00
O1D CLA FN . -118.01 13.52 53.80
O2D CLA FN . -116.34 13.44 55.28
CED CLA FN . -117.20 12.84 56.23
MG CLA GN . -103.63 10.73 32.49
CHA CLA GN . -103.59 8.60 29.79
CHB CLA GN . -106.38 9.17 33.70
CHC CLA GN . -103.54 12.79 35.21
CHD CLA GN . -100.72 12.29 31.24
NA CLA GN . -104.79 9.14 31.82
C1A CLA GN . -104.61 8.36 30.67
C2A CLA GN . -105.68 7.27 30.59
C3A CLA GN . -106.58 7.56 31.80
C4A CLA GN . -105.87 8.70 32.51
CMA CLA GN . -107.98 7.95 31.42
CAA CLA GN . -105.18 5.84 30.75
CBA CLA GN . -103.82 5.63 31.41
CGA CLA GN . -103.82 5.98 32.87
O1A CLA GN . -104.34 5.38 33.80
O2A CLA GN . -103.15 7.14 33.15
NB CLA GN . -104.79 10.99 34.10
C1B CLA GN . -105.84 10.21 34.45
C2B CLA GN . -106.34 10.60 35.79
C3B CLA GN . -105.54 11.62 36.22
C4B CLA GN . -104.54 11.87 35.16
CMB CLA GN . -107.46 9.92 36.45
CAB CLA GN . -105.55 12.37 37.45
CBB CLA GN . -106.53 13.19 37.82
NC CLA GN . -102.38 12.27 33.09
C1C CLA GN . -102.54 12.99 34.24
C2C CLA GN . -101.49 13.99 34.36
C3C CLA GN . -100.69 13.84 33.24
C4C CLA GN . -101.25 12.76 32.45
CMC CLA GN . -101.36 14.92 35.47
CAC CLA GN . -99.48 14.60 32.91
CBC CLA GN . -98.23 13.88 33.35
ND CLA GN . -102.38 10.51 30.94
C1D CLA GN . -101.24 11.25 30.52
C2D CLA GN . -100.75 10.68 29.25
C3D CLA GN . -101.60 9.66 28.92
C4D CLA GN . -102.61 9.62 30.00
CMD CLA GN . -99.56 11.15 28.55
CAD CLA GN . -101.92 8.61 27.99
OBD CLA GN . -101.30 8.24 26.99
CBD CLA GN . -103.24 7.95 28.47
CGD CLA GN . -104.37 8.19 27.53
O1D CLA GN . -104.83 7.44 26.67
O2D CLA GN . -104.95 9.41 27.69
CED CLA GN . -104.74 10.39 26.68
C1 CLA GN . -101.71 7.15 33.02
C2 CLA GN . -101.30 8.49 33.50
C3 CLA GN . -100.15 8.77 34.12
C4 CLA GN . -99.13 7.73 34.40
C5 CLA GN . -99.85 10.16 34.55
C6 CLA GN . -99.24 10.24 35.94
C7 CLA GN . -100.19 10.91 36.91
C8 CLA GN . -99.55 10.97 38.29
C9 CLA GN . -99.46 9.58 38.89
C10 CLA GN . -100.31 11.90 39.23
C11 CLA GN . -99.44 12.33 40.39
C12 CLA GN . -98.11 12.90 39.93
C13 CLA GN . -97.38 13.61 41.06
C14 CLA GN . -97.94 15.00 41.26
C15 CLA GN . -95.88 13.67 40.80
C16 CLA GN . -95.12 12.71 41.68
C17 CLA GN . -93.63 12.70 41.39
C18 CLA GN . -92.97 11.49 42.03
C19 CLA GN . -91.51 11.74 42.36
C20 CLA GN . -93.10 10.26 41.16
MG CLA HN . -101.12 -3.06 34.15
CHA CLA HN . -98.57 -2.91 36.44
CHB CLA HN . -102.23 -0.05 35.19
CHC CLA HN . -103.69 -3.27 31.90
CHD CLA HN . -99.95 -6.19 33.08
NA CLA HN . -100.48 -1.71 35.60
C1A CLA HN . -99.40 -1.82 36.46
C2A CLA HN . -99.32 -0.59 37.36
C3A CLA HN . -100.51 0.28 36.94
C4A CLA HN . -101.13 -0.53 35.83
CMA CLA HN . -101.48 0.55 38.06
CAA CLA HN . -98.05 0.23 37.19
CBA CLA HN . -97.30 0.21 38.51
CGA CLA HN . -98.28 0.08 39.64
O1A CLA HN . -98.56 -0.90 40.32
O2A CLA HN . -98.90 1.27 39.92
NB CLA HN . -102.78 -1.99 33.80
C1B CLA HN . -102.83 -0.69 34.12
C2B CLA HN . -103.59 0.09 33.11
C3B CLA HN . -104.01 -0.82 32.17
C4B CLA HN . -103.51 -2.14 32.60
CMB CLA HN . -103.74 1.53 33.23
CAB CLA HN . -104.78 -0.67 30.97
CBB CLA HN . -104.51 0.18 29.98
NC CLA HN . -101.71 -4.49 32.75
C1C CLA HN . -102.82 -4.38 31.96
C2C CLA HN . -102.99 -5.58 31.16
C3C CLA HN . -101.89 -6.38 31.44
C4C CLA HN . -101.10 -5.70 32.45
CMC CLA HN . -104.09 -5.79 30.23
CAC CLA HN . -101.63 -7.72 30.87
CBC CLA HN . -102.40 -8.80 31.59
ND CLA HN . -99.49 -4.20 34.44
C1D CLA HN . -99.19 -5.51 34.01
C2D CLA HN . -97.99 -5.98 34.72
C3D CLA HN . -97.70 -5.00 35.65
C4D CLA HN . -98.71 -3.95 35.48
CMD CLA HN . -97.28 -7.24 34.46
CAD CLA HN . -96.79 -4.60 36.70
OBD CLA HN . -95.74 -5.10 37.08
CBD CLA HN . -97.41 -3.32 37.32
CGD CLA HN . -97.89 -3.61 38.72
O1D CLA HN . -97.20 -3.63 39.75
O2D CLA HN . -99.21 -3.89 38.81
CED CLA HN . -99.62 -5.03 39.55
MG CLA IN . -109.68 8.09 49.40
CHA CLA IN . -110.50 10.53 51.69
CHB CLA IN . -109.05 5.91 51.91
CHC CLA IN . -108.87 5.72 47.08
CHD CLA IN . -110.53 10.30 46.78
NA CLA IN . -109.73 8.25 51.48
C1A CLA IN . -110.10 9.35 52.26
C2A CLA IN . -109.95 9.00 53.75
C3A CLA IN . -109.55 7.52 53.74
C4A CLA IN . -109.41 7.20 52.27
CMA CLA IN . -108.28 7.24 54.51
CAA CLA IN . -111.20 9.11 54.60
CBA CLA IN . -111.00 10.11 55.72
CGA CLA IN . -109.85 9.71 56.60
O1A CLA IN . -108.65 9.91 56.44
O2A CLA IN . -110.25 9.05 57.72
NB CLA IN . -109.15 6.15 49.48
C1B CLA IN . -108.89 5.45 50.60
C2B CLA IN . -108.40 4.10 50.25
C3B CLA IN . -108.35 4.03 48.89
C4B CLA IN . -108.80 5.35 48.39
CMB CLA IN . -108.03 3.11 51.25
CAB CLA IN . -107.90 2.98 48.01
CBB CLA IN . -108.69 2.30 47.18
NC CLA IN . -109.66 8.05 47.32
C1C CLA IN . -109.25 6.98 46.60
C2C CLA IN . -109.28 7.28 45.18
C3C CLA IN . -109.83 8.56 45.06
C4C CLA IN . -110.04 9.03 46.42
CMC CLA IN . -108.85 6.30 44.17
CAC CLA IN . -110.06 9.33 43.82
CBC CLA IN . -111.17 8.83 42.94
ND CLA IN . -110.19 10.02 49.20
C1D CLA IN . -110.60 10.76 48.07
C2D CLA IN . -111.08 12.08 48.51
C3D CLA IN . -111.01 12.06 49.89
C4D CLA IN . -110.51 10.74 50.27
CMD CLA IN . -111.53 13.15 47.63
CAD CLA IN . -111.27 12.81 51.09
OBD CLA IN . -111.59 13.97 51.23
CBD CLA IN . -111.06 11.82 52.26
CGD CLA IN . -110.15 12.44 53.28
O1D CLA IN . -110.47 13.21 54.19
O2D CLA IN . -108.85 12.08 53.15
CED CLA IN . -107.91 12.70 54.01
MG CLA JN . -98.65 21.19 48.11
CHA CLA JN . -97.12 20.61 51.16
CHB CLA JN . -98.01 24.50 48.41
CHC CLA JN . -100.30 21.72 45.15
CHD CLA JN . -99.23 17.73 47.79
NA CLA JN . -97.71 22.35 49.56
C1A CLA JN . -97.13 21.93 50.78
C2A CLA JN . -96.56 23.14 51.54
C3A CLA JN . -96.82 24.32 50.58
C4A CLA JN . -97.58 23.70 49.43
CMA CLA JN . -97.62 25.39 51.26
CAA CLA JN . -95.09 23.15 51.91
CBA CLA JN . -94.93 23.76 53.29
CGA CLA JN . -93.66 23.30 53.92
O1A CLA JN . -92.52 23.74 53.75
O2A CLA JN . -93.82 22.23 54.76
NB CLA JN . -99.12 22.80 47.02
C1B CLA JN . -98.72 24.07 47.28
C2B CLA JN . -99.13 24.97 46.18
C3B CLA JN . -99.77 24.19 45.25
C4B CLA JN . -99.77 22.81 45.77
CMB CLA JN . -98.84 26.40 46.17
CAB CLA JN . -100.37 24.53 43.98
CBB CLA JN . -101.34 25.41 43.81
NC CLA JN . -99.57 19.95 46.73
C1C CLA JN . -100.19 20.39 45.59
C2C CLA JN . -100.74 19.25 44.86
C3C CLA JN . -100.44 18.12 45.60
C4C CLA JN . -99.70 18.57 46.77
CMC CLA JN . -101.48 19.34 43.61
CAC CLA JN . -100.77 16.73 45.27
CBC CLA JN . -99.71 16.11 44.39
ND CLA JN . -98.21 19.51 49.13
C1D CLA JN . -98.55 18.15 48.90
C2D CLA JN . -98.04 17.35 50.03
C3D CLA JN . -97.50 18.24 50.92
C4D CLA JN . -97.64 19.58 50.32
CMD CLA JN . -98.16 15.90 50.13
CAD CLA JN . -96.80 18.39 52.17
OBD CLA JN . -96.40 17.53 52.96
CBD CLA JN . -96.61 19.91 52.39
CGD CLA JN . -97.40 20.36 53.57
O1D CLA JN . -97.03 20.44 54.74
O2D CLA JN . -98.67 20.72 53.26
CED CLA JN . -99.29 21.70 54.08
MG CLA KN . -100.74 29.29 39.18
CHA CLA KN . -98.69 31.26 41.11
CHB CLA KN . -98.41 26.83 39.18
CHC CLA KN . -102.63 27.55 36.91
CHD CLA KN . -103.12 31.90 39.11
NA CLA KN . -98.88 29.07 40.09
C1A CLA KN . -98.17 30.01 40.84
C2A CLA KN . -96.81 29.43 41.29
C3A CLA KN . -96.86 27.98 40.78
C4A CLA KN . -98.14 27.93 39.96
CMA CLA KN . -95.64 27.66 39.96
CAA CLA KN . -96.56 29.39 42.79
CBA CLA KN . -95.12 29.79 43.07
CGA CLA KN . -94.92 31.25 42.87
O1A CLA KN . -95.31 32.19 43.57
O2A CLA KN . -94.21 31.55 41.73
NB CLA KN . -100.55 27.53 38.22
C1B CLA KN . -99.54 26.66 38.36
C2B CLA KN . -99.76 25.46 37.49
C3B CLA KN . -100.96 25.67 36.84
C4B CLA KN . -101.48 26.98 37.31
CMB CLA KN . -98.78 24.37 37.47
CAB CLA KN . -101.72 24.91 35.87
CBB CLA KN . -101.59 23.63 35.50
NC CLA KN . -102.58 29.64 38.26
C1C CLA KN . -103.16 28.79 37.36
C2C CLA KN . -104.40 29.35 36.87
C3C CLA KN . -104.56 30.59 37.49
C4C CLA KN . -103.40 30.75 38.36
CMC CLA KN . -105.25 28.71 35.88
CAC CLA KN . -105.66 31.54 37.32
CBC CLA KN . -106.69 31.45 38.41
ND CLA KN . -101.01 31.08 40.07
C1D CLA KN . -102.01 32.07 39.90
C2D CLA KN . -101.63 33.27 40.66
C3D CLA KN . -100.36 33.01 41.13
C4D CLA KN . -100.01 31.65 40.71
CMD CLA KN . -102.45 34.46 40.80
CAD CLA KN . -99.27 33.52 41.93
OBD CLA KN . -99.19 34.53 42.61
CBD CLA KN . -98.11 32.49 41.78
CGD CLA KN . -97.02 33.03 40.91
O1D CLA KN . -96.09 33.76 41.23
O2D CLA KN . -97.10 32.63 39.60
CED CLA KN . -97.60 33.54 38.62
MG CLA LN . -119.45 8.89 58.04
CHA CLA LN . -120.27 8.60 61.37
CHB CLA LN . -116.21 8.23 58.78
CHC CLA LN . -118.69 9.12 54.70
CHD CLA LN . -122.85 9.44 57.30
NA CLA LN . -118.43 8.50 59.82
C1A CLA LN . -118.94 8.40 61.11
C2A CLA LN . -117.82 8.06 62.11
C3A CLA LN . -116.55 8.04 61.24
C4A CLA LN . -117.08 8.27 59.83
CMA CLA LN . -115.55 9.10 61.64
CAA CLA LN . -117.99 6.70 62.77
CBA CLA LN . -117.20 5.56 62.13
CGA CLA LN . -117.90 4.97 60.93
O1A CLA LN . -117.40 4.23 60.07
O2A CLA LN . -119.22 5.28 60.82
NB CLA LN . -117.80 8.61 56.94
C1B CLA LN . -116.57 8.46 57.45
C2B CLA LN . -115.56 8.57 56.38
C3B CLA LN . -116.23 8.83 55.22
C4B CLA LN . -117.67 8.87 55.57
CMB CLA LN . -114.14 8.45 56.67
CAB CLA LN . -115.72 9.07 53.90
CBB CLA LN . -115.35 10.29 53.47
NC CLA LN . -120.57 9.24 56.33
C1C CLA LN . -120.05 9.31 55.06
C2C CLA LN . -121.11 9.56 54.11
C3C CLA LN . -122.30 9.64 54.83
C4C CLA LN . -121.95 9.43 56.23
CMC CLA LN . -120.91 9.71 52.67
CAC CLA LN . -123.65 9.88 54.33
CBC CLA LN . -124.06 11.33 54.39
ND CLA LN . -121.17 9.16 59.05
C1D CLA LN . -122.50 9.31 58.61
C2D CLA LN . -123.40 9.34 59.79
C3D CLA LN . -122.57 9.13 60.88
C4D CLA LN . -121.21 8.96 60.36
CMD CLA LN . -124.83 9.57 59.75
CAD CLA LN . -122.52 9.01 62.31
OBD CLA LN . -123.38 9.23 63.15
CBD CLA LN . -121.08 8.56 62.66
CGD CLA LN . -120.47 9.43 63.70
O1D CLA LN . -119.56 10.25 63.57
O2D CLA LN . -121.02 9.26 64.93
CED CLA LN . -120.17 9.47 66.06
C1 CLA LN . -119.80 5.13 59.51
C2 CLA LN . -121.24 5.51 59.61
C3 CLA LN . -122.21 4.66 59.97
C4 CLA LN . -121.93 3.24 60.32
C5 CLA LN . -123.64 5.09 60.05
C6 CLA LN . -124.30 4.77 61.38
C7 CLA LN . -123.80 5.68 62.47
C8 CLA LN . -123.35 4.89 63.71
C9 CLA LN . -124.54 4.21 64.36
C10 CLA LN . -122.66 5.81 64.71
C11 CLA LN . -121.18 5.52 64.80
C12 CLA LN . -120.88 4.36 65.74
C13 CLA LN . -119.58 3.64 65.38
C14 CLA LN . -118.37 4.46 65.77
C15 CLA LN . -119.51 3.26 63.90
C16 CLA LN . -120.40 2.08 63.57
C17 CLA LN . -120.07 0.87 64.43
C18 CLA LN . -121.30 0.09 64.89
C19 CLA LN . -120.92 -0.87 65.99
C20 CLA LN . -122.42 0.99 65.37
C A86 MN . -101.02 21.73 38.04
O A86 MN . -112.12 27.12 33.97
C1 A86 MN . -101.34 22.28 39.46
C10 A86 MN . -109.62 24.90 35.33
C11 A86 MN . -110.46 26.10 35.27
C12 A86 MN . -110.24 27.25 36.22
C13 A86 MN . -111.55 26.12 34.25
C14 A86 MN . -111.92 24.66 33.53
C15 A86 MN . -111.61 24.71 31.99
C16 A86 MN . -110.47 25.59 31.54
C17 A86 MN . -110.90 27.04 31.37
C18 A86 MN . -111.86 27.13 30.26
C19 A86 MN . -113.14 26.27 30.55
C2 A86 MN . -102.49 23.07 39.70
C20 A86 MN . -112.81 24.79 31.11
C21 A86 MN . -114.16 24.35 31.79
C22 A86 MN . -109.94 25.03 30.19
C23 A86 MN . -109.33 25.51 32.55
C24 A86 MN . -100.40 22.00 40.61
C25 A86 MN . -99.80 20.74 40.84
C26 A86 MN . -98.82 20.63 42.16
C27 A86 MN . -97.46 20.99 42.05
C28 A86 MN . -96.91 21.44 40.75
C29 A86 MN . -96.53 20.91 43.35
C3 A86 MN . -103.44 23.37 38.63
C30 A86 MN . -95.58 19.82 43.57
C31 A86 MN . -94.65 18.77 43.82
C32 A86 MN . -94.49 17.57 42.86
C33 A86 MN . -93.09 16.94 42.92
C34 A86 MN . -92.69 16.57 44.36
C35 A86 MN . -92.79 17.80 45.28
C36 A86 MN . -94.19 18.44 45.25
C37 A86 MN . -95.21 17.47 45.88
C38 A86 MN . -92.90 14.46 45.45
C39 A86 MN . -92.26 14.57 46.85
C4 A86 MN . -104.02 24.64 38.58
C40 A86 MN . -95.54 16.49 43.22
C41 A86 MN . -94.75 18.10 41.42
C5 A86 MN . -105.12 25.00 37.38
C6 A86 MN . -106.39 25.47 37.75
C7 A86 MN . -106.79 25.62 39.28
C8 A86 MN . -107.48 25.81 36.61
C9 A86 MN . -108.49 24.78 36.37
O1 A86 MN . -112.02 23.53 31.20
O2 A86 MN . -112.25 28.48 30.08
O3 A86 MN . -94.17 19.62 45.99
O4 A86 MN . -93.57 15.59 44.84
O5 A86 MN . -92.86 13.44 44.85
C A86 NN . -117.09 21.49 43.09
O A86 NN . -110.87 11.47 37.09
C1 A86 NN . -116.87 20.95 44.53
C10 A86 NN . -112.05 14.11 39.14
C11 A86 NN . -111.24 12.96 38.84
C12 A86 NN . -110.53 12.19 39.92
C13 A86 NN . -111.13 12.56 37.41
C14 A86 NN . -111.42 13.75 36.27
C15 A86 NN . -111.83 13.16 34.88
C16 A86 NN . -112.87 12.07 34.78
C17 A86 NN . -112.34 10.71 34.33
C18 A86 NN . -111.74 10.88 33.02
C19 A86 NN . -110.41 11.69 33.22
C2 A86 NN . -116.36 19.65 44.73
C20 A86 NN . -110.81 13.14 33.79
C21 A86 NN . -109.45 13.78 34.20
C22 A86 NN . -113.95 12.53 33.75
C23 A86 NN . -113.57 11.88 36.11
C24 A86 NN . -117.17 21.82 45.71
C25 A86 NN . -117.61 23.17 45.55
C26 A86 NN . -117.87 24.03 46.91
C27 A86 NN . -118.55 23.42 47.99
C28 A86 NN . -119.02 22.03 47.87
C29 A86 NN . -118.81 24.24 49.35
C3 A86 NN . -116.06 18.84 43.55
C30 A86 NN . -119.46 25.53 49.34
C31 A86 NN . -120.12 26.80 49.35
C32 A86 NN . -121.65 26.93 49.50
C33 A86 NN . -122.17 27.99 48.52
C34 A86 NN . -121.52 29.35 48.82
C35 A86 NN . -119.97 29.30 48.84
C36 A86 NN . -119.40 28.12 49.66
C37 A86 NN . -117.91 27.96 49.32
C38 A86 NN . -122.34 31.53 48.23
C39 A86 NN . -123.39 32.30 47.40
C4 A86 NN . -114.70 18.56 43.30
C40 A86 NN . -121.99 27.35 50.94
C41 A86 NN . -122.31 25.57 49.16
C5 A86 NN . -114.26 17.68 41.98
C6 A86 NN . -113.58 16.46 42.07
C7 A86 NN . -113.21 15.81 43.47
C8 A86 NN . -113.22 15.73 40.69
C9 A86 NN . -112.25 14.65 40.58
O1 A86 NN . -111.78 14.25 33.88
O2 A86 NN . -111.44 9.63 32.46
O3 A86 NN . -119.52 28.42 51.02
O4 A86 NN . -121.93 30.22 47.79
O5 A86 NN . -121.88 32.00 49.20
C A86 ON . -124.63 15.82 44.94
O A86 ON . -122.25 13.17 32.90
C1 A86 ON . -123.18 15.59 45.47
C10 A86 ON . -122.52 15.24 35.85
C11 A86 ON . -122.16 14.11 35.01
C12 A86 ON . -121.26 13.03 35.56
C13 A86 ON . -122.66 14.02 33.61
C14 A86 ON . -123.80 15.10 33.06
C15 A86 ON . -125.22 14.70 33.57
C16 A86 ON . -125.63 15.18 34.94
C17 A86 ON . -125.18 14.22 36.06
C18 A86 ON . -125.90 12.97 35.92
C19 A86 ON . -125.54 12.28 34.56
C2 A86 ON . -122.13 15.32 44.56
C20 A86 ON . -125.64 13.30 33.30
C21 A86 ON . -124.79 12.58 32.19
C22 A86 ON . -127.18 15.34 34.98
C23 A86 ON . -125.02 16.55 35.20
C24 A86 ON . -122.90 15.66 46.95
C25 A86 ON . -121.87 14.83 47.47
C26 A86 ON . -121.44 14.79 49.05
C27 A86 ON . -122.09 15.50 50.10
C28 A86 ON . -123.25 16.38 49.81
C29 A86 ON . -121.52 15.33 51.59
C3 A86 ON . -122.46 15.25 43.13
C30 A86 ON . -122.15 15.84 52.81
C31 A86 ON . -122.68 16.29 54.07
C32 A86 ON . -123.80 15.52 54.83
C33 A86 ON . -123.33 14.79 56.10
C34 A86 ON . -121.80 14.53 56.13
C35 A86 ON . -120.96 15.80 55.85
C36 A86 ON . -121.72 16.91 55.09
C37 A86 ON . -122.50 17.78 56.10
C38 A86 ON . -121.23 14.80 58.50
C39 A86 ON . -120.49 14.26 59.76
C4 A86 ON . -121.48 15.05 42.14
C40 A86 ON . -124.44 14.47 53.86
C41 A86 ON . -124.92 16.53 55.23
C5 A86 ON . -121.98 15.00 40.55
C6 A86 ON . -121.40 14.10 39.64
C7 A86 ON . -120.23 13.12 40.10
C8 A86 ON . -121.93 14.09 38.11
C9 A86 ON . -121.99 15.31 37.30
O1 A86 ON . -126.25 14.42 32.54
O2 A86 ON . -125.55 12.11 36.99
O3 A86 ON . -120.79 17.72 54.40
O4 A86 ON . -121.45 13.93 57.36
O5 A86 ON . -121.60 15.91 58.47
C A86 PN . -98.02 4.64 34.98
O A86 PN . -105.59 11.45 43.42
C1 A86 PN . -99.19 3.91 34.25
C10 A86 PN . -104.05 9.72 40.72
C11 A86 PN . -105.17 10.23 41.50
C12 A86 PN . -106.56 10.30 40.92
C13 A86 PN . -104.91 10.66 42.89
C14 A86 PN . -103.60 10.00 43.70
C15 A86 PN . -102.87 11.00 44.63
C16 A86 PN . -103.24 11.04 46.10
C17 A86 PN . -104.15 12.19 46.48
C18 A86 PN . -103.48 13.45 46.21
C19 A86 PN . -103.31 13.59 44.67
C2 A86 PN . -100.52 4.03 34.71
C20 A86 PN . -102.49 12.33 44.09
C21 A86 PN . -102.70 12.44 42.53
C22 A86 PN . -101.91 11.17 46.92
C23 A86 PN . -103.92 9.75 46.52
C24 A86 PN . -98.93 3.07 33.02
C25 A86 PN . -99.86 2.02 32.78
C26 A86 PN . -99.76 1.01 31.50
C27 A86 PN . -98.57 0.32 31.15
C28 A86 PN . -97.32 0.46 31.94
C29 A86 PN . -98.64 -0.64 29.86
C3 A86 PN . -100.82 4.83 35.89
C30 A86 PN . -97.46 -1.08 29.15
C31 A86 PN . -96.34 -1.56 28.39
C32 A86 PN . -96.11 -3.09 28.30
C33 A86 PN . -94.70 -3.44 27.83
C34 A86 PN . -94.37 -2.79 26.48
C35 A86 PN . -94.59 -1.26 26.54
C36 A86 PN . -95.99 -0.88 27.05
C37 A86 PN . -96.06 0.64 27.25
C38 A86 PN . -92.79 -4.13 25.30
C39 A86 PN . -92.52 -5.56 25.86
C4 A86 PN . -101.75 5.88 35.84
C40 A86 PN . -97.14 -3.67 27.30
C41 A86 PN . -96.35 -3.69 29.70
C5 A86 PN . -102.03 6.72 37.24
C6 A86 PN . -103.27 7.27 37.57
C7 A86 PN . -104.53 7.12 36.61
C8 A86 PN . -103.35 8.04 38.98
C9 A86 PN . -104.18 9.20 39.27
O1 A86 PN . -101.48 11.26 44.20
O2 A86 PN . -104.27 14.50 46.71
O3 A86 PN . -96.94 -1.26 26.10
O4 A86 PN . -93.01 -3.02 26.20
O5 A86 PN . -92.80 -3.94 24.14
MG CLA QN . -91.28 -83.12 74.40
CHA CLA QN . -89.39 -83.10 77.29
CHB CLA QN . -91.94 -79.82 74.80
CHC CLA QN . -93.12 -83.18 71.51
CHD CLA QN . -90.62 -86.57 74.06
NA CLA QN . -90.73 -81.70 75.82
C1A CLA QN . -89.93 -81.88 76.96
C2A CLA QN . -89.79 -80.57 77.73
C3A CLA QN . -90.74 -79.61 76.99
C4A CLA QN . -91.17 -80.41 75.77
CMA CLA QN . -91.92 -79.21 77.84
CAA CLA QN . -88.36 -80.04 77.72
CBA CLA QN . -87.99 -79.30 76.45
CGA CLA QN . -86.52 -79.43 76.17
O1A CLA QN . -85.60 -79.50 77.00
O2A CLA QN . -86.19 -79.46 74.85
NB CLA QN . -92.43 -81.80 73.43
C1B CLA QN . -92.40 -80.45 73.65
C2B CLA QN . -92.92 -79.72 72.47
C3B CLA QN . -93.26 -80.66 71.53
C4B CLA QN . -92.94 -81.99 72.13
CMB CLA QN . -93.01 -78.26 72.42
CAB CLA QN . -93.78 -80.51 70.21
CBB CLA QN . -94.98 -79.99 69.93
NC CLA QN . -91.77 -84.62 73.04
C1C CLA QN . -92.56 -84.41 71.94
C2C CLA QN . -92.73 -85.67 71.24
C3C CLA QN . -92.00 -86.63 71.93
C4C CLA QN . -91.41 -85.96 73.07
CMC CLA QN . -93.51 -85.84 70.01
CAC CLA QN . -91.87 -88.05 71.60
CBC CLA QN . -90.70 -88.29 70.67
ND CLA QN . -90.14 -84.51 75.30
C1D CLA QN . -90.02 -85.91 75.11
C2D CLA QN . -89.20 -86.49 76.19
C3D CLA QN . -88.91 -85.45 77.05
C4D CLA QN . -89.56 -84.25 76.47
CMD CLA QN . -88.79 -87.88 76.27
CAD CLA QN . -88.22 -85.03 78.24
OBD CLA QN . -87.44 -85.65 78.95
CBD CLA QN . -88.64 -83.57 78.51
CGD CLA QN . -89.58 -83.49 79.67
O1D CLA QN . -90.79 -83.69 79.66
O2D CLA QN . -88.99 -83.16 80.85
CED CLA QN . -89.60 -82.12 81.62
C1 CLA QN . -86.98 -80.27 73.95
C2 CLA QN . -87.31 -79.38 72.81
C3 CLA QN . -88.33 -79.61 71.95
C4 CLA QN . -89.21 -80.80 72.07
C5 CLA QN . -88.60 -78.67 70.85
C6 CLA QN . -87.85 -79.02 69.57
C7 CLA QN . -88.35 -78.20 68.41
C8 CLA QN . -87.29 -78.03 67.31
C9 CLA QN . -86.03 -77.40 67.89
C10 CLA QN . -87.83 -77.19 66.16
C11 CLA QN . -87.49 -77.80 64.82
C12 CLA QN . -88.33 -79.04 64.56
C13 CLA QN . -87.77 -79.86 63.41
C14 CLA QN . -88.62 -79.72 62.17
C15 CLA QN . -87.64 -81.33 63.79
C16 CLA QN . -86.82 -82.10 62.78
C17 CLA QN . -87.19 -83.56 62.74
C18 CLA QN . -88.58 -83.78 62.18
C19 CLA QN . -89.24 -84.97 62.84
C20 CLA QN . -88.52 -83.98 60.68
MG CLA RN . -96.31 -77.04 65.83
CHA CLA RN . -96.12 -74.29 67.91
CHB CLA RN . -93.33 -78.13 66.99
CHC CLA RN . -96.37 -79.57 63.49
CHD CLA RN . -99.29 -75.77 64.48
NA CLA RN . -95.00 -76.36 67.30
C1A CLA RN . -95.08 -75.18 68.06
C2A CLA RN . -93.87 -75.08 69.01
C3A CLA RN . -93.19 -76.46 68.86
C4A CLA RN . -93.87 -77.05 67.63
CMA CLA RN . -91.69 -76.36 68.68
CAA CLA RN . -94.20 -74.93 70.48
CBA CLA RN . -93.21 -74.03 71.19
CGA CLA RN . -93.27 -72.63 70.68
O1A CLA RN . -92.83 -72.18 69.62
O2A CLA RN . -93.89 -71.77 71.54
NB CLA RN . -95.10 -78.58 65.37
C1B CLA RN . -93.87 -78.78 65.87
C2B CLA RN . -93.14 -79.79 65.07
C3B CLA RN . -94.00 -80.21 64.08
C4B CLA RN . -95.28 -79.45 64.26
CMB CLA RN . -91.78 -80.21 65.38
CAB CLA RN . -93.85 -81.18 63.04
CBB CLA RN . -92.90 -81.15 62.09
NC CLA RN . -97.65 -77.63 64.36
C1C CLA RN . -97.51 -78.72 63.56
C2C CLA RN . -98.65 -78.85 62.67
C3C CLA RN . -99.44 -77.73 62.90
C4C CLA RN . -98.81 -76.97 63.96
CMC CLA RN . -98.85 -79.92 61.71
CAC CLA RN . -100.71 -77.42 62.25
CBC CLA RN . -101.83 -77.90 63.13
ND CLA RN . -97.59 -75.54 66.23
C1D CLA RN . -98.72 -75.07 65.51
C2D CLA RN . -99.17 -73.80 66.09
C3D CLA RN . -98.23 -73.48 67.04
C4D CLA RN . -97.23 -74.55 67.04
CMD CLA RN . -100.37 -73.08 65.67
CAD CLA RN . -97.84 -72.53 68.05
OBD CLA RN . -98.47 -71.61 68.56
CBD CLA RN . -96.40 -72.92 68.47
CGD CLA RN . -95.44 -71.98 67.81
O1D CLA RN . -94.41 -72.26 67.21
O2D CLA RN . -95.80 -70.67 67.87
CED CLA RN . -95.89 -69.96 66.64
MG CLA SN . -113.21 -87.91 60.62
CHA CLA SN . -115.29 -88.36 57.90
CHB CLA SN . -111.89 -85.15 59.16
CHC CLA SN . -111.30 -87.42 63.42
CHD CLA SN . -114.64 -90.77 62.13
NA CLA SN . -113.54 -86.94 58.81
C1A CLA SN . -114.45 -87.27 57.80
C2A CLA SN . -114.35 -86.28 56.63
C3A CLA SN . -113.13 -85.41 57.00
C4A CLA SN . -112.82 -85.84 58.43
CMA CLA SN . -111.96 -85.65 56.10
CAA CLA SN . -115.56 -85.36 56.41
CBA CLA SN . -116.49 -85.15 57.59
CGA CLA SN . -115.81 -84.40 58.69
O1A CLA SN . -115.34 -83.27 58.67
O2A CLA SN . -115.70 -85.14 59.84
NB CLA SN . -111.83 -86.57 61.17
C1B CLA SN . -111.49 -85.45 60.47
C2B CLA SN . -110.60 -84.60 61.29
C3B CLA SN . -110.43 -85.23 62.49
C4B CLA SN . -111.21 -86.50 62.43
CMB CLA SN . -110.08 -83.32 60.82
CAB CLA SN . -109.66 -84.85 63.63
CBB CLA SN . -108.40 -85.26 63.82
NC CLA SN . -112.98 -88.95 62.41
C1C CLA SN . -112.11 -88.58 63.40
C2C CLA SN . -112.17 -89.54 64.50
C3C CLA SN . -113.14 -90.47 64.16
C4C CLA SN . -113.64 -90.09 62.84
CMC CLA SN . -111.37 -89.46 65.72
CAC CLA SN . -113.57 -91.63 64.95
CBC CLA SN . -114.83 -91.35 65.73
ND CLA SN . -114.59 -89.30 60.17
C1D CLA SN . -115.10 -90.41 60.88
C2D CLA SN . -116.15 -91.07 60.07
C3D CLA SN . -116.27 -90.31 58.92
C4D CLA SN . -115.28 -89.23 59.03
CMD CLA SN . -116.90 -92.25 60.50
CAD CLA SN . -116.95 -90.16 57.65
OBD CLA SN . -117.85 -90.82 57.15
CBD CLA SN . -116.35 -88.89 56.96
CGD CLA SN . -115.73 -89.21 55.64
O1D CLA SN . -115.83 -88.56 54.59
O2D CLA SN . -114.98 -90.34 55.63
CED CLA SN . -113.98 -90.48 54.60
C1 CLA SN . -115.29 -84.42 61.01
C2 CLA SN . -114.96 -85.42 62.05
C3 CLA SN . -115.86 -85.96 62.90
C4 CLA SN . -117.29 -85.58 62.88
C5 CLA SN . -115.42 -86.95 63.92
C6 CLA SN . -115.22 -86.32 65.28
C7 CLA SN . -113.80 -85.82 65.42
C8 CLA SN . -113.67 -84.67 66.42
C9 CLA SN . -113.42 -83.36 65.70
C10 CLA SN . -112.56 -84.94 67.41
C11 CLA SN . -113.05 -84.95 68.84
C12 CLA SN . -114.09 -86.04 69.08
C13 CLA SN . -114.01 -86.62 70.48
C14 CLA SN . -113.56 -88.07 70.45
C15 CLA SN . -115.34 -86.50 71.21
C16 CLA SN . -115.64 -85.05 71.58
C17 CLA SN . -116.68 -84.96 72.67
C18 CLA SN . -117.50 -83.68 72.55
C19 CLA SN . -118.35 -83.47 73.79
C20 CLA SN . -118.37 -83.71 71.31
MG CLA TN . -122.94 -78.41 57.71
CHA CLA TN . -124.52 -77.63 60.69
CHB CLA TN . -120.18 -79.31 59.44
CHC CLA TN . -121.53 -79.45 54.79
CHD CLA TN . -125.92 -77.66 55.97
NA CLA TN . -122.42 -78.37 59.73
C1A CLA TN . -123.22 -78.03 60.82
C2A CLA TN . -122.43 -78.16 62.11
C3A CLA TN . -120.97 -78.37 61.63
C4A CLA TN . -121.18 -78.72 60.17
CMA CLA TN . -120.13 -77.13 61.80
CAA CLA TN . -122.86 -79.35 62.93
CBA CLA TN . -123.19 -78.89 64.34
CGA CLA TN . -122.28 -77.76 64.70
O1A CLA TN . -122.54 -76.57 64.81
O2A CLA TN . -120.99 -78.17 64.90
NB CLA TN . -121.12 -79.07 57.19
C1B CLA TN . -120.30 -79.66 58.09
C2B CLA TN . -119.56 -80.79 57.48
C3B CLA TN . -119.94 -80.83 56.16
C4B CLA TN . -120.90 -79.72 55.96
CMB CLA TN . -118.62 -81.61 58.25
CAB CLA TN . -119.56 -81.68 55.06
CBB CLA TN . -118.31 -82.06 54.72
NC CLA TN . -123.57 -78.41 55.73
C1C CLA TN . -122.79 -78.79 54.68
C2C CLA TN . -123.48 -78.58 53.44
C3C CLA TN . -124.78 -78.21 53.77
C4C CLA TN . -124.82 -78.09 55.22
CMC CLA TN . -122.90 -78.83 52.11
CAC CLA TN . -125.88 -77.89 52.84
CBC CLA TN . -125.94 -76.43 52.47
ND CLA TN . -124.78 -77.73 58.15
C1D CLA TN . -125.92 -77.49 57.34
C2D CLA TN . -127.02 -77.03 58.21
C3D CLA TN . -126.54 -77.05 59.50
C4D CLA TN . -125.14 -77.52 59.41
CMD CLA TN . -128.35 -76.64 57.71
CAD CLA TN . -126.82 -76.78 60.89
OBD CLA TN . -127.81 -76.28 61.41
CBD CLA TN . -125.57 -77.23 61.69
CGD CLA TN . -125.07 -76.17 62.63
O1D CLA TN . -125.25 -76.08 63.84
O2D CLA TN . -124.34 -75.20 62.00
CED CLA TN . -124.83 -73.87 62.02
MG CLA UN . -105.28 -73.28 66.84
CHA CLA UN . -102.53 -72.79 68.86
CHB CLA UN . -106.44 -70.20 67.66
CHC CLA UN . -108.00 -73.84 64.89
CHD CLA UN . -104.04 -76.49 65.99
NA CLA UN . -104.57 -71.76 68.07
C1A CLA UN . -103.39 -71.73 68.82
C2A CLA UN . -103.26 -70.40 69.57
C3A CLA UN . -104.53 -69.62 69.16
C4A CLA UN . -105.24 -70.58 68.22
CMA CLA UN . -105.41 -69.28 70.34
CAA CLA UN . -102.09 -69.55 69.13
CBA CLA UN . -101.25 -69.11 70.31
CGA CLA UN . -102.08 -68.40 71.34
O1A CLA UN . -102.71 -68.86 72.28
O2A CLA UN . -102.09 -67.04 71.17
NB CLA UN . -106.92 -72.21 66.33
C1B CLA UN . -107.22 -70.99 66.82
C2B CLA UN . -108.57 -70.57 66.37
C3B CLA UN . -109.07 -71.59 65.57
C4B CLA UN . -108.00 -72.63 65.54
CMB CLA UN . -109.12 -69.28 66.76
CAB CLA UN . -110.34 -71.68 64.85
CBB CLA UN . -110.23 -71.77 63.52
NC CLA UN . -105.88 -74.87 65.63
C1C CLA UN . -107.03 -74.86 64.90
C2C CLA UN . -107.16 -76.09 64.16
C3C CLA UN . -106.05 -76.88 64.48
C4C CLA UN . -105.24 -76.08 65.41
CMC CLA UN . -108.31 -76.36 63.29
CAC CLA UN . -105.73 -78.24 64.00
CBC CLA UN . -105.40 -78.40 62.54
ND CLA UN . -103.69 -74.43 67.28
C1D CLA UN . -103.30 -75.73 66.88
C2D CLA UN . -102.03 -76.08 67.55
C3D CLA UN . -101.71 -75.00 68.33
C4D CLA UN . -102.76 -73.99 68.13
CMD CLA UN . -101.32 -77.35 67.37
CAD CLA UN . -100.73 -74.43 69.24
OBD CLA UN . -99.68 -74.90 69.65
CBD CLA UN . -101.26 -73.03 69.63
CGD CLA UN . -101.58 -72.97 71.09
O1D CLA UN . -101.00 -72.33 71.96
O2D CLA UN . -102.66 -73.74 71.42
CED CLA UN . -102.79 -74.15 72.78
MG CLA VN . -107.16 -86.13 78.80
CHA CLA VN . -108.07 -84.00 81.37
CHB CLA VN . -105.83 -88.30 81.05
CHC CLA VN . -106.29 -88.22 76.20
CHD CLA VN . -108.50 -83.84 76.47
NA CLA VN . -106.99 -86.12 80.87
C1A CLA VN . -107.44 -85.15 81.78
C2A CLA VN . -107.07 -85.55 83.22
C3A CLA VN . -106.29 -86.87 83.05
C4A CLA VN . -106.36 -87.14 81.55
CMA CLA VN . -104.86 -86.71 83.50
CAA CLA VN . -108.21 -85.76 84.21
CBA CLA VN . -107.84 -85.02 85.47
CGA CLA VN . -108.38 -85.65 86.72
O1A CLA VN . -108.07 -86.72 87.23
O2A CLA VN . -109.33 -84.89 87.35
NB CLA VN . -106.19 -87.89 78.65
C1B CLA VN . -105.82 -88.67 79.69
C2B CLA VN . -105.36 -89.99 79.20
C3B CLA VN . -105.49 -89.97 77.84
C4B CLA VN . -106.02 -88.63 77.47
CMB CLA VN . -104.88 -91.05 80.08
CAB CLA VN . -105.20 -90.99 76.86
CBB CLA VN . -103.98 -91.32 76.45
NC CLA VN . -107.36 -86.03 76.72
C1C CLA VN . -106.91 -86.99 75.86
C2C CLA VN . -107.19 -86.59 74.49
C3C CLA VN . -107.83 -85.36 74.56
C4C CLA VN . -107.93 -85.02 75.97
CMC CLA VN . -106.85 -87.38 73.31
CAC CLA VN . -108.32 -84.55 73.43
CBC CLA VN . -109.79 -84.78 73.15
ND CLA VN . -108.12 -84.37 78.84
C1D CLA VN . -108.60 -83.52 77.81
C2D CLA VN . -109.16 -82.30 78.41
C3D CLA VN . -108.99 -82.44 79.76
C4D CLA VN . -108.32 -83.73 79.98
CMD CLA VN . -109.78 -81.21 77.65
CAD CLA VN . -109.19 -81.82 81.05
OBD CLA VN . -109.69 -80.73 81.33
CBD CLA VN . -108.58 -82.79 82.12
CGD CLA VN . -107.47 -82.11 82.86
O1D CLA VN . -107.50 -81.66 84.01
O2D CLA VN . -106.33 -82.00 82.14
CED CLA VN . -105.23 -81.32 82.72
C1 CLA VN . -108.97 -83.55 87.77
C2 CLA VN . -109.92 -82.63 87.07
C3 CLA VN . -109.74 -81.31 86.92
C4 CLA VN . -108.55 -80.60 87.44
C5 CLA VN . -110.76 -80.49 86.21
C6 CLA VN . -111.35 -79.42 87.09
C7 CLA VN . -112.21 -80.02 88.18
C8 CLA VN . -112.16 -79.20 89.46
C9 CLA VN . -112.94 -79.86 90.57
C10 CLA VN . -112.68 -77.79 89.22
C11 CLA VN . -112.29 -76.86 90.36
C12 CLA VN . -112.45 -75.41 89.94
C13 CLA VN . -112.83 -74.54 91.13
C14 CLA VN . -111.71 -74.52 92.16
C15 CLA VN . -114.13 -75.02 91.78
C16 CLA VN . -114.64 -74.04 92.81
C17 CLA VN . -115.31 -72.83 92.17
C18 CLA VN . -115.95 -71.92 93.20
C19 CLA VN . -117.24 -71.32 92.67
C20 CLA VN . -114.98 -70.83 93.62
MG CLA WN . -92.37 -96.89 78.18
CHA CLA WN . -95.41 -95.96 79.60
CHB CLA WN . -91.15 -97.63 81.25
CHC CLA WN . -89.42 -97.82 76.70
CHD CLA WN . -93.69 -96.11 75.00
NA CLA WN . -93.18 -96.82 80.10
C1A CLA WN . -94.47 -96.41 80.49
C2A CLA WN . -94.63 -96.54 82.01
C3A CLA WN . -93.24 -96.98 82.49
C4A CLA WN . -92.45 -97.18 81.20
CMA CLA WN . -92.61 -95.94 83.39
CAA CLA WN . -95.64 -97.61 82.41
CBA CLA WN . -95.56 -98.86 81.55
CGA CLA WN . -96.93 -99.48 81.46
O1A CLA WN . -97.84 -99.44 82.30
O2A CLA WN . -97.15 -100.17 80.31
NB CLA WN . -90.60 -97.53 78.85
C1B CLA WN . -90.31 -97.85 80.14
C2B CLA WN . -88.96 -98.45 80.22
C3B CLA WN . -88.47 -98.50 78.95
C4B CLA WN . -89.51 -97.93 78.05
CMB CLA WN . -88.37 -98.90 81.49
CAB CLA WN . -87.22 -99.03 78.45
CBB CLA WN . -86.22 -98.30 77.93
NC CLA WN . -91.70 -96.95 76.21
C1C CLA WN . -90.46 -97.37 75.83
C2C CLA WN . -90.31 -97.29 74.39
C3C CLA WN . -91.53 -96.81 73.89
C4C CLA WN . -92.38 -96.60 75.05
CMC CLA WN . -89.12 -97.66 73.63
CAC CLA WN . -91.88 -96.54 72.49
CBC CLA WN . -92.71 -97.64 71.86
ND CLA WN . -94.13 -96.27 77.41
C1D CLA WN . -94.52 -95.94 76.08
C2D CLA WN . -95.90 -95.42 76.10
C3D CLA WN . -96.28 -95.39 77.42
C4D CLA WN . -95.14 -95.92 78.19
CMD CLA WN . -96.64 -95.03 74.91
CAD CLA WN . -97.35 -95.08 78.35
OBD CLA WN . -98.48 -94.68 78.13
CBD CLA WN . -96.79 -95.38 79.78
CGD CLA WN . -96.76 -94.13 80.61
O1D CLA WN . -95.92 -93.23 80.59
O2D CLA WN . -97.80 -94.02 81.48
CED CLA WN . -97.52 -93.53 82.79
C1 CLA WN . -98.16 -101.21 80.35
C2 CLA WN . -98.52 -101.52 78.94
C3 CLA WN . -99.66 -102.14 78.56
C4 CLA WN . -100.68 -102.59 79.54
C5 CLA WN . -99.95 -102.41 77.12
C6 CLA WN . -101.20 -101.68 76.68
C7 CLA WN . -101.33 -101.67 75.16
C8 CLA WN . -102.28 -100.57 74.68
C9 CLA WN . -103.72 -100.94 74.91
C10 CLA WN . -102.05 -100.28 73.20
C11 CLA WN . -102.20 -101.51 72.34
C12 CLA WN . -101.39 -101.41 71.08
C13 CLA WN . -101.77 -102.49 70.08
C14 CLA WN . -101.34 -103.85 70.55
C15 CLA WN . -101.20 -102.19 68.70
C16 CLA WN . -102.28 -101.79 67.72
C17 CLA WN . -102.95 -102.99 67.09
C18 CLA WN . -103.37 -102.70 65.65
C19 CLA WN . -102.21 -102.91 64.69
C20 CLA WN . -104.55 -103.56 65.25
MG CLA XN . -102.32 -96.75 74.34
CHA CLA XN . -102.42 -96.88 77.81
CHB CLA XN . -105.58 -95.80 74.28
CHC CLA XN . -102.19 -96.73 70.92
CHD CLA XN . -98.99 -97.90 74.43
NA CLA XN . -103.73 -96.36 75.83
C1A CLA XN . -103.60 -96.47 77.23
C2A CLA XN . -104.91 -96.09 77.93
C3A CLA XN . -105.84 -95.68 76.77
C4A CLA XN . -105.00 -95.95 75.53
CMA CLA XN . -107.12 -96.48 76.75
CAA CLA XN . -104.81 -94.90 78.87
CBA CLA XN . -105.89 -94.95 79.92
CGA CLA XN . -105.29 -95.09 81.30
O1A CLA XN . -104.39 -95.84 81.66
O2A CLA XN . -105.87 -94.25 82.21
NB CLA XN . -103.62 -96.28 72.89
C1B CLA XN . -104.93 -96.03 73.06
C2B CLA XN . -105.63 -96.02 71.74
C3B CLA XN . -104.68 -96.29 70.79
C4B CLA XN . -103.38 -96.44 71.50
CMB CLA XN . -107.06 -95.79 71.60
CAB CLA XN . -104.79 -96.40 69.36
CBB CLA XN . -105.13 -95.41 68.55
NC CLA XN . -100.84 -97.17 72.95
C1C CLA XN . -100.98 -97.06 71.60
C2C CLA XN . -99.75 -97.40 70.93
C3C CLA XN . -98.85 -97.79 71.91
C4C CLA XN . -99.55 -97.64 73.18
CMC CLA XN . -99.54 -97.37 69.47
CAC CLA XN . -97.46 -98.23 71.73
CBC CLA XN . -96.47 -97.10 71.80
ND CLA XN . -100.95 -97.22 75.74
C1D CLA XN . -99.64 -97.73 75.64
C2D CLA XN . -99.10 -97.99 76.99
C3D CLA XN . -100.11 -97.66 77.87
C4D CLA XN . -101.25 -97.21 77.04
CMD CLA XN . -97.75 -98.50 77.24
CAD CLA XN . -100.51 -97.56 79.24
OBD CLA XN . -99.87 -97.73 80.28
CBD CLA XN . -102.02 -97.17 79.24
CGD CLA XN . -102.87 -98.28 79.77
O1D CLA XN . -103.23 -98.47 80.94
O2D CLA XN . -103.25 -99.18 78.82
CED CLA XN . -104.55 -99.74 78.92
MG CLA YN . -90.82 -93.83 57.78
CHA CLA YN . -90.33 -95.54 54.82
CHB CLA YN . -92.07 -96.67 59.19
CHC CLA YN . -91.04 -92.17 60.76
CHD CLA YN . -89.62 -90.89 56.23
NA CLA YN . -91.14 -95.77 57.09
C1A CLA YN . -90.86 -96.28 55.82
C2A CLA YN . -91.23 -97.75 55.76
C3A CLA YN . -92.07 -97.97 57.03
C4A CLA YN . -91.72 -96.74 57.86
CMA CLA YN . -93.55 -98.04 56.74
CAA CLA YN . -89.91 -98.45 56.02
CBA CLA YN . -89.42 -99.43 54.97
CGA CLA YN . -88.32 -100.23 55.60
O1A CLA YN . -88.06 -101.43 55.47
O2A CLA YN . -87.52 -99.49 56.44
NB CLA YN . -91.55 -94.30 59.59
C1B CLA YN . -91.83 -95.56 60.02
C2B CLA YN . -91.87 -95.61 61.51
C3B CLA YN . -91.58 -94.35 61.96
C4B CLA YN . -91.37 -93.49 60.76
CMB CLA YN . -92.15 -96.84 62.25
CAB CLA YN . -91.46 -93.86 63.30
CBB CLA YN . -92.27 -92.97 63.88
NC CLA YN . -90.41 -91.88 58.37
C1C CLA YN . -90.60 -91.42 59.65
C2C CLA YN . -90.23 -90.02 59.71
C3C CLA YN . -89.81 -89.65 58.43
C4C CLA YN . -89.93 -90.83 57.60
CMC CLA YN . -90.29 -89.20 60.92
CAC CLA YN . -89.33 -88.33 58.00
CBC CLA YN . -90.45 -87.44 57.50
ND CLA YN . -90.02 -93.29 56.01
C1D CLA YN . -89.67 -92.04 55.47
C2D CLA YN . -89.30 -92.20 54.04
C3D CLA YN . -89.46 -93.54 53.76
C4D CLA YN . -89.97 -94.17 55.00
CMD CLA YN . -88.84 -91.14 53.15
CAD CLA YN . -89.37 -94.58 52.76
OBD CLA YN . -88.85 -94.55 51.64
CBD CLA YN . -90.05 -95.85 53.36
CGD CLA YN . -91.33 -96.09 52.60
O1D CLA YN . -91.48 -96.68 51.54
O2D CLA YN . -92.44 -95.57 53.21
CED CLA YN . -93.73 -95.88 52.68
C A86 ZN . -106.91 -90.66 70.86
O A86 ZN . -96.86 -96.20 64.25
C1 A86 ZN . -106.53 -91.21 72.27
C10 A86 ZN . -99.10 -94.62 66.55
C11 A86 ZN . -97.99 -95.45 66.14
C12 A86 ZN . -97.14 -96.20 67.12
C13 A86 ZN . -97.70 -95.51 64.68
C14 A86 ZN . -98.62 -94.57 63.67
C15 A86 ZN . -99.18 -95.37 62.45
C16 A86 ZN . -99.87 -96.70 62.68
C17 A86 ZN . -99.14 -97.91 62.11
C18 A86 ZN . -98.95 -97.70 60.68
C19 A86 ZN . -97.84 -96.60 60.55
C2 A86 ZN . -105.40 -92.03 72.42
C20 A86 ZN . -98.47 -95.26 61.15
C21 A86 ZN . -97.26 -94.26 61.19
C22 A86 ZN . -101.26 -96.64 61.98
C23 A86 ZN . -100.10 -96.96 64.15
C24 A86 ZN . -107.35 -90.86 73.48
C25 A86 ZN . -107.74 -91.91 74.33
C26 A86 ZN . -108.63 -91.65 75.68
C27 A86 ZN . -109.33 -90.45 75.91
C28 A86 ZN . -109.31 -89.36 74.90
C29 A86 ZN . -110.15 -90.28 77.27
C3 A86 ZN . -104.62 -92.35 71.21
C30 A86 ZN . -110.89 -89.04 77.54
C31 A86 ZN . -111.62 -87.84 77.80
C32 A86 ZN . -112.99 -87.59 77.15
C33 A86 ZN . -113.91 -86.65 77.93
C34 A86 ZN . -113.15 -85.39 78.35
C35 A86 ZN . -111.98 -85.75 79.27
C36 A86 ZN . -110.97 -86.65 78.53
C37 A86 ZN . -110.18 -85.80 77.54
C38 A86 ZN . -113.36 -83.53 76.92
C39 A86 ZN . -113.73 -82.58 78.09
C4 A86 ZN . -103.23 -92.23 71.18
C40 A86 ZN . -112.78 -87.02 75.73
C41 A86 ZN . -113.72 -88.95 77.04
C5 A86 ZN . -102.47 -92.60 69.76
C6 A86 ZN . -101.30 -93.37 69.72
C7 A86 ZN . -100.63 -93.96 71.03
C8 A86 ZN . -100.69 -93.64 68.26
C9 A86 ZN . -99.50 -94.48 68.03
O1 A86 ZN . -99.65 -94.42 61.43
O2 A86 ZN . -98.53 -98.87 60.05
O3 A86 ZN . -110.09 -87.17 79.50
O4 A86 ZN . -112.65 -84.75 77.19
O5 A86 ZN . -113.66 -83.27 75.82
C A86 AO . -93.68 -84.66 65.15
O A86 AO . -105.89 -83.38 60.20
C1 A86 AO . -93.76 -83.36 66.01
C10 A86 AO . -102.90 -83.53 62.09
C11 A86 AO . -104.27 -83.14 61.84
C12 A86 AO . -104.94 -82.07 62.65
C13 A86 AO . -104.98 -83.86 60.76
C14 A86 AO . -104.41 -85.38 60.34
C15 A86 AO . -104.82 -85.81 58.89
C16 A86 AO . -104.66 -84.84 57.73
C17 A86 AO . -105.97 -84.36 57.13
C18 A86 AO . -106.73 -85.50 56.67
C19 A86 AO . -107.23 -86.27 57.93
C2 A86 AO . -94.83 -82.47 65.86
C20 A86 AO . -105.94 -86.79 58.73
C21 A86 AO . -106.50 -87.30 60.10
C22 A86 AO . -103.87 -85.57 56.61
C23 A86 AO . -103.86 -83.63 58.14
C24 A86 AO . -92.68 -83.09 67.04
C25 A86 AO . -91.63 -84.01 67.27
C26 A86 AO . -90.54 -83.63 68.43
C27 A86 AO . -90.06 -82.30 68.50
C28 A86 AO . -90.52 -81.29 67.52
C29 A86 AO . -89.02 -81.88 69.63
C3 A86 AO . -95.86 -82.78 64.87
C30 A86 AO . -87.77 -82.62 69.82
C31 A86 AO . -86.54 -83.32 70.02
C32 A86 AO . -85.25 -82.91 69.29
C33 A86 AO . -84.52 -84.16 68.79
C34 A86 AO . -84.16 -85.07 69.98
C35 A86 AO . -85.38 -85.41 70.87
C36 A86 AO . -86.26 -84.20 71.23
C37 A86 AO . -87.60 -84.70 71.80
C38 A86 AO . -82.47 -86.76 70.08
C39 A86 AO . -81.44 -87.58 69.25
C4 A86 AO . -97.12 -83.10 65.37
C40 A86 AO . -84.33 -82.12 70.25
C41 A86 AO . -85.60 -82.03 68.06
C5 A86 AO . -98.36 -83.51 64.34
C6 A86 AO . -99.54 -82.77 64.23
C7 A86 AO . -99.80 -81.48 65.12
C8 A86 AO . -100.63 -83.30 63.19
C9 A86 AO . -102.02 -82.87 63.19
O1 A86 AO . -104.53 -87.24 58.73
O2 A86 AO . -107.82 -85.09 55.89
O3 A86 AO . -85.61 -83.46 72.23
O4 A86 AO . -83.66 -86.26 69.43
O5 A86 AO . -82.27 -86.55 71.22
C A86 BO . -85.80 -89.84 61.32
O A86 BO . -92.68 -93.43 72.41
C1 A86 BO . -85.86 -91.31 60.81
C10 A86 BO . -90.88 -92.75 69.39
C11 A86 BO . -91.85 -93.42 70.22
C12 A86 BO . -92.71 -94.54 69.70
C13 A86 BO . -91.94 -92.95 71.63
C14 A86 BO . -90.94 -91.69 72.04
C15 A86 BO . -90.55 -91.69 73.55
C16 A86 BO . -89.35 -92.49 74.02
C17 A86 BO . -89.50 -93.27 75.33
C18 A86 BO . -90.29 -92.57 76.32
C19 A86 BO . -91.74 -92.48 75.74
C2 A86 BO . -86.17 -92.36 61.71
C20 A86 BO . -91.58 -91.40 74.58
C21 A86 BO . -93.00 -91.24 73.96
C22 A86 BO . -88.18 -91.49 74.20
C23 A86 BO . -88.94 -93.50 72.96
C24 A86 BO . -85.63 -91.65 59.37
C25 A86 BO . -85.52 -90.67 58.36
C26 A86 BO . -85.30 -91.27 56.84
C27 A86 BO . -84.29 -92.23 56.68
C28 A86 BO . -83.45 -92.66 57.82
C29 A86 BO . -84.05 -92.89 55.23
C3 A86 BO . -86.42 -92.05 63.11
C30 A86 BO . -83.68 -92.08 54.08
C31 A86 BO . -83.29 -91.35 52.93
C32 A86 BO . -81.81 -91.29 52.49
C33 A86 BO . -81.54 -91.04 50.99
C34 A86 BO . -82.57 -90.23 50.18
C35 A86 BO . -83.86 -89.88 50.96
C36 A86 BO . -84.28 -91.08 51.80
C37 A86 BO . -85.67 -90.81 52.41
C38 A86 BO . -81.75 -87.98 50.62
C39 A86 BO . -81.25 -86.60 50.11
C4 A86 BO . -87.56 -92.65 63.67
C40 A86 BO . -81.10 -90.18 53.32
C41 A86 BO . -81.16 -92.63 52.86
C5 A86 BO . -87.96 -92.37 65.25
C6 A86 BO . -88.92 -93.19 65.86
C7 A86 BO . -89.59 -94.37 65.05
C8 A86 BO . -89.30 -92.88 67.39
C9 A86 BO . -90.65 -93.12 67.91
O1 A86 BO . -90.78 -90.30 74.01
O2 A86 BO . -90.29 -93.25 77.55
O3 A86 BO . -84.36 -92.21 50.97
O4 A86 BO . -81.95 -89.06 49.69
O5 A86 BO . -81.95 -88.13 51.77
C A86 CO . -90.78 -76.65 61.47
O A86 CO . -94.99 -84.34 52.06
C1 A86 CO . -92.15 -76.34 62.17
C10 A86 CO . -94.60 -82.64 54.95
C11 A86 CO . -94.90 -83.91 54.36
C12 A86 CO . -95.75 -84.91 55.09
C13 A86 CO . -94.32 -84.20 53.01
C14 A86 CO . -92.66 -84.29 52.90
C15 A86 CO . -92.10 -83.94 51.49
C16 A86 CO . -92.62 -82.71 50.75
C17 A86 CO . -93.43 -83.01 49.50
C18 A86 CO . -92.60 -83.76 48.57
C19 A86 CO . -92.43 -85.19 49.19
C2 A86 CO . -93.36 -76.83 61.64
C20 A86 CO . -91.65 -85.04 50.59
C21 A86 CO . -91.79 -86.45 51.25
C22 A86 CO . -91.38 -81.86 50.32
C23 A86 CO . -93.45 -81.85 51.66
C24 A86 CO . -92.21 -75.52 63.43
C25 A86 CO . -92.06 -74.11 63.43
C26 A86 CO . -92.19 -73.41 64.89
C27 A86 CO . -91.28 -73.81 65.90
C28 A86 CO . -90.25 -74.82 65.58
C29 A86 CO . -91.39 -73.17 67.36
C3 A86 CO . -93.33 -77.64 60.41
C30 A86 CO . -90.38 -72.24 67.86
C31 A86 CO . -89.42 -71.33 68.40
C32 A86 CO . -89.53 -69.82 68.19
C33 A86 CO . -88.15 -69.17 68.12
C34 A86 CO . -87.33 -69.47 69.39
C35 A86 CO . -87.24 -70.99 69.67
C36 A86 CO . -88.62 -71.67 69.66
C37 A86 CO . -88.41 -73.20 69.71
C38 A86 CO . -85.19 -69.14 70.38
C39 A86 CO . -84.48 -70.49 70.65
C4 A86 CO . -94.27 -78.65 60.20
C40 A86 CO . -90.34 -69.20 69.36
C41 A86 CO . -90.28 -69.56 66.86
C5 A86 CO . -94.12 -79.47 58.77
C6 A86 CO . -95.13 -80.23 58.19
C7 A86 CO . -96.56 -80.39 58.87
C8 A86 CO . -94.75 -80.92 56.79
C9 A86 CO . -95.15 -82.25 56.35
O1 A86 CO . -90.68 -84.33 51.44
O2 A86 CO . -93.21 -83.85 47.31
O3 A86 CO . -89.35 -71.28 70.78
O4 A86 CO . -86.01 -68.98 69.21
O5 A86 CO . -85.05 -68.23 71.12
C A86 DO . -120.12 -83.39 62.93
O A86 DO . -107.97 -80.43 67.27
C1 A86 DO . -119.84 -83.08 61.42
C10 A86 DO . -110.91 -81.46 65.58
C11 A86 DO . -109.55 -81.00 65.68
C12 A86 DO . -108.61 -81.08 64.51
C13 A86 DO . -109.10 -80.42 66.97
C14 A86 DO . -110.26 -79.77 67.99
C15 A86 DO . -109.98 -80.02 69.50
C16 A86 DO . -109.25 -78.95 70.30
C17 A86 DO . -107.77 -79.26 70.53
C18 A86 DO . -107.66 -80.49 71.30
C19 A86 DO . -108.16 -81.68 70.41
C2 A86 DO . -118.62 -82.50 61.01
C20 A86 DO . -109.67 -81.41 69.93
C21 A86 DO . -109.89 -82.48 68.80
C22 A86 DO . -109.96 -78.85 71.69
C23 A86 DO . -109.34 -77.61 69.61
C24 A86 DO . -120.87 -83.38 60.36
C25 A86 DO . -120.82 -82.58 59.20
C26 A86 DO . -121.85 -82.77 57.94
C27 A86 DO . -123.25 -82.84 58.08
C28 A86 DO . -123.90 -82.73 59.41
C29 A86 DO . -124.11 -83.02 56.75
C3 A86 DO . -117.59 -82.17 62.01
C30 A86 DO . -125.48 -83.51 56.75
C31 A86 DO . -126.83 -83.98 56.67
C32 A86 DO . -127.90 -83.04 56.07
C33 A86 DO . -129.33 -83.47 56.41
C34 A86 DO . -129.60 -84.93 55.98
C35 A86 DO . -128.54 -85.89 56.56
C36 A86 DO . -127.10 -85.43 56.27
C37 A86 DO . -126.12 -86.34 57.04
C38 A86 DO . -131.92 -85.21 55.50
C39 A86 DO . -132.78 -83.91 55.40
C4 A86 DO . -116.29 -82.70 61.89
C40 A86 DO . -127.74 -83.03 54.53
C41 A86 DO . -127.66 -81.62 56.62
C5 A86 DO . -115.20 -82.26 63.06
C6 A86 DO . -113.83 -82.10 62.80
C7 A86 DO . -113.21 -82.31 61.35
C8 A86 DO . -112.91 -81.66 64.05
C9 A86 DO . -111.52 -82.05 64.29
O1 A86 DO . -111.03 -80.85 70.12
O2 A86 DO . -106.31 -80.68 71.64
O3 A86 DO . -126.85 -85.57 54.89
O4 A86 DO . -130.86 -85.30 56.46
O5 A86 DO . -132.13 -86.11 54.78
MG CLA EO . 49.87 50.56 -8.74
CHA CLA EO . 49.60 51.56 -5.47
CHB CLA EO . 53.26 50.25 -8.39
CHC CLA EO . 50.02 49.55 -11.97
CHD CLA EO . 46.33 50.57 -8.94
NA CLA EO . 51.19 50.90 -7.17
C1A CLA EO . 50.88 51.30 -5.88
C2A CLA EO . 52.15 51.42 -5.03
C3A CLA EO . 53.26 51.09 -6.04
C4A CLA EO . 52.54 50.71 -7.31
CMA CLA EO . 54.08 52.33 -6.27
CAA CLA EO . 52.18 50.43 -3.87
CBA CLA EO . 53.43 49.60 -3.76
CGA CLA EO . 53.03 48.17 -3.80
O1A CLA EO . 52.30 47.55 -3.02
O2A CLA EO . 53.53 47.52 -4.88
NB CLA EO . 51.35 50.01 -9.95
C1B CLA EO . 52.67 49.94 -9.63
C2B CLA EO . 53.43 49.53 -10.83
C3B CLA EO . 52.52 49.34 -11.85
C4B CLA EO . 51.19 49.65 -11.30
CMB CLA EO . 54.88 49.38 -10.81
CAB CLA EO . 52.70 48.91 -13.20
CBB CLA EO . 53.45 49.53 -14.10
NC CLA EO . 48.43 50.18 -10.18
C1C CLA EO . 48.72 49.79 -11.46
C2C CLA EO . 47.48 49.66 -12.20
C3C CLA EO . 46.45 49.89 -11.33
C4C CLA EO . 47.05 50.21 -10.07
CMC CLA EO . 47.36 49.27 -13.60
CAC CLA EO . 45.01 49.86 -11.62
CBC CLA EO . 44.38 48.54 -11.28
ND CLA EO . 48.30 51.03 -7.57
C1D CLA EO . 46.90 50.97 -7.78
C2D CLA EO . 46.20 51.43 -6.57
C3D CLA EO . 47.20 51.73 -5.68
C4D CLA EO . 48.47 51.42 -6.33
CMD CLA EO . 44.76 51.57 -6.44
CAD CLA EO . 47.48 52.20 -4.35
OBD CLA EO . 46.73 52.62 -3.50
CBD CLA EO . 49.01 52.05 -4.17
CGD CLA EO . 49.62 53.37 -3.88
O1D CLA EO . 49.74 54.34 -4.63
O2D CLA EO . 50.10 53.46 -2.61
CED CLA EO . 49.90 54.69 -1.95
C1 CLA EO . 52.63 47.43 -5.99
C2 CLA EO . 53.31 46.71 -7.09
C3 CLA EO . 52.68 46.49 -8.23
C4 CLA EO . 51.28 46.93 -8.46
C5 CLA EO . 53.33 45.76 -9.36
C6 CLA EO . 52.55 44.50 -9.65
C7 CLA EO . 52.85 43.99 -11.04
C8 CLA EO . 52.80 42.47 -11.08
C9 CLA EO . 53.85 41.87 -10.18
C10 CLA EO . 53.02 41.98 -12.50
C11 CLA EO . 51.88 41.12 -12.96
C12 CLA EO . 50.68 41.97 -13.33
C13 CLA EO . 49.48 41.11 -13.72
C14 CLA EO . 49.83 40.11 -14.80
C15 CLA EO . 48.33 42.01 -14.19
C16 CLA EO . 47.07 41.21 -14.43
C17 CLA EO . 46.10 42.00 -15.28
C18 CLA EO . 46.64 42.23 -16.67
C19 CLA EO . 45.76 43.20 -17.43
C20 CLA EO . 46.75 40.93 -17.43
MG CLA FO . 56.64 47.01 -17.78
CHA CLA FO . 59.22 47.33 -15.52
CHB CLA FO . 54.68 45.67 -15.38
CHC CLA FO . 54.21 46.43 -20.13
CHD CLA FO . 58.75 48.24 -20.31
NA CLA FO . 56.92 46.65 -15.75
C1A CLA FO . 58.07 46.83 -14.97
C2A CLA FO . 57.79 46.38 -13.53
C3A CLA FO . 56.29 46.08 -13.53
C4A CLA FO . 55.92 46.12 -14.99
CMA CLA FO . 55.94 44.73 -12.97
CAA CLA FO . 58.03 47.39 -12.43
CBA CLA FO . 58.37 46.75 -11.10
CGA CLA FO . 59.85 46.72 -10.91
O1A CLA FO . 60.51 45.93 -10.25
O2A CLA FO . 60.49 47.71 -11.58
NB CLA FO . 54.76 46.31 -17.74
C1B CLA FO . 54.21 45.66 -16.70
C2B CLA FO . 53.01 44.91 -17.12
C3B CLA FO . 52.87 45.13 -18.47
C4B CLA FO . 53.98 46.02 -18.87
CMB CLA FO . 52.22 44.10 -16.20
CAB CLA FO . 51.94 44.65 -19.44
CBB CLA FO . 50.61 44.62 -19.31
NC CLA FO . 56.49 47.36 -19.82
C1C CLA FO . 55.39 47.08 -20.57
C2C CLA FO . 55.60 47.46 -21.94
C3C CLA FO . 56.91 47.90 -22.02
C4C CLA FO . 57.46 47.84 -20.68
CMC CLA FO . 54.63 47.32 -23.02
CAC CLA FO . 57.59 48.38 -23.21
CBC CLA FO . 57.46 49.87 -23.30
ND CLA FO . 58.52 47.69 -17.95
C1D CLA FO . 59.25 48.17 -19.05
C2D CLA FO . 60.60 48.54 -18.60
C3D CLA FO . 60.65 48.23 -17.26
C4D CLA FO . 59.33 47.70 -16.90
CMD CLA FO . 61.61 49.09 -19.47
CAD CLA FO . 61.46 48.23 -16.08
OBD CLA FO . 62.62 48.59 -15.90
CBD CLA FO . 60.58 47.63 -14.95
CGD CLA FO . 61.18 46.40 -14.38
O1D CLA FO . 60.76 45.25 -14.49
O2D CLA FO . 62.32 46.62 -13.68
CED CLA FO . 62.79 45.58 -12.80
MG CLA GO . 50.30 57.35 -34.23
CHA CLA GO . 50.29 57.12 -37.66
CHB CLA GO . 52.18 54.56 -34.01
CHC CLA GO . 50.37 57.72 -30.83
CHD CLA GO . 48.48 60.36 -34.48
NA CLA GO . 51.08 56.05 -35.64
C1A CLA GO . 50.98 56.13 -37.02
C2A CLA GO . 51.74 54.96 -37.67
C3A CLA GO . 52.19 54.11 -36.47
C4A CLA GO . 51.82 54.97 -35.28
CMA CLA GO . 51.43 52.81 -36.43
CAA CLA GO . 53.05 55.26 -38.41
CBA CLA GO . 53.56 56.66 -38.65
CGA CLA GO . 53.91 57.37 -37.38
O1A CLA GO . 54.81 57.12 -36.59
O2A CLA GO . 53.07 58.40 -37.15
NB CLA GO . 51.07 56.30 -32.71
C1B CLA GO . 51.88 55.23 -32.83
C2B CLA GO . 52.39 54.83 -31.50
C3B CLA GO . 51.87 55.73 -30.60
C4B CLA GO . 51.03 56.67 -31.36
CMB CLA GO . 53.28 53.70 -31.32
CAB CLA GO . 52.03 55.85 -29.19
CBB CLA GO . 51.77 54.90 -28.31
NC CLA GO . 49.50 58.75 -32.91
C1C CLA GO . 49.64 58.68 -31.56
C2C CLA GO . 48.96 59.81 -30.95
C3C CLA GO . 48.47 60.58 -31.97
C4C CLA GO . 48.82 59.91 -33.20
CMC CLA GO . 48.87 60.04 -29.50
CAC CLA GO . 47.71 61.83 -31.86
CBC CLA GO . 48.62 63.03 -31.88
ND CLA GO . 49.52 58.50 -35.67
C1D CLA GO . 48.81 59.72 -35.65
C2D CLA GO . 48.48 60.12 -37.01
C3D CLA GO . 48.99 59.13 -37.83
C4D CLA GO . 49.65 58.16 -36.95
CMD CLA GO . 47.74 61.31 -37.35
CAD CLA GO . 49.16 58.66 -39.18
OBD CLA GO . 48.73 59.14 -40.22
CBD CLA GO . 50.02 57.38 -39.11
CGD CLA GO . 49.25 56.23 -39.66
O1D CLA GO . 49.69 55.27 -40.30
O2D CLA GO . 47.93 56.27 -39.37
CED CLA GO . 47.28 55.02 -39.15
C1 CLA GO . 53.60 59.58 -36.51
C2 CLA GO . 53.22 59.46 -35.10
C3 CLA GO . 52.86 60.51 -34.35
C4 CLA GO . 52.81 61.89 -34.88
C5 CLA GO . 52.49 60.31 -32.94
C6 CLA GO . 53.45 61.00 -32.00
C7 CLA GO . 53.19 60.55 -30.59
C8 CLA GO . 53.79 61.53 -29.59
C9 CLA GO . 55.29 61.63 -29.78
C10 CLA GO . 53.49 61.09 -28.18
C11 CLA GO . 53.73 62.24 -27.22
C12 CLA GO . 52.87 63.44 -27.55
C13 CLA GO . 52.43 64.15 -26.28
C14 CLA GO . 50.94 63.90 -26.05
C15 CLA GO . 52.70 65.64 -26.36
C16 CLA GO . 54.16 65.97 -26.60
C17 CLA GO . 54.33 67.46 -26.86
C18 CLA GO . 55.76 67.85 -27.17
C19 CLA GO . 55.94 69.35 -27.02
C20 CLA GO . 56.14 67.44 -28.57
MG CLA HO . 61.79 59.12 -41.31
CHA CLA HO . 63.19 61.97 -39.94
CHB CLA HO . 60.36 58.37 -38.34
CHC CLA HO . 60.45 56.30 -42.72
CHD CLA HO . 63.14 59.99 -44.46
NA CLA HO . 61.82 60.03 -39.44
C1A CLA HO . 62.46 61.21 -39.05
C2A CLA HO . 62.21 61.43 -37.55
C3A CLA HO . 61.22 60.32 -37.13
C4A CLA HO . 61.15 59.48 -38.38
CMA CLA HO . 61.59 59.51 -35.92
CAA CLA HO . 61.58 62.74 -37.15
CBA CLA HO . 62.63 63.49 -36.37
CGA CLA HO . 63.26 62.56 -35.40
O1A CLA HO . 64.38 62.06 -35.44
O2A CLA HO . 62.44 62.26 -34.35
NB CLA HO . 60.76 57.57 -40.63
C1B CLA HO . 60.13 57.55 -39.44
C2B CLA HO . 59.05 56.57 -39.42
C3B CLA HO . 59.04 55.95 -40.65
C4B CLA HO . 60.13 56.60 -41.44
CMB CLA HO . 58.24 56.42 -38.22
CAB CLA HO . 58.20 54.94 -41.23
CBB CLA HO . 56.91 54.71 -40.94
NC CLA HO . 61.84 58.29 -43.22
C1C CLA HO . 61.27 57.10 -43.56
C2C CLA HO . 61.55 56.78 -44.93
C3C CLA HO . 62.22 57.87 -45.47
C4C CLA HO . 62.41 58.80 -44.38
CMC CLA HO . 61.06 55.54 -45.55
CAC CLA HO . 62.69 58.06 -46.87
CBC CLA HO . 63.81 57.18 -47.35
ND CLA HO . 62.84 60.63 -42.10
C1D CLA HO . 63.37 60.82 -43.40
C2D CLA HO . 64.14 62.08 -43.39
C3D CLA HO . 64.07 62.58 -42.12
C4D CLA HO . 63.27 61.62 -41.33
CMD CLA HO . 64.81 62.59 -44.56
CAD CLA HO . 64.47 63.64 -41.25
OBD CLA HO . 65.08 64.67 -41.50
CBD CLA HO . 63.95 63.27 -39.84
CGD CLA HO . 65.11 63.26 -38.89
O1D CLA HO . 65.87 64.21 -38.68
O2D CLA HO . 65.29 62.10 -38.20
CED CLA HO . 66.43 61.30 -38.53
MG CLA IO . 54.59 43.58 -31.02
CHA CLA IO . 53.11 40.49 -31.39
CHB CLA IO . 52.54 44.26 -28.41
CHC CLA IO . 56.25 46.54 -30.55
CHD CLA IO . 56.74 42.83 -33.72
NA CLA IO . 53.04 42.53 -30.10
C1A CLA IO . 52.58 41.25 -30.38
C2A CLA IO . 51.42 40.88 -29.44
C3A CLA IO . 51.21 42.16 -28.61
C4A CLA IO . 52.34 43.07 -29.06
CMA CLA IO . 49.85 42.76 -28.82
CAA CLA IO . 51.77 39.74 -28.49
CBA CLA IO . 52.35 40.15 -27.15
CGA CLA IO . 53.29 39.11 -26.66
O1A CLA IO . 53.30 37.90 -26.91
O2A CLA IO . 54.25 39.61 -25.82
NB CLA IO . 54.44 45.10 -29.72
C1B CLA IO . 53.54 45.19 -28.72
C2B CLA IO . 53.74 46.45 -27.97
C3B CLA IO . 54.79 47.10 -28.57
C4B CLA IO . 55.23 46.25 -29.70
CMB CLA IO . 52.91 46.81 -26.83
CAB CLA IO . 55.41 48.36 -28.29
CBB CLA IO . 55.91 48.74 -27.11
NC CLA IO . 56.17 44.52 -31.99
C1C CLA IO . 56.68 45.73 -31.63
C2C CLA IO . 57.79 46.07 -32.50
C3C CLA IO . 57.93 45.02 -33.40
C4C CLA IO . 56.91 44.06 -33.07
CMC CLA IO . 58.58 47.29 -32.39
CAC CLA IO . 58.91 44.90 -34.48
CBC CLA IO . 58.40 45.51 -35.76
ND CLA IO . 54.83 42.10 -32.36
C1D CLA IO . 55.78 41.89 -33.39
C2D CLA IO . 55.56 40.58 -34.00
C3D CLA IO . 54.52 40.00 -33.28
C4D CLA IO . 54.13 40.98 -32.26
CMD CLA IO . 56.33 40.04 -35.11
CAD CLA IO . 53.68 38.85 -33.15
OBD CLA IO . 53.58 37.85 -33.85
CBD CLA IO . 52.81 39.09 -31.89
CGD CLA IO . 51.35 38.94 -32.20
O1D CLA IO . 50.46 38.55 -31.44
O2D CLA IO . 51.03 39.31 -33.46
CED CLA IO . 50.31 40.53 -33.64
MG CLA JO . 62.56 53.32 -21.92
CHA CLA JO . 62.17 52.69 -18.52
CHB CLA JO . 65.89 53.67 -21.49
CHC CLA JO . 62.88 53.99 -25.29
CHD CLA JO . 59.10 53.01 -22.34
NA CLA JO . 63.81 53.20 -20.24
C1A CLA JO . 63.47 52.94 -18.90
C2A CLA JO . 64.73 53.00 -18.02
C3A CLA JO . 65.86 53.26 -19.02
C4A CLA JO . 65.15 53.40 -20.36
CMA CLA JO . 66.71 54.46 -18.70
CAA CLA JO . 65.07 51.76 -17.24
CBA CLA JO . 64.96 51.92 -15.74
CGA CLA JO . 65.54 53.21 -15.29
O1A CLA JO . 65.02 54.33 -15.26
O2A CLA JO . 66.81 53.09 -14.83
NB CLA JO . 64.07 53.85 -23.13
C1B CLA JO . 65.37 53.80 -22.79
C2B CLA JO . 66.21 53.91 -24.01
C3B CLA JO . 65.36 53.99 -25.08
C4B CLA JO . 63.99 53.94 -24.53
CMB CLA JO . 67.66 53.88 -23.96
CAB CLA JO . 65.60 54.10 -26.48
CBB CLA JO . 66.29 53.25 -27.24
NC CLA JO . 61.23 53.48 -23.50
C1C CLA JO . 61.58 53.79 -24.79
C2C CLA JO . 60.39 53.85 -25.61
C3C CLA JO . 59.32 53.55 -24.80
C4C CLA JO . 59.86 53.33 -23.47
CMC CLA JO . 60.45 54.18 -27.04
CAC CLA JO . 57.89 53.52 -25.13
CBC CLA JO . 57.45 52.35 -26.00
ND CLA JO . 60.98 52.83 -20.79
C1D CLA JO . 59.60 52.76 -21.09
C2D CLA JO . 58.86 52.41 -19.86
C3D CLA JO . 59.81 52.31 -18.86
C4D CLA JO . 61.10 52.64 -19.48
CMD CLA JO . 57.43 52.19 -19.80
CAD CLA JO . 60.03 52.06 -17.47
OBD CLA JO . 59.24 51.72 -16.60
CBD CLA JO . 61.53 52.32 -17.21
CGD CLA JO . 61.71 53.30 -16.10
O1D CLA JO . 61.99 53.07 -14.94
O2D CLA JO . 61.52 54.58 -16.48
CED CLA JO . 61.17 55.49 -15.43
MG CLA KO . 51.66 65.18 -16.46
CHA CLA KO . 54.13 66.85 -14.77
CHB CLA KO . 49.34 66.46 -14.35
CHC CLA KO . 49.26 63.41 -18.12
CHD CLA KO . 54.08 63.95 -18.72
NA CLA KO . 51.76 66.46 -14.82
C1A CLA KO . 52.89 67.05 -14.24
C2A CLA KO . 52.48 67.92 -13.03
C3A CLA KO . 50.95 67.84 -13.05
C4A CLA KO . 50.65 66.83 -14.15
CMA CLA KO . 50.34 67.36 -11.77
CAA CLA KO . 52.87 69.39 -13.08
CBA CLA KO . 52.89 70.00 -11.70
CGA CLA KO . 54.16 70.74 -11.43
O1A CLA KO . 54.49 71.35 -10.42
O2A CLA KO . 55.03 70.71 -12.47
NB CLA KO . 49.71 64.89 -16.20
C1B CLA KO . 48.93 65.58 -15.34
C2B CLA KO . 47.51 65.29 -15.60
C3B CLA KO . 47.47 64.43 -16.67
C4B CLA KO . 48.87 64.18 -17.07
CMB CLA KO . 46.45 65.93 -14.83
CAB CLA KO . 46.35 63.88 -17.37
CBB CLA KO . 45.34 63.22 -16.82
NC CLA KO . 51.67 63.93 -18.12
C1C CLA KO . 50.58 63.30 -18.63
C2C CLA KO . 50.94 62.51 -19.78
C3C CLA KO . 52.30 62.66 -19.96
C4C CLA KO . 52.76 63.55 -18.91
CMC CLA KO . 50.02 61.71 -20.58
CAC CLA KO . 53.12 62.08 -21.01
CBC CLA KO . 53.30 63.02 -22.16
ND CLA KO . 53.63 65.42 -16.82
C1D CLA KO . 54.50 64.81 -17.75
C2D CLA KO . 55.86 65.26 -17.47
C3D CLA KO . 55.78 66.04 -16.35
C4D CLA KO . 54.36 66.08 -15.96
CMD CLA KO . 57.03 64.89 -18.26
CAD CLA KO . 56.49 66.87 -15.42
OBD CLA KO . 57.65 67.25 -15.47
CBD CLA KO . 55.49 67.30 -14.32
CGD CLA KO . 55.72 66.66 -13.01
O1D CLA KO . 55.68 67.17 -11.89
O2D CLA KO . 55.98 65.34 -13.08
CED CLA KO . 55.85 64.58 -11.87
C1 CLA KO . 56.37 70.30 -12.15
C2 CLA KO . 57.20 71.51 -12.05
C3 CLA KO . 58.12 71.62 -11.09
C4 CLA KO . 58.36 70.57 -10.07
C5 CLA KO . 58.94 72.85 -11.00
C6 CLA KO . 58.70 73.57 -9.69
C7 CLA KO . 59.57 74.80 -9.59
C8 CLA KO . 60.84 74.58 -8.79
C9 CLA KO . 61.12 75.77 -7.89
C10 CLA KO . 62.05 74.34 -9.70
C11 CLA KO . 63.26 73.92 -8.91
C12 CLA KO . 63.74 72.53 -9.31
C13 CLA KO . 65.18 72.28 -8.92
C14 CLA KO . 65.38 72.45 -7.43
C15 CLA KO . 66.15 73.19 -9.69
C16 CLA KO . 67.28 72.38 -10.29
C17 CLA KO . 67.91 73.07 -11.48
C18 CLA KO . 69.13 73.90 -11.10
C19 CLA KO . 69.64 74.68 -12.28
C20 CLA KO . 70.22 73.01 -10.55
MG CLA LO . 40.32 61.78 -17.82
CHA CLA LO . 40.28 64.28 -15.44
CHB CLA LO . 42.29 63.71 -19.78
CHC CLA LO . 39.82 59.62 -20.42
CHD CLA LO . 38.02 59.96 -15.91
NA CLA LO . 41.22 63.63 -17.57
C1A CLA LO . 41.08 64.55 -16.51
C2A CLA LO . 41.91 65.81 -16.86
C3A CLA LO . 42.84 65.33 -17.98
C4A CLA LO . 42.06 64.14 -18.51
CMA CLA LO . 43.05 66.38 -19.03
CAA CLA LO . 42.71 66.56 -15.81
CBA CLA LO . 42.02 67.87 -15.53
CGA CLA LO . 42.68 68.61 -14.42
O1A CLA LO . 42.22 68.94 -13.33
O2A CLA LO . 43.96 68.95 -14.72
NB CLA LO . 41.00 61.65 -19.69
C1B CLA LO . 41.67 62.61 -20.36
C2B CLA LO . 41.68 62.34 -21.81
C3B CLA LO . 40.99 61.18 -21.99
C4B CLA LO . 40.56 60.73 -20.65
CMB CLA LO . 42.33 63.21 -22.79
CAB CLA LO . 40.67 60.47 -23.17
CBB CLA LO . 41.59 59.86 -23.92
NC CLA LO . 39.26 60.01 -18.04
C1C CLA LO . 39.25 59.27 -19.18
C2C CLA LO . 38.40 58.12 -19.01
C3C CLA LO . 37.82 58.23 -17.77
C4C CLA LO . 38.36 59.44 -17.16
CMC CLA LO . 38.18 57.10 -20.03
CAC CLA LO . 36.88 57.31 -17.16
CBC CLA LO . 37.60 56.21 -16.42
ND CLA LO . 39.51 61.90 -16.00
C1D CLA LO . 38.51 61.11 -15.37
C2D CLA LO . 38.15 61.73 -14.10
C3D CLA LO . 38.83 62.92 -14.06
C4D CLA LO . 39.61 63.01 -15.29
CMD CLA LO . 37.22 61.17 -13.15
CAD CLA LO . 39.08 64.10 -13.28
OBD CLA LO . 38.73 64.39 -12.16
CBD CLA LO . 39.91 65.03 -14.19
CGD CLA LO . 39.10 66.25 -14.49
O1D CLA LO . 38.88 67.19 -13.74
O2D CLA LO . 38.56 66.23 -15.73
CED CLA LO . 37.81 67.37 -16.14
MG CLA MO . 37.46 44.43 -22.60
CHA CLA MO . 35.44 42.56 -24.68
CHB CLA MO . 35.32 47.05 -22.93
CHC CLA MO . 39.27 46.13 -20.25
CHD CLA MO . 39.56 41.63 -22.18
NA CLA MO . 35.71 44.74 -23.68
C1A CLA MO . 35.00 43.83 -24.46
C2A CLA MO . 33.75 44.47 -25.01
C3A CLA MO . 33.96 45.96 -24.74
C4A CLA MO . 35.06 45.93 -23.69
CMA CLA MO . 34.40 46.68 -26.00
CAA CLA MO . 32.65 44.10 -24.05
CBA CLA MO . 31.73 43.00 -24.49
CGA CLA MO . 30.80 42.67 -23.36
O1A CLA MO . 29.63 42.31 -23.39
O2A CLA MO . 31.40 42.84 -22.13
NB CLA MO . 37.35 46.25 -21.77
C1B CLA MO . 36.35 47.15 -21.97
C2B CLA MO . 36.51 48.30 -21.05
C3B CLA MO . 37.63 48.05 -20.29
C4B CLA MO . 38.18 46.74 -20.76
CMB CLA MO . 35.60 49.44 -21.04
CAB CLA MO . 38.24 48.83 -19.27
CBB CLA MO . 39.41 49.46 -19.36
NC CLA MO . 39.16 43.99 -21.49
C1C CLA MO . 39.74 44.83 -20.61
C2C CLA MO . 40.90 44.21 -20.00
C3C CLA MO . 40.95 42.92 -20.51
C4C CLA MO . 39.85 42.79 -21.44
CMC CLA MO . 41.76 44.85 -19.00
CAC CLA MO . 41.91 41.85 -20.18
CBC CLA MO . 43.25 42.02 -20.86
ND CLA MO . 37.62 42.58 -23.35
C1D CLA MO . 38.52 41.52 -23.06
C2D CLA MO . 38.14 40.35 -23.88
C3D CLA MO . 36.99 40.70 -24.55
C4D CLA MO . 36.68 42.08 -24.14
CMD CLA MO . 38.89 39.11 -23.90
CAD CLA MO . 35.97 40.29 -25.49
OBD CLA MO . 35.92 39.28 -26.17
CBD CLA MO . 34.90 41.41 -25.52
CGD CLA MO . 34.62 41.84 -26.92
O1D CLA MO . 33.72 41.44 -27.67
O2D CLA MO . 35.47 42.78 -27.39
CED CLA MO . 34.95 43.71 -28.34
C A86 NO . 46.15 61.43 -23.03
O A86 NO . 38.26 50.50 -22.24
C1 A86 NO . 45.68 61.89 -21.62
C10 A86 NO . 40.23 53.40 -21.74
C11 A86 NO . 39.04 52.59 -21.59
C12 A86 NO . 37.99 52.92 -20.57
C13 A86 NO . 38.92 51.43 -22.50
C14 A86 NO . 39.79 51.54 -23.92
C15 A86 NO . 38.91 51.46 -25.22
C16 A86 NO . 37.83 52.50 -25.45
C17 A86 NO . 36.44 52.06 -24.98
C18 A86 NO . 36.03 50.83 -25.64
C19 A86 NO . 37.00 49.66 -25.23
C2 A86 NO . 44.81 61.10 -20.85
C20 A86 NO . 38.52 50.07 -25.62
C21 A86 NO . 39.35 48.92 -24.95
C22 A86 NO . 37.76 52.80 -26.97
C23 A86 NO . 38.17 53.84 -24.82
C24 A86 NO . 46.12 63.22 -21.07
C25 A86 NO . 46.59 64.21 -21.96
C26 A86 NO . 47.03 65.65 -21.31
C27 A86 NO . 48.38 66.04 -21.24
C28 A86 NO . 49.44 65.15 -21.74
C29 A86 NO . 48.71 67.46 -20.58
C3 A86 NO . 44.35 59.82 -21.36
C30 A86 NO . 50.04 68.05 -20.75
C31 A86 NO . 51.32 68.64 -20.89
C32 A86 NO . 51.91 68.93 -22.29
C33 A86 NO . 53.38 69.38 -22.35
C34 A86 NO . 54.31 68.72 -21.32
C35 A86 NO . 53.77 68.79 -19.88
C36 A86 NO . 52.28 68.44 -19.71
C37 A86 NO . 52.18 66.94 -19.38
C38 A86 NO . 55.74 67.26 -22.47
C39 A86 NO . 57.13 67.35 -21.79
C4 A86 NO . 43.53 59.00 -20.56
C40 A86 NO . 51.71 67.70 -23.21
C41 A86 NO . 51.07 70.07 -22.90
C5 A86 NO . 43.00 57.58 -21.20
C6 A86 NO . 42.23 56.69 -20.45
C7 A86 NO . 41.82 57.00 -18.94
C8 A86 NO . 41.76 55.35 -21.19
C9 A86 NO . 40.51 54.65 -20.89
O1 A86 NO . 39.55 50.79 -26.38
O2 A86 NO . 34.72 50.49 -25.24
O3 A86 NO . 51.78 69.16 -18.62
O4 A86 NO . 54.56 67.38 -21.65
O5 A86 NO . 55.64 67.09 -23.62
C A86 OO . 47.90 46.57 -17.29
O A86 OO . 52.39 51.36 -29.22
C1 A86 OO . 49.14 47.15 -16.57
C10 A86 OO . 51.56 50.49 -25.88
C11 A86 OO . 52.29 51.20 -26.90
C12 A86 OO . 53.54 51.95 -26.59
C13 A86 OO . 51.73 51.16 -28.27
C14 A86 OO . 50.10 50.80 -28.39
C15 A86 OO . 49.55 50.42 -29.81
C16 A86 OO . 50.03 49.15 -30.49
C17 A86 OO . 50.98 49.35 -31.67
C18 A86 OO . 50.38 50.22 -32.66
C19 A86 OO . 50.25 51.64 -32.03
C2 A86 OO . 50.14 47.82 -17.31
C20 A86 OO . 49.26 51.53 -30.77
C21 A86 OO . 49.34 52.97 -30.13
C22 A86 OO . 48.73 48.47 -30.99
C23 A86 OO . 50.66 48.15 -29.54
C24 A86 OO . 49.25 47.02 -15.08
C25 A86 OO . 48.37 46.15 -14.39
C26 A86 OO . 48.45 46.01 -12.76
C27 A86 OO . 49.43 45.19 -12.16
C28 A86 OO . 50.39 44.43 -12.98
C29 A86 OO . 49.54 45.06 -10.57
C3 A86 OO . 49.98 47.96 -18.75
C30 A86 OO . 48.39 44.79 -9.70
C31 A86 OO . 47.30 44.52 -8.84
C32 A86 OO . 46.90 43.06 -8.52
C33 A86 OO . 45.41 42.79 -8.28
C34 A86 OO . 44.65 43.95 -7.61
C35 A86 OO . 44.95 45.31 -8.26
C36 A86 OO . 46.46 45.61 -8.16
C37 A86 OO . 46.75 46.95 -8.86
C38 A86 OO . 42.78 42.86 -6.66
C39 A86 OO . 41.86 41.63 -6.96
C4 A86 OO . 50.97 48.56 -19.53
C40 A86 OO . 47.69 42.60 -7.27
C41 A86 OO . 47.35 42.19 -9.72
C5 A86 OO . 50.70 48.71 -21.15
C6 A86 OO . 51.45 49.61 -21.90
C7 A86 OO . 52.58 50.49 -21.22
C8 A86 OO . 51.14 49.74 -23.47
C9 A86 OO . 52.01 50.46 -24.40
O1 A86 OO . 48.17 50.89 -30.02
O2 A86 OO . 51.19 50.27 -33.81
O3 A86 OO . 46.81 45.73 -6.81
O4 A86 OO . 43.28 43.67 -7.74
O5 A86 OO . 43.06 43.12 -5.55
C A86 PO . 41.38 40.02 -16.33
O A86 PO . 39.80 53.20 -13.27
C1 A86 PO . 40.20 40.27 -17.33
C10 A86 PO . 39.30 49.72 -13.74
C11 A86 PO . 39.63 51.06 -14.18
C12 A86 PO . 39.54 51.40 -15.64
C13 A86 PO . 40.10 52.07 -13.19
C14 A86 PO . 41.11 51.50 -11.98
C15 A86 PO . 40.96 52.08 -10.53
C16 A86 PO . 39.71 51.77 -9.72
C17 A86 PO . 38.79 52.96 -9.37
C18 A86 PO . 39.55 54.05 -8.77
C19 A86 PO . 40.52 54.60 -9.86
C2 A86 PO . 39.41 41.44 -17.29
C20 A86 PO . 41.55 53.41 -10.22
C21 A86 PO . 42.37 54.03 -11.40
C22 A86 PO . 40.23 51.21 -8.37
C23 A86 PO . 38.86 50.67 -10.29
C24 A86 PO . 39.87 39.27 -18.42
C25 A86 PO . 40.22 37.89 -18.44
C26 A86 PO . 39.71 37.14 -19.80
C27 A86 PO . 38.41 36.59 -19.92
C28 A86 PO . 37.45 36.65 -18.80
C29 A86 PO . 37.98 35.91 -21.32
C3 A86 PO . 39.66 42.51 -16.32
C30 A86 PO . 38.28 34.51 -21.60
C31 A86 PO . 38.54 33.13 -21.92
C32 A86 PO . 38.32 32.01 -20.87
C33 A86 PO . 38.57 30.55 -21.33
C34 A86 PO . 39.54 30.32 -22.52
C35 A86 PO . 40.17 31.60 -23.12
C36 A86 PO . 39.12 32.70 -23.28
C37 A86 PO . 39.79 33.93 -23.95
C38 A86 PO . 41.77 29.85 -21.53
C39 A86 PO . 43.14 29.57 -22.20
C4 A86 PO . 38.71 43.54 -16.18
C40 A86 PO . 39.18 32.32 -19.62
C41 A86 PO . 36.83 32.09 -20.44
C5 A86 PO . 39.05 44.75 -15.10
C6 A86 PO . 38.60 46.05 -15.41
C7 A86 PO . 37.78 46.31 -16.75
C8 A86 PO . 38.96 47.24 -14.38
C9 A86 PO . 38.87 48.65 -14.78
O1 A86 PO . 42.29 52.18 -9.86
O2 A86 PO . 38.68 55.09 -8.37
O3 A86 PO . 38.08 32.25 -24.11
O4 A86 PO . 40.54 29.37 -22.15
O5 A86 PO . 41.75 30.42 -20.50
C A86 QO . 54.13 40.17 -16.60
O A86 QO . 47.60 38.21 -27.82
C1 A86 QO . 54.97 41.37 -17.13
C10 A86 QO . 49.50 39.48 -25.27
C11 A86 QO . 48.34 39.59 -26.13
C12 A86 QO . 47.75 40.94 -26.43
C13 A86 QO . 47.75 38.34 -26.66
C14 A86 QO . 47.35 37.13 -25.58
C15 A86 QO . 47.22 35.68 -26.19
C16 A86 QO . 48.45 35.02 -26.80
C17 A86 QO . 48.54 35.11 -28.33
C18 A86 QO . 47.34 34.55 -28.95
C19 A86 QO . 46.08 35.38 -28.54
C2 A86 QO . 54.87 41.80 -18.46
C20 A86 QO . 45.95 35.39 -26.92
C21 A86 QO . 44.79 36.42 -26.66
C22 A86 QO . 48.41 33.51 -26.39
C23 A86 QO . 49.75 35.56 -26.22
C24 A86 QO . 55.91 42.13 -16.22
C25 A86 QO . 57.19 41.56 -15.98
C26 A86 QO . 58.25 42.37 -15.03
C27 A86 QO . 58.27 42.16 -13.63
C28 A86 QO . 57.33 41.19 -12.99
C29 A86 QO . 59.33 42.99 -12.77
C3 A86 QO . 53.98 41.10 -19.39
C30 A86 QO . 59.61 42.58 -11.40
C31 A86 QO . 59.92 42.17 -10.06
C32 A86 QO . 61.26 41.49 -9.72
C33 A86 QO . 61.23 40.49 -8.55
C34 A86 QO . 60.27 40.86 -7.40
C35 A86 QO . 58.88 41.26 -7.90
C36 A86 QO . 58.95 42.43 -8.89
C37 A86 QO . 57.54 42.67 -9.47
C38 A86 QO . 60.68 39.92 -5.25
C39 A86 QO . 60.03 39.20 -4.03
C4 A86 QO . 53.73 41.65 -20.65
C40 A86 QO . 62.30 42.60 -9.42
C41 A86 QO . 61.70 40.73 -10.99
C5 A86 QO . 52.73 40.79 -21.64
C6 A86 QO . 52.02 41.35 -22.71
C7 A86 QO . 52.13 42.90 -23.07
C8 A86 QO . 51.12 40.33 -23.56
C9 A86 QO . 50.22 40.69 -24.64
O1 A86 QO . 46.18 34.85 -25.57
O2 A86 QO . 47.49 34.59 -30.35
O3 A86 QO . 59.35 43.59 -8.20
O4 A86 QO . 60.14 39.73 -6.57
O5 A86 QO . 61.62 40.61 -5.08
C A86 RO . 56.60 62.46 -36.96
O A86 RO . 56.05 56.57 -25.02
C1 A86 RO . 56.85 61.14 -37.76
C10 A86 RO . 56.29 57.29 -28.52
C11 A86 RO . 55.93 56.51 -27.35
C12 A86 RO . 55.28 55.16 -27.47
C13 A86 RO . 56.24 57.13 -26.04
C14 A86 RO . 56.85 58.68 -26.10
C15 A86 RO . 57.12 59.42 -24.74
C16 A86 RO . 58.25 58.95 -23.84
C17 A86 RO . 57.86 58.23 -22.55
C18 A86 RO . 56.91 59.05 -21.81
C19 A86 RO . 55.59 59.07 -22.64
C2 A86 RO . 57.12 59.92 -37.10
C20 A86 RO . 55.91 59.89 -23.98
C21 A86 RO . 54.55 59.83 -24.75
C22 A86 RO . 59.03 60.23 -23.44
C23 A86 RO . 59.26 58.09 -24.58
C24 A86 RO . 56.81 61.11 -39.26
C25 A86 RO . 57.81 60.32 -39.87
C26 A86 RO . 57.94 60.12 -41.49
C27 A86 RO . 58.34 61.12 -42.40
C28 A86 RO . 58.70 62.50 -41.99
C29 A86 RO . 58.40 60.70 -43.94
C3 A86 RO . 57.15 59.90 -35.63
C30 A86 RO . 58.27 61.70 -44.98
C31 A86 RO . 58.15 62.65 -46.03
C32 A86 RO . 59.38 63.03 -46.86
C33 A86 RO . 59.20 64.30 -47.71
C34 A86 RO . 57.89 64.31 -48.49
C35 A86 RO . 56.68 64.14 -47.55
C36 A86 RO . 56.78 62.86 -46.71
C37 A86 RO . 55.73 62.92 -45.59
C38 A86 RO . 57.68 65.58 -50.52
C39 A86 RO . 58.74 64.82 -51.36
C4 A86 RO . 56.74 58.75 -34.96
C40 A86 RO . 59.78 61.86 -47.78
C41 A86 RO . 60.55 63.28 -45.87
C5 A86 RO . 56.78 58.76 -33.30
C6 A86 RO . 56.12 57.80 -32.54
C7 A86 RO . 55.28 56.62 -33.21
C8 A86 RO . 56.25 57.94 -30.95
C9 A86 RO . 56.06 56.86 -29.98
O1 A86 RO . 56.72 60.85 -24.77
O2 A86 RO . 56.63 58.54 -20.54
O3 A86 RO . 56.50 61.76 -47.52
O4 A86 RO . 57.78 65.58 -49.09
O5 A86 RO . 56.80 66.14 -51.06
MG CLA SO . 70.32 68.90 -24.36
CHA CLA SO . 68.04 71.27 -23.30
CHB CLA SO . 70.52 67.68 -21.23
CHC CLA SO . 72.61 66.63 -25.46
CHD CLA SO . 70.30 70.38 -27.56
NA CLA SO . 69.39 69.39 -22.57
C1A CLA SO . 68.45 70.40 -22.32
C2A CLA SO . 68.06 70.41 -20.84
C3A CLA SO . 68.79 69.19 -20.27
C4A CLA SO . 69.64 68.71 -21.42
CMA CLA SO . 69.59 69.56 -19.07
CAA CLA SO . 66.59 70.14 -20.57
CBA CLA SO . 66.13 68.92 -21.30
CGA CLA SO . 64.64 68.92 -21.33
O1A CLA SO . 63.84 69.06 -20.41
O2A CLA SO . 64.17 68.74 -22.59
NB CLA SO . 71.34 67.40 -23.51
C1B CLA SO . 71.36 67.12 -22.19
C2B CLA SO . 72.41 66.11 -21.90
C3B CLA SO . 73.01 65.81 -23.09
C4B CLA SO . 72.33 66.62 -24.14
CMB CLA SO . 72.65 65.61 -20.57
CAB CLA SO . 74.07 64.86 -23.32
CBB CLA SO . 75.20 64.99 -24.01
NC CLA SO . 71.23 68.54 -26.19
C1C CLA SO . 72.09 67.52 -26.42
C2C CLA SO . 72.48 67.50 -27.81
C3C CLA SO . 71.90 68.62 -28.39
C4C CLA SO . 71.13 69.27 -27.36
CMC CLA SO . 73.35 66.51 -28.42
CAC CLA SO . 72.01 69.03 -29.79
CBC CLA SO . 70.92 68.39 -30.61
ND CLA SO . 69.39 70.42 -25.29
C1D CLA SO . 69.46 70.91 -26.61
C2D CLA SO . 68.54 72.04 -26.74
C3D CLA SO . 67.98 72.22 -25.51
C4D CLA SO . 68.55 71.20 -24.63
CMD CLA SO . 68.31 72.76 -27.97
CAD CLA SO . 67.07 73.00 -24.74
OBD CLA SO . 66.40 73.98 -25.07
CBD CLA SO . 67.06 72.42 -23.31
CGD CLA SO . 67.38 73.49 -22.32
O1D CLA SO . 68.17 74.43 -22.47
O2D CLA SO . 66.72 73.39 -21.15
CED CLA SO . 67.24 74.11 -20.03
C1 CLA SO . 62.92 68.03 -22.73
C2 CLA SO . 62.87 67.61 -24.15
C3 CLA SO . 61.74 67.44 -24.83
C4 CLA SO . 60.42 67.68 -24.23
C5 CLA SO . 61.75 67.03 -26.25
C6 CLA SO . 61.04 68.07 -27.08
C7 CLA SO . 61.54 68.07 -28.49
C8 CLA SO . 61.40 69.44 -29.14
C9 CLA SO . 59.99 69.95 -29.02
C10 CLA SO . 61.81 69.38 -30.60
C11 CLA SO . 60.98 68.38 -31.36
C12 CLA SO . 61.80 67.75 -32.47
C13 CLA SO . 60.90 67.11 -33.51
C14 CLA SO . 59.95 66.12 -32.88
C15 CLA SO . 61.73 66.42 -34.58
C16 CLA SO . 61.34 66.85 -35.98
C17 CLA SO . 60.20 66.04 -36.56
C18 CLA SO . 60.05 66.26 -38.05
C19 CLA SO . 61.32 65.90 -38.81
C20 CLA SO . 58.91 65.44 -38.60
C A86 TO . 56.24 72.84 -33.24
O A86 TO . 60.89 70.37 -44.43
C1 A86 TO . 57.39 72.04 -32.55
C10 A86 TO . 60.77 69.02 -41.43
C11 A86 TO . 59.96 69.70 -42.42
C12 A86 TO . 58.83 70.58 -41.98
C13 A86 TO . 60.26 69.54 -43.86
C14 A86 TO . 59.69 68.22 -44.72
C15 A86 TO . 58.20 68.55 -45.09
C16 A86 TO . 57.13 67.53 -44.68
C17 A86 TO . 55.90 67.26 -45.56
C18 A86 TO . 55.71 68.13 -46.71
C19 A86 TO . 57.07 68.37 -47.44
C2 A86 TO . 58.32 71.31 -33.31
C20 A86 TO . 57.94 69.22 -46.40
C21 A86 TO . 59.24 69.55 -47.21
C22 A86 TO . 57.78 66.13 -44.42
C23 A86 TO . 56.58 67.97 -43.35
C24 A86 TO . 57.52 72.03 -31.04
C25 A86 TO . 56.47 72.47 -30.20
C26 A86 TO . 56.70 72.42 -28.58
C27 A86 TO . 56.06 73.38 -27.77
C28 A86 TO . 55.19 74.41 -28.38
C29 A86 TO . 56.28 73.34 -26.18
C3 A86 TO . 58.26 71.26 -34.78
C30 A86 TO . 55.31 74.00 -25.30
C31 A86 TO . 54.37 74.63 -24.42
C32 A86 TO . 54.27 76.18 -24.38
C33 A86 TO . 53.42 76.81 -23.28
C34 A86 TO . 52.24 75.96 -22.86
C35 A86 TO . 52.61 74.50 -22.51
C36 A86 TO . 53.84 73.88 -23.18
C37 A86 TO . 54.99 73.72 -22.15
C38 A86 TO . 50.54 76.01 -21.13
C39 A86 TO . 49.20 76.01 -21.93
C4 A86 TO . 59.30 70.55 -35.41
C40 A86 TO . 55.70 76.72 -24.23
C41 A86 TO . 53.72 76.66 -25.75
C5 A86 TO . 59.43 70.37 -37.05
C6 A86 TO . 60.73 70.45 -37.56
C7 A86 TO . 61.93 70.70 -36.56
C8 A86 TO . 61.05 70.28 -39.14
C9 A86 TO . 60.45 69.20 -39.93
O1 A86 TO . 58.01 70.01 -45.16
O2 A86 TO . 54.78 67.55 -47.60
O3 A86 TO . 53.51 72.59 -23.62
O4 A86 TO . 51.73 76.59 -21.70
O5 A86 TO . 50.59 75.52 -20.05
C1 LMG UO . 22.48 47.12 -27.87
O1 LMG UO . 22.91 48.33 -27.20
C2 LMG UO . 21.20 47.42 -28.67
O2 LMG UO . 20.20 47.56 -27.73
C3 LMG UO . 20.88 46.10 -29.41
O3 LMG UO . 19.75 46.40 -30.16
C4 LMG UO . 22.04 45.70 -30.35
O4 LMG UO . 22.21 46.68 -31.29
C5 LMG UO . 23.32 45.62 -29.49
O5 LMG UO . 25.57 46.13 -29.73
C6 LMG UO . 24.54 45.46 -30.40
O6 LMG UO . 23.53 46.79 -28.78
C7 LMG UO . 24.32 48.49 -27.19
C8 LMG UO . 24.89 48.95 -25.86
C9 LMG UO . 23.99 48.63 -24.67
O7 LMG UO . 26.08 48.24 -25.68
C10 LMG UO . 27.23 48.95 -25.60
O9 LMG UO . 27.18 50.17 -25.65
C11 LMG UO . 28.34 48.15 -25.02
C12 LMG UO . 29.41 49.08 -24.54
C13 LMG UO . 29.87 48.76 -23.15
C14 LMG UO . 30.21 50.07 -22.49
C15 LMG UO . 29.28 50.30 -21.32
C16 LMG UO . 29.08 51.79 -21.12
C17 LMG UO . 28.65 52.05 -19.71
C18 LMG UO . 29.40 53.24 -19.18
C19 LMG UO . 28.43 54.03 -18.33
O8 LMG UO . 24.82 48.66 -23.50
C28 LMG UO . 24.25 49.10 -22.35
O10 LMG UO . 23.05 49.31 -22.30
C29 LMG UO . 25.21 49.43 -21.27
C30 LMG UO . 24.46 49.82 -20.02
C31 LMG UO . 25.42 50.45 -19.06
C32 LMG UO . 26.38 49.38 -18.59
C33 LMG UO . 26.96 49.85 -17.28
C34 LMG UO . 28.29 49.19 -17.06
C35 LMG UO . 28.30 48.68 -15.65
C36 LMG UO . 29.64 48.05 -15.45
C37 LMG UO . 29.64 47.31 -14.15
C1B LMU VO . 15.26 67.27 2.82
C2B LMU VO . 16.46 66.85 3.66
C3B LMU VO . 16.08 66.79 5.09
C4B LMU VO . 15.70 68.15 5.60
C5B LMU VO . 14.58 68.79 4.77
C6B LMU VO . 14.96 70.19 4.42
O1B LMU VO . 14.67 66.14 2.33
O2B LMU VO . 16.92 65.54 3.24
O3B LMU VO . 17.20 66.28 5.86
O4' LMU VO . 15.26 68.03 6.95
O5B LMU VO . 14.19 68.06 3.54
O6B LMU VO . 14.49 71.06 5.41
C1' LMU VO . 13.93 64.29 -1.03
C2' LMU VO . 15.29 64.30 -0.36
C3' LMU VO . 15.61 65.66 0.18
C4' LMU VO . 14.47 66.32 0.93
C5' LMU VO . 13.03 65.83 0.64
C6' LMU VO . 12.38 66.78 -0.31
O1' LMU VO . 13.68 63.18 -1.79
O2' LMU VO . 15.27 63.37 0.73
O3' LMU VO . 16.18 66.53 -0.85
O5' LMU VO . 12.91 64.48 0.04
O6' LMU VO . 11.15 66.24 -0.66
C1 LMU VO . 12.89 63.51 -2.93
C2 LMU VO . 13.46 62.87 -4.21
C3 LMU VO . 12.81 63.54 -5.44
C4 LMU VO . 12.50 62.45 -6.53
C5 LMU VO . 13.01 62.97 -7.91
C6 LMU VO . 12.47 62.07 -9.07
C7 LMU VO . 12.03 62.98 -10.22
C8 LMU VO . 12.93 62.74 -11.44
C9 LMU VO . 12.72 61.33 -11.96
MG CLA WO . 36.76 57.74 -9.31
CHA CLA WO . 38.93 60.38 -9.88
CHB CLA WO . 35.65 59.26 -6.51
CHC CLA WO . 34.71 55.07 -8.76
CHD CLA WO . 38.16 56.05 -12.08
NA CLA WO . 37.22 59.55 -8.38
C1A CLA WO . 38.14 60.53 -8.78
C2A CLA WO . 38.13 61.69 -7.78
C3A CLA WO . 37.01 61.33 -6.81
C4A CLA WO . 36.59 59.94 -7.24
CMA CLA WO . 37.49 61.37 -5.39
CAA CLA WO . 37.74 63.03 -8.36
CBA CLA WO . 36.46 62.92 -9.12
CGA CLA WO . 36.31 64.11 -9.99
O1A CLA WO . 36.40 65.31 -9.68
O2A CLA WO . 36.04 63.78 -11.28
NB CLA WO . 35.39 57.27 -7.92
C1B CLA WO . 35.16 57.99 -6.79
C2B CLA WO . 34.27 57.22 -5.91
C3B CLA WO . 34.00 56.03 -6.51
C4B CLA WO . 34.70 56.06 -7.82
CMB CLA WO . 33.82 57.74 -4.62
CAB CLA WO . 33.14 54.97 -6.04
CBB CLA WO . 33.38 53.66 -5.98
NC CLA WO . 36.45 55.93 -10.28
C1C CLA WO . 35.52 55.03 -9.91
C2C CLA WO . 35.50 53.92 -10.84
C3C CLA WO . 36.55 54.14 -11.72
C4C CLA WO . 37.14 55.40 -11.36
CMC CLA WO . 34.59 52.79 -10.77
CAC CLA WO . 36.92 53.30 -12.85
CBC CLA WO . 36.17 53.68 -14.09
ND CLA WO . 38.17 58.08 -10.70
C1D CLA WO . 38.63 57.31 -11.79
C2D CLA WO . 39.66 58.06 -12.51
C3D CLA WO . 39.82 59.24 -11.82
C4D CLA WO . 38.88 59.19 -10.69
CMD CLA WO . 40.32 57.60 -13.71
CAD CLA WO . 40.52 60.47 -11.76
OBD CLA WO . 41.41 60.90 -12.47
CBD CLA WO . 39.98 61.24 -10.53
CGD CLA WO . 41.11 61.61 -9.61
O1D CLA WO . 42.11 60.94 -9.38
O2D CLA WO . 40.97 62.82 -9.02
CED CLA WO . 41.77 63.07 -7.86
C1 CLA WO . 35.22 64.69 -12.04
C2 CLA WO . 34.76 63.89 -13.20
C3 CLA WO . 34.46 64.43 -14.39
C4 CLA WO . 34.58 65.87 -14.65
C5 CLA WO . 34.02 63.60 -15.51
C6 CLA WO . 34.96 63.78 -16.67
C7 CLA WO . 34.98 62.57 -17.56
C8 CLA WO . 36.31 62.42 -18.28
C9 CLA WO . 36.68 63.68 -19.01
C10 CLA WO . 36.25 61.26 -19.25
C11 CLA WO . 35.15 61.43 -20.27
C12 CLA WO . 34.58 60.10 -20.69
C13 CLA WO . 33.83 60.20 -21.99
C14 CLA WO . 32.76 61.28 -21.92
C15 CLA WO . 33.20 58.87 -22.36
C16 CLA WO . 33.55 58.43 -23.76
C17 CLA WO . 32.62 58.98 -24.81
C18 CLA WO . 32.78 58.27 -26.15
C19 CLA WO . 32.54 56.79 -26.03
C20 CLA WO . 31.84 58.86 -27.17
C A86 XO . 38.95 64.26 -24.77
O A86 XO . 36.61 53.91 -31.12
C1 A86 XO . 38.30 63.67 -23.50
C10 A86 XO . 35.35 55.64 -28.63
C11 A86 XO . 35.92 55.77 -29.95
C12 A86 XO . 36.69 57.01 -30.30
C13 A86 XO . 35.74 54.69 -30.95
C14 A86 XO . 34.35 54.58 -31.87
C15 A86 XO . 34.51 55.62 -33.04
C16 A86 XO . 33.41 56.66 -33.22
C17 A86 XO . 32.99 57.14 -34.62
C18 A86 XO . 33.80 56.70 -35.75
C19 A86 XO . 34.14 55.19 -35.60
C2 A86 XO . 37.63 62.42 -23.54
C20 A86 XO . 35.11 55.13 -34.32
C21 A86 XO . 35.55 53.61 -34.28
C22 A86 XO . 32.09 56.18 -32.53
C23 A86 XO . 33.84 57.90 -32.48
C24 A86 XO . 38.35 64.41 -22.19
C25 A86 XO . 38.70 65.78 -22.13
C26 A86 XO . 38.72 66.51 -20.67
C27 A86 XO . 39.64 67.57 -20.43
C28 A86 XO . 40.56 68.00 -21.51
C29 A86 XO . 39.67 68.29 -19.00
C3 A86 XO . 37.53 61.62 -24.76
C30 A86 XO . 40.25 69.63 -18.89
C31 A86 XO . 40.82 70.94 -18.75
C32 A86 XO . 42.36 71.14 -18.90
C33 A86 XO . 42.94 72.50 -18.52
C34 A86 XO . 41.97 73.66 -18.78
C35 A86 XO . 40.58 73.46 -18.16
C36 A86 XO . 40.07 72.02 -17.97
C37 A86 XO . 40.04 71.67 -16.46
C38 A86 XO . 41.90 76.04 -18.32
C39 A86 XO . 41.76 76.68 -19.74
C4 A86 XO . 36.90 60.37 -24.64
C40 A86 XO . 43.04 70.10 -18.01
C41 A86 XO . 42.74 70.86 -20.37
C5 A86 XO . 36.69 59.31 -25.91
C6 A86 XO . 36.89 57.96 -25.59
C7 A86 XO . 37.28 57.56 -24.10
C8 A86 XO . 36.71 56.79 -26.69
C9 A86 XO . 35.55 56.77 -27.59
O1 A86 XO . 35.95 55.83 -33.33
O2 A86 XO . 33.11 56.93 -36.96
O3 A86 XO . 38.73 71.98 -18.42
O4 A86 XO . 42.59 74.78 -18.18
O5 A86 XO . 41.46 76.59 -17.38
MG CLA YO . 16.66 81.35 -5.81
CHA CLA YO . 17.71 83.47 -3.32
CHB CLA YO . 16.77 78.70 -3.65
CHC CLA YO . 15.60 79.34 -8.35
CHD CLA YO . 16.25 84.16 -7.92
NA CLA YO . 17.20 81.14 -3.82
C1A CLA YO . 17.60 82.16 -2.94
C2A CLA YO . 17.87 81.58 -1.56
C3A CLA YO . 17.66 80.07 -1.74
C4A CLA YO . 17.17 79.94 -3.18
CMA CLA YO . 18.97 79.36 -1.61
CAA CLA YO . 16.93 82.12 -0.48
CBA CLA YO . 16.27 81.07 0.37
CGA CLA YO . 14.79 81.26 0.24
O1A CLA YO . 14.11 82.24 0.55
O2A CLA YO . 14.17 80.19 -0.33
NB CLA YO . 16.27 79.40 -5.97
C1B CLA YO . 16.35 78.48 -4.97
C2B CLA YO . 16.01 77.15 -5.52
C3B CLA YO . 15.68 77.33 -6.84
C4B CLA YO . 15.85 78.75 -7.14
CMB CLA YO . 16.02 75.94 -4.69
CAB CLA YO . 15.26 76.40 -7.84
CBB CLA YO . 15.92 75.32 -8.23
NC CLA YO . 16.09 81.69 -7.77
C1C CLA YO . 15.71 80.72 -8.64
C2C CLA YO . 15.40 81.33 -9.93
C3C CLA YO . 15.54 82.69 -9.78
C4C CLA YO . 15.96 82.91 -8.43
CMC CLA YO . 14.98 80.62 -11.12
CAC CLA YO . 15.34 83.71 -10.81
CBC CLA YO . 13.96 84.31 -10.76
ND CLA YO . 16.98 83.34 -5.75
C1D CLA YO . 16.75 84.38 -6.67
C2D CLA YO . 17.16 85.65 -6.09
C3D CLA YO . 17.60 85.35 -4.83
C4D CLA YO . 17.41 83.90 -4.64
CMD CLA YO . 17.13 86.93 -6.78
CAD CLA YO . 18.13 85.88 -3.61
OBD CLA YO . 18.48 87.02 -3.35
CBD CLA YO . 18.17 84.71 -2.61
CGD CLA YO . 19.55 84.48 -2.14
O1D CLA YO . 20.51 84.05 -2.79
O2D CLA YO . 19.73 84.78 -0.84
CED CLA YO . 20.95 85.43 -0.50
C1 CLA YO . 13.96 80.32 -1.74
C2 CLA YO . 13.29 79.09 -2.22
C3 CLA YO . 12.97 78.95 -3.50
C4 CLA YO . 13.24 80.02 -4.49
C5 CLA YO . 12.29 77.74 -4.02
C6 CLA YO . 10.94 78.12 -4.58
C7 CLA YO . 10.43 77.06 -5.53
C8 CLA YO . 8.91 76.95 -5.47
C9 CLA YO . 8.47 76.52 -4.09
C10 CLA YO . 8.43 75.93 -6.49
C11 CLA YO . 7.42 76.56 -7.42
C12 CLA YO . 8.11 77.42 -8.46
C13 CLA YO . 7.12 78.12 -9.37
C14 CLA YO . 6.13 77.16 -9.98
C15 CLA YO . 7.86 78.88 -10.45
C16 CLA YO . 6.92 79.73 -11.29
C17 CLA YO . 7.56 80.14 -12.59
C18 CLA YO . 7.83 78.93 -13.48
C19 CLA YO . 8.67 79.32 -14.67
C20 CLA YO . 6.52 78.32 -13.94
MG CLA ZO . 13.71 70.43 -9.33
CHA CLA ZO . 14.39 69.56 -6.05
CHB CLA ZO . 12.21 73.26 -8.29
CHC CLA ZO . 12.79 71.10 -12.56
CHD CLA ZO . 15.10 67.38 -10.38
NA CLA ZO . 13.42 71.29 -7.46
C1A CLA ZO . 13.77 70.78 -6.19
C2A CLA ZO . 13.32 71.78 -5.10
C3A CLA ZO . 12.84 73.00 -5.90
C4A CLA ZO . 12.80 72.49 -7.33
CMA CLA ZO . 11.48 73.49 -5.50
CAA CLA ZO . 14.38 72.27 -4.14
CBA CLA ZO . 13.82 72.67 -2.81
CGA CLA ZO . 13.95 71.55 -1.83
O1A CLA ZO . 13.26 71.31 -0.85
O2A CLA ZO . 15.01 70.73 -2.11
NB CLA ZO . 12.79 71.95 -10.26
C1B CLA ZO . 12.10 72.93 -9.64
C2B CLA ZO . 11.22 73.63 -10.59
C3B CLA ZO . 11.38 73.02 -11.80
C4B CLA ZO . 12.38 71.95 -11.60
CMB CLA ZO . 10.35 74.72 -10.18
CAB CLA ZO . 10.77 73.22 -13.08
CBB CLA ZO . 10.59 74.39 -13.70
NC CLA ZO . 13.98 69.46 -11.14
C1C CLA ZO . 13.56 69.94 -12.34
C2C CLA ZO . 13.93 69.02 -13.40
C3C CLA ZO . 14.52 67.93 -12.78
C4C CLA ZO . 14.55 68.21 -11.36
CMC CLA ZO . 13.64 69.22 -14.81
CAC CLA ZO . 15.05 66.75 -13.44
CBC CLA ZO . 16.51 66.93 -13.71
ND CLA ZO . 14.59 68.84 -8.49
C1D CLA ZO . 15.13 67.66 -9.04
C2D CLA ZO . 15.66 66.83 -7.96
C3D CLA ZO . 15.39 67.49 -6.80
C4D CLA ZO . 14.72 68.74 -7.17
CMD CLA ZO . 16.31 65.54 -8.19
CAD CLA ZO . 15.52 67.48 -5.36
OBD CLA ZO . 16.02 66.65 -4.63
CBD CLA ZO . 14.86 68.78 -4.85
CGD CLA ZO . 13.71 68.50 -3.95
O1D CLA ZO . 12.52 68.69 -4.18
O2D CLA ZO . 14.08 67.96 -2.76
CED CLA ZO . 13.13 67.98 -1.70
MG CLA AP . 22.82 67.43 -27.37
CHA CLA AP . 22.50 65.52 -30.21
CHB CLA AP . 20.27 65.76 -25.93
CHC CLA AP . 23.28 69.28 -24.53
CHD CLA AP . 25.59 69.05 -28.84
NA CLA AP . 21.59 65.89 -28.00
C1A CLA AP . 21.60 65.22 -29.22
C2A CLA AP . 20.53 64.13 -29.24
C3A CLA AP . 19.76 64.36 -27.93
C4A CLA AP . 20.60 65.40 -27.21
CMA CLA AP . 18.39 64.91 -28.19
CAA CLA AP . 20.95 62.66 -29.16
CBA CLA AP . 22.40 62.22 -29.20
CGA CLA AP . 23.18 62.69 -28.03
O1A CLA AP . 23.05 62.37 -26.84
O2A CLA AP . 24.11 63.61 -28.38
NB CLA AP . 21.91 67.55 -25.60
C1B CLA AP . 20.93 66.73 -25.16
C2B CLA AP . 20.62 67.01 -23.74
C3B CLA AP . 21.48 68.01 -23.35
C4B CLA AP . 22.31 68.35 -24.51
CMB CLA AP . 19.61 66.28 -23.00
CAB CLA AP . 21.66 68.67 -22.10
CBB CLA AP . 20.70 69.30 -21.43
NC CLA AP . 24.14 68.94 -26.82
C1C CLA AP . 24.13 69.58 -25.62
C2C CLA AP . 25.18 70.57 -25.57
C3C CLA AP . 25.87 70.47 -26.77
C4C CLA AP . 25.21 69.44 -27.55
CMC CLA AP . 25.44 71.45 -24.45
CAC CLA AP . 27.02 71.26 -27.20
CBC CLA AP . 28.31 70.60 -26.82
ND CLA AP . 23.84 67.37 -29.10
C1D CLA AP . 24.96 68.08 -29.56
C2D CLA AP . 25.28 67.62 -30.92
C3D CLA AP . 24.34 66.67 -31.24
C4D CLA AP . 23.48 66.53 -30.06
CMD CLA AP . 26.38 68.16 -31.71
CAD CLA AP . 23.87 65.75 -32.23
OBD CLA AP . 24.25 65.57 -33.37
CBD CLA AP . 22.69 64.97 -31.59
CGD CLA AP . 21.44 65.20 -32.37
O1D CLA AP . 20.53 64.41 -32.58
O2D CLA AP . 21.33 66.45 -32.86
CED CLA AP . 20.03 67.02 -32.92
C1 CLA AP . 25.35 63.61 -27.66
C2 CLA AP . 25.23 64.71 -26.67
C3 CLA AP . 26.25 65.51 -26.34
C4 CLA AP . 27.60 65.38 -26.93
C5 CLA AP . 26.04 66.59 -25.35
C6 CLA AP . 26.86 66.35 -24.09
C7 CLA AP . 26.42 67.33 -23.03
C8 CLA AP . 27.49 67.46 -21.96
C9 CLA AP . 27.76 66.12 -21.30
C10 CLA AP . 27.06 68.45 -20.90
C11 CLA AP . 28.24 68.88 -20.07
C12 CLA AP . 29.32 69.51 -20.91
C13 CLA AP . 30.01 70.64 -20.18
C14 CLA AP . 29.60 71.97 -20.77
C15 CLA AP . 31.53 70.50 -20.22
C16 CLA AP . 32.01 69.18 -19.65
C17 CLA AP . 33.50 69.02 -19.89
C18 CLA AP . 34.06 67.69 -19.39
C19 CLA AP . 35.57 67.76 -19.30
C20 CLA AP . 33.66 66.56 -20.32
MG CLA BP . 25.74 54.14 -27.12
CHA CLA BP . 28.76 53.97 -25.46
CHB CLA BP . 24.89 56.90 -25.37
CHC CLA BP . 22.75 54.23 -28.79
CHD CLA BP . 26.67 51.35 -29.07
NA CLA BP . 26.68 55.22 -25.63
C1A CLA BP . 27.94 55.02 -25.05
C2A CLA BP . 28.17 56.08 -23.96
C3A CLA BP . 26.96 57.02 -24.05
C4A CLA BP . 26.10 56.33 -25.07
CMA CLA BP . 26.23 57.31 -22.77
CAA CLA BP . 29.42 56.91 -24.08
CBA CLA BP . 30.29 56.54 -22.92
CGA CLA BP . 29.46 56.48 -21.69
O1A CLA BP . 29.10 55.49 -21.06
O2A CLA BP . 29.10 57.72 -21.24
NB CLA BP . 24.08 55.25 -26.99
C1B CLA BP . 24.03 56.42 -26.34
C2B CLA BP . 22.92 57.25 -26.83
C3B CLA BP . 22.30 56.52 -27.81
C4B CLA BP . 23.04 55.23 -27.93
CMB CLA BP . 22.72 58.56 -26.26
CAB CLA BP . 21.16 56.81 -28.65
CBB CLA BP . 20.80 58.02 -29.11
NC CLA BP . 24.87 52.97 -28.62
C1C CLA BP . 23.61 53.16 -29.10
C2C CLA BP . 23.28 52.14 -30.08
C3C CLA BP . 24.43 51.36 -30.25
C4C CLA BP . 25.41 51.90 -29.31
CMC CLA BP . 21.98 52.09 -30.74
CAC CLA BP . 24.65 50.23 -31.16
CBC CLA BP . 23.89 48.96 -30.87
ND CLA BP . 27.33 52.95 -27.33
C1D CLA BP . 27.56 51.81 -28.14
C2D CLA BP . 28.88 51.29 -27.82
C3D CLA BP . 29.41 52.09 -26.84
C4D CLA BP . 28.39 53.11 -26.54
CMD CLA BP . 29.45 50.12 -28.46
CAD CLA BP . 30.54 52.33 -25.99
OBD CLA BP . 31.62 51.77 -25.96
CBD CLA BP . 30.15 53.51 -25.07
CGD CLA BP . 30.29 53.08 -23.64
O1D CLA BP . 31.33 52.64 -23.13
O2D CLA BP . 29.18 53.21 -22.87
CED CLA BP . 28.50 52.01 -22.45
MG CLA CP . 9.73 64.51 -21.18
CHA CLA CP . 6.47 65.28 -22.03
CHB CLA CP . 10.23 67.72 -20.18
CHC CLA CP . 12.87 63.64 -20.13
CHD CLA CP . 9.15 61.18 -22.18
NA CLA CP . 8.53 66.22 -21.17
C1A CLA CP . 7.19 66.34 -21.54
C2A CLA CP . 6.72 67.79 -21.36
C3A CLA CP . 7.98 68.54 -20.90
C4A CLA CP . 9.00 67.42 -20.73
CMA CLA CP . 8.42 69.59 -21.87
CAA CLA CP . 5.65 67.93 -20.28
CBA CLA CP . 6.16 68.22 -18.89
CGA CLA CP . 5.24 67.63 -17.88
O1A CLA CP . 4.04 67.39 -17.98
O2A CLA CP . 5.87 67.33 -16.70
NB CLA CP . 11.24 65.48 -20.30
C1B CLA CP . 11.26 66.79 -19.97
C2B CLA CP . 12.55 67.14 -19.34
C3B CLA CP . 13.30 65.99 -19.33
C4B CLA CP . 12.49 64.93 -19.95
CMB CLA CP . 12.85 68.50 -18.89
CAB CLA CP . 14.64 65.75 -18.86
CBB CLA CP . 15.10 66.02 -17.64
NC CLA CP . 10.81 62.74 -21.20
C1C CLA CP . 12.09 62.62 -20.72
C2C CLA CP . 12.54 61.25 -20.86
C3C CLA CP . 11.49 60.55 -21.45
C4C CLA CP . 10.41 61.50 -21.66
CMC CLA CP . 13.84 60.75 -20.44
CAC CLA CP . 11.45 59.12 -21.80
CBC CLA CP . 11.97 58.90 -23.20
ND CLA CP . 8.25 63.44 -22.04
C1D CLA CP . 8.13 62.08 -22.34
C2D CLA CP . 6.78 61.81 -22.86
C3D CLA CP . 6.11 63.01 -22.79
C4D CLA CP . 7.06 64.00 -22.23
CMD CLA CP . 6.31 60.51 -23.32
CAD CLA CP . 4.87 63.70 -23.04
OBD CLA CP . 3.85 63.30 -23.59
CBD CLA CP . 5.04 65.14 -22.49
CGD CLA CP . 4.71 66.15 -23.53
O1D CLA CP . 4.23 67.28 -23.36
O2D CLA CP . 5.01 65.76 -24.79
CED CLA CP . 6.14 66.35 -25.44
MG CLA DP . 20.56 63.75 -10.05
CHA CLA DP . 19.96 65.91 -7.39
CHB CLA DP . 21.29 61.27 -7.92
CHC CLA DP . 21.17 61.68 -12.76
CHD CLA DP . 19.82 66.37 -12.28
NA CLA DP . 20.62 63.64 -7.97
C1A CLA DP . 20.37 64.64 -7.02
C2A CLA DP . 20.59 64.09 -5.61
C3A CLA DP . 20.95 62.62 -5.85
C4A CLA DP . 20.98 62.48 -7.36
CMA CLA DP . 22.25 62.20 -5.20
CAA CLA DP . 19.41 64.14 -4.66
CBA CLA DP . 19.59 65.08 -3.49
CGA CLA DP . 20.97 64.95 -2.90
O1A CLA DP . 22.00 65.48 -3.26
O2A CLA DP . 21.00 64.14 -1.81
NB CLA DP . 21.22 61.88 -10.29
C1B CLA DP . 21.33 60.98 -9.29
C2B CLA DP . 21.51 59.62 -9.85
C3B CLA DP . 21.47 59.75 -11.21
C4B CLA DP . 21.27 61.17 -11.51
CMB CLA DP . 21.65 58.44 -9.02
CAB CLA DP . 21.56 58.78 -12.27
CBB CLA DP . 20.78 57.72 -12.44
NC CLA DP . 20.51 63.99 -12.12
C1C CLA DP . 20.82 63.03 -13.03
C2C CLA DP . 20.74 63.55 -14.38
C3C CLA DP . 20.32 64.87 -14.25
C4C CLA DP . 20.21 65.14 -12.83
CMC CLA DP . 21.04 62.74 -15.56
CAC CLA DP . 20.12 65.87 -15.31
CBC CLA DP . 18.90 65.65 -16.17
ND CLA DP . 19.91 65.66 -9.94
C1D CLA DP . 19.68 66.62 -10.95
C2D CLA DP . 19.27 67.87 -10.30
C3D CLA DP . 19.31 67.65 -8.94
C4D CLA DP . 19.77 66.26 -8.77
CMD CLA DP . 18.89 69.09 -11.01
CAD CLA DP . 19.12 68.22 -7.64
OBD CLA DP . 18.71 69.31 -7.33
CBD CLA DP . 19.55 67.14 -6.62
CGD CLA DP . 20.59 67.68 -5.69
O1D CLA DP . 20.42 68.07 -4.54
O2D CLA DP . 21.82 67.74 -6.22
CED CLA DP . 22.71 68.67 -5.62
MG CLA EP . 31.20 76.80 -12.51
CHA CLA EP . 33.18 75.82 -9.88
CHB CLA EP . 32.26 79.99 -12.12
CHC CLA EP . 29.11 77.73 -15.05
CHD CLA EP . 30.21 73.43 -12.96
NA CLA EP . 32.52 77.72 -11.19
C1A CLA EP . 33.26 77.16 -10.15
C2A CLA EP . 34.10 78.23 -9.43
C3A CLA EP . 33.83 79.49 -10.28
C4A CLA EP . 32.78 79.05 -11.27
CMA CLA EP . 33.32 80.66 -9.51
CAA CLA EP . 35.60 78.02 -9.38
CBA CLA EP . 36.25 78.82 -8.28
CGA CLA EP . 37.14 77.98 -7.43
O1A CLA EP . 37.81 78.32 -6.45
O2A CLA EP . 37.18 76.68 -7.81
NB CLA EP . 30.69 78.54 -13.33
C1B CLA EP . 31.31 79.70 -13.11
C2B CLA EP . 30.85 80.72 -14.07
C3B CLA EP . 29.96 80.09 -14.91
C4B CLA EP . 29.86 78.69 -14.45
CMB CLA EP . 31.38 82.07 -14.07
CAB CLA EP . 29.27 80.58 -16.06
CBB CLA EP . 28.51 81.67 -16.10
NC CLA EP . 29.91 75.76 -13.77
C1C CLA EP . 29.16 76.34 -14.74
C2C CLA EP . 28.38 75.33 -15.42
C3C CLA EP . 28.69 74.12 -14.85
C4C CLA EP . 29.65 74.40 -13.81
CMC CLA EP . 27.45 75.58 -16.52
CAC CLA EP . 28.17 72.80 -15.22
CBC CLA EP . 29.09 72.11 -16.18
ND CLA EP . 31.66 74.99 -11.76
C1D CLA EP . 31.13 73.71 -11.98
C2D CLA EP . 31.75 72.76 -11.05
C3D CLA EP . 32.53 73.52 -10.22
C4D CLA EP . 32.43 74.91 -10.68
CMD CLA EP . 31.49 71.33 -11.04
CAD CLA EP . 33.46 73.51 -9.14
OBD CLA EP . 33.97 72.56 -8.58
CBD CLA EP . 33.80 74.99 -8.81
CGD CLA EP . 33.22 75.46 -7.53
O1D CLA EP . 33.75 76.15 -6.67
O2D CLA EP . 31.93 75.10 -7.33
CED CLA EP . 31.21 75.82 -6.34
C1 CLA EP . 36.94 75.71 -6.78
C2 CLA EP . 38.24 75.18 -6.33
C3 CLA EP . 38.49 74.95 -5.04
C4 CLA EP . 37.50 75.23 -3.98
C5 CLA EP . 39.80 74.43 -4.63
C6 CLA EP . 40.51 75.40 -3.73
C7 CLA EP . 41.84 74.84 -3.27
C8 CLA EP . 41.80 74.21 -1.89
C9 CLA EP . 43.04 74.59 -1.10
C10 CLA EP . 41.68 72.69 -1.97
C11 CLA EP . 41.42 72.08 -0.61
C12 CLA EP . 40.08 71.36 -0.57
C13 CLA EP . 40.02 70.36 0.57
C14 CLA EP . 40.24 71.04 1.90
C15 CLA EP . 41.01 69.21 0.37
C16 CLA EP . 40.32 67.87 0.58
C17 CLA EP . 41.05 66.75 -0.13
C18 CLA EP . 42.02 66.01 0.79
C19 CLA EP . 42.84 65.00 0.02
C20 CLA EP . 41.28 65.33 1.92
MG CLA FP . 26.47 85.16 -19.55
CHA CLA FP . 29.00 86.73 -17.81
CHB CLA FP . 28.56 82.60 -20.26
CHC CLA FP . 24.20 83.95 -21.81
CHD CLA FP . 24.44 87.97 -19.07
NA CLA FP . 28.42 84.71 -19.01
C1A CLA FP . 29.35 85.48 -18.29
C2A CLA FP . 30.68 84.71 -18.23
C3A CLA FP . 30.28 83.28 -18.62
C4A CLA FP . 29.00 83.54 -19.38
CMA CLA FP . 31.32 82.61 -19.46
CAA CLA FP . 31.54 84.68 -16.98
CBA CLA FP . 32.78 85.52 -17.25
CGA CLA FP . 33.61 85.65 -16.02
O1A CLA FP . 33.91 86.66 -15.40
O2A CLA FP . 34.09 84.45 -15.60
NB CLA FP . 26.37 83.54 -20.73
C1B CLA FP . 27.39 82.71 -21.00
C2B CLA FP . 27.09 81.86 -22.18
C3B CLA FP . 25.85 82.25 -22.62
C4B CLA FP . 25.38 83.30 -21.70
CMB CLA FP . 28.00 80.86 -22.71
CAB CLA FP . 25.06 81.79 -23.70
CBB CLA FP . 24.55 80.56 -23.77
NC CLA FP . 24.59 85.76 -20.17
C1C CLA FP . 23.81 85.08 -21.07
C2C CLA FP . 22.58 85.78 -21.28
C3C CLA FP . 22.66 86.96 -20.57
C4C CLA FP . 23.93 86.95 -19.88
CMC CLA FP . 21.52 85.32 -22.17
CAC CLA FP . 21.64 88.00 -20.51
CBC CLA FP . 20.66 87.73 -19.41
ND CLA FP . 26.54 86.85 -18.50
C1D CLA FP . 25.66 87.95 -18.46
C2D CLA FP . 26.26 89.01 -17.64
C3D CLA FP . 27.52 88.58 -17.34
C4D CLA FP . 27.68 87.25 -17.95
CMD CLA FP . 25.61 90.26 -17.31
CAD CLA FP . 28.74 88.89 -16.66
OBD CLA FP . 29.02 89.82 -15.93
CBD CLA FP . 29.74 87.78 -17.04
CGD CLA FP . 30.84 88.38 -17.83
O1D CLA FP . 31.78 89.06 -17.41
O2D CLA FP . 30.73 88.15 -19.15
CED CLA FP . 31.77 88.63 -20.00
MG CLA GP . 8.80 83.43 -23.63
CHA CLA GP . 6.63 83.80 -26.29
CHB CLA GP . 11.14 85.24 -25.29
CHC CLA GP . 10.75 83.38 -20.82
CHD CLA GP . 6.27 81.71 -21.88
NA CLA GP . 8.87 84.31 -25.51
C1A CLA GP . 7.85 84.39 -26.46
C2A CLA GP . 8.34 85.18 -27.67
C3A CLA GP . 9.84 85.28 -27.45
C4A CLA GP . 9.97 84.96 -25.96
CMA CLA GP . 10.58 84.29 -28.31
CAA CLA GP . 7.87 86.59 -27.44
CBA CLA GP . 6.65 87.03 -28.21
CGA CLA GP . 6.26 88.40 -27.74
O1A CLA GP . 5.76 89.31 -28.39
O2A CLA GP . 6.50 88.59 -26.42
NB CLA GP . 10.61 84.15 -23.15
C1B CLA GP . 11.37 84.93 -23.94
C2B CLA GP . 12.56 85.40 -23.19
C3B CLA GP . 12.46 84.88 -21.92
C4B CLA GP . 11.21 84.06 -21.89
CMB CLA GP . 13.58 86.26 -23.78
CAB CLA GP . 13.34 85.01 -20.79
CBB CLA GP . 14.09 84.02 -20.29
NC CLA GP . 8.58 82.61 -21.73
C1C CLA GP . 9.51 82.68 -20.75
C2C CLA GP . 9.04 82.01 -19.55
C3C CLA GP . 7.74 81.57 -19.84
C4C CLA GP . 7.46 81.96 -21.20
CMC CLA GP . 9.80 81.91 -18.31
CAC CLA GP . 6.81 80.87 -18.95
CBC CLA GP . 7.11 79.41 -18.80
ND CLA GP . 6.94 82.73 -24.00
C1D CLA GP . 6.01 82.06 -23.18
C2D CLA GP . 4.78 81.83 -23.96
C3D CLA GP . 4.98 82.43 -25.18
C4D CLA GP . 6.33 83.03 -25.14
CMD CLA GP . 3.63 81.10 -23.45
CAD CLA GP . 4.44 82.73 -26.49
OBD CLA GP . 3.41 82.31 -27.00
CBD CLA GP . 5.43 83.69 -27.19
CGD CLA GP . 5.77 83.19 -28.56
O1D CLA GP . 5.26 83.48 -29.63
O2D CLA GP . 6.79 82.29 -28.55
CED CLA GP . 7.63 82.28 -29.71
C A86 HP . 26.63 77.22 -20.42
O A86 HP . 14.87 83.28 -23.08
C1 A86 HP . 27.08 78.43 -19.54
C10 A86 HP . 17.99 82.17 -21.84
C11 A86 HP . 17.05 83.17 -22.29
C12 A86 HP . 17.28 84.64 -22.05
C13 A86 HP . 15.85 82.66 -23.01
C14 A86 HP . 16.03 81.16 -23.73
C15 A86 HP . 15.80 81.17 -25.28
C16 A86 HP . 16.70 82.04 -26.16
C17 A86 HP . 16.11 83.41 -26.49
C18 A86 HP . 14.82 83.28 -27.15
C19 A86 HP . 13.79 82.60 -26.17
C2 A86 HP . 26.21 79.51 -19.29
C20 A86 HP . 14.37 81.17 -25.71
C21 A86 HP . 13.34 80.74 -24.58
C22 A86 HP . 16.95 81.27 -27.49
C23 A86 HP . 18.09 82.21 -25.58
C24 A86 HP . 28.47 78.48 -18.97
C25 A86 HP . 29.48 77.69 -19.54
C26 A86 HP . 30.97 77.79 -18.88
C27 A86 HP . 31.53 76.75 -18.12
C28 A86 HP . 30.76 75.52 -17.89
C29 A86 HP . 33.00 76.96 -17.53
C3 A86 HP . 24.87 79.51 -19.87
C30 A86 HP . 33.74 75.82 -17.01
C31 A86 HP . 34.47 74.72 -16.47
C32 A86 HP . 34.80 73.48 -17.34
C33 A86 HP . 35.42 72.27 -16.62
C34 A86 HP . 34.90 72.02 -15.21
C35 A86 HP . 34.96 73.27 -14.31
C36 A86 HP . 34.43 74.57 -14.94
C37 A86 HP . 32.94 74.70 -14.59
C38 A86 HP . 33.58 70.08 -15.25
C39 A86 HP . 33.87 69.30 -13.93
C4 A86 HP . 23.99 80.55 -19.56
C40 A86 HP . 33.53 73.04 -18.10
C41 A86 HP . 35.81 73.94 -18.42
C5 A86 HP . 22.48 80.52 -20.26
C6 A86 HP . 21.54 81.50 -19.99
C7 A86 HP . 21.84 82.69 -18.97
C8 A86 HP . 20.13 81.37 -20.73
C9 A86 HP . 19.29 82.51 -21.09
O1 A86 HP . 15.20 79.95 -25.84
O2 A86 HP . 14.33 84.55 -27.51
O3 A86 HP . 35.11 75.64 -14.38
O4 A86 HP . 33.60 71.52 -15.23
O5 A86 HP . 33.38 69.50 -16.24
C A86 IP . 12.27 77.69 -13.33
O A86 IP . 17.21 67.78 -21.25
C1 A86 IP . 13.03 77.10 -12.11
C10 A86 IP . 16.35 70.24 -18.84
C11 A86 IP . 17.11 69.13 -19.36
C12 A86 IP . 18.02 68.33 -18.48
C13 A86 IP . 16.96 68.83 -20.80
C14 A86 IP . 16.41 70.09 -21.75
C15 A86 IP . 15.92 69.73 -23.20
C16 A86 IP . 14.70 68.84 -23.39
C17 A86 IP . 14.97 67.42 -23.87
C18 A86 IP . 15.73 67.44 -25.11
C19 A86 IP . 17.15 68.02 -24.79
C2 A86 IP . 13.78 75.93 -12.23
C20 A86 IP . 16.96 69.53 -24.26
C21 A86 IP . 18.41 69.94 -23.81
C22 A86 IP . 13.85 69.59 -24.46
C23 A86 IP . 13.82 68.76 -22.17
C24 A86 IP . 12.95 77.83 -10.79
C25 A86 IP . 11.99 78.88 -10.62
C26 A86 IP . 11.92 79.70 -9.20
C27 A86 IP . 11.23 79.14 -8.09
C28 A86 IP . 10.58 77.83 -8.19
C29 A86 IP . 11.17 79.92 -6.69
C3 A86 IP . 13.86 75.28 -13.53
C30 A86 IP . 10.79 81.33 -6.59
C31 A86 IP . 10.40 82.69 -6.43
C32 A86 IP . 8.92 83.07 -6.25
C33 A86 IP . 8.49 84.42 -6.85
C34 A86 IP . 9.56 85.52 -6.80
C35 A86 IP . 10.93 85.02 -7.30
C36 A86 IP . 11.41 83.85 -6.43
C37 A86 IP . 12.76 83.33 -6.97
C38 A86 IP . 8.29 87.51 -6.93
C39 A86 IP . 6.95 88.00 -7.57
C4 A86 IP . 14.56 74.08 -13.69
C40 A86 IP . 8.60 83.06 -4.73
C41 A86 IP . 8.08 81.96 -6.93
C5 A86 IP . 14.62 73.42 -15.21
C6 A86 IP . 15.58 72.45 -15.50
C7 A86 IP . 16.61 71.97 -14.40
C8 A86 IP . 15.62 71.85 -17.00
C9 A86 IP . 16.42 70.68 -17.36
O1 A86 IP . 16.21 70.80 -24.17
O2 A86 IP . 15.85 66.14 -25.63
O3 A86 IP . 11.62 84.31 -5.12
O4 A86 IP . 9.12 86.56 -7.64
O5 A86 IP . 8.62 87.90 -5.88
C A86 JP . 5.01 83.08 -15.49
O A86 JP . 17.99 87.19 -15.00
C1 A86 JP . 5.08 83.52 -16.99
C10 A86 JP . 14.46 87.05 -15.36
C11 A86 JP . 15.82 86.64 -15.66
C12 A86 JP . 16.10 85.94 -16.96
C13 A86 JP . 16.91 86.88 -14.68
C14 A86 JP . 16.51 86.66 -13.06
C15 A86 JP . 17.09 87.65 -11.98
C16 A86 JP . 16.68 89.11 -11.97
C17 A86 JP . 17.74 90.15 -12.29
C18 A86 JP . 18.94 89.96 -11.48
C19 A86 JP . 19.56 88.59 -11.90
C2 A86 JP . 6.15 84.30 -17.49
C20 A86 JP . 18.51 87.43 -11.53
C21 A86 JP . 19.19 86.15 -12.13
C22 A86 JP . 16.21 89.37 -10.51
C23 A86 JP . 15.45 89.40 -12.82
C24 A86 JP . 4.03 83.11 -17.98
C25 A86 JP . 2.70 82.70 -17.69
C26 A86 JP . 1.85 82.30 -19.04
C27 A86 JP . 1.15 83.26 -19.80
C28 A86 JP . 1.12 84.69 -19.39
C29 A86 JP . 0.38 82.79 -21.13
C3 A86 JP . 7.27 84.72 -16.65
C30 A86 JP . -0.98 82.27 -21.08
C31 A86 JP . -2.32 81.77 -21.07
C32 A86 JP . -3.44 82.42 -20.21
C33 A86 JP . -4.87 81.84 -20.32
C34 A86 JP . -5.02 80.36 -20.76
C35 A86 JP . -3.69 79.61 -21.05
C36 A86 JP . -2.73 80.49 -21.85
C37 A86 JP . -1.45 79.67 -22.15
C38 A86 JP . -5.19 79.02 -18.68
C39 A86 JP . -5.32 77.49 -18.48
C4 A86 JP . 8.18 85.67 -17.14
C40 A86 JP . -2.99 82.43 -18.73
C41 A86 JP . -3.52 83.90 -20.68
C5 A86 JP . 9.47 86.09 -16.18
C6 A86 JP . 10.68 86.40 -16.79
C7 A86 JP . 10.82 86.36 -18.37
C8 A86 JP . 11.94 86.76 -15.85
C9 A86 JP . 13.32 86.74 -16.36
O1 A86 JP . 17.38 86.92 -10.72
O2 A86 JP . 19.87 90.98 -11.71
O3 A86 JP . -3.32 80.86 -23.06
O4 A86 JP . -5.82 79.66 -19.82
O5 A86 JP . -4.59 79.65 -17.89
C A86 KP . 6.69 72.36 -8.77
O A86 KP . 3.62 71.40 -21.49
C1 A86 KP . 7.97 71.49 -8.86
C10 A86 KP . 5.19 71.35 -18.46
C11 A86 KP . 5.14 71.85 -19.81
C12 A86 KP . 6.39 72.28 -20.51
C13 A86 KP . 3.81 71.93 -20.46
C14 A86 KP . 2.60 72.78 -19.68
C15 A86 KP . 1.13 72.41 -20.12
C16 A86 KP . 0.60 71.00 -19.90
C17 A86 KP . 0.65 70.10 -21.13
C18 A86 KP . -0.08 70.69 -22.25
C19 A86 KP . 0.61 72.04 -22.67
C2 A86 KP . 8.34 70.87 -10.07
C20 A86 KP . 0.66 73.04 -21.40
C21 A86 KP . 1.55 74.24 -21.91
C22 A86 KP . -0.90 71.13 -19.44
C23 A86 KP . 1.30 70.29 -18.75
C24 A86 KP . 8.86 71.26 -7.67
C25 A86 KP . 8.46 70.29 -6.71
C26 A86 KP . 9.41 70.01 -5.42
C27 A86 KP . 9.25 70.74 -4.23
C28 A86 KP . 8.21 71.78 -4.11
C29 A86 KP . 10.23 70.42 -2.99
C3 A86 KP . 7.52 71.02 -11.26
C30 A86 KP . 9.89 70.90 -1.66
C31 A86 KP . 9.58 71.36 -0.35
C32 A86 KP . 9.07 70.38 0.72
C33 A86 KP . 8.11 70.96 1.78
C34 A86 KP . 8.39 72.42 2.19
C35 A86 KP . 8.60 73.33 0.96
C36 A86 KP . 9.75 72.83 0.07
C37 A86 KP . 9.79 73.69 -1.20
C38 A86 KP . 7.57 73.19 4.30
C39 A86 KP . 6.80 74.34 5.02
C4 A86 KP . 7.99 70.59 -12.50
C40 A86 KP . 10.30 69.77 1.45
C41 A86 KP . 8.33 69.24 -0.02
C5 A86 KP . 6.99 70.80 -13.79
C6 A86 KP . 7.43 70.83 -15.12
C7 A86 KP . 8.97 70.68 -15.50
C8 A86 KP . 6.29 71.02 -16.22
C9 A86 KP . 6.50 71.21 -17.65
O1 A86 KP . 0.19 73.56 -20.09
O2 A86 KP . -0.06 69.79 -23.34
O3 A86 KP . 10.96 72.97 0.76
O4 A86 KP . 7.28 72.90 2.91
O5 A86 KP . 8.37 72.56 4.87
C A86 LP . 28.50 60.95 -26.41
O A86 LP . 22.95 67.50 -16.23
C1 A86 LP . 27.20 60.19 -26.81
C10 A86 LP . 23.59 65.44 -19.08
C11 A86 LP . 22.80 66.31 -18.23
C12 A86 LP . 21.39 66.67 -18.56
C13 A86 LP . 23.49 66.83 -17.03
C14 A86 LP . 25.11 66.43 -16.88
C15 A86 LP . 25.91 67.02 -15.67
C16 A86 LP . 25.61 66.52 -14.26
C17 A86 LP . 24.89 67.51 -13.34
C18 A86 LP . 25.61 68.78 -13.32
C19 A86 LP . 25.44 69.41 -14.73
C2 A86 LP . 26.05 60.22 -26.01
C20 A86 LP . 26.26 68.47 -15.74
C21 A86 LP . 26.01 69.17 -17.13
C22 A86 LP . 26.99 66.21 -13.61
C23 A86 LP . 24.85 65.22 -14.26
C24 A86 LP . 27.13 59.39 -28.09
C25 A86 LP . 26.45 58.15 -27.98
C26 A86 LP . 26.22 57.13 -29.24
C27 A86 LP . 27.23 56.38 -29.86
C28 A86 LP . 28.64 56.43 -29.44
C29 A86 LP . 26.77 55.44 -31.07
C3 A86 LP . 26.08 61.01 -24.78
C30 A86 LP . 27.71 55.07 -32.10
C31 A86 LP . 28.61 54.66 -33.14
C32 A86 LP . 29.12 53.21 -33.18
C33 A86 LP . 30.32 52.99 -34.11
C34 A86 LP . 30.16 53.66 -35.47
C35 A86 LP . 29.87 55.16 -35.34
C36 A86 LP . 28.64 55.44 -34.46
C37 A86 LP . 28.61 56.94 -34.11
C38 A86 LP . 31.32 52.81 -37.39
C39 A86 LP . 30.68 51.41 -37.45
C4 A86 LP . 24.91 61.63 -24.33
C40 A86 LP . 27.97 52.28 -33.63
C41 A86 LP . 29.54 52.80 -31.75
C5 A86 LP . 24.96 62.51 -22.93
C6 A86 LP . 23.95 63.40 -22.57
C7 A86 LP . 22.66 63.63 -23.48
C8 A86 LP . 24.16 64.17 -21.18
C9 A86 LP . 23.09 64.77 -20.38
O1 A86 LP . 27.28 67.44 -16.05
O2 A86 LP . 25.10 69.68 -12.36
O3 A86 LP . 27.48 55.13 -35.20
O4 A86 LP . 31.39 53.53 -36.15
O5 A86 LP . 31.77 53.29 -38.37
C A86 MP . 24.18 89.87 -32.96
O A86 MP . 30.70 100.52 -28.32
C1 A86 MP . 23.28 90.67 -33.94
C10 A86 MP . 28.56 98.28 -30.10
C11 A86 MP . 29.39 99.45 -29.93
C12 A86 MP . 29.59 100.45 -31.02
C13 A86 MP . 30.04 99.59 -28.60
C14 A86 MP . 29.81 98.32 -27.54
C15 A86 MP . 30.54 98.36 -26.16
C16 A86 MP . 30.10 99.39 -25.11
C17 A86 MP . 31.05 100.54 -24.84
C18 A86 MP . 32.39 100.03 -24.56
C19 A86 MP . 32.92 99.41 -25.89
C2 A86 MP . 23.25 92.08 -33.92
C20 A86 MP . 32.02 98.11 -26.16
C21 A86 MP . 32.61 97.58 -27.52
C22 A86 MP . 29.96 98.59 -23.77
C23 A86 MP . 28.72 99.93 -25.40
C24 A86 MP . 22.41 89.98 -34.95
C25 A86 MP . 21.12 90.54 -35.12
C26 A86 MP . 20.02 89.97 -36.18
C27 A86 MP . 19.33 88.74 -36.05
C28 A86 MP . 19.54 87.81 -34.93
C29 A86 MP . 18.29 88.38 -37.22
C3 A86 MP . 24.08 92.79 -32.97
C30 A86 MP . 17.95 87.01 -37.49
C31 A86 MP . 17.59 85.66 -37.81
C32 A86 MP . 16.19 85.15 -37.42
C33 A86 MP . 16.04 83.62 -37.50
C34 A86 MP . 16.61 83.01 -38.78
C35 A86 MP . 18.09 83.42 -38.98
C36 A86 MP . 18.28 84.94 -38.97
C37 A86 MP . 19.80 85.24 -38.85
C38 A86 MP . 15.79 80.93 -39.63
C39 A86 MP . 14.32 81.36 -39.88
C4 A86 MP . 24.61 94.04 -33.31
C40 A86 MP . 15.12 85.80 -38.33
C41 A86 MP . 15.90 85.59 -35.96
C5 A86 MP . 25.57 94.83 -32.21
C6 A86 MP . 26.38 95.92 -32.57
C7 A86 MP . 26.42 96.48 -34.06
C8 A86 MP . 27.24 96.56 -31.38
C9 A86 MP . 27.78 97.93 -31.39
O1 A86 MP . 31.08 97.05 -25.75
O2 A86 MP . 33.27 101.03 -24.14
O3 A86 MP . 17.83 85.46 -40.18
O4 A86 MP . 16.57 81.62 -38.64
O5 A86 MP . 16.25 80.05 -40.24
MG CLA NP . 22.25 92.48 -14.07
CHA CLA NP . 25.11 90.59 -13.59
CHB CLA NP . 23.70 95.08 -12.48
CHC CLA NP . 19.39 94.26 -14.51
CHD CLA NP . 20.67 89.65 -15.47
NA CLA NP . 24.13 92.76 -13.21
C1A CLA NP . 25.19 91.87 -13.12
C2A CLA NP . 26.38 92.51 -12.39
C3A CLA NP . 25.91 93.95 -12.16
C4A CLA NP . 24.47 93.95 -12.64
CMA CLA NP . 26.05 94.34 -10.73
CAA CLA NP . 27.64 92.63 -13.20
CBA CLA NP . 27.36 93.27 -14.53
CGA CLA NP . 28.52 93.01 -15.43
O1A CLA NP . 29.72 93.21 -15.22
O2A CLA NP . 28.13 92.49 -16.62
NB CLA NP . 21.67 94.34 -13.62
C1B CLA NP . 22.38 95.22 -12.88
C2B CLA NP . 21.54 96.39 -12.56
C3B CLA NP . 20.31 96.18 -13.12
C4B CLA NP . 20.38 94.87 -13.82
CMB CLA NP . 22.03 97.52 -11.77
CAB CLA NP . 19.17 97.07 -13.09
CBB CLA NP . 17.90 96.79 -12.81
NC CLA NP . 20.41 92.04 -14.90
C1C CLA NP . 19.40 92.95 -15.02
C2C CLA NP . 18.29 92.36 -15.71
C3C CLA NP . 18.59 91.02 -15.89
C4C CLA NP . 19.94 90.83 -15.38
CMC CLA NP . 17.06 93.06 -16.06
CAC CLA NP . 17.77 90.02 -16.56
CBC CLA NP . 18.03 89.99 -18.04
ND CLA NP . 22.72 90.57 -14.50
C1D CLA NP . 21.98 89.53 -15.08
C2D CLA NP . 22.84 88.34 -15.17
C3D CLA NP . 24.03 88.69 -14.62
C4D CLA NP . 23.92 90.09 -14.20
CMD CLA NP . 22.42 87.08 -15.78
CAD CLA NP . 25.35 88.24 -14.28
OBD CLA NP . 25.86 87.14 -14.43
CBD CLA NP . 26.08 89.43 -13.63
CGD CLA NP . 26.60 89.04 -12.28
O1D CLA NP . 26.06 88.28 -11.49
O2D CLA NP . 27.80 89.58 -11.97
CED CLA NP . 28.16 89.59 -10.59
C1 CLA NP . 28.90 92.83 -17.78
C2 CLA NP . 28.03 92.50 -18.94
C3 CLA NP . 28.51 92.13 -20.13
C4 CLA NP . 29.95 92.00 -20.40
C5 CLA NP . 27.60 91.81 -21.25
C6 CLA NP . 27.87 90.39 -21.71
C7 CLA NP . 26.64 89.80 -22.34
C8 CLA NP . 26.62 88.29 -22.19
C9 CLA NP . 27.90 87.68 -22.70
C10 CLA NP . 25.44 87.69 -22.93
C11 CLA NP . 25.46 88.05 -24.40
C12 CLA NP . 24.05 88.18 -24.94
C13 CLA NP . 24.04 88.09 -26.46
C14 CLA NP . 24.99 89.10 -27.07
C15 CLA NP . 22.63 88.30 -26.98
C16 CLA NP . 22.20 87.19 -27.93
C17 CLA NP . 22.61 87.43 -29.36
C18 CLA NP . 21.90 86.50 -30.32
C19 CLA NP . 20.40 86.65 -30.23
C20 CLA NP . 22.35 86.76 -31.73
C A86 OP . 28.52 82.46 -26.05
O A86 OP . 17.79 80.02 -31.68
C1 A86 OP . 27.89 83.66 -25.31
C10 A86 OP . 19.42 82.60 -30.44
C11 A86 OP . 19.59 81.40 -31.25
C12 A86 OP . 20.89 80.68 -31.24
C13 A86 OP . 18.46 80.91 -32.08
C14 A86 OP . 18.16 81.54 -33.60
C15 A86 OP . 19.17 80.84 -34.57
C16 A86 OP . 20.06 81.75 -35.44
C17 A86 OP . 20.45 81.37 -36.87
C18 A86 OP . 20.08 80.03 -37.32
C19 A86 OP . 18.62 79.70 -36.87
C2 A86 OP . 26.58 84.08 -25.58
C20 A86 OP . 18.72 79.60 -35.28
C21 A86 OP . 17.27 79.13 -34.87
C22 A86 OP . 19.45 83.18 -35.53
C23 A86 OP . 21.37 81.91 -34.69
C24 A86 OP . 28.68 84.41 -24.25
C25 A86 OP . 30.08 84.27 -24.13
C26 A86 OP . 30.86 85.11 -22.96
C27 A86 OP . 32.01 84.57 -22.37
C28 A86 OP . 32.52 83.26 -22.80
C29 A86 OP . 32.79 85.39 -21.23
C3 A86 OP . 25.73 83.42 -26.58
C30 A86 OP . 34.19 85.08 -20.93
C31 A86 OP . 35.55 84.80 -20.63
C32 A86 OP . 35.93 83.48 -19.94
C33 A86 OP . 37.36 83.31 -19.43
C34 A86 OP . 38.41 84.06 -20.27
C35 A86 OP . 38.05 85.55 -20.50
C36 A86 OP . 36.56 85.96 -20.49
C37 A86 OP . 36.25 86.78 -19.22
C38 A86 OP . 40.76 84.57 -20.15
C39 A86 OP . 41.34 83.96 -21.47
C4 A86 OP . 24.43 83.90 -26.71
C40 A86 OP . 35.00 83.31 -18.73
C41 A86 OP . 35.65 82.31 -20.92
C5 A86 OP . 23.30 83.29 -27.78
C6 A86 OP . 22.00 83.19 -27.29
C7 A86 OP . 21.70 83.65 -25.80
C8 A86 OP . 20.79 82.64 -28.20
C9 A86 OP . 20.60 83.10 -29.58
O1 A86 OP . 19.54 79.51 -34.05
O2 A86 OP . 20.18 79.95 -38.72
O3 A86 OP . 36.34 86.81 -21.58
O4 A86 OP . 39.60 83.98 -19.53
O5 A86 OP . 41.28 85.51 -19.64
MG CLA PP . 44.40 112.53 -24.72
CHA CLA PP . 46.70 113.19 -22.29
CHB CLA PP . 41.87 113.52 -22.65
CHC CLA PP . 42.19 111.86 -27.23
CHD CLA PP . 47.07 111.83 -26.94
NA CLA PP . 44.33 113.20 -22.76
C1A CLA PP . 45.41 113.43 -21.92
C2A CLA PP . 44.92 113.94 -20.56
C3A CLA PP . 43.39 113.94 -20.71
C4A CLA PP . 43.16 113.52 -22.14
CMA CLA PP . 42.82 112.89 -19.80
CAA CLA PP . 45.42 115.36 -20.26
CBA CLA PP . 44.34 116.33 -19.83
CGA CLA PP . 44.39 117.48 -20.79
O1A CLA PP . 45.31 118.26 -20.99
O2A CLA PP . 43.23 117.61 -21.50
NB CLA PP . 42.41 112.66 -24.90
C1B CLA PP . 41.55 113.10 -23.95
C2B CLA PP . 40.16 113.00 -24.48
C3B CLA PP . 40.25 112.54 -25.76
C4B CLA PP . 41.68 112.31 -26.05
CMB CLA PP . 39.01 113.39 -23.68
CAB CLA PP . 39.25 112.28 -26.74
CBB CLA PP . 38.22 111.45 -26.60
NC CLA PP . 44.61 111.92 -26.70
C1C CLA PP . 43.56 111.69 -27.53
C2C CLA PP . 44.07 111.25 -28.82
C3C CLA PP . 45.45 111.30 -28.75
C4C CLA PP . 45.78 111.73 -27.42
CMC CLA PP . 43.28 110.89 -29.99
CAC CLA PP . 46.40 110.93 -29.80
CBC CLA PP . 46.88 112.14 -30.57
ND CLA PP . 46.40 112.41 -24.67
C1D CLA PP . 47.38 112.13 -25.65
C2D CLA PP . 48.71 112.20 -25.06
C3D CLA PP . 48.50 112.53 -23.75
C4D CLA PP . 47.06 112.71 -23.58
CMD CLA PP . 49.95 111.91 -25.77
CAD CLA PP . 49.14 112.81 -22.50
OBD CLA PP . 50.31 112.74 -22.19
CBD CLA PP . 48.02 113.28 -21.55
CGD CLA PP . 47.93 112.39 -20.36
O1D CLA PP . 47.58 111.22 -20.32
O2D CLA PP . 48.31 112.99 -19.22
CED CLA PP . 49.08 112.22 -18.31
C1 CLA PP . 43.28 117.00 -22.79
C2 CLA PP . 41.97 117.21 -23.44
C3 CLA PP . 41.75 116.75 -24.68
C4 CLA PP . 42.80 116.02 -25.43
C5 CLA PP . 40.46 116.94 -25.37
C6 CLA PP . 40.68 117.76 -26.62
C7 CLA PP . 39.54 117.59 -27.60
C8 CLA PP . 39.29 118.86 -28.38
C9 CLA PP . 38.89 119.99 -27.46
C10 CLA PP . 38.19 118.65 -29.40
C11 CLA PP . 38.69 118.97 -30.79
C12 CLA PP . 39.55 117.86 -31.33
C13 CLA PP . 40.13 118.21 -32.70
C14 CLA PP . 39.04 118.62 -33.68
C15 CLA PP . 40.90 117.02 -33.25
C16 CLA PP . 41.63 117.38 -34.53
C17 CLA PP . 42.04 116.14 -35.29
C18 CLA PP . 40.81 115.36 -35.77
C19 CLA PP . 41.24 114.01 -36.32
C20 CLA PP . 40.06 116.13 -36.83
MG CLA QP . 33.11 112.38 -28.31
CHA CLA QP . 32.45 113.62 -25.15
CHB CLA QP . 35.82 114.36 -28.54
CHC CLA QP . 33.54 111.35 -31.54
CHD CLA QP . 30.16 110.47 -28.13
NA CLA QP . 34.01 113.72 -27.00
C1A CLA QP . 33.60 114.12 -25.72
C2A CLA QP . 34.58 115.16 -25.16
C3A CLA QP . 35.72 115.17 -26.20
C4A CLA QP . 35.15 114.36 -27.34
CMA CLA QP . 36.09 116.54 -26.67
CAA CLA QP . 35.22 114.85 -23.82
CBA CLA QP . 35.62 116.10 -23.06
CGA CLA QP . 34.56 116.46 -22.08
O1A CLA QP . 34.29 117.58 -21.63
O2A CLA QP . 33.84 115.39 -21.66
NB CLA QP . 34.49 112.69 -29.72
C1B CLA QP . 35.42 113.67 -29.68
C2B CLA QP . 35.99 113.91 -31.02
C3B CLA QP . 35.35 113.04 -31.87
C4B CLA QP . 34.39 112.28 -31.06
CMB CLA QP . 37.02 114.91 -31.27
CAB CLA QP . 35.44 112.83 -33.29
CBB CLA QP . 36.55 112.70 -34.00
NC CLA QP . 32.08 111.08 -29.56
C1C CLA QP . 32.47 110.78 -30.83
C2C CLA QP . 31.55 109.83 -31.41
C3C CLA QP . 30.55 109.63 -30.48
C4C CLA QP . 30.90 110.41 -29.31
CMC CLA QP . 31.66 109.27 -32.76
CAC CLA QP . 29.40 108.75 -30.62
CBC CLA QP . 29.70 107.41 -30.05
ND CLA QP . 31.65 112.03 -26.97
C1D CLA QP . 30.50 111.22 -27.03
C2D CLA QP . 29.77 111.34 -25.78
C3D CLA QP . 30.45 112.26 -25.02
C4D CLA QP . 31.61 112.66 -25.81
CMD CLA QP . 28.54 110.61 -25.48
CAD CLA QP . 30.52 112.97 -23.76
OBD CLA QP . 29.77 112.92 -22.80
CBD CLA QP . 31.77 113.87 -23.83
CGD CLA QP . 31.41 115.30 -23.70
O1D CLA QP . 31.48 116.18 -24.57
O2D CLA QP . 30.96 115.64 -22.46
CED CLA QP . 30.93 117.02 -22.11
MG CLA RP . 30.23 94.53 -37.82
CHA CLA RP . 28.17 93.09 -40.18
CHB CLA RP . 28.38 97.36 -37.92
CHC CLA RP . 32.24 95.86 -35.39
CHD CLA RP . 32.04 91.51 -37.63
NA CLA RP . 28.55 95.11 -38.90
C1A CLA RP . 27.83 94.37 -39.84
C2A CLA RP . 26.64 95.18 -40.36
C3A CLA RP . 26.86 96.57 -39.73
C4A CLA RP . 28.00 96.35 -38.75
CMA CLA RP . 27.25 97.58 -40.76
CAA CLA RP . 25.23 94.80 -39.92
CBA CLA RP . 24.93 93.55 -39.11
CGA CLA RP . 25.52 93.60 -37.74
O1A CLA RP . 25.24 94.35 -36.82
O2A CLA RP . 26.51 92.69 -37.60
NB CLA RP . 30.33 96.29 -36.89
C1B CLA RP . 29.44 97.29 -37.00
C2B CLA RP . 29.75 98.36 -36.02
C3B CLA RP . 30.84 97.93 -35.32
C4B CLA RP . 31.21 96.61 -35.85
CMB CLA RP . 28.96 99.58 -35.92
CAB CLA RP . 31.57 98.52 -34.24
CBB CLA RP . 32.13 99.73 -34.28
NC CLA RP . 31.88 93.83 -36.77
C1C CLA RP . 32.55 94.55 -35.84
C2C CLA RP . 33.65 93.77 -35.31
C3C CLA RP . 33.56 92.52 -35.91
C4C CLA RP . 32.45 92.57 -36.82
CMC CLA RP . 34.60 94.23 -34.31
CAC CLA RP . 34.45 91.38 -35.69
CBC CLA RP . 33.93 90.50 -34.59
ND CLA RP . 30.18 92.72 -38.69
C1D CLA RP . 30.99 91.57 -38.50
C2D CLA RP . 30.51 90.52 -39.40
C3D CLA RP . 29.46 91.06 -40.10
C4D CLA RP . 29.28 92.42 -39.59
CMD CLA RP . 31.10 89.19 -39.49
CAD CLA RP . 28.44 90.85 -41.10
OBD CLA RP . 28.25 89.86 -41.81
CBD CLA RP . 27.59 92.13 -41.17
CGD CLA RP . 27.66 92.73 -42.52
O1D CLA RP . 26.78 93.31 -43.14
O2D CLA RP . 28.88 92.60 -43.09
CED CLA RP . 29.31 93.68 -43.93
C1 CLA RP . 26.66 92.08 -36.31
C2 CLA RP . 27.78 92.79 -35.67
C3 CLA RP . 28.69 92.18 -34.90
C4 CLA RP . 28.65 90.73 -34.62
C5 CLA RP . 29.77 92.96 -34.28
C6 CLA RP . 29.69 92.99 -32.78
C7 CLA RP . 30.66 94.01 -32.23
C8 CLA RP . 30.93 93.74 -30.76
C9 CLA RP . 29.66 93.82 -29.95
C10 CLA RP . 31.92 94.74 -30.22
C11 CLA RP . 32.50 94.26 -28.92
C12 CLA RP . 33.19 92.93 -29.06
C13 CLA RP . 34.41 92.84 -28.16
C14 CLA RP . 35.68 92.92 -29.00
C15 CLA RP . 34.41 91.56 -27.34
C16 CLA RP . 33.17 91.40 -26.48
C17 CLA RP . 33.15 90.03 -25.84
C18 CLA RP . 31.91 89.78 -25.00
C19 CLA RP . 32.11 88.60 -24.09
C20 CLA RP . 30.71 89.53 -25.88
MG CLA SP . 17.29 91.53 -34.82
CHA CLA SP . 17.50 89.97 -31.74
CHB CLA SP . 20.04 93.37 -34.08
CHC CLA SP . 17.04 93.06 -37.87
CHD CLA SP . 14.52 89.51 -35.65
NA CLA SP . 18.54 91.66 -33.14
C1A CLA SP . 18.46 90.94 -31.95
C2A CLA SP . 19.59 91.42 -31.02
C3A CLA SP . 20.41 92.42 -31.85
C4A CLA SP . 19.59 92.51 -33.12
CMA CLA SP . 20.69 93.76 -31.23
CAA CLA SP . 20.54 90.37 -30.50
CBA CLA SP . 20.30 90.28 -29.02
CGA CLA SP . 20.21 91.65 -28.45
O1A CLA SP . 19.22 92.26 -28.05
O2A CLA SP . 21.43 92.28 -28.41
NB CLA SP . 18.25 93.03 -35.73
C1B CLA SP . 19.43 93.51 -35.32
C2B CLA SP . 20.13 94.18 -36.42
C3B CLA SP . 19.31 94.11 -37.51
C4B CLA SP . 18.10 93.37 -37.08
CMB CLA SP . 21.45 94.75 -36.18
CAB CLA SP . 19.46 94.59 -38.87
CBB CLA SP . 20.60 94.70 -39.56
NC CLA SP . 15.99 91.34 -36.42
C1C CLA SP . 16.04 92.12 -37.54
C2C CLA SP . 14.95 91.78 -38.44
C3C CLA SP . 14.29 90.70 -37.87
C4C CLA SP . 14.94 90.44 -36.60
CMC CLA SP . 14.75 92.47 -39.71
CAC CLA SP . 13.14 89.94 -38.40
CBC CLA SP . 11.81 90.65 -38.48
ND CLA SP . 16.26 90.04 -33.99
C1D CLA SP . 15.11 89.33 -34.43
C2D CLA SP . 14.73 88.39 -33.37
C3D CLA SP . 15.62 88.56 -32.34
C4D CLA SP . 16.56 89.62 -32.76
CMD CLA SP . 13.60 87.49 -33.49
CAD CLA SP . 16.01 88.12 -31.03
OBD CLA SP . 15.55 87.21 -30.36
CBD CLA SP . 17.18 89.02 -30.60
CGD CLA SP . 16.83 89.68 -29.30
O1D CLA SP . 16.51 89.09 -28.27
O2D CLA SP . 16.88 91.05 -29.30
CED CLA SP . 15.65 91.77 -29.23
MG CLA TP . 26.34 108.65 -39.78
CHA CLA TP . 26.75 110.89 -42.36
CHB CLA TP . 29.61 108.98 -38.96
CHC CLA TP . 25.82 106.60 -37.07
CHD CLA TP . 22.93 108.37 -40.62
NA CLA TP . 27.92 109.73 -40.58
C1A CLA TP . 27.90 110.64 -41.66
C2A CLA TP . 29.30 111.21 -41.89
C3A CLA TP . 30.18 110.47 -40.87
C4A CLA TP . 29.17 109.66 -40.07
CMA CLA TP . 31.23 109.62 -41.53
CAA CLA TP . 29.37 112.70 -41.62
CBA CLA TP . 29.78 113.08 -40.21
CGA CLA TP . 29.15 114.38 -39.84
O1A CLA TP . 28.78 115.31 -40.56
O2A CLA TP . 28.96 114.51 -38.49
NB CLA TP . 27.48 107.94 -38.29
C1B CLA TP . 28.79 108.20 -38.12
C2B CLA TP . 29.30 107.51 -36.92
C3B CLA TP . 28.23 106.83 -36.38
C4B CLA TP . 27.06 107.10 -37.25
CMB CLA TP . 30.69 107.60 -36.50
CAB CLA TP . 28.13 105.98 -35.23
CBB CLA TP . 28.50 106.31 -33.99
NC CLA TP . 24.68 107.64 -39.02
C1C CLA TP . 24.70 106.86 -37.91
C2C CLA TP . 23.37 106.33 -37.65
C3C CLA TP . 22.55 106.83 -38.66
C4C CLA TP . 23.38 107.66 -39.51
CMC CLA TP . 23.02 105.47 -36.54
CAC CLA TP . 21.12 106.58 -38.84
CBC CLA TP . 20.87 105.36 -39.69
ND CLA TP . 25.10 109.32 -41.21
C1D CLA TP . 23.70 109.17 -41.41
C2D CLA TP . 23.29 109.98 -42.56
C3D CLA TP . 24.42 110.64 -42.98
C4D CLA TP . 25.52 110.22 -42.09
CMD CLA TP . 21.94 110.03 -43.10
CAD CLA TP . 24.98 111.56 -43.95
OBD CLA TP . 24.46 112.07 -44.93
CBD CLA TP . 26.46 111.81 -43.53
CGD CLA TP . 27.39 111.55 -44.67
O1D CLA TP . 28.47 112.10 -44.89
O2D CLA TP . 26.96 110.57 -45.50
CED CLA TP . 27.64 109.31 -45.45
MG CLA UP . 27.09 105.96 -24.49
CHA CLA UP . 29.28 108.07 -22.82
CHB CLA UP . 24.78 106.42 -22.08
CHC CLA UP . 24.97 103.81 -26.19
CHD CLA UP . 29.53 105.45 -26.96
NA CLA UP . 27.07 107.07 -22.72
C1A CLA UP . 28.08 107.88 -22.18
C2A CLA UP . 27.62 108.46 -20.83
C3A CLA UP . 26.18 107.95 -20.69
C4A CLA UP . 25.98 107.07 -21.91
CMA CLA UP . 25.91 107.21 -19.41
CAA CLA UP . 27.59 109.97 -20.70
CBA CLA UP . 28.59 110.52 -19.72
CGA CLA UP . 28.63 109.72 -18.47
O1A CLA UP . 29.24 108.68 -18.23
O2A CLA UP . 27.87 110.27 -17.47
NB CLA UP . 25.28 105.18 -24.14
C1B CLA UP . 24.44 105.59 -23.17
C2B CLA UP . 23.08 105.06 -23.42
C3B CLA UP . 23.14 104.33 -24.57
C4B CLA UP . 24.52 104.41 -25.06
CMB CLA UP . 21.95 105.35 -22.55
CAB CLA UP . 22.15 103.61 -25.31
CBB CLA UP . 21.01 104.10 -25.79
NC CLA UP . 27.23 104.84 -26.23
C1C CLA UP . 26.27 104.02 -26.73
C2C CLA UP . 26.72 103.36 -27.93
C3C CLA UP . 28.01 103.85 -28.17
C4C CLA UP . 28.32 104.76 -27.10
CMC CLA UP . 25.90 102.40 -28.66
CAC CLA UP . 28.93 103.47 -29.25
CBC CLA UP . 28.56 103.98 -30.63
ND CLA UP . 28.92 106.66 -24.92
C1D CLA UP . 29.82 106.34 -25.96
C2D CLA UP . 31.05 107.11 -25.78
C3D CLA UP . 30.89 107.82 -24.61
C4D CLA UP . 29.56 107.47 -24.09
CMD CLA UP . 32.19 107.09 -26.69
CAD CLA UP . 31.49 108.75 -23.70
OBD CLA UP . 32.57 109.32 -23.76
CBD CLA UP . 30.51 108.91 -22.52
CGD CLA UP . 31.18 108.62 -21.22
O1D CLA UP . 31.61 109.42 -20.40
O2D CLA UP . 31.34 107.30 -20.97
CED CLA UP . 32.38 106.96 -20.06
MG CLA VP . 40.97 96.53 -21.72
CHA CLA VP . 40.31 96.32 -18.36
CHB CLA VP . 44.27 96.05 -21.11
CHC CLA VP . 41.59 96.86 -25.07
CHD CLA VP . 37.52 96.91 -22.36
NA CLA VP . 42.08 96.23 -19.98
C1A CLA VP . 41.64 96.18 -18.66
C2A CLA VP . 42.82 95.95 -17.70
C3A CLA VP . 44.00 95.77 -18.65
C4A CLA VP . 43.43 96.04 -20.03
CMA CLA VP . 45.15 96.68 -18.41
CAA CLA VP . 42.75 94.72 -16.80
CBA CLA VP . 43.65 94.86 -15.60
CGA CLA VP . 42.93 94.56 -14.32
O1A CLA VP . 43.38 94.59 -13.18
O2A CLA VP . 41.63 94.24 -14.50
NB CLA VP . 42.62 96.58 -22.85
C1B CLA VP . 43.85 96.26 -22.42
C2B CLA VP . 44.77 96.15 -23.57
C3B CLA VP . 44.03 96.38 -24.69
C4B CLA VP . 42.64 96.64 -24.25
CMB CLA VP . 46.17 95.80 -23.39
CAB CLA VP . 44.40 96.32 -26.06
CBB CLA VP . 45.41 96.99 -26.62
NC CLA VP . 39.77 96.82 -23.39
C1C CLA VP . 40.23 96.93 -24.67
C2C CLA VP . 39.12 97.13 -25.58
C3C CLA VP . 37.98 97.13 -24.82
C4C CLA VP . 38.38 96.94 -23.45
CMC CLA VP . 39.24 97.27 -27.03
CAC CLA VP . 36.60 97.27 -25.30
CBC CLA VP . 35.95 95.93 -25.51
ND CLA VP . 39.26 96.48 -20.69
C1D CLA VP . 37.91 96.71 -21.06
C2D CLA VP . 37.08 96.68 -19.86
C3D CLA VP . 37.95 96.53 -18.80
C4D CLA VP . 39.30 96.44 -19.36
CMD CLA VP . 35.63 96.80 -19.86
CAD CLA VP . 38.07 96.37 -17.39
OBD CLA VP . 37.19 96.23 -16.56
CBD CLA VP . 39.58 96.36 -17.07
CGD CLA VP . 40.06 97.60 -16.37
O1D CLA VP . 40.83 97.68 -15.43
O2D CLA VP . 39.58 98.74 -16.90
CED CLA VP . 40.27 99.94 -16.55
C1 CLA VP . 40.69 94.96 -13.70
C2 CLA VP . 40.30 94.12 -12.56
C3 CLA VP . 40.16 94.63 -11.34
C4 CLA VP . 40.38 96.06 -11.03
C5 CLA VP . 39.78 93.75 -10.21
C6 CLA VP . 40.86 93.72 -9.15
C7 CLA VP . 40.44 92.85 -7.99
C8 CLA VP . 39.87 93.64 -6.82
C9 CLA VP . 40.40 93.09 -5.51
C10 CLA VP . 38.36 93.60 -6.82
C11 CLA VP . 37.78 94.56 -5.79
C12 CLA VP . 36.93 95.64 -6.45
C13 CLA VP . 35.97 96.28 -5.45
C14 CLA VP . 36.73 96.89 -4.28
C15 CLA VP . 34.92 95.30 -4.95
C16 CLA VP . 33.53 95.90 -5.04
C17 CLA VP . 32.45 94.83 -5.12
C18 CLA VP . 31.85 94.51 -3.76
C19 CLA VP . 30.89 93.35 -3.85
C20 CLA VP . 31.16 95.72 -3.18
MG CLA WP . 48.53 96.91 -30.93
CHA CLA WP . 50.41 95.90 -28.21
CHB CLA WP . 46.16 94.65 -30.12
CHC CLA WP . 47.03 97.44 -33.95
CHD CLA WP . 51.16 99.01 -31.91
NA CLA WP . 48.29 95.58 -29.34
C1A CLA WP . 49.19 95.27 -28.31
C2A CLA WP . 48.55 94.16 -27.45
C3A CLA WP . 47.07 94.20 -27.85
C4A CLA WP . 47.18 94.83 -29.22
CMA CLA WP . 46.46 92.83 -27.91
CAA CLA WP . 48.67 94.15 -25.93
CBA CLA WP . 49.60 93.04 -25.54
CGA CLA WP . 49.87 93.05 -24.07
O1A CLA WP . 50.92 93.20 -23.47
O2A CLA WP . 48.73 92.83 -23.34
NB CLA WP . 46.87 96.24 -31.81
C1B CLA WP . 46.12 95.20 -31.39
C2B CLA WP . 45.21 94.74 -32.45
C3B CLA WP . 45.46 95.54 -33.53
C4B CLA WP . 46.49 96.50 -33.14
CMB CLA WP . 44.28 93.64 -32.29
CAB CLA WP . 44.87 95.54 -34.83
CBB CLA WP . 43.61 95.86 -35.07
NC CLA WP . 48.93 98.15 -32.54
C1C CLA WP . 48.15 98.24 -33.65
C2C CLA WP . 48.72 99.18 -34.58
C3C CLA WP . 49.92 99.57 -34.05
C4C CLA WP . 50.05 98.91 -32.77
CMC CLA WP . 48.11 99.53 -35.86
CAC CLA WP . 50.86 100.51 -34.66
CBC CLA WP . 50.54 101.93 -34.27
ND CLA WP . 50.27 97.54 -30.16
C1D CLA WP . 51.29 98.36 -30.71
C2D CLA WP . 52.42 98.37 -29.81
C3D CLA WP . 52.13 97.48 -28.81
C4D CLA WP . 50.80 96.94 -29.11
CMD CLA WP . 53.63 99.16 -30.01
CAD CLA WP . 52.59 96.88 -27.60
OBD CLA WP . 53.58 97.10 -26.93
CBD CLA WP . 51.57 95.78 -27.26
CGD CLA WP . 52.25 94.46 -27.35
O1D CLA WP . 53.01 93.96 -26.54
O2D CLA WP . 51.94 93.79 -28.48
CED CLA WP . 52.49 92.48 -28.65
MG CLA XP . 44.96 109.09 -44.00
CHA CLA XP . 45.01 109.38 -47.45
CHB CLA XP . 46.91 106.31 -44.23
CHC CLA XP . 45.21 109.06 -40.59
CHD CLA XP . 43.06 112.05 -43.82
NA CLA XP . 45.76 108.01 -45.59
C1A CLA XP . 45.70 108.32 -46.95
C2A CLA XP . 46.47 107.28 -47.75
C3A CLA XP . 46.73 106.17 -46.73
C4A CLA XP . 46.48 106.88 -45.41
CMA CLA XP . 45.78 105.02 -46.94
CAA CLA XP . 47.86 107.87 -47.94
CBA CLA XP . 48.13 108.46 -49.29
CGA CLA XP . 49.48 109.13 -49.25
O1A CLA XP . 50.31 109.22 -50.15
O2A CLA XP . 49.75 109.68 -48.03
NB CLA XP . 45.86 107.90 -42.66
C1B CLA XP . 46.68 106.86 -42.96
C2B CLA XP . 47.30 106.34 -41.71
C3B CLA XP . 46.81 107.10 -40.68
C4B CLA XP . 45.88 108.10 -41.26
CMB CLA XP . 48.22 105.22 -41.70
CAB CLA XP . 47.08 107.02 -39.27
CBB CLA XP . 46.20 106.64 -38.34
NC CLA XP . 44.19 110.29 -42.49
C1C CLA XP . 44.41 110.07 -41.15
C2C CLA XP . 43.75 111.11 -40.38
C3C CLA XP . 43.17 111.98 -41.30
C4C CLA XP . 43.47 111.47 -42.62
CMC CLA XP . 43.76 111.17 -38.92
CAC CLA XP . 42.41 113.22 -41.03
CBC CLA XP . 40.99 112.97 -40.60
ND CLA XP . 44.06 110.35 -45.27
C1D CLA XP . 43.34 111.55 -45.07
C2D CLA XP . 42.97 112.11 -46.38
C3D CLA XP . 43.53 111.30 -47.32
C4D CLA XP . 44.26 110.24 -46.58
CMD CLA XP . 42.14 113.30 -46.54
CAD CLA XP . 43.71 111.02 -48.73
OBD CLA XP . 43.19 111.56 -49.69
CBD CLA XP . 44.74 109.87 -48.84
CGD CLA XP . 44.22 108.78 -49.73
O1D CLA XP . 44.41 108.62 -50.94
O2D CLA XP . 43.43 107.89 -49.08
CED CLA XP . 43.44 106.55 -49.57
C A86 YP . 40.50 95.62 -30.70
O A86 YP . 45.19 104.15 -40.06
C1 A86 YP . 41.79 95.81 -29.86
C10 A86 YP . 44.47 102.22 -37.18
C11 A86 YP . 45.35 102.79 -38.17
C12 A86 YP . 46.83 102.81 -38.00
C13 A86 YP . 44.68 103.34 -39.38
C14 A86 YP . 43.17 102.72 -39.73
C15 A86 YP . 43.07 102.03 -41.14
C16 A86 YP . 43.97 100.84 -41.45
C17 A86 YP . 45.26 101.21 -42.18
C18 A86 YP . 44.96 101.90 -43.44
C19 A86 YP . 44.24 103.27 -43.13
C2 A86 YP . 42.79 96.73 -30.24
C20 A86 YP . 42.90 102.98 -42.28
C21 A86 YP . 42.44 104.43 -41.88
C22 A86 YP . 43.16 99.85 -42.33
C23 A86 YP . 44.31 100.04 -40.22
C24 A86 YP . 42.00 95.00 -28.62
C25 A86 YP . 41.28 93.80 -28.44
C26 A86 YP . 41.58 92.94 -27.08
C27 A86 YP . 40.63 92.85 -26.04
C28 A86 YP . 39.34 93.56 -26.15
C29 A86 YP . 41.02 91.99 -24.75
C3 A86 YP . 42.61 97.51 -31.46
C30 A86 YP . 40.00 91.61 -23.79
C31 A86 YP . 39.00 91.25 -22.83
C32 A86 YP . 37.76 90.43 -23.25
C33 A86 YP . 36.66 90.26 -22.18
C34 A86 YP . 36.43 91.47 -21.28
C35 A86 YP . 37.73 92.00 -20.63
C36 A86 YP . 38.93 92.14 -21.59
C37 A86 YP . 38.94 93.58 -22.13
C38 A86 YP . 34.37 92.43 -21.84
C39 A86 YP . 33.70 92.89 -20.53
C4 A86 YP . 43.58 98.46 -31.81
C40 A86 YP . 37.15 91.03 -24.53
C41 A86 YP . 38.26 89.02 -23.61
C5 A86 YP . 43.36 99.31 -33.21
C6 A86 YP . 44.26 100.30 -33.61
C7 A86 YP . 45.53 100.68 -32.72
C8 A86 YP . 43.94 101.04 -35.00
C9 A86 YP . 44.98 101.58 -35.88
O1 A86 YP . 41.76 102.16 -41.81
O2 A86 YP . 46.17 102.17 -44.13
O3 A86 YP . 40.09 91.95 -20.84
O4 A86 YP . 35.79 92.51 -21.97
O5 A86 YP . 33.72 92.01 -22.72
C A86 ZP . 39.92 111.49 -32.90
O A86 ZP . 30.12 102.44 -35.67
C1 A86 ZP . 39.47 111.53 -31.40
C10 A86 ZP . 32.63 104.64 -34.41
C11 A86 ZP . 31.57 103.66 -34.30
C12 A86 ZP . 30.90 103.37 -33.00
C13 A86 ZP . 31.18 102.95 -35.55
C14 A86 ZP . 32.31 102.94 -36.77
C15 A86 ZP . 31.83 102.51 -38.20
C16 A86 ZP . 30.81 103.37 -38.94
C17 A86 ZP . 29.40 102.80 -39.05
C18 A86 ZP . 29.43 101.46 -39.65
C19 A86 ZP . 30.17 100.51 -38.65
C2 A86 ZP . 38.37 110.77 -30.97
C20 A86 ZP . 31.68 101.04 -38.48
C21 A86 ZP . 32.26 100.12 -37.34
C22 A86 ZP . 31.41 103.50 -40.38
C23 A86 ZP . 30.70 104.78 -38.42
C24 A86 ZP . 40.25 112.38 -30.43
C25 A86 ZP . 41.21 113.31 -30.93
C26 A86 ZP . 42.08 114.21 -29.89
C27 A86 ZP . 41.53 115.36 -29.28
C28 A86 ZP . 40.15 115.80 -29.60
C29 A86 ZP . 42.37 116.25 -28.25
C3 A86 ZP . 37.66 109.94 -31.93
C30 A86 ZP . 43.74 116.70 -28.52
C31 A86 ZP . 45.07 117.17 -28.75
C32 A86 ZP . 45.30 118.52 -29.45
C33 A86 ZP . 46.57 118.61 -30.32
C34 A86 ZP . 47.76 117.81 -29.81
C35 A86 ZP . 47.38 116.38 -29.40
C36 A86 ZP . 46.32 116.40 -28.30
C37 A86 ZP . 45.90 114.96 -27.95
C38 A86 ZP . 49.61 118.89 -30.83
C39 A86 ZP . 49.93 119.66 -32.14
C4 A86 ZP . 36.53 109.22 -31.55
C40 A86 ZP . 45.35 119.64 -28.38
C41 A86 ZP . 44.08 118.77 -30.37
C5 A86 ZP . 35.80 108.28 -32.71
C6 A86 ZP . 34.91 107.27 -32.32
C7 A86 ZP . 34.60 107.01 -30.78
C8 A86 ZP . 34.24 106.36 -33.46
C9 A86 ZP . 33.14 105.44 -33.19
O1 A86 ZP . 32.87 101.77 -38.95
O2 A86 ZP . 28.13 101.01 -39.88
O3 A86 ZP . 46.87 116.99 -27.14
O4 A86 ZP . 48.72 117.76 -30.84
O5 A86 ZP . 50.10 119.23 -29.81
C A86 AQ . 44.43 116.54 -39.26
O A86 AQ . 49.83 106.32 -32.05
C1 A86 AQ . 44.79 115.66 -40.49
C10 A86 AQ . 49.32 109.03 -34.29
C11 A86 AQ . 49.02 107.72 -33.74
C12 A86 AQ . 48.29 106.72 -34.59
C13 A86 AQ . 49.44 107.39 -32.35
C14 A86 AQ . 49.26 108.61 -31.22
C15 A86 AQ . 50.35 108.79 -30.10
C16 A86 AQ . 51.77 109.22 -30.47
C17 A86 AQ . 52.89 108.21 -30.24
C18 A86 AQ . 52.86 107.67 -28.90
C19 A86 AQ . 51.55 106.85 -28.75
C2 A86 AQ . 45.64 114.54 -40.39
C20 A86 AQ . 50.31 107.87 -28.93
C21 A86 AQ . 49.07 106.91 -28.90
C22 A86 AQ . 52.06 110.43 -29.56
C23 A86 AQ . 51.89 109.76 -31.88
C24 A86 AQ . 44.22 115.96 -41.87
C25 A86 AQ . 43.70 117.20 -42.32
C26 A86 AQ . 43.13 117.11 -43.86
C27 A86 AQ . 43.99 117.32 -44.98
C28 A86 AQ . 45.42 117.65 -44.80
C29 A86 AQ . 43.36 117.18 -46.45
C3 A86 AQ . 46.22 114.11 -39.12
C30 A86 AQ . 42.72 118.30 -47.12
C31 A86 AQ . 42.08 119.39 -47.81
C32 A86 AQ . 42.67 120.82 -47.79
C33 A86 AQ . 41.94 121.91 -48.61
C34 A86 AQ . 40.43 121.72 -48.91
C35 A86 AQ . 39.81 120.42 -48.32
C36 A86 AQ . 40.74 119.22 -48.54
C37 A86 AQ . 40.03 117.96 -48.00
C38 A86 AQ . 39.20 122.95 -47.16
C39 A86 AQ . 37.67 123.10 -46.90
C4 A86 AQ . 47.21 113.13 -39.11
C40 A86 AQ . 42.81 121.29 -46.31
C41 A86 AQ . 44.10 120.71 -48.36
C5 A86 AQ . 47.81 112.64 -37.64
C6 A86 AQ . 48.22 111.30 -37.50
C7 A86 AQ . 48.11 110.31 -38.74
C8 A86 AQ . 48.76 110.81 -36.07
C9 A86 AQ . 48.84 109.39 -35.72
O1 A86 AQ . 49.74 109.22 -28.83
O2 A86 AQ . 53.97 106.83 -28.67
O3 A86 AQ . 40.97 119.04 -49.92
O4 A86 AQ . 39.70 122.86 -48.51
O5 A86 AQ . 39.93 122.93 -46.23
C A86 BQ . 34.31 118.39 -31.70
O A86 BQ . 32.35 113.70 -43.80
C1 A86 BQ . 33.56 117.23 -30.97
C10 A86 BQ . 32.63 114.12 -40.42
C11 A86 BQ . 33.04 113.42 -41.61
C12 A86 BQ . 33.56 112.02 -41.54
C13 A86 BQ . 32.96 114.15 -42.91
C14 A86 BQ . 33.71 115.65 -43.02
C15 A86 BQ . 33.19 116.60 -44.15
C16 A86 BQ . 31.74 117.07 -44.13
C17 A86 BQ . 30.78 116.29 -45.03
C18 A86 BQ . 31.23 116.28 -46.41
C19 A86 BQ . 32.62 115.56 -46.51
C2 A86 BQ . 32.91 116.22 -31.70
C20 A86 BQ . 33.69 116.29 -45.53
C21 A86 BQ . 34.94 115.32 -45.59
C22 A86 BQ . 31.75 118.57 -44.60
C23 A86 BQ . 31.17 117.11 -42.72
C24 A86 BQ . 33.49 117.17 -29.47
C25 A86 BQ . 32.53 117.97 -28.80
C26 A86 BQ . 32.42 117.90 -27.18
C27 A86 BQ . 33.20 118.75 -26.36
C28 A86 BQ . 34.14 119.73 -26.95
C29 A86 BQ . 33.04 118.62 -24.77
C3 A86 BQ . 32.93 116.24 -33.16
C30 A86 BQ . 33.56 119.66 -23.90
C31 A86 BQ . 34.05 120.69 -23.04
C32 A86 BQ . 33.08 121.66 -22.34
C33 A86 BQ . 33.62 123.08 -22.06
C34 A86 BQ . 35.12 123.15 -21.72
C35 A86 BQ . 35.99 122.34 -22.70
C36 A86 BQ . 35.55 120.87 -22.75
C37 A86 BQ . 36.35 120.16 -23.86
C38 A86 BQ . 35.93 125.06 -20.52
C39 A86 BQ . 37.03 126.15 -20.47
C4 A86 BQ . 32.47 115.12 -33.87
C40 A86 BQ . 32.64 121.03 -20.99
C41 A86 BQ . 31.84 121.79 -23.25
C5 A86 BQ . 32.50 115.23 -35.52
C6 A86 BQ . 32.52 114.12 -36.36
C7 A86 BQ . 32.49 112.62 -35.81
C8 A86 BQ . 32.54 114.45 -37.93
C9 A86 BQ . 32.66 113.49 -39.01
O1 A86 BQ . 34.23 117.44 -44.78
O2 A86 BQ . 30.29 115.62 -47.21
O3 A86 BQ . 35.85 120.25 -21.52
O4 A86 BQ . 35.52 124.50 -21.79
O5 A86 BQ . 35.41 124.69 -19.53
C A86 CQ . 45.58 91.16 -34.83
O A86 CQ . 41.78 96.74 -45.20
C1 A86 CQ . 46.75 92.18 -34.68
C10 A86 CQ . 44.57 96.22 -43.53
C11 A86 CQ . 43.36 95.57 -43.98
C12 A86 CQ . 42.76 94.46 -43.16
C13 A86 CQ . 42.70 96.00 -45.24
C14 A86 CQ . 43.22 95.42 -46.72
C15 A86 CQ . 42.58 94.01 -46.90
C16 A86 CQ . 43.51 92.84 -47.20
C17 A86 CQ . 43.10 91.69 -48.13
C18 A86 CQ . 41.71 91.67 -48.57
C19 A86 CQ . 41.26 93.11 -48.97
C2 A86 CQ . 47.03 93.13 -35.69
C20 A86 CQ . 41.25 93.92 -47.60
C21 A86 CQ . 40.67 95.33 -48.02
C22 A86 CQ . 44.87 93.36 -47.76
C23 A86 CQ . 43.85 92.18 -45.88
C24 A86 CQ . 47.63 92.16 -33.45
C25 A86 CQ . 47.63 91.06 -32.56
C26 A86 CQ . 48.61 91.12 -31.25
C27 A86 CQ . 48.22 90.47 -30.05
C28 A86 CQ . 46.94 89.74 -30.00
C29 A86 CQ . 49.18 90.53 -28.76
C3 A86 CQ . 46.23 93.22 -36.91
C30 A86 CQ . 49.03 89.52 -27.72
C31 A86 CQ . 48.90 88.54 -26.68
C32 A86 CQ . 47.66 88.55 -25.76
C33 A86 CQ . 47.67 87.65 -24.53
C34 A86 CQ . 48.47 86.36 -24.72
C35 A86 CQ . 49.90 86.59 -25.26
C36 A86 CQ . 50.16 87.85 -26.13
C37 A86 CQ . 51.01 88.87 -25.33
C38 A86 CQ . 49.21 84.51 -23.36
C39 A86 CQ . 48.60 83.27 -24.07
C4 A86 CQ . 46.57 94.26 -37.79
C40 A86 CQ . 47.47 89.99 -25.26
C41 A86 CQ . 46.42 88.17 -26.61
C5 A86 CQ . 45.79 94.54 -39.24
C6 A86 CQ . 45.58 95.90 -39.55
C7 A86 CQ . 46.10 97.01 -38.53
C8 A86 CQ . 44.87 96.35 -40.92
C9 A86 CQ . 45.24 95.76 -42.20
O1 A86 CQ . 41.32 93.93 -46.12
O2 A86 CQ . 41.56 90.79 -49.66
O3 A86 CQ . 50.92 87.46 -27.23
O4 A86 CQ . 48.55 85.78 -23.44
O5 A86 CQ . 50.23 84.42 -22.75
C A86 DQ . 52.57 91.27 -43.71
O A86 DQ . 64.09 89.37 -37.31
C1 A86 DQ . 53.22 91.50 -45.12
C10 A86 DQ . 61.54 89.94 -39.75
C11 A86 DQ . 62.80 89.44 -39.25
C12 A86 DQ . 63.78 88.72 -40.14
C13 A86 DQ . 63.08 89.67 -37.81
C14 A86 DQ . 61.83 90.39 -36.95
C15 A86 DQ . 62.02 90.59 -35.41
C16 A86 DQ . 63.03 91.62 -34.91
C17 A86 DQ . 64.30 91.08 -34.27
C18 A86 DQ . 63.96 90.12 -33.22
C19 A86 DQ . 63.35 88.88 -33.94
C2 A86 DQ . 54.62 91.63 -45.26
C20 A86 DQ . 61.94 89.37 -34.55
C21 A86 DQ . 61.42 88.06 -35.27
C22 A86 DQ . 62.28 92.45 -33.82
C23 A86 DQ . 63.42 92.62 -35.98
C24 A86 DQ . 52.39 91.58 -46.37
C25 A86 DQ . 52.80 92.58 -47.29
C26 A86 DQ . 52.05 92.82 -48.73
C27 A86 DQ . 50.76 93.36 -48.89
C28 A86 DQ . 49.91 93.78 -47.75
C29 A86 DQ . 50.24 93.52 -50.39
C3 A86 DQ . 55.46 91.55 -44.07
C30 A86 DQ . 48.82 93.54 -50.68
C31 A86 DQ . 47.44 93.56 -51.01
C32 A86 DQ . 46.77 94.89 -51.43
C33 A86 DQ . 45.24 94.85 -51.41
C34 A86 DQ . 44.65 93.61 -52.08
C35 A86 DQ . 45.21 92.32 -51.45
C36 A86 DQ . 46.75 92.28 -51.48
C37 A86 DQ . 47.22 91.14 -50.55
C38 A86 DQ . 42.45 93.66 -53.03
C39 A86 DQ . 42.70 94.72 -54.12
C4 A86 DQ . 56.75 91.01 -44.19
C40 A86 DQ . 47.25 95.28 -52.85
C41 A86 DQ . 47.25 95.99 -50.44
C5 A86 DQ . 57.68 90.91 -42.83
C6 A86 DQ . 58.84 90.13 -42.77
C7 A86 DQ . 59.34 89.27 -44.02
C8 A86 DQ . 59.64 90.15 -41.38
C9 A86 DQ . 61.05 89.81 -41.21
O1 A86 DQ . 60.80 90.30 -34.64
O2 A86 DQ . 65.07 89.70 -32.49
O3 A86 DQ . 47.16 91.99 -52.79
O4 A86 DQ . 43.27 93.63 -51.85
O5 A86 DQ . 41.59 92.86 -53.18
MG CLA EQ . 55.65 103.88 -29.41
CHA CLA EQ . 54.06 101.70 -27.25
CHB CLA EQ . 58.44 103.72 -27.52
CHC CLA EQ . 57.13 106.09 -31.53
CHD CLA EQ . 52.62 104.24 -31.20
NA CLA EQ . 56.15 102.83 -27.67
C1A CLA EQ . 55.36 101.96 -26.92
C2A CLA EQ . 56.15 101.43 -25.73
C3A CLA EQ . 57.55 102.02 -25.93
C4A CLA EQ . 57.39 102.94 -27.12
CMA CLA EQ . 58.00 102.75 -24.70
CAA CLA EQ . 56.35 99.93 -25.70
CBA CLA EQ . 56.90 99.45 -27.00
CGA CLA EQ . 56.72 97.98 -27.08
O1A CLA EQ . 57.04 97.11 -26.26
O2A CLA EQ . 56.11 97.61 -28.24
NB CLA EQ . 57.46 104.71 -29.53
C1B CLA EQ . 58.44 104.60 -28.61
C2B CLA EQ . 59.54 105.54 -28.91
C3B CLA EQ . 59.19 106.23 -30.04
C4B CLA EQ . 57.86 105.70 -30.46
CMB CLA EQ . 60.74 105.64 -28.10
CAB CLA EQ . 59.95 107.22 -30.73
CBB CLA EQ . 59.57 108.42 -31.19
NC CLA EQ . 55.00 104.92 -31.09
C1C CLA EQ . 55.81 105.72 -31.82
C2C CLA EQ . 55.08 106.22 -32.96
C3C CLA EQ . 53.78 105.79 -32.82
C4C CLA EQ . 53.72 104.96 -31.63
CMC CLA EQ . 55.65 107.08 -34.00
CAC CLA EQ . 52.67 106.03 -33.75
CBC CLA EQ . 52.60 104.98 -34.82
ND CLA EQ . 53.78 103.16 -29.33
C1D CLA EQ . 52.64 103.38 -30.13
C2D CLA EQ . 51.54 102.55 -29.63
C3D CLA EQ . 52.02 101.90 -28.53
C4D CLA EQ . 53.43 102.32 -28.37
CMD CLA EQ . 50.23 102.48 -30.24
CAD CLA EQ . 51.72 100.98 -27.48
OBD CLA EQ . 50.67 100.42 -27.22
CBD CLA EQ . 53.00 100.81 -26.64
CGD CLA EQ . 52.71 101.12 -25.21
O1D CLA EQ . 51.95 101.98 -24.78
O2D CLA EQ . 53.38 100.34 -24.32
CED CLA EQ . 53.48 100.81 -22.97
C1 CLA EQ . 56.48 96.32 -28.79
C2 CLA EQ . 56.02 96.38 -30.20
C3 CLA EQ . 55.64 95.29 -30.88
C4 CLA EQ . 55.64 93.94 -30.29
C5 CLA EQ . 55.19 95.39 -32.28
C6 CLA EQ . 53.79 94.83 -32.38
C7 CLA EQ . 53.04 95.46 -33.54
C8 CLA EQ . 51.55 95.48 -33.29
C9 CLA EQ . 51.04 94.09 -32.95
C10 CLA EQ . 50.82 96.00 -34.52
C11 CLA EQ . 51.11 95.17 -35.74
C12 CLA EQ . 51.09 96.03 -36.98
C13 CLA EQ . 50.93 95.18 -38.23
C14 CLA EQ . 51.99 94.11 -38.30
C15 CLA EQ . 50.98 96.05 -39.47
C16 CLA EQ . 49.79 95.82 -40.39
C17 CLA EQ . 50.02 94.69 -41.36
C18 CLA EQ . 48.98 94.68 -42.47
C19 CLA EQ . 48.98 95.97 -43.26
C20 CLA EQ . 49.22 93.52 -43.41
MG CLA FQ . 77.84 81.40 -27.60
CHA CLA FQ . 78.82 80.94 -24.36
CHB CLA FQ . 78.61 84.72 -27.41
CHC CLA FQ . 76.86 81.73 -30.84
CHD CLA FQ . 77.36 77.89 -27.86
NA CLA FQ . 78.56 82.62 -26.09
C1A CLA FQ . 78.92 82.24 -24.80
C2A CLA FQ . 79.43 83.44 -24.00
C3A CLA FQ . 79.24 84.61 -24.99
C4A CLA FQ . 78.77 83.96 -26.27
CMA CLA FQ . 78.17 85.52 -24.47
CAA CLA FQ . 80.89 83.32 -23.61
CBA CLA FQ . 81.76 84.51 -23.95
CGA CLA FQ . 82.88 84.00 -24.80
O1A CLA FQ . 83.75 83.19 -24.52
O2A CLA FQ . 82.86 84.55 -26.05
NB CLA FQ . 77.74 82.93 -28.88
C1B CLA FQ . 78.12 84.21 -28.63
C2B CLA FQ . 77.85 85.04 -29.83
C3B CLA FQ . 77.36 84.20 -30.79
C4B CLA FQ . 77.27 82.85 -30.20
CMB CLA FQ . 78.14 86.46 -29.86
CAB CLA FQ . 76.97 84.45 -32.15
CBB CLA FQ . 76.03 85.31 -32.53
NC CLA FQ . 77.19 80.06 -29.05
C1C CLA FQ . 76.82 80.42 -30.31
C2C CLA FQ . 76.40 79.24 -31.05
C3C CLA FQ . 76.60 78.15 -30.21
C4C CLA FQ . 77.10 78.68 -28.97
CMC CLA FQ . 75.93 79.20 -32.41
CAC CLA FQ . 76.31 76.75 -30.50
CBC CLA FQ . 77.54 76.00 -30.98
ND CLA FQ . 77.94 79.78 -26.42
C1D CLA FQ . 77.74 78.40 -26.65
C2D CLA FQ . 77.97 77.65 -25.42
C3D CLA FQ . 78.31 78.58 -24.49
C4D CLA FQ . 78.33 79.88 -25.18
CMD CLA FQ . 77.79 76.21 -25.28
CAD CLA FQ . 78.70 78.80 -23.14
OBD CLA FQ . 78.76 78.01 -22.20
CBD CLA FQ . 79.08 80.30 -23.02
CGD CLA FQ . 78.21 80.97 -22.02
O1D CLA FQ . 77.02 81.21 -22.09
O2D CLA FQ . 78.89 81.36 -20.91
CED CLA FQ . 78.23 81.19 -19.67
C1 CLA FQ . 82.21 83.74 -27.03
C2 CLA FQ . 82.27 84.45 -28.32
C3 CLA FQ . 81.75 83.89 -29.42
C4 CLA FQ . 81.12 82.55 -29.39
C5 CLA FQ . 81.77 84.56 -30.73
C6 CLA FQ . 82.57 83.74 -31.71
C7 CLA FQ . 82.24 84.10 -33.14
C8 CLA FQ . 83.46 83.96 -34.03
C9 CLA FQ . 84.57 84.89 -33.60
C10 CLA FQ . 83.09 84.25 -35.47
C11 CLA FQ . 83.43 83.09 -36.36
C12 CLA FQ . 82.41 81.98 -36.23
C13 CLA FQ . 82.78 80.76 -37.05
C14 CLA FQ . 83.04 81.13 -38.51
C15 CLA FQ . 81.66 79.72 -36.97
C16 CLA FQ . 82.06 78.44 -37.65
C17 CLA FQ . 80.84 77.58 -37.94
C18 CLA FQ . 79.92 78.24 -38.94
C19 CLA FQ . 78.61 77.49 -39.04
C20 CLA FQ . 80.59 78.32 -40.30
MG CLA GQ . 76.35 88.59 -36.89
CHA CLA GQ . 77.61 91.02 -34.79
CHB CLA GQ . 78.60 86.38 -35.73
CHC CLA GQ . 75.28 86.31 -39.22
CHD CLA GQ . 74.14 90.97 -38.25
NA CLA GQ . 77.82 88.69 -35.43
C1A CLA GQ . 78.21 89.79 -34.65
C2A CLA GQ . 79.37 89.37 -33.72
C3A CLA GQ . 79.46 87.85 -33.93
C4A CLA GQ . 78.57 87.60 -35.13
CMA CLA GQ . 80.86 87.38 -34.23
CAA CLA GQ . 79.17 89.60 -32.24
CBA CLA GQ . 80.48 89.78 -31.49
CGA CLA GQ . 80.76 91.24 -31.33
O1A CLA GQ . 81.85 91.80 -31.21
O2A CLA GQ . 79.62 92.00 -31.29
NB CLA GQ . 76.77 86.68 -37.31
C1B CLA GQ . 77.84 86.01 -36.83
C2B CLA GQ . 78.10 84.79 -37.64
C3B CLA GQ . 77.15 84.78 -38.62
C4B CLA GQ . 76.30 85.97 -38.42
CMB CLA GQ . 79.20 83.88 -37.35
CAB CLA GQ . 76.91 83.88 -39.72
CBB CLA GQ . 76.87 82.55 -39.65
NC CLA GQ . 74.91 88.62 -38.40
C1C CLA GQ . 74.62 87.56 -39.20
C2C CLA GQ . 73.55 87.91 -40.11
C3C CLA GQ . 73.28 89.25 -39.89
C4C CLA GQ . 74.14 89.69 -38.80
CMC CLA GQ . 72.97 87.02 -41.10
CAC CLA GQ . 72.28 90.05 -40.58
CBC CLA GQ . 70.99 90.03 -39.82
ND CLA GQ . 75.89 90.52 -36.60
C1D CLA GQ . 74.96 91.37 -37.22
C2D CLA GQ . 75.03 92.70 -36.61
C3D CLA GQ . 76.04 92.62 -35.68
C4D CLA GQ . 76.56 91.25 -35.72
CMD CLA GQ . 74.18 93.81 -36.99
CAD CLA GQ . 76.79 93.34 -34.67
OBD CLA GQ . 76.70 94.50 -34.31
CBD CLA GQ . 77.81 92.34 -34.10
CGD CLA GQ . 79.21 92.81 -34.32
O1D CLA GQ . 80.05 92.32 -35.07
O2D CLA GQ . 79.53 93.90 -33.59
CED CLA GQ . 80.93 94.23 -33.44
MG CLA HQ . 58.02 84.24 -44.79
CHA CLA HQ . 56.29 84.48 -47.76
CHB CLA HQ . 60.63 85.91 -46.15
CHC CLA HQ . 59.63 84.08 -41.77
CHD CLA HQ . 55.22 82.65 -43.35
NA CLA HQ . 58.38 85.04 -46.67
C1A CLA HQ . 57.53 85.05 -47.78
C2A CLA HQ . 58.20 85.78 -48.95
C3A CLA HQ . 59.62 86.07 -48.43
C4A CLA HQ . 59.55 85.68 -46.97
CMA CLA HQ . 60.63 85.23 -49.15
CAA CLA HQ . 57.67 87.16 -49.35
CBA CLA HQ . 56.43 87.78 -48.75
CGA CLA HQ . 56.59 88.08 -47.30
O1A CLA HQ . 57.33 88.89 -46.76
O2A CLA HQ . 55.79 87.29 -46.54
NB CLA HQ . 59.81 84.83 -44.12
C1B CLA HQ . 60.70 85.56 -44.80
C2B CLA HQ . 61.83 85.94 -43.91
C3B CLA HQ . 61.54 85.42 -42.68
C4B CLA HQ . 60.25 84.71 -42.79
CMB CLA HQ . 62.96 86.74 -44.38
CAB CLA HQ . 62.24 85.48 -41.44
CBB CLA HQ . 63.50 85.08 -41.26
NC CLA HQ . 57.53 83.44 -42.94
C1C CLA HQ . 58.35 83.47 -41.85
C2C CLA HQ . 57.71 82.83 -40.73
C3C CLA HQ . 56.45 82.46 -41.16
C4C CLA HQ . 56.34 82.86 -42.54
CMC CLA HQ . 58.31 82.64 -39.42
CAC CLA HQ . 55.41 81.78 -40.38
CBC CLA HQ . 54.50 82.77 -39.70
ND CLA HQ . 56.19 83.66 -45.36
C1D CLA HQ . 55.13 83.03 -44.67
C2D CLA HQ . 54.01 82.83 -45.58
C3D CLA HQ . 54.42 83.33 -46.79
C4D CLA HQ . 55.77 83.86 -46.60
CMD CLA HQ . 52.76 82.20 -45.20
CAD CLA HQ . 54.06 83.58 -48.17
OBD CLA HQ . 53.04 83.26 -48.77
CBD CLA HQ . 55.24 84.34 -48.82
CGD CLA HQ . 55.80 83.55 -49.94
O1D CLA HQ . 56.27 83.95 -51.00
O2D CLA HQ . 55.79 82.21 -49.71
CED CLA HQ . 56.89 81.46 -50.24
C1 CLA HQ . 55.24 87.85 -45.35
C2 CLA HQ . 56.08 87.35 -44.25
C3 CLA HQ . 55.60 87.01 -43.05
C4 CLA HQ . 54.17 87.09 -42.71
C5 CLA HQ . 56.52 86.51 -42.00
C6 CLA HQ . 56.58 87.46 -40.82
C7 CLA HQ . 57.71 87.05 -39.91
C8 CLA HQ . 57.52 87.64 -38.53
C9 CLA HQ . 57.48 89.15 -38.58
C10 CLA HQ . 58.65 87.20 -37.61
C11 CLA HQ . 58.26 87.45 -36.17
C12 CLA HQ . 57.01 86.69 -35.78
C13 CLA HQ . 57.08 86.19 -34.34
C14 CLA HQ . 57.28 84.69 -34.34
C15 CLA HQ . 55.84 86.58 -33.56
C16 CLA HQ . 55.57 88.07 -33.55
C17 CLA HQ . 54.23 88.36 -32.91
C18 CLA HQ . 53.87 89.84 -32.90
C19 CLA HQ . 52.74 90.10 -31.93
C20 CLA HQ . 53.46 90.30 -34.28
MG CLA IQ . 53.72 96.33 -49.35
CHA CLA IQ . 52.29 97.80 -46.57
CHB CLA IQ . 55.87 94.64 -47.37
CHC CLA IQ . 55.13 94.92 -52.13
CHD CLA IQ . 51.40 97.99 -51.42
NA CLA IQ . 54.04 96.28 -47.29
C1A CLA IQ . 53.35 96.96 -46.29
C2A CLA IQ . 53.98 96.62 -44.93
C3A CLA IQ . 55.03 95.53 -45.23
C4A CLA IQ . 55.00 95.49 -46.75
CMA CLA IQ . 56.42 95.75 -44.68
CAA CLA IQ . 53.06 96.05 -43.88
CBA CLA IQ . 52.99 97.08 -42.79
CGA CLA IQ . 54.36 97.58 -42.49
O1A CLA IQ . 54.86 98.67 -42.77
O2A CLA IQ . 55.11 96.66 -41.82
NB CLA IQ . 55.29 95.14 -49.69
C1B CLA IQ . 55.90 94.44 -48.74
C2B CLA IQ . 56.62 93.29 -49.30
C3B CLA IQ . 56.43 93.34 -50.66
C4B CLA IQ . 55.57 94.52 -50.92
CMB CLA IQ . 57.34 92.38 -48.42
CAB CLA IQ . 56.87 92.47 -51.73
CBB CLA IQ . 57.08 91.16 -51.66
NC CLA IQ . 53.35 96.47 -51.39
C1C CLA IQ . 54.09 95.85 -52.35
C2C CLA IQ . 53.61 96.20 -53.67
C3C CLA IQ . 52.48 97.00 -53.49
C4C CLA IQ . 52.34 97.17 -52.04
CMC CLA IQ . 54.24 95.70 -54.89
CAC CLA IQ . 51.59 97.58 -54.50
CBC CLA IQ . 52.15 98.68 -55.38
ND CLA IQ . 52.15 97.54 -49.12
C1D CLA IQ . 51.32 98.18 -50.07
C2D CLA IQ . 50.37 99.02 -49.34
C3D CLA IQ . 50.66 98.90 -48.00
C4D CLA IQ . 51.81 97.97 -47.91
CMD CLA IQ . 49.36 99.82 -50.00
CAD CLA IQ . 50.31 99.29 -46.68
OBD CLA IQ . 49.38 99.99 -46.29
CBD CLA IQ . 51.35 98.64 -45.73
CGD CLA IQ . 52.00 99.72 -44.92
O1D CLA IQ . 51.42 100.53 -44.20
O2D CLA IQ . 53.36 99.79 -45.02
CED CLA IQ . 53.95 100.88 -45.70
MG CLA JQ . 71.57 87.34 -49.82
CHA CLA JQ . 73.76 85.69 -51.90
CHB CLA JQ . 72.26 85.15 -47.33
CHC CLA JQ . 69.56 89.16 -47.71
CHD CLA JQ . 70.90 89.63 -52.40
NA CLA JQ . 72.79 85.66 -49.69
C1A CLA JQ . 73.65 85.14 -50.65
C2A CLA JQ . 74.37 83.89 -50.11
C3A CLA JQ . 73.76 83.70 -48.71
C4A CLA JQ . 72.87 84.92 -48.55
CMA CLA JQ . 73.00 82.40 -48.58
CAA CLA JQ . 75.87 84.08 -49.97
CBA CLA JQ . 76.33 84.59 -48.62
CGA CLA JQ . 77.56 85.42 -48.78
O1A CLA JQ . 78.42 85.36 -49.66
O2A CLA JQ . 77.71 86.34 -47.78
NB CLA JQ . 71.03 87.19 -47.89
C1B CLA JQ . 71.43 86.23 -47.04
C2B CLA JQ . 70.83 86.45 -45.70
C3B CLA JQ . 70.06 87.59 -45.80
C4B CLA JQ . 70.18 88.07 -47.20
CMB CLA JQ . 71.09 85.56 -44.58
CAB CLA JQ . 69.24 88.26 -44.83
CBB CLA JQ . 69.64 88.69 -43.63
NC CLA JQ . 70.41 89.05 -50.04
C1C CLA JQ . 69.67 89.61 -49.05
C2C CLA JQ . 69.00 90.81 -49.55
C3C CLA JQ . 69.38 90.94 -50.88
C4C CLA JQ . 70.26 89.83 -51.18
CMC CLA JQ . 68.14 91.67 -48.75
CAC CLA JQ . 68.97 92.00 -51.81
CBC CLA JQ . 67.71 91.62 -52.54
ND CLA JQ . 72.06 87.58 -51.75
C1D CLA JQ . 71.75 88.60 -52.68
C2D CLA JQ . 72.47 88.33 -53.94
C3D CLA JQ . 73.24 87.21 -53.70
C4D CLA JQ . 72.97 86.80 -52.31
CMD CLA JQ . 72.37 89.15 -55.14
CAD CLA JQ . 74.18 86.27 -54.26
OBD CLA JQ . 74.60 86.17 -55.40
CBD CLA JQ . 74.60 85.33 -53.11
CGD CLA JQ . 74.41 83.90 -53.48
O1D CLA JQ . 75.07 82.93 -53.12
O2D CLA JQ . 73.37 83.70 -54.33
CED CLA JQ . 72.18 83.09 -53.81
MG CLA KQ . 69.44 95.24 -36.60
CHA CLA KQ . 71.82 94.54 -34.17
CHB CLA KQ . 69.72 98.52 -35.97
CHC CLA KQ . 67.02 95.84 -39.00
CHD CLA KQ . 69.12 91.79 -37.21
NA CLA KQ . 70.60 96.34 -35.25
C1A CLA KQ . 71.52 95.87 -34.30
C2A CLA KQ . 72.08 97.06 -33.51
C3A CLA KQ . 71.43 98.28 -34.16
C4A CLA KQ . 70.50 97.69 -35.19
CMA CLA KQ . 70.71 99.18 -33.19
CAA CLA KQ . 73.59 97.27 -33.56
CBA CLA KQ . 74.28 97.04 -32.23
CGA CLA KQ . 73.52 97.67 -31.11
O1A CLA KQ . 72.58 97.24 -30.48
O2A CLA KQ . 74.01 98.89 -30.77
NB CLA KQ . 68.47 96.86 -37.27
C1B CLA KQ . 68.83 98.12 -36.98
C2B CLA KQ . 68.14 99.05 -37.90
C3B CLA KQ . 67.38 98.30 -38.75
C4B CLA KQ . 67.60 96.89 -38.38
CMB CLA KQ . 68.33 100.49 -37.84
CAB CLA KQ . 66.53 98.64 -39.85
CBB CLA KQ . 66.89 99.33 -40.94
NC CLA KQ . 68.28 94.04 -37.85
C1C CLA KQ . 67.35 94.49 -38.73
C2C CLA KQ . 66.71 93.39 -39.41
C3C CLA KQ . 67.32 92.23 -38.93
C4C CLA KQ . 68.30 92.66 -37.95
CMC CLA KQ . 65.64 93.57 -40.40
CAC CLA KQ . 67.02 90.84 -39.26
CBC CLA KQ . 67.44 90.39 -40.65
ND CLA KQ . 70.32 93.53 -35.98
C1D CLA KQ . 70.06 92.18 -36.30
C2D CLA KQ . 70.97 91.34 -35.52
C3D CLA KQ . 71.70 92.18 -34.73
C4D CLA KQ . 71.22 93.55 -35.01
CMD CLA KQ . 71.05 89.89 -35.63
CAD CLA KQ . 72.71 92.27 -33.70
OBD CLA KQ . 73.39 91.41 -33.20
CBD CLA KQ . 72.80 93.77 -33.30
CGD CLA KQ . 72.61 93.93 -31.84
O1D CLA KQ . 73.49 94.11 -30.99
O2D CLA KQ . 71.34 93.86 -31.43
CED CLA KQ . 71.14 93.49 -30.07
MG CLA LQ . 61.66 84.76 -25.68
CHA CLA LQ . 61.47 87.20 -23.29
CHB CLA LQ . 61.56 82.37 -23.27
CHC CLA LQ . 61.95 82.37 -28.11
CHD CLA LQ . 61.64 87.25 -28.18
NA CLA LQ . 61.53 84.82 -23.61
C1A CLA LQ . 61.47 85.93 -22.77
C2A CLA LQ . 61.40 85.50 -21.29
C3A CLA LQ . 61.32 83.96 -21.39
C4A CLA LQ . 61.49 83.69 -22.86
CMA CLA LQ . 62.36 83.23 -20.62
CAA CLA LQ . 60.21 85.98 -20.49
CBA CLA LQ . 60.47 85.94 -19.00
CGA CLA LQ . 60.15 87.23 -18.33
O1A CLA LQ . 60.25 87.52 -17.14
O2A CLA LQ . 59.67 88.18 -19.18
NB CLA LQ . 61.85 82.78 -25.68
C1B CLA LQ . 61.68 81.99 -24.61
C2B CLA LQ . 61.64 80.57 -25.02
C3B CLA LQ . 61.74 80.55 -26.38
C4B CLA LQ . 61.87 81.96 -26.83
CMB CLA LQ . 61.44 79.51 -24.05
CAB CLA LQ . 61.69 79.46 -27.30
CBB CLA LQ . 62.44 78.37 -27.25
NC CLA LQ . 61.76 84.82 -27.76
C1C CLA LQ . 61.88 83.72 -28.55
C2C CLA LQ . 61.93 84.12 -29.94
C3C CLA LQ . 61.83 85.50 -29.97
C4C CLA LQ . 61.73 85.93 -28.59
CMC CLA LQ . 62.05 83.21 -31.08
CAC CLA LQ . 61.82 86.35 -31.15
CBC CLA LQ . 60.41 86.68 -31.58
ND CLA LQ . 61.45 86.75 -25.79
C1D CLA LQ . 61.52 87.66 -26.88
C2D CLA LQ . 61.44 89.02 -26.36
C3D CLA LQ . 61.42 88.90 -25.00
C4D CLA LQ . 61.46 87.47 -24.68
CMD CLA LQ . 61.41 90.22 -27.19
CAD CLA LQ . 61.33 89.59 -23.75
OBD CLA LQ . 61.09 90.77 -23.55
CBD CLA LQ . 61.49 88.54 -22.63
CGD CLA LQ . 62.77 88.63 -21.89
O1D CLA LQ . 62.97 88.55 -20.69
O2D CLA LQ . 63.85 88.80 -22.70
CED CLA LQ . 65.13 88.53 -22.13
C1 CLA LQ . 60.32 89.46 -19.12
C2 CLA LQ . 59.46 90.36 -18.33
C3 CLA LQ . 60.00 91.20 -17.44
C4 CLA LQ . 61.45 91.29 -17.20
C5 CLA LQ . 59.12 92.09 -16.67
C6 CLA LQ . 59.24 91.81 -15.18
C7 CLA LQ . 58.36 92.75 -14.39
C8 CLA LQ . 59.12 93.94 -13.81
C9 CLA LQ . 58.67 94.22 -12.39
C10 CLA LQ . 58.92 95.18 -14.66
C11 CLA LQ . 59.84 96.31 -14.23
C12 CLA LQ . 60.80 96.71 -15.33
C13 CLA LQ . 61.36 98.11 -15.11
C14 CLA LQ . 62.08 98.20 -13.78
C15 CLA LQ . 60.29 99.19 -15.21
C16 CLA LQ . 60.72 100.31 -16.12
C17 CLA LQ . 59.56 101.07 -16.70
C18 CLA LQ . 59.21 102.31 -15.89
C19 CLA LQ . 57.95 102.97 -16.41
C20 CLA LQ . 60.36 103.30 -15.91
MG CLA MQ . 62.58 73.35 -29.01
CHA CLA MQ . 61.86 73.29 -25.64
CHB CLA MQ . 60.09 75.59 -29.49
CHC CLA MQ . 62.85 72.91 -32.39
CHD CLA MQ . 64.92 70.80 -28.53
NA CLA MQ . 61.28 74.36 -27.73
C1A CLA MQ . 61.10 74.19 -26.35
C2A CLA MQ . 59.95 75.12 -25.91
C3A CLA MQ . 59.82 76.11 -27.07
C4A CLA MQ . 60.41 75.29 -28.20
CMA CLA MQ . 58.39 76.47 -27.35
CAA CLA MQ . 60.00 75.90 -24.60
CBA CLA MQ . 59.01 75.27 -23.65
CGA CLA MQ . 59.09 75.89 -22.29
O1A CLA MQ . 59.39 75.37 -21.23
O2A CLA MQ . 58.77 77.23 -22.32
NB CLA MQ . 61.70 74.17 -30.63
C1B CLA MQ . 60.60 74.94 -30.60
C2B CLA MQ . 60.01 75.05 -31.96
C3B CLA MQ . 60.79 74.29 -32.77
C4B CLA MQ . 61.88 73.73 -31.94
CMB CLA MQ . 58.82 75.83 -32.26
CAB CLA MQ . 60.70 74.03 -34.17
CBB CLA MQ . 60.87 74.96 -35.11
NC CLA MQ . 63.80 72.20 -30.22
C1C CLA MQ . 63.77 72.22 -31.58
C2C CLA MQ . 64.74 71.29 -32.11
C3C CLA MQ . 65.28 70.63 -31.03
C4C CLA MQ . 64.68 71.20 -29.84
CMC CLA MQ . 64.97 71.07 -33.53
CAC CLA MQ . 66.29 69.58 -31.08
CBC CLA MQ . 67.67 70.17 -31.06
ND CLA MQ . 63.42 72.41 -27.46
C1D CLA MQ . 64.32 71.32 -27.42
C2D CLA MQ . 64.48 70.91 -26.03
C3D CLA MQ . 63.60 71.66 -25.30
C4D CLA MQ . 62.90 72.53 -26.25
CMD CLA MQ . 65.39 69.87 -25.58
CAD CLA MQ . 63.08 71.93 -24.00
OBD CLA MQ . 63.44 71.52 -22.90
CBD CLA MQ . 61.90 72.88 -24.19
CGD CLA MQ . 60.65 72.18 -23.77
O1D CLA MQ . 60.26 71.97 -22.63
O2D CLA MQ . 59.92 71.73 -24.82
CED CLA MQ . 58.68 71.10 -24.53
MG CLA NQ . 73.88 69.71 -42.83
CHA CLA NQ . 74.07 67.74 -45.65
CHB CLA NQ . 71.34 67.79 -41.67
CHC CLA NQ . 73.99 71.45 -39.88
CHD CLA NQ . 76.64 71.58 -44.00
NA CLA NQ . 72.86 68.07 -43.58
C1A CLA NQ . 73.11 67.37 -44.76
C2A CLA NQ . 72.15 66.21 -44.89
C3A CLA NQ . 71.09 66.49 -43.81
C4A CLA NQ . 71.81 67.51 -42.93
CMA CLA NQ . 69.85 67.07 -44.43
CAA CLA NQ . 72.87 65.01 -44.33
CBA CLA NQ . 73.45 64.06 -45.34
CGA CLA NQ . 74.25 63.03 -44.60
O1A CLA NQ . 74.42 61.84 -44.87
O2A CLA NQ . 74.87 63.54 -43.49
NB CLA NQ . 72.85 69.65 -41.12
C1B CLA NQ . 71.90 68.74 -40.80
C2B CLA NQ . 71.48 68.91 -39.39
C3B CLA NQ . 72.22 69.94 -38.88
C4B CLA NQ . 73.10 70.44 -39.98
CMB CLA NQ . 70.46 68.08 -38.76
CAB CLA NQ . 72.22 70.52 -37.56
CBB CLA NQ . 71.76 71.74 -37.27
NC CLA NQ . 75.05 71.29 -42.12
C1C CLA NQ . 74.90 71.86 -40.89
C2C CLA NQ . 75.87 72.91 -40.71
C3C CLA NQ . 76.66 72.93 -41.86
C4C CLA NQ . 76.13 71.89 -42.73
CMC CLA NQ . 75.98 73.73 -39.51
CAC CLA NQ . 77.81 73.79 -42.17
CBC CLA NQ . 77.42 75.18 -42.59
ND CLA NQ . 75.01 69.81 -44.48
C1D CLA NQ . 76.13 70.61 -44.82
C2D CLA NQ . 76.61 70.21 -46.16
C3D CLA NQ . 75.83 69.15 -46.55
C4D CLA NQ . 74.89 68.90 -45.45
CMD CLA NQ . 77.69 70.88 -46.86
CAD CLA NQ . 75.54 68.18 -47.58
OBD CLA NQ . 75.98 68.10 -48.72
CBD CLA NQ . 74.48 67.19 -46.99
CGD CLA NQ . 73.33 67.04 -47.92
O1D CLA NQ . 73.15 66.18 -48.79
O2D CLA NQ . 72.37 67.99 -47.76
CED CLA NQ . 71.03 67.60 -48.03
C A86 OQ . 60.26 79.67 -33.20
O A86 OQ . 68.87 71.06 -39.04
C1 A86 OQ . 60.62 79.12 -31.80
C10 A86 OQ . 66.98 73.17 -36.91
C11 A86 OQ . 67.61 71.91 -37.27
C12 A86 OQ . 67.81 70.80 -36.29
C13 A86 OQ . 68.03 71.80 -38.69
C14 A86 OQ . 67.22 72.80 -39.77
C15 A86 OQ . 66.47 72.01 -40.91
C16 A86 OQ . 65.38 71.02 -40.54
C17 A86 OQ . 65.86 69.57 -40.44
C18 A86 OQ . 66.46 69.15 -41.70
C19 A86 OQ . 67.74 70.00 -41.99
C2 A86 OQ . 61.63 78.15 -31.63
C20 A86 OQ . 67.34 71.56 -42.04
C21 A86 OQ . 68.75 72.27 -42.12
C22 A86 OQ . 64.26 71.10 -41.61
C23 A86 OQ . 64.67 71.40 -39.25
C24 A86 OQ . 59.90 79.59 -30.57
C25 A86 OQ . 58.63 80.20 -30.72
C26 A86 OQ . 57.87 80.68 -29.35
C27 A86 OQ . 57.73 82.04 -29.03
C28 A86 OQ . 58.27 83.09 -29.92
C29 A86 OQ . 56.97 82.41 -27.67
C3 A86 OQ . 62.35 77.63 -32.80
C30 A86 OQ . 56.51 83.77 -27.42
C31 A86 OQ . 56.08 85.11 -27.17
C32 A86 OQ . 55.11 85.82 -28.13
C33 A86 OQ . 54.85 87.31 -27.88
C34 A86 OQ . 56.07 88.12 -27.38
C35 A86 OQ . 56.77 87.46 -26.18
C36 A86 OQ . 57.01 85.95 -26.28
C37 A86 OQ . 58.41 85.72 -26.87
C38 A86 OQ . 56.76 89.53 -29.11
C39 A86 OQ . 57.20 90.87 -28.46
C4 A86 OQ . 63.38 76.72 -32.63
C40 A86 OQ . 55.57 85.62 -29.60
C41 A86 OQ . 53.74 85.11 -28.01
C5 A86 OQ . 64.13 76.15 -33.99
C6 A86 OQ . 65.20 75.26 -33.91
C7 A86 OQ . 65.76 74.76 -32.51
C8 A86 OQ . 65.83 74.77 -35.30
C9 A86 OQ . 66.46 73.46 -35.48
O1 A86 OQ . 66.41 72.70 -42.21
O2 A86 OQ . 66.83 67.79 -41.61
O3 A86 OQ . 56.99 85.41 -25.00
O4 A86 OQ . 56.99 88.30 -28.42
O5 A86 OQ . 56.23 89.53 -30.16
C A86 PQ . 75.84 79.99 -36.92
O A86 PQ . 65.62 85.75 -43.84
C1 A86 PQ . 75.89 81.21 -35.96
C10 A86 PQ . 68.14 84.59 -41.61
C11 A86 PQ . 67.05 85.44 -42.03
C12 A86 PQ . 66.73 86.71 -41.30
C13 A86 PQ . 66.26 85.00 -43.19
C14 A86 PQ . 66.32 83.36 -43.54
C15 A86 PQ . 65.77 82.91 -44.94
C16 A86 PQ . 66.47 83.36 -46.21
C17 A86 PQ . 65.74 84.42 -47.04
C18 A86 PQ . 64.40 83.95 -47.38
C19 A86 PQ . 63.57 83.86 -46.05
C2 A86 PQ . 75.03 82.31 -36.15
C20 A86 PQ . 64.29 82.76 -45.10
C21 A86 PQ . 63.48 82.89 -43.75
C22 A86 PQ . 66.62 82.05 -47.05
C23 A86 PQ . 67.88 83.85 -45.98
C24 A86 PQ . 76.87 81.19 -34.81
C25 A86 PQ . 77.88 80.19 -34.77
C26 A86 PQ . 78.92 80.15 -33.50
C27 A86 PQ . 80.03 81.01 -33.44
C28 A86 PQ . 80.28 81.99 -34.53
C29 A86 PQ . 81.04 80.99 -32.22
C3 A86 PQ . 74.08 82.27 -37.26
C30 A86 PQ . 81.64 79.76 -31.70
C31 A86 PQ . 82.25 78.57 -31.18
C32 A86 PQ . 83.58 78.06 -31.76
C33 A86 PQ . 83.79 76.54 -31.76
C34 A86 PQ . 83.15 75.80 -30.58
C35 A86 PQ . 81.70 76.25 -30.32
C36 A86 PQ . 81.66 77.75 -30.02
C37 A86 PQ . 80.19 78.19 -29.83
C38 A86 PQ . 84.39 73.79 -30.48
C39 A86 PQ . 85.14 72.83 -31.44
C4 A86 PQ . 73.25 83.37 -37.51
C40 A86 PQ . 84.75 78.73 -30.98
C41 A86 PQ . 83.65 78.55 -33.22
C5 A86 PQ . 72.19 83.23 -38.78
C6 A86 PQ . 71.10 84.09 -38.86
C7 A86 PQ . 70.88 85.22 -37.75
C8 A86 PQ . 70.08 83.93 -40.09
C9 A86 PQ . 69.05 84.92 -40.40
O1 A86 PQ . 65.13 81.57 -44.87
O2 A86 PQ . 63.79 84.85 -48.26
O3 A86 PQ . 82.35 78.01 -28.83
O4 A86 PQ . 83.16 74.43 -30.87
O5 A86 PQ . 84.82 74.00 -29.40
C A86 QQ . 81.10 73.00 -40.07
O A86 QQ . 71.89 72.04 -30.08
C1 A86 QQ . 80.22 71.94 -40.79
C10 A86 QQ . 74.42 71.35 -32.48
C11 A86 QQ . 73.11 71.81 -32.06
C12 A86 QQ . 72.00 71.85 -33.07
C13 A86 QQ . 72.89 72.25 -30.66
C14 A86 QQ . 74.13 73.13 -29.96
C15 A86 QQ . 74.48 72.90 -28.44
C16 A86 QQ . 75.05 71.56 -27.98
C17 A86 QQ . 74.19 70.70 -27.05
C18 A86 QQ . 73.71 71.47 -25.91
C19 A86 QQ . 72.74 72.56 -26.46
C2 A86 QQ . 79.21 71.23 -40.10
C20 A86 QQ . 73.61 73.54 -27.40
C21 A86 QQ . 72.51 74.50 -28.00
C22 A86 QQ . 76.33 71.94 -27.20
C23 A86 QQ . 75.55 70.69 -29.12
C24 A86 QQ . 80.39 71.64 -42.25
C25 A86 QQ . 81.54 71.89 -43.05
C26 A86 QQ . 81.32 71.45 -44.61
C27 A86 QQ . 81.58 70.13 -45.06
C28 A86 QQ . 82.08 69.09 -44.14
C29 A86 QQ . 81.31 69.79 -46.61
C3 A86 QQ . 78.91 71.46 -38.69
C30 A86 QQ . 82.32 70.00 -47.64
C31 A86 QQ . 83.29 70.20 -48.67
C32 A86 QQ . 84.78 69.83 -48.46
C33 A86 QQ . 85.74 70.03 -49.66
C34 A86 QQ . 85.36 71.07 -50.74
C35 A86 QQ . 84.04 71.83 -50.49
C36 A86 QQ . 82.94 70.87 -50.01
C37 A86 QQ . 81.63 71.66 -49.84
C38 A86 QQ . 86.52 73.18 -50.13
C39 A86 QQ . 86.51 74.57 -50.81
C4 A86 QQ . 78.05 70.58 -38.02
C40 A86 QQ . 85.33 70.60 -47.23
C41 A86 QQ . 84.81 68.33 -48.11
C5 A86 QQ . 77.69 70.89 -36.43
C6 A86 QQ . 76.42 70.55 -35.96
C7 A86 QQ . 75.36 69.86 -36.93
C8 A86 QQ . 76.05 70.91 -34.42
C9 A86 QQ . 74.67 70.95 -33.95
O1 A86 QQ . 74.89 74.16 -27.80
O2 A86 QQ . 73.00 70.64 -25.03
O3 A86 QQ . 82.73 69.87 -50.99
O4 A86 QQ . 86.44 71.98 -50.95
O5 A86 QQ . 86.63 73.11 -48.96
C A86 RQ . 82.17 85.68 -39.77
O A86 RQ . 76.78 79.98 -50.30
C1 A86 RQ . 80.97 86.62 -39.49
C10 A86 RQ . 77.37 81.74 -47.43
C11 A86 RQ . 76.68 80.67 -48.10
C12 A86 RQ . 75.33 80.19 -47.60
C13 A86 RQ . 77.33 80.04 -49.27
C14 A86 RQ . 78.89 79.46 -49.09
C15 A86 RQ . 79.73 79.30 -50.41
C16 A86 RQ . 80.05 80.52 -51.26
C17 A86 RQ . 79.12 80.74 -52.46
C18 A86 RQ . 79.10 79.57 -53.32
C19 A86 RQ . 78.53 78.33 -52.55
C2 A86 RQ . 79.86 86.67 -40.35
C20 A86 RQ . 79.42 78.07 -51.22
C21 A86 RQ . 78.60 76.96 -50.45
C22 A86 RQ . 81.50 80.35 -51.78
C23 A86 RQ . 80.07 81.80 -50.43
C24 A86 RQ . 80.96 87.54 -38.29
C25 A86 RQ . 81.69 88.76 -38.38
C26 A86 RQ . 81.67 89.78 -37.11
C27 A86 RQ . 82.64 89.67 -36.08
C28 A86 RQ . 83.69 88.63 -36.13
C29 A86 RQ . 82.55 90.71 -34.86
C3 A86 RQ . 79.82 85.82 -41.53
C30 A86 RQ . 83.69 90.86 -33.97
C31 A86 RQ . 84.80 91.01 -33.09
C32 A86 RQ . 85.69 92.27 -33.16
C33 A86 RQ . 87.17 92.09 -32.77
C34 A86 RQ . 87.42 91.08 -31.64
C35 A86 RQ . 86.67 89.75 -31.87
C36 A86 RQ . 85.16 89.98 -32.01
C37 A86 RQ . 84.50 88.65 -32.39
C38 A86 RQ . 89.46 91.24 -30.39
C39 A86 RQ . 90.67 90.44 -29.84
C4 A86 RQ . 78.63 85.70 -42.27
C40 A86 RQ . 85.07 93.37 -32.24
C41 A86 RQ . 85.64 92.78 -34.62
C5 A86 RQ . 78.66 84.73 -43.61
C6 A86 RQ . 77.53 84.16 -44.18
C7 A86 RQ . 76.07 84.40 -43.58
C8 A86 RQ . 77.80 83.27 -45.49
C9 A86 RQ . 76.79 82.48 -46.19
O1 A86 RQ . 80.66 78.15 -50.40
O2 A86 RQ . 78.29 79.84 -54.45
O3 A86 RQ . 84.64 90.40 -30.77
O4 A86 RQ . 88.80 90.80 -31.61
O5 A86 RQ . 89.08 92.20 -29.85
MG CLA SQ . 150.58 16.14 -41.26
CHA CLA SQ . 150.99 16.67 -37.87
CHB CLA SQ . 153.41 17.96 -41.91
CHC CLA SQ . 150.13 15.48 -44.59
CHD CLA SQ . 147.74 14.17 -40.51
NA CLA SQ . 151.93 17.17 -40.07
C1A CLA SQ . 151.95 17.25 -38.67
C2A CLA SQ . 153.13 18.11 -38.20
C3A CLA SQ . 153.74 18.63 -39.51
C4A CLA SQ . 152.99 17.87 -40.59
CMA CLA SQ . 153.47 20.10 -39.64
CAA CLA SQ . 154.16 17.37 -37.37
CBA CLA SQ . 155.39 16.92 -38.12
CGA CLA SQ . 155.49 15.45 -37.94
O1A CLA SQ . 155.45 14.79 -36.91
O2A CLA SQ . 155.65 14.80 -39.12
NB CLA SQ . 151.59 16.60 -42.93
C1B CLA SQ . 152.75 17.34 -42.98
C2B CLA SQ . 153.17 17.46 -44.39
C3B CLA SQ . 152.27 16.76 -45.15
C4B CLA SQ . 151.22 16.22 -44.22
CMB CLA SQ . 154.35 18.21 -44.79
CAB CLA SQ . 152.20 16.58 -46.57
CBB CLA SQ . 151.96 17.59 -47.42
NC CLA SQ . 149.18 15.05 -42.35
C1C CLA SQ . 149.16 14.92 -43.71
C2C CLA SQ . 148.00 14.12 -44.10
C3C CLA SQ . 147.36 13.73 -42.95
C4C CLA SQ . 148.11 14.32 -41.85
CMC CLA SQ . 147.56 13.77 -45.45
CAC CLA SQ . 146.13 12.93 -42.83
CBC CLA SQ . 146.40 11.48 -42.55
ND CLA SQ . 149.51 15.60 -39.64
C1D CLA SQ . 148.38 14.78 -39.48
C2D CLA SQ . 148.03 14.68 -38.04
C3D CLA SQ . 148.99 15.42 -37.39
C4D CLA SQ . 149.90 15.94 -38.43
CMD CLA SQ . 146.89 13.95 -37.53
CAD CLA SQ . 149.45 15.88 -36.11
OBD CLA SQ . 148.95 15.73 -35.00
CBD CLA SQ . 150.76 16.66 -36.38
CGD CLA SQ . 150.66 18.04 -35.84
O1D CLA SQ . 150.38 19.08 -36.46
O2D CLA SQ . 150.92 18.13 -34.51
CED CLA SQ . 151.62 19.29 -34.06
C1 CLA SQ . 154.52 14.81 -39.99
C2 CLA SQ . 155.07 14.89 -41.36
C3 CLA SQ . 154.43 14.38 -42.42
C4 CLA SQ . 153.14 13.68 -42.27
C5 CLA SQ . 155.00 14.45 -43.79
C6 CLA SQ . 155.15 13.08 -44.39
C7 CLA SQ . 155.51 13.15 -45.86
C8 CLA SQ . 156.14 11.84 -46.31
C9 CLA SQ . 157.46 11.61 -45.59
C10 CLA SQ . 156.37 11.82 -47.81
C11 CLA SQ . 155.84 10.55 -48.41
C12 CLA SQ . 154.33 10.48 -48.33
C13 CLA SQ . 153.74 9.27 -49.06
C14 CLA SQ . 154.36 9.07 -50.43
C15 CLA SQ . 152.24 9.43 -49.21
C16 CLA SQ . 151.53 8.08 -49.26
C17 CLA SQ . 150.03 8.25 -49.36
C18 CLA SQ . 149.62 9.01 -50.62
C19 CLA SQ . 148.17 9.44 -50.53
C20 CLA SQ . 149.84 8.14 -51.84
MG CLA TQ . 154.33 18.35 -52.27
CHA CLA TQ . 157.06 19.91 -50.76
CHB CLA TQ . 154.55 15.79 -50.09
CHC CLA TQ . 151.82 16.73 -53.97
CHD CLA TQ . 154.25 20.93 -54.66
NA CLA TQ . 155.58 17.98 -50.66
C1A CLA TQ . 156.67 18.73 -50.16
C2A CLA TQ . 157.30 17.99 -48.96
C3A CLA TQ . 156.31 16.83 -48.68
C4A CLA TQ . 155.41 16.85 -49.90
CMA CLA TQ . 156.96 15.48 -48.58
CAA CLA TQ . 157.48 18.77 -47.67
CBA CLA TQ . 158.80 18.39 -47.03
CGA CLA TQ . 159.83 19.43 -47.36
O1A CLA TQ . 161.02 19.27 -47.62
O2A CLA TQ . 159.31 20.69 -47.34
NB CLA TQ . 153.30 16.64 -52.01
C1B CLA TQ . 153.67 15.66 -51.16
C2B CLA TQ . 152.97 14.39 -51.49
C3B CLA TQ . 152.19 14.64 -52.59
C4B CLA TQ . 152.39 16.08 -52.93
CMB CLA TQ . 153.16 13.15 -50.74
CAB CLA TQ . 151.31 13.80 -53.37
CBB CLA TQ . 150.33 13.04 -52.90
NC CLA TQ . 153.18 18.80 -53.94
C1C CLA TQ . 152.18 18.02 -54.43
C2C CLA TQ . 151.57 18.64 -55.59
C3C CLA TQ . 152.30 19.81 -55.83
C4C CLA TQ . 153.31 19.90 -54.79
CMC CLA TQ . 150.47 18.07 -56.35
CAC CLA TQ . 152.06 20.79 -56.89
CBC CLA TQ . 151.25 21.95 -56.39
ND CLA TQ . 155.33 20.07 -52.64
C1D CLA TQ . 155.21 21.00 -53.69
C2D CLA TQ . 156.22 22.06 -53.51
C3D CLA TQ . 156.93 21.71 -52.37
C4D CLA TQ . 156.36 20.45 -51.89
CMD CLA TQ . 156.37 23.21 -54.39
CAD CLA TQ . 157.97 22.11 -51.47
OBD CLA TQ . 158.58 23.17 -51.41
CBD CLA TQ . 158.17 20.91 -50.49
CGD CLA TQ . 159.52 20.29 -50.63
O1D CLA TQ . 159.81 19.10 -50.48
O2D CLA TQ . 160.53 21.14 -50.93
CED CLA TQ . 161.21 21.80 -49.87
MG CLA UQ . 137.97 25.11 -62.83
CHA CLA UQ . 136.61 25.35 -65.99
CHB CLA UQ . 140.91 24.05 -64.15
CHC CLA UQ . 139.34 25.12 -59.68
CHD CLA UQ . 134.90 26.20 -61.48
NA CLA UQ . 138.63 24.76 -64.76
C1A CLA UQ . 137.93 24.96 -65.95
C2A CLA UQ . 138.82 24.62 -67.15
C3A CLA UQ . 140.10 24.04 -66.51
C4A CLA UQ . 139.89 24.32 -65.03
CMA CLA UQ . 140.24 22.56 -66.77
CAA CLA UQ . 139.23 25.85 -67.94
CBA CLA UQ . 139.16 27.20 -67.24
CGA CLA UQ . 140.22 27.39 -66.20
O1A CLA UQ . 141.45 27.47 -66.35
O2A CLA UQ . 139.73 27.46 -64.93
NB CLA UQ . 139.77 24.67 -62.06
C1B CLA UQ . 140.84 24.22 -62.77
C2B CLA UQ . 141.96 23.91 -61.85
C3B CLA UQ . 141.53 24.21 -60.57
C4B CLA UQ . 140.14 24.71 -60.70
CMB CLA UQ . 143.24 23.40 -62.33
CAB CLA UQ . 142.20 24.12 -59.31
CBB CLA UQ . 142.76 23.02 -58.81
NC CLA UQ . 137.24 25.57 -60.93
C1C CLA UQ . 137.99 25.52 -59.79
C2C CLA UQ . 137.18 25.95 -58.66
C3C CLA UQ . 135.91 26.24 -59.17
C4C CLA UQ . 135.96 26.00 -60.60
CMC CLA UQ . 137.65 26.02 -57.29
CAC CLA UQ . 134.75 26.71 -58.41
CBC CLA UQ . 134.69 28.21 -58.30
ND CLA UQ . 136.15 25.65 -63.51
C1D CLA UQ . 134.97 26.03 -62.84
C2D CLA UQ . 133.90 26.21 -63.85
C3D CLA UQ . 134.47 25.98 -65.08
C4D CLA UQ . 135.88 25.64 -64.81
CMD CLA UQ . 132.52 26.58 -63.52
CAD CLA UQ . 134.28 25.89 -66.51
OBD CLA UQ . 133.26 26.07 -67.17
CBD CLA UQ . 135.65 25.50 -67.13
CGD CLA UQ . 135.58 24.23 -67.91
O1D CLA UQ . 136.28 23.87 -68.86
O2D CLA UQ . 134.62 23.36 -67.46
CED CLA UQ . 135.05 22.22 -66.72
C1 CLA UQ . 138.99 28.64 -64.59
C2 CLA UQ . 138.51 28.43 -63.21
C3 CLA UQ . 138.06 29.39 -62.40
C4 CLA UQ . 137.99 30.81 -62.81
C5 CLA UQ . 137.60 29.07 -61.03
C6 CLA UQ . 138.21 29.96 -59.98
C7 CLA UQ . 139.31 29.26 -59.22
C8 CLA UQ . 139.85 30.19 -58.13
C9 CLA UQ . 140.82 31.19 -58.71
C10 CLA UQ . 140.52 29.40 -57.01
C11 CLA UQ . 140.63 30.23 -55.75
C12 CLA UQ . 139.26 30.68 -55.26
C13 CLA UQ . 139.26 30.90 -53.76
C14 CLA UQ . 138.74 29.68 -53.04
C15 CLA UQ . 138.44 32.13 -53.38
C16 CLA UQ . 139.24 33.38 -53.63
C17 CLA UQ . 138.40 34.63 -53.47
C18 CLA UQ . 139.01 35.77 -54.28
C19 CLA UQ . 139.14 37.02 -53.43
C20 CLA UQ . 138.19 36.05 -55.51
MG CLA VQ . 143.75 33.83 -71.30
CHA CLA VQ . 144.27 36.76 -69.57
CHB CLA VQ . 144.23 32.04 -68.45
CHC CLA VQ . 143.47 30.93 -73.12
CHD CLA VQ . 143.47 35.69 -74.27
NA CLA VQ . 144.11 34.35 -69.32
C1A CLA VQ . 144.33 35.63 -68.79
C2A CLA VQ . 144.59 35.55 -67.28
C3A CLA VQ . 144.49 34.04 -66.96
C4A CLA VQ . 144.25 33.42 -68.33
CMA CLA VQ . 145.69 33.48 -66.25
CAA CLA VQ . 143.56 36.29 -66.44
CBA CLA VQ . 144.18 37.44 -65.70
CGA CLA VQ . 145.66 37.25 -65.59
O1A CLA VQ . 146.57 37.77 -66.25
O2A CLA VQ . 146.00 36.38 -64.60
NB CLA VQ . 144.01 31.87 -70.90
C1B CLA VQ . 143.99 31.37 -69.64
C2B CLA VQ . 143.59 29.94 -69.66
C3B CLA VQ . 143.37 29.60 -70.98
C4B CLA VQ . 143.62 30.84 -71.77
CMB CLA VQ . 143.48 29.19 -68.40
CAB CLA VQ . 142.95 28.39 -71.62
CBB CLA VQ . 142.15 27.44 -71.14
NC CLA VQ . 143.46 33.40 -73.32
C1C CLA VQ . 143.38 32.14 -73.85
C2C CLA VQ . 143.22 32.22 -75.28
C3C CLA VQ . 143.23 33.57 -75.62
C4C CLA VQ . 143.40 34.30 -74.38
CMC CLA VQ . 143.09 31.06 -76.17
CAC CLA VQ . 143.12 34.16 -76.96
CBC CLA VQ . 144.45 34.33 -77.63
ND CLA VQ . 143.49 35.76 -71.81
C1D CLA VQ . 143.53 36.38 -73.08
C2D CLA VQ . 143.62 37.84 -72.90
C3D CLA VQ . 143.84 38.04 -71.56
C4D CLA VQ . 143.86 36.70 -70.94
CMD CLA VQ . 143.50 38.83 -73.96
CAD CLA VQ . 144.00 39.01 -70.50
OBD CLA VQ . 143.73 40.19 -70.48
CBD CLA VQ . 144.59 38.21 -69.32
CGD CLA VQ . 146.08 38.40 -69.32
O1D CLA VQ . 146.74 39.26 -68.74
O2D CLA VQ . 146.75 37.49 -70.09
CED CLA VQ . 147.37 37.99 -71.28
MG CLA WQ . 149.74 16.05 -65.31
CHA CLA WQ . 149.86 12.75 -66.38
CHB CLA WQ . 148.51 15.04 -62.30
CHC CLA WQ . 149.69 19.33 -64.29
CHD CLA WQ . 150.94 17.06 -68.48
NA CLA WQ . 149.28 14.18 -64.50
C1A CLA WQ . 149.41 12.92 -65.10
C2A CLA WQ . 148.97 11.81 -64.12
C3A CLA WQ . 148.51 12.60 -62.87
C4A CLA WQ . 148.79 14.06 -63.23
CMA CLA WQ . 147.06 12.35 -62.53
CAA CLA WQ . 150.12 10.89 -63.71
CBA CLA WQ . 151.10 11.50 -62.72
CGA CLA WQ . 152.11 12.38 -63.39
O1A CLA WQ . 153.01 12.07 -64.17
O2A CLA WQ . 151.94 13.70 -63.08
NB CLA WQ . 149.17 17.00 -63.64
C1B CLA WQ . 148.71 16.41 -62.50
C2B CLA WQ . 148.47 17.44 -61.45
C3B CLA WQ . 148.80 18.65 -62.00
C4B CLA WQ . 149.25 18.39 -63.39
CMB CLA WQ . 147.99 17.10 -60.11
CAB CLA WQ . 148.77 19.98 -61.45
CBB CLA WQ . 149.42 20.37 -60.35
NC CLA WQ . 150.24 17.86 -66.21
C1C CLA WQ . 150.15 19.08 -65.61
C2C CLA WQ . 150.61 20.12 -66.52
C3C CLA WQ . 150.94 19.48 -67.72
C4C CLA WQ . 150.70 18.07 -67.52
CMC CLA WQ . 150.68 21.55 -66.20
CAC CLA WQ . 151.44 20.11 -68.95
CBC CLA WQ . 150.32 20.42 -69.91
ND CLA WQ . 150.36 15.18 -67.02
C1D CLA WQ . 150.78 15.72 -68.26
C2D CLA WQ . 151.04 14.62 -69.21
C3D CLA WQ . 150.72 13.46 -68.54
C4D CLA WQ . 150.27 13.87 -67.18
CMD CLA WQ . 151.56 14.81 -70.56
CAD CLA WQ . 150.65 12.00 -68.60
OBD CLA WQ . 151.01 11.24 -69.49
CBD CLA WQ . 150.03 11.54 -67.26
CGD CLA WQ . 148.69 10.87 -67.46
O1D CLA WQ . 148.39 9.68 -67.28
O2D CLA WQ . 147.71 11.73 -67.85
CED CLA WQ . 146.37 11.43 -67.49
MG CLA XQ . 154.45 27.76 -55.57
CHA CLA XQ . 155.81 26.42 -52.69
CHB CLA XQ . 157.22 29.71 -55.99
CHC CLA XQ . 153.12 28.93 -58.49
CHD CLA XQ . 151.76 25.48 -55.30
NA CLA XQ . 156.18 28.05 -54.47
C1A CLA XQ . 156.57 27.39 -53.28
C2A CLA XQ . 157.93 27.91 -52.81
C3A CLA XQ . 158.22 29.09 -53.78
C4A CLA XQ . 157.14 28.95 -54.84
CMA CLA XQ . 158.10 30.41 -53.09
CAA CLA XQ . 159.08 26.92 -52.97
CBA CLA XQ . 159.88 26.84 -51.67
CGA CLA XQ . 159.80 28.12 -50.90
O1A CLA XQ . 159.09 28.39 -49.94
O2A CLA XQ . 160.66 29.07 -51.35
NB CLA XQ . 155.00 29.16 -56.92
C1B CLA XQ . 156.26 29.67 -57.02
C2B CLA XQ . 156.47 30.23 -58.39
C3B CLA XQ . 155.32 30.00 -59.09
C4B CLA XQ . 154.36 29.34 -58.16
CMB CLA XQ . 157.71 30.86 -58.81
CAB CLA XQ . 154.97 30.31 -60.46
CBB CLA XQ . 155.37 29.63 -61.55
NC CLA XQ . 152.70 27.37 -56.62
C1C CLA XQ . 152.33 28.01 -57.75
C2C CLA XQ . 151.03 27.54 -58.19
C3C CLA XQ . 150.69 26.48 -57.36
C4C CLA XQ . 151.74 26.38 -56.37
CMC CLA XQ . 150.30 28.05 -59.35
CAC CLA XQ . 149.45 25.69 -57.40
CBC CLA XQ . 149.47 24.54 -58.37
ND CLA XQ . 153.83 26.32 -54.30
C1D CLA XQ . 152.72 25.44 -54.32
C2D CLA XQ . 152.80 24.54 -53.15
C3D CLA XQ . 153.93 24.91 -52.45
C4D CLA XQ . 154.56 26.00 -53.24
CMD CLA XQ . 151.82 23.51 -52.83
CAD CLA XQ . 154.78 24.65 -51.33
OBD CLA XQ . 154.62 23.87 -50.41
CBD CLA XQ . 156.01 25.59 -51.45
CGD CLA XQ . 156.20 26.43 -50.21
O1D CLA XQ . 157.10 26.34 -49.38
O2D CLA XQ . 155.26 27.38 -50.01
CED CLA XQ . 154.78 27.50 -48.67
MG CLA YQ . 141.68 30.05 -43.97
CHA CLA YQ . 143.42 32.60 -42.44
CHB CLA YQ . 139.89 29.53 -41.12
CHC CLA YQ . 140.06 27.48 -45.54
CHD CLA YQ . 143.49 30.68 -46.94
NA CLA YQ . 141.70 30.93 -42.08
C1A CLA YQ . 142.50 31.99 -41.62
C2A CLA YQ . 142.17 32.26 -40.14
C3A CLA YQ . 140.98 31.34 -39.82
C4A CLA YQ . 140.85 30.51 -41.09
CMA CLA YQ . 141.23 30.47 -38.63
CAA CLA YQ . 141.84 33.68 -39.70
CBA CLA YQ . 142.64 33.98 -38.44
CGA CLA YQ . 142.11 35.23 -37.82
O1A CLA YQ . 141.22 35.37 -36.98
O2A CLA YQ . 142.75 36.34 -38.27
NB CLA YQ . 140.29 28.73 -43.42
C1B CLA YQ . 139.65 28.71 -42.23
C2B CLA YQ . 138.60 27.66 -42.24
C3B CLA YQ . 138.64 27.08 -43.47
C4B CLA YQ . 139.72 27.75 -44.25
CMB CLA YQ . 137.75 27.44 -41.08
CAB CLA YQ . 137.82 26.05 -44.04
CBB CLA YQ . 137.59 24.85 -43.49
NC CLA YQ . 141.76 29.24 -45.89
C1C CLA YQ . 141.02 28.18 -46.32
C2C CLA YQ . 141.35 27.88 -47.71
C3C CLA YQ . 142.31 28.81 -48.10
C4C CLA YQ . 142.57 29.64 -46.95
CMC CLA YQ . 140.76 26.83 -48.53
CAC CLA YQ . 142.95 28.92 -49.41
CBC CLA YQ . 142.19 29.88 -50.29
ND CLA YQ . 143.08 31.34 -44.63
C1D CLA YQ . 143.75 31.48 -45.87
C2D CLA YQ . 144.71 32.59 -45.78
C3D CLA YQ . 144.61 33.05 -44.50
C4D CLA YQ . 143.59 32.23 -43.81
CMD CLA YQ . 145.55 33.06 -46.88
CAD CLA YQ . 145.07 34.03 -43.58
OBD CLA YQ . 145.83 34.97 -43.80
CBD CLA YQ . 144.40 33.73 -42.22
CGD CLA YQ . 145.36 33.32 -41.16
O1D CLA YQ . 145.55 33.86 -40.08
O2D CLA YQ . 146.07 32.21 -41.48
CED CLA YQ . 146.20 31.21 -40.48
C1 CLA YQ . 144.06 36.52 -37.73
C2 CLA YQ . 144.77 37.45 -38.65
C3 CLA YQ . 146.10 37.67 -38.54
C4 CLA YQ . 146.94 37.01 -37.52
C5 CLA YQ . 146.77 38.59 -39.48
C6 CLA YQ . 147.51 39.70 -38.74
C7 CLA YQ . 146.55 40.72 -38.17
C8 CLA YQ . 147.25 42.03 -37.83
C9 CLA YQ . 146.50 42.77 -36.74
C10 CLA YQ . 147.39 42.91 -39.06
C11 CLA YQ . 148.55 43.87 -38.94
C12 CLA YQ . 149.58 43.67 -40.04
C13 CLA YQ . 150.56 44.83 -40.10
C14 CLA YQ . 151.36 44.90 -38.80
C15 CLA YQ . 149.83 46.13 -40.41
C16 CLA YQ . 150.60 47.39 -40.07
C17 CLA YQ . 151.54 47.83 -41.17
C18 CLA YQ . 152.23 49.14 -40.82
C19 CLA YQ . 152.95 49.71 -42.01
C20 CLA YQ . 153.17 48.95 -39.66
MG CLA ZQ . 133.91 20.79 -43.81
CHA CLA ZQ . 133.62 22.58 -40.86
CHB CLA ZQ . 133.82 23.67 -45.59
CHC CLA ZQ . 133.54 18.97 -46.70
CHD CLA ZQ . 133.79 17.81 -41.96
NA CLA ZQ . 133.85 22.80 -43.27
C1A CLA ZQ . 133.71 23.37 -42.00
C2A CLA ZQ . 133.65 24.91 -42.16
C3A CLA ZQ . 134.16 25.14 -43.59
C4A CLA ZQ . 133.91 23.79 -44.22
CMA CLA ZQ . 133.41 26.25 -44.27
CAA CLA ZQ . 134.38 25.82 -41.21
CBA CLA ZQ . 133.32 26.62 -40.48
CGA CLA ZQ . 133.90 27.35 -39.31
O1A CLA ZQ . 134.02 26.98 -38.15
O2A CLA ZQ . 134.36 28.60 -39.64
NB CLA ZQ . 133.84 21.23 -45.77
C1B CLA ZQ . 133.60 22.47 -46.25
C2B CLA ZQ . 133.12 22.40 -47.65
C3B CLA ZQ . 133.04 21.08 -47.97
C4B CLA ZQ . 133.50 20.32 -46.78
CMB CLA ZQ . 132.78 23.58 -48.44
CAB CLA ZQ . 132.61 20.44 -49.18
CBB CLA ZQ . 133.22 20.55 -50.35
NC CLA ZQ . 133.84 18.76 -44.25
C1C CLA ZQ . 133.73 18.22 -45.50
C2C CLA ZQ . 133.69 16.78 -45.44
C3C CLA ZQ . 133.70 16.45 -44.09
C4C CLA ZQ . 133.79 17.70 -43.36
CMC CLA ZQ . 133.60 15.89 -46.58
CAC CLA ZQ . 133.69 15.10 -43.52
CBC CLA ZQ . 135.07 14.66 -43.14
ND CLA ZQ . 133.89 20.25 -41.88
C1D CLA ZQ . 133.79 18.98 -41.27
C2D CLA ZQ . 133.71 19.15 -39.82
C3D CLA ZQ . 133.64 20.50 -39.61
C4D CLA ZQ . 133.72 21.16 -40.92
CMD CLA ZQ . 133.64 18.04 -38.87
CAD CLA ZQ . 133.54 21.54 -38.61
OBD CLA ZQ . 133.54 21.46 -37.39
CBD CLA ZQ . 133.45 22.88 -39.38
CGD CLA ZQ . 132.15 23.55 -39.11
O1D CLA ZQ . 131.84 24.19 -38.10
O2D CLA ZQ . 131.25 23.40 -40.11
CED CLA ZQ . 129.87 23.69 -39.84
MG CLA AR . 138.43 5.77 -52.99
CHA CLA AR . 136.90 3.35 -54.92
CHB CLA AR . 135.40 6.73 -51.81
CHC CLA AR . 140.01 7.83 -50.75
CHD CLA AR . 141.57 4.64 -54.13
NA CLA AR . 136.49 5.18 -53.38
C1A CLA AR . 136.05 4.13 -54.20
C2A CLA AR . 134.53 4.03 -54.15
C3A CLA AR . 134.10 5.32 -53.45
C4A CLA AR . 135.41 5.78 -52.81
CMA CLA AR . 133.60 6.33 -54.44
CAA CLA AR . 134.22 2.87 -53.23
CBA CLA AR . 132.84 2.28 -53.39
CGA CLA AR . 132.74 1.06 -52.50
O1A CLA AR . 131.97 0.11 -52.59
O2A CLA AR . 133.65 1.07 -51.47
NB CLA AR . 137.82 7.04 -51.57
C1B CLA AR . 136.53 7.24 -51.18
C2B CLA AR . 136.50 8.14 -50.00
C3B CLA AR . 137.79 8.46 -49.70
C4B CLA AR . 138.65 7.78 -50.71
CMB CLA AR . 135.25 8.56 -49.37
CAB CLA AR . 138.33 9.30 -48.67
CBB CLA AR . 138.77 10.54 -48.89
NC CLA AR . 140.43 6.22 -52.59
C1C CLA AR . 140.84 7.12 -51.66
C2C CLA AR . 142.29 7.17 -51.63
C3C CLA AR . 142.75 6.24 -52.55
C4C CLA AR . 141.56 5.65 -53.16
CMC CLA AR . 143.03 8.04 -50.72
CAC CLA AR . 144.14 5.87 -52.86
CBC CLA AR . 144.92 6.89 -53.65
ND CLA AR . 139.13 4.47 -54.35
C1D CLA AR . 140.45 4.07 -54.69
C2D CLA AR . 140.37 2.98 -55.68
C3D CLA AR . 139.03 2.66 -55.81
C4D CLA AR . 138.31 3.59 -54.93
CMD CLA AR . 141.54 2.38 -56.31
CAD CLA AR . 138.06 1.83 -56.47
OBD CLA AR . 138.21 0.99 -57.35
CBD CLA AR . 136.67 2.19 -55.85
CGD CLA AR . 135.69 2.55 -56.92
O1D CLA AR . 134.80 1.84 -57.42
O2D CLA AR . 135.81 3.83 -57.35
CED CLA AR . 134.63 4.54 -57.67
C A86 BR . 136.72 24.63 -50.38
O A86 BR . 136.32 11.17 -51.28
C1 A86 BR . 136.64 24.55 -48.83
C10 A86 BR . 136.59 14.57 -50.35
C11 A86 BR . 136.12 13.22 -50.19
C12 A86 BR . 135.49 12.74 -48.91
C13 A86 BR . 136.28 12.34 -51.38
C14 A86 BR . 136.38 13.11 -52.85
C15 A86 BR . 135.27 12.70 -53.87
C16 A86 BR . 133.81 12.94 -53.51
C17 A86 BR . 133.11 11.74 -52.89
C18 A86 BR . 133.17 10.59 -53.79
C19 A86 BR . 134.67 10.16 -54.00
C2 A86 BR . 136.64 23.32 -48.16
C20 A86 BR . 135.51 11.41 -54.58
C21 A86 BR . 136.99 10.88 -54.51
C22 A86 BR . 133.05 13.36 -54.80
C23 A86 BR . 133.63 14.14 -52.59
C24 A86 BR . 136.52 25.81 -48.01
C25 A86 BR . 136.07 26.99 -48.62
C26 A86 BR . 135.93 28.32 -47.68
C27 A86 BR . 136.81 29.41 -47.80
C28 A86 BR . 137.91 29.37 -48.78
C29 A86 BR . 136.60 30.66 -46.82
C3 A86 BR . 136.73 22.08 -48.93
C30 A86 BR . 137.27 31.93 -47.09
C31 A86 BR . 137.95 33.15 -47.34
C32 A86 BR . 137.75 33.92 -48.67
C33 A86 BR . 138.65 35.13 -48.91
C34 A86 BR . 140.08 35.00 -48.38
C35 A86 BR . 140.14 34.56 -46.91
C36 A86 BR . 139.22 33.39 -46.53
C37 A86 BR . 140.01 32.09 -46.67
C38 A86 BR . 141.52 34.80 -50.23
C39 A86 BR . 142.81 35.58 -49.89
C4 A86 BR . 136.80 20.85 -48.26
C40 A86 BR . 137.87 32.92 -49.86
C41 A86 BR . 136.28 34.43 -48.68
C5 A86 BR . 136.87 19.48 -49.18
C6 A86 BR . 136.98 18.22 -48.59
C7 A86 BR . 137.04 18.05 -47.02
C8 A86 BR . 137.00 16.97 -49.59
C9 A86 BR . 136.50 15.64 -49.24
O1 A86 BR . 135.67 12.70 -55.29
O2 A86 BR . 132.46 9.51 -53.24
O3 A86 BR . 138.86 33.54 -45.18
O4 A86 BR . 140.82 34.11 -49.17
O5 A86 BR . 141.11 34.76 -51.32
C A86 CR . 147.65 12.92 -50.14
O A86 CR . 144.43 20.94 -60.66
C1 A86 CR . 148.60 14.02 -49.58
C10 A86 CR . 145.43 19.31 -57.66
C11 A86 CR . 145.27 20.44 -58.55
C12 A86 CR . 145.98 21.73 -58.31
C13 A86 CR . 144.35 20.27 -59.70
C14 A86 CR . 143.21 19.06 -59.55
C15 A86 CR . 142.45 18.61 -60.85
C16 A86 CR . 143.22 17.96 -61.99
C17 A86 CR . 143.44 18.82 -63.24
C18 A86 CR . 142.16 19.30 -63.74
C19 A86 CR . 141.57 20.29 -62.69
C2 A86 CR . 148.78 15.23 -50.28
C20 A86 CR . 141.32 19.47 -61.32
C21 A86 CR . 140.89 20.59 -60.30
C22 A86 CR . 142.35 16.73 -62.37
C23 A86 CR . 144.56 17.40 -61.58
C24 A86 CR . 149.30 13.78 -48.27
C25 A86 CR . 149.29 12.47 -47.71
C26 A86 CR . 150.03 12.20 -46.26
C27 A86 CR . 151.43 12.02 -46.20
C28 A86 CR . 152.26 12.07 -47.40
C29 A86 CR . 152.16 11.77 -44.79
C3 A86 CR . 148.05 15.43 -51.53
C30 A86 CR . 151.71 10.78 -43.82
C31 A86 CR . 151.30 9.81 -42.86
C32 A86 CR . 151.85 8.37 -42.93
C33 A86 CR . 150.89 7.26 -42.46
C34 A86 CR . 149.96 7.66 -41.30
C35 A86 CR . 149.28 9.02 -41.54
C36 A86 CR . 150.34 10.12 -41.70
C37 A86 CR . 149.65 11.47 -41.99
C38 A86 CR . 149.38 5.58 -40.33
C39 A86 CR . 149.17 4.10 -40.78
C4 A86 CR . 148.25 16.60 -52.27
C40 A86 CR . 153.15 8.30 -42.11
C41 A86 CR . 152.18 8.08 -44.41
C5 A86 CR . 147.36 16.76 -53.67
C6 A86 CR . 147.24 18.03 -54.25
C7 A86 CR . 147.92 19.30 -53.60
C8 A86 CR . 146.36 18.16 -55.59
C9 A86 CR . 146.34 19.36 -56.42
O1 A86 CR . 141.06 18.22 -60.58
O2 A86 CR . 142.35 19.96 -64.97
O3 A86 CR . 151.05 10.25 -40.50
O4 A86 CR . 148.97 6.66 -41.19
O5 A86 CR . 149.87 5.81 -39.30
C A86 DR . 146.19 3.75 -49.82
O A86 DR . 139.44 13.07 -42.51
C1 A86 DR . 144.78 3.40 -50.40
C10 A86 DR . 140.63 10.03 -43.93
C11 A86 DR . 140.05 11.36 -43.99
C12 A86 DR . 139.28 11.77 -45.21
C13 A86 DR . 140.27 12.31 -42.86
C14 A86 DR . 141.79 12.28 -42.16
C15 A86 DR . 141.92 12.47 -40.60
C16 A86 DR . 141.38 11.40 -39.66
C17 A86 DR . 140.20 11.78 -38.77
C18 A86 DR . 140.46 13.01 -38.04
C19 A86 DR . 140.55 14.16 -39.10
C2 A86 DR . 143.59 3.89 -49.80
C20 A86 DR . 141.82 13.85 -40.03
C21 A86 DR . 141.72 14.97 -41.12
C22 A86 DR . 142.56 11.07 -38.72
C23 A86 DR . 141.06 10.09 -40.35
C24 A86 DR . 144.62 2.56 -51.63
C25 A86 DR . 145.58 1.64 -52.17
C26 A86 DR . 145.06 0.92 -53.54
C27 A86 DR . 144.26 -0.25 -53.53
C28 A86 DR . 143.90 -0.91 -52.25
C29 A86 DR . 143.77 -0.86 -54.93
C3 A86 DR . 143.60 4.76 -48.63
C30 A86 DR . 144.60 -1.79 -55.70
C31 A86 DR . 145.37 -2.71 -56.48
C32 A86 DR . 146.16 -3.87 -55.82
C33 A86 DR . 146.92 -4.84 -56.76
C34 A86 DR . 147.37 -4.32 -58.14
C35 A86 DR . 147.00 -2.84 -58.44
C36 A86 DR . 145.55 -2.54 -58.00
C37 A86 DR . 145.23 -1.09 -58.38
C38 A86 DR . 149.70 -3.55 -57.89
C39 A86 DR . 150.68 -2.89 -58.92
C4 A86 DR . 142.39 5.03 -47.97
C40 A86 DR . 147.14 -3.29 -54.76
C41 A86 DR . 145.11 -4.72 -55.06
C5 A86 DR . 142.43 6.06 -46.67
C6 A86 DR . 141.32 6.88 -46.45
C7 A86 DR . 140.05 6.80 -47.40
C8 A86 DR . 141.37 7.92 -45.22
C9 A86 DR . 140.45 9.05 -45.12
O1 A86 DR . 143.15 13.23 -40.27
O2 A86 DR . 139.40 13.29 -37.15
O3 A86 DR . 144.67 -3.40 -58.67
O4 A86 DR . 148.76 -4.55 -58.33
O5 A86 DR . 149.79 -3.22 -56.76
C A86 ER . 156.01 11.27 -52.94
O A86 ER . 147.79 7.39 -62.41
C1 A86 ER . 155.87 12.79 -53.23
C10 A86 ER . 149.57 9.18 -60.09
C11 A86 ER . 148.29 8.71 -60.57
C12 A86 ER . 147.03 9.50 -60.31
C13 A86 ER . 148.26 7.43 -61.32
C14 A86 ER . 148.94 6.08 -60.61
C15 A86 ER . 149.35 4.92 -61.60
C16 A86 ER . 150.42 5.18 -62.65
C17 A86 ER . 149.89 5.49 -64.05
C18 A86 ER . 149.01 4.44 -64.53
C19 A86 ER . 147.76 4.32 -63.60
C2 A86 ER . 155.09 13.25 -54.31
C20 A86 ER . 148.23 4.05 -62.08
C21 A86 ER . 146.90 4.17 -61.25
C22 A86 ER . 151.30 3.88 -62.74
C23 A86 ER . 151.38 6.29 -62.24
C24 A86 ER . 156.57 13.82 -52.38
C25 A86 ER . 157.93 14.08 -52.62
C26 A86 ER . 158.70 15.21 -51.73
C27 A86 ER . 159.34 14.87 -50.53
C28 A86 ER . 159.32 13.48 -50.02
C29 A86 ER . 160.06 16.04 -49.70
C3 A86 ER . 154.42 12.30 -55.18
C30 A86 ER . 161.00 15.70 -48.64
C31 A86 ER . 161.92 15.37 -47.59
C32 A86 ER . 163.44 15.55 -47.80
C33 A86 ER . 164.35 14.58 -47.04
C34 A86 ER . 163.84 14.17 -45.64
C35 A86 ER . 162.35 13.76 -45.65
C36 A86 ER . 161.46 14.87 -46.22
C37 A86 ER . 160.03 14.31 -46.36
C38 A86 ER . 165.42 13.36 -44.03
C39 A86 ER . 165.71 12.25 -42.99
C4 A86 ER . 153.47 12.76 -56.11
C40 A86 ER . 163.82 17.00 -47.41
C41 A86 ER . 163.71 15.36 -49.32
C5 A86 ER . 152.76 11.61 -57.07
C6 A86 ER . 151.53 11.81 -57.71
C7 A86 ER . 150.71 13.17 -57.58
C8 A86 ER . 151.04 10.57 -58.61
C9 A86 ER . 149.75 10.48 -59.29
O1 A86 ER . 149.18 3.56 -61.05
O2 A86 ER . 148.59 4.74 -65.85
O3 A86 ER . 161.44 15.94 -45.31
O4 A86 ER . 164.60 13.08 -45.19
O5 A86 ER . 165.86 14.44 -43.88
C A86 FR . 139.33 33.32 -65.29
O A86 FR . 146.20 26.69 -56.00
C1 A86 FR . 139.89 32.51 -66.49
C10 A86 FR . 144.75 27.87 -59.05
C11 A86 FR . 145.29 26.88 -58.14
C12 A86 FR . 145.41 25.45 -58.52
C13 A86 FR . 145.70 27.39 -56.80
C14 A86 FR . 145.37 29.00 -56.51
C15 A86 FR . 145.72 29.58 -55.09
C16 A86 FR . 147.17 29.73 -54.67
C17 A86 FR . 147.69 28.76 -53.61
C18 A86 FR . 146.79 28.77 -52.45
C19 A86 FR . 145.46 28.13 -52.92
C2 A86 FR . 140.95 31.60 -66.32
C20 A86 FR . 144.81 29.16 -53.97
C21 A86 FR . 143.48 28.42 -54.39
C22 A86 FR . 147.28 31.17 -54.07
C23 A86 FR . 148.11 29.71 -55.85
C24 A86 FR . 139.32 32.66 -67.88
C25 A86 FR . 140.28 32.68 -68.91
C26 A86 FR . 139.89 32.80 -70.50
C27 A86 FR . 139.38 33.97 -71.12
C28 A86 FR . 139.12 35.23 -70.39
C29 A86 FR . 139.08 33.86 -72.68
C3 A86 FR . 141.52 31.40 -64.99
C30 A86 FR . 138.09 34.73 -73.29
C31 A86 FR . 137.13 35.56 -73.94
C32 A86 FR . 137.60 36.69 -74.87
C33 A86 FR . 136.53 37.71 -75.22
C34 A86 FR . 135.19 37.07 -75.63
C35 A86 FR . 134.68 36.11 -74.54
C36 A86 FR . 135.71 35.03 -74.19
C37 A86 FR . 135.26 34.32 -72.89
C38 A86 FR . 133.65 38.23 -77.05
C39 A86 FR . 134.56 38.35 -78.30
C4 A86 FR . 142.02 30.16 -64.64
C40 A86 FR . 138.17 36.09 -76.18
C41 A86 FR . 138.76 37.43 -74.15
C5 A86 FR . 142.66 29.96 -63.11
C6 A86 FR . 142.89 28.70 -62.56
C7 A86 FR . 142.58 27.37 -63.35
C8 A86 FR . 143.52 28.70 -61.08
C9 A86 FR . 144.25 27.58 -60.49
O1 A86 FR . 144.68 30.51 -54.58
O2 A86 FR . 147.30 28.03 -51.38
O3 A86 FR . 135.74 34.08 -75.22
O4 A86 FR . 134.26 38.11 -75.75
O5 A86 FR . 132.49 38.25 -77.18
C A86 GR . 129.03 22.99 -49.47
O A86 GR . 130.07 14.13 -58.02
C1 A86 GR . 129.27 21.96 -48.32
C10 A86 GR . 129.13 14.47 -54.89
C11 A86 GR . 129.03 15.08 -56.20
C12 A86 GR . 128.88 16.56 -56.31
C13 A86 GR . 129.06 14.23 -57.42
C14 A86 GR . 127.68 13.46 -57.98
C15 A86 GR . 126.87 14.54 -58.77
C16 A86 GR . 125.41 14.77 -58.36
C17 A86 GR . 124.33 15.10 -59.41
C18 A86 GR . 124.78 15.37 -60.77
C19 A86 GR . 125.86 14.32 -61.18
C2 A86 GR . 129.36 20.59 -48.60
C20 A86 GR . 127.12 14.66 -60.24
C21 A86 GR . 128.24 13.69 -60.78
C22 A86 GR . 124.88 13.54 -57.58
C23 A86 GR . 125.40 15.92 -57.39
C24 A86 GR . 129.42 22.42 -46.89
C25 A86 GR . 129.02 23.72 -46.49
C26 A86 GR . 129.21 24.14 -44.92
C27 A86 GR . 129.48 25.49 -44.57
C28 A86 GR . 129.59 26.50 -45.65
C29 A86 GR . 129.67 25.91 -43.05
C3 A86 GR . 129.24 20.04 -49.96
C30 A86 GR . 129.50 27.30 -42.65
C31 A86 GR . 129.34 28.67 -42.25
C32 A86 GR . 130.37 29.73 -42.66
C33 A86 GR . 130.28 31.11 -42.04
C34 A86 GR . 128.86 31.53 -41.68
C35 A86 GR . 128.09 30.48 -40.85
C36 A86 GR . 128.47 28.99 -41.01
C37 A86 GR . 129.19 28.50 -39.72
C38 A86 GR . 127.77 33.35 -40.50
C39 A86 GR . 126.82 33.97 -41.57
C4 A86 GR . 129.43 18.66 -50.09
C40 A86 GR . 131.77 29.16 -42.33
C41 A86 GR . 130.29 29.91 -44.19
C5 A86 GR . 129.33 17.85 -51.53
C6 A86 GR . 130.27 16.83 -51.72
C7 A86 GR . 131.32 16.55 -50.55
C8 A86 GR . 130.32 15.93 -53.05
C9 A86 GR . 129.09 15.35 -53.62
O1 A86 GR . 127.80 15.58 -59.30
O2 A86 GR . 123.69 15.30 -61.66
O3 A86 GR . 127.30 28.25 -41.13
O4 A86 GR . 129.00 32.71 -40.91
O5 A86 GR . 127.51 33.41 -39.35
C A86 HR . 135.35 41.21 -58.77
O A86 HR . 136.25 43.45 -70.88
C1 A86 HR . 136.90 41.13 -58.62
C10 A86 HR . 137.91 41.90 -68.51
C11 A86 HR . 136.58 42.11 -69.04
C12 A86 HR . 135.40 42.09 -68.11
C13 A86 HR . 136.38 42.35 -70.50
C14 A86 HR . 136.29 41.07 -71.57
C15 A86 HR . 134.84 40.51 -71.49
C16 A86 HR . 134.67 39.02 -71.20
C17 A86 HR . 133.54 38.20 -71.84
C18 A86 HR . 132.52 38.95 -72.58
C19 A86 HR . 133.20 40.02 -73.47
C2 A86 HR . 137.72 41.20 -59.76
C20 A86 HR . 133.82 41.07 -72.44
C21 A86 HR . 134.38 42.21 -73.36
C22 A86 HR . 135.99 38.24 -71.54
C23 A86 HR . 134.49 38.87 -69.71
C24 A86 HR . 137.54 41.01 -57.26
C25 A86 HR . 136.80 40.62 -56.13
C26 A86 HR . 137.58 40.50 -54.69
C27 A86 HR . 136.88 40.79 -53.49
C28 A86 HR . 135.46 41.18 -53.55
C29 A86 HR . 137.63 40.68 -52.08
C3 A86 HR . 137.19 41.33 -61.13
C30 A86 HR . 136.85 40.51 -50.85
C31 A86 HR . 136.11 40.35 -49.65
C32 A86 HR . 135.26 41.52 -49.10
C33 A86 HR . 134.67 41.38 -47.70
C34 A86 HR . 134.33 39.95 -47.32
C35 A86 HR . 135.49 38.96 -47.53
C36 A86 HR . 136.53 39.28 -48.62
C37 A86 HR . 137.87 39.67 -47.97
C38 A86 HR . 133.60 38.76 -45.34
C39 A86 HR . 132.26 38.09 -45.79
C4 A86 HR . 138.13 41.45 -62.15
C40 A86 HR . 136.16 42.77 -49.09
C41 A86 HR . 134.09 41.77 -50.08
C5 A86 HR . 137.73 41.61 -63.75
C6 A86 HR . 138.52 42.50 -64.49
C7 A86 HR . 139.70 43.26 -63.73
C8 A86 HR . 138.30 42.77 -66.06
C9 A86 HR . 138.10 41.66 -67.00
O1 A86 HR . 133.91 41.58 -71.05
O2 A86 HR . 131.77 38.06 -73.38
O3 A86 HR . 136.76 38.10 -49.36
O4 A86 HR . 134.02 40.00 -45.94
O5 A86 HR . 134.27 38.26 -44.50
MG CLA IR . 136.37 14.36 -36.31
CHA CLA IR . 136.57 17.80 -36.55
CHB CLA IR . 135.76 14.62 -32.99
CHC CLA IR . 136.13 10.95 -36.16
CHD CLA IR . 137.17 14.12 -39.75
NA CLA IR . 136.20 15.97 -35.00
C1A CLA IR . 136.29 17.34 -35.29
C2A CLA IR . 136.09 18.17 -34.01
C3A CLA IR . 135.87 17.11 -32.93
C4A CLA IR . 135.94 15.79 -33.68
CMA CLA IR . 136.92 17.21 -31.86
CAA CLA IR . 134.87 19.07 -34.02
CBA CLA IR . 133.61 18.31 -34.39
CGA CLA IR . 132.59 19.30 -34.85
O1A CLA IR . 132.17 20.30 -34.25
O2A CLA IR . 132.09 19.01 -36.08
NB CLA IR . 135.93 13.05 -34.86
C1B CLA IR . 135.82 13.33 -33.56
C2B CLA IR . 135.77 12.08 -32.75
C3B CLA IR . 135.88 11.05 -33.65
C4B CLA IR . 135.98 11.65 -35.00
CMB CLA IR . 135.65 12.05 -31.30
CAB CLA IR . 135.92 9.64 -33.43
CBB CLA IR . 137.05 8.95 -33.36
NC CLA IR . 136.60 12.84 -37.71
C1C CLA IR . 136.44 11.51 -37.43
C2C CLA IR . 136.60 10.71 -38.62
C3C CLA IR . 136.94 11.60 -39.63
C4C CLA IR . 136.94 12.93 -39.05
CMC CLA IR . 136.45 9.26 -38.68
CAC CLA IR . 137.19 11.26 -41.04
CBC CLA IR . 135.90 11.26 -41.82
ND CLA IR . 136.85 15.60 -37.81
C1D CLA IR . 137.10 15.36 -39.20
C2D CLA IR . 137.28 16.67 -39.86
C3D CLA IR . 137.11 17.63 -38.89
C4D CLA IR . 136.84 16.91 -37.64
CMD CLA IR . 137.55 16.84 -41.28
CAD CLA IR . 137.09 19.04 -38.61
OBD CLA IR . 137.30 19.99 -39.36
CBD CLA IR . 136.72 19.19 -37.11
CGD CLA IR . 137.78 19.90 -36.36
O1D CLA IR . 138.94 19.55 -36.19
O2D CLA IR . 137.34 21.06 -35.79
CED CLA IR . 137.84 21.38 -34.48
C1 CLA IR . 130.75 19.47 -36.37
C2 CLA IR . 130.26 18.67 -37.51
C3 CLA IR . 129.35 19.12 -38.39
C4 CLA IR . 128.77 20.46 -38.29
C5 CLA IR . 128.90 18.27 -39.53
C6 CLA IR . 128.94 19.04 -40.83
C7 CLA IR . 129.24 18.16 -42.02
C8 CLA IR . 130.23 18.80 -42.98
C9 CLA IR . 129.86 20.23 -43.30
C10 CLA IR . 130.31 17.99 -44.26
C11 CLA IR . 128.98 17.98 -44.99
C12 CLA IR . 128.60 16.58 -45.40
C13 CLA IR . 127.64 16.60 -46.58
C14 CLA IR . 126.30 17.20 -46.18
C15 CLA IR . 127.43 15.20 -47.14
C16 CLA IR . 127.55 15.19 -48.65
C17 CLA IR . 126.20 15.10 -49.31
C18 CLA IR . 126.30 15.26 -50.81
C19 CLA IR . 126.81 13.99 -51.46
C20 CLA IR . 124.96 15.64 -51.38
MG CLA JR . 110.27 22.61 -21.53
CHA CLA JR . 111.16 24.59 -18.91
CHB CLA JR . 112.30 20.09 -20.39
CHC CLA JR . 109.33 20.71 -24.20
CHD CLA JR . 107.95 25.09 -22.54
NA CLA JR . 111.55 22.44 -19.92
C1A CLA JR . 111.77 23.38 -18.92
C2A CLA JR . 112.79 22.82 -17.93
C3A CLA JR . 113.19 21.47 -18.51
C4A CLA JR . 112.28 21.30 -19.69
CMA CLA JR . 114.57 21.75 -19.01
CAA CLA JR . 112.50 22.60 -16.44
CBA CLA JR . 111.29 21.90 -15.82
CGA CLA JR . 110.28 21.44 -16.82
O1A CLA JR . 109.42 22.13 -17.37
O2A CLA JR . 110.34 20.10 -17.12
NB CLA JR . 110.67 20.74 -22.14
C1B CLA JR . 111.54 19.88 -21.55
C2B CLA JR . 111.64 18.66 -22.38
C3B CLA JR . 110.82 18.82 -23.45
C4B CLA JR . 110.21 20.16 -23.33
CMB CLA JR . 112.51 17.54 -22.05
CAB CLA JR . 110.56 17.97 -24.57
CBB CLA JR . 109.69 16.98 -24.53
NC CLA JR . 108.93 22.87 -23.09
C1C CLA JR . 108.73 21.98 -24.09
C2C CLA JR . 107.77 22.50 -25.05
C3C CLA JR . 107.34 23.70 -24.55
C4C CLA JR . 108.06 23.94 -23.31
CMC CLA JR . 107.30 21.86 -26.26
CAC CLA JR . 106.39 24.59 -25.19
CBC CLA JR . 104.99 24.44 -24.65
ND CLA JR . 109.75 24.48 -21.01
C1D CLA JR . 108.75 25.36 -21.46
C2D CLA JR . 108.74 26.58 -20.63
C3D CLA JR . 109.69 26.36 -19.67
C4D CLA JR . 110.23 25.00 -19.90
CMD CLA JR . 107.90 27.74 -20.85
CAD CLA JR . 110.31 26.87 -18.48
OBD CLA JR . 110.14 27.94 -17.93
CBD CLA JR . 111.24 25.75 -17.96
CGD CLA JR . 112.62 26.33 -17.98
O1D CLA JR . 113.15 26.91 -18.91
O2D CLA JR . 113.33 26.17 -16.83
CED CLA JR . 113.31 27.26 -15.91
C1 CLA JR . 109.46 19.71 -18.19
C2 CLA JR . 109.37 18.23 -18.26
C3 CLA JR . 108.95 17.60 -19.36
C4 CLA JR . 108.56 18.35 -20.57
C5 CLA JR . 108.85 16.13 -19.45
C6 CLA JR . 107.47 15.63 -19.09
C7 CLA JR . 106.63 15.24 -20.30
C8 CLA JR . 105.15 15.01 -20.01
C9 CLA JR . 104.80 14.79 -18.55
C10 CLA JR . 104.64 13.81 -20.79
C11 CLA JR . 103.29 14.13 -21.40
C12 CLA JR . 103.47 14.90 -22.68
C13 CLA JR . 102.67 14.27 -23.80
C14 CLA JR . 103.14 12.86 -24.11
C15 CLA JR . 102.75 15.12 -25.05
C16 CLA JR . 102.03 16.42 -24.82
C17 CLA JR . 101.69 17.06 -26.15
C18 CLA JR . 100.41 17.88 -26.12
C19 CLA JR . 100.03 18.25 -27.54
C20 CLA JR . 99.27 17.11 -25.49
MG CLA KR . 111.82 12.03 -26.85
CHA CLA KR . 114.12 11.10 -24.44
CHB CLA KR . 109.93 13.53 -24.52
CHC CLA KR . 109.43 12.65 -29.23
CHD CLA KR . 113.87 10.60 -29.33
NA CLA KR . 112.03 12.29 -24.80
C1A CLA KR . 113.05 11.83 -23.94
C2A CLA KR . 112.71 12.27 -22.50
C3A CLA KR . 111.60 13.32 -22.70
C4A CLA KR . 111.12 13.02 -24.10
CMA CLA KR . 110.47 13.24 -21.71
CAA CLA KR . 113.79 12.82 -21.57
CBA CLA KR . 113.69 12.20 -20.19
CGA CLA KR . 115.03 12.04 -19.56
O1A CLA KR . 115.31 11.38 -18.57
O2A CLA KR . 116.03 12.71 -20.20
NB CLA KR . 110.08 13.02 -26.90
C1B CLA KR . 109.38 13.37 -25.80
C2B CLA KR . 107.95 13.59 -26.10
C3B CLA KR . 107.82 13.34 -27.45
C4B CLA KR . 109.16 12.98 -27.96
CMB CLA KR . 107.03 13.98 -25.05
CAB CLA KR . 106.70 13.35 -28.36
CBB CLA KR . 105.48 13.84 -28.17
NC CLA KR . 111.70 11.71 -28.91
C1C CLA KR . 110.63 12.06 -29.68
C2C CLA KR . 110.86 11.69 -31.06
C3C CLA KR . 112.12 11.10 -31.10
C4C CLA KR . 112.65 11.14 -29.75
CMC CLA KR . 109.92 11.90 -32.14
CAC CLA KR . 112.79 10.57 -32.27
CBC CLA KR . 113.70 11.63 -32.82
ND CLA KR . 113.55 11.02 -26.93
C1D CLA KR . 114.29 10.52 -28.02
C2D CLA KR . 115.53 9.93 -27.52
C3D CLA KR . 115.49 10.07 -26.16
C4D CLA KR . 114.25 10.79 -25.83
CMD CLA KR . 116.52 9.29 -28.37
CAD CLA KR . 116.18 9.82 -24.92
OBD CLA KR . 117.22 9.22 -24.73
CBD CLA KR . 115.37 10.53 -23.81
CGD CLA KR . 114.98 9.60 -22.70
O1D CLA KR . 113.87 9.40 -22.22
O2D CLA KR . 116.02 8.93 -22.16
CED CLA KR . 116.94 9.68 -21.38
MG CLA LR . 113.76 17.25 -47.15
CHA CLA LR . 113.25 15.94 -50.29
CHB CLA LR . 113.25 14.19 -45.78
CHC CLA LR . 114.48 18.56 -44.06
CHD CLA LR . 114.37 20.39 -48.61
NA CLA LR . 113.31 15.38 -47.94
C1A CLA LR . 113.17 15.03 -49.27
C2A CLA LR . 112.89 13.54 -49.41
C3A CLA LR . 112.71 13.07 -47.96
C4A CLA LR . 113.14 14.29 -47.15
CMA CLA LR . 111.29 12.71 -47.67
CAA CLA LR . 114.05 12.73 -49.97
CBA CLA LR . 115.43 13.38 -50.05
CGA CLA LR . 116.10 13.55 -48.72
O1A CLA LR . 116.64 12.70 -48.02
O2A CLA LR . 116.11 14.84 -48.28
NB CLA LR . 113.80 16.52 -45.28
C1B CLA LR . 113.60 15.24 -44.93
C2B CLA LR . 113.80 15.09 -43.46
C3B CLA LR . 114.15 16.32 -42.97
C4B CLA LR . 114.16 17.25 -44.12
CMB CLA LR . 113.65 13.82 -42.79
CAB CLA LR . 114.47 16.76 -41.65
CBB CLA LR . 113.66 16.67 -40.61
NC CLA LR . 114.28 19.14 -46.47
C1C CLA LR . 114.52 19.45 -45.16
C2C CLA LR . 114.88 20.85 -45.05
C3C CLA LR . 114.86 21.37 -46.34
C4C CLA LR . 114.50 20.29 -47.23
CMC CLA LR . 115.18 21.53 -43.80
CAC CLA LR . 115.15 22.75 -46.75
CBC CLA LR . 116.58 22.91 -47.21
ND CLA LR . 113.79 18.05 -48.99
C1D CLA LR . 114.06 19.35 -49.46
C2D CLA LR . 113.91 19.38 -50.91
C3D CLA LR . 113.56 18.11 -51.29
C4D CLA LR . 113.54 17.31 -50.06
CMD CLA LR . 114.09 20.56 -51.73
CAD CLA LR . 113.24 17.22 -52.38
OBD CLA LR . 113.09 17.48 -53.56
CBD CLA LR . 113.06 15.81 -51.78
CGD CLA LR . 111.68 15.30 -52.03
O1D CLA LR . 111.31 14.12 -52.08
O2D CLA LR . 110.78 16.28 -52.23
CED CLA LR . 109.39 15.95 -52.08
C1 CLA LR . 117.25 15.68 -48.51
C2 CLA LR . 117.10 16.79 -47.53
C3 CLA LR . 117.94 17.81 -47.42
C4 CLA LR . 119.13 17.95 -48.28
C5 CLA LR . 117.72 18.87 -46.41
C6 CLA LR . 118.91 19.09 -45.50
C7 CLA LR . 118.75 18.38 -44.17
C8 CLA LR . 120.00 18.56 -43.31
C9 CLA LR . 120.69 17.24 -43.03
C10 CLA LR . 119.68 19.25 -41.99
C11 CLA LR . 120.89 20.00 -41.45
C12 CLA LR . 121.47 20.95 -42.47
C13 CLA LR . 121.51 22.39 -41.98
C14 CLA LR . 120.16 23.07 -42.09
C15 CLA LR . 122.53 23.20 -42.78
C16 CLA LR . 123.93 22.83 -42.36
C17 CLA LR . 124.96 23.09 -43.46
C18 CLA LR . 125.68 21.81 -43.91
C19 CLA LR . 126.08 20.92 -42.76
C20 CLA LR . 124.85 21.05 -44.91
MG CLA MR . 123.11 7.58 -51.55
CHA CLA MR . 126.27 8.50 -50.54
CHB CLA MR . 121.75 9.43 -49.06
CHC CLA MR . 120.00 6.41 -52.43
CHD CLA MR . 124.54 5.51 -54.01
NA CLA MR . 123.91 8.83 -50.09
C1A CLA MR . 125.25 9.07 -49.81
C2A CLA MR . 125.37 10.04 -48.62
C3A CLA MR . 123.90 10.38 -48.26
C4A CLA MR . 123.11 9.49 -49.21
CMA CLA MR . 123.58 10.07 -46.83
CAA CLA MR . 126.09 11.33 -48.93
CBA CLA MR . 127.35 11.42 -48.11
CGA CLA MR . 127.24 10.59 -46.85
O1A CLA MR . 127.69 9.47 -46.62
O2A CLA MR . 126.53 11.21 -45.86
NB CLA MR . 121.26 7.77 -50.81
C1B CLA MR . 120.90 8.67 -49.86
C2B CLA MR . 119.43 8.79 -49.80
C3B CLA MR . 118.93 7.93 -50.76
C4B CLA MR . 120.09 7.29 -51.41
CMB CLA MR . 118.81 9.71 -48.86
CAB CLA MR . 117.60 7.58 -51.23
CBB CLA MR . 116.42 8.00 -50.77
NC CLA MR . 122.40 6.27 -53.00
C1C CLA MR . 121.09 5.95 -53.19
C2C CLA MR . 120.95 4.99 -54.26
C3C CLA MR . 122.23 4.71 -54.71
C4C CLA MR . 123.15 5.51 -53.91
CMC CLA MR . 119.67 4.45 -54.72
CAC CLA MR . 122.62 3.79 -55.78
CBC CLA MR . 122.81 2.38 -55.27
ND CLA MR . 124.92 7.30 -52.36
C1D CLA MR . 125.38 6.32 -53.29
C2D CLA MR . 126.85 6.37 -53.33
C3D CLA MR . 127.24 7.22 -52.33
C4D CLA MR . 126.00 7.71 -51.70
CMD CLA MR . 127.68 5.64 -54.26
CAD CLA MR . 128.35 7.87 -51.69
OBD CLA MR . 129.53 7.93 -52.02
CBD CLA MR . 127.77 8.49 -50.40
CGD CLA MR . 128.16 7.63 -49.24
O1D CLA MR . 129.14 7.75 -48.49
O2D CLA MR . 127.33 6.57 -49.04
CED CLA MR . 127.94 5.29 -48.87
MG CLA NR . 120.24 10.18 -30.83
CHA CLA NR . 119.50 11.41 -27.71
CHB CLA NR . 122.57 8.11 -29.49
CHC CLA NR . 120.74 8.81 -33.92
CHD CLA NR . 117.58 12.08 -32.16
NA CLA NR . 120.97 9.91 -28.92
C1A CLA NR . 120.54 10.51 -27.73
C2A CLA NR . 121.37 10.03 -26.54
C3A CLA NR . 122.49 9.23 -27.23
C4A CLA NR . 122.00 9.05 -28.66
CMA CLA NR . 123.77 10.01 -27.25
CAA CLA NR . 120.63 9.08 -25.61
CBA CLA NR . 120.80 9.53 -24.17
CGA CLA NR . 122.09 10.26 -23.98
O1A CLA NR . 122.27 11.47 -23.90
O2A CLA NR . 123.17 9.44 -23.88
NB CLA NR . 121.39 8.70 -31.56
C1B CLA NR . 122.22 7.92 -30.83
C2B CLA NR . 122.81 6.89 -31.72
C3B CLA NR . 122.29 7.08 -32.97
C4B CLA NR . 121.43 8.27 -32.89
CMB CLA NR . 123.80 5.93 -31.27
CAB CLA NR . 122.56 6.38 -34.20
CBB CLA NR . 121.69 5.61 -34.86
NC CLA NR . 119.41 10.50 -32.71
C1C CLA NR . 119.82 9.88 -33.83
C2C CLA NR . 119.09 10.39 -34.97
C3C CLA NR . 118.11 11.23 -34.48
C4C CLA NR . 118.32 11.30 -33.05
CMC CLA NR . 119.34 9.97 -36.34
CAC CLA NR . 117.13 12.01 -35.26
CBC CLA NR . 115.92 11.24 -35.74
ND CLA NR . 119.01 11.65 -30.21
C1D CLA NR . 117.86 12.23 -30.83
C2D CLA NR . 117.12 13.03 -29.82
C3D CLA NR . 117.76 12.79 -28.64
C4D CLA NR . 118.87 11.85 -28.91
CMD CLA NR . 115.96 13.86 -30.09
CAD CLA NR . 117.79 13.08 -27.23
OBD CLA NR . 117.20 13.96 -26.61
CBD CLA NR . 118.76 12.08 -26.58
CGD CLA NR . 119.62 12.80 -25.59
O1D CLA NR . 119.69 12.62 -24.37
O2D CLA NR . 120.37 13.79 -26.13
CED CLA NR . 120.41 15.01 -25.40
MG CLA OR . 122.05 26.88 -32.66
CHA CLA OR . 125.12 27.10 -31.18
CHB CLA OR . 121.48 30.14 -31.89
CHC CLA OR . 119.06 26.65 -34.27
CHD CLA OR . 122.81 23.54 -33.56
NA CLA OR . 123.11 28.32 -31.62
C1A CLA OR . 124.39 28.23 -31.10
C2A CLA OR . 124.81 29.54 -30.43
C3A CLA OR . 123.48 30.31 -30.41
C4A CLA OR . 122.60 29.55 -31.38
CMA CLA OR . 122.88 30.15 -29.05
CAA CLA OR . 125.89 30.29 -31.21
CBA CLA OR . 125.39 31.34 -32.18
CGA CLA OR . 125.14 30.74 -33.51
O1A CLA OR . 125.96 30.20 -34.28
O2A CLA OR . 123.84 30.83 -33.92
NB CLA OR . 120.56 28.15 -33.03
C1B CLA OR . 120.58 29.47 -32.72
C2B CLA OR . 119.37 30.11 -33.21
C3B CLA OR . 118.66 29.16 -33.90
C4B CLA OR . 119.40 27.88 -33.75
CMB CLA OR . 119.16 31.53 -32.92
CAB CLA OR . 117.41 29.27 -34.57
CBB CLA OR . 116.34 29.92 -34.09
NC CLA OR . 121.09 25.36 -33.70
C1C CLA OR . 119.85 25.48 -34.25
C2C CLA OR . 119.49 24.20 -34.83
C3C CLA OR . 120.57 23.36 -34.71
C4C CLA OR . 121.58 24.08 -33.97
CMC CLA OR . 118.25 23.88 -35.49
CAC CLA OR . 120.67 21.98 -35.16
CBC CLA OR . 121.30 21.89 -36.53
ND CLA OR . 123.53 25.54 -32.39
C1D CLA OR . 123.71 24.21 -32.79
C2D CLA OR . 125.03 23.75 -32.36
C3D CLA OR . 125.61 24.81 -31.73
C4D CLA OR . 124.65 25.91 -31.79
CMD CLA OR . 125.56 22.41 -32.59
CAD CLA OR . 126.80 25.33 -31.08
OBD CLA OR . 127.90 24.82 -30.95
CBD CLA OR . 126.47 26.76 -30.63
CGD CLA OR . 126.34 26.84 -29.15
O1D CLA OR . 126.78 27.71 -28.39
O2D CLA OR . 125.63 25.82 -28.60
CED CLA OR . 124.96 26.09 -27.38
MG CLA PR . 111.81 32.57 -35.64
CHA CLA PR . 113.71 34.98 -34.03
CHB CLA PR . 114.55 31.60 -37.38
CHC CLA PR . 109.78 30.80 -37.75
CHD CLA PR . 108.95 33.79 -34.04
NA CLA PR . 113.82 33.10 -35.57
C1A CLA PR . 114.44 34.15 -34.86
C2A CLA PR . 115.94 34.15 -35.18
C3A CLA PR . 116.15 32.75 -35.79
C4A CLA PR . 114.76 32.44 -36.31
CMA CLA PR . 117.19 32.68 -36.88
CAA CLA PR . 116.88 34.20 -33.97
CBA CLA PR . 118.08 35.06 -34.20
CGA CLA PR . 118.13 36.20 -33.24
O1A CLA PR . 117.23 36.92 -32.82
O2A CLA PR . 119.39 36.47 -32.77
NB CLA PR . 112.13 31.28 -37.16
C1B CLA PR . 113.28 31.30 -37.86
C2B CLA PR . 113.02 30.96 -39.28
C3B CLA PR . 111.68 30.74 -39.40
C4B CLA PR . 111.10 30.91 -38.05
CMB CLA PR . 114.06 30.91 -40.30
CAB CLA PR . 110.91 30.39 -40.56
CBB CLA PR . 110.94 29.09 -40.91
NC CLA PR . 109.78 32.20 -35.72
C1C CLA PR . 109.18 31.38 -36.62
C2C CLA PR . 107.75 31.33 -36.40
C3C CLA PR . 107.49 32.25 -35.41
C4C CLA PR . 108.76 32.80 -34.99
CMC CLA PR . 106.82 30.52 -37.17
CAC CLA PR . 106.19 32.57 -34.83
CBC CLA PR . 105.82 31.57 -33.75
ND CLA PR . 111.40 33.87 -34.18
C1D CLA PR . 110.16 34.34 -33.69
C2D CLA PR . 110.40 35.45 -32.76
C3D CLA PR . 111.74 35.72 -32.84
C4D CLA PR . 112.32 34.75 -33.78
CMD CLA PR . 109.36 36.13 -31.99
CAD CLA PR . 112.81 36.53 -32.33
OBD CLA PR . 112.83 37.33 -31.41
CBD CLA PR . 114.04 36.21 -33.22
CGD CLA PR . 114.36 37.40 -34.05
O1D CLA PR . 114.85 38.46 -33.69
O2D CLA PR . 114.05 37.25 -35.37
CED CLA PR . 113.60 38.40 -36.08
MG CLA QR . 95.78 21.75 -34.47
CHA CLA QR . 92.67 21.30 -35.89
CHB CLA QR . 96.09 24.66 -36.14
CHC CLA QR . 98.70 22.33 -32.79
CHD CLA QR . 95.29 18.83 -32.57
NA CLA QR . 94.58 22.76 -35.83
C1A CLA QR . 93.31 22.44 -36.27
C2A CLA QR . 92.79 23.49 -37.23
C3A CLA QR . 94.06 24.28 -37.56
C4A CLA QR . 94.98 23.91 -36.41
CMA CLA QR . 94.64 23.84 -38.86
CAA CLA QR . 92.00 24.47 -36.39
CBA CLA QR . 90.51 24.25 -36.31
CGA CLA QR . 89.97 24.97 -35.11
O1A CLA QR . 89.47 26.09 -35.04
O2A CLA QR . 90.08 24.25 -33.95
NB CLA QR . 97.19 23.17 -34.54
C1B CLA QR . 97.02 24.37 -35.14
C2B CLA QR . 98.01 25.33 -34.63
C3B CLA QR . 98.74 24.68 -33.69
C4B CLA QR . 98.25 23.29 -33.63
CMB CLA QR . 98.09 26.71 -35.09
CAB CLA QR . 99.82 25.12 -32.88
CBB CLA QR . 101.10 25.00 -33.22
NC CLA QR . 96.84 20.69 -33.03
C1C CLA QR . 98.04 21.09 -32.53
C2C CLA QR . 98.51 20.12 -31.56
C3C CLA QR . 97.51 19.18 -31.43
C4C CLA QR . 96.46 19.54 -32.35
CMC CLA QR . 99.77 20.22 -30.84
CAC CLA QR . 97.51 18.03 -30.52
CBC CLA QR . 98.16 16.82 -31.11
ND CLA QR . 94.39 20.32 -34.30
C1D CLA QR . 94.31 19.18 -33.46
C2D CLA QR . 93.05 18.47 -33.77
C3D CLA QR . 92.41 19.21 -34.73
C4D CLA QR . 93.27 20.37 -34.99
CMD CLA QR . 92.65 17.23 -33.14
CAD CLA QR . 91.27 19.32 -35.60
OBD CLA QR . 90.38 18.52 -35.81
CBD CLA QR . 91.35 20.70 -36.28
CGD CLA QR . 91.26 20.51 -37.76
O1D CLA QR . 90.30 20.75 -38.49
O2D CLA QR . 92.39 19.99 -38.30
CED CLA QR . 92.50 19.98 -39.73
C A86 RR . 114.26 25.87 -39.16
O A86 RR . 101.51 27.13 -37.18
C1 A86 RR . 114.65 27.25 -38.53
C10 A86 RR . 104.90 26.50 -37.06
C11 A86 RR . 103.64 26.75 -36.41
C12 A86 RR . 103.61 27.38 -35.05
C13 A86 RR . 102.39 26.35 -37.09
C14 A86 RR . 102.24 24.82 -37.75
C15 A86 RR . 101.38 24.88 -39.05
C16 A86 RR . 101.54 26.04 -39.97
C17 A86 RR . 100.56 27.19 -39.70
C18 A86 RR . 99.20 26.73 -39.94
C19 A86 RR . 98.84 25.54 -38.98
C2 A86 RR . 113.68 28.21 -38.19
C20 A86 RR . 99.98 24.39 -38.96
C21 A86 RR . 99.66 23.61 -37.63
C22 A86 RR . 101.31 25.52 -41.43
C23 A86 RR . 102.94 26.59 -39.88
C24 A86 RR . 116.10 27.57 -38.25
C25 A86 RR . 117.14 26.59 -38.23
C26 A86 RR . 118.61 27.21 -37.88
C27 A86 RR . 119.46 27.63 -38.92
C28 A86 RR . 119.04 27.49 -40.33
C29 A86 RR . 120.90 28.27 -38.56
C3 A86 RR . 112.26 27.93 -38.43
C30 A86 RR . 122.08 27.45 -38.36
C31 A86 RR . 123.29 26.70 -38.18
C32 A86 RR . 124.28 26.63 -39.35
C33 A86 RR . 125.69 26.13 -38.99
C34 A86 RR . 125.57 25.01 -37.95
C35 A86 RR . 125.02 25.55 -36.62
C36 A86 RR . 123.96 26.67 -36.78
C37 A86 RR . 122.87 26.46 -35.72
C38 A86 RR . 125.28 22.99 -39.16
C39 A86 RR . 124.81 21.53 -38.91
C4 A86 RR . 111.53 27.33 -37.40
C40 A86 RR . 123.69 25.66 -40.42
C41 A86 RR . 124.40 28.04 -39.97
C5 A86 RR . 109.92 27.02 -37.67
C6 A86 RR . 108.90 27.23 -36.74
C7 A86 RR . 109.18 27.80 -35.27
C8 A86 RR . 107.42 26.86 -37.23
C9 A86 RR . 106.22 26.89 -36.38
O1 A86 RR . 101.01 23.55 -39.58
O2 A86 RR . 98.31 27.80 -39.69
O3 A86 RR . 124.59 27.89 -36.57
O4 A86 RR . 124.65 24.08 -38.45
O5 A86 RR . 126.14 23.21 -39.92
C A86 SR . 105.32 18.34 -28.53
O A86 SR . 111.00 13.75 -40.02
C1 A86 SR . 106.64 18.11 -27.77
C10 A86 SR . 110.03 15.03 -36.84
C11 A86 SR . 110.98 14.59 -37.84
C12 A86 SR . 112.41 14.30 -37.51
C13 A86 SR . 110.47 14.43 -39.23
C14 A86 SR . 109.08 15.29 -39.59
C15 A86 SR . 108.33 14.90 -40.92
C16 A86 SR . 107.70 13.53 -41.05
C17 A86 SR . 108.40 12.55 -41.98
C18 A86 SR . 108.54 13.14 -43.31
C19 A86 SR . 109.53 14.35 -43.19
C2 A86 SR . 107.76 17.56 -28.42
C20 A86 SR . 108.87 15.44 -42.21
C21 A86 SR . 110.00 16.51 -42.04
C22 A86 SR . 106.27 13.82 -41.60
C23 A86 SR . 107.48 12.82 -39.73
C24 A86 SR . 106.72 18.50 -26.32
C25 A86 SR . 105.53 18.84 -25.61
C26 A86 SR . 105.62 19.30 -24.04
C27 A86 SR . 105.74 18.33 -23.02
C28 A86 SR . 105.80 16.90 -23.32
C29 A86 SR . 105.84 18.78 -21.48
C3 A86 SR . 107.65 17.21 -29.84
C30 A86 SR . 104.91 19.72 -20.86
C31 A86 SR . 104.03 20.63 -20.22
C32 A86 SR . 102.73 20.12 -19.57
C33 A86 SR . 101.52 21.07 -19.60
C34 A86 SR . 101.87 22.56 -19.50
C35 A86 SR . 103.03 22.96 -20.45
C36 A86 SR . 104.28 22.15 -20.12
C37 A86 SR . 105.41 22.50 -21.11
C38 A86 SR . 99.87 23.54 -18.71
C39 A86 SR . 98.34 23.30 -18.82
C4 A86 SR . 108.71 16.62 -30.51
C40 A86 SR . 103.03 19.75 -18.08
C41 A86 SR . 102.31 18.82 -20.31
C5 A86 SR . 108.51 16.28 -32.12
C6 A86 SR . 109.62 16.05 -32.92
C7 A86 SR . 111.08 16.07 -32.31
C8 A86 SR . 109.38 15.75 -34.49
C9 A86 SR . 110.43 15.25 -35.37
O1 A86 SR . 107.70 16.07 -41.56
O2 A86 SR . 109.06 12.19 -44.21
O3 A86 SR . 104.72 22.47 -18.82
O4 A86 SR . 100.73 23.29 -19.85
O5 A86 SR . 100.34 23.91 -17.70
C A86 TR . 96.16 19.13 -27.10
O A86 TR . 104.81 29.54 -28.67
C1 A86 TR . 95.46 19.72 -28.36
C10 A86 TR . 101.92 27.54 -28.15
C11 A86 TR . 103.09 27.98 -28.90
C12 A86 TR . 103.16 27.70 -30.37
C13 A86 TR . 104.20 28.66 -28.18
C14 A86 TR . 104.58 28.05 -26.67
C15 A86 TR . 105.00 29.06 -25.52
C16 A86 TR . 103.98 30.04 -24.96
C17 A86 TR . 104.23 31.53 -25.21
C18 A86 TR . 105.57 31.91 -24.83
C19 A86 TR . 106.56 31.18 -25.78
C2 A86 TR . 95.77 21.00 -28.86
C20 A86 TR . 106.39 29.59 -25.52
C21 A86 TR . 107.32 28.97 -26.62
C22 A86 TR . 104.03 29.83 -23.43
C23 A86 TR . 102.55 29.72 -25.35
C24 A86 TR . 94.44 18.92 -29.13
C25 A86 TR . 93.68 17.82 -28.66
C26 A86 TR . 92.69 17.20 -29.80
C27 A86 TR . 91.39 17.70 -30.04
C28 A86 TR . 90.85 18.83 -29.23
C29 A86 TR . 90.51 17.05 -31.20
C3 A86 TR . 96.78 21.86 -28.24
C30 A86 TR . 89.67 15.88 -30.99
C31 A86 TR . 88.84 14.73 -30.79
C32 A86 TR . 87.95 14.57 -29.52
C33 A86 TR . 87.05 13.32 -29.44
C34 A86 TR . 87.46 12.06 -30.25
C35 A86 TR . 88.77 12.19 -31.06
C36 A86 TR . 88.83 13.55 -31.78
C37 A86 TR . 90.12 13.60 -32.62
C38 A86 TR . 88.71 10.60 -28.69
C39 A86 TR . 89.41 9.23 -28.93
C4 A86 TR . 96.89 23.20 -28.63
C40 A86 TR . 88.86 14.64 -28.26
C41 A86 TR . 87.01 15.81 -29.49
C5 A86 TR . 98.07 24.13 -27.94
C6 A86 TR . 98.66 25.13 -28.72
C7 A86 TR . 98.20 25.36 -30.22
C8 A86 TR . 99.85 25.99 -28.06
C9 A86 TR . 100.78 26.79 -28.87
O1 A86 TR . 106.03 28.46 -24.65
O2 A86 TR . 105.76 33.31 -24.97
O3 A86 TR . 87.72 13.67 -32.65
O4 A86 TR . 87.49 10.93 -29.40
O5 A86 TR . 89.19 11.35 -27.93
C A86 UR . 121.35 14.83 -49.64
O A86 UR . 117.58 16.02 -36.92
C1 A86 UR . 120.51 13.55 -49.91
C10 A86 UR . 118.01 15.00 -40.32
C11 A86 UR . 117.29 15.20 -39.09
C12 A86 UR . 115.86 14.77 -38.92
C13 A86 UR . 118.04 15.86 -37.99
C14 A86 UR . 119.58 16.38 -38.37
C15 A86 UR . 120.40 17.16 -37.29
C16 A86 UR . 120.90 16.43 -36.06
C17 A86 UR . 120.21 16.74 -34.73
C18 A86 UR . 120.19 18.18 -34.52
C19 A86 UR . 119.23 18.78 -35.59
C2 A86 UR . 119.87 12.86 -48.87
C20 A86 UR . 119.96 18.56 -37.00
C21 A86 UR . 118.92 19.18 -38.01
C22 A86 UR . 122.40 16.83 -35.90
C23 A86 UR . 120.92 14.92 -36.26
C24 A86 UR . 120.35 12.99 -51.30
C25 A86 UR . 120.43 11.59 -51.40
C26 A86 UR . 120.25 10.78 -52.81
C27 A86 UR . 121.19 10.77 -53.87
C28 A86 UR . 122.47 11.53 -53.82
C29 A86 UR . 120.82 9.89 -55.15
C3 A86 UR . 119.98 13.36 -47.51
C30 A86 UR . 121.38 10.21 -56.44
C31 A86 UR . 121.89 10.49 -57.73
C32 A86 UR . 122.97 9.58 -58.34
C33 A86 UR . 123.69 10.16 -59.56
C34 A86 UR . 122.74 10.80 -60.58
C35 A86 UR . 121.85 11.86 -59.93
C36 A86 UR . 121.06 11.31 -58.74
C37 A86 UR . 120.46 12.50 -57.96
C38 A86 UR . 123.37 10.96 -62.89
C39 A86 UR . 123.49 9.44 -63.19
C4 A86 UR . 118.91 13.20 -46.62
C40 A86 UR . 122.32 8.23 -58.74
C41 A86 UR . 124.02 9.29 -57.24
C5 A86 UR . 119.07 13.78 -45.08
C6 A86 UR . 117.97 13.93 -44.23
C7 A86 UR . 116.49 13.53 -44.68
C8 A86 UR . 118.28 14.52 -42.77
C9 A86 UR . 117.45 14.34 -41.59
O1 A86 UR . 121.15 18.31 -37.85
O2 A86 UR . 119.72 18.53 -33.25
O3 A86 UR . 120.01 10.53 -59.21
O4 A86 UR . 123.54 11.43 -61.54
O5 A86 UR . 123.12 11.71 -63.77
MG CLA VR . 106.64 35.55 -27.48
CHA CLA VR . 109.99 35.63 -28.30
CHB CLA VR . 107.04 38.27 -25.51
CHC CLA VR . 103.31 35.42 -26.77
CHD CLA VR . 106.29 32.62 -29.45
NA CLA VR . 108.28 36.75 -27.00
C1A CLA VR . 109.59 36.64 -27.48
C2A CLA VR . 110.47 37.73 -26.90
C3A CLA VR . 109.52 38.53 -26.01
C4A CLA VR . 108.18 37.82 -26.17
CMA CLA VR . 110.16 38.45 -24.67
CAA CLA VR . 111.01 38.71 -27.91
CBA CLA VR . 109.93 39.22 -28.84
CGA CLA VR . 110.59 40.05 -29.90
O1A CLA VR . 111.08 41.18 -29.79
O2A CLA VR . 110.63 39.43 -31.10
NB CLA VR . 105.41 36.65 -26.38
C1B CLA VR . 105.75 37.69 -25.60
C2B CLA VR . 104.55 38.17 -24.86
C3B CLA VR . 103.52 37.37 -25.22
C4B CLA VR . 104.04 36.39 -26.19
CMB CLA VR . 104.57 39.30 -23.94
CAB CLA VR . 102.14 37.34 -24.81
CBB CLA VR . 101.69 37.16 -23.57
NC CLA VR . 105.11 34.27 -28.03
C1C CLA VR . 103.81 34.42 -27.65
C2C CLA VR . 102.98 33.40 -28.25
C3C CLA VR . 103.84 32.59 -28.98
C4C CLA VR . 105.16 33.14 -28.83
CMC CLA VR . 101.53 33.30 -28.09
CAC CLA VR . 103.49 31.43 -29.80
CBC CLA VR . 103.11 31.83 -31.19
ND CLA VR . 107.81 34.35 -28.59
C1D CLA VR . 107.53 33.19 -29.36
C2D CLA VR . 108.76 32.73 -29.99
C3D CLA VR . 109.73 33.62 -29.60
C4D CLA VR . 109.09 34.61 -28.73
CMD CLA VR . 108.84 31.57 -30.86
CAD CLA VR . 111.11 33.95 -29.68
OBD CLA VR . 111.98 33.33 -30.26
CBD CLA VR . 111.32 35.25 -28.90
CGD CLA VR . 112.32 35.08 -27.80
O1D CLA VR . 112.49 34.08 -27.12
O2D CLA VR . 113.08 36.17 -27.57
CED CLA VR . 113.60 36.36 -26.25
C1 CLA VR . 110.54 40.29 -32.25
C2 CLA VR . 109.76 39.54 -33.27
C3 CLA VR . 109.80 39.87 -34.57
C4 CLA VR . 110.61 40.98 -35.09
C5 CLA VR . 109.02 39.09 -35.56
C6 CLA VR . 109.75 37.87 -36.06
C7 CLA VR . 108.78 37.01 -36.80
C8 CLA VR . 109.43 35.76 -37.35
C9 CLA VR . 110.48 36.14 -38.36
C10 CLA VR . 108.40 34.80 -37.94
C11 CLA VR . 107.37 35.47 -38.83
C12 CLA VR . 106.03 34.79 -38.76
C13 CLA VR . 105.16 35.11 -39.96
C14 CLA VR . 104.79 36.57 -39.99
C15 CLA VR . 103.90 34.26 -40.02
C16 CLA VR . 103.85 33.38 -41.26
C17 CLA VR . 103.41 34.13 -42.50
C18 CLA VR . 103.22 33.20 -43.69
C19 CLA VR . 101.76 32.90 -43.93
C20 CLA VR . 103.83 33.80 -44.95
C A86 WR . 112.27 33.24 -43.23
O A86 WR . 102.89 25.87 -45.74
C1 A86 WR . 111.89 33.26 -41.72
C10 A86 WR . 104.51 27.54 -44.27
C11 A86 WR . 103.58 28.00 -45.28
C12 A86 WR . 103.55 29.45 -45.69
C13 A86 WR . 102.68 27.01 -45.91
C14 A86 WR . 101.37 27.49 -46.82
C15 A86 WR . 101.91 27.96 -48.21
C16 A86 WR . 101.28 29.18 -48.83
C17 A86 WR . 100.18 28.84 -49.82
C18 A86 WR . 100.76 28.10 -50.94
C19 A86 WR . 101.24 26.70 -50.42
C2 A86 WR . 110.89 32.41 -41.21
C20 A86 WR . 102.25 26.89 -49.19
C21 A86 WR . 102.31 25.44 -48.58
C22 A86 WR . 100.66 30.10 -47.72
C23 A86 WR . 102.37 29.97 -49.52
C24 A86 WR . 112.59 34.20 -40.75
C25 A86 WR . 113.97 34.46 -40.80
C26 A86 WR . 114.53 35.49 -39.66
C27 A86 WR . 115.91 35.69 -39.42
C28 A86 WR . 116.93 34.97 -40.21
C29 A86 WR . 116.32 36.72 -38.28
C3 A86 WR . 110.17 31.48 -42.07
C30 A86 WR . 117.65 37.30 -38.18
C31 A86 WR . 118.94 37.91 -38.02
C32 A86 WR . 120.21 37.04 -37.90
C33 A86 WR . 121.52 37.82 -37.66
C34 A86 WR . 121.43 39.28 -38.16
C35 A86 WR . 120.23 40.06 -37.58
C36 A86 WR . 119.05 39.16 -37.15
C37 A86 WR . 119.27 38.70 -35.70
C38 A86 WR . 123.16 40.74 -38.88
C39 A86 WR . 123.25 40.14 -40.31
C4 A86 WR . 109.14 31.99 -42.88
C40 A86 WR . 120.02 36.07 -36.72
C41 A86 WR . 120.35 36.23 -39.21
C5 A86 WR . 108.28 30.98 -43.88
C6 A86 WR . 106.99 30.66 -43.43
C7 A86 WR . 106.48 31.27 -42.05
C8 A86 WR . 106.03 29.71 -44.28
C9 A86 WR . 105.47 28.54 -43.59
O1 A86 WR . 103.32 27.62 -48.46
O2 A86 WR . 99.79 27.92 -51.95
O3 A86 WR . 117.85 39.88 -37.26
O4 A86 WR . 122.62 39.95 -37.80
O5 A86 WR . 123.53 41.83 -38.67
MG CLA XR . 109.00 65.90 -35.88
CHA CLA XR . 111.37 67.48 -33.96
CHB CLA XR . 107.25 65.04 -33.06
CHC CLA XR . 106.66 64.39 -37.87
CHD CLA XR . 110.69 67.04 -38.78
NA CLA XR . 109.32 66.19 -33.86
C1A CLA XR . 110.36 66.88 -33.25
C2A CLA XR . 110.20 66.88 -31.73
C3A CLA XR . 108.95 65.99 -31.51
C4A CLA XR . 108.45 65.71 -32.91
CMA CLA XR . 109.33 64.67 -30.89
CAA CLA XR . 109.95 68.25 -31.13
CBA CLA XR . 108.57 68.50 -30.58
CGA CLA XR . 107.82 69.29 -31.60
O1A CLA XR . 107.18 70.35 -31.46
O2A CLA XR . 107.94 68.73 -32.82
NB CLA XR . 107.28 64.94 -35.53
C1B CLA XR . 106.74 64.67 -34.32
C2B CLA XR . 105.56 63.79 -34.50
C3B CLA XR . 105.40 63.60 -35.84
C4B CLA XR . 106.49 64.31 -36.53
CMB CLA XR . 104.77 63.29 -33.39
CAB CLA XR . 104.41 62.85 -36.54
CBB CLA XR . 103.32 63.39 -37.07
NC CLA XR . 108.74 65.73 -37.95
C1C CLA XR . 107.72 65.06 -38.54
C2C CLA XR . 107.85 65.15 -39.99
C3C CLA XR . 108.96 65.92 -40.25
C4C CLA XR . 109.51 66.28 -38.95
CMC CLA XR . 106.93 64.54 -40.93
CAC CLA XR . 109.51 66.37 -41.53
CBC CLA XR . 110.14 65.34 -42.41
ND CLA XR . 110.68 66.91 -36.34
C1D CLA XR . 111.24 67.32 -37.56
C2D CLA XR . 112.46 68.09 -37.30
C3D CLA XR . 112.59 68.13 -35.94
C4D CLA XR . 111.43 67.42 -35.38
CMD CLA XR . 113.35 68.63 -38.32
CAD CLA XR . 113.38 68.61 -34.84
OBD CLA XR . 114.45 69.21 -34.86
CBD CLA XR . 112.62 68.23 -33.55
CGD CLA XR . 113.47 67.32 -32.73
O1D CLA XR . 114.15 66.39 -33.15
O2D CLA XR . 113.48 67.59 -31.40
CED CLA XR . 114.72 68.00 -30.84
C1 CLA XR . 106.96 69.06 -33.83
C2 CLA XR . 105.68 68.40 -33.45
C3 CLA XR . 104.93 67.77 -34.35
C4 CLA XR . 105.33 67.69 -35.78
C5 CLA XR . 103.64 67.13 -33.97
C6 CLA XR . 102.57 67.35 -35.02
C7 CLA XR . 101.44 68.23 -34.52
C8 CLA XR . 100.75 68.96 -35.67
C9 CLA XR . 99.63 69.84 -35.15
C10 CLA XR . 100.22 67.98 -36.70
C11 CLA XR . 99.79 68.71 -37.96
C12 CLA XR . 100.08 67.85 -39.16
C13 CLA XR . 99.70 68.48 -40.49
C14 CLA XR . 98.25 68.90 -40.52
C15 CLA XR . 99.96 67.47 -41.60
C16 CLA XR . 100.08 68.09 -42.97
C17 CLA XR . 100.89 67.21 -43.89
C18 CLA XR . 100.19 66.80 -45.17
C19 CLA XR . 101.05 65.81 -45.92
C20 CLA XR . 98.84 66.18 -44.89
MG CLA YR . 99.12 59.61 -36.69
CHA CLA YR . 99.16 59.97 -33.25
CHB CLA YR . 99.95 62.84 -37.04
CHC CLA YR . 98.57 59.36 -40.08
CHD CLA YR . 97.82 56.38 -36.29
NA CLA YR . 99.61 61.10 -35.33
C1A CLA YR . 99.55 61.10 -33.93
C2A CLA YR . 99.95 62.50 -33.40
C3A CLA YR . 100.54 63.19 -34.65
C4A CLA YR . 100.00 62.33 -35.78
CMA CLA YR . 100.10 64.61 -34.81
CAA CLA YR . 100.94 62.61 -32.24
CBA CLA YR . 100.52 63.71 -31.29
CGA CLA YR . 100.39 63.20 -29.90
O1A CLA YR . 99.64 63.60 -29.01
O2A CLA YR . 101.24 62.18 -29.62
NB CLA YR . 99.31 60.83 -38.26
C1B CLA YR . 99.50 62.16 -38.17
C2B CLA YR . 99.22 62.82 -39.46
C3B CLA YR . 98.82 61.83 -40.32
C4B CLA YR . 98.91 60.56 -39.57
CMB CLA YR . 99.36 64.26 -39.64
CAB CLA YR . 98.39 61.84 -41.69
CBB CLA YR . 98.88 62.56 -42.70
NC CLA YR . 98.50 58.08 -37.96
C1C CLA YR . 98.42 58.18 -39.31
C2C CLA YR . 97.98 56.92 -39.88
C3C CLA YR . 97.65 56.12 -38.82
C4C CLA YR . 97.97 56.85 -37.61
CMC CLA YR . 97.84 56.66 -41.31
CAC CLA YR . 97.16 54.76 -38.89
CBC CLA YR . 98.34 53.84 -38.81
ND CLA YR . 98.83 58.31 -35.18
C1D CLA YR . 98.17 57.06 -35.16
C2D CLA YR . 98.03 56.62 -33.77
C3D CLA YR . 98.46 57.66 -32.99
C4D CLA YR . 98.85 58.73 -33.92
CMD CLA YR . 97.51 55.32 -33.38
CAD CLA YR . 98.72 58.14 -31.66
OBD CLA YR . 98.82 57.52 -30.62
CBD CLA YR . 98.92 59.67 -31.79
CGD CLA YR . 97.67 60.37 -31.35
O1D CLA YR . 97.13 61.33 -31.89
O2D CLA YR . 97.10 59.83 -30.25
CED CLA YR . 97.63 60.23 -28.99
MG CLA ZR . 102.81 44.13 -49.85
CHA CLA ZR . 101.20 41.94 -51.97
CHB CLA ZR . 99.83 45.21 -48.66
CHC CLA ZR . 104.48 46.13 -47.63
CHD CLA ZR . 105.90 42.95 -51.07
NA CLA ZR . 100.84 43.64 -50.28
C1A CLA ZR . 100.37 42.69 -51.18
C2A CLA ZR . 98.84 42.65 -51.14
C3A CLA ZR . 98.45 43.79 -50.19
C4A CLA ZR . 99.79 44.24 -49.65
CMA CLA ZR . 97.73 44.90 -50.89
CAA CLA ZR . 98.25 41.38 -50.52
CBA CLA ZR . 99.16 40.50 -49.68
CGA CLA ZR . 99.53 41.12 -48.38
O1A CLA ZR . 98.83 41.36 -47.41
O2A CLA ZR . 100.85 41.47 -48.31
NB CLA ZR . 102.26 45.46 -48.46
C1B CLA ZR . 101.00 45.72 -48.08
C2B CLA ZR . 101.00 46.68 -46.95
C3B CLA ZR . 102.32 46.94 -46.66
C4B CLA ZR . 103.13 46.16 -47.61
CMB CLA ZR . 99.77 47.15 -46.33
CAB CLA ZR . 102.91 47.75 -45.65
CBB CLA ZR . 102.69 49.06 -45.50
NC CLA ZR . 104.82 44.49 -49.45
C1C CLA ZR . 105.27 45.34 -48.50
C2C CLA ZR . 106.71 45.33 -48.47
C3C CLA ZR . 107.12 44.43 -49.44
C4C CLA ZR . 105.91 43.90 -50.05
CMC CLA ZR . 107.54 46.11 -47.55
CAC CLA ZR . 108.49 44.04 -49.80
CBC CLA ZR . 108.91 42.80 -49.07
ND CLA ZR . 103.46 42.77 -51.19
C1D CLA ZR . 104.76 42.41 -51.61
C2D CLA ZR . 104.65 41.41 -52.68
C3D CLA ZR . 103.30 41.18 -52.85
C4D CLA ZR . 102.62 42.06 -51.90
CMD CLA ZR . 105.79 40.82 -53.36
CAD CLA ZR . 102.29 40.44 -53.56
OBD CLA ZR . 102.41 39.58 -54.43
CBD CLA ZR . 100.91 40.92 -53.03
CGD CLA ZR . 100.13 41.55 -54.13
O1D CLA ZR . 98.91 41.65 -54.24
O2D CLA ZR . 100.92 42.07 -55.10
CED CLA ZR . 100.44 43.21 -55.80
C1 CLA ZR . 101.83 40.46 -47.96
C2 CLA ZR . 102.98 41.23 -47.44
C3 CLA ZR . 104.17 40.71 -47.16
C4 CLA ZR . 104.48 39.27 -47.34
C5 CLA ZR . 105.26 41.56 -46.65
C6 CLA ZR . 105.12 41.81 -45.16
C7 CLA ZR . 105.48 43.24 -44.83
C8 CLA ZR . 106.04 43.34 -43.42
C9 CLA ZR . 105.02 42.90 -42.39
C10 CLA ZR . 106.48 44.76 -43.11
C11 CLA ZR . 107.70 44.76 -42.22
C12 CLA ZR . 108.83 43.91 -42.78
C13 CLA ZR . 110.19 44.54 -42.52
C14 CLA ZR . 110.60 45.41 -43.69
C15 CLA ZR . 111.26 43.48 -42.28
C16 CLA ZR . 110.82 42.37 -41.34
C17 CLA ZR . 111.76 41.20 -41.46
C18 CLA ZR . 111.32 39.97 -40.67
C19 CLA ZR . 112.53 39.15 -40.28
C20 CLA ZR . 110.37 39.13 -41.50
MG CLA AS . 94.56 33.57 -44.39
CHA CLA AS . 96.41 32.43 -41.72
CHB CLA AS . 96.17 36.55 -44.23
CHC CLA AS . 92.56 34.73 -46.93
CHD CLA AS . 92.88 30.48 -44.51
NA CLA AS . 96.08 34.32 -43.18
C1A CLA AS . 96.72 33.70 -42.11
C2A CLA AS . 97.76 34.65 -41.53
C3A CLA AS . 97.73 35.89 -42.42
C4A CLA AS . 96.57 35.58 -43.36
CMA CLA AS . 97.52 37.18 -41.69
CAA CLA AS . 99.17 34.10 -41.65
CBA CLA AS . 99.77 33.88 -40.28
CGA CLA AS . 99.21 34.91 -39.36
O1A CLA AS . 98.34 34.77 -38.49
O2A CLA AS . 99.76 36.14 -39.54
NB CLA AS . 94.33 35.32 -45.33
C1B CLA AS . 95.14 36.37 -45.16
C2B CLA AS . 94.84 37.42 -46.15
C3B CLA AS . 93.81 36.92 -46.94
C4B CLA AS . 93.49 35.57 -46.42
CMB CLA AS . 95.61 38.65 -46.15
CAB CLA AS . 93.11 37.45 -48.07
CBB CLA AS . 93.51 38.41 -48.91
NC CLA AS . 93.05 32.73 -45.54
C1C CLA AS . 92.37 33.39 -46.53
C2C CLA AS . 91.37 32.52 -47.12
C3C CLA AS . 91.45 31.30 -46.44
C4C CLA AS . 92.50 31.45 -45.44
CMC CLA AS . 90.48 32.91 -48.20
CAC CLA AS . 90.65 30.09 -46.66
CBC CLA AS . 89.30 30.11 -45.98
ND CLA AS . 94.72 31.76 -43.52
C1D CLA AS . 93.90 30.62 -43.59
C2D CLA AS . 94.35 29.66 -42.57
C3D CLA AS . 95.32 30.29 -41.85
C4D CLA AS . 95.48 31.62 -42.45
CMD CLA AS . 93.84 28.33 -42.36
CAD CLA AS . 96.28 30.16 -40.78
OBD CLA AS . 96.61 29.16 -40.15
CBD CLA AS . 96.86 31.57 -40.55
CGD CLA AS . 96.27 32.12 -39.30
O1D CLA AS . 96.84 32.31 -38.22
O2D CLA AS . 94.94 32.41 -39.40
CED CLA AS . 94.02 31.77 -38.51
MG CLA BS . 99.03 50.44 -33.47
CHA CLA BS . 100.12 53.25 -31.81
CHB CLA BS . 97.99 49.10 -30.54
CHC CLA BS . 97.80 47.71 -35.19
CHD CLA BS . 100.15 51.81 -36.51
NA CLA BS . 99.08 51.09 -31.49
C1A CLA BS . 99.57 52.29 -30.99
C2A CLA BS . 99.41 52.34 -29.46
C3A CLA BS . 98.84 50.97 -29.11
C4A CLA BS . 98.61 50.32 -30.47
CMA CLA BS . 99.75 50.16 -28.23
CAA CLA BS . 98.41 53.37 -28.98
CBA CLA BS . 99.03 54.44 -28.10
CGA CLA BS . 100.00 53.87 -27.11
O1A CLA BS . 101.18 53.58 -27.26
O2A CLA BS . 99.43 53.67 -25.89
NB CLA BS . 98.20 48.68 -32.96
C1B CLA BS . 97.71 48.41 -31.72
C2B CLA BS . 96.75 47.28 -31.79
C3B CLA BS . 96.69 46.89 -33.10
C4B CLA BS . 97.61 47.77 -33.85
CMB CLA BS . 96.04 46.76 -30.62
CAB CLA BS . 95.92 45.87 -33.73
CBB CLA BS . 94.64 46.00 -34.01
NC CLA BS . 99.01 49.87 -35.47
C1C CLA BS . 98.48 48.70 -35.94
C2C CLA BS . 98.65 48.60 -37.37
C3C CLA BS . 99.29 49.77 -37.77
C4C CLA BS . 99.53 50.55 -36.56
CMC CLA BS . 98.17 47.43 -38.11
CAC CLA BS . 99.71 50.15 -39.13
CBC CLA BS . 98.63 50.44 -40.13
ND CLA BS . 99.84 52.16 -34.10
C1D CLA BS . 100.30 52.58 -35.38
C2D CLA BS . 100.90 53.91 -35.23
C3D CLA BS . 100.82 54.23 -33.91
C4D CLA BS . 100.20 53.09 -33.22
CMD CLA BS . 101.41 54.68 -36.35
CAD CLA BS . 101.09 55.23 -32.90
OBD CLA BS . 101.52 56.37 -33.05
CBD CLA BS . 100.71 54.62 -31.53
CGD CLA BS . 101.87 54.62 -30.59
O1D CLA BS . 101.96 55.27 -29.54
O2D CLA BS . 102.91 53.86 -31.00
CED CLA BS . 104.15 54.13 -30.35
MG CLA CS . 115.96 50.79 -36.56
CHA CLA CS . 116.61 49.69 -33.38
CHB CLA CS . 119.07 52.20 -36.68
CHC CLA CS . 115.32 51.85 -39.71
CHD CLA CS . 112.83 49.15 -36.49
NA CLA CS . 117.54 50.95 -35.22
C1A CLA CS . 117.63 50.41 -33.93
C2A CLA CS . 118.96 50.77 -33.29
C3A CLA CS . 119.63 51.68 -34.33
C4A CLA CS . 118.69 51.61 -35.50
CMA CLA CS . 119.76 53.08 -33.83
CAA CLA CS . 119.91 49.61 -33.12
CBA CLA CS . 120.10 49.26 -31.68
CGA CLA CS . 120.96 50.23 -30.95
O1A CLA CS . 121.34 51.34 -31.31
O2A CLA CS . 121.35 49.76 -29.73
NB CLA CS . 116.99 51.81 -37.92
C1B CLA CS . 118.26 52.22 -37.81
C2B CLA CS . 118.70 52.78 -39.10
C3B CLA CS . 117.66 52.68 -39.96
C4B CLA CS . 116.55 52.09 -39.22
CMB CLA CS . 120.03 53.34 -39.28
CAB CLA CS . 117.55 53.10 -41.31
CBB CLA CS . 117.09 54.31 -41.59
NC CLA CS . 114.32 50.59 -37.84
C1C CLA CS . 114.26 51.18 -39.06
C2C CLA CS . 112.97 50.95 -39.67
C3C CLA CS . 112.29 50.07 -38.83
C4C CLA CS . 113.15 49.85 -37.66
CMC CLA CS . 112.57 51.53 -40.97
CAC CLA CS . 110.95 49.52 -39.04
CBC CLA CS . 110.98 48.07 -39.44
ND CLA CS . 114.86 49.75 -35.25
C1D CLA CS . 113.60 49.11 -35.34
C2D CLA CS . 113.33 48.43 -34.06
C3D CLA CS . 114.44 48.66 -33.26
C4D CLA CS . 115.38 49.44 -34.06
CMD CLA CS . 112.12 47.71 -33.73
CAD CLA CS . 115.06 48.43 -31.98
OBD CLA CS . 114.62 47.87 -30.98
CBD CLA CS . 116.47 49.04 -32.05
CGD CLA CS . 116.64 50.11 -31.02
O1D CLA CS . 117.37 50.10 -30.03
O2D CLA CS . 115.89 51.20 -31.29
CED CLA CS . 116.09 52.36 -30.48
C1 CLA CS . 120.35 49.60 -28.71
C2 CLA CS . 120.33 48.15 -28.38
C3 CLA CS . 119.67 47.59 -27.36
C4 CLA CS . 118.89 48.41 -26.41
C5 CLA CS . 119.75 46.11 -27.18
C6 CLA CS . 118.99 45.55 -26.00
C7 CLA CS . 119.93 45.21 -24.86
C8 CLA CS . 119.55 45.94 -23.58
C9 CLA CS . 120.69 46.81 -23.10
C10 CLA CS . 119.06 44.97 -22.49
C11 CLA CS . 120.17 44.33 -21.67
C12 CLA CS . 120.02 42.84 -21.62
C13 CLA CS . 119.97 42.30 -20.19
C14 CLA CS . 121.31 42.46 -19.50
C15 CLA CS . 119.55 40.84 -20.17
C16 CLA CS . 119.23 40.39 -18.76
C17 CLA CS . 119.67 38.96 -18.52
C18 CLA CS . 119.64 38.60 -17.04
C19 CLA CS . 118.31 37.99 -16.66
C20 CLA CS . 120.77 37.66 -16.71
MG CLA DS . 118.57 55.93 -46.80
CHA CLA DS . 121.51 56.16 -44.96
CHB CLA DS . 118.28 52.70 -45.93
CHC CLA DS . 116.06 55.60 -49.08
CHD CLA DS . 118.98 59.28 -47.80
NA CLA DS . 119.68 54.68 -45.57
C1A CLA DS . 120.90 54.92 -44.89
C2A CLA DS . 121.29 53.57 -44.23
C3A CLA DS . 119.94 52.87 -44.06
C4A CLA DS . 119.26 53.41 -45.31
CMA CLA DS . 120.05 51.38 -44.10
CAA CLA DS . 122.37 53.32 -43.16
CBA CLA DS . 122.48 54.05 -41.86
CGA CLA DS . 123.51 53.33 -41.04
O1A CLA DS . 124.36 52.54 -41.43
O2A CLA DS . 123.48 53.58 -39.68
NB CLA DS . 117.34 54.44 -47.35
C1B CLA DS . 117.53 53.14 -47.02
C2B CLA DS . 116.82 52.25 -47.95
C3B CLA DS . 116.17 53.05 -48.85
C4B CLA DS . 116.47 54.47 -48.46
CMB CLA DS . 116.82 50.81 -47.83
CAB CLA DS . 115.34 52.59 -49.95
CBB CLA DS . 114.24 53.11 -50.48
NC CLA DS . 117.60 57.25 -48.07
C1C CLA DS . 116.56 56.90 -48.87
C2C CLA DS . 116.09 58.05 -49.61
C3C CLA DS . 116.96 59.09 -49.33
C4C CLA DS . 117.92 58.58 -48.35
CMC CLA DS . 114.96 57.99 -50.52
CAC CLA DS . 116.91 60.45 -49.85
CBC CLA DS . 117.47 60.54 -51.25
ND CLA DS . 119.79 57.47 -46.35
C1D CLA DS . 119.88 58.77 -46.90
C2D CLA DS . 121.02 59.45 -46.30
C3D CLA DS . 121.67 58.52 -45.52
C4D CLA DS . 120.88 57.27 -45.62
CMD CLA DS . 121.36 60.84 -46.59
CAD CLA DS . 122.74 58.26 -44.60
OBD CLA DS . 123.52 59.04 -44.07
CBD CLA DS . 122.75 56.72 -44.35
CGD CLA DS . 123.99 56.08 -44.91
O1D CLA DS . 125.15 56.21 -44.52
O2D CLA DS . 123.75 55.26 -45.96
CED CLA DS . 124.21 55.70 -47.25
MG CLA ES . 104.61 64.96 -55.26
CHA CLA ES . 103.56 65.77 -58.45
CHB CLA ES . 107.37 63.50 -56.55
CHC CLA ES . 105.82 64.60 -52.10
CHD CLA ES . 101.71 66.49 -53.96
NA CLA ES . 105.31 64.67 -57.20
C1A CLA ES . 104.74 65.10 -58.40
C2A CLA ES . 105.62 64.67 -59.57
C3A CLA ES . 106.53 63.61 -58.94
C4A CLA ES . 106.44 63.97 -57.46
CMA CLA ES . 106.07 62.20 -59.21
CAA CLA ES . 106.57 65.81 -59.86
CBA CLA ES . 106.10 66.85 -60.84
CGA CLA ES . 106.77 68.15 -60.53
O1A CLA ES . 107.85 68.58 -60.96
O2A CLA ES . 106.08 68.93 -59.64
NB CLA ES . 106.21 64.06 -54.47
C1B CLA ES . 107.33 63.75 -55.18
C2B CLA ES . 108.52 63.72 -54.30
C3B CLA ES . 108.09 64.03 -53.04
C4B CLA ES . 106.62 64.25 -53.13
CMB CLA ES . 109.86 63.43 -54.81
CAB CLA ES . 108.82 64.19 -51.82
CBB CLA ES . 108.74 63.39 -50.76
NC CLA ES . 103.86 65.38 -53.37
C1C CLA ES . 104.51 65.12 -52.21
C2C CLA ES . 103.71 65.54 -51.07
C3C CLA ES . 102.56 66.12 -51.61
C4C CLA ES . 102.66 66.01 -53.05
CMC CLA ES . 104.11 65.41 -49.68
CAC CLA ES . 101.44 66.70 -50.86
CBC CLA ES . 100.44 65.68 -50.41
ND CLA ES . 103.01 65.94 -55.97
C1D CLA ES . 101.85 66.47 -55.33
C2D CLA ES . 100.93 66.98 -56.35
C3D CLA ES . 101.55 66.78 -57.56
C4D CLA ES . 102.82 66.11 -57.27
CMD CLA ES . 99.64 67.61 -56.09
CAD CLA ES . 101.45 66.92 -58.98
OBD CLA ES . 100.56 67.46 -59.65
CBD CLA ES . 102.70 66.25 -59.61
CGD CLA ES . 102.28 65.15 -60.52
O1D CLA ES . 101.88 65.24 -61.68
O2D CLA ES . 102.37 63.91 -59.97
CED CLA ES . 102.79 62.87 -60.85
C A86 FS . 112.32 50.71 -46.08
O A86 FS . 109.27 60.14 -53.59
C1 A86 FS . 113.50 51.44 -45.36
C10 A86 FS . 110.28 58.99 -50.74
C11 A86 FS . 110.01 58.54 -52.09
C12 A86 FS . 110.80 57.39 -52.64
C13 A86 FS . 108.98 59.21 -52.94
C14 A86 FS . 107.42 58.64 -52.96
C15 A86 FS . 107.18 58.10 -54.42
C16 A86 FS . 107.94 56.87 -54.79
C17 A86 FS . 109.39 57.18 -55.12
C18 A86 FS . 109.47 57.94 -56.36
C19 A86 FS . 108.62 59.26 -56.27
C2 A86 FS . 113.66 52.83 -45.47
C20 A86 FS . 107.22 59.14 -55.47
C21 A86 FS . 106.99 60.62 -54.97
C22 A86 FS . 107.23 56.20 -56.02
C23 A86 FS . 107.91 55.90 -53.63
C24 A86 FS . 114.50 50.66 -44.52
C25 A86 FS . 114.36 49.27 -44.26
C26 A86 FS . 115.53 48.57 -43.36
C27 A86 FS . 115.40 48.39 -41.97
C28 A86 FS . 114.18 48.81 -41.25
C29 A86 FS . 116.62 47.70 -41.17
C3 A86 FS . 112.74 53.63 -46.27
C30 A86 FS . 116.39 46.73 -40.11
C31 A86 FS . 116.19 45.78 -39.06
C32 A86 FS . 115.70 44.35 -39.42
C33 A86 FS . 115.91 43.29 -38.33
C34 A86 FS . 115.48 43.84 -36.96
C35 A86 FS . 116.41 45.01 -36.59
C36 A86 FS . 116.24 46.18 -37.57
C37 A86 FS . 114.95 46.93 -37.20
C38 A86 FS . 113.21 43.61 -36.28
C39 A86 FS . 113.51 43.29 -34.79
C4 A86 FS . 113.24 54.28 -47.41
C40 A86 FS . 114.21 44.44 -39.77
C41 A86 FS . 116.48 43.91 -40.68
C5 A86 FS . 112.22 55.20 -48.33
C6 A86 FS . 111.89 56.50 -47.92
C7 A86 FS . 112.50 57.10 -46.58
C8 A86 FS . 110.88 57.36 -48.84
C9 A86 FS . 111.35 58.23 -49.92
O1 A86 FS . 105.93 58.49 -55.10
O2 A86 FS . 110.82 58.27 -56.60
O3 A86 FS . 117.33 47.04 -37.39
O4 A86 FS . 114.17 44.34 -37.06
O5 A86 FS . 112.20 43.25 -36.76
C A86 GS . 103.07 63.29 -43.28
O A86 GS . 99.05 50.59 -46.14
C1 A86 GS . 103.21 62.91 -41.77
C10 A86 GS . 100.32 53.69 -44.92
C11 A86 GS . 100.03 52.27 -44.85
C12 A86 GS . 100.12 51.52 -43.56
C13 A86 GS . 99.66 51.60 -46.12
C14 A86 GS . 100.14 52.37 -47.53
C15 A86 GS . 99.49 51.88 -48.87
C16 A86 GS . 97.99 52.07 -49.10
C17 A86 GS . 97.13 50.81 -49.02
C18 A86 GS . 97.63 49.81 -49.96
C19 A86 GS . 99.05 49.35 -49.46
C2 A86 GS . 102.90 61.62 -41.32
C20 A86 GS . 100.02 50.64 -49.49
C21 A86 GS . 101.34 50.09 -48.83
C22 A86 GS . 97.90 52.67 -50.53
C23 A86 GS . 97.36 53.11 -48.18
C24 A86 GS . 103.74 63.96 -40.82
C25 A86 GS . 103.83 65.31 -41.24
C26 A86 GS . 104.43 66.44 -40.21
C27 A86 GS . 103.60 67.00 -39.21
C28 A86 GS . 102.20 66.59 -39.07
C29 A86 GS . 104.17 68.10 -38.19
C3 A86 GS . 102.42 60.64 -42.29
C30 A86 GS . 104.92 69.27 -38.62
C31 A86 GS . 105.65 70.44 -39.01
C32 A86 GS . 104.90 71.74 -39.36
C33 A86 GS . 105.54 72.64 -40.43
C34 A86 GS . 107.07 72.62 -40.45
C35 A86 GS . 107.65 71.19 -40.38
C36 A86 GS . 107.18 70.50 -39.09
C37 A86 GS . 107.71 69.05 -39.07
C38 A86 GS . 107.61 74.66 -41.52
C39 A86 GS . 107.02 75.60 -42.60
C4 A86 GS . 102.04 59.36 -41.89
C40 A86 GS . 104.72 72.57 -38.06
C41 A86 GS . 103.49 71.34 -39.87
C5 A86 GS . 101.55 58.30 -43.05
C6 A86 GS . 101.50 56.93 -42.77
C7 A86 GS . 101.92 56.39 -41.33
C8 A86 GS . 101.04 55.93 -43.93
C9 A86 GS . 100.74 54.52 -43.69
O1 A86 GS . 100.43 51.96 -50.00
O2 A86 GS . 96.76 48.71 -50.00
O3 A86 GS . 107.71 71.18 -37.99
O4 A86 GS . 107.49 73.23 -41.64
O5 A86 GS . 108.18 75.11 -40.60
C A86 HS . 101.83 70.62 -48.85
O A86 HS . 113.80 64.69 -46.19
C1 A86 HS . 102.14 70.24 -50.32
C10 A86 HS . 111.24 66.83 -47.42
C11 A86 HS . 111.87 65.53 -47.21
C12 A86 HS . 111.52 64.38 -48.10
C13 A86 HS . 112.84 65.36 -46.09
C14 A86 HS . 112.48 66.15 -44.67
C15 A86 HS . 113.63 66.81 -43.82
C16 A86 HS . 114.39 68.00 -44.36
C17 A86 HS . 115.87 67.81 -44.69
C18 A86 HS . 116.59 67.22 -43.58
C19 A86 HS . 116.02 65.77 -43.38
C2 A86 HS . 103.41 69.80 -50.74
C20 A86 HS . 114.47 65.91 -42.96
C21 A86 HS . 114.00 64.42 -42.92
C22 A86 HS . 114.31 69.06 -43.24
C23 A86 HS . 113.72 68.65 -45.56
C24 A86 HS . 101.07 70.29 -51.39
C25 A86 HS . 99.86 71.04 -51.36
C26 A86 HS . 98.93 70.81 -52.69
C27 A86 HS . 99.12 71.58 -53.87
C28 A86 HS . 100.13 72.64 -53.94
C29 A86 HS . 98.18 71.25 -55.13
C3 A86 HS . 104.53 69.66 -49.80
C30 A86 HS . 96.87 71.86 -55.30
C31 A86 HS . 95.58 72.44 -55.50
C32 A86 HS . 95.31 73.95 -55.22
C33 A86 HS . 93.90 74.49 -55.52
C34 A86 HS . 92.71 73.50 -55.50
C35 A86 HS . 93.09 72.04 -55.18
C36 A86 HS . 94.35 71.61 -55.93
C37 A86 HS . 94.63 70.12 -55.60
C38 A86 HS . 91.72 73.62 -53.24
C39 A86 HS . 90.52 72.84 -52.62
C4 A86 HS . 105.82 69.44 -50.30
C40 A86 HS . 95.69 74.26 -53.74
C41 A86 HS . 96.30 74.75 -56.12
C5 A86 HS . 107.06 69.23 -49.20
C6 A86 HS . 108.11 68.37 -49.54
C7 A86 HS . 108.10 67.61 -50.94
C8 A86 HS . 109.27 68.12 -48.45
C9 A86 HS . 110.19 66.99 -48.54
O1 A86 HS . 113.35 66.67 -42.37
O2 A86 HS . 117.96 67.13 -43.85
O3 A86 HS . 94.15 71.75 -57.30
O4 A86 HS . 91.69 73.98 -54.65
O5 A86 HS . 92.61 73.95 -52.55
C A86 IS . 95.54 65.55 -38.97
O A86 IS . 92.23 61.85 -51.11
C1 A86 IS . 95.80 64.12 -38.43
C10 A86 IS . 93.40 62.00 -47.90
C11 A86 IS . 93.67 61.79 -49.30
C12 A86 IS . 94.82 60.94 -49.75
C13 A86 IS . 92.78 62.47 -50.28
C14 A86 IS . 92.57 64.12 -50.15
C15 A86 IS . 91.28 64.71 -50.83
C16 A86 IS . 89.90 64.27 -50.34
C17 A86 IS . 89.24 63.17 -51.17
C18 A86 IS . 89.12 63.57 -52.57
C19 A86 IS . 90.56 63.79 -53.18
C2 A86 IS . 95.56 62.99 -39.24
C20 A86 IS . 91.35 64.89 -52.32
C21 A86 IS . 92.81 64.83 -52.91
C22 A86 IS . 88.98 65.53 -50.36
C23 A86 IS . 89.93 63.82 -48.89
C24 A86 IS . 96.29 63.87 -37.04
C25 A86 IS . 95.36 63.91 -35.97
C26 A86 IS . 95.87 63.62 -34.44
C27 A86 IS . 96.32 64.68 -33.63
C28 A86 IS . 96.36 66.07 -34.13
C29 A86 IS . 96.83 64.32 -32.16
C3 A86 IS . 95.06 63.16 -40.60
C30 A86 IS . 96.99 65.38 -31.17
C31 A86 IS . 97.15 66.41 -30.20
C32 A86 IS . 96.13 66.57 -29.05
C33 A86 IS . 95.93 68.01 -28.52
C34 A86 IS . 97.19 68.89 -28.51
C35 A86 IS . 97.94 68.82 -29.86
C36 A86 IS . 98.35 67.38 -30.21
C37 A86 IS . 98.94 67.37 -31.63
C38 A86 IS . 97.26 70.78 -27.05
C39 A86 IS . 97.59 72.30 -26.96
C4 A86 IS . 95.03 62.07 -41.48
C40 A86 IS . 96.59 65.67 -27.86
C41 A86 IS . 94.77 66.06 -29.57
C5 A86 IS . 94.43 62.35 -42.99
C6 A86 IS . 94.71 61.52 -44.09
C7 A86 IS . 95.65 60.25 -43.98
C8 A86 IS . 94.00 61.97 -45.46
C9 A86 IS . 94.24 61.36 -46.78
O1 A86 IS . 91.45 66.05 -51.41
O2 A86 IS . 88.45 62.56 -53.29
O3 A86 IS . 99.32 66.94 -29.30
O4 A86 IS . 96.79 70.23 -28.30
O5 A86 IS . 97.38 70.09 -26.12
C A86 JS . 101.54 36.74 -45.30
O A86 JS . 102.43 48.29 -40.39
C1 A86 JS . 100.19 37.13 -45.96
C10 A86 JS . 103.40 45.44 -42.35
C11 A86 JS . 102.53 46.36 -41.63
C12 A86 JS . 101.05 46.34 -41.82
C13 A86 JS . 103.10 47.37 -40.68
C14 A86 JS . 104.63 47.20 -40.04
C15 A86 JS . 104.74 46.85 -38.50
C16 A86 JS . 103.68 47.27 -37.50
C17 A86 JS . 103.83 48.73 -37.08
C18 A86 JS . 105.01 48.91 -36.24
C19 A86 JS . 106.29 48.40 -37.00
C2 A86 JS . 99.68 38.43 -45.85
C20 A86 JS . 106.09 47.08 -37.91
C21 A86 JS . 107.27 47.22 -38.95
C22 A86 JS . 103.81 46.32 -36.28
C23 A86 JS . 102.26 47.05 -37.99
C24 A86 JS . 99.37 36.11 -46.73
C25 A86 JS . 97.98 36.13 -46.44
C26 A86 JS . 96.88 35.13 -47.12
C27 A86 JS . 97.20 33.79 -47.46
C28 A86 JS . 98.54 33.25 -47.19
C29 A86 JS . 96.05 32.88 -48.12
C3 A86 JS . 100.41 39.47 -45.11
C30 A86 JS . 96.34 31.59 -48.73
C31 A86 JS . 96.57 30.32 -49.35
C32 A86 JS . 95.64 29.13 -49.01
C33 A86 JS . 96.22 27.77 -49.41
C34 A86 JS . 96.71 27.72 -50.86
C35 A86 JS . 97.63 28.92 -51.21
C36 A86 JS . 97.00 30.26 -50.82
C37 A86 JS . 98.02 31.39 -51.06
C38 A86 JS . 96.82 25.48 -51.74
C39 A86 JS . 96.56 25.62 -53.27
C4 A86 JS . 100.79 40.69 -45.70
C40 A86 JS . 94.29 29.33 -49.74
C41 A86 JS . 95.41 29.14 -47.48
C5 A86 JS . 101.59 41.79 -44.74
C6 A86 JS . 100.80 42.71 -44.06
C7 A86 JS . 99.23 42.66 -44.23
C8 A86 JS . 101.47 43.81 -43.08
C9 A86 JS . 102.80 44.39 -43.33
O1 A86 JS . 105.60 45.71 -38.21
O2 A86 JS . 105.16 50.26 -35.92
O3 A86 JS . 95.87 30.46 -51.61
O4 A86 JS . 97.46 26.54 -51.01
O5 A86 JS . 96.51 24.51 -51.17
C A86 KS . 119.31 55.20 -61.86
O A86 KS . 131.57 59.56 -59.03
C1 A86 KS . 119.19 55.96 -63.22
C10 A86 KS . 128.41 58.85 -60.55
C11 A86 KS . 129.84 59.13 -60.52
C12 A86 KS . 130.64 59.24 -61.78
C13 A86 KS . 130.44 59.29 -59.17
C14 A86 KS . 129.41 59.01 -57.89
C15 A86 KS . 130.01 59.07 -56.43
C16 A86 KS . 130.44 60.41 -55.87
C17 A86 KS . 131.95 60.64 -55.72
C18 A86 KS . 132.54 59.53 -54.99
C19 A86 KS . 132.44 58.28 -55.91
C2 A86 KS . 120.16 56.90 -63.61
C20 A86 KS . 130.88 57.93 -56.02
C21 A86 KS . 130.88 56.68 -56.98
C22 A86 KS . 129.83 60.49 -54.44
C23 A86 KS . 129.85 61.59 -56.63
C24 A86 KS . 118.05 55.71 -64.17
C25 A86 KS . 117.53 56.86 -64.80
C26 A86 KS . 116.32 56.81 -65.89
C27 A86 KS . 114.97 56.52 -65.58
C28 A86 KS . 114.49 56.20 -64.22
C29 A86 KS . 113.95 56.55 -66.81
C3 A86 KS . 121.29 57.17 -62.73
C30 A86 KS . 112.72 55.76 -66.76
C31 A86 KS . 111.51 55.01 -66.76
C32 A86 KS . 110.17 55.75 -66.59
C33 A86 KS . 108.99 54.83 -66.26
C34 A86 KS . 108.93 53.57 -67.14
C35 A86 KS . 110.25 52.79 -67.07
C36 A86 KS . 111.46 53.65 -67.45
C37 A86 KS . 112.75 52.90 -67.06
C38 A86 KS . 106.85 52.45 -67.52
C39 A86 KS . 106.10 53.60 -68.24
C4 A86 KS . 122.53 57.50 -63.28
C40 A86 KS . 109.84 56.53 -67.88
C41 A86 KS . 110.32 56.77 -65.43
C5 A86 KS . 123.80 57.79 -62.25
C6 A86 KS . 125.12 57.83 -62.70
C7 A86 KS . 125.51 57.61 -64.22
C8 A86 KS . 126.23 58.13 -61.57
C9 A86 KS . 127.58 58.66 -61.83
O1 A86 KS . 129.47 58.02 -55.55
O2 A86 KS . 133.89 59.75 -54.68
O3 A86 KS . 111.46 53.83 -68.84
O4 A86 KS . 107.92 52.75 -66.61
O5 A86 KS . 106.54 51.33 -67.72
MG CLA LS . 120.75 65.67 -45.21
CHA CLA LS . 121.30 62.73 -43.47
CHB CLA LS . 123.67 66.91 -44.04
CHC CLA LS . 120.23 68.52 -47.02
CHD CLA LS . 117.60 64.46 -46.21
NA CLA LS . 122.24 64.91 -43.97
C1A CLA LS . 122.31 63.65 -43.36
C2A CLA LS . 123.60 63.52 -42.54
C3A CLA LS . 124.30 64.88 -42.72
C4A CLA LS . 123.35 65.64 -43.65
CMA CLA LS . 124.47 65.60 -41.42
CAA CLA LS . 124.55 62.47 -43.09
CBA CLA LS . 124.68 62.55 -44.60
CGA CLA LS . 125.39 61.35 -45.13
O1A CLA LS . 126.48 60.88 -44.81
O2A CLA LS . 124.67 60.72 -46.10
NB CLA LS . 121.82 67.32 -45.59
C1B CLA LS . 122.89 67.72 -44.86
C2B CLA LS . 123.11 69.18 -45.01
C3B CLA LS . 122.14 69.64 -45.85
C4B CLA LS . 121.31 68.47 -46.23
CMB CLA LS . 124.17 69.90 -44.33
CAB CLA LS . 121.87 70.97 -46.32
CBB CLA LS . 120.97 71.77 -45.74
NC CLA LS . 119.21 66.34 -46.42
C1C CLA LS . 119.23 67.51 -47.11
C2C CLA LS . 118.05 67.63 -47.94
C3C CLA LS . 117.27 66.54 -47.65
C4C CLA LS . 117.99 65.72 -46.69
CMC CLA LS . 117.78 68.73 -48.85
CAC CLA LS . 115.99 66.24 -48.28
CBC CLA LS . 116.14 65.23 -49.39
ND CLA LS . 119.61 64.06 -44.86
C1D CLA LS . 118.35 63.67 -45.37
C2D CLA LS . 118.04 62.33 -44.88
C3D CLA LS . 119.12 61.92 -44.14
C4D CLA LS . 120.09 63.03 -44.17
CMD CLA LS . 116.81 61.62 -45.20
CAD CLA LS . 119.70 60.86 -43.36
OBD CLA LS . 119.23 59.79 -43.04
CBD CLA LS . 121.11 61.34 -42.93
CGD CLA LS . 121.29 61.32 -41.46
O1D CLA LS . 120.49 61.68 -40.60
O2D CLA LS . 122.51 60.86 -41.07
CED CLA LS . 122.99 61.24 -39.78
C1 CLA LS . 125.38 59.98 -47.11
C2 CLA LS . 124.39 59.76 -48.17
C3 CLA LS . 124.62 59.08 -49.31
C4 CLA LS . 125.93 58.49 -49.63
C5 CLA LS . 123.54 58.92 -50.31
C6 CLA LS . 122.86 57.57 -50.16
C7 CLA LS . 121.60 57.53 -50.99
C8 CLA LS . 120.51 56.72 -50.33
C9 CLA LS . 120.93 55.27 -50.20
C10 CLA LS . 119.22 56.83 -51.12
C11 CLA LS . 119.38 56.40 -52.56
C12 CLA LS . 118.43 57.16 -53.45
C13 CLA LS . 118.42 56.62 -54.86
C14 CLA LS . 119.83 56.58 -55.44
C15 CLA LS . 117.52 57.46 -55.76
C16 CLA LS . 116.43 56.63 -56.42
C17 CLA LS . 116.92 55.94 -57.68
C18 CLA LS . 115.76 55.37 -58.47
C19 CLA LS . 115.10 56.43 -59.31
C20 CLA LS . 116.22 54.23 -59.35
C A86 MS . 117.27 50.21 -52.02
O A86 MS . 107.85 53.61 -59.28
C1 A86 MS . 117.73 51.69 -51.87
C10 A86 MS . 110.88 54.61 -58.50
C11 A86 MS . 110.11 53.44 -58.83
C12 A86 MS . 110.49 52.12 -58.24
C13 A86 MS . 108.93 53.54 -59.74
C14 A86 MS . 109.13 53.52 -61.40
C15 A86 MS . 109.28 52.02 -61.80
C16 A86 MS . 110.52 51.63 -62.62
C17 A86 MS . 110.46 50.55 -63.71
C18 A86 MS . 109.22 49.78 -63.82
C19 A86 MS . 107.99 50.73 -63.69
C2 A86 MS . 117.11 52.72 -52.60
C20 A86 MS . 108.05 51.26 -62.18
C21 A86 MS . 106.73 52.10 -62.05
C22 A86 MS . 111.13 52.89 -63.31
C23 A86 MS . 111.57 51.16 -61.64
C24 A86 MS . 118.85 52.06 -50.93
C25 A86 MS . 119.72 51.08 -50.40
C26 A86 MS . 120.92 51.56 -49.39
C27 A86 MS . 121.36 50.69 -48.36
C28 A86 MS . 120.74 49.35 -48.22
C29 A86 MS . 122.52 51.15 -47.37
C3 A86 MS . 116.00 52.46 -53.54
C30 A86 MS . 123.28 50.14 -46.63
C31 A86 MS . 124.04 49.17 -45.90
C32 A86 MS . 123.38 48.37 -44.76
C33 A86 MS . 124.27 47.51 -43.87
C34 A86 MS . 125.49 46.95 -44.58
C35 A86 MS . 126.32 48.02 -45.36
C36 A86 MS . 125.57 49.27 -45.86
C37 A86 MS . 126.00 50.51 -45.03
C38 A86 MS . 127.51 45.73 -44.00
C39 A86 MS . 127.42 44.44 -44.86
C4 A86 MS . 115.43 53.59 -54.16
C40 A86 MS . 122.66 49.39 -43.85
C41 A86 MS . 122.31 47.44 -45.38
C5 A86 MS . 114.18 53.53 -55.24
C6 A86 MS . 113.22 54.54 -55.11
C7 A86 MS . 113.41 55.63 -53.98
C8 A86 MS . 111.95 54.63 -56.10
C9 A86 MS . 112.10 54.49 -57.55
O1 A86 MS . 108.61 51.15 -60.81
O2 A86 MS . 109.18 49.10 -65.04
O3 A86 MS . 126.00 49.50 -47.18
O4 A86 MS . 126.29 46.40 -43.57
O5 A86 MS . 128.56 46.18 -43.68
MG CLA NS . 150.07 59.68 -55.19
CHA CLA NS . 152.13 59.71 -52.45
CHB CLA NS . 148.86 62.76 -54.33
CHC CLA NS . 148.06 59.58 -57.97
CHD CLA NS . 151.41 56.53 -56.07
NA CLA NS . 150.46 60.99 -53.63
C1A CLA NS . 151.37 60.83 -52.59
C2A CLA NS . 151.36 62.04 -51.66
C3A CLA NS . 150.20 62.89 -52.22
C4A CLA NS . 149.81 62.18 -53.50
CMA CLA NS . 149.07 62.76 -51.25
CAA CLA NS . 152.65 62.83 -51.69
CBA CLA NS . 152.65 64.05 -52.60
CGA CLA NS . 154.00 64.18 -53.21
O1A CLA NS . 155.09 64.02 -52.67
O2A CLA NS . 153.97 64.51 -54.53
NB CLA NS . 148.71 60.91 -55.97
C1B CLA NS . 148.39 62.16 -55.51
C2B CLA NS . 147.39 62.77 -56.40
C3B CLA NS . 147.16 61.89 -57.43
C4B CLA NS . 148.00 60.69 -57.17
CMB CLA NS . 146.83 64.10 -56.18
CAB CLA NS . 146.32 61.99 -58.57
CBB CLA NS . 145.00 62.06 -58.52
NC CLA NS . 149.80 58.31 -56.74
C1C CLA NS . 148.93 58.47 -57.77
C2C CLA NS . 148.99 57.31 -58.65
C3C CLA NS . 149.93 56.45 -58.13
C4C CLA NS . 150.44 57.09 -56.92
CMC CLA NS . 148.20 57.11 -59.86
CAC CLA NS . 150.34 55.14 -58.66
CBC CLA NS . 151.48 55.23 -59.64
ND CLA NS . 151.46 58.40 -54.51
C1D CLA NS . 151.87 57.11 -54.93
C2D CLA NS . 152.84 56.56 -53.97
C3D CLA NS . 152.97 57.51 -52.98
C4D CLA NS . 152.09 58.63 -53.37
CMD CLA NS . 153.48 55.26 -54.06
CAD CLA NS . 153.63 57.89 -51.76
OBD CLA NS . 154.50 57.29 -51.14
CBD CLA NS . 153.04 59.25 -51.34
CGD CLA NS . 152.19 59.11 -50.12
O1D CLA NS . 151.09 58.54 -50.06
O2D CLA NS . 152.69 59.68 -49.00
CED CLA NS . 152.15 59.28 -47.74
C1 CLA NS . 153.48 63.50 -55.43
C2 CLA NS . 152.41 64.12 -56.25
C3 CLA NS . 151.62 63.40 -57.07
C4 CLA NS . 151.77 61.94 -57.21
C5 CLA NS . 150.56 64.06 -57.88
C6 CLA NS . 150.89 64.05 -59.36
C7 CLA NS . 149.72 64.59 -60.17
C8 CLA NS . 150.19 65.45 -61.33
C9 CLA NS . 150.41 66.88 -60.88
C10 CLA NS . 149.19 65.43 -62.47
C11 CLA NS . 149.84 65.09 -63.80
C12 CLA NS . 149.73 63.62 -64.11
C13 CLA NS . 149.60 63.31 -65.60
C14 CLA NS . 148.74 64.30 -66.35
C15 CLA NS . 149.06 61.90 -65.81
C16 CLA NS . 150.10 61.03 -66.47
C17 CLA NS . 149.70 59.57 -66.48
C18 CLA NS . 148.54 59.29 -67.42
C19 CLA NS . 148.19 57.81 -67.38
C20 CLA NS . 148.90 59.69 -68.84
MG CLA OS . 141.73 66.01 -61.15
CHA CLA OS . 142.34 68.30 -58.63
CHB CLA OS . 145.04 65.34 -61.38
CHC CLA OS . 141.08 63.80 -63.70
CHD CLA OS . 138.32 66.86 -61.05
NA CLA OS . 143.40 66.71 -60.12
C1A CLA OS . 143.47 67.67 -59.09
C2A CLA OS . 144.93 67.87 -58.66
C3A CLA OS . 145.73 66.90 -59.56
C4A CLA OS . 144.66 66.25 -60.42
CMA CLA OS . 146.70 67.62 -60.46
CAA CLA OS . 145.21 67.52 -57.20
CBA CLA OS . 146.64 67.77 -56.79
CGA CLA OS . 147.04 69.21 -56.97
O1A CLA OS . 147.41 69.79 -57.99
O2A CLA OS . 146.95 69.92 -55.81
NB CLA OS . 142.82 64.70 -62.21
C1B CLA OS . 144.17 64.70 -62.27
C2B CLA OS . 144.63 63.95 -63.47
C3B CLA OS . 143.50 63.51 -64.13
C4B CLA OS . 142.36 63.99 -63.33
CMB CLA OS . 146.05 63.80 -63.80
CAB CLA OS . 143.28 62.79 -65.36
CBB CLA OS . 144.01 61.81 -65.89
NC CLA OS . 140.01 65.42 -62.15
C1C CLA OS . 139.97 64.48 -63.14
C2C CLA OS . 138.62 64.28 -63.61
C3C CLA OS . 137.83 65.19 -62.90
C4C CLA OS . 138.72 65.89 -61.99
CMC CLA OS . 138.24 63.34 -64.65
CAC CLA OS . 136.39 65.37 -63.02
CBC CLA OS . 135.66 64.39 -62.16
ND CLA OS . 140.56 67.32 -60.17
C1D CLA OS . 139.16 67.53 -60.20
C2D CLA OS . 138.80 68.54 -59.19
C3D CLA OS . 139.98 68.87 -58.55
C4D CLA OS . 141.05 68.08 -59.19
CMD CLA OS . 137.45 69.02 -58.98
CAD CLA OS . 140.59 69.69 -57.54
OBD CLA OS . 140.10 70.52 -56.78
CBD CLA OS . 142.11 69.33 -57.54
CGD CLA OS . 142.96 70.54 -57.77
O1D CLA OS . 143.69 70.77 -58.73
O2D CLA OS . 142.89 71.47 -56.77
CED CLA OS . 143.89 71.42 -55.75
MG CLA PS . 126.65 52.38 -65.89
CHA CLA PS . 124.05 51.89 -68.10
CHB CLA PS . 127.06 55.53 -67.07
CHC CLA PS . 129.02 52.90 -63.49
CHD CLA PS . 126.18 49.08 -64.73
NA CLA PS . 125.72 53.49 -67.38
C1A CLA PS . 124.64 53.11 -68.16
C2A CLA PS . 124.25 54.26 -69.10
C3A CLA PS . 125.40 55.27 -68.93
C4A CLA PS . 126.11 54.76 -67.68
CMA CLA PS . 126.33 55.27 -70.11
CAA CLA PS . 122.95 54.97 -68.70
CBA CLA PS . 122.35 54.72 -67.33
CGA CLA PS . 123.17 55.26 -66.20
O1A CLA PS . 123.41 56.43 -65.89
O2A CLA PS . 123.71 54.27 -65.44
NB CLA PS . 127.91 53.88 -65.47
C1B CLA PS . 127.79 55.14 -65.94
C2B CLA PS . 128.55 56.09 -65.09
C3B CLA PS . 129.10 55.35 -64.08
C4B CLA PS . 128.70 53.94 -64.29
CMB CLA PS . 128.59 57.52 -65.34
CAB CLA PS . 129.90 55.77 -62.97
CBB CLA PS . 131.20 55.52 -62.83
NC CLA PS . 127.46 51.19 -64.39
C1C CLA PS . 128.42 51.60 -63.53
C2C CLA PS . 128.77 50.53 -62.62
C3C CLA PS . 127.96 49.45 -62.97
C4C CLA PS . 127.14 49.87 -64.09
CMC CLA PS . 129.76 50.61 -61.56
CAC CLA PS . 127.92 48.12 -62.34
CBC CLA PS . 126.78 47.99 -61.34
ND CLA PS . 125.38 50.84 -66.21
C1D CLA PS . 125.36 49.52 -65.73
C2D CLA PS . 124.31 48.75 -66.44
C3D CLA PS . 123.73 49.64 -67.32
C4D CLA PS . 124.47 50.91 -67.17
CMD CLA PS . 123.99 47.36 -66.16
CAD CLA PS . 122.74 49.84 -68.36
OBD CLA PS . 121.86 49.09 -68.75
CBD CLA PS . 122.96 51.27 -68.93
CGD CLA PS . 123.39 51.25 -70.35
O1D CLA PS . 123.20 52.13 -71.20
O2D CLA PS . 124.05 50.12 -70.71
CED CLA PS . 125.45 50.23 -70.96
C1 CLA PS . 123.30 54.09 -64.07
C2 CLA PS . 124.38 53.26 -63.46
C3 CLA PS . 124.29 52.67 -62.26
C4 CLA PS . 123.08 52.78 -61.42
C5 CLA PS . 125.41 51.86 -61.73
C6 CLA PS . 125.85 52.27 -60.33
C7 CLA PS . 126.55 53.61 -60.31
C8 CLA PS . 126.65 54.13 -58.89
C9 CLA PS . 126.00 55.48 -58.75
C10 CLA PS . 128.09 54.19 -58.42
C11 CLA PS . 128.21 53.97 -56.93
C12 CLA PS . 127.53 52.68 -56.49
C13 CLA PS . 128.31 51.97 -55.38
C14 CLA PS . 129.18 50.86 -55.97
C15 CLA PS . 127.38 51.37 -54.34
C16 CLA PS . 126.40 52.41 -53.80
C17 CLA PS . 125.69 51.91 -52.57
C18 CLA PS . 124.42 52.70 -52.29
C19 CLA PS . 124.28 52.98 -50.82
C20 CLA PS . 123.22 51.93 -52.79
MG CLA QS . 115.61 60.44 -65.13
CHA CLA QS . 114.91 60.65 -61.75
CHB CLA QS . 118.91 60.19 -64.44
CHC CLA QS . 116.26 60.37 -68.50
CHD CLA QS . 112.19 60.86 -65.82
NA CLA QS . 116.71 60.38 -63.36
C1A CLA QS . 116.25 60.50 -62.04
C2A CLA QS . 117.43 60.44 -61.07
C3A CLA QS . 118.66 60.21 -61.97
C4A CLA QS . 118.07 60.27 -63.36
CMA CLA QS . 119.79 61.17 -61.75
CAA CLA QS . 117.37 59.30 -60.07
CBA CLA QS . 117.25 59.85 -58.67
CGA CLA QS . 117.89 61.21 -58.60
O1A CLA QS . 117.35 62.31 -58.60
O2A CLA QS . 119.25 61.13 -58.52
NB CLA QS . 117.26 60.46 -66.25
C1B CLA QS . 118.49 60.18 -65.77
C2B CLA QS . 119.40 59.77 -66.86
C3B CLA QS . 118.68 59.81 -68.02
C4B CLA QS . 117.30 60.22 -67.65
CMB CLA QS . 120.78 59.41 -66.54
CAB CLA QS . 119.02 59.50 -69.38
CBB CLA QS . 119.87 58.55 -69.79
NC CLA QS . 114.43 60.56 -66.84
C1C CLA QS . 114.91 60.53 -68.12
C2C CLA QS . 113.81 60.69 -69.06
C3C CLA QS . 112.65 60.82 -68.30
C4C CLA QS . 113.05 60.74 -66.91
CMC CLA QS . 113.95 60.71 -70.52
CAC CLA QS . 111.27 61.01 -68.78
CBC CLA QS . 110.89 62.48 -68.82
ND CLA QS . 113.89 60.44 -64.09
C1D CLA QS . 112.56 60.73 -64.50
C2D CLA QS . 111.70 60.84 -63.32
C3D CLA QS . 112.54 60.76 -62.23
C4D CLA QS . 113.90 60.59 -62.76
CMD CLA QS . 110.25 61.02 -63.36
CAD CLA QS . 112.64 60.74 -60.79
OBD CLA QS . 111.76 60.64 -59.94
CBD CLA QS . 114.14 60.87 -60.45
CGD CLA QS . 114.43 62.25 -59.90
O1D CLA QS . 114.33 62.64 -58.75
O2D CLA QS . 114.86 63.13 -60.85
CED CLA QS . 113.91 64.12 -61.27
MG CLA RS . 134.08 64.19 -72.63
CHA CLA RS . 135.72 64.02 -75.67
CHB CLA RS . 136.58 62.42 -71.17
CHC CLA RS . 132.41 64.42 -69.64
CHD CLA RS . 131.54 66.12 -74.16
NA CLA RS . 135.85 63.36 -73.34
C1A CLA RS . 136.38 63.39 -74.64
C2A CLA RS . 137.73 62.67 -74.70
C3A CLA RS . 137.93 62.15 -73.26
C4A CLA RS . 136.71 62.67 -72.51
CMA CLA RS . 138.07 60.65 -73.20
CAA CLA RS . 138.90 63.60 -75.00
CBA CLA RS . 138.89 64.87 -74.17
CGA CLA RS . 138.34 66.03 -74.95
O1A CLA RS . 138.76 66.54 -75.99
O2A CLA RS . 137.21 66.56 -74.38
NB CLA RS . 134.40 63.49 -70.78
C1B CLA RS . 135.52 62.86 -70.36
C2B CLA RS . 135.49 62.69 -68.88
C3B CLA RS . 134.32 63.24 -68.44
C4B CLA RS . 133.61 63.77 -69.64
CMB CLA RS . 136.57 62.04 -68.14
CAB CLA RS . 133.79 63.38 -67.11
CBB CLA RS . 134.36 64.11 -66.16
NC CLA RS . 132.29 65.07 -72.03
C1C CLA RS . 131.79 65.03 -70.76
C2C CLA RS . 130.52 65.73 -70.70
C3C CLA RS . 130.29 66.24 -71.97
C4C CLA RS . 131.41 65.82 -72.79
CMC CLA RS . 129.70 65.87 -69.50
CAC CLA RS . 129.14 67.03 -72.41
CBC CLA RS . 128.05 66.19 -73.02
ND CLA RS . 133.67 64.93 -74.46
C1D CLA RS . 132.60 65.71 -74.95
C2D CLA RS . 132.81 65.96 -76.39
C3D CLA RS . 133.97 65.31 -76.73
C4D CLA RS . 134.47 64.69 -75.49
CMD CLA RS . 131.90 66.76 -77.23
CAD CLA RS . 134.91 65.00 -77.78
OBD CLA RS . 134.89 65.30 -78.97
CBD CLA RS . 136.05 64.16 -77.14
CGD CLA RS . 136.19 62.80 -77.74
O1D CLA RS . 137.23 62.27 -78.12
O2D CLA RS . 135.02 62.12 -77.85
CED CLA RS . 135.12 60.69 -77.99
MG CLA SS . 132.99 67.32 -57.27
CHA CLA SS . 136.10 67.83 -55.86
CHB CLA SS . 131.78 70.03 -55.63
CHC CLA SS . 129.96 66.79 -58.76
CHD CLA SS . 134.25 64.44 -58.90
NA CLA SS . 133.83 68.69 -55.95
C1A CLA SS . 135.15 68.75 -55.48
C2A CLA SS . 135.31 69.90 -54.49
C3A CLA SS . 133.89 70.49 -54.37
C4A CLA SS . 133.09 69.68 -55.38
CMA CLA SS . 133.36 70.32 -52.97
CAA CLA SS . 136.26 71.00 -54.91
CBA CLA SS . 137.43 71.09 -53.95
CGA CLA SS . 137.00 70.87 -52.53
O1A CLA SS . 136.97 69.82 -51.88
O2A CLA SS . 136.59 72.02 -51.92
NB CLA SS . 131.20 68.21 -57.18
C1B CLA SS . 130.94 69.38 -56.54
C2B CLA SS . 129.60 69.88 -56.95
C3B CLA SS . 129.07 68.98 -57.84
C4B CLA SS . 130.08 67.89 -57.99
CMB CLA SS . 129.02 71.12 -56.43
CAB CLA SS . 127.81 68.95 -58.52
CBB CLA SS . 127.61 69.10 -59.83
NC CLA SS . 132.25 65.88 -58.58
C1C CLA SS . 130.97 65.84 -59.03
C2C CLA SS . 130.75 64.68 -59.88
C3C CLA SS . 131.97 64.02 -59.96
C4C CLA SS . 132.90 64.77 -59.11
CMC CLA SS . 129.44 64.37 -60.49
CAC CLA SS . 132.28 62.77 -60.67
CBC CLA SS . 132.31 62.88 -62.18
ND CLA SS . 134.74 66.34 -57.44
C1D CLA SS . 135.12 65.17 -58.12
C2D CLA SS . 136.54 64.88 -57.86
C3D CLA SS . 136.98 65.90 -57.02
C4D CLA SS . 135.81 66.76 -56.77
CMD CLA SS . 137.30 63.77 -58.41
CAD CLA SS . 138.09 66.42 -56.29
OBD CLA SS . 139.25 66.03 -56.24
CBD CLA SS . 137.56 67.66 -55.51
CGD CLA SS . 137.81 67.55 -54.04
O1D CLA SS . 138.71 68.10 -53.39
O2D CLA SS . 136.95 66.73 -53.39
CED CLA SS . 137.48 66.03 -52.27
MG CLA TS . 135.95 52.60 -49.07
CHA CLA TS . 135.39 54.24 -46.09
CHB CLA TS . 137.96 50.38 -47.49
CHC CLA TS . 136.53 51.09 -52.09
CHD CLA TS . 133.92 54.97 -50.69
NA CLA TS . 136.56 52.36 -47.08
C1A CLA TS . 136.22 53.16 -45.97
C2A CLA TS . 136.94 52.62 -44.72
C3A CLA TS . 137.55 51.29 -45.19
C4A CLA TS . 137.37 51.34 -46.70
CMA CLA TS . 138.97 51.12 -44.74
CAA CLA TS . 136.13 52.34 -43.47
CBA CLA TS . 136.83 52.97 -42.29
CGA CLA TS . 136.46 52.21 -41.06
O1A CLA TS . 136.74 51.05 -40.76
O2A CLA TS . 135.72 52.94 -40.20
NB CLA TS . 137.09 51.08 -49.69
C1B CLA TS . 137.81 50.28 -48.88
C2B CLA TS . 138.41 49.19 -49.66
C3B CLA TS . 138.02 49.36 -50.97
C4B CLA TS . 137.15 50.56 -51.00
CMB CLA TS . 139.22 48.18 -49.00
CAB CLA TS . 138.29 48.57 -52.15
CBB CLA TS . 139.48 48.14 -52.57
NC CLA TS . 135.31 52.95 -51.01
C1C CLA TS . 135.66 52.20 -52.09
C2C CLA TS . 135.02 52.72 -53.27
C3C CLA TS . 134.30 53.84 -52.88
C4C CLA TS . 134.50 53.98 -51.46
CMC CLA TS . 135.13 52.16 -54.62
CAC CLA TS . 133.48 54.72 -53.73
CBC CLA TS . 132.05 54.25 -53.74
ND CLA TS . 134.78 54.13 -48.56
C1D CLA TS . 134.06 55.08 -49.33
C2D CLA TS . 133.45 56.07 -48.46
C3D CLA TS . 133.87 55.74 -47.20
C4D CLA TS . 134.75 54.57 -47.32
CMD CLA TS . 132.56 57.13 -48.90
CAD CLA TS . 133.74 56.02 -45.81
OBD CLA TS . 132.86 56.65 -45.25
CBD CLA TS . 134.88 55.24 -45.10
CGD CLA TS . 135.99 56.10 -44.62
O1D CLA TS . 136.57 56.06 -43.54
O2D CLA TS . 136.38 57.02 -45.55
CED CLA TS . 137.48 57.86 -45.22
C1 CLA TS . 136.40 54.04 -39.57
C2 CLA TS . 135.43 54.58 -38.60
C3 CLA TS . 134.48 55.45 -38.95
C4 CLA TS . 134.34 55.96 -40.32
C5 CLA TS . 133.51 55.96 -37.96
C6 CLA TS . 133.88 57.37 -37.57
C7 CLA TS . 134.63 57.37 -36.26
C8 CLA TS . 134.06 58.38 -35.26
C9 CLA TS . 134.62 58.11 -33.87
C10 CLA TS . 132.54 58.36 -35.21
C11 CLA TS . 131.95 59.73 -35.44
C12 CLA TS . 130.44 59.72 -35.25
C13 CLA TS . 129.94 60.95 -34.51
C14 CLA TS . 130.70 61.15 -33.21
C15 CLA TS . 128.43 60.87 -34.29
C16 CLA TS . 127.91 61.85 -33.26
C17 CLA TS . 126.68 61.35 -32.55
C18 CLA TS . 126.71 61.54 -31.04
C19 CLA TS . 127.94 60.91 -30.42
C20 CLA TS . 126.67 63.02 -30.69
MG CLA US . 151.61 44.79 -54.63
CHA CLA US . 149.12 45.33 -52.26
CHB CLA US . 153.66 43.58 -52.22
CHC CLA US . 154.02 44.24 -57.02
CHD CLA US . 149.61 46.40 -57.06
NA CLA US . 151.38 44.48 -52.57
C1A CLA US . 150.27 44.76 -51.75
C2A CLA US . 150.56 44.38 -50.29
C3A CLA US . 151.99 43.81 -50.35
C4A CLA US . 152.39 43.95 -51.81
CMA CLA US . 152.93 44.56 -49.44
CAA CLA US . 149.64 43.30 -49.74
CBA CLA US . 149.54 42.10 -50.66
CGA CLA US . 148.33 41.27 -50.35
O1A CLA US . 147.93 40.89 -49.24
O2A CLA US . 147.62 40.93 -51.47
NB CLA US . 153.44 43.98 -54.63
C1B CLA US . 154.16 43.66 -53.53
C2B CLA US . 155.58 43.41 -53.91
C3B CLA US . 155.67 43.60 -55.26
C4B CLA US . 154.31 43.93 -55.74
CMB CLA US . 156.63 43.03 -52.98
CAB CLA US . 156.80 43.49 -56.14
CBB CLA US . 157.78 44.39 -56.20
NC CLA US . 151.74 45.18 -56.67
C1C CLA US . 152.80 44.83 -57.46
C2C CLA US . 152.54 45.19 -58.85
C3C CLA US . 151.34 45.89 -58.85
C4C CLA US . 150.85 45.89 -57.48
CMC CLA US . 153.44 44.91 -59.95
CAC CLA US . 150.66 46.46 -60.01
CBC CLA US . 149.78 45.44 -60.69
ND CLA US . 149.79 45.63 -54.73
C1D CLA US . 149.11 46.29 -55.78
C2D CLA US . 147.81 46.73 -55.28
C3D CLA US . 147.72 46.32 -53.98
C4D CLA US . 149.02 45.68 -53.65
CMD CLA US . 146.81 47.39 -56.11
CAD CLA US . 146.89 46.25 -52.79
OBD CLA US . 145.71 46.53 -52.64
CBD CLA US . 147.80 45.76 -51.64
CGD CLA US . 147.94 46.85 -50.62
O1D CLA US . 148.26 48.03 -50.79
O2D CLA US . 147.62 46.45 -49.35
CED CLA US . 148.23 47.11 -48.25
C1 CLA US . 146.61 39.91 -51.38
C2 CLA US . 146.10 39.75 -52.76
C3 CLA US . 145.17 38.87 -53.16
C4 CLA US . 144.51 37.92 -52.25
C5 CLA US . 144.76 38.81 -54.58
C6 CLA US . 143.52 39.64 -54.85
C7 CLA US . 143.34 39.80 -56.34
C8 CLA US . 142.27 40.83 -56.66
C9 CLA US . 140.93 40.41 -56.10
C10 CLA US . 142.17 41.05 -58.17
C11 CLA US . 141.84 39.82 -58.96
C12 CLA US . 142.05 40.12 -60.42
C13 CLA US . 141.57 38.99 -61.32
C14 CLA US . 142.34 37.73 -61.00
C15 CLA US . 141.73 39.36 -62.80
C16 CLA US . 140.40 39.37 -63.52
C17 CLA US . 139.94 37.97 -63.88
C18 CLA US . 140.01 37.58 -65.37
C19 CLA US . 140.56 38.63 -66.30
C20 CLA US . 138.66 37.13 -65.86
MG CLA VS . 141.48 44.40 -55.15
CHA CLA VS . 142.40 43.64 -51.88
CHB CLA VS . 138.28 44.90 -54.16
CHC CLA VS . 140.52 44.65 -58.46
CHD CLA VS . 144.76 43.67 -56.20
NA CLA VS . 140.54 44.37 -53.29
C1A CLA VS . 141.06 44.01 -52.04
C2A CLA VS . 139.94 44.10 -50.97
C3A CLA VS . 138.83 44.90 -51.71
C4A CLA VS . 139.21 44.70 -53.17
CMA CLA VS . 137.46 44.39 -51.41
CAA CLA VS . 140.19 44.71 -49.61
CBA CLA VS . 139.92 43.67 -48.54
CGA CLA VS . 140.15 44.15 -47.15
O1A CLA VS . 141.22 44.40 -46.59
O2A CLA VS . 139.00 44.32 -46.43
NB CLA VS . 139.77 44.87 -56.11
C1B CLA VS . 138.54 44.77 -55.53
C2B CLA VS . 137.49 44.46 -56.54
C3B CLA VS . 138.13 44.40 -57.75
C4B CLA VS . 139.57 44.67 -57.50
CMB CLA VS . 136.08 44.29 -56.21
CAB CLA VS . 137.62 44.12 -59.07
CBB CLA VS . 137.28 45.03 -59.98
NC CLA VS . 142.49 44.30 -56.97
C1C CLA VS . 141.91 44.49 -58.20
C2C CLA VS . 142.91 44.39 -59.24
C3C CLA VS . 144.10 44.02 -58.62
C4C CLA VS . 143.82 43.98 -57.19
CMC CLA VS . 142.66 44.52 -60.67
CAC CLA VS . 145.40 43.78 -59.25
CBC CLA VS . 146.31 44.98 -59.17
ND CLA VS . 143.21 43.85 -54.31
C1D CLA VS . 144.48 43.59 -54.86
C2D CLA VS . 145.42 43.25 -53.78
C3D CLA VS . 144.69 43.27 -52.62
C4D CLA VS . 143.30 43.63 -53.00
CMD CLA VS . 146.82 42.96 -54.02
CAD CLA VS . 144.72 43.12 -51.20
OBD CLA VS . 145.68 42.91 -50.45
CBD CLA VS . 143.27 43.30 -50.69
CGD CLA VS . 142.80 42.11 -49.89
O1D CLA VS . 143.29 41.68 -48.85
O2D CLA VS . 141.70 41.49 -50.38
CED CLA VS . 141.87 40.23 -51.02
MG CLA WS . 147.24 49.90 -72.17
CHA CLA WS . 147.41 48.65 -75.39
CHB CLA WS . 146.77 46.75 -70.99
CHC CLA WS . 147.53 51.11 -68.99
CHD CLA WS . 147.88 53.12 -73.45
NA CLA WS . 147.04 48.04 -73.07
C1A CLA WS . 147.17 47.71 -74.42
C2A CLA WS . 146.99 46.21 -74.62
C3A CLA WS . 146.46 45.74 -73.27
C4A CLA WS . 146.79 46.91 -72.36
CMA CLA WS . 144.97 45.51 -73.33
CAA CLA WS . 148.38 45.64 -74.79
CBA CLA WS . 148.46 44.29 -75.46
CGA CLA WS . 149.90 43.94 -75.66
O1A CLA WS . 150.39 43.14 -76.46
O2A CLA WS . 150.75 44.62 -74.83
NB CLA WS . 147.15 49.09 -70.35
C1B CLA WS . 147.02 47.77 -70.07
C2B CLA WS . 147.16 47.55 -68.61
C3B CLA WS . 147.36 48.78 -68.03
C4B CLA WS . 147.34 49.78 -69.12
CMB CLA WS . 147.05 46.23 -68.00
CAB CLA WS . 147.54 49.14 -66.66
CBB CLA WS . 146.59 49.71 -65.92
NC CLA WS . 147.54 51.80 -71.37
C1C CLA WS . 147.60 52.06 -70.04
C2C CLA WS . 147.85 53.47 -69.83
C3C CLA WS . 148.00 54.06 -71.08
C4C CLA WS . 147.80 52.98 -72.05
CMC CLA WS . 147.97 54.07 -68.50
CAC CLA WS . 148.32 55.45 -71.41
CBC CLA WS . 147.21 56.45 -71.19
ND CLA WS . 147.41 50.78 -73.98
C1D CLA WS . 147.71 52.10 -74.36
C2D CLA WS . 147.82 52.17 -75.83
C3D CLA WS . 147.72 50.87 -76.28
C4D CLA WS . 147.49 50.04 -75.08
CMD CLA WS . 148.06 53.40 -76.57
CAD CLA WS . 147.70 49.99 -77.43
OBD CLA WS . 147.74 50.27 -78.62
CBD CLA WS . 147.59 48.53 -76.88
CGD CLA WS . 146.44 47.81 -77.50
O1D CLA WS . 146.45 47.02 -78.45
O2D CLA WS . 145.24 48.11 -76.91
CED CLA WS . 144.29 47.06 -76.77
C A86 XS . 135.00 49.00 -57.45
O A86 XS . 144.04 47.95 -67.42
C1 A86 XS . 136.08 48.59 -56.40
C10 A86 XS . 142.26 48.24 -64.37
C11 A86 XS . 143.26 47.66 -65.24
C12 A86 XS . 144.33 46.76 -64.72
C13 A86 XS . 143.14 48.01 -66.69
C14 A86 XS . 141.61 48.47 -67.19
C15 A86 XS . 141.01 47.56 -68.33
C16 A86 XS . 140.80 46.07 -68.06
C17 A86 XS . 141.95 45.19 -68.53
C18 A86 XS . 142.19 45.37 -69.96
C19 A86 XS . 142.65 46.84 -70.25
C2 A86 XS . 137.41 48.38 -56.77
C20 A86 XS . 141.52 47.86 -69.70
C21 A86 XS . 142.24 49.27 -69.86
C22 A86 XS . 139.50 45.64 -68.79
C23 A86 XS . 140.52 45.79 -66.60
C24 A86 XS . 135.70 48.39 -54.96
C25 A86 XS . 134.34 48.15 -54.64
C26 A86 XS . 133.99 47.89 -53.06
C27 A86 XS . 133.30 48.86 -52.30
C28 A86 XS . 132.88 50.13 -52.91
C29 A86 XS . 133.00 48.52 -50.77
C3 A86 XS . 137.81 48.55 -58.18
C30 A86 XS . 132.04 49.32 -50.01
C31 A86 XS . 131.12 50.10 -49.26
C32 A86 XS . 129.64 50.22 -49.72
C33 A86 XS . 128.77 51.24 -48.96
C34 A86 XS . 129.49 52.52 -48.51
C35 A86 XS . 130.80 52.25 -47.75
C36 A86 XS . 131.72 51.19 -48.38
C37 A86 XS . 132.72 51.91 -49.29
C38 A86 XS . 128.68 54.30 -49.81
C39 A86 XS . 128.58 55.54 -48.89
C4 A86 XS . 139.16 48.40 -58.54
C40 A86 XS . 129.59 50.54 -51.23
C41 A86 XS . 128.98 48.84 -49.53
C5 A86 XS . 139.55 48.57 -60.12
C6 A86 XS . 140.87 48.47 -60.56
C7 A86 XS . 142.07 48.21 -59.55
C8 A86 XS . 141.12 48.64 -62.13
C9 A86 XS . 142.21 47.98 -62.85
O1 A86 XS . 140.15 48.26 -69.31
O2 A86 XS . 143.21 44.49 -70.38
O3 A86 XS . 132.44 50.57 -47.35
O4 A86 XS . 129.74 53.35 -49.61
O5 A86 XS . 127.90 54.13 -50.67
C A86 YS . 145.68 58.88 -64.15
O A86 YS . 132.28 58.43 -66.53
C1 A86 YS . 145.45 59.76 -62.90
C10 A86 YS . 135.65 58.69 -65.38
C11 A86 YS . 134.21 58.78 -65.26
C12 A86 YS . 133.57 59.53 -64.12
C13 A86 YS . 133.39 58.13 -66.30
C14 A86 YS . 134.16 56.90 -67.15
C15 A86 YS . 133.46 56.41 -68.48
C16 A86 YS . 133.32 57.35 -69.66
C17 A86 YS . 131.92 57.88 -69.93
C18 A86 YS . 130.99 56.77 -70.10
C19 A86 YS . 130.87 56.03 -68.72
C2 A86 YS . 144.14 60.16 -62.55
C20 A86 YS . 132.31 55.45 -68.35
C21 A86 YS . 132.11 54.89 -66.90
C22 A86 YS . 133.80 56.51 -70.88
C23 A86 YS . 134.26 58.54 -69.60
C24 A86 YS . 146.63 60.15 -62.05
C25 A86 YS . 147.94 59.95 -62.55
C26 A86 YS . 149.23 60.34 -61.62
C27 A86 YS . 149.68 61.69 -61.54
C28 A86 YS . 148.99 62.76 -62.28
C29 A86 YS . 150.93 62.09 -60.62
C3 A86 YS . 143.03 59.73 -63.38
C30 A86 YS . 152.20 61.38 -60.67
C31 A86 YS . 153.47 60.73 -60.69
C32 A86 YS . 154.57 61.17 -61.67
C33 A86 YS . 155.51 60.08 -62.20
C34 A86 YS . 155.80 58.96 -61.20
C35 A86 YS . 154.53 58.43 -60.50
C36 A86 YS . 153.84 59.56 -59.75
C37 A86 YS . 152.54 59.03 -59.11
C38 A86 YS . 157.85 58.06 -62.01
C39 A86 YS . 158.57 57.85 -63.37
C4 A86 YS . 141.72 60.15 -63.09
C40 A86 YS . 155.42 62.28 -60.99
C41 A86 YS . 153.85 61.81 -62.90
C5 A86 YS . 140.51 59.58 -64.07
C6 A86 YS . 139.18 59.65 -63.63
C7 A86 YS . 138.84 60.28 -62.21
C8 A86 YS . 138.04 59.09 -64.61
C9 A86 YS . 136.61 59.32 -64.36
O1 A86 YS . 133.66 54.96 -68.70
O2 A86 YS . 129.73 57.26 -70.50
O3 A86 YS . 154.68 60.02 -58.72
O4 A86 YS . 156.41 57.91 -61.91
O5 A86 YS . 158.46 58.34 -61.04
C A86 ZS . 146.60 67.52 -66.39
O A86 ZS . 141.54 61.23 -76.74
C1 A86 ZS . 145.28 67.54 -65.56
C10 A86 ZS . 142.13 62.60 -73.66
C11 A86 ZS . 141.90 61.42 -74.46
C12 A86 ZS . 141.28 60.19 -73.87
C13 A86 ZS . 142.32 61.47 -75.90
C14 A86 ZS . 143.90 61.90 -76.24
C15 A86 ZS . 144.16 62.43 -77.70
C16 A86 ZS . 143.47 63.71 -78.16
C17 A86 ZS . 142.21 63.51 -79.00
C18 A86 ZS . 142.49 62.68 -80.17
C19 A86 ZS . 142.95 61.25 -79.71
C2 A86 ZS . 144.08 67.04 -66.11
C20 A86 ZS . 144.25 61.39 -78.76
C21 A86 ZS . 144.47 59.92 -78.22
C22 A86 ZS . 144.51 64.51 -79.01
C23 A86 ZS . 143.13 64.63 -77.00
C24 A86 ZS . 145.23 68.10 -64.17
C25 A86 ZS . 145.14 69.51 -64.02
C26 A86 ZS . 145.06 70.14 -62.52
C27 A86 ZS . 146.24 70.49 -61.82
C28 A86 ZS . 147.57 70.29 -62.42
C29 A86 ZS . 146.08 71.10 -60.34
C3 A86 ZS . 144.06 66.49 -67.46
C30 A86 ZS . 147.21 71.77 -59.71
C31 A86 ZS . 148.31 72.43 -59.10
C32 A86 ZS . 148.33 73.97 -58.95
C33 A86 ZS . 149.72 74.63 -58.97
C34 A86 ZS . 150.84 73.81 -58.30
C35 A86 ZS . 150.85 72.35 -58.77
C36 A86 ZS . 149.50 71.66 -58.49
C37 A86 ZS . 149.54 70.26 -59.14
C38 A86 ZS . 152.79 74.97 -57.55
C39 A86 ZS . 154.35 74.97 -57.54
C4 A86 ZS . 142.93 65.80 -67.91
C40 A86 ZS . 147.62 74.34 -57.63
C41 A86 ZS . 147.51 74.53 -60.14
C5 A86 ZS . 142.98 65.23 -69.46
C6 A86 ZS . 142.18 64.19 -69.93
C7 A86 ZS . 141.13 63.43 -68.99
C8 A86 ZS . 142.38 63.81 -71.48
C9 A86 ZS . 141.75 62.69 -72.16
O1 A86 ZS . 145.47 62.06 -78.26
O2 A86 ZS . 141.31 62.57 -80.95
O3 A86 ZS . 149.33 71.53 -57.11
O4 A86 ZS . 152.08 74.40 -58.66
O5 A86 ZS . 152.20 75.45 -56.65
MG CLA AT . 88.98 30.86 -15.14
CHA CLA AT . 90.22 30.38 -11.99
CHB CLA AT . 91.42 33.14 -15.71
CHC CLA AT . 87.87 31.14 -18.32
CHD CLA AT . 86.33 28.67 -14.38
NA CLA AT . 90.55 31.61 -14.00
C1A CLA AT . 90.92 31.27 -12.70
C2A CLA AT . 92.14 32.05 -12.24
C3A CLA AT . 92.32 33.07 -13.37
C4A CLA AT . 91.39 32.57 -14.46
CMA CLA AT . 91.85 34.38 -12.84
CAA CLA AT . 93.38 31.20 -12.05
CBA CLA AT . 94.37 31.27 -13.19
CGA CLA AT . 93.92 30.30 -14.22
O1A CLA AT . 92.95 29.57 -14.15
O2A CLA AT . 94.67 30.29 -15.35
NB CLA AT . 89.47 32.03 -16.68
C1B CLA AT . 90.58 32.76 -16.77
C2B CLA AT . 90.83 33.17 -18.17
C3B CLA AT . 89.83 32.61 -18.92
C4B CLA AT . 88.96 31.87 -17.98
CMB CLA AT . 91.96 33.98 -18.57
CAB CLA AT . 89.61 32.64 -20.33
CBB CLA AT . 90.44 32.14 -21.22
NC CLA AT . 87.41 30.02 -16.18
C1C CLA AT . 87.16 30.25 -17.49
C2C CLA AT . 86.01 29.47 -17.91
C3C CLA AT . 85.55 28.81 -16.78
C4C CLA AT . 86.42 29.17 -15.69
CMC CLA AT . 85.47 29.41 -19.26
CAC CLA AT . 84.42 27.88 -16.73
CBC CLA AT . 84.91 26.46 -16.95
ND CLA AT . 88.46 29.61 -13.65
C1D CLA AT . 87.26 28.91 -13.41
C2D CLA AT . 87.30 28.36 -12.05
C3D CLA AT . 88.50 28.78 -11.52
C4D CLA AT . 89.11 29.65 -12.51
CMD CLA AT . 86.30 27.46 -11.50
CAD CLA AT . 89.44 28.74 -10.44
OBD CLA AT . 89.65 27.89 -9.61
CBD CLA AT . 90.35 29.98 -10.55
CGD CLA AT . 89.85 31.06 -9.67
O1D CLA AT . 89.74 32.26 -9.92
O2D CLA AT . 89.51 30.64 -8.43
CED CLA AT . 90.33 31.09 -7.36
C1 CLA AT . 93.95 30.76 -16.49
C2 CLA AT . 94.76 30.42 -17.70
C3 CLA AT . 94.17 30.24 -18.88
C4 CLA AT . 92.71 30.34 -19.06
C5 CLA AT . 94.95 29.90 -20.09
C6 CLA AT . 94.79 28.45 -20.43
C7 CLA AT . 94.13 28.26 -21.77
C8 CLA AT . 94.03 26.78 -22.09
C9 CLA AT . 95.39 26.23 -22.42
C10 CLA AT . 93.09 26.54 -23.25
C11 CLA AT . 91.92 25.68 -22.84
C12 CLA AT . 90.93 25.53 -23.97
C13 CLA AT . 89.73 24.70 -23.56
C14 CLA AT . 90.15 23.35 -23.02
C15 CLA AT . 88.82 24.56 -24.78
C16 CLA AT . 87.69 23.56 -24.56
C17 CLA AT . 86.50 24.22 -23.89
C18 CLA AT . 85.22 23.90 -24.64
C19 CLA AT . 84.03 24.48 -23.90
C20 CLA AT . 85.26 24.46 -26.04
MG CLA BT . 91.74 34.44 -26.41
CHA CLA BT . 94.36 36.18 -25.03
CHB CLA BT . 92.53 31.74 -24.54
CHC CLA BT . 89.17 32.73 -27.87
CHD CLA BT . 91.00 37.24 -28.44
NA CLA BT . 93.20 34.06 -24.98
C1A CLA BT . 94.19 34.91 -24.53
C2A CLA BT . 95.04 34.21 -23.47
C3A CLA BT . 94.47 32.79 -23.42
C4A CLA BT . 93.29 32.87 -24.36
CMA CLA BT . 95.42 31.77 -23.97
CAA CLA BT . 94.86 34.84 -22.10
CBA CLA BT . 95.52 34.01 -21.02
CGA CLA BT . 97.00 33.91 -21.24
O1A CLA BT . 97.65 33.16 -21.98
O2A CLA BT . 97.70 34.79 -20.48
NB CLA BT . 90.96 32.62 -26.19
C1B CLA BT . 91.44 31.63 -25.41
C2B CLA BT . 90.69 30.38 -25.62
C3B CLA BT . 89.72 30.65 -26.57
C4B CLA BT . 89.90 32.07 -26.94
CMB CLA BT . 91.05 29.18 -24.88
CAB CLA BT . 88.70 29.87 -27.22
CBB CLA BT . 88.49 28.55 -27.19
NC CLA BT . 90.33 34.92 -27.87
C1C CLA BT . 89.38 34.06 -28.30
C2C CLA BT . 88.57 34.70 -29.31
C3C CLA BT . 89.07 35.97 -29.48
C4C CLA BT . 90.18 36.11 -28.56
CMC CLA BT . 87.45 34.04 -29.99
CAC CLA BT . 88.59 37.01 -30.40
CBC CLA BT . 87.41 37.72 -29.81
ND CLA BT . 92.45 36.30 -26.69
C1D CLA BT . 92.07 37.33 -27.58
C2D CLA BT . 93.00 38.46 -27.40
C3D CLA BT . 93.89 38.07 -26.43
C4D CLA BT . 93.52 36.70 -26.03
CMD CLA BT . 92.93 39.72 -28.12
CAD CLA BT . 95.04 38.44 -25.65
OBD CLA BT . 95.65 39.50 -25.63
CBD CLA BT . 95.40 37.22 -24.78
CGD CLA BT . 96.68 36.63 -25.25
O1D CLA BT . 96.83 35.79 -26.13
O2D CLA BT . 97.78 37.09 -24.61
CED CLA BT . 97.92 36.74 -23.23
MG CLA CT . 75.06 41.63 -34.47
CHA CLA CT . 73.86 41.79 -37.72
CHB CLA CT . 78.24 41.64 -35.62
CHC CLA CT . 76.17 41.74 -31.24
CHD CLA CT . 71.72 41.69 -33.30
NA CLA CT . 75.89 41.70 -36.37
C1A CLA CT . 75.22 41.75 -37.59
C2A CLA CT . 76.23 41.86 -38.73
C3A CLA CT . 77.61 41.69 -38.04
C4A CLA CT . 77.24 41.69 -36.56
CMA CLA CT . 78.28 40.42 -38.46
CAA CLA CT . 76.15 43.24 -39.35
CBA CLA CT . 76.68 44.45 -38.57
CGA CLA CT . 76.11 44.83 -37.23
O1A CLA CT . 76.78 45.27 -36.29
O2A CLA CT . 74.75 44.66 -37.06
NB CLA CT . 76.86 41.60 -33.59
C1B CLA CT . 78.04 41.66 -34.24
C2B CLA CT . 79.15 41.78 -33.26
C3B CLA CT . 78.58 41.81 -32.02
C4B CLA CT . 77.11 41.72 -32.21
CMB CLA CT . 80.54 41.89 -33.66
CAB CLA CT . 79.21 41.96 -30.74
CBB CLA CT . 79.20 41.08 -29.74
NC CLA CT . 74.12 41.64 -32.62
C1C CLA CT . 74.77 41.67 -31.42
C2C CLA CT . 73.82 41.69 -30.34
C3C CLA CT . 72.56 41.69 -30.92
C4C CLA CT . 72.75 41.67 -32.35
CMC CLA CT . 74.16 41.71 -28.93
CAC CLA CT . 71.26 41.72 -30.24
CBC CLA CT . 70.77 43.13 -30.08
ND CLA CT . 73.20 41.71 -35.25
C1D CLA CT . 71.92 41.74 -34.65
C2D CLA CT . 70.90 41.79 -35.71
C3D CLA CT . 71.58 41.82 -36.90
C4D CLA CT . 73.02 41.76 -36.56
CMD CLA CT . 69.46 41.82 -35.48
CAD CLA CT . 71.47 41.86 -38.33
OBD CLA CT . 70.48 41.89 -39.03
CBD CLA CT . 72.91 41.85 -38.89
CGD CLA CT . 73.17 40.73 -39.82
O1D CLA CT . 73.80 40.75 -40.88
O2D CLA CT . 72.63 39.56 -39.43
CED CLA CT . 73.15 38.36 -40.00
C1 CLA CT . 73.96 45.42 -36.10
C2 CLA CT . 74.14 44.97 -34.68
C3 CLA CT . 73.48 45.48 -33.63
C4 CLA CT . 72.44 46.54 -33.77
C5 CLA CT . 73.73 45.00 -32.23
C6 CLA CT . 73.93 46.09 -31.20
C7 CLA CT . 74.80 45.61 -30.04
C8 CLA CT . 74.89 46.58 -28.86
C9 CLA CT . 75.11 48.01 -29.33
C10 CLA CT . 76.01 46.18 -27.91
C11 CLA CT . 75.98 46.97 -26.61
C12 CLA CT . 74.69 46.76 -25.85
C13 CLA CT . 74.76 47.20 -24.38
C14 CLA CT . 74.29 46.09 -23.46
C15 CLA CT . 73.92 48.45 -24.12
C16 CLA CT . 74.79 49.61 -23.66
C17 CLA CT . 73.97 50.76 -23.12
C18 CLA CT . 74.81 52.03 -23.01
C19 CLA CT . 74.08 53.10 -22.24
C20 CLA CT . 75.18 52.53 -24.39
MG CLA DT . 78.02 52.67 -40.62
CHA CLA DT . 78.69 55.42 -38.63
CHB CLA DT . 78.12 50.67 -37.92
CHC CLA DT . 77.49 49.97 -42.65
CHD CLA DT . 77.76 54.79 -43.42
NA CLA DT . 78.39 53.02 -38.60
C1A CLA DT . 78.65 54.22 -37.94
C2A CLA DT . 78.86 53.95 -36.44
C3A CLA DT . 78.57 52.45 -36.27
C4A CLA DT . 78.37 52.00 -37.70
CMA CLA DT . 79.69 51.66 -35.66
CAA CLA DT . 77.90 54.67 -35.51
CBA CLA DT . 78.71 55.55 -34.58
CGA CLA DT . 79.94 54.80 -34.18
O1A CLA DT . 81.10 54.94 -34.56
O2A CLA DT . 79.67 53.85 -33.25
NB CLA DT . 77.67 50.73 -40.33
C1B CLA DT . 77.95 50.09 -39.16
C2B CLA DT . 78.06 48.64 -39.37
C3B CLA DT . 77.89 48.42 -40.71
C4B CLA DT . 77.66 49.75 -41.34
CMB CLA DT . 78.37 47.73 -38.28
CAB CLA DT . 77.98 47.19 -41.47
CBB CLA DT . 76.96 46.60 -42.10
NC CLA DT . 77.69 52.45 -42.66
C1C CLA DT . 77.51 51.24 -43.27
C2C CLA DT . 77.33 51.42 -44.70
C3C CLA DT . 77.38 52.79 -44.95
C4C CLA DT . 77.61 53.43 -43.65
CMC CLA DT . 77.14 50.31 -45.64
CAC CLA DT . 77.24 53.48 -46.24
CBC CLA DT . 78.46 53.43 -47.14
ND CLA DT . 78.36 54.61 -41.04
C1D CLA DT . 78.12 55.35 -42.22
C2D CLA DT . 78.31 56.78 -41.92
C3D CLA DT . 78.58 56.86 -40.57
C4D CLA DT . 78.53 55.48 -40.06
CMD CLA DT . 78.23 57.85 -42.91
CAD CLA DT . 78.86 57.74 -39.47
OBD CLA DT . 79.09 58.94 -39.45
CBD CLA DT . 78.85 56.87 -38.19
CGD CLA DT . 80.10 57.10 -37.43
O1D CLA DT . 80.33 57.98 -36.61
O2D CLA DT . 81.08 56.19 -37.72
CED CLA DT . 82.14 56.63 -38.58
MG CLA ET . 92.00 44.12 -26.71
CHA CLA ET . 93.39 42.12 -24.26
CHB CLA ET . 94.33 46.49 -26.08
CHC CLA ET . 90.81 45.91 -29.36
CHD CLA ET . 89.58 41.63 -27.29
NA CLA ET . 93.56 44.27 -25.34
C1A CLA ET . 94.01 43.32 -24.43
C2A CLA ET . 95.18 43.86 -23.63
C3A CLA ET . 95.27 45.33 -24.09
C4A CLA ET . 94.33 45.38 -25.26
CMA CLA ET . 94.82 46.25 -23.00
CAA CLA ET . 96.49 43.16 -23.97
CBA CLA ET . 97.27 42.93 -22.70
CGA CLA ET . 97.75 44.24 -22.14
O1A CLA ET . 97.77 44.62 -20.97
O2A CLA ET . 98.21 45.08 -23.11
NB CLA ET . 92.46 45.87 -27.55
C1B CLA ET . 93.49 46.67 -27.19
C2B CLA ET . 93.62 47.79 -28.14
C3B CLA ET . 92.64 47.64 -29.07
C4B CLA ET . 91.88 46.41 -28.70
CMB CLA ET . 94.64 48.82 -28.00
CAB CLA ET . 92.32 48.47 -30.19
CBB CLA ET . 92.45 48.11 -31.47
NC CLA ET . 90.44 43.84 -28.04
C1C CLA ET . 90.13 44.71 -29.04
C2C CLA ET . 89.00 44.21 -29.79
C3C CLA ET . 88.64 42.99 -29.22
C4C CLA ET . 89.56 42.76 -28.12
CMC CLA ET . 88.41 44.90 -30.93
CAC CLA ET . 87.57 42.11 -29.65
CBC CLA ET . 88.03 41.23 -30.78
ND CLA ET . 91.48 42.34 -25.93
C1D CLA ET . 90.47 41.42 -26.28
C2D CLA ET . 90.58 40.25 -25.39
C3D CLA ET . 91.68 40.46 -24.61
C4D CLA ET . 92.22 41.78 -24.99
CMD CLA ET . 89.68 39.11 -25.43
CAD CLA ET . 92.50 39.95 -23.55
OBD CLA ET . 92.37 38.95 -22.87
CBD CLA ET . 93.65 40.96 -23.32
CGD CLA ET . 93.59 41.46 -21.92
O1D CLA ET . 94.31 41.15 -20.98
O2D CLA ET . 92.58 42.35 -21.75
CED CLA ET . 92.75 43.47 -20.89
MG CLA FT . 79.03 44.04 -15.64
CHA CLA FT . 80.54 46.74 -14.11
CHB CLA FT . 77.52 43.24 -12.74
CHC CLA FT . 77.40 41.50 -17.25
CHD CLA FT . 80.58 44.94 -18.66
NA CLA FT . 79.07 44.86 -13.73
C1A CLA FT . 79.74 45.99 -13.29
C2A CLA FT . 79.47 46.24 -11.80
C3A CLA FT . 78.70 44.98 -11.38
C4A CLA FT . 78.38 44.32 -12.70
CMA CLA FT . 79.54 44.09 -10.52
CAA CLA FT . 78.58 47.44 -11.59
CBA CLA FT . 79.24 48.49 -10.70
CGA CLA FT . 79.49 48.00 -9.30
O1A CLA FT . 78.68 47.66 -8.43
O2A CLA FT . 80.81 47.94 -8.97
NB CLA FT . 77.83 42.55 -15.07
C1B CLA FT . 77.17 42.53 -13.88
C2B CLA FT . 76.02 41.61 -13.96
C3B CLA FT . 75.99 41.13 -15.23
C4B CLA FT . 77.13 41.72 -15.94
CMB CLA FT . 75.11 41.38 -12.85
CAB CLA FT . 75.07 40.23 -15.86
CBB CLA FT . 74.97 38.94 -15.57
NC CLA FT . 79.02 43.34 -17.59
C1C CLA FT . 78.29 42.28 -18.02
C2C CLA FT . 78.51 42.06 -19.43
C3C CLA FT . 79.39 43.04 -19.84
C4C CLA FT . 79.71 43.84 -18.69
CMC CLA FT . 77.87 40.99 -20.20
CAC CLA FT . 79.87 43.26 -21.20
CBC CLA FT . 78.88 44.15 -21.91
ND CLA FT . 80.20 45.53 -16.32
C1D CLA FT . 80.83 45.72 -17.57
C2D CLA FT . 81.70 46.90 -17.47
C3D CLA FT . 81.60 47.35 -16.18
C4D CLA FT . 80.69 46.44 -15.49
CMD CLA FT . 82.46 47.44 -18.58
CAD CLA FT . 82.00 48.35 -15.22
OBD CLA FT . 82.63 49.38 -15.38
CBD CLA FT . 81.44 47.90 -13.84
CGD CLA FT . 82.56 47.49 -12.95
O1D CLA FT . 83.17 48.18 -12.13
O2D CLA FT . 82.91 46.20 -13.09
CED CLA FT . 83.53 45.57 -11.98
MG CLA GT . 70.76 34.51 -15.78
CHA CLA GT . 70.45 35.62 -12.54
CHB CLA GT . 70.40 37.68 -16.91
CHC CLA GT . 71.17 33.36 -18.96
CHD CLA GT . 71.02 31.21 -14.57
NA CLA GT . 70.47 36.35 -14.85
C1A CLA GT . 70.39 36.61 -13.48
C2A CLA GT . 70.20 38.10 -13.24
C3A CLA GT . 70.07 38.69 -14.65
C4A CLA GT . 70.34 37.50 -15.55
CMA CLA GT . 68.70 39.23 -14.91
CAA CLA GT . 71.44 38.70 -12.63
CBA CLA GT . 71.27 40.18 -12.40
CGA CLA GT . 70.31 40.41 -11.28
O1A CLA GT . 69.10 40.20 -11.24
O2A CLA GT . 70.93 40.90 -10.15
NB CLA GT . 70.90 35.37 -17.58
C1B CLA GT . 70.59 36.65 -17.85
C2B CLA GT . 70.42 36.86 -19.31
C3B CLA GT . 70.64 35.62 -19.89
C4B CLA GT . 70.92 34.68 -18.80
CMB CLA GT . 70.05 38.15 -19.87
CAB CLA GT . 70.58 35.15 -21.25
CBB CLA GT . 70.88 35.80 -22.37
NC CLA GT . 71.06 32.63 -16.60
C1C CLA GT . 71.22 32.39 -17.93
C2C CLA GT . 71.47 30.99 -18.15
C3C CLA GT . 71.39 30.38 -16.92
C4C CLA GT . 71.13 31.42 -15.95
CMC CLA GT . 71.71 30.38 -19.45
CAC CLA GT . 71.57 28.95 -16.61
CBC CLA GT . 70.28 28.19 -16.53
ND CLA GT . 70.64 33.56 -14.02
C1D CLA GT . 70.77 32.20 -13.66
C2D CLA GT . 70.66 32.08 -12.21
C3D CLA GT . 70.55 33.35 -11.73
C4D CLA GT . 70.56 34.24 -12.90
CMD CLA GT . 70.70 30.82 -11.49
CAD CLA GT . 70.40 34.17 -10.55
OBD CLA GT . 70.31 33.84 -9.38
CBD CLA GT . 70.37 35.63 -11.03
CGD CLA GT . 69.09 36.26 -10.59
O1D CLA GT . 68.93 37.07 -9.69
O2D CLA GT . 68.03 35.83 -11.31
CED CLA GT . 66.78 36.48 -11.13
MG CLA HT . 76.07 21.11 -28.74
CHA CLA HT . 74.74 19.18 -31.23
CHB CLA HT . 72.98 21.34 -27.29
CHC CLA HT . 77.53 22.52 -26.00
CHD CLA HT . 79.26 20.62 -30.15
NA CLA HT . 74.18 20.46 -29.25
C1A CLA HT . 73.83 19.60 -30.30
C2A CLA HT . 72.35 19.31 -30.25
C3A CLA HT . 71.81 20.32 -29.24
C4A CLA HT . 73.07 20.73 -28.51
CMA CLA HT . 71.19 21.50 -29.96
CAA CLA HT . 72.26 17.94 -29.60
CBA CLA HT . 71.18 17.02 -30.14
CGA CLA HT . 70.81 15.99 -29.10
O1A CLA HT . 70.29 14.88 -29.26
O2A CLA HT . 71.11 16.38 -27.83
NB CLA HT . 75.39 21.77 -26.99
C1B CLA HT . 74.10 21.79 -26.58
C2B CLA HT . 74.00 22.39 -25.23
C3B CLA HT . 75.28 22.73 -24.86
C4B CLA HT . 76.18 22.36 -25.98
CMB CLA HT . 72.72 22.53 -24.55
CAB CLA HT . 75.76 23.34 -23.65
CBB CLA HT . 76.32 24.56 -23.56
NC CLA HT . 78.03 21.59 -28.25
C1C CLA HT . 78.39 22.19 -27.08
C2C CLA HT . 79.82 22.34 -26.99
C3C CLA HT . 80.34 21.76 -28.16
C4C CLA HT . 79.20 21.28 -28.92
CMC CLA HT . 80.48 22.95 -25.83
CAC CLA HT . 81.75 21.58 -28.57
CBC CLA HT . 82.60 22.80 -28.84
ND CLA HT . 76.85 20.39 -30.45
C1D CLA HT . 78.18 20.18 -30.87
C2D CLA HT . 78.17 19.45 -32.14
C3D CLA HT . 76.87 19.09 -32.36
C4D CLA HT . 76.09 19.63 -31.24
CMD CLA HT . 79.35 19.19 -32.95
CAD CLA HT . 75.94 18.45 -33.24
OBD CLA HT . 76.09 18.07 -34.40
CBD CLA HT . 74.60 18.30 -32.45
CGD CLA HT . 73.40 18.68 -33.26
O1D CLA HT . 72.60 17.93 -33.82
O2D CLA HT . 73.19 20.03 -33.32
CED CLA HT . 71.86 20.50 -33.54
C A86 IT . 73.61 39.79 -22.66
O A86 IT . 74.03 26.50 -23.52
C1 A86 IT . 73.95 39.82 -21.14
C10 A86 IT . 74.40 30.02 -22.94
C11 A86 IT . 74.20 28.62 -22.62
C12 A86 IT . 73.94 28.18 -21.21
C13 A86 IT . 74.27 27.63 -23.72
C14 A86 IT . 74.69 28.15 -25.24
C15 A86 IT . 73.49 28.02 -26.24
C16 A86 IT . 72.10 28.40 -25.79
C17 A86 IT . 71.22 27.22 -25.37
C18 A86 IT . 70.99 26.38 -26.52
C19 A86 IT . 72.35 25.71 -26.93
C2 A86 IT . 74.34 38.64 -20.48
C20 A86 IT . 73.48 26.83 -27.15
C21 A86 IT . 74.81 25.98 -27.09
C22 A86 IT . 71.39 29.17 -26.94
C23 A86 IT . 72.18 29.35 -24.61
C24 A86 IT . 73.87 41.11 -20.36
C25 A86 IT . 73.03 41.08 -19.21
C26 A86 IT . 72.83 42.39 -18.25
C27 A86 IT . 73.60 43.56 -18.39
C28 A86 IT . 74.65 43.69 -19.43
C29 A86 IT . 73.32 44.77 -17.38
C3 A86 IT . 74.41 37.41 -21.26
C30 A86 IT . 74.02 46.04 -17.53
C31 A86 IT . 74.69 47.30 -17.64
C32 A86 IT . 73.93 48.65 -17.62
C33 A86 IT . 74.24 49.44 -16.33
C34 A86 IT . 75.75 49.60 -16.11
C35 A86 IT . 76.47 48.23 -16.08
C36 A86 IT . 76.18 47.44 -17.36
C37 A86 IT . 76.86 48.13 -18.56
C38 A86 IT . 75.99 51.78 -17.05
C39 A86 IT . 74.72 52.26 -16.28
C4 A86 IT . 73.72 36.27 -20.85
C40 A86 IT . 74.36 49.48 -18.85
C41 A86 IT . 72.41 48.39 -17.66
C5 A86 IT . 73.83 34.90 -21.78
C6 A86 IT . 74.38 33.73 -21.28
C7 A86 IT . 74.93 33.62 -19.79
C8 A86 IT . 74.44 32.48 -22.28
C9 A86 IT . 74.32 31.09 -21.82
O1 A86 IT . 73.92 28.14 -27.64
O2 A86 IT . 70.07 25.37 -26.16
O3 A86 IT . 76.70 46.14 -17.20
O4 A86 IT . 76.28 50.37 -17.17
O5 A86 IT . 76.72 52.57 -17.52
C A86 JT . 84.59 32.85 -27.89
O A86 JT . 87.90 25.31 -19.25
C1 A86 JT . 84.83 34.18 -27.12
C10 A86 JT . 88.17 27.25 -21.43
C11 A86 JT . 88.78 27.21 -20.11
C12 A86 JT . 89.20 28.49 -19.47
C13 A86 JT . 88.90 25.89 -19.40
C14 A86 JT . 90.30 25.15 -18.84
C15 A86 JT . 91.37 25.94 -18.01
C16 A86 JT . 92.53 25.08 -17.56
C17 A86 JT . 93.56 25.77 -16.66
C18 A86 JT . 92.99 26.38 -15.44
C19 A86 JT . 91.44 26.70 -15.48
C2 A86 JT . 85.22 34.12 -25.77
C20 A86 JT . 91.00 26.97 -17.01
C21 A86 JT . 89.46 27.20 -16.93
C22 A86 JT . 93.26 24.49 -18.80
C23 A86 JT . 91.94 23.93 -16.78
C24 A86 JT . 84.67 35.51 -27.82
C25 A86 JT . 83.87 35.67 -28.99
C26 A86 JT . 83.83 37.18 -29.63
C27 A86 JT . 82.93 37.61 -30.64
C28 A86 JT . 83.03 39.02 -31.10
C29 A86 JT . 81.80 36.69 -31.30
C3 A86 JT . 85.39 32.82 -25.12
C30 A86 JT . 81.25 37.16 -32.58
C31 A86 JT . 80.75 37.63 -33.85
C32 A86 JT . 79.40 38.33 -34.02
C33 A86 JT . 78.31 37.35 -34.53
C34 A86 JT . 78.74 36.82 -35.90
C35 A86 JT . 80.05 36.01 -35.74
C36 A86 JT . 81.16 36.91 -35.16
C37 A86 JT . 82.40 36.01 -34.93
C38 A86 JT . 76.40 36.58 -36.50
C39 A86 JT . 75.20 35.70 -36.93
C4 A86 JT . 86.16 31.84 -25.74
C40 A86 JT . 79.57 39.43 -35.11
C41 A86 JT . 78.96 38.98 -32.69
C5 A86 JT . 86.40 30.35 -25.04
C6 A86 JT . 86.53 30.27 -23.64
C7 A86 JT . 86.43 31.59 -22.76
C8 A86 JT . 86.78 28.87 -22.90
C9 A86 JT . 88.00 28.62 -22.14
O1 A86 JT . 91.40 27.37 -18.37
O2 A86 JT . 93.28 25.55 -14.34
O3 A86 JT . 81.50 37.85 -36.14
O4 A86 JT . 77.73 36.01 -36.49
O5 A86 JT . 76.21 37.70 -36.18
C A86 KT . 74.60 50.43 -34.78
O A86 KT . 82.42 45.77 -25.74
C1 A86 KT . 75.01 49.22 -35.67
C10 A86 KT . 80.28 45.32 -27.77
C11 A86 KT . 81.72 45.24 -27.90
C12 A86 KT . 82.32 45.24 -29.29
C13 A86 KT . 82.61 45.14 -26.71
C14 A86 KT . 83.90 44.09 -26.80
C15 A86 KT . 84.85 44.29 -25.58
C16 A86 KT . 84.47 43.64 -24.28
C17 A86 KT . 83.67 44.57 -23.37
C18 A86 KT . 84.52 45.69 -22.97
C19 A86 KT . 84.88 46.53 -24.24
C2 A86 KT . 76.07 48.36 -35.29
C20 A86 KT . 85.48 45.62 -25.43
C21 A86 KT . 85.33 46.55 -26.68
C22 A86 KT . 85.80 43.22 -23.59
C23 A86 KT . 83.66 42.39 -24.53
C24 A86 KT . 74.28 48.92 -36.96
C25 A86 KT . 73.38 49.85 -37.55
C26 A86 KT . 72.65 49.42 -38.95
C27 A86 KT . 73.31 49.68 -40.17
C28 A86 KT . 74.64 50.34 -40.16
C29 A86 KT . 72.64 49.26 -41.56
C3 A86 KT . 76.84 48.56 -34.06
C30 A86 KT . 71.86 50.22 -42.35
C31 A86 KT . 71.09 51.14 -43.14
C32 A86 KT . 71.77 51.92 -44.28
C33 A86 KT . 70.95 53.14 -44.74
C34 A86 KT . 69.51 52.77 -45.09
C35 A86 KT . 68.84 52.05 -43.91
C36 A86 KT . 69.64 50.81 -43.50
C37 A86 KT . 68.97 50.13 -42.29
C38 A86 KT . 67.70 53.78 -46.35
C39 A86 KT . 66.57 54.84 -46.43
C4 A86 KT . 77.22 47.44 -33.31
C40 A86 KT . 71.97 50.95 -45.47
C41 A86 KT . 73.15 52.41 -43.78
C5 A86 KT . 78.12 47.62 -31.91
C6 A86 KT . 78.67 46.47 -31.36
C7 A86 KT . 78.40 45.07 -32.08
C8 A86 KT . 79.56 46.52 -30.02
C9 A86 KT . 79.46 45.40 -29.08
O1 A86 KT . 86.27 44.48 -25.95
O2 A86 KT . 83.81 46.50 -22.08
O3 A86 KT . 69.65 49.90 -44.57
O4 A86 KT . 68.79 53.95 -45.41
O5 A86 KT . 67.66 52.84 -47.07
C A86 LT . 108.95 7.88 -28.13
O A86 LT . 114.38 4.50 -37.31
C1 A86 LT . 109.99 8.35 -27.08
C10 A86 LT . 112.94 4.27 -35.04
C11 A86 LT . 112.53 3.62 -36.28
C12 A86 LT . 111.16 3.06 -36.56
C13 A86 LT . 113.65 3.60 -37.24
C14 A86 LT . 113.86 2.30 -38.24
C15 A86 LT . 113.39 2.83 -39.62
C16 A86 LT . 112.55 1.84 -40.44
C17 A86 LT . 112.61 1.98 -41.98
C18 A86 LT . 113.99 1.80 -42.43
C19 A86 LT . 115.07 2.56 -41.57
C2 A86 LT . 111.36 8.05 -27.29
C20 A86 LT . 114.45 3.50 -40.42
C21 A86 LT . 115.71 3.97 -39.61
C22 A86 LT . 111.07 2.03 -40.00
C23 A86 LT . 112.92 0.40 -40.15
C24 A86 LT . 109.53 9.13 -25.87
C25 A86 LT . 109.94 8.81 -24.54
C26 A86 LT . 109.38 9.75 -23.31
C27 A86 LT . 108.50 9.23 -22.33
C28 A86 LT . 108.07 7.82 -22.39
C29 A86 LT . 107.96 10.19 -21.15
C3 A86 LT . 111.77 7.29 -28.49
C30 A86 LT . 108.15 9.80 -19.76
C31 A86 LT . 108.34 9.43 -18.38
C32 A86 LT . 109.41 8.38 -18.02
C33 A86 LT . 110.79 9.01 -17.82
C34 A86 LT . 110.76 10.13 -16.78
C35 A86 LT . 109.72 11.20 -17.15
C36 A86 LT . 108.33 10.59 -17.37
C37 A86 LT . 107.77 10.10 -16.02
C38 A86 LT . 110.42 10.55 -14.46
C39 A86 LT . 109.14 10.87 -13.64
C4 A86 LT . 111.74 7.97 -29.73
C40 A86 LT . 109.53 7.37 -19.19
C41 A86 LT . 108.97 7.62 -16.73
C5 A86 LT . 112.19 7.29 -31.18
C6 A86 LT . 112.54 5.93 -31.32
C7 A86 LT . 112.52 4.98 -30.04
C8 A86 LT . 112.97 5.39 -32.78
C9 A86 LT . 112.18 4.58 -33.72
O1 A86 LT . 113.34 4.30 -39.83
O2 A86 LT . 114.32 0.44 -42.46
O3 A86 LT . 107.51 11.62 -17.87
O4 A86 LT . 110.38 9.59 -15.53
O5 A86 LT . 111.43 11.10 -14.21
MG CLA MT . 125.00 -17.58 -20.98
CHA CLA MT . 126.49 -18.31 -17.96
CHB CLA MT . 125.90 -14.33 -20.65
CHC CLA MT . 123.45 -16.90 -23.97
CHD CLA MT . 123.96 -20.94 -21.23
NA CLA MT . 126.08 -16.53 -19.55
C1A CLA MT . 126.63 -17.01 -18.35
C2A CLA MT . 127.34 -15.88 -17.59
C3A CLA MT . 127.09 -14.64 -18.48
C4A CLA MT . 126.33 -15.19 -19.67
CMA CLA MT . 126.26 -13.60 -17.76
CAA CLA MT . 128.84 -16.15 -17.46
CBA CLA MT . 129.72 -14.94 -17.75
CGA CLA MT . 130.45 -15.19 -19.03
O1A CLA MT . 131.54 -15.73 -19.21
O2A CLA MT . 129.77 -14.73 -20.11
NB CLA MT . 124.68 -15.92 -22.06
C1B CLA MT . 125.18 -14.70 -21.79
C2B CLA MT . 124.85 -13.75 -22.89
C3B CLA MT . 124.16 -14.47 -23.83
C4B CLA MT . 124.05 -15.86 -23.33
CMB CLA MT . 125.29 -12.35 -22.85
CAB CLA MT . 123.63 -14.09 -25.11
CBB CLA MT . 122.92 -12.98 -25.39
NC CLA MT . 123.93 -18.73 -22.36
C1C CLA MT . 123.40 -18.24 -23.51
C2C CLA MT . 122.73 -19.32 -24.23
C3C CLA MT . 122.87 -20.46 -23.46
C4C CLA MT . 123.62 -20.08 -22.28
CMC CLA MT . 122.04 -19.18 -25.51
CAC CLA MT . 122.36 -21.80 -23.76
CBC CLA MT . 123.35 -22.59 -24.59
ND CLA MT . 125.27 -19.30 -19.98
C1D CLA MT . 124.73 -20.59 -20.14
C2D CLA MT . 125.09 -21.43 -18.99
C3D CLA MT . 125.76 -20.60 -18.13
C4D CLA MT . 125.82 -19.28 -18.77
CMD CLA MT . 124.74 -22.84 -18.84
CAD CLA MT . 126.43 -20.51 -16.86
OBD CLA MT . 126.66 -21.39 -16.03
CBD CLA MT . 126.83 -19.02 -16.68
CGD CLA MT . 126.02 -18.40 -15.58
O1D CLA MT . 124.86 -18.65 -15.28
O2D CLA MT . 126.70 -17.45 -14.88
CED CLA MT . 125.91 -16.48 -14.17
C1 CLA MT . 129.50 -15.71 -21.13
C2 CLA MT . 129.44 -14.99 -22.44
C3 CLA MT . 128.65 -15.40 -23.44
C4 CLA MT . 127.78 -16.59 -23.31
C5 CLA MT . 128.61 -14.67 -24.74
C6 CLA MT . 129.27 -15.49 -25.83
C7 CLA MT . 128.80 -15.08 -27.21
C8 CLA MT . 129.85 -15.37 -28.28
C9 CLA MT . 131.04 -14.45 -28.08
C10 CLA MT . 129.27 -15.17 -29.67
C11 CLA MT . 129.48 -16.40 -30.55
C12 CLA MT . 128.25 -17.28 -30.57
C13 CLA MT . 128.10 -18.01 -31.89
C14 CLA MT . 127.93 -17.03 -33.05
C15 CLA MT . 126.91 -18.97 -31.86
C16 CLA MT . 127.31 -20.37 -32.32
C17 CLA MT . 126.15 -21.32 -32.27
C18 CLA MT . 125.13 -21.05 -33.37
C19 CLA MT . 123.74 -21.52 -32.97
C20 CLA MT . 125.54 -21.73 -34.65
MG CLA NT . 123.37 -9.73 -29.89
CHA CLA NT . 124.83 -7.66 -27.55
CHB CLA NT . 125.67 -12.13 -29.24
CHC CLA NT . 121.82 -11.78 -32.17
CHD CLA NT . 121.03 -7.20 -30.61
NA CLA NT . 124.98 -9.85 -28.59
C1A CLA NT . 125.43 -8.90 -27.66
C2A CLA NT . 126.65 -9.41 -26.91
C3A CLA NT . 126.91 -10.80 -27.51
C4A CLA NT . 125.78 -10.96 -28.52
CMA CLA NT . 128.25 -10.85 -28.19
CAA CLA NT . 126.43 -9.60 -25.42
CBA CLA NT . 127.74 -9.57 -24.68
CGA CLA NT . 128.46 -8.27 -24.92
O1A CLA NT . 129.20 -7.96 -25.86
O2A CLA NT . 128.23 -7.36 -23.94
NB CLA NT . 123.58 -11.65 -30.44
C1B CLA NT . 124.70 -12.37 -30.22
C2B CLA NT . 124.82 -13.46 -31.21
C3B CLA NT . 123.74 -13.37 -32.03
C4B CLA NT . 122.95 -12.22 -31.57
CMB CLA NT . 125.95 -14.39 -31.24
CAB CLA NT . 123.38 -14.15 -33.19
CBB CLA NT . 122.39 -15.05 -33.23
NC CLA NT . 121.73 -9.52 -31.15
C1C CLA NT . 121.26 -10.50 -31.98
C2C CLA NT . 120.07 -10.04 -32.66
C3C CLA NT . 119.87 -8.74 -32.26
C4C CLA NT . 120.90 -8.42 -31.29
CMC CLA NT . 119.30 -10.83 -33.63
CAC CLA NT . 118.77 -7.86 -32.66
CBC CLA NT . 117.65 -8.08 -31.68
ND CLA NT . 123.08 -7.81 -29.40
C1D CLA NT . 122.05 -6.91 -29.73
C2D CLA NT . 122.24 -5.65 -28.99
C3D CLA NT . 123.31 -5.88 -28.14
C4D CLA NT . 123.76 -7.26 -28.40
CMD CLA NT . 121.43 -4.45 -29.15
CAD CLA NT . 124.17 -5.32 -27.14
OBD CLA NT . 124.24 -4.18 -26.71
CBD CLA NT . 125.09 -6.47 -26.66
CGD CLA NT . 126.54 -6.08 -26.68
O1D CLA NT . 127.38 -6.36 -27.53
O2D CLA NT . 126.90 -5.33 -25.61
CED CLA NT . 128.07 -4.52 -25.75
MG CLA OT . 102.98 -11.36 -34.48
CHA CLA OT . 101.00 -10.74 -37.23
CHB CLA OT . 105.61 -9.90 -36.02
CHC CLA OT . 104.84 -11.89 -31.67
CHD CLA OT . 100.19 -12.82 -32.88
NA CLA OT . 103.23 -10.47 -36.34
C1A CLA OT . 102.29 -10.30 -37.35
C2A CLA OT . 102.92 -9.56 -38.54
C3A CLA OT . 104.39 -9.40 -38.14
C4A CLA OT . 104.43 -9.95 -36.72
CMA CLA OT . 105.34 -10.14 -39.04
CAA CLA OT . 102.37 -8.15 -38.80
CBA CLA OT . 101.67 -7.44 -37.66
CGA CLA OT . 102.58 -7.08 -36.53
O1A CLA OT . 103.44 -6.20 -36.49
O2A CLA OT . 102.40 -7.85 -35.41
NB CLA OT . 104.88 -11.04 -33.98
C1B CLA OT . 105.80 -10.37 -34.72
C2B CLA OT . 107.04 -10.18 -33.95
C3B CLA OT . 106.84 -10.74 -32.72
C4B CLA OT . 105.45 -11.28 -32.71
CMB CLA OT . 108.20 -9.46 -34.48
CAB CLA OT . 107.68 -10.82 -31.57
CBB CLA OT . 108.81 -11.53 -31.52
NC CLA OT . 102.59 -12.23 -32.63
C1C CLA OT . 103.51 -12.34 -31.63
C2C CLA OT . 102.91 -12.99 -30.48
C3C CLA OT . 101.58 -13.24 -30.82
C4C CLA OT . 101.40 -12.76 -32.17
CMC CLA OT . 103.61 -13.27 -29.23
CAC CLA OT . 100.57 -13.87 -29.98
CBC CLA OT . 99.73 -12.82 -29.28
ND CLA OT . 101.03 -11.69 -34.87
C1D CLA OT . 100.01 -12.32 -34.14
C2D CLA OT . 98.77 -12.33 -34.95
C3D CLA OT . 99.09 -11.74 -36.15
C4D CLA OT . 100.52 -11.37 -36.05
CMD CLA OT . 97.49 -12.88 -34.50
CAD CLA OT . 98.62 -11.30 -37.44
OBD CLA OT . 97.48 -11.34 -37.90
CBD CLA OT . 99.84 -10.71 -38.19
CGD CLA OT . 100.22 -11.56 -39.38
O1D CLA OT . 99.95 -11.37 -40.57
O2D CLA OT . 100.97 -12.64 -39.05
CED CLA OT . 100.36 -13.93 -39.14
C1 CLA OT . 101.20 -7.68 -34.64
C2 CLA OT . 101.37 -8.57 -33.47
C3 CLA OT . 100.86 -8.33 -32.25
C4 CLA OT . 100.06 -7.13 -31.94
C5 CLA OT . 101.11 -9.29 -31.14
C6 CLA OT . 101.46 -8.62 -29.83
C7 CLA OT . 102.89 -8.91 -29.43
C8 CLA OT . 103.22 -8.23 -28.12
C9 CLA OT . 103.27 -6.73 -28.31
C10 CLA OT . 104.51 -8.74 -27.51
C11 CLA OT . 104.58 -8.44 -26.03
C12 CLA OT . 103.36 -8.93 -25.29
C13 CLA OT . 103.56 -8.90 -23.78
C14 CLA OT . 104.34 -10.12 -23.33
C15 CLA OT . 102.22 -8.83 -23.05
C16 CLA OT . 101.99 -7.45 -22.46
C17 CLA OT . 100.63 -7.34 -21.78
C18 CLA OT . 100.30 -5.88 -21.52
C19 CLA OT . 99.39 -5.71 -20.32
C20 CLA OT . 99.69 -5.23 -22.74
MG CLA PT . 99.74 1.84 -38.26
CHA CLA PT . 99.09 3.19 -35.15
CHB CLA PT . 101.71 -0.49 -36.83
CHC CLA PT . 100.40 0.57 -41.36
CHD CLA PT . 97.66 4.29 -39.73
NA CLA PT . 100.29 1.44 -36.30
C1A CLA PT . 99.93 2.11 -35.14
C2A CLA PT . 100.60 1.47 -33.92
C3A CLA PT . 101.44 0.32 -34.50
C4A CLA PT . 101.13 0.41 -35.99
CMA CLA PT . 102.91 0.43 -34.21
CAA CLA PT . 99.64 0.88 -32.91
CBA CLA PT . 99.82 1.63 -31.61
CGA CLA PT . 101.23 2.10 -31.49
O1A CLA PT . 101.70 3.23 -31.67
O2A CLA PT . 102.09 1.09 -31.13
NB CLA PT . 101.01 0.49 -38.98
C1B CLA PT . 101.45 -0.52 -38.20
C2B CLA PT . 101.58 -1.78 -38.95
C3B CLA PT . 101.22 -1.49 -40.24
C4B CLA PT . 100.86 -0.06 -40.26
CMB CLA PT . 102.01 -3.02 -38.30
CAB CLA PT . 101.14 -2.31 -41.42
CBB CLA PT . 100.46 -3.45 -41.52
NC CLA PT . 99.15 2.35 -40.19
C1C CLA PT . 99.58 1.71 -41.32
C2C CLA PT . 99.03 2.35 -42.50
C3C CLA PT . 98.20 3.37 -42.05
C4C CLA PT . 98.29 3.37 -40.59
CMC CLA PT . 99.32 1.93 -43.86
CAC CLA PT . 97.45 4.32 -42.87
CBC CLA PT . 98.31 5.47 -43.36
ND CLA PT . 98.44 3.25 -37.63
C1D CLA PT . 97.73 4.24 -38.35
C2D CLA PT . 97.12 5.17 -37.38
C3D CLA PT . 97.59 4.80 -36.14
C4D CLA PT . 98.46 3.64 -36.36
CMD CLA PT . 96.22 6.26 -37.71
CAD CLA PT . 97.56 5.07 -34.72
OBD CLA PT . 96.88 5.86 -34.09
CBD CLA PT . 98.63 4.15 -34.08
CGD CLA PT . 99.77 4.96 -33.57
O1D CLA PT . 99.85 5.56 -32.49
O2D CLA PT . 100.84 5.02 -34.42
CED CLA PT . 101.43 6.30 -34.70
MG CLA QT . 117.31 -2.27 -28.05
CHA CLA QT . 119.71 -3.48 -25.88
CHB CLA QT . 117.94 0.89 -27.01
CHC CLA QT . 114.92 -1.13 -30.20
CHD CLA QT . 116.79 -5.53 -29.27
NA CLA QT . 118.59 -1.46 -26.62
C1A CLA QT . 119.53 -2.13 -25.82
C2A CLA QT . 120.24 -1.10 -24.91
C3A CLA QT . 119.68 0.26 -25.34
C4A CLA QT . 118.65 -0.12 -26.39
CMA CLA QT . 119.08 1.06 -24.22
CAA CLA QT . 121.74 -1.02 -25.02
CBA CLA QT . 122.41 -1.33 -23.70
CGA CLA QT . 121.96 -0.40 -22.63
O1A CLA QT . 120.94 -0.45 -21.94
O2A CLA QT . 122.83 0.63 -22.42
NB CLA QT . 116.63 -0.46 -28.56
C1B CLA QT . 116.97 0.71 -28.00
C2B CLA QT . 116.15 1.82 -28.57
C3B CLA QT . 115.30 1.25 -29.47
C4B CLA QT . 115.57 -0.21 -29.46
CMB CLA QT . 116.28 3.20 -28.14
CAB CLA QT . 114.26 1.84 -30.27
CBB CLA QT . 114.28 1.92 -31.61
NC CLA QT . 116.06 -3.18 -29.43
C1C CLA QT . 115.13 -2.52 -30.17
C2C CLA QT . 114.38 -3.43 -30.99
C3C CLA QT . 114.94 -4.70 -30.79
C4C CLA QT . 116.00 -4.53 -29.80
CMC CLA QT . 113.28 -2.98 -31.84
CAC CLA QT . 114.52 -5.98 -31.39
CBC CLA QT . 114.80 -6.13 -32.87
ND CLA QT . 117.91 -4.13 -27.59
C1D CLA QT . 117.68 -5.37 -28.24
C2D CLA QT . 118.55 -6.39 -27.63
C3D CLA QT . 119.30 -5.73 -26.68
C4D CLA QT . 118.91 -4.32 -26.74
CMD CLA QT . 118.55 -7.80 -27.98
CAD CLA QT . 120.32 -5.87 -25.69
OBD CLA QT . 120.86 -6.88 -25.25
CBD CLA QT . 120.69 -4.44 -25.24
CGD CLA QT . 120.68 -4.36 -23.75
O1D CLA QT . 121.59 -4.67 -22.98
O2D CLA QT . 119.52 -3.89 -23.24
CED CLA QT . 119.38 -3.88 -21.82
MG CLA RT . 109.95 -12.48 -16.36
CHA CLA RT . 110.45 -10.33 -13.70
CHB CLA RT . 110.17 -15.12 -14.26
CHC CLA RT . 109.58 -14.58 -19.05
CHD CLA RT . 109.67 -9.71 -18.51
NA CLA RT . 110.24 -12.65 -14.30
C1A CLA RT . 110.44 -11.65 -13.35
C2A CLA RT . 110.64 -12.26 -11.95
C3A CLA RT . 110.47 -13.77 -12.20
C4A CLA RT . 110.28 -13.88 -13.69
CMA CLA RT . 111.67 -14.52 -11.74
CAA CLA RT . 109.70 -11.85 -10.83
CBA CLA RT . 110.48 -11.72 -9.55
CGA CLA RT . 109.77 -10.82 -8.59
O1A CLA RT . 108.85 -11.10 -7.82
O2A CLA RT . 110.22 -9.53 -8.62
NB CLA RT . 109.94 -14.47 -16.61
C1B CLA RT . 109.98 -15.38 -15.63
C2B CLA RT . 109.80 -16.74 -16.18
C3B CLA RT . 109.64 -16.60 -17.54
C4B CLA RT . 109.73 -15.14 -17.83
CMB CLA RT . 109.80 -17.94 -15.35
CAB CLA RT . 109.41 -17.57 -18.56
CBB CLA RT . 110.23 -18.58 -18.86
NC CLA RT . 109.66 -12.18 -18.39
C1C CLA RT . 109.54 -13.18 -19.31
C2C CLA RT . 109.37 -12.63 -20.64
C3C CLA RT . 109.38 -11.25 -20.49
C4C CLA RT . 109.57 -10.98 -19.07
CMC CLA RT . 109.23 -13.41 -21.87
CAC CLA RT . 109.23 -10.25 -21.55
CBC CLA RT . 107.77 -9.94 -21.79
ND CLA RT . 109.93 -10.48 -16.20
C1D CLA RT . 109.85 -9.45 -17.17
C2D CLA RT . 109.98 -8.15 -16.50
C3D CLA RT . 110.21 -8.42 -15.18
C4D CLA RT . 110.19 -9.89 -15.04
CMD CLA RT . 109.90 -6.85 -17.17
CAD CLA RT . 110.43 -7.85 -13.87
OBD CLA RT . 110.44 -6.69 -13.51
CBD CLA RT . 110.65 -9.05 -12.91
CGD CLA RT . 112.05 -9.03 -12.38
O1D CLA RT . 112.47 -8.51 -11.35
O2D CLA RT . 112.93 -9.71 -13.18
CED CLA RT . 114.06 -10.28 -12.54
MG CLA ST . 107.64 -24.00 -19.79
CHA CLA ST . 107.48 -24.49 -16.38
CHB CLA ST . 105.41 -21.46 -19.54
CHC CLA ST . 107.52 -23.84 -23.21
CHD CLA ST . 109.92 -26.70 -20.03
NA CLA ST . 106.67 -23.08 -18.18
C1A CLA ST . 106.71 -23.44 -16.83
C2A CLA ST . 105.82 -22.50 -16.00
C3A CLA ST . 105.31 -21.48 -17.04
C4A CLA ST . 105.82 -22.02 -18.36
CMA CLA ST . 103.80 -21.37 -17.02
CAA CLA ST . 106.48 -21.74 -14.87
CBA CLA ST . 105.59 -21.72 -13.66
CGA CLA ST . 105.55 -23.06 -13.00
O1A CLA ST . 106.42 -23.62 -12.34
O2A CLA ST . 104.36 -23.72 -13.20
NB CLA ST . 106.66 -22.88 -21.12
C1B CLA ST . 105.79 -21.89 -20.82
C2B CLA ST . 105.25 -21.28 -22.08
C3B CLA ST . 105.85 -21.95 -23.13
C4B CLA ST . 106.75 -22.97 -22.52
CMB CLA ST . 104.29 -20.18 -22.03
CAB CLA ST . 105.77 -21.86 -24.57
CBB CLA ST . 105.23 -20.89 -25.33
NC CLA ST . 108.61 -25.02 -21.32
C1C CLA ST . 108.41 -24.80 -22.65
C2C CLA ST . 109.19 -25.72 -23.44
C3C CLA ST . 109.88 -26.53 -22.55
C4C CLA ST . 109.51 -26.09 -21.21
CMC CLA ST . 109.17 -25.76 -24.90
CAC CLA ST . 110.80 -27.63 -22.89
CBC CLA ST . 112.26 -27.22 -22.80
ND CLA ST . 108.68 -25.18 -18.52
C1D CLA ST . 109.52 -26.30 -18.77
C2D CLA ST . 109.87 -26.93 -17.49
C3D CLA ST . 109.10 -26.29 -16.54
C4D CLA ST . 108.35 -25.24 -17.24
CMD CLA ST . 110.79 -28.05 -17.32
CAD CLA ST . 108.79 -26.18 -15.13
OBD CLA ST . 109.30 -26.74 -14.17
CBD CLA ST . 107.62 -25.15 -15.04
CGD CLA ST . 106.33 -25.86 -14.72
O1D CLA ST . 105.90 -26.20 -13.61
O2D CLA ST . 105.56 -26.12 -15.81
CED CLA ST . 105.53 -27.45 -16.35
MG CLA TT . 130.27 -0.60 -27.71
CHA CLA TT . 132.84 1.06 -26.11
CHB CLA TT . 128.04 0.85 -25.62
CHC CLA TT . 127.73 -2.21 -29.37
CHD CLA TT . 132.60 -1.98 -29.95
NA CLA TT . 130.44 0.72 -26.10
C1A CLA TT . 131.59 1.33 -25.59
C2A CLA TT . 131.25 2.27 -24.43
C3A CLA TT . 129.71 2.10 -24.26
C4A CLA TT . 129.36 1.16 -25.41
CMA CLA TT . 129.33 1.51 -22.93
CAA CLA TT . 131.55 3.73 -24.73
CBA CLA TT . 130.37 4.56 -25.21
CGA CLA TT . 130.11 4.41 -26.67
O1A CLA TT . 129.09 4.73 -27.30
O2A CLA TT . 131.15 3.88 -27.39
NB CLA TT . 128.27 -0.59 -27.59
C1B CLA TT . 127.56 -0.02 -26.60
C2B CLA TT . 126.16 -0.44 -26.66
C3B CLA TT . 126.05 -1.31 -27.70
C4B CLA TT . 127.40 -1.44 -28.31
CMB CLA TT . 125.19 0.03 -25.69
CAB CLA TT . 124.90 -2.06 -28.17
CBB CLA TT . 124.56 -3.25 -27.67
NC CLA TT . 130.19 -1.88 -29.34
C1C CLA TT . 129.05 -2.43 -29.84
C2C CLA TT . 129.37 -3.28 -30.98
C3C CLA TT . 130.75 -3.19 -31.17
C4C CLA TT . 131.26 -2.31 -30.13
CMC CLA TT . 128.38 -4.03 -31.75
CAC CLA TT . 131.55 -3.86 -32.19
CBC CLA TT . 132.15 -5.16 -31.72
ND CLA TT . 132.26 -0.66 -27.92
C1D CLA TT . 133.09 -1.21 -28.93
C2D CLA TT . 134.49 -0.84 -28.66
C3D CLA TT . 134.45 -0.02 -27.56
C4D CLA TT . 133.04 0.11 -27.17
CMD CLA TT . 135.64 -1.30 -29.44
CAD CLA TT . 135.23 0.76 -26.63
OBD CLA TT . 136.45 0.81 -26.48
CBD CLA TT . 134.22 1.55 -25.76
CGD CLA TT . 134.50 1.37 -24.30
O1D CLA TT . 133.84 0.74 -23.48
O2D CLA TT . 135.64 1.99 -23.89
CED CLA TT . 135.67 2.46 -22.55
C1 CLA TT . 130.81 3.30 -28.68
C2 CLA TT . 132.06 2.78 -29.28
C3 CLA TT . 132.90 3.53 -30.01
C4 CLA TT . 132.65 4.97 -30.26
C5 CLA TT . 134.14 2.95 -30.59
C6 CLA TT . 135.40 3.73 -30.26
C7 CLA TT . 135.80 3.54 -28.81
C8 CLA TT . 136.05 4.86 -28.09
C9 CLA TT . 137.26 5.55 -28.68
C10 CLA TT . 136.24 4.63 -26.59
C11 CLA TT . 135.07 5.17 -25.79
C12 CLA TT . 135.20 6.66 -25.53
C13 CLA TT . 133.85 7.34 -25.34
C14 CLA TT . 133.25 7.00 -23.98
C15 CLA TT . 132.86 6.99 -26.45
C16 CLA TT . 133.18 7.73 -27.75
C17 CLA TT . 133.23 9.23 -27.53
C18 CLA TT . 134.35 9.93 -28.32
C19 CLA TT . 134.54 11.33 -27.80
C20 CLA TT . 135.66 9.18 -28.24
C A86 UT . 105.90 -18.02 -24.37
O A86 UT . 113.15 -26.42 -31.12
C1 A86 UT . 107.08 -17.91 -23.36
C10 A86 UT . 111.63 -23.46 -29.78
C11 A86 UT . 112.44 -24.66 -29.76
C12 A86 UT . 113.01 -25.20 -28.47
C13 A86 UT . 112.71 -25.33 -31.06
C14 A86 UT . 112.34 -24.46 -32.44
C15 A86 UT . 111.20 -25.15 -33.25
C16 A86 UT . 110.17 -25.94 -32.47
C17 A86 UT . 110.65 -27.35 -32.18
C18 A86 UT . 110.76 -28.11 -33.43
C19 A86 UT . 111.80 -27.42 -34.39
C2 A86 UT . 108.26 -18.66 -23.52
C20 A86 UT . 111.63 -25.83 -34.51
C21 A86 UT . 113.04 -25.36 -35.06
C22 A86 UT . 108.85 -25.99 -33.31
C23 A86 UT . 109.86 -25.22 -31.17
C24 A86 UT . 106.98 -16.98 -22.17
C25 A86 UT . 106.44 -15.66 -22.25
C26 A86 UT . 106.42 -14.81 -20.86
C27 A86 UT . 105.34 -14.95 -19.96
C28 A86 UT . 104.21 -15.85 -20.28
C29 A86 UT . 105.34 -14.13 -18.57
C3 A86 UT . 108.43 -19.58 -24.65
C30 A86 UT . 104.55 -12.92 -18.37
C31 A86 UT . 103.80 -11.73 -18.14
C32 A86 UT . 102.91 -11.10 -19.24
C33 A86 UT . 101.73 -10.29 -18.66
C34 A86 UT . 102.22 -9.25 -17.65
C35 A86 UT . 103.03 -9.91 -16.52
C36 A86 UT . 104.22 -10.71 -17.08
C37 A86 UT . 105.25 -9.74 -17.71
C38 A86 UT . 102.68 -6.94 -18.04
C39 A86 UT . 103.03 -6.28 -16.66
C4 A86 UT . 109.07 -20.81 -24.44
C40 A86 UT . 103.78 -10.17 -20.12
C41 A86 UT . 102.36 -12.26 -20.10
C5 A86 UT . 109.28 -21.86 -25.72
C6 A86 UT . 110.59 -22.30 -26.01
C7 A86 UT . 111.83 -21.80 -25.14
C8 A86 UT . 110.83 -23.31 -27.25
C9 A86 UT . 111.32 -22.68 -28.48
O1 A86 UT . 110.86 -24.56 -34.56
O2 A86 UT . 111.17 -29.42 -33.14
O3 A86 UT . 104.83 -11.39 -16.02
O4 A86 UT . 103.03 -8.31 -18.31
O5 A86 UT . 102.12 -6.31 -18.86
C A86 VT . 121.56 -18.14 -30.60
O A86 VT . 111.48 -11.13 -35.53
C1 A86 VT . 122.14 -16.97 -29.76
C10 A86 VT . 114.04 -12.69 -33.66
C11 A86 VT . 113.03 -11.69 -33.90
C12 A86 VT . 113.00 -10.41 -33.13
C13 A86 VT . 112.04 -11.98 -34.97
C14 A86 VT . 111.79 -13.58 -35.35
C15 A86 VT . 111.20 -13.80 -36.79
C16 A86 VT . 111.79 -13.05 -37.97
C17 A86 VT . 110.88 -11.99 -38.58
C18 A86 VT . 109.66 -12.63 -39.02
C19 A86 VT . 108.86 -13.02 -37.73
C2 A86 VT . 121.64 -15.66 -29.94
C20 A86 VT . 109.75 -14.10 -36.92
C21 A86 VT . 109.02 -14.24 -35.55
C22 A86 VT . 112.11 -14.09 -39.09
C23 A86 VT . 113.10 -12.38 -37.59
C24 A86 VT . 123.22 -17.23 -28.75
C25 A86 VT . 123.69 -18.55 -28.51
C26 A86 VT . 124.84 -18.73 -27.35
C27 A86 VT . 125.91 -17.81 -27.33
C28 A86 VT . 126.00 -16.73 -28.32
C29 A86 VT . 127.05 -17.92 -26.20
C3 A86 VT . 120.58 -15.44 -30.92
C30 A86 VT . 127.77 -19.18 -26.00
C31 A86 VT . 128.51 -20.38 -25.78
C32 A86 VT . 129.81 -20.68 -26.54
C33 A86 VT . 129.83 -22.14 -26.99
C34 A86 VT . 129.72 -23.08 -25.80
C35 A86 VT . 128.50 -22.78 -24.89
C36 A86 VT . 128.34 -21.28 -24.55
C37 A86 VT . 126.92 -21.04 -23.98
C38 A86 VT . 130.37 -25.39 -25.66
C39 A86 VT . 130.84 -26.62 -26.47
C4 A86 VT . 119.33 -15.09 -30.40
C40 A86 VT . 131.02 -20.43 -25.59
C41 A86 VT . 129.93 -19.77 -27.77
C5 A86 VT . 118.04 -14.86 -31.43
C6 A86 VT . 117.37 -13.64 -31.54
C7 A86 VT . 117.80 -12.36 -30.69
C8 A86 VT . 116.14 -13.59 -32.57
C9 A86 VT . 115.14 -12.53 -32.58
O1 A86 VT . 110.74 -15.18 -36.92
O2 A86 VT . 108.89 -11.74 -39.80
O3 A86 VT . 129.28 -20.93 -23.58
O4 A86 VT . 129.57 -24.38 -26.32
O5 A86 VT . 130.65 -25.28 -24.52
C A86 WT . 127.69 -13.58 -36.43
O A86 WT . 118.27 -16.41 -44.24
C1 A86 WT . 126.82 -12.90 -35.34
C10 A86 WT . 120.57 -16.91 -41.49
C11 A86 WT . 119.59 -16.25 -42.36
C12 A86 WT . 119.03 -14.91 -41.97
C13 A86 WT . 119.15 -16.89 -43.62
C14 A86 WT . 119.91 -18.29 -44.16
C15 A86 WT . 121.27 -17.92 -44.85
C16 A86 WT . 122.47 -17.79 -43.95
C17 A86 WT . 122.62 -16.37 -43.39
C18 A86 WT . 122.92 -15.45 -44.49
C19 A86 WT . 121.70 -15.42 -45.49
C2 A86 WT . 125.41 -12.90 -35.45
C20 A86 WT . 121.21 -16.90 -45.92
C21 A86 WT . 119.77 -16.64 -46.48
C22 A86 WT . 123.75 -18.16 -44.77
C23 A86 WT . 122.36 -18.75 -42.79
C24 A86 WT . 127.49 -12.23 -34.16
C25 A86 WT . 126.84 -11.09 -33.59
C26 A86 WT . 127.43 -10.25 -32.29
C27 A86 WT . 128.67 -10.51 -31.66
C28 A86 WT . 129.57 -11.59 -32.13
C29 A86 WT . 129.07 -9.58 -30.42
C3 A86 WT . 124.81 -13.56 -36.61
C30 A86 WT . 130.38 -9.56 -29.75
C31 A86 WT . 131.62 -9.47 -29.02
C32 A86 WT . 132.83 -8.63 -29.53
C33 A86 WT . 133.08 -7.33 -28.73
C34 A86 WT . 131.85 -6.84 -27.94
C35 A86 WT . 131.22 -7.94 -27.04
C36 A86 WT . 131.55 -9.38 -27.48
C37 A86 WT . 132.91 -9.79 -26.87
C38 A86 WT . 132.83 -5.88 -25.91
C39 A86 WT . 132.91 -4.71 -24.89
C4 A86 WT . 123.42 -13.68 -36.79
C40 A86 WT . 132.58 -8.26 -31.02
C41 A86 WT . 134.11 -9.50 -29.45
C5 A86 WT . 122.88 -14.45 -38.16
C6 A86 WT . 121.72 -13.99 -38.83
C7 A86 WT . 120.92 -12.73 -38.29
C8 A86 WT . 121.24 -14.76 -40.17
C9 A86 WT . 121.01 -16.22 -40.18
O1 A86 WT . 121.43 -18.33 -46.26
O2 A86 WT . 123.13 -14.15 -43.97
O3 A86 WT . 130.54 -10.25 -27.03
O4 A86 WT . 132.19 -5.69 -27.19
O5 A86 WT . 133.30 -6.93 -25.64
C A86 XT . 98.95 -4.02 -32.51
O A86 XT . 111.03 -7.32 -28.24
C1 A86 XT . 99.33 -3.92 -34.02
C10 A86 XT . 107.95 -6.81 -29.91
C11 A86 XT . 109.37 -7.07 -29.82
C12 A86 XT . 110.12 -7.63 -30.99
C13 A86 XT . 110.05 -6.77 -28.55
C14 A86 XT . 109.38 -5.61 -27.55
C15 A86 XT . 109.52 -5.94 -26.03
C16 A86 XT . 110.68 -5.35 -25.26
C17 A86 XT . 111.82 -6.33 -25.02
C18 A86 XT . 111.34 -7.44 -24.22
C19 A86 XT . 110.30 -8.25 -25.07
C2 A86 XT . 100.66 -4.03 -34.44
C20 A86 XT . 109.11 -7.29 -25.56
C21 A86 XT . 108.38 -8.14 -26.67
C22 A86 XT . 110.13 -4.87 -23.87
C23 A86 XT . 111.26 -4.15 -25.97
C24 A86 XT . 98.27 -3.71 -35.07
C25 A86 XT . 98.69 -3.06 -36.27
C26 A86 XT . 97.68 -2.76 -37.52
C27 A86 XT . 96.43 -2.12 -37.37
C28 A86 XT . 95.93 -1.67 -36.05
C29 A86 XT . 95.57 -1.88 -38.70
C3 A86 XT . 101.74 -4.24 -33.47
C30 A86 XT . 94.13 -1.64 -38.69
C31 A86 XT . 92.73 -1.38 -38.75
C32 A86 XT . 92.25 -0.05 -39.38
C33 A86 XT . 90.80 0.28 -39.02
C34 A86 XT . 89.85 -0.86 -39.41
C35 A86 XT . 90.30 -2.21 -38.81
C36 A86 XT . 91.77 -2.52 -39.12
C37 A86 XT . 92.20 -3.78 -38.32
C38 A86 XT . 87.68 0.02 -39.89
C39 A86 XT . 87.57 1.57 -40.02
C4 A86 XT . 102.62 -5.33 -33.57
C40 A86 XT . 92.38 -0.17 -40.92
C41 A86 XT . 93.17 1.09 -38.87
C5 A86 XT . 103.79 -5.46 -32.41
C6 A86 XT . 105.06 -5.99 -32.67
C7 A86 XT . 105.47 -6.51 -34.12
C8 A86 XT . 106.09 -6.04 -31.44
C9 A86 XT . 107.11 -7.05 -31.19
O1 A86 XT . 108.21 -6.12 -25.38
O2 A86 XT . 112.41 -8.26 -23.87
O3 A86 XT . 91.90 -2.79 -40.49
O4 A86 XT . 88.58 -0.56 -38.91
O5 A86 XT . 87.05 -0.67 -40.58
MG CLA YT . 102.73 91.83 -42.67
CHA CLA YT . 102.94 93.45 -39.62
CHB CLA YT . 104.03 89.03 -41.28
CHC CLA YT . 102.46 90.26 -45.70
CHD CLA YT . 101.44 94.80 -44.10
NA CLA YT . 103.36 91.35 -40.75
C1A CLA YT . 103.37 92.16 -39.61
C2A CLA YT . 103.93 91.39 -38.41
C3A CLA YT . 104.40 90.05 -39.02
C4A CLA YT . 103.88 90.12 -40.45
CMA CLA YT . 105.89 89.90 -38.97
CAA CLA YT . 102.87 91.16 -37.33
CBA CLA YT . 101.95 89.99 -37.62
CGA CLA YT . 100.61 90.21 -36.99
O1A CLA YT . 100.35 90.81 -35.94
O2A CLA YT . 99.56 89.68 -37.68
NB CLA YT . 103.27 90.04 -43.38
C1B CLA YT . 103.60 88.98 -42.60
C2B CLA YT . 103.43 87.71 -43.35
C3B CLA YT . 102.99 88.04 -44.61
C4B CLA YT . 102.89 89.53 -44.64
CMB CLA YT . 103.70 86.40 -42.77
CAB CLA YT . 102.65 87.22 -45.73
CBB CLA YT . 103.52 86.44 -46.38
NC CLA YT . 102.07 92.44 -44.56
C1C CLA YT . 102.07 91.63 -45.65
C2C CLA YT . 101.58 92.37 -46.80
C3C CLA YT . 101.26 93.64 -46.35
C4C CLA YT . 101.58 93.68 -44.94
CMC CLA YT . 101.46 91.82 -48.15
CAC CLA YT . 100.74 94.75 -47.16
CBC CLA YT . 99.23 94.72 -47.20
ND CLA YT . 102.13 93.65 -42.04
C1D CLA YT . 101.69 94.81 -42.76
C2D CLA YT . 101.58 95.93 -41.81
C3D CLA YT . 102.03 95.47 -40.59
C4D CLA YT . 102.40 94.06 -40.81
CMD CLA YT . 101.08 97.27 -42.17
CAD CLA YT . 102.26 95.78 -39.20
OBD CLA YT . 101.96 96.78 -38.56
CBD CLA YT . 102.99 94.55 -38.59
CGD CLA YT . 104.42 94.86 -38.34
O1D CLA YT . 105.35 94.83 -39.17
O2D CLA YT . 104.71 95.22 -37.07
CED CLA YT . 105.82 94.56 -36.43
C1 CLA YT . 99.51 89.85 -39.12
C2 CLA YT . 99.25 88.49 -39.67
C3 CLA YT . 99.52 88.14 -40.94
C4 CLA YT . 100.08 89.08 -41.93
C5 CLA YT . 99.22 86.75 -41.40
C6 CLA YT . 97.83 86.60 -41.96
C7 CLA YT . 97.66 85.26 -42.65
C8 CLA YT . 96.22 84.79 -42.67
C9 CLA YT . 95.66 84.71 -41.27
C10 CLA YT . 96.09 83.44 -43.36
C11 CLA YT . 94.94 83.41 -44.34
C12 CLA YT . 95.24 84.23 -45.58
C13 CLA YT . 93.99 84.52 -46.39
C14 CLA YT . 93.95 83.67 -47.64
C15 CLA YT . 93.88 85.99 -46.74
C16 CLA YT . 92.50 86.32 -47.28
C17 CLA YT . 92.53 87.53 -48.19
C18 CLA YT . 93.27 87.23 -49.50
C19 CLA YT . 93.99 88.47 -50.00
C20 CLA YT . 92.31 86.72 -50.55
MG CLA ZT . 102.62 81.76 -48.52
CHA CLA ZT . 104.15 80.34 -45.77
CHB CLA ZT . 100.77 83.74 -46.49
CHC CLA ZT . 100.89 82.87 -51.27
CHD CLA ZT . 104.40 79.54 -50.59
NA CLA ZT . 102.58 82.05 -46.46
C1A CLA ZT . 103.27 81.36 -45.46
C2A CLA ZT . 102.90 81.92 -44.07
C3A CLA ZT . 102.03 83.15 -44.40
C4A CLA ZT . 101.76 82.99 -45.89
CMA CLA ZT . 100.77 83.24 -43.59
CAA CLA ZT . 104.05 82.40 -43.22
CBA CLA ZT . 103.82 82.12 -41.74
CGA CLA ZT . 103.80 80.65 -41.47
O1A CLA ZT . 102.91 79.84 -41.71
O2A CLA ZT . 104.94 80.19 -40.87
NB CLA ZT . 101.14 83.08 -48.83
C1B CLA ZT . 100.44 83.69 -47.85
C2B CLA ZT . 99.22 84.33 -48.43
C3B CLA ZT . 99.26 84.09 -49.78
C4B CLA ZT . 100.49 83.31 -50.06
CMB CLA ZT . 98.26 85.07 -47.62
CAB CLA ZT . 98.35 84.49 -50.83
CBB CLA ZT . 97.06 84.19 -50.88
NC CLA ZT . 102.73 81.37 -50.56
C1C CLA ZT . 101.96 81.98 -51.50
C2C CLA ZT . 102.32 81.51 -52.83
C3C CLA ZT . 103.26 80.50 -52.63
C4C CLA ZT . 103.51 80.42 -51.20
CMC CLA ZT . 101.74 81.96 -54.08
CAC CLA ZT . 103.94 79.73 -53.66
CBC CLA ZT . 105.26 80.36 -53.96
ND CLA ZT . 104.12 80.43 -48.32
C1D CLA ZT . 104.66 79.50 -49.24
C2D CLA ZT . 105.56 78.58 -48.54
C3D CLA ZT . 105.43 78.88 -47.21
C4D CLA ZT . 104.47 80.00 -47.12
CMD CLA ZT . 106.39 77.57 -49.19
CAD CLA ZT . 105.88 78.60 -45.86
OBD CLA ZT . 106.82 77.92 -45.48
CBD CLA ZT . 104.92 79.36 -44.92
CGD CLA ZT . 103.93 78.40 -44.36
O1D CLA ZT . 102.72 78.54 -44.28
O2D CLA ZT . 104.47 77.22 -43.93
CED CLA ZT . 103.91 76.03 -44.47
MG CLA AU . 111.16 86.07 -66.96
CHA CLA AU . 111.13 84.86 -70.18
CHB CLA AU . 109.70 83.20 -65.87
CHC CLA AU . 111.38 87.24 -63.74
CHD CLA AU . 112.70 89.02 -68.12
NA CLA AU . 110.50 84.33 -67.90
C1A CLA AU . 110.57 84.00 -69.26
C2A CLA AU . 109.96 82.62 -69.51
C3A CLA AU . 109.36 82.23 -68.14
C4A CLA AU . 109.89 83.32 -67.22
CMA CLA AU . 107.86 82.22 -68.17
CAA CLA AU . 110.94 81.52 -69.95
CBA CLA AU . 112.41 81.72 -69.62
CGA CLA AU . 112.64 81.69 -68.14
O1A CLA AU . 112.45 80.76 -67.35
O2A CLA AU . 113.11 82.88 -67.66
NB CLA AU . 110.60 85.37 -65.15
C1B CLA AU . 110.10 84.14 -64.91
C2B CLA AU . 110.02 83.90 -63.45
C3B CLA AU . 110.49 85.04 -62.84
C4B CLA AU . 110.87 86.00 -63.92
CMB CLA AU . 109.54 82.66 -62.86
CAB CLA AU . 110.62 85.37 -61.45
CBB CLA AU . 109.67 86.02 -60.77
NC CLA AU . 111.85 87.83 -66.10
C1C CLA AU . 111.81 88.11 -64.77
C2C CLA AU . 112.36 89.44 -64.52
C3C CLA AU . 112.78 89.93 -65.74
C4C CLA AU . 112.45 88.92 -66.74
CMC CLA AU . 112.46 90.07 -63.20
CAC CLA AU . 113.39 91.24 -66.00
CBC CLA AU . 114.89 91.15 -66.11
ND CLA AU . 111.75 86.84 -68.71
C1D CLA AU . 112.39 88.06 -69.05
C2D CLA AU . 112.65 88.08 -70.50
C3D CLA AU . 112.17 86.87 -70.99
C4D CLA AU . 111.64 86.14 -69.83
CMD CLA AU . 113.30 89.18 -71.21
CAD CLA AU . 111.99 86.04 -72.15
OBD CLA AU . 112.30 86.24 -73.33
CBD CLA AU . 111.32 84.73 -71.67
CGD CLA AU . 109.99 84.48 -72.34
O1D CLA AU . 109.56 83.42 -72.80
O2D CLA AU . 109.21 85.59 -72.43
CED CLA AU . 107.80 85.41 -72.58
C1 CLA AU . 113.60 82.86 -66.30
C2 CLA AU . 113.79 84.27 -65.89
C3 CLA AU . 114.91 84.97 -66.10
C4 CLA AU . 116.09 84.39 -66.78
C5 CLA AU . 115.01 86.38 -65.63
C6 CLA AU . 115.75 86.50 -64.32
C7 CLA AU . 114.80 86.35 -63.15
C8 CLA AU . 115.48 85.83 -61.89
C9 CLA AU . 115.06 84.40 -61.61
C10 CLA AU . 115.13 86.71 -60.69
C11 CLA AU . 116.37 87.29 -60.04
C12 CLA AU . 117.15 88.18 -61.00
C13 CLA AU . 117.81 89.34 -60.29
C14 CLA AU . 117.21 90.66 -60.71
C15 CLA AU . 119.32 89.35 -60.52
C16 CLA AU . 120.00 88.22 -59.80
C17 CLA AU . 121.49 88.47 -59.64
C18 CLA AU . 122.27 87.16 -59.62
C19 CLA AU . 123.71 87.40 -59.19
C20 CLA AU . 122.23 86.47 -60.97
MG CLA BU . 118.67 74.84 -70.23
CHA CLA BU . 121.80 75.27 -68.83
CHB CLA BU . 117.36 76.88 -67.88
CHC CLA BU . 115.67 74.62 -71.82
CHD CLA BU . 120.13 72.89 -72.80
NA CLA BU . 119.46 75.82 -68.57
C1A CLA BU . 120.79 75.90 -68.17
C2A CLA BU . 120.90 76.73 -66.90
C3A CLA BU . 119.44 76.92 -66.46
C4A CLA BU . 118.68 76.53 -67.71
CMA CLA BU . 119.08 76.08 -65.27
CAA CLA BU . 121.55 78.07 -67.16
CBA CLA BU . 122.71 78.28 -66.21
CGA CLA BU . 122.38 77.60 -64.91
O1A CLA BU . 122.85 76.56 -64.44
O2A CLA BU . 121.41 78.25 -64.20
NB CLA BU . 116.82 75.47 -69.81
C1B CLA BU . 116.61 76.54 -69.01
C2B CLA BU . 115.47 77.36 -69.49
C3B CLA BU . 114.99 76.72 -70.61
C4B CLA BU . 115.82 75.51 -70.80
CMB CLA BU . 115.05 78.59 -68.81
CAB CLA BU . 113.90 77.03 -71.51
CBB CLA BU . 112.66 77.40 -71.17
NC CLA BU . 118.00 73.82 -71.92
C1C CLA BU . 116.71 73.80 -72.33
C2C CLA BU . 116.55 72.93 -73.47
C3C CLA BU . 117.84 72.55 -73.84
C4C CLA BU . 118.74 73.10 -72.85
CMC CLA BU . 115.27 72.63 -74.12
CAC CLA BU . 118.22 71.66 -74.96
CBC CLA BU . 118.27 70.20 -74.57
ND CLA BU . 120.50 74.15 -70.72
C1D CLA BU . 120.96 73.37 -71.81
C2D CLA BU . 122.42 73.19 -71.68
C3D CLA BU . 122.80 73.88 -70.54
C4D CLA BU . 121.56 74.48 -70.00
CMD CLA BU . 123.23 72.41 -72.60
CAD CLA BU . 123.88 74.24 -69.65
OBD CLA BU . 125.05 73.88 -69.66
CBD CLA BU . 123.30 75.21 -68.60
CGD CLA BU . 123.62 74.79 -67.19
O1D CLA BU . 124.50 75.25 -66.46
O2D CLA BU . 122.83 73.79 -66.73
CED CLA BU . 123.45 72.54 -66.39
MG CLA CU . 110.93 77.47 -51.41
CHA CLA CU . 110.02 78.42 -48.21
CHB CLA CU . 112.83 74.97 -50.12
CHC CLA CU . 111.83 76.60 -54.57
CHD CLA CU . 108.93 80.08 -52.72
NA CLA CU . 111.34 76.82 -49.47
C1A CLA CU . 110.86 77.35 -48.26
C2A CLA CU . 111.42 76.54 -47.07
C3A CLA CU . 112.30 75.47 -47.74
C4A CLA CU . 112.15 75.76 -49.22
CMA CLA CU . 113.74 75.58 -47.31
CAA CLA CU . 110.36 75.79 -46.28
CBA CLA CU . 110.46 76.09 -44.80
CGA CLA CU . 111.84 75.80 -44.28
O1A CLA CU . 112.83 76.54 -44.24
O2A CLA CU . 111.97 74.53 -43.77
NB CLA CU . 112.09 76.02 -52.21
C1B CLA CU . 112.82 75.13 -51.51
C2B CLA CU . 113.69 74.34 -52.41
C3B CLA CU . 113.45 74.78 -53.70
C4B CLA CU . 112.41 75.87 -53.57
CMB CLA CU . 114.56 73.30 -51.87
CAB CLA CU . 114.02 74.32 -54.96
CBB CLA CU . 113.12 73.80 -55.83
NC CLA CU . 110.43 78.20 -53.29
C1C CLA CU . 110.91 77.66 -54.44
C2C CLA CU . 110.38 78.37 -55.59
C3C CLA CU . 109.55 79.39 -55.09
C4C CLA CU . 109.60 79.26 -53.63
CMC CLA CU . 110.73 78.03 -56.97
CAC CLA CU . 108.80 80.42 -55.84
CBC CLA CU . 107.65 79.94 -56.69
ND CLA CU . 109.74 78.93 -50.71
C1D CLA CU . 108.99 79.95 -51.35
C2D CLA CU . 108.32 80.77 -50.32
C3D CLA CU . 108.70 80.24 -49.10
C4D CLA CU . 109.58 79.10 -49.39
CMD CLA CU . 107.46 81.92 -50.59
CAD CLA CU . 108.56 80.32 -47.67
OBD CLA CU . 107.90 81.10 -46.99
CBD CLA CU . 109.43 79.20 -47.07
CGD CLA CU . 110.56 79.76 -46.26
O1D CLA CU . 110.72 79.69 -45.04
O2D CLA CU . 111.48 80.41 -47.03
CED CLA CU . 112.33 81.37 -46.40
MG CLA DU . 117.38 93.88 -50.51
CHA CLA DU . 119.97 93.05 -48.36
CHB CLA DU . 117.31 97.01 -49.23
CHC CLA DU . 114.83 94.64 -52.68
CHD CLA DU . 117.44 90.58 -51.78
NA CLA DU . 118.47 94.85 -49.03
C1A CLA DU . 119.53 94.35 -48.24
C2A CLA DU . 120.02 95.41 -47.25
C3A CLA DU . 119.09 96.61 -47.51
C4A CLA DU . 118.22 96.15 -48.67
CMA CLA DU . 118.25 96.93 -46.30
CAA CLA DU . 121.47 95.87 -47.37
CBA CLA DU . 122.04 95.86 -45.96
CGA CLA DU . 123.11 96.90 -45.75
O1A CLA DU . 122.98 98.12 -45.73
O2A CLA DU . 124.35 96.36 -45.54
NB CLA DU . 116.25 95.50 -50.84
C1B CLA DU . 116.45 96.72 -50.29
C2B CLA DU . 115.58 97.73 -50.95
C3B CLA DU . 114.88 97.06 -51.93
C4B CLA DU . 115.29 95.64 -51.88
CMB CLA DU . 115.55 99.13 -50.57
CAB CLA DU . 113.91 97.54 -52.87
CBB CLA DU . 112.65 97.84 -52.58
NC CLA DU . 116.34 92.80 -51.95
C1C CLA DU . 115.32 93.31 -52.70
C2C CLA DU . 114.80 92.29 -53.59
C3C CLA DU . 115.54 91.14 -53.37
C4C CLA DU . 116.51 91.47 -52.33
CMC CLA DU . 113.70 92.49 -54.53
CAC CLA DU . 115.39 89.83 -54.01
CBC CLA DU . 116.34 89.67 -55.17
ND CLA DU . 118.45 92.19 -50.24
C1D CLA DU . 118.36 90.90 -50.81
C2D CLA DU . 119.37 90.03 -50.18
C3D CLA DU . 120.01 90.80 -49.24
C4D CLA DU . 119.40 92.14 -49.30
CMD CLA DU . 119.57 88.63 -50.54
CAD CLA DU . 121.02 90.82 -48.22
OBD CLA DU . 121.76 89.92 -47.83
CBD CLA DU . 121.01 92.25 -47.61
CGD CLA DU . 120.69 92.18 -46.15
O1D CLA DU . 121.46 92.32 -45.19
O2D CLA DU . 119.38 91.94 -45.90
CED CLA DU . 118.96 91.80 -44.54
C1 CLA DU . 124.53 95.45 -44.44
C2 CLA DU . 125.03 94.18 -45.03
C3 CLA DU . 125.01 92.98 -44.42
C4 CLA DU . 124.49 92.80 -43.05
C5 CLA DU . 125.52 91.78 -45.12
C6 CLA DU . 126.69 91.14 -44.39
C7 CLA DU . 127.91 92.03 -44.44
C8 CLA DU . 128.75 91.91 -43.18
C9 CLA DU . 129.92 92.87 -43.22
C10 CLA DU . 129.25 90.48 -43.00
C11 CLA DU . 129.77 90.25 -41.60
C12 CLA DU . 129.89 88.78 -41.29
C13 CLA DU . 131.03 88.51 -40.32
C14 CLA DU . 130.76 89.15 -38.98
C15 CLA DU . 132.36 89.01 -40.89
C16 CLA DU . 133.53 88.54 -40.05
C17 CLA DU . 133.88 87.09 -40.32
C18 CLA DU . 135.14 86.66 -39.58
C19 CLA DU . 135.95 85.67 -40.42
C20 CLA DU . 134.81 86.06 -38.24
MG CLA EU . 103.59 105.40 -47.16
CHA CLA EU . 106.97 104.75 -47.57
CHB CLA EU . 104.31 107.67 -44.74
CHC CLA EU . 100.23 106.02 -46.83
CHD CLA EU . 102.88 103.04 -49.69
NA CLA EU . 105.37 106.10 -46.33
C1A CLA EU . 106.68 105.72 -46.64
C2A CLA EU . 107.69 106.50 -45.79
C3A CLA EU . 106.79 107.34 -44.85
C4A CLA EU . 105.38 107.04 -45.34
CMA CLA EU . 107.00 106.94 -43.41
CAA CLA EU . 108.54 107.44 -46.61
CBA CLA EU . 107.77 108.16 -47.71
CGA CLA EU . 108.70 108.43 -48.86
O1A CLA EU . 109.92 108.63 -48.82
O2A CLA EU . 108.08 108.47 -50.08
NB CLA EU . 102.48 106.56 -45.97
C1B CLA EU . 102.96 107.48 -45.09
C2B CLA EU . 101.83 108.27 -44.51
C3B CLA EU . 100.68 107.81 -45.10
C4B CLA EU . 101.07 106.73 -46.03
CMB CLA EU . 102.05 109.34 -43.55
CAB CLA EU . 99.32 108.25 -44.92
CBB CLA EU . 98.34 107.54 -44.36
NC CLA EU . 101.88 104.67 -48.10
C1C CLA EU . 100.60 105.06 -47.81
C2C CLA EU . 99.65 104.35 -48.64
C3C CLA EU . 100.40 103.50 -49.46
C4C CLA EU . 101.79 103.72 -49.11
CMC CLA EU . 98.20 104.52 -48.61
CAC CLA EU . 99.88 102.57 -50.48
CBC CLA EU . 100.00 103.10 -51.90
ND CLA EU . 104.62 104.22 -48.43
C1D CLA EU . 104.19 103.26 -49.38
C2D CLA EU . 105.38 102.59 -49.94
C3D CLA EU . 106.48 103.10 -49.27
C4D CLA EU . 105.95 104.11 -48.34
CMD CLA EU . 105.33 101.57 -50.98
CAD CLA EU . 107.91 103.10 -49.15
OBD CLA EU . 108.75 102.45 -49.77
CBD CLA EU . 108.27 104.10 -48.01
CGD CLA EU . 108.93 103.39 -46.86
O1D CLA EU . 108.40 102.74 -45.97
O2D CLA EU . 110.29 103.53 -46.85
CED CLA EU . 110.92 103.75 -45.58
C1 CLA EU . 108.73 109.22 -51.13
C2 CLA EU . 108.14 108.78 -52.42
C3 CLA EU . 108.72 108.97 -53.62
C4 CLA EU . 110.03 109.64 -53.78
C5 CLA EU . 108.05 108.49 -54.86
C6 CLA EU . 108.90 107.44 -55.58
C7 CLA EU . 108.11 106.72 -56.64
C8 CLA EU . 108.75 105.38 -57.01
C9 CLA EU . 109.98 105.57 -57.89
C10 CLA EU . 107.75 104.48 -57.73
C11 CLA EU . 107.17 105.14 -58.96
C12 CLA EU . 105.79 104.60 -59.27
C13 CLA EU . 105.33 105.01 -60.66
C14 CLA EU . 105.04 106.50 -60.71
C15 CLA EU . 104.10 104.21 -61.10
C16 CLA EU . 104.45 103.23 -62.20
C17 CLA EU . 104.41 103.89 -63.56
C18 CLA EU . 103.94 102.91 -64.64
C19 CLA EU . 102.43 102.83 -64.68
C20 CLA EU . 104.50 103.28 -65.99
MG CLA FU . 109.22 101.88 -55.50
CHA CLA FU . 111.31 103.58 -53.33
CHB CLA FU . 111.90 100.49 -57.02
CHC CLA FU . 107.09 100.31 -57.69
CHD CLA FU . 106.44 103.49 -54.01
NA CLA FU . 111.27 101.99 -55.16
C1A CLA FU . 111.96 102.77 -54.21
C2A CLA FU . 113.48 102.54 -54.35
C3A CLA FU . 113.60 101.49 -55.48
C4A CLA FU . 112.16 101.30 -55.93
CMA CLA FU . 114.47 101.96 -56.62
CAA CLA FU . 114.15 101.95 -53.11
CBA CLA FU . 115.62 102.29 -53.08
CGA CLA FU . 115.94 103.14 -51.88
O1A CLA FU . 115.31 104.12 -51.45
O2A CLA FU . 117.06 102.74 -51.22
NB CLA FU . 109.45 100.59 -57.02
C1B CLA FU . 110.63 100.23 -57.55
C2B CLA FU . 110.41 99.51 -58.85
C3B CLA FU . 109.04 99.45 -59.04
C4B CLA FU . 108.42 100.13 -57.87
CMB CLA FU . 111.50 99.00 -59.67
CAB CLA FU . 108.27 98.88 -60.09
CBB CLA FU . 108.23 97.58 -60.39
NC CLA FU . 107.14 101.84 -55.74
C1C CLA FU . 106.48 101.11 -56.68
C2C CLA FU . 105.05 101.30 -56.55
C3C CLA FU . 104.86 102.24 -55.55
C4C CLA FU . 106.18 102.58 -55.05
CMC CLA FU . 104.03 100.64 -57.38
CAC CLA FU . 103.58 102.77 -55.06
CBC CLA FU . 103.03 101.99 -53.91
ND CLA FU . 108.88 103.16 -53.98
C1D CLA FU . 107.69 103.78 -53.51
C2D CLA FU . 108.02 104.71 -52.42
C3D CLA FU . 109.39 104.66 -52.29
C4D CLA FU . 109.88 103.70 -53.30
CMD CLA FU . 107.03 105.49 -51.69
CAD CLA FU . 110.55 105.15 -51.56
OBD CLA FU . 110.60 105.87 -50.57
CBD CLA FU . 111.79 104.55 -52.27
CGD CLA FU . 112.60 105.64 -52.93
O1D CLA FU . 113.54 106.28 -52.46
O2D CLA FU . 112.19 105.91 -54.20
CED CLA FU . 113.19 106.23 -55.17
MG CLA GU . 90.81 93.61 -58.37
CHA CLA GU . 88.39 93.81 -60.83
CHB CLA GU . 92.17 96.52 -59.47
CHC CLA GU . 93.02 93.50 -55.75
CHD CLA GU . 89.43 90.53 -57.32
NA CLA GU . 90.35 94.93 -59.91
C1A CLA GU . 89.30 94.84 -60.82
C2A CLA GU . 89.31 96.04 -61.75
C3A CLA GU . 90.69 96.66 -61.50
C4A CLA GU . 91.10 96.04 -60.18
CMA CLA GU . 91.68 96.36 -62.61
CAA CLA GU . 88.30 96.98 -61.13
CBA CLA GU . 87.14 97.42 -61.98
CGA CLA GU . 86.51 98.60 -61.28
O1A CLA GU . 86.04 99.62 -61.77
O2A CLA GU . 86.49 98.47 -59.91
NB CLA GU . 92.39 94.73 -57.80
C1B CLA GU . 92.64 95.98 -58.27
C2B CLA GU . 93.55 96.71 -57.33
C3B CLA GU . 93.79 95.86 -56.28
C4B CLA GU . 93.06 94.59 -56.56
CMB CLA GU . 94.01 98.06 -57.57
CAB CLA GU . 94.57 96.07 -55.10
CBB CLA GU . 95.71 95.43 -54.78
NC CLA GU . 91.16 92.25 -56.83
C1C CLA GU . 92.13 92.40 -55.88
C2C CLA GU . 92.11 91.26 -54.98
C3C CLA GU . 91.08 90.42 -55.40
C4C CLA GU . 90.49 91.05 -56.58
CMC CLA GU . 92.99 91.11 -53.84
CAC CLA GU . 90.65 89.15 -54.81
CBC CLA GU . 91.39 87.96 -55.38
ND CLA GU . 89.22 92.45 -58.83
C1D CLA GU . 88.82 91.17 -58.39
C2D CLA GU . 87.67 90.72 -59.21
C3D CLA GU . 87.42 91.73 -60.10
C4D CLA GU . 88.45 92.76 -59.87
CMD CLA GU . 86.95 89.45 -59.02
CAD CLA GU . 86.58 92.20 -61.19
OBD CLA GU . 85.52 91.74 -61.60
CBD CLA GU . 87.28 93.45 -61.78
CGD CLA GU . 87.81 93.11 -63.14
O1D CLA GU . 87.18 93.12 -64.22
O2D CLA GU . 89.12 92.75 -63.16
CED CLA GU . 89.77 92.56 -64.41
C A86 HU . 111.70 94.16 -57.89
O A86 HU . 98.96 97.61 -58.90
C1 A86 HU . 112.14 95.35 -56.98
C10 A86 HU . 102.34 96.92 -57.98
C11 A86 HU . 101.08 97.63 -57.98
C12 A86 HU . 100.88 98.89 -57.17
C13 A86 HU . 99.99 97.07 -58.80
C14 A86 HU . 100.27 95.62 -59.58
C15 A86 HU . 99.86 95.68 -61.08
C16 A86 HU . 100.32 96.83 -61.96
C17 A86 HU . 99.22 97.74 -62.46
C18 A86 HU . 98.26 96.92 -63.19
C19 A86 HU . 97.48 96.10 -62.13
C2 A86 HU . 111.20 96.33 -56.60
C20 A86 HU . 98.56 95.09 -61.48
C21 A86 HU . 97.78 94.43 -60.29
C22 A86 HU . 101.03 96.22 -63.21
C23 A86 HU . 101.33 97.69 -61.23
C24 A86 HU . 113.57 95.47 -56.50
C25 A86 HU . 114.21 96.72 -56.67
C26 A86 HU . 115.76 96.97 -56.16
C27 A86 HU . 116.64 95.90 -55.88
C28 A86 HU . 116.21 94.49 -56.03
C29 A86 HU . 118.12 96.25 -55.38
C3 A86 HU . 109.84 96.17 -57.08
C30 A86 HU . 119.05 95.17 -55.06
C31 A86 HU . 119.98 94.13 -54.76
C32 A86 HU . 120.73 93.38 -55.90
C33 A86 HU . 122.06 92.77 -55.48
C34 A86 HU . 121.91 91.98 -54.18
C35 A86 HU . 121.47 92.92 -53.04
C36 A86 HU . 120.10 93.53 -53.35
C37 A86 HU . 119.02 92.46 -53.15
C38 A86 HU . 121.53 89.67 -54.39
C39 A86 HU . 122.68 89.32 -53.39
C4 A86 HU . 108.73 96.29 -56.23
C40 A86 HU . 119.82 92.26 -56.45
C41 A86 HU . 121.02 94.39 -57.02
C5 A86 HU . 107.23 96.08 -56.89
C6 A86 HU . 106.16 96.92 -56.59
C7 A86 HU . 106.31 98.16 -55.61
C8 A86 HU . 104.76 96.60 -57.32
C9 A86 HU . 103.56 97.41 -57.17
O1 A86 HU . 99.79 94.30 -61.61
O2 A86 HU . 97.36 97.73 -63.91
O3 A86 HU . 119.89 94.56 -52.44
O4 A86 HU . 120.94 90.99 -54.36
O5 A86 HU . 121.17 88.88 -55.17
C A86 IU . 98.85 88.47 -51.12
O A86 IU . 105.78 83.08 -61.02
C1 A86 IU . 99.63 87.73 -49.99
C10 A86 IU . 104.52 84.56 -58.05
C11 A86 IU . 105.51 83.89 -58.86
C12 A86 IU . 106.69 83.21 -58.21
C13 A86 IU . 105.32 83.89 -60.32
C14 A86 IU . 104.38 85.11 -60.96
C15 A86 IU . 103.78 84.76 -62.36
C16 A86 IU . 103.13 83.41 -62.59
C17 A86 IU . 103.89 82.49 -63.54
C18 A86 IU . 104.03 83.16 -64.82
C19 A86 IU . 105.04 84.33 -64.63
C2 A86 IU . 100.53 86.69 -50.31
C20 A86 IU . 104.40 85.36 -63.58
C21 A86 IU . 105.58 86.34 -63.25
C22 A86 IU . 101.72 83.67 -63.21
C23 A86 IU . 102.93 82.68 -61.29
C24 A86 IU . 99.43 88.15 -48.56
C25 A86 IU . 98.58 89.23 -48.20
C26 A86 IU . 98.46 89.60 -46.62
C27 A86 IU . 98.34 88.55 -45.68
C28 A86 IU . 98.29 87.15 -46.14
C29 A86 IU . 98.26 88.88 -44.12
C3 A86 IU . 100.72 86.35 -51.72
C30 A86 IU . 97.26 89.82 -43.59
C31 A86 IU . 96.30 90.72 -43.06
C32 A86 IU . 94.90 90.24 -42.60
C33 A86 IU . 93.83 91.22 -43.07
C34 A86 IU . 94.11 92.62 -42.49
C35 A86 IU . 95.54 93.14 -42.78
C36 A86 IU . 96.64 92.10 -42.50
C37 A86 IU . 97.96 92.57 -43.14
C38 A86 IU . 92.54 94.42 -42.20
C39 A86 IU . 91.11 94.93 -42.53
C4 A86 IU . 101.95 86.65 -52.28
C40 A86 IU . 94.87 90.15 -41.05
C41 A86 IU . 94.61 88.85 -43.21
C5 A86 IU . 102.25 86.33 -53.89
C6 A86 IU . 103.25 85.44 -54.30
C7 A86 IU . 104.19 84.67 -53.27
C8 A86 IU . 103.40 85.24 -55.88
C9 A86 IU . 104.58 84.64 -56.52
O1 A86 IU . 103.22 85.99 -62.96
O2 A86 IU . 104.49 82.27 -65.80
O3 A86 IU . 96.83 92.02 -41.11
O4 A86 IU . 93.18 93.49 -43.11
O5 A86 IU . 93.10 94.80 -41.24
C A86 JU . 89.51 92.53 -51.39
O A86 JU . 100.92 99.63 -49.76
C1 A86 JU . 89.04 93.57 -52.45
C10 A86 JU . 97.82 97.95 -50.38
C11 A86 JU . 98.97 98.76 -50.71
C12 A86 JU . 99.15 99.34 -52.08
C13 A86 JU . 99.94 98.98 -49.62
C14 A86 JU . 99.61 98.23 -48.17
C15 A86 JU . 100.19 98.99 -46.94
C16 A86 JU . 99.39 100.10 -46.29
C17 A86 JU . 100.14 101.37 -45.87
C18 A86 JU . 101.48 101.08 -45.35
C19 A86 JU . 102.30 100.50 -46.55
C2 A86 JU . 89.62 94.84 -52.52
C20 A86 JU . 101.65 99.05 -46.73
C21 A86 JU . 102.44 98.39 -47.91
C22 A86 JU . 98.73 99.50 -45.02
C23 A86 JU . 98.27 100.57 -47.21
C24 A86 JU . 87.93 93.24 -53.43
C25 A86 JU . 87.41 91.94 -53.58
C26 A86 JU . 86.25 91.80 -54.73
C27 A86 JU . 85.19 92.73 -54.70
C28 A86 JU . 85.13 93.76 -53.64
C29 A86 JU . 84.04 92.68 -55.81
C3 A86 JU . 90.70 95.19 -51.60
C30 A86 JU . 83.20 91.51 -55.98
C31 A86 JU . 82.34 90.39 -56.18
C32 A86 JU . 80.91 90.38 -55.57
C33 A86 JU . 79.86 89.52 -56.30
C34 A86 JU . 80.32 88.27 -57.06
C35 A86 JU . 81.86 88.11 -57.14
C36 A86 JU . 82.49 89.48 -57.40
C37 A86 JU . 84.00 89.30 -57.67
C38 A86 JU . 80.30 86.65 -55.25
C39 A86 JU . 79.83 85.29 -54.67
C4 A86 JU . 91.84 95.77 -52.17
C40 A86 JU . 81.03 89.92 -54.10
C41 A86 JU . 80.40 91.84 -55.56
C5 A86 JU . 93.14 96.19 -51.23
C6 A86 JU . 94.12 97.02 -51.78
C7 A86 JU . 93.98 97.58 -53.25
C8 A86 JU . 95.37 97.39 -50.84
C9 A86 JU . 96.71 97.62 -51.40
O1 A86 JU . 100.86 97.96 -46.13
O2 A86 JU . 102.10 102.24 -44.85
O3 A86 JU . 81.88 90.07 -58.51
O4 A86 JU . 79.73 87.13 -56.48
O5 A86 JU . 81.11 87.28 -54.68
C A86 KU . 95.69 80.27 -48.15
O A86 KU . 92.21 81.96 -60.43
C1 A86 KU . 97.22 80.10 -48.35
C10 A86 KU . 93.89 81.87 -57.49
C11 A86 KU . 93.56 82.66 -58.66
C12 A86 KU . 94.50 83.73 -59.13
C13 A86 KU . 92.26 82.38 -59.34
C14 A86 KU . 90.87 82.69 -58.48
C15 A86 KU . 89.65 81.82 -58.92
C16 A86 KU . 89.83 80.32 -59.14
C17 A86 KU . 89.68 79.87 -60.59
C18 A86 KU . 88.36 80.24 -61.06
C19 A86 KU . 88.35 81.80 -61.21
C2 A86 KU . 97.78 80.09 -49.64
C20 A86 KU . 88.59 82.43 -59.75
C21 A86 KU . 88.86 83.96 -60.05
C22 A86 KU . 88.73 79.59 -58.30
C23 A86 KU . 91.17 79.85 -58.63
C24 A86 KU . 98.15 79.95 -47.18
C25 A86 KU . 98.26 78.75 -46.44
C26 A86 KU . 99.34 78.79 -45.22
C27 A86 KU . 99.15 79.75 -44.20
C28 A86 KU . 97.98 80.65 -44.27
C29 A86 KU . 100.20 79.85 -43.00
C3 A86 KU . 96.91 80.23 -50.81
C30 A86 KU . 99.86 79.44 -41.64
C31 A86 KU . 99.55 79.05 -40.30
C32 A86 KU . 99.76 77.61 -39.82
C33 A86 KU . 98.73 77.23 -38.74
C34 A86 KU . 98.78 78.22 -37.56
C35 A86 KU . 98.64 79.69 -38.01
C36 A86 KU . 99.61 80.06 -39.16
C37 A86 KU . 99.23 81.45 -39.70
C38 A86 KU . 97.73 78.74 -35.49
C39 A86 KU . 97.11 80.16 -35.51
C4 A86 KU . 97.36 80.86 -51.98
C40 A86 KU . 101.19 77.47 -39.23
C41 A86 KU . 99.61 76.65 -41.01
C5 A86 KU . 96.26 80.94 -53.21
C6 A86 KU . 96.61 81.17 -54.55
C7 A86 KU . 98.11 81.39 -55.01
C8 A86 KU . 95.36 81.19 -55.57
C9 A86 KU . 95.20 82.09 -56.70
O1 A86 KU . 88.44 82.37 -58.29
O2 A86 KU . 88.07 79.63 -62.30
O3 A86 KU . 100.92 80.10 -38.66
O4 A86 KU . 97.73 77.92 -36.67
O5 A86 KU . 98.21 78.31 -34.50
C A86 LU . 118.65 81.99 -67.59
O A86 LU . 112.09 83.42 -56.18
C1 A86 LU . 117.60 81.07 -68.28
C10 A86 LU . 113.25 83.05 -59.51
C11 A86 LU . 112.30 82.91 -58.44
C12 A86 LU . 110.86 82.61 -58.68
C13 A86 LU . 112.81 83.09 -57.04
C14 A86 LU . 114.42 82.79 -56.75
C15 A86 LU . 115.06 83.75 -55.69
C16 A86 LU . 115.12 83.31 -54.25
C17 A86 LU . 114.04 83.92 -53.37
C18 A86 LU . 114.21 85.36 -53.35
C19 A86 LU . 113.89 85.91 -54.78
C2 A86 LU . 116.48 80.58 -67.57
C20 A86 LU . 114.84 85.21 -55.87
C21 A86 LU . 114.18 85.58 -57.25
C22 A86 LU . 116.52 83.74 -53.70
C23 A86 LU . 115.01 81.80 -54.14
C24 A86 LU . 117.72 80.69 -69.74
C25 A86 LU . 117.13 79.45 -70.11
C26 A86 LU . 117.16 78.88 -71.64
C27 A86 LU . 118.35 78.77 -72.40
C28 A86 LU . 119.67 79.17 -71.85
C29 A86 LU . 118.21 78.17 -73.87
C3 A86 LU . 116.30 80.93 -66.15
C30 A86 LU . 119.23 78.37 -74.90
C31 A86 LU . 120.17 78.53 -75.97
C32 A86 LU . 120.81 77.26 -76.57
C33 A86 LU . 122.08 77.56 -77.39
C34 A86 LU . 121.79 78.58 -78.50
C35 A86 LU . 121.15 79.87 -77.93
C36 A86 LU . 119.91 79.57 -77.07
C37 A86 LU . 119.44 80.87 -76.40
C38 A86 LU . 123.31 78.22 -80.31
C39 A86 LU . 124.13 76.90 -80.29
C4 A86 LU . 115.12 81.54 -65.71
C40 A86 LU . 119.77 76.56 -77.49
C41 A86 LU . 121.17 76.30 -75.40
C5 A86 LU . 115.01 81.88 -64.09
C6 A86 LU . 113.81 81.85 -63.38
C7 A86 LU . 112.43 81.46 -64.08
C8 A86 LU . 113.90 82.19 -61.80
C9 A86 LU . 112.87 82.87 -61.00
O1 A86 LU . 116.12 84.58 -56.28
O2 A86 LU . 113.31 85.91 -52.42
O3 A86 LU . 118.88 79.09 -77.90
O4 A86 LU . 123.02 78.92 -79.08
O5 A86 LU . 122.91 78.65 -81.33
#